data_6ZLM
#
_entry.id   6ZLM
#
_cell.length_a   1.00
_cell.length_b   1.00
_cell.length_c   1.00
_cell.angle_alpha   90.00
_cell.angle_beta   90.00
_cell.angle_gamma   90.00
#
_symmetry.space_group_name_H-M   'P 1'
#
loop_
_entity.id
_entity.type
_entity.pdbx_description
1 polymer 'Dihydrolipoyllysine-residue acetyltransferase component of pyruvate dehydrogenase complex, mitochondrial'
2 polymer 'Pyruvate dehydrogenase X component'
#
loop_
_entity_poly.entity_id
_entity_poly.type
_entity_poly.pdbx_seq_one_letter_code
_entity_poly.pdbx_strand_id
1 'polypeptide(L)'
;MIVPVLSRQALRHASVARVALPSLTRWYASYPPHTVVKMPALSPTMTSGGIGAWQKKPGDKIEPGEVLVEIETDKAQMDF
EFQEEGVLAKILKDSGEKDVAVGNPIAILVEEGTDVNAFKDFTLKDAGGETSPAVPKDEPKNESTASAPTPAPTPAPEPE
NTSFTGRFQTALEREPNALPAAKRLAREKGIDLRNVKGSGPGGKITEEDVKKALASAPAAGAAAAAYTDVPISGMRKTIA
ARLKESVTENPHFFVSTNLSVSKLLKLRQALNSSADGRYKLSVNDFLIKAMGIASKRVPTVNSSWRDGVIRQFETVDVSV
AVATPNGLITPIVKGVEGKGLESISAAVKELAKKARDGKLKPEEYQGGSISISNMGMNPAVQSFTAIINPPQAAILAVGA
PQKVAVPVENEDGTTGVSWDEQIIVTASFDHKVVDGAVGAEWIRELKKVIENPLELLL
;
A,B,C,D,E,F,G,H,I,J,L,M,N,O,P,R,S,T,V,W,Y,Z,AA,BA,CA,EA,FA,GA,HA,IA,KA,LA,MA,NA,OA,QA,RA,SA,TA,UA,WA,XA,YA,ZA,AB,CB,DB,EB,FB,GB,IB,JB,KB,LB,MB,OB,PB,QB,RB,SB
2 'polypeptide(L)' (UNK)(UNK)(UNK)(UNK)(UNK)(UNK)(UNK)(UNK)(UNK)(UNK)(UNK)(UNK)(UNK) XC,K,Q,X,DA,JA,PA,VA,BB,HB,NB,TB
#
# COMPACT_ATOMS: atom_id res chain seq x y z
N TYR A 227 27.97 -49.53 -98.16
CA TYR A 227 26.78 -49.66 -98.99
C TYR A 227 26.74 -48.57 -100.05
N THR A 228 26.21 -47.40 -99.69
CA THR A 228 26.11 -46.31 -100.65
C THR A 228 27.50 -45.85 -101.06
N ASP A 229 27.67 -45.59 -102.36
CA ASP A 229 28.98 -45.32 -102.95
C ASP A 229 28.87 -44.05 -103.78
N VAL A 230 29.21 -42.91 -103.17
CA VAL A 230 29.12 -41.61 -103.81
C VAL A 230 30.52 -41.23 -104.30
N PRO A 231 30.73 -40.98 -105.60
CA PRO A 231 32.02 -40.46 -106.04
C PRO A 231 32.32 -39.10 -105.43
N ILE A 232 33.60 -38.75 -105.44
CA ILE A 232 34.07 -37.54 -104.78
C ILE A 232 33.89 -36.36 -105.73
N SER A 233 33.59 -35.20 -105.15
CA SER A 233 33.32 -34.00 -105.92
C SER A 233 34.54 -33.49 -106.68
N GLY A 234 35.74 -33.90 -106.29
CA GLY A 234 36.98 -33.40 -106.86
C GLY A 234 37.53 -32.20 -106.15
N MET A 235 36.64 -31.29 -105.69
CA MET A 235 37.10 -30.15 -104.92
C MET A 235 37.73 -30.59 -103.61
N ARG A 236 37.15 -31.62 -102.98
CA ARG A 236 37.70 -32.12 -101.73
C ARG A 236 39.09 -32.71 -101.92
N LYS A 237 39.41 -33.17 -103.14
CA LYS A 237 40.73 -33.74 -103.40
C LYS A 237 41.82 -32.71 -103.14
N THR A 238 41.61 -31.49 -103.62
CA THR A 238 42.61 -30.43 -103.46
C THR A 238 42.80 -30.10 -101.99
N ILE A 239 41.71 -30.00 -101.24
CA ILE A 239 41.82 -29.66 -99.82
C ILE A 239 42.49 -30.79 -99.06
N ALA A 240 42.21 -32.04 -99.45
CA ALA A 240 42.86 -33.18 -98.81
C ALA A 240 44.36 -33.14 -99.04
N ALA A 241 44.77 -32.89 -100.29
CA ALA A 241 46.18 -32.82 -100.61
C ALA A 241 46.84 -31.66 -99.86
N ARG A 242 46.15 -30.53 -99.76
CA ARG A 242 46.68 -29.37 -99.07
C ARG A 242 46.93 -29.68 -97.59
N LEU A 243 45.92 -30.27 -96.93
CA LEU A 243 46.06 -30.60 -95.52
C LEU A 243 47.12 -31.67 -95.30
N LYS A 244 47.23 -32.62 -96.23
CA LYS A 244 48.27 -33.64 -96.14
C LYS A 244 49.65 -33.01 -96.23
N GLU A 245 49.84 -32.09 -97.18
CA GLU A 245 51.09 -31.36 -97.28
C GLU A 245 51.37 -30.62 -95.99
N SER A 246 50.35 -30.01 -95.40
CA SER A 246 50.53 -29.25 -94.18
C SER A 246 51.05 -30.14 -93.05
N VAL A 247 50.35 -31.25 -92.80
CA VAL A 247 50.73 -32.09 -91.66
C VAL A 247 52.03 -32.82 -91.91
N THR A 248 52.37 -33.15 -93.15
CA THR A 248 53.61 -33.89 -93.42
C THR A 248 54.82 -32.97 -93.50
N GLU A 249 54.63 -31.71 -93.87
CA GLU A 249 55.75 -30.77 -93.97
C GLU A 249 55.99 -30.08 -92.64
N ASN A 250 54.92 -29.77 -91.91
CA ASN A 250 54.98 -28.92 -90.75
C ASN A 250 54.60 -29.71 -89.50
N PRO A 251 55.47 -29.85 -88.50
CA PRO A 251 55.02 -30.46 -87.25
C PRO A 251 54.17 -29.49 -86.46
N HIS A 252 53.23 -30.05 -85.71
CA HIS A 252 52.24 -29.27 -84.98
C HIS A 252 52.42 -29.47 -83.48
N PHE A 253 52.40 -28.37 -82.74
CA PHE A 253 52.23 -28.42 -81.30
C PHE A 253 51.25 -27.33 -80.89
N PHE A 254 50.51 -27.63 -79.83
CA PHE A 254 49.33 -26.88 -79.44
C PHE A 254 49.55 -26.22 -78.09
N VAL A 255 48.91 -25.08 -77.90
CA VAL A 255 48.94 -24.32 -76.65
C VAL A 255 47.51 -23.96 -76.30
N SER A 256 47.11 -24.26 -75.07
CA SER A 256 45.72 -24.13 -74.63
C SER A 256 45.67 -23.28 -73.39
N THR A 257 44.87 -22.22 -73.43
CA THR A 257 44.75 -21.28 -72.33
C THR A 257 43.29 -20.94 -72.09
N ASN A 258 43.08 -20.20 -71.01
CA ASN A 258 41.75 -19.78 -70.56
C ASN A 258 41.76 -18.28 -70.37
N LEU A 259 40.79 -17.61 -70.98
CA LEU A 259 40.64 -16.17 -70.90
C LEU A 259 39.48 -15.81 -69.99
N SER A 260 39.33 -14.51 -69.73
CA SER A 260 38.23 -13.96 -68.95
C SER A 260 37.65 -12.79 -69.71
N VAL A 261 36.35 -12.87 -70.00
CA VAL A 261 35.68 -11.95 -70.92
C VAL A 261 34.52 -11.22 -70.25
N SER A 262 34.44 -11.25 -68.92
CA SER A 262 33.33 -10.59 -68.23
C SER A 262 33.34 -9.10 -68.48
N LYS A 263 34.53 -8.51 -68.66
CA LYS A 263 34.62 -7.09 -68.98
C LYS A 263 34.41 -6.85 -70.47
N LEU A 264 34.89 -7.78 -71.30
CA LEU A 264 34.73 -7.65 -72.74
C LEU A 264 33.25 -7.62 -73.12
N LEU A 265 32.45 -8.48 -72.52
CA LEU A 265 31.04 -8.54 -72.88
C LEU A 265 30.32 -7.27 -72.45
N LYS A 266 30.67 -6.73 -71.29
CA LYS A 266 30.11 -5.45 -70.86
C LYS A 266 30.47 -4.35 -71.85
N LEU A 267 31.73 -4.34 -72.31
CA LEU A 267 32.15 -3.33 -73.27
C LEU A 267 31.37 -3.45 -74.57
N ARG A 268 31.17 -4.67 -75.04
CA ARG A 268 30.42 -4.90 -76.28
C ARG A 268 28.98 -4.44 -76.12
N GLN A 269 28.37 -4.78 -74.99
CA GLN A 269 27.00 -4.39 -74.74
C GLN A 269 26.85 -2.87 -74.70
N ALA A 270 27.81 -2.19 -74.06
CA ALA A 270 27.72 -0.74 -73.96
C ALA A 270 27.92 -0.08 -75.31
N LEU A 271 28.88 -0.54 -76.10
CA LEU A 271 29.07 0.02 -77.43
C LEU A 271 27.88 -0.24 -78.33
N ASN A 272 27.22 -1.39 -78.16
CA ASN A 272 26.02 -1.66 -78.95
C ASN A 272 24.88 -0.76 -78.53
N SER A 273 24.75 -0.50 -77.22
CA SER A 273 23.68 0.37 -76.75
C SER A 273 23.90 1.81 -77.17
N SER A 274 25.15 2.27 -77.20
CA SER A 274 25.47 3.64 -77.59
C SER A 274 25.65 3.72 -79.10
N ALA A 275 24.59 3.37 -79.82
CA ALA A 275 24.62 3.35 -81.27
C ALA A 275 23.20 3.56 -81.79
N ASP A 276 23.11 3.85 -83.08
CA ASP A 276 21.85 4.12 -83.76
C ASP A 276 21.59 3.07 -84.84
N GLY A 277 21.94 1.82 -84.55
CA GLY A 277 21.89 0.78 -85.56
C GLY A 277 22.92 0.93 -86.65
N ARG A 278 23.90 1.83 -86.48
CA ARG A 278 24.91 2.04 -87.49
C ARG A 278 25.89 0.88 -87.57
N TYR A 279 25.99 0.08 -86.51
CA TYR A 279 26.91 -1.05 -86.48
C TYR A 279 26.44 -2.05 -85.45
N LYS A 280 27.07 -3.23 -85.48
CA LYS A 280 26.77 -4.28 -84.52
C LYS A 280 28.02 -5.15 -84.38
N LEU A 281 28.46 -5.36 -83.15
CA LEU A 281 29.73 -6.00 -82.86
C LEU A 281 29.55 -7.42 -82.36
N SER A 282 30.65 -8.17 -82.40
CA SER A 282 30.71 -9.53 -81.90
C SER A 282 32.01 -9.73 -81.12
N VAL A 283 32.31 -10.99 -80.77
CA VAL A 283 33.53 -11.29 -80.04
C VAL A 283 34.70 -11.48 -81.00
N ASN A 284 34.43 -12.03 -82.19
CA ASN A 284 35.48 -12.34 -83.14
C ASN A 284 36.24 -11.10 -83.56
N ASP A 285 35.58 -9.95 -83.60
CA ASP A 285 36.24 -8.72 -84.05
C ASP A 285 37.26 -8.25 -83.02
N PHE A 286 36.86 -8.22 -81.74
CA PHE A 286 37.80 -7.95 -80.67
C PHE A 286 38.97 -8.92 -80.72
N LEU A 287 38.68 -10.20 -80.96
CA LEU A 287 39.74 -11.19 -81.02
C LEU A 287 40.70 -10.91 -82.16
N ILE A 288 40.17 -10.45 -83.30
CA ILE A 288 41.03 -10.19 -84.45
C ILE A 288 41.92 -9.00 -84.19
N LYS A 289 41.37 -7.95 -83.58
CA LYS A 289 42.19 -6.80 -83.21
C LYS A 289 43.30 -7.21 -82.25
N ALA A 290 42.96 -8.06 -81.28
CA ALA A 290 43.97 -8.49 -80.32
C ALA A 290 45.03 -9.35 -81.00
N MET A 291 44.62 -10.15 -81.99
CA MET A 291 45.57 -10.93 -82.76
C MET A 291 46.56 -10.03 -83.47
N GLY A 292 46.05 -8.96 -84.07
CA GLY A 292 46.94 -8.01 -84.73
C GLY A 292 47.92 -7.38 -83.77
N ILE A 293 47.43 -6.99 -82.58
CA ILE A 293 48.30 -6.35 -81.61
C ILE A 293 49.38 -7.32 -81.16
N ALA A 294 49.01 -8.57 -80.88
CA ALA A 294 49.99 -9.55 -80.44
C ALA A 294 51.00 -9.84 -81.53
N SER A 295 50.54 -9.92 -82.78
CA SER A 295 51.44 -10.18 -83.89
C SER A 295 52.44 -9.04 -84.05
N LYS A 296 52.00 -7.80 -83.82
CA LYS A 296 52.92 -6.68 -83.93
C LYS A 296 53.90 -6.64 -82.76
N ARG A 297 53.46 -7.01 -81.56
CA ARG A 297 54.37 -7.04 -80.44
C ARG A 297 55.38 -8.18 -80.55
N VAL A 298 55.02 -9.24 -81.25
CA VAL A 298 55.90 -10.39 -81.44
C VAL A 298 55.89 -10.74 -82.93
N PRO A 299 56.72 -10.12 -83.76
CA PRO A 299 56.60 -10.32 -85.22
C PRO A 299 57.05 -11.68 -85.69
N THR A 300 57.72 -12.47 -84.85
CA THR A 300 58.20 -13.78 -85.31
C THR A 300 57.04 -14.70 -85.66
N VAL A 301 55.89 -14.52 -85.01
CA VAL A 301 54.73 -15.33 -85.34
C VAL A 301 54.24 -15.01 -86.74
N ASN A 302 54.12 -13.72 -87.06
CA ASN A 302 53.68 -13.28 -88.38
C ASN A 302 54.83 -13.52 -89.34
N SER A 303 54.96 -14.77 -89.77
CA SER A 303 56.09 -15.22 -90.55
C SER A 303 55.62 -16.32 -91.49
N SER A 304 56.56 -17.02 -92.10
CA SER A 304 56.26 -18.13 -93.00
C SER A 304 57.52 -18.96 -93.17
N TRP A 305 57.48 -19.89 -94.13
CA TRP A 305 58.61 -20.72 -94.47
C TRP A 305 58.66 -20.85 -95.98
N ARG A 306 59.76 -20.43 -96.58
CA ARG A 306 59.91 -20.41 -98.03
C ARG A 306 61.21 -21.12 -98.41
N ASP A 307 61.61 -21.00 -99.67
CA ASP A 307 62.76 -21.74 -100.17
C ASP A 307 64.05 -21.22 -99.54
N GLY A 308 64.48 -21.85 -98.46
CA GLY A 308 65.70 -21.44 -97.79
C GLY A 308 65.69 -20.03 -97.27
N VAL A 309 64.52 -19.49 -96.96
CA VAL A 309 64.40 -18.11 -96.51
C VAL A 309 63.12 -17.95 -95.70
N ILE A 310 63.20 -17.12 -94.68
CA ILE A 310 62.04 -16.75 -93.87
C ILE A 310 61.51 -15.44 -94.41
N ARG A 311 60.24 -15.44 -94.81
CA ARG A 311 59.55 -14.23 -95.24
C ARG A 311 58.79 -13.68 -94.05
N GLN A 312 59.14 -12.48 -93.63
CA GLN A 312 58.52 -11.79 -92.50
C GLN A 312 57.76 -10.59 -93.02
N PHE A 313 56.50 -10.47 -92.64
CA PHE A 313 55.66 -9.36 -93.02
C PHE A 313 55.77 -8.26 -91.98
N GLU A 314 55.05 -7.16 -92.22
CA GLU A 314 54.91 -6.05 -91.29
C GLU A 314 53.47 -5.85 -90.87
N THR A 315 52.55 -5.93 -91.83
CA THR A 315 51.13 -5.86 -91.55
C THR A 315 50.58 -7.24 -91.23
N VAL A 316 49.33 -7.27 -90.76
CA VAL A 316 48.67 -8.48 -90.34
C VAL A 316 47.48 -8.71 -91.26
N ASP A 317 47.55 -9.77 -92.05
CA ASP A 317 46.44 -10.21 -92.89
C ASP A 317 45.79 -11.42 -92.23
N VAL A 318 44.51 -11.32 -91.93
CA VAL A 318 43.80 -12.28 -91.08
C VAL A 318 42.84 -13.09 -91.92
N SER A 319 43.00 -14.41 -91.89
CA SER A 319 42.14 -15.33 -92.63
C SER A 319 41.05 -15.86 -91.70
N VAL A 320 39.81 -15.49 -91.99
CA VAL A 320 38.66 -15.87 -91.17
C VAL A 320 37.93 -17.00 -91.86
N ALA A 321 37.61 -18.04 -91.10
CA ALA A 321 36.94 -19.21 -91.66
C ALA A 321 35.44 -18.99 -91.73
N VAL A 322 34.82 -19.51 -92.78
CA VAL A 322 33.38 -19.51 -92.96
C VAL A 322 32.97 -20.89 -93.45
N ALA A 323 31.88 -21.41 -92.87
CA ALA A 323 31.42 -22.76 -93.11
C ALA A 323 30.21 -22.71 -94.04
N THR A 324 30.46 -22.89 -95.32
CA THR A 324 29.40 -22.92 -96.30
C THR A 324 28.87 -24.34 -96.46
N PRO A 325 27.67 -24.52 -97.02
CA PRO A 325 27.22 -25.88 -97.35
C PRO A 325 28.12 -26.59 -98.34
N ASN A 326 28.87 -25.84 -99.14
CA ASN A 326 29.87 -26.41 -100.03
C ASN A 326 31.10 -26.90 -99.29
N GLY A 327 31.38 -26.36 -98.10
CA GLY A 327 32.54 -26.77 -97.32
C GLY A 327 33.07 -25.67 -96.44
N LEU A 328 34.37 -25.41 -96.54
CA LEU A 328 35.05 -24.40 -95.73
C LEU A 328 35.76 -23.42 -96.66
N ILE A 329 35.80 -22.15 -96.24
CA ILE A 329 36.46 -21.13 -97.04
C ILE A 329 37.08 -20.12 -96.07
N THR A 330 38.11 -19.42 -96.55
CA THR A 330 38.90 -18.50 -95.71
C THR A 330 39.07 -17.16 -96.41
N PRO A 331 38.07 -16.28 -96.34
CA PRO A 331 38.30 -14.89 -96.74
C PRO A 331 39.34 -14.23 -95.87
N ILE A 332 39.81 -13.07 -96.34
CA ILE A 332 40.93 -12.36 -95.71
C ILE A 332 40.49 -10.94 -95.40
N VAL A 333 40.96 -10.44 -94.26
CA VAL A 333 40.89 -9.03 -93.92
C VAL A 333 42.30 -8.48 -93.96
N LYS A 334 42.44 -7.28 -94.53
CA LYS A 334 43.73 -6.66 -94.82
C LYS A 334 43.97 -5.49 -93.88
N GLY A 335 45.21 -5.37 -93.41
CA GLY A 335 45.64 -4.25 -92.61
C GLY A 335 44.82 -4.08 -91.36
N VAL A 336 44.76 -5.13 -90.53
CA VAL A 336 43.93 -5.12 -89.34
C VAL A 336 44.40 -4.07 -88.36
N GLU A 337 45.69 -4.13 -88.01
CA GLU A 337 46.25 -3.21 -87.03
C GLU A 337 46.06 -1.77 -87.51
N GLY A 338 45.32 -1.01 -86.72
CA GLY A 338 44.99 0.35 -87.09
C GLY A 338 43.94 0.42 -88.19
N LYS A 339 42.80 -0.23 -87.97
CA LYS A 339 41.70 -0.22 -88.94
C LYS A 339 40.36 0.16 -88.35
N GLY A 340 40.06 -0.28 -87.13
CA GLY A 340 38.80 0.03 -86.48
C GLY A 340 37.80 -1.10 -86.49
N LEU A 341 37.13 -1.30 -85.35
CA LEU A 341 36.24 -2.44 -85.18
C LEU A 341 35.02 -2.35 -86.08
N GLU A 342 34.51 -1.15 -86.32
CA GLU A 342 33.34 -1.01 -87.18
C GLU A 342 33.67 -1.44 -88.59
N SER A 343 34.79 -0.94 -89.12
CA SER A 343 35.22 -1.35 -90.46
C SER A 343 35.48 -2.86 -90.50
N ILE A 344 36.04 -3.41 -89.43
CA ILE A 344 36.30 -4.85 -89.37
C ILE A 344 34.99 -5.62 -89.48
N SER A 345 34.00 -5.23 -88.68
CA SER A 345 32.71 -5.93 -88.70
C SER A 345 32.05 -5.81 -90.05
N ALA A 346 32.10 -4.63 -90.66
CA ALA A 346 31.48 -4.43 -91.96
C ALA A 346 32.12 -5.32 -93.01
N ALA A 347 33.46 -5.34 -93.05
CA ALA A 347 34.16 -6.16 -94.03
C ALA A 347 33.87 -7.63 -93.80
N VAL A 348 33.82 -8.06 -92.53
CA VAL A 348 33.56 -9.46 -92.24
C VAL A 348 32.16 -9.85 -92.68
N LYS A 349 31.17 -9.00 -92.41
CA LYS A 349 29.81 -9.30 -92.84
C LYS A 349 29.72 -9.39 -94.35
N GLU A 350 30.35 -8.44 -95.05
CA GLU A 350 30.32 -8.47 -96.51
C GLU A 350 30.96 -9.73 -97.05
N LEU A 351 32.13 -10.08 -96.53
CA LEU A 351 32.83 -11.27 -97.02
C LEU A 351 32.05 -12.54 -96.70
N ALA A 352 31.41 -12.60 -95.53
CA ALA A 352 30.65 -13.78 -95.16
C ALA A 352 29.45 -13.96 -96.07
N LYS A 353 28.72 -12.87 -96.35
CA LYS A 353 27.57 -12.98 -97.24
C LYS A 353 28.02 -13.29 -98.67
N LYS A 354 29.13 -12.72 -99.10
CA LYS A 354 29.65 -13.02 -100.44
C LYS A 354 30.10 -14.46 -100.55
N ALA A 355 30.56 -15.05 -99.44
CA ALA A 355 30.95 -16.46 -99.46
C ALA A 355 29.72 -17.37 -99.46
N ARG A 356 28.69 -16.99 -98.70
CA ARG A 356 27.44 -17.74 -98.75
C ARG A 356 26.83 -17.69 -100.14
N ASP A 357 27.02 -16.58 -100.86
CA ASP A 357 26.51 -16.45 -102.22
C ASP A 357 27.43 -17.07 -103.26
N GLY A 358 28.73 -17.21 -102.96
CA GLY A 358 29.68 -17.69 -103.93
C GLY A 358 30.02 -16.64 -104.97
N LYS A 359 30.63 -15.53 -104.53
CA LYS A 359 30.89 -14.39 -105.38
C LYS A 359 32.29 -13.82 -105.12
N LEU A 360 33.22 -14.66 -104.73
CA LEU A 360 34.55 -14.22 -104.33
C LEU A 360 35.56 -14.33 -105.47
N LYS A 361 36.63 -13.58 -105.32
CA LYS A 361 37.82 -13.66 -106.15
C LYS A 361 38.86 -14.55 -105.47
N PRO A 362 39.79 -15.13 -106.24
CA PRO A 362 40.80 -15.98 -105.59
C PRO A 362 41.73 -15.21 -104.68
N GLU A 363 42.08 -13.97 -105.04
CA GLU A 363 43.00 -13.18 -104.22
C GLU A 363 42.42 -12.92 -102.84
N GLU A 364 41.10 -12.86 -102.71
CA GLU A 364 40.48 -12.55 -101.43
C GLU A 364 40.59 -13.68 -100.42
N TYR A 365 40.89 -14.92 -100.87
CA TYR A 365 41.09 -16.05 -99.97
C TYR A 365 42.35 -16.84 -100.32
N GLN A 366 43.30 -16.22 -101.02
CA GLN A 366 44.62 -16.81 -101.26
C GLN A 366 45.66 -15.84 -100.71
N GLY A 367 46.25 -16.21 -99.58
CA GLY A 367 47.23 -15.38 -98.92
C GLY A 367 47.06 -15.40 -97.42
N GLY A 368 47.29 -14.26 -96.77
CA GLY A 368 47.13 -14.17 -95.34
C GLY A 368 48.30 -14.75 -94.60
N SER A 369 48.72 -14.08 -93.53
CA SER A 369 49.81 -14.56 -92.69
C SER A 369 49.34 -15.40 -91.52
N ILE A 370 48.15 -15.12 -91.00
CA ILE A 370 47.59 -15.80 -89.85
C ILE A 370 46.13 -16.09 -90.12
N SER A 371 45.61 -17.12 -89.43
CA SER A 371 44.27 -17.63 -89.66
C SER A 371 43.55 -17.82 -88.34
N ILE A 372 42.25 -18.11 -88.43
CA ILE A 372 41.41 -18.29 -87.27
C ILE A 372 40.17 -19.08 -87.68
N SER A 373 39.64 -19.86 -86.75
CA SER A 373 38.36 -20.51 -86.89
C SER A 373 37.57 -20.31 -85.61
N ASN A 374 36.26 -20.10 -85.76
CA ASN A 374 35.37 -19.80 -84.66
C ASN A 374 34.23 -20.79 -84.63
N MET A 375 33.82 -21.18 -83.42
CA MET A 375 32.68 -22.05 -83.21
C MET A 375 31.83 -21.59 -82.04
N GLY A 376 31.84 -20.28 -81.74
CA GLY A 376 31.17 -19.78 -80.56
C GLY A 376 29.68 -19.99 -80.56
N MET A 377 29.05 -20.13 -81.73
CA MET A 377 27.61 -20.33 -81.77
C MET A 377 27.21 -21.67 -81.16
N ASN A 378 28.10 -22.66 -81.21
CA ASN A 378 27.80 -23.99 -80.70
C ASN A 378 28.23 -24.07 -79.24
N PRO A 379 27.30 -24.08 -78.27
CA PRO A 379 27.72 -24.03 -76.87
C PRO A 379 28.32 -25.31 -76.32
N ALA A 380 28.31 -26.40 -77.09
CA ALA A 380 28.80 -27.67 -76.57
C ALA A 380 30.32 -27.77 -76.60
N VAL A 381 30.96 -27.12 -77.57
CA VAL A 381 32.39 -27.26 -77.79
C VAL A 381 33.11 -26.43 -76.74
N GLN A 382 33.84 -27.11 -75.84
CA GLN A 382 34.70 -26.39 -74.91
C GLN A 382 36.00 -25.99 -75.60
N SER A 383 36.66 -26.95 -76.26
CA SER A 383 37.89 -26.67 -76.97
C SER A 383 37.97 -27.53 -78.21
N PHE A 384 38.85 -27.13 -79.12
CA PHE A 384 39.08 -27.91 -80.32
C PHE A 384 40.33 -27.39 -80.99
N THR A 385 40.98 -28.27 -81.73
CA THR A 385 42.14 -27.94 -82.50
C THR A 385 41.75 -27.71 -83.96
N ALA A 386 42.68 -27.19 -84.74
CA ALA A 386 42.52 -27.04 -86.17
C ALA A 386 43.85 -27.33 -86.84
N ILE A 387 43.92 -27.04 -88.14
CA ILE A 387 45.07 -27.37 -88.97
C ILE A 387 45.57 -26.11 -89.65
N ILE A 388 46.88 -26.02 -89.80
CA ILE A 388 47.53 -24.81 -90.28
C ILE A 388 47.38 -24.72 -91.79
N ASN A 389 46.61 -23.75 -92.25
CA ASN A 389 46.47 -23.49 -93.67
C ASN A 389 47.80 -22.99 -94.22
N PRO A 390 48.50 -23.76 -95.07
CA PRO A 390 49.82 -23.31 -95.50
C PRO A 390 49.72 -22.09 -96.40
N PRO A 391 50.83 -21.36 -96.62
CA PRO A 391 52.16 -21.55 -96.06
C PRO A 391 52.35 -20.87 -94.70
N GLN A 392 51.25 -20.52 -94.03
CA GLN A 392 51.32 -19.80 -92.77
C GLN A 392 51.99 -20.66 -91.69
N ALA A 393 52.16 -20.07 -90.50
CA ALA A 393 52.90 -20.69 -89.42
C ALA A 393 52.08 -20.91 -88.17
N ALA A 394 50.89 -20.32 -88.07
CA ALA A 394 50.12 -20.42 -86.85
C ALA A 394 48.64 -20.27 -87.18
N ILE A 395 47.81 -20.76 -86.27
CA ILE A 395 46.37 -20.65 -86.42
C ILE A 395 45.74 -20.74 -85.04
N LEU A 396 44.58 -20.10 -84.90
CA LEU A 396 43.88 -19.95 -83.64
C LEU A 396 42.58 -20.75 -83.66
N ALA A 397 42.02 -20.91 -82.48
CA ALA A 397 40.73 -21.58 -82.33
C ALA A 397 40.10 -21.12 -81.02
N VAL A 398 38.83 -20.73 -81.10
CA VAL A 398 38.12 -20.12 -79.98
C VAL A 398 36.89 -20.98 -79.69
N GLY A 399 36.86 -21.60 -78.50
CA GLY A 399 35.71 -22.38 -78.11
C GLY A 399 34.54 -21.50 -77.71
N ALA A 400 33.63 -22.11 -76.97
CA ALA A 400 32.46 -21.42 -76.48
C ALA A 400 32.73 -20.78 -75.12
N PRO A 401 31.86 -19.87 -74.69
CA PRO A 401 31.95 -19.38 -73.31
C PRO A 401 31.32 -20.35 -72.33
N GLN A 402 31.78 -20.27 -71.09
CA GLN A 402 31.31 -21.16 -70.04
C GLN A 402 31.37 -20.43 -68.70
N LYS A 403 30.70 -21.02 -67.72
CA LYS A 403 30.66 -20.50 -66.36
C LYS A 403 31.67 -21.27 -65.52
N VAL A 404 32.52 -20.55 -64.80
CA VAL A 404 33.55 -21.16 -63.98
C VAL A 404 33.56 -20.49 -62.62
N ALA A 405 33.96 -21.26 -61.61
CA ALA A 405 34.12 -20.73 -60.27
C ALA A 405 35.45 -20.02 -60.16
N VAL A 406 35.45 -18.89 -59.46
CA VAL A 406 36.65 -18.08 -59.26
C VAL A 406 36.64 -17.55 -57.83
N PRO A 407 37.76 -17.55 -57.11
CA PRO A 407 37.77 -16.92 -55.79
C PRO A 407 37.70 -15.41 -55.89
N VAL A 408 37.17 -14.82 -54.82
CA VAL A 408 37.10 -13.37 -54.70
C VAL A 408 37.16 -13.02 -53.23
N GLU A 409 37.87 -11.92 -52.92
CA GLU A 409 37.99 -11.44 -51.56
C GLU A 409 36.95 -10.36 -51.30
N ASN A 410 36.01 -10.65 -50.41
CA ASN A 410 35.05 -9.66 -49.96
C ASN A 410 35.77 -8.59 -49.14
N GLU A 411 35.00 -7.60 -48.69
CA GLU A 411 35.55 -6.53 -47.87
C GLU A 411 36.23 -7.06 -46.61
N ASP A 412 35.74 -8.16 -46.05
CA ASP A 412 36.38 -8.80 -44.91
C ASP A 412 37.51 -9.72 -45.39
N GLY A 413 38.15 -10.38 -44.44
CA GLY A 413 39.27 -11.25 -44.77
C GLY A 413 38.88 -12.57 -45.39
N THR A 414 37.60 -12.92 -45.40
CA THR A 414 37.18 -14.19 -45.94
C THR A 414 37.07 -14.13 -47.45
N THR A 415 37.34 -15.27 -48.10
CA THR A 415 37.19 -15.39 -49.53
C THR A 415 35.76 -15.74 -49.87
N GLY A 416 35.41 -15.54 -51.15
CA GLY A 416 34.08 -15.81 -51.64
C GLY A 416 34.13 -16.41 -53.03
N VAL A 417 32.96 -16.79 -53.52
CA VAL A 417 32.81 -17.45 -54.81
C VAL A 417 32.19 -16.45 -55.78
N SER A 418 32.85 -16.26 -56.92
CA SER A 418 32.35 -15.41 -57.98
C SER A 418 32.34 -16.20 -59.28
N TRP A 419 31.31 -15.96 -60.09
CA TRP A 419 31.11 -16.69 -61.34
C TRP A 419 31.59 -15.82 -62.50
N ASP A 420 32.68 -16.24 -63.12
CA ASP A 420 33.30 -15.54 -64.23
C ASP A 420 33.02 -16.31 -65.52
N GLU A 421 32.89 -15.56 -66.61
CA GLU A 421 32.63 -16.14 -67.92
C GLU A 421 33.96 -16.35 -68.64
N GLN A 422 34.35 -17.61 -68.78
CA GLN A 422 35.62 -17.99 -69.38
C GLN A 422 35.43 -18.54 -70.78
N ILE A 423 36.50 -18.46 -71.57
CA ILE A 423 36.60 -19.09 -72.87
C ILE A 423 37.93 -19.83 -72.92
N ILE A 424 37.92 -21.00 -73.53
CA ILE A 424 39.15 -21.73 -73.82
C ILE A 424 39.59 -21.37 -75.22
N VAL A 425 40.90 -21.19 -75.37
CA VAL A 425 41.52 -20.82 -76.64
C VAL A 425 42.65 -21.80 -76.90
N THR A 426 42.75 -22.24 -78.15
CA THR A 426 43.75 -23.21 -78.56
C THR A 426 44.47 -22.67 -79.79
N ALA A 427 45.79 -22.56 -79.69
CA ALA A 427 46.64 -22.06 -80.76
C ALA A 427 47.56 -23.18 -81.21
N SER A 428 47.52 -23.47 -82.51
CA SER A 428 48.42 -24.43 -83.12
C SER A 428 49.55 -23.67 -83.80
N PHE A 429 50.79 -24.13 -83.59
CA PHE A 429 51.96 -23.48 -84.16
C PHE A 429 52.79 -24.49 -84.94
N ASP A 430 53.54 -23.97 -85.92
CA ASP A 430 54.56 -24.74 -86.61
C ASP A 430 55.89 -24.57 -85.89
N HIS A 431 56.59 -25.68 -85.69
CA HIS A 431 57.75 -25.70 -84.84
C HIS A 431 59.04 -25.30 -85.56
N LYS A 432 59.04 -25.29 -86.89
CA LYS A 432 60.23 -24.86 -87.61
C LYS A 432 60.56 -23.41 -87.31
N VAL A 433 59.53 -22.57 -87.26
CA VAL A 433 59.69 -21.13 -87.08
C VAL A 433 59.62 -20.75 -85.63
N VAL A 434 58.57 -21.18 -84.93
CA VAL A 434 58.25 -20.71 -83.60
C VAL A 434 58.65 -21.77 -82.58
N ASP A 435 58.98 -21.30 -81.38
CA ASP A 435 59.29 -22.15 -80.25
C ASP A 435 58.24 -21.95 -79.16
N GLY A 436 58.31 -22.84 -78.17
CA GLY A 436 57.33 -22.81 -77.08
C GLY A 436 57.34 -21.50 -76.33
N ALA A 437 58.53 -20.96 -76.06
CA ALA A 437 58.63 -19.69 -75.35
C ALA A 437 57.97 -18.57 -76.15
N VAL A 438 58.19 -18.56 -77.46
CA VAL A 438 57.65 -17.51 -78.30
C VAL A 438 56.13 -17.59 -78.33
N GLY A 439 55.61 -18.80 -78.51
CA GLY A 439 54.16 -18.97 -78.49
C GLY A 439 53.56 -18.56 -77.16
N ALA A 440 54.25 -18.89 -76.07
CA ALA A 440 53.75 -18.53 -74.75
C ALA A 440 53.73 -17.02 -74.58
N GLU A 441 54.76 -16.34 -75.09
CA GLU A 441 54.79 -14.88 -75.01
C GLU A 441 53.64 -14.27 -75.79
N TRP A 442 53.39 -14.78 -77.00
CA TRP A 442 52.28 -14.32 -77.80
C TRP A 442 50.95 -14.49 -77.07
N ILE A 443 50.75 -15.66 -76.46
CA ILE A 443 49.50 -15.93 -75.76
C ILE A 443 49.38 -15.03 -74.53
N ARG A 444 50.49 -14.78 -73.84
CA ARG A 444 50.45 -13.90 -72.69
C ARG A 444 50.00 -12.51 -73.09
N GLU A 445 50.55 -11.99 -74.20
CA GLU A 445 50.14 -10.66 -74.64
C GLU A 445 48.67 -10.64 -75.03
N LEU A 446 48.20 -11.70 -75.69
CA LEU A 446 46.79 -11.77 -76.05
C LEU A 446 45.91 -11.74 -74.81
N LYS A 447 46.23 -12.57 -73.83
CA LYS A 447 45.46 -12.61 -72.59
C LYS A 447 45.46 -11.27 -71.90
N LYS A 448 46.61 -10.59 -71.91
CA LYS A 448 46.70 -9.30 -71.25
C LYS A 448 45.79 -8.27 -71.92
N VAL A 449 45.88 -8.19 -73.24
CA VAL A 449 45.08 -7.21 -73.97
C VAL A 449 43.60 -7.49 -73.81
N ILE A 450 43.21 -8.77 -73.76
CA ILE A 450 41.80 -9.08 -73.59
C ILE A 450 41.34 -8.72 -72.19
N GLU A 451 42.05 -9.23 -71.18
CA GLU A 451 41.63 -9.03 -69.80
C GLU A 451 41.62 -7.55 -69.42
N ASN A 452 42.47 -6.76 -70.09
CA ASN A 452 42.41 -5.31 -69.98
C ASN A 452 41.97 -4.76 -71.34
N PRO A 453 40.68 -4.74 -71.65
CA PRO A 453 40.27 -4.36 -73.01
C PRO A 453 40.67 -2.95 -73.41
N LEU A 454 40.92 -2.08 -72.44
CA LEU A 454 41.27 -0.71 -72.73
C LEU A 454 42.55 -0.59 -73.52
N GLU A 455 43.45 -1.57 -73.40
CA GLU A 455 44.69 -1.52 -74.16
C GLU A 455 44.50 -1.81 -75.63
N LEU A 456 43.28 -2.12 -76.07
CA LEU A 456 43.02 -2.20 -77.50
C LEU A 456 43.32 -0.89 -78.21
N LEU A 457 43.18 0.23 -77.50
CA LEU A 457 43.56 1.52 -78.06
C LEU A 457 45.04 1.56 -78.39
N LEU A 458 45.86 0.89 -77.58
CA LEU A 458 47.31 0.93 -77.75
C LEU A 458 47.76 -0.07 -78.80
N UNK B 1 6.27 -28.71 -62.46
CA UNK B 1 6.42 -29.74 -63.48
C UNK B 1 7.23 -29.20 -64.66
N UNK B 2 8.53 -29.05 -64.45
CA UNK B 2 9.42 -28.55 -65.48
C UNK B 2 10.87 -28.84 -65.12
N UNK B 3 11.52 -29.69 -65.93
CA UNK B 3 12.92 -30.08 -65.75
C UNK B 3 13.15 -30.99 -64.53
N UNK B 4 12.07 -31.36 -63.85
CA UNK B 4 12.16 -32.27 -62.72
C UNK B 4 11.53 -33.61 -63.11
N UNK B 5 11.22 -33.72 -64.39
CA UNK B 5 10.54 -34.90 -64.93
C UNK B 5 11.37 -36.16 -64.74
N UNK B 6 12.67 -36.08 -65.00
CA UNK B 6 13.55 -37.23 -64.83
C UNK B 6 13.57 -37.68 -63.38
N UNK B 7 13.76 -36.72 -62.48
CA UNK B 7 13.82 -37.00 -61.05
C UNK B 7 12.51 -37.61 -60.56
N UNK B 8 11.40 -37.19 -61.15
CA UNK B 8 10.10 -37.69 -60.75
C UNK B 8 9.87 -39.10 -61.27
N UNK B 9 10.18 -39.32 -62.55
CA UNK B 9 9.95 -40.61 -63.19
C UNK B 9 10.91 -41.66 -62.67
N UNK B 10 12.03 -41.22 -62.08
CA UNK B 10 12.97 -42.15 -61.48
C UNK B 10 12.56 -42.52 -60.05
N UNK B 11 11.35 -42.11 -59.66
CA UNK B 11 10.82 -42.42 -58.34
C UNK B 11 11.67 -41.81 -57.22
N UNK B 12 12.30 -40.69 -57.52
CA UNK B 12 13.13 -39.99 -56.55
C UNK B 12 12.37 -38.85 -55.89
N UNK B 13 11.09 -39.08 -55.61
CA UNK B 13 10.25 -38.08 -54.97
C UNK B 13 8.90 -38.67 -54.56
N UNK C 1 29.19 -8.78 61.95
CA UNK C 1 30.22 -9.00 62.96
C UNK C 1 29.66 -9.79 64.13
N UNK C 2 29.43 -11.08 63.90
CA UNK C 2 28.90 -11.97 64.94
C UNK C 2 29.11 -13.42 64.54
N UNK C 3 29.92 -14.13 65.33
CA UNK C 3 30.23 -15.54 65.12
C UNK C 3 31.11 -15.80 63.89
N UNK C 4 31.54 -14.73 63.22
CA UNK C 4 32.43 -14.85 62.08
C UNK C 4 33.80 -14.31 62.46
N UNK C 5 33.95 -14.01 63.74
CA UNK C 5 35.17 -13.42 64.26
C UNK C 5 36.38 -14.31 64.05
N UNK C 6 36.23 -15.61 64.29
CA UNK C 6 37.34 -16.54 64.10
C UNK C 6 37.76 -16.58 62.64
N UNK C 7 36.77 -16.68 61.75
CA UNK C 7 37.04 -16.75 60.32
C UNK C 7 37.71 -15.47 59.84
N UNK C 8 37.36 -14.35 60.46
CA UNK C 8 37.93 -13.07 60.05
C UNK C 8 39.35 -12.92 60.57
N UNK C 9 39.57 -13.26 61.84
CA UNK C 9 40.87 -13.12 62.46
C UNK C 9 41.87 -14.13 61.90
N UNK C 10 41.37 -15.20 61.31
CA UNK C 10 42.23 -16.18 60.68
C UNK C 10 42.60 -15.78 59.25
N UNK C 11 42.25 -14.55 58.89
CA UNK C 11 42.57 -14.00 57.57
C UNK C 11 41.90 -14.80 56.45
N UNK C 12 40.75 -15.37 56.76
CA UNK C 12 40.00 -16.16 55.78
C UNK C 12 38.89 -15.32 55.16
N UNK C 13 39.19 -14.05 54.88
CA UNK C 13 38.22 -13.14 54.27
C UNK C 13 38.89 -11.83 53.88
N UNK D 1 -66.49 18.16 -3.85
CA UNK D 1 -67.85 18.48 -3.43
C UNK D 1 -68.85 18.04 -4.50
N UNK D 2 -69.06 16.74 -4.60
CA UNK D 2 -70.00 16.18 -5.56
C UNK D 2 -70.33 14.74 -5.21
N UNK D 3 -71.60 14.50 -4.87
CA UNK D 3 -72.11 13.18 -4.53
C UNK D 3 -71.61 12.67 -3.17
N UNK D 4 -70.84 13.50 -2.46
CA UNK D 4 -70.35 13.15 -1.13
C UNK D 4 -71.06 14.02 -0.10
N UNK D 5 -72.07 14.76 -0.58
CA UNK D 5 -72.80 15.70 0.25
C UNK D 5 -73.50 15.01 1.41
N UNK D 6 -74.12 13.87 1.15
CA UNK D 6 -74.82 13.13 2.20
C UNK D 6 -73.83 12.67 3.26
N UNK D 7 -72.72 12.10 2.83
CA UNK D 7 -71.70 11.61 3.73
C UNK D 7 -71.11 12.73 4.56
N UNK D 8 -71.03 13.92 3.98
CA UNK D 8 -70.47 15.06 4.68
C UNK D 8 -71.46 15.62 5.69
N UNK D 9 -72.71 15.77 5.28
CA UNK D 9 -73.74 16.35 6.13
C UNK D 9 -74.12 15.40 7.25
N UNK D 10 -73.82 14.12 7.09
CA UNK D 10 -74.08 13.14 8.14
C UNK D 10 -72.93 13.10 9.14
N UNK D 11 -72.01 14.05 9.02
CA UNK D 11 -70.87 14.15 9.94
C UNK D 11 -69.98 12.92 9.87
N UNK D 12 -69.93 12.29 8.71
CA UNK D 12 -69.11 11.11 8.50
C UNK D 12 -67.79 11.48 7.84
N UNK D 13 -67.22 12.61 8.25
CA UNK D 13 -65.95 13.07 7.69
C UNK D 13 -65.42 14.26 8.47
N UNK E 1 39.96 4.00 -56.16
CA UNK E 1 40.36 4.20 -57.55
C UNK E 1 41.50 3.27 -57.93
N UNK E 2 41.18 1.99 -58.07
CA UNK E 2 42.17 0.99 -58.44
C UNK E 2 41.49 -0.28 -58.93
N UNK E 3 41.69 -0.60 -60.20
CA UNK E 3 41.12 -1.80 -60.84
C UNK E 3 39.61 -1.72 -61.06
N UNK E 4 39.01 -0.58 -60.71
CA UNK E 4 37.59 -0.35 -60.93
C UNK E 4 37.41 0.68 -62.03
N UNK E 5 38.52 1.02 -62.67
CA UNK E 5 38.54 2.05 -63.69
C UNK E 5 37.66 1.70 -64.89
N UNK E 6 37.72 0.43 -65.32
CA UNK E 6 36.90 -0.01 -66.44
C UNK E 6 35.42 0.11 -66.10
N UNK E 7 35.05 -0.38 -64.92
CA UNK E 7 33.67 -0.35 -64.47
C UNK E 7 33.17 1.07 -64.34
N UNK E 8 34.06 1.98 -63.97
CA UNK E 8 33.67 3.38 -63.80
C UNK E 8 33.52 4.07 -65.14
N UNK E 9 34.48 3.85 -66.05
CA UNK E 9 34.47 4.49 -67.34
C UNK E 9 33.37 3.95 -68.23
N UNK E 10 32.88 2.75 -67.91
CA UNK E 10 31.77 2.17 -68.66
C UNK E 10 30.43 2.67 -68.13
N UNK E 11 30.47 3.66 -67.25
CA UNK E 11 29.26 4.26 -66.69
C UNK E 11 28.45 3.25 -65.90
N UNK E 12 29.13 2.28 -65.30
CA UNK E 12 28.47 1.27 -64.50
C UNK E 12 28.55 1.60 -63.01
N UNK E 13 28.40 2.89 -62.69
CA UNK E 13 28.45 3.34 -61.32
C UNK E 13 28.03 4.80 -61.20
N UNK F 1 -14.45 67.33 5.25
CA UNK F 1 -14.70 68.71 4.87
C UNK F 1 -14.20 69.67 5.93
N UNK F 2 -12.87 69.80 6.03
CA UNK F 2 -12.26 70.70 7.00
C UNK F 2 -10.80 70.96 6.63
N UNK F 3 -10.50 72.21 6.31
CA UNK F 3 -9.16 72.66 5.95
C UNK F 3 -8.70 72.16 4.58
N UNK F 4 -9.57 71.44 3.87
CA UNK F 4 -9.27 70.96 2.52
C UNK F 4 -10.12 71.73 1.52
N UNK F 5 -10.79 72.76 2.02
CA UNK F 5 -11.71 73.56 1.22
C UNK F 5 -11.00 74.25 0.06
N UNK F 6 -9.82 74.80 0.31
CA UNK F 6 -9.06 75.47 -0.73
C UNK F 6 -8.68 74.48 -1.82
N UNK F 7 -8.15 73.33 -1.41
CA UNK F 7 -7.72 72.30 -2.34
C UNK F 7 -8.90 71.79 -3.17
N UNK F 8 -10.08 71.76 -2.56
CA UNK F 8 -11.26 71.28 -3.26
C UNK F 8 -11.78 72.32 -4.24
N UNK F 9 -11.86 73.56 -3.80
CA UNK F 9 -12.39 74.64 -4.63
C UNK F 9 -11.44 74.98 -5.76
N UNK F 10 -10.16 74.62 -5.62
CA UNK F 10 -9.19 74.84 -6.68
C UNK F 10 -9.23 73.71 -7.71
N UNK F 11 -10.23 72.83 -7.59
CA UNK F 11 -10.40 71.73 -8.52
C UNK F 11 -9.22 70.77 -8.49
N UNK F 12 -8.58 70.67 -7.33
CA UNK F 12 -7.44 69.76 -7.16
C UNK F 12 -7.87 68.46 -6.51
N UNK F 13 -9.03 67.95 -6.91
CA UNK F 13 -9.55 66.70 -6.38
C UNK F 13 -10.78 66.25 -7.14
N UNK G 1 44.21 -38.70 -36.30
CA UNK G 1 45.45 -39.13 -36.93
C UNK G 1 45.15 -39.90 -38.21
N UNK G 2 44.74 -39.16 -39.25
CA UNK G 2 44.42 -39.76 -40.53
C UNK G 2 44.35 -38.69 -41.62
N UNK G 3 45.28 -38.77 -42.57
CA UNK G 3 45.36 -37.84 -43.70
C UNK G 3 45.84 -36.44 -43.30
N UNK G 4 46.17 -36.25 -42.02
CA UNK G 4 46.69 -34.98 -41.54
C UNK G 4 48.16 -35.15 -41.18
N UNK G 5 48.69 -36.31 -41.54
CA UNK G 5 50.07 -36.67 -41.22
C UNK G 5 51.07 -35.71 -41.84
N UNK G 6 50.85 -35.34 -43.09
CA UNK G 6 51.75 -34.41 -43.78
C UNK G 6 51.75 -33.07 -43.08
N UNK G 7 50.55 -32.56 -42.80
CA UNK G 7 50.39 -31.27 -42.14
C UNK G 7 51.03 -31.27 -40.77
N UNK G 8 50.99 -32.42 -40.09
CA UNK G 8 51.56 -32.52 -38.76
C UNK G 8 53.08 -32.60 -38.81
N UNK G 9 53.60 -33.42 -39.71
CA UNK G 9 55.04 -33.63 -39.83
C UNK G 9 55.72 -32.40 -40.40
N UNK G 10 54.96 -31.55 -41.08
CA UNK G 10 55.52 -30.29 -41.60
C UNK G 10 55.51 -29.20 -40.54
N UNK G 11 55.20 -29.57 -39.31
CA UNK G 11 55.20 -28.64 -38.18
C UNK G 11 54.17 -27.54 -38.37
N UNK G 12 53.08 -27.86 -39.07
CA UNK G 12 52.01 -26.90 -39.31
C UNK G 12 50.87 -27.11 -38.32
N UNK G 13 51.22 -27.38 -37.07
CA UNK G 13 50.22 -27.59 -36.03
C UNK G 13 50.88 -27.70 -34.65
N UNK H 1 -62.67 -24.94 14.75
CA UNK H 1 -63.81 -25.85 14.77
C UNK H 1 -65.12 -25.05 14.86
N UNK H 2 -65.48 -24.41 13.75
CA UNK H 2 -66.71 -23.63 13.69
C UNK H 2 -67.08 -23.34 12.24
N UNK H 3 -68.22 -23.87 11.81
CA UNK H 3 -68.75 -23.69 10.46
C UNK H 3 -67.94 -24.43 9.39
N UNK H 4 -66.93 -25.18 9.81
CA UNK H 4 -66.13 -25.98 8.88
C UNK H 4 -66.42 -27.45 9.12
N UNK H 5 -67.43 -27.70 9.95
CA UNK H 5 -67.80 -29.05 10.34
C UNK H 5 -68.22 -29.90 9.15
N UNK H 6 -69.01 -29.32 8.24
CA UNK H 6 -69.46 -30.05 7.06
C UNK H 6 -68.27 -30.43 6.20
N UNK H 7 -67.39 -29.46 5.95
CA UNK H 7 -66.21 -29.68 5.12
C UNK H 7 -65.30 -30.74 5.74
N UNK H 8 -65.26 -30.78 7.06
CA UNK H 8 -64.41 -31.75 7.75
C UNK H 8 -65.01 -33.14 7.71
N UNK H 9 -66.31 -33.24 7.99
CA UNK H 9 -66.99 -34.52 8.04
C UNK H 9 -67.14 -35.12 6.65
N UNK H 10 -67.04 -34.28 5.61
CA UNK H 10 -67.10 -34.77 4.24
C UNK H 10 -65.72 -35.25 3.77
N UNK H 11 -64.77 -35.33 4.70
CA UNK H 11 -63.42 -35.80 4.40
C UNK H 11 -62.72 -34.89 3.39
N UNK H 12 -63.07 -33.62 3.41
CA UNK H 12 -62.46 -32.64 2.50
C UNK H 12 -61.35 -31.88 3.21
N UNK H 13 -60.57 -32.58 4.02
CA UNK H 13 -59.47 -31.97 4.75
C UNK H 13 -58.61 -33.02 5.45
N UNK I 1 22.96 56.57 32.29
CA UNK I 1 22.98 57.74 33.15
C UNK I 1 23.87 58.83 32.56
N UNK I 2 23.38 59.47 31.50
CA UNK I 2 24.12 60.54 30.85
C UNK I 2 23.20 61.34 29.93
N UNK I 3 23.00 62.61 30.28
CA UNK I 3 22.17 63.54 29.51
C UNK I 3 20.67 63.24 29.63
N UNK I 4 20.32 62.24 30.43
CA UNK I 4 18.91 61.90 30.67
C UNK I 4 18.54 62.27 32.10
N UNK I 5 19.47 62.96 32.76
CA UNK I 5 19.31 63.34 34.15
C UNK I 5 18.10 64.24 34.37
N UNK I 6 17.89 65.20 33.48
CA UNK I 6 16.76 66.11 33.60
C UNK I 6 15.45 65.33 33.47
N UNK I 7 15.39 64.48 32.46
CA UNK I 7 14.19 63.69 32.21
C UNK I 7 13.90 62.75 33.37
N UNK I 8 14.95 62.27 34.03
CA UNK I 8 14.77 61.36 35.15
C UNK I 8 14.32 62.11 36.40
N UNK I 9 14.97 63.24 36.68
CA UNK I 9 14.67 64.02 37.87
C UNK I 9 13.32 64.69 37.76
N UNK I 10 12.81 64.85 36.54
CA UNK I 10 11.48 65.41 36.34
C UNK I 10 10.40 64.35 36.48
N UNK I 11 10.79 63.16 36.92
CA UNK I 11 9.85 62.06 37.13
C UNK I 11 9.19 61.63 35.82
N UNK I 12 9.90 61.80 34.71
CA UNK I 12 9.38 61.41 33.41
C UNK I 12 9.91 60.05 33.00
N UNK I 13 9.98 59.13 33.96
CA UNK I 13 10.46 57.78 33.69
C UNK I 13 10.26 56.88 34.90
N UNK J 1 -5.22 -40.39 55.73
CA UNK J 1 -5.42 -40.79 57.13
C UNK J 1 -4.54 -41.99 57.47
N UNK J 2 -3.24 -41.74 57.60
CA UNK J 2 -2.29 -42.79 57.94
C UNK J 2 -0.97 -42.18 58.41
N UNK J 3 -0.64 -42.42 59.68
CA UNK J 3 0.59 -41.93 60.30
C UNK J 3 0.59 -40.42 60.54
N UNK J 4 -0.51 -39.75 60.22
CA UNK J 4 -0.66 -38.32 60.46
C UNK J 4 -1.66 -38.10 61.58
N UNK J 5 -2.05 -39.20 62.22
CA UNK J 5 -3.07 -39.18 63.25
C UNK J 5 -2.64 -38.33 64.44
N UNK J 6 -1.39 -38.46 64.86
CA UNK J 6 -0.88 -37.69 65.99
C UNK J 6 -0.92 -36.20 65.66
N UNK J 7 -0.43 -35.85 64.48
CA UNK J 7 -0.39 -34.46 64.05
C UNK J 7 -1.80 -33.88 63.95
N UNK J 8 -2.76 -34.71 63.57
CA UNK J 8 -4.12 -34.26 63.44
C UNK J 8 -4.79 -34.07 64.80
N UNK J 9 -4.61 -35.05 65.68
CA UNK J 9 -5.23 -35.03 67.00
C UNK J 9 -4.60 -33.98 67.89
N UNK J 10 -3.39 -33.55 67.55
CA UNK J 10 -2.73 -32.48 68.30
C UNK J 10 -3.17 -31.11 67.80
N UNK J 11 -4.19 -31.09 66.93
CA UNK J 11 -4.73 -29.84 66.41
C UNK J 11 -3.69 -29.06 65.60
N UNK J 12 -2.77 -29.79 64.98
CA UNK J 12 -1.73 -29.17 64.17
C UNK J 12 -2.09 -29.22 62.69
N UNK J 13 -3.37 -29.00 62.39
CA UNK J 13 -3.85 -29.00 61.01
C UNK J 13 -5.29 -28.51 60.94
N UNK K 1 27.99 61.42 -14.43
CA UNK K 1 28.94 62.52 -14.44
C UNK K 1 28.23 63.86 -14.50
N UNK K 2 27.61 64.25 -13.39
CA UNK K 2 26.89 65.51 -13.30
C UNK K 2 26.65 65.88 -11.84
N UNK K 3 27.25 66.99 -11.41
CA UNK K 3 27.12 67.51 -10.05
C UNK K 3 27.83 66.65 -9.00
N UNK K 4 28.51 65.60 -9.44
CA UNK K 4 29.28 64.75 -8.54
C UNK K 4 30.77 64.97 -8.79
N UNK K 5 31.06 65.97 -9.61
CA UNK K 5 32.42 66.28 -10.02
C UNK K 5 33.31 66.64 -8.84
N UNK K 6 32.78 67.44 -7.91
CA UNK K 6 33.55 67.84 -6.74
C UNK K 6 33.88 66.62 -5.90
N UNK K 7 32.87 65.80 -5.65
CA UNK K 7 33.05 64.60 -4.84
C UNK K 7 34.04 63.64 -5.47
N UNK K 8 34.06 63.61 -6.80
CA UNK K 8 34.97 62.71 -7.51
C UNK K 8 36.40 63.25 -7.48
N UNK K 9 36.55 64.54 -7.75
CA UNK K 9 37.87 65.16 -7.81
C UNK K 9 38.50 65.26 -6.42
N UNK K 10 37.68 65.19 -5.38
CA UNK K 10 38.18 65.19 -4.02
C UNK K 10 38.59 63.80 -3.57
N UNK K 11 38.61 62.85 -4.51
CA UNK K 11 39.01 61.48 -4.23
C UNK K 11 38.09 60.81 -3.22
N UNK K 12 36.83 61.23 -3.21
CA UNK K 12 35.85 60.66 -2.30
C UNK K 12 35.00 59.60 -3.01
N UNK K 13 35.65 58.79 -3.85
CA UNK K 13 34.98 57.74 -4.57
C UNK K 13 35.97 56.83 -5.29
N UNK L 1 -58.32 -19.01 -31.71
CA UNK L 1 -59.50 -18.93 -32.56
C UNK L 1 -60.63 -19.77 -31.96
N UNK L 2 -61.23 -19.27 -30.89
CA UNK L 2 -62.32 -19.95 -30.23
C UNK L 2 -63.06 -18.99 -29.29
N UNK L 3 -64.32 -18.72 -29.61
CA UNK L 3 -65.19 -17.84 -28.82
C UNK L 3 -64.80 -16.36 -28.91
N UNK L 4 -63.79 -16.06 -29.72
CA UNK L 4 -63.37 -14.68 -29.95
C UNK L 4 -63.74 -14.26 -31.37
N UNK L 5 -64.50 -15.13 -32.02
CA UNK L 5 -64.89 -14.93 -33.41
C UNK L 5 -65.71 -13.66 -33.59
N UNK L 6 -66.65 -13.42 -32.69
CA UNK L 6 -67.49 -12.23 -32.77
C UNK L 6 -66.64 -10.98 -32.64
N UNK L 7 -65.77 -10.97 -31.64
CA UNK L 7 -64.90 -9.83 -31.38
C UNK L 7 -63.97 -9.57 -32.56
N UNK L 8 -63.56 -10.64 -33.24
CA UNK L 8 -62.67 -10.50 -34.37
C UNK L 8 -63.40 -9.98 -35.60
N UNK L 9 -64.57 -10.56 -35.87
CA UNK L 9 -65.35 -10.20 -37.05
C UNK L 9 -65.94 -8.81 -36.91
N UNK L 10 -66.04 -8.31 -35.68
CA UNK L 10 -66.53 -6.96 -35.45
C UNK L 10 -65.40 -5.93 -35.59
N UNK L 11 -64.24 -6.39 -36.06
CA UNK L 11 -63.09 -5.51 -36.27
C UNK L 11 -62.61 -4.90 -34.95
N UNK L 12 -62.80 -5.62 -33.86
CA UNK L 12 -62.37 -5.14 -32.55
C UNK L 12 -61.02 -5.76 -32.17
N UNK L 13 -60.13 -5.88 -33.14
CA UNK L 13 -58.81 -6.44 -32.90
C UNK L 13 -57.92 -6.26 -34.12
N UNK M 1 36.83 -46.83 34.89
CA UNK M 1 37.21 -48.09 35.50
C UNK M 1 38.00 -47.86 36.78
N UNK M 2 37.31 -47.42 37.83
CA UNK M 2 37.95 -47.16 39.11
C UNK M 2 36.89 -47.06 40.21
N UNK M 3 36.94 -48.00 41.16
CA UNK M 3 36.02 -48.05 42.29
C UNK M 3 34.60 -48.45 41.90
N UNK M 4 34.37 -48.74 40.63
CA UNK M 4 33.07 -49.18 40.15
C UNK M 4 33.15 -50.66 39.77
N UNK M 5 34.29 -51.26 40.11
CA UNK M 5 34.57 -52.64 39.76
C UNK M 5 33.57 -53.61 40.38
N UNK M 6 33.22 -53.39 41.64
CA UNK M 6 32.26 -54.25 42.33
C UNK M 6 30.90 -54.16 41.65
N UNK M 7 30.47 -52.93 41.39
CA UNK M 7 29.17 -52.70 40.77
C UNK M 7 29.12 -53.31 39.38
N UNK M 8 30.25 -53.31 38.69
CA UNK M 8 30.30 -53.87 37.34
C UNK M 8 30.30 -55.40 37.38
N UNK M 9 31.11 -55.98 38.25
CA UNK M 9 31.24 -57.42 38.35
C UNK M 9 29.98 -58.05 38.93
N UNK M 10 29.18 -57.25 39.63
CA UNK M 10 27.92 -57.75 40.16
C UNK M 10 26.80 -57.67 39.12
N UNK M 11 27.17 -57.36 37.88
CA UNK M 11 26.23 -57.28 36.78
C UNK M 11 25.18 -56.20 37.00
N UNK M 12 25.57 -55.15 37.72
CA UNK M 12 24.67 -54.03 37.98
C UNK M 12 24.93 -52.89 37.02
N UNK M 13 25.16 -53.22 35.75
CA UNK M 13 25.41 -52.22 34.72
C UNK M 13 25.45 -52.86 33.34
N TYR N 227 -37.92 -52.18 -93.22
CA TYR N 227 -38.43 -51.14 -94.11
C TYR N 227 -37.43 -50.83 -95.21
N THR N 228 -36.45 -49.98 -94.91
CA THR N 228 -35.48 -49.61 -95.92
C THR N 228 -34.56 -50.79 -96.24
N ASP N 229 -34.44 -51.10 -97.52
CA ASP N 229 -33.70 -52.28 -98.00
C ASP N 229 -32.53 -51.81 -98.85
N VAL N 230 -31.33 -51.86 -98.28
CA VAL N 230 -30.11 -51.43 -98.95
C VAL N 230 -29.30 -52.67 -99.31
N PRO N 231 -28.97 -52.92 -100.58
CA PRO N 231 -28.10 -54.05 -100.88
C PRO N 231 -26.72 -53.88 -100.27
N ILE N 232 -26.02 -55.00 -100.16
CA ILE N 232 -24.72 -55.02 -99.51
C ILE N 232 -23.66 -54.56 -100.50
N SER N 233 -22.64 -53.88 -100.00
CA SER N 233 -21.59 -53.33 -100.85
C SER N 233 -20.74 -54.41 -101.52
N GLY N 234 -20.77 -55.64 -101.02
CA GLY N 234 -19.92 -56.71 -101.50
C GLY N 234 -18.60 -56.81 -100.78
N MET N 235 -18.01 -55.66 -100.42
CA MET N 235 -16.78 -55.66 -99.65
C MET N 235 -17.01 -56.23 -98.26
N ARG N 236 -18.15 -55.90 -97.65
CA ARG N 236 -18.46 -56.42 -96.32
C ARG N 236 -18.59 -57.94 -96.32
N LYS N 237 -18.95 -58.53 -97.46
CA LYS N 237 -19.09 -59.99 -97.54
C LYS N 237 -17.78 -60.68 -97.20
N THR N 238 -16.68 -60.16 -97.74
CA THR N 238 -15.38 -60.78 -97.49
C THR N 238 -14.98 -60.69 -96.03
N ILE N 239 -15.21 -59.53 -95.42
CA ILE N 239 -14.88 -59.37 -94.00
C ILE N 239 -15.76 -60.28 -93.14
N ALA N 240 -17.02 -60.43 -93.52
CA ALA N 240 -17.91 -61.32 -92.78
C ALA N 240 -17.42 -62.77 -92.86
N ALA N 241 -17.07 -63.21 -94.07
CA ALA N 241 -16.55 -64.56 -94.23
C ALA N 241 -15.26 -64.76 -93.45
N ARG N 242 -14.39 -63.75 -93.44
CA ARG N 242 -13.13 -63.84 -92.72
C ARG N 242 -13.36 -63.98 -91.22
N LEU N 243 -14.22 -63.12 -90.66
CA LEU N 243 -14.52 -63.21 -89.23
C LEU N 243 -15.19 -64.52 -88.88
N LYS N 244 -16.05 -65.02 -89.76
CA LYS N 244 -16.70 -66.30 -89.54
C LYS N 244 -15.67 -67.43 -89.50
N GLU N 245 -14.74 -67.41 -90.46
CA GLU N 245 -13.65 -68.38 -90.44
C GLU N 245 -12.86 -68.28 -89.15
N SER N 246 -12.65 -67.06 -88.66
CA SER N 246 -11.86 -66.88 -87.45
C SER N 246 -12.55 -67.55 -86.26
N VAL N 247 -13.82 -67.20 -86.03
CA VAL N 247 -14.51 -67.70 -84.85
C VAL N 247 -14.81 -69.19 -84.95
N THR N 248 -14.92 -69.73 -86.17
CA THR N 248 -15.24 -71.15 -86.31
C THR N 248 -13.99 -72.02 -86.33
N GLU N 249 -12.83 -71.45 -86.70
CA GLU N 249 -11.60 -72.23 -86.75
C GLU N 249 -10.82 -72.13 -85.45
N ASN N 250 -10.83 -70.96 -84.82
CA ASN N 250 -10.05 -70.67 -83.64
C ASN N 250 -10.98 -70.38 -82.47
N PRO N 251 -10.94 -71.17 -81.38
CA PRO N 251 -11.69 -70.74 -80.19
C PRO N 251 -11.00 -69.58 -79.52
N HIS N 252 -11.80 -68.79 -78.80
CA HIS N 252 -11.33 -67.56 -78.20
C HIS N 252 -11.48 -67.62 -76.69
N PHE N 253 -10.46 -67.16 -75.98
CA PHE N 253 -10.58 -66.88 -74.57
C PHE N 253 -9.88 -65.57 -74.27
N PHE N 254 -10.43 -64.85 -73.30
CA PHE N 254 -10.10 -63.46 -73.04
C PHE N 254 -9.43 -63.33 -71.69
N VAL N 255 -8.52 -62.37 -71.59
CA VAL N 255 -7.86 -62.00 -70.35
C VAL N 255 -8.01 -60.50 -70.19
N SER N 256 -8.21 -60.05 -68.95
CA SER N 256 -8.52 -58.66 -68.65
C SER N 256 -7.69 -58.22 -67.46
N THR N 257 -6.93 -57.14 -67.66
CA THR N 257 -6.05 -56.62 -66.63
C THR N 257 -6.18 -55.10 -66.55
N ASN N 258 -5.53 -54.54 -65.54
CA ASN N 258 -5.56 -53.11 -65.25
C ASN N 258 -4.14 -52.61 -65.09
N LEU N 259 -3.78 -51.61 -65.88
CA LEU N 259 -2.46 -51.02 -65.84
C LEU N 259 -2.50 -49.68 -65.12
N SER N 260 -1.33 -49.24 -64.68
CA SER N 260 -1.14 -47.94 -64.06
C SER N 260 -0.22 -47.11 -64.95
N VAL N 261 -0.71 -45.95 -65.38
CA VAL N 261 -0.06 -45.15 -66.41
C VAL N 261 0.31 -43.76 -65.93
N SER N 262 0.27 -43.52 -64.62
CA SER N 262 0.55 -42.18 -64.10
C SER N 262 1.98 -41.76 -64.40
N LYS N 263 2.90 -42.72 -64.47
CA LYS N 263 4.29 -42.40 -64.81
C LYS N 263 4.46 -42.30 -66.31
N LEU N 264 3.74 -43.14 -67.06
CA LEU N 264 3.81 -43.09 -68.51
C LEU N 264 3.38 -41.72 -69.03
N LEU N 265 2.31 -41.17 -68.47
CA LEU N 265 1.83 -39.88 -68.95
C LEU N 265 2.83 -38.78 -68.63
N LYS N 266 3.48 -38.85 -67.47
CA LYS N 266 4.52 -37.88 -67.15
C LYS N 266 5.67 -37.98 -68.13
N LEU N 267 6.06 -39.20 -68.48
CA LEU N 267 7.14 -39.39 -69.46
C LEU N 267 6.76 -38.80 -70.79
N ARG N 268 5.52 -39.03 -71.23
CA ARG N 268 5.07 -38.49 -72.51
C ARG N 268 5.06 -36.97 -72.48
N GLN N 269 4.60 -36.39 -71.37
CA GLN N 269 4.59 -34.95 -71.23
C GLN N 269 5.99 -34.38 -71.31
N ALA N 270 6.95 -35.00 -70.60
CA ALA N 270 8.30 -34.48 -70.59
C ALA N 270 8.96 -34.59 -71.95
N LEU N 271 8.75 -35.71 -72.65
CA LEU N 271 9.34 -35.85 -73.98
C LEU N 271 8.70 -34.90 -74.98
N ASN N 272 7.39 -34.66 -74.87
CA ASN N 272 6.76 -33.68 -75.75
C ASN N 272 7.27 -32.27 -75.47
N SER N 273 7.55 -31.97 -74.20
CA SER N 273 8.05 -30.65 -73.87
C SER N 273 9.49 -30.45 -74.33
N SER N 274 10.34 -31.46 -74.18
CA SER N 274 11.73 -31.36 -74.60
C SER N 274 11.87 -31.66 -76.09
N ALA N 275 11.25 -30.79 -76.89
CA ALA N 275 11.25 -30.95 -78.33
C ALA N 275 10.97 -29.59 -78.96
N ASP N 276 11.20 -29.51 -80.26
CA ASP N 276 11.01 -28.30 -81.04
C ASP N 276 10.01 -28.52 -82.17
N GLY N 277 8.89 -29.17 -81.85
CA GLY N 277 7.93 -29.53 -82.87
C GLY N 277 8.40 -30.56 -83.86
N ARG N 278 9.46 -31.30 -83.53
CA ARG N 278 10.00 -32.31 -84.44
C ARG N 278 9.19 -33.59 -84.41
N TYR N 279 8.42 -33.82 -83.36
CA TYR N 279 7.64 -35.04 -83.22
C TYR N 279 6.50 -34.79 -82.23
N LYS N 280 5.63 -35.78 -82.12
CA LYS N 280 4.53 -35.75 -81.15
C LYS N 280 4.14 -37.18 -80.86
N LEU N 281 4.10 -37.54 -79.58
CA LEU N 281 3.90 -38.92 -79.16
C LEU N 281 2.48 -39.15 -78.67
N SER N 282 2.15 -40.44 -78.55
CA SER N 282 0.87 -40.87 -78.01
C SER N 282 1.06 -42.12 -77.17
N VAL N 283 -0.03 -42.63 -76.60
CA VAL N 283 0.05 -43.80 -75.74
C VAL N 283 0.21 -45.07 -76.55
N ASN N 284 -0.38 -45.09 -77.75
CA ASN N 284 -0.35 -46.28 -78.59
C ASN N 284 1.07 -46.66 -78.96
N ASP N 285 1.97 -45.69 -79.13
CA ASP N 285 3.33 -46.00 -79.51
C ASP N 285 4.07 -46.73 -78.39
N PHE N 286 3.95 -46.21 -77.16
CA PHE N 286 4.48 -46.91 -76.00
C PHE N 286 3.92 -48.32 -75.91
N LEU N 287 2.62 -48.46 -76.12
CA LEU N 287 2.00 -49.78 -76.06
C LEU N 287 2.59 -50.71 -77.10
N ILE N 288 2.87 -50.18 -78.29
CA ILE N 288 3.39 -51.01 -79.37
C ILE N 288 4.81 -51.46 -79.05
N LYS N 289 5.62 -50.56 -78.51
CA LYS N 289 6.97 -50.92 -78.11
C LYS N 289 6.93 -52.00 -77.03
N ALA N 290 6.03 -51.86 -76.06
CA ALA N 290 5.94 -52.85 -75.01
C ALA N 290 5.45 -54.18 -75.55
N MET N 291 4.55 -54.16 -76.53
CA MET N 291 4.12 -55.39 -77.18
C MET N 291 5.29 -56.09 -77.83
N GLY N 292 6.14 -55.33 -78.51
CA GLY N 292 7.32 -55.93 -79.12
C GLY N 292 8.23 -56.57 -78.09
N ILE N 293 8.45 -55.86 -76.97
CA ILE N 293 9.33 -56.40 -75.93
C ILE N 293 8.76 -57.68 -75.36
N ALA N 294 7.46 -57.69 -75.09
CA ALA N 294 6.83 -58.87 -74.50
C ALA N 294 6.86 -60.03 -75.47
N SER N 295 6.62 -59.77 -76.75
CA SER N 295 6.65 -60.83 -77.74
C SER N 295 8.05 -61.40 -77.88
N LYS N 296 9.08 -60.57 -77.71
CA LYS N 296 10.44 -61.08 -77.77
C LYS N 296 10.79 -61.89 -76.54
N ARG N 297 10.25 -61.51 -75.38
CA ARG N 297 10.53 -62.27 -74.16
C ARG N 297 9.75 -63.58 -74.11
N VAL N 298 8.61 -63.64 -74.79
CA VAL N 298 7.78 -64.85 -74.83
C VAL N 298 7.43 -65.12 -76.28
N PRO N 299 8.30 -65.79 -77.05
CA PRO N 299 8.09 -65.88 -78.49
C PRO N 299 6.94 -66.76 -78.91
N THR N 300 6.36 -67.54 -77.99
CA THR N 300 5.28 -68.45 -78.37
C THR N 300 4.05 -67.69 -78.83
N VAL N 301 3.85 -66.48 -78.32
CA VAL N 301 2.69 -65.69 -78.73
C VAL N 301 2.84 -65.26 -80.17
N ASN N 302 4.03 -64.80 -80.55
CA ASN N 302 4.31 -64.36 -81.91
C ASN N 302 4.44 -65.60 -82.77
N SER N 303 3.29 -66.16 -83.13
CA SER N 303 3.22 -67.43 -83.85
C SER N 303 1.96 -67.42 -84.70
N SER N 304 1.69 -68.54 -85.35
CA SER N 304 0.50 -68.70 -86.18
C SER N 304 0.13 -70.16 -86.21
N TRP N 305 -0.80 -70.52 -87.10
CA TRP N 305 -1.25 -71.89 -87.28
C TRP N 305 -1.35 -72.16 -88.77
N ARG N 306 -0.61 -73.15 -89.24
CA ARG N 306 -0.50 -73.44 -90.67
C ARG N 306 -0.77 -74.92 -90.90
N ASP N 307 -0.50 -75.40 -92.12
CA ASP N 307 -0.84 -76.77 -92.49
C ASP N 307 0.03 -77.77 -91.73
N GLY N 308 -0.47 -78.26 -90.60
CA GLY N 308 0.25 -79.25 -89.82
C GLY N 308 1.59 -78.78 -89.31
N VAL N 309 1.75 -77.47 -89.11
CA VAL N 309 3.03 -76.91 -88.72
C VAL N 309 2.77 -75.57 -88.05
N ILE N 310 3.63 -75.24 -87.09
CA ILE N 310 3.61 -73.94 -86.42
C ILE N 310 4.73 -73.10 -87.02
N ARG N 311 4.34 -71.96 -87.58
CA ARG N 311 5.28 -70.97 -88.09
C ARG N 311 5.57 -69.97 -86.99
N GLN N 312 6.83 -69.90 -86.58
CA GLN N 312 7.30 -68.97 -85.55
C GLN N 312 8.21 -67.95 -86.21
N PHE N 313 7.90 -66.68 -86.01
CA PHE N 313 8.71 -65.59 -86.50
C PHE N 313 9.80 -65.25 -85.48
N GLU N 314 10.58 -64.22 -85.81
CA GLU N 314 11.57 -63.64 -84.90
C GLU N 314 11.29 -62.17 -84.64
N THR N 315 11.01 -61.42 -85.70
CA THR N 315 10.64 -60.02 -85.59
C THR N 315 9.16 -59.91 -85.22
N VAL N 316 8.75 -58.69 -84.90
CA VAL N 316 7.39 -58.39 -84.49
C VAL N 316 6.79 -57.44 -85.54
N ASP N 317 5.77 -57.92 -86.25
CA ASP N 317 5.02 -57.13 -87.21
C ASP N 317 3.66 -56.80 -86.58
N VAL N 318 3.40 -55.51 -86.41
CA VAL N 318 2.25 -55.04 -85.63
C VAL N 318 1.20 -54.48 -86.58
N SER N 319 -0.02 -55.01 -86.49
CA SER N 319 -1.14 -54.53 -87.28
C SER N 319 -1.97 -53.57 -86.44
N VAL N 320 -2.00 -52.31 -86.86
CA VAL N 320 -2.73 -51.25 -86.16
C VAL N 320 -4.02 -50.98 -86.91
N ALA N 321 -5.11 -50.85 -86.17
CA ALA N 321 -6.42 -50.65 -86.78
C ALA N 321 -6.71 -49.17 -86.97
N VAL N 322 -7.41 -48.85 -88.05
CA VAL N 322 -7.85 -47.50 -88.36
C VAL N 322 -9.29 -47.57 -88.84
N ALA N 323 -10.11 -46.66 -88.32
CA ALA N 323 -11.55 -46.61 -88.59
C ALA N 323 -11.81 -45.54 -89.64
N THR N 324 -11.97 -45.95 -90.88
CA THR N 324 -12.30 -45.06 -91.97
C THR N 324 -13.81 -45.02 -92.17
N PRO N 325 -14.33 -44.03 -92.89
CA PRO N 325 -15.75 -44.05 -93.24
C PRO N 325 -16.13 -45.25 -94.09
N ASN N 326 -15.18 -45.87 -94.79
CA ASN N 326 -15.43 -47.09 -95.52
C ASN N 326 -15.50 -48.31 -94.63
N GLY N 327 -14.99 -48.23 -93.40
CA GLY N 327 -15.03 -49.35 -92.47
C GLY N 327 -13.79 -49.41 -91.60
N LEU N 328 -13.13 -50.57 -91.62
CA LEU N 328 -11.93 -50.82 -90.81
C LEU N 328 -10.80 -51.24 -91.73
N ILE N 329 -9.58 -50.88 -91.35
CA ILE N 329 -8.40 -51.29 -92.10
C ILE N 329 -7.25 -51.48 -91.12
N THR N 330 -6.29 -52.33 -91.49
CA THR N 330 -5.20 -52.73 -90.60
C THR N 330 -3.86 -52.56 -91.29
N PRO N 331 -3.32 -51.34 -91.35
CA PRO N 331 -1.93 -51.17 -91.77
C PRO N 331 -0.98 -51.86 -90.80
N ILE N 332 0.27 -51.97 -91.24
CA ILE N 332 1.29 -52.77 -90.56
C ILE N 332 2.51 -51.92 -90.31
N VAL N 333 3.15 -52.14 -89.17
CA VAL N 333 4.47 -51.61 -88.86
C VAL N 333 5.43 -52.77 -88.76
N LYS N 334 6.62 -52.60 -89.32
CA LYS N 334 7.60 -53.66 -89.50
C LYS N 334 8.79 -53.46 -88.58
N GLY N 335 9.27 -54.56 -88.01
CA GLY N 335 10.48 -54.55 -87.19
C GLY N 335 10.40 -53.58 -86.04
N VAL N 336 9.40 -53.75 -85.18
CA VAL N 336 9.13 -52.79 -84.12
C VAL N 336 10.28 -52.80 -83.11
N GLU N 337 10.67 -53.99 -82.66
CA GLU N 337 11.70 -54.10 -81.65
C GLU N 337 13.00 -53.49 -82.14
N GLY N 338 13.49 -52.49 -81.41
CA GLY N 338 14.65 -51.76 -81.84
C GLY N 338 14.40 -50.93 -83.08
N LYS N 339 13.47 -49.99 -83.00
CA LYS N 339 13.13 -49.12 -84.12
C LYS N 339 13.05 -47.65 -83.72
N GLY N 340 12.59 -47.36 -82.51
CA GLY N 340 12.49 -45.99 -82.04
C GLY N 340 11.08 -45.43 -82.08
N LEU N 341 10.71 -44.76 -80.98
CA LEU N 341 9.34 -44.25 -80.85
C LEU N 341 9.03 -43.17 -81.88
N GLU N 342 10.02 -42.34 -82.21
CA GLU N 342 9.78 -41.28 -83.17
C GLU N 342 9.48 -41.84 -84.54
N SER N 343 10.30 -42.81 -84.98
CA SER N 343 10.05 -43.48 -86.25
C SER N 343 8.70 -44.17 -86.23
N ILE N 344 8.34 -44.77 -85.09
CA ILE N 344 7.05 -45.44 -84.97
C ILE N 344 5.92 -44.44 -85.17
N SER N 345 5.99 -43.31 -84.49
CA SER N 345 4.94 -42.31 -84.58
C SER N 345 4.82 -41.77 -85.99
N ALA N 346 5.96 -41.53 -86.65
CA ALA N 346 5.94 -41.02 -88.01
C ALA N 346 5.27 -42.03 -88.95
N ALA N 347 5.67 -43.30 -88.84
CA ALA N 347 5.09 -44.32 -89.70
C ALA N 347 3.59 -44.47 -89.46
N VAL N 348 3.18 -44.42 -88.19
CA VAL N 348 1.77 -44.57 -87.87
C VAL N 348 0.96 -43.41 -88.46
N LYS N 349 1.43 -42.18 -88.28
CA LYS N 349 0.73 -41.04 -88.84
C LYS N 349 0.64 -41.14 -90.36
N GLU N 350 1.74 -41.54 -91.00
CA GLU N 350 1.74 -41.66 -92.45
C GLU N 350 0.71 -42.69 -92.92
N LEU N 351 0.72 -43.87 -92.32
CA LEU N 351 -0.19 -44.92 -92.74
C LEU N 351 -1.64 -44.53 -92.45
N ALA N 352 -1.88 -43.81 -91.35
CA ALA N 352 -3.24 -43.42 -91.01
C ALA N 352 -3.79 -42.42 -92.02
N LYS N 353 -2.99 -41.41 -92.37
CA LYS N 353 -3.45 -40.45 -93.36
C LYS N 353 -3.60 -41.09 -94.73
N LYS N 354 -2.69 -42.01 -95.08
CA LYS N 354 -2.82 -42.71 -96.35
C LYS N 354 -4.07 -43.58 -96.38
N ALA N 355 -4.49 -44.10 -95.23
CA ALA N 355 -5.72 -44.89 -95.18
C ALA N 355 -6.94 -44.01 -95.29
N ARG N 356 -6.91 -42.83 -94.66
CA ARG N 356 -8.01 -41.89 -94.81
C ARG N 356 -8.14 -41.42 -96.25
N ASP N 357 -7.02 -41.35 -96.98
CA ASP N 357 -7.06 -40.97 -98.38
C ASP N 357 -7.29 -42.15 -99.32
N GLY N 358 -7.10 -43.38 -98.86
CA GLY N 358 -7.23 -44.55 -99.71
C GLY N 358 -6.10 -44.67 -100.70
N LYS N 359 -4.88 -44.86 -100.20
CA LYS N 359 -3.68 -44.86 -101.04
C LYS N 359 -2.72 -45.97 -100.63
N LEU N 360 -3.24 -47.12 -100.21
CA LEU N 360 -2.41 -48.20 -99.69
C LEU N 360 -2.20 -49.29 -100.73
N LYS N 361 -1.18 -50.10 -100.48
CA LYS N 361 -0.87 -51.31 -101.22
C LYS N 361 -1.35 -52.52 -100.42
N PRO N 362 -1.60 -53.67 -101.09
CA PRO N 362 -2.08 -54.83 -100.33
C PRO N 362 -1.06 -55.37 -99.34
N GLU N 363 0.22 -55.33 -99.70
CA GLU N 363 1.26 -55.85 -98.81
C GLU N 363 1.31 -55.09 -97.49
N GLU N 364 0.92 -53.82 -97.49
CA GLU N 364 1.00 -52.99 -96.30
C GLU N 364 -0.01 -53.41 -95.23
N TYR N 365 -1.10 -54.08 -95.61
CA TYR N 365 -2.13 -54.51 -94.67
C TYR N 365 -2.50 -55.97 -94.86
N GLN N 366 -1.66 -56.75 -95.52
CA GLN N 366 -1.83 -58.20 -95.63
C GLN N 366 -0.60 -58.87 -95.03
N GLY N 367 -0.76 -59.42 -93.83
CA GLY N 367 0.33 -60.03 -93.11
C GLY N 367 0.24 -59.72 -91.63
N GLY N 368 1.39 -59.50 -91.00
CA GLY N 368 1.41 -59.17 -89.59
C GLY N 368 1.23 -60.39 -88.71
N SER N 369 1.99 -60.45 -87.62
CA SER N 369 1.88 -61.55 -86.67
C SER N 369 0.92 -61.26 -85.54
N ILE N 370 0.87 -60.01 -85.09
CA ILE N 370 0.05 -59.59 -83.96
C ILE N 370 -0.66 -58.30 -84.35
N SER N 371 -1.78 -58.03 -83.67
CA SER N 371 -2.66 -56.92 -84.01
C SER N 371 -3.02 -56.15 -82.75
N ILE N 372 -3.74 -55.05 -82.96
CA ILE N 372 -4.16 -54.17 -81.87
C ILE N 372 -5.26 -53.27 -82.39
N SER N 373 -6.17 -52.90 -81.49
CA SER N 373 -7.19 -51.90 -81.76
C SER N 373 -7.25 -50.95 -80.58
N ASN N 374 -7.53 -49.68 -80.88
CA ASN N 374 -7.51 -48.62 -79.87
C ASN N 374 -8.81 -47.84 -79.94
N MET N 375 -9.29 -47.43 -78.75
CA MET N 375 -10.49 -46.63 -78.62
C MET N 375 -10.33 -45.55 -77.56
N GLY N 376 -9.10 -45.12 -77.27
CA GLY N 376 -8.85 -44.22 -76.16
C GLY N 376 -9.49 -42.86 -76.31
N MET N 377 -9.79 -42.44 -77.54
CA MET N 377 -10.42 -41.15 -77.72
C MET N 377 -11.83 -41.12 -77.14
N ASN N 378 -12.51 -42.26 -77.11
CA ASN N 378 -13.87 -42.34 -76.62
C ASN N 378 -13.84 -42.67 -75.12
N PRO N 379 -14.07 -41.70 -74.23
CA PRO N 379 -13.84 -41.97 -72.80
C PRO N 379 -14.83 -42.92 -72.15
N ALA N 380 -15.94 -43.23 -72.82
CA ALA N 380 -16.96 -44.05 -72.19
C ALA N 380 -16.58 -45.51 -72.13
N VAL N 381 -15.78 -45.99 -73.09
CA VAL N 381 -15.47 -47.40 -73.21
C VAL N 381 -14.46 -47.75 -72.12
N GLN N 382 -14.92 -48.42 -71.07
CA GLN N 382 -14.01 -48.93 -70.05
C GLN N 382 -13.24 -50.12 -70.57
N SER N 383 -13.90 -50.99 -71.34
CA SER N 383 -13.26 -52.18 -71.86
C SER N 383 -14.03 -52.69 -73.06
N PHE N 384 -13.37 -53.52 -73.85
CA PHE N 384 -14.03 -54.16 -74.97
C PHE N 384 -13.14 -55.27 -75.49
N THR N 385 -13.77 -56.18 -76.21
CA THR N 385 -13.11 -57.30 -76.84
C THR N 385 -13.00 -57.02 -78.34
N ALA N 386 -12.21 -57.83 -79.02
CA ALA N 386 -12.11 -57.79 -80.47
C ALA N 386 -11.95 -59.21 -80.98
N ILE N 387 -11.73 -59.33 -82.27
CA ILE N 387 -11.71 -60.61 -82.97
C ILE N 387 -10.36 -60.77 -83.66
N ILE N 388 -9.86 -62.00 -83.66
CA ILE N 388 -8.50 -62.27 -84.11
C ILE N 388 -8.49 -62.26 -85.63
N ASN N 389 -7.82 -61.27 -86.20
CA ASN N 389 -7.62 -61.22 -87.64
C ASN N 389 -6.71 -62.36 -88.07
N PRO N 390 -7.20 -63.37 -88.80
CA PRO N 390 -6.36 -64.51 -89.10
C PRO N 390 -5.25 -64.14 -90.07
N PRO N 391 -4.21 -64.98 -90.21
CA PRO N 391 -3.98 -66.25 -89.52
C PRO N 391 -3.28 -66.08 -88.18
N GLN N 392 -3.32 -64.87 -87.62
CA GLN N 392 -2.60 -64.56 -86.40
C GLN N 392 -3.14 -65.35 -85.22
N ALA N 393 -2.51 -65.18 -84.05
CA ALA N 393 -2.80 -65.96 -82.86
C ALA N 393 -3.37 -65.14 -81.72
N ALA N 394 -3.15 -63.83 -81.70
CA ALA N 394 -3.54 -63.02 -80.56
C ALA N 394 -3.93 -61.63 -81.05
N ILE N 395 -4.64 -60.91 -80.19
CA ILE N 395 -4.99 -59.53 -80.47
C ILE N 395 -5.23 -58.81 -79.16
N LEU N 396 -4.95 -57.52 -79.16
CA LEU N 396 -5.01 -56.68 -77.98
C LEU N 396 -6.12 -55.65 -78.13
N ALA N 397 -6.49 -55.05 -77.00
CA ALA N 397 -7.49 -53.99 -76.98
C ALA N 397 -7.25 -53.14 -75.74
N VAL N 398 -7.31 -51.82 -75.92
CA VAL N 398 -6.99 -50.87 -74.87
C VAL N 398 -8.19 -49.96 -74.70
N GLY N 399 -8.79 -49.97 -73.51
CA GLY N 399 -9.90 -49.08 -73.22
C GLY N 399 -9.43 -47.67 -72.98
N ALA N 400 -10.30 -46.90 -72.35
CA ALA N 400 -10.00 -45.52 -72.02
C ALA N 400 -9.36 -45.44 -70.64
N PRO N 401 -8.73 -44.31 -70.32
CA PRO N 401 -8.25 -44.10 -68.95
C PRO N 401 -9.39 -43.67 -68.03
N GLN N 402 -9.19 -43.95 -66.75
CA GLN N 402 -10.18 -43.63 -65.73
C GLN N 402 -9.47 -43.33 -64.43
N LYS N 403 -10.21 -42.74 -63.49
CA LYS N 403 -9.72 -42.42 -62.16
C LYS N 403 -10.14 -43.52 -61.21
N VAL N 404 -9.21 -44.00 -60.39
CA VAL N 404 -9.46 -45.09 -59.46
C VAL N 404 -8.80 -44.76 -58.14
N ALA N 405 -9.41 -45.25 -57.07
CA ALA N 405 -8.83 -45.12 -55.75
C ALA N 405 -7.75 -46.16 -55.54
N VAL N 406 -6.67 -45.76 -54.90
CA VAL N 406 -5.55 -46.65 -54.59
C VAL N 406 -5.02 -46.29 -53.21
N PRO N 407 -4.72 -47.26 -52.35
CA PRO N 407 -4.14 -46.92 -51.05
C PRO N 407 -2.74 -46.37 -51.19
N VAL N 408 -2.30 -45.68 -50.15
CA VAL N 408 -0.95 -45.14 -50.07
C VAL N 408 -0.59 -44.95 -48.61
N GLU N 409 0.67 -45.21 -48.29
CA GLU N 409 1.18 -45.03 -46.94
C GLU N 409 1.83 -43.65 -46.82
N ASN N 410 1.24 -42.79 -46.00
CA ASN N 410 1.87 -41.53 -45.67
C ASN N 410 3.13 -41.79 -44.84
N GLU N 411 3.84 -40.71 -44.51
CA GLU N 411 5.05 -40.83 -43.72
C GLU N 411 4.81 -41.45 -42.35
N ASP N 412 3.59 -41.36 -41.82
CA ASP N 412 3.21 -42.06 -40.60
C ASP N 412 2.70 -43.46 -40.95
N GLY N 413 2.13 -44.14 -39.95
CA GLY N 413 1.65 -45.49 -40.15
C GLY N 413 0.29 -45.59 -40.79
N THR N 414 -0.49 -44.51 -40.81
CA THR N 414 -1.82 -44.55 -41.39
C THR N 414 -1.75 -44.57 -42.91
N THR N 415 -2.74 -45.22 -43.51
CA THR N 415 -2.88 -45.24 -44.95
C THR N 415 -3.64 -44.00 -45.41
N GLY N 416 -3.59 -43.75 -46.72
CA GLY N 416 -4.28 -42.63 -47.32
C GLY N 416 -4.81 -43.00 -48.69
N VAL N 417 -5.50 -42.04 -49.29
CA VAL N 417 -6.15 -42.23 -50.59
C VAL N 417 -5.36 -41.46 -51.63
N SER N 418 -4.97 -42.16 -52.69
CA SER N 418 -4.29 -41.57 -53.83
C SER N 418 -5.06 -41.92 -55.10
N TRP N 419 -5.17 -40.94 -55.99
CA TRP N 419 -5.92 -41.09 -57.23
C TRP N 419 -4.97 -41.37 -58.37
N ASP N 420 -4.96 -42.61 -58.84
CA ASP N 420 -4.13 -43.05 -59.95
C ASP N 420 -4.99 -43.20 -61.20
N GLU N 421 -4.35 -43.02 -62.35
CA GLU N 421 -5.01 -43.13 -63.64
C GLU N 421 -4.80 -44.54 -64.16
N GLN N 422 -5.90 -45.31 -64.25
CA GLN N 422 -5.86 -46.70 -64.68
C GLN N 422 -6.45 -46.85 -66.07
N ILE N 423 -5.97 -47.89 -66.76
CA ILE N 423 -6.51 -48.32 -68.04
C ILE N 423 -6.77 -49.82 -67.96
N ILE N 424 -7.88 -50.24 -68.52
CA ILE N 424 -8.18 -51.65 -68.69
C ILE N 424 -7.65 -52.10 -70.04
N VAL N 425 -7.08 -53.30 -70.05
CA VAL N 425 -6.54 -53.91 -71.25
C VAL N 425 -7.14 -55.30 -71.36
N THR N 426 -7.57 -55.65 -72.57
CA THR N 426 -8.19 -56.94 -72.86
C THR N 426 -7.41 -57.61 -73.98
N ALA N 427 -7.01 -58.85 -73.76
CA ALA N 427 -6.28 -59.64 -74.73
C ALA N 427 -7.07 -60.88 -75.07
N SER N 428 -7.32 -61.06 -76.35
CA SER N 428 -7.97 -62.27 -76.86
C SER N 428 -6.93 -63.18 -77.48
N PHE N 429 -6.92 -64.44 -77.07
CA PHE N 429 -5.94 -65.42 -77.54
C PHE N 429 -6.64 -66.58 -78.24
N ASP N 430 -5.93 -67.20 -79.17
CA ASP N 430 -6.34 -68.50 -79.69
C ASP N 430 -5.81 -69.58 -78.78
N HIS N 431 -6.65 -70.57 -78.51
CA HIS N 431 -6.32 -71.61 -77.55
C HIS N 431 -5.55 -72.78 -78.14
N LYS N 432 -5.52 -72.90 -79.46
CA LYS N 432 -4.75 -73.97 -80.08
C LYS N 432 -3.27 -73.80 -79.82
N VAL N 433 -2.78 -72.57 -79.98
CA VAL N 433 -1.36 -72.27 -79.84
C VAL N 433 -1.02 -71.92 -78.39
N VAL N 434 -1.73 -70.97 -77.83
CA VAL N 434 -1.40 -70.38 -76.55
C VAL N 434 -2.28 -70.99 -75.46
N ASP N 435 -1.72 -71.07 -74.27
CA ASP N 435 -2.43 -71.51 -73.08
C ASP N 435 -2.53 -70.36 -72.08
N GLY N 436 -3.32 -70.60 -71.04
CA GLY N 436 -3.58 -69.56 -70.06
C GLY N 436 -2.33 -69.08 -69.36
N ALA N 437 -1.44 -70.01 -69.01
CA ALA N 437 -0.20 -69.63 -68.34
C ALA N 437 0.65 -68.75 -69.24
N VAL N 438 0.72 -69.07 -70.52
CA VAL N 438 1.54 -68.30 -71.45
C VAL N 438 0.96 -66.90 -71.61
N GLY N 439 -0.36 -66.82 -71.77
CA GLY N 439 -0.99 -65.51 -71.86
C GLY N 439 -0.78 -64.68 -70.61
N ALA N 440 -0.85 -65.33 -69.44
CA ALA N 440 -0.65 -64.62 -68.20
C ALA N 440 0.78 -64.09 -68.10
N GLU N 441 1.75 -64.90 -68.53
CA GLU N 441 3.14 -64.47 -68.50
C GLU N 441 3.35 -63.27 -69.41
N TRP N 442 2.77 -63.33 -70.61
CA TRP N 442 2.86 -62.20 -71.53
C TRP N 442 2.29 -60.94 -70.92
N ILE N 443 1.11 -61.06 -70.31
CA ILE N 443 0.45 -59.89 -69.71
C ILE N 443 1.28 -59.38 -68.54
N ARG N 444 1.90 -60.27 -67.78
CA ARG N 444 2.72 -59.85 -66.65
C ARG N 444 3.90 -59.03 -67.14
N GLU N 445 4.58 -59.51 -68.18
CA GLU N 445 5.70 -58.75 -68.71
C GLU N 445 5.26 -57.40 -69.24
N LEU N 446 4.11 -57.36 -69.90
CA LEU N 446 3.60 -56.08 -70.40
C LEU N 446 3.33 -55.11 -69.26
N LYS N 447 2.66 -55.59 -68.22
CA LYS N 447 2.36 -54.75 -67.07
C LYS N 447 3.63 -54.25 -66.42
N LYS N 448 4.63 -55.12 -66.28
CA LYS N 448 5.88 -54.72 -65.66
C LYS N 448 6.55 -53.63 -66.47
N VAL N 449 6.62 -53.82 -67.79
CA VAL N 449 7.29 -52.85 -68.65
C VAL N 449 6.57 -51.51 -68.60
N ILE N 450 5.25 -51.52 -68.58
CA ILE N 450 4.50 -50.27 -68.55
C ILE N 450 4.71 -49.58 -67.21
N GLU N 451 4.58 -50.33 -66.12
CA GLU N 451 4.64 -49.71 -64.80
C GLU N 451 6.04 -49.18 -64.51
N ASN N 452 7.06 -49.80 -65.10
CA ASN N 452 8.43 -49.28 -65.03
C ASN N 452 8.83 -48.86 -66.44
N PRO N 453 8.45 -47.65 -66.89
CA PRO N 453 8.72 -47.29 -68.29
C PRO N 453 10.18 -47.26 -68.65
N LEU N 454 11.07 -47.11 -67.66
CA LEU N 454 12.49 -47.06 -67.93
C LEU N 454 13.01 -48.37 -68.52
N GLU N 455 12.26 -49.46 -68.36
CA GLU N 455 12.67 -50.74 -68.94
C GLU N 455 12.40 -50.81 -70.44
N LEU N 456 11.73 -49.82 -71.02
CA LEU N 456 11.57 -49.77 -72.47
C LEU N 456 12.91 -49.73 -73.18
N LEU N 457 13.93 -49.16 -72.53
CA LEU N 457 15.27 -49.14 -73.10
C LEU N 457 15.80 -50.56 -73.30
N LEU N 458 15.39 -51.48 -72.45
CA LEU N 458 15.88 -52.84 -72.47
C LEU N 458 15.07 -53.71 -73.43
N TYR O 227 -61.17 9.80 -94.95
CA TYR O 227 -60.42 10.55 -95.95
C TYR O 227 -59.84 9.61 -96.99
N THR O 228 -58.70 8.98 -96.70
CA THR O 228 -58.13 8.02 -97.61
C THR O 228 -59.04 6.81 -97.72
N ASP O 229 -59.14 6.25 -98.92
CA ASP O 229 -60.07 5.15 -99.22
C ASP O 229 -59.32 4.09 -100.00
N VAL O 230 -58.87 3.05 -99.31
CA VAL O 230 -58.08 1.98 -99.92
C VAL O 230 -58.99 0.78 -100.15
N PRO O 231 -59.08 0.24 -101.37
CA PRO O 231 -59.87 -0.99 -101.54
C PRO O 231 -59.27 -2.15 -100.77
N ILE O 232 -60.12 -3.13 -100.50
CA ILE O 232 -59.75 -4.29 -99.70
C ILE O 232 -58.97 -5.26 -100.59
N SER O 233 -58.01 -5.95 -99.97
CA SER O 233 -57.13 -6.85 -100.71
C SER O 233 -57.88 -8.04 -101.30
N GLY O 234 -59.03 -8.41 -100.75
CA GLY O 234 -59.77 -9.60 -101.15
C GLY O 234 -59.44 -10.79 -100.30
N MET O 235 -58.18 -10.91 -99.89
CA MET O 235 -57.79 -12.00 -98.99
C MET O 235 -58.43 -11.83 -97.62
N ARG O 236 -58.51 -10.59 -97.14
CA ARG O 236 -59.12 -10.34 -95.84
C ARG O 236 -60.61 -10.69 -95.82
N LYS O 237 -61.25 -10.65 -96.98
CA LYS O 237 -62.68 -10.99 -97.06
C LYS O 237 -62.94 -12.41 -96.58
N THR O 238 -62.09 -13.34 -97.02
CA THR O 238 -62.26 -14.74 -96.63
C THR O 238 -62.07 -14.91 -95.13
N ILE O 239 -61.05 -14.27 -94.57
CA ILE O 239 -60.79 -14.39 -93.14
C ILE O 239 -61.94 -13.77 -92.35
N ALA O 240 -62.48 -12.66 -92.84
CA ALA O 240 -63.61 -12.02 -92.16
C ALA O 240 -64.83 -12.93 -92.16
N ALA O 241 -65.12 -13.52 -93.32
CA ALA O 241 -66.25 -14.46 -93.40
C ALA O 241 -66.03 -15.65 -92.48
N ARG O 242 -64.80 -16.14 -92.40
CA ARG O 242 -64.49 -17.28 -91.56
C ARG O 242 -64.71 -16.95 -90.08
N LEU O 243 -64.18 -15.81 -89.64
CA LEU O 243 -64.36 -15.41 -88.25
C LEU O 243 -65.82 -15.14 -87.93
N LYS O 244 -66.57 -14.59 -88.88
CA LYS O 244 -67.99 -14.36 -88.68
C LYS O 244 -68.73 -15.68 -88.51
N GLU O 245 -68.41 -16.65 -89.36
CA GLU O 245 -68.99 -17.98 -89.21
C GLU O 245 -68.65 -18.57 -87.86
N SER O 246 -67.42 -18.34 -87.39
CA SER O 246 -67.02 -18.88 -86.09
C SER O 246 -67.87 -18.30 -84.97
N VAL O 247 -67.96 -16.96 -84.91
CA VAL O 247 -68.65 -16.34 -83.80
C VAL O 247 -70.16 -16.54 -83.88
N THR O 248 -70.71 -16.75 -85.07
CA THR O 248 -72.16 -16.92 -85.20
C THR O 248 -72.58 -18.38 -85.04
N GLU O 249 -71.70 -19.33 -85.33
CA GLU O 249 -72.04 -20.74 -85.20
C GLU O 249 -71.69 -21.26 -83.82
N ASN O 250 -70.58 -20.80 -83.26
CA ASN O 250 -70.06 -21.32 -82.01
C ASN O 250 -70.09 -20.21 -80.96
N PRO O 251 -70.82 -20.37 -79.85
CA PRO O 251 -70.64 -19.43 -78.75
C PRO O 251 -69.27 -19.61 -78.13
N HIS O 252 -68.86 -18.64 -77.33
CA HIS O 252 -67.53 -18.59 -76.75
C HIS O 252 -67.61 -18.29 -75.27
N PHE O 253 -66.89 -19.06 -74.47
CA PHE O 253 -66.63 -18.73 -73.08
C PHE O 253 -65.16 -18.95 -72.78
N PHE O 254 -64.63 -18.10 -71.89
CA PHE O 254 -63.22 -17.97 -71.66
C PHE O 254 -62.88 -18.40 -70.24
N VAL O 255 -61.66 -18.91 -70.08
CA VAL O 255 -61.13 -19.33 -68.79
C VAL O 255 -59.73 -18.77 -68.65
N SER O 256 -59.46 -18.13 -67.52
CA SER O 256 -58.25 -17.36 -67.30
C SER O 256 -57.57 -17.85 -66.03
N THR O 257 -56.32 -18.31 -66.18
CA THR O 257 -55.57 -18.84 -65.05
C THR O 257 -54.17 -18.25 -65.04
N ASN O 258 -53.44 -18.56 -63.98
CA ASN O 258 -52.08 -18.06 -63.76
C ASN O 258 -51.18 -19.23 -63.45
N LEU O 259 -50.12 -19.38 -64.23
CA LEU O 259 -49.15 -20.45 -64.08
C LEU O 259 -47.90 -19.93 -63.41
N SER O 260 -47.02 -20.86 -63.05
CA SER O 260 -45.71 -20.56 -62.47
C SER O 260 -44.66 -21.26 -63.31
N VAL O 261 -43.66 -20.50 -63.75
CA VAL O 261 -42.64 -20.98 -64.69
C VAL O 261 -41.24 -20.80 -64.16
N SER O 262 -41.08 -20.55 -62.86
CA SER O 262 -39.75 -20.32 -62.30
C SER O 262 -38.88 -21.56 -62.44
N LYS O 263 -39.49 -22.74 -62.39
CA LYS O 263 -38.74 -23.98 -62.60
C LYS O 263 -38.56 -24.26 -64.09
N LEU O 264 -39.58 -23.94 -64.88
CA LEU O 264 -39.52 -24.18 -66.31
C LEU O 264 -38.36 -23.40 -66.95
N LEU O 265 -38.17 -22.17 -66.51
CA LEU O 265 -37.09 -21.37 -67.09
C LEU O 265 -35.73 -21.92 -66.72
N LYS O 266 -35.58 -22.40 -65.48
CA LYS O 266 -34.33 -23.04 -65.09
C LYS O 266 -34.07 -24.27 -65.94
N LEU O 267 -35.11 -25.07 -66.17
CA LEU O 267 -34.96 -26.24 -67.02
C LEU O 267 -34.53 -25.87 -68.43
N ARG O 268 -35.16 -24.83 -68.98
CA ARG O 268 -34.82 -24.39 -70.33
C ARG O 268 -33.37 -23.91 -70.39
N GLN O 269 -32.95 -23.14 -69.39
CA GLN O 269 -31.58 -22.65 -69.37
C GLN O 269 -30.59 -23.79 -69.26
N ALA O 270 -30.90 -24.78 -68.44
CA ALA O 270 -29.99 -25.91 -68.29
C ALA O 270 -29.88 -26.71 -69.57
N LEU O 271 -31.00 -26.97 -70.23
CA LEU O 271 -30.95 -27.72 -71.48
C LEU O 271 -30.26 -26.92 -72.58
N ASN O 272 -30.37 -25.60 -72.56
CA ASN O 272 -29.66 -24.79 -73.54
C ASN O 272 -28.16 -24.77 -73.26
N SER O 273 -27.78 -24.80 -71.99
CA SER O 273 -26.37 -24.81 -71.64
C SER O 273 -25.72 -26.15 -71.94
N SER O 274 -26.45 -27.26 -71.72
CA SER O 274 -25.91 -28.58 -71.98
C SER O 274 -26.13 -28.98 -73.44
N ALA O 275 -25.59 -28.15 -74.32
CA ALA O 275 -25.74 -28.35 -75.75
C ALA O 275 -24.58 -27.67 -76.46
N ASP O 276 -24.34 -28.09 -77.70
CA ASP O 276 -23.26 -27.59 -78.54
C ASP O 276 -23.81 -26.88 -79.76
N GLY O 277 -24.85 -26.06 -79.56
CA GLY O 277 -25.49 -25.37 -80.66
C GLY O 277 -26.31 -26.26 -81.56
N ARG O 278 -26.63 -27.48 -81.11
CA ARG O 278 -27.43 -28.38 -81.92
C ARG O 278 -28.91 -28.02 -81.89
N TYR O 279 -29.34 -27.25 -80.89
CA TYR O 279 -30.73 -26.83 -80.79
C TYR O 279 -30.83 -25.59 -79.92
N LYS O 280 -32.02 -25.00 -79.89
CA LYS O 280 -32.30 -23.86 -79.03
C LYS O 280 -33.79 -23.88 -78.70
N LEU O 281 -34.10 -23.83 -77.41
CA LEU O 281 -35.47 -24.03 -76.94
C LEU O 281 -36.13 -22.72 -76.55
N SER O 282 -37.46 -22.78 -76.45
CA SER O 282 -38.28 -21.66 -76.03
C SER O 282 -39.42 -22.15 -75.14
N VAL O 283 -40.32 -21.25 -74.78
CA VAL O 283 -41.41 -21.59 -73.88
C VAL O 283 -42.57 -22.20 -74.64
N ASN O 284 -42.79 -21.75 -75.88
CA ASN O 284 -43.88 -22.25 -76.69
C ASN O 284 -43.78 -23.75 -76.91
N ASP O 285 -42.57 -24.28 -76.97
CA ASP O 285 -42.40 -25.72 -77.22
C ASP O 285 -42.88 -26.53 -76.02
N PHE O 286 -42.45 -26.15 -74.82
CA PHE O 286 -42.94 -26.77 -73.60
C PHE O 286 -44.46 -26.68 -73.54
N LEU O 287 -45.01 -25.51 -73.91
CA LEU O 287 -46.45 -25.34 -73.88
C LEU O 287 -47.13 -26.30 -74.85
N ILE O 288 -46.54 -26.51 -76.01
CA ILE O 288 -47.15 -27.39 -77.00
C ILE O 288 -47.15 -28.83 -76.50
N LYS O 289 -46.03 -29.27 -75.92
CA LYS O 289 -45.96 -30.62 -75.38
C LYS O 289 -46.99 -30.81 -74.27
N ALA O 290 -47.13 -29.81 -73.40
CA ALA O 290 -48.10 -29.91 -72.32
C ALA O 290 -49.52 -29.93 -72.86
N MET O 291 -49.77 -29.17 -73.94
CA MET O 291 -51.08 -29.20 -74.57
C MET O 291 -51.40 -30.59 -75.07
N GLY O 292 -50.42 -31.24 -75.71
CA GLY O 292 -50.64 -32.60 -76.17
C GLY O 292 -50.94 -33.55 -75.03
N ILE O 293 -50.21 -33.42 -73.93
CA ILE O 293 -50.43 -34.29 -72.78
C ILE O 293 -51.83 -34.12 -72.23
N ALA O 294 -52.26 -32.86 -72.06
CA ALA O 294 -53.58 -32.60 -71.53
C ALA O 294 -54.66 -33.09 -72.48
N SER O 295 -54.43 -32.92 -73.78
CA SER O 295 -55.41 -33.36 -74.76
C SER O 295 -55.56 -34.87 -74.73
N LYS O 296 -54.47 -35.59 -74.44
CA LYS O 296 -54.58 -37.04 -74.34
C LYS O 296 -55.25 -37.46 -73.04
N ARG O 297 -54.98 -36.75 -71.94
CA ARG O 297 -55.62 -37.12 -70.68
C ARG O 297 -57.10 -36.79 -70.68
N VAL O 298 -57.52 -35.81 -71.47
CA VAL O 298 -58.93 -35.42 -71.56
C VAL O 298 -59.28 -35.31 -73.05
N PRO O 299 -59.69 -36.40 -73.70
CA PRO O 299 -59.84 -36.37 -75.16
C PRO O 299 -61.02 -35.56 -75.65
N THR O 300 -61.97 -35.21 -74.77
CA THR O 300 -63.17 -34.51 -75.22
C THR O 300 -62.84 -33.15 -75.81
N VAL O 301 -61.73 -32.55 -75.39
CA VAL O 301 -61.32 -31.27 -75.96
C VAL O 301 -60.85 -31.46 -77.39
N ASN O 302 -60.06 -32.50 -77.62
CA ASN O 302 -59.54 -32.81 -78.96
C ASN O 302 -60.70 -33.42 -79.76
N SER O 303 -61.57 -32.54 -80.24
CA SER O 303 -62.80 -32.94 -80.91
C SER O 303 -63.18 -31.86 -81.91
N SER O 304 -64.37 -31.98 -82.47
CA SER O 304 -64.88 -31.01 -83.44
C SER O 304 -66.40 -31.11 -83.46
N TRP O 305 -67.00 -30.47 -84.45
CA TRP O 305 -68.45 -30.49 -84.64
C TRP O 305 -68.72 -30.66 -86.13
N ARG O 306 -69.45 -31.72 -86.48
CA ARG O 306 -69.73 -32.04 -87.87
C ARG O 306 -71.22 -32.26 -88.05
N ASP O 307 -71.64 -32.74 -89.22
CA ASP O 307 -73.05 -32.87 -89.54
C ASP O 307 -73.69 -33.95 -88.69
N GLY O 308 -74.31 -33.54 -87.57
CA GLY O 308 -75.00 -34.47 -86.70
C GLY O 308 -74.12 -35.53 -86.10
N VAL O 309 -72.82 -35.27 -85.96
CA VAL O 309 -71.87 -36.26 -85.47
C VAL O 309 -70.66 -35.54 -84.90
N ILE O 310 -70.08 -36.15 -83.86
CA ILE O 310 -68.86 -35.66 -83.23
C ILE O 310 -67.70 -36.48 -83.76
N ARG O 311 -66.73 -35.79 -84.36
CA ARG O 311 -65.49 -36.40 -84.80
C ARG O 311 -64.43 -36.20 -83.73
N GLN O 312 -63.92 -37.30 -83.20
CA GLN O 312 -62.90 -37.29 -82.17
C GLN O 312 -61.63 -37.93 -82.72
N PHE O 313 -60.51 -37.23 -82.57
CA PHE O 313 -59.22 -37.73 -83.01
C PHE O 313 -58.57 -38.53 -81.89
N GLU O 314 -57.36 -39.02 -82.16
CA GLU O 314 -56.52 -39.67 -81.16
C GLU O 314 -55.21 -38.92 -80.97
N THR O 315 -54.55 -38.57 -82.07
CA THR O 315 -53.36 -37.74 -82.03
C THR O 315 -53.73 -36.29 -81.78
N VAL O 316 -52.72 -35.46 -81.63
CA VAL O 316 -52.88 -34.03 -81.36
C VAL O 316 -52.19 -33.27 -82.48
N ASP O 317 -52.99 -32.59 -83.30
CA ASP O 317 -52.49 -31.74 -84.36
C ASP O 317 -52.61 -30.30 -83.93
N VAL O 318 -51.46 -29.62 -83.82
CA VAL O 318 -51.39 -28.31 -83.19
C VAL O 318 -51.18 -27.24 -84.25
N SER O 319 -52.04 -26.23 -84.26
CA SER O 319 -51.94 -25.13 -85.19
C SER O 319 -51.28 -23.95 -84.49
N VAL O 320 -50.10 -23.56 -84.95
CA VAL O 320 -49.33 -22.47 -84.36
C VAL O 320 -49.48 -21.24 -85.23
N ALA O 321 -49.81 -20.12 -84.60
CA ALA O 321 -49.99 -18.87 -85.31
C ALA O 321 -48.65 -18.20 -85.60
N VAL O 322 -48.56 -17.56 -86.76
CA VAL O 322 -47.42 -16.76 -87.15
C VAL O 322 -47.92 -15.48 -87.77
N ALA O 323 -47.28 -14.37 -87.41
CA ALA O 323 -47.68 -13.03 -87.82
C ALA O 323 -46.74 -12.57 -88.92
N THR O 324 -47.22 -12.62 -90.15
CA THR O 324 -46.48 -12.13 -91.30
C THR O 324 -46.93 -10.71 -91.63
N PRO O 325 -46.14 -9.97 -92.41
CA PRO O 325 -46.62 -8.66 -92.88
C PRO O 325 -47.86 -8.76 -93.75
N ASN O 326 -48.09 -9.90 -94.37
CA ASN O 326 -49.31 -10.15 -95.12
C ASN O 326 -50.52 -10.40 -94.22
N GLY O 327 -50.28 -10.75 -92.95
CA GLY O 327 -51.36 -10.98 -92.01
C GLY O 327 -51.05 -12.05 -90.98
N LEU O 328 -51.96 -13.02 -90.85
CA LEU O 328 -51.83 -14.12 -89.92
C LEU O 328 -51.89 -15.43 -90.68
N ILE O 329 -51.18 -16.44 -90.18
CA ILE O 329 -51.19 -17.76 -90.80
C ILE O 329 -51.02 -18.79 -89.69
N THR O 330 -51.46 -20.02 -89.96
CA THR O 330 -51.49 -21.09 -88.97
C THR O 330 -50.93 -22.39 -89.54
N PRO O 331 -49.60 -22.52 -89.60
CA PRO O 331 -49.02 -23.83 -89.88
C PRO O 331 -49.37 -24.82 -88.79
N ILE O 332 -49.09 -26.10 -89.08
CA ILE O 332 -49.51 -27.21 -88.25
C ILE O 332 -48.32 -28.09 -87.93
N VAL O 333 -48.28 -28.57 -86.69
CA VAL O 333 -47.36 -29.61 -86.27
C VAL O 333 -48.18 -30.87 -86.03
N LYS O 334 -47.64 -32.01 -86.48
CA LYS O 334 -48.33 -33.29 -86.48
C LYS O 334 -47.72 -34.22 -85.44
N GLY O 335 -48.59 -35.00 -84.81
CA GLY O 335 -48.17 -36.02 -83.87
C GLY O 335 -47.31 -35.48 -82.74
N VAL O 336 -47.85 -34.51 -82.02
CA VAL O 336 -47.07 -33.83 -80.98
C VAL O 336 -46.71 -34.80 -79.88
N GLU O 337 -47.71 -35.48 -79.31
CA GLU O 337 -47.48 -36.39 -78.20
C GLU O 337 -46.50 -37.48 -78.62
N GLY O 338 -45.37 -37.53 -77.93
CA GLY O 338 -44.33 -38.47 -78.28
C GLY O 338 -43.61 -38.10 -79.55
N LYS O 339 -43.02 -36.91 -79.57
CA LYS O 339 -42.27 -36.43 -80.73
C LYS O 339 -40.90 -35.89 -80.37
N GLY O 340 -40.76 -35.22 -79.24
CA GLY O 340 -39.49 -34.65 -78.81
C GLY O 340 -39.39 -33.16 -79.02
N LEU O 341 -38.90 -32.46 -77.99
CA LEU O 341 -38.85 -31.01 -78.02
C LEU O 341 -37.91 -30.49 -79.11
N GLU O 342 -36.83 -31.22 -79.38
CA GLU O 342 -35.90 -30.80 -80.41
C GLU O 342 -36.58 -30.81 -81.77
N SER O 343 -37.23 -31.93 -82.11
CA SER O 343 -37.94 -32.02 -83.37
C SER O 343 -39.04 -30.97 -83.45
N ILE O 344 -39.70 -30.70 -82.32
CA ILE O 344 -40.75 -29.68 -82.31
C ILE O 344 -40.17 -28.31 -82.65
N SER O 345 -39.09 -27.93 -81.97
CA SER O 345 -38.48 -26.64 -82.23
C SER O 345 -37.99 -26.54 -83.67
N ALA O 346 -37.44 -27.63 -84.20
CA ALA O 346 -36.93 -27.62 -85.57
C ALA O 346 -38.08 -27.41 -86.56
N ALA O 347 -39.16 -28.16 -86.38
CA ALA O 347 -40.31 -28.02 -87.26
C ALA O 347 -40.90 -26.62 -87.17
N VAL O 348 -40.96 -26.06 -85.96
CA VAL O 348 -41.53 -24.73 -85.81
C VAL O 348 -40.66 -23.70 -86.50
N LYS O 349 -39.34 -23.81 -86.37
CA LYS O 349 -38.45 -22.86 -87.03
C LYS O 349 -38.58 -22.97 -88.55
N GLU O 350 -38.62 -24.19 -89.07
CA GLU O 350 -38.78 -24.40 -90.50
C GLU O 350 -40.08 -23.79 -90.99
N LEU O 351 -41.18 -24.07 -90.31
CA LEU O 351 -42.48 -23.57 -90.76
C LEU O 351 -42.57 -22.07 -90.64
N ALA O 352 -41.98 -21.50 -89.58
CA ALA O 352 -42.04 -20.05 -89.39
C ALA O 352 -41.25 -19.34 -90.48
N LYS O 353 -40.05 -19.82 -90.79
CA LYS O 353 -39.29 -19.20 -91.87
C LYS O 353 -39.95 -19.41 -93.23
N LYS O 354 -40.55 -20.58 -93.45
CA LYS O 354 -41.25 -20.82 -94.70
C LYS O 354 -42.48 -19.94 -94.83
N ALA O 355 -43.13 -19.60 -93.71
CA ALA O 355 -44.28 -18.71 -93.76
C ALA O 355 -43.85 -17.28 -93.99
N ARG O 356 -42.73 -16.87 -93.36
CA ARG O 356 -42.16 -15.57 -93.67
C ARG O 356 -41.78 -15.47 -95.13
N ASP O 357 -41.38 -16.59 -95.75
CA ASP O 357 -41.03 -16.60 -97.16
C ASP O 357 -42.23 -16.74 -98.08
N GLY O 358 -43.35 -17.28 -97.59
CA GLY O 358 -44.48 -17.55 -98.44
C GLY O 358 -44.22 -18.72 -99.37
N LYS O 359 -44.01 -19.91 -98.80
CA LYS O 359 -43.58 -21.09 -99.54
C LYS O 359 -44.34 -22.34 -99.08
N LEU O 360 -45.54 -22.16 -98.55
CA LEU O 360 -46.27 -23.23 -97.90
C LEU O 360 -47.23 -23.92 -98.88
N LYS O 361 -47.68 -25.10 -98.46
CA LYS O 361 -48.75 -25.84 -99.11
C LYS O 361 -50.04 -25.66 -98.31
N PRO O 362 -51.21 -25.85 -98.95
CA PRO O 362 -52.45 -25.68 -98.18
C PRO O 362 -52.65 -26.73 -97.11
N GLU O 363 -52.17 -27.96 -97.34
CA GLU O 363 -52.36 -29.02 -96.36
C GLU O 363 -51.62 -28.71 -95.05
N GLU O 364 -50.54 -27.93 -95.12
CA GLU O 364 -49.77 -27.62 -93.93
C GLU O 364 -50.51 -26.71 -92.96
N TYR O 365 -51.53 -25.97 -93.44
CA TYR O 365 -52.28 -25.06 -92.59
C TYR O 365 -53.79 -25.21 -92.78
N GLN O 366 -54.24 -26.34 -93.32
CA GLN O 366 -55.67 -26.64 -93.43
C GLN O 366 -55.93 -27.95 -92.70
N GLY O 367 -56.43 -27.84 -91.47
CA GLY O 367 -56.69 -28.99 -90.62
C GLY O 367 -56.48 -28.63 -89.16
N GLY O 368 -55.89 -29.55 -88.40
CA GLY O 368 -55.58 -29.26 -87.01
C GLY O 368 -56.81 -29.38 -86.11
N SER O 369 -56.61 -29.95 -84.93
CA SER O 369 -57.69 -30.06 -83.95
C SER O 369 -57.68 -28.91 -82.95
N ILE O 370 -56.49 -28.42 -82.59
CA ILE O 370 -56.34 -27.40 -81.57
C ILE O 370 -55.35 -26.35 -82.08
N SER O 371 -55.49 -25.14 -81.56
CA SER O 371 -54.71 -24.00 -82.02
C SER O 371 -54.10 -23.27 -80.82
N ILE O 372 -53.22 -22.33 -81.14
CA ILE O 372 -52.51 -21.55 -80.13
C ILE O 372 -52.03 -20.27 -80.79
N SER O 373 -51.95 -19.21 -79.99
CA SER O 373 -51.33 -17.96 -80.39
C SER O 373 -50.45 -17.47 -79.25
N ASN O 374 -49.33 -16.87 -79.60
CA ASN O 374 -48.32 -16.45 -78.63
C ASN O 374 -47.98 -14.98 -78.86
N MET O 375 -47.80 -14.27 -77.75
CA MET O 375 -47.42 -12.86 -77.78
C MET O 375 -46.36 -12.54 -76.73
N GLY O 376 -45.56 -13.54 -76.34
CA GLY O 376 -44.63 -13.36 -75.24
C GLY O 376 -43.54 -12.34 -75.51
N MET O 377 -43.21 -12.10 -76.77
CA MET O 377 -42.16 -11.13 -77.07
C MET O 377 -42.56 -9.73 -76.65
N ASN O 378 -43.85 -9.43 -76.66
CA ASN O 378 -44.35 -8.12 -76.29
C ASN O 378 -44.65 -8.10 -74.79
N PRO O 379 -43.84 -7.45 -73.95
CA PRO O 379 -44.04 -7.61 -72.50
C PRO O 379 -45.22 -6.87 -71.94
N ALA O 380 -45.84 -5.96 -72.69
CA ALA O 380 -46.92 -5.15 -72.15
C ALA O 380 -48.19 -5.96 -71.97
N VAL O 381 -48.38 -7.00 -72.78
CA VAL O 381 -49.63 -7.75 -72.80
C VAL O 381 -49.64 -8.67 -71.57
N GLN O 382 -50.57 -8.43 -70.66
CA GLN O 382 -50.77 -9.34 -69.54
C GLN O 382 -51.66 -10.50 -69.94
N SER O 383 -52.71 -10.23 -70.71
CA SER O 383 -53.61 -11.27 -71.15
C SER O 383 -54.33 -10.83 -72.40
N PHE O 384 -54.90 -11.79 -73.11
CA PHE O 384 -55.68 -11.50 -74.29
C PHE O 384 -56.42 -12.75 -74.71
N THR O 385 -57.52 -12.55 -75.39
CA THR O 385 -58.35 -13.61 -75.92
C THR O 385 -58.07 -13.74 -77.42
N ALA O 386 -58.58 -14.81 -78.00
CA ALA O 386 -58.51 -15.02 -79.44
C ALA O 386 -59.85 -15.59 -79.92
N ILE O 387 -59.87 -16.04 -81.17
CA ILE O 387 -61.07 -16.54 -81.82
C ILE O 387 -60.77 -17.94 -82.33
N ILE O 388 -61.75 -18.82 -82.25
CA ILE O 388 -61.57 -20.23 -82.54
C ILE O 388 -61.53 -20.42 -84.04
N ASN O 389 -60.39 -20.85 -84.55
CA ASN O 389 -60.26 -21.18 -85.97
C ASN O 389 -61.08 -22.43 -86.26
N PRO O 390 -62.19 -22.35 -86.99
CA PRO O 390 -63.03 -23.53 -87.16
C PRO O 390 -62.34 -24.56 -88.03
N PRO O 391 -62.83 -25.80 -88.05
CA PRO O 391 -63.97 -26.35 -87.29
C PRO O 391 -63.56 -26.84 -85.91
N GLN O 392 -62.45 -26.33 -85.37
CA GLN O 392 -61.94 -26.78 -84.10
C GLN O 392 -62.86 -26.38 -82.95
N ALA O 393 -62.48 -26.75 -81.72
CA ALA O 393 -63.31 -26.58 -80.54
C ALA O 393 -62.71 -25.71 -79.47
N ALA O 394 -61.39 -25.50 -79.49
CA ALA O 394 -60.72 -24.78 -78.42
C ALA O 394 -59.52 -24.05 -78.98
N ILE O 395 -59.08 -23.02 -78.24
CA ILE O 395 -57.87 -22.29 -78.61
C ILE O 395 -57.27 -21.70 -77.34
N LEU O 396 -55.95 -21.58 -77.36
CA LEU O 396 -55.16 -21.12 -76.23
C LEU O 396 -54.57 -19.75 -76.53
N ALA O 397 -54.12 -19.08 -75.47
CA ALA O 397 -53.45 -17.81 -75.58
C ALA O 397 -52.57 -17.62 -74.37
N VAL O 398 -51.32 -17.23 -74.60
CA VAL O 398 -50.30 -17.14 -73.56
C VAL O 398 -49.82 -15.70 -73.52
N GLY O 399 -50.05 -15.03 -72.39
CA GLY O 399 -49.55 -13.69 -72.20
C GLY O 399 -48.06 -13.68 -71.91
N ALA O 400 -47.60 -12.55 -71.40
CA ALA O 400 -46.20 -12.37 -71.11
C ALA O 400 -45.90 -12.79 -69.68
N PRO O 401 -44.62 -12.96 -69.34
CA PRO O 401 -44.26 -13.19 -67.95
C PRO O 401 -44.20 -11.89 -67.16
N GLN O 402 -44.43 -12.03 -65.86
CA GLN O 402 -44.45 -10.89 -64.95
C GLN O 402 -43.96 -11.33 -63.59
N LYS O 403 -43.71 -10.35 -62.73
CA LYS O 403 -43.26 -10.58 -61.36
C LYS O 403 -44.45 -10.39 -60.43
N VAL O 404 -44.68 -11.36 -59.55
CA VAL O 404 -45.79 -11.34 -58.62
C VAL O 404 -45.27 -11.72 -57.24
N ALA O 405 -45.90 -11.18 -56.23
CA ALA O 405 -45.59 -11.52 -54.86
C ALA O 405 -46.27 -12.83 -54.48
N VAL O 406 -45.54 -13.67 -53.74
CA VAL O 406 -46.03 -14.97 -53.30
C VAL O 406 -45.55 -15.19 -51.87
N PRO O 407 -46.37 -15.73 -50.96
CA PRO O 407 -45.88 -16.02 -49.61
C PRO O 407 -44.90 -17.18 -49.62
N VAL O 408 -44.10 -17.23 -48.55
CA VAL O 408 -43.15 -18.33 -48.35
C VAL O 408 -42.88 -18.43 -46.86
N GLU O 409 -42.68 -19.65 -46.40
CA GLU O 409 -42.37 -19.92 -45.00
C GLU O 409 -40.87 -20.15 -44.85
N ASN O 410 -40.22 -19.24 -44.13
CA ASN O 410 -38.83 -19.46 -43.77
C ASN O 410 -38.73 -20.58 -42.75
N GLU O 411 -37.48 -20.93 -42.40
CA GLU O 411 -37.25 -22.01 -41.46
C GLU O 411 -37.94 -21.81 -40.12
N ASP O 412 -38.21 -20.57 -39.73
CA ASP O 412 -38.93 -20.26 -38.51
C ASP O 412 -40.43 -20.26 -38.78
N GLY O 413 -41.21 -19.80 -37.80
CA GLY O 413 -42.65 -19.79 -37.91
C GLY O 413 -43.21 -18.61 -38.69
N THR O 414 -42.37 -17.68 -39.12
CA THR O 414 -42.83 -16.51 -39.85
C THR O 414 -42.90 -16.78 -41.34
N THR O 415 -43.79 -16.06 -42.01
CA THR O 415 -43.86 -16.07 -43.46
C THR O 415 -42.94 -15.01 -44.03
N GLY O 416 -42.74 -15.07 -45.35
CA GLY O 416 -41.90 -14.12 -46.04
C GLY O 416 -42.40 -13.87 -47.45
N VAL O 417 -41.72 -12.98 -48.14
CA VAL O 417 -42.07 -12.57 -49.50
C VAL O 417 -41.06 -13.19 -50.45
N SER O 418 -41.56 -13.99 -51.38
CA SER O 418 -40.76 -14.56 -52.45
C SER O 418 -41.32 -14.13 -53.78
N TRP O 419 -40.44 -13.74 -54.70
CA TRP O 419 -40.82 -13.24 -56.01
C TRP O 419 -40.82 -14.40 -57.00
N ASP O 420 -41.98 -14.72 -57.52
CA ASP O 420 -42.17 -15.78 -58.50
C ASP O 420 -42.49 -15.16 -59.85
N GLU O 421 -42.14 -15.89 -60.91
CA GLU O 421 -42.41 -15.47 -62.28
C GLU O 421 -43.67 -16.17 -62.76
N GLN O 422 -44.73 -15.40 -62.99
CA GLN O 422 -46.02 -15.92 -63.39
C GLN O 422 -46.35 -15.55 -64.82
N ILE O 423 -47.24 -16.34 -65.41
CA ILE O 423 -47.79 -16.09 -66.74
C ILE O 423 -49.30 -16.30 -66.66
N ILE O 424 -50.03 -15.42 -67.33
CA ILE O 424 -51.47 -15.57 -67.47
C ILE O 424 -51.74 -16.34 -68.75
N VAL O 425 -52.72 -17.23 -68.67
CA VAL O 425 -53.12 -18.08 -69.78
C VAL O 425 -54.63 -17.97 -69.93
N THR O 426 -55.09 -17.81 -71.17
CA THR O 426 -56.50 -17.65 -71.48
C THR O 426 -56.89 -18.68 -72.52
N ALA O 427 -57.91 -19.47 -72.22
CA ALA O 427 -58.41 -20.51 -73.11
C ALA O 427 -59.85 -20.21 -73.45
N SER O 428 -60.15 -20.18 -74.74
CA SER O 428 -61.51 -20.03 -75.23
C SER O 428 -62.02 -21.35 -75.73
N PHE O 429 -63.23 -21.72 -75.31
CA PHE O 429 -63.84 -23.00 -75.67
C PHE O 429 -65.17 -22.79 -76.37
N ASP O 430 -65.52 -23.75 -77.21
CA ASP O 430 -66.87 -23.82 -77.78
C ASP O 430 -67.74 -24.60 -76.81
N HIS O 431 -68.93 -24.06 -76.54
CA HIS O 431 -69.79 -24.59 -75.50
C HIS O 431 -70.67 -25.75 -75.97
N LYS O 432 -70.81 -25.94 -77.28
CA LYS O 432 -71.56 -27.08 -77.77
C LYS O 432 -70.91 -28.39 -77.34
N VAL O 433 -69.60 -28.49 -77.52
CA VAL O 433 -68.85 -29.70 -77.23
C VAL O 433 -68.45 -29.76 -75.78
N VAL O 434 -67.80 -28.71 -75.30
CA VAL O 434 -67.13 -28.71 -74.01
C VAL O 434 -67.97 -27.94 -73.00
N ASP O 435 -67.85 -28.35 -71.74
CA ASP O 435 -68.47 -27.68 -70.62
C ASP O 435 -67.42 -27.11 -69.69
N GLY O 436 -67.89 -26.31 -68.73
CA GLY O 436 -66.97 -25.63 -67.83
C GLY O 436 -66.13 -26.59 -67.02
N ALA O 437 -66.76 -27.67 -66.52
CA ALA O 437 -66.02 -28.64 -65.73
C ALA O 437 -64.90 -29.29 -66.55
N VAL O 438 -65.20 -29.61 -67.80
CA VAL O 438 -64.21 -30.27 -68.66
C VAL O 438 -63.06 -29.32 -68.95
N GLY O 439 -63.39 -28.07 -69.26
CA GLY O 439 -62.34 -27.09 -69.50
C GLY O 439 -61.49 -26.87 -68.27
N ALA O 440 -62.11 -26.84 -67.10
CA ALA O 440 -61.37 -26.65 -65.87
C ALA O 440 -60.45 -27.82 -65.61
N GLU O 441 -60.92 -29.04 -65.93
CA GLU O 441 -60.08 -30.22 -65.75
C GLU O 441 -58.86 -30.16 -66.66
N TRP O 442 -59.08 -29.79 -67.92
CA TRP O 442 -57.98 -29.64 -68.86
C TRP O 442 -56.97 -28.61 -68.36
N ILE O 443 -57.46 -27.47 -67.87
CA ILE O 443 -56.58 -26.42 -67.38
C ILE O 443 -55.81 -26.89 -66.16
N ARG O 444 -56.48 -27.65 -65.28
CA ARG O 444 -55.81 -28.15 -64.09
C ARG O 444 -54.67 -29.09 -64.47
N GLU O 445 -54.91 -29.97 -65.45
CA GLU O 445 -53.85 -30.85 -65.88
C GLU O 445 -52.69 -30.08 -66.49
N LEU O 446 -53.00 -29.05 -67.27
CA LEU O 446 -51.95 -28.23 -67.86
C LEU O 446 -51.12 -27.55 -66.76
N LYS O 447 -51.80 -26.98 -65.77
CA LYS O 447 -51.10 -26.31 -64.68
C LYS O 447 -50.22 -27.27 -63.92
N LYS O 448 -50.74 -28.47 -63.64
CA LYS O 448 -49.96 -29.46 -62.93
C LYS O 448 -48.71 -29.85 -63.72
N VAL O 449 -48.87 -30.07 -65.02
CA VAL O 449 -47.74 -30.48 -65.84
C VAL O 449 -46.68 -29.39 -65.91
N ILE O 450 -47.11 -28.13 -66.02
CA ILE O 450 -46.14 -27.05 -66.09
C ILE O 450 -45.44 -26.88 -64.75
N GLU O 451 -46.21 -26.88 -63.67
CA GLU O 451 -45.64 -26.63 -62.35
C GLU O 451 -44.70 -27.75 -61.94
N ASN O 452 -44.95 -28.97 -62.42
CA ASN O 452 -44.04 -30.09 -62.26
C ASN O 452 -43.49 -30.45 -63.63
N PRO O 453 -42.44 -29.78 -64.13
CA PRO O 453 -41.99 -30.04 -65.50
C PRO O 453 -41.51 -31.46 -65.72
N LEU O 454 -41.13 -32.16 -64.66
CA LEU O 454 -40.61 -33.51 -64.81
C LEU O 454 -41.66 -34.48 -65.35
N GLU O 455 -42.95 -34.18 -65.17
CA GLU O 455 -43.99 -35.05 -65.68
C GLU O 455 -44.19 -34.91 -67.19
N LEU O 456 -43.43 -34.02 -67.85
CA LEU O 456 -43.43 -34.02 -69.31
C LEU O 456 -42.97 -35.35 -69.87
N LEU O 457 -42.13 -36.06 -69.11
CA LEU O 457 -41.68 -37.38 -69.53
C LEU O 457 -42.85 -38.36 -69.61
N LEU O 458 -43.84 -38.18 -68.74
CA LEU O 458 -44.99 -39.07 -68.69
C LEU O 458 -46.03 -38.65 -69.72
N TYR P 227 -9.60 50.85 -100.89
CA TYR P 227 -8.70 50.18 -101.82
C TYR P 227 -9.47 49.25 -102.74
N THR P 228 -9.71 48.01 -102.29
CA THR P 228 -10.45 47.07 -103.10
C THR P 228 -11.89 47.54 -103.27
N ASP P 229 -12.44 47.33 -104.46
CA ASP P 229 -13.78 47.82 -104.82
C ASP P 229 -14.53 46.69 -105.50
N VAL P 230 -15.34 45.97 -104.72
CA VAL P 230 -16.10 44.83 -105.22
C VAL P 230 -17.52 45.31 -105.54
N PRO P 231 -18.04 45.07 -106.76
CA PRO P 231 -19.45 45.39 -107.00
C PRO P 231 -20.38 44.58 -106.13
N ILE P 232 -21.58 45.10 -105.94
CA ILE P 232 -22.56 44.49 -105.05
C ILE P 232 -23.27 43.38 -105.80
N SER P 233 -23.64 42.32 -105.06
CA SER P 233 -24.25 41.15 -105.67
C SER P 233 -25.61 41.43 -106.29
N GLY P 234 -26.29 42.48 -105.85
CA GLY P 234 -27.65 42.79 -106.29
C GLY P 234 -28.69 42.21 -105.36
N MET P 235 -28.43 41.02 -104.84
CA MET P 235 -29.34 40.43 -103.87
C MET P 235 -29.36 41.24 -102.58
N ARG P 236 -28.21 41.76 -102.17
CA ARG P 236 -28.14 42.54 -100.95
C ARG P 236 -28.93 43.84 -101.07
N LYS P 237 -29.12 44.34 -102.30
CA LYS P 237 -29.88 45.56 -102.50
C LYS P 237 -31.31 45.40 -101.99
N THR P 238 -31.95 44.27 -102.32
CA THR P 238 -33.32 44.04 -101.90
C THR P 238 -33.42 43.96 -100.39
N ILE P 239 -32.49 43.23 -99.76
CA ILE P 239 -32.52 43.07 -98.32
C ILE P 239 -32.28 44.41 -97.63
N ALA P 240 -31.40 45.24 -98.19
CA ALA P 240 -31.15 46.55 -97.63
C ALA P 240 -32.38 47.42 -97.71
N ALA P 241 -33.04 47.43 -98.88
CA ALA P 241 -34.26 48.22 -99.03
C ALA P 241 -35.34 47.73 -98.09
N ARG P 242 -35.42 46.42 -97.88
CA ARG P 242 -36.41 45.86 -96.97
C ARG P 242 -36.18 46.31 -95.54
N LEU P 243 -34.93 46.19 -95.08
CA LEU P 243 -34.60 46.63 -93.72
C LEU P 243 -34.82 48.12 -93.55
N LYS P 244 -34.53 48.90 -94.59
CA LYS P 244 -34.74 50.34 -94.53
C LYS P 244 -36.22 50.66 -94.40
N GLU P 245 -37.06 50.01 -95.20
CA GLU P 245 -38.51 50.16 -95.06
C GLU P 245 -38.94 49.78 -93.66
N SER P 246 -38.34 48.73 -93.10
CA SER P 246 -38.73 48.28 -91.77
C SER P 246 -38.45 49.37 -90.73
N VAL P 247 -37.21 49.86 -90.69
CA VAL P 247 -36.86 50.81 -89.64
C VAL P 247 -37.52 52.16 -89.86
N THR P 248 -37.82 52.54 -91.10
CA THR P 248 -38.42 53.84 -91.35
C THR P 248 -39.95 53.83 -91.20
N GLU P 249 -40.58 52.66 -91.38
CA GLU P 249 -42.03 52.58 -91.25
C GLU P 249 -42.44 52.22 -89.83
N ASN P 250 -41.72 51.27 -89.21
CA ASN P 250 -42.09 50.71 -87.92
C ASN P 250 -41.08 51.16 -86.88
N PRO P 251 -41.48 51.88 -85.83
CA PRO P 251 -40.52 52.16 -84.75
C PRO P 251 -40.27 50.90 -83.95
N HIS P 252 -39.09 50.87 -83.32
CA HIS P 252 -38.61 49.69 -82.61
C HIS P 252 -38.34 50.06 -81.16
N PHE P 253 -38.92 49.29 -80.24
CA PHE P 253 -38.52 49.33 -78.85
C PHE P 253 -38.24 47.91 -78.38
N PHE P 254 -37.28 47.81 -77.49
CA PHE P 254 -36.66 46.55 -77.10
C PHE P 254 -37.00 46.22 -75.66
N VAL P 255 -37.17 44.93 -75.40
CA VAL P 255 -37.40 44.41 -74.06
C VAL P 255 -36.37 43.31 -73.82
N SER P 256 -35.87 43.22 -72.60
CA SER P 256 -34.74 42.38 -72.28
C SER P 256 -34.99 41.72 -70.94
N THR P 257 -34.96 40.39 -70.93
CA THR P 257 -35.24 39.62 -69.72
C THR P 257 -34.24 38.49 -69.58
N ASN P 258 -34.31 37.81 -68.45
CA ASN P 258 -33.42 36.72 -68.11
C ASN P 258 -34.23 35.51 -67.69
N LEU P 259 -34.01 34.39 -68.35
CA LEU P 259 -34.70 33.15 -68.06
C LEU P 259 -33.79 32.20 -67.28
N SER P 260 -34.38 31.11 -66.82
CA SER P 260 -33.67 30.04 -66.12
C SER P 260 -34.00 28.73 -66.81
N VAL P 261 -32.95 27.97 -67.16
CA VAL P 261 -33.07 26.79 -68.00
C VAL P 261 -32.45 25.56 -67.37
N SER P 262 -32.15 25.62 -66.07
CA SER P 262 -31.53 24.47 -65.41
C SER P 262 -32.45 23.26 -65.44
N LYS P 263 -33.76 23.49 -65.37
CA LYS P 263 -34.72 22.39 -65.45
C LYS P 263 -34.96 21.98 -66.90
N LEU P 264 -34.96 22.95 -67.81
CA LEU P 264 -35.17 22.66 -69.22
C LEU P 264 -34.07 21.74 -69.75
N LEU P 265 -32.82 22.00 -69.37
CA LEU P 265 -31.72 21.17 -69.86
C LEU P 265 -31.84 19.76 -69.34
N LYS P 266 -32.25 19.60 -68.08
CA LYS P 266 -32.49 18.27 -67.54
C LYS P 266 -33.56 17.55 -68.32
N LEU P 267 -34.65 18.26 -68.64
CA LEU P 267 -35.73 17.66 -69.41
C LEU P 267 -35.24 17.21 -70.78
N ARG P 268 -34.44 18.05 -71.43
CA ARG P 268 -33.94 17.73 -72.76
C ARG P 268 -33.01 16.52 -72.70
N GLN P 269 -32.14 16.47 -71.69
CA GLN P 269 -31.23 15.35 -71.56
C GLN P 269 -31.99 14.06 -71.30
N ALA P 270 -33.02 14.13 -70.47
CA ALA P 270 -33.80 12.93 -70.18
C ALA P 270 -34.53 12.43 -71.41
N LEU P 271 -35.15 13.34 -72.17
CA LEU P 271 -35.83 12.92 -73.39
C LEU P 271 -34.86 12.39 -74.43
N ASN P 272 -33.64 12.94 -74.48
CA ASN P 272 -32.66 12.43 -75.43
C ASN P 272 -32.17 11.06 -75.02
N SER P 273 -32.08 10.81 -73.71
CA SER P 273 -31.61 9.50 -73.25
C SER P 273 -32.69 8.44 -73.40
N SER P 274 -33.95 8.80 -73.23
CA SER P 274 -35.05 7.84 -73.38
C SER P 274 -35.50 7.76 -74.84
N ALA P 275 -34.54 7.43 -75.70
CA ALA P 275 -34.79 7.34 -77.13
C ALA P 275 -33.81 6.35 -77.73
N ASP P 276 -34.07 5.99 -78.99
CA ASP P 276 -33.27 5.04 -79.74
C ASP P 276 -32.77 5.67 -81.03
N GLY P 277 -32.29 6.91 -80.94
CA GLY P 277 -31.86 7.63 -82.13
C GLY P 277 -32.99 8.06 -83.04
N ARG P 278 -34.24 7.93 -82.60
CA ARG P 278 -35.37 8.31 -83.43
C ARG P 278 -35.50 9.82 -83.56
N TYR P 279 -34.85 10.59 -82.68
CA TYR P 279 -34.95 12.04 -82.71
C TYR P 279 -33.82 12.63 -81.88
N LYS P 280 -33.67 13.95 -81.97
CA LYS P 280 -32.68 14.68 -81.19
C LYS P 280 -33.16 16.11 -81.05
N LEU P 281 -33.21 16.60 -79.81
CA LEU P 281 -33.83 17.88 -79.49
C LEU P 281 -32.79 18.95 -79.24
N SER P 282 -33.26 20.21 -79.26
CA SER P 282 -32.45 21.36 -78.95
C SER P 282 -33.25 22.36 -78.13
N VAL P 283 -32.63 23.49 -77.79
CA VAL P 283 -33.30 24.52 -77.02
C VAL P 283 -34.26 25.31 -77.91
N ASN P 284 -33.92 25.44 -79.20
CA ASN P 284 -34.72 26.23 -80.11
C ASN P 284 -36.13 25.69 -80.24
N ASP P 285 -36.29 24.36 -80.18
CA ASP P 285 -37.61 23.77 -80.33
C ASP P 285 -38.50 24.09 -79.12
N PHE P 286 -37.95 23.93 -77.92
CA PHE P 286 -38.68 24.33 -76.71
C PHE P 286 -39.08 25.79 -76.80
N LEU P 287 -38.16 26.64 -77.26
CA LEU P 287 -38.45 28.06 -77.35
C LEU P 287 -39.56 28.33 -78.35
N ILE P 288 -39.58 27.57 -79.46
CA ILE P 288 -40.61 27.78 -80.47
C ILE P 288 -41.97 27.38 -79.95
N LYS P 289 -42.04 26.24 -79.26
CA LYS P 289 -43.29 25.82 -78.63
C LYS P 289 -43.78 26.88 -77.65
N ALA P 290 -42.86 27.42 -76.85
CA ALA P 290 -43.23 28.44 -75.88
C ALA P 290 -43.72 29.70 -76.57
N MET P 291 -43.10 30.05 -77.69
CA MET P 291 -43.55 31.20 -78.47
C MET P 291 -44.98 31.00 -78.95
N GLY P 292 -45.29 29.80 -79.43
CA GLY P 292 -46.64 29.53 -79.87
C GLY P 292 -47.64 29.63 -78.73
N ILE P 293 -47.28 29.11 -77.56
CA ILE P 293 -48.17 29.16 -76.41
C ILE P 293 -48.44 30.61 -76.01
N ALA P 294 -47.38 31.41 -75.95
CA ALA P 294 -47.54 32.81 -75.57
C ALA P 294 -48.36 33.56 -76.60
N SER P 295 -48.14 33.29 -77.88
CA SER P 295 -48.89 33.97 -78.92
C SER P 295 -50.36 33.62 -78.85
N LYS P 296 -50.69 32.39 -78.45
CA LYS P 296 -52.09 32.02 -78.32
C LYS P 296 -52.72 32.63 -77.07
N ARG P 297 -51.94 32.76 -75.99
CA ARG P 297 -52.50 33.38 -74.79
C ARG P 297 -52.66 34.88 -74.94
N VAL P 298 -51.86 35.50 -75.81
CA VAL P 298 -51.94 36.94 -76.06
C VAL P 298 -51.97 37.16 -77.56
N PRO P 299 -53.13 37.12 -78.21
CA PRO P 299 -53.15 37.09 -79.68
C PRO P 299 -52.75 38.40 -80.33
N THR P 300 -52.73 39.51 -79.59
CA THR P 300 -52.44 40.79 -80.21
C THR P 300 -51.03 40.84 -80.78
N VAL P 301 -50.11 40.06 -80.20
CA VAL P 301 -48.75 40.02 -80.73
C VAL P 301 -48.75 39.36 -82.10
N ASN P 302 -49.50 38.27 -82.26
CA ASN P 302 -49.62 37.58 -83.53
C ASN P 302 -50.53 38.43 -84.41
N SER P 303 -49.95 39.48 -84.97
CA SER P 303 -50.70 40.48 -85.72
C SER P 303 -49.79 41.04 -86.81
N SER P 304 -50.26 42.09 -87.47
CA SER P 304 -49.51 42.73 -88.53
C SER P 304 -50.05 44.14 -88.72
N TRP P 305 -49.67 44.77 -89.82
CA TRP P 305 -50.14 46.11 -90.18
C TRP P 305 -50.37 46.14 -91.67
N ARG P 306 -51.59 46.51 -92.07
CA ARG P 306 -52.00 46.48 -93.47
C ARG P 306 -52.66 47.81 -93.83
N ASP P 307 -53.32 47.86 -94.99
CA ASP P 307 -53.89 49.10 -95.48
C ASP P 307 -55.09 49.51 -94.63
N GLY P 308 -54.85 50.36 -93.62
CA GLY P 308 -55.92 50.83 -92.78
C GLY P 308 -56.65 49.74 -92.02
N VAL P 309 -55.98 48.62 -91.77
CA VAL P 309 -56.63 47.46 -91.16
C VAL P 309 -55.57 46.59 -90.51
N ILE P 310 -55.92 46.01 -89.36
CA ILE P 310 -55.06 45.09 -88.64
C ILE P 310 -55.50 43.68 -89.02
N ARG P 311 -54.55 42.89 -89.54
CA ARG P 311 -54.79 41.50 -89.87
C ARG P 311 -54.31 40.63 -88.71
N GLN P 312 -55.25 39.95 -88.07
CA GLN P 312 -54.97 39.08 -86.94
C GLN P 312 -55.15 37.63 -87.37
N PHE P 313 -54.17 36.80 -87.03
CA PHE P 313 -54.19 35.37 -87.34
C PHE P 313 -54.72 34.59 -86.13
N GLU P 314 -54.80 33.28 -86.30
CA GLU P 314 -55.19 32.34 -85.24
C GLU P 314 -54.09 31.33 -84.96
N THR P 315 -53.49 30.79 -86.00
CA THR P 315 -52.34 29.91 -85.87
C THR P 315 -51.06 30.75 -85.76
N VAL P 316 -49.96 30.06 -85.47
CA VAL P 316 -48.67 30.70 -85.26
C VAL P 316 -47.72 30.16 -86.32
N ASP P 317 -47.37 31.01 -87.28
CA ASP P 317 -46.39 30.70 -88.31
C ASP P 317 -45.05 31.28 -87.88
N VAL P 318 -44.05 30.43 -87.69
CA VAL P 318 -42.78 30.81 -87.08
C VAL P 318 -41.70 30.86 -88.14
N SER P 319 -41.03 31.99 -88.25
CA SER P 319 -39.93 32.18 -89.18
C SER P 319 -38.62 31.98 -88.45
N VAL P 320 -37.85 30.96 -88.84
CA VAL P 320 -36.59 30.62 -88.21
C VAL P 320 -35.46 31.07 -89.11
N ALA P 321 -34.47 31.75 -88.53
CA ALA P 321 -33.35 32.26 -89.30
C ALA P 321 -32.29 31.18 -89.48
N VAL P 322 -31.69 31.17 -90.67
CA VAL P 322 -30.57 30.30 -91.00
C VAL P 322 -29.51 31.14 -91.70
N ALA P 323 -28.25 30.92 -91.32
CA ALA P 323 -27.12 31.70 -91.80
C ALA P 323 -26.35 30.84 -92.79
N THR P 324 -26.59 31.07 -94.07
CA THR P 324 -25.87 30.39 -95.12
C THR P 324 -24.66 31.21 -95.55
N PRO P 325 -23.70 30.62 -96.25
CA PRO P 325 -22.62 31.42 -96.84
C PRO P 325 -23.12 32.46 -97.82
N ASN P 326 -24.30 32.26 -98.41
CA ASN P 326 -24.92 33.26 -99.26
C ASN P 326 -25.48 34.43 -98.46
N GLY P 327 -25.78 34.24 -97.18
CA GLY P 327 -26.33 35.29 -96.35
C GLY P 327 -27.27 34.80 -95.28
N LEU P 328 -28.46 35.40 -95.20
CA LEU P 328 -29.46 35.05 -94.23
C LEU P 328 -30.74 34.62 -94.94
N ILE P 329 -31.48 33.71 -94.33
CA ILE P 329 -32.73 33.24 -94.91
C ILE P 329 -33.66 32.84 -93.76
N THR P 330 -34.96 32.88 -94.04
CA THR P 330 -35.99 32.66 -93.02
C THR P 330 -37.03 31.66 -93.49
N PRO P 331 -36.73 30.37 -93.40
CA PRO P 331 -37.78 29.36 -93.60
C PRO P 331 -38.85 29.48 -92.54
N ILE P 332 -39.97 28.80 -92.79
CA ILE P 332 -41.17 28.91 -91.97
C ILE P 332 -41.59 27.53 -91.49
N VAL P 333 -42.09 27.48 -90.26
CA VAL P 333 -42.80 26.33 -89.73
C VAL P 333 -44.25 26.73 -89.54
N LYS P 334 -45.15 25.83 -89.90
CA LYS P 334 -46.58 26.08 -89.95
C LYS P 334 -47.30 25.33 -88.83
N GLY P 335 -48.34 25.96 -88.28
CA GLY P 335 -49.18 25.34 -87.28
C GLY P 335 -48.42 24.81 -86.08
N VAL P 336 -47.66 25.69 -85.42
CA VAL P 336 -46.78 25.25 -84.35
C VAL P 336 -47.58 24.73 -83.17
N GLU P 337 -48.51 25.55 -82.68
CA GLU P 337 -49.29 25.19 -81.50
C GLU P 337 -50.02 23.88 -81.75
N GLY P 338 -49.71 22.88 -80.94
CA GLY P 338 -50.26 21.57 -81.15
C GLY P 338 -49.70 20.89 -82.38
N LYS P 339 -48.39 20.70 -82.40
CA LYS P 339 -47.72 20.00 -83.50
C LYS P 339 -46.76 18.93 -83.02
N GLY P 340 -46.05 19.16 -81.92
CA GLY P 340 -45.12 18.19 -81.38
C GLY P 340 -43.67 18.54 -81.60
N LEU P 341 -42.87 18.36 -80.55
CA LEU P 341 -41.46 18.74 -80.60
C LEU P 341 -40.69 17.91 -81.62
N GLU P 342 -41.02 16.63 -81.75
CA GLU P 342 -40.31 15.78 -82.69
C GLU P 342 -40.53 16.24 -84.12
N SER P 343 -41.81 16.47 -84.48
CA SER P 343 -42.13 16.98 -85.80
C SER P 343 -41.46 18.33 -86.03
N ILE P 344 -41.42 19.16 -85.00
CA ILE P 344 -40.77 20.47 -85.11
C ILE P 344 -39.30 20.31 -85.44
N SER P 345 -38.62 19.44 -84.70
CA SER P 345 -37.19 19.23 -84.92
C SER P 345 -36.92 18.69 -86.31
N ALA P 346 -37.75 17.74 -86.76
CA ALA P 346 -37.56 17.16 -88.08
C ALA P 346 -37.74 18.22 -89.16
N ALA P 347 -38.79 19.04 -89.03
CA ALA P 347 -39.06 20.07 -90.03
C ALA P 347 -37.94 21.10 -90.05
N VAL P 348 -37.44 21.48 -88.87
CA VAL P 348 -36.36 22.47 -88.81
C VAL P 348 -35.10 21.91 -89.45
N LYS P 349 -34.76 20.65 -89.16
CA LYS P 349 -33.57 20.06 -89.77
C LYS P 349 -33.70 19.98 -91.28
N GLU P 350 -34.86 19.56 -91.77
CA GLU P 350 -35.07 19.47 -93.20
C GLU P 350 -34.93 20.84 -93.86
N LEU P 351 -35.58 21.86 -93.29
CA LEU P 351 -35.51 23.19 -93.87
C LEU P 351 -34.10 23.75 -93.81
N ALA P 352 -33.38 23.46 -92.73
CA ALA P 352 -32.02 23.98 -92.60
C ALA P 352 -31.10 23.36 -93.64
N LYS P 353 -31.20 22.04 -93.83
CA LYS P 353 -30.36 21.40 -94.84
C LYS P 353 -30.75 21.83 -96.25
N LYS P 354 -32.06 21.98 -96.49
CA LYS P 354 -32.49 22.46 -97.79
C LYS P 354 -32.03 23.89 -98.05
N ALA P 355 -31.89 24.69 -97.00
CA ALA P 355 -31.39 26.05 -97.18
C ALA P 355 -29.89 26.05 -97.41
N ARG P 356 -29.16 25.17 -96.72
CA ARG P 356 -27.73 25.02 -97.00
C ARG P 356 -27.50 24.56 -98.43
N ASP P 357 -28.42 23.75 -98.97
CA ASP P 357 -28.31 23.31 -100.35
C ASP P 357 -28.87 24.31 -101.35
N GLY P 358 -29.74 25.23 -100.91
CA GLY P 358 -30.40 26.13 -101.82
C GLY P 358 -31.45 25.41 -102.65
N LYS P 359 -32.45 24.84 -101.98
CA LYS P 359 -33.48 24.03 -102.61
C LYS P 359 -34.85 24.37 -102.06
N LEU P 360 -35.14 25.67 -101.90
CA LEU P 360 -36.37 26.13 -101.30
C LEU P 360 -37.31 26.73 -102.34
N LYS P 361 -38.59 26.78 -101.97
CA LYS P 361 -39.63 27.48 -102.69
C LYS P 361 -39.86 28.85 -102.06
N PRO P 362 -40.40 29.83 -102.80
CA PRO P 362 -40.62 31.14 -102.18
C PRO P 362 -41.64 31.11 -101.06
N GLU P 363 -42.67 30.27 -101.18
CA GLU P 363 -43.71 30.21 -100.15
C GLU P 363 -43.14 29.74 -98.81
N GLU P 364 -42.07 28.96 -98.84
CA GLU P 364 -41.51 28.41 -97.61
C GLU P 364 -40.79 29.46 -96.77
N TYR P 365 -40.46 30.62 -97.34
CA TYR P 365 -39.82 31.71 -96.60
C TYR P 365 -40.44 33.06 -96.91
N GLN P 366 -41.65 33.09 -97.47
CA GLN P 366 -42.40 34.33 -97.67
C GLN P 366 -43.71 34.22 -96.90
N GLY P 367 -43.78 34.92 -95.77
CA GLY P 367 -44.94 34.91 -94.92
C GLY P 367 -44.57 34.98 -93.46
N GLY P 368 -45.26 34.20 -92.62
CA GLY P 368 -44.94 34.14 -91.23
C GLY P 368 -45.49 35.33 -90.45
N SER P 369 -46.00 35.06 -89.25
CA SER P 369 -46.48 36.12 -88.37
C SER P 369 -45.40 36.61 -87.40
N ILE P 370 -44.56 35.69 -86.93
CA ILE P 370 -43.53 36.01 -85.95
C ILE P 370 -42.24 35.32 -86.39
N SER P 371 -41.12 35.83 -85.89
CA SER P 371 -39.80 35.40 -86.33
C SER P 371 -38.92 35.15 -85.10
N ILE P 372 -37.73 34.62 -85.38
CA ILE P 372 -36.75 34.30 -84.34
C ILE P 372 -35.39 34.15 -85.00
N SER P 373 -34.36 34.55 -84.27
CA SER P 373 -32.97 34.33 -84.65
C SER P 373 -32.22 33.81 -83.44
N ASN P 374 -31.32 32.85 -83.68
CA ASN P 374 -30.62 32.15 -82.61
C ASN P 374 -29.13 32.28 -82.81
N MET P 375 -28.42 32.43 -81.69
CA MET P 375 -26.96 32.52 -81.69
C MET P 375 -26.35 31.75 -80.53
N GLY P 376 -27.02 30.68 -80.07
CA GLY P 376 -26.56 29.97 -78.90
C GLY P 376 -25.24 29.24 -79.07
N MET P 377 -24.89 28.89 -80.32
CA MET P 377 -23.64 28.18 -80.53
C MET P 377 -22.44 29.04 -80.17
N ASN P 378 -22.54 30.35 -80.35
CA ASN P 378 -21.46 31.26 -80.03
C ASN P 378 -21.56 31.66 -78.56
N PRO P 379 -20.63 31.27 -77.69
CA PRO P 379 -20.83 31.53 -76.25
C PRO P 379 -20.60 32.96 -75.83
N ALA P 380 -19.92 33.77 -76.64
CA ALA P 380 -19.55 35.10 -76.21
C ALA P 380 -20.77 36.04 -76.13
N VAL P 381 -21.72 35.87 -77.03
CA VAL P 381 -22.82 36.81 -77.18
C VAL P 381 -23.73 36.66 -75.96
N GLN P 382 -23.71 37.66 -75.08
CA GLN P 382 -24.63 37.67 -73.96
C GLN P 382 -26.02 38.11 -74.41
N SER P 383 -26.08 39.10 -75.30
CA SER P 383 -27.36 39.59 -75.79
C SER P 383 -27.15 40.24 -77.14
N PHE P 384 -28.25 40.36 -77.88
CA PHE P 384 -28.20 41.07 -79.14
C PHE P 384 -29.63 41.33 -79.60
N THR P 385 -29.78 42.40 -80.36
CA THR P 385 -31.04 42.80 -80.93
C THR P 385 -31.07 42.32 -82.38
N ALA P 386 -32.25 42.44 -83.00
CA ALA P 386 -32.42 42.15 -84.41
C ALA P 386 -33.38 43.17 -84.99
N ILE P 387 -33.83 42.91 -86.22
CA ILE P 387 -34.67 43.82 -86.98
C ILE P 387 -35.88 43.05 -87.45
N ILE P 388 -37.03 43.73 -87.45
CA ILE P 388 -38.32 43.09 -87.68
C ILE P 388 -38.49 42.85 -89.18
N ASN P 389 -38.50 41.60 -89.58
CA ASN P 389 -38.77 41.25 -90.97
C ASN P 389 -40.22 41.58 -91.30
N PRO P 390 -40.51 42.55 -92.14
CA PRO P 390 -41.91 42.94 -92.35
C PRO P 390 -42.68 41.87 -93.08
N PRO P 391 -44.02 41.93 -93.07
CA PRO P 391 -44.87 42.92 -92.40
C PRO P 391 -45.20 42.53 -90.96
N GLN P 392 -44.39 41.67 -90.37
CA GLN P 392 -44.64 41.18 -89.02
C GLN P 392 -44.52 42.30 -88.00
N ALA P 393 -44.80 41.97 -86.74
CA ALA P 393 -44.87 42.96 -85.66
C ALA P 393 -43.86 42.74 -84.56
N ALA P 394 -43.24 41.57 -84.49
CA ALA P 394 -42.35 41.25 -83.39
C ALA P 394 -41.24 40.34 -83.88
N ILE P 395 -40.19 40.25 -83.08
CA ILE P 395 -39.11 39.29 -83.34
C ILE P 395 -38.35 39.07 -82.06
N LEU P 396 -37.81 37.86 -81.93
CA LEU P 396 -37.13 37.39 -80.75
C LEU P 396 -35.64 37.24 -81.03
N ALA P 397 -34.87 37.10 -79.95
CA ALA P 397 -33.44 36.86 -80.05
C ALA P 397 -32.98 36.21 -78.76
N VAL P 398 -32.27 35.09 -78.90
CA VAL P 398 -31.87 34.26 -77.77
C VAL P 398 -30.35 34.32 -77.69
N GLY P 399 -29.84 34.85 -76.59
CA GLY P 399 -28.41 34.85 -76.36
C GLY P 399 -27.91 33.48 -75.96
N ALA P 400 -26.63 33.43 -75.60
CA ALA P 400 -26.03 32.20 -75.15
C ALA P 400 -26.29 32.01 -73.66
N PRO P 401 -26.15 30.80 -73.14
CA PRO P 401 -26.27 30.57 -71.71
C PRO P 401 -25.01 31.00 -70.96
N GLN P 402 -25.21 31.29 -69.68
CA GLN P 402 -24.13 31.75 -68.82
C GLN P 402 -24.39 31.28 -67.40
N LYS P 403 -23.36 31.42 -66.57
CA LYS P 403 -23.43 31.03 -65.16
C LYS P 403 -23.64 32.29 -64.33
N VAL P 404 -24.60 32.23 -63.41
CA VAL P 404 -24.97 33.37 -62.59
C VAL P 404 -25.14 32.91 -61.16
N ALA P 405 -24.86 33.81 -60.23
CA ALA P 405 -25.09 33.57 -58.82
C ALA P 405 -26.55 33.81 -58.48
N VAL P 406 -27.09 32.95 -57.63
CA VAL P 406 -28.49 33.03 -57.20
C VAL P 406 -28.56 32.66 -55.73
N PRO P 407 -29.36 33.35 -54.91
CA PRO P 407 -29.50 32.91 -53.51
C PRO P 407 -30.29 31.63 -53.40
N VAL P 408 -30.11 30.96 -52.27
CA VAL P 408 -30.83 29.74 -51.98
C VAL P 408 -30.87 29.56 -50.47
N GLU P 409 -32.01 29.08 -49.97
CA GLU P 409 -32.20 28.85 -48.55
C GLU P 409 -31.93 27.38 -48.23
N ASN P 410 -30.87 27.13 -47.48
CA ASN P 410 -30.60 25.80 -46.99
C ASN P 410 -31.66 25.39 -45.97
N GLU P 411 -31.55 24.15 -45.49
CA GLU P 411 -32.50 23.65 -44.50
C GLU P 411 -32.51 24.48 -43.22
N ASP P 412 -31.41 25.15 -42.89
CA ASP P 412 -31.37 26.09 -41.79
C ASP P 412 -31.73 27.49 -42.31
N GLY P 413 -31.72 28.46 -41.40
CA GLY P 413 -32.16 29.80 -41.75
C GLY P 413 -31.22 30.57 -42.65
N THR P 414 -29.94 30.19 -42.70
CA THR P 414 -28.98 30.96 -43.48
C THR P 414 -29.19 30.76 -44.96
N THR P 415 -28.83 31.78 -45.73
CA THR P 415 -28.85 31.71 -47.19
C THR P 415 -27.55 31.12 -47.69
N GLY P 416 -27.55 30.70 -48.95
CA GLY P 416 -26.40 30.12 -49.59
C GLY P 416 -26.31 30.53 -51.05
N VAL P 417 -25.28 30.03 -51.71
CA VAL P 417 -25.01 30.36 -53.10
C VAL P 417 -25.31 29.13 -53.94
N SER P 418 -26.08 29.33 -55.00
CA SER P 418 -26.38 28.30 -55.98
C SER P 418 -26.13 28.84 -57.37
N TRP P 419 -25.60 27.99 -58.24
CA TRP P 419 -25.23 28.37 -59.59
C TRP P 419 -26.31 27.91 -60.56
N ASP P 420 -27.01 28.87 -61.15
CA ASP P 420 -28.05 28.63 -62.12
C ASP P 420 -27.55 29.01 -63.51
N GLU P 421 -28.10 28.36 -64.52
CA GLU P 421 -27.75 28.63 -65.91
C GLU P 421 -28.81 29.57 -66.48
N GLN P 422 -28.40 30.81 -66.75
CA GLN P 422 -29.30 31.84 -67.25
C GLN P 422 -29.06 32.13 -68.72
N ILE P 423 -30.13 32.56 -69.37
CA ILE P 423 -30.08 33.04 -70.75
C ILE P 423 -30.78 34.39 -70.79
N ILE P 424 -30.21 35.32 -71.53
CA ILE P 424 -30.84 36.60 -71.79
C ILE P 424 -31.64 36.47 -73.08
N VAL P 425 -32.81 37.11 -73.08
CA VAL P 425 -33.73 37.09 -74.21
C VAL P 425 -34.08 38.53 -74.52
N THR P 426 -34.00 38.87 -75.80
CA THR P 426 -34.27 40.22 -76.29
C THR P 426 -35.38 40.15 -77.33
N ALA P 427 -36.44 40.90 -77.10
CA ALA P 427 -37.58 40.97 -77.99
C ALA P 427 -37.75 42.39 -78.50
N SER P 428 -37.78 42.54 -79.81
CA SER P 428 -38.06 43.81 -80.45
C SER P 428 -39.51 43.82 -80.91
N PHE P 429 -40.22 44.91 -80.62
CA PHE P 429 -41.63 45.03 -80.97
C PHE P 429 -41.88 46.27 -81.81
N ASP P 430 -42.92 46.19 -82.63
CA ASP P 430 -43.44 47.35 -83.34
C ASP P 430 -44.45 48.05 -82.44
N HIS P 431 -44.29 49.36 -82.30
CA HIS P 431 -45.07 50.12 -81.33
C HIS P 431 -46.43 50.54 -81.86
N LYS P 432 -46.64 50.52 -83.18
CA LYS P 432 -47.94 50.85 -83.72
C LYS P 432 -49.00 49.89 -83.22
N VAL P 433 -48.67 48.61 -83.20
CA VAL P 433 -49.61 47.55 -82.84
C VAL P 433 -49.57 47.26 -81.35
N VAL P 434 -48.38 47.10 -80.82
CA VAL P 434 -48.16 46.61 -79.47
C VAL P 434 -47.71 47.73 -78.57
N ASP P 435 -48.05 47.62 -77.29
CA ASP P 435 -47.61 48.54 -76.26
C ASP P 435 -46.78 47.79 -75.22
N GLY P 436 -46.18 48.58 -74.33
CA GLY P 436 -45.26 48.03 -73.35
C GLY P 436 -45.91 47.01 -72.44
N ALA P 437 -47.14 47.29 -72.01
CA ALA P 437 -47.85 46.36 -71.13
C ALA P 437 -48.08 45.03 -71.82
N VAL P 438 -48.49 45.07 -73.09
CA VAL P 438 -48.78 43.84 -73.82
C VAL P 438 -47.51 43.03 -74.02
N GLY P 439 -46.42 43.72 -74.38
CA GLY P 439 -45.16 43.03 -74.55
C GLY P 439 -44.68 42.41 -73.24
N ALA P 440 -44.83 43.15 -72.15
CA ALA P 440 -44.42 42.62 -70.85
C ALA P 440 -45.23 41.40 -70.47
N GLU P 441 -46.53 41.42 -70.80
CA GLU P 441 -47.39 40.27 -70.51
C GLU P 441 -46.94 39.05 -71.30
N TRP P 442 -46.64 39.26 -72.58
CA TRP P 442 -46.15 38.18 -73.42
C TRP P 442 -44.87 37.58 -72.85
N ILE P 443 -43.94 38.46 -72.45
CA ILE P 443 -42.68 37.98 -71.90
C ILE P 443 -42.90 37.25 -70.59
N ARG P 444 -43.85 37.72 -69.78
CA ARG P 444 -44.13 37.04 -68.52
C ARG P 444 -44.64 35.63 -68.77
N GLU P 445 -45.56 35.48 -69.72
CA GLU P 445 -46.06 34.15 -70.02
C GLU P 445 -44.96 33.25 -70.53
N LEU P 446 -44.06 33.79 -71.36
CA LEU P 446 -42.96 32.99 -71.86
C LEU P 446 -42.06 32.53 -70.73
N LYS P 447 -41.68 33.44 -69.84
CA LYS P 447 -40.84 33.11 -68.71
C LYS P 447 -41.51 32.05 -67.84
N LYS P 448 -42.81 32.18 -67.63
CA LYS P 448 -43.52 31.22 -66.79
C LYS P 448 -43.48 29.84 -67.42
N VAL P 449 -43.80 29.75 -68.71
CA VAL P 449 -43.84 28.46 -69.39
C VAL P 449 -42.46 27.82 -69.38
N ILE P 450 -41.41 28.61 -69.56
CA ILE P 450 -40.07 28.05 -69.59
C ILE P 450 -39.66 27.57 -68.21
N GLU P 451 -39.88 28.41 -67.20
CA GLU P 451 -39.43 28.09 -65.86
C GLU P 451 -40.19 26.90 -65.30
N ASN P 452 -41.43 26.70 -65.74
CA ASN P 452 -42.21 25.50 -65.42
C ASN P 452 -42.42 24.74 -66.72
N PRO P 453 -41.48 23.90 -67.15
CA PRO P 453 -41.61 23.27 -68.47
C PRO P 453 -42.82 22.38 -68.61
N LEU P 454 -43.37 21.90 -67.50
CA LEU P 454 -44.50 20.98 -67.55
C LEU P 454 -45.74 21.64 -68.13
N GLU P 455 -45.81 22.97 -68.11
CA GLU P 455 -46.94 23.67 -68.71
C GLU P 455 -46.89 23.66 -70.23
N LEU P 456 -45.81 23.15 -70.84
CA LEU P 456 -45.78 22.96 -72.28
C LEU P 456 -46.90 22.05 -72.74
N LEU P 457 -47.32 21.12 -71.89
CA LEU P 457 -48.46 20.26 -72.21
C LEU P 457 -49.73 21.07 -72.36
N LEU P 458 -49.82 22.20 -71.67
CA LEU P 458 -51.00 23.05 -71.71
C LEU P 458 -50.93 24.03 -72.87
N TYR Q 227 45.34 14.42 -102.95
CA TYR Q 227 45.09 13.27 -103.82
C TYR Q 227 43.95 13.56 -104.78
N THR Q 228 42.72 13.41 -104.30
CA THR Q 228 41.57 13.65 -105.16
C THR Q 228 41.50 15.14 -105.49
N ASP Q 229 41.26 15.45 -106.76
CA ASP Q 229 41.32 16.81 -107.28
C ASP Q 229 39.99 17.12 -107.95
N VAL Q 230 39.11 17.80 -107.22
CA VAL Q 230 37.77 18.12 -107.71
C VAL Q 230 37.78 19.58 -108.15
N PRO Q 231 37.37 19.89 -109.39
CA PRO Q 231 37.26 21.31 -109.77
C PRO Q 231 36.20 22.02 -108.96
N ILE Q 232 36.31 23.35 -108.93
CA ILE Q 232 35.37 24.18 -108.18
C ILE Q 232 34.12 24.37 -109.03
N SER Q 233 32.97 24.41 -108.37
CA SER Q 233 31.70 24.54 -109.07
C SER Q 233 31.56 25.88 -109.78
N GLY Q 234 32.32 26.89 -109.37
CA GLY Q 234 32.21 28.24 -109.91
C GLY Q 234 31.32 29.12 -109.08
N MET Q 235 30.25 28.55 -108.52
CA MET Q 235 29.37 29.33 -107.65
C MET Q 235 30.08 29.72 -106.37
N ARG Q 236 30.93 28.84 -105.84
CA ARG Q 236 31.68 29.16 -104.63
C ARG Q 236 32.65 30.31 -104.86
N LYS Q 237 33.08 30.52 -106.11
CA LYS Q 237 34.02 31.61 -106.41
C LYS Q 237 33.41 32.96 -106.04
N THR Q 238 32.14 33.15 -106.41
CA THR Q 238 31.48 34.42 -106.14
C THR Q 238 31.35 34.66 -104.64
N ILE Q 239 30.99 33.62 -103.89
CA ILE Q 239 30.84 33.76 -102.45
C ILE Q 239 32.18 34.05 -101.80
N ALA Q 240 33.24 33.38 -102.27
CA ALA Q 240 34.57 33.61 -101.72
C ALA Q 240 35.01 35.04 -101.98
N ALA Q 241 34.78 35.53 -103.20
CA ALA Q 241 35.13 36.91 -103.51
C ALA Q 241 34.35 37.89 -102.68
N ARG Q 242 33.05 37.61 -102.48
CA ARG Q 242 32.21 38.49 -101.67
C ARG Q 242 32.71 38.56 -100.24
N LEU Q 243 33.02 37.41 -99.65
CA LEU Q 243 33.51 37.39 -98.28
C LEU Q 243 34.88 38.05 -98.16
N LYS Q 244 35.74 37.87 -99.16
CA LYS Q 244 37.03 38.54 -99.18
C LYS Q 244 36.85 40.04 -99.21
N GLU Q 245 35.90 40.52 -100.03
CA GLU Q 245 35.58 41.94 -100.05
C GLU Q 245 35.11 42.41 -98.68
N SER Q 246 34.28 41.61 -98.03
CA SER Q 246 33.76 41.99 -96.71
C SER Q 246 34.90 42.18 -95.73
N VAL Q 247 35.76 41.17 -95.60
CA VAL Q 247 36.81 41.23 -94.58
C VAL Q 247 37.88 42.25 -94.93
N THR Q 248 38.17 42.47 -96.21
CA THR Q 248 39.24 43.39 -96.57
C THR Q 248 38.77 44.85 -96.58
N GLU Q 249 37.47 45.08 -96.77
CA GLU Q 249 36.95 46.45 -96.80
C GLU Q 249 36.50 46.89 -95.42
N ASN Q 250 35.84 46.00 -94.69
CA ASN Q 250 35.23 46.33 -93.41
C ASN Q 250 35.96 45.60 -92.29
N PRO Q 251 36.52 46.29 -91.30
CA PRO Q 251 37.05 45.57 -90.14
C PRO Q 251 35.91 44.97 -89.34
N HIS Q 252 36.26 44.08 -88.42
CA HIS Q 252 35.28 43.33 -87.65
C HIS Q 252 35.70 43.32 -86.18
N PHE Q 253 34.76 43.66 -85.31
CA PHE Q 253 34.92 43.43 -83.88
C PHE Q 253 33.65 42.79 -83.36
N PHE Q 254 33.84 41.97 -82.32
CA PHE Q 254 32.84 41.04 -81.84
C PHE Q 254 32.43 41.37 -80.42
N VAL Q 255 31.16 41.16 -80.13
CA VAL Q 255 30.59 41.33 -78.80
C VAL Q 255 29.87 40.05 -78.45
N SER Q 256 30.00 39.60 -77.21
CA SER Q 256 29.51 38.32 -76.76
C SER Q 256 28.80 38.49 -75.43
N THR Q 257 27.53 38.09 -75.39
CA THR Q 257 26.71 38.24 -74.20
C THR Q 257 25.94 36.96 -73.94
N ASN Q 258 25.25 36.95 -72.80
CA ASN Q 258 24.48 35.80 -72.34
C ASN Q 258 23.07 36.25 -72.01
N LEU Q 259 22.09 35.53 -72.53
CA LEU Q 259 20.69 35.82 -72.31
C LEU Q 259 20.07 34.76 -71.43
N SER Q 260 18.89 35.07 -70.91
CA SER Q 260 18.10 34.16 -70.09
C SER Q 260 16.73 34.00 -70.74
N VAL Q 261 16.36 32.75 -71.01
CA VAL Q 261 15.18 32.42 -71.82
C VAL Q 261 14.20 31.53 -71.06
N SER Q 262 14.34 31.41 -69.74
CA SER Q 262 13.43 30.57 -68.99
C SER Q 262 12.00 31.07 -69.09
N LYS Q 263 11.81 32.38 -69.19
CA LYS Q 263 10.48 32.94 -69.36
C LYS Q 263 10.03 32.85 -70.81
N LEU Q 264 10.96 33.04 -71.74
CA LEU Q 264 10.63 32.97 -73.15
C LEU Q 264 10.12 31.59 -73.53
N LEU Q 265 10.73 30.55 -72.99
CA LEU Q 265 10.30 29.19 -73.33
C LEU Q 265 8.91 28.91 -72.76
N LYS Q 266 8.64 29.39 -71.55
CA LYS Q 266 7.29 29.26 -71.00
C LYS Q 266 6.27 29.97 -71.88
N LEU Q 267 6.62 31.17 -72.35
CA LEU Q 267 5.72 31.91 -73.22
C LEU Q 267 5.46 31.14 -74.51
N ARG Q 268 6.52 30.61 -75.11
CA ARG Q 268 6.38 29.84 -76.34
C ARG Q 268 5.50 28.62 -76.13
N GLN Q 269 5.70 27.92 -75.01
CA GLN Q 269 4.91 26.75 -74.71
C GLN Q 269 3.45 27.11 -74.53
N ALA Q 270 3.18 28.22 -73.84
CA ALA Q 270 1.80 28.62 -73.61
C ALA Q 270 1.10 28.99 -74.91
N LEU Q 271 1.78 29.76 -75.76
CA LEU Q 271 1.17 30.13 -77.03
C LEU Q 271 0.98 28.93 -77.95
N ASN Q 272 1.89 27.95 -77.88
CA ASN Q 272 1.72 26.75 -78.69
C ASN Q 272 0.55 25.93 -78.20
N SER Q 273 0.39 25.79 -76.88
CA SER Q 273 -0.70 25.01 -76.34
C SER Q 273 -2.05 25.69 -76.59
N SER Q 274 -2.11 27.02 -76.48
CA SER Q 274 -3.35 27.75 -76.73
C SER Q 274 -3.50 28.02 -78.23
N ALA Q 275 -3.59 26.93 -78.98
CA ALA Q 275 -3.66 26.99 -80.43
C ALA Q 275 -4.30 25.71 -80.95
N ASP Q 276 -4.75 25.76 -82.19
CA ASP Q 276 -5.44 24.66 -82.84
C ASP Q 276 -4.67 24.20 -84.07
N GLY Q 277 -3.34 24.12 -83.95
CA GLY Q 277 -2.51 23.80 -85.09
C GLY Q 277 -2.45 24.87 -86.15
N ARG Q 278 -3.00 26.05 -85.89
CA ARG Q 278 -3.00 27.13 -86.87
C ARG Q 278 -1.60 27.71 -87.06
N TYR Q 279 -0.72 27.55 -86.07
CA TYR Q 279 0.63 28.09 -86.15
C TYR Q 279 1.55 27.27 -85.25
N LYS Q 280 2.84 27.49 -85.41
CA LYS Q 280 3.85 26.87 -84.58
C LYS Q 280 5.04 27.80 -84.49
N LEU Q 281 5.51 28.06 -83.28
CA LEU Q 281 6.52 29.07 -83.01
C LEU Q 281 7.87 28.45 -82.67
N SER Q 282 8.90 29.28 -82.76
CA SER Q 282 10.26 28.89 -82.40
C SER Q 282 10.97 30.07 -81.74
N VAL Q 283 12.26 29.91 -81.45
CA VAL Q 283 13.03 30.95 -80.80
C VAL Q 283 13.48 32.01 -81.78
N ASN Q 284 13.72 31.60 -83.02
CA ASN Q 284 14.22 32.52 -84.04
C ASN Q 284 13.26 33.67 -84.29
N ASP Q 285 11.96 33.42 -84.21
CA ASP Q 285 10.98 34.47 -84.49
C ASP Q 285 11.00 35.54 -83.40
N PHE Q 286 11.00 35.11 -82.15
CA PHE Q 286 11.14 36.05 -81.04
C PHE Q 286 12.42 36.85 -81.19
N LEU Q 287 13.52 36.19 -81.55
CA LEU Q 287 14.77 36.89 -81.74
C LEU Q 287 14.67 37.93 -82.84
N ILE Q 288 13.94 37.61 -83.90
CA ILE Q 288 13.82 38.54 -85.02
C ILE Q 288 13.02 39.76 -84.60
N LYS Q 289 11.94 39.54 -83.85
CA LYS Q 289 11.15 40.67 -83.35
C LYS Q 289 11.99 41.57 -82.45
N ALA Q 290 12.78 40.94 -81.57
CA ALA Q 290 13.63 41.72 -80.68
C ALA Q 290 14.69 42.49 -81.45
N MET Q 291 15.23 41.88 -82.52
CA MET Q 291 16.17 42.57 -83.37
C MET Q 291 15.54 43.81 -83.99
N GLY Q 292 14.31 43.68 -84.47
CA GLY Q 292 13.63 44.82 -85.05
C GLY Q 292 13.42 45.93 -84.04
N ILE Q 293 13.01 45.57 -82.83
CA ILE Q 293 12.76 46.57 -81.79
C ILE Q 293 14.06 47.29 -81.44
N ALA Q 294 15.14 46.54 -81.33
CA ALA Q 294 16.42 47.14 -80.99
C ALA Q 294 16.90 48.07 -82.09
N SER Q 295 16.72 47.64 -83.35
CA SER Q 295 17.12 48.49 -84.46
C SER Q 295 16.32 49.78 -84.50
N LYS Q 296 15.04 49.72 -84.13
CA LYS Q 296 14.24 50.94 -84.12
C LYS Q 296 14.61 51.85 -82.96
N ARG Q 297 14.99 51.28 -81.82
CA ARG Q 297 15.41 52.12 -80.70
C ARG Q 297 16.80 52.70 -80.93
N VAL Q 298 17.62 52.06 -81.75
CA VAL Q 298 18.96 52.53 -82.06
C VAL Q 298 19.16 52.45 -83.58
N PRO Q 299 18.76 53.48 -84.33
CA PRO Q 299 18.75 53.35 -85.79
C PRO Q 299 20.13 53.33 -86.42
N THR Q 300 21.18 53.70 -85.67
CA THR Q 300 22.51 53.79 -86.26
C THR Q 300 23.01 52.44 -86.74
N VAL Q 301 22.55 51.36 -86.09
CA VAL Q 301 22.95 50.02 -86.52
C VAL Q 301 22.31 49.70 -87.86
N ASN Q 302 21.02 50.01 -88.00
CA ASN Q 302 20.30 49.78 -89.24
C ASN Q 302 20.76 50.84 -90.24
N SER Q 303 21.93 50.61 -90.81
CA SER Q 303 22.58 51.55 -91.71
C SER Q 303 23.44 50.76 -92.69
N SER Q 304 24.29 51.46 -93.42
CA SER Q 304 25.20 50.82 -94.36
C SER Q 304 26.32 51.80 -94.68
N TRP Q 305 27.12 51.45 -95.69
CA TRP Q 305 28.23 52.27 -96.14
C TRP Q 305 28.19 52.33 -97.66
N ARG Q 306 28.08 53.53 -98.20
CA ARG Q 306 27.98 53.75 -99.64
C ARG Q 306 29.04 54.74 -100.09
N ASP Q 307 28.93 55.23 -101.32
CA ASP Q 307 29.96 56.09 -101.89
C ASP Q 307 29.94 57.46 -101.22
N GLY Q 308 30.79 57.62 -100.20
CA GLY Q 308 30.88 58.90 -99.51
C GLY Q 308 29.61 59.33 -98.84
N VAL Q 309 28.75 58.39 -98.44
CA VAL Q 309 27.46 58.72 -97.88
C VAL Q 309 26.94 57.53 -97.09
N ILE Q 310 26.28 57.82 -95.97
CA ILE Q 310 25.66 56.82 -95.13
C ILE Q 310 24.19 56.74 -95.51
N ARG Q 311 23.75 55.55 -95.88
CA ARG Q 311 22.35 55.28 -96.20
C ARG Q 311 21.66 54.72 -94.96
N GLN Q 312 20.66 55.45 -94.47
CA GLN Q 312 19.91 55.06 -93.30
C GLN Q 312 18.47 54.73 -93.70
N PHE Q 313 18.04 53.52 -93.35
CA PHE Q 313 16.68 53.08 -93.60
C PHE Q 313 15.78 53.50 -92.44
N GLU Q 314 14.52 53.08 -92.51
CA GLU Q 314 13.54 53.27 -91.44
C GLU Q 314 13.00 51.94 -90.94
N THR Q 315 12.59 51.06 -91.85
CA THR Q 315 12.12 49.73 -91.49
C THR Q 315 13.31 48.83 -91.22
N VAL Q 316 13.01 47.57 -90.94
CA VAL Q 316 14.01 46.55 -90.64
C VAL Q 316 13.79 45.39 -91.59
N ASP Q 317 14.76 45.17 -92.47
CA ASP Q 317 14.76 44.04 -93.39
C ASP Q 317 15.75 43.01 -92.89
N VAL Q 318 15.26 41.81 -92.59
CA VAL Q 318 16.05 40.80 -91.89
C VAL Q 318 16.40 39.68 -92.85
N SER Q 319 17.69 39.39 -92.96
CA SER Q 319 18.19 38.30 -93.79
C SER Q 319 18.43 37.08 -92.91
N VAL Q 320 17.67 36.03 -93.15
CA VAL Q 320 17.77 34.78 -92.39
C VAL Q 320 18.54 33.79 -93.22
N ALA Q 321 19.51 33.12 -92.59
CA ALA Q 321 20.34 32.15 -93.29
C ALA Q 321 19.66 30.78 -93.31
N VAL Q 322 19.82 30.09 -94.44
CA VAL Q 322 19.35 28.73 -94.61
C VAL Q 322 20.48 27.91 -95.23
N ALA Q 323 20.69 26.73 -94.67
CA ALA Q 323 21.79 25.85 -95.04
C ALA Q 323 21.25 24.74 -95.93
N THR Q 324 21.40 24.90 -97.23
CA THR Q 324 21.00 23.90 -98.19
C THR Q 324 22.17 22.99 -98.51
N PRO Q 325 21.91 21.81 -99.08
CA PRO Q 325 23.04 20.99 -99.57
C PRO Q 325 23.85 21.67 -100.65
N ASN Q 326 23.26 22.63 -101.37
CA ASN Q 326 24.00 23.44 -102.31
C ASN Q 326 24.93 24.43 -101.64
N GLY Q 327 24.64 24.82 -100.40
CA GLY Q 327 25.47 25.77 -99.68
C GLY Q 327 24.68 26.61 -98.69
N LEU Q 328 24.82 27.93 -98.79
CA LEU Q 328 24.15 28.86 -97.90
C LEU Q 328 23.36 29.86 -98.72
N ILE Q 329 22.22 30.29 -98.17
CA ILE Q 329 21.38 31.27 -98.85
C ILE Q 329 20.72 32.14 -97.79
N THR Q 330 20.35 33.36 -98.18
CA THR Q 330 19.83 34.37 -97.25
C THR Q 330 18.54 34.97 -97.78
N PRO Q 331 17.41 34.27 -97.59
CA PRO Q 331 16.11 34.92 -97.83
C PRO Q 331 15.90 36.08 -96.87
N ILE Q 332 14.90 36.89 -97.19
CA ILE Q 332 14.67 38.16 -96.51
C ILE Q 332 13.23 38.20 -96.02
N VAL Q 333 13.04 38.80 -94.84
CA VAL Q 333 11.75 39.17 -94.32
C VAL Q 333 11.67 40.69 -94.30
N LYS Q 334 10.54 41.21 -94.77
CA LYS Q 334 10.34 42.64 -94.96
C LYS Q 334 9.40 43.19 -93.89
N GLY Q 335 9.70 44.40 -93.42
CA GLY Q 335 8.83 45.11 -92.50
C GLY Q 335 8.56 44.33 -91.23
N VAL Q 336 9.63 43.96 -90.52
CA VAL Q 336 9.50 43.11 -89.35
C VAL Q 336 8.75 43.84 -88.25
N GLU Q 337 9.20 45.03 -87.90
CA GLU Q 337 8.60 45.79 -86.82
C GLU Q 337 7.14 46.05 -87.12
N GLY Q 338 6.28 45.57 -86.24
CA GLY Q 338 4.86 45.65 -86.48
C GLY Q 338 4.41 44.76 -87.62
N LYS Q 339 4.61 43.45 -87.48
CA LYS Q 339 4.18 42.48 -88.49
C LYS Q 339 3.43 41.31 -87.89
N GLY Q 340 3.82 40.85 -86.69
CA GLY Q 340 3.18 39.71 -86.06
C GLY Q 340 3.99 38.43 -86.15
N LEU Q 341 4.09 37.73 -85.01
CA LEU Q 341 4.92 36.54 -84.93
C LEU Q 341 4.38 35.42 -85.83
N GLU Q 342 3.05 35.33 -85.96
CA GLU Q 342 2.47 34.27 -86.78
C GLU Q 342 2.82 34.49 -88.25
N SER Q 343 2.65 35.72 -88.73
CA SER Q 343 3.05 36.05 -90.09
C SER Q 343 4.54 35.80 -90.30
N ILE Q 344 5.34 36.16 -89.30
CA ILE Q 344 6.78 35.94 -89.38
C ILE Q 344 7.10 34.46 -89.58
N SER Q 345 6.55 33.62 -88.70
CA SER Q 345 6.82 32.19 -88.78
C SER Q 345 6.35 31.61 -90.11
N ALA Q 346 5.18 32.05 -90.58
CA ALA Q 346 4.66 31.54 -91.84
C ALA Q 346 5.59 31.90 -93.00
N ALA Q 347 6.01 33.17 -93.04
CA ALA Q 347 6.89 33.60 -94.13
C ALA Q 347 8.23 32.89 -94.07
N VAL Q 348 8.75 32.67 -92.86
CA VAL Q 348 10.05 32.00 -92.75
C VAL Q 348 9.93 30.55 -93.20
N LYS Q 349 8.86 29.86 -92.82
CA LYS Q 349 8.66 28.49 -93.27
C LYS Q 349 8.54 28.43 -94.79
N GLU Q 350 7.79 29.36 -95.37
CA GLU Q 350 7.63 29.41 -96.82
C GLU Q 350 8.98 29.59 -97.51
N LEU Q 351 9.75 30.59 -97.07
CA LEU Q 351 11.02 30.87 -97.72
C LEU Q 351 12.01 29.72 -97.52
N ALA Q 352 12.00 29.09 -96.35
CA ALA Q 352 12.91 27.98 -96.09
C ALA Q 352 12.61 26.80 -97.00
N LYS Q 353 11.32 26.45 -97.12
CA LYS Q 353 10.97 25.34 -98.02
C LYS Q 353 11.26 25.71 -99.47
N LYS Q 354 11.01 26.96 -99.86
CA LYS Q 354 11.30 27.38 -101.22
C LYS Q 354 12.79 27.37 -101.51
N ALA Q 355 13.63 27.61 -100.51
CA ALA Q 355 15.06 27.53 -100.71
C ALA Q 355 15.54 26.10 -100.78
N ARG Q 356 14.95 25.22 -99.96
CA ARG Q 356 15.25 23.80 -100.08
C ARG Q 356 14.84 23.27 -101.45
N ASP Q 357 13.80 23.85 -102.04
CA ASP Q 357 13.37 23.45 -103.38
C ASP Q 357 14.14 24.17 -104.48
N GLY Q 358 14.73 25.33 -104.19
CA GLY Q 358 15.42 26.11 -105.20
C GLY Q 358 14.46 26.79 -106.15
N LYS Q 359 13.63 27.68 -105.62
CA LYS Q 359 12.55 28.31 -106.39
C LYS Q 359 12.45 29.80 -106.05
N LEU Q 360 13.58 30.44 -105.77
CA LEU Q 360 13.59 31.82 -105.30
C LEU Q 360 13.87 32.80 -106.43
N LYS Q 361 13.53 34.05 -106.18
CA LYS Q 361 13.85 35.19 -107.02
C LYS Q 361 15.06 35.93 -106.45
N PRO Q 362 15.80 36.68 -107.27
CA PRO Q 362 16.97 37.37 -106.73
C PRO Q 362 16.62 38.45 -105.72
N GLU Q 363 15.52 39.16 -105.92
CA GLU Q 363 15.14 40.22 -105.01
C GLU Q 363 14.86 39.70 -103.60
N GLU Q 364 14.43 38.44 -103.50
CA GLU Q 364 14.10 37.87 -102.19
C GLU Q 364 15.32 37.58 -101.34
N TYR Q 365 16.53 37.57 -101.93
CA TYR Q 365 17.75 37.35 -101.18
C TYR Q 365 18.85 38.33 -101.59
N GLN Q 366 18.50 39.46 -102.20
CA GLN Q 366 19.45 40.51 -102.53
C GLN Q 366 18.93 41.82 -101.95
N GLY Q 367 19.58 42.28 -100.89
CA GLY Q 367 19.18 43.47 -100.16
C GLY Q 367 19.33 43.27 -98.67
N GLY Q 368 18.38 43.77 -97.89
CA GLY Q 368 18.40 43.55 -96.47
C GLY Q 368 19.37 44.46 -95.76
N SER Q 369 18.97 44.96 -94.59
CA SER Q 369 19.82 45.84 -93.78
C SER Q 369 20.59 45.10 -92.71
N ILE Q 370 20.02 44.04 -92.15
CA ILE Q 370 20.63 43.28 -91.06
C ILE Q 370 20.38 41.80 -91.31
N SER Q 371 21.23 40.96 -90.72
CA SER Q 371 21.25 39.53 -90.99
C SER Q 371 21.27 38.76 -89.67
N ILE Q 372 21.19 37.43 -89.81
CA ILE Q 372 21.19 36.52 -88.67
C ILE Q 372 21.54 35.13 -89.18
N SER Q 373 22.22 34.36 -88.33
CA SER Q 373 22.48 32.96 -88.56
C SER Q 373 22.16 32.20 -87.29
N ASN Q 374 21.56 31.02 -87.44
CA ASN Q 374 21.10 30.21 -86.32
C ASN Q 374 21.73 28.84 -86.37
N MET Q 375 22.08 28.32 -85.20
CA MET Q 375 22.62 26.97 -85.06
C MET Q 375 22.03 26.27 -83.84
N GLY Q 376 20.83 26.67 -83.41
CA GLY Q 376 20.28 26.16 -82.16
C GLY Q 376 19.98 24.67 -82.17
N MET Q 377 19.81 24.08 -83.36
CA MET Q 377 19.52 22.65 -83.41
C MET Q 377 20.70 21.83 -82.93
N ASN Q 378 21.92 22.29 -83.17
CA ASN Q 378 23.12 21.55 -82.81
C ASN Q 378 23.49 21.89 -81.36
N PRO Q 379 23.29 21.00 -80.39
CA PRO Q 379 23.49 21.39 -78.99
C PRO Q 379 24.95 21.55 -78.60
N ALA Q 380 25.90 21.21 -79.47
CA ALA Q 380 27.30 21.27 -79.10
C ALA Q 380 27.84 22.69 -79.17
N VAL Q 381 27.31 23.51 -80.07
CA VAL Q 381 27.85 24.84 -80.32
C VAL Q 381 27.44 25.75 -79.17
N GLN Q 382 28.41 26.13 -78.34
CA GLN Q 382 28.15 27.13 -77.31
C GLN Q 382 28.12 28.52 -77.92
N SER Q 383 29.00 28.78 -78.88
CA SER Q 383 29.03 30.09 -79.52
C SER Q 383 29.79 30.00 -80.83
N PHE Q 384 29.62 31.03 -81.65
CA PHE Q 384 30.36 31.13 -82.89
C PHE Q 384 30.20 32.51 -83.45
N THR Q 385 31.11 32.87 -84.34
CA THR Q 385 31.09 34.12 -85.07
C THR Q 385 30.65 33.85 -86.50
N ALA Q 386 30.33 34.93 -87.22
CA ALA Q 386 30.00 34.87 -88.63
C ALA Q 386 30.67 36.03 -89.33
N ILE Q 387 30.30 36.22 -90.60
CA ILE Q 387 30.90 37.22 -91.46
C ILE Q 387 29.79 38.09 -92.01
N ILE Q 388 30.06 39.38 -92.13
CA ILE Q 388 29.04 40.37 -92.44
C ILE Q 388 28.74 40.32 -93.93
N ASN Q 389 27.52 39.92 -94.27
CA ASN Q 389 27.09 39.90 -95.66
C ASN Q 389 26.95 41.34 -96.15
N PRO Q 390 27.80 41.83 -97.04
CA PRO Q 390 27.74 43.23 -97.40
C PRO Q 390 26.50 43.54 -98.22
N PRO Q 391 26.12 44.82 -98.37
CA PRO Q 391 26.78 46.01 -97.84
C PRO Q 391 26.32 46.35 -96.42
N GLN Q 392 25.82 45.36 -95.69
CA GLN Q 392 25.26 45.58 -94.36
C GLN Q 392 26.35 45.97 -93.37
N ALA Q 393 25.95 46.21 -92.12
CA ALA Q 393 26.84 46.73 -91.09
C ALA Q 393 26.98 45.83 -89.88
N ALA Q 394 26.11 44.84 -89.71
CA ALA Q 394 26.12 44.01 -88.53
C ALA Q 394 25.62 42.63 -88.88
N ILE Q 395 25.84 41.69 -87.95
CA ILE Q 395 25.26 40.36 -88.08
C ILE Q 395 25.28 39.70 -86.71
N LEU Q 396 24.29 38.84 -86.49
CA LEU Q 396 24.04 38.19 -85.22
C LEU Q 396 24.33 36.71 -85.32
N ALA Q 397 24.43 36.07 -84.17
CA ALA Q 397 24.62 34.63 -84.09
C ALA Q 397 24.13 34.14 -82.73
N VAL Q 398 23.35 33.07 -82.75
CA VAL Q 398 22.68 32.55 -81.57
C VAL Q 398 23.16 31.13 -81.36
N GLY Q 399 23.83 30.88 -80.24
CA GLY Q 399 24.28 29.54 -79.92
C GLY Q 399 23.14 28.67 -79.45
N ALA Q 400 23.51 27.51 -78.90
CA ALA Q 400 22.54 26.59 -78.35
C ALA Q 400 22.20 26.97 -76.92
N PRO Q 401 21.10 26.45 -76.39
CA PRO Q 401 20.80 26.65 -74.98
C PRO Q 401 21.61 25.71 -74.10
N GLN Q 402 21.82 26.15 -72.86
CA GLN Q 402 22.64 25.42 -71.91
C GLN Q 402 22.12 25.66 -70.50
N LYS Q 403 22.57 24.81 -69.59
CA LYS Q 403 22.20 24.88 -68.18
C LYS Q 403 23.34 25.54 -67.43
N VAL Q 404 23.00 26.56 -66.62
CA VAL Q 404 23.98 27.34 -65.89
C VAL Q 404 23.49 27.52 -64.46
N ALA Q 405 24.44 27.60 -63.54
CA ALA Q 405 24.13 27.88 -62.15
C ALA Q 405 23.90 29.37 -61.96
N VAL Q 406 22.90 29.69 -61.15
CA VAL Q 406 22.54 31.09 -60.87
C VAL Q 406 22.19 31.19 -59.39
N PRO Q 407 22.63 32.23 -58.67
CA PRO Q 407 22.18 32.39 -57.29
C PRO Q 407 20.71 32.77 -57.23
N VAL Q 408 20.12 32.51 -56.06
CA VAL Q 408 18.74 32.87 -55.81
C VAL Q 408 18.54 33.00 -54.31
N GLU Q 409 17.76 34.00 -53.90
CA GLU Q 409 17.47 34.24 -52.50
C GLU Q 409 16.18 33.55 -52.11
N ASN Q 410 16.29 32.53 -51.26
CA ASN Q 410 15.11 31.91 -50.68
C ASN Q 410 14.42 32.89 -49.75
N GLU Q 411 13.27 32.48 -49.21
CA GLU Q 411 12.52 33.30 -48.28
C GLU Q 411 13.35 33.69 -47.06
N ASP Q 412 14.29 32.86 -46.64
CA ASP Q 412 15.21 33.18 -45.57
C ASP Q 412 16.41 33.93 -46.15
N GLY Q 413 17.33 34.32 -45.26
CA GLY Q 413 18.46 35.13 -45.68
C GLY Q 413 19.50 34.39 -46.48
N THR Q 414 19.48 33.06 -46.49
CA THR Q 414 20.49 32.30 -47.20
C THR Q 414 20.21 32.29 -48.70
N THR Q 415 21.29 32.23 -49.47
CA THR Q 415 21.21 32.08 -50.91
C THR Q 415 21.05 30.61 -51.27
N GLY Q 416 20.57 30.36 -52.48
CA GLY Q 416 20.38 29.02 -52.98
C GLY Q 416 20.79 28.92 -54.42
N VAL Q 417 20.71 27.70 -54.94
CA VAL Q 417 21.10 27.39 -56.31
C VAL Q 417 19.84 27.16 -57.13
N SER Q 418 19.78 27.79 -58.29
CA SER Q 418 18.71 27.59 -59.25
C SER Q 418 19.32 27.43 -60.63
N TRP Q 419 18.68 26.61 -61.46
CA TRP Q 419 19.20 26.27 -62.78
C TRP Q 419 18.42 27.06 -63.83
N ASP Q 420 19.11 28.01 -64.45
CA ASP Q 420 18.55 28.86 -65.48
C ASP Q 420 19.10 28.45 -66.84
N GLU Q 421 18.23 28.53 -67.84
CA GLU Q 421 18.58 28.17 -69.21
C GLU Q 421 19.15 29.39 -69.91
N GLN Q 422 20.44 29.34 -70.23
CA GLN Q 422 21.15 30.44 -70.88
C GLN Q 422 21.42 30.14 -72.34
N ILE Q 423 21.56 31.21 -73.11
CA ILE Q 423 22.05 31.16 -74.48
C ILE Q 423 23.11 32.22 -74.63
N ILE Q 424 24.15 31.90 -75.36
CA ILE Q 424 25.18 32.87 -75.73
C ILE Q 424 24.82 33.46 -77.07
N VAL Q 425 25.09 34.75 -77.21
CA VAL Q 425 24.81 35.51 -78.42
C VAL Q 425 26.07 36.26 -78.81
N THR Q 426 26.41 36.22 -80.09
CA THR Q 426 27.60 36.86 -80.62
C THR Q 426 27.20 37.77 -81.76
N ALA Q 427 27.60 39.04 -81.67
CA ALA Q 427 27.32 40.04 -82.68
C ALA Q 427 28.62 40.58 -83.25
N SER Q 428 28.75 40.52 -84.56
CA SER Q 428 29.87 41.12 -85.26
C SER Q 428 29.42 42.41 -85.92
N PHE Q 429 30.21 43.47 -85.74
CA PHE Q 429 29.86 44.79 -86.25
C PHE Q 429 30.96 45.32 -87.16
N ASP Q 430 30.58 46.27 -88.01
CA ASP Q 430 31.55 47.04 -88.79
C ASP Q 430 31.90 48.30 -88.01
N HIS Q 431 33.19 48.57 -87.89
CA HIS Q 431 33.66 49.67 -87.06
C HIS Q 431 33.60 51.02 -87.74
N LYS Q 432 33.47 51.05 -89.08
CA LYS Q 432 33.36 52.33 -89.77
C LYS Q 432 32.11 53.08 -89.34
N VAL Q 433 31.01 52.35 -89.17
CA VAL Q 433 29.72 52.94 -88.84
C VAL Q 433 29.51 52.99 -87.34
N VAL Q 434 29.70 51.86 -86.69
CA VAL Q 434 29.27 51.66 -85.31
C VAL Q 434 30.48 51.69 -84.39
N ASP Q 435 30.25 52.16 -83.18
CA ASP Q 435 31.25 52.16 -82.11
C ASP Q 435 30.87 51.15 -81.04
N GLY Q 436 31.84 50.87 -80.17
CA GLY Q 436 31.62 49.89 -79.12
C GLY Q 436 30.47 50.26 -78.21
N ALA Q 437 30.36 51.55 -77.89
CA ALA Q 437 29.27 52.00 -77.02
C ALA Q 437 27.92 51.76 -77.68
N VAL Q 438 27.82 52.05 -78.99
CA VAL Q 438 26.56 51.90 -79.69
C VAL Q 438 26.17 50.43 -79.76
N GLY Q 439 27.15 49.57 -80.06
CA GLY Q 439 26.88 48.15 -80.09
C GLY Q 439 26.46 47.62 -78.73
N ALA Q 440 27.10 48.12 -77.66
CA ALA Q 440 26.75 47.69 -76.32
C ALA Q 440 25.33 48.12 -75.99
N GLU Q 441 24.94 49.32 -76.42
CA GLU Q 441 23.60 49.80 -76.17
C GLU Q 441 22.57 48.93 -76.88
N TRP Q 442 22.87 48.58 -78.13
CA TRP Q 442 22.00 47.69 -78.89
C TRP Q 442 21.83 46.35 -78.18
N ILE Q 443 22.94 45.79 -77.70
CA ILE Q 443 22.89 44.51 -77.03
C ILE Q 443 22.12 44.63 -75.71
N ARG Q 444 22.27 45.74 -75.02
CA ARG Q 444 21.53 45.93 -73.77
C ARG Q 444 20.03 45.96 -74.04
N GLU Q 445 19.61 46.68 -75.08
CA GLU Q 445 18.19 46.73 -75.40
C GLU Q 445 17.67 45.35 -75.76
N LEU Q 446 18.46 44.59 -76.51
CA LEU Q 446 18.04 43.24 -76.88
C LEU Q 446 17.87 42.36 -75.65
N LYS Q 447 18.87 42.37 -74.77
CA LYS Q 447 18.81 41.57 -73.55
C LYS Q 447 17.61 41.97 -72.71
N LYS Q 448 17.33 43.27 -72.62
CA LYS Q 448 16.21 43.73 -71.81
C LYS Q 448 14.90 43.23 -72.38
N VAL Q 449 14.72 43.37 -73.70
CA VAL Q 449 13.48 42.95 -74.34
C VAL Q 449 13.28 41.45 -74.18
N ILE Q 450 14.35 40.68 -74.24
CA ILE Q 450 14.21 39.23 -74.14
C ILE Q 450 13.89 38.84 -72.70
N GLU Q 451 14.68 39.37 -71.76
CA GLU Q 451 14.51 38.97 -70.37
C GLU Q 451 13.16 39.41 -69.84
N ASN Q 452 12.59 40.48 -70.41
CA ASN Q 452 11.20 40.86 -70.15
C ASN Q 452 10.42 40.70 -71.44
N PRO Q 453 9.95 39.49 -71.77
CA PRO Q 453 9.30 39.29 -73.08
C PRO Q 453 8.06 40.15 -73.28
N LEU Q 454 7.43 40.60 -72.20
CA LEU Q 454 6.21 41.38 -72.31
C LEU Q 454 6.42 42.69 -73.04
N GLU Q 455 7.65 43.20 -73.07
CA GLU Q 455 7.93 44.43 -73.79
C GLU Q 455 7.98 44.23 -75.29
N LEU Q 456 7.86 43.00 -75.78
CA LEU Q 456 7.69 42.79 -77.22
C LEU Q 456 6.46 43.50 -77.74
N LEU Q 457 5.44 43.67 -76.89
CA LEU Q 457 4.26 44.43 -77.29
C LEU Q 457 4.61 45.87 -77.61
N LEU Q 458 5.64 46.40 -76.97
CA LEU Q 458 6.06 47.78 -77.17
C LEU Q 458 7.04 47.88 -78.34
N TYR R 227 49.28 -32.14 97.03
CA TYR R 227 49.49 -30.98 97.87
C TYR R 227 48.42 -30.89 98.94
N THR R 228 47.28 -30.30 98.61
CA THR R 228 46.20 -30.15 99.59
C THR R 228 45.68 -31.51 99.99
N ASP R 229 45.43 -31.69 101.29
CA ASP R 229 45.09 -32.99 101.87
C ASP R 229 43.84 -32.81 102.71
N VAL R 230 42.68 -33.08 102.12
CA VAL R 230 41.39 -32.94 102.78
C VAL R 230 40.95 -34.32 103.26
N PRO R 231 40.70 -34.52 104.56
CA PRO R 231 40.12 -35.80 104.98
C PRO R 231 38.73 -36.02 104.39
N ILE R 232 38.31 -37.28 104.39
CA ILE R 232 37.07 -37.66 103.74
C ILE R 232 35.92 -37.43 104.71
N SER R 233 34.76 -37.06 104.14
CA SER R 233 33.59 -36.74 104.95
C SER R 233 33.02 -37.94 105.69
N GLY R 234 33.36 -39.15 105.28
CA GLY R 234 32.80 -40.37 105.84
C GLY R 234 31.55 -40.85 105.14
N MET R 235 30.70 -39.91 104.71
CA MET R 235 29.52 -40.29 103.95
C MET R 235 29.91 -40.91 102.62
N ARG R 236 30.96 -40.38 101.99
CA ARG R 236 31.41 -40.94 100.72
C ARG R 236 31.93 -42.37 100.88
N LYS R 237 32.39 -42.73 102.08
CA LYS R 237 32.88 -44.09 102.31
C LYS R 237 31.79 -45.11 102.06
N THR R 238 30.59 -44.84 102.56
CA THR R 238 29.49 -45.78 102.41
C THR R 238 29.11 -45.94 100.94
N ILE R 239 29.06 -44.83 100.20
CA ILE R 239 28.70 -44.89 98.79
C ILE R 239 29.78 -45.61 98.00
N ALA R 240 31.05 -45.41 98.37
CA ALA R 240 32.14 -46.11 97.71
C ALA R 240 32.02 -47.61 97.93
N ALA R 241 31.78 -48.02 99.18
CA ALA R 241 31.62 -49.43 99.47
C ALA R 241 30.43 -50.02 98.73
N ARG R 242 29.33 -49.26 98.66
CA ARG R 242 28.14 -49.73 97.97
C ARG R 242 28.41 -49.96 96.49
N LEU R 243 29.04 -48.98 95.83
CA LEU R 243 29.35 -49.11 94.41
C LEU R 243 30.35 -50.23 94.17
N LYS R 244 31.30 -50.41 95.08
CA LYS R 244 32.27 -51.49 94.96
C LYS R 244 31.56 -52.84 95.04
N GLU R 245 30.65 -52.99 96.01
CA GLU R 245 29.85 -54.21 96.09
C GLU R 245 29.07 -54.43 94.81
N SER R 246 28.52 -53.36 94.25
CA SER R 246 27.73 -53.49 93.03
C SER R 246 28.57 -54.03 91.89
N VAL R 247 29.72 -53.40 91.62
CA VAL R 247 30.52 -53.80 90.47
C VAL R 247 31.18 -55.15 90.69
N THR R 248 31.51 -55.52 91.92
CA THR R 248 32.18 -56.80 92.15
C THR R 248 31.20 -57.96 92.24
N GLU R 249 29.96 -57.70 92.63
CA GLU R 249 28.97 -58.77 92.73
C GLU R 249 28.24 -58.96 91.40
N ASN R 250 27.97 -57.87 90.70
CA ASN R 250 27.10 -57.86 89.54
C ASN R 250 27.90 -57.50 88.29
N PRO R 251 27.99 -58.36 87.28
CA PRO R 251 28.60 -57.93 86.02
C PRO R 251 27.66 -57.02 85.26
N HIS R 252 28.26 -56.09 84.52
CA HIS R 252 27.52 -55.05 83.81
C HIS R 252 27.69 -55.22 82.31
N PHE R 253 26.59 -55.13 81.59
CA PHE R 253 26.63 -54.95 80.15
C PHE R 253 25.59 -53.91 79.75
N PHE R 254 25.92 -53.16 78.70
CA PHE R 254 25.23 -51.93 78.34
C PHE R 254 24.53 -52.11 77.00
N VAL R 255 23.43 -51.39 76.84
CA VAL R 255 22.65 -51.36 75.60
C VAL R 255 22.36 -49.91 75.28
N SER R 256 22.67 -49.51 74.05
CA SER R 256 22.62 -48.12 73.64
C SER R 256 21.75 -48.00 72.39
N THR R 257 20.74 -47.15 72.48
CA THR R 257 19.79 -46.95 71.39
C THR R 257 19.53 -45.47 71.18
N ASN R 258 18.78 -45.20 70.10
CA ASN R 258 18.44 -43.85 69.69
C ASN R 258 16.93 -43.77 69.52
N LEU R 259 16.33 -42.77 70.15
CA LEU R 259 14.89 -42.54 70.08
C LEU R 259 14.58 -41.35 69.20
N SER R 260 13.30 -41.13 68.96
CA SER R 260 12.80 -39.99 68.21
C SER R 260 11.67 -39.36 69.00
N VAL R 261 11.82 -38.06 69.30
CA VAL R 261 10.96 -37.35 70.24
C VAL R 261 10.28 -36.15 69.60
N SER R 262 10.30 -36.05 68.27
CA SER R 262 9.69 -34.90 67.61
C SER R 262 8.20 -34.83 67.88
N LYS R 263 7.55 -35.98 68.05
CA LYS R 263 6.14 -36.01 68.39
C LYS R 263 5.93 -35.80 69.89
N LEU R 264 6.84 -36.35 70.70
CA LEU R 264 6.74 -36.20 72.14
C LEU R 264 6.79 -34.74 72.55
N LEU R 265 7.69 -33.97 71.94
CA LEU R 265 7.83 -32.57 72.31
C LEU R 265 6.60 -31.77 71.92
N LYS R 266 6.03 -32.08 70.76
CA LYS R 266 4.78 -31.45 70.36
C LYS R 266 3.67 -31.76 71.36
N LEU R 267 3.58 -33.01 71.80
CA LEU R 267 2.57 -33.40 72.77
C LEU R 267 2.76 -32.63 74.07
N ARG R 268 4.00 -32.52 74.54
CA ARG R 268 4.28 -31.80 75.78
C ARG R 268 3.91 -30.34 75.65
N GLN R 269 4.26 -29.73 74.51
CA GLN R 269 3.94 -28.33 74.30
C GLN R 269 2.43 -28.10 74.29
N ALA R 270 1.69 -29.01 73.65
CA ALA R 270 0.24 -28.84 73.56
C ALA R 270 -0.41 -29.02 74.92
N LEU R 271 0.02 -30.03 75.68
CA LEU R 271 -0.54 -30.20 77.01
C LEU R 271 -0.19 -29.04 77.93
N ASN R 272 0.98 -28.43 77.76
CA ASN R 272 1.33 -27.27 78.55
C ASN R 272 0.49 -26.07 78.17
N SER R 273 0.22 -25.91 76.86
CA SER R 273 -0.60 -24.79 76.42
C SER R 273 -2.05 -24.93 76.85
N SER R 274 -2.56 -26.15 76.87
CA SER R 274 -3.95 -26.40 77.28
C SER R 274 -4.02 -26.61 78.80
N ALA R 275 -3.60 -25.58 79.52
CA ALA R 275 -3.56 -25.63 80.97
C ALA R 275 -3.68 -24.21 81.51
N ASP R 276 -3.96 -24.12 82.80
CA ASP R 276 -4.14 -22.86 83.52
C ASP R 276 -3.06 -22.68 84.58
N GLY R 277 -1.83 -23.08 84.26
CA GLY R 277 -0.78 -23.11 85.26
C GLY R 277 -0.97 -24.15 86.34
N ARG R 278 -1.92 -25.06 86.16
CA ARG R 278 -2.18 -26.09 87.17
C ARG R 278 -1.08 -27.13 87.22
N TYR R 279 -0.29 -27.25 86.15
CA TYR R 279 0.78 -28.24 86.09
C TYR R 279 1.79 -27.80 85.05
N LYS R 280 2.93 -28.50 85.04
CA LYS R 280 3.99 -28.25 84.07
C LYS R 280 4.78 -29.53 83.91
N LEU R 281 4.95 -29.96 82.66
CA LEU R 281 5.51 -31.27 82.34
C LEU R 281 6.94 -31.15 81.83
N SER R 282 7.62 -32.30 81.86
CA SER R 282 8.97 -32.43 81.32
C SER R 282 9.09 -33.72 80.54
N VAL R 283 10.31 -34.10 80.16
CA VAL R 283 10.54 -35.32 79.41
C VAL R 283 10.69 -36.51 80.34
N ASN R 284 11.26 -36.28 81.52
CA ASN R 284 11.53 -37.36 82.46
C ASN R 284 10.25 -38.06 82.89
N ASP R 285 9.14 -37.34 82.95
CA ASP R 285 7.89 -37.94 83.40
C ASP R 285 7.35 -38.92 82.36
N PHE R 286 7.33 -38.49 81.10
CA PHE R 286 6.98 -39.40 80.02
C PHE R 286 7.89 -40.62 80.04
N LEU R 287 9.19 -40.40 80.26
CA LEU R 287 10.12 -41.52 80.30
C LEU R 287 9.79 -42.48 81.42
N ILE R 288 9.39 -41.95 82.57
CA ILE R 288 9.10 -42.80 83.73
C ILE R 288 7.84 -43.62 83.46
N LYS R 289 6.82 -43.01 82.88
CA LYS R 289 5.62 -43.75 82.51
C LYS R 289 5.96 -44.87 81.53
N ALA R 290 6.81 -44.57 80.55
CA ALA R 290 7.17 -45.59 79.57
C ALA R 290 7.98 -46.70 80.23
N MET R 291 8.82 -46.35 81.20
CA MET R 291 9.56 -47.35 81.95
C MET R 291 8.62 -48.30 82.66
N GLY R 292 7.58 -47.75 83.29
CA GLY R 292 6.60 -48.59 83.95
C GLY R 292 5.89 -49.51 82.98
N ILE R 293 5.51 -48.99 81.82
CA ILE R 293 4.82 -49.81 80.83
C ILE R 293 5.72 -50.94 80.35
N ALA R 294 6.98 -50.63 80.07
CA ALA R 294 7.90 -51.65 79.59
C ALA R 294 8.15 -52.70 80.67
N SER R 295 8.28 -52.26 81.92
CA SER R 295 8.49 -53.19 83.01
C SER R 295 7.31 -54.12 83.18
N LYS R 296 6.09 -53.61 82.97
CA LYS R 296 4.92 -54.48 83.09
C LYS R 296 4.81 -55.43 81.91
N ARG R 297 5.19 -54.99 80.71
CA ARG R 297 5.15 -55.90 79.57
C ARG R 297 6.23 -56.96 79.66
N VAL R 298 7.33 -56.67 80.34
CA VAL R 298 8.43 -57.62 80.51
C VAL R 298 8.81 -57.65 81.99
N PRO R 299 8.14 -58.46 82.82
CA PRO R 299 8.37 -58.37 84.26
C PRO R 299 9.71 -58.90 84.72
N THR R 300 10.46 -59.61 83.86
CA THR R 300 11.73 -60.16 84.29
C THR R 300 12.72 -59.06 84.64
N VAL R 301 12.60 -57.89 84.01
CA VAL R 301 13.49 -56.78 84.34
C VAL R 301 13.21 -56.29 85.76
N ASN R 302 11.93 -56.10 86.09
CA ASN R 302 11.53 -55.66 87.43
C ASN R 302 11.72 -56.85 88.36
N SER R 303 12.97 -57.04 88.76
CA SER R 303 13.37 -58.21 89.54
C SER R 303 14.50 -57.81 90.47
N SER R 304 15.16 -58.81 91.05
CA SER R 304 16.29 -58.57 91.93
C SER R 304 17.07 -59.88 92.08
N TRP R 305 18.00 -59.90 93.02
CA TRP R 305 18.78 -61.09 93.34
C TRP R 305 18.93 -61.16 94.85
N ARG R 306 18.45 -62.26 95.44
CA ARG R 306 18.44 -62.42 96.88
C ARG R 306 19.08 -63.76 97.24
N ASP R 307 18.96 -64.18 98.49
CA ASP R 307 19.64 -65.37 98.96
C ASP R 307 19.04 -66.62 98.33
N GLY R 308 19.63 -67.06 97.22
CA GLY R 308 19.16 -68.25 96.55
C GLY R 308 17.73 -68.15 96.05
N VAL R 309 17.25 -66.95 95.76
CA VAL R 309 15.87 -66.75 95.34
C VAL R 309 15.78 -65.46 94.55
N ILE R 310 14.93 -65.46 93.53
CA ILE R 310 14.60 -64.28 92.74
C ILE R 310 13.33 -63.69 93.31
N ARG R 311 13.42 -62.43 93.73
CA ARG R 311 12.26 -61.68 94.19
C ARG R 311 11.73 -60.87 93.01
N GLN R 312 10.50 -61.15 92.61
CA GLN R 312 9.84 -60.47 91.50
C GLN R 312 8.68 -59.66 92.05
N PHE R 313 8.64 -58.39 91.68
CA PHE R 313 7.58 -57.49 92.10
C PHE R 313 6.45 -57.52 91.07
N GLU R 314 5.39 -56.75 91.34
CA GLU R 314 4.29 -56.54 90.43
C GLU R 314 4.15 -55.07 90.03
N THR R 315 4.30 -54.18 91.00
CA THR R 315 4.30 -52.75 90.74
C THR R 315 5.72 -52.28 90.40
N VAL R 316 5.81 -51.03 89.96
CA VAL R 316 7.05 -50.43 89.52
C VAL R 316 7.36 -49.27 90.46
N ASP R 317 8.43 -49.41 91.24
CA ASP R 317 8.94 -48.33 92.08
C ASP R 317 10.17 -47.74 91.41
N VAL R 318 10.13 -46.45 91.14
CA VAL R 318 11.11 -45.79 90.28
C VAL R 318 11.99 -44.88 91.13
N SER R 319 13.30 -45.11 91.07
CA SER R 319 14.27 -44.32 91.81
C SER R 319 14.85 -43.25 90.89
N VAL R 320 14.55 -41.99 91.20
CA VAL R 320 14.99 -40.86 90.39
C VAL R 320 16.18 -40.20 91.08
N ALA R 321 17.22 -39.92 90.31
CA ALA R 321 18.43 -39.33 90.85
C ALA R 321 18.29 -37.81 90.94
N VAL R 322 18.86 -37.25 92.00
CA VAL R 322 18.94 -35.81 92.19
C VAL R 322 20.35 -35.49 92.68
N ALA R 323 20.91 -34.42 92.11
CA ALA R 323 22.31 -34.03 92.32
C ALA R 323 22.32 -32.83 93.27
N THR R 324 22.50 -33.12 94.55
CA THR R 324 22.61 -32.06 95.54
C THR R 324 24.06 -31.62 95.69
N PRO R 325 24.31 -30.44 96.26
CA PRO R 325 25.70 -30.07 96.57
C PRO R 325 26.37 -31.03 97.54
N ASN R 326 25.60 -31.75 98.35
CA ASN R 326 26.13 -32.79 99.22
C ASN R 326 26.53 -34.03 98.45
N GLY R 327 25.97 -34.26 97.27
CA GLY R 327 26.30 -35.43 96.47
C GLY R 327 25.16 -35.89 95.59
N LEU R 328 24.83 -37.18 95.68
CA LEU R 328 23.77 -37.78 94.87
C LEU R 328 22.76 -38.45 95.80
N ILE R 329 21.49 -38.42 95.41
CA ILE R 329 20.44 -39.03 96.20
C ILE R 329 19.39 -39.58 95.25
N THR R 330 18.64 -40.57 95.71
CA THR R 330 17.67 -41.30 94.88
C THR R 330 16.33 -41.41 95.59
N PRO R 331 15.50 -40.36 95.56
CA PRO R 331 14.11 -40.52 95.99
C PRO R 331 13.37 -41.51 95.10
N ILE R 332 12.20 -41.93 95.57
CA ILE R 332 11.43 -42.98 94.95
C ILE R 332 10.03 -42.47 94.66
N VAL R 333 9.48 -42.89 93.52
CA VAL R 333 8.08 -42.75 93.19
C VAL R 333 7.45 -44.12 93.24
N LYS R 334 6.25 -44.20 93.82
CA LYS R 334 5.57 -45.45 94.10
C LYS R 334 4.37 -45.63 93.18
N GLY R 335 4.18 -46.85 92.70
CA GLY R 335 3.01 -47.20 91.90
C GLY R 335 2.88 -46.35 90.66
N VAL R 336 3.92 -46.34 89.82
CA VAL R 336 3.94 -45.49 88.64
C VAL R 336 2.84 -45.90 87.68
N GLU R 337 2.83 -47.17 87.31
CA GLU R 337 1.87 -47.67 86.33
C GLU R 337 0.46 -47.41 86.83
N GLY R 338 -0.29 -46.62 86.07
CA GLY R 338 -1.61 -46.21 86.47
C GLY R 338 -1.61 -45.18 87.58
N LYS R 339 -0.91 -44.07 87.37
CA LYS R 339 -0.83 -43.00 88.35
C LYS R 339 -1.15 -41.62 87.78
N GLY R 340 -0.70 -41.33 86.56
CA GLY R 340 -0.96 -40.04 85.93
C GLY R 340 0.24 -39.11 85.93
N LEU R 341 0.44 -38.44 84.80
CA LEU R 341 1.63 -37.60 84.63
C LEU R 341 1.62 -36.40 85.55
N GLU R 342 0.45 -35.83 85.81
CA GLU R 342 0.39 -34.67 86.68
C GLU R 342 0.82 -35.03 88.10
N SER R 343 0.28 -36.13 88.62
CA SER R 343 0.68 -36.61 89.94
C SER R 343 2.16 -36.95 89.95
N ILE R 344 2.67 -37.53 88.87
CA ILE R 344 4.08 -37.86 88.79
C ILE R 344 4.93 -36.59 88.90
N SER R 345 4.58 -35.57 88.12
CA SER R 345 5.36 -34.33 88.14
C SER R 345 5.30 -33.67 89.51
N ALA R 346 4.12 -33.68 90.13
CA ALA R 346 3.97 -33.06 91.45
C ALA R 346 4.84 -33.77 92.48
N ALA R 347 4.79 -35.10 92.49
CA ALA R 347 5.58 -35.86 93.45
C ALA R 347 7.07 -35.66 93.20
N VAL R 348 7.48 -35.60 91.93
CA VAL R 348 8.90 -35.43 91.63
C VAL R 348 9.37 -34.06 92.07
N LYS R 349 8.56 -33.02 91.83
CA LYS R 349 8.94 -31.68 92.27
C LYS R 349 9.06 -31.61 93.79
N GLU R 350 8.09 -32.20 94.49
CA GLU R 350 8.13 -32.19 95.95
C GLU R 350 9.37 -32.91 96.47
N LEU R 351 9.65 -34.10 95.93
CA LEU R 351 10.80 -34.86 96.38
C LEU R 351 12.10 -34.15 96.05
N ALA R 352 12.18 -33.50 94.90
CA ALA R 352 13.40 -32.79 94.53
C ALA R 352 13.66 -31.62 95.45
N LYS R 353 12.61 -30.84 95.75
CA LYS R 353 12.80 -29.72 96.66
C LYS R 353 13.11 -30.20 98.08
N LYS R 354 12.48 -31.28 98.51
CA LYS R 354 12.77 -31.83 99.82
C LYS R 354 14.19 -32.37 99.90
N ALA R 355 14.74 -32.83 98.78
CA ALA R 355 16.12 -33.30 98.77
C ALA R 355 17.09 -32.13 98.78
N ARG R 356 16.77 -31.08 98.04
CA ARG R 356 17.58 -29.86 98.10
C ARG R 356 17.59 -29.27 99.49
N ASP R 357 16.48 -29.41 100.22
CA ASP R 357 16.40 -28.92 101.60
C ASP R 357 16.98 -29.89 102.61
N GLY R 358 17.04 -31.18 102.29
CA GLY R 358 17.48 -32.18 103.25
C GLY R 358 16.43 -32.47 104.30
N LYS R 359 15.28 -33.01 103.86
CA LYS R 359 14.13 -33.23 104.73
C LYS R 359 13.48 -34.58 104.46
N LEU R 360 14.28 -35.57 104.03
CA LEU R 360 13.76 -36.85 103.63
C LEU R 360 13.82 -37.88 104.75
N LYS R 361 13.01 -38.91 104.60
CA LYS R 361 13.04 -40.11 105.41
C LYS R 361 13.87 -41.18 104.71
N PRO R 362 14.40 -42.16 105.45
CA PRO R 362 15.18 -43.20 104.78
C PRO R 362 14.35 -44.09 103.86
N GLU R 363 13.10 -44.37 104.23
CA GLU R 363 12.25 -45.22 103.41
C GLU R 363 12.00 -44.62 102.04
N GLU R 364 12.01 -43.29 101.93
CA GLU R 364 11.72 -42.64 100.67
C GLU R 364 12.83 -42.81 99.64
N TYR R 365 14.04 -43.16 100.07
CA TYR R 365 15.15 -43.41 99.16
C TYR R 365 15.88 -44.73 99.47
N GLN R 366 15.22 -45.65 100.17
CA GLN R 366 15.73 -46.99 100.39
C GLN R 366 14.71 -47.98 99.83
N GLY R 367 15.02 -48.58 98.69
CA GLY R 367 14.14 -49.50 98.03
C GLY R 367 14.14 -49.30 96.53
N GLY R 368 12.98 -49.46 95.90
CA GLY R 368 12.88 -49.27 94.47
C GLY R 368 13.39 -50.47 93.70
N SER R 369 12.68 -50.82 92.63
CA SER R 369 13.09 -51.93 91.78
C SER R 369 13.93 -51.49 90.60
N ILE R 370 13.71 -50.28 90.11
CA ILE R 370 14.41 -49.74 88.94
C ILE R 370 14.78 -48.30 89.23
N SER R 371 15.82 -47.83 88.53
CA SER R 371 16.41 -46.53 88.77
C SER R 371 16.63 -45.80 87.46
N ILE R 372 16.99 -44.52 87.57
CA ILE R 372 17.20 -43.67 86.42
C ILE R 372 18.06 -42.48 86.84
N SER R 373 18.85 -41.99 85.89
CA SER R 373 19.59 -40.74 86.05
C SER R 373 19.40 -39.93 84.78
N ASN R 374 19.27 -38.61 84.96
CA ASN R 374 19.00 -37.69 83.86
C ASN R 374 20.06 -36.60 83.84
N MET R 375 20.44 -36.20 82.63
CA MET R 375 21.38 -35.11 82.42
C MET R 375 20.95 -34.21 81.27
N GLY R 376 19.64 -34.15 80.99
CA GLY R 376 19.15 -33.43 79.83
C GLY R 376 19.44 -31.95 79.84
N MET R 377 19.64 -31.36 81.02
CA MET R 377 19.92 -29.93 81.08
C MET R 377 21.28 -29.60 80.46
N ASN R 378 22.21 -30.55 80.48
CA ASN R 378 23.54 -30.31 79.94
C ASN R 378 23.59 -30.71 78.48
N PRO R 379 23.64 -29.77 77.53
CA PRO R 379 23.54 -30.17 76.12
C PRO R 379 24.78 -30.83 75.55
N ALA R 380 25.87 -30.89 76.30
CA ALA R 380 27.11 -31.44 75.75
C ALA R 380 27.12 -32.96 75.77
N VAL R 381 26.46 -33.58 76.74
CA VAL R 381 26.52 -35.02 76.93
C VAL R 381 25.64 -35.68 75.88
N GLN R 382 26.26 -36.43 74.96
CA GLN R 382 25.49 -37.24 74.03
C GLN R 382 25.02 -38.53 74.71
N SER R 383 25.94 -39.24 75.34
CA SER R 383 25.61 -40.48 76.04
C SER R 383 26.48 -40.61 77.27
N PHE R 384 26.05 -41.47 78.17
CA PHE R 384 26.84 -41.77 79.36
C PHE R 384 26.26 -43.00 80.01
N THR R 385 27.10 -43.70 80.74
CA THR R 385 26.73 -44.88 81.50
C THR R 385 26.53 -44.48 82.95
N ALA R 386 25.97 -45.41 83.73
CA ALA R 386 25.85 -45.24 85.17
C ALA R 386 26.09 -46.60 85.82
N ILE R 387 25.80 -46.67 87.12
CA ILE R 387 26.09 -47.84 87.93
C ILE R 387 24.80 -48.29 88.62
N ILE R 388 24.65 -49.59 88.76
CA ILE R 388 23.40 -50.19 89.24
C ILE R 388 23.34 -50.05 90.76
N ASN R 389 22.43 -49.24 91.24
CA ASN R 389 22.20 -49.11 92.66
C ASN R 389 21.64 -50.42 93.21
N PRO R 390 22.37 -51.18 94.03
CA PRO R 390 21.86 -52.48 94.46
C PRO R 390 20.66 -52.31 95.37
N PRO R 391 19.87 -53.38 95.57
CA PRO R 391 19.98 -54.72 95.00
C PRO R 391 19.27 -54.85 93.65
N GLN R 392 18.98 -53.72 93.01
CA GLN R 392 18.24 -53.74 91.75
C GLN R 392 19.03 -54.42 90.66
N ALA R 393 18.42 -54.56 89.47
CA ALA R 393 18.98 -55.31 88.36
C ALA R 393 19.23 -54.49 87.12
N ALA R 394 18.71 -53.27 87.05
CA ALA R 394 18.84 -52.48 85.84
C ALA R 394 18.76 -51.00 86.19
N ILE R 395 19.30 -50.18 85.29
CA ILE R 395 19.26 -48.74 85.46
C ILE R 395 19.37 -48.10 84.09
N LEU R 396 18.80 -46.90 83.98
CA LEU R 396 18.66 -46.18 82.73
C LEU R 396 19.53 -44.93 82.76
N ALA R 397 19.72 -44.36 81.57
CA ALA R 397 20.45 -43.10 81.43
C ALA R 397 20.01 -42.43 80.15
N VAL R 398 19.69 -41.14 80.24
CA VAL R 398 19.11 -40.38 79.14
C VAL R 398 20.02 -39.21 78.86
N GLY R 399 20.62 -39.18 77.66
CA GLY R 399 21.47 -38.08 77.27
C GLY R 399 20.66 -36.86 76.90
N ALA R 400 21.30 -35.96 76.16
CA ALA R 400 20.66 -34.75 75.71
C ALA R 400 20.00 -34.95 74.35
N PRO R 401 19.13 -34.04 73.94
CA PRO R 401 18.61 -34.08 72.58
C PRO R 401 19.60 -33.49 71.59
N GLN R 402 19.49 -33.93 70.34
CA GLN R 402 20.38 -33.50 69.28
C GLN R 402 19.63 -33.49 67.96
N LYS R 403 20.24 -32.84 66.97
CA LYS R 403 19.70 -32.76 65.63
C LYS R 403 20.41 -33.79 64.77
N VAL R 404 19.64 -34.59 64.04
CA VAL R 404 20.17 -35.65 63.19
C VAL R 404 19.48 -35.59 61.84
N ALA R 405 20.21 -36.02 60.82
CA ALA R 405 19.65 -36.13 59.49
C ALA R 405 18.87 -37.42 59.36
N VAL R 406 17.74 -37.34 58.68
CA VAL R 406 16.86 -38.50 58.48
C VAL R 406 16.31 -38.43 57.05
N PRO R 407 16.24 -39.54 56.32
CA PRO R 407 15.60 -39.49 55.01
C PRO R 407 14.09 -39.34 55.13
N VAL R 408 13.51 -38.77 54.08
CA VAL R 408 12.06 -38.61 53.98
C VAL R 408 11.68 -38.64 52.52
N GLU R 409 10.56 -39.28 52.22
CA GLU R 409 10.04 -39.35 50.86
C GLU R 409 9.02 -38.25 50.63
N ASN R 410 9.36 -37.31 49.75
CA ASN R 410 8.41 -36.30 49.34
C ASN R 410 7.29 -36.94 48.51
N GLU R 411 6.33 -36.11 48.10
CA GLU R 411 5.23 -36.59 47.27
C GLU R 411 5.70 -37.28 46.00
N ASP R 412 6.82 -36.85 45.43
CA ASP R 412 7.40 -37.50 44.27
C ASP R 412 8.26 -38.68 44.73
N GLY R 413 8.88 -39.35 43.76
CA GLY R 413 9.68 -40.52 44.05
C GLY R 413 11.04 -40.22 44.66
N THR R 414 11.46 -38.96 44.68
CA THR R 414 12.77 -38.61 45.21
C THR R 414 12.72 -38.53 46.73
N THR R 415 13.85 -38.87 47.35
CA THR R 415 14.01 -38.75 48.79
C THR R 415 14.44 -37.33 49.14
N GLY R 416 14.28 -37.00 50.42
CA GLY R 416 14.63 -35.69 50.93
C GLY R 416 15.23 -35.80 52.32
N VAL R 417 15.69 -34.66 52.81
CA VAL R 417 16.38 -34.56 54.10
C VAL R 417 15.44 -33.90 55.09
N SER R 418 15.21 -34.58 56.21
CA SER R 418 14.42 -34.04 57.31
C SER R 418 15.23 -34.09 58.59
N TRP R 419 15.06 -33.07 59.42
CA TRP R 419 15.80 -32.92 60.66
C TRP R 419 14.93 -33.37 61.82
N ASP R 420 15.31 -34.49 62.42
CA ASP R 420 14.58 -35.08 63.54
C ASP R 420 15.38 -34.87 64.82
N GLU R 421 14.65 -34.72 65.91
CA GLU R 421 15.26 -34.50 67.23
C GLU R 421 15.41 -35.85 67.92
N GLN R 422 16.65 -36.31 68.04
CA GLN R 422 16.96 -37.62 68.62
C GLN R 422 17.54 -37.47 70.01
N ILE R 423 17.42 -38.55 70.77
CA ILE R 423 18.06 -38.70 72.07
C ILE R 423 18.73 -40.07 72.09
N ILE R 424 19.90 -40.14 72.68
CA ILE R 424 20.56 -41.41 72.95
C ILE R 424 20.21 -41.85 74.35
N VAL R 425 19.95 -43.15 74.48
CA VAL R 425 19.56 -43.77 75.74
C VAL R 425 20.48 -44.96 75.98
N THR R 426 20.94 -45.09 77.22
CA THR R 426 21.86 -46.15 77.61
C THR R 426 21.29 -46.85 78.82
N ALA R 427 21.11 -48.17 78.71
CA ALA R 427 20.58 -49.01 79.77
C ALA R 427 21.65 -49.99 80.20
N SER R 428 21.96 -49.98 81.50
CA SER R 428 22.88 -50.96 82.08
C SER R 428 22.08 -52.04 82.76
N PHE R 429 22.45 -53.30 82.52
CA PHE R 429 21.75 -54.45 83.07
C PHE R 429 22.72 -55.35 83.84
N ASP R 430 22.18 -56.08 84.80
CA ASP R 430 22.91 -57.14 85.47
C ASP R 430 22.65 -58.45 84.74
N HIS R 431 23.72 -59.21 84.51
CA HIS R 431 23.66 -60.36 83.64
C HIS R 431 23.20 -61.63 84.35
N LYS R 432 23.20 -61.66 85.68
CA LYS R 432 22.71 -62.83 86.39
C LYS R 432 21.24 -63.07 86.11
N VAL R 433 20.46 -62.00 86.08
CA VAL R 433 19.02 -62.07 85.94
C VAL R 433 18.61 -61.97 84.47
N VAL R 434 19.09 -60.93 83.80
CA VAL R 434 18.62 -60.57 82.47
C VAL R 434 19.65 -61.01 81.44
N ASP R 435 19.15 -61.30 80.24
CA ASP R 435 19.97 -61.63 79.08
C ASP R 435 19.81 -60.56 78.01
N GLY R 436 20.68 -60.65 77.01
CA GLY R 436 20.68 -59.66 75.94
C GLY R 436 19.36 -59.59 75.20
N ALA R 437 18.76 -60.75 74.92
CA ALA R 437 17.48 -60.76 74.24
C ALA R 437 16.41 -60.06 75.06
N VAL R 438 16.41 -60.30 76.37
CA VAL R 438 15.39 -59.71 77.23
C VAL R 438 15.56 -58.20 77.28
N GLY R 439 16.80 -57.75 77.45
CA GLY R 439 17.05 -56.32 77.44
C GLY R 439 16.66 -55.68 76.13
N ALA R 440 16.94 -56.36 75.03
CA ALA R 440 16.57 -55.82 73.72
C ALA R 440 15.07 -55.72 73.58
N GLU R 441 14.34 -56.70 74.08
CA GLU R 441 12.88 -56.66 74.03
C GLU R 441 12.35 -55.48 74.83
N TRP R 442 12.89 -55.29 76.02
CA TRP R 442 12.49 -54.17 76.86
C TRP R 442 12.74 -52.84 76.14
N ILE R 443 13.90 -52.70 75.51
CA ILE R 443 14.22 -51.46 74.83
C ILE R 443 13.33 -51.26 73.62
N ARG R 444 13.00 -52.35 72.92
CA ARG R 444 12.11 -52.23 71.78
C ARG R 444 10.75 -51.71 72.20
N GLU R 445 10.22 -52.25 73.31
CA GLU R 445 8.92 -51.78 73.78
C GLU R 445 8.98 -50.32 74.19
N LEU R 446 10.08 -49.92 74.84
CA LEU R 446 10.23 -48.51 75.22
C LEU R 446 10.23 -47.62 73.99
N LYS R 447 11.03 -47.98 72.99
CA LYS R 447 11.10 -47.19 71.77
C LYS R 447 9.74 -47.10 71.10
N LYS R 448 9.00 -48.21 71.10
CA LYS R 448 7.70 -48.22 70.45
C LYS R 448 6.74 -47.28 71.16
N VAL R 449 6.67 -47.37 72.48
CA VAL R 449 5.75 -46.53 73.24
C VAL R 449 6.11 -45.06 73.09
N ILE R 450 7.40 -44.75 73.02
CA ILE R 450 7.80 -43.35 72.87
C ILE R 450 7.44 -42.86 71.48
N GLU R 451 7.89 -43.58 70.45
CA GLU R 451 7.70 -43.12 69.08
C GLU R 451 6.23 -43.03 68.73
N ASN R 452 5.38 -43.83 69.38
CA ASN R 452 3.94 -43.69 69.31
C ASN R 452 3.44 -43.25 70.68
N PRO R 453 3.49 -41.97 71.01
CA PRO R 453 3.15 -41.56 72.39
C PRO R 453 1.74 -41.88 72.79
N LEU R 454 0.84 -42.08 71.84
CA LEU R 454 -0.55 -42.34 72.15
C LEU R 454 -0.73 -43.64 72.91
N GLU R 455 0.19 -44.59 72.77
CA GLU R 455 0.09 -45.83 73.50
C GLU R 455 0.41 -45.68 74.98
N LEU R 456 0.79 -44.49 75.44
CA LEU R 456 0.91 -44.25 76.87
C LEU R 456 -0.40 -44.49 77.58
N LEU R 457 -1.53 -44.27 76.89
CA LEU R 457 -2.83 -44.59 77.47
C LEU R 457 -2.94 -46.08 77.78
N LEU R 458 -2.34 -46.92 76.95
CA LEU R 458 -2.45 -48.36 77.09
C LEU R 458 -1.47 -48.87 78.13
N TYR S 227 55.47 33.60 93.00
CA TYR S 227 54.48 34.15 93.91
C TYR S 227 54.13 33.15 95.00
N THR S 228 53.22 32.22 94.70
CA THR S 228 52.81 31.25 95.70
C THR S 228 53.94 30.27 95.99
N ASP S 229 54.26 30.10 97.27
CA ASP S 229 55.40 29.31 97.72
C ASP S 229 54.89 28.14 98.55
N VAL S 230 54.86 26.95 97.96
CA VAL S 230 54.37 25.75 98.63
C VAL S 230 55.57 24.87 98.95
N PRO S 231 55.81 24.51 100.22
CA PRO S 231 56.90 23.57 100.50
C PRO S 231 56.65 22.21 99.86
N ILE S 232 57.72 21.45 99.72
CA ILE S 232 57.66 20.16 99.06
C ILE S 232 57.17 19.12 100.04
N SER S 233 56.42 18.14 99.53
CA SER S 233 55.83 17.11 100.38
C SER S 233 56.86 16.19 101.01
N GLY S 234 58.09 16.17 100.49
CA GLY S 234 59.12 15.25 100.95
C GLY S 234 59.13 13.93 100.21
N MET S 235 57.94 13.42 99.86
CA MET S 235 57.87 12.20 99.07
C MET S 235 58.43 12.42 97.68
N ARG S 236 58.16 13.60 97.09
CA ARG S 236 58.68 13.90 95.75
C ARG S 236 60.21 13.93 95.73
N LYS S 237 60.83 14.24 96.88
CA LYS S 237 62.28 14.30 96.94
C LYS S 237 62.90 12.95 96.56
N THR S 238 62.33 11.88 97.09
CA THR S 238 62.87 10.55 96.82
C THR S 238 62.74 10.19 95.36
N ILE S 239 61.59 10.48 94.75
CA ILE S 239 61.39 10.18 93.34
C ILE S 239 62.34 11.02 92.49
N ALA S 240 62.58 12.27 92.89
CA ALA S 240 63.50 13.12 92.15
C ALA S 240 64.91 12.55 92.19
N ALA S 241 65.35 12.16 93.38
CA ALA S 241 66.68 11.57 93.52
C ALA S 241 66.79 10.28 92.73
N ARG S 242 65.72 9.47 92.71
CA ARG S 242 65.74 8.21 91.98
C ARG S 242 65.88 8.46 90.48
N LEU S 243 65.06 9.36 89.94
CA LEU S 243 65.13 9.68 88.52
C LEU S 243 66.48 10.28 88.15
N LYS S 244 67.04 11.11 89.04
CA LYS S 244 68.35 11.69 88.80
C LYS S 244 69.42 10.60 88.74
N GLU S 245 69.37 9.66 89.68
CA GLU S 245 70.28 8.52 89.63
C GLU S 245 70.11 7.76 88.33
N SER S 246 68.87 7.61 87.87
CA SER S 246 68.63 6.86 86.63
C SER S 246 69.32 7.53 85.46
N VAL S 247 69.04 8.82 85.24
CA VAL S 247 69.56 9.49 84.07
C VAL S 247 71.06 9.71 84.16
N THR S 248 71.63 9.78 85.36
CA THR S 248 73.07 10.02 85.48
C THR S 248 73.87 8.72 85.47
N GLU S 249 73.25 7.59 85.84
CA GLU S 249 73.96 6.31 85.86
C GLU S 249 73.80 5.57 84.55
N ASN S 250 72.61 5.65 83.94
CA ASN S 250 72.28 4.90 82.74
C ASN S 250 72.02 5.86 81.59
N PRO S 251 72.78 5.80 80.49
CA PRO S 251 72.40 6.59 79.33
C PRO S 251 71.17 5.97 78.66
N HIS S 252 70.42 6.82 77.97
CA HIS S 252 69.15 6.44 77.37
C HIS S 252 69.21 6.60 75.87
N PHE S 253 68.69 5.62 75.15
CA PHE S 253 68.39 5.78 73.74
C PHE S 253 67.04 5.15 73.45
N PHE S 254 66.34 5.76 72.50
CA PHE S 254 64.93 5.50 72.26
C PHE S 254 64.74 4.86 70.89
N VAL S 255 63.72 4.01 70.80
CA VAL S 255 63.31 3.39 69.56
C VAL S 255 61.82 3.63 69.42
N SER S 256 61.36 3.87 68.19
CA SER S 256 59.99 4.26 67.92
C SER S 256 59.49 3.47 66.73
N THR S 257 58.37 2.77 66.92
CA THR S 257 57.79 1.93 65.88
C THR S 257 56.28 2.15 65.83
N ASN S 258 55.67 1.54 64.82
CA ASN S 258 54.25 1.66 64.55
C ASN S 258 53.67 0.27 64.38
N LEU S 259 52.66 -0.06 65.18
CA LEU S 259 51.99 -1.34 65.14
C LEU S 259 50.64 -1.21 64.43
N SER S 260 50.13 -2.35 63.98
CA SER S 260 48.81 -2.46 63.37
C SER S 260 47.95 -3.35 64.26
N VAL S 261 46.82 -2.80 64.72
CA VAL S 261 46.01 -3.42 65.76
C VAL S 261 44.59 -3.70 65.29
N SER S 262 44.34 -3.63 63.98
CA SER S 262 42.99 -3.82 63.48
C SER S 262 42.48 -5.24 63.76
N LYS S 263 43.38 -6.21 63.80
CA LYS S 263 42.99 -7.58 64.12
C LYS S 263 42.91 -7.78 65.63
N LEU S 264 43.79 -7.12 66.37
CA LEU S 264 43.76 -7.20 67.82
C LEU S 264 42.43 -6.70 68.37
N LEU S 265 41.93 -5.59 67.84
CA LEU S 265 40.67 -5.06 68.34
C LEU S 265 39.51 -5.99 68.02
N LYS S 266 39.54 -6.62 66.85
CA LYS S 266 38.51 -7.60 66.54
C LYS S 266 38.56 -8.78 67.50
N LEU S 267 39.77 -9.24 67.82
CA LEU S 267 39.90 -10.33 68.77
C LEU S 267 39.35 -9.95 70.13
N ARG S 268 39.66 -8.73 70.58
CA ARG S 268 39.16 -8.26 71.87
C ARG S 268 37.65 -8.17 71.87
N GLN S 269 37.07 -7.67 70.77
CA GLN S 269 35.63 -7.58 70.65
C GLN S 269 34.98 -8.95 70.72
N ALA S 270 35.54 -9.92 69.99
CA ALA S 270 34.95 -11.25 69.96
C ALA S 270 35.05 -11.93 71.32
N LEU S 271 36.18 -11.80 72.00
CA LEU S 271 36.31 -12.40 73.32
C LEU S 271 35.42 -11.72 74.34
N ASN S 272 35.24 -10.41 74.26
CA ASN S 272 34.31 -9.74 75.16
C ASN S 272 32.88 -10.17 74.88
N SER S 273 32.53 -10.41 73.62
CA SER S 273 31.19 -10.83 73.30
C SER S 273 30.91 -12.26 73.76
N SER S 274 31.87 -13.17 73.57
CA SER S 274 31.70 -14.56 73.97
C SER S 274 32.01 -14.74 75.46
N ALA S 275 31.20 -14.08 76.27
CA ALA S 275 31.37 -14.11 77.72
C ALA S 275 30.04 -13.77 78.36
N ASP S 276 29.96 -14.01 79.67
CA ASP S 276 28.77 -13.78 80.47
C ASP S 276 29.07 -12.81 81.60
N GLY S 277 29.78 -11.72 81.30
CA GLY S 277 30.20 -10.79 82.33
C GLY S 277 31.21 -11.34 83.29
N ARG S 278 31.89 -12.43 82.93
CA ARG S 278 32.87 -13.03 83.82
C ARG S 278 34.20 -12.29 83.79
N TYR S 279 34.46 -11.52 82.73
CA TYR S 279 35.72 -10.80 82.60
C TYR S 279 35.52 -9.64 81.63
N LYS S 280 36.56 -8.82 81.50
CA LYS S 280 36.57 -7.72 80.56
C LYS S 280 38.02 -7.40 80.26
N LEU S 281 38.36 -7.35 78.97
CA LEU S 281 39.74 -7.23 78.53
C LEU S 281 40.05 -5.82 78.06
N SER S 282 41.35 -5.54 77.94
CA SER S 282 41.84 -4.29 77.41
C SER S 282 43.07 -4.53 76.54
N VAL S 283 43.62 -3.47 75.97
CA VAL S 283 44.78 -3.60 75.09
C VAL S 283 46.05 -3.83 75.89
N ASN S 284 46.11 -3.27 77.10
CA ASN S 284 47.31 -3.37 77.92
C ASN S 284 47.63 -4.82 78.26
N ASP S 285 46.61 -5.67 78.43
CA ASP S 285 46.85 -7.05 78.79
C ASP S 285 47.52 -7.80 77.64
N PHE S 286 46.99 -7.64 76.43
CA PHE S 286 47.65 -8.19 75.25
C PHE S 286 49.08 -7.71 75.15
N LEU S 287 49.30 -6.41 75.38
CA LEU S 287 50.65 -5.87 75.30
C LEU S 287 51.55 -6.53 76.33
N ILE S 288 51.03 -6.80 77.51
CA ILE S 288 51.85 -7.38 78.57
C ILE S 288 52.21 -8.82 78.23
N LYS S 289 51.26 -9.56 77.70
CA LYS S 289 51.55 -10.93 77.26
C LYS S 289 52.61 -10.94 76.18
N ALA S 290 52.50 -10.01 75.22
CA ALA S 290 53.48 -9.95 74.14
C ALA S 290 54.85 -9.55 74.68
N MET S 291 54.88 -8.67 75.67
CA MET S 291 56.15 -8.31 76.31
C MET S 291 56.79 -9.53 76.93
N GLY S 292 56.00 -10.34 77.61
CA GLY S 292 56.54 -11.57 78.19
C GLY S 292 57.11 -12.49 77.14
N ILE S 293 56.39 -12.66 76.03
CA ILE S 293 56.85 -13.56 74.98
C ILE S 293 58.16 -13.04 74.39
N ALA S 294 58.24 -11.73 74.14
CA ALA S 294 59.44 -11.18 73.54
C ALA S 294 60.61 -11.27 74.50
N SER S 295 60.38 -11.03 75.78
CA SER S 295 61.44 -11.15 76.76
C SER S 295 61.94 -12.57 76.87
N LYS S 296 61.05 -13.55 76.70
CA LYS S 296 61.49 -14.94 76.73
C LYS S 296 62.26 -15.31 75.47
N ARG S 297 61.89 -14.73 74.32
CA ARG S 297 62.62 -15.04 73.10
C ARG S 297 63.97 -14.34 73.04
N VAL S 298 64.10 -13.22 73.73
CA VAL S 298 65.35 -12.46 73.77
C VAL S 298 65.67 -12.14 75.22
N PRO S 299 66.30 -13.06 75.96
CA PRO S 299 66.42 -12.87 77.41
C PRO S 299 67.37 -11.77 77.83
N THR S 300 68.17 -11.22 76.90
CA THR S 300 69.13 -10.20 77.29
C THR S 300 68.46 -8.95 77.79
N VAL S 301 67.26 -8.66 77.29
CA VAL S 301 66.53 -7.47 77.73
C VAL S 301 66.11 -7.62 79.18
N ASN S 302 65.58 -8.79 79.54
CA ASN S 302 65.15 -9.06 80.90
C ASN S 302 66.40 -9.28 81.75
N SER S 303 67.03 -8.16 82.12
CA SER S 303 68.30 -8.17 82.82
C SER S 303 68.38 -6.93 83.69
N SER S 304 69.52 -6.74 84.32
CA SER S 304 69.76 -5.57 85.17
C SER S 304 71.25 -5.27 85.17
N TRP S 305 71.65 -4.38 86.08
CA TRP S 305 73.06 -4.01 86.24
C TRP S 305 73.34 -3.94 87.73
N ARG S 306 74.30 -4.74 88.18
CA ARG S 306 74.61 -4.89 89.60
C ARG S 306 76.11 -4.71 89.81
N ASP S 307 76.59 -5.02 91.02
CA ASP S 307 77.97 -4.77 91.37
C ASP S 307 78.92 -5.67 90.59
N GLY S 308 79.42 -5.18 89.47
CA GLY S 308 80.36 -5.94 88.66
C GLY S 308 79.81 -7.24 88.13
N VAL S 309 78.49 -7.33 87.96
CA VAL S 309 77.86 -8.57 87.55
C VAL S 309 76.52 -8.24 86.90
N ILE S 310 76.13 -9.05 85.92
CA ILE S 310 74.83 -8.96 85.29
C ILE S 310 73.94 -10.04 85.88
N ARG S 311 72.83 -9.59 86.46
CA ARG S 311 71.80 -10.49 86.98
C ARG S 311 70.76 -10.71 85.89
N GLN S 312 70.62 -11.96 85.45
CA GLN S 312 69.65 -12.35 84.44
C GLN S 312 68.59 -13.23 85.09
N PHE S 313 67.33 -12.83 84.92
CA PHE S 313 66.21 -13.60 85.41
C PHE S 313 65.79 -14.64 84.38
N GLU S 314 64.73 -15.38 84.71
CA GLU S 314 64.08 -16.31 83.80
C GLU S 314 62.63 -15.95 83.57
N THR S 315 61.90 -15.66 84.64
CA THR S 315 60.53 -15.19 84.55
C THR S 315 60.49 -13.72 84.22
N VAL S 316 59.29 -13.23 83.92
CA VAL S 316 59.06 -11.85 83.54
C VAL S 316 58.17 -11.22 84.60
N ASP S 317 58.71 -10.24 85.31
CA ASP S 317 57.97 -9.46 86.29
C ASP S 317 57.70 -8.08 85.71
N VAL S 318 56.43 -7.74 85.55
CA VAL S 318 56.03 -6.55 84.80
C VAL S 318 55.53 -5.49 85.76
N SER S 319 56.12 -4.31 85.68
CA SER S 319 55.72 -3.17 86.50
C SER S 319 54.79 -2.28 85.69
N VAL S 320 53.53 -2.18 86.12
CA VAL S 320 52.53 -1.38 85.44
C VAL S 320 52.33 -0.09 86.23
N ALA S 321 52.25 1.02 85.51
CA ALA S 321 52.12 2.33 86.13
C ALA S 321 50.67 2.69 86.34
N VAL S 322 50.40 3.39 87.44
CA VAL S 322 49.08 3.90 87.77
C VAL S 322 49.24 5.33 88.27
N ALA S 323 48.36 6.20 87.78
CA ALA S 323 48.40 7.63 88.07
C ALA S 323 47.35 7.94 89.13
N THR S 324 47.80 8.05 90.38
CA THR S 324 46.93 8.42 91.49
C THR S 324 46.99 9.92 91.70
N PRO S 325 46.03 10.49 92.45
CA PRO S 325 46.14 11.91 92.82
C PRO S 325 47.37 12.20 93.66
N ASN S 326 47.94 11.20 94.32
CA ASN S 326 49.19 11.37 95.06
C ASN S 326 50.40 11.40 94.14
N GLY S 327 50.27 10.90 92.91
CA GLY S 327 51.37 10.90 91.97
C GLY S 327 51.37 9.67 91.08
N LEU S 328 52.48 8.94 91.07
CA LEU S 328 52.65 7.77 90.24
C LEU S 328 53.03 6.59 91.13
N ILE S 329 52.59 5.40 90.74
CA ILE S 329 52.95 4.19 91.47
C ILE S 329 53.06 3.04 90.47
N THR S 330 53.86 2.04 90.81
CA THR S 330 54.19 0.94 89.91
C THR S 330 53.95 -0.41 90.57
N PRO S 331 52.71 -0.88 90.64
CA PRO S 331 52.47 -2.26 91.04
C PRO S 331 53.08 -3.24 90.06
N ILE S 332 53.14 -4.50 90.47
CA ILE S 332 53.87 -5.54 89.76
C ILE S 332 52.95 -6.72 89.51
N VAL S 333 53.12 -7.35 88.35
CA VAL S 333 52.51 -8.63 88.04
C VAL S 333 53.62 -9.66 87.90
N LYS S 334 53.39 -10.84 88.45
CA LYS S 334 54.40 -11.87 88.60
C LYS S 334 54.13 -13.03 87.67
N GLY S 335 55.19 -13.57 87.07
CA GLY S 335 55.10 -14.76 86.24
C GLY S 335 54.12 -14.62 85.10
N VAL S 336 54.34 -13.60 84.26
CA VAL S 336 53.37 -13.29 83.21
C VAL S 336 53.31 -14.41 82.19
N GLU S 337 54.47 -14.86 81.72
CA GLU S 337 54.51 -15.88 80.68
C GLU S 337 53.84 -17.15 81.17
N GLY S 338 52.80 -17.56 80.45
CA GLY S 338 52.01 -18.70 80.87
C GLY S 338 51.22 -18.43 82.13
N LYS S 339 50.33 -17.44 82.07
CA LYS S 339 49.49 -17.07 83.21
C LYS S 339 48.02 -16.90 82.83
N GLY S 340 47.74 -16.41 81.63
CA GLY S 340 46.38 -16.22 81.19
C GLY S 340 45.89 -14.79 81.25
N LEU S 341 45.23 -14.36 80.17
CA LEU S 341 44.79 -12.98 80.07
C LEU S 341 43.75 -12.63 81.10
N GLU S 342 42.87 -13.57 81.43
CA GLU S 342 41.82 -13.28 82.42
C GLU S 342 42.43 -13.05 83.79
N SER S 343 43.35 -13.91 84.20
CA SER S 343 44.06 -13.72 85.46
C SER S 343 44.82 -12.41 85.45
N ILE S 344 45.43 -12.06 84.32
CA ILE S 344 46.16 -10.82 84.20
C ILE S 344 45.23 -9.63 84.43
N SER S 345 44.08 -9.63 83.77
CA SER S 345 43.14 -8.53 83.88
C SER S 345 42.64 -8.41 85.31
N ALA S 346 42.34 -9.53 85.94
CA ALA S 346 41.86 -9.51 87.32
C ALA S 346 42.91 -8.92 88.25
N ALA S 347 44.16 -9.37 88.12
CA ALA S 347 45.22 -8.87 88.97
C ALA S 347 45.44 -7.38 88.75
N VAL S 348 45.40 -6.94 87.49
CA VAL S 348 45.61 -5.54 87.19
C VAL S 348 44.52 -4.68 87.81
N LYS S 349 43.26 -5.08 87.63
CA LYS S 349 42.16 -4.32 88.23
C LYS S 349 42.29 -4.25 89.74
N GLU S 350 42.64 -5.39 90.36
CA GLU S 350 42.79 -5.42 91.82
C GLU S 350 43.86 -4.46 92.27
N LEU S 351 45.04 -4.52 91.65
CA LEU S 351 46.14 -3.67 92.07
C LEU S 351 45.83 -2.20 91.81
N ALA S 352 45.12 -1.91 90.73
CA ALA S 352 44.79 -0.52 90.42
C ALA S 352 43.84 0.06 91.46
N LYS S 353 42.79 -0.69 91.80
CA LYS S 353 41.87 -0.18 92.81
C LYS S 353 42.54 -0.10 94.17
N LYS S 354 43.40 -1.06 94.50
CA LYS S 354 44.13 -0.98 95.76
C LYS S 354 45.08 0.21 95.79
N ALA S 355 45.59 0.63 94.64
CA ALA S 355 46.45 1.80 94.60
C ALA S 355 45.63 3.08 94.75
N ARG S 356 44.46 3.11 94.12
CA ARG S 356 43.58 4.27 94.30
C ARG S 356 43.14 4.40 95.76
N ASP S 357 43.02 3.27 96.47
CA ASP S 357 42.65 3.31 97.88
C ASP S 357 43.86 3.46 98.80
N GLY S 358 45.07 3.22 98.31
CA GLY S 358 46.25 3.27 99.15
C GLY S 358 46.33 2.12 100.13
N LYS S 359 46.45 0.89 99.62
CA LYS S 359 46.39 -0.32 100.43
C LYS S 359 47.44 -1.33 99.99
N LEU S 360 48.60 -0.86 99.57
CA LEU S 360 49.64 -1.74 99.02
C LEU S 360 50.73 -2.02 100.04
N LYS S 361 51.48 -3.08 99.76
CA LYS S 361 52.68 -3.47 100.47
C LYS S 361 53.91 -3.05 99.67
N PRO S 362 55.06 -2.87 100.32
CA PRO S 362 56.25 -2.44 99.56
C PRO S 362 56.71 -3.48 98.54
N GLU S 363 56.61 -4.76 98.88
CA GLU S 363 57.06 -5.81 97.97
C GLU S 363 56.29 -5.78 96.65
N GLU S 364 55.03 -5.33 96.69
CA GLU S 364 54.19 -5.35 95.51
C GLU S 364 54.64 -4.36 94.44
N TYR S 365 55.37 -3.31 94.84
CA TYR S 365 55.85 -2.29 93.90
C TYR S 365 57.33 -2.00 94.06
N GLN S 366 58.09 -2.90 94.71
CA GLN S 366 59.53 -2.80 94.80
C GLN S 366 60.13 -4.06 94.17
N GLY S 367 60.67 -3.92 92.97
CA GLY S 367 61.21 -5.03 92.23
C GLY S 367 60.89 -4.90 90.75
N GLY S 368 60.59 -6.02 90.10
CA GLY S 368 60.24 -5.99 88.70
C GLY S 368 61.46 -5.88 87.82
N SER S 369 61.45 -6.62 86.71
CA SER S 369 62.55 -6.56 85.75
C SER S 369 62.29 -5.56 84.64
N ILE S 370 61.04 -5.44 84.20
CA ILE S 370 60.66 -4.57 83.09
C ILE S 370 59.42 -3.80 83.51
N SER S 371 59.20 -2.67 82.85
CA SER S 371 58.14 -1.74 83.22
C SER S 371 57.37 -1.32 81.98
N ILE S 372 56.32 -0.54 82.20
CA ILE S 372 55.45 -0.05 81.14
C ILE S 372 54.61 1.10 81.68
N SER S 373 54.28 2.03 80.81
CA SER S 373 53.35 3.11 81.10
C SER S 373 52.38 3.23 79.94
N ASN S 374 51.14 3.58 80.26
CA ASN S 374 50.06 3.63 79.27
C ASN S 374 49.35 4.97 79.35
N MET S 375 48.96 5.48 78.19
CA MET S 375 48.21 6.73 78.10
C MET S 375 47.12 6.65 77.03
N GLY S 376 46.63 5.44 76.74
CA GLY S 376 45.70 5.27 75.64
C GLY S 376 44.37 5.97 75.82
N MET S 377 43.99 6.27 77.06
CA MET S 377 42.73 6.97 77.26
C MET S 377 42.78 8.39 76.71
N ASN S 378 43.95 9.00 76.68
CA ASN S 378 44.09 10.37 76.19
C ASN S 378 44.41 10.34 74.70
N PRO S 379 43.45 10.64 73.81
CA PRO S 379 43.68 10.41 72.38
C PRO S 379 44.66 11.37 71.74
N ALA S 380 45.05 12.44 72.42
CA ALA S 380 45.91 13.44 71.78
C ALA S 380 47.36 12.98 71.71
N VAL S 381 47.79 12.13 72.64
CA VAL S 381 49.19 11.74 72.73
C VAL S 381 49.46 10.73 71.63
N GLN S 382 50.15 11.17 70.58
CA GLN S 382 50.58 10.24 69.55
C GLN S 382 51.75 9.41 70.02
N SER S 383 52.66 10.01 70.79
CA SER S 383 53.82 9.29 71.29
C SER S 383 54.39 10.02 72.48
N PHE S 384 55.20 9.29 73.26
CA PHE S 384 55.89 9.91 74.38
C PHE S 384 56.95 8.96 74.87
N THR S 385 57.91 9.51 75.59
CA THR S 385 59.00 8.78 76.19
C THR S 385 58.73 8.68 77.69
N ALA S 386 59.50 7.82 78.35
CA ALA S 386 59.48 7.70 79.80
C ALA S 386 60.90 7.47 80.28
N ILE S 387 61.02 7.22 81.57
CA ILE S 387 62.31 7.12 82.25
C ILE S 387 62.40 5.76 82.92
N ILE S 388 63.60 5.19 82.89
CA ILE S 388 63.81 3.81 83.32
C ILE S 388 63.81 3.77 84.84
N ASN S 389 62.80 3.15 85.42
CA ASN S 389 62.75 2.93 86.85
C ASN S 389 63.85 1.96 87.25
N PRO S 390 64.89 2.37 87.98
CA PRO S 390 65.99 1.46 88.25
C PRO S 390 65.57 0.37 89.21
N PRO S 391 66.35 -0.71 89.32
CA PRO S 391 67.61 -1.00 88.61
C PRO S 391 67.37 -1.68 87.26
N GLN S 392 66.16 -1.56 86.72
CA GLN S 392 65.79 -2.25 85.49
C GLN S 392 66.60 -1.73 84.31
N ALA S 393 66.38 -2.33 83.14
CA ALA S 393 67.15 -2.06 81.94
C ALA S 393 66.37 -1.43 80.81
N ALA S 394 65.04 -1.59 80.81
CA ALA S 394 64.23 -1.13 79.70
C ALA S 394 62.88 -0.67 80.21
N ILE S 395 62.18 0.09 79.36
CA ILE S 395 60.82 0.50 79.67
C ILE S 395 60.11 0.80 78.37
N LEU S 396 58.80 0.61 78.39
CA LEU S 396 57.94 0.73 77.23
C LEU S 396 56.98 1.89 77.41
N ALA S 397 56.38 2.31 76.29
CA ALA S 397 55.37 3.36 76.30
C ALA S 397 54.51 3.19 75.08
N VAL S 398 53.20 3.32 75.27
CA VAL S 398 52.21 3.06 74.23
C VAL S 398 51.36 4.32 74.08
N GLY S 399 51.39 4.93 72.90
CA GLY S 399 50.57 6.09 72.65
C GLY S 399 49.13 5.70 72.41
N ALA S 400 48.39 6.63 71.82
CA ALA S 400 47.00 6.41 71.49
C ALA S 400 46.86 5.79 70.11
N PRO S 401 45.69 5.22 69.80
CA PRO S 401 45.45 4.78 68.42
C PRO S 401 45.06 5.95 67.53
N GLN S 402 45.31 5.76 66.24
CA GLN S 402 45.03 6.78 65.24
C GLN S 402 44.67 6.11 63.93
N LYS S 403 44.12 6.89 63.01
CA LYS S 403 43.75 6.44 61.69
C LYS S 403 44.86 6.82 60.72
N VAL S 404 45.28 5.88 59.89
CA VAL S 404 46.36 6.07 58.94
C VAL S 404 45.98 5.46 57.62
N ALA S 405 46.48 6.06 56.54
CA ALA S 405 46.30 5.50 55.22
C ALA S 405 47.29 4.37 54.99
N VAL S 406 46.82 3.31 54.33
CA VAL S 406 47.64 2.16 54.00
C VAL S 406 47.24 1.68 52.61
N PRO S 407 48.18 1.33 51.73
CA PRO S 407 47.78 0.79 50.43
C PRO S 407 47.16 -0.58 50.55
N VAL S 408 46.43 -0.96 49.51
CA VAL S 408 45.82 -2.28 49.44
C VAL S 408 45.59 -2.61 47.97
N GLU S 409 45.77 -3.87 47.62
CA GLU S 409 45.54 -4.35 46.26
C GLU S 409 44.14 -4.92 46.17
N ASN S 410 43.30 -4.28 45.37
CA ASN S 410 42.00 -4.84 45.04
C ASN S 410 42.18 -6.09 44.19
N GLU S 411 41.06 -6.74 43.87
CA GLU S 411 41.10 -7.94 43.05
C GLU S 411 41.72 -7.71 41.68
N ASP S 412 41.69 -6.48 41.17
CA ASP S 412 42.39 -6.12 39.94
C ASP S 412 43.82 -5.71 40.27
N GLY S 413 44.51 -5.15 39.29
CA GLY S 413 45.88 -4.75 39.47
C GLY S 413 46.07 -3.40 40.13
N THR S 414 45.04 -2.57 40.18
CA THR S 414 45.15 -1.25 40.77
C THR S 414 45.20 -1.34 42.28
N THR S 415 45.90 -0.40 42.89
CA THR S 415 45.95 -0.27 44.34
C THR S 415 44.76 0.54 44.82
N GLY S 416 44.54 0.49 46.13
CA GLY S 416 43.46 1.23 46.76
C GLY S 416 43.87 1.70 48.14
N VAL S 417 42.96 2.44 48.76
CA VAL S 417 43.21 3.06 50.06
C VAL S 417 42.42 2.30 51.11
N SER S 418 43.10 1.86 52.15
CA SER S 418 42.49 1.20 53.29
C SER S 418 42.90 1.92 54.56
N TRP S 419 41.94 2.07 55.47
CA TRP S 419 42.14 2.80 56.72
C TRP S 419 42.39 1.80 57.84
N ASP S 420 43.64 1.73 58.29
CA ASP S 420 44.05 0.86 59.38
C ASP S 420 44.26 1.69 60.64
N GLU S 421 44.05 1.04 61.78
CA GLU S 421 44.22 1.68 63.08
C GLU S 421 45.63 1.39 63.58
N GLN S 422 46.45 2.43 63.67
CA GLN S 422 47.84 2.31 64.08
C GLN S 422 48.06 2.87 65.47
N ILE S 423 49.06 2.33 66.15
CA ILE S 423 49.54 2.83 67.43
C ILE S 423 51.04 3.00 67.33
N ILE S 424 51.54 4.08 67.90
CA ILE S 424 52.98 4.30 68.06
C ILE S 424 53.41 3.72 69.39
N VAL S 425 54.57 3.08 69.37
CA VAL S 425 55.18 2.49 70.56
C VAL S 425 56.60 3.03 70.66
N THR S 426 56.98 3.41 71.87
CA THR S 426 58.31 3.95 72.14
C THR S 426 58.95 3.13 73.24
N ALA S 427 60.16 2.66 73.00
CA ALA S 427 60.93 1.87 73.95
C ALA S 427 62.21 2.59 74.28
N SER S 428 62.43 2.82 75.57
CA SER S 428 63.67 3.40 76.06
C SER S 428 64.53 2.28 76.65
N PHE S 429 65.80 2.21 76.22
CA PHE S 429 66.71 1.18 76.67
C PHE S 429 67.92 1.80 77.35
N ASP S 430 68.52 1.06 78.27
CA ASP S 430 69.84 1.38 78.78
C ASP S 430 70.89 0.80 77.84
N HIS S 431 71.92 1.58 77.57
CA HIS S 431 72.91 1.21 76.59
C HIS S 431 74.05 0.38 77.16
N LYS S 432 74.19 0.32 78.48
CA LYS S 432 75.23 -0.52 79.07
C LYS S 432 74.96 -1.99 78.79
N VAL S 433 73.72 -2.41 78.96
CA VAL S 433 73.34 -3.80 78.79
C VAL S 433 72.96 -4.10 77.36
N VAL S 434 72.04 -3.32 76.82
CA VAL S 434 71.41 -3.61 75.54
C VAL S 434 72.05 -2.75 74.46
N ASP S 435 72.08 -3.29 73.25
CA ASP S 435 72.54 -2.59 72.07
C ASP S 435 71.39 -2.42 71.09
N GLY S 436 71.66 -1.62 70.05
CA GLY S 436 70.62 -1.28 69.09
C GLY S 436 70.06 -2.50 68.38
N ALA S 437 70.94 -3.44 68.00
CA ALA S 437 70.48 -4.64 67.33
C ALA S 437 69.56 -5.46 68.22
N VAL S 438 69.90 -5.56 69.50
CA VAL S 438 69.10 -6.35 70.43
C VAL S 438 67.74 -5.70 70.62
N GLY S 439 67.72 -4.38 70.80
CA GLY S 439 66.46 -3.68 70.92
C GLY S 439 65.61 -3.83 69.67
N ALA S 440 66.24 -3.77 68.51
CA ALA S 440 65.50 -3.92 67.26
C ALA S 440 64.90 -5.32 67.14
N GLU S 441 65.66 -6.33 67.56
CA GLU S 441 65.15 -7.70 67.51
C GLU S 441 63.95 -7.86 68.44
N TRP S 442 64.06 -7.31 69.64
CA TRP S 442 62.94 -7.34 70.59
C TRP S 442 61.71 -6.68 70.01
N ILE S 443 61.88 -5.51 69.41
CA ILE S 443 60.74 -4.79 68.83
C ILE S 443 60.17 -5.56 67.65
N ARG S 444 61.02 -6.21 66.88
CA ARG S 444 60.53 -6.99 65.75
C ARG S 444 59.66 -8.14 66.22
N GLU S 445 60.11 -8.86 67.25
CA GLU S 445 59.31 -9.95 67.77
C GLU S 445 57.99 -9.44 68.33
N LEU S 446 58.01 -8.29 69.00
CA LEU S 446 56.78 -7.73 69.53
C LEU S 446 55.81 -7.39 68.41
N LYS S 447 56.31 -6.73 67.36
CA LYS S 447 55.46 -6.37 66.24
C LYS S 447 54.88 -7.60 65.57
N LYS S 448 55.70 -8.63 65.40
CA LYS S 448 55.23 -9.86 64.77
C LYS S 448 54.11 -10.49 65.60
N VAL S 449 54.31 -10.59 66.91
CA VAL S 449 53.33 -11.21 67.78
C VAL S 449 52.02 -10.42 67.75
N ILE S 450 52.10 -9.09 67.75
CA ILE S 450 50.90 -8.28 67.75
C ILE S 450 50.17 -8.43 66.42
N GLU S 451 50.91 -8.33 65.32
CA GLU S 451 50.28 -8.34 64.00
C GLU S 451 49.67 -9.70 63.70
N ASN S 452 50.24 -10.76 64.27
CA ASN S 452 49.65 -12.09 64.19
C ASN S 452 49.21 -12.49 65.60
N PRO S 453 48.05 -12.07 66.08
CA PRO S 453 47.69 -12.33 67.48
C PRO S 453 47.57 -13.80 67.81
N LEU S 454 47.38 -14.65 66.81
CA LEU S 454 47.25 -16.08 67.07
C LEU S 454 48.54 -16.67 67.62
N GLU S 455 49.66 -15.99 67.46
CA GLU S 455 50.92 -16.46 68.01
C GLU S 455 51.03 -16.23 69.51
N LEU S 456 50.08 -15.51 70.12
CA LEU S 456 50.07 -15.38 71.57
C LEU S 456 49.96 -16.72 72.27
N LEU S 457 49.33 -17.70 71.62
CA LEU S 457 49.24 -19.04 72.16
C LEU S 457 50.62 -19.66 72.33
N LEU S 458 51.56 -19.28 71.47
CA LEU S 458 52.90 -19.84 71.47
C LEU S 458 53.82 -19.10 72.43
N TYR T 227 -5.10 60.15 95.94
CA TYR T 227 -5.89 59.43 96.94
C TYR T 227 -4.97 58.78 97.97
N THR T 228 -4.41 57.62 97.64
CA THR T 228 -3.47 56.99 98.54
C THR T 228 -2.21 57.83 98.63
N ASP T 229 -1.62 57.88 99.83
CA ASP T 229 -0.48 58.74 100.13
C ASP T 229 0.55 57.92 100.89
N VAL T 230 1.56 57.43 100.17
CA VAL T 230 2.58 56.57 100.76
C VAL T 230 3.84 57.42 100.98
N PRO T 231 4.40 57.45 102.19
CA PRO T 231 5.67 58.17 102.36
C PRO T 231 6.79 57.52 101.56
N ILE T 232 7.80 58.33 101.29
CA ILE T 232 8.93 57.90 100.47
C ILE T 232 9.87 57.06 101.33
N SER T 233 10.51 56.06 100.69
CA SER T 233 11.37 55.13 101.40
C SER T 233 12.60 55.81 101.98
N GLY T 234 13.03 56.94 101.45
CA GLY T 234 14.25 57.60 101.85
C GLY T 234 15.42 57.23 100.97
N MET T 235 15.46 55.97 100.53
CA MET T 235 16.52 55.54 99.61
C MET T 235 16.36 56.21 98.26
N ARG T 236 15.12 56.37 97.79
CA ARG T 236 14.90 57.00 96.50
C ARG T 236 15.32 58.47 96.50
N LYS T 237 15.34 59.10 97.68
CA LYS T 237 15.75 60.49 97.77
C LYS T 237 17.18 60.68 97.27
N THR T 238 18.08 59.79 97.69
CA THR T 238 19.47 59.89 97.29
C THR T 238 19.61 59.70 95.78
N ILE T 239 18.90 58.73 95.21
CA ILE T 239 18.99 58.50 93.77
C ILE T 239 18.42 59.68 93.01
N ALA T 240 17.35 60.28 93.53
CA ALA T 240 16.77 61.45 92.87
C ALA T 240 17.74 62.61 92.87
N ALA T 241 18.36 62.86 94.03
CA ALA T 241 19.36 63.92 94.11
C ALA T 241 20.52 63.66 93.17
N ARG T 242 20.94 62.40 93.07
CA ARG T 242 22.06 62.05 92.21
C ARG T 242 21.72 62.30 90.74
N LEU T 243 20.55 61.86 90.31
CA LEU T 243 20.13 62.07 88.92
C LEU T 243 19.95 63.56 88.63
N LYS T 244 19.44 64.31 89.60
CA LYS T 244 19.29 65.75 89.41
C LYS T 244 20.65 66.42 89.24
N GLU T 245 21.62 66.03 90.07
CA GLU T 245 22.98 66.53 89.91
C GLU T 245 23.52 66.18 88.54
N SER T 246 23.22 64.97 88.06
CA SER T 246 23.72 64.57 86.76
C SER T 246 23.17 65.47 85.66
N VAL T 247 21.84 65.62 85.62
CA VAL T 247 21.24 66.38 84.52
C VAL T 247 21.52 67.87 84.62
N THR T 248 21.78 68.39 85.82
CA THR T 248 22.03 69.82 85.96
C THR T 248 23.50 70.17 85.79
N GLU T 249 24.41 69.22 86.05
CA GLU T 249 25.84 69.49 85.90
C GLU T 249 26.32 69.15 84.51
N ASN T 250 25.79 68.06 83.94
CA ASN T 250 26.26 67.53 82.68
C ASN T 250 25.14 67.64 81.64
N PRO T 251 25.32 68.38 80.55
CA PRO T 251 24.35 68.26 79.46
C PRO T 251 24.46 66.89 78.81
N HIS T 252 23.45 66.56 78.02
CA HIS T 252 23.33 65.24 77.42
C HIS T 252 23.02 65.36 75.94
N PHE T 253 23.73 64.59 75.13
CA PHE T 253 23.36 64.39 73.74
C PHE T 253 23.50 62.91 73.42
N PHE T 254 22.62 62.45 72.54
CA PHE T 254 22.40 61.03 72.28
C PHE T 254 22.79 60.69 70.85
N VAL T 255 23.23 59.46 70.66
CA VAL T 255 23.61 58.93 69.36
C VAL T 255 22.97 57.56 69.21
N SER T 256 22.29 57.34 68.08
CA SER T 256 21.46 56.17 67.87
C SER T 256 21.89 55.49 66.58
N THR T 257 22.28 54.23 66.69
CA THR T 257 22.76 53.46 65.56
C THR T 257 22.10 52.09 65.54
N ASN T 258 22.35 51.37 64.46
CA ASN T 258 21.77 50.05 64.22
C ASN T 258 22.89 49.08 63.88
N LEU T 259 22.99 48.01 64.65
CA LEU T 259 24.01 46.97 64.46
C LEU T 259 23.41 45.76 63.78
N SER T 260 24.28 44.84 63.40
CA SER T 260 23.90 43.56 62.81
C SER T 260 24.56 42.46 63.63
N VAL T 261 23.75 41.49 64.06
CA VAL T 261 24.18 40.45 64.97
C VAL T 261 23.91 39.05 64.42
N SER T 262 23.64 38.93 63.13
CA SER T 262 23.34 37.63 62.55
C SER T 262 24.53 36.69 62.66
N LYS T 263 25.74 37.23 62.60
CA LYS T 263 26.93 36.42 62.79
C LYS T 263 27.23 36.19 64.26
N LEU T 264 26.98 37.22 65.08
CA LEU T 264 27.24 37.11 66.51
C LEU T 264 26.41 36.00 67.13
N LEU T 265 25.15 35.87 66.72
CA LEU T 265 24.30 34.84 67.30
C LEU T 265 24.77 33.46 66.88
N LYS T 266 25.22 33.30 65.64
CA LYS T 266 25.79 32.02 65.22
C LYS T 266 27.01 31.68 66.05
N LEU T 267 27.87 32.68 66.29
CA LEU T 267 29.05 32.44 67.12
C LEU T 267 28.67 32.03 68.52
N ARG T 268 27.68 32.70 69.10
CA ARG T 268 27.23 32.36 70.45
C ARG T 268 26.68 30.94 70.50
N GLN T 269 25.88 30.58 69.50
CA GLN T 269 25.30 29.24 69.47
C GLN T 269 26.39 28.18 69.33
N ALA T 270 27.40 28.45 68.50
CA ALA T 270 28.47 27.48 68.31
C ALA T 270 29.27 27.31 69.59
N LEU T 271 29.61 28.41 70.26
CA LEU T 271 30.37 28.30 71.50
C LEU T 271 29.54 27.64 72.60
N ASN T 272 28.23 27.82 72.60
CA ASN T 272 27.40 27.14 73.58
C ASN T 272 27.29 25.65 73.28
N SER T 273 27.29 25.29 72.00
CA SER T 273 27.21 23.88 71.63
C SER T 273 28.52 23.16 71.90
N SER T 274 29.65 23.82 71.69
CA SER T 274 30.96 23.20 71.91
C SER T 274 31.38 23.39 73.36
N ALA T 275 30.54 22.88 74.26
CA ALA T 275 30.78 22.99 75.69
C ALA T 275 30.04 21.86 76.39
N ASP T 276 30.46 21.59 77.61
CA ASP T 276 29.92 20.52 78.43
C ASP T 276 29.25 21.10 79.68
N GLY T 277 28.49 22.17 79.50
CA GLY T 277 27.85 22.84 80.62
C GLY T 277 28.80 23.60 81.52
N ARG T 278 30.02 23.86 81.06
CA ARG T 278 30.98 24.59 81.87
C ARG T 278 30.69 26.09 81.87
N TYR T 279 29.93 26.57 80.89
CA TYR T 279 29.60 27.99 80.81
C TYR T 279 28.35 28.16 79.96
N LYS T 280 27.82 29.38 79.96
CA LYS T 280 26.68 29.75 79.12
C LYS T 280 26.79 31.23 78.81
N LEU T 281 26.74 31.56 77.53
CA LEU T 281 27.01 32.92 77.07
C LEU T 281 25.73 33.66 76.71
N SER T 282 25.86 34.99 76.63
CA SER T 282 24.78 35.88 76.24
C SER T 282 25.32 36.99 75.36
N VAL T 283 24.46 37.95 75.02
CA VAL T 283 24.86 39.04 74.13
C VAL T 283 25.55 40.15 74.91
N ASN T 284 25.11 40.37 76.16
CA ASN T 284 25.68 41.43 76.97
C ASN T 284 27.19 41.25 77.16
N ASP T 285 27.65 40.00 77.21
CA ASP T 285 29.07 39.75 77.42
C ASP T 285 29.89 40.20 76.22
N PHE T 286 29.47 39.80 75.02
CA PHE T 286 30.11 40.29 73.81
C PHE T 286 30.09 41.81 73.77
N LEU T 287 28.97 42.41 74.16
CA LEU T 287 28.88 43.86 74.15
C LEU T 287 29.88 44.49 75.11
N ILE T 288 30.08 43.86 76.27
CA ILE T 288 31.01 44.41 77.25
C ILE T 288 32.43 44.33 76.73
N LYS T 289 32.80 43.20 76.13
CA LYS T 289 34.14 43.07 75.57
C LYS T 289 34.37 44.11 74.47
N ALA T 290 33.36 44.31 73.62
CA ALA T 290 33.51 45.29 72.55
C ALA T 290 33.61 46.70 73.12
N MET T 291 32.88 46.98 74.20
CA MET T 291 33.00 48.26 74.86
C MET T 291 34.41 48.50 75.34
N GLY T 292 35.01 47.49 75.95
CA GLY T 292 36.39 47.62 76.40
C GLY T 292 37.34 47.88 75.25
N ILE T 293 37.15 47.18 74.13
CA ILE T 293 38.01 47.36 72.97
C ILE T 293 37.90 48.78 72.46
N ALA T 294 36.67 49.27 72.31
CA ALA T 294 36.48 50.62 71.80
C ALA T 294 37.04 51.66 72.76
N SER T 295 36.87 51.43 74.06
CA SER T 295 37.39 52.36 75.05
C SER T 295 38.90 52.43 74.99
N LYS T 296 39.55 51.31 74.69
CA LYS T 296 41.00 51.33 74.56
C LYS T 296 41.44 52.00 73.26
N ARG T 297 40.71 51.79 72.17
CA ARG T 297 41.08 52.43 70.92
C ARG T 297 40.85 53.92 70.94
N VAL T 298 39.89 54.39 71.75
CA VAL T 298 39.58 55.80 71.87
C VAL T 298 39.52 56.15 73.35
N PRO T 299 40.64 56.48 74.00
CA PRO T 299 40.62 56.61 75.47
C PRO T 299 39.89 57.83 75.98
N THR T 300 39.59 58.80 75.13
CA THR T 300 38.96 60.04 75.60
C THR T 300 37.59 59.77 76.21
N VAL T 301 36.92 58.70 75.78
CA VAL T 301 35.64 58.35 76.35
C VAL T 301 35.82 57.85 77.78
N ASN T 302 36.83 57.00 77.99
CA ASN T 302 37.12 56.45 79.32
C ASN T 302 37.80 57.55 80.12
N SER T 303 36.97 58.47 80.63
CA SER T 303 37.46 59.67 81.31
C SER T 303 36.41 60.09 82.33
N SER T 304 36.61 61.26 82.91
CA SER T 304 35.68 61.81 83.89
C SER T 304 35.86 63.32 83.93
N TRP T 305 35.25 63.95 84.94
CA TRP T 305 35.37 65.38 85.15
C TRP T 305 35.58 65.62 86.64
N ARG T 306 36.68 66.29 86.99
CA ARG T 306 37.03 66.53 88.38
C ARG T 306 37.34 68.01 88.57
N ASP T 307 37.85 68.37 89.75
CA ASP T 307 38.07 69.77 90.08
C ASP T 307 39.17 70.37 89.22
N GLY T 308 38.77 71.02 88.13
CA GLY T 308 39.73 71.67 87.25
C GLY T 308 40.74 70.74 86.62
N VAL T 309 40.39 69.46 86.47
CA VAL T 309 41.32 68.47 85.95
C VAL T 309 40.53 67.31 85.37
N ILE T 310 41.09 66.71 84.32
CA ILE T 310 40.53 65.54 83.68
C ILE T 310 41.29 64.32 84.18
N ARG T 311 40.56 63.38 84.77
CA ARG T 311 41.11 62.11 85.19
C ARG T 311 40.83 61.08 84.10
N GLN T 312 41.90 60.51 83.55
CA GLN T 312 41.82 59.50 82.51
C GLN T 312 42.40 58.20 83.03
N PHE T 313 41.63 57.12 82.87
CA PHE T 313 42.07 55.81 83.28
C PHE T 313 42.81 55.13 82.14
N GLU T 314 43.24 53.89 82.38
CA GLU T 314 43.83 53.02 81.38
C GLU T 314 43.01 51.76 81.17
N THR T 315 42.63 51.10 82.26
CA THR T 315 41.75 49.96 82.22
C THR T 315 40.30 50.42 82.00
N VAL T 316 39.42 49.45 81.85
CA VAL T 316 38.00 49.70 81.60
C VAL T 316 37.22 49.04 82.71
N ASP T 317 36.60 49.85 83.56
CA ASP T 317 35.74 49.39 84.63
C ASP T 317 34.30 49.59 84.22
N VAL T 318 33.56 48.48 84.09
CA VAL T 318 32.22 48.50 83.48
C VAL T 318 31.18 48.32 84.56
N SER T 319 30.22 49.24 84.60
CA SER T 319 29.11 49.19 85.54
C SER T 319 27.89 48.60 84.85
N VAL T 320 27.44 47.44 85.30
CA VAL T 320 26.32 46.74 84.71
C VAL T 320 25.10 46.94 85.61
N ALA T 321 23.99 47.33 85.00
CA ALA T 321 22.77 47.58 85.73
C ALA T 321 22.03 46.28 86.00
N VAL T 322 21.40 46.20 87.17
CA VAL T 322 20.54 45.10 87.55
C VAL T 322 19.29 45.67 88.20
N ALA T 323 18.15 45.08 87.84
CA ALA T 323 16.84 45.55 88.28
C ALA T 323 16.35 44.62 89.38
N THR T 324 16.44 45.07 90.62
CA THR T 324 15.92 44.35 91.76
C THR T 324 14.54 44.87 92.12
N PRO T 325 13.76 44.11 92.89
CA PRO T 325 12.49 44.66 93.40
C PRO T 325 12.67 45.88 94.28
N ASN T 326 13.84 46.03 94.89
CA ASN T 326 14.15 47.24 95.65
C ASN T 326 14.46 48.43 94.76
N GLY T 327 14.78 48.20 93.49
CA GLY T 327 15.04 49.28 92.56
C GLY T 327 16.09 48.93 91.51
N LEU T 328 17.11 49.78 91.38
CA LEU T 328 18.19 49.60 90.43
C LEU T 328 19.51 49.59 91.18
N ILE T 329 20.47 48.82 90.64
CA ILE T 329 21.80 48.75 91.24
C ILE T 329 22.81 48.55 90.12
N THR T 330 24.06 48.91 90.38
CA THR T 330 25.12 48.89 89.37
C THR T 330 26.38 48.26 89.91
N PRO T 331 26.45 46.93 89.96
CA PRO T 331 27.73 46.27 90.21
C PRO T 331 28.72 46.58 89.11
N ILE T 332 29.98 46.23 89.39
CA ILE T 332 31.11 46.61 88.54
C ILE T 332 31.91 45.37 88.19
N VAL T 333 32.38 45.33 86.95
CA VAL T 333 33.36 44.36 86.49
C VAL T 333 34.66 45.10 86.24
N LYS T 334 35.77 44.49 86.67
CA LYS T 334 37.08 45.11 86.67
C LYS T 334 37.96 44.48 85.60
N GLY T 335 38.78 45.31 84.96
CA GLY T 335 39.77 44.84 84.01
C GLY T 335 39.17 44.04 82.89
N VAL T 336 38.22 44.64 82.17
CA VAL T 336 37.48 43.91 81.14
C VAL T 336 38.42 43.52 80.01
N GLU T 337 39.13 44.48 79.45
CA GLU T 337 40.01 44.22 78.33
C GLU T 337 41.06 43.18 78.71
N GLY T 338 41.05 42.06 78.01
CA GLY T 338 41.92 40.96 78.33
C GLY T 338 41.53 40.25 79.60
N LYS T 339 40.31 39.72 79.63
CA LYS T 339 39.81 38.98 80.79
C LYS T 339 39.19 37.64 80.41
N GLY T 340 38.50 37.56 79.28
CA GLY T 340 37.86 36.33 78.85
C GLY T 340 36.36 36.31 79.08
N LEU T 341 35.63 35.87 78.05
CA LEU T 341 34.17 35.91 78.11
C LEU T 341 33.63 34.98 79.18
N GLU T 342 34.30 33.86 79.42
CA GLU T 342 33.83 32.93 80.46
C GLU T 342 33.91 33.59 81.83
N SER T 343 35.06 34.17 82.15
CA SER T 343 35.21 34.86 83.42
C SER T 343 34.22 36.02 83.53
N ILE T 344 33.96 36.70 82.42
CA ILE T 344 33.01 37.81 82.43
C ILE T 344 31.62 37.30 82.79
N SER T 345 31.16 36.25 82.10
CA SER T 345 29.84 35.71 82.37
C SER T 345 29.74 35.21 83.80
N ALA T 346 30.81 34.58 84.30
CA ALA T 346 30.79 34.06 85.67
C ALA T 346 30.66 35.20 86.68
N ALA T 347 31.46 36.25 86.50
CA ALA T 347 31.40 37.39 87.40
C ALA T 347 30.03 38.05 87.34
N VAL T 348 29.46 38.16 86.15
CA VAL T 348 28.16 38.80 86.01
C VAL T 348 27.09 37.98 86.72
N LYS T 349 27.12 36.65 86.55
CA LYS T 349 26.15 35.82 87.23
C LYS T 349 26.28 35.92 88.74
N GLU T 350 27.51 35.87 89.23
CA GLU T 350 27.74 36.01 90.67
C GLU T 350 27.21 37.32 91.20
N LEU T 351 27.55 38.43 90.53
CA LEU T 351 27.13 39.74 91.00
C LEU T 351 25.63 39.91 90.89
N ALA T 352 25.00 39.36 89.85
CA ALA T 352 23.56 39.51 89.67
C ALA T 352 22.82 38.76 90.76
N LYS T 353 23.25 37.52 91.06
CA LYS T 353 22.59 36.78 92.12
C LYS T 353 22.86 37.41 93.49
N LYS T 354 24.06 37.94 93.70
CA LYS T 354 24.36 38.60 94.96
C LYS T 354 23.56 39.89 95.12
N ALA T 355 23.24 40.56 94.02
CA ALA T 355 22.42 41.76 94.09
C ALA T 355 20.96 41.40 94.34
N ARG T 356 20.49 40.32 93.71
CA ARG T 356 19.15 39.81 94.02
C ARG T 356 19.05 39.41 95.48
N ASP T 357 20.16 38.95 96.08
CA ASP T 357 20.18 38.57 97.48
C ASP T 357 20.39 39.75 98.41
N GLY T 358 20.98 40.84 97.93
CA GLY T 358 21.33 41.95 98.80
C GLY T 358 22.50 41.61 99.70
N LYS T 359 23.65 41.35 99.11
CA LYS T 359 24.83 40.85 99.84
C LYS T 359 26.10 41.54 99.36
N LEU T 360 25.98 42.75 98.86
CA LEU T 360 27.08 43.44 98.21
C LEU T 360 27.84 44.34 99.18
N LYS T 361 29.04 44.74 98.75
CA LYS T 361 29.84 45.75 99.39
C LYS T 361 29.74 47.06 98.63
N PRO T 362 29.98 48.21 99.27
CA PRO T 362 29.87 49.47 98.54
C PRO T 362 30.92 49.63 97.44
N GLU T 363 32.12 49.09 97.65
CA GLU T 363 33.17 49.22 96.65
C GLU T 363 32.81 48.52 95.35
N GLU T 364 31.97 47.50 95.41
CA GLU T 364 31.61 46.75 94.21
C GLU T 364 30.73 47.56 93.27
N TYR T 365 30.04 48.60 93.77
CA TYR T 365 29.17 49.42 92.95
C TYR T 365 29.41 50.92 93.15
N GLN T 366 30.56 51.30 93.70
CA GLN T 366 30.95 52.70 93.81
C GLN T 366 32.26 52.90 93.07
N GLY T 367 32.16 53.43 91.85
CA GLY T 367 33.30 53.63 90.98
C GLY T 367 32.92 53.46 89.53
N GLY T 368 33.79 52.84 88.75
CA GLY T 368 33.48 52.58 87.35
C GLY T 368 33.64 53.79 86.48
N SER T 369 34.19 53.59 85.28
CA SER T 369 34.34 54.68 84.32
C SER T 369 33.19 54.74 83.33
N ILE T 370 32.62 53.60 82.96
CA ILE T 370 31.58 53.51 81.95
C ILE T 370 30.49 52.58 82.46
N SER T 371 29.27 52.78 81.96
CA SER T 371 28.10 52.05 82.43
C SER T 371 27.32 51.51 81.23
N ILE T 372 26.34 50.67 81.56
CA ILE T 372 25.50 50.02 80.55
C ILE T 372 24.21 49.61 81.22
N SER T 373 23.14 49.59 80.43
CA SER T 373 21.86 49.04 80.84
C SER T 373 21.31 48.21 79.70
N ASN T 374 20.65 47.11 80.04
CA ASN T 374 20.17 46.14 79.07
C ASN T 374 18.68 45.89 79.30
N MET T 375 17.94 45.75 78.21
CA MET T 375 16.51 45.46 78.25
C MET T 375 16.13 44.43 77.19
N GLY T 376 17.07 43.58 76.77
CA GLY T 376 16.83 42.67 75.66
C GLY T 376 15.75 41.64 75.92
N MET T 377 15.52 41.30 77.20
CA MET T 377 14.49 40.30 77.49
C MET T 377 13.11 40.79 77.10
N ASN T 378 12.89 42.10 77.13
CA ASN T 378 11.59 42.66 76.77
C ASN T 378 11.58 43.00 75.29
N PRO T 379 10.87 42.23 74.45
CA PRO T 379 11.01 42.44 73.00
C PRO T 379 10.33 43.68 72.47
N ALA T 380 9.47 44.33 73.24
CA ALA T 380 8.72 45.46 72.72
C ALA T 380 9.60 46.68 72.55
N VAL T 381 10.66 46.82 73.36
CA VAL T 381 11.47 48.01 73.37
C VAL T 381 12.37 47.99 72.14
N GLN T 382 12.17 48.96 71.24
CA GLN T 382 13.08 49.12 70.10
C GLN T 382 14.29 49.94 70.51
N SER T 383 14.09 50.98 71.30
CA SER T 383 15.18 51.83 71.73
C SER T 383 14.79 52.54 73.01
N PHE T 384 15.80 53.05 73.70
CA PHE T 384 15.56 53.83 74.89
C PHE T 384 16.87 54.49 75.30
N THR T 385 16.73 55.59 76.01
CA THR T 385 17.84 56.34 76.54
C THR T 385 17.98 56.05 78.03
N ALA T 386 19.09 56.49 78.61
CA ALA T 386 19.31 56.39 80.04
C ALA T 386 19.96 57.68 80.51
N ILE T 387 20.42 57.66 81.77
CA ILE T 387 21.00 58.82 82.43
C ILE T 387 22.39 58.43 82.92
N ILE T 388 23.31 59.38 82.83
CA ILE T 388 24.72 59.10 83.10
C ILE T 388 24.93 59.04 84.61
N ASN T 389 25.30 57.86 85.10
CA ASN T 389 25.64 57.70 86.50
C ASN T 389 26.94 58.43 86.79
N PRO T 390 26.92 59.55 87.52
CA PRO T 390 28.15 60.32 87.69
C PRO T 390 29.15 59.56 88.55
N PRO T 391 30.42 59.99 88.55
CA PRO T 391 31.02 61.10 87.80
C PRO T 391 31.47 60.68 86.40
N GLN T 392 30.90 59.61 85.86
CA GLN T 392 31.29 59.09 84.57
C GLN T 392 30.94 60.05 83.45
N ALA T 393 31.27 59.67 82.21
CA ALA T 393 31.13 60.53 81.04
C ALA T 393 30.21 59.99 79.98
N ALA T 394 29.93 58.69 79.97
CA ALA T 394 29.16 58.07 78.90
C ALA T 394 28.36 56.90 79.46
N ILE T 395 27.32 56.54 78.74
CA ILE T 395 26.52 55.36 79.08
C ILE T 395 25.89 54.82 77.83
N LEU T 396 25.68 53.50 77.82
CA LEU T 396 25.17 52.75 76.69
C LEU T 396 23.77 52.24 77.00
N ALA T 397 23.07 51.84 75.94
CA ALA T 397 21.76 51.24 76.07
C ALA T 397 21.49 50.39 74.84
N VAL T 398 21.05 49.16 75.07
CA VAL T 398 20.90 48.16 74.02
C VAL T 398 19.43 47.75 73.98
N GLY T 399 18.75 48.05 72.87
CA GLY T 399 17.39 47.62 72.68
C GLY T 399 17.29 46.14 72.38
N ALA T 400 16.12 45.75 71.89
CA ALA T 400 15.86 44.36 71.57
C ALA T 400 16.25 44.06 70.13
N PRO T 401 16.35 42.79 69.77
CA PRO T 401 16.54 42.43 68.37
C PRO T 401 15.24 42.45 67.60
N GLN T 402 15.36 42.69 66.30
CA GLN T 402 14.21 42.79 65.41
C GLN T 402 14.60 42.30 64.03
N LYS T 403 13.61 42.12 63.18
CA LYS T 403 13.79 41.68 61.81
C LYS T 403 13.65 42.89 60.89
N VAL T 404 14.62 43.07 60.02
CA VAL T 404 14.65 44.20 59.09
C VAL T 404 14.98 43.68 57.70
N ALA T 405 14.46 44.37 56.70
CA ALA T 405 14.77 44.04 55.33
C ALA T 405 16.11 44.65 54.93
N VAL T 406 16.89 43.89 54.17
CA VAL T 406 18.21 44.32 53.72
C VAL T 406 18.39 43.85 52.28
N PRO T 407 18.95 44.66 51.38
CA PRO T 407 19.20 44.17 50.03
C PRO T 407 20.31 43.13 49.99
N VAL T 408 20.30 42.34 48.92
CA VAL T 408 21.34 41.35 48.68
C VAL T 408 21.40 41.08 47.19
N GLU T 409 22.62 40.83 46.70
CA GLU T 409 22.84 40.52 45.30
C GLU T 409 22.98 39.02 45.13
N ASN T 410 22.03 38.43 44.41
CA ASN T 410 22.16 37.04 44.03
C ASN T 410 23.27 36.89 42.99
N GLU T 411 23.54 35.63 42.61
CA GLU T 411 24.60 35.34 41.65
C GLU T 411 24.41 36.07 40.33
N ASP T 412 23.19 36.41 39.96
CA ASP T 412 22.90 37.17 38.75
C ASP T 412 22.99 38.67 39.05
N GLY T 413 22.56 39.48 38.08
CA GLY T 413 22.63 40.91 38.22
C GLY T 413 21.50 41.53 39.03
N THR T 414 20.52 40.73 39.46
CA THR T 414 19.39 41.26 40.20
C THR T 414 19.69 41.29 41.69
N THR T 415 19.02 42.20 42.39
CA THR T 415 19.05 42.25 43.84
C THR T 415 17.95 41.37 44.41
N GLY T 416 18.02 41.15 45.72
CA GLY T 416 17.04 40.35 46.42
C GLY T 416 16.84 40.85 47.83
N VAL T 417 15.91 40.20 48.53
CA VAL T 417 15.55 40.56 49.90
C VAL T 417 16.12 39.51 50.82
N SER T 418 16.96 39.94 51.76
CA SER T 418 17.50 39.09 52.80
C SER T 418 17.12 39.66 54.16
N TRP T 419 16.70 38.79 55.06
CA TRP T 419 16.24 39.18 56.38
C TRP T 419 17.41 39.09 57.35
N ASP T 420 17.80 40.24 57.89
CA ASP T 420 18.88 40.34 58.85
C ASP T 420 18.31 40.69 60.22
N GLU T 421 19.02 40.27 61.26
CA GLU T 421 18.64 40.54 62.64
C GLU T 421 19.42 41.76 63.13
N GLN T 422 18.70 42.85 63.40
CA GLN T 422 19.30 44.12 63.79
C GLN T 422 18.97 44.43 65.25
N ILE T 423 19.81 45.28 65.83
CA ILE T 423 19.61 45.81 67.16
C ILE T 423 19.89 47.30 67.11
N ILE T 424 19.08 48.08 67.79
CA ILE T 424 19.30 49.50 67.96
C ILE T 424 20.11 49.72 69.23
N VAL T 425 21.04 50.65 69.15
CA VAL T 425 21.93 50.99 70.27
C VAL T 425 21.91 52.49 70.43
N THR T 426 21.80 52.94 71.68
CA THR T 426 21.71 54.36 72.01
C THR T 426 22.78 54.66 73.05
N ALA T 427 23.61 55.65 72.74
CA ALA T 427 24.70 56.08 73.62
C ALA T 427 24.49 57.53 73.99
N SER T 428 24.49 57.81 75.28
CA SER T 428 24.40 59.17 75.80
C SER T 428 25.77 59.60 76.30
N PHE T 429 26.20 60.80 75.88
CA PHE T 429 27.51 61.33 76.22
C PHE T 429 27.38 62.65 76.94
N ASP T 430 28.38 62.94 77.79
CA ASP T 430 28.54 64.27 78.36
C ASP T 430 29.34 65.13 77.40
N HIS T 431 28.86 66.34 77.15
CA HIS T 431 29.43 67.18 76.12
C HIS T 431 30.63 67.98 76.58
N LYS T 432 30.85 68.10 77.90
CA LYS T 432 32.05 68.78 78.39
C LYS T 432 33.30 68.06 77.93
N VAL T 433 33.33 66.75 78.08
CA VAL T 433 34.50 65.94 77.77
C VAL T 433 34.52 65.56 76.30
N VAL T 434 33.43 64.98 75.83
CA VAL T 434 33.37 64.32 74.54
C VAL T 434 32.64 65.22 73.55
N ASP T 435 33.02 65.10 72.28
CA ASP T 435 32.37 65.77 71.18
C ASP T 435 31.73 64.76 70.24
N GLY T 436 30.94 65.29 69.30
CA GLY T 436 30.20 64.43 68.40
C GLY T 436 31.10 63.55 67.55
N ALA T 437 32.21 64.12 67.06
CA ALA T 437 33.13 63.34 66.24
C ALA T 437 33.72 62.19 67.03
N VAL T 438 34.09 62.45 68.28
CA VAL T 438 34.70 61.40 69.11
C VAL T 438 33.69 60.30 69.40
N GLY T 439 32.46 60.70 69.74
CA GLY T 439 31.42 59.70 69.98
C GLY T 439 31.15 58.88 68.74
N ALA T 440 31.13 59.54 67.58
CA ALA T 440 30.88 58.81 66.34
C ALA T 440 32.01 57.84 66.05
N GLU T 441 33.25 58.23 66.35
CA GLU T 441 34.38 57.33 66.14
C GLU T 441 34.27 56.10 67.04
N TRP T 442 33.92 56.33 68.31
CA TRP T 442 33.72 55.22 69.24
C TRP T 442 32.63 54.27 68.74
N ILE T 443 31.52 54.84 68.27
CA ILE T 443 30.42 54.01 67.79
C ILE T 443 30.83 53.25 66.54
N ARG T 444 31.61 53.88 65.66
CA ARG T 444 32.06 53.20 64.46
C ARG T 444 32.93 52.01 64.82
N GLU T 445 33.84 52.18 65.78
CA GLU T 445 34.68 51.07 66.18
C GLU T 445 33.85 49.95 66.79
N LEU T 446 32.84 50.30 67.59
CA LEU T 446 31.97 49.28 68.16
C LEU T 446 31.24 48.52 67.07
N LYS T 447 30.68 49.24 66.10
CA LYS T 447 29.97 48.60 65.01
C LYS T 447 30.87 47.68 64.22
N LYS T 448 32.09 48.13 63.94
CA LYS T 448 33.04 47.31 63.20
C LYS T 448 33.35 46.03 63.96
N VAL T 449 33.61 46.16 65.26
CA VAL T 449 33.97 45.00 66.06
C VAL T 449 32.82 44.00 66.13
N ILE T 450 31.59 44.49 66.26
CA ILE T 450 30.45 43.58 66.33
C ILE T 450 30.24 42.91 64.99
N GLU T 451 30.26 43.69 63.92
CA GLU T 451 29.96 43.16 62.60
C GLU T 451 31.02 42.17 62.16
N ASN T 452 32.26 42.34 62.63
CA ASN T 452 33.33 41.37 62.43
C ASN T 452 33.67 40.79 63.80
N PRO T 453 32.95 39.77 64.28
CA PRO T 453 33.21 39.28 65.65
C PRO T 453 34.60 38.73 65.84
N LEU T 454 35.27 38.33 64.76
CA LEU T 454 36.59 37.73 64.88
C LEU T 454 37.62 38.71 65.41
N GLU T 455 37.39 40.02 65.26
CA GLU T 455 38.32 41.00 65.78
C GLU T 455 38.21 41.18 67.29
N LEU T 456 37.29 40.48 67.95
CA LEU T 456 37.30 40.45 69.42
C LEU T 456 38.62 39.90 69.94
N LEU T 457 39.27 39.03 69.17
CA LEU T 457 40.58 38.51 69.57
C LEU T 457 41.62 39.62 69.63
N LEU T 458 41.48 40.63 68.79
CA LEU T 458 42.43 41.74 68.74
C LEU T 458 42.08 42.79 69.79
N TYR U 227 -48.83 10.81 101.73
CA TYR U 227 -48.20 9.86 102.64
C TYR U 227 -47.21 10.57 103.56
N THR U 228 -45.98 10.75 103.09
CA THR U 228 -44.98 11.43 103.91
C THR U 228 -45.36 12.88 104.09
N ASP U 229 -45.11 13.41 105.30
CA ASP U 229 -45.53 14.75 105.68
C ASP U 229 -44.35 15.44 106.35
N VAL U 230 -43.60 16.23 105.58
CA VAL U 230 -42.41 16.91 106.07
C VAL U 230 -42.81 18.35 106.41
N PRO U 231 -42.52 18.84 107.63
CA PRO U 231 -42.77 20.26 107.90
C PRO U 231 -41.90 21.15 107.04
N ILE U 232 -42.38 22.38 106.87
CA ILE U 232 -41.72 23.34 105.99
C ILE U 232 -40.56 23.99 106.73
N SER U 233 -39.50 24.31 105.99
CA SER U 233 -38.29 24.84 106.59
C SER U 233 -38.49 26.21 107.23
N GLY U 234 -39.50 26.95 106.82
CA GLY U 234 -39.73 28.31 107.28
C GLY U 234 -39.10 29.33 106.36
N MET U 235 -37.93 29.02 105.81
CA MET U 235 -37.31 29.91 104.84
C MET U 235 -38.14 30.00 103.57
N ARG U 236 -38.73 28.87 103.15
CA ARG U 236 -39.53 28.87 101.94
C ARG U 236 -40.78 29.73 102.10
N LYS U 237 -41.24 29.94 103.33
CA LYS U 237 -42.42 30.76 103.55
C LYS U 237 -42.20 32.17 103.07
N THR U 238 -41.03 32.74 103.39
CA THR U 238 -40.73 34.11 102.99
C THR U 238 -40.66 34.23 101.47
N ILE U 239 -39.99 33.27 100.83
CA ILE U 239 -39.85 33.31 99.38
C ILE U 239 -41.21 33.16 98.71
N ALA U 240 -42.07 32.32 99.28
CA ALA U 240 -43.41 32.14 98.72
C ALA U 240 -44.22 33.42 98.83
N ALA U 241 -44.17 34.06 100.01
CA ALA U 241 -44.88 35.32 100.19
C ALA U 241 -44.36 36.39 99.25
N ARG U 242 -43.04 36.40 99.03
CA ARG U 242 -42.43 37.37 98.14
C ARG U 242 -42.92 37.18 96.71
N LEU U 243 -42.88 35.94 96.22
CA LEU U 243 -43.35 35.66 94.87
C LEU U 243 -44.84 35.96 94.72
N LYS U 244 -45.61 35.70 95.77
CA LYS U 244 -47.04 35.99 95.73
C LYS U 244 -47.28 37.48 95.62
N GLU U 245 -46.58 38.27 96.43
CA GLU U 245 -46.64 39.73 96.32
C GLU U 245 -46.26 40.17 94.92
N SER U 246 -45.26 39.52 94.33
CA SER U 246 -44.81 39.90 93.00
C SER U 246 -45.91 39.70 91.97
N VAL U 247 -46.47 38.49 91.92
CA VAL U 247 -47.46 38.20 90.88
C VAL U 247 -48.77 38.93 91.13
N THR U 248 -49.11 39.24 92.38
CA THR U 248 -50.38 39.91 92.65
C THR U 248 -50.28 41.42 92.52
N GLU U 249 -49.08 41.99 92.71
CA GLU U 249 -48.92 43.44 92.59
C GLU U 249 -48.55 43.84 91.18
N ASN U 250 -47.66 43.09 90.53
CA ASN U 250 -47.10 43.44 89.24
C ASN U 250 -47.62 42.48 88.18
N PRO U 251 -48.33 42.93 87.15
CA PRO U 251 -48.68 42.01 86.07
C PRO U 251 -47.44 41.69 85.24
N HIS U 252 -47.48 40.54 84.59
CA HIS U 252 -46.35 40.00 83.86
C HIS U 252 -46.74 39.76 82.41
N PHE U 253 -45.96 40.31 81.49
CA PHE U 253 -46.04 39.94 80.08
C PHE U 253 -44.64 39.60 79.61
N PHE U 254 -44.61 38.63 78.69
CA PHE U 254 -43.39 37.95 78.28
C PHE U 254 -43.06 38.30 76.83
N VAL U 255 -41.76 38.41 76.56
CA VAL U 255 -41.25 38.63 75.21
C VAL U 255 -40.22 37.55 74.96
N SER U 256 -40.18 37.06 73.73
CA SER U 256 -39.39 35.89 73.37
C SER U 256 -38.74 36.12 72.02
N THR U 257 -37.42 36.02 71.99
CA THR U 257 -36.66 36.28 70.78
C THR U 257 -35.58 35.21 70.61
N ASN U 258 -34.91 35.27 69.47
CA ASN U 258 -33.88 34.32 69.09
C ASN U 258 -32.63 35.08 68.67
N LEU U 259 -31.52 34.79 69.31
CA LEU U 259 -30.24 35.41 69.01
C LEU U 259 -29.36 34.46 68.21
N SER U 260 -28.23 35.00 67.74
CA SER U 260 -27.23 34.24 67.02
C SER U 260 -25.88 34.48 67.69
N VAL U 261 -25.18 33.39 68.01
CA VAL U 261 -23.99 33.43 68.85
C VAL U 261 -22.80 32.76 68.18
N SER U 262 -22.89 32.48 66.88
CA SER U 262 -21.79 31.81 66.20
C SER U 262 -20.52 32.66 66.22
N LYS U 263 -20.68 33.98 66.17
CA LYS U 263 -19.53 34.88 66.26
C LYS U 263 -19.09 35.07 67.70
N LEU U 264 -20.05 35.11 68.62
CA LEU U 264 -19.72 35.28 70.03
C LEU U 264 -18.87 34.14 70.54
N LEU U 265 -19.19 32.91 70.14
CA LEU U 265 -18.43 31.76 70.60
C LEU U 265 -17.01 31.80 70.05
N LYS U 266 -16.85 32.23 68.80
CA LYS U 266 -15.52 32.39 68.24
C LYS U 266 -14.73 33.42 69.03
N LEU U 267 -15.37 34.53 69.38
CA LEU U 267 -14.70 35.57 70.15
C LEU U 267 -14.27 35.03 71.51
N ARG U 268 -15.14 34.28 72.16
CA ARG U 268 -14.82 33.73 73.48
C ARG U 268 -13.66 32.76 73.39
N GLN U 269 -13.68 31.89 72.37
CA GLN U 269 -12.61 30.92 72.21
C GLN U 269 -11.29 31.62 71.94
N ALA U 270 -11.30 32.67 71.12
CA ALA U 270 -10.06 33.38 70.82
C ALA U 270 -9.51 34.07 72.07
N LEU U 271 -10.38 34.71 72.85
CA LEU U 271 -9.91 35.36 74.06
C LEU U 271 -9.42 34.34 75.08
N ASN U 272 -10.03 33.16 75.13
CA ASN U 272 -9.57 32.13 76.06
C ASN U 272 -8.23 31.57 75.61
N SER U 273 -8.00 31.48 74.30
CA SER U 273 -6.73 30.96 73.81
C SER U 273 -5.61 31.96 73.97
N SER U 274 -5.90 33.26 73.82
CA SER U 274 -4.88 34.29 73.97
C SER U 274 -4.76 34.71 75.44
N ALA U 275 -4.46 33.73 76.28
CA ALA U 275 -4.34 33.96 77.71
C ALA U 275 -3.40 32.91 78.29
N ASP U 276 -3.01 33.14 79.53
CA ASP U 276 -2.10 32.26 80.26
C ASP U 276 -2.74 31.78 81.56
N GLY U 277 -3.99 31.38 81.48
CA GLY U 277 -4.73 30.97 82.66
C GLY U 277 -5.08 32.10 83.60
N ARG U 278 -4.89 33.35 83.17
CA ARG U 278 -5.20 34.49 84.03
C ARG U 278 -6.70 34.70 84.18
N TYR U 279 -7.51 34.12 83.31
CA TYR U 279 -8.95 34.28 83.36
C TYR U 279 -9.61 33.20 82.52
N LYS U 280 -10.93 33.12 82.63
CA LYS U 280 -11.73 32.18 81.85
C LYS U 280 -13.13 32.75 81.73
N LEU U 281 -13.63 32.84 80.51
CA LEU U 281 -14.88 33.53 80.22
C LEU U 281 -16.02 32.56 79.96
N SER U 282 -17.24 33.10 80.01
CA SER U 282 -18.45 32.35 79.70
C SER U 282 -19.42 33.22 78.90
N VAL U 283 -20.58 32.66 78.58
CA VAL U 283 -21.59 33.41 77.83
C VAL U 283 -22.31 34.39 78.74
N ASN U 284 -22.44 34.04 80.02
CA ASN U 284 -23.17 34.87 80.97
C ASN U 284 -22.54 36.25 81.10
N ASP U 285 -21.22 36.33 81.03
CA ASP U 285 -20.55 37.62 81.19
C ASP U 285 -20.83 38.54 80.01
N PHE U 286 -20.71 38.01 78.79
CA PHE U 286 -21.10 38.77 77.60
C PHE U 286 -22.53 39.25 77.72
N LEU U 287 -23.42 38.37 78.16
CA LEU U 287 -24.83 38.74 78.28
C LEU U 287 -25.02 39.84 79.31
N ILE U 288 -24.25 39.81 80.40
CA ILE U 288 -24.38 40.82 81.43
C ILE U 288 -23.92 42.17 80.92
N LYS U 289 -22.79 42.19 80.22
CA LYS U 289 -22.31 43.43 79.60
C LYS U 289 -23.36 43.99 78.63
N ALA U 290 -23.95 43.11 77.84
CA ALA U 290 -24.96 43.55 76.89
C ALA U 290 -26.18 44.10 77.61
N MET U 291 -26.56 43.47 78.73
CA MET U 291 -27.67 43.98 79.52
C MET U 291 -27.39 45.39 80.01
N GLY U 292 -26.16 45.62 80.49
CA GLY U 292 -25.81 46.95 80.94
C GLY U 292 -25.88 47.97 79.82
N ILE U 293 -25.39 47.60 78.64
CA ILE U 293 -25.41 48.52 77.50
C ILE U 293 -26.84 48.87 77.13
N ALA U 294 -27.70 47.85 77.06
CA ALA U 294 -29.09 48.10 76.70
C ALA U 294 -29.79 48.94 77.75
N SER U 295 -29.51 48.69 79.02
CA SER U 295 -30.14 49.46 80.09
C SER U 295 -29.70 50.91 80.04
N LYS U 296 -28.47 51.17 79.63
CA LYS U 296 -28.02 52.56 79.51
C LYS U 296 -28.61 53.23 78.28
N ARG U 297 -28.80 52.49 77.19
CA ARG U 297 -29.40 53.09 76.01
C ARG U 297 -30.89 53.33 76.18
N VAL U 298 -31.55 52.56 77.04
CA VAL U 298 -32.97 52.71 77.31
C VAL U 298 -33.17 52.72 78.83
N PRO U 299 -33.06 53.87 79.48
CA PRO U 299 -33.01 53.87 80.95
C PRO U 299 -34.33 53.53 81.62
N THR U 300 -35.45 53.58 80.89
CA THR U 300 -36.74 53.35 81.53
C THR U 300 -36.84 51.94 82.08
N VAL U 301 -36.14 50.98 81.48
CA VAL U 301 -36.15 49.62 81.99
C VAL U 301 -35.48 49.57 83.35
N ASN U 302 -34.35 50.25 83.49
CA ASN U 302 -33.64 50.32 84.76
C ASN U 302 -34.42 51.26 85.67
N SER U 303 -35.49 50.72 86.24
CA SER U 303 -36.44 51.52 87.01
C SER U 303 -37.03 50.62 88.09
N SER U 304 -38.04 51.14 88.78
CA SER U 304 -38.72 50.40 89.84
C SER U 304 -40.09 51.02 90.05
N TRP U 305 -40.74 50.65 91.15
CA TRP U 305 -42.03 51.20 91.53
C TRP U 305 -42.04 51.41 93.04
N ARG U 306 -42.32 52.63 93.46
CA ARG U 306 -42.26 53.02 94.86
C ARG U 306 -43.54 53.75 95.25
N ASP U 307 -43.54 54.39 96.42
CA ASP U 307 -44.74 55.02 96.94
C ASP U 307 -45.10 56.25 96.12
N GLY U 308 -45.97 56.07 95.12
CA GLY U 308 -46.39 57.18 94.29
C GLY U 308 -45.28 57.87 93.53
N VAL U 309 -44.19 57.14 93.25
CA VAL U 309 -43.01 57.73 92.63
C VAL U 309 -42.22 56.64 91.95
N ILE U 310 -41.63 56.98 90.81
CA ILE U 310 -40.76 56.08 90.06
C ILE U 310 -39.32 56.42 90.43
N ARG U 311 -38.59 55.43 90.92
CA ARG U 311 -37.18 55.59 91.23
C ARG U 311 -36.35 55.09 90.05
N GLN U 312 -35.64 55.99 89.41
CA GLN U 312 -34.79 55.69 88.27
C GLN U 312 -33.33 55.78 88.68
N PHE U 313 -32.55 54.75 88.32
CA PHE U 313 -31.13 54.70 88.60
C PHE U 313 -30.35 55.19 87.39
N GLU U 314 -29.01 55.21 87.54
CA GLU U 314 -28.08 55.56 86.48
C GLU U 314 -27.14 54.41 86.16
N THR U 315 -26.60 53.77 87.19
CA THR U 315 -25.80 52.57 87.02
C THR U 315 -26.70 51.35 86.92
N VAL U 316 -26.09 50.21 86.60
CA VAL U 316 -26.80 48.96 86.39
C VAL U 316 -26.29 47.97 87.41
N ASP U 317 -27.14 47.65 88.38
CA ASP U 317 -26.87 46.63 89.38
C ASP U 317 -27.55 45.33 88.96
N VAL U 318 -26.74 44.30 88.74
CA VAL U 318 -27.20 43.07 88.11
C VAL U 318 -27.29 41.97 89.16
N SER U 319 -28.47 41.36 89.28
CA SER U 319 -28.69 40.26 90.20
C SER U 319 -28.58 38.94 89.45
N VAL U 320 -27.59 38.12 89.81
CA VAL U 320 -27.34 36.85 89.15
C VAL U 320 -27.83 35.73 90.05
N ALA U 321 -28.57 34.79 89.46
CA ALA U 321 -29.13 33.69 90.21
C ALA U 321 -28.11 32.57 90.37
N VAL U 322 -28.12 31.95 91.55
CA VAL U 322 -27.31 30.78 91.85
C VAL U 322 -28.19 29.77 92.55
N ALA U 323 -28.05 28.50 92.14
CA ALA U 323 -28.88 27.40 92.62
C ALA U 323 -28.06 26.56 93.58
N THR U 324 -28.25 26.80 94.87
CA THR U 324 -27.60 26.02 95.91
C THR U 324 -28.48 24.86 96.32
N PRO U 325 -27.92 23.86 97.00
CA PRO U 325 -28.78 22.82 97.59
C PRO U 325 -29.78 23.36 98.59
N ASN U 326 -29.50 24.52 99.19
CA ASN U 326 -30.46 25.18 100.07
C ASN U 326 -31.60 25.81 99.30
N GLY U 327 -31.41 26.13 98.02
CA GLY U 327 -32.45 26.73 97.22
C GLY U 327 -31.93 27.67 96.14
N LEU U 328 -32.45 28.88 96.10
CA LEU U 328 -32.06 29.89 95.12
C LEU U 328 -31.57 31.13 95.86
N ILE U 329 -30.61 31.82 95.24
CA ILE U 329 -30.07 33.03 95.83
C ILE U 329 -29.65 33.96 94.70
N THR U 330 -29.60 35.26 94.98
CA THR U 330 -29.35 36.30 93.97
C THR U 330 -28.29 37.27 94.45
N PRO U 331 -27.00 36.90 94.34
CA PRO U 331 -25.94 37.88 94.54
C PRO U 331 -26.01 38.98 93.50
N ILE U 332 -25.26 40.06 93.75
CA ILE U 332 -25.33 41.28 92.96
C ILE U 332 -23.93 41.62 92.46
N VAL U 333 -23.88 42.14 91.25
CA VAL U 333 -22.70 42.80 90.69
C VAL U 333 -23.02 44.27 90.54
N LYS U 334 -22.06 45.11 90.90
CA LYS U 334 -22.23 46.56 90.96
C LYS U 334 -21.46 47.25 89.85
N GLY U 335 -22.04 48.33 89.32
CA GLY U 335 -21.39 49.15 88.33
C GLY U 335 -20.92 48.38 87.11
N VAL U 336 -21.85 47.68 86.45
CA VAL U 336 -21.47 46.78 85.36
C VAL U 336 -20.93 47.57 84.19
N GLU U 337 -21.69 48.56 83.72
CA GLU U 337 -21.31 49.33 82.55
C GLU U 337 -19.96 49.99 82.79
N GLY U 338 -18.99 49.65 81.96
CA GLY U 338 -17.64 50.12 82.16
C GLY U 338 -16.99 49.50 83.36
N LYS U 339 -16.87 48.17 83.37
CA LYS U 339 -16.19 47.47 84.45
C LYS U 339 -15.17 46.45 83.94
N GLY U 340 -15.46 45.77 82.82
CA GLY U 340 -14.56 44.80 82.26
C GLY U 340 -14.98 43.36 82.47
N LEU U 341 -14.85 42.57 81.40
CA LEU U 341 -15.31 41.18 81.43
C LEU U 341 -14.51 40.36 82.43
N GLU U 342 -13.21 40.62 82.56
CA GLU U 342 -12.39 39.83 83.47
C GLU U 342 -12.82 40.08 84.91
N SER U 343 -12.97 41.35 85.29
CA SER U 343 -13.45 41.67 86.62
C SER U 343 -14.83 41.08 86.87
N ILE U 344 -15.67 41.10 85.85
CA ILE U 344 -17.01 40.53 85.97
C ILE U 344 -16.93 39.04 86.27
N SER U 345 -16.11 38.32 85.51
CA SER U 345 -15.97 36.88 85.70
C SER U 345 -15.43 36.57 87.09
N ALA U 346 -14.43 37.32 87.53
CA ALA U 346 -13.85 37.09 88.84
C ALA U 346 -14.87 37.31 89.94
N ALA U 347 -15.64 38.40 89.84
CA ALA U 347 -16.64 38.71 90.85
C ALA U 347 -17.73 37.65 90.87
N VAL U 348 -18.16 37.19 89.70
CA VAL U 348 -19.20 36.17 89.63
C VAL U 348 -18.71 34.87 90.24
N LYS U 349 -17.47 34.47 89.93
CA LYS U 349 -16.94 33.24 90.51
C LYS U 349 -16.83 33.34 92.02
N GLU U 350 -16.34 34.47 92.52
CA GLU U 350 -16.22 34.65 93.97
C GLU U 350 -17.59 34.58 94.64
N LEU U 351 -18.57 35.29 94.09
CA LEU U 351 -19.90 35.28 94.69
C LEU U 351 -20.53 33.91 94.62
N ALA U 352 -20.31 33.19 93.52
CA ALA U 352 -20.89 31.85 93.37
C ALA U 352 -20.31 30.89 94.39
N LYS U 353 -18.99 30.92 94.57
CA LYS U 353 -18.38 30.03 95.55
C LYS U 353 -18.77 30.43 96.97
N LYS U 354 -18.86 31.73 97.23
CA LYS U 354 -19.29 32.18 98.55
C LYS U 354 -20.73 31.78 98.83
N ALA U 355 -21.55 31.71 97.79
CA ALA U 355 -22.94 31.27 97.99
C ALA U 355 -23.02 29.77 98.19
N ARG U 356 -22.19 29.01 97.47
CA ARG U 356 -22.12 27.58 97.73
C ARG U 356 -21.65 27.30 99.15
N ASP U 357 -20.78 28.16 99.69
CA ASP U 357 -20.32 28.01 101.07
C ASP U 357 -21.28 28.60 102.09
N GLY U 358 -22.15 29.52 101.67
CA GLY U 358 -23.00 30.22 102.61
C GLY U 358 -22.21 31.21 103.44
N LYS U 359 -21.61 32.20 102.77
CA LYS U 359 -20.72 33.17 103.41
C LYS U 359 -21.01 34.57 102.88
N LEU U 360 -22.28 34.92 102.75
CA LEU U 360 -22.69 36.19 102.17
C LEU U 360 -23.21 37.15 103.23
N LYS U 361 -23.20 38.43 102.88
CA LYS U 361 -23.84 39.49 103.63
C LYS U 361 -25.21 39.80 103.01
N PRO U 362 -26.13 40.39 103.78
CA PRO U 362 -27.44 40.70 103.19
C PRO U 362 -27.37 41.73 102.08
N GLU U 363 -26.47 42.71 102.20
CA GLU U 363 -26.37 43.75 101.19
C GLU U 363 -25.96 43.18 99.83
N GLU U 364 -25.24 42.07 99.83
CA GLU U 364 -24.74 41.50 98.59
C GLU U 364 -25.83 40.85 97.75
N TYR U 365 -27.00 40.58 98.34
CA TYR U 365 -28.13 40.01 97.60
C TYR U 365 -29.45 40.69 97.94
N GLN U 366 -29.40 41.89 98.52
CA GLN U 366 -30.59 42.71 98.74
C GLN U 366 -30.42 44.02 97.99
N GLY U 367 -31.14 44.15 96.88
CA GLY U 367 -31.07 45.33 96.04
C GLY U 367 -31.18 44.98 94.57
N GLY U 368 -30.38 45.64 93.75
CA GLY U 368 -30.36 45.34 92.34
C GLY U 368 -31.52 45.96 91.58
N SER U 369 -31.25 46.47 90.39
CA SER U 369 -32.29 47.02 89.53
C SER U 369 -32.83 45.99 88.56
N ILE U 370 -31.99 45.10 88.06
CA ILE U 370 -32.37 44.10 87.07
C ILE U 370 -31.74 42.78 87.48
N SER U 371 -32.32 41.69 86.98
CA SER U 371 -31.96 40.34 87.38
C SER U 371 -31.77 39.47 86.15
N ILE U 372 -31.31 38.24 86.40
CA ILE U 372 -31.06 37.27 85.34
C ILE U 372 -30.98 35.89 85.98
N SER U 373 -31.44 34.89 85.24
CA SER U 373 -31.30 33.50 85.60
C SER U 373 -30.82 32.74 84.37
N ASN U 374 -29.91 31.78 84.58
CA ASN U 374 -29.27 31.07 83.50
C ASN U 374 -29.48 29.58 83.67
N MET U 375 -29.68 28.89 82.54
CA MET U 375 -29.85 27.45 82.52
C MET U 375 -29.12 26.81 81.34
N GLY U 376 -28.04 27.42 80.87
CA GLY U 376 -27.36 26.95 79.69
C GLY U 376 -26.71 25.59 79.84
N MET U 377 -26.36 25.19 81.06
CA MET U 377 -25.72 23.90 81.25
C MET U 377 -26.65 22.76 80.89
N ASN U 378 -27.94 22.94 81.09
CA ASN U 378 -28.91 21.90 80.76
C ASN U 378 -29.34 22.05 79.31
N PRO U 379 -29.01 21.12 78.42
CA PRO U 379 -29.27 21.35 76.99
C PRO U 379 -30.72 21.20 76.57
N ALA U 380 -31.55 20.56 77.38
CA ALA U 380 -32.92 20.27 76.97
C ALA U 380 -33.78 21.53 76.93
N VAL U 381 -33.54 22.47 77.84
CA VAL U 381 -34.43 23.61 78.02
C VAL U 381 -34.23 24.52 76.81
N GLN U 382 -35.24 24.57 75.94
CA GLN U 382 -35.23 25.52 74.83
C GLN U 382 -35.59 26.91 75.31
N SER U 383 -36.55 27.02 76.21
CA SER U 383 -36.96 28.32 76.73
C SER U 383 -37.61 28.13 78.09
N PHE U 384 -37.65 29.21 78.84
CA PHE U 384 -38.35 29.19 80.12
C PHE U 384 -38.53 30.61 80.61
N THR U 385 -39.59 30.81 81.36
CA THR U 385 -39.91 32.08 81.97
C THR U 385 -39.41 32.07 83.41
N ALA U 386 -39.45 33.24 84.05
CA ALA U 386 -39.12 33.38 85.46
C ALA U 386 -40.09 34.39 86.07
N ILE U 387 -39.79 34.80 87.30
CA ILE U 387 -40.64 35.67 88.08
C ILE U 387 -39.80 36.84 88.57
N ILE U 388 -40.41 38.02 88.59
CA ILE U 388 -39.70 39.27 88.84
C ILE U 388 -39.43 39.39 90.33
N ASN U 389 -38.17 39.34 90.72
CA ASN U 389 -37.80 39.56 92.10
C ASN U 389 -38.04 41.03 92.44
N PRO U 390 -38.98 41.37 93.32
CA PRO U 390 -39.30 42.77 93.54
C PRO U 390 -38.17 43.47 94.27
N PRO U 391 -38.16 44.81 94.28
CA PRO U 391 -39.10 45.74 93.64
C PRO U 391 -38.73 46.05 92.20
N GLN U 392 -37.92 45.21 91.59
CA GLN U 392 -37.42 45.45 90.23
C GLN U 392 -38.57 45.42 89.22
N ALA U 393 -38.24 45.69 87.96
CA ALA U 393 -39.23 45.84 86.90
C ALA U 393 -39.09 44.82 85.78
N ALA U 394 -37.95 44.15 85.68
CA ALA U 394 -37.70 43.25 84.57
C ALA U 394 -36.84 42.09 85.03
N ILE U 395 -36.82 41.04 84.21
CA ILE U 395 -35.92 39.92 84.45
C ILE U 395 -35.75 39.16 83.15
N LEU U 396 -34.58 38.57 83.00
CA LEU U 396 -34.17 37.87 81.79
C LEU U 396 -34.10 36.37 82.06
N ALA U 397 -34.02 35.62 80.96
CA ALA U 397 -33.85 34.18 81.04
C ALA U 397 -33.24 33.70 79.73
N VAL U 398 -32.16 32.93 79.85
CA VAL U 398 -31.37 32.49 78.71
C VAL U 398 -31.51 30.99 78.59
N GLY U 399 -32.09 30.51 77.50
CA GLY U 399 -32.17 29.10 77.25
C GLY U 399 -30.84 28.52 76.82
N ALA U 400 -30.86 27.25 76.44
CA ALA U 400 -29.67 26.59 75.96
C ALA U 400 -29.49 26.87 74.47
N PRO U 401 -28.28 26.67 73.95
CA PRO U 401 -28.08 26.80 72.51
C PRO U 401 -28.58 25.58 71.75
N GLN U 402 -28.88 25.80 70.47
CA GLN U 402 -29.41 24.77 69.61
C GLN U 402 -28.95 25.02 68.18
N LYS U 403 -29.16 24.02 67.33
CA LYS U 403 -28.79 24.08 65.93
C LYS U 403 -30.04 24.38 65.12
N VAL U 404 -29.95 25.34 64.21
CA VAL U 404 -31.08 25.79 63.41
C VAL U 404 -30.62 25.96 61.97
N ALA U 405 -31.55 25.74 61.05
CA ALA U 405 -31.32 25.98 59.65
C ALA U 405 -31.48 27.45 59.32
N VAL U 406 -30.60 27.97 58.47
CA VAL U 406 -30.61 29.37 58.07
C VAL U 406 -30.26 29.44 56.59
N PRO U 407 -30.91 30.28 55.80
CA PRO U 407 -30.49 30.43 54.40
C PRO U 407 -29.17 31.15 54.28
N VAL U 408 -28.53 30.94 53.14
CA VAL U 408 -27.26 31.62 52.83
C VAL U 408 -27.11 31.66 51.32
N GLU U 409 -26.58 32.78 50.83
CA GLU U 409 -26.35 32.97 49.41
C GLU U 409 -24.92 32.63 49.07
N ASN U 410 -24.73 31.56 48.29
CA ASN U 410 -23.41 31.23 47.78
C ASN U 410 -22.96 32.29 46.77
N GLU U 411 -21.73 32.12 46.28
CA GLU U 411 -21.19 33.05 45.29
C GLU U 411 -22.05 33.13 44.03
N ASP U 412 -22.78 32.07 43.69
CA ASP U 412 -23.74 32.10 42.60
C ASP U 412 -25.11 32.52 43.15
N GLY U 413 -26.09 32.58 42.25
CA GLY U 413 -27.40 33.09 42.62
C GLY U 413 -28.21 32.18 43.53
N THR U 414 -27.90 30.88 43.55
CA THR U 414 -28.70 29.94 44.33
C THR U 414 -28.48 30.13 45.81
N THR U 415 -29.50 29.82 46.59
CA THR U 415 -29.41 29.81 48.03
C THR U 415 -28.88 28.46 48.52
N GLY U 416 -28.46 28.43 49.78
CA GLY U 416 -27.93 27.23 50.39
C GLY U 416 -28.32 27.15 51.85
N VAL U 417 -27.88 26.09 52.48
CA VAL U 417 -28.19 25.80 53.88
C VAL U 417 -26.94 26.03 54.71
N SER U 418 -27.08 26.79 55.79
CA SER U 418 -26.02 27.03 56.74
C SER U 418 -26.56 26.79 58.14
N TRP U 419 -25.72 26.19 58.99
CA TRP U 419 -26.10 25.82 60.34
C TRP U 419 -25.57 26.86 61.31
N ASP U 420 -26.49 27.60 61.93
CA ASP U 420 -26.17 28.62 62.92
C ASP U 420 -26.57 28.12 64.30
N GLU U 421 -25.87 28.60 65.31
CA GLU U 421 -26.14 28.26 66.70
C GLU U 421 -27.01 29.35 67.30
N GLN U 422 -28.27 29.02 67.59
CA GLN U 422 -29.24 29.95 68.10
C GLN U 422 -29.52 29.72 69.57
N ILE U 423 -29.88 30.79 70.25
CA ILE U 423 -30.35 30.76 71.63
C ILE U 423 -31.66 31.52 71.71
N ILE U 424 -32.60 30.99 72.45
CA ILE U 424 -33.84 31.69 72.74
C ILE U 424 -33.66 32.46 74.04
N VAL U 425 -34.22 33.65 74.07
CA VAL U 425 -34.15 34.56 75.20
C VAL U 425 -35.56 35.00 75.55
N THR U 426 -35.89 34.90 76.83
CA THR U 426 -37.21 35.24 77.34
C THR U 426 -37.06 36.32 78.38
N ALA U 427 -37.77 37.43 78.19
CA ALA U 427 -37.75 38.56 79.10
C ALA U 427 -39.15 38.80 79.63
N SER U 428 -39.28 38.81 80.95
CA SER U 428 -40.54 39.16 81.60
C SER U 428 -40.45 40.60 82.08
N PHE U 429 -41.51 41.38 81.82
CA PHE U 429 -41.55 42.78 82.19
C PHE U 429 -42.75 43.08 83.06
N ASP U 430 -42.61 44.11 83.90
CA ASP U 430 -43.73 44.68 84.62
C ASP U 430 -44.39 45.74 83.75
N HIS U 431 -45.71 45.65 83.63
CA HIS U 431 -46.44 46.48 82.69
C HIS U 431 -46.78 47.86 83.24
N LYS U 432 -46.73 48.04 84.56
CA LYS U 432 -46.98 49.36 85.13
C LYS U 432 -45.96 50.37 84.63
N VAL U 433 -44.70 49.97 84.58
CA VAL U 433 -43.60 50.86 84.22
C VAL U 433 -43.34 50.82 82.73
N VAL U 434 -43.25 49.63 82.17
CA VAL U 434 -42.77 49.41 80.82
C VAL U 434 -43.94 49.03 79.92
N ASP U 435 -43.83 49.38 78.65
CA ASP U 435 -44.78 49.01 77.62
C ASP U 435 -44.10 48.16 76.56
N GLY U 436 -44.93 47.62 75.67
CA GLY U 436 -44.44 46.68 74.68
C GLY U 436 -43.41 47.30 73.76
N ALA U 437 -43.63 48.55 73.35
CA ALA U 437 -42.68 49.21 72.47
C ALA U 437 -41.32 49.37 73.14
N VAL U 438 -41.32 49.75 74.41
CA VAL U 438 -40.07 49.97 75.13
C VAL U 438 -39.34 48.65 75.30
N GLY U 439 -40.07 47.60 75.66
CA GLY U 439 -39.43 46.30 75.80
C GLY U 439 -38.88 45.80 74.48
N ALA U 440 -39.61 46.00 73.39
CA ALA U 440 -39.13 45.59 72.08
C ALA U 440 -37.87 46.35 71.70
N GLU U 441 -37.81 47.63 72.04
CA GLU U 441 -36.63 48.42 71.75
C GLU U 441 -35.42 47.90 72.51
N TRP U 442 -35.62 47.60 73.80
CA TRP U 442 -34.56 47.03 74.62
C TRP U 442 -34.05 45.73 74.01
N ILE U 443 -34.97 44.86 73.62
CA ILE U 443 -34.58 43.57 73.04
C ILE U 443 -33.85 43.78 71.72
N ARG U 444 -34.28 44.76 70.93
CA ARG U 444 -33.61 45.03 69.67
C ARG U 444 -32.17 45.45 69.90
N GLU U 445 -31.95 46.35 70.86
CA GLU U 445 -30.59 46.78 71.15
C GLU U 445 -29.74 45.62 71.64
N LEU U 446 -30.33 44.74 72.46
CA LEU U 446 -29.58 43.59 72.93
C LEU U 446 -29.18 42.68 71.78
N LYS U 447 -30.14 42.37 70.91
CA LYS U 447 -29.85 41.53 69.75
C LYS U 447 -28.77 42.14 68.89
N LYS U 448 -28.83 43.46 68.69
CA LYS U 448 -27.85 44.13 67.85
C LYS U 448 -26.46 44.00 68.45
N VAL U 449 -26.34 44.30 69.74
CA VAL U 449 -25.04 44.26 70.41
C VAL U 449 -24.47 42.85 70.38
N ILE U 450 -25.32 41.84 70.55
CA ILE U 450 -24.83 40.47 70.55
C ILE U 450 -24.40 40.06 69.16
N GLU U 451 -25.24 40.34 68.17
CA GLU U 451 -24.97 39.89 66.81
C GLU U 451 -23.73 40.59 66.25
N ASN U 452 -23.46 41.82 66.70
CA ASN U 452 -22.23 42.53 66.37
C ASN U 452 -21.44 42.69 67.66
N PRO U 453 -20.65 41.69 68.07
CA PRO U 453 -20.00 41.77 69.39
C PRO U 453 -19.04 42.92 69.52
N LEU U 454 -18.55 43.46 68.41
CA LEU U 454 -17.56 44.54 68.47
C LEU U 454 -18.15 45.80 69.07
N GLU U 455 -19.47 45.95 69.07
CA GLU U 455 -20.09 47.10 69.70
C GLU U 455 -20.06 47.03 71.22
N LEU U 456 -19.62 45.92 71.80
CA LEU U 456 -19.41 45.86 73.24
C LEU U 456 -18.43 46.92 73.71
N LEU U 457 -17.48 47.30 72.85
CA LEU U 457 -16.56 48.37 73.19
C LEU U 457 -17.30 49.70 73.37
N LEU U 458 -18.43 49.86 72.68
CA LEU U 458 -19.21 51.08 72.75
C LEU U 458 -20.19 51.04 73.93
N TYR V 227 -15.45 -46.06 102.50
CA TYR V 227 -14.27 -45.88 103.35
C TYR V 227 -14.48 -44.74 104.33
N THR V 228 -14.27 -43.51 103.87
CA THR V 228 -14.44 -42.36 104.74
C THR V 228 -15.92 -42.22 105.10
N ASP V 229 -16.19 -41.99 106.38
CA ASP V 229 -17.56 -41.97 106.92
C ASP V 229 -17.79 -40.64 107.60
N VAL V 230 -18.42 -39.72 106.89
CA VAL V 230 -18.67 -38.37 107.41
C VAL V 230 -20.12 -38.30 107.88
N PRO V 231 -20.39 -37.90 109.13
CA PRO V 231 -21.79 -37.72 109.53
C PRO V 231 -22.46 -36.60 108.74
N ILE V 232 -23.78 -36.65 108.73
CA ILE V 232 -24.57 -35.65 108.02
C ILE V 232 -24.68 -34.41 108.88
N SER V 233 -24.66 -33.24 108.23
CA SER V 233 -24.72 -31.97 108.96
C SER V 233 -26.04 -31.78 109.69
N GLY V 234 -27.10 -32.47 109.28
CA GLY V 234 -28.42 -32.30 109.84
C GLY V 234 -29.28 -31.34 109.03
N MET V 235 -28.66 -30.31 108.48
CA MET V 235 -29.39 -29.37 107.64
C MET V 235 -29.85 -30.04 106.35
N ARG V 236 -29.02 -30.93 105.81
CA ARG V 236 -29.39 -31.63 104.58
C ARG V 236 -30.59 -32.54 104.82
N LYS V 237 -30.81 -32.98 106.06
CA LYS V 237 -31.93 -33.86 106.36
C LYS V 237 -33.25 -33.18 106.03
N THR V 238 -33.38 -31.91 106.41
CA THR V 238 -34.61 -31.18 106.17
C THR V 238 -34.86 -31.01 104.68
N ILE V 239 -33.82 -30.69 103.92
CA ILE V 239 -33.97 -30.51 102.48
C ILE V 239 -34.33 -31.83 101.82
N ALA V 240 -33.72 -32.92 102.26
CA ALA V 240 -34.04 -34.23 101.69
C ALA V 240 -35.49 -34.60 101.97
N ALA V 241 -35.94 -34.37 103.20
CA ALA V 241 -37.33 -34.65 103.54
C ALA V 241 -38.28 -33.79 102.72
N ARG V 242 -37.94 -32.52 102.54
CA ARG V 242 -38.78 -31.62 101.76
C ARG V 242 -38.90 -32.09 100.32
N LEU V 243 -37.77 -32.45 99.71
CA LEU V 243 -37.78 -32.93 98.33
C LEU V 243 -38.53 -34.25 98.20
N LYS V 244 -38.38 -35.13 99.19
CA LYS V 244 -39.12 -36.38 99.19
C LYS V 244 -40.62 -36.11 99.25
N GLU V 245 -41.03 -35.16 100.09
CA GLU V 245 -42.42 -34.77 100.14
C GLU V 245 -42.88 -34.25 98.79
N SER V 246 -42.06 -33.45 98.13
CA SER V 246 -42.41 -32.90 96.83
C SER V 246 -42.68 -34.00 95.82
N VAL V 247 -41.72 -34.92 95.67
CA VAL V 247 -41.86 -35.95 94.64
C VAL V 247 -42.93 -36.97 94.99
N THR V 248 -43.15 -37.27 96.27
CA THR V 248 -44.13 -38.29 96.62
C THR V 248 -45.55 -37.74 96.65
N GLU V 249 -45.71 -36.42 96.88
CA GLU V 249 -47.05 -35.84 96.93
C GLU V 249 -47.48 -35.34 95.56
N ASN V 250 -46.57 -34.72 94.83
CA ASN V 250 -46.88 -34.07 93.57
C ASN V 250 -46.21 -34.83 92.42
N PRO V 251 -46.95 -35.33 91.43
CA PRO V 251 -46.27 -35.88 90.26
C PRO V 251 -45.62 -34.77 89.47
N HIS V 252 -44.76 -35.15 88.54
CA HIS V 252 -43.97 -34.21 87.75
C HIS V 252 -44.00 -34.60 86.30
N PHE V 253 -44.30 -33.63 85.44
CA PHE V 253 -44.10 -33.77 84.01
C PHE V 253 -43.39 -32.53 83.48
N PHE V 254 -42.61 -32.74 82.44
CA PHE V 254 -41.62 -31.79 81.96
C PHE V 254 -41.96 -31.35 80.55
N VAL V 255 -41.68 -30.08 80.27
CA VAL V 255 -41.84 -29.49 78.95
C VAL V 255 -40.52 -28.85 78.60
N SER V 256 -40.11 -28.97 77.35
CA SER V 256 -38.80 -28.55 76.88
C SER V 256 -38.95 -27.81 75.57
N THR V 257 -38.48 -26.56 75.54
CA THR V 257 -38.60 -25.72 74.37
C THR V 257 -37.28 -25.02 74.10
N ASN V 258 -37.25 -24.31 72.97
CA ASN V 258 -36.06 -23.61 72.51
C ASN V 258 -36.44 -22.17 72.21
N LEU V 259 -35.66 -21.24 72.73
CA LEU V 259 -35.89 -19.81 72.53
C LEU V 259 -34.79 -19.23 71.65
N SER V 260 -35.06 -18.03 71.14
CA SER V 260 -34.11 -17.28 70.32
C SER V 260 -33.86 -15.94 70.99
N VAL V 261 -32.59 -15.63 71.25
CA VAL V 261 -32.20 -14.49 72.05
C VAL V 261 -31.26 -13.54 71.32
N SER V 262 -31.17 -13.67 69.99
CA SER V 262 -30.28 -12.79 69.24
C SER V 262 -30.70 -11.34 69.36
N LYS V 263 -32.00 -11.09 69.48
CA LYS V 263 -32.49 -9.73 69.69
C LYS V 263 -32.35 -9.31 71.14
N LEU V 264 -32.59 -10.25 72.06
CA LEU V 264 -32.48 -9.94 73.48
C LEU V 264 -31.06 -9.50 73.84
N LEU V 265 -30.07 -10.17 73.27
CA LEU V 265 -28.69 -9.81 73.61
C LEU V 265 -28.33 -8.45 73.05
N LYS V 266 -28.81 -8.12 71.85
CA LYS V 266 -28.61 -6.78 71.32
C LYS V 266 -29.25 -5.73 72.23
N LEU V 267 -30.46 -6.01 72.70
CA LEU V 267 -31.15 -5.09 73.60
C LEU V 267 -30.35 -4.89 74.88
N ARG V 268 -29.86 -5.99 75.45
CA ARG V 268 -29.07 -5.91 76.68
C ARG V 268 -27.82 -5.09 76.45
N GLN V 269 -27.14 -5.33 75.33
CA GLN V 269 -25.93 -4.59 75.02
C GLN V 269 -26.21 -3.10 74.87
N ALA V 270 -27.32 -2.76 74.20
CA ALA V 270 -27.64 -1.36 74.00
C ALA V 270 -27.95 -0.66 75.31
N LEU V 271 -28.75 -1.31 76.17
CA LEU V 271 -29.08 -0.70 77.44
C LEU V 271 -27.85 -0.60 78.34
N ASN V 272 -26.93 -1.55 78.26
CA ASN V 272 -25.71 -1.47 79.05
C ASN V 272 -24.82 -0.34 78.57
N SER V 273 -24.70 -0.17 77.24
CA SER V 273 -23.87 0.90 76.71
C SER V 273 -24.46 2.27 76.99
N SER V 274 -25.79 2.41 76.90
CA SER V 274 -26.44 3.68 77.18
C SER V 274 -26.69 3.82 78.69
N ALA V 275 -25.58 3.84 79.42
CA ALA V 275 -25.62 3.90 80.87
C ALA V 275 -24.30 4.46 81.37
N ASP V 276 -24.31 4.89 82.62
CA ASP V 276 -23.17 5.51 83.27
C ASP V 276 -22.73 4.70 84.48
N GLY V 277 -22.73 3.37 84.34
CA GLY V 277 -22.44 2.51 85.47
C GLY V 277 -23.49 2.49 86.54
N ARG V 278 -24.64 3.10 86.30
CA ARG V 278 -25.70 3.14 87.30
C ARG V 278 -26.36 1.78 87.48
N TYR V 279 -26.27 0.91 86.48
CA TYR V 279 -26.88 -0.42 86.54
C TYR V 279 -26.12 -1.36 85.62
N LYS V 280 -26.41 -2.65 85.77
CA LYS V 280 -25.85 -3.68 84.90
C LYS V 280 -26.85 -4.81 84.82
N LEU V 281 -27.14 -5.25 83.59
CA LEU V 281 -28.21 -6.20 83.34
C LEU V 281 -27.68 -7.57 82.96
N SER V 282 -28.57 -8.56 83.05
CA SER V 282 -28.27 -9.93 82.66
C SER V 282 -29.48 -10.56 82.02
N VAL V 283 -29.39 -11.85 81.71
CA VAL V 283 -30.49 -12.55 81.04
C VAL V 283 -31.56 -12.96 82.05
N ASN V 284 -31.15 -13.24 83.28
CA ASN V 284 -32.08 -13.72 84.30
C ASN V 284 -33.16 -12.70 84.58
N ASP V 285 -32.84 -11.40 84.52
CA ASP V 285 -33.84 -10.38 84.83
C ASP V 285 -34.91 -10.32 83.76
N PHE V 286 -34.51 -10.33 82.49
CA PHE V 286 -35.47 -10.40 81.40
C PHE V 286 -36.34 -11.64 81.53
N LEU V 287 -35.73 -12.77 81.88
CA LEU V 287 -36.49 -13.99 82.05
C LEU V 287 -37.51 -13.85 83.17
N ILE V 288 -37.14 -13.15 84.24
CA ILE V 288 -38.04 -12.99 85.37
C ILE V 288 -39.23 -12.12 84.98
N LYS V 289 -38.97 -11.05 84.24
CA LYS V 289 -40.05 -10.19 83.78
C LYS V 289 -41.00 -10.98 82.87
N ALA V 290 -40.43 -11.79 81.97
CA ALA V 290 -41.27 -12.57 81.08
C ALA V 290 -42.09 -13.59 81.86
N MET V 291 -41.50 -14.18 82.89
CA MET V 291 -42.23 -15.11 83.75
C MET V 291 -43.42 -14.42 84.39
N GLY V 292 -43.21 -13.19 84.89
CA GLY V 292 -44.31 -12.47 85.50
C GLY V 292 -45.42 -12.18 84.50
N ILE V 293 -45.05 -11.77 83.30
CA ILE V 293 -46.06 -11.46 82.29
C ILE V 293 -46.85 -12.71 81.93
N ALA V 294 -46.15 -13.83 81.77
CA ALA V 294 -46.84 -15.07 81.44
C ALA V 294 -47.78 -15.50 82.55
N SER V 295 -47.32 -15.37 83.79
CA SER V 295 -48.17 -15.74 84.92
C SER V 295 -49.42 -14.88 84.97
N LYS V 296 -49.29 -13.59 84.63
CA LYS V 296 -50.46 -12.73 84.65
C LYS V 296 -51.41 -13.04 83.49
N ARG V 297 -50.87 -13.42 82.34
CA ARG V 297 -51.76 -13.78 81.23
C ARG V 297 -52.40 -15.14 81.45
N VAL V 298 -51.80 -16.01 82.25
CA VAL V 298 -52.33 -17.33 82.55
C VAL V 298 -52.25 -17.54 84.06
N PRO V 299 -53.24 -17.11 84.84
CA PRO V 299 -53.09 -17.13 86.29
C PRO V 299 -53.15 -18.52 86.90
N THR V 300 -53.59 -19.53 86.14
CA THR V 300 -53.73 -20.86 86.71
C THR V 300 -52.40 -21.43 87.17
N VAL V 301 -51.31 -21.03 86.50
CA VAL V 301 -49.99 -21.52 86.91
C VAL V 301 -49.61 -20.90 88.25
N ASN V 302 -49.85 -19.60 88.41
CA ASN V 302 -49.57 -18.92 89.67
C ASN V 302 -50.64 -19.33 90.67
N SER V 303 -50.46 -20.53 91.22
CA SER V 303 -51.42 -21.13 92.12
C SER V 303 -50.67 -22.05 93.08
N SER V 304 -51.41 -22.87 93.81
CA SER V 304 -50.80 -23.82 94.72
C SER V 304 -51.84 -24.90 95.05
N TRP V 305 -51.52 -25.73 96.04
CA TRP V 305 -52.39 -26.81 96.49
C TRP V 305 -52.42 -26.78 98.00
N ARG V 306 -53.62 -26.62 98.57
CA ARG V 306 -53.80 -26.53 100.01
C ARG V 306 -54.85 -27.54 100.46
N ASP V 307 -55.31 -27.41 101.70
CA ASP V 307 -56.22 -28.40 102.26
C ASP V 307 -57.59 -28.31 101.62
N GLY V 308 -57.82 -29.12 100.59
CA GLY V 308 -59.10 -29.14 99.92
C GLY V 308 -59.49 -27.84 99.26
N VAL V 309 -58.51 -27.03 98.87
CA VAL V 309 -58.77 -25.71 98.33
C VAL V 309 -57.56 -25.25 97.53
N ILE V 310 -57.83 -24.56 96.42
CA ILE V 310 -56.80 -23.98 95.58
C ILE V 310 -56.64 -22.52 95.97
N ARG V 311 -55.42 -22.15 96.34
CA ARG V 311 -55.07 -20.78 96.68
C ARG V 311 -54.50 -20.10 95.44
N GLN V 312 -55.17 -19.05 94.97
CA GLN V 312 -54.76 -18.29 93.80
C GLN V 312 -54.34 -16.90 94.23
N PHE V 313 -53.12 -16.53 93.86
CA PHE V 313 -52.60 -15.19 94.12
C PHE V 313 -52.99 -14.25 92.98
N GLU V 314 -52.50 -13.01 93.07
CA GLU V 314 -52.64 -12.01 92.02
C GLU V 314 -51.30 -11.53 91.50
N THR V 315 -50.39 -11.19 92.40
CA THR V 315 -49.05 -10.79 92.03
C THR V 315 -48.20 -12.02 91.73
N VAL V 316 -46.93 -11.79 91.43
CA VAL V 316 -45.97 -12.83 91.10
C VAL V 316 -44.80 -12.68 92.05
N ASP V 317 -44.61 -13.69 92.90
CA ASP V 317 -43.49 -13.76 93.82
C ASP V 317 -42.51 -14.80 93.28
N VAL V 318 -41.29 -14.38 92.97
CA VAL V 318 -40.33 -15.20 92.24
C VAL V 318 -39.22 -15.63 93.18
N SER V 319 -39.01 -16.93 93.27
CA SER V 319 -37.93 -17.50 94.08
C SER V 319 -36.74 -17.80 93.18
N VAL V 320 -35.64 -17.09 93.41
CA VAL V 320 -34.42 -17.26 92.62
C VAL V 320 -33.44 -18.10 93.43
N ALA V 321 -32.84 -19.08 92.78
CA ALA V 321 -31.92 -19.97 93.45
C ALA V 321 -30.52 -19.38 93.47
N VAL V 322 -29.81 -19.59 94.57
CA VAL V 322 -28.42 -19.20 94.73
C VAL V 322 -27.66 -20.37 95.33
N ALA V 323 -26.50 -20.64 94.75
CA ALA V 323 -25.68 -21.80 95.09
C ALA V 323 -24.52 -21.33 95.97
N THR V 324 -24.69 -21.50 97.27
CA THR V 324 -23.65 -21.16 98.22
C THR V 324 -22.79 -22.39 98.52
N PRO V 325 -21.59 -22.21 99.08
CA PRO V 325 -20.83 -23.38 99.53
C PRO V 325 -21.54 -24.17 100.60
N ASN V 326 -22.45 -23.54 101.35
CA ASN V 326 -23.29 -24.24 102.31
C ASN V 326 -24.34 -25.11 101.62
N GLY V 327 -24.73 -24.78 100.39
CA GLY V 327 -25.74 -25.55 99.68
C GLY V 327 -26.54 -24.70 98.71
N LEU V 328 -27.86 -24.76 98.83
CA LEU V 328 -28.78 -24.03 97.96
C LEU V 328 -29.71 -23.19 98.81
N ILE V 329 -30.09 -22.03 98.28
CA ILE V 329 -31.01 -21.15 98.98
C ILE V 329 -31.86 -20.43 97.95
N THR V 330 -33.05 -19.99 98.36
CA THR V 330 -34.04 -19.42 97.46
C THR V 330 -34.56 -18.09 98.00
N PRO V 331 -33.82 -17.00 97.83
CA PRO V 331 -34.38 -15.68 98.10
C PRO V 331 -35.54 -15.39 97.16
N ILE V 332 -36.29 -14.35 97.50
CA ILE V 332 -37.56 -14.03 96.84
C ILE V 332 -37.53 -12.60 96.38
N VAL V 333 -38.13 -12.36 95.22
CA VAL V 333 -38.43 -11.03 94.71
C VAL V 333 -39.94 -10.88 94.71
N LYS V 334 -40.41 -9.73 95.20
CA LYS V 334 -41.82 -9.45 95.42
C LYS V 334 -42.33 -8.46 94.38
N GLY V 335 -43.55 -8.69 93.92
CA GLY V 335 -44.22 -7.78 93.03
C GLY V 335 -43.45 -7.52 91.74
N VAL V 336 -43.14 -8.60 91.02
CA VAL V 336 -42.30 -8.50 89.83
C VAL V 336 -43.02 -7.69 88.76
N GLU V 337 -44.24 -8.09 88.43
CA GLU V 337 -44.98 -7.42 87.35
C GLU V 337 -45.15 -5.95 87.68
N GLY V 338 -44.63 -5.10 86.80
CA GLY V 338 -44.63 -3.69 87.07
C GLY V 338 -43.70 -3.30 88.20
N LYS V 339 -42.42 -3.57 88.04
CA LYS V 339 -41.41 -3.21 89.03
C LYS V 339 -40.20 -2.52 88.42
N GLY V 340 -39.79 -2.91 87.23
CA GLY V 340 -38.62 -2.33 86.58
C GLY V 340 -37.38 -3.21 86.64
N LEU V 341 -36.71 -3.33 85.49
CA LEU V 341 -35.56 -4.21 85.40
C LEU V 341 -34.41 -3.75 86.27
N GLU V 342 -34.24 -2.44 86.42
CA GLU V 342 -33.14 -1.92 87.25
C GLU V 342 -33.36 -2.29 88.70
N SER V 343 -34.56 -2.05 89.21
CA SER V 343 -34.90 -2.45 90.57
C SER V 343 -34.74 -3.95 90.75
N ILE V 344 -35.14 -4.73 89.75
CA ILE V 344 -35.00 -6.18 89.80
C ILE V 344 -33.55 -6.58 89.97
N SER V 345 -32.69 -6.07 89.09
CA SER V 345 -31.27 -6.41 89.14
C SER V 345 -30.65 -5.99 90.47
N ALA V 346 -31.02 -4.81 90.96
CA ALA V 346 -30.46 -4.34 92.23
C ALA V 346 -30.86 -5.26 93.36
N ALA V 347 -32.14 -5.62 93.43
CA ALA V 347 -32.62 -6.48 94.50
C ALA V 347 -31.97 -7.86 94.42
N VAL V 348 -31.80 -8.38 93.21
CA VAL V 348 -31.21 -9.70 93.06
C VAL V 348 -29.74 -9.68 93.49
N LYS V 349 -29.00 -8.63 93.12
CA LYS V 349 -27.61 -8.52 93.55
C LYS V 349 -27.54 -8.43 95.08
N GLU V 350 -28.42 -7.63 95.67
CA GLU V 350 -28.42 -7.50 97.13
C GLU V 350 -28.67 -8.84 97.80
N LEU V 351 -29.72 -9.55 97.36
CA LEU V 351 -30.05 -10.82 98.00
C LEU V 351 -28.97 -11.86 97.77
N ALA V 352 -28.35 -11.86 96.58
CA ALA V 352 -27.31 -12.83 96.31
C ALA V 352 -26.09 -12.61 97.20
N LYS V 353 -25.67 -11.35 97.34
CA LYS V 353 -24.54 -11.08 98.23
C LYS V 353 -24.90 -11.36 99.68
N LYS V 354 -26.13 -11.06 100.08
CA LYS V 354 -26.54 -11.33 101.44
C LYS V 354 -26.62 -12.82 101.72
N ALA V 355 -26.91 -13.64 100.70
CA ALA V 355 -26.92 -15.07 100.89
C ALA V 355 -25.50 -15.63 100.91
N ARG V 356 -24.60 -15.08 100.10
CA ARG V 356 -23.20 -15.46 100.19
C ARG V 356 -22.63 -15.10 101.56
N ASP V 357 -23.14 -14.04 102.18
CA ASP V 357 -22.71 -13.65 103.51
C ASP V 357 -23.45 -14.40 104.62
N GLY V 358 -24.64 -14.92 104.34
CA GLY V 358 -25.44 -15.58 105.35
C GLY V 358 -26.06 -14.59 106.32
N LYS V 359 -26.91 -13.70 105.81
CA LYS V 359 -27.48 -12.61 106.60
C LYS V 359 -28.96 -12.42 106.29
N LEU V 360 -29.67 -13.51 106.01
CA LEU V 360 -31.05 -13.44 105.55
C LEU V 360 -32.02 -13.69 106.69
N LYS V 361 -33.26 -13.28 106.47
CA LYS V 361 -34.41 -13.55 107.32
C LYS V 361 -35.21 -14.71 106.75
N PRO V 362 -35.99 -15.41 107.57
CA PRO V 362 -36.76 -16.54 107.02
C PRO V 362 -37.82 -16.12 106.02
N GLU V 363 -38.47 -14.98 106.26
CA GLU V 363 -39.53 -14.53 105.36
C GLU V 363 -39.00 -14.25 103.95
N GLU V 364 -37.72 -13.90 103.83
CA GLU V 364 -37.16 -13.57 102.54
C GLU V 364 -36.95 -14.80 101.66
N TYR V 365 -36.99 -16.01 102.22
CA TYR V 365 -36.87 -17.24 101.45
C TYR V 365 -37.88 -18.29 101.87
N GLN V 366 -38.99 -17.88 102.50
CA GLN V 366 -40.09 -18.78 102.82
C GLN V 366 -41.37 -18.18 102.27
N GLY V 367 -41.88 -18.79 101.21
CA GLY V 367 -43.05 -18.31 100.51
C GLY V 367 -42.89 -18.45 99.01
N GLY V 368 -43.35 -17.46 98.26
CA GLY V 368 -43.14 -17.48 96.83
C GLY V 368 -44.13 -18.39 96.11
N SER V 369 -44.61 -17.94 94.95
CA SER V 369 -45.54 -18.72 94.15
C SER V 369 -44.85 -19.51 93.07
N ILE V 370 -43.78 -18.99 92.49
CA ILE V 370 -43.07 -19.62 91.39
C ILE V 370 -41.57 -19.47 91.62
N SER V 371 -40.79 -20.35 91.00
CA SER V 371 -39.37 -20.44 91.24
C SER V 371 -38.60 -20.50 89.93
N ILE V 372 -37.28 -20.48 90.04
CA ILE V 372 -36.38 -20.53 88.89
C ILE V 372 -35.02 -20.96 89.37
N SER V 373 -34.28 -21.66 88.50
CA SER V 373 -32.89 -22.00 88.71
C SER V 373 -32.14 -21.71 87.43
N ASN V 374 -30.93 -21.18 87.57
CA ASN V 374 -30.12 -20.74 86.44
C ASN V 374 -28.78 -21.45 86.48
N MET V 375 -28.29 -21.81 85.28
CA MET V 375 -26.97 -22.41 85.12
C MET V 375 -26.26 -21.85 83.90
N GLY V 376 -26.60 -20.62 83.48
CA GLY V 376 -26.08 -20.08 82.24
C GLY V 376 -24.58 -19.87 82.24
N MET V 377 -23.96 -19.75 83.41
CA MET V 377 -22.52 -19.54 83.45
C MET V 377 -21.76 -20.75 82.94
N ASN V 378 -22.30 -21.95 83.18
CA ASN V 378 -21.63 -23.17 82.78
C ASN V 378 -22.01 -23.51 81.34
N PRO V 379 -21.12 -23.33 80.36
CA PRO V 379 -21.53 -23.51 78.97
C PRO V 379 -21.78 -24.94 78.55
N ALA V 380 -21.48 -25.91 79.40
CA ALA V 380 -21.63 -27.31 79.01
C ALA V 380 -23.07 -27.77 79.09
N VAL V 381 -23.85 -27.20 80.01
CA VAL V 381 -25.20 -27.68 80.27
C VAL V 381 -26.11 -27.20 79.14
N GLN V 382 -26.55 -28.14 78.31
CA GLN V 382 -27.55 -27.81 77.29
C GLN V 382 -28.93 -27.72 77.93
N SER V 383 -29.23 -28.59 78.88
CA SER V 383 -30.52 -28.56 79.54
C SER V 383 -30.46 -29.35 80.83
N PHE V 384 -31.46 -29.13 81.67
CA PHE V 384 -31.58 -29.89 82.90
C PHE V 384 -32.95 -29.65 83.48
N THR V 385 -33.34 -30.56 84.37
CA THR V 385 -34.58 -30.48 85.10
C THR V 385 -34.27 -30.08 86.54
N ALA V 386 -35.32 -29.71 87.28
CA ALA V 386 -35.21 -29.40 88.69
C ALA V 386 -36.40 -30.02 89.40
N ILE V 387 -36.55 -29.67 90.68
CA ILE V 387 -37.58 -30.23 91.55
C ILE V 387 -38.38 -29.07 92.13
N ILE V 388 -39.68 -29.27 92.27
CA ILE V 388 -40.61 -28.20 92.59
C ILE V 388 -40.52 -27.93 94.10
N ASN V 389 -40.05 -26.75 94.44
CA ASN V 389 -39.99 -26.33 95.83
C ASN V 389 -41.41 -26.11 96.36
N PRO V 390 -41.93 -26.96 97.24
CA PRO V 390 -43.33 -26.82 97.63
C PRO V 390 -43.54 -25.58 98.46
N PRO V 391 -44.80 -25.14 98.64
CA PRO V 391 -46.04 -25.73 98.11
C PRO V 391 -46.38 -25.22 96.71
N GLN V 392 -45.37 -24.77 95.97
CA GLN V 392 -45.58 -24.18 94.65
C GLN V 392 -46.03 -25.23 93.65
N ALA V 393 -46.28 -24.80 92.41
CA ALA V 393 -46.86 -25.64 91.37
C ALA V 393 -45.98 -25.82 90.15
N ALA V 394 -44.95 -24.99 89.98
CA ALA V 394 -44.13 -25.03 88.78
C ALA V 394 -42.71 -24.61 89.13
N ILE V 395 -41.81 -24.86 88.19
CA ILE V 395 -40.45 -24.36 88.30
C ILE V 395 -39.81 -24.40 86.92
N LEU V 396 -38.90 -23.46 86.70
CA LEU V 396 -38.26 -23.22 85.43
C LEU V 396 -36.78 -23.60 85.50
N ALA V 397 -36.17 -23.71 84.33
CA ALA V 397 -34.75 -23.98 84.23
C ALA V 397 -34.25 -23.50 82.87
N VAL V 398 -33.14 -22.78 82.89
CA VAL V 398 -32.61 -22.11 81.70
C VAL V 398 -31.20 -22.67 81.48
N GLY V 399 -31.01 -23.34 80.33
CA GLY V 399 -29.71 -23.85 79.99
C GLY V 399 -28.77 -22.76 79.52
N ALA V 400 -27.65 -23.19 78.96
CA ALA V 400 -26.69 -22.26 78.41
C ALA V 400 -27.06 -21.88 76.98
N PRO V 401 -26.50 -20.79 76.46
CA PRO V 401 -26.70 -20.46 75.05
C PRO V 401 -25.82 -21.31 74.15
N GLN V 402 -26.29 -21.48 72.92
CA GLN V 402 -25.61 -22.33 71.95
C GLN V 402 -25.83 -21.77 70.55
N LYS V 403 -25.02 -22.25 69.62
CA LYS V 403 -25.10 -21.86 68.22
C LYS V 403 -25.84 -22.94 67.46
N VAL V 404 -26.84 -22.53 66.68
CA VAL V 404 -27.69 -23.45 65.93
C VAL V 404 -27.86 -22.93 64.52
N ALA V 405 -28.00 -23.87 63.59
CA ALA V 405 -28.28 -23.52 62.20
C ALA V 405 -29.76 -23.22 62.03
N VAL V 406 -30.05 -22.19 61.25
CA VAL V 406 -31.41 -21.73 61.00
C VAL V 406 -31.52 -21.36 59.52
N PRO V 407 -32.59 -21.73 58.82
CA PRO V 407 -32.75 -21.25 57.44
C PRO V 407 -33.04 -19.77 57.39
N VAL V 408 -32.77 -19.17 56.24
CA VAL V 408 -33.06 -17.76 56.01
C VAL V 408 -33.20 -17.55 54.51
N GLU V 409 -34.15 -16.71 54.14
CA GLU V 409 -34.40 -16.38 52.74
C GLU V 409 -33.64 -15.12 52.36
N ASN V 410 -32.65 -15.28 51.50
CA ASN V 410 -31.97 -14.12 50.93
C ASN V 410 -32.93 -13.37 50.01
N GLU V 411 -32.45 -12.23 49.50
CA GLU V 411 -33.26 -11.43 48.59
C GLU V 411 -33.71 -12.22 47.36
N ASP V 412 -32.92 -13.20 46.92
CA ASP V 412 -33.32 -14.08 45.84
C ASP V 412 -34.12 -15.24 46.40
N GLY V 413 -34.57 -16.12 45.52
CA GLY V 413 -35.44 -17.22 45.93
C GLY V 413 -34.75 -18.32 46.71
N THR V 414 -33.42 -18.36 46.70
CA THR V 414 -32.71 -19.42 47.38
C THR V 414 -32.65 -19.17 48.88
N THR V 415 -32.65 -20.27 49.63
CA THR V 415 -32.47 -20.21 51.07
C THR V 415 -30.98 -20.14 51.41
N GLY V 416 -30.70 -19.69 52.63
CA GLY V 416 -29.34 -19.57 53.10
C GLY V 416 -29.25 -20.02 54.55
N VAL V 417 -28.01 -20.02 55.05
CA VAL V 417 -27.71 -20.44 56.41
C VAL V 417 -27.40 -19.20 57.23
N SER V 418 -28.01 -19.13 58.41
CA SER V 418 -27.73 -18.08 59.38
C SER V 418 -27.59 -18.72 60.76
N TRP V 419 -26.73 -18.14 61.57
CA TRP V 419 -26.39 -18.69 62.88
C TRP V 419 -27.13 -17.90 63.95
N ASP V 420 -28.10 -18.55 64.58
CA ASP V 420 -28.91 -17.95 65.63
C ASP V 420 -28.51 -18.53 66.97
N GLU V 421 -28.53 -17.69 67.99
CA GLU V 421 -28.17 -18.07 69.35
C GLU V 421 -29.41 -18.59 70.05
N GLN V 422 -29.43 -19.89 70.37
CA GLN V 422 -30.55 -20.54 71.01
C GLN V 422 -30.25 -20.86 72.46
N ILE V 423 -31.31 -20.94 73.25
CA ILE V 423 -31.27 -21.45 74.61
C ILE V 423 -32.39 -22.46 74.76
N ILE V 424 -32.12 -23.53 75.48
CA ILE V 424 -33.13 -24.51 75.83
C ILE V 424 -33.69 -24.13 77.19
N VAL V 425 -35.00 -24.34 77.35
CA VAL V 425 -35.71 -24.04 78.58
C VAL V 425 -36.53 -25.26 78.95
N THR V 426 -36.49 -25.62 80.23
CA THR V 426 -37.19 -26.77 80.75
C THR V 426 -38.07 -26.35 81.91
N ALA V 427 -39.35 -26.67 81.84
CA ALA V 427 -40.32 -26.35 82.86
C ALA V 427 -40.92 -27.63 83.41
N SER V 428 -40.85 -27.78 84.74
CA SER V 428 -41.50 -28.89 85.42
C SER V 428 -42.75 -28.38 86.11
N PHE V 429 -43.86 -29.11 85.92
CA PHE V 429 -45.14 -28.70 86.46
C PHE V 429 -45.73 -29.78 87.37
N ASP V 430 -46.64 -29.36 88.23
CA ASP V 430 -47.45 -30.30 89.01
C ASP V 430 -48.74 -30.56 88.25
N HIS V 431 -49.08 -31.83 88.11
CA HIS V 431 -50.21 -32.23 87.28
C HIS V 431 -51.55 -32.11 88.00
N LYS V 432 -51.56 -32.00 89.33
CA LYS V 432 -52.82 -31.82 90.05
C LYS V 432 -53.50 -30.53 89.64
N VAL V 433 -52.72 -29.47 89.48
CA VAL V 433 -53.24 -28.14 89.17
C VAL V 433 -53.30 -27.90 87.68
N VAL V 434 -52.20 -28.14 87.00
CA VAL V 434 -51.99 -27.71 85.63
C VAL V 434 -52.10 -28.90 84.71
N ASP V 435 -52.57 -28.64 83.49
CA ASP V 435 -52.63 -29.61 82.42
C ASP V 435 -51.63 -29.28 81.34
N GLY V 436 -51.40 -30.25 80.45
CA GLY V 436 -50.43 -30.07 79.39
C GLY V 436 -50.75 -28.89 78.49
N ALA V 437 -52.04 -28.69 78.19
CA ALA V 437 -52.45 -27.57 77.36
C ALA V 437 -52.12 -26.24 78.04
N VAL V 438 -52.39 -26.15 79.33
CA VAL V 438 -52.15 -24.91 80.05
C VAL V 438 -50.67 -24.61 80.11
N GLY V 439 -49.86 -25.63 80.39
CA GLY V 439 -48.42 -25.44 80.39
C GLY V 439 -47.90 -25.02 79.03
N ALA V 440 -48.44 -25.62 77.97
CA ALA V 440 -48.02 -25.28 76.62
C ALA V 440 -48.37 -23.83 76.32
N GLU V 441 -49.53 -23.38 76.77
CA GLU V 441 -49.94 -22.01 76.54
C GLU V 441 -49.02 -21.05 77.27
N TRP V 442 -48.66 -21.38 78.51
CA TRP V 442 -47.72 -20.57 79.26
C TRP V 442 -46.38 -20.47 78.53
N ILE V 443 -45.89 -21.60 78.04
CA ILE V 443 -44.61 -21.60 77.33
C ILE V 443 -44.70 -20.80 76.04
N ARG V 444 -45.84 -20.89 75.36
CA ARG V 444 -46.01 -20.12 74.13
C ARG V 444 -45.95 -18.63 74.42
N GLU V 445 -46.63 -18.18 75.47
CA GLU V 445 -46.60 -16.77 75.81
C GLU V 445 -45.19 -16.33 76.17
N LEU V 446 -44.45 -17.17 76.89
CA LEU V 446 -43.08 -16.83 77.25
C LEU V 446 -42.22 -16.69 76.00
N LYS V 447 -42.28 -17.68 75.11
CA LYS V 447 -41.51 -17.64 73.88
C LYS V 447 -41.85 -16.40 73.06
N LYS V 448 -43.13 -16.06 72.99
CA LYS V 448 -43.54 -14.90 72.21
C LYS V 448 -42.96 -13.63 72.80
N VAL V 449 -43.08 -13.47 74.12
CA VAL V 449 -42.59 -12.25 74.77
C VAL V 449 -41.08 -12.13 74.58
N ILE V 450 -40.36 -13.25 74.62
CA ILE V 450 -38.91 -13.18 74.50
C ILE V 450 -38.53 -12.87 73.06
N GLU V 451 -39.10 -13.61 72.12
CA GLU V 451 -38.72 -13.44 70.72
C GLU V 451 -39.09 -12.05 70.22
N ASN V 452 -40.12 -11.44 70.82
CA ASN V 452 -40.43 -10.04 70.58
C ASN V 452 -40.21 -9.28 71.88
N PRO V 453 -38.97 -8.88 72.20
CA PRO V 453 -38.71 -8.26 73.51
C PRO V 453 -39.50 -6.99 73.74
N LEU V 454 -39.93 -6.32 72.67
CA LEU V 454 -40.64 -5.05 72.81
C LEU V 454 -41.95 -5.20 73.56
N GLU V 455 -42.53 -6.40 73.57
CA GLU V 455 -43.77 -6.62 74.31
C GLU V 455 -43.55 -6.71 75.82
N LEU V 456 -42.31 -6.66 76.29
CA LEU V 456 -42.06 -6.53 77.72
C LEU V 456 -42.70 -5.26 78.28
N LEU V 457 -42.82 -4.23 77.45
CA LEU V 457 -43.50 -3.01 77.87
C LEU V 457 -44.96 -3.29 78.21
N LEU V 458 -45.56 -4.28 77.56
CA LEU V 458 -46.95 -4.63 77.77
C LEU V 458 -47.10 -5.62 78.93
N TYR W 227 -112.73 12.05 -3.12
CA TYR W 227 -113.07 13.45 -3.33
C TYR W 227 -113.43 13.71 -4.78
N THR W 228 -112.41 13.95 -5.62
CA THR W 228 -112.68 14.24 -7.01
C THR W 228 -113.30 13.02 -7.69
N ASP W 229 -114.30 13.27 -8.53
CA ASP W 229 -115.13 12.20 -9.11
C ASP W 229 -115.19 12.42 -10.62
N VAL W 230 -114.29 11.77 -11.35
CA VAL W 230 -114.20 11.92 -12.80
C VAL W 230 -114.92 10.72 -13.43
N PRO W 231 -115.94 10.93 -14.27
CA PRO W 231 -116.52 9.80 -15.00
C PRO W 231 -115.51 9.16 -15.95
N ILE W 232 -115.80 7.93 -16.33
CA ILE W 232 -114.88 7.13 -17.11
C ILE W 232 -115.06 7.47 -18.59
N SER W 233 -113.95 7.43 -19.32
CA SER W 233 -113.96 7.80 -20.74
C SER W 233 -114.77 6.83 -21.60
N GLY W 234 -115.05 5.63 -21.11
CA GLY W 234 -115.73 4.61 -21.89
C GLY W 234 -114.78 3.71 -22.66
N MET W 235 -113.71 4.29 -23.20
CA MET W 235 -112.71 3.47 -23.88
C MET W 235 -112.05 2.51 -22.91
N ARG W 236 -111.79 2.96 -21.68
CA ARG W 236 -111.18 2.08 -20.68
C ARG W 236 -112.09 0.91 -20.33
N LYS W 237 -113.40 1.07 -20.50
CA LYS W 237 -114.33 -0.01 -20.19
C LYS W 237 -114.04 -1.24 -21.04
N THR W 238 -113.80 -1.02 -22.33
CA THR W 238 -113.55 -2.13 -23.24
C THR W 238 -112.25 -2.85 -22.86
N ILE W 239 -111.21 -2.08 -22.54
CA ILE W 239 -109.93 -2.69 -22.20
C ILE W 239 -110.05 -3.44 -20.88
N ALA W 240 -110.82 -2.90 -19.93
CA ALA W 240 -111.04 -3.59 -18.67
C ALA W 240 -111.75 -4.92 -18.89
N ALA W 241 -112.81 -4.91 -19.71
CA ALA W 241 -113.52 -6.15 -20.00
C ALA W 241 -112.61 -7.15 -20.71
N ARG W 242 -111.78 -6.66 -21.63
CA ARG W 242 -110.86 -7.53 -22.36
C ARG W 242 -109.88 -8.20 -21.41
N LEU W 243 -109.25 -7.42 -20.53
CA LEU W 243 -108.30 -7.97 -19.59
C LEU W 243 -108.96 -8.91 -18.60
N LYS W 244 -110.19 -8.60 -18.20
CA LYS W 244 -110.94 -9.49 -17.31
C LYS W 244 -111.21 -10.82 -17.98
N GLU W 245 -111.64 -10.78 -19.24
CA GLU W 245 -111.82 -12.01 -20.00
C GLU W 245 -110.52 -12.79 -20.07
N SER W 246 -109.41 -12.09 -20.29
CA SER W 246 -108.12 -12.77 -20.41
C SER W 246 -107.78 -13.51 -19.12
N VAL W 247 -107.83 -12.82 -17.99
CA VAL W 247 -107.41 -13.44 -16.74
C VAL W 247 -108.40 -14.50 -16.27
N THR W 248 -109.69 -14.37 -16.59
CA THR W 248 -110.65 -15.35 -16.10
C THR W 248 -110.74 -16.57 -17.02
N GLU W 249 -110.41 -16.41 -18.30
CA GLU W 249 -110.45 -17.54 -19.24
C GLU W 249 -109.13 -18.29 -19.25
N ASN W 250 -108.01 -17.56 -19.14
CA ASN W 250 -106.69 -18.11 -19.35
C ASN W 250 -105.90 -18.06 -18.05
N PRO W 251 -105.45 -19.19 -17.51
CA PRO W 251 -104.53 -19.11 -16.36
C PRO W 251 -103.15 -18.69 -16.81
N HIS W 252 -102.46 -17.99 -15.92
CA HIS W 252 -101.17 -17.40 -16.22
C HIS W 252 -100.09 -18.04 -15.36
N PHE W 253 -98.98 -18.39 -15.99
CA PHE W 253 -97.75 -18.71 -15.27
C PHE W 253 -96.59 -18.05 -15.98
N PHE W 254 -95.59 -17.68 -15.19
CA PHE W 254 -94.53 -16.79 -15.60
C PHE W 254 -93.19 -17.52 -15.58
N VAL W 255 -92.29 -17.11 -16.47
CA VAL W 255 -90.94 -17.64 -16.55
C VAL W 255 -89.99 -16.47 -16.65
N SER W 256 -88.98 -16.46 -15.78
CA SER W 256 -88.09 -15.33 -15.62
C SER W 256 -86.65 -15.79 -15.80
N THR W 257 -85.94 -15.14 -16.72
CA THR W 257 -84.56 -15.51 -17.03
C THR W 257 -83.71 -14.26 -17.13
N ASN W 258 -82.40 -14.50 -17.28
CA ASN W 258 -81.40 -13.46 -17.37
C ASN W 258 -80.56 -13.70 -18.62
N LEU W 259 -80.42 -12.67 -19.44
CA LEU W 259 -79.65 -12.73 -20.66
C LEU W 259 -78.34 -11.98 -20.50
N SER W 260 -77.49 -12.09 -21.52
CA SER W 260 -76.22 -11.37 -21.58
C SER W 260 -76.12 -10.71 -22.95
N VAL W 261 -75.94 -9.39 -22.94
CA VAL W 261 -76.04 -8.57 -24.14
C VAL W 261 -74.76 -7.79 -24.43
N SER W 262 -73.66 -8.16 -23.77
CA SER W 262 -72.41 -7.42 -23.97
C SER W 262 -71.94 -7.52 -25.42
N LYS W 263 -72.23 -8.64 -26.08
CA LYS W 263 -71.89 -8.78 -27.49
C LYS W 263 -72.93 -8.12 -28.38
N LEU W 264 -74.20 -8.19 -27.97
CA LEU W 264 -75.27 -7.57 -28.75
C LEU W 264 -75.06 -6.08 -28.87
N LEU W 265 -74.68 -5.42 -27.79
CA LEU W 265 -74.50 -3.98 -27.83
C LEU W 265 -73.33 -3.60 -28.71
N LYS W 266 -72.25 -4.37 -28.66
CA LYS W 266 -71.14 -4.15 -29.58
C LYS W 266 -71.58 -4.27 -31.02
N LEU W 267 -72.37 -5.30 -31.32
CA LEU W 267 -72.86 -5.50 -32.67
C LEU W 267 -73.71 -4.32 -33.13
N ARG W 268 -74.59 -3.84 -32.25
CA ARG W 268 -75.44 -2.71 -32.59
C ARG W 268 -74.61 -1.47 -32.85
N GLN W 269 -73.62 -1.22 -31.99
CA GLN W 269 -72.76 -0.06 -32.14
C GLN W 269 -71.99 -0.12 -33.46
N ALA W 270 -71.50 -1.30 -33.82
CA ALA W 270 -70.72 -1.42 -35.05
C ALA W 270 -71.60 -1.23 -36.28
N LEU W 271 -72.80 -1.83 -36.28
CA LEU W 271 -73.70 -1.64 -37.40
C LEU W 271 -74.15 -0.19 -37.51
N ASN W 272 -74.29 0.51 -36.39
CA ASN W 272 -74.65 1.92 -36.46
C ASN W 272 -73.50 2.75 -37.00
N SER W 273 -72.27 2.41 -36.61
CA SER W 273 -71.12 3.16 -37.10
C SER W 273 -70.88 2.92 -38.59
N SER W 274 -71.13 1.70 -39.08
CA SER W 274 -70.94 1.38 -40.49
C SER W 274 -72.22 1.69 -41.27
N ALA W 275 -72.60 2.96 -41.23
CA ALA W 275 -73.81 3.42 -41.89
C ALA W 275 -73.65 4.90 -42.23
N ASP W 276 -74.55 5.37 -43.10
CA ASP W 276 -74.56 6.74 -43.57
C ASP W 276 -75.82 7.46 -43.13
N GLY W 277 -76.27 7.19 -41.91
CA GLY W 277 -77.55 7.69 -41.46
C GLY W 277 -78.74 7.07 -42.15
N ARG W 278 -78.53 5.99 -42.92
CA ARG W 278 -79.62 5.36 -43.64
C ARG W 278 -80.56 4.60 -42.69
N TYR W 279 -80.08 4.25 -41.49
CA TYR W 279 -80.88 3.51 -40.54
C TYR W 279 -80.32 3.73 -39.14
N LYS W 280 -81.08 3.28 -38.15
CA LYS W 280 -80.68 3.37 -36.76
C LYS W 280 -81.38 2.26 -35.99
N LEU W 281 -80.61 1.46 -35.25
CA LEU W 281 -81.11 0.26 -34.63
C LEU W 281 -81.28 0.43 -33.12
N SER W 282 -82.05 -0.50 -32.55
CA SER W 282 -82.26 -0.57 -31.11
C SER W 282 -82.17 -2.01 -30.64
N VAL W 283 -82.55 -2.28 -29.39
CA VAL W 283 -82.50 -3.62 -28.84
C VAL W 283 -83.78 -4.38 -29.18
N ASN W 284 -84.91 -3.66 -29.23
CA ASN W 284 -86.20 -4.29 -29.45
C ASN W 284 -86.25 -5.02 -30.79
N ASP W 285 -85.54 -4.52 -31.79
CA ASP W 285 -85.58 -5.13 -33.11
C ASP W 285 -84.87 -6.48 -33.10
N PHE W 286 -83.68 -6.53 -32.52
CA PHE W 286 -83.00 -7.81 -32.31
C PHE W 286 -83.88 -8.76 -31.54
N LEU W 287 -84.54 -8.26 -30.50
CA LEU W 287 -85.42 -9.12 -29.71
C LEU W 287 -86.55 -9.67 -30.54
N ILE W 288 -87.10 -8.86 -31.44
CA ILE W 288 -88.23 -9.31 -32.25
C ILE W 288 -87.79 -10.38 -33.24
N LYS W 289 -86.62 -10.18 -33.85
CA LYS W 289 -86.08 -11.20 -34.75
C LYS W 289 -85.86 -12.51 -34.00
N ALA W 290 -85.33 -12.42 -32.77
CA ALA W 290 -85.09 -13.63 -32.00
C ALA W 290 -86.41 -14.29 -31.61
N MET W 291 -87.43 -13.49 -31.34
CA MET W 291 -88.75 -14.04 -31.05
C MET W 291 -89.27 -14.83 -32.24
N GLY W 292 -89.10 -14.29 -33.44
CA GLY W 292 -89.53 -15.01 -34.62
C GLY W 292 -88.79 -16.31 -34.79
N ILE W 293 -87.47 -16.29 -34.56
CA ILE W 293 -86.67 -17.51 -34.72
C ILE W 293 -87.13 -18.57 -33.71
N ALA W 294 -87.33 -18.16 -32.46
CA ALA W 294 -87.75 -19.11 -31.43
C ALA W 294 -89.13 -19.66 -31.74
N SER W 295 -90.03 -18.80 -32.22
CA SER W 295 -91.37 -19.25 -32.56
C SER W 295 -91.34 -20.26 -33.69
N LYS W 296 -90.43 -20.07 -34.65
CA LYS W 296 -90.34 -21.03 -35.75
C LYS W 296 -89.70 -22.34 -35.30
N ARG W 297 -88.73 -22.28 -34.39
CA ARG W 297 -88.13 -23.51 -33.89
C ARG W 297 -89.09 -24.28 -33.00
N VAL W 298 -90.02 -23.58 -32.36
CA VAL W 298 -91.01 -24.20 -31.48
C VAL W 298 -92.38 -23.67 -31.85
N PRO W 299 -93.07 -24.25 -32.83
CA PRO W 299 -94.31 -23.63 -33.32
C PRO W 299 -95.47 -23.73 -32.36
N THR W 300 -95.39 -24.55 -31.31
CA THR W 300 -96.50 -24.69 -30.39
C THR W 300 -96.81 -23.38 -29.68
N VAL W 301 -95.80 -22.54 -29.48
CA VAL W 301 -96.03 -21.25 -28.85
C VAL W 301 -96.87 -20.35 -29.75
N ASN W 302 -96.51 -20.29 -31.03
CA ASN W 302 -97.24 -19.49 -32.01
C ASN W 302 -98.54 -20.24 -32.31
N SER W 303 -99.50 -20.06 -31.40
CA SER W 303 -100.74 -20.81 -31.43
C SER W 303 -101.85 -19.93 -30.87
N SER W 304 -102.99 -20.53 -30.58
CA SER W 304 -104.11 -19.82 -30.00
C SER W 304 -105.07 -20.85 -29.40
N TRP W 305 -106.26 -20.38 -29.03
CA TRP W 305 -107.32 -21.24 -28.51
C TRP W 305 -108.64 -20.75 -29.10
N ARG W 306 -109.33 -21.64 -29.81
CA ARG W 306 -110.55 -21.31 -30.51
C ARG W 306 -111.65 -22.31 -30.13
N ASP W 307 -112.76 -22.29 -30.84
CA ASP W 307 -113.90 -23.11 -30.47
C ASP W 307 -113.60 -24.59 -30.72
N GLY W 308 -113.14 -25.27 -29.68
CA GLY W 308 -112.83 -26.69 -29.79
C GLY W 308 -111.77 -27.02 -30.79
N VAL W 309 -110.86 -26.09 -31.07
CA VAL W 309 -109.83 -26.28 -32.08
C VAL W 309 -108.65 -25.37 -31.76
N ILE W 310 -107.45 -25.88 -32.03
CA ILE W 310 -106.22 -25.11 -31.93
C ILE W 310 -105.88 -24.59 -33.31
N ARG W 311 -105.78 -23.26 -33.42
CA ARG W 311 -105.34 -22.62 -34.66
C ARG W 311 -103.85 -22.36 -34.56
N GLN W 312 -103.08 -22.97 -35.45
CA GLN W 312 -101.65 -22.84 -35.50
C GLN W 312 -101.26 -22.11 -36.77
N PHE W 313 -100.46 -21.06 -36.61
CA PHE W 313 -99.97 -20.27 -37.73
C PHE W 313 -98.65 -20.86 -38.23
N GLU W 314 -98.11 -20.22 -39.28
CA GLU W 314 -96.80 -20.54 -39.82
C GLU W 314 -95.86 -19.34 -39.73
N THR W 315 -96.36 -18.16 -40.05
CA THR W 315 -95.61 -16.92 -39.92
C THR W 315 -95.78 -16.37 -38.51
N VAL W 316 -94.98 -15.35 -38.21
CA VAL W 316 -94.95 -14.72 -36.89
C VAL W 316 -95.40 -13.27 -37.07
N ASP W 317 -96.55 -12.95 -36.49
CA ASP W 317 -97.06 -11.59 -36.43
C ASP W 317 -96.84 -11.07 -35.02
N VAL W 318 -96.10 -9.96 -34.91
CA VAL W 318 -95.59 -9.48 -33.63
C VAL W 318 -96.31 -8.20 -33.25
N SER W 319 -96.93 -8.20 -32.07
CA SER W 319 -97.66 -7.05 -31.56
C SER W 319 -96.76 -6.27 -30.61
N VAL W 320 -96.40 -5.06 -31.00
CA VAL W 320 -95.50 -4.21 -30.22
C VAL W 320 -96.32 -3.16 -29.50
N ALA W 321 -96.06 -2.99 -28.21
CA ALA W 321 -96.80 -2.04 -27.39
C ALA W 321 -96.24 -0.64 -27.55
N VAL W 322 -97.14 0.34 -27.54
CA VAL W 322 -96.78 1.76 -27.55
C VAL W 322 -97.66 2.47 -26.53
N ALA W 323 -97.05 3.35 -25.76
CA ALA W 323 -97.69 4.02 -24.63
C ALA W 323 -98.01 5.45 -25.05
N THR W 324 -99.23 5.67 -25.50
CA THR W 324 -99.69 6.99 -25.87
C THR W 324 -100.28 7.70 -24.66
N PRO W 325 -100.39 9.03 -24.69
CA PRO W 325 -101.13 9.73 -23.61
C PRO W 325 -102.57 9.28 -23.50
N ASN W 326 -103.16 8.76 -24.57
CA ASN W 326 -104.49 8.19 -24.53
C ASN W 326 -104.53 6.85 -23.81
N GLY W 327 -103.41 6.13 -23.76
CA GLY W 327 -103.35 4.84 -23.10
C GLY W 327 -102.32 3.91 -23.70
N LEU W 328 -102.73 2.70 -24.04
CA LEU W 328 -101.85 1.68 -24.60
C LEU W 328 -102.41 1.21 -25.92
N ILE W 329 -101.52 0.88 -26.85
CA ILE W 329 -101.93 0.40 -28.16
C ILE W 329 -100.90 -0.61 -28.65
N THR W 330 -101.32 -1.50 -29.54
CA THR W 330 -100.50 -2.62 -30.00
C THR W 330 -100.53 -2.72 -31.52
N PRO W 331 -99.73 -1.91 -32.22
CA PRO W 331 -99.52 -2.14 -33.65
C PRO W 331 -98.85 -3.48 -33.89
N ILE W 332 -98.88 -3.91 -35.15
CA ILE W 332 -98.44 -5.24 -35.55
C ILE W 332 -97.38 -5.10 -36.63
N VAL W 333 -96.38 -5.98 -36.57
CA VAL W 333 -95.44 -6.19 -37.65
C VAL W 333 -95.73 -7.56 -38.25
N LYS W 334 -95.69 -7.64 -39.57
CA LYS W 334 -96.09 -8.83 -40.32
C LYS W 334 -94.88 -9.50 -40.94
N GLY W 335 -94.88 -10.84 -40.90
CA GLY W 335 -93.86 -11.62 -41.54
C GLY W 335 -92.46 -11.29 -41.06
N VAL W 336 -92.25 -11.39 -39.75
CA VAL W 336 -90.97 -11.00 -39.17
C VAL W 336 -89.85 -11.90 -39.67
N GLU W 337 -90.04 -13.21 -39.51
CA GLU W 337 -89.02 -14.16 -39.91
C GLU W 337 -88.69 -14.00 -41.39
N GLY W 338 -87.44 -13.66 -41.66
CA GLY W 338 -87.01 -13.38 -43.02
C GLY W 338 -87.53 -12.05 -43.52
N LYS W 339 -87.24 -10.97 -42.79
CA LYS W 339 -87.65 -9.62 -43.19
C LYS W 339 -86.53 -8.61 -43.17
N GLY W 340 -85.62 -8.68 -42.20
CA GLY W 340 -84.52 -7.75 -42.12
C GLY W 340 -84.69 -6.68 -41.06
N LEU W 341 -83.60 -6.40 -40.33
CA LEU W 341 -83.67 -5.50 -39.20
C LEU W 341 -83.95 -4.07 -39.63
N GLU W 342 -83.42 -3.65 -40.77
CA GLU W 342 -83.66 -2.29 -41.23
C GLU W 342 -85.13 -2.07 -41.53
N SER W 343 -85.73 -3.00 -42.27
CA SER W 343 -87.17 -2.92 -42.54
C SER W 343 -87.97 -2.97 -41.25
N ILE W 344 -87.54 -3.79 -40.30
CA ILE W 344 -88.23 -3.88 -39.02
C ILE W 344 -88.21 -2.53 -38.32
N SER W 345 -87.03 -1.90 -38.23
CA SER W 345 -86.92 -0.63 -37.56
C SER W 345 -87.74 0.44 -38.25
N ALA W 346 -87.72 0.44 -39.58
CA ALA W 346 -88.49 1.44 -40.33
C ALA W 346 -89.98 1.29 -40.05
N ALA W 347 -90.48 0.05 -40.13
CA ALA W 347 -91.90 -0.19 -39.89
C ALA W 347 -92.28 0.18 -38.46
N VAL W 348 -91.42 -0.13 -37.50
CA VAL W 348 -91.73 0.17 -36.11
C VAL W 348 -91.77 1.68 -35.89
N LYS W 349 -90.83 2.41 -36.47
CA LYS W 349 -90.84 3.87 -36.34
C LYS W 349 -92.09 4.46 -36.95
N GLU W 350 -92.45 4.00 -38.15
CA GLU W 350 -93.65 4.50 -38.80
C GLU W 350 -94.89 4.23 -37.97
N LEU W 351 -95.03 3.00 -37.47
CA LEU W 351 -96.21 2.65 -36.69
C LEU W 351 -96.24 3.43 -35.38
N ALA W 352 -95.09 3.64 -34.75
CA ALA W 352 -95.06 4.37 -33.49
C ALA W 352 -95.47 5.82 -33.70
N LYS W 353 -94.96 6.46 -34.74
CA LYS W 353 -95.34 7.84 -35.01
C LYS W 353 -96.81 7.93 -35.41
N LYS W 354 -97.29 6.97 -36.18
CA LYS W 354 -98.70 6.97 -36.55
C LYS W 354 -99.61 6.74 -35.35
N ALA W 355 -99.12 6.02 -34.34
CA ALA W 355 -99.90 5.83 -33.13
C ALA W 355 -99.89 7.08 -32.26
N ARG W 356 -98.74 7.75 -32.19
CA ARG W 356 -98.69 9.02 -31.48
C ARG W 356 -99.59 10.05 -32.14
N ASP W 357 -99.75 9.98 -33.47
CA ASP W 357 -100.64 10.90 -34.17
C ASP W 357 -102.09 10.44 -34.16
N GLY W 358 -102.35 9.15 -33.97
CA GLY W 358 -103.70 8.63 -34.04
C GLY W 358 -104.20 8.54 -35.47
N LYS W 359 -103.55 7.70 -36.28
CA LYS W 359 -103.82 7.60 -37.71
C LYS W 359 -103.83 6.13 -38.17
N LEU W 360 -104.22 5.22 -37.28
CA LEU W 360 -104.15 3.80 -37.55
C LEU W 360 -105.48 3.24 -38.04
N LYS W 361 -105.39 2.09 -38.69
CA LYS W 361 -106.53 1.27 -39.07
C LYS W 361 -106.74 0.19 -38.02
N PRO W 362 -107.94 -0.37 -37.92
CA PRO W 362 -108.15 -1.43 -36.92
C PRO W 362 -107.37 -2.70 -37.22
N GLU W 363 -107.22 -3.05 -38.50
CA GLU W 363 -106.52 -4.27 -38.87
C GLU W 363 -105.06 -4.22 -38.43
N GLU W 364 -104.47 -3.03 -38.35
CA GLU W 364 -103.06 -2.91 -38.00
C GLU W 364 -102.79 -3.22 -36.54
N TYR W 365 -103.81 -3.20 -35.68
CA TYR W 365 -103.65 -3.56 -34.26
C TYR W 365 -104.74 -4.52 -33.79
N GLN W 366 -105.36 -5.26 -34.72
CA GLN W 366 -106.28 -6.34 -34.38
C GLN W 366 -105.76 -7.61 -35.04
N GLY W 367 -105.20 -8.50 -34.22
CA GLY W 367 -104.62 -9.73 -34.70
C GLY W 367 -103.34 -10.06 -33.97
N GLY W 368 -102.37 -10.61 -34.70
CA GLY W 368 -101.10 -10.96 -34.11
C GLY W 368 -101.15 -12.24 -33.31
N SER W 369 -100.11 -13.06 -33.43
CA SER W 369 -100.03 -14.30 -32.67
C SER W 369 -99.28 -14.15 -31.36
N ILE W 370 -98.31 -13.23 -31.31
CA ILE W 370 -97.48 -13.02 -30.14
C ILE W 370 -97.32 -11.52 -29.92
N SER W 371 -97.04 -11.14 -28.67
CA SER W 371 -97.00 -9.75 -28.26
C SER W 371 -95.74 -9.49 -27.44
N ILE W 372 -95.50 -8.21 -27.16
CA ILE W 372 -94.34 -7.78 -26.41
C ILE W 372 -94.61 -6.40 -25.85
N SER W 373 -94.00 -6.12 -24.70
CA SER W 373 -93.98 -4.79 -24.11
C SER W 373 -92.55 -4.50 -23.65
N ASN W 374 -92.14 -3.26 -23.84
CA ASN W 374 -90.77 -2.83 -23.55
C ASN W 374 -90.81 -1.64 -22.60
N MET W 375 -89.85 -1.62 -21.68
CA MET W 375 -89.68 -0.52 -20.74
C MET W 375 -88.20 -0.16 -20.57
N GLY W 376 -87.37 -0.43 -21.58
CA GLY W 376 -85.94 -0.25 -21.45
C GLY W 376 -85.52 1.18 -21.18
N MET W 377 -86.33 2.16 -21.57
CA MET W 377 -85.95 3.55 -21.33
C MET W 377 -85.92 3.88 -19.84
N ASN W 378 -86.71 3.17 -19.04
CA ASN W 378 -86.79 3.45 -17.61
C ASN W 378 -85.77 2.58 -16.87
N PRO W 379 -84.66 3.13 -16.37
CA PRO W 379 -83.62 2.27 -15.79
C PRO W 379 -83.96 1.67 -14.44
N ALA W 380 -85.09 2.05 -13.83
CA ALA W 380 -85.40 1.58 -12.50
C ALA W 380 -85.99 0.18 -12.50
N VAL W 381 -86.72 -0.17 -13.56
CA VAL W 381 -87.47 -1.42 -13.61
C VAL W 381 -86.47 -2.54 -13.90
N GLN W 382 -86.29 -3.44 -12.92
CA GLN W 382 -85.51 -4.65 -13.17
C GLN W 382 -86.34 -5.69 -13.91
N SER W 383 -87.54 -5.97 -13.40
CA SER W 383 -88.43 -6.93 -14.04
C SER W 383 -89.86 -6.47 -13.87
N PHE W 384 -90.74 -7.05 -14.68
CA PHE W 384 -92.16 -6.78 -14.56
C PHE W 384 -92.90 -7.79 -15.40
N THR W 385 -94.13 -8.05 -14.99
CA THR W 385 -95.03 -8.93 -15.71
C THR W 385 -95.98 -8.09 -16.57
N ALA W 386 -96.71 -8.78 -17.44
CA ALA W 386 -97.77 -8.17 -18.23
C ALA W 386 -98.91 -9.16 -18.35
N ILE W 387 -99.87 -8.83 -19.22
CA ILE W 387 -101.10 -9.59 -19.36
C ILE W 387 -101.25 -9.99 -20.82
N ILE W 388 -101.81 -11.16 -21.04
CA ILE W 388 -101.87 -11.76 -22.38
C ILE W 388 -103.02 -11.13 -23.14
N ASN W 389 -102.70 -10.37 -24.17
CA ASN W 389 -103.70 -9.80 -25.04
C ASN W 389 -104.39 -10.93 -25.81
N PRO W 390 -105.66 -11.22 -25.57
CA PRO W 390 -106.29 -12.36 -26.24
C PRO W 390 -106.44 -12.11 -27.72
N PRO W 391 -106.67 -13.16 -28.53
CA PRO W 391 -106.76 -14.57 -28.17
C PRO W 391 -105.41 -15.28 -28.17
N GLN W 392 -104.32 -14.50 -28.09
CA GLN W 392 -102.98 -15.08 -28.15
C GLN W 392 -102.71 -15.95 -26.94
N ALA W 393 -101.53 -16.58 -26.91
CA ALA W 393 -101.17 -17.57 -25.90
C ALA W 393 -99.95 -17.18 -25.08
N ALA W 394 -99.20 -16.18 -25.50
CA ALA W 394 -97.98 -15.84 -24.80
C ALA W 394 -97.66 -14.37 -25.01
N ILE W 395 -96.85 -13.83 -24.10
CA ILE W 395 -96.42 -12.43 -24.20
C ILE W 395 -95.11 -12.29 -23.45
N LEU W 396 -94.31 -11.33 -23.89
CA LEU W 396 -92.96 -11.10 -23.40
C LEU W 396 -92.89 -9.79 -22.64
N ALA W 397 -91.79 -9.63 -21.91
CA ALA W 397 -91.52 -8.40 -21.19
C ALA W 397 -90.03 -8.30 -20.95
N VAL W 398 -89.46 -7.13 -21.26
CA VAL W 398 -88.02 -6.91 -21.25
C VAL W 398 -87.76 -5.76 -20.29
N GLY W 399 -87.04 -6.04 -19.19
CA GLY W 399 -86.67 -5.01 -18.25
C GLY W 399 -85.55 -4.14 -18.78
N ALA W 400 -84.89 -3.47 -17.85
CA ALA W 400 -83.77 -2.60 -18.18
C ALA W 400 -82.47 -3.38 -18.13
N PRO W 401 -81.39 -2.82 -18.68
CA PRO W 401 -80.07 -3.42 -18.49
C PRO W 401 -79.48 -3.04 -17.14
N GLN W 402 -78.59 -3.89 -16.66
CA GLN W 402 -77.97 -3.70 -15.35
C GLN W 402 -76.56 -4.27 -15.39
N LYS W 403 -75.78 -3.90 -14.38
CA LYS W 403 -74.41 -4.37 -14.21
C LYS W 403 -74.42 -5.50 -13.18
N VAL W 404 -73.80 -6.63 -13.54
CA VAL W 404 -73.76 -7.80 -12.67
C VAL W 404 -72.34 -8.33 -12.64
N ALA W 405 -71.99 -8.94 -11.51
CA ALA W 405 -70.71 -9.60 -11.36
C ALA W 405 -70.75 -10.98 -12.01
N VAL W 406 -69.68 -11.33 -12.69
CA VAL W 406 -69.56 -12.61 -13.38
C VAL W 406 -68.14 -13.14 -13.18
N PRO W 407 -67.94 -14.43 -12.91
CA PRO W 407 -66.57 -14.95 -12.84
C PRO W 407 -65.94 -15.03 -14.22
N VAL W 408 -64.62 -14.96 -14.23
CA VAL W 408 -63.84 -15.09 -15.45
C VAL W 408 -62.49 -15.69 -15.08
N GLU W 409 -61.99 -16.58 -15.94
CA GLU W 409 -60.69 -17.20 -15.75
C GLU W 409 -59.64 -16.43 -16.52
N ASN W 410 -58.71 -15.81 -15.80
CA ASN W 410 -57.56 -15.18 -16.43
C ASN W 410 -56.65 -16.25 -17.03
N GLU W 411 -55.57 -15.79 -17.66
CA GLU W 411 -54.60 -16.71 -18.25
C GLU W 411 -54.04 -17.70 -17.24
N ASP W 412 -53.91 -17.30 -15.97
CA ASP W 412 -53.48 -18.20 -14.92
C ASP W 412 -54.67 -18.98 -14.40
N GLY W 413 -54.42 -19.83 -13.40
CA GLY W 413 -55.47 -20.67 -12.84
C GLY W 413 -56.45 -19.94 -11.93
N THR W 414 -56.16 -18.70 -11.56
CA THR W 414 -57.03 -17.96 -10.67
C THR W 414 -58.22 -17.38 -11.42
N THR W 415 -59.35 -17.29 -10.73
CA THR W 415 -60.54 -16.66 -11.27
C THR W 415 -60.48 -15.16 -11.05
N GLY W 416 -61.32 -14.43 -11.80
CA GLY W 416 -61.38 -13.00 -11.71
C GLY W 416 -62.81 -12.52 -11.84
N VAL W 417 -62.98 -11.21 -11.66
CA VAL W 417 -64.29 -10.57 -11.66
C VAL W 417 -64.42 -9.78 -12.96
N SER W 418 -65.49 -10.06 -13.70
CA SER W 418 -65.82 -9.33 -14.91
C SER W 418 -67.24 -8.80 -14.81
N TRP W 419 -67.45 -7.59 -15.35
CA TRP W 419 -68.72 -6.91 -15.27
C TRP W 419 -69.45 -7.08 -16.60
N ASP W 420 -70.53 -7.84 -16.57
CA ASP W 420 -71.34 -8.12 -17.74
C ASP W 420 -72.65 -7.36 -17.64
N GLU W 421 -73.17 -6.97 -18.80
CA GLU W 421 -74.41 -6.22 -18.89
C GLU W 421 -75.55 -7.20 -19.11
N GLN W 422 -76.39 -7.37 -18.08
CA GLN W 422 -77.48 -8.32 -18.09
C GLN W 422 -78.82 -7.61 -18.24
N ILE W 423 -79.79 -8.36 -18.73
CA ILE W 423 -81.20 -7.95 -18.77
C ILE W 423 -82.02 -9.09 -18.22
N ILE W 424 -83.06 -8.75 -17.47
CA ILE W 424 -84.04 -9.72 -17.03
C ILE W 424 -85.19 -9.71 -18.02
N VAL W 425 -85.69 -10.91 -18.31
CA VAL W 425 -86.77 -11.12 -19.26
C VAL W 425 -87.82 -11.97 -18.57
N THR W 426 -89.09 -11.60 -18.76
CA THR W 426 -90.21 -12.28 -18.16
C THR W 426 -91.23 -12.62 -19.24
N ALA W 427 -91.55 -13.89 -19.37
CA ALA W 427 -92.50 -14.40 -20.34
C ALA W 427 -93.70 -14.98 -19.62
N SER W 428 -94.88 -14.48 -19.95
CA SER W 428 -96.13 -15.01 -19.44
C SER W 428 -96.74 -15.93 -20.49
N PHE W 429 -97.20 -17.11 -20.05
CA PHE W 429 -97.78 -18.10 -20.95
C PHE W 429 -99.17 -18.49 -20.46
N ASP W 430 -100.00 -18.93 -21.41
CA ASP W 430 -101.26 -19.56 -21.09
C ASP W 430 -101.05 -21.07 -20.98
N HIS W 431 -101.63 -21.65 -19.95
CA HIS W 431 -101.35 -23.03 -19.60
C HIS W 431 -102.20 -24.04 -20.35
N LYS W 432 -103.29 -23.61 -20.99
CA LYS W 432 -104.11 -24.53 -21.76
C LYS W 432 -103.32 -25.10 -22.93
N VAL W 433 -102.54 -24.25 -23.59
CA VAL W 433 -101.80 -24.63 -24.78
C VAL W 433 -100.41 -25.10 -24.44
N VAL W 434 -99.68 -24.30 -23.69
CA VAL W 434 -98.25 -24.49 -23.47
C VAL W 434 -98.03 -25.08 -22.08
N ASP W 435 -96.94 -25.84 -21.96
CA ASP W 435 -96.50 -26.40 -20.69
C ASP W 435 -95.15 -25.81 -20.31
N GLY W 436 -94.76 -26.09 -19.07
CA GLY W 436 -93.53 -25.54 -18.55
C GLY W 436 -92.31 -25.94 -19.35
N ALA W 437 -92.26 -27.22 -19.76
CA ALA W 437 -91.14 -27.69 -20.56
C ALA W 437 -91.06 -26.95 -21.89
N VAL W 438 -92.21 -26.71 -22.52
CA VAL W 438 -92.24 -26.05 -23.82
C VAL W 438 -91.79 -24.61 -23.67
N GLY W 439 -92.29 -23.92 -22.66
CA GLY W 439 -91.85 -22.56 -22.42
C GLY W 439 -90.36 -22.48 -22.13
N ALA W 440 -89.85 -23.45 -21.36
CA ALA W 440 -88.43 -23.46 -21.06
C ALA W 440 -87.61 -23.67 -22.31
N GLU W 441 -88.07 -24.54 -23.21
CA GLU W 441 -87.36 -24.77 -24.47
C GLU W 441 -87.32 -23.50 -25.30
N TRP W 442 -88.46 -22.81 -25.39
CA TRP W 442 -88.53 -21.56 -26.13
C TRP W 442 -87.55 -20.54 -25.56
N ILE W 443 -87.51 -20.42 -24.23
CA ILE W 443 -86.61 -19.45 -23.60
C ILE W 443 -85.16 -19.85 -23.82
N ARG W 444 -84.87 -21.15 -23.78
CA ARG W 444 -83.50 -21.58 -24.02
C ARG W 444 -83.04 -21.20 -25.42
N GLU W 445 -83.91 -21.41 -26.42
CA GLU W 445 -83.54 -21.03 -27.78
C GLU W 445 -83.33 -19.53 -27.90
N LEU W 446 -84.19 -18.75 -27.24
CA LEU W 446 -84.04 -17.29 -27.28
C LEU W 446 -82.70 -16.89 -26.68
N LYS W 447 -82.38 -17.42 -25.50
CA LYS W 447 -81.11 -17.10 -24.85
C LYS W 447 -79.94 -17.48 -25.73
N LYS W 448 -80.04 -18.63 -26.39
CA LYS W 448 -78.94 -19.09 -27.23
C LYS W 448 -78.72 -18.14 -28.40
N VAL W 449 -79.80 -17.79 -29.09
CA VAL W 449 -79.69 -16.92 -30.25
C VAL W 449 -79.16 -15.55 -29.84
N ILE W 450 -79.56 -15.05 -28.68
CA ILE W 450 -79.07 -13.75 -28.24
C ILE W 450 -77.60 -13.83 -27.89
N GLU W 451 -77.23 -14.77 -27.01
CA GLU W 451 -75.86 -14.85 -26.52
C GLU W 451 -74.90 -15.14 -27.65
N ASN W 452 -75.37 -15.81 -28.71
CA ASN W 452 -74.60 -15.96 -29.95
C ASN W 452 -75.32 -15.18 -31.03
N PRO W 453 -75.13 -13.85 -31.14
CA PRO W 453 -75.93 -13.06 -32.08
C PRO W 453 -75.77 -13.47 -33.52
N LEU W 454 -74.66 -14.14 -33.86
CA LEU W 454 -74.40 -14.51 -35.24
C LEU W 454 -75.43 -15.49 -35.76
N GLU W 455 -76.10 -16.25 -34.90
CA GLU W 455 -77.12 -17.17 -35.35
C GLU W 455 -78.41 -16.47 -35.77
N LEU W 456 -78.48 -15.14 -35.64
CA LEU W 456 -79.61 -14.40 -36.20
C LEU W 456 -79.69 -14.61 -37.71
N LEU W 457 -78.56 -14.84 -38.37
CA LEU W 457 -78.58 -15.17 -39.79
C LEU W 457 -79.33 -16.45 -40.05
N LEU W 458 -79.25 -17.41 -39.13
CA LEU W 458 -79.88 -18.71 -39.32
C LEU W 458 -81.36 -18.66 -38.95
N TYR X 227 -87.06 72.48 4.96
CA TYR X 227 -87.15 73.12 3.67
C TYR X 227 -88.26 72.52 2.83
N THR X 228 -87.98 71.40 2.16
CA THR X 228 -88.98 70.78 1.30
C THR X 228 -90.09 70.16 2.15
N ASP X 229 -91.33 70.50 1.83
CA ASP X 229 -92.51 70.11 2.61
C ASP X 229 -93.40 69.24 1.75
N VAL X 230 -93.37 67.93 1.99
CA VAL X 230 -94.14 66.96 1.23
C VAL X 230 -95.28 66.47 2.12
N PRO X 231 -96.55 66.61 1.73
CA PRO X 231 -97.63 66.04 2.55
C PRO X 231 -97.51 64.51 2.61
N ILE X 232 -98.17 63.95 3.62
CA ILE X 232 -98.10 62.51 3.86
C ILE X 232 -99.08 61.80 2.95
N SER X 233 -98.70 60.60 2.52
CA SER X 233 -99.52 59.83 1.60
C SER X 233 -100.85 59.39 2.19
N GLY X 234 -100.98 59.39 3.51
CA GLY X 234 -102.16 58.89 4.19
C GLY X 234 -102.06 57.41 4.54
N MET X 235 -101.46 56.62 3.65
CA MET X 235 -101.25 55.21 3.95
C MET X 235 -100.29 55.03 5.11
N ARG X 236 -99.24 55.86 5.17
CA ARG X 236 -98.27 55.77 6.26
C ARG X 236 -98.92 56.07 7.61
N LYS X 237 -100.00 56.86 7.62
CA LYS X 237 -100.67 57.18 8.87
C LYS X 237 -101.16 55.93 9.58
N THR X 238 -101.75 55.01 8.82
CA THR X 238 -102.29 53.79 9.41
C THR X 238 -101.16 52.92 9.99
N ILE X 239 -100.06 52.79 9.26
CA ILE X 239 -98.94 52.00 9.75
C ILE X 239 -98.34 52.64 11.00
N ALA X 240 -98.29 53.97 11.03
CA ALA X 240 -97.77 54.66 12.21
C ALA X 240 -98.66 54.40 13.42
N ALA X 241 -99.97 54.52 13.23
CA ALA X 241 -100.89 54.25 14.33
C ALA X 241 -100.80 52.80 14.80
N ARG X 242 -100.63 51.88 13.85
CA ARG X 242 -100.52 50.46 14.20
C ARG X 242 -99.27 50.20 15.04
N LEU X 243 -98.12 50.72 14.59
CA LEU X 243 -96.88 50.53 15.33
C LEU X 243 -96.95 51.21 16.70
N LYS X 244 -97.60 52.36 16.78
CA LYS X 244 -97.77 53.04 18.05
C LYS X 244 -98.60 52.20 19.01
N GLU X 245 -99.71 51.64 18.51
CA GLU X 245 -100.51 50.73 19.32
C GLU X 245 -99.67 49.56 19.78
N SER X 246 -98.80 49.05 18.91
CA SER X 246 -97.99 47.89 19.28
C SER X 246 -97.08 48.22 20.45
N VAL X 247 -96.29 49.30 20.32
CA VAL X 247 -95.31 49.60 21.34
C VAL X 247 -95.96 50.11 22.63
N THR X 248 -97.16 50.68 22.55
CA THR X 248 -97.81 51.18 23.76
C THR X 248 -98.65 50.12 24.45
N GLU X 249 -99.10 49.10 23.72
CA GLU X 249 -99.93 48.05 24.32
C GLU X 249 -99.08 46.87 24.79
N ASN X 250 -98.03 46.55 24.04
CA ASN X 250 -97.20 45.39 24.30
C ASN X 250 -95.78 45.83 24.64
N PRO X 251 -95.25 45.52 25.83
CA PRO X 251 -93.84 45.78 26.05
C PRO X 251 -92.99 44.78 25.29
N HIS X 252 -91.77 45.19 24.96
CA HIS X 252 -90.88 44.42 24.13
C HIS X 252 -89.62 44.08 24.90
N PHE X 253 -89.18 42.82 24.77
CA PHE X 253 -87.84 42.44 25.18
C PHE X 253 -87.25 41.52 24.12
N PHE X 254 -85.93 41.64 23.97
CA PHE X 254 -85.21 41.08 22.84
C PHE X 254 -84.28 39.99 23.31
N VAL X 255 -84.07 38.99 22.46
CA VAL X 255 -83.11 37.92 22.67
C VAL X 255 -82.25 37.84 21.43
N SER X 256 -80.96 37.56 21.62
CA SER X 256 -79.99 37.59 20.54
C SER X 256 -79.09 36.37 20.65
N THR X 257 -79.03 35.59 19.58
CA THR X 257 -78.25 34.36 19.54
C THR X 257 -77.46 34.28 18.25
N ASN X 258 -76.60 33.27 18.19
CA ASN X 258 -75.71 33.05 17.06
C ASN X 258 -75.84 31.60 16.62
N LEU X 259 -76.16 31.40 15.35
CA LEU X 259 -76.32 30.08 14.77
C LEU X 259 -75.11 29.73 13.92
N SER X 260 -74.96 28.42 13.67
CA SER X 260 -73.92 27.90 12.80
C SER X 260 -74.60 27.23 11.61
N VAL X 261 -74.26 27.69 10.41
CA VAL X 261 -74.97 27.34 9.19
C VAL X 261 -74.07 26.66 8.16
N SER X 262 -72.88 26.24 8.56
CA SER X 262 -71.94 25.65 7.61
C SER X 262 -72.49 24.36 7.02
N LYS X 263 -73.30 23.63 7.78
CA LYS X 263 -73.92 22.41 7.27
C LYS X 263 -75.17 22.73 6.47
N LEU X 264 -75.91 23.75 6.90
CA LEU X 264 -77.11 24.16 6.19
C LEU X 264 -76.77 24.58 4.77
N LEU X 265 -75.69 25.33 4.59
CA LEU X 265 -75.34 25.78 3.25
C LEU X 265 -74.93 24.61 2.37
N LYS X 266 -74.23 23.63 2.94
CA LYS X 266 -73.89 22.44 2.18
C LYS X 266 -75.14 21.69 1.75
N LEU X 267 -76.12 21.58 2.64
CA LEU X 267 -77.37 20.92 2.31
C LEU X 267 -78.07 21.65 1.17
N ARG X 268 -78.11 22.98 1.25
CA ARG X 268 -78.77 23.77 0.21
C ARG X 268 -78.04 23.58 -1.13
N GLN X 269 -76.72 23.57 -1.10
CA GLN X 269 -75.94 23.37 -2.31
C GLN X 269 -76.24 22.01 -2.93
N ALA X 270 -76.27 20.97 -2.10
CA ALA X 270 -76.49 19.62 -2.62
C ALA X 270 -77.89 19.48 -3.19
N LEU X 271 -78.89 20.03 -2.51
CA LEU X 271 -80.26 19.94 -3.03
C LEU X 271 -80.43 20.76 -4.30
N ASN X 272 -79.77 21.92 -4.40
CA ASN X 272 -79.84 22.68 -5.64
C ASN X 272 -79.15 21.94 -6.78
N SER X 273 -78.06 21.24 -6.48
CA SER X 273 -77.36 20.49 -7.52
C SER X 273 -78.17 19.29 -7.99
N SER X 274 -78.79 18.55 -7.07
CA SER X 274 -79.57 17.36 -7.42
C SER X 274 -80.98 17.77 -7.85
N ALA X 275 -81.02 18.52 -8.95
CA ALA X 275 -82.28 19.01 -9.49
C ALA X 275 -82.08 19.32 -10.97
N ASP X 276 -83.21 19.53 -11.65
CA ASP X 276 -83.23 19.82 -13.08
C ASP X 276 -83.92 21.15 -13.35
N GLY X 277 -83.57 22.17 -12.57
CA GLY X 277 -84.22 23.45 -12.68
C GLY X 277 -85.67 23.45 -12.25
N ARG X 278 -86.10 22.44 -11.50
CA ARG X 278 -87.49 22.35 -11.07
C ARG X 278 -87.77 23.26 -9.87
N TYR X 279 -86.72 23.66 -9.13
CA TYR X 279 -86.90 24.49 -7.94
C TYR X 279 -85.59 25.19 -7.65
N LYS X 280 -85.63 26.09 -6.67
CA LYS X 280 -84.44 26.79 -6.20
C LYS X 280 -84.71 27.24 -4.78
N LEU X 281 -83.81 26.90 -3.87
CA LEU X 281 -84.01 27.10 -2.44
C LEU X 281 -83.23 28.30 -1.92
N SER X 282 -83.60 28.73 -0.72
CA SER X 282 -82.91 29.80 -0.03
C SER X 282 -82.84 29.48 1.46
N VAL X 283 -82.22 30.37 2.23
CA VAL X 283 -82.07 30.15 3.67
C VAL X 283 -83.38 30.43 4.40
N ASN X 284 -84.16 31.37 3.89
CA ASN X 284 -85.39 31.76 4.56
C ASN X 284 -86.37 30.60 4.65
N ASP X 285 -86.37 29.70 3.67
CA ASP X 285 -87.31 28.58 3.69
C ASP X 285 -86.96 27.61 4.82
N PHE X 286 -85.68 27.26 4.93
CA PHE X 286 -85.23 26.46 6.06
C PHE X 286 -85.60 27.11 7.38
N LEU X 287 -85.38 28.43 7.48
CA LEU X 287 -85.71 29.14 8.70
C LEU X 287 -87.19 29.04 9.01
N ILE X 288 -88.03 29.10 7.98
CA ILE X 288 -89.47 29.08 8.19
C ILE X 288 -89.90 27.70 8.66
N LYS X 289 -89.33 26.65 8.06
CA LYS X 289 -89.63 25.30 8.51
C LYS X 289 -89.23 25.10 9.96
N ALA X 290 -88.05 25.61 10.33
CA ALA X 290 -87.59 25.47 11.70
C ALA X 290 -88.48 26.25 12.66
N MET X 291 -88.97 27.41 12.22
CA MET X 291 -89.89 28.18 13.03
C MET X 291 -91.16 27.38 13.30
N GLY X 292 -91.67 26.72 12.26
CA GLY X 292 -92.84 25.89 12.44
C GLY X 292 -92.61 24.77 13.44
N ILE X 293 -91.45 24.11 13.33
CA ILE X 293 -91.14 23.01 14.23
C ILE X 293 -91.04 23.51 15.67
N ALA X 294 -90.37 24.64 15.87
CA ALA X 294 -90.21 25.17 17.22
C ALA X 294 -91.54 25.61 17.80
N SER X 295 -92.38 26.22 16.98
CA SER X 295 -93.69 26.64 17.45
C SER X 295 -94.55 25.43 17.82
N LYS X 296 -94.39 24.32 17.11
CA LYS X 296 -95.14 23.13 17.45
C LYS X 296 -94.61 22.49 18.73
N ARG X 297 -93.30 22.57 18.97
CA ARG X 297 -92.74 21.99 20.18
C ARG X 297 -93.02 22.85 21.41
N VAL X 298 -93.21 24.15 21.20
CA VAL X 298 -93.50 25.09 22.29
C VAL X 298 -94.71 25.92 21.88
N PRO X 299 -95.93 25.45 22.08
CA PRO X 299 -97.09 26.13 21.49
C PRO X 299 -97.42 27.45 22.15
N THR X 300 -96.82 27.78 23.29
CA THR X 300 -97.17 29.02 23.97
C THR X 300 -96.79 30.24 23.15
N VAL X 301 -95.74 30.12 22.34
CA VAL X 301 -95.32 31.24 21.51
C VAL X 301 -96.37 31.53 20.45
N ASN X 302 -96.88 30.48 19.79
CA ASN X 302 -97.90 30.62 18.76
C ASN X 302 -99.22 30.93 19.45
N SER X 303 -99.36 32.19 19.85
CA SER X 303 -100.50 32.64 20.63
C SER X 303 -100.76 34.10 20.30
N SER X 304 -101.72 34.70 21.01
CA SER X 304 -102.05 36.10 20.82
C SER X 304 -102.61 36.64 22.14
N TRP X 305 -103.18 37.85 22.08
CA TRP X 305 -103.79 38.48 23.23
C TRP X 305 -105.10 39.10 22.77
N ARG X 306 -106.19 38.68 23.40
CA ARG X 306 -107.54 39.09 22.99
C ARG X 306 -108.31 39.59 24.20
N ASP X 307 -109.61 39.79 24.06
CA ASP X 307 -110.42 40.40 25.11
C ASP X 307 -110.55 39.45 26.30
N GLY X 308 -109.67 39.62 27.29
CA GLY X 308 -109.72 38.80 28.49
C GLY X 308 -109.56 37.31 28.24
N VAL X 309 -108.86 36.95 27.16
CA VAL X 309 -108.73 35.55 26.78
C VAL X 309 -107.49 35.41 25.92
N ILE X 310 -106.83 34.25 26.03
CA ILE X 310 -105.70 33.89 25.19
C ILE X 310 -106.20 32.95 24.11
N ARG X 311 -106.00 33.36 22.86
CA ARG X 311 -106.31 32.53 21.71
C ARG X 311 -105.05 31.77 21.31
N GLN X 312 -105.11 30.46 21.37
CA GLN X 312 -104.02 29.58 21.00
C GLN X 312 -104.41 28.80 19.75
N PHE X 313 -103.56 28.89 18.73
CA PHE X 313 -103.77 28.15 17.50
C PHE X 313 -103.15 26.77 17.60
N GLU X 314 -103.21 26.02 16.51
CA GLU X 314 -102.55 24.73 16.37
C GLU X 314 -101.58 24.74 15.20
N THR X 315 -102.01 25.24 14.05
CA THR X 315 -101.15 25.40 12.89
C THR X 315 -100.29 26.65 13.04
N VAL X 316 -99.34 26.78 12.12
CA VAL X 316 -98.40 27.89 12.12
C VAL X 316 -98.62 28.68 10.84
N ASP X 317 -99.07 29.93 10.99
CA ASP X 317 -99.23 30.85 9.88
C ASP X 317 -98.11 31.88 9.94
N VAL X 318 -97.29 31.93 8.90
CA VAL X 318 -96.05 32.69 8.91
C VAL X 318 -96.20 33.91 8.03
N SER X 319 -95.95 35.08 8.60
CA SER X 319 -96.00 36.34 7.87
C SER X 319 -94.58 36.72 7.45
N VAL X 320 -94.34 36.75 6.14
CA VAL X 320 -93.04 37.08 5.58
C VAL X 320 -93.09 38.50 5.06
N ALA X 321 -92.05 39.27 5.34
CA ALA X 321 -91.99 40.66 4.95
C ALA X 321 -91.38 40.82 3.56
N VAL X 322 -91.89 41.81 2.81
CA VAL X 322 -91.38 42.15 1.51
C VAL X 322 -91.31 43.68 1.41
N ALA X 323 -90.19 44.16 0.89
CA ALA X 323 -89.89 45.59 0.80
C ALA X 323 -90.17 46.05 -0.62
N THR X 324 -91.33 46.66 -0.82
CA THR X 324 -91.70 47.23 -2.10
C THR X 324 -91.33 48.71 -2.14
N PRO X 325 -91.29 49.31 -3.33
CA PRO X 325 -91.10 50.77 -3.39
C PRO X 325 -92.21 51.54 -2.71
N ASN X 326 -93.38 50.95 -2.53
CA ASN X 326 -94.46 51.56 -1.78
C ASN X 326 -94.25 51.49 -0.29
N GLY X 327 -93.38 50.59 0.19
CA GLY X 327 -93.11 50.45 1.60
C GLY X 327 -92.86 49.02 2.00
N LEU X 328 -93.62 48.53 2.99
CA LEU X 328 -93.48 47.18 3.51
C LEU X 328 -94.82 46.48 3.41
N ILE X 329 -94.77 45.16 3.20
CA ILE X 329 -95.98 44.36 3.16
C ILE X 329 -95.66 42.98 3.71
N THR X 330 -96.68 42.30 4.23
CA THR X 330 -96.50 41.03 4.95
C THR X 330 -97.47 39.98 4.41
N PRO X 331 -97.14 39.35 3.28
CA PRO X 331 -97.89 38.17 2.86
C PRO X 331 -97.73 37.04 3.86
N ILE X 332 -98.59 36.03 3.70
CA ILE X 332 -98.73 34.95 4.66
C ILE X 332 -98.57 33.61 3.96
N VAL X 333 -97.95 32.66 4.65
CA VAL X 333 -97.92 31.26 4.26
C VAL X 333 -98.69 30.47 5.29
N LYS X 334 -99.50 29.53 4.81
CA LYS X 334 -100.46 28.80 5.61
C LYS X 334 -100.02 27.35 5.81
N GLY X 335 -100.21 26.84 7.01
CA GLY X 335 -99.96 25.43 7.31
C GLY X 335 -98.54 25.01 7.00
N VAL X 336 -97.57 25.70 7.60
CA VAL X 336 -96.17 25.47 7.26
C VAL X 336 -95.74 24.07 7.67
N GLU X 337 -96.05 23.69 8.91
CA GLU X 337 -95.62 22.40 9.43
C GLU X 337 -96.20 21.28 8.59
N GLY X 338 -95.31 20.47 8.02
CA GLY X 338 -95.74 19.43 7.12
C GLY X 338 -96.30 19.98 5.82
N LYS X 339 -95.49 20.72 5.07
CA LYS X 339 -95.90 21.30 3.80
C LYS X 339 -94.88 21.08 2.70
N GLY X 340 -93.59 21.06 3.02
CA GLY X 340 -92.55 20.85 2.03
C GLY X 340 -91.84 22.10 1.58
N LEU X 341 -90.51 22.02 1.52
CA LEU X 341 -89.69 23.19 1.22
C LEU X 341 -89.95 23.68 -0.20
N GLU X 342 -90.19 22.77 -1.15
CA GLU X 342 -90.41 23.20 -2.52
C GLU X 342 -91.70 23.99 -2.64
N SER X 343 -92.78 23.49 -2.04
CA SER X 343 -94.04 24.22 -2.01
C SER X 343 -93.86 25.56 -1.33
N ILE X 344 -93.08 25.59 -0.25
CA ILE X 344 -92.84 26.84 0.47
C ILE X 344 -92.15 27.85 -0.45
N SER X 345 -91.10 27.42 -1.14
CA SER X 345 -90.36 28.32 -2.00
C SER X 345 -91.24 28.84 -3.13
N ALA X 346 -92.06 27.96 -3.71
CA ALA X 346 -92.95 28.37 -4.78
C ALA X 346 -93.94 29.42 -4.29
N ALA X 347 -94.56 29.16 -3.15
CA ALA X 347 -95.53 30.10 -2.60
C ALA X 347 -94.88 31.44 -2.29
N VAL X 348 -93.68 31.40 -1.73
CA VAL X 348 -92.98 32.64 -1.37
C VAL X 348 -92.67 33.45 -2.62
N LYS X 349 -92.13 32.81 -3.65
CA LYS X 349 -91.83 33.52 -4.89
C LYS X 349 -93.09 34.12 -5.50
N GLU X 350 -94.19 33.35 -5.49
CA GLU X 350 -95.44 33.83 -6.06
C GLU X 350 -95.92 35.08 -5.32
N LEU X 351 -95.96 35.00 -4.00
CA LEU X 351 -96.47 36.13 -3.21
C LEU X 351 -95.55 37.34 -3.36
N ALA X 352 -94.24 37.12 -3.45
CA ALA X 352 -93.31 38.23 -3.58
C ALA X 352 -93.51 38.97 -4.91
N LYS X 353 -93.61 38.21 -6.00
CA LYS X 353 -93.83 38.85 -7.28
C LYS X 353 -95.20 39.52 -7.35
N LYS X 354 -96.21 38.90 -6.75
CA LYS X 354 -97.53 39.52 -6.71
C LYS X 354 -97.52 40.80 -5.87
N ALA X 355 -96.65 40.87 -4.86
CA ALA X 355 -96.55 42.10 -4.08
C ALA X 355 -95.81 43.18 -4.85
N ARG X 356 -94.78 42.80 -5.59
CA ARG X 356 -94.09 43.77 -6.44
C ARG X 356 -95.03 44.32 -7.51
N ASP X 357 -95.98 43.50 -7.98
CA ASP X 357 -96.95 43.96 -8.96
C ASP X 357 -98.18 44.62 -8.34
N GLY X 358 -98.41 44.43 -7.04
CA GLY X 358 -99.59 44.98 -6.41
C GLY X 358 -100.85 44.26 -6.81
N LYS X 359 -100.97 42.97 -6.48
CA LYS X 359 -102.06 42.12 -6.93
C LYS X 359 -102.56 41.22 -5.81
N LEU X 360 -102.55 41.71 -4.58
CA LEU X 360 -102.90 40.89 -3.42
C LEU X 360 -104.32 41.16 -2.95
N LYS X 361 -104.83 40.21 -2.17
CA LYS X 361 -106.09 40.31 -1.45
C LYS X 361 -105.82 40.65 0.01
N PRO X 362 -106.80 41.23 0.72
CA PRO X 362 -106.53 41.56 2.14
C PRO X 362 -106.32 40.35 3.02
N GLU X 363 -107.04 39.26 2.75
CA GLU X 363 -106.90 38.05 3.57
C GLU X 363 -105.48 37.49 3.50
N GLU X 364 -104.78 37.71 2.39
CA GLU X 364 -103.45 37.14 2.22
C GLU X 364 -102.41 37.78 3.13
N TYR X 365 -102.64 39.01 3.59
CA TYR X 365 -101.71 39.71 4.48
C TYR X 365 -102.39 40.29 5.70
N GLN X 366 -103.59 39.80 6.04
CA GLN X 366 -104.27 40.18 7.29
C GLN X 366 -104.51 38.91 8.09
N GLY X 367 -103.72 38.73 9.14
CA GLY X 367 -103.78 37.54 9.96
C GLY X 367 -102.39 37.10 10.38
N GLY X 368 -102.17 35.79 10.41
CA GLY X 368 -100.87 35.26 10.77
C GLY X 368 -100.64 35.28 12.26
N SER X 369 -100.03 34.22 12.78
CA SER X 369 -99.72 34.14 14.20
C SER X 369 -98.32 34.63 14.51
N ILE X 370 -97.36 34.37 13.62
CA ILE X 370 -95.96 34.73 13.83
C ILE X 370 -95.45 35.38 12.54
N SER X 371 -94.39 36.16 12.67
CA SER X 371 -93.86 36.96 11.58
C SER X 371 -92.35 36.79 11.49
N ILE X 372 -91.77 37.41 10.47
CA ILE X 372 -90.33 37.34 10.22
C ILE X 372 -89.97 38.44 9.24
N SER X 373 -88.75 38.95 9.37
CA SER X 373 -88.17 39.88 8.42
C SER X 373 -86.75 39.43 8.13
N ASN X 374 -86.32 39.64 6.89
CA ASN X 374 -85.03 39.17 6.41
C ASN X 374 -84.27 40.31 5.76
N MET X 375 -82.95 40.32 5.97
CA MET X 375 -82.07 41.31 5.37
C MET X 375 -80.75 40.68 4.92
N GLY X 376 -80.76 39.39 4.61
CA GLY X 376 -79.53 38.68 4.31
C GLY X 376 -78.82 39.17 3.08
N MET X 377 -79.53 39.81 2.14
CA MET X 377 -78.87 40.30 0.95
C MET X 377 -77.90 41.43 1.26
N ASN X 378 -78.16 42.19 2.33
CA ASN X 378 -77.31 43.30 2.70
C ASN X 378 -76.24 42.82 3.68
N PRO X 379 -74.99 42.63 3.25
CA PRO X 379 -74.02 41.97 4.14
C PRO X 379 -73.56 42.80 5.32
N ALA X 380 -73.88 44.09 5.35
CA ALA X 380 -73.36 44.94 6.42
C ALA X 380 -74.12 44.74 7.72
N VAL X 381 -75.39 44.37 7.65
CA VAL X 381 -76.24 44.28 8.84
C VAL X 381 -75.85 43.01 9.60
N GLN X 382 -75.13 43.17 10.70
CA GLN X 382 -74.84 42.04 11.56
C GLN X 382 -76.07 41.64 12.36
N SER X 383 -76.86 42.61 12.80
CA SER X 383 -78.06 42.32 13.57
C SER X 383 -79.01 43.50 13.52
N PHE X 384 -80.25 43.24 13.84
CA PHE X 384 -81.23 44.31 13.93
C PHE X 384 -82.47 43.77 14.62
N THR X 385 -83.26 44.70 15.12
CA THR X 385 -84.51 44.43 15.78
C THR X 385 -85.66 44.79 14.84
N ALA X 386 -86.85 44.36 15.20
CA ALA X 386 -88.07 44.74 14.48
C ALA X 386 -89.17 44.94 15.50
N ILE X 387 -90.38 45.18 14.99
CA ILE X 387 -91.53 45.53 15.80
C ILE X 387 -92.63 44.52 15.56
N ILE X 388 -93.36 44.18 16.61
CA ILE X 388 -94.33 43.10 16.58
C ILE X 388 -95.58 43.59 15.85
N ASN X 389 -95.84 43.03 14.69
CA ASN X 389 -97.06 43.32 13.95
C ASN X 389 -98.25 42.74 14.72
N PRO X 390 -99.13 43.56 15.29
CA PRO X 390 -100.20 43.00 16.12
C PRO X 390 -101.20 42.24 15.29
N PRO X 391 -102.06 41.42 15.91
CA PRO X 391 -102.14 41.13 17.34
C PRO X 391 -101.20 40.00 17.78
N GLN X 392 -100.19 39.71 16.96
CA GLN X 392 -99.29 38.59 17.22
C GLN X 392 -98.49 38.81 18.50
N ALA X 393 -97.67 37.81 18.85
CA ALA X 393 -96.94 37.79 20.11
C ALA X 393 -95.43 37.85 19.95
N ALA X 394 -94.91 37.48 18.79
CA ALA X 394 -93.47 37.37 18.62
C ALA X 394 -93.11 37.74 17.19
N ILE X 395 -91.83 38.03 16.98
CA ILE X 395 -91.32 38.28 15.64
C ILE X 395 -89.83 37.99 15.64
N LEU X 396 -89.35 37.58 14.48
CA LEU X 396 -87.97 37.15 14.27
C LEU X 396 -87.24 38.12 13.36
N ALA X 397 -85.92 38.03 13.37
CA ALA X 397 -85.08 38.82 12.49
C ALA X 397 -83.76 38.10 12.31
N VAL X 398 -83.29 38.06 11.07
CA VAL X 398 -82.10 37.29 10.69
C VAL X 398 -81.14 38.26 10.03
N GLY X 399 -79.95 38.42 10.61
CA GLY X 399 -78.94 39.26 10.02
C GLY X 399 -78.26 38.58 8.86
N ALA X 400 -77.10 39.11 8.52
CA ALA X 400 -76.31 38.54 7.44
C ALA X 400 -75.35 37.48 7.97
N PRO X 401 -74.80 36.65 7.08
CA PRO X 401 -73.75 35.72 7.51
C PRO X 401 -72.40 36.43 7.61
N GLN X 402 -71.54 35.86 8.45
CA GLN X 402 -70.22 36.41 8.69
C GLN X 402 -69.26 35.28 8.99
N LYS X 403 -67.97 35.60 8.95
CA LYS X 403 -66.91 34.66 9.25
C LYS X 403 -66.47 34.87 10.69
N VAL X 404 -66.34 33.79 11.43
CA VAL X 404 -65.97 33.84 12.85
C VAL X 404 -64.97 32.74 13.14
N ALA X 405 -64.09 33.01 14.09
CA ALA X 405 -63.14 32.03 14.56
C ALA X 405 -63.84 31.06 15.53
N VAL X 406 -63.50 29.80 15.41
CA VAL X 406 -64.04 28.75 16.27
C VAL X 406 -62.91 27.76 16.58
N PRO X 407 -62.75 27.30 17.82
CA PRO X 407 -61.73 26.29 18.08
C PRO X 407 -62.08 24.95 17.46
N VAL X 408 -61.06 24.12 17.31
CA VAL X 408 -61.24 22.77 16.81
C VAL X 408 -60.07 21.94 17.30
N GLU X 409 -60.35 20.67 17.60
CA GLU X 409 -59.33 19.73 18.04
C GLU X 409 -58.84 18.92 16.84
N ASN X 410 -57.58 19.10 16.50
CA ASN X 410 -56.96 18.25 15.50
C ASN X 410 -56.82 16.83 16.05
N GLU X 411 -56.32 15.93 15.21
CA GLU X 411 -56.13 14.54 15.62
C GLU X 411 -55.21 14.40 16.83
N ASP X 412 -54.31 15.35 17.05
CA ASP X 412 -53.49 15.38 18.25
C ASP X 412 -54.24 16.13 19.36
N GLY X 413 -53.52 16.43 20.43
CA GLY X 413 -54.14 17.10 21.57
C GLY X 413 -54.23 18.60 21.45
N THR X 414 -53.49 19.20 20.51
CA THR X 414 -53.51 20.65 20.34
C THR X 414 -54.80 21.09 19.65
N THR X 415 -55.25 22.29 20.01
CA THR X 415 -56.39 22.90 19.36
C THR X 415 -55.94 23.62 18.10
N GLY X 416 -56.92 23.98 17.27
CA GLY X 416 -56.67 24.69 16.04
C GLY X 416 -57.79 25.67 15.75
N VAL X 417 -57.62 26.41 14.66
CA VAL X 417 -58.53 27.47 14.26
C VAL X 417 -59.32 26.98 13.06
N SER X 418 -60.65 27.05 13.17
CA SER X 418 -61.55 26.73 12.08
C SER X 418 -62.48 27.91 11.84
N TRP X 419 -62.74 28.19 10.56
CA TRP X 419 -63.56 29.32 10.16
C TRP X 419 -64.96 28.83 9.83
N ASP X 420 -65.90 29.13 10.71
CA ASP X 420 -67.30 28.77 10.55
C ASP X 420 -68.10 29.99 10.14
N GLU X 421 -69.19 29.76 9.41
CA GLU X 421 -70.06 30.82 8.95
C GLU X 421 -71.21 30.96 9.95
N GLN X 422 -71.25 32.10 10.63
CA GLN X 422 -72.23 32.37 11.67
C GLN X 422 -73.25 33.41 11.19
N ILE X 423 -74.44 33.31 11.76
CA ILE X 423 -75.50 34.29 11.58
C ILE X 423 -76.02 34.68 12.94
N ILE X 424 -76.30 35.96 13.12
CA ILE X 424 -76.97 36.45 14.31
C ILE X 424 -78.47 36.46 14.05
N VAL X 425 -79.21 36.07 15.07
CA VAL X 425 -80.66 36.03 15.04
C VAL X 425 -81.18 36.80 16.24
N THR X 426 -82.18 37.65 16.02
CA THR X 426 -82.78 38.46 17.05
C THR X 426 -84.27 38.18 17.08
N ALA X 427 -84.79 37.88 18.26
CA ALA X 427 -86.20 37.60 18.47
C ALA X 427 -86.77 38.61 19.45
N SER X 428 -87.82 39.30 19.04
CA SER X 428 -88.55 40.21 19.91
C SER X 428 -89.83 39.54 20.36
N PHE X 429 -90.07 39.55 21.67
CA PHE X 429 -91.23 38.91 22.26
C PHE X 429 -92.09 39.93 23.00
N ASP X 430 -93.39 39.65 23.09
CA ASP X 430 -94.25 40.35 24.01
C ASP X 430 -94.18 39.68 25.37
N HIS X 431 -94.11 40.49 26.41
CA HIS X 431 -93.90 39.99 27.75
C HIS X 431 -95.18 39.60 28.47
N LYS X 432 -96.35 40.03 27.97
CA LYS X 432 -97.60 39.64 28.59
C LYS X 432 -97.82 38.13 28.48
N VAL X 433 -97.58 37.59 27.30
CA VAL X 433 -97.80 36.18 27.03
C VAL X 433 -96.58 35.34 27.37
N VAL X 434 -95.44 35.71 26.82
CA VAL X 434 -94.23 34.90 26.88
C VAL X 434 -93.32 35.43 27.96
N ASP X 435 -92.56 34.53 28.57
CA ASP X 435 -91.53 34.85 29.54
C ASP X 435 -90.16 34.49 29.00
N GLY X 436 -89.13 34.91 29.72
CA GLY X 436 -87.77 34.71 29.28
C GLY X 436 -87.41 33.25 29.11
N ALA X 437 -87.85 32.41 30.05
CA ALA X 437 -87.56 30.99 29.96
C ALA X 437 -88.19 30.38 28.71
N VAL X 438 -89.42 30.78 28.40
CA VAL X 438 -90.11 30.23 27.25
C VAL X 438 -89.42 30.65 25.96
N GLY X 439 -89.06 31.93 25.88
CA GLY X 439 -88.33 32.41 24.72
C GLY X 439 -87.00 31.69 24.56
N ALA X 440 -86.30 31.45 25.67
CA ALA X 440 -85.03 30.76 25.61
C ALA X 440 -85.21 29.33 25.13
N GLU X 441 -86.26 28.67 25.58
CA GLU X 441 -86.52 27.30 25.14
C GLU X 441 -86.80 27.26 23.64
N TRP X 442 -87.61 28.20 23.17
CA TRP X 442 -87.90 28.30 21.75
C TRP X 442 -86.63 28.49 20.94
N ILE X 443 -85.77 29.41 21.38
CA ILE X 443 -84.53 29.68 20.67
C ILE X 443 -83.61 28.46 20.71
N ARG X 444 -83.61 27.74 21.83
CA ARG X 444 -82.77 26.55 21.94
C ARG X 444 -83.21 25.50 20.92
N GLU X 445 -84.52 25.27 20.82
CA GLU X 445 -85.01 24.30 19.86
C GLU X 445 -84.67 24.72 18.44
N LEU X 446 -84.79 26.02 18.15
CA LEU X 446 -84.46 26.51 16.82
C LEU X 446 -82.99 26.28 16.50
N LYS X 447 -82.11 26.61 17.45
CA LYS X 447 -80.68 26.42 17.24
C LYS X 447 -80.36 24.95 17.04
N LYS X 448 -80.98 24.08 17.83
CA LYS X 448 -80.73 22.65 17.70
C LYS X 448 -81.14 22.15 16.31
N VAL X 449 -82.33 22.55 15.87
CA VAL X 449 -82.84 22.10 14.58
C VAL X 449 -81.94 22.59 13.45
N ILE X 450 -81.47 23.83 13.54
CA ILE X 450 -80.62 24.37 12.49
C ILE X 450 -79.28 23.65 12.48
N GLU X 451 -78.68 23.50 13.65
CA GLU X 451 -77.34 22.94 13.72
C GLU X 451 -77.33 21.47 13.32
N ASN X 452 -78.46 20.77 13.54
CA ASN X 452 -78.64 19.42 13.03
C ASN X 452 -79.75 19.45 11.99
N PRO X 453 -79.45 19.82 10.73
CA PRO X 453 -80.53 19.99 9.75
C PRO X 453 -81.31 18.73 9.48
N LEU X 454 -80.75 17.56 9.76
CA LEU X 454 -81.44 16.31 9.51
C LEU X 454 -82.69 16.16 10.38
N GLU X 455 -82.80 16.94 11.46
CA GLU X 455 -83.99 16.91 12.29
C GLU X 455 -85.16 17.66 11.68
N LEU X 456 -84.96 18.36 10.56
CA LEU X 456 -86.07 18.98 9.86
C LEU X 456 -87.10 17.95 9.43
N LEU X 457 -86.67 16.72 9.17
CA LEU X 457 -87.59 15.65 8.81
C LEU X 457 -88.57 15.39 9.94
N LEU X 458 -88.14 15.61 11.18
CA LEU X 458 -88.95 15.31 12.35
C LEU X 458 -89.85 16.49 12.71
N TYR Y 227 -52.48 87.51 -49.43
CA TYR Y 227 -53.22 87.05 -50.59
C TYR Y 227 -54.70 86.96 -50.29
N THR Y 228 -55.12 85.87 -49.64
CA THR Y 228 -56.52 85.75 -49.26
C THR Y 228 -56.83 86.78 -48.18
N ASP Y 229 -58.04 87.34 -48.23
CA ASP Y 229 -58.45 88.44 -47.36
C ASP Y 229 -59.84 88.12 -46.82
N VAL Y 230 -59.90 87.59 -45.60
CA VAL Y 230 -61.15 87.17 -44.98
C VAL Y 230 -61.57 88.24 -43.98
N PRO Y 231 -62.78 88.79 -44.06
CA PRO Y 231 -63.21 89.73 -43.02
C PRO Y 231 -63.31 89.06 -41.66
N ILE Y 232 -63.23 89.88 -40.62
CA ILE Y 232 -63.23 89.40 -39.25
C ILE Y 232 -64.66 89.08 -38.84
N SER Y 233 -64.81 88.06 -38.00
CA SER Y 233 -66.12 87.59 -37.58
C SER Y 233 -66.89 88.62 -36.77
N GLY Y 234 -66.21 89.57 -36.14
CA GLY Y 234 -66.81 90.52 -35.23
C GLY Y 234 -66.76 90.08 -33.79
N MET Y 235 -66.91 88.77 -33.56
CA MET Y 235 -66.80 88.25 -32.20
C MET Y 235 -65.38 88.38 -31.69
N ARG Y 236 -64.39 88.15 -32.55
CA ARG Y 236 -63.00 88.26 -32.13
C ARG Y 236 -62.63 89.67 -31.74
N LYS Y 237 -63.35 90.67 -32.28
CA LYS Y 237 -63.06 92.07 -31.94
C LYS Y 237 -63.22 92.31 -30.45
N THR Y 238 -64.30 91.78 -29.87
CA THR Y 238 -64.55 91.97 -28.45
C THR Y 238 -63.46 91.32 -27.60
N ILE Y 239 -63.06 90.11 -27.97
CA ILE Y 239 -62.03 89.41 -27.22
C ILE Y 239 -60.70 90.15 -27.34
N ALA Y 240 -60.42 90.69 -28.52
CA ALA Y 240 -59.18 91.44 -28.72
C ALA Y 240 -59.18 92.68 -27.84
N ALA Y 241 -60.28 93.42 -27.83
CA ALA Y 241 -60.39 94.61 -26.99
C ALA Y 241 -60.25 94.24 -25.52
N ARG Y 242 -60.82 93.11 -25.12
CA ARG Y 242 -60.76 92.69 -23.72
C ARG Y 242 -59.32 92.37 -23.33
N LEU Y 243 -58.62 91.59 -24.16
CA LEU Y 243 -57.23 91.25 -23.87
C LEU Y 243 -56.34 92.49 -23.87
N LYS Y 244 -56.61 93.44 -24.76
CA LYS Y 244 -55.86 94.67 -24.80
C LYS Y 244 -56.06 95.46 -23.51
N GLU Y 245 -57.31 95.55 -23.06
CA GLU Y 245 -57.59 96.21 -21.78
C GLU Y 245 -56.85 95.51 -20.66
N SER Y 246 -56.79 94.17 -20.70
CA SER Y 246 -56.10 93.44 -19.65
C SER Y 246 -54.62 93.79 -19.60
N VAL Y 247 -53.95 93.70 -20.75
CA VAL Y 247 -52.50 93.92 -20.75
C VAL Y 247 -52.14 95.37 -20.53
N THR Y 248 -53.02 96.31 -20.87
CA THR Y 248 -52.70 97.72 -20.70
C THR Y 248 -53.09 98.25 -19.32
N GLU Y 249 -54.07 97.62 -18.66
CA GLU Y 249 -54.47 98.07 -17.33
C GLU Y 249 -53.69 97.35 -16.25
N ASN Y 250 -53.41 96.06 -16.45
CA ASN Y 250 -52.78 95.22 -15.45
C ASN Y 250 -51.42 94.77 -15.93
N PRO Y 251 -50.32 95.11 -15.24
CA PRO Y 251 -49.06 94.46 -15.58
C PRO Y 251 -49.10 93.00 -15.20
N HIS Y 252 -48.15 92.24 -15.71
CA HIS Y 252 -48.12 90.80 -15.55
C HIS Y 252 -46.74 90.36 -15.12
N PHE Y 253 -46.68 89.49 -14.10
CA PHE Y 253 -45.48 88.76 -13.78
C PHE Y 253 -45.84 87.31 -13.51
N PHE Y 254 -44.90 86.43 -13.87
CA PHE Y 254 -45.14 85.00 -13.97
C PHE Y 254 -44.29 84.27 -12.95
N VAL Y 255 -44.81 83.13 -12.48
CA VAL Y 255 -44.12 82.26 -11.53
C VAL Y 255 -44.24 80.84 -12.05
N SER Y 256 -43.11 80.14 -12.10
CA SER Y 256 -43.01 78.84 -12.75
C SER Y 256 -42.42 77.84 -11.76
N THR Y 257 -43.17 76.78 -11.48
CA THR Y 257 -42.76 75.77 -10.53
C THR Y 257 -42.96 74.38 -11.12
N ASN Y 258 -42.49 73.38 -10.39
CA ASN Y 258 -42.55 71.99 -10.81
C ASN Y 258 -43.13 71.17 -9.67
N LEU Y 259 -44.22 70.45 -9.96
CA LEU Y 259 -44.90 69.62 -8.99
C LEU Y 259 -44.56 68.15 -9.22
N SER Y 260 -44.98 67.32 -8.27
CA SER Y 260 -44.82 65.88 -8.33
C SER Y 260 -46.20 65.26 -8.16
N VAL Y 261 -46.56 64.36 -9.08
CA VAL Y 261 -47.90 63.79 -9.15
C VAL Y 261 -47.87 62.27 -9.14
N SER Y 262 -46.74 61.67 -8.77
CA SER Y 262 -46.64 60.21 -8.77
C SER Y 262 -47.61 59.58 -7.79
N LYS Y 263 -47.90 60.28 -6.69
CA LYS Y 263 -48.89 59.79 -5.73
C LYS Y 263 -50.31 60.15 -6.17
N LEU Y 264 -50.46 61.33 -6.78
CA LEU Y 264 -51.77 61.77 -7.23
C LEU Y 264 -52.34 60.82 -8.27
N LEU Y 265 -51.49 60.33 -9.18
CA LEU Y 265 -51.98 59.43 -10.22
C LEU Y 265 -52.39 58.09 -9.62
N LYS Y 266 -51.64 57.60 -8.63
CA LYS Y 266 -52.04 56.38 -7.95
C LYS Y 266 -53.39 56.56 -7.26
N LEU Y 267 -53.59 57.71 -6.62
CA LEU Y 267 -54.86 57.98 -5.97
C LEU Y 267 -55.99 58.01 -6.99
N ARG Y 268 -55.76 58.65 -8.13
CA ARG Y 268 -56.80 58.73 -9.16
C ARG Y 268 -57.13 57.34 -9.68
N GLN Y 269 -56.10 56.51 -9.92
CA GLN Y 269 -56.33 55.17 -10.43
C GLN Y 269 -57.11 54.34 -9.41
N ALA Y 270 -56.77 54.48 -8.13
CA ALA Y 270 -57.47 53.70 -7.11
C ALA Y 270 -58.93 54.11 -7.01
N LEU Y 271 -59.20 55.43 -7.03
CA LEU Y 271 -60.58 55.88 -6.96
C LEU Y 271 -61.36 55.50 -8.20
N ASN Y 272 -60.71 55.44 -9.36
CA ASN Y 272 -61.40 55.00 -10.56
C ASN Y 272 -61.67 53.50 -10.53
N SER Y 273 -60.78 52.73 -9.93
CA SER Y 273 -60.99 51.29 -9.84
C SER Y 273 -62.06 50.95 -8.82
N SER Y 274 -62.13 51.68 -7.71
CA SER Y 274 -63.13 51.41 -6.68
C SER Y 274 -64.43 52.15 -6.99
N ALA Y 275 -64.97 51.85 -8.17
CA ALA Y 275 -66.19 52.47 -8.65
C ALA Y 275 -66.86 51.55 -9.64
N ASP Y 276 -68.14 51.78 -9.85
CA ASP Y 276 -68.98 50.98 -10.74
C ASP Y 276 -69.48 51.83 -11.90
N GLY Y 277 -68.59 52.63 -12.48
CA GLY Y 277 -68.96 53.51 -13.56
C GLY Y 277 -69.81 54.68 -13.14
N ARG Y 278 -69.88 54.98 -11.85
CA ARG Y 278 -70.68 56.10 -11.38
C ARG Y 278 -69.98 57.43 -11.62
N TYR Y 279 -68.66 57.42 -11.81
CA TYR Y 279 -67.91 58.64 -12.06
C TYR Y 279 -66.60 58.29 -12.75
N LYS Y 280 -65.90 59.33 -13.20
CA LYS Y 280 -64.58 59.18 -13.79
C LYS Y 280 -63.80 60.46 -13.54
N LEU Y 281 -62.62 60.33 -12.98
CA LEU Y 281 -61.84 61.46 -12.50
C LEU Y 281 -60.70 61.81 -13.44
N SER Y 282 -60.18 63.03 -13.27
CA SER Y 282 -59.05 63.53 -14.03
C SER Y 282 -58.15 64.35 -13.13
N VAL Y 283 -57.12 64.97 -13.70
CA VAL Y 283 -56.17 65.74 -12.92
C VAL Y 283 -56.66 67.16 -12.68
N ASN Y 284 -57.40 67.71 -13.65
CA ASN Y 284 -57.92 69.06 -13.53
C ASN Y 284 -58.80 69.21 -12.30
N ASP Y 285 -59.52 68.16 -11.93
CA ASP Y 285 -60.42 68.25 -10.78
C ASP Y 285 -59.65 68.40 -9.48
N PHE Y 286 -58.64 67.55 -9.28
CA PHE Y 286 -57.74 67.69 -8.14
C PHE Y 286 -57.13 69.08 -8.12
N LEU Y 287 -56.71 69.58 -9.29
CA LEU Y 287 -56.11 70.90 -9.34
C LEU Y 287 -57.09 71.98 -8.92
N ILE Y 288 -58.36 71.83 -9.30
CA ILE Y 288 -59.36 72.83 -8.94
C ILE Y 288 -59.60 72.83 -7.44
N LYS Y 289 -59.71 71.65 -6.85
CA LYS Y 289 -59.89 71.57 -5.40
C LYS Y 289 -58.71 72.18 -4.67
N ALA Y 290 -57.50 71.91 -5.15
CA ALA Y 290 -56.32 72.47 -4.50
C ALA Y 290 -56.29 73.98 -4.66
N MET Y 291 -56.73 74.48 -5.81
CA MET Y 291 -56.82 75.92 -6.02
C MET Y 291 -57.75 76.55 -5.00
N GLY Y 292 -58.91 75.92 -4.78
CA GLY Y 292 -59.82 76.43 -3.77
C GLY Y 292 -59.21 76.46 -2.38
N ILE Y 293 -58.49 75.38 -2.03
CA ILE Y 293 -57.87 75.30 -0.72
C ILE Y 293 -56.84 76.42 -0.54
N ALA Y 294 -56.00 76.62 -1.55
CA ALA Y 294 -54.98 77.66 -1.47
C ALA Y 294 -55.61 79.03 -1.42
N SER Y 295 -56.68 79.24 -2.19
CA SER Y 295 -57.35 80.53 -2.20
C SER Y 295 -57.96 80.83 -0.84
N LYS Y 296 -58.42 79.81 -0.13
CA LYS Y 296 -58.95 80.04 1.20
C LYS Y 296 -57.84 80.29 2.21
N ARG Y 297 -56.71 79.59 2.09
CA ARG Y 297 -55.61 79.81 3.02
C ARG Y 297 -54.95 81.16 2.82
N VAL Y 298 -55.02 81.70 1.60
CA VAL Y 298 -54.43 83.01 1.29
C VAL Y 298 -55.48 83.81 0.52
N PRO Y 299 -56.37 84.54 1.21
CA PRO Y 299 -57.50 85.15 0.51
C PRO Y 299 -57.12 86.33 -0.38
N THR Y 300 -55.92 86.88 -0.23
CA THR Y 300 -55.55 88.07 -0.98
C THR Y 300 -55.54 87.81 -2.49
N VAL Y 301 -55.31 86.56 -2.88
CA VAL Y 301 -55.34 86.21 -4.29
C VAL Y 301 -56.77 86.26 -4.81
N ASN Y 302 -57.72 85.72 -4.04
CA ASN Y 302 -59.13 85.72 -4.42
C ASN Y 302 -59.66 87.13 -4.19
N SER Y 303 -59.35 88.01 -5.14
CA SER Y 303 -59.66 89.43 -5.02
C SER Y 303 -59.86 89.99 -6.43
N SER Y 304 -59.97 91.31 -6.52
CA SER Y 304 -60.13 91.98 -7.80
C SER Y 304 -59.68 93.42 -7.64
N TRP Y 305 -59.99 94.24 -8.65
CA TRP Y 305 -59.66 95.67 -8.64
C TRP Y 305 -60.87 96.42 -9.16
N ARG Y 306 -61.38 97.35 -8.35
CA ARG Y 306 -62.57 98.12 -8.70
C ARG Y 306 -62.30 99.60 -8.50
N ASP Y 307 -63.34 100.42 -8.60
CA ASP Y 307 -63.18 101.87 -8.55
C ASP Y 307 -62.73 102.32 -7.17
N GLY Y 308 -61.42 102.48 -6.99
CA GLY Y 308 -60.88 102.95 -5.73
C GLY Y 308 -61.17 102.04 -4.55
N VAL Y 309 -61.39 100.75 -4.80
CA VAL Y 309 -61.76 99.82 -3.74
C VAL Y 309 -61.39 98.41 -4.17
N ILE Y 310 -61.02 97.60 -3.19
CA ILE Y 310 -60.69 96.19 -3.39
C ILE Y 310 -61.89 95.37 -2.97
N ARG Y 311 -62.41 94.57 -3.90
CA ARG Y 311 -63.49 93.64 -3.63
C ARG Y 311 -62.88 92.27 -3.38
N GLN Y 312 -63.13 91.74 -2.18
CA GLN Y 312 -62.63 90.44 -1.76
C GLN Y 312 -63.81 89.51 -1.51
N PHE Y 313 -63.75 88.34 -2.13
CA PHE Y 313 -64.79 87.34 -1.95
C PHE Y 313 -64.44 86.44 -0.76
N GLU Y 314 -65.31 85.46 -0.51
CA GLU Y 314 -65.08 84.41 0.47
C GLU Y 314 -65.04 83.04 -0.18
N THR Y 315 -66.01 82.74 -1.03
CA THR Y 315 -66.02 81.51 -1.80
C THR Y 315 -65.02 81.62 -2.95
N VAL Y 316 -64.88 80.52 -3.67
CA VAL Y 316 -63.95 80.42 -4.79
C VAL Y 316 -64.76 80.05 -6.02
N ASP Y 317 -64.85 80.98 -6.96
CA ASP Y 317 -65.53 80.78 -8.23
C ASP Y 317 -64.48 80.57 -9.30
N VAL Y 318 -64.47 79.37 -9.91
CA VAL Y 318 -63.39 78.94 -10.79
C VAL Y 318 -63.86 78.98 -12.23
N SER Y 319 -63.11 79.67 -13.08
CA SER Y 319 -63.41 79.75 -14.50
C SER Y 319 -62.52 78.76 -15.25
N VAL Y 320 -63.15 77.76 -15.87
CA VAL Y 320 -62.43 76.72 -16.60
C VAL Y 320 -62.54 77.01 -18.08
N ALA Y 321 -61.40 76.96 -18.76
CA ALA Y 321 -61.37 77.23 -20.20
C ALA Y 321 -61.76 76.00 -20.98
N VAL Y 322 -62.45 76.22 -22.09
CA VAL Y 322 -62.81 75.18 -23.04
C VAL Y 322 -62.56 75.71 -24.44
N ALA Y 323 -61.99 74.86 -25.28
CA ALA Y 323 -61.59 75.21 -26.63
C ALA Y 323 -62.61 74.63 -27.60
N THR Y 324 -63.48 75.49 -28.10
CA THR Y 324 -64.46 75.13 -29.11
C THR Y 324 -63.94 75.49 -30.50
N PRO Y 325 -64.50 74.92 -31.56
CA PRO Y 325 -64.14 75.37 -32.91
C PRO Y 325 -64.47 76.83 -33.16
N ASN Y 326 -65.42 77.39 -32.42
CA ASN Y 326 -65.72 78.81 -32.49
C ASN Y 326 -64.67 79.66 -31.78
N GLY Y 327 -63.88 79.07 -30.89
CA GLY Y 327 -62.83 79.79 -30.20
C GLY Y 327 -62.58 79.30 -28.79
N LEU Y 328 -62.59 80.22 -27.83
CA LEU Y 328 -62.37 79.92 -26.42
C LEU Y 328 -63.57 80.38 -25.62
N ILE Y 329 -63.85 79.67 -24.53
CA ILE Y 329 -64.96 80.03 -23.65
C ILE Y 329 -64.57 79.64 -22.23
N THR Y 330 -65.19 80.28 -21.25
CA THR Y 330 -64.85 80.11 -19.84
C THR Y 330 -66.10 79.91 -18.98
N PRO Y 331 -66.67 78.71 -18.98
CA PRO Y 331 -67.70 78.41 -17.97
C PRO Y 331 -67.13 78.49 -16.57
N ILE Y 332 -68.04 78.48 -15.60
CA ILE Y 332 -67.71 78.74 -14.20
C ILE Y 332 -68.25 77.62 -13.34
N VAL Y 333 -67.47 77.23 -12.34
CA VAL Y 333 -67.90 76.35 -11.26
C VAL Y 333 -68.00 77.19 -10.00
N LYS Y 334 -69.06 76.95 -9.23
CA LYS Y 334 -69.41 77.75 -8.07
C LYS Y 334 -69.18 76.95 -6.80
N GLY Y 335 -68.71 77.65 -5.76
CA GLY Y 335 -68.55 77.06 -4.45
C GLY Y 335 -67.68 75.83 -4.45
N VAL Y 336 -66.45 75.98 -4.94
CA VAL Y 336 -65.56 74.82 -5.11
C VAL Y 336 -65.21 74.23 -3.75
N GLU Y 337 -64.72 75.06 -2.84
CA GLU Y 337 -64.29 74.58 -1.54
C GLU Y 337 -65.47 73.94 -0.81
N GLY Y 338 -65.32 72.66 -0.50
CA GLY Y 338 -66.39 71.91 0.11
C GLY Y 338 -67.51 71.61 -0.85
N LYS Y 339 -67.20 70.93 -1.95
CA LYS Y 339 -68.20 70.55 -2.94
C LYS Y 339 -68.14 69.08 -3.32
N GLY Y 340 -66.94 68.49 -3.40
CA GLY Y 340 -66.78 67.11 -3.77
C GLY Y 340 -66.31 66.91 -5.20
N LEU Y 341 -65.32 66.02 -5.35
CA LEU Y 341 -64.71 65.81 -6.67
C LEU Y 341 -65.70 65.24 -7.66
N GLU Y 342 -66.62 64.39 -7.20
CA GLU Y 342 -67.60 63.81 -8.11
C GLU Y 342 -68.49 64.90 -8.69
N SER Y 343 -69.04 65.75 -7.83
CA SER Y 343 -69.88 66.85 -8.29
C SER Y 343 -69.09 67.78 -9.19
N ILE Y 344 -67.81 67.99 -8.89
CA ILE Y 344 -66.97 68.86 -9.71
C ILE Y 344 -66.84 68.27 -11.12
N SER Y 345 -66.49 66.98 -11.20
CA SER Y 345 -66.33 66.34 -12.50
C SER Y 345 -67.64 66.35 -13.27
N ALA Y 346 -68.75 66.14 -12.59
CA ALA Y 346 -70.04 66.12 -13.26
C ALA Y 346 -70.37 67.48 -13.83
N ALA Y 347 -70.18 68.53 -13.04
CA ALA Y 347 -70.45 69.88 -13.52
C ALA Y 347 -69.54 70.24 -14.67
N VAL Y 348 -68.27 69.83 -14.60
CA VAL Y 348 -67.34 70.15 -15.68
C VAL Y 348 -67.75 69.45 -16.96
N LYS Y 349 -68.15 68.18 -16.87
CA LYS Y 349 -68.58 67.45 -18.06
C LYS Y 349 -69.83 68.10 -18.67
N GLU Y 350 -70.79 68.45 -17.81
CA GLU Y 350 -72.01 69.09 -18.29
C GLU Y 350 -71.69 70.40 -19.00
N LEU Y 351 -70.87 71.25 -18.37
CA LEU Y 351 -70.57 72.54 -18.94
C LEU Y 351 -69.75 72.41 -20.22
N ALA Y 352 -68.83 71.45 -20.27
CA ALA Y 352 -68.01 71.27 -21.46
C ALA Y 352 -68.85 70.81 -22.64
N LYS Y 353 -69.74 69.84 -22.41
CA LYS Y 353 -70.61 69.41 -23.50
C LYS Y 353 -71.59 70.50 -23.90
N LYS Y 354 -72.10 71.27 -22.94
CA LYS Y 354 -72.99 72.37 -23.29
C LYS Y 354 -72.27 73.47 -24.05
N ALA Y 355 -70.98 73.67 -23.79
CA ALA Y 355 -70.21 74.65 -24.54
C ALA Y 355 -69.91 74.15 -25.94
N ARG Y 356 -69.59 72.86 -26.07
CA ARG Y 356 -69.45 72.27 -27.40
C ARG Y 356 -70.75 72.38 -28.19
N ASP Y 357 -71.89 72.35 -27.50
CA ASP Y 357 -73.19 72.48 -28.16
C ASP Y 357 -73.58 73.93 -28.40
N GLY Y 358 -73.05 74.87 -27.63
CA GLY Y 358 -73.47 76.26 -27.73
C GLY Y 358 -74.85 76.46 -27.14
N LYS Y 359 -74.99 76.20 -25.84
CA LYS Y 359 -76.28 76.19 -25.16
C LYS Y 359 -76.20 76.88 -23.80
N LEU Y 360 -75.27 77.82 -23.66
CA LEU Y 360 -74.97 78.43 -22.37
C LEU Y 360 -75.75 79.71 -22.16
N LYS Y 361 -75.79 80.14 -20.90
CA LYS Y 361 -76.27 81.44 -20.49
C LYS Y 361 -75.10 82.37 -20.21
N PRO Y 362 -75.30 83.69 -20.28
CA PRO Y 362 -74.16 84.59 -20.00
C PRO Y 362 -73.68 84.54 -18.57
N GLU Y 363 -74.59 84.32 -17.62
CA GLU Y 363 -74.20 84.29 -16.21
C GLU Y 363 -73.25 83.13 -15.92
N GLU Y 364 -73.33 82.06 -16.70
CA GLU Y 364 -72.47 80.90 -16.45
C GLU Y 364 -71.01 81.18 -16.77
N TYR Y 365 -70.71 82.18 -17.60
CA TYR Y 365 -69.35 82.51 -17.97
C TYR Y 365 -69.04 84.00 -17.84
N GLN Y 366 -69.84 84.74 -17.09
CA GLN Y 366 -69.57 86.14 -16.78
C GLN Y 366 -69.48 86.30 -15.27
N GLY Y 367 -68.24 86.36 -14.77
CA GLY Y 367 -67.97 86.44 -13.35
C GLY Y 367 -66.69 85.72 -13.00
N GLY Y 368 -66.67 85.03 -11.87
CA GLY Y 368 -65.51 84.26 -11.49
C GLY Y 368 -64.41 85.11 -10.91
N SER Y 369 -63.75 84.61 -9.87
CA SER Y 369 -62.63 85.31 -9.26
C SER Y 369 -61.29 84.83 -9.81
N ILE Y 370 -61.18 83.54 -10.14
CA ILE Y 370 -59.93 82.95 -10.57
C ILE Y 370 -60.22 82.07 -11.79
N SER Y 371 -59.20 81.87 -12.62
CA SER Y 371 -59.33 81.17 -13.88
C SER Y 371 -58.24 80.11 -14.01
N ILE Y 372 -58.38 79.28 -15.03
CA ILE Y 372 -57.44 78.19 -15.29
C ILE Y 372 -57.56 77.80 -16.76
N SER Y 373 -56.46 77.34 -17.32
CA SER Y 373 -56.44 76.75 -18.65
C SER Y 373 -55.58 75.50 -18.59
N ASN Y 374 -56.00 74.49 -19.35
CA ASN Y 374 -55.35 73.18 -19.33
C ASN Y 374 -55.00 72.76 -20.74
N MET Y 375 -53.83 72.13 -20.87
CA MET Y 375 -53.34 71.62 -22.15
C MET Y 375 -52.71 70.25 -21.99
N GLY Y 376 -53.12 69.49 -20.98
CA GLY Y 376 -52.45 68.23 -20.68
C GLY Y 376 -52.58 67.18 -21.76
N MET Y 377 -53.64 67.26 -22.58
CA MET Y 377 -53.81 66.26 -23.62
C MET Y 377 -52.69 66.34 -24.65
N ASN Y 378 -52.11 67.52 -24.85
CA ASN Y 378 -51.04 67.69 -25.82
C ASN Y 378 -49.69 67.49 -25.12
N PRO Y 379 -49.00 66.38 -25.34
CA PRO Y 379 -47.80 66.09 -24.53
C PRO Y 379 -46.59 66.94 -24.86
N ALA Y 380 -46.59 67.65 -25.98
CA ALA Y 380 -45.41 68.40 -26.39
C ALA Y 380 -45.19 69.62 -25.51
N VAL Y 381 -46.25 70.19 -24.96
CA VAL Y 381 -46.18 71.45 -24.24
C VAL Y 381 -45.59 71.17 -22.87
N GLN Y 382 -44.39 71.71 -22.60
CA GLN Y 382 -43.82 71.63 -21.26
C GLN Y 382 -44.37 72.74 -20.38
N SER Y 383 -44.52 73.94 -20.93
CA SER Y 383 -45.03 75.05 -20.15
C SER Y 383 -45.62 76.09 -21.10
N PHE Y 384 -46.44 76.96 -20.54
CA PHE Y 384 -47.00 78.06 -21.30
C PHE Y 384 -47.66 79.03 -20.35
N THR Y 385 -47.75 80.26 -20.79
CA THR Y 385 -48.37 81.34 -20.06
C THR Y 385 -49.76 81.60 -20.64
N ALA Y 386 -50.55 82.39 -19.94
CA ALA Y 386 -51.85 82.83 -20.43
C ALA Y 386 -52.03 84.29 -20.07
N ILE Y 387 -53.25 84.78 -20.25
CA ILE Y 387 -53.60 86.18 -20.05
C ILE Y 387 -54.76 86.24 -19.07
N ILE Y 388 -54.74 87.23 -18.20
CA ILE Y 388 -55.69 87.32 -17.10
C ILE Y 388 -57.02 87.80 -17.63
N ASN Y 389 -58.03 86.95 -17.54
CA ASN Y 389 -59.39 87.34 -17.92
C ASN Y 389 -59.91 88.35 -16.90
N PRO Y 390 -60.08 89.63 -17.26
CA PRO Y 390 -60.47 90.60 -16.25
C PRO Y 390 -61.89 90.37 -15.79
N PRO Y 391 -62.30 90.98 -14.66
CA PRO Y 391 -61.52 91.84 -13.77
C PRO Y 391 -60.74 91.07 -12.70
N GLN Y 392 -60.47 89.80 -12.97
CA GLN Y 392 -59.80 88.94 -12.01
C GLN Y 392 -58.35 89.38 -11.77
N ALA Y 393 -57.64 88.66 -10.90
CA ALA Y 393 -56.30 89.04 -10.46
C ALA Y 393 -55.23 88.01 -10.77
N ALA Y 394 -55.61 86.76 -11.03
CA ALA Y 394 -54.64 85.70 -11.21
C ALA Y 394 -55.19 84.67 -12.18
N ILE Y 395 -54.28 83.90 -12.76
CA ILE Y 395 -54.66 82.80 -13.64
C ILE Y 395 -53.57 81.75 -13.61
N LEU Y 396 -53.98 80.51 -13.80
CA LEU Y 396 -53.13 79.34 -13.72
C LEU Y 396 -52.95 78.72 -15.10
N ALA Y 397 -51.94 77.88 -15.22
CA ALA Y 397 -51.69 77.13 -16.45
C ALA Y 397 -50.89 75.89 -16.09
N VAL Y 398 -51.35 74.75 -16.61
CA VAL Y 398 -50.81 73.44 -16.26
C VAL Y 398 -50.29 72.80 -17.53
N GLY Y 399 -48.98 72.57 -17.59
CA GLY Y 399 -48.40 71.88 -18.72
C GLY Y 399 -48.68 70.39 -18.67
N ALA Y 400 -47.90 69.66 -19.46
CA ALA Y 400 -48.06 68.22 -19.56
C ALA Y 400 -47.18 67.51 -18.54
N PRO Y 401 -47.42 66.24 -18.29
CA PRO Y 401 -46.51 65.46 -17.46
C PRO Y 401 -45.30 64.98 -18.25
N GLN Y 402 -44.20 64.78 -17.52
CA GLN Y 402 -42.94 64.39 -18.11
C GLN Y 402 -42.19 63.52 -17.11
N LYS Y 403 -41.11 62.90 -17.58
CA LYS Y 403 -40.25 62.05 -16.77
C LYS Y 403 -39.00 62.83 -16.45
N VAL Y 404 -38.63 62.86 -15.17
CA VAL Y 404 -37.47 63.59 -14.70
C VAL Y 404 -36.70 62.71 -13.75
N ALA Y 405 -35.39 62.90 -13.72
CA ALA Y 405 -34.53 62.19 -12.79
C ALA Y 405 -34.58 62.85 -11.44
N VAL Y 406 -34.59 62.03 -10.39
CA VAL Y 406 -34.65 62.49 -9.01
C VAL Y 406 -33.74 61.60 -8.17
N PRO Y 407 -32.95 62.13 -7.23
CA PRO Y 407 -32.16 61.26 -6.38
C PRO Y 407 -33.01 60.48 -5.40
N VAL Y 408 -32.44 59.39 -4.91
CA VAL Y 408 -33.09 58.56 -3.90
C VAL Y 408 -32.01 57.82 -3.14
N GLU Y 409 -32.25 57.63 -1.83
CA GLU Y 409 -31.33 56.91 -0.97
C GLU Y 409 -31.82 55.49 -0.79
N ASN Y 410 -31.05 54.52 -1.28
CA ASN Y 410 -31.34 53.13 -1.00
C ASN Y 410 -31.04 52.83 0.46
N GLU Y 411 -31.33 51.59 0.87
CA GLU Y 411 -31.14 51.18 2.25
C GLU Y 411 -29.70 51.37 2.73
N ASP Y 412 -28.73 51.35 1.83
CA ASP Y 412 -27.33 51.58 2.15
C ASP Y 412 -27.05 53.08 2.11
N GLY Y 413 -25.75 53.42 2.20
CA GLY Y 413 -25.35 54.81 2.21
C GLY Y 413 -25.26 55.46 0.84
N THR Y 414 -25.49 54.70 -0.23
CA THR Y 414 -25.39 55.24 -1.58
C THR Y 414 -26.71 55.83 -2.02
N THR Y 415 -26.63 56.80 -2.93
CA THR Y 415 -27.80 57.34 -3.59
C THR Y 415 -28.11 56.54 -4.85
N GLY Y 416 -29.30 56.79 -5.41
CA GLY Y 416 -29.73 56.13 -6.61
C GLY Y 416 -30.60 57.04 -7.46
N VAL Y 417 -31.00 56.52 -8.61
CA VAL Y 417 -31.81 57.25 -9.58
C VAL Y 417 -33.22 56.69 -9.53
N SER Y 418 -34.18 57.56 -9.22
CA SER Y 418 -35.60 57.23 -9.25
C SER Y 418 -36.30 58.15 -10.23
N TRP Y 419 -37.18 57.57 -11.03
CA TRP Y 419 -37.90 58.30 -12.07
C TRP Y 419 -39.24 58.75 -11.50
N ASP Y 420 -39.41 60.07 -11.39
CA ASP Y 420 -40.63 60.69 -10.90
C ASP Y 420 -41.35 61.37 -12.06
N GLU Y 421 -42.67 61.47 -11.93
CA GLU Y 421 -43.51 62.13 -12.92
C GLU Y 421 -43.79 63.55 -12.45
N GLN Y 422 -43.27 64.53 -13.19
CA GLN Y 422 -43.38 65.93 -12.84
C GLN Y 422 -44.28 66.67 -13.81
N ILE Y 423 -44.80 67.79 -13.35
CA ILE Y 423 -45.59 68.71 -14.16
C ILE Y 423 -45.11 70.12 -13.86
N ILE Y 424 -45.00 70.92 -14.90
CA ILE Y 424 -44.69 72.34 -14.76
C ILE Y 424 -46.00 73.11 -14.66
N VAL Y 425 -45.99 74.11 -13.79
CA VAL Y 425 -47.15 74.95 -13.53
C VAL Y 425 -46.70 76.39 -13.61
N THR Y 426 -47.49 77.21 -14.30
CA THR Y 426 -47.18 78.61 -14.51
C THR Y 426 -48.37 79.44 -14.07
N ALA Y 427 -48.12 80.39 -13.17
CA ALA Y 427 -49.15 81.28 -12.63
C ALA Y 427 -48.80 82.71 -12.98
N SER Y 428 -49.75 83.41 -13.60
CA SER Y 428 -49.61 84.83 -13.90
C SER Y 428 -50.44 85.63 -12.92
N PHE Y 429 -49.84 86.67 -12.34
CA PHE Y 429 -50.50 87.50 -11.34
C PHE Y 429 -50.52 88.95 -11.78
N ASP Y 430 -51.52 89.68 -11.31
CA ASP Y 430 -51.55 91.12 -11.43
C ASP Y 430 -50.81 91.73 -10.25
N HIS Y 431 -49.93 92.68 -10.54
CA HIS Y 431 -49.02 93.20 -9.54
C HIS Y 431 -49.62 94.32 -8.70
N LYS Y 432 -50.74 94.90 -9.12
CA LYS Y 432 -51.39 95.91 -8.30
C LYS Y 432 -51.86 95.31 -6.98
N VAL Y 433 -52.51 94.15 -7.05
CA VAL Y 433 -53.08 93.50 -5.88
C VAL Y 433 -52.04 92.65 -5.17
N VAL Y 434 -51.40 91.76 -5.91
CA VAL Y 434 -50.57 90.71 -5.35
C VAL Y 434 -49.11 91.07 -5.52
N ASP Y 435 -48.29 90.59 -4.58
CA ASP Y 435 -46.85 90.73 -4.62
C ASP Y 435 -46.21 89.35 -4.75
N GLY Y 436 -44.89 89.39 -4.99
CA GLY Y 436 -44.16 88.16 -5.22
C GLY Y 436 -44.20 87.22 -4.03
N ALA Y 437 -44.08 87.76 -2.82
CA ALA Y 437 -44.11 86.92 -1.63
C ALA Y 437 -45.47 86.23 -1.49
N VAL Y 438 -46.55 86.96 -1.77
CA VAL Y 438 -47.88 86.38 -1.64
C VAL Y 438 -48.09 85.29 -2.67
N GLY Y 439 -47.67 85.56 -3.92
CA GLY Y 439 -47.79 84.55 -4.94
C GLY Y 439 -46.97 83.31 -4.61
N ALA Y 440 -45.78 83.52 -4.06
CA ALA Y 440 -44.94 82.39 -3.70
C ALA Y 440 -45.59 81.57 -2.58
N GLU Y 441 -46.22 82.25 -1.63
CA GLU Y 441 -46.91 81.56 -0.55
C GLU Y 441 -48.05 80.71 -1.09
N TRP Y 442 -48.83 81.28 -2.00
CA TRP Y 442 -49.92 80.55 -2.62
C TRP Y 442 -49.40 79.31 -3.35
N ILE Y 443 -48.31 79.48 -4.11
CA ILE Y 443 -47.75 78.37 -4.86
C ILE Y 443 -47.21 77.30 -3.91
N ARG Y 444 -46.61 77.73 -2.79
CA ARG Y 444 -46.09 76.76 -1.84
C ARG Y 444 -47.21 75.93 -1.25
N GLU Y 445 -48.33 76.58 -0.91
CA GLU Y 445 -49.46 75.83 -0.37
C GLU Y 445 -50.00 74.86 -1.40
N LEU Y 446 -50.08 75.29 -2.67
CA LEU Y 446 -50.56 74.40 -3.72
C LEU Y 446 -49.63 73.18 -3.85
N LYS Y 447 -48.33 73.43 -3.87
CA LYS Y 447 -47.37 72.33 -3.99
C LYS Y 447 -47.49 71.37 -2.83
N LYS Y 448 -47.62 71.91 -1.62
CA LYS Y 448 -47.75 71.06 -0.44
C LYS Y 448 -49.00 70.19 -0.54
N VAL Y 449 -50.12 70.80 -0.94
CA VAL Y 449 -51.38 70.06 -1.01
C VAL Y 449 -51.30 68.97 -2.06
N ILE Y 450 -50.68 69.25 -3.19
CA ILE Y 450 -50.58 68.24 -4.25
C ILE Y 450 -49.65 67.12 -3.82
N GLU Y 451 -48.49 67.48 -3.27
CA GLU Y 451 -47.50 66.49 -2.91
C GLU Y 451 -47.99 65.60 -1.78
N ASN Y 452 -48.85 66.14 -0.91
CA ASN Y 452 -49.54 65.36 0.11
C ASN Y 452 -51.02 65.35 -0.24
N PRO Y 453 -51.48 64.45 -1.11
CA PRO Y 453 -52.89 64.50 -1.55
C PRO Y 453 -53.87 64.31 -0.42
N LEU Y 454 -53.45 63.68 0.68
CA LEU Y 454 -54.37 63.40 1.78
C LEU Y 454 -54.88 64.67 2.44
N GLU Y 455 -54.15 65.78 2.33
CA GLU Y 455 -54.61 67.03 2.91
C GLU Y 455 -55.71 67.69 2.10
N LEU Y 456 -56.12 67.11 0.96
CA LEU Y 456 -57.31 67.58 0.28
C LEU Y 456 -58.53 67.49 1.18
N LEU Y 457 -58.53 66.54 2.11
CA LEU Y 457 -59.62 66.41 3.07
C LEU Y 457 -59.72 67.65 3.96
N LEU Y 458 -58.58 68.27 4.24
CA LEU Y 458 -58.55 69.44 5.12
C LEU Y 458 -58.84 70.70 4.32
N TYR Z 227 -56.67 36.32 -91.17
CA TYR Z 227 -58.05 35.86 -91.07
C TYR Z 227 -58.96 37.00 -90.63
N THR Z 228 -59.06 37.22 -89.32
CA THR Z 228 -59.91 38.29 -88.81
C THR Z 228 -59.32 39.63 -89.23
N ASP Z 229 -60.21 40.58 -89.58
CA ASP Z 229 -59.83 41.88 -90.11
C ASP Z 229 -60.63 42.95 -89.39
N VAL Z 230 -60.03 43.53 -88.35
CA VAL Z 230 -60.69 44.54 -87.53
C VAL Z 230 -60.25 45.92 -88.03
N PRO Z 231 -61.17 46.84 -88.35
CA PRO Z 231 -60.75 48.20 -88.68
C PRO Z 231 -60.08 48.88 -87.50
N ILE Z 232 -59.26 49.87 -87.82
CA ILE Z 232 -58.48 50.58 -86.82
C ILE Z 232 -59.35 51.62 -86.13
N SER Z 233 -59.08 51.85 -84.85
CA SER Z 233 -59.90 52.75 -84.06
C SER Z 233 -59.82 54.20 -84.52
N GLY Z 234 -58.75 54.57 -85.22
CA GLY Z 234 -58.50 55.94 -85.63
C GLY Z 234 -57.64 56.69 -84.63
N MET Z 235 -57.84 56.41 -83.33
CA MET Z 235 -56.99 57.01 -82.32
C MET Z 235 -55.55 56.51 -82.43
N ARG Z 236 -55.39 55.23 -82.77
CA ARG Z 236 -54.04 54.68 -82.90
C ARG Z 236 -53.29 55.30 -84.06
N LYS Z 237 -54.00 55.84 -85.05
CA LYS Z 237 -53.35 56.46 -86.20
C LYS Z 237 -52.51 57.65 -85.74
N THR Z 238 -53.07 58.48 -84.86
CA THR Z 238 -52.36 59.66 -84.40
C THR Z 238 -51.11 59.27 -83.61
N ILE Z 239 -51.25 58.28 -82.72
CA ILE Z 239 -50.12 57.85 -81.91
C ILE Z 239 -49.03 57.25 -82.80
N ALA Z 240 -49.44 56.51 -83.83
CA ALA Z 240 -48.46 55.93 -84.74
C ALA Z 240 -47.71 57.01 -85.49
N ALA Z 241 -48.44 58.00 -86.00
CA ALA Z 241 -47.79 59.11 -86.70
C ALA Z 241 -46.85 59.86 -85.78
N ARG Z 242 -47.25 60.02 -84.52
CA ARG Z 242 -46.41 60.73 -83.55
C ARG Z 242 -45.12 59.97 -83.30
N LEU Z 243 -45.21 58.67 -83.05
CA LEU Z 243 -44.02 57.86 -82.82
C LEU Z 243 -43.13 57.84 -84.06
N LYS Z 244 -43.73 57.82 -85.24
CA LYS Z 244 -42.96 57.83 -86.47
C LYS Z 244 -42.19 59.13 -86.61
N GLU Z 245 -42.86 60.25 -86.37
CA GLU Z 245 -42.17 61.54 -86.36
C GLU Z 245 -41.04 61.54 -85.34
N SER Z 246 -41.26 60.92 -84.20
CA SER Z 246 -40.23 60.88 -83.16
C SER Z 246 -38.99 60.16 -83.66
N VAL Z 247 -39.16 58.93 -84.13
CA VAL Z 247 -38.00 58.14 -84.51
C VAL Z 247 -37.33 58.67 -85.78
N THR Z 248 -38.08 59.32 -86.67
CA THR Z 248 -37.49 59.81 -87.90
C THR Z 248 -36.84 61.18 -87.74
N GLU Z 249 -37.29 61.98 -86.76
CA GLU Z 249 -36.73 63.31 -86.55
C GLU Z 249 -35.58 63.26 -85.55
N ASN Z 250 -35.75 62.50 -84.46
CA ASN Z 250 -34.82 62.48 -83.36
C ASN Z 250 -34.10 61.13 -83.31
N PRO Z 251 -32.78 61.08 -83.45
CA PRO Z 251 -32.09 59.80 -83.24
C PRO Z 251 -32.10 59.43 -81.77
N HIS Z 252 -32.00 58.14 -81.51
CA HIS Z 252 -32.11 57.60 -80.16
C HIS Z 252 -30.85 56.81 -79.83
N PHE Z 253 -30.24 57.14 -78.70
CA PHE Z 253 -29.21 56.31 -78.10
C PHE Z 253 -29.57 56.06 -76.65
N PHE Z 254 -29.21 54.86 -76.19
CA PHE Z 254 -29.68 54.31 -74.93
C PHE Z 254 -28.52 54.19 -73.96
N VAL Z 255 -28.83 54.42 -72.69
CA VAL Z 255 -27.88 54.25 -71.60
C VAL Z 255 -28.55 53.35 -70.57
N SER Z 256 -27.75 52.47 -69.95
CA SER Z 256 -28.27 51.42 -69.11
C SER Z 256 -27.37 51.28 -67.89
N THR Z 257 -27.97 51.40 -66.71
CA THR Z 257 -27.23 51.36 -65.46
C THR Z 257 -27.97 50.52 -64.45
N ASN Z 258 -27.32 50.28 -63.31
CA ASN Z 258 -27.84 49.46 -62.24
C ASN Z 258 -27.76 50.24 -60.94
N LEU Z 259 -28.88 50.37 -60.26
CA LEU Z 259 -28.97 51.07 -59.00
C LEU Z 259 -29.07 50.07 -57.85
N SER Z 260 -28.98 50.60 -56.63
CA SER Z 260 -29.13 49.83 -55.41
C SER Z 260 -30.18 50.51 -54.53
N VAL Z 261 -31.17 49.74 -54.09
CA VAL Z 261 -32.36 50.27 -53.44
C VAL Z 261 -32.61 49.62 -52.08
N SER Z 262 -31.63 48.90 -51.54
CA SER Z 262 -31.81 48.25 -50.25
C SER Z 262 -32.06 49.26 -49.15
N LYS Z 263 -31.45 50.43 -49.25
CA LYS Z 263 -31.68 51.49 -48.27
C LYS Z 263 -32.98 52.24 -48.56
N LEU Z 264 -33.28 52.42 -49.84
CA LEU Z 264 -34.50 53.12 -50.23
C LEU Z 264 -35.73 52.38 -49.73
N LEU Z 265 -35.74 51.05 -49.84
CA LEU Z 265 -36.89 50.29 -49.39
C LEU Z 265 -37.06 50.38 -47.89
N LYS Z 266 -35.95 50.38 -47.15
CA LYS Z 266 -36.03 50.57 -45.71
C LYS Z 266 -36.62 51.93 -45.38
N LEU Z 267 -36.19 52.96 -46.10
CA LEU Z 267 -36.72 54.30 -45.86
C LEU Z 267 -38.22 54.35 -46.13
N ARG Z 268 -38.65 53.71 -47.22
CA ARG Z 268 -40.06 53.72 -47.57
C ARG Z 268 -40.88 52.98 -46.52
N GLN Z 269 -40.38 51.84 -46.06
CA GLN Z 269 -41.09 51.07 -45.05
C GLN Z 269 -41.19 51.84 -43.76
N ALA Z 270 -40.12 52.53 -43.37
CA ALA Z 270 -40.15 53.31 -42.14
C ALA Z 270 -41.14 54.46 -42.23
N LEU Z 271 -41.15 55.18 -43.36
CA LEU Z 271 -42.09 56.27 -43.51
C LEU Z 271 -43.53 55.76 -43.58
N ASN Z 272 -43.75 54.59 -44.16
CA ASN Z 272 -45.09 54.03 -44.20
C ASN Z 272 -45.55 53.59 -42.82
N SER Z 273 -44.62 53.10 -41.99
CA SER Z 273 -44.98 52.67 -40.65
C SER Z 273 -45.23 53.85 -39.72
N SER Z 274 -44.48 54.95 -39.89
CA SER Z 274 -44.66 56.14 -39.06
C SER Z 274 -45.73 57.05 -39.64
N ALA Z 275 -46.93 56.47 -39.80
CA ALA Z 275 -48.05 57.19 -40.36
C ALA Z 275 -49.34 56.58 -39.82
N ASP Z 276 -50.44 57.28 -40.08
CA ASP Z 276 -51.77 56.88 -39.62
C ASP Z 276 -52.72 56.78 -40.81
N GLY Z 277 -52.25 56.15 -41.89
CA GLY Z 277 -53.05 56.06 -43.10
C GLY Z 277 -53.21 57.36 -43.83
N ARG Z 278 -52.47 58.40 -43.46
CA ARG Z 278 -52.59 59.69 -44.12
C ARG Z 278 -51.97 59.68 -45.51
N TYR Z 279 -51.13 58.69 -45.80
CA TYR Z 279 -50.46 58.63 -47.10
C TYR Z 279 -49.91 57.21 -47.30
N LYS Z 280 -49.43 56.96 -48.51
CA LYS Z 280 -48.80 55.69 -48.85
C LYS Z 280 -47.88 55.92 -50.03
N LEU Z 281 -46.63 55.50 -49.88
CA LEU Z 281 -45.58 55.82 -50.84
C LEU Z 281 -45.23 54.63 -51.73
N SER Z 282 -44.53 54.95 -52.81
CA SER Z 282 -44.03 53.94 -53.75
C SER Z 282 -42.63 54.29 -54.20
N VAL Z 283 -42.06 53.47 -55.07
CA VAL Z 283 -40.72 53.74 -55.60
C VAL Z 283 -40.76 54.82 -56.65
N ASN Z 284 -41.88 54.92 -57.38
CA ASN Z 284 -42.00 55.88 -58.47
C ASN Z 284 -41.86 57.31 -57.96
N ASP Z 285 -42.35 57.59 -56.75
CA ASP Z 285 -42.28 58.95 -56.23
C ASP Z 285 -40.85 59.35 -55.92
N PHE Z 286 -40.11 58.46 -55.23
CA PHE Z 286 -38.70 58.69 -54.99
C PHE Z 286 -37.96 58.92 -56.31
N LEU Z 287 -38.28 58.10 -57.32
CA LEU Z 287 -37.61 58.25 -58.60
C LEU Z 287 -37.93 59.59 -59.25
N ILE Z 288 -39.16 60.06 -59.08
CA ILE Z 288 -39.56 61.33 -59.69
C ILE Z 288 -38.83 62.48 -59.02
N LYS Z 289 -38.75 62.45 -57.69
CA LYS Z 289 -38.00 63.47 -56.97
C LYS Z 289 -36.54 63.48 -57.42
N ALA Z 290 -35.96 62.29 -57.57
CA ALA Z 290 -34.57 62.20 -58.00
C ALA Z 290 -34.41 62.73 -59.41
N MET Z 291 -35.38 62.49 -60.28
CA MET Z 291 -35.35 63.02 -61.63
C MET Z 291 -35.33 64.54 -61.60
N GLY Z 292 -36.16 65.13 -60.74
CA GLY Z 292 -36.18 66.57 -60.64
C GLY Z 292 -34.85 67.12 -60.15
N ILE Z 293 -34.26 66.46 -59.17
CA ILE Z 293 -32.97 66.92 -58.63
C ILE Z 293 -31.89 66.86 -59.71
N ALA Z 294 -31.85 65.75 -60.46
CA ALA Z 294 -30.84 65.61 -61.50
C ALA Z 294 -31.07 66.64 -62.60
N SER Z 295 -32.32 66.88 -62.97
CA SER Z 295 -32.61 67.85 -64.01
C SER Z 295 -32.21 69.25 -63.60
N LYS Z 296 -32.31 69.56 -62.30
CA LYS Z 296 -31.89 70.88 -61.85
C LYS Z 296 -30.37 70.98 -61.77
N ARG Z 297 -29.69 69.89 -61.43
CA ARG Z 297 -28.23 69.93 -61.38
C ARG Z 297 -27.63 69.96 -62.78
N VAL Z 298 -28.32 69.42 -63.77
CA VAL Z 298 -27.85 69.40 -65.15
C VAL Z 298 -28.99 69.91 -66.04
N PRO Z 299 -29.14 71.21 -66.24
CA PRO Z 299 -30.35 71.71 -66.90
C PRO Z 299 -30.43 71.40 -68.38
N THR Z 300 -29.33 71.01 -69.02
CA THR Z 300 -29.35 70.79 -70.46
C THR Z 300 -30.30 69.66 -70.83
N VAL Z 301 -30.49 68.69 -69.93
CA VAL Z 301 -31.42 67.61 -70.21
C VAL Z 301 -32.84 68.13 -70.27
N ASN Z 302 -33.21 69.01 -69.33
CA ASN Z 302 -34.52 69.63 -69.30
C ASN Z 302 -34.54 70.68 -70.42
N SER Z 303 -34.73 70.19 -71.64
CA SER Z 303 -34.64 71.02 -72.82
C SER Z 303 -35.59 70.46 -73.87
N SER Z 304 -35.50 71.00 -75.08
CA SER Z 304 -36.35 70.56 -76.19
C SER Z 304 -35.67 70.98 -77.49
N TRP Z 305 -36.43 70.90 -78.59
CA TRP Z 305 -35.95 71.31 -79.90
C TRP Z 305 -37.09 72.02 -80.61
N ARG Z 306 -36.84 73.24 -81.06
CA ARG Z 306 -37.85 74.09 -81.66
C ARG Z 306 -37.32 74.67 -82.97
N ASP Z 307 -38.02 75.67 -83.52
CA ASP Z 307 -37.66 76.21 -84.82
C ASP Z 307 -36.37 77.01 -84.72
N GLY Z 308 -35.24 76.36 -85.01
CA GLY Z 308 -33.96 77.02 -84.98
C GLY Z 308 -33.58 77.58 -83.63
N VAL Z 309 -34.10 77.01 -82.55
CA VAL Z 309 -33.90 77.55 -81.21
C VAL Z 309 -34.12 76.44 -80.20
N ILE Z 310 -33.33 76.47 -79.14
CA ILE Z 310 -33.45 75.54 -78.03
C ILE Z 310 -34.24 76.22 -76.93
N ARG Z 311 -35.35 75.60 -76.54
CA ARG Z 311 -36.18 76.10 -75.44
C ARG Z 311 -35.78 75.37 -74.16
N GLN Z 312 -35.23 76.12 -73.21
CA GLN Z 312 -34.80 75.60 -71.93
C GLN Z 312 -35.74 76.07 -70.84
N PHE Z 313 -36.18 75.14 -70.00
CA PHE Z 313 -37.05 75.43 -68.88
C PHE Z 313 -36.23 75.61 -67.60
N GLU Z 314 -36.94 75.91 -66.51
CA GLU Z 314 -36.36 76.03 -65.18
C GLU Z 314 -36.97 75.02 -64.21
N THR Z 315 -38.28 74.86 -64.23
CA THR Z 315 -38.96 73.84 -63.46
C THR Z 315 -38.95 72.52 -64.22
N VAL Z 316 -39.39 71.47 -63.53
CA VAL Z 316 -39.38 70.12 -64.07
C VAL Z 316 -40.82 69.64 -64.13
N ASP Z 317 -41.35 69.53 -65.34
CA ASP Z 317 -42.67 68.98 -65.60
C ASP Z 317 -42.53 67.53 -65.99
N VAL Z 318 -43.09 66.63 -65.20
CA VAL Z 318 -42.86 65.19 -65.32
C VAL Z 318 -44.09 64.53 -65.91
N SER Z 319 -43.90 63.79 -67.00
CA SER Z 319 -44.97 63.06 -67.65
C SER Z 319 -44.91 61.60 -67.21
N VAL Z 320 -45.96 61.14 -66.53
CA VAL Z 320 -46.02 59.79 -66.01
C VAL Z 320 -46.96 58.98 -66.88
N ALA Z 321 -46.51 57.79 -67.26
CA ALA Z 321 -47.30 56.92 -68.12
C ALA Z 321 -48.31 56.12 -67.31
N VAL Z 322 -49.50 55.95 -67.88
CA VAL Z 322 -50.55 55.11 -67.32
C VAL Z 322 -51.12 54.25 -68.45
N ALA Z 323 -51.33 52.98 -68.15
CA ALA Z 323 -51.77 51.97 -69.11
C ALA Z 323 -53.25 51.68 -68.85
N THR Z 324 -54.11 52.30 -69.64
CA THR Z 324 -55.53 52.06 -69.57
C THR Z 324 -55.92 50.96 -70.55
N PRO Z 325 -57.11 50.37 -70.39
CA PRO Z 325 -57.60 49.46 -71.44
C PRO Z 325 -57.77 50.14 -72.79
N ASN Z 326 -57.93 51.45 -72.82
CA ASN Z 326 -57.96 52.19 -74.07
C ASN Z 326 -56.59 52.32 -74.70
N GLY Z 327 -55.52 52.21 -73.93
CA GLY Z 327 -54.17 52.31 -74.45
C GLY Z 327 -53.19 52.90 -73.47
N LEU Z 328 -52.45 53.92 -73.89
CA LEU Z 328 -51.44 54.58 -73.08
C LEU Z 328 -51.79 56.06 -72.98
N ILE Z 329 -51.44 56.66 -71.84
CA ILE Z 329 -51.69 58.07 -71.62
C ILE Z 329 -50.60 58.62 -70.70
N THR Z 330 -50.36 59.93 -70.78
CA THR Z 330 -49.26 60.57 -70.07
C THR Z 330 -49.74 61.82 -69.35
N PRO Z 331 -50.37 61.67 -68.18
CA PRO Z 331 -50.61 62.83 -67.33
C PRO Z 331 -49.31 63.48 -66.88
N ILE Z 332 -49.44 64.68 -66.33
CA ILE Z 332 -48.31 65.53 -65.99
C ILE Z 332 -48.39 65.92 -64.53
N VAL Z 333 -47.22 65.99 -63.90
CA VAL Z 333 -47.06 66.61 -62.59
C VAL Z 333 -46.21 67.87 -62.78
N LYS Z 334 -46.61 68.93 -62.09
CA LYS Z 334 -46.04 70.26 -62.26
C LYS Z 334 -45.21 70.65 -61.05
N GLY Z 335 -44.12 71.36 -61.29
CA GLY Z 335 -43.28 71.90 -60.24
C GLY Z 335 -42.80 70.85 -59.26
N VAL Z 336 -42.12 69.82 -59.77
CA VAL Z 336 -41.75 68.69 -58.93
C VAL Z 336 -40.73 69.11 -57.88
N GLU Z 337 -39.64 69.72 -58.33
CA GLU Z 337 -38.57 70.11 -57.42
C GLU Z 337 -39.11 71.04 -56.34
N GLY Z 338 -38.99 70.59 -55.10
CA GLY Z 338 -39.57 71.33 -54.00
C GLY Z 338 -41.08 71.28 -54.01
N LYS Z 339 -41.64 70.08 -53.92
CA LYS Z 339 -43.09 69.91 -53.84
C LYS Z 339 -43.51 68.98 -52.72
N GLY Z 340 -42.75 67.93 -52.44
CA GLY Z 340 -43.07 66.99 -51.39
C GLY Z 340 -43.59 65.66 -51.88
N LEU Z 341 -43.10 64.58 -51.27
CA LEU Z 341 -43.44 63.24 -51.70
C LEU Z 341 -44.92 62.94 -51.48
N GLU Z 342 -45.50 63.46 -50.40
CA GLU Z 342 -46.90 63.19 -50.12
C GLU Z 342 -47.80 63.83 -51.18
N SER Z 343 -47.54 65.11 -51.48
CA SER Z 343 -48.29 65.79 -52.54
C SER Z 343 -48.10 65.08 -53.87
N ILE Z 344 -46.89 64.60 -54.12
CA ILE Z 344 -46.61 63.88 -55.37
C ILE Z 344 -47.46 62.62 -55.45
N SER Z 345 -47.48 61.84 -54.37
CA SER Z 345 -48.26 60.60 -54.37
C SER Z 345 -49.74 60.89 -54.55
N ALA Z 346 -50.25 61.91 -53.87
CA ALA Z 346 -51.66 62.24 -53.99
C ALA Z 346 -52.01 62.64 -55.41
N ALA Z 347 -51.17 63.49 -56.03
CA ALA Z 347 -51.43 63.94 -57.38
C ALA Z 347 -51.37 62.77 -58.37
N VAL Z 348 -50.41 61.88 -58.19
CA VAL Z 348 -50.28 60.73 -59.08
C VAL Z 348 -51.49 59.82 -58.95
N LYS Z 349 -51.95 59.57 -57.72
CA LYS Z 349 -53.11 58.72 -57.54
C LYS Z 349 -54.35 59.34 -58.17
N GLU Z 350 -54.54 60.65 -57.96
CA GLU Z 350 -55.69 61.33 -58.54
C GLU Z 350 -55.67 61.26 -60.06
N LEU Z 351 -54.52 61.55 -60.66
CA LEU Z 351 -54.41 61.53 -62.11
C LEU Z 351 -54.61 60.12 -62.65
N ALA Z 352 -54.09 59.11 -61.93
CA ALA Z 352 -54.22 57.74 -62.40
C ALA Z 352 -55.67 57.29 -62.38
N LYS Z 353 -56.39 57.61 -61.30
CA LYS Z 353 -57.80 57.22 -61.25
C LYS Z 353 -58.62 58.01 -62.26
N LYS Z 354 -58.30 59.29 -62.44
CA LYS Z 354 -59.00 60.08 -63.45
C LYS Z 354 -58.74 59.57 -64.85
N ALA Z 355 -57.56 58.99 -65.08
CA ALA Z 355 -57.27 58.42 -66.39
C ALA Z 355 -57.98 57.09 -66.58
N ARG Z 356 -58.06 56.29 -65.52
CA ARG Z 356 -58.85 55.06 -65.59
C ARG Z 356 -60.31 55.37 -65.86
N ASP Z 357 -60.81 56.50 -65.34
CA ASP Z 357 -62.19 56.90 -65.59
C ASP Z 357 -62.35 57.65 -66.92
N GLY Z 358 -61.28 58.19 -67.48
CA GLY Z 358 -61.39 59.02 -68.67
C GLY Z 358 -62.03 60.36 -68.35
N LYS Z 359 -61.39 61.13 -67.49
CA LYS Z 359 -61.92 62.41 -67.01
C LYS Z 359 -60.83 63.47 -66.99
N LEU Z 360 -60.02 63.53 -68.04
CA LEU Z 360 -58.89 64.43 -68.12
C LEU Z 360 -59.15 65.59 -69.07
N LYS Z 361 -58.38 66.65 -68.87
CA LYS Z 361 -58.29 67.78 -69.79
C LYS Z 361 -57.07 67.63 -70.68
N PRO Z 362 -57.06 68.26 -71.86
CA PRO Z 362 -55.88 68.12 -72.73
C PRO Z 362 -54.63 68.71 -72.13
N GLU Z 363 -54.74 69.81 -71.39
CA GLU Z 363 -53.56 70.44 -70.81
C GLU Z 363 -52.86 69.53 -69.81
N GLU Z 364 -53.61 68.62 -69.18
CA GLU Z 364 -53.05 67.75 -68.15
C GLU Z 364 -52.14 66.68 -68.72
N TYR Z 365 -52.19 66.43 -70.04
CA TYR Z 365 -51.32 65.45 -70.68
C TYR Z 365 -50.74 65.97 -72.00
N GLN Z 366 -50.77 67.29 -72.21
CA GLN Z 366 -50.12 67.91 -73.36
C GLN Z 366 -49.08 68.89 -72.84
N GLY Z 367 -47.81 68.51 -72.94
CA GLY Z 367 -46.71 69.33 -72.47
C GLY Z 367 -45.61 68.48 -71.87
N GLY Z 368 -45.04 68.94 -70.76
CA GLY Z 368 -44.02 68.19 -70.08
C GLY Z 368 -42.66 68.31 -70.73
N SER Z 369 -41.61 68.42 -69.92
CA SER Z 369 -40.25 68.45 -70.42
C SER Z 369 -39.61 67.07 -70.46
N ILE Z 370 -39.92 66.23 -69.48
CA ILE Z 370 -39.33 64.91 -69.36
C ILE Z 370 -40.44 63.93 -69.01
N SER Z 371 -40.20 62.65 -69.31
CA SER Z 371 -41.20 61.61 -69.19
C SER Z 371 -40.63 60.41 -68.44
N ILE Z 372 -41.50 59.44 -68.16
CA ILE Z 372 -41.13 58.24 -67.46
C ILE Z 372 -42.21 57.19 -67.70
N SER Z 373 -41.79 55.93 -67.76
CA SER Z 373 -42.68 54.78 -67.82
C SER Z 373 -42.18 53.75 -66.83
N ASN Z 374 -43.12 53.10 -66.15
CA ASN Z 374 -42.81 52.18 -65.07
C ASN Z 374 -43.42 50.82 -65.35
N MET Z 375 -42.67 49.76 -65.01
CA MET Z 375 -43.14 48.40 -65.17
C MET Z 375 -42.75 47.54 -63.97
N GLY Z 376 -42.62 48.13 -62.78
CA GLY Z 376 -42.13 47.40 -61.63
C GLY Z 376 -43.08 46.32 -61.14
N MET Z 377 -44.37 46.42 -61.42
CA MET Z 377 -45.31 45.41 -60.95
C MET Z 377 -45.03 44.07 -61.62
N ASN Z 378 -44.56 44.07 -62.85
CA ASN Z 378 -44.26 42.84 -63.57
C ASN Z 378 -42.83 42.41 -63.24
N PRO Z 379 -42.62 41.29 -62.54
CA PRO Z 379 -41.25 40.98 -62.08
C PRO Z 379 -40.33 40.45 -63.16
N ALA Z 380 -40.87 39.99 -64.28
CA ALA Z 380 -40.03 39.35 -65.29
C ALA Z 380 -39.13 40.34 -66.02
N VAL Z 381 -39.62 41.56 -66.24
CA VAL Z 381 -38.93 42.52 -67.08
C VAL Z 381 -37.68 42.98 -66.34
N GLN Z 382 -36.52 42.56 -66.81
CA GLN Z 382 -35.27 43.06 -66.26
C GLN Z 382 -34.96 44.45 -66.78
N SER Z 383 -35.22 44.69 -68.06
CA SER Z 383 -34.97 45.99 -68.66
C SER Z 383 -35.85 46.16 -69.88
N PHE Z 384 -36.03 47.42 -70.26
CA PHE Z 384 -36.76 47.71 -71.49
C PHE Z 384 -36.52 49.17 -71.84
N THR Z 385 -36.61 49.43 -73.14
CA THR Z 385 -36.47 50.75 -73.69
C THR Z 385 -37.86 51.33 -73.94
N ALA Z 386 -37.91 52.62 -74.26
CA ALA Z 386 -39.14 53.27 -74.65
C ALA Z 386 -38.83 54.24 -75.78
N ILE Z 387 -39.79 55.09 -76.09
CA ILE Z 387 -39.72 56.03 -77.20
C ILE Z 387 -40.04 57.42 -76.68
N ILE Z 388 -39.33 58.41 -77.23
CA ILE Z 388 -39.37 59.77 -76.69
C ILE Z 388 -40.64 60.45 -77.18
N ASN Z 389 -41.54 60.75 -76.25
CA ASN Z 389 -42.74 61.49 -76.57
C ASN Z 389 -42.36 62.92 -76.93
N PRO Z 390 -42.51 63.36 -78.18
CA PRO Z 390 -42.02 64.68 -78.55
C PRO Z 390 -42.84 65.78 -77.89
N PRO Z 391 -42.33 67.02 -77.87
CA PRO Z 391 -41.05 67.48 -78.39
C PRO Z 391 -39.92 67.36 -77.37
N GLN Z 392 -40.11 66.50 -76.36
CA GLN Z 392 -39.14 66.35 -75.30
C GLN Z 392 -37.83 65.77 -75.82
N ALA Z 393 -36.84 65.66 -74.93
CA ALA Z 393 -35.49 65.26 -75.29
C ALA Z 393 -35.03 63.96 -74.65
N ALA Z 394 -35.72 63.50 -73.61
CA ALA Z 394 -35.27 62.34 -72.86
C ALA Z 394 -36.47 61.57 -72.34
N ILE Z 395 -36.22 60.33 -71.95
CA ILE Z 395 -37.23 59.53 -71.29
C ILE Z 395 -36.55 58.40 -70.53
N LEU Z 396 -37.18 58.02 -69.42
CA LEU Z 396 -36.65 57.03 -68.50
C LEU Z 396 -37.46 55.75 -68.58
N ALA Z 397 -36.91 54.69 -68.00
CA ALA Z 397 -37.60 53.41 -67.90
C ALA Z 397 -36.99 52.63 -66.75
N VAL Z 398 -37.85 52.15 -65.87
CA VAL Z 398 -37.44 51.49 -64.63
C VAL Z 398 -37.87 50.04 -64.72
N GLY Z 399 -36.90 49.13 -64.70
CA GLY Z 399 -37.21 47.71 -64.68
C GLY Z 399 -37.67 47.27 -63.31
N ALA Z 400 -37.84 45.98 -63.17
CA ALA Z 400 -38.22 45.40 -61.90
C ALA Z 400 -37.00 45.17 -61.02
N PRO Z 401 -37.18 45.02 -59.72
CA PRO Z 401 -36.06 44.69 -58.85
C PRO Z 401 -35.69 43.22 -58.94
N GLN Z 402 -34.43 42.93 -58.59
CA GLN Z 402 -33.89 41.59 -58.67
C GLN Z 402 -32.85 41.41 -57.57
N LYS Z 403 -32.45 40.16 -57.36
CA LYS Z 403 -31.46 39.80 -56.37
C LYS Z 403 -30.13 39.57 -57.08
N VAL Z 404 -29.06 40.18 -56.55
CA VAL Z 404 -27.75 40.13 -57.17
C VAL Z 404 -26.71 39.86 -56.08
N ALA Z 405 -25.64 39.19 -56.47
CA ALA Z 405 -24.52 38.97 -55.58
C ALA Z 405 -23.62 40.19 -55.56
N VAL Z 406 -23.12 40.52 -54.38
CA VAL Z 406 -22.26 41.68 -54.18
C VAL Z 406 -21.18 41.31 -53.16
N PRO Z 407 -19.93 41.69 -53.35
CA PRO Z 407 -18.92 41.42 -52.32
C PRO Z 407 -19.14 42.28 -51.09
N VAL Z 408 -18.57 41.82 -49.97
CA VAL Z 408 -18.64 42.55 -48.72
C VAL Z 408 -17.45 42.10 -47.87
N GLU Z 409 -16.87 43.06 -47.15
CA GLU Z 409 -15.74 42.79 -46.28
C GLU Z 409 -16.23 42.61 -44.85
N ASN Z 410 -16.09 41.39 -44.33
CA ASN Z 410 -16.39 41.13 -42.94
C ASN Z 410 -15.37 41.84 -42.05
N GLU Z 411 -15.57 41.73 -40.73
CA GLU Z 411 -14.65 42.35 -39.78
C GLU Z 411 -13.23 41.84 -39.93
N ASP Z 412 -13.03 40.62 -40.42
CA ASP Z 412 -11.71 40.11 -40.75
C ASP Z 412 -11.38 40.45 -42.20
N GLY Z 413 -10.21 40.03 -42.64
CA GLY Z 413 -9.73 40.39 -43.97
C GLY Z 413 -10.45 39.72 -45.11
N THR Z 414 -11.11 38.59 -44.87
CA THR Z 414 -11.74 37.85 -45.95
C THR Z 414 -12.98 38.57 -46.46
N THR Z 415 -13.26 38.36 -47.74
CA THR Z 415 -14.49 38.87 -48.34
C THR Z 415 -15.62 37.88 -48.12
N GLY Z 416 -16.84 38.36 -48.35
CA GLY Z 416 -18.03 37.54 -48.19
C GLY Z 416 -19.07 37.91 -49.23
N VAL Z 417 -20.20 37.22 -49.15
CA VAL Z 417 -21.30 37.38 -50.10
C VAL Z 417 -22.43 38.09 -49.39
N SER Z 418 -22.95 39.13 -50.01
CA SER Z 418 -24.11 39.86 -49.53
C SER Z 418 -25.10 40.02 -50.67
N TRP Z 419 -26.38 39.92 -50.35
CA TRP Z 419 -27.45 39.96 -51.34
C TRP Z 419 -28.07 41.35 -51.32
N ASP Z 420 -27.88 42.09 -52.41
CA ASP Z 420 -28.44 43.41 -52.59
C ASP Z 420 -29.57 43.36 -53.61
N GLU Z 421 -30.51 44.27 -53.46
CA GLU Z 421 -31.65 44.39 -54.36
C GLU Z 421 -31.33 45.44 -55.40
N GLN Z 422 -31.15 45.02 -56.64
CA GLN Z 422 -30.76 45.89 -57.74
C GLN Z 422 -31.93 46.12 -58.68
N ILE Z 423 -31.91 47.29 -59.31
CA ILE Z 423 -32.83 47.65 -60.39
C ILE Z 423 -32.01 48.15 -61.56
N ILE Z 424 -32.40 47.76 -62.75
CA ILE Z 424 -31.82 48.29 -63.97
C ILE Z 424 -32.66 49.47 -64.42
N VAL Z 425 -31.97 50.49 -64.92
CA VAL Z 425 -32.58 51.73 -65.37
C VAL Z 425 -32.07 51.99 -66.78
N THR Z 426 -33.00 52.29 -67.69
CA THR Z 426 -32.69 52.55 -69.09
C THR Z 426 -33.19 53.94 -69.44
N ALA Z 427 -32.29 54.77 -69.96
CA ALA Z 427 -32.61 56.13 -70.36
C ALA Z 427 -32.33 56.28 -71.84
N SER Z 428 -33.33 56.72 -72.59
CA SER Z 428 -33.17 57.05 -73.99
C SER Z 428 -33.05 58.56 -74.14
N PHE Z 429 -32.07 59.00 -74.93
CA PHE Z 429 -31.81 60.43 -75.12
C PHE Z 429 -31.87 60.79 -76.59
N ASP Z 430 -32.22 62.04 -76.86
CA ASP Z 430 -32.09 62.62 -78.17
C ASP Z 430 -30.69 63.19 -78.33
N HIS Z 431 -30.04 62.84 -79.43
CA HIS Z 431 -28.63 63.17 -79.62
C HIS Z 431 -28.41 64.56 -80.17
N LYS Z 432 -29.43 65.19 -80.75
CA LYS Z 432 -29.27 66.56 -81.22
C LYS Z 432 -28.92 67.50 -80.08
N VAL Z 433 -29.60 67.34 -78.95
CA VAL Z 433 -29.46 68.22 -77.80
C VAL Z 433 -28.38 67.72 -76.86
N VAL Z 434 -28.42 66.45 -76.54
CA VAL Z 434 -27.61 65.86 -75.47
C VAL Z 434 -26.52 65.00 -76.08
N ASP Z 435 -25.40 64.92 -75.37
CA ASP Z 435 -24.29 64.06 -75.73
C ASP Z 435 -24.06 63.03 -74.63
N GLY Z 436 -23.18 62.07 -74.95
CA GLY Z 436 -22.95 60.96 -74.06
C GLY Z 436 -22.42 61.39 -72.70
N ALA Z 437 -21.52 62.36 -72.68
CA ALA Z 437 -20.98 62.85 -71.43
C ALA Z 437 -22.06 63.45 -70.55
N VAL Z 438 -22.95 64.25 -71.15
CA VAL Z 438 -23.99 64.90 -70.39
C VAL Z 438 -24.97 63.87 -69.83
N GLY Z 439 -25.33 62.89 -70.66
CA GLY Z 439 -26.23 61.85 -70.19
C GLY Z 439 -25.60 61.03 -69.07
N ALA Z 440 -24.31 60.73 -69.20
CA ALA Z 440 -23.62 59.97 -68.16
C ALA Z 440 -23.58 60.76 -66.87
N GLU Z 441 -23.39 62.08 -66.96
CA GLU Z 441 -23.37 62.92 -65.77
C GLU Z 441 -24.72 62.91 -65.08
N TRP Z 442 -25.79 63.03 -65.87
CA TRP Z 442 -27.14 62.97 -65.33
C TRP Z 442 -27.39 61.65 -64.60
N ILE Z 443 -26.98 60.55 -65.24
CA ILE Z 443 -27.18 59.24 -64.64
C ILE Z 443 -26.36 59.10 -63.36
N ARG Z 444 -25.15 59.66 -63.36
CA ARG Z 444 -24.33 59.59 -62.16
C ARG Z 444 -24.99 60.31 -61.00
N GLU Z 445 -25.51 61.51 -61.26
CA GLU Z 445 -26.19 62.24 -60.19
C GLU Z 445 -27.40 61.48 -59.69
N LEU Z 446 -28.15 60.85 -60.60
CA LEU Z 446 -29.31 60.08 -60.19
C LEU Z 446 -28.90 58.91 -59.30
N LYS Z 447 -27.88 58.16 -59.73
CA LYS Z 447 -27.40 57.04 -58.93
C LYS Z 447 -26.93 57.50 -57.56
N LYS Z 448 -26.24 58.63 -57.51
CA LYS Z 448 -25.74 59.14 -56.25
C LYS Z 448 -26.90 59.47 -55.30
N VAL Z 449 -27.89 60.20 -55.81
CA VAL Z 449 -29.01 60.62 -54.98
C VAL Z 449 -29.78 59.40 -54.48
N ILE Z 450 -29.92 58.38 -55.32
CA ILE Z 450 -30.68 57.21 -54.90
C ILE Z 450 -29.90 56.43 -53.87
N GLU Z 451 -28.61 56.20 -54.14
CA GLU Z 451 -27.81 55.37 -53.25
C GLU Z 451 -27.62 56.03 -51.90
N ASN Z 452 -27.64 57.37 -51.86
CA ASN Z 452 -27.66 58.12 -50.62
C ASN Z 452 -28.99 58.84 -50.53
N PRO Z 453 -30.05 58.21 -50.04
CA PRO Z 453 -31.38 58.84 -50.09
C PRO Z 453 -31.47 60.12 -49.30
N LEU Z 454 -30.58 60.32 -48.32
CA LEU Z 454 -30.65 61.51 -47.49
C LEU Z 454 -30.40 62.79 -48.27
N GLU Z 455 -29.75 62.69 -49.44
CA GLU Z 455 -29.54 63.86 -50.27
C GLU Z 455 -30.82 64.33 -50.96
N LEU Z 456 -31.91 63.57 -50.85
CA LEU Z 456 -33.20 64.04 -51.36
C LEU Z 456 -33.61 65.35 -50.71
N LEU Z 457 -33.19 65.58 -49.47
CA LEU Z 457 -33.45 66.84 -48.80
C LEU Z 457 -32.75 67.99 -49.52
N LEU Z 458 -31.64 67.71 -50.19
CA LEU Z 458 -30.88 68.73 -50.91
C LEU Z 458 -31.42 68.92 -52.31
N TYR AA 227 -93.83 -10.18 -62.81
CA TYR AA 227 -94.97 -9.52 -62.17
C TYR AA 227 -95.24 -8.16 -62.81
N THR AA 228 -94.49 -7.14 -62.39
CA THR AA 228 -94.68 -5.82 -62.95
C THR AA 228 -94.26 -5.82 -64.41
N ASP AA 229 -95.09 -5.21 -65.27
CA ASP AA 229 -94.91 -5.26 -66.72
C ASP AA 229 -94.86 -3.82 -67.23
N VAL AA 230 -93.65 -3.32 -67.44
CA VAL AA 230 -93.44 -1.95 -67.88
C VAL AA 230 -93.15 -1.97 -69.38
N PRO AA 231 -93.89 -1.23 -70.21
CA PRO AA 231 -93.53 -1.17 -71.64
C PRO AA 231 -92.17 -0.52 -71.84
N ILE AA 232 -91.59 -0.79 -73.00
CA ILE AA 232 -90.28 -0.25 -73.34
C ILE AA 232 -90.45 1.17 -73.84
N SER AA 233 -89.49 2.03 -73.50
CA SER AA 233 -89.56 3.44 -73.88
C SER AA 233 -89.49 3.65 -75.39
N GLY AA 234 -88.96 2.68 -76.13
CA GLY AA 234 -88.75 2.80 -77.56
C GLY AA 234 -87.37 3.26 -77.92
N MET AA 235 -86.79 4.14 -77.09
CA MET AA 235 -85.43 4.59 -77.34
C MET AA 235 -84.43 3.45 -77.13
N ARG AA 236 -84.70 2.59 -76.15
CA ARG AA 236 -83.82 1.45 -75.90
C ARG AA 236 -83.82 0.48 -77.08
N LYS AA 237 -84.91 0.46 -77.87
CA LYS AA 237 -84.98 -0.44 -79.01
C LYS AA 237 -83.86 -0.15 -80.00
N THR AA 238 -83.64 1.12 -80.28
CA THR AA 238 -82.61 1.50 -81.24
C THR AA 238 -81.23 1.11 -80.76
N ILE AA 239 -80.96 1.32 -79.47
CA ILE AA 239 -79.66 0.98 -78.92
C ILE AA 239 -79.46 -0.53 -78.94
N ALA AA 240 -80.51 -1.29 -78.62
CA ALA AA 240 -80.41 -2.74 -78.64
C ALA AA 240 -80.13 -3.24 -80.05
N ALA AA 241 -80.84 -2.69 -81.04
CA ALA AA 241 -80.60 -3.07 -82.42
C ALA AA 241 -79.19 -2.72 -82.86
N ARG AA 242 -78.71 -1.55 -82.46
CA ARG AA 242 -77.36 -1.13 -82.82
C ARG AA 242 -76.31 -2.07 -82.24
N LEU AA 243 -76.46 -2.42 -80.96
CA LEU AA 243 -75.52 -3.34 -80.33
C LEU AA 243 -75.60 -4.73 -80.94
N LYS AA 244 -76.80 -5.19 -81.28
CA LYS AA 244 -76.96 -6.47 -81.95
C LYS AA 244 -76.23 -6.46 -83.29
N GLU AA 245 -76.37 -5.37 -84.04
CA GLU AA 245 -75.63 -5.22 -85.29
C GLU AA 245 -74.14 -5.29 -85.05
N SER AA 246 -73.67 -4.63 -83.99
CA SER AA 246 -72.24 -4.63 -83.68
C SER AA 246 -71.73 -6.04 -83.45
N VAL AA 247 -72.38 -6.77 -82.55
CA VAL AA 247 -71.89 -8.10 -82.19
C VAL AA 247 -72.08 -9.10 -83.30
N THR AA 248 -73.14 -8.98 -84.11
CA THR AA 248 -73.38 -9.97 -85.16
C THR AA 248 -72.57 -9.70 -86.41
N GLU AA 249 -72.18 -8.45 -86.65
CA GLU AA 249 -71.40 -8.11 -87.84
C GLU AA 249 -69.91 -8.20 -87.56
N ASN AA 250 -69.47 -7.71 -86.40
CA ASN AA 250 -68.07 -7.61 -86.07
C ASN AA 250 -67.73 -8.57 -84.95
N PRO AA 251 -66.79 -9.50 -85.13
CA PRO AA 251 -66.36 -10.30 -83.98
C PRO AA 251 -65.57 -9.43 -83.02
N HIS AA 252 -65.36 -9.95 -81.83
CA HIS AA 252 -64.70 -9.21 -80.76
C HIS AA 252 -63.65 -10.08 -80.09
N PHE AA 253 -62.46 -9.52 -79.93
CA PHE AA 253 -61.44 -10.11 -79.07
C PHE AA 253 -60.86 -9.02 -78.20
N PHE AA 254 -60.43 -9.44 -77.01
CA PHE AA 254 -60.12 -8.55 -75.90
C PHE AA 254 -58.66 -8.69 -75.52
N VAL AA 255 -58.07 -7.56 -75.14
CA VAL AA 255 -56.71 -7.50 -74.63
C VAL AA 255 -56.75 -6.78 -73.29
N SER AA 256 -55.97 -7.26 -72.35
CA SER AA 256 -56.01 -6.79 -70.97
C SER AA 256 -54.60 -6.59 -70.47
N THR AA 257 -54.30 -5.37 -70.03
CA THR AA 257 -52.97 -5.01 -69.57
C THR AA 257 -53.07 -4.23 -68.27
N ASN AA 258 -51.90 -3.96 -67.70
CA ASN AA 258 -51.78 -3.26 -66.43
C ASN AA 258 -50.82 -2.10 -66.60
N LEU AA 259 -51.23 -0.92 -66.15
CA LEU AA 259 -50.43 0.29 -66.24
C LEU AA 259 -49.98 0.70 -64.85
N SER AA 260 -48.98 1.60 -64.83
CA SER AA 260 -48.46 2.17 -63.59
C SER AA 260 -48.60 3.68 -63.68
N VAL AA 261 -49.25 4.28 -62.68
CA VAL AA 261 -49.65 5.68 -62.71
C VAL AA 261 -49.09 6.46 -61.52
N SER AA 262 -48.11 5.91 -60.81
CA SER AA 262 -47.56 6.61 -59.66
C SER AA 262 -46.92 7.92 -60.08
N LYS AA 263 -46.35 7.98 -61.28
CA LYS AA 263 -45.77 9.21 -61.78
C LYS AA 263 -46.85 10.12 -62.35
N LEU AA 264 -47.85 9.54 -63.01
CA LEU AA 264 -48.93 10.32 -63.58
C LEU AA 264 -49.68 11.09 -62.51
N LEU AA 265 -49.92 10.45 -61.36
CA LEU AA 265 -50.66 11.14 -60.30
C LEU AA 265 -49.84 12.28 -59.72
N LYS AA 266 -48.53 12.08 -59.56
CA LYS AA 266 -47.68 13.17 -59.12
C LYS AA 266 -47.73 14.33 -60.10
N LEU AA 267 -47.68 14.02 -61.40
CA LEU AA 267 -47.75 15.07 -62.41
C LEU AA 267 -49.08 15.83 -62.32
N ARG AA 268 -50.18 15.09 -62.18
CA ARG AA 268 -51.49 15.72 -62.07
C ARG AA 268 -51.55 16.63 -60.85
N GLN AA 269 -51.02 16.13 -59.72
CA GLN AA 269 -51.02 16.93 -58.49
C GLN AA 269 -50.21 18.20 -58.66
N ALA AA 270 -49.05 18.09 -59.31
CA ALA AA 270 -48.20 19.26 -59.48
C ALA AA 270 -48.86 20.29 -60.37
N LEU AA 271 -49.45 19.85 -61.48
CA LEU AA 271 -50.11 20.80 -62.38
C LEU AA 271 -51.34 21.41 -61.72
N ASN AA 272 -52.04 20.66 -60.88
CA ASN AA 272 -53.19 21.23 -60.18
C ASN AA 272 -52.76 22.26 -59.15
N SER AA 273 -51.69 21.98 -58.42
CA SER AA 273 -51.22 22.93 -57.43
C SER AA 273 -50.65 24.19 -58.07
N SER AA 274 -49.93 24.05 -59.19
CA SER AA 274 -49.38 25.21 -59.89
C SER AA 274 -50.45 25.81 -60.81
N ALA AA 275 -51.52 26.27 -60.18
CA ALA AA 275 -52.65 26.81 -60.91
C ALA AA 275 -53.43 27.73 -59.99
N ASP AA 276 -54.28 28.55 -60.59
CA ASP AA 276 -55.07 29.55 -59.88
C ASP AA 276 -56.56 29.29 -60.08
N GLY AA 277 -56.96 28.01 -60.03
CA GLY AA 277 -58.33 27.65 -60.31
C GLY AA 277 -58.74 27.82 -61.76
N ARG AA 278 -57.79 28.11 -62.65
CA ARG AA 278 -58.11 28.29 -64.06
C ARG AA 278 -58.50 26.99 -64.73
N TYR AA 279 -58.06 25.86 -64.18
CA TYR AA 279 -58.35 24.55 -64.76
C TYR AA 279 -58.30 23.50 -63.67
N LYS AA 280 -58.78 22.30 -64.01
CA LYS AA 280 -58.72 21.16 -63.12
C LYS AA 280 -58.65 19.90 -63.97
N LEU AA 281 -57.69 19.03 -63.66
CA LEU AA 281 -57.37 17.89 -64.48
C LEU AA 281 -57.83 16.58 -63.85
N SER AA 282 -57.90 15.54 -64.68
CA SER AA 282 -58.24 14.20 -64.24
C SER AA 282 -57.41 13.18 -65.02
N VAL AA 283 -57.70 11.90 -64.81
CA VAL AA 283 -56.95 10.83 -65.46
C VAL AA 283 -57.43 10.62 -66.88
N ASN AA 284 -58.73 10.84 -67.11
CA ASN AA 284 -59.32 10.60 -68.41
C ASN AA 284 -58.68 11.45 -69.50
N ASP AA 285 -58.27 12.67 -69.17
CA ASP AA 285 -57.69 13.56 -70.18
C ASP AA 285 -56.33 13.05 -70.62
N PHE AA 286 -55.48 12.69 -69.66
CA PHE AA 286 -54.19 12.08 -69.99
C PHE AA 286 -54.39 10.84 -70.83
N LEU AA 287 -55.38 10.01 -70.46
CA LEU AA 287 -55.64 8.81 -71.24
C LEU AA 287 -56.05 9.15 -72.67
N ILE AA 288 -56.81 10.22 -72.84
CA ILE AA 288 -57.27 10.59 -74.18
C ILE AA 288 -56.09 11.06 -75.02
N LYS AA 289 -55.20 11.85 -74.42
CA LYS AA 289 -54.01 12.30 -75.15
C LYS AA 289 -53.17 11.10 -75.56
N ALA AA 290 -52.99 10.14 -74.64
CA ALA AA 290 -52.20 8.96 -74.96
C ALA AA 290 -52.86 8.15 -76.06
N MET AA 291 -54.19 8.06 -76.04
CA MET AA 291 -54.91 7.37 -77.10
C MET AA 291 -54.64 8.02 -78.45
N GLY AA 292 -54.67 9.35 -78.48
CA GLY AA 292 -54.39 10.04 -79.74
C GLY AA 292 -52.98 9.78 -80.24
N ILE AA 293 -52.01 9.81 -79.33
CA ILE AA 293 -50.62 9.57 -79.73
C ILE AA 293 -50.46 8.17 -80.27
N ALA AA 294 -51.08 7.19 -79.60
CA ALA AA 294 -50.97 5.81 -80.05
C ALA AA 294 -51.63 5.63 -81.41
N SER AA 295 -52.79 6.26 -81.61
CA SER AA 295 -53.47 6.15 -82.89
C SER AA 295 -52.63 6.76 -84.01
N LYS AA 296 -51.92 7.84 -83.71
CA LYS AA 296 -51.08 8.44 -84.75
C LYS AA 296 -49.85 7.61 -85.03
N ARG AA 297 -49.29 6.94 -84.02
CA ARG AA 297 -48.14 6.08 -84.26
C ARG AA 297 -48.54 4.79 -84.96
N VAL AA 298 -49.80 4.36 -84.81
CA VAL AA 298 -50.31 3.15 -85.44
C VAL AA 298 -51.65 3.48 -86.09
N PRO AA 299 -51.67 3.98 -87.33
CA PRO AA 299 -52.93 4.48 -87.89
C PRO AA 299 -53.93 3.40 -88.23
N THR AA 300 -53.51 2.14 -88.28
CA THR AA 300 -54.42 1.07 -88.70
C THR AA 300 -55.60 0.93 -87.74
N VAL AA 301 -55.40 1.25 -86.46
CA VAL AA 301 -56.49 1.19 -85.50
C VAL AA 301 -57.51 2.27 -85.80
N ASN AA 302 -57.04 3.48 -86.07
CA ASN AA 302 -57.91 4.60 -86.42
C ASN AA 302 -58.41 4.38 -87.85
N SER AA 303 -59.40 3.49 -87.95
CA SER AA 303 -59.93 3.07 -89.24
C SER AA 303 -61.39 2.69 -89.04
N SER AA 304 -61.97 2.04 -90.04
CA SER AA 304 -63.35 1.58 -89.96
C SER AA 304 -63.56 0.52 -91.03
N TRP AA 305 -64.82 0.15 -91.23
CA TRP AA 305 -65.21 -0.85 -92.22
C TRP AA 305 -66.42 -0.32 -92.98
N ARG AA 306 -66.28 -0.18 -94.30
CA ARG AA 306 -67.33 0.38 -95.14
C ARG AA 306 -67.62 -0.59 -96.28
N ASP AA 307 -68.37 -0.14 -97.28
CA ASP AA 307 -68.81 -1.01 -98.36
C ASP AA 307 -67.64 -1.38 -99.25
N GLY AA 308 -67.02 -2.53 -98.98
CA GLY AA 308 -65.91 -2.99 -99.79
C GLY AA 308 -64.71 -2.08 -99.80
N VAL AA 309 -64.52 -1.29 -98.74
CA VAL AA 309 -63.45 -0.31 -98.71
C VAL AA 309 -63.16 0.05 -97.26
N ILE AA 310 -61.89 0.26 -96.96
CA ILE AA 310 -61.44 0.70 -95.65
C ILE AA 310 -61.27 2.20 -95.67
N ARG AA 311 -61.96 2.88 -94.77
CA ARG AA 311 -61.86 4.32 -94.61
C ARG AA 311 -60.86 4.63 -93.51
N GLN AA 312 -59.78 5.32 -93.87
CA GLN AA 312 -58.72 5.68 -92.94
C GLN AA 312 -58.71 7.20 -92.76
N PHE AA 313 -58.82 7.63 -91.51
CA PHE AA 313 -58.75 9.04 -91.16
C PHE AA 313 -57.29 9.44 -90.95
N GLU AA 314 -57.11 10.70 -90.54
CA GLU AA 314 -55.81 11.24 -90.16
C GLU AA 314 -55.81 11.74 -88.73
N THR AA 315 -56.81 12.53 -88.35
CA THR AA 315 -56.95 13.00 -86.99
C THR AA 315 -57.55 11.91 -86.12
N VAL AA 316 -57.78 12.25 -84.86
CA VAL AA 316 -58.34 11.33 -83.87
C VAL AA 316 -59.57 11.99 -83.28
N ASP AA 317 -60.73 11.39 -83.54
CA ASP AA 317 -62.00 11.83 -82.98
C ASP AA 317 -62.39 10.85 -81.88
N VAL AA 318 -62.53 11.35 -80.65
CA VAL AA 318 -62.66 10.51 -79.47
C VAL AA 318 -64.09 10.63 -78.95
N SER AA 319 -64.76 9.49 -78.81
CA SER AA 319 -66.10 9.44 -78.26
C SER AA 319 -66.02 9.06 -76.79
N VAL AA 320 -66.42 9.98 -75.92
CA VAL AA 320 -66.38 9.77 -74.47
C VAL AA 320 -67.79 9.45 -74.01
N ALA AA 321 -67.91 8.41 -73.19
CA ALA AA 321 -69.21 7.98 -72.70
C ALA AA 321 -69.62 8.77 -71.47
N VAL AA 322 -70.91 9.07 -71.38
CA VAL AA 322 -71.50 9.73 -70.23
C VAL AA 322 -72.77 8.99 -69.86
N ALA AA 323 -72.92 8.74 -68.56
CA ALA AA 323 -74.00 7.93 -68.01
C ALA AA 323 -75.04 8.86 -67.41
N THR AA 324 -76.09 9.13 -68.17
CA THR AA 324 -77.20 9.94 -67.71
C THR AA 324 -78.28 9.06 -67.12
N PRO AA 325 -79.20 9.62 -66.32
CA PRO AA 325 -80.35 8.83 -65.88
C PRO AA 325 -81.21 8.35 -67.03
N ASN AA 326 -81.17 9.02 -68.17
CA ASN AA 326 -81.84 8.55 -69.37
C ASN AA 326 -81.16 7.32 -69.97
N GLY AA 327 -79.86 7.15 -69.74
CA GLY AA 327 -79.13 6.03 -70.29
C GLY AA 327 -77.66 6.34 -70.53
N LEU AA 328 -77.20 6.09 -71.75
CA LEU AA 328 -75.81 6.31 -72.13
C LEU AA 328 -75.76 7.21 -73.34
N ILE AA 329 -74.72 8.04 -73.42
CA ILE AA 329 -74.55 8.93 -74.55
C ILE AA 329 -73.05 9.10 -74.79
N THR AA 330 -72.70 9.43 -76.04
CA THR AA 330 -71.30 9.50 -76.47
C THR AA 330 -71.01 10.81 -77.17
N PRO AA 331 -70.78 11.89 -76.42
CA PRO AA 331 -70.24 13.10 -77.03
C PRO AA 331 -68.85 12.85 -77.60
N ILE AA 332 -68.39 13.79 -78.41
CA ILE AA 332 -67.19 13.65 -79.21
C ILE AA 332 -66.26 14.82 -78.95
N VAL AA 333 -64.96 14.54 -78.91
CA VAL AA 333 -63.91 15.53 -78.93
C VAL AA 333 -63.19 15.42 -80.27
N LYS AA 334 -62.93 16.57 -80.89
CA LYS AA 334 -62.38 16.65 -82.23
C LYS AA 334 -60.94 17.11 -82.16
N GLY AA 335 -60.10 16.54 -83.03
CA GLY AA 335 -58.73 16.96 -83.19
C GLY AA 335 -57.94 16.88 -81.90
N VAL AA 336 -57.90 15.70 -81.29
CA VAL AA 336 -57.28 15.54 -79.99
C VAL AA 336 -55.78 15.79 -80.09
N GLU AA 337 -55.11 15.10 -81.02
CA GLU AA 337 -53.67 15.22 -81.15
C GLU AA 337 -53.29 16.66 -81.43
N GLY AA 338 -52.49 17.24 -80.56
CA GLY AA 338 -52.15 18.64 -80.66
C GLY AA 338 -53.33 19.54 -80.39
N LYS AA 339 -53.89 19.45 -79.18
CA LYS AA 339 -55.00 20.31 -78.76
C LYS AA 339 -54.77 20.95 -77.41
N GLY AA 340 -54.14 20.24 -76.47
CA GLY AA 340 -53.91 20.75 -75.13
C GLY AA 340 -54.84 20.19 -74.09
N LEU AA 341 -54.26 19.80 -72.95
CA LEU AA 341 -55.02 19.15 -71.89
C LEU AA 341 -56.07 20.07 -71.30
N GLU AA 342 -55.76 21.37 -71.20
CA GLU AA 342 -56.72 22.31 -70.63
C GLU AA 342 -57.95 22.44 -71.51
N SER AA 343 -57.72 22.62 -72.82
CA SER AA 343 -58.83 22.65 -73.76
C SER AA 343 -59.64 21.36 -73.72
N ILE AA 344 -58.93 20.23 -73.60
CA ILE AA 344 -59.59 18.93 -73.53
C ILE AA 344 -60.53 18.88 -72.33
N SER AA 345 -60.01 19.19 -71.15
CA SER AA 345 -60.80 19.14 -69.93
C SER AA 345 -61.99 20.09 -70.01
N ALA AA 346 -61.78 21.28 -70.55
CA ALA AA 346 -62.87 22.25 -70.66
C ALA AA 346 -63.97 21.71 -71.57
N ALA AA 347 -63.59 21.19 -72.73
CA ALA AA 347 -64.58 20.67 -73.66
C ALA AA 347 -65.33 19.49 -73.07
N VAL AA 348 -64.62 18.61 -72.36
CA VAL AA 348 -65.27 17.45 -71.78
C VAL AA 348 -66.26 17.87 -70.70
N LYS AA 349 -65.88 18.84 -69.85
CA LYS AA 349 -66.81 19.33 -68.85
C LYS AA 349 -68.04 19.95 -69.49
N GLU AA 350 -67.83 20.74 -70.54
CA GLU AA 350 -68.96 21.35 -71.24
C GLU AA 350 -69.91 20.31 -71.80
N LEU AA 351 -69.36 19.32 -72.52
CA LEU AA 351 -70.21 18.31 -73.13
C LEU AA 351 -70.90 17.45 -72.07
N ALA AA 352 -70.22 17.15 -70.97
CA ALA AA 352 -70.83 16.35 -69.92
C ALA AA 352 -72.01 17.07 -69.28
N LYS AA 353 -71.82 18.35 -68.96
CA LYS AA 353 -72.93 19.10 -68.39
C LYS AA 353 -74.06 19.28 -69.39
N LYS AA 354 -73.73 19.48 -70.67
CA LYS AA 354 -74.76 19.62 -71.68
C LYS AA 354 -75.51 18.32 -71.89
N ALA AA 355 -74.87 17.18 -71.67
CA ALA AA 355 -75.57 15.91 -71.78
C ALA AA 355 -76.44 15.65 -70.57
N ARG AA 356 -75.96 16.04 -69.38
CA ARG AA 356 -76.81 15.95 -68.20
C ARG AA 356 -78.02 16.86 -68.33
N ASP AA 357 -77.89 17.97 -69.07
CA ASP AA 357 -79.02 18.85 -69.31
C ASP AA 357 -79.87 18.40 -70.50
N GLY AA 358 -79.32 17.63 -71.42
CA GLY AA 358 -80.04 17.22 -72.61
C GLY AA 358 -80.17 18.36 -73.61
N LYS AA 359 -79.04 18.86 -74.11
CA LYS AA 359 -79.01 20.04 -74.97
C LYS AA 359 -78.03 19.85 -76.12
N LEU AA 360 -77.91 18.63 -76.62
CA LEU AA 360 -76.91 18.30 -77.62
C LEU AA 360 -77.49 18.29 -79.02
N LYS AA 361 -76.59 18.38 -80.00
CA LYS AA 361 -76.88 18.22 -81.42
C LYS AA 361 -76.50 16.82 -81.86
N PRO AA 362 -77.09 16.31 -82.94
CA PRO AA 362 -76.74 14.94 -83.38
C PRO AA 362 -75.30 14.81 -83.83
N GLU AA 363 -74.77 15.83 -84.50
CA GLU AA 363 -73.39 15.76 -85.00
C GLU AA 363 -72.39 15.63 -83.87
N GLU AA 364 -72.72 16.14 -82.68
CA GLU AA 364 -71.80 16.08 -81.56
C GLU AA 364 -71.64 14.69 -80.97
N TYR AA 365 -72.55 13.75 -81.29
CA TYR AA 365 -72.45 12.39 -80.82
C TYR AA 365 -72.73 11.37 -81.94
N GLN AA 366 -72.61 11.78 -83.19
CA GLN AA 366 -72.73 10.87 -84.33
C GLN AA 366 -71.48 11.00 -85.19
N GLY AA 367 -70.63 9.99 -85.13
CA GLY AA 367 -69.35 9.99 -85.83
C GLY AA 367 -68.27 9.39 -84.98
N GLY AA 368 -67.07 9.96 -85.01
CA GLY AA 368 -66.01 9.49 -84.15
C GLY AA 368 -65.35 8.24 -84.69
N SER AA 369 -64.02 8.17 -84.56
CA SER AA 369 -63.26 7.01 -85.00
C SER AA 369 -62.98 6.02 -83.89
N ILE AA 370 -62.79 6.50 -82.66
CA ILE AA 370 -62.46 5.65 -81.52
C ILE AA 370 -63.25 6.14 -80.32
N SER AA 371 -63.43 5.25 -79.35
CA SER AA 371 -64.30 5.49 -78.20
C SER AA 371 -63.59 5.13 -76.91
N ILE AA 372 -64.27 5.40 -75.80
CA ILE AA 372 -63.75 5.13 -74.47
C ILE AA 372 -64.91 5.13 -73.49
N SER AA 373 -64.79 4.32 -72.45
CA SER AA 373 -65.71 4.31 -71.33
C SER AA 373 -64.90 4.27 -70.05
N ASN AA 374 -65.34 5.03 -69.05
CA ASN AA 374 -64.61 5.18 -67.80
C ASN AA 374 -65.51 4.77 -66.64
N MET AA 375 -64.90 4.12 -65.65
CA MET AA 375 -65.58 3.74 -64.42
C MET AA 375 -64.69 3.96 -63.20
N GLY AA 376 -63.73 4.89 -63.29
CA GLY AA 376 -62.76 5.06 -62.24
C GLY AA 376 -63.33 5.51 -60.91
N MET AA 377 -64.51 6.13 -60.93
CA MET AA 377 -65.10 6.59 -59.68
C MET AA 377 -65.48 5.43 -58.78
N ASN AA 378 -65.89 4.31 -59.38
CA ASN AA 378 -66.34 3.15 -58.61
C ASN AA 378 -65.14 2.28 -58.26
N PRO AA 379 -64.67 2.27 -57.01
CA PRO AA 379 -63.42 1.56 -56.71
C PRO AA 379 -63.52 0.05 -56.75
N ALA AA 380 -64.71 -0.51 -56.91
CA ALA AA 380 -64.87 -1.96 -56.86
C ALA AA 380 -64.48 -2.61 -58.18
N VAL AA 381 -64.65 -1.90 -59.29
CA VAL AA 381 -64.46 -2.48 -60.62
C VAL AA 381 -62.95 -2.58 -60.87
N GLN AA 382 -62.44 -3.82 -60.87
CA GLN AA 382 -61.06 -4.02 -61.26
C GLN AA 382 -60.92 -3.97 -62.77
N SER AA 383 -61.89 -4.50 -63.49
CA SER AA 383 -61.84 -4.47 -64.95
C SER AA 383 -63.22 -4.75 -65.51
N PHE AA 384 -63.36 -4.44 -66.80
CA PHE AA 384 -64.60 -4.73 -67.49
C PHE AA 384 -64.37 -4.55 -68.98
N THR AA 385 -65.27 -5.16 -69.75
CA THR AA 385 -65.29 -5.04 -71.19
C THR AA 385 -66.44 -4.13 -71.60
N ALA AA 386 -66.42 -3.72 -72.86
CA ALA AA 386 -67.50 -2.94 -73.44
C ALA AA 386 -67.78 -3.47 -74.84
N ILE AA 387 -68.62 -2.73 -75.57
CA ILE AA 387 -69.09 -3.12 -76.89
C ILE AA 387 -68.76 -2.00 -77.86
N ILE AA 388 -68.37 -2.37 -79.06
CA ILE AA 388 -67.81 -1.42 -80.03
C ILE AA 388 -68.96 -0.64 -80.66
N ASN AA 389 -69.00 0.65 -80.40
CA ASN AA 389 -70.00 1.52 -81.01
C ASN AA 389 -69.71 1.65 -82.49
N PRO AA 390 -70.52 1.08 -83.39
CA PRO AA 390 -70.16 1.09 -84.80
C PRO AA 390 -70.26 2.49 -85.38
N PRO AA 391 -69.68 2.73 -86.56
CA PRO AA 391 -68.92 1.81 -87.40
C PRO AA 391 -67.44 1.73 -87.02
N GLN AA 392 -67.13 2.08 -85.78
CA GLN AA 392 -65.75 2.13 -85.33
C GLN AA 392 -65.12 0.74 -85.27
N ALA AA 393 -63.85 0.67 -84.89
CA ALA AA 393 -63.08 -0.56 -84.92
C ALA AA 393 -62.54 -0.99 -83.57
N ALA AA 394 -62.54 -0.10 -82.57
CA ALA AA 394 -61.96 -0.41 -81.28
C ALA AA 394 -62.69 0.34 -80.19
N ILE AA 395 -62.42 -0.06 -78.95
CA ILE AA 395 -62.93 0.68 -77.80
C ILE AA 395 -62.12 0.29 -76.58
N LEU AA 396 -61.98 1.24 -75.67
CA LEU AA 396 -61.13 1.14 -74.49
C LEU AA 396 -61.99 1.07 -73.25
N ALA AA 397 -61.36 0.66 -72.15
CA ALA AA 397 -62.02 0.63 -70.85
C ALA AA 397 -60.96 0.70 -69.77
N VAL AA 398 -61.18 1.57 -68.78
CA VAL AA 398 -60.20 1.86 -67.74
C VAL AA 398 -60.84 1.51 -66.41
N GLY AA 399 -60.27 0.55 -65.70
CA GLY AA 399 -60.77 0.17 -64.39
C GLY AA 399 -60.39 1.19 -63.34
N ALA AA 400 -60.57 0.79 -62.10
CA ALA AA 400 -60.21 1.63 -60.97
C ALA AA 400 -58.74 1.43 -60.61
N PRO AA 401 -58.16 2.36 -59.86
CA PRO AA 401 -56.80 2.14 -59.37
C PRO AA 401 -56.78 1.21 -58.17
N GLN AA 402 -55.64 0.54 -58.00
CA GLN AA 402 -55.48 -0.45 -56.95
C GLN AA 402 -54.03 -0.45 -56.48
N LYS AA 403 -53.82 -1.07 -55.32
CA LYS AA 403 -52.50 -1.21 -54.72
C LYS AA 403 -51.97 -2.59 -55.02
N VAL AA 404 -50.74 -2.66 -55.53
CA VAL AA 404 -50.12 -3.91 -55.93
C VAL AA 404 -48.70 -3.94 -55.40
N ALA AA 405 -48.23 -5.15 -55.09
CA ALA AA 405 -46.86 -5.35 -54.68
C ALA AA 405 -45.95 -5.39 -55.89
N VAL AA 406 -44.79 -4.74 -55.76
CA VAL AA 406 -43.81 -4.66 -56.84
C VAL AA 406 -42.42 -4.84 -56.23
N PRO AA 407 -41.51 -5.60 -56.84
CA PRO AA 407 -40.15 -5.66 -56.31
C PRO AA 407 -39.41 -4.36 -56.53
N VAL AA 408 -38.36 -4.16 -55.74
CA VAL AA 408 -37.51 -2.99 -55.87
C VAL AA 408 -36.15 -3.32 -55.27
N GLU AA 409 -35.10 -2.84 -55.93
CA GLU AA 409 -33.74 -3.06 -55.48
C GLU AA 409 -33.29 -1.89 -54.62
N ASN AA 410 -33.09 -2.15 -53.34
CA ASN AA 410 -32.48 -1.17 -52.46
C ASN AA 410 -31.02 -0.95 -52.85
N GLU AA 411 -30.39 0.01 -52.17
CA GLU AA 411 -28.98 0.30 -52.44
C GLU AA 411 -28.09 -0.92 -52.26
N ASP AA 412 -28.44 -1.84 -51.38
CA ASP AA 412 -27.74 -3.10 -51.22
C ASP AA 412 -28.29 -4.12 -52.21
N GLY AA 413 -27.71 -5.32 -52.19
CA GLY AA 413 -28.07 -6.34 -53.16
C GLY AA 413 -29.43 -6.97 -52.93
N THR AA 414 -30.03 -6.78 -51.77
CA THR AA 414 -31.30 -7.40 -51.47
C THR AA 414 -32.45 -6.65 -52.14
N THR AA 415 -33.48 -7.40 -52.50
CA THR AA 415 -34.70 -6.83 -53.03
C THR AA 415 -35.61 -6.39 -51.89
N GLY AA 416 -36.55 -5.51 -52.21
CA GLY AA 416 -37.50 -5.00 -51.24
C GLY AA 416 -38.87 -4.91 -51.85
N VAL AA 417 -39.82 -4.52 -51.01
CA VAL AA 417 -41.23 -4.40 -51.38
C VAL AA 417 -41.57 -2.91 -51.49
N SER AA 418 -42.21 -2.54 -52.59
CA SER AA 418 -42.72 -1.20 -52.79
C SER AA 418 -44.14 -1.30 -53.33
N TRP AA 419 -44.97 -0.33 -52.96
CA TRP AA 419 -46.38 -0.33 -53.28
C TRP AA 419 -46.63 0.64 -54.43
N ASP AA 420 -46.96 0.09 -55.59
CA ASP AA 420 -47.21 0.85 -56.80
C ASP AA 420 -48.70 0.84 -57.09
N GLU AA 421 -49.20 1.98 -57.58
CA GLU AA 421 -50.61 2.14 -57.91
C GLU AA 421 -50.82 1.69 -59.36
N GLN AA 422 -51.57 0.60 -59.52
CA GLN AA 422 -51.84 0.02 -60.83
C GLN AA 422 -53.27 0.27 -61.26
N ILE AA 423 -53.47 0.28 -62.57
CA ILE AA 423 -54.79 0.28 -63.18
C ILE AA 423 -54.80 -0.80 -64.26
N ILE AA 424 -55.91 -1.49 -64.37
CA ILE AA 424 -56.13 -2.45 -65.44
C ILE AA 424 -56.84 -1.74 -66.57
N VAL AA 425 -56.46 -2.10 -67.80
CA VAL AA 425 -57.03 -1.52 -69.01
C VAL AA 425 -57.44 -2.67 -69.92
N THR AA 426 -58.63 -2.55 -70.50
CA THR AA 426 -59.19 -3.57 -71.38
C THR AA 426 -59.58 -2.92 -72.69
N ALA AA 427 -59.07 -3.48 -73.78
CA ALA AA 427 -59.35 -2.99 -75.13
C ALA AA 427 -60.02 -4.09 -75.93
N SER AA 428 -61.17 -3.77 -76.50
CA SER AA 428 -61.87 -4.66 -77.41
C SER AA 428 -61.68 -4.18 -78.83
N PHE AA 429 -61.31 -5.10 -79.72
CA PHE AA 429 -61.02 -4.77 -81.11
C PHE AA 429 -61.91 -5.55 -82.05
N ASP AA 430 -62.05 -5.04 -83.27
CA ASP AA 430 -62.67 -5.77 -84.36
C ASP AA 430 -61.58 -6.50 -85.14
N HIS AA 431 -61.82 -7.78 -85.39
CA HIS AA 431 -60.80 -8.62 -86.00
C HIS AA 431 -60.73 -8.49 -87.50
N LYS AA 432 -61.76 -7.94 -88.15
CA LYS AA 432 -61.73 -7.76 -89.59
C LYS AA 432 -60.61 -6.82 -89.99
N VAL AA 433 -60.40 -5.76 -89.21
CA VAL AA 433 -59.42 -4.74 -89.51
C VAL AA 433 -58.10 -5.03 -88.85
N VAL AA 434 -58.12 -5.29 -87.56
CA VAL AA 434 -56.94 -5.32 -86.72
C VAL AA 434 -56.59 -6.77 -86.40
N ASP AA 435 -55.30 -7.01 -86.22
CA ASP AA 435 -54.78 -8.30 -85.79
C ASP AA 435 -54.21 -8.17 -84.38
N GLY AA 436 -53.96 -9.34 -83.77
CA GLY AA 436 -53.47 -9.36 -82.41
C GLY AA 436 -52.15 -8.64 -82.26
N ALA AA 437 -51.26 -8.78 -83.24
CA ALA AA 437 -49.97 -8.10 -83.18
C ALA AA 437 -50.16 -6.59 -83.21
N VAL AA 438 -51.06 -6.11 -84.06
CA VAL AA 438 -51.27 -4.67 -84.19
C VAL AA 438 -51.85 -4.11 -82.89
N GLY AA 439 -52.83 -4.83 -82.33
CA GLY AA 439 -53.40 -4.40 -81.07
C GLY AA 439 -52.37 -4.39 -79.95
N ALA AA 440 -51.51 -5.40 -79.93
CA ALA AA 440 -50.46 -5.46 -78.91
C ALA AA 440 -49.50 -4.30 -79.07
N GLU AA 441 -49.19 -3.94 -80.30
CA GLU AA 441 -48.29 -2.81 -80.54
C GLU AA 441 -48.92 -1.51 -80.05
N TRP AA 442 -50.21 -1.33 -80.34
CA TRP AA 442 -50.94 -0.16 -79.86
C TRP AA 442 -50.89 -0.09 -78.33
N ILE AA 443 -51.14 -1.22 -77.68
CA ILE AA 443 -51.14 -1.24 -76.21
C ILE AA 443 -49.75 -0.96 -75.68
N ARG AA 444 -48.72 -1.47 -76.35
CA ARG AA 444 -47.35 -1.21 -75.91
C ARG AA 444 -47.04 0.28 -75.97
N GLU AA 445 -47.42 0.93 -77.07
CA GLU AA 445 -47.17 2.36 -77.19
C GLU AA 445 -47.92 3.14 -76.11
N LEU AA 446 -49.16 2.72 -75.82
CA LEU AA 446 -49.92 3.41 -74.78
C LEU AA 446 -49.25 3.26 -73.41
N LYS AA 447 -48.86 2.03 -73.07
CA LYS AA 447 -48.20 1.78 -71.80
C LYS AA 447 -46.92 2.57 -71.70
N LYS AA 448 -46.16 2.65 -72.79
CA LYS AA 448 -44.90 3.38 -72.77
C LYS AA 448 -45.14 4.86 -72.53
N VAL AA 449 -46.09 5.45 -73.24
CA VAL AA 449 -46.37 6.86 -73.11
C VAL AA 449 -46.85 7.18 -71.70
N ILE AA 450 -47.64 6.29 -71.10
CA ILE AA 450 -48.15 6.57 -69.76
C ILE AA 450 -47.03 6.43 -68.73
N GLU AA 451 -46.30 5.32 -68.80
CA GLU AA 451 -45.27 5.06 -67.80
C GLU AA 451 -44.17 6.11 -67.87
N ASN AA 452 -43.96 6.70 -69.05
CA ASN AA 452 -43.09 7.86 -69.19
C ASN AA 452 -43.96 9.04 -69.61
N PRO AA 453 -44.61 9.73 -68.68
CA PRO AA 453 -45.55 10.80 -69.07
C PRO AA 453 -44.89 11.92 -69.86
N LEU AA 454 -43.58 12.09 -69.72
CA LEU AA 454 -42.90 13.19 -70.39
C LEU AA 454 -42.98 13.08 -71.90
N GLU AA 455 -43.20 11.88 -72.43
CA GLU AA 455 -43.32 11.72 -73.87
C GLU AA 455 -44.67 12.19 -74.40
N LEU AA 456 -45.60 12.61 -73.53
CA LEU AA 456 -46.81 13.26 -73.99
C LEU AA 456 -46.50 14.50 -74.81
N LEU AA 457 -45.37 15.16 -74.51
CA LEU AA 457 -44.94 16.30 -75.30
C LEU AA 457 -44.68 15.91 -76.74
N LEU AA 458 -44.27 14.66 -76.97
CA LEU AA 458 -43.96 14.18 -78.30
C LEU AA 458 -45.21 13.64 -78.98
N TYR BA 227 57.84 -9.35 -97.16
CA TYR BA 227 58.70 -8.19 -97.33
C TYR BA 227 60.14 -8.50 -96.94
N THR BA 228 60.45 -8.40 -95.65
CA THR BA 228 61.82 -8.65 -95.21
C THR BA 228 62.17 -10.12 -95.44
N ASP BA 229 63.38 -10.36 -95.91
CA ASP BA 229 63.82 -11.67 -96.36
C ASP BA 229 65.15 -11.99 -95.69
N VAL BA 230 65.09 -12.69 -94.57
CA VAL BA 230 66.28 -13.05 -93.79
C VAL BA 230 66.65 -14.48 -94.13
N PRO BA 231 67.87 -14.75 -94.61
CA PRO BA 231 68.29 -16.15 -94.79
C PRO BA 231 68.34 -16.88 -93.46
N ILE BA 232 68.31 -18.21 -93.55
CA ILE BA 232 68.23 -19.06 -92.38
C ILE BA 232 69.63 -19.28 -91.82
N SER BA 233 69.71 -19.39 -90.49
CA SER BA 233 71.00 -19.52 -89.82
C SER BA 233 71.70 -20.84 -90.13
N GLY BA 234 70.96 -21.84 -90.62
CA GLY BA 234 71.51 -23.17 -90.86
C GLY BA 234 71.35 -24.09 -89.68
N MET BA 235 71.52 -23.56 -88.47
CA MET BA 235 71.32 -24.38 -87.28
C MET BA 235 69.86 -24.83 -87.17
N ARG BA 236 68.93 -23.95 -87.53
CA ARG BA 236 67.52 -24.30 -87.49
C ARG BA 236 67.19 -25.42 -88.47
N LYS BA 237 67.98 -25.56 -89.54
CA LYS BA 237 67.73 -26.61 -90.53
C LYS BA 237 67.82 -27.99 -89.88
N THR BA 238 68.84 -28.18 -89.05
CA THR BA 238 69.03 -29.47 -88.40
C THR BA 238 67.88 -29.79 -87.46
N ILE BA 239 67.44 -28.80 -86.69
CA ILE BA 239 66.35 -29.02 -85.74
C ILE BA 239 65.05 -29.27 -86.49
N ALA BA 240 64.85 -28.59 -87.62
CA ALA BA 240 63.66 -28.83 -88.43
C ALA BA 240 63.65 -30.26 -88.95
N ALA BA 241 64.78 -30.71 -89.49
CA ALA BA 241 64.87 -32.08 -89.99
C ALA BA 241 64.65 -33.08 -88.87
N ARG BA 242 65.20 -32.81 -87.69
CA ARG BA 242 65.05 -33.70 -86.56
C ARG BA 242 63.58 -33.84 -86.16
N LEU BA 243 62.90 -32.70 -86.02
CA LEU BA 243 61.49 -32.73 -85.63
C LEU BA 243 60.63 -33.38 -86.71
N LYS BA 244 60.99 -33.16 -87.98
CA LYS BA 244 60.26 -33.79 -89.08
C LYS BA 244 60.41 -35.30 -89.01
N GLU BA 245 61.64 -35.78 -88.78
CA GLU BA 245 61.87 -37.20 -88.60
C GLU BA 245 61.05 -37.73 -87.43
N SER BA 246 60.97 -36.96 -86.34
CA SER BA 246 60.23 -37.40 -85.17
C SER BA 246 58.76 -37.59 -85.49
N VAL BA 247 58.14 -36.57 -86.08
CA VAL BA 247 56.70 -36.65 -86.32
C VAL BA 247 56.35 -37.64 -87.43
N THR BA 248 57.24 -37.84 -88.40
CA THR BA 248 56.92 -38.76 -89.49
C THR BA 248 57.23 -40.20 -89.15
N GLU BA 249 58.18 -40.44 -88.23
CA GLU BA 249 58.52 -41.81 -87.84
C GLU BA 249 57.65 -42.28 -86.68
N ASN BA 250 57.32 -41.38 -85.76
CA ASN BA 250 56.69 -41.73 -84.50
C ASN BA 250 55.31 -41.10 -84.44
N PRO BA 251 54.24 -41.88 -84.32
CA PRO BA 251 52.93 -41.26 -84.07
C PRO BA 251 52.83 -40.79 -82.63
N HIS BA 252 52.06 -39.72 -82.43
CA HIS BA 252 51.96 -39.05 -81.15
C HIS BA 252 50.54 -39.16 -80.63
N PHE BA 253 50.40 -39.51 -79.36
CA PHE BA 253 49.16 -39.35 -78.64
C PHE BA 253 49.45 -38.79 -77.26
N PHE BA 254 48.51 -38.00 -76.76
CA PHE BA 254 48.71 -37.13 -75.61
C PHE BA 254 47.81 -37.57 -74.47
N VAL BA 255 48.28 -37.35 -73.25
CA VAL BA 255 47.54 -37.63 -72.04
C VAL BA 255 47.64 -36.41 -71.13
N SER BA 256 46.48 -35.93 -70.66
CA SER BA 256 46.38 -34.68 -69.94
C SER BA 256 45.70 -34.93 -68.61
N THR BA 257 46.38 -34.52 -67.53
CA THR BA 257 45.86 -34.72 -66.19
C THR BA 257 46.04 -33.46 -65.36
N ASN BA 258 45.48 -33.51 -64.15
CA ASN BA 258 45.50 -32.40 -63.21
C ASN BA 258 46.05 -32.92 -61.88
N LEU BA 259 47.04 -32.21 -61.35
CA LEU BA 259 47.66 -32.56 -60.09
C LEU BA 259 47.22 -31.59 -59.00
N SER BA 260 47.62 -31.88 -57.78
CA SER BA 260 47.38 -31.03 -56.62
C SER BA 260 48.69 -30.86 -55.87
N VAL BA 261 49.10 -29.61 -55.69
CA VAL BA 261 50.43 -29.28 -55.19
C VAL BA 261 50.38 -28.44 -53.92
N SER BA 262 49.22 -28.36 -53.27
CA SER BA 262 49.11 -27.54 -52.07
C SER BA 262 50.02 -28.04 -50.96
N LYS BA 263 50.26 -29.35 -50.92
CA LYS BA 263 51.19 -29.91 -49.94
C LYS BA 263 52.62 -29.79 -50.42
N LEU BA 264 52.84 -29.92 -51.72
CA LEU BA 264 54.18 -29.81 -52.28
C LEU BA 264 54.77 -28.43 -52.02
N LEU BA 265 53.96 -27.39 -52.18
CA LEU BA 265 54.48 -26.04 -52.00
C LEU BA 265 54.81 -25.78 -50.54
N LYS BA 266 53.99 -26.31 -49.62
CA LYS BA 266 54.31 -26.21 -48.21
C LYS BA 266 55.63 -26.91 -47.90
N LEU BA 267 55.83 -28.09 -48.47
CA LEU BA 267 57.07 -28.82 -48.26
C LEU BA 267 58.26 -28.03 -48.76
N ARG BA 268 58.14 -27.43 -49.95
CA ARG BA 268 59.23 -26.65 -50.51
C ARG BA 268 59.54 -25.45 -49.64
N GLN BA 269 58.49 -24.76 -49.18
CA GLN BA 269 58.68 -23.59 -48.34
C GLN BA 269 59.37 -23.97 -47.04
N ALA BA 270 58.98 -25.09 -46.44
CA ALA BA 270 59.58 -25.50 -45.17
C ALA BA 270 61.04 -25.89 -45.35
N LEU BA 271 61.35 -26.65 -46.41
CA LEU BA 271 62.73 -27.01 -46.65
C LEU BA 271 63.58 -25.79 -46.97
N ASN BA 272 63.01 -24.78 -47.63
CA ASN BA 272 63.77 -23.56 -47.89
C ASN BA 272 63.99 -22.78 -46.61
N SER BA 273 63.01 -22.76 -45.71
CA SER BA 273 63.17 -22.04 -44.46
C SER BA 273 64.17 -22.72 -43.55
N SER BA 274 64.21 -24.06 -43.55
CA SER BA 274 65.14 -24.81 -42.71
C SER BA 274 66.47 -25.00 -43.45
N ALA BA 275 67.09 -23.88 -43.78
CA ALA BA 275 68.34 -23.90 -44.52
C ALA BA 275 69.12 -22.62 -44.19
N ASP BA 276 70.40 -22.63 -44.55
CA ASP BA 276 71.31 -21.52 -44.31
C ASP BA 276 71.79 -20.93 -45.62
N GLY BA 277 70.91 -20.84 -46.61
CA GLY BA 277 71.31 -20.44 -47.93
C GLY BA 277 72.16 -21.46 -48.65
N ARG BA 278 72.28 -22.68 -48.12
CA ARG BA 278 73.10 -23.70 -48.74
C ARG BA 278 72.47 -24.23 -50.02
N TYR BA 279 71.16 -24.07 -50.19
CA TYR BA 279 70.46 -24.57 -51.36
C TYR BA 279 69.17 -23.79 -51.54
N LYS BA 280 68.54 -23.99 -52.69
CA LYS BA 280 67.26 -23.37 -53.00
C LYS BA 280 66.54 -24.26 -54.01
N LEU BA 281 65.30 -24.60 -53.70
CA LEU BA 281 64.55 -25.59 -54.45
C LEU BA 281 63.48 -24.94 -55.32
N SER BA 282 63.00 -25.74 -56.28
CA SER BA 282 61.91 -25.34 -57.16
C SER BA 282 60.94 -26.50 -57.33
N VAL BA 283 60.00 -26.38 -58.26
CA VAL BA 283 59.03 -27.43 -58.52
C VAL BA 283 59.58 -28.47 -59.50
N ASN BA 284 60.41 -28.01 -60.44
CA ASN BA 284 60.92 -28.90 -61.47
C ASN BA 284 61.75 -30.03 -60.89
N ASP BA 285 62.42 -29.79 -59.77
CA ASP BA 285 63.27 -30.81 -59.18
C ASP BA 285 62.44 -31.94 -58.59
N PHE BA 286 61.41 -31.58 -57.81
CA PHE BA 286 60.45 -32.57 -57.34
C PHE BA 286 59.86 -33.35 -58.50
N LEU BA 287 59.51 -32.64 -59.58
CA LEU BA 287 58.93 -33.30 -60.74
C LEU BA 287 59.90 -34.30 -61.34
N ILE BA 288 61.19 -33.95 -61.38
CA ILE BA 288 62.18 -34.84 -61.98
C ILE BA 288 62.37 -36.09 -61.14
N LYS BA 289 62.42 -35.91 -59.81
CA LYS BA 289 62.50 -37.07 -58.92
C LYS BA 289 61.30 -37.98 -59.12
N ALA BA 290 60.10 -37.40 -59.23
CA ALA BA 290 58.90 -38.21 -59.41
C ALA BA 290 58.93 -38.91 -60.77
N MET BA 291 59.48 -38.25 -61.78
CA MET BA 291 59.63 -38.89 -63.08
C MET BA 291 60.51 -40.11 -62.98
N GLY BA 292 61.61 -39.99 -62.25
CA GLY BA 292 62.49 -41.14 -62.06
C GLY BA 292 61.80 -42.27 -61.35
N ILE BA 293 61.03 -41.95 -60.31
CA ILE BA 293 60.33 -42.99 -59.56
C ILE BA 293 59.32 -43.70 -60.45
N ALA BA 294 58.55 -42.92 -61.23
CA ALA BA 294 57.55 -43.52 -62.09
C ALA BA 294 58.21 -44.38 -63.17
N SER BA 295 59.33 -43.90 -63.72
CA SER BA 295 60.04 -44.67 -64.73
C SER BA 295 60.55 -45.98 -64.17
N LYS BA 296 60.99 -45.98 -62.92
CA LYS BA 296 61.46 -47.22 -62.32
C LYS BA 296 60.31 -48.16 -62.00
N ARG BA 297 59.17 -47.63 -61.58
CA ARG BA 297 58.02 -48.50 -61.31
C ARG BA 297 57.44 -49.06 -62.60
N VAL BA 298 57.61 -48.37 -63.72
CA VAL BA 298 57.10 -48.81 -65.01
C VAL BA 298 58.22 -48.67 -66.03
N PRO BA 299 59.11 -49.67 -66.17
CA PRO BA 299 60.30 -49.47 -67.01
C PRO BA 299 60.00 -49.44 -68.50
N THR BA 300 58.80 -49.82 -68.93
CA THR BA 300 58.51 -49.84 -70.36
C THR BA 300 58.57 -48.43 -70.95
N VAL BA 301 58.28 -47.41 -70.15
CA VAL BA 301 58.37 -46.04 -70.64
C VAL BA 301 59.81 -45.67 -70.92
N ASN BA 302 60.71 -45.98 -69.99
CA ASN BA 302 62.14 -45.72 -70.15
C ASN BA 302 62.67 -46.72 -71.15
N SER BA 303 62.44 -46.42 -72.43
CA SER BA 303 62.74 -47.34 -73.51
C SER BA 303 63.11 -46.51 -74.73
N SER BA 304 63.17 -47.17 -75.89
CA SER BA 304 63.48 -46.50 -77.14
C SER BA 304 63.04 -47.41 -78.29
N TRP BA 305 63.45 -47.06 -79.51
CA TRP BA 305 63.18 -47.86 -80.69
C TRP BA 305 64.43 -47.84 -81.56
N ARG BA 306 64.97 -49.03 -81.83
CA ARG BA 306 66.22 -49.17 -82.57
C ARG BA 306 66.02 -50.15 -83.71
N ASP BA 307 67.10 -50.56 -84.36
CA ASP BA 307 67.00 -51.39 -85.54
C ASP BA 307 66.50 -52.79 -85.18
N GLY BA 308 65.19 -52.99 -85.28
CA GLY BA 308 64.60 -54.27 -84.99
C GLY BA 308 64.81 -54.75 -83.58
N VAL BA 309 64.98 -53.81 -82.63
CA VAL BA 309 65.25 -54.18 -81.25
C VAL BA 309 64.82 -53.02 -80.35
N ILE BA 310 64.31 -53.38 -79.18
CA ILE BA 310 63.96 -52.42 -78.14
C ILE BA 310 65.13 -52.35 -77.17
N ARG BA 311 65.68 -51.15 -77.01
CA ARG BA 311 66.72 -50.90 -76.02
C ARG BA 311 66.06 -50.37 -74.76
N GLN BA 312 66.21 -51.12 -73.67
CA GLN BA 312 65.65 -50.76 -72.37
C GLN BA 312 66.79 -50.43 -71.42
N PHE BA 313 66.70 -49.29 -70.77
CA PHE BA 313 67.68 -48.87 -69.80
C PHE BA 313 67.28 -49.34 -68.41
N GLU BA 314 68.11 -49.02 -67.43
CA GLU BA 314 67.85 -49.27 -66.02
C GLU BA 314 67.81 -47.98 -65.22
N THR BA 315 68.75 -47.08 -65.48
CA THR BA 315 68.76 -45.77 -64.88
C THR BA 315 67.93 -44.79 -65.69
N VAL BA 316 67.71 -43.62 -65.13
CA VAL BA 316 66.87 -42.58 -65.71
C VAL BA 316 67.77 -41.38 -66.01
N ASP BA 317 67.94 -41.08 -67.29
CA ASP BA 317 68.65 -39.89 -67.74
C ASP BA 317 67.61 -38.88 -68.22
N VAL BA 318 67.61 -37.70 -67.60
CA VAL BA 318 66.53 -36.73 -67.76
C VAL BA 318 67.04 -35.54 -68.57
N SER BA 319 66.38 -35.25 -69.68
CA SER BA 319 66.72 -34.13 -70.54
C SER BA 319 65.84 -32.94 -70.21
N VAL BA 320 66.46 -31.89 -69.67
CA VAL BA 320 65.75 -30.68 -69.26
C VAL BA 320 65.94 -29.61 -70.31
N ALA BA 321 64.85 -28.96 -70.70
CA ALA BA 321 64.90 -27.94 -71.73
C ALA BA 321 65.30 -26.59 -71.14
N VAL BA 322 66.07 -25.84 -71.91
CA VAL BA 322 66.45 -24.48 -71.57
C VAL BA 322 66.30 -23.63 -72.83
N ALA BA 323 65.73 -22.44 -72.65
CA ALA BA 323 65.38 -21.54 -73.74
C ALA BA 323 66.41 -20.42 -73.80
N THR BA 324 67.40 -20.58 -74.65
CA THR BA 324 68.42 -19.56 -74.86
C THR BA 324 67.97 -18.59 -75.94
N PRO BA 325 68.56 -17.40 -76.01
CA PRO BA 325 68.28 -16.52 -77.15
C PRO BA 325 68.68 -17.13 -78.48
N ASN BA 326 69.60 -18.09 -78.50
CA ASN BA 326 69.95 -18.83 -79.69
C ASN BA 326 68.88 -19.83 -80.08
N GLY BA 327 68.05 -20.28 -79.14
CA GLY BA 327 67.01 -21.24 -79.43
C GLY BA 327 66.66 -22.12 -78.24
N LEU BA 328 66.66 -23.44 -78.47
CA LEU BA 328 66.32 -24.40 -77.44
C LEU BA 328 67.47 -25.39 -77.30
N ILE BA 329 67.69 -25.86 -76.07
CA ILE BA 329 68.76 -26.82 -75.80
C ILE BA 329 68.28 -27.75 -74.69
N THR BA 330 68.86 -28.95 -74.65
CA THR BA 330 68.44 -30.00 -73.72
C THR BA 330 69.64 -30.61 -73.01
N PRO BA 331 70.16 -29.96 -71.96
CA PRO BA 331 71.12 -30.63 -71.09
C PRO BA 331 70.50 -31.84 -70.42
N ILE BA 332 71.37 -32.67 -69.84
CA ILE BA 332 70.99 -33.95 -69.27
C ILE BA 332 71.43 -34.02 -67.83
N VAL BA 333 70.60 -34.63 -67.00
CA VAL BA 333 70.97 -35.05 -65.65
C VAL BA 333 71.05 -36.56 -65.63
N LYS BA 334 72.08 -37.08 -64.97
CA LYS BA 334 72.41 -38.50 -64.98
C LYS BA 334 72.10 -39.13 -63.63
N GLY BA 335 71.56 -40.35 -63.67
CA GLY BA 335 71.31 -41.13 -62.48
C GLY BA 335 70.43 -40.40 -61.48
N VAL BA 336 69.24 -40.01 -61.92
CA VAL BA 336 68.34 -39.23 -61.09
C VAL BA 336 67.90 -40.04 -59.87
N GLU BA 337 67.36 -41.24 -60.13
CA GLU BA 337 66.85 -42.08 -59.06
C GLU BA 337 67.96 -42.37 -58.06
N GLY BA 338 67.75 -41.94 -56.82
CA GLY BA 338 68.76 -42.06 -55.80
C GLY BA 338 69.91 -41.10 -55.98
N LYS BA 339 69.61 -39.80 -56.06
CA LYS BA 339 70.63 -38.77 -56.22
C LYS BA 339 70.49 -37.63 -55.22
N GLY BA 340 69.27 -37.21 -54.89
CA GLY BA 340 69.06 -36.13 -53.95
C GLY BA 340 68.70 -34.80 -54.59
N LEU BA 341 67.73 -34.12 -53.99
CA LEU BA 341 67.18 -32.91 -54.59
C LEU BA 341 68.21 -31.78 -54.60
N GLU BA 342 69.06 -31.70 -53.58
CA GLU BA 342 70.06 -30.64 -53.55
C GLU BA 342 71.04 -30.79 -54.70
N SER BA 343 71.55 -32.00 -54.88
CA SER BA 343 72.45 -32.27 -56.00
C SER BA 343 71.75 -32.01 -57.33
N ILE BA 344 70.47 -32.37 -57.42
CA ILE BA 344 69.71 -32.13 -58.64
C ILE BA 344 69.65 -30.64 -58.95
N SER BA 345 69.30 -29.84 -57.94
CA SER BA 345 69.18 -28.40 -58.14
C SER BA 345 70.53 -27.80 -58.52
N ALA BA 346 71.60 -28.25 -57.87
CA ALA BA 346 72.92 -27.71 -58.16
C ALA BA 346 73.32 -28.02 -59.60
N ALA BA 347 73.12 -29.27 -60.03
CA ALA BA 347 73.48 -29.65 -61.39
C ALA BA 347 72.64 -28.89 -62.40
N VAL BA 348 71.36 -28.70 -62.10
CA VAL BA 348 70.49 -28.00 -63.04
C VAL BA 348 70.91 -26.55 -63.17
N LYS BA 349 71.23 -25.90 -62.04
CA LYS BA 349 71.69 -24.51 -62.10
C LYS BA 349 72.97 -24.39 -62.90
N GLU BA 350 73.93 -25.30 -62.65
CA GLU BA 350 75.19 -25.25 -63.37
C GLU BA 350 74.96 -25.43 -64.87
N LEU BA 351 74.15 -26.43 -65.24
CA LEU BA 351 73.92 -26.68 -66.65
C LEU BA 351 73.17 -25.53 -67.31
N ALA BA 352 72.24 -24.91 -66.60
CA ALA BA 352 71.48 -23.80 -67.17
C ALA BA 352 72.39 -22.60 -67.41
N LYS BA 353 73.25 -22.28 -66.44
CA LYS BA 353 74.15 -21.16 -66.63
C LYS BA 353 75.18 -21.46 -67.72
N LYS BA 354 75.65 -22.71 -67.80
CA LYS BA 354 76.58 -23.08 -68.85
C LYS BA 354 75.93 -23.03 -70.22
N ALA BA 355 74.62 -23.26 -70.29
CA ALA BA 355 73.93 -23.16 -71.56
C ALA BA 355 73.70 -21.71 -71.95
N ARG BA 356 73.37 -20.86 -70.97
CA ARG BA 356 73.27 -19.44 -71.24
C ARG BA 356 74.60 -18.87 -71.70
N ASP BA 357 75.71 -19.41 -71.20
CA ASP BA 357 77.03 -18.96 -71.63
C ASP BA 357 77.50 -19.62 -72.92
N GLY BA 358 76.97 -20.80 -73.25
CA GLY BA 358 77.44 -21.54 -74.41
C GLY BA 358 78.78 -22.19 -74.16
N LYS BA 359 78.82 -23.14 -73.21
CA LYS BA 359 80.06 -23.77 -72.77
C LYS BA 359 79.87 -25.27 -72.58
N LEU BA 360 78.98 -25.88 -73.36
CA LEU BA 360 78.62 -27.28 -73.19
C LEU BA 360 79.40 -28.19 -74.13
N LYS BA 361 79.45 -29.45 -73.75
CA LYS BA 361 79.95 -30.54 -74.58
C LYS BA 361 78.79 -31.22 -75.28
N PRO BA 362 79.03 -31.91 -76.40
CA PRO BA 362 77.91 -32.58 -77.08
C PRO BA 362 77.32 -33.73 -76.27
N GLU BA 363 78.17 -34.45 -75.53
CA GLU BA 363 77.67 -35.59 -74.75
C GLU BA 363 76.67 -35.15 -73.68
N GLU BA 364 76.81 -33.92 -73.19
CA GLU BA 364 75.93 -33.44 -72.12
C GLU BA 364 74.51 -33.18 -72.59
N TYR BA 365 74.29 -33.04 -73.90
CA TYR BA 365 72.94 -32.87 -74.45
C TYR BA 365 72.67 -33.78 -75.63
N GLN BA 366 73.42 -34.88 -75.75
CA GLN BA 366 73.15 -35.92 -76.73
C GLN BA 366 72.95 -37.24 -75.99
N GLY BA 367 71.70 -37.68 -75.90
CA GLY BA 367 71.36 -38.88 -75.17
C GLY BA 367 70.07 -38.71 -74.40
N GLY BA 368 70.01 -39.32 -73.22
CA GLY BA 368 68.82 -39.20 -72.39
C GLY BA 368 67.72 -40.13 -72.85
N SER BA 369 67.03 -40.74 -71.89
CA SER BA 369 65.92 -41.62 -72.20
C SER BA 369 64.57 -40.90 -72.16
N ILE BA 370 64.45 -39.87 -71.33
CA ILE BA 370 63.20 -39.13 -71.16
C ILE BA 370 63.53 -37.65 -71.11
N SER BA 371 62.55 -36.83 -71.45
CA SER BA 371 62.73 -35.39 -71.59
C SER BA 371 61.60 -34.65 -70.89
N ILE BA 372 61.76 -33.33 -70.79
CA ILE BA 372 60.79 -32.48 -70.12
C ILE BA 372 60.99 -31.06 -70.61
N SER BA 373 59.89 -30.30 -70.63
CA SER BA 373 59.91 -28.87 -70.86
C SER BA 373 59.03 -28.20 -69.83
N ASN BA 374 59.45 -27.03 -69.36
CA ASN BA 374 58.78 -26.31 -68.30
C ASN BA 374 58.48 -24.90 -68.77
N MET BA 375 57.30 -24.40 -68.37
CA MET BA 375 56.90 -23.03 -68.65
C MET BA 375 56.23 -22.39 -67.44
N GLY BA 376 56.58 -22.83 -66.23
CA GLY BA 376 55.89 -22.37 -65.03
C GLY BA 376 56.04 -20.89 -64.77
N MET BA 377 57.08 -20.26 -65.28
CA MET BA 377 57.26 -18.83 -65.04
C MET BA 377 56.17 -18.01 -65.73
N ASN BA 378 55.60 -18.53 -66.82
CA ASN BA 378 54.59 -17.79 -67.57
C ASN BA 378 53.21 -18.18 -67.05
N PRO BA 379 52.51 -17.30 -66.31
CA PRO BA 379 51.25 -17.72 -65.70
C PRO BA 379 50.08 -17.87 -66.65
N ALA BA 380 50.24 -17.49 -67.92
CA ALA BA 380 49.12 -17.53 -68.84
C ALA BA 380 48.86 -18.92 -69.39
N VAL BA 381 49.90 -19.74 -69.51
CA VAL BA 381 49.80 -21.05 -70.17
C VAL BA 381 49.15 -22.00 -69.17
N GLN BA 382 47.95 -22.47 -69.49
CA GLN BA 382 47.34 -23.53 -68.71
C GLN BA 382 47.91 -24.88 -69.10
N SER BA 383 47.94 -25.19 -70.39
CA SER BA 383 48.48 -26.44 -70.88
C SER BA 383 49.15 -26.21 -72.21
N PHE BA 384 49.99 -27.17 -72.60
CA PHE BA 384 50.63 -27.12 -73.90
C PHE BA 384 51.26 -28.47 -74.17
N THR BA 385 51.39 -28.78 -75.44
CA THR BA 385 52.03 -30.00 -75.90
C THR BA 385 53.47 -29.69 -76.31
N ALA BA 386 54.24 -30.74 -76.53
CA ALA BA 386 55.58 -30.62 -77.07
C ALA BA 386 55.81 -31.78 -78.03
N ILE BA 387 57.07 -31.94 -78.45
CA ILE BA 387 57.46 -32.90 -79.46
C ILE BA 387 58.56 -33.79 -78.91
N ILE BA 388 58.52 -35.06 -79.30
CA ILE BA 388 59.40 -36.07 -78.72
C ILE BA 388 60.77 -35.95 -79.36
N ASN BA 389 61.75 -35.54 -78.56
CA ASN BA 389 63.13 -35.49 -79.02
C ASN BA 389 63.62 -36.91 -79.26
N PRO BA 390 63.90 -37.31 -80.50
CA PRO BA 390 64.27 -38.71 -80.75
C PRO BA 390 65.64 -39.00 -80.16
N PRO BA 391 65.99 -40.29 -79.99
CA PRO BA 391 65.20 -41.49 -80.27
C PRO BA 391 64.31 -41.91 -79.09
N GLN BA 392 64.06 -40.98 -78.16
CA GLN BA 392 63.29 -41.30 -76.96
C GLN BA 392 61.86 -41.65 -77.33
N ALA BA 393 61.06 -42.01 -76.31
CA ALA BA 393 59.71 -42.52 -76.51
C ALA BA 393 58.65 -41.67 -75.82
N ALA BA 394 59.02 -40.75 -74.95
CA ALA BA 394 58.04 -39.99 -74.20
C ALA BA 394 58.64 -38.65 -73.81
N ILE BA 395 57.76 -37.70 -73.52
CA ILE BA 395 58.17 -36.38 -73.09
C ILE BA 395 57.03 -35.76 -72.29
N LEU BA 396 57.38 -34.89 -71.36
CA LEU BA 396 56.47 -34.29 -70.41
C LEU BA 396 56.32 -32.80 -70.70
N ALA BA 397 55.30 -32.21 -70.09
CA ALA BA 397 55.07 -30.77 -70.17
C ALA BA 397 54.25 -30.34 -68.98
N VAL BA 398 54.69 -29.28 -68.32
CA VAL BA 398 54.12 -28.81 -67.06
C VAL BA 398 53.66 -27.38 -67.26
N GLY BA 399 52.35 -27.15 -67.17
CA GLY BA 399 51.82 -25.81 -67.28
C GLY BA 399 52.07 -25.00 -66.03
N ALA BA 400 51.28 -23.94 -65.90
CA ALA BA 400 51.38 -23.07 -64.74
C ALA BA 400 50.44 -23.53 -63.63
N PRO BA 401 50.63 -23.02 -62.42
CA PRO BA 401 49.65 -23.29 -61.37
C PRO BA 401 48.44 -22.37 -61.50
N GLN BA 402 47.32 -22.84 -60.96
CA GLN BA 402 46.07 -22.11 -61.03
C GLN BA 402 45.24 -22.41 -59.79
N LYS BA 403 44.22 -21.58 -59.59
CA LYS BA 403 43.29 -21.73 -58.48
C LYS BA 403 42.04 -22.42 -59.00
N VAL BA 404 41.61 -23.48 -58.30
CA VAL BA 404 40.44 -24.25 -58.70
C VAL BA 404 39.57 -24.49 -57.47
N ALA BA 405 38.27 -24.61 -57.72
CA ALA BA 405 37.33 -24.95 -56.68
C ALA BA 405 37.35 -26.45 -56.43
N VAL BA 406 37.27 -26.82 -55.15
CA VAL BA 406 37.28 -28.23 -54.75
C VAL BA 406 36.29 -28.40 -53.61
N PRO BA 407 35.47 -29.45 -53.59
CA PRO BA 407 34.61 -29.69 -52.42
C PRO BA 407 35.41 -30.12 -51.21
N VAL BA 408 34.85 -29.83 -50.04
CA VAL BA 408 35.43 -30.24 -48.77
C VAL BA 408 34.30 -30.43 -47.77
N GLU BA 409 34.43 -31.45 -46.94
CA GLU BA 409 33.46 -31.74 -45.91
C GLU BA 409 33.90 -31.12 -44.60
N ASN BA 410 33.14 -30.14 -44.11
CA ASN BA 410 33.37 -29.58 -42.80
C ASN BA 410 33.03 -30.61 -41.73
N GLU BA 411 33.23 -30.22 -40.47
CA GLU BA 411 32.92 -31.09 -39.35
C GLU BA 411 31.48 -31.57 -39.36
N ASP BA 412 30.56 -30.75 -39.85
CA ASP BA 412 29.16 -31.13 -40.00
C ASP BA 412 28.98 -31.89 -41.31
N GLY BA 413 27.74 -32.29 -41.58
CA GLY BA 413 27.44 -33.05 -42.77
C GLY BA 413 27.42 -32.25 -44.05
N THR BA 414 27.47 -30.92 -43.96
CA THR BA 414 27.42 -30.09 -45.15
C THR BA 414 28.78 -30.01 -45.82
N THR BA 415 28.77 -29.88 -47.14
CA THR BA 415 29.98 -29.69 -47.92
C THR BA 415 30.34 -28.21 -47.95
N GLY BA 416 31.60 -27.95 -48.30
CA GLY BA 416 32.12 -26.60 -48.38
C GLY BA 416 33.04 -26.45 -49.57
N VAL BA 417 33.47 -25.20 -49.79
CA VAL BA 417 34.31 -24.85 -50.92
C VAL BA 417 35.72 -24.58 -50.40
N SER BA 418 36.69 -25.27 -50.98
CA SER BA 418 38.10 -25.07 -50.69
C SER BA 418 38.86 -24.79 -51.97
N TRP BA 419 39.84 -23.89 -51.87
CA TRP BA 419 40.62 -23.45 -53.01
C TRP BA 419 41.96 -24.18 -53.02
N ASP BA 420 42.13 -25.07 -53.99
CA ASP BA 420 43.32 -25.88 -54.14
C ASP BA 420 44.13 -25.36 -55.32
N GLU BA 421 45.45 -25.49 -55.22
CA GLU BA 421 46.37 -25.03 -56.25
C GLU BA 421 46.68 -26.21 -57.16
N GLN BA 422 46.15 -26.16 -58.39
CA GLN BA 422 46.30 -27.23 -59.36
C GLN BA 422 47.29 -26.86 -60.45
N ILE BA 423 47.84 -27.88 -61.08
CA ILE BA 423 48.65 -27.75 -62.28
C ILE BA 423 48.14 -28.77 -63.30
N ILE BA 424 48.13 -28.38 -64.55
CA ILE BA 424 47.85 -29.29 -65.64
C ILE BA 424 49.17 -29.82 -66.18
N VAL BA 425 49.17 -31.11 -66.48
CA VAL BA 425 50.34 -31.81 -66.98
C VAL BA 425 49.94 -32.55 -68.25
N THR BA 426 50.80 -32.49 -69.25
CA THR BA 426 50.56 -33.11 -70.55
C THR BA 426 51.75 -33.96 -70.91
N ALA BA 427 51.51 -35.24 -71.16
CA ALA BA 427 52.53 -36.20 -71.53
C ALA BA 427 52.27 -36.70 -72.94
N SER BA 428 53.26 -36.55 -73.81
CA SER BA 428 53.20 -37.08 -75.15
C SER BA 428 53.97 -38.39 -75.21
N PHE BA 429 53.37 -39.41 -75.83
CA PHE BA 429 53.98 -40.73 -75.92
C PHE BA 429 54.06 -41.17 -77.37
N ASP BA 430 55.03 -42.04 -77.65
CA ASP BA 430 55.11 -42.73 -78.92
C ASP BA 430 54.35 -44.04 -78.82
N HIS BA 431 53.55 -44.34 -79.84
CA HIS BA 431 52.61 -45.44 -79.77
C HIS BA 431 53.21 -46.79 -80.18
N LYS BA 432 54.38 -46.78 -80.82
CA LYS BA 432 55.03 -48.04 -81.17
C LYS BA 432 55.40 -48.83 -79.92
N VAL BA 433 55.90 -48.15 -78.92
CA VAL BA 433 56.39 -48.78 -77.70
C VAL BA 433 55.31 -48.85 -76.64
N VAL BA 434 54.68 -47.72 -76.35
CA VAL BA 434 53.78 -47.58 -75.21
C VAL BA 434 52.34 -47.61 -75.70
N ASP BA 435 51.46 -48.08 -74.82
CA ASP BA 435 50.03 -48.10 -75.05
C ASP BA 435 49.34 -47.19 -74.04
N GLY BA 436 48.06 -46.95 -74.30
CA GLY BA 436 47.28 -46.04 -73.46
C GLY BA 436 47.23 -46.50 -72.01
N ALA BA 437 47.05 -47.80 -71.79
CA ALA BA 437 47.02 -48.32 -70.42
C ALA BA 437 48.34 -48.08 -69.71
N VAL BA 438 49.45 -48.28 -70.42
CA VAL BA 438 50.76 -48.11 -69.81
C VAL BA 438 51.00 -46.65 -69.45
N GLY BA 439 50.67 -45.75 -70.36
CA GLY BA 439 50.80 -44.33 -70.08
C GLY BA 439 49.92 -43.91 -68.92
N ALA BA 440 48.71 -44.45 -68.85
CA ALA BA 440 47.81 -44.11 -67.75
C ALA BA 440 48.38 -44.60 -66.42
N GLU BA 441 48.98 -45.79 -66.42
CA GLU BA 441 49.58 -46.31 -65.20
C GLU BA 441 50.72 -45.41 -64.74
N TRP BA 442 51.58 -45.01 -65.68
CA TRP BA 442 52.68 -44.11 -65.37
C TRP BA 442 52.17 -42.81 -64.77
N ILE BA 443 51.13 -42.24 -65.36
CA ILE BA 443 50.59 -40.97 -64.88
C ILE BA 443 49.95 -41.15 -63.50
N ARG BA 444 49.30 -42.29 -63.28
CA ARG BA 444 48.71 -42.55 -61.97
C ARG BA 444 49.79 -42.58 -60.90
N GLU BA 445 50.90 -43.27 -61.18
CA GLU BA 445 51.97 -43.33 -60.20
C GLU BA 445 52.56 -41.95 -59.93
N LEU BA 446 52.71 -41.15 -60.99
CA LEU BA 446 53.21 -39.79 -60.82
C LEU BA 446 52.29 -38.97 -59.93
N LYS BA 447 51.00 -39.02 -60.22
CA LYS BA 447 50.03 -38.28 -59.42
C LYS BA 447 50.05 -38.73 -57.97
N LYS BA 448 50.20 -40.04 -57.76
CA LYS BA 448 50.20 -40.56 -56.40
C LYS BA 448 51.40 -40.05 -55.63
N VAL BA 449 52.59 -40.14 -56.23
CA VAL BA 449 53.81 -39.71 -55.56
C VAL BA 449 53.76 -38.22 -55.28
N ILE BA 450 53.20 -37.43 -56.18
CA ILE BA 450 53.12 -36.00 -55.95
C ILE BA 450 52.14 -35.70 -54.83
N GLU BA 451 50.92 -36.20 -54.95
CA GLU BA 451 49.88 -35.87 -53.99
C GLU BA 451 50.24 -36.36 -52.59
N ASN BA 452 51.04 -37.42 -52.51
CA ASN BA 452 51.64 -37.84 -51.25
C ASN BA 452 53.14 -37.61 -51.35
N PRO BA 453 53.64 -36.40 -51.10
CA PRO BA 453 55.07 -36.12 -51.34
C PRO BA 453 56.00 -36.97 -50.51
N LEU BA 454 55.52 -37.51 -49.39
CA LEU BA 454 56.37 -38.28 -48.50
C LEU BA 454 56.90 -39.54 -49.17
N GLU BA 455 56.21 -40.06 -50.18
CA GLU BA 455 56.68 -41.24 -50.87
C GLU BA 455 57.86 -40.96 -51.78
N LEU BA 456 58.30 -39.71 -51.90
CA LEU BA 456 59.54 -39.41 -52.60
C LEU BA 456 60.72 -40.13 -51.95
N LEU BA 457 60.65 -40.38 -50.64
CA LEU BA 457 61.67 -41.16 -49.97
C LEU BA 457 61.74 -42.57 -50.54
N LEU BA 458 60.60 -43.13 -50.92
CA LEU BA 458 60.52 -44.50 -51.39
C LEU BA 458 60.91 -44.59 -52.87
N TYR CA 227 62.88 53.66 -77.62
CA TYR CA 227 64.21 53.79 -77.05
C TYR CA 227 65.16 52.76 -77.63
N THR CA 228 65.15 51.55 -77.09
CA THR CA 228 66.04 50.50 -77.55
C THR CA 228 65.62 50.03 -78.95
N ASP CA 229 66.58 50.02 -79.88
CA ASP CA 229 66.32 49.73 -81.29
C ASP CA 229 67.08 48.47 -81.67
N VAL CA 230 66.37 47.36 -81.78
CA VAL CA 230 66.97 46.06 -82.11
C VAL CA 230 66.57 45.72 -83.55
N PRO CA 231 67.51 45.50 -84.46
CA PRO CA 231 67.11 45.05 -85.80
C PRO CA 231 66.43 43.70 -85.76
N ILE CA 232 65.70 43.41 -86.83
CA ILE CA 232 64.91 42.18 -86.91
C ILE CA 232 65.83 41.04 -87.34
N SER CA 233 65.54 39.84 -86.82
CA SER CA 233 66.36 38.68 -87.10
C SER CA 233 66.31 38.24 -88.56
N GLY CA 234 65.31 38.67 -89.31
CA GLY CA 234 65.09 38.24 -90.67
C GLY CA 234 64.20 37.01 -90.78
N MET CA 235 64.34 36.08 -89.83
CA MET CA 235 63.47 34.92 -89.82
C MET CA 235 62.02 35.32 -89.54
N ARG CA 236 61.83 36.28 -88.64
CA ARG CA 236 60.48 36.74 -88.31
C ARG CA 236 59.80 37.37 -89.52
N LYS CA 237 60.57 37.91 -90.47
CA LYS CA 237 59.99 38.52 -91.66
C LYS CA 237 59.16 37.51 -92.43
N THR CA 238 59.69 36.31 -92.60
CA THR CA 238 58.99 35.28 -93.37
C THR CA 238 57.69 34.88 -92.69
N ILE CA 239 57.72 34.70 -91.37
CA ILE CA 239 56.51 34.33 -90.64
C ILE CA 239 55.49 35.45 -90.71
N ALA CA 240 55.96 36.70 -90.65
CA ALA CA 240 55.03 37.84 -90.75
C ALA CA 240 54.36 37.85 -92.11
N ALA CA 241 55.14 37.68 -93.17
CA ALA CA 241 54.57 37.64 -94.52
C ALA CA 241 53.59 36.48 -94.67
N ARG CA 242 53.92 35.33 -94.09
CA ARG CA 242 53.05 34.16 -94.18
C ARG CA 242 51.71 34.42 -93.50
N LEU CA 243 51.76 34.94 -92.26
CA LEU CA 243 50.53 35.24 -91.54
C LEU CA 243 49.72 36.31 -92.24
N LYS CA 244 50.39 37.30 -92.83
CA LYS CA 244 49.70 38.33 -93.59
C LYS CA 244 48.98 37.74 -94.78
N GLU CA 245 49.66 36.86 -95.53
CA GLU CA 245 49.03 36.16 -96.63
C GLU CA 245 47.82 35.38 -96.14
N SER CA 246 47.94 34.76 -94.96
CA SER CA 246 46.83 33.96 -94.45
C SER CA 246 45.61 34.83 -94.20
N VAL CA 247 45.77 35.90 -93.44
CA VAL CA 247 44.62 36.71 -93.07
C VAL CA 247 44.07 37.50 -94.25
N THR CA 248 44.88 37.79 -95.26
CA THR CA 248 44.39 38.57 -96.40
C THR CA 248 43.80 37.68 -97.49
N GLU CA 249 44.21 36.39 -97.54
CA GLU CA 249 43.69 35.50 -98.57
C GLU CA 249 42.48 34.72 -98.07
N ASN CA 250 42.49 34.33 -96.80
CA ASN CA 250 41.47 33.50 -96.22
C ASN CA 250 40.72 34.26 -95.12
N PRO CA 251 39.41 34.49 -95.24
CA PRO CA 251 38.69 35.05 -94.10
C PRO CA 251 38.54 34.00 -93.01
N HIS CA 252 38.41 34.49 -91.78
CA HIS CA 252 38.39 33.64 -90.60
C HIS CA 252 37.07 33.79 -89.88
N PHE CA 253 36.49 32.67 -89.45
CA PHE CA 253 35.42 32.69 -88.48
C PHE CA 253 35.66 31.59 -87.46
N PHE CA 254 35.23 31.87 -86.23
CA PHE CA 254 35.61 31.08 -85.06
C PHE CA 254 34.38 30.39 -84.49
N VAL CA 255 34.60 29.22 -83.91
CA VAL CA 255 33.59 28.46 -83.19
C VAL CA 255 34.17 28.11 -81.84
N SER CA 256 33.34 28.15 -80.81
CA SER CA 256 33.78 27.97 -79.43
C SER CA 256 32.81 27.03 -78.72
N THR CA 257 33.36 25.96 -78.16
CA THR CA 257 32.57 24.95 -77.48
C THR CA 257 33.22 24.57 -76.16
N ASN CA 258 32.50 23.76 -75.39
CA ASN CA 258 32.92 23.32 -74.07
C ASN CA 258 32.78 21.81 -74.00
N LEU CA 259 33.89 21.14 -73.68
CA LEU CA 259 33.92 19.69 -73.55
C LEU CA 259 33.92 19.28 -72.09
N SER CA 260 33.55 18.03 -71.85
CA SER CA 260 33.58 17.42 -70.53
C SER CA 260 34.60 16.28 -70.57
N VAL CA 261 35.60 16.35 -69.68
CA VAL CA 261 36.77 15.48 -69.73
C VAL CA 261 36.93 14.66 -68.46
N SER CA 262 35.91 14.61 -67.61
CA SER CA 262 36.03 13.90 -66.34
C SER CA 262 36.27 12.41 -66.56
N LYS CA 263 35.72 11.86 -67.64
CA LYS CA 263 35.95 10.45 -67.95
C LYS CA 263 37.28 10.26 -68.66
N LEU CA 264 37.65 11.22 -69.50
CA LEU CA 264 38.93 11.15 -70.21
C LEU CA 264 40.08 11.11 -69.22
N LEU CA 265 40.03 11.93 -68.18
CA LEU CA 265 41.13 11.94 -67.21
C LEU CA 265 41.20 10.63 -66.45
N LYS CA 266 40.05 10.04 -66.13
CA LYS CA 266 40.06 8.74 -65.47
C LYS CA 266 40.69 7.69 -66.37
N LEU CA 267 40.36 7.73 -67.66
CA LEU CA 267 40.94 6.78 -68.61
C LEU CA 267 42.44 6.95 -68.68
N ARG CA 268 42.92 8.19 -68.72
CA ARG CA 268 44.35 8.45 -68.78
C ARG CA 268 45.03 7.95 -67.51
N GLN CA 269 44.40 8.18 -66.36
CA GLN CA 269 44.97 7.71 -65.10
C GLN CA 269 45.07 6.20 -65.08
N ALA CA 270 44.02 5.51 -65.53
CA ALA CA 270 44.02 4.05 -65.49
C ALA CA 270 45.07 3.48 -66.44
N LEU CA 271 45.17 4.05 -67.64
CA LEU CA 271 46.17 3.56 -68.59
C LEU CA 271 47.59 3.85 -68.12
N ASN CA 272 47.82 5.00 -67.48
CA ASN CA 272 49.14 5.27 -66.93
C ASN CA 272 49.46 4.31 -65.79
N SER CA 273 48.46 3.95 -64.99
CA SER CA 273 48.71 3.03 -63.88
C SER CA 273 48.98 1.62 -64.38
N SER CA 274 48.24 1.15 -65.38
CA SER CA 274 48.42 -0.20 -65.91
C SER CA 274 49.56 -0.21 -66.93
N ALA CA 275 50.76 0.09 -66.43
CA ALA CA 275 51.94 0.15 -67.27
C ALA CA 275 53.17 -0.05 -66.39
N ASP CA 276 54.29 -0.28 -67.03
CA ASP CA 276 55.57 -0.51 -66.37
C ASP CA 276 56.61 0.51 -66.81
N GLY CA 277 56.21 1.79 -66.87
CA GLY CA 277 57.09 2.81 -67.37
C GLY CA 277 57.38 2.72 -68.85
N ARG CA 278 56.59 1.96 -69.60
CA ARG CA 278 56.83 1.79 -71.03
C ARG CA 278 56.34 2.99 -71.83
N TYR CA 279 55.42 3.79 -71.27
CA TYR CA 279 54.87 4.93 -71.98
C TYR CA 279 54.30 5.92 -70.95
N LYS CA 280 53.87 7.07 -71.45
CA LYS CA 280 53.23 8.09 -70.63
C LYS CA 280 52.38 8.94 -71.55
N LEU CA 281 51.10 9.08 -71.20
CA LEU CA 281 50.12 9.73 -72.06
C LEU CA 281 49.81 11.14 -71.60
N SER CA 282 49.17 11.89 -72.50
CA SER CA 282 48.70 13.24 -72.22
C SER CA 282 47.35 13.46 -72.88
N VAL CA 283 46.79 14.65 -72.69
CA VAL CA 283 45.48 14.97 -73.24
C VAL CA 283 45.58 15.25 -74.74
N ASN CA 284 46.71 15.81 -75.17
CA ASN CA 284 46.88 16.19 -76.57
C ASN CA 284 46.79 14.98 -77.49
N ASP CA 285 47.25 13.81 -77.03
CA ASP CA 285 47.22 12.62 -77.88
C ASP CA 285 45.79 12.17 -78.13
N PHE CA 286 44.98 12.12 -77.07
CA PHE CA 286 43.56 11.83 -77.23
C PHE CA 286 42.91 12.83 -78.17
N LEU CA 287 43.24 14.11 -78.01
CA LEU CA 287 42.67 15.13 -78.87
C LEU CA 287 43.06 14.89 -80.32
N ILE CA 288 44.29 14.46 -80.56
CA ILE CA 288 44.75 14.25 -81.93
C ILE CA 288 44.03 13.06 -82.56
N LYS CA 289 43.86 11.99 -81.79
CA LYS CA 289 43.12 10.84 -82.28
C LYS CA 289 41.69 11.23 -82.62
N ALA CA 290 41.06 12.02 -81.76
CA ALA CA 290 39.69 12.44 -82.03
C ALA CA 290 39.61 13.34 -83.24
N MET CA 291 40.64 14.18 -83.45
CA MET CA 291 40.70 15.01 -84.65
C MET CA 291 40.74 14.14 -85.89
N GLY CA 292 41.56 13.09 -85.85
CA GLY CA 292 41.62 12.18 -86.98
C GLY CA 292 40.28 11.52 -87.26
N ILE CA 293 39.59 11.08 -86.20
CA ILE CA 293 38.30 10.42 -86.39
C ILE CA 293 37.29 11.39 -86.99
N ALA CA 294 37.27 12.62 -86.48
CA ALA CA 294 36.31 13.59 -86.97
C ALA CA 294 36.60 13.97 -88.42
N SER CA 295 37.88 14.11 -88.75
CA SER CA 295 38.25 14.44 -90.13
C SER CA 295 37.88 13.30 -91.07
N LYS CA 296 37.95 12.06 -90.60
CA LYS CA 296 37.54 10.94 -91.45
C LYS CA 296 36.03 10.89 -91.61
N ARG CA 297 35.29 11.26 -90.57
CA ARG CA 297 33.83 11.24 -90.67
C ARG CA 297 33.30 12.41 -91.50
N VAL CA 298 34.05 13.51 -91.54
CA VAL CA 298 33.65 14.69 -92.31
C VAL CA 298 34.85 15.13 -93.15
N PRO CA 299 35.06 14.54 -94.33
CA PRO CA 299 36.32 14.77 -95.05
C PRO CA 299 36.45 16.16 -95.65
N THR CA 300 35.37 16.96 -95.66
CA THR CA 300 35.45 18.28 -96.27
C THR CA 300 36.41 19.18 -95.52
N VAL CA 301 36.56 18.97 -94.22
CA VAL CA 301 37.47 19.80 -93.43
C VAL CA 301 38.90 19.52 -93.84
N ASN CA 302 39.26 18.24 -93.98
CA ASN CA 302 40.60 17.84 -94.38
C ASN CA 302 40.75 18.14 -95.87
N SER CA 303 40.99 19.42 -96.17
CA SER CA 303 41.03 19.91 -97.53
C SER CA 303 41.98 21.10 -97.58
N SER CA 304 42.07 21.72 -98.75
CA SER CA 304 42.90 22.90 -98.93
C SER CA 304 42.30 23.75 -100.04
N TRP CA 305 43.06 24.74 -100.49
CA TRP CA 305 42.66 25.62 -101.57
C TRP CA 305 43.84 25.82 -102.50
N ARG CA 306 43.67 25.44 -103.77
CA ARG CA 306 44.75 25.46 -104.73
C ARG CA 306 44.31 26.20 -105.99
N ASP CA 307 45.10 26.11 -107.05
CA ASP CA 307 44.85 26.89 -108.26
C ASP CA 307 43.58 26.40 -108.96
N GLY CA 308 42.45 27.04 -108.66
CA GLY CA 308 41.19 26.69 -109.30
C GLY CA 308 40.75 25.26 -109.06
N VAL CA 309 41.17 24.67 -107.94
CA VAL CA 309 40.89 23.27 -107.66
C VAL CA 309 40.97 23.06 -106.15
N ILE CA 310 40.13 22.15 -105.66
CA ILE CA 310 40.17 21.72 -104.26
C ILE CA 310 40.90 20.39 -104.19
N ARG CA 311 41.99 20.38 -103.41
CA ARG CA 311 42.74 19.17 -103.14
C ARG CA 311 42.20 18.56 -101.86
N GLN CA 312 41.68 17.34 -101.97
CA GLN CA 312 41.15 16.59 -100.83
C GLN CA 312 42.04 15.38 -100.58
N PHE CA 313 42.51 15.25 -99.35
CA PHE CA 313 43.32 14.12 -98.95
C PHE CA 313 42.42 12.99 -98.48
N GLU CA 314 43.04 11.90 -98.03
CA GLU CA 314 42.38 10.78 -97.39
C GLU CA 314 42.88 10.55 -95.97
N THR CA 315 44.20 10.56 -95.80
CA THR CA 315 44.81 10.45 -94.49
C THR CA 315 44.78 11.80 -93.78
N VAL CA 316 45.14 11.78 -92.50
CA VAL CA 316 45.15 12.97 -91.66
C VAL CA 316 46.58 13.21 -91.23
N ASP CA 317 47.13 14.34 -91.68
CA ASP CA 317 48.46 14.78 -91.27
C ASP CA 317 48.29 15.95 -90.31
N VAL CA 318 48.78 15.78 -89.08
CA VAL CA 318 48.51 16.70 -87.98
C VAL CA 318 49.76 17.50 -87.68
N SER CA 319 49.63 18.82 -87.71
CA SER CA 319 50.72 19.74 -87.39
C SER CA 319 50.58 20.18 -85.94
N VAL CA 320 51.53 19.80 -85.10
CA VAL CA 320 51.52 20.13 -83.68
C VAL CA 320 52.52 21.26 -83.45
N ALA CA 321 52.11 22.25 -82.65
CA ALA CA 321 52.94 23.41 -82.41
C ALA CA 321 53.84 23.18 -81.21
N VAL CA 322 55.04 23.75 -81.27
CA VAL CA 322 56.02 23.72 -80.19
C VAL CA 322 56.63 25.10 -80.06
N ALA CA 323 56.75 25.57 -78.82
CA ALA CA 323 57.23 26.91 -78.49
C ALA CA 323 58.67 26.79 -78.05
N THR CA 324 59.59 27.10 -78.97
CA THR CA 324 61.00 27.11 -78.67
C THR CA 324 61.44 28.52 -78.29
N PRO CA 325 62.61 28.69 -77.68
CA PRO CA 325 63.14 30.05 -77.45
C PRO CA 325 63.38 30.80 -78.75
N ASN CA 326 63.54 30.12 -79.87
CA ASN CA 326 63.66 30.75 -81.17
C ASN CA 326 62.32 31.23 -81.70
N GLY CA 327 61.20 30.71 -81.19
CA GLY CA 327 59.89 31.12 -81.62
C GLY CA 327 58.90 29.97 -81.62
N LEU CA 328 58.27 29.72 -82.77
CA LEU CA 328 57.26 28.69 -82.92
C LEU CA 328 57.67 27.77 -84.06
N ILE CA 329 57.32 26.49 -83.93
CA ILE CA 329 57.59 25.52 -84.98
C ILE CA 329 56.47 24.50 -84.99
N THR CA 330 56.25 23.87 -86.15
CA THR CA 330 55.10 22.98 -86.35
C THR CA 330 55.56 21.66 -86.95
N PRO CA 331 56.10 20.75 -86.14
CA PRO CA 331 56.32 19.37 -86.60
C PRO CA 331 55.01 18.70 -86.97
N ILE CA 332 55.14 17.56 -87.65
CA ILE CA 332 54.00 16.88 -88.26
C ILE CA 332 54.00 15.43 -87.80
N VAL CA 333 52.80 14.90 -87.61
CA VAL CA 333 52.56 13.47 -87.40
C VAL CA 333 51.77 12.96 -88.59
N LYS CA 334 52.16 11.78 -89.08
CA LYS CA 334 51.66 11.22 -90.32
C LYS CA 334 50.77 10.02 -90.05
N GLY CA 335 49.67 9.93 -90.81
CA GLY CA 335 48.78 8.79 -90.75
C GLY CA 335 48.24 8.53 -89.37
N VAL CA 336 47.58 9.53 -88.79
CA VAL CA 336 47.13 9.44 -87.41
C VAL CA 336 46.07 8.37 -87.25
N GLU CA 337 45.07 8.39 -88.12
CA GLU CA 337 43.96 7.46 -88.02
C GLU CA 337 44.47 6.02 -88.14
N GLY CA 338 44.22 5.24 -87.10
CA GLY CA 338 44.75 3.89 -87.05
C GLY CA 338 46.26 3.86 -86.91
N LYS CA 339 46.77 4.43 -85.83
CA LYS CA 339 48.21 4.46 -85.57
C LYS CA 339 48.56 4.05 -84.15
N GLY CA 340 47.71 4.37 -83.17
CA GLY CA 340 47.97 4.01 -81.79
C GLY CA 340 48.49 5.14 -80.94
N LEU CA 341 47.90 5.27 -79.74
CA LEU CA 341 48.23 6.39 -78.86
C LEU CA 341 49.68 6.31 -78.38
N GLU CA 342 50.20 5.11 -78.16
CA GLU CA 342 51.57 5.00 -77.68
C GLU CA 342 52.55 5.47 -78.74
N SER CA 343 52.35 5.02 -79.99
CA SER CA 343 53.18 5.49 -81.09
C SER CA 343 53.06 7.00 -81.26
N ILE CA 344 51.85 7.52 -81.09
CA ILE CA 344 51.64 8.96 -81.20
C ILE CA 344 52.45 9.71 -80.14
N SER CA 345 52.38 9.25 -78.89
CA SER CA 345 53.09 9.91 -77.82
C SER CA 345 54.60 9.85 -78.04
N ALA CA 346 55.09 8.70 -78.49
CA ALA CA 346 56.52 8.55 -78.75
C ALA CA 346 56.97 9.52 -79.84
N ALA CA 347 56.23 9.58 -80.94
CA ALA CA 347 56.58 10.47 -82.04
C ALA CA 347 56.55 11.92 -81.59
N VAL CA 348 55.54 12.28 -80.80
CA VAL CA 348 55.42 13.66 -80.36
C VAL CA 348 56.58 14.05 -79.47
N LYS CA 349 56.93 13.19 -78.50
CA LYS CA 349 58.06 13.48 -77.64
C LYS CA 349 59.35 13.60 -78.44
N GLU CA 350 59.56 12.71 -79.41
CA GLU CA 350 60.76 12.75 -80.23
C GLU CA 350 60.85 14.06 -80.99
N LEU CA 351 59.77 14.44 -81.67
CA LEU CA 351 59.80 15.66 -82.46
C LEU CA 351 59.96 16.88 -81.58
N ALA CA 352 59.37 16.87 -80.38
CA ALA CA 352 59.48 18.02 -79.50
C ALA CA 352 60.92 18.21 -79.02
N LYS CA 353 61.56 17.12 -78.59
CA LYS CA 353 62.95 17.24 -78.15
C LYS CA 353 63.87 17.60 -79.32
N LYS CA 354 63.60 17.06 -80.50
CA LYS CA 354 64.40 17.42 -81.67
C LYS CA 354 64.22 18.88 -82.04
N ALA CA 355 63.03 19.45 -81.77
CA ALA CA 355 62.83 20.86 -82.03
C ALA CA 355 63.53 21.72 -81.01
N ARG CA 356 63.52 21.30 -79.74
CA ARG CA 356 64.26 22.03 -78.72
C ARG CA 356 65.76 22.00 -79.01
N ASP CA 357 66.24 20.92 -79.64
CA ASP CA 357 67.65 20.84 -80.01
C ASP CA 357 67.95 21.46 -81.37
N GLY CA 358 66.95 21.69 -82.21
CA GLY CA 358 67.16 22.21 -83.53
C GLY CA 358 67.79 21.19 -84.46
N LYS CA 359 67.08 20.09 -84.74
CA LYS CA 359 67.61 18.96 -85.49
C LYS CA 359 66.58 18.42 -86.49
N LEU CA 360 65.77 19.30 -87.06
CA LEU CA 360 64.68 18.88 -87.93
C LEU CA 360 65.04 19.05 -89.41
N LYS CA 361 64.28 18.36 -90.24
CA LYS CA 361 64.31 18.47 -91.69
C LYS CA 361 63.13 19.33 -92.16
N PRO CA 362 63.22 19.95 -93.34
CA PRO CA 362 62.09 20.78 -93.78
C PRO CA 362 60.82 20.00 -94.04
N GLU CA 363 60.94 18.78 -94.56
CA GLU CA 363 59.76 17.97 -94.84
C GLU CA 363 58.95 17.66 -93.58
N GLU CA 364 59.61 17.60 -92.43
CA GLU CA 364 58.94 17.25 -91.18
C GLU CA 364 57.98 18.33 -90.71
N TYR CA 365 58.18 19.59 -91.12
CA TYR CA 365 57.32 20.69 -90.71
C TYR CA 365 56.86 21.53 -91.90
N GLN CA 366 56.94 21.00 -93.11
CA GLN CA 366 56.39 21.65 -94.30
C GLN CA 366 55.36 20.71 -94.91
N GLY CA 367 54.08 21.04 -94.73
CA GLY CA 367 52.99 20.21 -95.19
C GLY CA 367 51.87 20.18 -94.19
N GLY CA 368 51.24 19.02 -94.02
CA GLY CA 368 50.16 18.89 -93.07
C GLY CA 368 48.87 19.45 -93.59
N SER CA 369 47.76 18.76 -93.31
CA SER CA 369 46.44 19.22 -93.72
C SER CA 369 45.75 20.02 -92.63
N ILE CA 370 45.94 19.65 -91.37
CA ILE CA 370 45.29 20.28 -90.25
C ILE CA 370 46.34 20.52 -89.17
N SER CA 371 46.06 21.48 -88.29
CA SER CA 371 47.00 21.94 -87.29
C SER CA 371 46.33 22.01 -85.92
N ILE CA 372 47.14 22.33 -84.91
CA ILE CA 372 46.66 22.43 -83.54
C ILE CA 372 47.72 23.17 -82.73
N SER CA 373 47.25 23.89 -81.72
CA SER CA 373 48.11 24.54 -80.74
C SER CA 373 47.54 24.26 -79.35
N ASN CA 374 48.43 24.10 -78.38
CA ASN CA 374 48.06 23.73 -77.03
C ASN CA 374 48.68 24.69 -76.03
N MET CA 375 47.91 25.00 -74.98
CA MET CA 375 48.38 25.87 -73.90
C MET CA 375 47.92 25.35 -72.54
N GLY CA 376 47.68 24.04 -72.42
CA GLY CA 376 47.09 23.50 -71.21
C GLY CA 376 47.95 23.65 -69.98
N MET CA 377 49.26 23.81 -70.15
CA MET CA 377 50.13 23.96 -68.99
C MET CA 377 49.86 25.28 -68.27
N ASN CA 378 49.41 26.30 -69.00
CA ASN CA 378 49.16 27.61 -68.41
C ASN CA 378 47.71 27.68 -67.96
N PRO CA 379 47.41 27.58 -66.65
CA PRO CA 379 46.01 27.43 -66.24
C PRO CA 379 45.16 28.68 -66.41
N ALA CA 380 45.78 29.83 -66.67
CA ALA CA 380 45.01 31.08 -66.71
C ALA CA 380 44.22 31.21 -68.01
N VAL CA 381 44.70 30.61 -69.10
CA VAL CA 381 44.10 30.79 -70.41
C VAL CA 381 42.83 29.95 -70.46
N GLN CA 382 41.67 30.60 -70.36
CA GLN CA 382 40.42 29.90 -70.53
C GLN CA 382 40.18 29.59 -72.00
N SER CA 383 40.54 30.49 -72.89
CA SER CA 383 40.35 30.28 -74.32
C SER CA 383 41.27 31.20 -75.09
N PHE CA 384 41.47 30.85 -76.36
CA PHE CA 384 42.24 31.70 -77.24
C PHE CA 384 42.04 31.24 -78.67
N THR CA 385 42.35 32.13 -79.59
CA THR CA 385 42.27 31.88 -81.01
C THR CA 385 43.68 31.70 -81.54
N ALA CA 386 43.77 31.22 -82.78
CA ALA CA 386 45.03 31.11 -83.49
C ALA CA 386 44.78 31.46 -84.95
N ILE CA 387 45.83 31.29 -85.76
CA ILE CA 387 45.84 31.70 -87.15
C ILE CA 387 46.14 30.49 -88.01
N ILE CA 388 45.48 30.42 -89.16
CA ILE CA 388 45.54 29.24 -90.01
C ILE CA 388 46.86 29.23 -90.75
N ASN CA 389 47.72 28.27 -90.42
CA ASN CA 389 48.96 28.07 -91.14
C ASN CA 389 48.66 27.60 -92.56
N PRO CA 390 48.90 28.40 -93.60
CA PRO CA 390 48.50 27.99 -94.93
C PRO CA 390 49.33 26.81 -95.42
N PRO CA 391 48.90 26.13 -96.49
CA PRO CA 391 47.67 26.33 -97.26
C PRO CA 391 46.47 25.60 -96.66
N GLN CA 392 46.56 25.24 -95.39
CA GLN CA 392 45.52 24.44 -94.73
C GLN CA 392 44.21 25.22 -94.65
N ALA CA 393 43.17 24.56 -94.12
CA ALA CA 393 41.83 25.09 -94.08
C ALA CA 393 41.29 25.35 -92.69
N ALA CA 394 41.85 24.70 -91.67
CA ALA CA 394 41.31 24.80 -90.32
C ALA CA 394 42.44 24.70 -89.32
N ILE CA 395 42.15 25.12 -88.10
CA ILE CA 395 43.09 24.99 -87.00
C ILE CA 395 42.32 24.98 -85.69
N LEU CA 396 42.87 24.28 -84.71
CA LEU CA 396 42.25 24.05 -83.42
C LEU CA 396 43.04 24.76 -82.33
N ALA CA 397 42.40 24.90 -81.18
CA ALA CA 397 43.04 25.48 -80.00
C ALA CA 397 42.31 24.97 -78.77
N VAL CA 398 43.08 24.59 -77.76
CA VAL CA 398 42.57 23.96 -76.55
C VAL CA 398 43.04 24.79 -75.37
N GLY CA 399 42.09 25.35 -74.62
CA GLY CA 399 42.43 26.09 -73.43
C GLY CA 399 42.80 25.18 -72.28
N ALA CA 400 42.76 25.76 -71.09
CA ALA CA 400 43.06 25.00 -69.89
C ALA CA 400 41.80 24.36 -69.32
N PRO CA 401 41.94 23.39 -68.43
CA PRO CA 401 40.78 22.87 -67.72
C PRO CA 401 40.35 23.78 -66.58
N GLN CA 402 39.08 23.69 -66.24
CA GLN CA 402 38.50 24.50 -65.19
C GLN CA 402 37.39 23.73 -64.50
N LYS CA 403 36.97 24.23 -63.35
CA LYS CA 403 35.88 23.65 -62.57
C LYS CA 403 34.61 24.42 -62.88
N VAL CA 404 33.53 23.69 -63.15
CA VAL CA 404 32.26 24.29 -63.51
C VAL CA 404 31.14 23.54 -62.78
N ALA CA 405 30.09 24.28 -62.46
CA ALA CA 405 28.90 23.68 -61.87
C ALA CA 405 28.06 23.01 -62.96
N VAL CA 406 27.52 21.84 -62.63
CA VAL CA 406 26.67 21.09 -63.53
C VAL CA 406 25.54 20.47 -62.71
N PRO CA 407 24.29 20.50 -63.17
CA PRO CA 407 23.22 19.84 -62.41
C PRO CA 407 23.37 18.32 -62.45
N VAL CA 408 22.73 17.68 -61.49
CA VAL CA 408 22.69 16.23 -61.41
C VAL CA 408 21.45 15.82 -60.65
N GLU CA 409 20.84 14.72 -61.06
CA GLU CA 409 19.68 14.17 -60.40
C GLU CA 409 20.11 13.10 -59.41
N ASN CA 410 19.89 13.36 -58.12
CA ASN CA 410 20.09 12.33 -57.12
C ASN CA 410 19.04 11.24 -57.28
N GLU CA 411 19.15 10.21 -56.44
CA GLU CA 411 18.21 9.10 -56.51
C GLU CA 411 16.76 9.53 -56.27
N ASP CA 412 16.54 10.65 -55.58
CA ASP CA 412 15.22 11.23 -55.44
C ASP CA 412 14.95 12.18 -56.61
N GLY CA 413 13.87 12.94 -56.50
CA GLY CA 413 13.48 13.84 -57.57
C GLY CA 413 14.21 15.17 -57.57
N THR CA 414 14.85 15.53 -56.46
CA THR CA 414 15.55 16.80 -56.38
C THR CA 414 16.85 16.76 -57.17
N THR CA 415 17.23 17.91 -57.72
CA THR CA 415 18.50 18.06 -58.40
C THR CA 415 19.60 18.37 -57.38
N GLY CA 416 20.84 18.25 -57.85
CA GLY CA 416 21.99 18.52 -57.02
C GLY CA 416 23.11 19.14 -57.84
N VAL CA 417 24.19 19.48 -57.16
CA VAL CA 417 25.33 20.16 -57.75
C VAL CA 417 26.47 19.16 -57.88
N SER CA 418 27.00 19.04 -59.08
CA SER CA 418 28.16 18.21 -59.36
C SER CA 418 29.23 19.06 -60.04
N TRP CA 419 30.48 18.84 -59.66
CA TRP CA 419 31.61 19.60 -60.16
C TRP CA 419 32.31 18.79 -61.24
N ASP CA 420 32.14 19.21 -62.48
CA ASP CA 420 32.76 18.59 -63.64
C ASP CA 420 33.92 19.45 -64.12
N GLU CA 421 34.90 18.78 -64.73
CA GLU CA 421 36.08 19.45 -65.26
C GLU CA 421 35.85 19.74 -66.74
N GLN CA 422 35.74 21.02 -67.08
CA GLN CA 422 35.46 21.45 -68.45
C GLN CA 422 36.69 22.07 -69.08
N ILE CA 423 36.74 21.97 -70.41
CA ILE CA 423 37.74 22.63 -71.24
C ILE CA 423 37.02 23.37 -72.35
N ILE CA 424 37.49 24.56 -72.65
CA ILE CA 424 37.01 25.31 -73.80
C ILE CA 424 37.90 24.97 -75.00
N VAL CA 425 37.26 24.83 -76.15
CA VAL CA 425 37.93 24.53 -77.40
C VAL CA 425 37.48 25.56 -78.42
N THR CA 426 38.43 26.09 -79.17
CA THR CA 426 38.17 27.10 -80.19
C THR CA 426 38.72 26.60 -81.51
N ALA CA 427 37.88 26.64 -82.54
CA ALA CA 427 38.24 26.21 -83.88
C ALA CA 427 38.09 27.38 -84.83
N SER CA 428 39.16 27.69 -85.55
CA SER CA 428 39.14 28.70 -86.59
C SER CA 428 39.09 28.02 -87.94
N PHE CA 429 38.14 28.44 -88.79
CA PHE CA 429 37.95 27.84 -90.10
C PHE CA 429 38.12 28.89 -91.19
N ASP CA 430 38.53 28.44 -92.37
CA ASP CA 430 38.45 29.25 -93.57
C ASP CA 430 37.06 29.11 -94.16
N HIS CA 431 36.50 30.22 -94.60
CA HIS CA 431 35.12 30.25 -95.06
C HIS CA 431 34.98 29.93 -96.54
N LYS CA 432 36.07 29.95 -97.31
CA LYS CA 432 35.97 29.59 -98.71
C LYS CA 432 35.59 28.13 -98.87
N VAL CA 433 36.23 27.26 -98.10
CA VAL CA 433 36.02 25.82 -98.18
C VAL CA 433 34.87 25.38 -97.30
N VAL CA 434 34.94 25.73 -96.02
CA VAL CA 434 34.04 25.21 -95.01
C VAL CA 434 32.96 26.23 -94.72
N ASP CA 435 31.78 25.73 -94.35
CA ASP CA 435 30.66 26.54 -93.92
C ASP CA 435 30.34 26.24 -92.46
N GLY CA 436 29.44 27.07 -91.91
CA GLY CA 436 29.13 26.96 -90.50
C GLY CA 436 28.54 25.62 -90.13
N ALA CA 437 27.66 25.08 -90.98
CA ALA CA 437 27.06 23.78 -90.70
C ALA CA 437 28.11 22.69 -90.66
N VAL CA 438 29.07 22.75 -91.59
CA VAL CA 438 30.10 21.72 -91.65
C VAL CA 438 30.99 21.80 -90.41
N GLY CA 439 31.38 23.02 -90.03
CA GLY CA 439 32.17 23.18 -88.83
C GLY CA 439 31.43 22.69 -87.60
N ALA CA 440 30.13 22.97 -87.53
CA ALA CA 440 29.33 22.53 -86.39
C ALA CA 440 29.26 21.02 -86.34
N GLU CA 441 29.11 20.37 -87.49
CA GLU CA 441 29.07 18.91 -87.53
C GLU CA 441 30.38 18.31 -87.05
N TRP CA 442 31.49 18.89 -87.52
CA TRP CA 442 32.81 18.43 -87.09
C TRP CA 442 32.96 18.56 -85.57
N ILE CA 443 32.56 19.71 -85.03
CA ILE CA 443 32.68 19.92 -83.59
C ILE CA 443 31.78 18.98 -82.83
N ARG CA 444 30.60 18.69 -83.37
CA ARG CA 444 29.69 17.76 -82.71
C ARG CA 444 30.29 16.38 -82.62
N GLU CA 445 30.87 15.91 -83.72
CA GLU CA 445 31.50 14.59 -83.70
C GLU CA 445 32.67 14.56 -82.72
N LEU CA 446 33.44 15.64 -82.66
CA LEU CA 446 34.56 15.69 -81.72
C LEU CA 446 34.06 15.62 -80.28
N LYS CA 447 33.03 16.40 -79.97
CA LYS CA 447 32.48 16.40 -78.63
C LYS CA 447 31.94 15.03 -78.26
N LYS CA 448 31.25 14.38 -79.20
CA LYS CA 448 30.69 13.07 -78.94
C LYS CA 448 31.81 12.07 -78.64
N VAL CA 449 32.85 12.08 -79.46
CA VAL CA 449 33.95 11.14 -79.30
C VAL CA 449 34.64 11.36 -77.96
N ILE CA 450 34.83 12.61 -77.57
CA ILE CA 450 35.51 12.89 -76.31
C ILE CA 450 34.63 12.46 -75.14
N GLU CA 451 33.35 12.82 -75.18
CA GLU CA 451 32.48 12.56 -74.05
C GLU CA 451 32.24 11.07 -73.88
N ASN CA 452 32.31 10.31 -74.97
CA ASN CA 452 32.28 8.86 -74.92
C ASN CA 452 33.63 8.34 -75.38
N PRO CA 453 34.65 8.28 -74.51
CA PRO CA 453 36.00 7.93 -74.98
C PRO CA 453 36.09 6.53 -75.56
N LEU CA 454 35.15 5.65 -75.21
CA LEU CA 454 35.19 4.29 -75.73
C LEU CA 454 35.00 4.24 -77.24
N GLU CA 455 34.47 5.31 -77.83
CA GLU CA 455 34.32 5.36 -79.27
C GLU CA 455 35.63 5.63 -80.00
N LEU CA 456 36.71 5.94 -79.28
CA LEU CA 456 38.02 6.08 -79.90
C LEU CA 456 38.44 4.81 -80.61
N LEU CA 457 37.98 3.65 -80.12
CA LEU CA 457 38.27 2.39 -80.79
C LEU CA 457 37.70 2.36 -82.19
N LEU CA 458 36.59 3.05 -82.41
CA LEU CA 458 35.90 3.05 -83.68
C LEU CA 458 36.46 4.10 -84.63
N TYR DA 227 96.99 54.90 -20.87
CA TYR DA 227 98.10 53.95 -20.97
C TYR DA 227 98.48 53.72 -22.42
N THR DA 228 97.75 52.86 -23.11
CA THR DA 228 98.00 52.65 -24.53
C THR DA 228 97.67 53.91 -25.30
N ASP DA 229 98.47 54.20 -26.33
CA ASP DA 229 98.37 55.44 -27.09
C ASP DA 229 98.44 55.09 -28.57
N VAL DA 230 97.27 55.01 -29.22
CA VAL DA 230 97.19 54.62 -30.62
C VAL DA 230 96.97 55.89 -31.45
N PRO DA 231 97.79 56.16 -32.47
CA PRO DA 231 97.51 57.31 -33.34
C PRO DA 231 96.19 57.13 -34.08
N ILE DA 232 95.65 58.26 -34.50
CA ILE DA 232 94.34 58.29 -35.17
C ILE DA 232 94.53 57.88 -36.63
N SER DA 233 93.53 57.20 -37.17
CA SER DA 233 93.61 56.68 -38.53
C SER DA 233 93.68 57.78 -39.59
N GLY DA 234 93.23 59.00 -39.27
CA GLY DA 234 93.14 60.09 -40.22
C GLY DA 234 91.78 60.17 -40.88
N MET DA 235 91.17 59.02 -41.14
CA MET DA 235 89.82 59.01 -41.71
C MET DA 235 88.81 59.56 -40.71
N ARG DA 236 88.98 59.22 -39.43
CA ARG DA 236 88.05 59.70 -38.41
C ARG DA 236 88.12 61.21 -38.25
N LYS DA 237 89.25 61.82 -38.61
CA LYS DA 237 89.39 63.27 -38.50
C LYS DA 237 88.35 63.99 -39.35
N THR DA 238 88.16 63.51 -40.58
CA THR DA 238 87.20 64.13 -41.49
C THR DA 238 85.79 64.00 -40.94
N ILE DA 239 85.44 62.83 -40.43
CA ILE DA 239 84.10 62.62 -39.91
C ILE DA 239 83.88 63.48 -38.67
N ALA DA 240 84.91 63.63 -37.84
CA ALA DA 240 84.80 64.47 -36.66
C ALA DA 240 84.57 65.92 -37.06
N ALA DA 241 85.35 66.41 -38.02
CA ALA DA 241 85.16 67.77 -38.49
C ALA DA 241 83.77 67.97 -39.08
N ARG DA 242 83.28 66.97 -39.81
CA ARG DA 242 81.96 67.05 -40.42
C ARG DA 242 80.87 67.15 -39.36
N LEU DA 243 80.93 66.27 -38.35
CA LEU DA 243 79.94 66.29 -37.28
C LEU DA 243 80.01 67.58 -36.49
N LYS DA 244 81.23 68.10 -36.28
CA LYS DA 244 81.38 69.36 -35.57
C LYS DA 244 80.74 70.50 -36.35
N GLU DA 245 80.97 70.53 -37.67
CA GLU DA 245 80.31 71.52 -38.52
C GLU DA 245 78.81 71.39 -38.43
N SER DA 246 78.31 70.15 -38.37
CA SER DA 246 76.87 69.94 -38.29
C SER DA 246 76.31 70.55 -37.02
N VAL DA 247 76.88 70.19 -35.87
CA VAL DA 247 76.32 70.63 -34.60
C VAL DA 247 76.54 72.11 -34.36
N THR DA 248 77.57 72.71 -34.96
CA THR DA 248 77.82 74.13 -34.74
C THR DA 248 77.09 75.02 -35.73
N GLU DA 249 76.75 74.50 -36.92
CA GLU DA 249 76.03 75.29 -37.91
C GLU DA 249 74.52 75.14 -37.75
N ASN DA 250 74.07 73.93 -37.43
CA ASN DA 250 72.66 73.60 -37.39
C ASN DA 250 72.27 73.26 -35.96
N PRO DA 251 71.35 73.99 -35.32
CA PRO DA 251 70.80 73.50 -34.06
C PRO DA 251 69.96 72.27 -34.31
N HIS DA 252 69.65 71.56 -33.23
CA HIS DA 252 68.96 70.28 -33.31
C HIS DA 252 67.82 70.26 -32.31
N PHE DA 253 66.65 69.82 -32.76
CA PHE DA 253 65.56 69.46 -31.87
C PHE DA 253 64.95 68.15 -32.33
N PHE DA 254 64.48 67.37 -31.36
CA PHE DA 254 64.13 65.98 -31.54
C PHE DA 254 62.63 65.79 -31.30
N VAL DA 255 62.06 64.82 -31.99
CA VAL DA 255 60.65 64.46 -31.86
C VAL DA 255 60.57 62.95 -31.74
N SER DA 256 59.85 62.48 -30.74
CA SER DA 256 59.82 61.07 -30.36
C SER DA 256 58.38 60.59 -30.33
N THR DA 257 58.09 59.58 -31.14
CA THR DA 257 56.74 59.03 -31.25
C THR DA 257 56.79 57.52 -31.16
N ASN DA 258 55.60 56.92 -31.11
CA ASN DA 258 55.42 55.48 -30.98
C ASN DA 258 54.46 55.01 -32.06
N LEU DA 259 54.91 54.07 -32.88
CA LEU DA 259 54.12 53.51 -33.96
C LEU DA 259 53.58 52.15 -33.58
N SER DA 260 52.69 51.63 -34.41
CA SER DA 260 52.11 50.30 -34.27
C SER DA 260 52.35 49.54 -35.57
N VAL DA 261 52.92 48.35 -35.46
CA VAL DA 261 53.36 47.55 -36.60
C VAL DA 261 52.76 46.17 -36.60
N SER DA 262 51.72 45.93 -35.80
CA SER DA 262 51.12 44.60 -35.73
C SER DA 262 50.52 44.19 -37.07
N LYS DA 263 50.03 45.16 -37.84
CA LYS DA 263 49.52 44.87 -39.17
C LYS DA 263 50.64 44.80 -40.19
N LEU DA 264 51.65 45.66 -40.02
CA LEU DA 264 52.78 45.68 -40.94
C LEU DA 264 53.50 44.35 -40.95
N LEU DA 265 53.68 43.74 -39.79
CA LEU DA 265 54.39 42.47 -39.73
C LEU DA 265 53.58 41.36 -40.40
N LYS DA 266 52.25 41.38 -40.22
CA LYS DA 266 51.42 40.42 -40.92
C LYS DA 266 51.54 40.58 -42.42
N LEU DA 267 51.54 41.83 -42.89
CA LEU DA 267 51.70 42.09 -44.32
C LEU DA 267 53.03 41.56 -44.82
N ARG DA 268 54.10 41.81 -44.06
CA ARG DA 268 55.43 41.34 -44.46
C ARG DA 268 55.47 39.82 -44.53
N GLN DA 269 54.90 39.17 -43.53
CA GLN DA 269 54.88 37.71 -43.50
C GLN DA 269 54.10 37.16 -44.68
N ALA DA 270 52.96 37.78 -45.01
CA ALA DA 270 52.16 37.29 -46.12
C ALA DA 270 52.89 37.46 -47.44
N LEU DA 271 53.53 38.61 -47.65
CA LEU DA 271 54.26 38.82 -48.89
C LEU DA 271 55.47 37.91 -48.98
N ASN DA 272 56.09 37.57 -47.85
CA ASN DA 272 57.21 36.63 -47.88
C ASN DA 272 56.73 35.22 -48.17
N SER DA 273 55.54 34.87 -47.68
CA SER DA 273 55.01 33.53 -47.93
C SER DA 273 54.54 33.37 -49.36
N SER DA 274 53.97 34.41 -49.94
CA SER DA 274 53.48 34.36 -51.33
C SER DA 274 54.59 34.70 -52.31
N ALA DA 275 55.67 33.93 -52.21
CA ALA DA 275 56.84 34.14 -53.05
C ALA DA 275 57.59 32.82 -53.17
N ASP DA 276 58.43 32.74 -54.20
CA ASP DA 276 59.22 31.56 -54.51
C ASP DA 276 60.71 31.86 -54.36
N GLY DA 277 61.07 32.55 -53.29
CA GLY DA 277 62.46 32.93 -53.09
C GLY DA 277 62.95 34.01 -54.02
N ARG DA 278 62.06 34.71 -54.70
CA ARG DA 278 62.47 35.77 -55.61
C ARG DA 278 62.85 37.05 -54.86
N TYR DA 279 62.41 37.19 -53.61
CA TYR DA 279 62.73 38.37 -52.81
C TYR DA 279 62.57 38.03 -51.34
N LYS DA 280 63.01 38.96 -50.49
CA LYS DA 280 62.84 38.84 -49.05
C LYS DA 280 62.78 40.25 -48.48
N LEU DA 281 61.73 40.52 -47.71
CA LEU DA 281 61.44 41.87 -47.24
C LEU DA 281 61.82 42.06 -45.78
N SER DA 282 61.92 43.33 -45.39
CA SER DA 282 62.21 43.73 -44.02
C SER DA 282 61.39 44.95 -43.66
N VAL DA 283 61.63 45.51 -42.47
CA VAL DA 283 60.87 46.65 -41.99
C VAL DA 283 61.44 47.95 -42.54
N ASN DA 284 62.76 48.01 -42.71
CA ASN DA 284 63.42 49.22 -43.19
C ASN DA 284 62.88 49.62 -44.56
N ASP DA 285 62.50 48.65 -45.38
CA ASP DA 285 62.01 48.97 -46.72
C ASP DA 285 60.67 49.69 -46.66
N PHE DA 286 59.73 49.14 -45.89
CA PHE DA 286 58.47 49.82 -45.65
C PHE DA 286 58.69 51.21 -45.10
N LEU DA 287 59.65 51.35 -44.17
CA LEU DA 287 59.93 52.65 -43.59
C LEU DA 287 60.43 53.62 -44.65
N ILE DA 288 61.25 53.14 -45.58
CA ILE DA 288 61.81 54.01 -46.61
C ILE DA 288 60.71 54.48 -47.54
N LYS DA 289 59.82 53.58 -47.94
CA LYS DA 289 58.70 53.96 -48.80
C LYS DA 289 57.81 54.99 -48.10
N ALA DA 290 57.54 54.77 -46.82
CA ALA DA 290 56.71 55.72 -46.08
C ALA DA 290 57.40 57.07 -45.95
N MET DA 291 58.73 57.06 -45.78
CA MET DA 291 59.48 58.30 -45.74
C MET DA 291 59.32 59.07 -47.04
N GLY DA 292 59.42 58.37 -48.16
CA GLY DA 292 59.21 59.04 -49.45
C GLY DA 292 57.83 59.63 -49.58
N ILE DA 293 56.81 58.89 -49.13
CA ILE DA 293 55.44 59.37 -49.22
C ILE DA 293 55.27 60.64 -48.39
N ALA DA 294 55.78 60.62 -47.16
CA ALA DA 294 55.64 61.78 -46.30
C ALA DA 294 56.42 62.96 -46.85
N SER DA 295 57.60 62.70 -47.41
CA SER DA 295 58.40 63.77 -47.97
C SER DA 295 57.69 64.42 -49.15
N LYS DA 296 56.94 63.64 -49.92
CA LYS DA 296 56.19 64.21 -51.02
C LYS DA 296 54.97 64.98 -50.53
N ARG DA 297 54.30 64.49 -49.49
CA ARG DA 297 53.14 65.20 -48.98
C ARG DA 297 53.52 66.49 -48.28
N VAL DA 298 54.73 66.56 -47.74
CA VAL DA 298 55.22 67.76 -47.06
C VAL DA 298 56.62 68.07 -47.60
N PRO DA 299 56.75 68.82 -48.69
CA PRO DA 299 58.05 68.95 -49.34
C PRO DA 299 59.05 69.80 -48.57
N THR DA 300 58.60 70.58 -47.58
CA THR DA 300 59.50 71.47 -46.87
C THR DA 300 60.60 70.71 -46.15
N VAL DA 301 60.34 69.46 -45.77
CA VAL DA 301 61.36 68.65 -45.12
C VAL DA 301 62.44 68.28 -46.13
N ASN DA 302 62.04 67.89 -47.33
CA ASN DA 302 62.98 67.51 -48.39
C ASN DA 302 63.57 68.80 -48.94
N SER DA 303 64.53 69.34 -48.20
CA SER DA 303 65.13 70.63 -48.50
C SER DA 303 66.56 70.64 -48.00
N SER DA 304 67.19 71.81 -48.02
CA SER DA 304 68.56 71.96 -47.54
C SER DA 304 68.78 73.43 -47.20
N TRP DA 305 70.04 73.79 -46.98
CA TRP DA 305 70.43 75.16 -46.67
C TRP DA 305 71.68 75.48 -47.47
N ARG DA 306 71.61 76.51 -48.29
CA ARG DA 306 72.72 76.90 -49.17
C ARG DA 306 73.01 78.39 -48.99
N ASP DA 307 73.88 78.94 -49.85
CA ASP DA 307 74.31 80.31 -49.69
C ASP DA 307 73.17 81.28 -49.96
N GLY DA 308 72.49 81.72 -48.90
CA GLY DA 308 71.41 82.66 -49.03
C GLY DA 308 70.25 82.18 -49.86
N VAL DA 309 70.06 80.87 -49.96
CA VAL DA 309 69.01 80.31 -50.81
C VAL DA 309 68.65 78.93 -50.29
N ILE DA 310 67.38 78.57 -50.45
CA ILE DA 310 66.85 77.27 -50.10
C ILE DA 310 66.75 76.44 -51.36
N ARG DA 311 67.44 75.31 -51.38
CA ARG DA 311 67.35 74.34 -52.47
C ARG DA 311 66.33 73.27 -52.08
N GLN DA 312 65.27 73.15 -52.88
CA GLN DA 312 64.21 72.18 -52.66
C GLN DA 312 64.19 71.21 -53.82
N PHE DA 313 64.21 69.91 -53.50
CA PHE DA 313 64.15 68.87 -54.51
C PHE DA 313 62.70 68.52 -54.80
N GLU DA 314 62.50 67.54 -55.68
CA GLU DA 314 61.20 66.95 -55.97
C GLU DA 314 61.19 65.47 -55.65
N THR DA 315 62.19 64.73 -56.09
CA THR DA 315 62.35 63.33 -55.74
C THR DA 315 62.88 63.21 -54.32
N VAL DA 316 62.97 61.96 -53.86
CA VAL DA 316 63.42 61.65 -52.51
C VAL DA 316 64.63 60.75 -52.63
N ASP DA 317 65.80 61.28 -52.25
CA ASP DA 317 67.05 60.53 -52.23
C ASP DA 317 67.36 60.15 -50.80
N VAL DA 318 67.39 58.85 -50.52
CA VAL DA 318 67.44 58.34 -49.15
C VAL DA 318 68.83 57.80 -48.88
N SER DA 319 69.45 58.27 -47.80
CA SER DA 319 70.76 57.80 -47.38
C SER DA 319 70.58 56.79 -46.26
N VAL DA 320 70.99 55.55 -46.52
CA VAL DA 320 70.86 54.46 -45.56
C VAL DA 320 72.21 54.20 -44.93
N ALA DA 321 72.23 54.12 -43.60
CA ALA DA 321 73.47 53.88 -42.88
C ALA DA 321 73.81 52.41 -42.87
N VAL DA 322 75.11 52.11 -42.94
CA VAL DA 322 75.62 50.76 -42.81
C VAL DA 322 76.86 50.81 -41.91
N ALA DA 323 76.94 49.84 -41.02
CA ALA DA 323 78.00 49.77 -40.00
C ALA DA 323 79.01 48.73 -40.45
N THR DA 324 80.14 49.21 -40.96
CA THR DA 324 81.25 48.35 -41.34
C THR DA 324 82.27 48.31 -40.21
N PRO DA 325 83.17 47.32 -40.21
CA PRO DA 325 84.27 47.34 -39.22
C PRO DA 325 85.17 48.54 -39.37
N ASN DA 326 85.22 49.15 -40.56
CA ASN DA 326 85.96 50.39 -40.76
C ASN DA 326 85.24 51.60 -40.17
N GLY DA 327 83.93 51.49 -39.92
CA GLY DA 327 83.18 52.57 -39.31
C GLY DA 327 81.75 52.65 -39.78
N LEU DA 328 81.34 53.82 -40.24
CA LEU DA 328 79.97 54.06 -40.72
C LEU DA 328 80.04 54.55 -42.16
N ILE DA 329 79.02 54.22 -42.94
CA ILE DA 329 78.95 54.67 -44.32
C ILE DA 329 77.48 54.85 -44.68
N THR DA 330 77.21 55.68 -45.69
CA THR DA 330 75.84 56.06 -46.06
C THR DA 330 75.65 55.96 -47.58
N PRO DA 331 75.43 54.76 -48.10
CA PRO DA 331 74.97 54.65 -49.49
C PRO DA 331 73.61 55.30 -49.66
N ILE DA 332 73.24 55.47 -50.93
CA ILE DA 332 72.06 56.23 -51.31
C ILE DA 332 71.18 55.39 -52.22
N VAL DA 333 69.87 55.52 -52.02
CA VAL DA 333 68.87 55.00 -52.93
C VAL DA 333 68.20 56.18 -53.61
N LYS DA 334 67.98 56.05 -54.91
CA LYS DA 334 67.50 57.12 -55.76
C LYS DA 334 66.07 56.87 -56.19
N GLY DA 335 65.28 57.94 -56.26
CA GLY DA 335 63.93 57.89 -56.76
C GLY DA 335 63.06 56.89 -56.02
N VAL DA 336 62.97 57.07 -54.70
CA VAL DA 336 62.26 56.11 -53.87
C VAL DA 336 60.78 56.07 -54.23
N GLU DA 337 60.14 57.24 -54.20
CA GLU DA 337 58.71 57.32 -54.47
C GLU DA 337 58.41 56.77 -55.86
N GLY DA 338 57.60 55.72 -55.89
CA GLY DA 338 57.30 55.05 -57.13
C GLY DA 338 58.47 54.25 -57.67
N LYS DA 339 58.96 53.30 -56.88
CA LYS DA 339 60.07 52.44 -57.28
C LYS DA 339 59.78 50.96 -57.07
N GLY DA 340 59.08 50.60 -55.99
CA GLY DA 340 58.78 49.22 -55.69
C GLY DA 340 59.64 48.63 -54.59
N LEU DA 341 58.99 47.93 -53.67
CA LEU DA 341 59.68 47.40 -52.49
C LEU DA 341 60.71 46.35 -52.89
N GLU DA 342 60.44 45.57 -53.94
CA GLU DA 342 61.39 44.55 -54.37
C GLU DA 342 62.67 45.20 -54.85
N SER DA 343 62.54 46.19 -55.74
CA SER DA 343 63.72 46.91 -56.23
C SER DA 343 64.45 47.59 -55.08
N ILE DA 344 63.70 48.11 -54.11
CA ILE DA 344 64.33 48.77 -52.97
C ILE DA 344 65.18 47.77 -52.19
N SER DA 345 64.59 46.61 -51.85
CA SER DA 345 65.33 45.61 -51.10
C SER DA 345 66.55 45.12 -51.87
N ALA DA 346 66.40 44.96 -53.19
CA ALA DA 346 67.52 44.50 -54.00
C ALA DA 346 68.66 45.51 -53.98
N ALA DA 347 68.33 46.78 -54.19
CA ALA DA 347 69.36 47.81 -54.18
C ALA DA 347 70.01 47.91 -52.81
N VAL DA 348 69.23 47.78 -51.74
CA VAL DA 348 69.81 47.86 -50.41
C VAL DA 348 70.76 46.70 -50.16
N LYS DA 349 70.37 45.49 -50.57
CA LYS DA 349 71.25 44.35 -50.38
C LYS DA 349 72.54 44.52 -51.18
N GLU DA 350 72.43 44.96 -52.42
CA GLU DA 350 73.61 45.19 -53.26
C GLU DA 350 74.53 46.20 -52.62
N LEU DA 351 73.98 47.34 -52.18
CA LEU DA 351 74.81 48.40 -51.63
C LEU DA 351 75.41 47.98 -50.29
N ALA DA 352 74.67 47.23 -49.48
CA ALA DA 352 75.19 46.80 -48.20
C ALA DA 352 76.35 45.83 -48.37
N LYS DA 353 76.21 44.86 -49.27
CA LYS DA 353 77.30 43.94 -49.52
C LYS DA 353 78.49 44.64 -50.16
N LYS DA 354 78.23 45.60 -51.05
CA LYS DA 354 79.32 46.34 -51.67
C LYS DA 354 80.05 47.21 -50.64
N ALA DA 355 79.33 47.70 -49.63
CA ALA DA 355 79.98 48.49 -48.59
C ALA DA 355 80.77 47.60 -47.64
N ARG DA 356 80.24 46.42 -47.34
CA ARG DA 356 81.03 45.44 -46.59
C ARG DA 356 82.28 45.05 -47.35
N ASP DA 357 82.22 45.06 -48.67
CA ASP DA 357 83.39 44.74 -49.48
C ASP DA 357 84.33 45.92 -49.69
N GLY DA 358 83.83 47.15 -49.58
CA GLY DA 358 84.62 48.33 -49.88
C GLY DA 358 84.85 48.47 -51.37
N LYS DA 359 83.76 48.66 -52.13
CA LYS DA 359 83.79 48.65 -53.59
C LYS DA 359 82.92 49.78 -54.16
N LEU DA 360 82.74 50.85 -53.39
CA LEU DA 360 81.81 51.90 -53.75
C LEU DA 360 82.48 53.03 -54.51
N LYS DA 361 81.64 53.85 -55.14
CA LYS DA 361 82.02 55.11 -55.75
C LYS DA 361 81.62 56.26 -54.85
N PRO DA 362 82.28 57.43 -54.96
CA PRO DA 362 81.89 58.54 -54.09
C PRO DA 362 80.49 59.07 -54.36
N GLU DA 363 80.05 59.04 -55.62
CA GLU DA 363 78.72 59.56 -55.94
C GLU DA 363 77.62 58.76 -55.27
N GLU DA 364 77.87 57.48 -54.98
CA GLU DA 364 76.85 56.64 -54.37
C GLU DA 364 76.55 57.03 -52.92
N TYR DA 365 77.48 57.74 -52.25
CA TYR DA 365 77.28 58.15 -50.86
C TYR DA 365 77.62 59.62 -50.65
N GLN DA 366 77.64 60.42 -51.70
CA GLN DA 366 77.82 61.87 -51.59
C GLN DA 366 76.62 62.55 -52.23
N GLY DA 367 75.67 62.99 -51.39
CA GLY DA 367 74.44 63.60 -51.83
C GLY DA 367 73.31 63.27 -50.88
N GLY DA 368 72.13 63.02 -51.43
CA GLY DA 368 70.99 62.64 -50.61
C GLY DA 368 70.36 63.81 -49.90
N SER DA 369 69.03 63.82 -49.83
CA SER DA 369 68.30 64.87 -49.13
C SER DA 369 67.96 64.47 -47.71
N ILE DA 370 67.68 63.19 -47.46
CA ILE DA 370 67.25 62.69 -46.16
C ILE DA 370 68.02 61.43 -45.85
N SER DA 371 68.15 61.14 -44.57
CA SER DA 371 68.96 60.03 -44.08
C SER DA 371 68.17 59.21 -43.07
N ILE DA 372 68.74 58.05 -42.72
CA ILE DA 372 68.12 57.12 -41.79
C ILE DA 372 69.21 56.25 -41.20
N SER DA 373 68.99 55.82 -39.97
CA SER DA 373 69.82 54.82 -39.32
C SER DA 373 68.92 53.82 -38.62
N ASN DA 374 69.33 52.56 -38.62
CA ASN DA 374 68.52 51.47 -38.10
C ASN DA 374 69.34 50.67 -37.11
N MET DA 375 68.68 50.24 -36.02
CA MET DA 375 69.30 49.42 -35.00
C MET DA 375 68.36 48.31 -34.53
N GLY DA 376 67.44 47.88 -35.39
CA GLY DA 376 66.42 46.94 -34.97
C GLY DA 376 66.95 45.58 -34.59
N MET DA 377 68.10 45.18 -35.12
CA MET DA 377 68.64 43.88 -34.78
C MET DA 377 68.99 43.79 -33.30
N ASN DA 378 69.35 44.91 -32.68
CA ASN DA 378 69.71 44.92 -31.27
C ASN DA 378 68.48 45.20 -30.43
N PRO DA 379 67.90 44.22 -29.72
CA PRO DA 379 66.60 44.45 -29.08
C PRO DA 379 66.66 45.33 -27.85
N ALA DA 380 67.83 45.59 -27.29
CA ALA DA 380 67.91 46.35 -26.05
C ALA DA 380 67.57 47.81 -26.26
N VAL DA 381 67.84 48.35 -27.45
CA VAL DA 381 67.69 49.77 -27.72
C VAL DA 381 66.21 50.08 -27.86
N GLN DA 382 65.67 50.88 -26.93
CA GLN DA 382 64.30 51.36 -27.07
C GLN DA 382 64.25 52.58 -27.97
N SER DA 383 65.23 53.49 -27.81
CA SER DA 383 65.25 54.69 -28.63
C SER DA 383 66.68 55.23 -28.67
N PHE DA 384 66.93 56.09 -29.64
CA PHE DA 384 68.22 56.73 -29.74
C PHE DA 384 68.11 57.85 -30.77
N THR DA 385 68.98 58.82 -30.61
CA THR DA 385 69.08 59.96 -31.50
C THR DA 385 70.28 59.75 -32.43
N ALA DA 386 70.38 60.60 -33.45
CA ALA DA 386 71.51 60.62 -34.35
C ALA DA 386 71.87 62.06 -34.66
N ILE DA 387 72.76 62.24 -35.62
CA ILE DA 387 73.28 63.54 -36.01
C ILE DA 387 73.04 63.72 -37.50
N ILE DA 388 72.71 64.94 -37.89
CA ILE DA 388 72.27 65.24 -39.24
C ILE DA 388 73.49 65.28 -40.15
N ASN DA 389 73.55 64.35 -41.09
CA ASN DA 389 74.61 64.34 -42.09
C ASN DA 389 74.42 65.53 -43.02
N PRO DA 390 75.26 66.56 -42.99
CA PRO DA 390 74.99 67.74 -43.80
C PRO DA 390 75.17 67.45 -45.26
N PRO DA 391 74.67 68.32 -46.16
CA PRO DA 391 73.95 69.56 -45.90
C PRO DA 391 72.45 69.34 -45.73
N GLN DA 392 72.05 68.12 -45.38
CA GLN DA 392 70.63 67.77 -45.27
C GLN DA 392 69.97 68.51 -44.11
N ALA DA 393 68.67 68.27 -43.92
CA ALA DA 393 67.86 69.00 -42.95
C ALA DA 393 67.23 68.12 -41.88
N ALA DA 394 67.13 66.81 -42.11
CA ALA DA 394 66.44 65.93 -41.19
C ALA DA 394 67.07 64.56 -41.22
N ILE DA 395 66.83 63.81 -40.15
CA ILE DA 395 67.30 62.43 -40.08
C ILE DA 395 66.38 61.66 -39.15
N LEU DA 396 66.24 60.36 -39.44
CA LEU DA 396 65.34 59.47 -38.74
C LEU DA 396 66.15 58.45 -37.94
N ALA DA 397 65.46 57.80 -37.01
CA ALA DA 397 66.06 56.74 -36.20
C ALA DA 397 64.94 55.84 -35.71
N VAL DA 398 65.12 54.53 -35.87
CA VAL DA 398 64.10 53.54 -35.59
C VAL DA 398 64.64 52.60 -34.53
N GLY DA 399 64.02 52.60 -33.35
CA GLY DA 399 64.39 51.67 -32.30
C GLY DA 399 63.92 50.27 -32.60
N ALA DA 400 63.93 49.46 -31.55
CA ALA DA 400 63.53 48.07 -31.67
C ALA DA 400 62.05 47.91 -31.39
N PRO DA 401 61.46 46.77 -31.75
CA PRO DA 401 60.08 46.50 -31.36
C PRO DA 401 59.99 46.00 -29.92
N GLN DA 402 58.84 46.25 -29.32
CA GLN DA 402 58.58 45.90 -27.93
C GLN DA 402 57.10 45.57 -27.77
N LYS DA 403 56.78 45.01 -26.61
CA LYS DA 403 55.41 44.66 -26.26
C LYS DA 403 54.88 45.71 -25.29
N VAL DA 404 53.70 46.24 -25.59
CA VAL DA 404 53.08 47.27 -24.79
C VAL DA 404 51.61 46.91 -24.58
N ALA DA 405 51.08 47.32 -23.44
CA ALA DA 405 49.67 47.13 -23.15
C ALA DA 405 48.85 48.21 -23.84
N VAL DA 406 47.70 47.79 -24.37
CA VAL DA 406 46.79 48.69 -25.07
C VAL DA 406 45.37 48.31 -24.69
N PRO DA 407 44.46 49.25 -24.45
CA PRO DA 407 43.07 48.87 -24.17
C PRO DA 407 42.38 48.34 -25.40
N VAL DA 408 41.30 47.60 -25.16
CA VAL DA 408 40.46 47.07 -26.22
C VAL DA 408 39.08 46.84 -25.66
N GLU DA 409 38.06 47.06 -26.50
CA GLU DA 409 36.68 46.85 -26.12
C GLU DA 409 36.20 45.51 -26.66
N ASN DA 410 35.89 44.59 -25.75
CA ASN DA 410 35.26 43.34 -26.17
C ASN DA 410 33.83 43.62 -26.62
N GLU DA 411 33.16 42.57 -27.08
CA GLU DA 411 31.80 42.69 -27.58
C GLU DA 411 30.84 43.28 -26.55
N ASP DA 412 31.13 43.12 -25.27
CA ASP DA 412 30.32 43.68 -24.19
C ASP DA 412 30.79 45.11 -23.90
N GLY DA 413 30.28 45.67 -22.80
CA GLY DA 413 30.62 47.03 -22.44
C GLY DA 413 31.93 47.17 -21.69
N THR DA 414 32.60 46.07 -21.38
CA THR DA 414 33.86 46.12 -20.64
C THR DA 414 35.04 46.28 -21.59
N THR DA 415 36.10 46.88 -21.06
CA THR DA 415 37.37 46.97 -21.76
C THR DA 415 38.22 45.73 -21.44
N GLY DA 416 39.29 45.58 -22.20
CA GLY DA 416 40.21 44.47 -22.01
C GLY DA 416 41.63 44.88 -22.35
N VAL DA 417 42.54 43.93 -22.16
CA VAL DA 417 43.96 44.13 -22.39
C VAL DA 417 44.34 43.39 -23.65
N SER DA 418 44.87 44.14 -24.63
CA SER DA 418 45.40 43.58 -25.87
C SER DA 418 46.85 43.98 -26.00
N TRP DA 419 47.69 43.01 -26.39
CA TRP DA 419 49.11 43.22 -26.52
C TRP DA 419 49.43 43.60 -27.95
N ASP DA 420 49.93 44.82 -28.14
CA ASP DA 420 50.32 45.34 -29.43
C ASP DA 420 51.84 45.45 -29.50
N GLU DA 421 52.36 45.36 -30.71
CA GLU DA 421 53.79 45.49 -30.97
C GLU DA 421 54.08 46.91 -31.41
N GLN DA 422 54.82 47.66 -30.59
CA GLN DA 422 55.12 49.05 -30.83
C GLN DA 422 56.60 49.24 -31.14
N ILE DA 423 56.88 50.36 -31.81
CA ILE DA 423 58.24 50.80 -32.10
C ILE DA 423 58.32 52.27 -31.78
N ILE DA 424 59.42 52.68 -31.18
CA ILE DA 424 59.72 54.09 -30.95
C ILE DA 424 60.52 54.61 -32.14
N VAL DA 425 60.19 55.83 -32.54
CA VAL DA 425 60.82 56.50 -33.67
C VAL DA 425 61.24 57.88 -33.21
N THR DA 426 62.47 58.26 -33.56
CA THR DA 426 63.04 59.54 -33.17
C THR DA 426 63.54 60.25 -34.41
N ALA DA 427 63.05 61.48 -34.61
CA ALA DA 427 63.42 62.31 -35.74
C ALA DA 427 64.10 63.57 -35.25
N SER DA 428 65.29 63.85 -35.79
CA SER DA 428 66.01 65.07 -35.49
C SER DA 428 65.90 66.01 -36.68
N PHE DA 429 65.55 67.27 -36.42
CA PHE DA 429 65.36 68.27 -37.46
C PHE DA 429 66.28 69.46 -37.25
N ASP DA 430 66.64 70.12 -38.35
CA ASP DA 430 67.29 71.41 -38.29
C ASP DA 430 66.24 72.49 -38.19
N HIS DA 431 66.45 73.42 -37.28
CA HIS DA 431 65.43 74.41 -36.95
C HIS DA 431 65.45 75.62 -37.86
N LYS DA 432 66.51 75.82 -38.63
CA LYS DA 432 66.54 76.92 -39.59
C LYS DA 432 65.45 76.74 -40.64
N VAL DA 433 65.35 75.54 -41.19
CA VAL DA 433 64.42 75.23 -42.26
C VAL DA 433 63.05 74.87 -41.70
N VAL DA 434 63.02 73.91 -40.81
CA VAL DA 434 61.80 73.27 -40.37
C VAL DA 434 61.41 73.79 -39.00
N ASP DA 435 60.11 73.81 -38.74
CA ASP DA 435 59.54 74.17 -37.46
C ASP DA 435 58.83 72.98 -36.85
N GLY DA 436 58.44 73.15 -35.58
CA GLY DA 436 57.83 72.06 -34.85
C GLY DA 436 56.53 71.59 -35.47
N ALA DA 437 55.71 72.52 -35.93
CA ALA DA 437 54.44 72.15 -36.56
C ALA DA 437 54.67 71.33 -37.81
N VAL DA 438 55.66 71.72 -38.62
CA VAL DA 438 55.94 71.01 -39.86
C VAL DA 438 56.45 69.61 -39.56
N GLY DA 439 57.37 69.50 -38.60
CA GLY DA 439 57.86 68.19 -38.21
C GLY DA 439 56.75 67.31 -37.68
N ALA DA 440 55.85 67.88 -36.89
CA ALA DA 440 54.74 67.11 -36.34
C ALA DA 440 53.83 66.63 -37.46
N GLU DA 441 53.60 67.47 -38.47
CA GLU DA 441 52.76 67.08 -39.60
C GLU DA 441 53.39 65.92 -40.35
N TRP DA 442 54.70 66.00 -40.60
CA TRP DA 442 55.42 64.92 -41.26
C TRP DA 442 55.29 63.62 -40.47
N ILE DA 443 55.48 63.71 -39.15
CA ILE DA 443 55.40 62.53 -38.31
C ILE DA 443 53.98 61.96 -38.32
N ARG DA 444 52.98 62.83 -38.31
CA ARG DA 444 51.61 62.35 -38.33
C ARG DA 444 51.33 61.60 -39.62
N GLU DA 445 51.80 62.12 -40.74
CA GLU DA 445 51.58 61.42 -42.01
C GLU DA 445 52.30 60.07 -42.01
N LEU DA 446 53.50 60.03 -41.46
CA LEU DA 446 54.23 58.76 -41.38
C LEU DA 446 53.46 57.75 -40.53
N LYS DA 447 52.97 58.20 -39.37
CA LYS DA 447 52.23 57.31 -38.48
C LYS DA 447 50.97 56.79 -39.16
N LYS DA 448 50.26 57.68 -39.86
CA LYS DA 448 49.05 57.28 -40.55
C LYS DA 448 49.35 56.23 -41.61
N VAL DA 449 50.41 56.46 -42.39
CA VAL DA 449 50.75 55.54 -43.47
C VAL DA 449 51.15 54.18 -42.92
N ILE DA 450 51.89 54.16 -41.82
CA ILE DA 450 52.31 52.89 -41.24
C ILE DA 450 51.11 52.16 -40.65
N GLU DA 451 50.29 52.88 -39.90
CA GLU DA 451 49.17 52.26 -39.20
C GLU DA 451 48.14 51.74 -40.19
N ASN DA 452 48.03 52.39 -41.37
CA ASN DA 452 47.23 51.91 -42.47
C ASN DA 452 48.17 51.51 -43.60
N PRO DA 453 48.74 50.30 -43.59
CA PRO DA 453 49.73 49.97 -44.62
C PRO DA 453 49.19 50.00 -46.03
N LEU DA 454 47.88 49.87 -46.19
CA LEU DA 454 47.29 49.82 -47.53
C LEU DA 454 47.48 51.14 -48.28
N GLU DA 455 47.67 52.25 -47.57
CA GLU DA 455 47.89 53.53 -48.23
C GLU DA 455 49.29 53.67 -48.80
N LEU DA 456 50.16 52.68 -48.62
CA LEU DA 456 51.43 52.67 -49.32
C LEU DA 456 51.21 52.68 -50.83
N LEU DA 457 50.10 52.13 -51.30
CA LEU DA 457 49.78 52.15 -52.71
C LEU DA 457 49.57 53.57 -53.21
N LEU DA 458 49.06 54.44 -52.34
CA LEU DA 458 48.79 55.83 -52.71
C LEU DA 458 50.05 56.68 -52.57
N TYR EA 227 113.04 -7.37 -5.24
CA TYR EA 227 113.40 -8.01 -6.50
C TYR EA 227 113.88 -6.95 -7.50
N THR EA 228 112.96 -6.32 -8.21
CA THR EA 228 113.34 -5.30 -9.18
C THR EA 228 113.93 -4.11 -8.45
N ASP EA 229 114.96 -3.50 -9.05
CA ASP EA 229 115.73 -2.41 -8.43
C ASP EA 229 115.91 -1.31 -9.47
N VAL EA 230 115.03 -0.32 -9.44
CA VAL EA 230 115.05 0.77 -10.39
C VAL EA 230 115.78 1.96 -9.75
N PRO EA 231 116.81 2.54 -10.38
CA PRO EA 231 117.40 3.75 -9.83
C PRO EA 231 116.41 4.90 -9.81
N ILE EA 232 116.68 5.85 -8.92
CA ILE EA 232 115.78 6.98 -8.70
C ILE EA 232 116.02 8.03 -9.77
N SER EA 233 114.96 8.72 -10.17
CA SER EA 233 115.03 9.69 -11.25
C SER EA 233 115.92 10.88 -10.93
N GLY EA 234 116.15 11.17 -9.65
CA GLY EA 234 116.88 12.35 -9.22
C GLY EA 234 115.98 13.52 -8.93
N MET EA 235 114.92 13.68 -9.73
CA MET EA 235 113.94 14.73 -9.47
C MET EA 235 113.20 14.47 -8.16
N ARG EA 236 112.91 13.20 -7.88
CA ARG EA 236 112.20 12.87 -6.65
C ARG EA 236 113.03 13.19 -5.41
N LYS EA 237 114.37 13.20 -5.56
CA LYS EA 237 115.23 13.51 -4.42
C LYS EA 237 114.94 14.91 -3.89
N THR EA 238 114.81 15.89 -4.79
CA THR EA 238 114.55 17.25 -4.36
C THR EA 238 113.21 17.37 -3.66
N ILE EA 239 112.18 16.74 -4.22
CA ILE EA 239 110.86 16.81 -3.63
C ILE EA 239 110.85 16.14 -2.27
N ALA EA 240 111.58 15.03 -2.13
CA ALA EA 240 111.66 14.35 -0.85
C ALA EA 240 112.34 15.23 0.19
N ALA EA 241 113.45 15.84 -0.18
CA ALA EA 241 114.15 16.73 0.74
C ALA EA 241 113.27 17.92 1.13
N ARG EA 242 112.50 18.42 0.17
CA ARG EA 242 111.61 19.54 0.45
C ARG EA 242 110.54 19.16 1.45
N LEU EA 243 109.88 18.03 1.23
CA LEU EA 243 108.85 17.56 2.15
C LEU EA 243 109.43 17.26 3.53
N LYS EA 244 110.65 16.74 3.57
CA LYS EA 244 111.31 16.47 4.84
C LYS EA 244 111.57 17.75 5.61
N GLU EA 245 112.11 18.76 4.92
CA GLU EA 245 112.28 20.07 5.54
C GLU EA 245 110.96 20.61 6.04
N SER EA 246 109.88 20.39 5.28
CA SER EA 246 108.58 20.89 5.68
C SER EA 246 108.14 20.27 7.00
N VAL EA 247 108.13 18.93 7.06
CA VAL EA 247 107.61 18.27 8.25
C VAL EA 247 108.53 18.45 9.45
N THR EA 248 109.83 18.62 9.23
CA THR EA 248 110.75 18.75 10.36
C THR EA 248 110.86 20.18 10.86
N GLU EA 249 110.58 21.17 10.01
CA GLU EA 249 110.66 22.57 10.42
C GLU EA 249 109.32 23.06 10.94
N ASN EA 250 108.23 22.71 10.26
CA ASN EA 250 106.91 23.23 10.56
C ASN EA 250 106.04 22.12 11.13
N PRO EA 251 105.53 22.25 12.36
CA PRO EA 251 104.57 21.25 12.84
C PRO EA 251 103.24 21.43 12.12
N HIS EA 252 102.49 20.34 12.07
CA HIS EA 252 101.25 20.27 11.32
C HIS EA 252 100.11 19.88 12.25
N PHE EA 253 99.05 20.68 12.24
CA PHE EA 253 97.79 20.29 12.84
C PHE EA 253 96.68 20.48 11.83
N PHE EA 254 95.69 19.60 11.90
CA PHE EA 254 94.68 19.44 10.88
C PHE EA 254 93.32 19.86 11.42
N VAL EA 255 92.51 20.46 10.55
CA VAL EA 255 91.15 20.84 10.85
C VAL EA 255 90.28 20.24 9.76
N SER EA 256 89.09 19.78 10.14
CA SER EA 256 88.23 19.00 9.27
C SER EA 256 86.79 19.45 9.46
N THR EA 257 86.16 19.87 8.38
CA THR EA 257 84.80 20.38 8.43
C THR EA 257 83.99 19.81 7.27
N ASN EA 258 82.70 20.10 7.30
CA ASN EA 258 81.75 19.62 6.31
C ASN EA 258 80.95 20.80 5.77
N LEU EA 259 80.97 20.96 4.46
CA LEU EA 259 80.25 22.02 3.77
C LEU EA 259 78.99 21.48 3.13
N SER EA 260 78.17 22.40 2.62
CA SER EA 260 76.95 22.07 1.90
C SER EA 260 76.99 22.82 0.57
N VAL EA 261 76.77 22.10 -0.52
CA VAL EA 261 76.98 22.60 -1.87
C VAL EA 261 75.75 22.43 -2.76
N SER EA 262 74.59 22.12 -2.17
CA SER EA 262 73.40 21.91 -2.96
C SER EA 262 73.00 23.19 -3.69
N LYS EA 263 73.25 24.35 -3.09
CA LYS EA 263 72.98 25.62 -3.75
C LYS EA 263 74.07 25.98 -4.73
N LEU EA 264 75.33 25.67 -4.38
CA LEU EA 264 76.45 25.96 -5.26
C LEU EA 264 76.31 25.24 -6.59
N LEU EA 265 75.90 23.97 -6.55
CA LEU EA 265 75.77 23.22 -7.79
C LEU EA 265 74.67 23.80 -8.66
N LYS EA 266 73.56 24.23 -8.04
CA LYS EA 266 72.51 24.90 -8.80
C LYS EA 266 73.03 26.16 -9.46
N LEU EA 267 73.81 26.94 -8.72
CA LEU EA 267 74.37 28.17 -9.28
C LEU EA 267 75.27 27.86 -10.46
N ARG EA 268 76.11 26.83 -10.32
CA ARG EA 268 77.03 26.47 -11.40
C ARG EA 268 76.27 26.01 -12.62
N GLN EA 269 75.24 25.19 -12.43
CA GLN EA 269 74.45 24.70 -13.55
C GLN EA 269 73.73 25.85 -14.26
N ALA EA 270 73.21 26.81 -13.49
CA ALA EA 270 72.53 27.93 -14.09
C ALA EA 270 73.49 28.80 -14.90
N LEU EA 271 74.67 29.07 -14.35
CA LEU EA 271 75.65 29.86 -15.09
C LEU EA 271 76.15 29.13 -16.33
N ASN EA 272 76.26 27.81 -16.25
CA ASN EA 272 76.68 27.04 -17.42
C ASN EA 272 75.60 27.03 -18.50
N SER EA 273 74.34 27.02 -18.09
CA SER EA 273 73.25 27.02 -19.06
C SER EA 273 73.06 28.39 -19.69
N SER EA 274 73.29 29.47 -18.94
CA SER EA 274 73.14 30.82 -19.49
C SER EA 274 74.45 31.28 -20.14
N ALA EA 275 74.89 30.49 -21.11
CA ALA EA 275 76.13 30.76 -21.81
C ALA EA 275 76.04 30.17 -23.21
N ASP EA 276 77.01 30.54 -24.04
CA ASP EA 276 77.09 30.10 -25.44
C ASP EA 276 78.43 29.43 -25.70
N GLY EA 277 78.85 28.57 -24.78
CA GLY EA 277 80.15 27.94 -24.90
C GLY EA 277 81.32 28.85 -24.67
N ARG EA 278 81.08 30.07 -24.19
CA ARG EA 278 82.16 31.02 -23.95
C ARG EA 278 83.00 30.64 -22.74
N TYR EA 279 82.49 29.77 -21.87
CA TYR EA 279 83.20 29.37 -20.66
C TYR EA 279 82.57 28.10 -20.11
N LYS EA 280 83.24 27.53 -19.12
CA LYS EA 280 82.75 26.35 -18.42
C LYS EA 280 83.37 26.32 -17.03
N LEU EA 281 82.53 26.20 -16.01
CA LEU EA 281 82.95 26.35 -14.63
C LEU EA 281 83.06 25.02 -13.91
N SER EA 282 83.73 25.04 -12.78
CA SER EA 282 83.89 23.89 -11.90
C SER EA 282 83.75 24.30 -10.45
N VAL EA 283 83.89 23.34 -9.54
CA VAL EA 283 83.81 23.63 -8.11
C VAL EA 283 85.10 24.26 -7.63
N ASN EA 284 86.22 23.91 -8.25
CA ASN EA 284 87.52 24.40 -7.82
C ASN EA 284 87.60 25.93 -7.92
N ASP EA 285 86.95 26.51 -8.93
CA ASP EA 285 87.02 27.96 -9.10
C ASP EA 285 86.27 28.68 -7.98
N PHE EA 286 85.05 28.22 -7.69
CA PHE EA 286 84.31 28.76 -6.55
C PHE EA 286 85.13 28.65 -5.28
N LEU EA 287 85.77 27.50 -5.08
CA LEU EA 287 86.56 27.30 -3.87
C LEU EA 287 87.74 28.26 -3.83
N ILE EA 288 88.35 28.54 -4.98
CA ILE EA 288 89.50 29.44 -5.02
C ILE EA 288 89.06 30.86 -4.68
N LYS EA 289 87.95 31.31 -5.25
CA LYS EA 289 87.42 32.63 -4.92
C LYS EA 289 87.13 32.72 -3.42
N ALA EA 290 86.54 31.67 -2.86
CA ALA EA 290 86.23 31.68 -1.44
C ALA EA 290 87.50 31.72 -0.60
N MET EA 291 88.54 31.02 -1.05
CA MET EA 291 89.82 31.07 -0.36
C MET EA 291 90.37 32.48 -0.34
N GLY EA 292 90.28 33.17 -1.47
CA GLY EA 292 90.75 34.55 -1.51
C GLY EA 292 89.98 35.45 -0.57
N ILE EA 293 88.65 35.27 -0.53
CA ILE EA 293 87.82 36.09 0.33
C ILE EA 293 88.19 35.86 1.80
N ALA EA 294 88.34 34.59 2.17
CA ALA EA 294 88.68 34.28 3.56
C ALA EA 294 90.06 34.81 3.92
N SER EA 295 91.01 34.70 2.99
CA SER EA 295 92.35 35.18 3.25
C SER EA 295 92.37 36.69 3.43
N LYS EA 296 91.50 37.40 2.72
CA LYS EA 296 91.44 38.85 2.89
C LYS EA 296 90.74 39.23 4.19
N ARG EA 297 89.73 38.45 4.60
CA ARG EA 297 89.07 38.76 5.86
C ARG EA 297 89.92 38.41 7.06
N VAL EA 298 90.83 37.46 6.91
CA VAL EA 298 91.73 37.05 7.99
C VAL EA 298 93.15 37.01 7.44
N PRO EA 299 93.88 38.13 7.43
CA PRO EA 299 95.16 38.16 6.68
C PRO EA 299 96.27 37.35 7.32
N THR EA 300 96.14 36.96 8.59
CA THR EA 300 97.23 36.25 9.26
C THR EA 300 97.52 34.91 8.60
N VAL EA 301 96.50 34.30 7.97
CA VAL EA 301 96.72 33.04 7.27
C VAL EA 301 97.62 33.27 6.07
N ASN EA 302 97.36 34.34 5.32
CA ASN EA 302 98.17 34.70 4.15
C ASN EA 302 99.47 35.28 4.68
N SER EA 303 100.36 34.37 5.10
CA SER EA 303 101.60 34.75 5.76
C SER EA 303 102.66 33.71 5.43
N SER EA 304 103.80 33.81 6.09
CA SER EA 304 104.90 32.88 5.88
C SER EA 304 105.81 32.94 7.10
N TRP EA 305 107.00 32.36 6.97
CA TRP EA 305 108.00 32.37 8.02
C TRP EA 305 109.37 32.58 7.38
N ARG EA 306 110.08 33.61 7.84
CA ARG EA 306 111.35 34.01 7.25
C ARG EA 306 112.39 34.20 8.35
N ASP EA 307 113.52 34.79 8.01
CA ASP EA 307 114.62 34.93 8.96
C ASP EA 307 114.26 35.92 10.06
N GLY EA 308 113.74 35.41 11.18
CA GLY EA 308 113.40 36.26 12.30
C GLY EA 308 112.35 37.30 11.99
N VAL EA 309 111.50 37.04 11.01
CA VAL EA 309 110.53 38.04 10.54
C VAL EA 309 109.39 37.32 9.85
N ILE EA 310 108.18 37.85 10.03
CA ILE EA 310 106.98 37.35 9.38
C ILE EA 310 106.73 38.22 8.17
N ARG EA 311 106.66 37.59 6.99
CA ARG EA 311 106.34 38.28 5.75
C ARG EA 311 104.85 38.12 5.47
N GLN EA 312 104.12 39.22 5.52
CA GLN EA 312 102.69 39.26 5.26
C GLN EA 312 102.41 39.91 3.92
N PHE EA 313 101.58 39.25 3.11
CA PHE EA 313 101.19 39.75 1.82
C PHE EA 313 99.85 40.50 1.92
N GLU EA 314 99.40 41.02 0.78
CA GLU EA 314 98.11 41.69 0.65
C GLU EA 314 97.21 41.00 -0.35
N THR EA 315 97.77 40.62 -1.50
CA THR EA 315 97.06 39.82 -2.48
C THR EA 315 97.16 38.34 -2.13
N VAL EA 316 96.40 37.52 -2.86
CA VAL EA 316 96.32 36.10 -2.62
C VAL EA 316 96.83 35.38 -3.85
N ASP EA 317 98.01 34.78 -3.74
CA ASP EA 317 98.59 33.95 -4.79
C ASP EA 317 98.29 32.50 -4.48
N VAL EA 318 97.56 31.85 -5.38
CA VAL EA 318 97.01 30.52 -5.14
C VAL EA 318 97.78 29.49 -5.94
N SER EA 319 98.29 28.47 -5.26
CA SER EA 319 99.02 27.39 -5.89
C SER EA 319 98.09 26.20 -6.08
N VAL EA 320 97.83 25.83 -7.33
CA VAL EA 320 96.91 24.74 -7.66
C VAL EA 320 97.73 23.54 -8.07
N ALA EA 321 97.38 22.38 -7.52
CA ALA EA 321 98.10 21.16 -7.82
C ALA EA 321 97.59 20.51 -9.09
N VAL EA 322 98.52 19.95 -9.86
CA VAL EA 322 98.22 19.19 -11.06
C VAL EA 322 99.05 17.92 -11.04
N ALA EA 323 98.42 16.81 -11.39
CA ALA EA 323 99.01 15.48 -11.32
C ALA EA 323 99.35 15.04 -12.74
N THR EA 324 100.61 15.20 -13.11
CA THR EA 324 101.10 14.75 -14.40
C THR EA 324 101.66 13.34 -14.28
N PRO EA 325 101.84 12.64 -15.41
CA PRO EA 325 102.56 11.36 -15.35
C PRO EA 325 103.98 11.48 -14.84
N ASN EA 326 104.58 12.67 -14.95
CA ASN EA 326 105.89 12.92 -14.36
C ASN EA 326 105.82 13.06 -12.85
N GLY EA 327 104.67 13.40 -12.29
CA GLY EA 327 104.53 13.55 -10.85
C GLY EA 327 103.52 14.61 -10.45
N LEU EA 328 103.92 15.52 -9.58
CA LEU EA 328 103.06 16.59 -9.09
C LEU EA 328 103.70 17.93 -9.42
N ILE EA 329 102.85 18.93 -9.64
CA ILE EA 329 103.33 20.27 -9.95
C ILE EA 329 102.31 21.27 -9.44
N THR EA 330 102.77 22.50 -9.16
CA THR EA 330 101.94 23.53 -8.53
C THR EA 330 102.06 24.84 -9.29
N PRO EA 331 101.34 24.99 -10.39
CA PRO EA 331 101.21 26.31 -11.01
C PRO EA 331 100.51 27.29 -10.07
N ILE EA 332 100.59 28.56 -10.43
CA ILE EA 332 100.13 29.66 -9.58
C ILE EA 332 99.12 30.50 -10.35
N VAL EA 333 98.12 31.00 -9.64
CA VAL EA 333 97.23 32.04 -10.11
C VAL EA 333 97.49 33.28 -9.27
N LYS EA 334 97.52 34.43 -9.92
CA LYS EA 334 97.91 35.70 -9.31
C LYS EA 334 96.70 36.61 -9.17
N GLY EA 335 96.68 37.37 -8.08
CA GLY EA 335 95.66 38.38 -7.85
C GLY EA 335 94.25 37.83 -7.91
N VAL EA 336 93.97 36.82 -7.10
CA VAL EA 336 92.68 36.12 -7.19
C VAL EA 336 91.54 37.04 -6.79
N GLU EA 337 91.64 37.65 -5.61
CA GLU EA 337 90.58 38.49 -5.11
C GLU EA 337 90.31 39.63 -6.07
N GLY EA 338 89.08 39.67 -6.58
CA GLY EA 338 88.74 40.62 -7.60
C GLY EA 338 89.40 40.32 -8.93
N LYS EA 339 89.13 39.15 -9.48
CA LYS EA 339 89.65 38.76 -10.78
C LYS EA 339 88.58 38.21 -11.71
N GLY EA 340 87.61 37.46 -11.19
CA GLY EA 340 86.54 36.90 -11.99
C GLY EA 340 86.66 35.42 -12.24
N LEU EA 341 85.54 34.73 -12.11
CA LEU EA 341 85.53 33.27 -12.23
C LEU EA 341 85.91 32.82 -13.63
N GLU EA 342 85.48 33.56 -14.66
CA GLU EA 342 85.79 33.17 -16.02
C GLU EA 342 87.29 33.25 -16.28
N SER EA 343 87.91 34.37 -15.90
CA SER EA 343 89.34 34.50 -16.04
C SER EA 343 90.06 33.43 -15.25
N ILE EA 344 89.55 33.10 -14.06
CA ILE EA 344 90.15 32.07 -13.23
C ILE EA 344 90.13 30.73 -13.96
N SER EA 345 88.97 30.37 -14.51
CA SER EA 345 88.84 29.10 -15.20
C SER EA 345 89.75 29.03 -16.41
N ALA EA 346 89.83 30.13 -17.17
CA ALA EA 346 90.69 30.15 -18.35
C ALA EA 346 92.15 29.98 -17.96
N ALA EA 347 92.59 30.70 -16.92
CA ALA EA 347 93.97 30.60 -16.49
C ALA EA 347 94.29 29.20 -15.99
N VAL EA 348 93.37 28.60 -15.23
CA VAL EA 348 93.60 27.25 -14.71
C VAL EA 348 93.69 26.26 -15.85
N LYS EA 349 92.81 26.36 -16.84
CA LYS EA 349 92.86 25.44 -17.97
C LYS EA 349 94.16 25.58 -18.74
N GLU EA 350 94.58 26.83 -18.99
CA GLU EA 350 95.82 27.06 -19.71
C GLU EA 350 97.01 26.48 -18.95
N LEU EA 351 97.09 26.74 -17.65
CA LEU EA 351 98.21 26.24 -16.86
C LEU EA 351 98.19 24.72 -16.79
N ALA EA 352 97.00 24.12 -16.70
CA ALA EA 352 96.90 22.68 -16.61
C ALA EA 352 97.37 22.02 -17.90
N LYS EA 353 96.95 22.55 -19.04
CA LYS EA 353 97.38 21.98 -20.31
C LYS EA 353 98.86 22.22 -20.54
N LYS EA 354 99.37 23.40 -20.15
CA LYS EA 354 100.79 23.66 -20.27
C LYS EA 354 101.61 22.74 -19.37
N ALA EA 355 101.05 22.34 -18.23
CA ALA EA 355 101.76 21.41 -17.36
C ALA EA 355 101.72 20.00 -17.90
N ARG EA 356 100.59 19.61 -18.50
CA ARG EA 356 100.53 18.31 -19.17
C ARG EA 356 101.53 18.25 -20.33
N ASP EA 357 101.76 19.39 -20.98
CA ASP EA 357 102.75 19.44 -22.07
C ASP EA 357 104.17 19.65 -21.57
N GLY EA 358 104.35 20.15 -20.35
CA GLY EA 358 105.67 20.49 -19.87
C GLY EA 358 106.23 21.72 -20.55
N LYS EA 359 105.54 22.84 -20.39
CA LYS EA 359 105.88 24.09 -21.07
C LYS EA 359 105.77 25.26 -20.12
N LEU EA 360 106.28 25.10 -18.90
CA LEU EA 360 106.18 26.11 -17.86
C LEU EA 360 107.51 26.80 -17.61
N LYS EA 361 107.41 27.98 -17.01
CA LYS EA 361 108.54 28.73 -16.48
C LYS EA 361 108.66 28.49 -14.98
N PRO EA 362 109.85 28.68 -14.39
CA PRO EA 362 109.95 28.44 -12.94
C PRO EA 362 109.13 29.41 -12.12
N GLU EA 363 109.01 30.66 -12.57
CA GLU EA 363 108.25 31.65 -11.81
C GLU EA 363 106.78 31.27 -11.69
N GLU EA 364 106.26 30.52 -12.65
CA GLU EA 364 104.85 30.16 -12.67
C GLU EA 364 104.49 29.14 -11.61
N TYR EA 365 105.48 28.44 -11.03
CA TYR EA 365 105.24 27.47 -9.96
C TYR EA 365 106.24 27.60 -8.82
N GLN EA 366 106.93 28.73 -8.72
CA GLN EA 366 107.80 29.03 -7.59
C GLN EA 366 107.28 30.30 -6.91
N GLY EA 367 106.65 30.13 -5.76
CA GLY EA 367 106.09 31.23 -5.01
C GLY EA 367 104.78 30.85 -4.35
N GLY EA 368 103.81 31.75 -4.38
CA GLY EA 368 102.51 31.46 -3.81
C GLY EA 368 102.47 31.58 -2.31
N SER EA 369 101.39 32.14 -1.78
CA SER EA 369 101.20 32.24 -0.34
C SER EA 369 100.41 31.05 0.21
N ILE EA 370 99.43 30.56 -0.55
CA ILE EA 370 98.57 29.48 -0.11
C ILE EA 370 98.41 28.50 -1.26
N SER EA 371 98.05 27.27 -0.93
CA SER EA 371 98.01 26.17 -1.88
C SER EA 371 96.70 25.42 -1.75
N ILE EA 372 96.49 24.47 -2.67
CA ILE EA 372 95.29 23.65 -2.70
C ILE EA 372 95.57 22.42 -3.54
N SER EA 373 94.95 21.31 -3.16
CA SER EA 373 94.96 20.08 -3.93
C SER EA 373 93.54 19.54 -3.99
N ASN EA 374 93.16 19.02 -5.15
CA ASN EA 374 91.80 18.59 -5.41
C ASN EA 374 91.78 17.13 -5.83
N MET EA 375 90.77 16.41 -5.37
CA MET EA 375 90.58 15.00 -5.72
C MET EA 375 89.11 14.68 -5.96
N GLY EA 376 88.32 15.66 -6.41
CA GLY EA 376 86.89 15.47 -6.55
C GLY EA 376 86.50 14.47 -7.62
N MET EA 377 87.36 14.25 -8.62
CA MET EA 377 87.02 13.32 -9.68
C MET EA 377 86.91 11.89 -9.15
N ASN EA 378 87.69 11.56 -8.13
CA ASN EA 378 87.66 10.23 -7.54
C ASN EA 378 86.60 10.19 -6.46
N PRO EA 379 85.51 9.43 -6.62
CA PRO EA 379 84.41 9.54 -5.65
C PRO EA 379 84.66 8.83 -4.33
N ALA EA 380 85.63 7.93 -4.26
CA ALA EA 380 85.82 7.14 -3.06
C ALA EA 380 86.38 7.96 -1.91
N VAL EA 381 87.25 8.93 -2.21
CA VAL EA 381 87.99 9.65 -1.19
C VAL EA 381 87.00 10.55 -0.45
N GLN EA 382 86.70 10.19 0.80
CA GLN EA 382 85.88 11.05 1.64
C GLN EA 382 86.70 12.21 2.18
N SER EA 383 87.94 11.95 2.57
CA SER EA 383 88.80 13.00 3.10
C SER EA 383 90.25 12.59 2.91
N PHE EA 384 91.12 13.59 2.96
CA PHE EA 384 92.55 13.31 2.91
C PHE EA 384 93.29 14.57 3.31
N THR EA 385 94.47 14.35 3.86
CA THR EA 385 95.37 15.41 4.27
C THR EA 385 96.41 15.63 3.19
N ALA EA 386 97.19 16.69 3.31
CA ALA EA 386 98.30 16.96 2.43
C ALA EA 386 99.44 17.53 3.26
N ILE EA 387 100.45 18.03 2.58
CA ILE EA 387 101.68 18.52 3.19
C ILE EA 387 101.94 19.94 2.69
N ILE EA 388 102.43 20.79 3.58
CA ILE EA 388 102.54 22.21 3.31
C ILE EA 388 103.76 22.45 2.43
N ASN EA 389 103.53 22.91 1.22
CA ASN EA 389 104.61 23.27 0.32
C ASN EA 389 105.28 24.54 0.85
N PRO EA 390 106.53 24.49 1.33
CA PRO EA 390 107.11 25.67 1.95
C PRO EA 390 107.37 26.77 0.93
N PRO EA 391 107.60 28.01 1.38
CA PRO EA 391 107.62 28.47 2.77
C PRO EA 391 106.23 28.90 3.26
N GLN EA 392 105.19 28.42 2.61
CA GLN EA 392 103.82 28.82 2.94
C GLN EA 392 103.43 28.33 4.33
N ALA EA 393 102.23 28.69 4.76
CA ALA EA 393 101.77 28.43 6.13
C ALA EA 393 100.54 27.53 6.19
N ALA EA 394 99.84 27.35 5.09
CA ALA EA 394 98.59 26.61 5.10
C ALA EA 394 98.42 25.87 3.80
N ILE EA 395 97.51 24.90 3.80
CA ILE EA 395 97.13 24.21 2.58
C ILE EA 395 95.77 23.55 2.79
N LEU EA 396 95.01 23.46 1.71
CA LEU EA 396 93.66 22.96 1.72
C LEU EA 396 93.59 21.61 1.02
N ALA EA 397 92.47 20.93 1.22
CA ALA EA 397 92.21 19.66 0.54
C ALA EA 397 90.71 19.43 0.51
N VAL EA 398 90.20 19.14 -0.68
CA VAL EA 398 88.76 19.03 -0.93
C VAL EA 398 88.47 17.58 -1.28
N GLY EA 399 87.68 16.91 -0.45
CA GLY EA 399 87.26 15.57 -0.75
C GLY EA 399 86.19 15.55 -1.83
N ALA EA 400 85.65 14.36 -2.06
CA ALA EA 400 84.58 14.20 -3.02
C ALA EA 400 83.24 14.50 -2.37
N PRO EA 401 82.21 14.77 -3.16
CA PRO EA 401 80.88 14.96 -2.59
C PRO EA 401 80.22 13.63 -2.25
N GLN EA 402 79.27 13.70 -1.32
CA GLN EA 402 78.57 12.53 -0.84
C GLN EA 402 77.15 12.92 -0.45
N LYS EA 403 76.32 11.90 -0.22
CA LYS EA 403 74.93 12.08 0.17
C LYS EA 403 74.83 11.86 1.67
N VAL EA 404 74.16 12.78 2.36
CA VAL EA 404 74.03 12.75 3.81
C VAL EA 404 72.60 13.06 4.19
N ALA EA 405 72.17 12.48 5.30
CA ALA EA 405 70.86 12.77 5.86
C ALA EA 405 70.91 14.07 6.66
N VAL EA 406 69.86 14.87 6.52
CA VAL EA 406 69.76 16.15 7.21
C VAL EA 406 68.31 16.33 7.66
N PRO EA 407 68.04 16.85 8.86
CA PRO EA 407 66.66 17.13 9.23
C PRO EA 407 66.08 18.30 8.46
N VAL EA 408 64.76 18.35 8.42
CA VAL EA 408 64.05 19.44 7.78
C VAL EA 408 62.66 19.52 8.38
N GLU EA 409 62.19 20.75 8.58
CA GLU EA 409 60.86 20.99 9.13
C GLU EA 409 59.87 21.23 8.01
N ASN EA 410 58.92 20.31 7.87
CA ASN EA 410 57.83 20.50 6.94
C ASN EA 410 56.92 21.63 7.42
N GLU EA 411 55.92 21.95 6.61
CA GLU EA 411 54.97 23.00 6.96
C GLU EA 411 54.25 22.72 8.28
N ASP EA 412 54.09 21.47 8.66
CA ASP EA 412 53.57 21.11 9.97
C ASP EA 412 54.72 20.97 10.95
N GLY EA 413 54.39 20.64 12.20
CA GLY EA 413 55.38 20.61 13.25
C GLY EA 413 56.38 19.47 13.17
N THR EA 414 56.05 18.39 12.46
CA THR EA 414 56.92 17.23 12.42
C THR EA 414 58.16 17.51 11.58
N THR EA 415 59.25 16.83 11.94
CA THR EA 415 60.47 16.88 11.18
C THR EA 415 60.42 15.85 10.05
N GLY EA 416 61.34 16.01 9.11
CA GLY EA 416 61.44 15.10 7.97
C GLY EA 416 62.88 14.91 7.57
N VAL EA 417 63.07 14.10 6.53
CA VAL EA 417 64.38 13.74 6.03
C VAL EA 417 64.58 14.44 4.70
N SER EA 418 65.72 15.11 4.56
CA SER EA 418 66.14 15.74 3.33
C SER EA 418 67.57 15.33 3.01
N TRP EA 419 67.84 15.12 1.73
CA TRP EA 419 69.14 14.64 1.27
C TRP EA 419 69.94 15.83 0.73
N ASP EA 420 71.00 16.16 1.43
CA ASP EA 420 71.91 17.24 1.05
C ASP EA 420 73.22 16.63 0.55
N GLU EA 421 73.88 17.37 -0.34
CA GLU EA 421 75.16 16.97 -0.90
C GLU EA 421 76.26 17.65 -0.09
N GLN EA 422 77.02 16.86 0.65
CA GLN EA 422 78.07 17.36 1.53
C GLN EA 422 79.44 17.05 0.97
N ILE EA 423 80.39 17.92 1.31
CA ILE EA 423 81.80 17.72 1.01
C ILE EA 423 82.57 17.92 2.30
N ILE EA 424 83.56 17.09 2.53
CA ILE EA 424 84.49 17.25 3.64
C ILE EA 424 85.68 18.05 3.14
N VAL EA 425 86.16 18.94 3.99
CA VAL EA 425 87.28 19.82 3.70
C VAL EA 425 88.28 19.68 4.82
N THR EA 426 89.55 19.49 4.45
CA THR EA 426 90.64 19.30 5.39
C THR EA 426 91.68 20.37 5.14
N ALA EA 427 92.00 21.11 6.19
CA ALA EA 427 92.99 22.18 6.14
C ALA EA 427 94.12 21.87 7.10
N SER EA 428 95.34 21.85 6.59
CA SER EA 428 96.53 21.69 7.41
C SER EA 428 97.18 23.06 7.60
N PHE EA 429 97.54 23.36 8.84
CA PHE EA 429 98.12 24.66 9.19
C PHE EA 429 99.48 24.48 9.85
N ASP EA 430 100.33 25.49 9.69
CA ASP EA 430 101.56 25.61 10.44
C ASP EA 430 101.27 26.32 11.77
N HIS EA 431 101.73 25.72 12.86
CA HIS EA 431 101.38 26.20 14.18
C HIS EA 431 102.25 27.34 14.67
N LYS EA 432 103.42 27.55 14.06
CA LYS EA 432 104.25 28.68 14.44
C LYS EA 432 103.54 30.00 14.21
N VAL EA 433 102.87 30.12 13.08
CA VAL EA 433 102.22 31.35 12.66
C VAL EA 433 100.78 31.39 13.15
N VAL EA 434 100.04 30.32 12.93
CA VAL EA 434 98.60 30.29 13.12
C VAL EA 434 98.28 29.47 14.36
N ASP EA 435 97.16 29.83 14.99
CA ASP EA 435 96.62 29.11 16.13
C ASP EA 435 95.24 28.57 15.79
N GLY EA 436 94.73 27.73 16.70
CA GLY EA 436 93.48 27.04 16.45
C GLY EA 436 92.32 27.99 16.26
N ALA EA 437 92.28 29.06 17.07
CA ALA EA 437 91.19 30.02 16.95
C ALA EA 437 91.21 30.70 15.59
N VAL EA 438 92.39 31.07 15.11
CA VAL EA 438 92.50 31.76 13.83
C VAL EA 438 92.10 30.83 12.69
N GLY EA 439 92.56 29.59 12.76
CA GLY EA 439 92.17 28.62 11.74
C GLY EA 439 90.68 28.37 11.73
N ALA EA 440 90.08 28.25 12.92
CA ALA EA 440 88.65 28.03 13.02
C ALA EA 440 87.89 29.22 12.44
N GLU EA 441 88.38 30.43 12.67
CA GLU EA 441 87.73 31.62 12.13
C GLU EA 441 87.78 31.60 10.60
N TRP EA 442 88.95 31.27 10.05
CA TRP EA 442 89.09 31.17 8.61
C TRP EA 442 88.12 30.16 8.03
N ILE EA 443 88.03 28.99 8.67
CA ILE EA 443 87.13 27.94 8.18
C ILE EA 443 85.67 28.40 8.29
N ARG EA 444 85.34 29.13 9.36
CA ARG EA 444 83.98 29.61 9.50
C ARG EA 444 83.62 30.56 8.38
N GLU EA 445 84.52 31.49 8.05
CA GLU EA 445 84.24 32.41 6.96
C GLU EA 445 84.09 31.68 5.64
N LEU EA 446 84.92 30.65 5.43
CA LEU EA 446 84.81 29.88 4.20
C LEU EA 446 83.46 29.18 4.10
N LYS EA 447 83.06 28.51 5.20
CA LYS EA 447 81.77 27.83 5.22
C LYS EA 447 80.64 28.80 4.97
N LYS EA 448 80.72 29.99 5.57
CA LYS EA 448 79.67 30.97 5.40
C LYS EA 448 79.55 31.41 3.95
N VAL EA 449 80.69 31.73 3.34
CA VAL EA 449 80.68 32.21 1.95
C VAL EA 449 80.16 31.12 1.03
N ILE EA 450 80.52 29.87 1.29
CA ILE EA 450 80.07 28.79 0.41
C ILE EA 450 78.58 28.57 0.59
N GLU EA 451 78.13 28.49 1.84
CA GLU EA 451 76.73 28.15 2.10
C GLU EA 451 75.81 29.27 1.62
N ASN EA 452 76.30 30.51 1.60
CA ASN EA 452 75.59 31.63 1.01
C ASN EA 452 76.39 32.10 -0.19
N PRO EA 453 76.23 31.49 -1.37
CA PRO EA 453 77.12 31.83 -2.49
C PRO EA 453 77.01 33.27 -2.93
N LEU EA 454 75.90 33.95 -2.63
CA LEU EA 454 75.71 35.32 -3.07
C LEU EA 454 76.72 36.27 -2.45
N GLU EA 455 77.33 35.89 -1.33
CA GLU EA 455 78.36 36.72 -0.73
C GLU EA 455 79.66 36.69 -1.51
N LEU EA 456 79.78 35.85 -2.53
CA LEU EA 456 80.95 35.89 -3.40
C LEU EA 456 81.11 37.25 -4.06
N LEU EA 457 80.00 37.96 -4.28
CA LEU EA 457 80.07 39.31 -4.81
C LEU EA 457 80.77 40.25 -3.84
N LEU EA 458 80.71 39.95 -2.55
CA LEU EA 458 81.33 40.78 -1.52
C LEU EA 458 82.79 40.38 -1.31
N TYR FA 227 89.06 -47.03 -52.19
CA TYR FA 227 89.31 -46.40 -53.48
C TYR FA 227 90.46 -45.41 -53.39
N THR FA 228 90.18 -44.20 -52.91
CA THR FA 228 91.23 -43.20 -52.80
C THR FA 228 92.22 -43.63 -51.72
N ASP FA 229 93.50 -43.50 -52.04
CA ASP FA 229 94.58 -44.01 -51.18
C ASP FA 229 95.53 -42.86 -50.86
N VAL FA 230 95.35 -42.25 -49.70
CA VAL FA 230 96.14 -41.10 -49.28
C VAL FA 230 97.20 -41.58 -48.31
N PRO FA 231 98.49 -41.31 -48.54
CA PRO FA 231 99.50 -41.67 -47.54
C PRO FA 231 99.30 -40.91 -46.23
N ILE FA 232 99.87 -41.46 -45.18
CA ILE FA 232 99.76 -40.85 -43.85
C ILE FA 232 100.79 -39.74 -43.74
N SER FA 233 100.41 -38.66 -43.05
CA SER FA 233 101.28 -37.51 -42.91
C SER FA 233 102.55 -37.82 -42.12
N GLY FA 234 102.54 -38.88 -41.31
CA GLY FA 234 103.65 -39.22 -40.44
C GLY FA 234 103.48 -38.67 -39.05
N MET FA 235 102.90 -37.48 -38.93
CA MET FA 235 102.66 -36.92 -37.61
C MET FA 235 101.61 -37.73 -36.86
N ARG FA 236 100.60 -38.23 -37.57
CA ARG FA 236 99.57 -39.05 -36.94
C ARG FA 236 100.16 -40.35 -36.38
N LYS FA 237 101.27 -40.82 -36.95
CA LYS FA 237 101.88 -42.06 -36.49
C LYS FA 237 102.30 -41.94 -35.03
N THR FA 238 102.91 -40.81 -34.67
CA THR FA 238 103.37 -40.62 -33.31
C THR FA 238 102.20 -40.58 -32.34
N ILE FA 239 101.12 -39.90 -32.72
CA ILE FA 239 99.96 -39.80 -31.85
C ILE FA 239 99.31 -41.16 -31.68
N ALA FA 240 99.24 -41.94 -32.77
CA ALA FA 240 98.65 -43.27 -32.69
C ALA FA 240 99.47 -44.16 -31.78
N ALA FA 241 100.80 -44.11 -31.91
CA ALA FA 241 101.67 -44.90 -31.05
C ALA FA 241 101.52 -44.49 -29.59
N ARG FA 242 101.42 -43.18 -29.35
CA ARG FA 242 101.27 -42.68 -27.99
C ARG FA 242 99.97 -43.18 -27.36
N LEU FA 243 98.87 -43.10 -28.11
CA LEU FA 243 97.59 -43.56 -27.61
C LEU FA 243 97.58 -45.07 -27.39
N LYS FA 244 98.23 -45.80 -28.30
CA LYS FA 244 98.35 -47.25 -28.13
C LYS FA 244 99.11 -47.57 -26.85
N GLU FA 245 100.19 -46.84 -26.59
CA GLU FA 245 100.92 -47.02 -25.35
C GLU FA 245 100.03 -46.74 -24.15
N SER FA 246 99.22 -45.68 -24.24
CA SER FA 246 98.33 -45.33 -23.14
C SER FA 246 97.38 -46.47 -22.82
N VAL FA 247 96.65 -46.95 -23.84
CA VAL FA 247 95.64 -47.97 -23.59
C VAL FA 247 96.24 -49.31 -23.24
N THR FA 248 97.41 -49.65 -23.77
CA THR FA 248 97.98 -50.97 -23.52
C THR FA 248 98.73 -51.01 -22.18
N GLU FA 249 99.23 -49.86 -21.71
CA GLU FA 249 99.97 -49.83 -20.46
C GLU FA 249 99.05 -49.56 -19.27
N ASN FA 250 98.10 -48.64 -19.45
CA ASN FA 250 97.24 -48.18 -18.37
C ASN FA 250 95.81 -48.64 -18.63
N PRO FA 251 95.19 -49.39 -17.74
CA PRO FA 251 93.75 -49.66 -17.92
C PRO FA 251 92.96 -48.39 -17.68
N HIS FA 252 91.69 -48.43 -18.07
CA HIS FA 252 90.82 -47.27 -18.01
C HIS FA 252 89.48 -47.66 -17.42
N PHE FA 253 89.03 -46.89 -16.44
CA PHE FA 253 87.66 -46.96 -15.96
C PHE FA 253 87.10 -45.56 -15.86
N PHE FA 254 85.79 -45.46 -16.07
CA PHE FA 254 85.09 -44.22 -16.31
C PHE FA 254 84.08 -43.96 -15.22
N VAL FA 255 83.93 -42.68 -14.88
CA VAL FA 255 82.95 -42.22 -13.91
C VAL FA 255 82.16 -41.11 -14.59
N SER FA 256 80.84 -41.09 -14.37
CA SER FA 256 79.93 -40.20 -15.06
C SER FA 256 78.98 -39.59 -14.06
N THR FA 257 78.96 -38.27 -13.99
CA THR FA 257 78.13 -37.55 -13.04
C THR FA 257 77.42 -36.40 -13.75
N ASN FA 258 76.53 -35.75 -13.00
CA ASN FA 258 75.73 -34.65 -13.49
C ASN FA 258 75.88 -33.47 -12.54
N LEU FA 259 76.14 -32.30 -13.10
CA LEU FA 259 76.32 -31.08 -12.34
C LEU FA 259 75.15 -30.13 -12.59
N SER FA 260 75.03 -29.13 -11.73
CA SER FA 260 74.02 -28.09 -11.85
C SER FA 260 74.73 -26.74 -11.90
N VAL FA 261 74.44 -25.97 -12.95
CA VAL FA 261 75.18 -24.76 -13.26
C VAL FA 261 74.27 -23.53 -13.34
N SER FA 262 73.05 -23.63 -12.83
CA SER FA 262 72.14 -22.49 -12.88
C SER FA 262 72.69 -21.31 -12.11
N LYS FA 263 73.42 -21.58 -11.03
CA LYS FA 263 74.04 -20.51 -10.26
C LYS FA 263 75.34 -20.05 -10.91
N LEU FA 264 76.08 -20.99 -11.49
CA LEU FA 264 77.34 -20.64 -12.15
C LEU FA 264 77.10 -19.70 -13.31
N LEU FA 265 76.04 -19.93 -14.09
CA LEU FA 265 75.79 -19.07 -15.23
C LEU FA 265 75.37 -17.68 -14.78
N LYS FA 266 74.59 -17.58 -13.71
CA LYS FA 266 74.27 -16.26 -13.15
C LYS FA 266 75.52 -15.54 -12.71
N LEU FA 267 76.43 -16.26 -12.04
CA LEU FA 267 77.69 -15.65 -11.60
C LEU FA 267 78.49 -15.14 -12.80
N ARG FA 268 78.59 -15.97 -13.85
CA ARG FA 268 79.34 -15.57 -15.03
C ARG FA 268 78.72 -14.33 -15.67
N GLN FA 269 77.38 -14.31 -15.76
CA GLN FA 269 76.70 -13.16 -16.34
C GLN FA 269 76.96 -11.90 -15.52
N ALA FA 270 76.91 -12.02 -14.20
CA ALA FA 270 77.12 -10.85 -13.34
C ALA FA 270 78.53 -10.32 -13.48
N LEU FA 271 79.53 -11.20 -13.47
CA LEU FA 271 80.90 -10.75 -13.61
C LEU FA 271 81.17 -10.17 -14.99
N ASN FA 272 80.51 -10.70 -16.02
CA ASN FA 272 80.68 -10.14 -17.36
C ASN FA 272 80.06 -8.76 -17.46
N SER FA 273 78.87 -8.58 -16.86
CA SER FA 273 78.22 -7.29 -16.92
C SER FA 273 78.96 -6.25 -16.09
N SER FA 274 79.49 -6.62 -14.93
CA SER FA 274 80.26 -5.70 -14.09
C SER FA 274 81.71 -5.65 -14.57
N ALA FA 275 81.86 -5.18 -15.81
CA ALA FA 275 83.16 -5.14 -16.44
C ALA FA 275 83.12 -4.11 -17.56
N ASP FA 276 84.31 -3.69 -18.01
CA ASP FA 276 84.47 -2.67 -19.02
C ASP FA 276 85.20 -3.23 -20.23
N GLY FA 277 84.84 -4.45 -20.63
CA GLY FA 277 85.55 -5.13 -21.69
C GLY FA 277 86.96 -5.54 -21.36
N ARG FA 278 87.37 -5.41 -20.09
CA ARG FA 278 88.73 -5.77 -19.70
C ARG FA 278 88.94 -7.28 -19.73
N TYR FA 279 87.87 -8.07 -19.63
CA TYR FA 279 87.97 -9.52 -19.62
C TYR FA 279 86.66 -10.11 -20.13
N LYS FA 280 86.70 -11.41 -20.40
CA LYS FA 280 85.51 -12.16 -20.80
C LYS FA 280 85.68 -13.59 -20.34
N LEU FA 281 84.67 -14.12 -19.66
CA LEU FA 281 84.76 -15.41 -19.00
C LEU FA 281 83.95 -16.47 -19.73
N SER FA 282 84.26 -17.73 -19.40
CA SER FA 282 83.54 -18.88 -19.93
C SER FA 282 83.41 -19.94 -18.85
N VAL FA 283 82.87 -21.11 -19.22
CA VAL FA 283 82.66 -22.19 -18.26
C VAL FA 283 83.94 -22.96 -18.01
N ASN FA 284 84.80 -23.05 -19.03
CA ASN FA 284 86.02 -23.82 -18.93
C ASN FA 284 86.92 -23.30 -17.83
N ASP FA 285 86.95 -21.99 -17.62
CA ASP FA 285 87.84 -21.41 -16.61
C ASP FA 285 87.39 -21.79 -15.20
N PHE FA 286 86.09 -21.65 -14.93
CA PHE FA 286 85.55 -22.11 -13.66
C PHE FA 286 85.85 -23.58 -13.44
N LEU FA 287 85.68 -24.38 -14.49
CA LEU FA 287 85.96 -25.81 -14.38
C LEU FA 287 87.42 -26.05 -14.03
N ILE FA 288 88.32 -25.25 -14.61
CA ILE FA 288 89.74 -25.45 -14.36
C ILE FA 288 90.08 -25.09 -12.92
N LYS FA 289 89.50 -24.01 -12.40
CA LYS FA 289 89.71 -23.65 -11.01
C LYS FA 289 89.20 -24.74 -10.09
N ALA FA 290 88.03 -25.29 -10.39
CA ALA FA 290 87.47 -26.34 -9.56
C ALA FA 290 88.34 -27.60 -9.62
N MET FA 291 88.89 -27.90 -10.80
CA MET FA 291 89.81 -29.02 -10.94
C MET FA 291 91.03 -28.83 -10.03
N GLY FA 292 91.58 -27.62 -10.02
CA GLY FA 292 92.73 -27.36 -9.17
C GLY FA 292 92.40 -27.53 -7.70
N ILE FA 293 91.25 -27.03 -7.28
CA ILE FA 293 90.85 -27.14 -5.88
C ILE FA 293 90.68 -28.61 -5.50
N ALA FA 294 90.05 -29.38 -6.38
CA ALA FA 294 89.83 -30.79 -6.08
C ALA FA 294 91.15 -31.54 -6.01
N SER FA 295 92.07 -31.23 -6.92
CA SER FA 295 93.37 -31.88 -6.90
C SER FA 295 94.12 -31.56 -5.62
N LYS FA 296 93.99 -30.33 -5.12
CA LYS FA 296 94.67 -29.98 -3.88
C LYS FA 296 94.02 -30.65 -2.67
N ARG FA 297 92.70 -30.82 -2.69
CA ARG FA 297 92.06 -31.50 -1.57
C ARG FA 297 92.30 -33.00 -1.61
N VAL FA 298 92.59 -33.55 -2.78
CA VAL FA 298 92.86 -34.98 -2.95
C VAL FA 298 94.11 -35.12 -3.80
N PRO FA 299 95.31 -35.09 -3.22
CA PRO FA 299 96.53 -35.03 -4.05
C PRO FA 299 96.85 -36.33 -4.77
N THR FA 300 96.21 -37.44 -4.40
CA THR FA 300 96.54 -38.72 -5.02
C THR FA 300 96.24 -38.73 -6.51
N VAL FA 301 95.25 -37.95 -6.94
CA VAL FA 301 94.94 -37.88 -8.36
C VAL FA 301 96.05 -37.15 -9.11
N ASN FA 302 96.52 -36.04 -8.54
CA ASN FA 302 97.62 -35.28 -9.13
C ASN FA 302 98.91 -36.07 -8.88
N SER FA 303 99.10 -37.09 -9.69
CA SER FA 303 100.22 -38.00 -9.55
C SER FA 303 100.57 -38.55 -10.94
N SER FA 304 101.40 -39.58 -10.97
CA SER FA 304 101.77 -40.22 -12.22
C SER FA 304 102.33 -41.60 -11.91
N TRP FA 305 102.92 -42.23 -12.93
CA TRP FA 305 103.51 -43.55 -12.80
C TRP FA 305 104.86 -43.52 -13.50
N ARG FA 306 105.92 -43.83 -12.74
CA ARG FA 306 107.28 -43.79 -13.25
C ARG FA 306 107.97 -45.12 -12.96
N ASP FA 307 109.29 -45.17 -13.14
CA ASP FA 307 110.01 -46.42 -13.02
C ASP FA 307 110.08 -46.87 -11.56
N GLY FA 308 109.14 -47.73 -11.17
CA GLY FA 308 109.11 -48.25 -9.81
C GLY FA 308 108.93 -47.19 -8.75
N VAL FA 309 108.28 -46.08 -9.08
CA VAL FA 309 108.16 -44.97 -8.14
C VAL FA 309 106.99 -44.09 -8.59
N ILE FA 310 106.26 -43.57 -7.60
CA ILE FA 310 105.16 -42.65 -7.83
C ILE FA 310 105.69 -41.24 -7.64
N ARG FA 311 105.53 -40.42 -8.68
CA ARG FA 311 105.91 -39.02 -8.65
C ARG FA 311 104.68 -38.19 -8.29
N GLN FA 312 104.74 -37.49 -7.16
CA GLN FA 312 103.66 -36.65 -6.68
C GLN FA 312 104.10 -35.19 -6.74
N PHE FA 313 103.30 -34.37 -7.43
CA PHE FA 313 103.53 -32.95 -7.51
C PHE FA 313 102.85 -32.24 -6.34
N GLU FA 314 102.93 -30.91 -6.34
CA GLU FA 314 102.23 -30.06 -5.38
C GLU FA 314 101.28 -29.11 -6.05
N THR FA 315 101.72 -28.42 -7.10
CA THR FA 315 100.87 -27.56 -7.88
C THR FA 315 100.01 -28.37 -8.83
N VAL FA 316 99.23 -27.66 -9.64
CA VAL FA 316 98.33 -28.26 -10.61
C VAL FA 316 98.66 -27.66 -11.97
N ASP FA 317 99.15 -28.50 -12.87
CA ASP FA 317 99.45 -28.13 -14.25
C ASP FA 317 98.37 -28.72 -15.14
N VAL FA 318 97.63 -27.86 -15.84
CA VAL FA 318 96.41 -28.26 -16.54
C VAL FA 318 96.67 -28.22 -18.04
N SER FA 319 96.43 -29.34 -18.71
CA SER FA 319 96.57 -29.44 -20.15
C SER FA 319 95.20 -29.26 -20.79
N VAL FA 320 95.03 -28.19 -21.55
CA VAL FA 320 93.77 -27.88 -22.21
C VAL FA 320 93.90 -28.26 -23.69
N ALA FA 321 92.90 -28.95 -24.20
CA ALA FA 321 92.92 -29.41 -25.58
C ALA FA 321 92.41 -28.33 -26.51
N VAL FA 322 93.03 -28.24 -27.68
CA VAL FA 322 92.63 -27.34 -28.74
C VAL FA 322 92.61 -28.11 -30.05
N ALA FA 323 91.54 -27.93 -30.81
CA ALA FA 323 91.27 -28.68 -32.03
C ALA FA 323 91.61 -27.80 -33.22
N THR FA 324 92.81 -27.99 -33.76
CA THR FA 324 93.23 -27.26 -34.95
C THR FA 324 92.90 -28.06 -36.20
N PRO FA 325 92.89 -27.43 -37.37
CA PRO FA 325 92.75 -28.20 -38.61
C PRO FA 325 93.88 -29.19 -38.82
N ASN FA 326 95.04 -28.95 -38.22
CA ASN FA 326 96.14 -29.92 -38.23
C ASN FA 326 95.84 -31.14 -37.37
N GLY FA 327 95.01 -30.99 -36.34
CA GLY FA 327 94.69 -32.09 -35.45
C GLY FA 327 94.35 -31.63 -34.05
N LEU FA 328 95.02 -32.20 -33.06
CA LEU FA 328 94.79 -31.89 -31.66
C LEU FA 328 96.10 -31.47 -31.02
N ILE FA 329 96.00 -30.54 -30.06
CA ILE FA 329 97.18 -30.07 -29.34
C ILE FA 329 96.77 -29.75 -27.92
N THR FA 330 97.74 -29.80 -26.99
CA THR FA 330 97.48 -29.65 -25.57
C THR FA 330 98.42 -28.64 -24.96
N PRO FA 331 98.12 -27.34 -25.10
CA PRO FA 331 98.83 -26.34 -24.31
C PRO FA 331 98.57 -26.52 -22.83
N ILE FA 332 99.39 -25.85 -22.02
CA ILE FA 332 99.43 -26.05 -20.59
C ILE FA 332 99.26 -24.72 -19.89
N VAL FA 333 98.54 -24.75 -18.77
CA VAL FA 333 98.47 -23.65 -17.82
C VAL FA 333 99.17 -24.09 -16.54
N LYS FA 334 99.99 -23.19 -16.01
CA LYS FA 334 100.86 -23.47 -14.87
C LYS FA 334 100.34 -22.78 -13.63
N GLY FA 335 100.45 -23.47 -12.50
CA GLY FA 335 100.11 -22.90 -11.21
C GLY FA 335 98.69 -22.39 -11.14
N VAL FA 336 97.74 -23.28 -11.41
CA VAL FA 336 96.33 -22.87 -11.49
C VAL FA 336 95.84 -22.41 -10.13
N GLU FA 337 96.02 -23.25 -9.11
CA GLU FA 337 95.53 -22.93 -7.78
C GLU FA 337 96.14 -21.64 -7.28
N GLY FA 338 95.28 -20.67 -7.00
CA GLY FA 338 95.75 -19.36 -6.63
C GLY FA 338 96.41 -18.63 -7.79
N LYS FA 339 95.65 -18.39 -8.85
CA LYS FA 339 96.14 -17.65 -10.01
C LYS FA 339 95.19 -16.56 -10.46
N GLY FA 340 93.88 -16.78 -10.36
CA GLY FA 340 92.89 -15.81 -10.80
C GLY FA 340 92.25 -16.13 -12.12
N LEU FA 341 90.92 -16.01 -12.17
CA LEU FA 341 90.17 -16.38 -13.36
C LEU FA 341 90.51 -15.49 -14.55
N GLU FA 342 90.79 -14.21 -14.30
CA GLU FA 342 91.11 -13.32 -15.40
C GLU FA 342 92.42 -13.71 -16.05
N SER FA 343 93.45 -13.95 -15.23
CA SER FA 343 94.72 -14.42 -15.75
C SER FA 343 94.55 -15.75 -16.49
N ILE FA 344 93.72 -16.64 -15.95
CA ILE FA 344 93.46 -17.93 -16.58
C ILE FA 344 92.89 -17.72 -17.98
N SER FA 345 91.82 -16.93 -18.08
CA SER FA 345 91.17 -16.71 -19.37
C SER FA 345 92.14 -16.07 -20.36
N ALA FA 346 92.94 -15.11 -19.90
CA ALA FA 346 93.88 -14.44 -20.78
C ALA FA 346 94.91 -15.43 -21.32
N ALA FA 347 95.47 -16.26 -20.43
CA ALA FA 347 96.48 -17.22 -20.86
C ALA FA 347 95.88 -18.23 -21.82
N VAL FA 348 94.65 -18.67 -21.56
CA VAL FA 348 94.02 -19.66 -22.42
C VAL FA 348 93.76 -19.08 -23.81
N LYS FA 349 93.28 -17.83 -23.86
CA LYS FA 349 93.07 -17.19 -25.16
C LYS FA 349 94.38 -17.05 -25.92
N GLU FA 350 95.45 -16.65 -25.22
CA GLU FA 350 96.75 -16.51 -25.84
C GLU FA 350 97.22 -17.83 -26.43
N LEU FA 351 97.18 -18.89 -25.63
CA LEU FA 351 97.67 -20.19 -26.08
C LEU FA 351 96.80 -20.74 -27.22
N ALA FA 352 95.48 -20.51 -27.16
CA ALA FA 352 94.61 -21.01 -28.20
C ALA FA 352 94.90 -20.32 -29.53
N LYS FA 353 95.05 -18.99 -29.50
CA LYS FA 353 95.36 -18.29 -30.74
C LYS FA 353 96.75 -18.67 -31.24
N LYS FA 354 97.71 -18.87 -30.33
CA LYS FA 354 99.04 -19.26 -30.75
C LYS FA 354 99.05 -20.66 -31.33
N ALA FA 355 98.16 -21.53 -30.90
CA ALA FA 355 98.07 -22.87 -31.47
C ALA FA 355 97.38 -22.83 -32.83
N ARG FA 356 96.36 -21.99 -32.97
CA ARG FA 356 95.75 -21.80 -34.28
C ARG FA 356 96.76 -21.23 -35.27
N ASP FA 357 97.71 -20.43 -34.78
CA ASP FA 357 98.77 -19.90 -35.64
C ASP FA 357 99.93 -20.86 -35.82
N GLY FA 358 100.12 -21.80 -34.91
CA GLY FA 358 101.26 -22.70 -34.96
C GLY FA 358 102.56 -22.03 -34.59
N LYS FA 359 102.64 -21.53 -33.35
CA LYS FA 359 103.78 -20.73 -32.89
C LYS FA 359 104.19 -21.13 -31.49
N LEU FA 360 104.07 -22.41 -31.15
CA LEU FA 360 104.30 -22.89 -29.79
C LEU FA 360 105.69 -23.48 -29.63
N LYS FA 361 106.11 -23.57 -28.38
CA LYS FA 361 107.32 -24.25 -27.95
C LYS FA 361 106.97 -25.63 -27.42
N PRO FA 362 107.93 -26.58 -27.43
CA PRO FA 362 107.59 -27.92 -26.94
C PRO FA 362 107.26 -27.95 -25.46
N GLU FA 363 107.95 -27.14 -24.65
CA GLU FA 363 107.71 -27.15 -23.21
C GLU FA 363 106.29 -26.71 -22.87
N GLU FA 364 105.67 -25.89 -23.73
CA GLU FA 364 104.34 -25.39 -23.46
C GLU FA 364 103.26 -26.46 -23.63
N TYR FA 365 103.57 -27.58 -24.28
CA TYR FA 365 102.62 -28.68 -24.44
C TYR FA 365 103.26 -30.03 -24.16
N GLN FA 366 104.37 -30.08 -23.45
CA GLN FA 366 104.99 -31.32 -23.01
C GLN FA 366 105.18 -31.27 -21.50
N GLY FA 367 104.37 -32.05 -20.80
CA GLY FA 367 104.35 -32.06 -19.35
C GLY FA 367 102.95 -32.15 -18.82
N GLY FA 368 102.66 -31.42 -17.75
CA GLY FA 368 101.30 -31.38 -17.23
C GLY FA 368 100.95 -32.61 -16.42
N SER FA 369 100.24 -32.40 -15.32
CA SER FA 369 99.81 -33.48 -14.45
C SER FA 369 98.40 -33.98 -14.76
N ILE FA 370 97.51 -33.09 -15.18
CA ILE FA 370 96.12 -33.41 -15.45
C ILE FA 370 95.69 -32.69 -16.72
N SER FA 371 94.64 -33.21 -17.35
CA SER FA 371 94.21 -32.75 -18.66
C SER FA 371 92.70 -32.52 -18.67
N ILE FA 372 92.22 -31.99 -19.79
CA ILE FA 372 90.81 -31.71 -19.97
C ILE FA 372 90.54 -31.57 -21.47
N SER FA 373 89.33 -31.95 -21.87
CA SER FA 373 88.84 -31.72 -23.22
C SER FA 373 87.43 -31.19 -23.12
N ASN FA 374 87.11 -30.22 -23.98
CA ASN FA 374 85.83 -29.53 -23.95
C ASN FA 374 85.13 -29.66 -25.29
N MET FA 375 83.82 -29.82 -25.24
CA MET FA 375 82.98 -29.87 -26.44
C MET FA 375 81.69 -29.09 -26.24
N GLY FA 376 81.69 -28.11 -25.35
CA GLY FA 376 80.45 -27.42 -24.99
C GLY FA 376 79.82 -26.65 -26.13
N MET FA 377 80.60 -26.28 -27.15
CA MET FA 377 80.03 -25.53 -28.26
C MET FA 377 79.03 -26.36 -29.05
N ASN FA 378 79.27 -27.67 -29.13
CA ASN FA 378 78.41 -28.55 -29.91
C ASN FA 378 77.26 -29.03 -29.03
N PRO FA 379 76.03 -28.54 -29.23
CA PRO FA 379 74.96 -28.87 -28.28
C PRO FA 379 74.45 -30.30 -28.38
N ALA FA 380 74.90 -31.08 -29.37
CA ALA FA 380 74.39 -32.43 -29.54
C ALA FA 380 75.02 -33.40 -28.57
N VAL FA 381 76.27 -33.16 -28.18
CA VAL FA 381 77.03 -34.12 -27.38
C VAL FA 381 76.51 -34.04 -25.95
N GLN FA 382 75.81 -35.09 -25.51
CA GLN FA 382 75.42 -35.18 -24.11
C GLN FA 382 76.61 -35.63 -23.26
N SER FA 383 77.42 -36.54 -23.77
CA SER FA 383 78.58 -36.99 -23.03
C SER FA 383 79.56 -37.67 -23.96
N PHE FA 384 80.78 -37.85 -23.48
CA PHE FA 384 81.78 -38.58 -24.24
C PHE FA 384 82.95 -38.88 -23.32
N THR FA 385 83.74 -39.86 -23.74
CA THR FA 385 84.96 -40.25 -23.06
C THR FA 385 86.16 -39.74 -23.86
N ALA FA 386 87.32 -39.79 -23.24
CA ALA FA 386 88.58 -39.45 -23.89
C ALA FA 386 89.63 -40.47 -23.47
N ILE FA 387 90.88 -40.19 -23.83
CA ILE FA 387 92.00 -41.07 -23.62
C ILE FA 387 93.06 -40.31 -22.85
N ILE FA 388 93.72 -41.00 -21.93
CA ILE FA 388 94.62 -40.36 -20.97
C ILE FA 388 95.94 -40.05 -21.66
N ASN FA 389 96.24 -38.78 -21.80
CA ASN FA 389 97.51 -38.36 -22.37
C ASN FA 389 98.64 -38.69 -21.38
N PRO FA 390 99.50 -39.66 -21.68
CA PRO FA 390 100.48 -40.07 -20.69
C PRO FA 390 101.52 -38.99 -20.48
N PRO FA 391 102.32 -39.07 -19.39
CA PRO FA 391 102.30 -40.09 -18.34
C PRO FA 391 101.30 -39.78 -17.23
N GLN FA 392 100.28 -38.98 -17.55
CA GLN FA 392 99.33 -38.53 -16.54
C GLN FA 392 98.47 -39.69 -16.05
N ALA FA 393 97.55 -39.41 -15.12
CA ALA FA 393 96.75 -40.42 -14.44
C ALA FA 393 95.26 -40.26 -14.63
N ALA FA 394 94.80 -39.11 -15.10
CA ALA FA 394 93.37 -38.85 -15.21
C ALA FA 394 93.12 -37.91 -16.37
N ILE FA 395 91.84 -37.80 -16.74
CA ILE FA 395 91.42 -36.82 -17.73
C ILE FA 395 89.92 -36.62 -17.60
N LEU FA 396 89.49 -35.41 -17.91
CA LEU FA 396 88.12 -34.96 -17.74
C LEU FA 396 87.47 -34.74 -19.09
N ALA FA 397 86.14 -34.63 -19.08
CA ALA FA 397 85.38 -34.33 -20.27
C ALA FA 397 84.06 -33.71 -19.85
N VAL FA 398 83.70 -32.62 -20.51
CA VAL FA 398 82.54 -31.82 -20.16
C VAL FA 398 81.61 -31.79 -21.36
N GLY FA 399 80.41 -32.35 -21.21
CA GLY FA 399 79.44 -32.32 -22.28
C GLY FA 399 78.80 -30.96 -22.43
N ALA FA 400 77.73 -30.94 -23.21
CA ALA FA 400 76.98 -29.72 -23.43
C ALA FA 400 75.96 -29.53 -22.31
N PRO FA 401 75.44 -28.32 -22.14
CA PRO FA 401 74.34 -28.11 -21.20
C PRO FA 401 73.01 -28.56 -21.77
N GLN FA 402 72.11 -28.92 -20.86
CA GLN FA 402 70.80 -29.45 -21.24
C GLN FA 402 69.78 -29.05 -20.20
N LYS FA 403 68.51 -29.19 -20.58
CA LYS FA 403 67.39 -28.87 -19.71
C LYS FA 403 66.85 -30.17 -19.13
N VAL FA 404 66.68 -30.19 -17.81
CA VAL FA 404 66.25 -31.38 -17.09
C VAL FA 404 65.17 -30.98 -16.09
N ALA FA 405 64.25 -31.91 -15.85
CA ALA FA 405 63.23 -31.72 -14.85
C ALA FA 405 63.78 -32.00 -13.46
N VAL FA 406 63.40 -31.17 -12.50
CA VAL FA 406 63.86 -31.29 -11.13
C VAL FA 406 62.68 -31.02 -10.20
N PRO FA 407 62.47 -31.77 -9.13
CA PRO FA 407 61.41 -31.41 -8.18
C PRO FA 407 61.76 -30.15 -7.41
N VAL FA 408 60.72 -29.52 -6.88
CA VAL FA 408 60.89 -28.33 -6.05
C VAL FA 408 59.67 -28.21 -5.15
N GLU FA 409 59.91 -27.81 -3.90
CA GLU FA 409 58.86 -27.62 -2.94
C GLU FA 409 58.40 -26.16 -2.93
N ASN FA 410 57.17 -25.94 -3.37
CA ASN FA 410 56.57 -24.63 -3.25
C ASN FA 410 56.31 -24.30 -1.79
N GLU FA 411 55.85 -23.07 -1.53
CA GLU FA 411 55.54 -22.66 -0.17
C GLU FA 411 54.53 -23.57 0.51
N ASP FA 412 53.62 -24.18 -0.25
CA ASP FA 412 52.70 -25.17 0.28
C ASP FA 412 53.35 -26.55 0.24
N GLY FA 413 52.62 -27.55 0.74
CA GLY FA 413 53.18 -28.88 0.87
C GLY FA 413 53.37 -29.62 -0.43
N THR FA 414 52.77 -29.14 -1.52
CA THR FA 414 52.86 -29.85 -2.80
C THR FA 414 54.20 -29.58 -3.46
N THR FA 415 54.67 -30.57 -4.21
CA THR FA 415 55.87 -30.43 -5.02
C THR FA 415 55.51 -29.79 -6.35
N GLY FA 416 56.54 -29.24 -7.01
CA GLY FA 416 56.38 -28.61 -8.29
C GLY FA 416 57.52 -28.96 -9.22
N VAL FA 417 57.42 -28.48 -10.45
CA VAL FA 417 58.40 -28.74 -11.49
C VAL FA 417 59.21 -27.46 -11.70
N SER FA 418 60.52 -27.61 -11.75
CA SER FA 418 61.43 -26.53 -12.07
C SER FA 418 62.47 -27.05 -13.05
N TRP FA 419 62.90 -26.16 -13.95
CA TRP FA 419 63.80 -26.53 -15.03
C TRP FA 419 65.21 -26.06 -14.69
N ASP FA 420 66.09 -27.02 -14.41
CA ASP FA 420 67.48 -26.78 -14.05
C ASP FA 420 68.38 -27.15 -15.21
N GLU FA 421 69.42 -26.35 -15.39
CA GLU FA 421 70.39 -26.55 -16.46
C GLU FA 421 71.48 -27.50 -15.97
N GLN FA 422 71.53 -28.69 -16.56
CA GLN FA 422 72.48 -29.72 -16.17
C GLN FA 422 73.58 -29.88 -17.22
N ILE FA 423 74.72 -30.35 -16.77
CA ILE FA 423 75.82 -30.79 -17.62
C ILE FA 423 76.26 -32.15 -17.14
N ILE FA 424 76.59 -33.02 -18.07
CA ILE FA 424 77.19 -34.31 -17.76
C ILE FA 424 78.70 -34.16 -17.83
N VAL FA 425 79.38 -34.84 -16.92
CA VAL FA 425 80.83 -34.83 -16.82
C VAL FA 425 81.31 -36.26 -16.75
N THR FA 426 82.36 -36.56 -17.51
CA THR FA 426 82.93 -37.90 -17.60
C THR FA 426 84.41 -37.82 -17.30
N ALA FA 427 84.85 -38.62 -16.34
CA ALA FA 427 86.25 -38.68 -15.93
C ALA FA 427 86.78 -40.08 -16.15
N SER FA 428 87.87 -40.18 -16.88
CA SER FA 428 88.58 -41.44 -17.07
C SER FA 428 89.83 -41.44 -16.20
N PHE FA 429 90.04 -42.54 -15.47
CA PHE FA 429 91.15 -42.65 -14.54
C PHE FA 429 92.01 -43.85 -14.88
N ASP FA 430 93.26 -43.81 -14.40
CA ASP FA 430 94.14 -44.97 -14.43
C ASP FA 430 94.00 -45.73 -13.12
N HIS FA 431 93.81 -47.04 -13.23
CA HIS FA 431 93.52 -47.85 -12.06
C HIS FA 431 94.76 -48.23 -11.27
N LYS FA 432 95.95 -48.11 -11.86
CA LYS FA 432 97.17 -48.44 -11.12
C LYS FA 432 97.35 -47.51 -9.94
N VAL FA 433 97.03 -46.24 -10.11
CA VAL FA 433 97.23 -45.22 -9.10
C VAL FA 433 95.98 -45.04 -8.25
N VAL FA 434 94.85 -44.84 -8.91
CA VAL FA 434 93.63 -44.38 -8.28
C VAL FA 434 92.66 -45.54 -8.15
N ASP FA 435 91.85 -45.49 -7.10
CA ASP FA 435 90.77 -46.44 -6.87
C ASP FA 435 89.43 -45.74 -7.06
N GLY FA 436 88.38 -46.57 -7.14
CA GLY FA 436 87.05 -46.05 -7.37
C GLY FA 436 86.61 -45.10 -6.27
N ALA FA 437 86.94 -45.41 -5.03
CA ALA FA 437 86.59 -44.54 -3.91
C ALA FA 437 87.26 -43.19 -4.03
N VAL FA 438 88.54 -43.18 -4.42
CA VAL FA 438 89.28 -41.94 -4.52
C VAL FA 438 88.72 -41.09 -5.64
N GLY FA 439 88.44 -41.71 -6.78
CA GLY FA 439 87.83 -40.98 -7.88
C GLY FA 439 86.47 -40.42 -7.51
N ALA FA 440 85.68 -41.20 -6.77
CA ALA FA 440 84.36 -40.73 -6.36
C ALA FA 440 84.50 -39.54 -5.43
N GLU FA 441 85.50 -39.57 -4.55
CA GLU FA 441 85.72 -38.46 -3.63
C GLU FA 441 86.10 -37.20 -4.40
N TRP FA 442 86.98 -37.36 -5.39
CA TRP FA 442 87.37 -36.24 -6.24
C TRP FA 442 86.14 -35.63 -6.93
N ILE FA 443 85.30 -36.50 -7.48
CA ILE FA 443 84.11 -36.02 -8.18
C ILE FA 443 83.15 -35.34 -7.21
N ARG FA 444 83.05 -35.86 -6.00
CA ARG FA 444 82.17 -35.24 -5.02
C ARG FA 444 82.65 -33.83 -4.69
N GLU FA 445 83.96 -33.67 -4.49
CA GLU FA 445 84.48 -32.34 -4.18
C GLU FA 445 84.25 -31.39 -5.35
N LEU FA 446 84.41 -31.88 -6.58
CA LEU FA 446 84.18 -31.03 -7.74
C LEU FA 446 82.71 -30.59 -7.80
N LYS FA 447 81.79 -31.54 -7.65
CA LYS FA 447 80.37 -31.22 -7.68
C LYS FA 447 80.02 -30.23 -6.59
N LYS FA 448 80.59 -30.40 -5.40
CA LYS FA 448 80.29 -29.50 -4.30
C LYS FA 448 80.77 -28.09 -4.61
N VAL FA 449 82.00 -27.97 -5.09
CA VAL FA 449 82.56 -26.65 -5.38
C VAL FA 449 81.76 -25.96 -6.47
N ILE FA 450 81.28 -26.71 -7.45
CA ILE FA 450 80.53 -26.09 -8.55
C ILE FA 450 79.15 -25.67 -8.06
N GLU FA 451 78.45 -26.60 -7.41
CA GLU FA 451 77.09 -26.31 -6.99
C GLU FA 451 77.05 -25.18 -5.98
N ASN FA 452 78.13 -25.00 -5.21
CA ASN FA 452 78.31 -23.83 -4.36
C ASN FA 452 79.47 -23.03 -4.91
N PRO FA 453 79.28 -22.19 -5.92
CA PRO FA 453 80.43 -21.49 -6.54
C PRO FA 453 81.20 -20.61 -5.57
N LEU FA 454 80.57 -20.18 -4.48
CA LEU FA 454 81.22 -19.28 -3.55
C LEU FA 454 82.43 -19.92 -2.88
N GLU FA 455 82.50 -21.24 -2.84
CA GLU FA 455 83.66 -21.91 -2.27
C GLU FA 455 84.87 -21.88 -3.19
N LEU FA 456 84.73 -21.36 -4.41
CA LEU FA 456 85.91 -21.12 -5.24
C LEU FA 456 86.91 -20.20 -4.55
N LEU FA 457 86.41 -19.30 -3.71
CA LEU FA 457 87.29 -18.43 -2.94
C LEU FA 457 88.19 -19.25 -2.01
N LEU FA 458 87.71 -20.40 -1.56
CA LEU FA 458 88.46 -21.25 -0.65
C LEU FA 458 89.36 -22.20 -1.43
N TYR GA 227 -5.85 113.20 5.21
CA TYR GA 227 -7.23 113.60 5.44
C TYR GA 227 -7.46 113.95 6.90
N THR GA 228 -7.74 112.94 7.72
CA THR GA 228 -7.99 113.20 9.13
C THR GA 228 -6.72 113.74 9.80
N ASP GA 229 -6.90 114.75 10.65
CA ASP GA 229 -5.79 115.50 11.24
C ASP GA 229 -5.99 115.54 12.75
N VAL GA 230 -5.37 114.60 13.46
CA VAL GA 230 -5.50 114.50 14.91
C VAL GA 230 -4.26 115.14 15.53
N PRO GA 231 -4.41 116.15 16.40
CA PRO GA 231 -3.23 116.66 17.11
C PRO GA 231 -2.63 115.60 18.03
N ILE GA 232 -1.38 115.82 18.40
CA ILE GA 232 -0.62 114.84 19.16
C ILE GA 232 -0.93 115.01 20.64
N SER GA 233 -0.94 113.89 21.36
CA SER GA 233 -1.29 113.90 22.78
C SER GA 233 -0.28 114.64 23.63
N GLY GA 234 0.93 114.86 23.15
CA GLY GA 234 2.02 115.47 23.91
C GLY GA 234 2.86 114.46 24.64
N MET GA 235 2.24 113.41 25.18
CA MET GA 235 3.01 112.35 25.83
C MET GA 235 3.93 111.66 24.83
N ARG GA 236 3.44 111.45 23.61
CA ARG GA 236 4.27 110.81 22.59
C ARG GA 236 5.48 111.66 22.23
N LYS GA 237 5.40 112.98 22.43
CA LYS GA 237 6.52 113.85 22.11
C LYS GA 237 7.74 113.47 22.94
N THR GA 238 7.54 113.24 24.23
CA THR GA 238 8.64 112.90 25.11
C THR GA 238 9.28 111.58 24.71
N ILE GA 239 8.45 110.58 24.39
CA ILE GA 239 8.99 109.28 24.01
C ILE GA 239 9.72 109.37 22.68
N ALA GA 240 9.21 110.20 21.76
CA ALA GA 240 9.90 110.40 20.49
C ALA GA 240 11.27 111.03 20.70
N ALA GA 241 11.33 112.07 21.54
CA ALA GA 241 12.61 112.71 21.82
C ALA GA 241 13.56 111.74 22.50
N ARG GA 242 13.05 110.91 23.41
CA ARG GA 242 13.88 109.95 24.10
C ARG GA 242 14.48 108.95 23.14
N LEU GA 243 13.65 108.38 22.27
CA LEU GA 243 14.14 107.40 21.30
C LEU GA 243 15.10 108.04 20.30
N LYS GA 244 14.84 109.28 19.92
CA LYS GA 244 15.76 110.00 19.04
C LYS GA 244 17.11 110.19 19.69
N GLU GA 245 17.12 110.60 20.96
CA GLU GA 245 18.36 110.70 21.71
C GLU GA 245 19.08 109.37 21.74
N SER GA 246 18.32 108.28 21.94
CA SER GA 246 18.93 106.97 22.03
C SER GA 246 19.63 106.60 20.74
N VAL GA 247 18.93 106.71 19.61
CA VAL GA 247 19.50 106.28 18.35
C VAL GA 247 20.62 107.21 17.88
N THR GA 248 20.55 108.50 18.21
CA THR GA 248 21.58 109.42 17.74
C THR GA 248 22.81 109.43 18.64
N GLU GA 249 22.65 109.08 19.92
CA GLU GA 249 23.79 109.04 20.83
C GLU GA 249 24.48 107.68 20.81
N ASN GA 250 23.70 106.62 20.69
CA ASN GA 250 24.17 105.27 20.87
C ASN GA 250 24.05 104.50 19.56
N PRO GA 251 25.15 103.99 18.99
CA PRO GA 251 25.00 103.11 17.83
C PRO GA 251 24.52 101.74 18.27
N HIS GA 252 23.78 101.09 17.38
CA HIS GA 252 23.11 99.83 17.66
C HIS GA 252 23.68 98.74 16.78
N PHE GA 253 23.97 97.60 17.38
CA PHE GA 253 24.22 96.38 16.63
C PHE GA 253 23.52 95.22 17.34
N PHE GA 254 23.07 94.27 16.53
CA PHE GA 254 22.13 93.25 16.95
C PHE GA 254 22.79 91.88 16.89
N VAL GA 255 22.35 90.99 17.77
CA VAL GA 255 22.81 89.61 17.82
C VAL GA 255 21.58 88.72 17.92
N SER GA 256 21.51 87.73 17.04
CA SER GA 256 20.32 86.90 16.88
C SER GA 256 20.71 85.44 17.02
N THR GA 257 20.04 84.75 17.94
CA THR GA 257 20.34 83.34 18.22
C THR GA 257 19.04 82.55 18.34
N ASN GA 258 19.22 81.24 18.46
CA ASN GA 258 18.12 80.29 18.54
C ASN GA 258 18.34 79.43 19.78
N LEU GA 259 17.31 79.32 20.60
CA LEU GA 259 17.34 78.52 21.82
C LEU GA 259 16.52 77.26 21.64
N SER GA 260 16.60 76.40 22.65
CA SER GA 260 15.83 75.16 22.70
C SER GA 260 15.17 75.07 24.07
N VAL GA 261 13.84 74.97 24.09
CA VAL GA 261 13.04 75.09 25.29
C VAL GA 261 12.21 73.86 25.58
N SER GA 262 12.50 72.73 24.90
CA SER GA 262 11.71 71.53 25.09
C SER GA 262 11.79 71.03 26.52
N LYS GA 263 12.94 71.25 27.18
CA LYS GA 263 13.09 70.88 28.58
C LYS GA 263 12.49 71.94 29.49
N LEU GA 264 12.63 73.21 29.10
CA LEU GA 264 12.08 74.29 29.90
C LEU GA 264 10.57 74.17 30.06
N LEU GA 265 9.89 73.83 28.97
CA LEU GA 265 8.43 73.74 29.03
C LEU GA 265 8.00 72.57 29.89
N LYS GA 266 8.72 71.46 29.83
CA LYS GA 266 8.43 70.34 30.72
C LYS GA 266 8.61 70.75 32.18
N LEU GA 267 9.69 71.48 32.47
CA LEU GA 267 9.93 71.94 33.82
C LEU GA 267 8.80 72.84 34.31
N ARG GA 268 8.36 73.76 33.46
CA ARG GA 268 7.28 74.67 33.83
C ARG GA 268 6.00 73.90 34.09
N GLN GA 269 5.69 72.93 33.22
CA GLN GA 269 4.48 72.14 33.38
C GLN GA 269 4.53 71.35 34.68
N ALA GA 270 5.68 70.78 35.01
CA ALA GA 270 5.77 69.98 36.22
C ALA GA 270 5.66 70.85 37.47
N LEU GA 271 6.32 72.01 37.47
CA LEU GA 271 6.19 72.90 38.62
C LEU GA 271 4.76 73.42 38.76
N ASN GA 272 4.06 73.63 37.66
CA ASN GA 272 2.67 74.06 37.75
C ASN GA 272 1.79 72.94 38.28
N SER GA 273 2.05 71.70 37.88
CA SER GA 273 1.26 70.58 38.36
C SER GA 273 1.51 70.31 39.83
N SER GA 274 2.74 70.49 40.30
CA SER GA 274 3.08 70.26 41.70
C SER GA 274 2.84 71.54 42.51
N ALA GA 275 1.59 71.99 42.50
CA ALA GA 275 1.21 73.21 43.19
C ALA GA 275 -0.27 73.13 43.55
N ASP GA 276 -0.68 74.03 44.44
CA ASP GA 276 -2.04 74.10 44.93
C ASP GA 276 -2.70 75.41 44.53
N GLY GA 277 -2.42 75.87 43.30
CA GLY GA 277 -2.86 77.18 42.88
C GLY GA 277 -2.16 78.31 43.59
N ARG GA 278 -1.09 78.04 44.34
CA ARG GA 278 -0.38 79.08 45.05
C ARG GA 278 0.40 79.98 44.12
N TYR GA 279 0.71 79.51 42.91
CA TYR GA 279 1.49 80.29 41.96
C TYR GA 279 1.21 79.77 40.55
N LYS GA 280 1.69 80.53 39.57
CA LYS GA 280 1.56 80.14 38.17
C LYS GA 280 2.70 80.81 37.40
N LEU GA 281 3.43 80.00 36.64
CA LEU GA 281 4.66 80.44 36.00
C LEU GA 281 4.47 80.66 34.50
N SER GA 282 5.44 81.37 33.92
CA SER GA 282 5.50 81.61 32.49
C SER GA 282 6.93 81.45 32.00
N VAL GA 283 7.18 81.84 30.76
CA VAL GA 283 8.52 81.73 30.19
C VAL GA 283 9.35 82.96 30.52
N ASN GA 284 8.70 84.12 30.61
CA ASN GA 284 9.41 85.37 30.84
C ASN GA 284 10.15 85.36 32.16
N ASP GA 285 9.63 84.66 33.16
CA ASP GA 285 10.27 84.64 34.47
C ASP GA 285 11.58 83.86 34.43
N PHE GA 286 11.54 82.67 33.83
CA PHE GA 286 12.78 81.93 33.60
C PHE GA 286 13.77 82.78 32.82
N LEU GA 287 13.29 83.48 31.80
CA LEU GA 287 14.19 84.33 31.01
C LEU GA 287 14.81 85.42 31.86
N ILE GA 288 14.05 85.99 32.78
CA ILE GA 288 14.56 87.08 33.60
C ILE GA 288 15.62 86.56 34.56
N LYS GA 289 15.37 85.40 35.16
CA LYS GA 289 16.37 84.78 36.02
C LYS GA 289 17.65 84.51 35.25
N ALA GA 290 17.52 84.01 34.03
CA ALA GA 290 18.71 83.72 33.23
C ALA GA 290 19.43 85.00 32.86
N MET GA 291 18.68 86.08 32.60
CA MET GA 291 19.30 87.36 32.34
C MET GA 291 20.13 87.81 33.51
N GLY GA 292 19.59 87.66 34.72
CA GLY GA 292 20.35 88.03 35.90
C GLY GA 292 21.63 87.21 36.04
N ILE GA 293 21.53 85.91 35.79
CA ILE GA 293 22.70 85.04 35.91
C ILE GA 293 23.77 85.45 34.90
N ALA GA 294 23.35 85.70 33.66
CA ALA GA 294 24.31 86.08 32.63
C ALA GA 294 24.94 87.42 32.95
N SER GA 295 24.13 88.37 33.45
CA SER GA 295 24.67 89.67 33.81
C SER GA 295 25.68 89.57 34.92
N LYS GA 296 25.46 88.65 35.87
CA LYS GA 296 26.43 88.50 36.95
C LYS GA 296 27.70 87.79 36.47
N ARG GA 297 27.56 86.84 35.55
CA ARG GA 297 28.76 86.19 35.02
C ARG GA 297 29.56 87.12 34.13
N VAL GA 298 28.91 88.10 33.51
CA VAL GA 298 29.57 89.06 32.65
C VAL GA 298 29.12 90.46 33.04
N PRO GA 299 29.75 91.10 34.03
CA PRO GA 299 29.20 92.36 34.56
C PRO GA 299 29.36 93.54 33.60
N THR GA 300 30.15 93.42 32.55
CA THR GA 300 30.34 94.54 31.64
C THR GA 300 29.04 94.93 30.95
N VAL GA 301 28.14 93.98 30.74
CA VAL GA 301 26.85 94.29 30.14
C VAL GA 301 26.02 95.16 31.08
N ASN GA 302 25.95 94.78 32.35
CA ASN GA 302 25.22 95.53 33.36
C ASN GA 302 26.03 96.78 33.66
N SER GA 303 25.90 97.76 32.77
CA SER GA 303 26.72 98.97 32.81
C SER GA 303 25.89 100.12 32.28
N SER GA 304 26.55 101.24 32.00
CA SER GA 304 25.89 102.41 31.45
C SER GA 304 26.95 103.33 30.86
N TRP GA 305 26.55 104.54 30.51
CA TRP GA 305 27.45 105.57 30.00
C TRP GA 305 27.06 106.89 30.61
N ARG GA 306 27.99 107.51 31.32
CA ARG GA 306 27.73 108.76 32.05
C ARG GA 306 28.79 109.78 31.67
N ASP GA 307 28.83 110.90 32.40
CA ASP GA 307 29.71 112.00 32.04
C ASP GA 307 31.17 111.61 32.26
N GLY GA 308 31.81 111.12 31.20
CA GLY GA 308 33.21 110.74 31.28
C GLY GA 308 33.50 109.64 32.26
N VAL GA 309 32.53 108.78 32.54
CA VAL GA 309 32.68 107.73 33.53
C VAL GA 309 31.70 106.61 33.21
N ILE GA 310 32.15 105.38 33.45
CA ILE GA 310 31.31 104.20 33.33
C ILE GA 310 30.79 103.87 34.72
N ARG GA 311 29.47 103.82 34.86
CA ARG GA 311 28.81 103.40 36.08
C ARG GA 311 28.47 101.93 35.96
N GLN GA 312 29.06 101.12 36.83
CA GLN GA 312 28.85 99.68 36.85
C GLN GA 312 28.11 99.32 38.14
N PHE GA 313 27.02 98.58 37.98
CA PHE GA 313 26.23 98.11 39.11
C PHE GA 313 26.74 96.76 39.58
N GLU GA 314 26.09 96.24 40.63
CA GLU GA 314 26.34 94.90 41.14
C GLU GA 314 25.10 94.02 41.05
N THR GA 315 23.95 94.58 41.40
CA THR GA 315 22.68 93.91 41.26
C THR GA 315 22.11 94.13 39.88
N VAL GA 316 21.05 93.39 39.58
CA VAL GA 316 20.40 93.41 38.27
C VAL GA 316 18.98 93.94 38.47
N ASP GA 317 18.72 95.11 37.92
CA ASP GA 317 17.38 95.70 37.88
C ASP GA 317 16.82 95.52 36.49
N VAL GA 318 15.68 94.86 36.38
CA VAL GA 318 15.15 94.39 35.10
C VAL GA 318 13.91 95.20 34.75
N SER GA 319 13.93 95.84 33.59
CA SER GA 319 12.81 96.63 33.10
C SER GA 319 11.98 95.79 32.14
N VAL GA 320 10.74 95.48 32.54
CA VAL GA 320 9.84 94.65 31.76
C VAL GA 320 8.83 95.55 31.07
N ALA GA 321 8.62 95.31 29.79
CA ALA GA 321 7.70 96.12 29.00
C ALA GA 321 6.28 95.63 29.16
N VAL GA 322 5.34 96.58 29.18
CA VAL GA 322 3.91 96.29 29.21
C VAL GA 322 3.23 97.24 28.22
N ALA GA 323 2.31 96.68 27.45
CA ALA GA 323 1.66 97.38 26.35
C ALA GA 323 0.25 97.77 26.79
N THR GA 324 0.11 98.99 27.26
CA THR GA 324 -1.18 99.51 27.65
C THR GA 324 -1.88 100.16 26.46
N PRO GA 325 -3.20 100.35 26.53
CA PRO GA 325 -3.86 101.13 25.47
C PRO GA 325 -3.35 102.56 25.37
N ASN GA 326 -2.78 103.09 26.44
CA ASN GA 326 -2.14 104.39 26.42
C ASN GA 326 -0.81 104.37 25.68
N GLY GA 327 -0.15 103.21 25.60
CA GLY GA 327 1.13 103.11 24.92
C GLY GA 327 2.00 102.01 25.48
N LEU GA 328 3.24 102.35 25.81
CA LEU GA 328 4.22 101.40 26.34
C LEU GA 328 4.74 101.92 27.67
N ILE GA 329 5.03 100.99 28.58
CA ILE GA 329 5.55 101.35 29.89
C ILE GA 329 6.51 100.27 30.34
N THR GA 330 7.44 100.62 31.23
CA THR GA 330 8.51 99.73 31.66
C THR GA 330 8.64 99.72 33.17
N PRO GA 331 7.79 98.97 33.87
CA PRO GA 331 8.04 98.71 35.29
C PRO GA 331 9.34 97.97 35.50
N ILE GA 332 9.79 97.95 36.75
CA ILE GA 332 11.10 97.43 37.13
C ILE GA 332 10.92 96.36 38.19
N VAL GA 333 11.73 95.32 38.11
CA VAL GA 333 11.91 94.35 39.17
C VAL GA 333 13.30 94.55 39.74
N LYS GA 334 13.41 94.49 41.07
CA LYS GA 334 14.62 94.81 41.81
C LYS GA 334 15.24 93.56 42.39
N GLY GA 335 16.57 93.49 42.33
CA GLY GA 335 17.32 92.41 42.94
C GLY GA 335 16.89 91.04 42.44
N VAL GA 336 16.96 90.85 41.13
CA VAL GA 336 16.50 89.60 40.53
C VAL GA 336 17.34 88.44 41.00
N GLU GA 337 18.66 88.55 40.83
CA GLU GA 337 19.56 87.47 41.19
C GLU GA 337 19.40 87.13 42.67
N GLY GA 338 19.00 85.90 42.93
CA GLY GA 338 18.71 85.47 44.28
C GLY GA 338 17.42 86.03 44.81
N LYS GA 339 16.32 85.82 44.10
CA LYS GA 339 15.01 86.30 44.52
C LYS GA 339 13.93 85.23 44.50
N GLY GA 340 13.94 84.33 43.52
CA GLY GA 340 12.94 83.28 43.42
C GLY GA 340 11.87 83.53 42.39
N LEU GA 341 11.53 82.47 41.65
CA LEU GA 341 10.61 82.60 40.52
C LEU GA 341 9.20 82.96 40.98
N GLU GA 342 8.78 82.44 42.13
CA GLU GA 342 7.43 82.74 42.60
C GLU GA 342 7.30 84.22 42.93
N SER GA 343 8.28 84.76 43.67
CA SER GA 343 8.27 86.18 43.97
C SER GA 343 8.35 87.00 42.69
N ILE GA 344 9.13 86.54 41.72
CA ILE GA 344 9.24 87.25 40.44
C ILE GA 344 7.88 87.32 39.76
N SER GA 345 7.19 86.18 39.67
CA SER GA 345 5.89 86.15 39.01
C SER GA 345 4.89 87.02 39.73
N ALA GA 346 4.90 86.98 41.06
CA ALA GA 346 3.96 87.78 41.84
C ALA GA 346 4.19 89.26 41.59
N ALA GA 347 5.45 89.70 41.66
CA ALA GA 347 5.76 91.10 41.44
C ALA GA 347 5.39 91.52 40.02
N VAL GA 348 5.65 90.67 39.04
CA VAL GA 348 5.34 91.01 37.65
C VAL GA 348 3.84 91.15 37.46
N LYS GA 349 3.06 90.22 38.04
CA LYS GA 349 1.61 90.32 37.93
C LYS GA 349 1.10 91.60 38.57
N GLU GA 350 1.60 91.91 39.77
CA GLU GA 350 1.16 93.13 40.46
C GLU GA 350 1.49 94.36 39.63
N LEU GA 351 2.72 94.44 39.12
CA LEU GA 351 3.12 95.61 38.35
C LEU GA 351 2.33 95.72 37.05
N ALA GA 352 2.04 94.59 36.41
CA ALA GA 352 1.29 94.62 35.16
C ALA GA 352 -0.13 95.11 35.39
N LYS GA 353 -0.78 94.60 36.44
CA LYS GA 353 -2.13 95.07 36.73
C LYS GA 353 -2.15 96.52 37.16
N LYS GA 354 -1.13 96.94 37.92
CA LYS GA 354 -1.05 98.34 38.33
C LYS GA 354 -0.80 99.24 37.14
N ALA GA 355 -0.12 98.74 36.11
CA ALA GA 355 0.10 99.54 34.90
C ALA GA 355 -1.16 99.61 34.06
N ARG GA 356 -1.90 98.49 33.97
CA ARG GA 356 -3.19 98.53 33.27
C ARG GA 356 -4.16 99.47 33.97
N ASP GA 357 -4.06 99.59 35.29
CA ASP GA 357 -4.91 100.52 36.04
C ASP GA 357 -4.38 101.95 36.04
N GLY GA 358 -3.08 102.14 35.83
CA GLY GA 358 -2.49 103.46 35.92
C GLY GA 358 -2.34 103.93 37.35
N LYS GA 359 -1.52 103.22 38.13
CA LYS GA 359 -1.39 103.46 39.57
C LYS GA 359 0.07 103.39 40.00
N LEU GA 360 0.99 103.74 39.11
CA LEU GA 360 2.42 103.59 39.37
C LEU GA 360 3.05 104.87 39.86
N LYS GA 361 4.20 104.72 40.50
CA LYS GA 361 5.09 105.80 40.88
C LYS GA 361 6.17 105.97 39.82
N PRO GA 362 6.79 107.14 39.72
CA PRO GA 362 7.85 107.31 38.71
C PRO GA 362 9.07 106.46 38.99
N GLU GA 363 9.43 106.28 40.26
CA GLU GA 363 10.62 105.50 40.60
C GLU GA 363 10.49 104.05 40.13
N GLU GA 364 9.26 103.53 40.06
CA GLU GA 364 9.06 102.13 39.69
C GLU GA 364 9.33 101.87 38.22
N TYR GA 365 9.36 102.91 37.38
CA TYR GA 365 9.68 102.76 35.96
C TYR GA 365 10.71 103.79 35.49
N GLN GA 366 11.48 104.36 36.41
CA GLN GA 366 12.61 105.23 36.08
C GLN GA 366 13.86 104.63 36.70
N GLY GA 367 14.70 104.04 35.86
CA GLY GA 367 15.91 103.38 36.31
C GLY GA 367 16.15 102.09 35.56
N GLY GA 368 16.67 101.08 36.26
CA GLY GA 368 16.93 99.81 35.64
C GLY GA 368 18.20 99.81 34.83
N SER GA 369 18.96 98.72 34.91
CA SER GA 369 20.20 98.58 34.14
C SER GA 369 19.97 97.87 32.82
N ILE GA 370 19.01 96.95 32.77
CA ILE GA 370 18.74 96.15 31.59
C ILE GA 370 17.23 96.08 31.38
N SER GA 371 16.82 95.84 30.15
CA SER GA 371 15.43 95.88 29.75
C SER GA 371 15.09 94.65 28.91
N ILE GA 372 13.79 94.50 28.64
CA ILE GA 372 13.29 93.36 27.89
C ILE GA 372 11.91 93.72 27.35
N SER GA 373 11.59 93.15 26.19
CA SER GA 373 10.25 93.19 25.62
C SER GA 373 9.88 91.81 25.15
N ASN GA 374 8.60 91.45 25.35
CA ASN GA 374 8.10 90.13 25.05
C ASN GA 374 6.91 90.23 24.11
N MET GA 375 6.83 89.29 23.17
CA MET GA 375 5.70 89.20 22.25
C MET GA 375 5.26 87.75 22.06
N GLY GA 376 5.49 86.89 23.06
CA GLY GA 376 5.23 85.47 22.90
C GLY GA 376 3.78 85.12 22.65
N MET GA 377 2.85 85.98 23.06
CA MET GA 377 1.44 85.68 22.84
C MET GA 377 1.09 85.71 21.36
N ASN GA 378 1.83 86.47 20.56
CA ASN GA 378 1.54 86.59 19.13
C ASN GA 378 2.34 85.53 18.37
N PRO GA 379 1.72 84.47 17.85
CA PRO GA 379 2.53 83.39 17.24
C PRO GA 379 3.12 83.72 15.89
N ALA GA 380 2.78 84.87 15.31
CA ALA GA 380 3.25 85.19 13.96
C ALA GA 380 4.68 85.71 13.97
N VAL GA 381 5.09 86.40 15.03
CA VAL GA 381 6.37 87.06 15.07
C VAL GA 381 7.45 86.01 15.32
N GLN GA 382 8.32 85.79 14.33
CA GLN GA 382 9.49 84.95 14.55
C GLN GA 382 10.58 85.71 15.29
N SER GA 383 10.92 86.89 14.80
CA SER GA 383 11.93 87.72 15.44
C SER GA 383 11.56 89.18 15.29
N PHE GA 384 12.19 90.01 16.11
CA PHE GA 384 11.99 91.45 16.01
C PHE GA 384 13.06 92.12 16.85
N THR GA 385 13.38 93.35 16.47
CA THR GA 385 14.31 94.18 17.18
C THR GA 385 13.55 95.16 18.07
N ALA GA 386 14.28 95.83 18.94
CA ALA GA 386 13.73 96.90 19.76
C ALA GA 386 14.80 98.00 19.88
N ILE GA 387 14.53 98.95 20.77
CA ILE GA 387 15.35 100.14 20.92
C ILE GA 387 15.77 100.24 22.38
N ILE GA 388 16.99 100.73 22.59
CA ILE GA 388 17.61 100.74 23.91
C ILE GA 388 17.05 101.92 24.71
N ASN GA 389 16.29 101.61 25.75
CA ASN GA 389 15.80 102.63 26.65
C ASN GA 389 16.96 103.24 27.41
N PRO GA 390 17.32 104.51 27.18
CA PRO GA 390 18.50 105.05 27.84
C PRO GA 390 18.27 105.19 29.34
N PRO GA 391 19.35 105.34 30.12
CA PRO GA 391 20.76 105.36 29.75
C PRO GA 391 21.40 103.98 29.71
N GLN GA 392 20.56 102.94 29.63
CA GLN GA 392 21.06 101.57 29.66
C GLN GA 392 21.91 101.27 28.42
N ALA GA 393 22.47 100.06 28.37
CA ALA GA 393 23.41 99.66 27.34
C ALA GA 393 22.95 98.48 26.50
N ALA GA 394 21.92 97.78 26.92
CA ALA GA 394 21.50 96.59 26.21
C ALA GA 394 20.01 96.35 26.44
N ILE GA 395 19.42 95.58 25.53
CA ILE GA 395 18.01 95.23 25.64
C ILE GA 395 17.79 93.94 24.87
N LEU GA 396 16.79 93.18 25.31
CA LEU GA 396 16.49 91.87 24.80
C LEU GA 396 15.17 91.87 24.05
N ALA GA 397 14.93 90.80 23.31
CA ALA GA 397 13.67 90.61 22.60
C ALA GA 397 13.49 89.12 22.35
N VAL GA 398 12.30 88.62 22.66
CA VAL GA 398 11.99 87.20 22.62
C VAL GA 398 10.82 87.00 21.68
N GLY GA 399 11.05 86.29 20.57
CA GLY GA 399 9.99 86.00 19.64
C GLY GA 399 9.06 84.92 20.16
N ALA GA 400 8.34 84.31 19.23
CA ALA GA 400 7.43 83.23 19.56
C ALA GA 400 8.12 81.88 19.47
N PRO GA 401 7.53 80.84 20.02
CA PRO GA 401 8.04 79.50 19.79
C PRO GA 401 7.60 78.96 18.44
N GLN GA 402 8.41 78.02 17.92
CA GLN GA 402 8.16 77.43 16.63
C GLN GA 402 8.66 75.99 16.62
N LYS GA 403 8.24 75.25 15.60
CA LYS GA 403 8.63 73.87 15.40
C LYS GA 403 9.74 73.84 14.37
N VAL GA 404 10.83 73.15 14.68
CA VAL GA 404 12.00 73.06 13.80
C VAL GA 404 12.45 71.61 13.73
N ALA GA 405 13.02 71.25 12.60
CA ALA GA 405 13.60 69.94 12.42
C ALA GA 405 14.99 69.90 13.04
N VAL GA 406 15.30 68.78 13.70
CA VAL GA 406 16.58 68.59 14.37
C VAL GA 406 17.03 67.15 14.14
N PRO GA 407 18.30 66.88 13.84
CA PRO GA 407 18.74 65.49 13.75
C PRO GA 407 18.80 64.84 15.11
N VAL GA 408 18.66 63.52 15.10
CA VAL GA 408 18.78 62.71 16.31
C VAL GA 408 19.29 61.34 15.91
N GLU GA 409 20.16 60.78 16.74
CA GLU GA 409 20.71 59.45 16.52
C GLU GA 409 19.90 58.43 17.30
N ASN GA 410 19.22 57.54 16.56
CA ASN GA 410 18.53 56.43 17.18
C ASN GA 410 19.56 55.44 17.75
N GLU GA 411 19.06 54.38 18.37
CA GLU GA 411 19.92 53.35 18.93
C GLU GA 411 20.87 52.75 17.89
N ASP GA 412 20.45 52.67 16.64
CA ASP GA 412 21.30 52.21 15.56
C ASP GA 412 22.14 53.37 15.04
N GLY GA 413 22.96 53.09 14.03
CA GLY GA 413 23.84 54.09 13.48
C GLY GA 413 23.17 55.13 12.60
N THR GA 414 21.91 54.91 12.24
CA THR GA 414 21.21 55.84 11.36
C THR GA 414 20.69 57.05 12.15
N THR GA 415 20.66 58.19 11.48
CA THR GA 415 20.10 59.40 12.05
C THR GA 415 18.59 59.43 11.84
N GLY GA 416 17.93 60.29 12.63
CA GLY GA 416 16.49 60.44 12.57
C GLY GA 416 16.10 61.89 12.72
N VAL GA 417 14.81 62.13 12.56
CA VAL GA 417 14.23 63.47 12.60
C VAL GA 417 13.47 63.62 13.91
N SER GA 418 13.81 64.66 14.66
CA SER GA 418 13.12 65.01 15.90
C SER GA 418 12.66 66.45 15.83
N TRP GA 419 11.48 66.72 16.38
CA TRP GA 419 10.86 68.03 16.33
C TRP GA 419 11.09 68.72 17.67
N ASP GA 420 11.91 69.76 17.65
CA ASP GA 420 12.25 70.53 18.82
C ASP GA 420 11.56 71.89 18.77
N GLU GA 421 11.21 72.40 19.94
CA GLU GA 421 10.54 73.69 20.06
C GLU GA 421 11.58 74.77 20.28
N GLN GA 422 11.78 75.61 19.27
CA GLN GA 422 12.79 76.65 19.28
C GLN GA 422 12.15 78.02 19.47
N ILE GA 423 12.96 78.95 19.96
CA ILE GA 423 12.63 80.36 20.02
C ILE GA 423 13.81 81.14 19.47
N ILE GA 424 13.51 82.20 18.74
CA ILE GA 424 14.53 83.15 18.30
C ILE GA 424 14.60 84.27 19.31
N VAL GA 425 15.82 84.70 19.60
CA VAL GA 425 16.10 85.75 20.55
C VAL GA 425 17.00 86.77 19.88
N THR GA 426 16.70 88.05 20.10
CA THR GA 426 17.44 89.14 19.50
C THR GA 426 17.84 90.12 20.59
N ALA GA 427 19.14 90.37 20.70
CA ALA GA 427 19.71 91.28 21.69
C ALA GA 427 20.34 92.45 20.97
N SER GA 428 19.91 93.65 21.33
CA SER GA 428 20.50 94.88 20.83
C SER GA 428 21.47 95.43 21.87
N PHE GA 429 22.66 95.83 21.42
CA PHE GA 429 23.69 96.34 22.31
C PHE GA 429 24.15 97.70 21.86
N ASP GA 430 24.65 98.49 22.81
CA ASP GA 430 25.35 99.73 22.51
C ASP GA 430 26.83 99.44 22.37
N HIS GA 431 27.44 100.01 21.33
CA HIS GA 431 28.80 99.66 20.95
C HIS GA 431 29.86 100.45 21.71
N LYS GA 432 29.49 101.54 22.36
CA LYS GA 432 30.48 102.30 23.14
C LYS GA 432 31.02 101.45 24.29
N VAL GA 433 30.14 100.71 24.95
CA VAL GA 433 30.49 99.93 26.13
C VAL GA 433 30.88 98.51 25.76
N VAL GA 434 30.02 97.85 25.00
CA VAL GA 434 30.14 96.42 24.75
C VAL GA 434 30.70 96.19 23.36
N ASP GA 435 31.39 95.07 23.20
CA ASP GA 435 31.91 94.62 21.92
C ASP GA 435 31.24 93.31 21.53
N GLY GA 436 31.49 92.92 20.27
CA GLY GA 436 30.86 91.72 19.74
C GLY GA 436 31.21 90.48 20.52
N ALA GA 437 32.48 90.35 20.91
CA ALA GA 437 32.91 89.20 21.69
C ALA GA 437 32.18 89.13 23.02
N VAL GA 438 32.02 90.29 23.67
CA VAL GA 438 31.38 90.33 24.97
C VAL GA 438 29.91 89.95 24.85
N GLY GA 439 29.23 90.51 23.86
CA GLY GA 439 27.84 90.15 23.62
C GLY GA 439 27.68 88.67 23.32
N ALA GA 440 28.61 88.12 22.53
CA ALA GA 440 28.54 86.71 22.20
C ALA GA 440 28.73 85.85 23.44
N GLU GA 441 29.63 86.25 24.32
CA GLU GA 441 29.84 85.51 25.57
C GLU GA 441 28.58 85.53 26.42
N TRP GA 442 27.96 86.70 26.53
CA TRP GA 442 26.72 86.83 27.30
C TRP GA 442 25.64 85.91 26.72
N ILE GA 443 25.51 85.90 25.40
CA ILE GA 443 24.48 85.07 24.77
C ILE GA 443 24.80 83.59 24.95
N ARG GA 444 26.07 83.23 24.89
CA ARG GA 444 26.44 81.84 25.11
C ARG GA 444 26.05 81.38 26.50
N GLU GA 445 26.32 82.21 27.52
CA GLU GA 445 25.95 81.84 28.87
C GLU GA 445 24.44 81.72 29.02
N LEU GA 446 23.70 82.63 28.38
CA LEU GA 446 22.24 82.55 28.43
C LEU GA 446 21.75 81.24 27.82
N LYS GA 447 22.25 80.92 26.63
CA LYS GA 447 21.84 79.68 25.96
C LYS GA 447 22.18 78.47 26.81
N LYS GA 448 23.34 78.50 27.46
CA LYS GA 448 23.75 77.37 28.27
C LYS GA 448 22.82 77.17 29.45
N VAL GA 449 22.53 78.26 30.17
CA VAL GA 449 21.67 78.17 31.34
C VAL GA 449 20.27 77.72 30.95
N ILE GA 450 19.78 78.17 29.79
CA ILE GA 450 18.45 77.76 29.37
C ILE GA 450 18.44 76.29 28.99
N GLU GA 451 19.34 75.90 28.10
CA GLU GA 451 19.35 74.54 27.58
C GLU GA 451 19.60 73.53 28.69
N ASN GA 452 20.30 73.94 29.75
CA ASN GA 452 20.43 73.16 30.96
C ASN GA 452 19.70 73.90 32.07
N PRO GA 453 18.37 73.78 32.19
CA PRO GA 453 17.64 74.60 33.16
C PRO GA 453 18.06 74.38 34.59
N LEU GA 454 18.67 73.25 34.90
CA LEU GA 454 19.05 72.93 36.27
C LEU GA 454 20.08 73.91 36.81
N GLU GA 455 20.87 74.54 35.94
CA GLU GA 455 21.85 75.51 36.39
C GLU GA 455 21.22 76.83 36.84
N LEU GA 456 19.91 76.98 36.73
CA LEU GA 456 19.23 78.12 37.33
C LEU GA 456 19.47 78.18 38.83
N LEU GA 457 19.65 77.02 39.47
CA LEU GA 457 19.99 76.99 40.88
C LEU GA 457 21.32 77.68 41.14
N LEU GA 458 22.26 77.56 40.21
CA LEU GA 458 23.60 78.10 40.38
C LEU GA 458 23.63 79.59 40.04
N TYR HA 227 -67.68 90.95 -2.38
CA TYR HA 227 -68.30 91.05 -1.07
C TYR HA 227 -67.62 92.11 -0.22
N THR HA 228 -66.51 91.76 0.42
CA THR HA 228 -65.83 92.70 1.28
C THR HA 228 -65.16 93.79 0.44
N ASP HA 229 -65.43 95.05 0.79
CA ASP HA 229 -64.99 96.21 0.03
C ASP HA 229 -64.05 97.04 0.90
N VAL HA 230 -62.76 96.94 0.63
CA VAL HA 230 -61.74 97.66 1.39
C VAL HA 230 -61.19 98.78 0.51
N PRO HA 231 -61.26 100.05 0.92
CA PRO HA 231 -60.64 101.10 0.12
C PRO HA 231 -59.13 100.91 0.02
N ILE HA 232 -58.55 101.56 -0.98
CA ILE HA 232 -57.13 101.41 -1.25
C ILE HA 232 -56.34 102.33 -0.33
N SER HA 233 -55.15 101.88 0.07
CA SER HA 233 -54.33 102.64 1.01
C SER HA 233 -53.82 103.95 0.42
N GLY HA 234 -53.84 104.11 -0.90
CA GLY HA 234 -53.28 105.27 -1.56
C GLY HA 234 -51.82 105.10 -1.93
N MET HA 235 -51.04 104.44 -1.07
CA MET HA 235 -49.65 104.16 -1.40
C MET HA 235 -49.55 103.21 -2.58
N ARG HA 236 -50.43 102.21 -2.64
CA ARG HA 236 -50.41 101.26 -3.74
C ARG HA 236 -50.69 101.94 -5.08
N LYS HA 237 -51.42 103.06 -5.06
CA LYS HA 237 -51.73 103.78 -6.30
C LYS HA 237 -50.45 104.20 -7.01
N THR HA 238 -49.49 104.73 -6.25
CA THR HA 238 -48.26 105.21 -6.85
C THR HA 238 -47.46 104.06 -7.46
N ILE HA 239 -47.38 102.93 -6.76
CA ILE HA 239 -46.66 101.78 -7.28
C ILE HA 239 -47.35 101.24 -8.53
N ALA HA 240 -48.68 101.26 -8.54
CA ALA HA 240 -49.41 100.80 -9.71
C ALA HA 240 -49.12 101.69 -10.91
N ALA HA 241 -49.17 103.01 -10.71
CA ALA HA 241 -48.86 103.94 -11.79
C ALA HA 241 -47.44 103.77 -12.28
N ARG HA 242 -46.50 103.53 -11.36
CA ARG HA 242 -45.10 103.35 -11.74
C ARG HA 242 -44.92 102.11 -12.59
N LEU HA 243 -45.49 100.99 -12.15
CA LEU HA 243 -45.39 99.74 -12.92
C LEU HA 243 -46.07 99.88 -14.28
N LYS HA 244 -47.19 100.59 -14.32
CA LYS HA 244 -47.88 100.82 -15.58
C LYS HA 244 -47.01 101.61 -16.54
N GLU HA 245 -46.38 102.68 -16.03
CA GLU HA 245 -45.44 103.44 -16.83
C GLU HA 245 -44.32 102.56 -17.33
N SER HA 246 -43.85 101.64 -16.48
CA SER HA 246 -42.75 100.77 -16.88
C SER HA 246 -43.14 99.90 -18.06
N VAL HA 247 -44.26 99.17 -17.93
CA VAL HA 247 -44.63 98.23 -18.97
C VAL HA 247 -45.11 98.93 -20.22
N THR HA 248 -45.61 100.16 -20.13
CA THR HA 248 -46.10 100.85 -21.32
C THR HA 248 -45.01 101.65 -22.02
N GLU HA 249 -43.94 102.03 -21.29
CA GLU HA 249 -42.87 102.81 -21.89
C GLU HA 249 -41.75 101.90 -22.40
N ASN HA 250 -41.46 100.82 -21.66
CA ASN HA 250 -40.35 99.95 -21.96
C ASN HA 250 -40.89 98.56 -22.31
N PRO HA 251 -40.63 98.03 -23.52
CA PRO HA 251 -40.97 96.63 -23.76
C PRO HA 251 -40.00 95.72 -23.03
N HIS HA 252 -40.48 94.53 -22.72
CA HIS HA 252 -39.74 93.57 -21.90
C HIS HA 252 -39.46 92.31 -22.71
N PHE HA 253 -38.25 91.80 -22.60
CA PHE HA 253 -37.93 90.46 -23.04
C PHE HA 253 -37.04 89.79 -22.00
N PHE HA 254 -37.22 88.48 -21.87
CA PHE HA 254 -36.69 87.71 -20.75
C PHE HA 254 -35.66 86.72 -21.27
N VAL HA 255 -34.67 86.46 -20.43
CA VAL HA 255 -33.65 85.44 -20.68
C VAL HA 255 -33.59 84.56 -19.46
N SER HA 256 -33.39 83.27 -19.67
CA SER HA 256 -33.45 82.27 -18.61
C SER HA 256 -32.28 81.31 -18.76
N THR HA 257 -31.49 81.19 -17.68
CA THR HA 257 -30.31 80.34 -17.69
C THR HA 257 -30.26 79.53 -16.41
N ASN HA 258 -29.29 78.62 -16.37
CA ASN HA 258 -29.10 77.69 -15.27
C ASN HA 258 -27.64 77.75 -14.84
N LEU HA 259 -27.41 78.03 -13.56
CA LEU HA 259 -26.08 78.11 -13.00
C LEU HA 259 -25.77 76.86 -12.19
N SER HA 260 -24.48 76.63 -11.97
CA SER HA 260 -23.99 75.56 -11.11
C SER HA 260 -23.28 76.18 -9.93
N VAL HA 261 -23.74 75.84 -8.71
CA VAL HA 261 -23.33 76.52 -7.49
C VAL HA 261 -22.69 75.57 -6.49
N SER HA 262 -22.34 74.35 -6.92
CA SER HA 262 -21.78 73.37 -5.99
C SER HA 262 -20.46 73.84 -5.41
N LYS HA 263 -19.70 74.61 -6.17
CA LYS HA 263 -18.44 75.16 -5.67
C LYS HA 263 -18.68 76.42 -4.84
N LEU HA 264 -19.66 77.21 -5.26
CA LEU HA 264 -20.00 78.42 -4.51
C LEU HA 264 -20.41 78.09 -3.08
N LEU HA 265 -21.23 77.04 -2.92
CA LEU HA 265 -21.67 76.69 -1.58
C LEU HA 265 -20.51 76.19 -0.72
N LYS HA 266 -19.57 75.46 -1.31
CA LYS HA 266 -18.39 75.04 -0.58
C LYS HA 266 -17.58 76.25 -0.14
N LEU HA 267 -17.43 77.23 -1.03
CA LEU HA 267 -16.69 78.44 -0.67
C LEU HA 267 -17.36 79.16 0.48
N ARG HA 268 -18.69 79.27 0.43
CA ARG HA 268 -19.42 79.95 1.49
C ARG HA 268 -19.26 79.20 2.81
N GLN HA 269 -19.33 77.87 2.76
CA GLN HA 269 -19.15 77.06 3.96
C GLN HA 269 -17.77 77.27 4.56
N ALA HA 270 -16.73 77.27 3.72
CA ALA HA 270 -15.37 77.40 4.22
C ALA HA 270 -15.14 78.78 4.82
N LEU HA 271 -15.65 79.83 4.15
CA LEU HA 271 -15.48 81.17 4.70
C LEU HA 271 -16.27 81.37 5.99
N ASN HA 272 -17.46 80.77 6.09
CA ASN HA 272 -18.21 80.86 7.34
C ASN HA 272 -17.49 80.11 8.45
N SER HA 273 -16.84 78.99 8.12
CA SER HA 273 -16.13 78.24 9.14
C SER HA 273 -14.87 78.96 9.61
N SER HA 274 -14.11 79.56 8.69
CA SER HA 274 -12.89 80.27 9.03
C SER HA 274 -13.21 81.70 9.50
N ALA HA 275 -13.93 81.76 10.62
CA ALA HA 275 -14.35 83.03 11.17
C ALA HA 275 -14.65 82.83 12.65
N ASP HA 276 -14.78 83.95 13.36
CA ASP HA 276 -15.05 83.96 14.79
C ASP HA 276 -16.35 84.72 15.09
N GLY HA 277 -17.39 84.43 14.32
CA GLY HA 277 -18.63 85.16 14.46
C GLY HA 277 -18.56 86.61 14.06
N ARG HA 278 -17.54 86.99 13.30
CA ARG HA 278 -17.39 88.38 12.88
C ARG HA 278 -18.29 88.73 11.71
N TYR HA 279 -18.75 87.74 10.97
CA TYR HA 279 -19.59 87.96 9.80
C TYR HA 279 -20.37 86.70 9.49
N LYS HA 280 -21.28 86.80 8.52
CA LYS HA 280 -22.05 85.67 8.04
C LYS HA 280 -22.50 86.00 6.62
N LEU HA 281 -22.22 85.09 5.69
CA LEU HA 281 -22.43 85.32 4.28
C LEU HA 281 -23.68 84.61 3.77
N SER HA 282 -24.10 85.02 2.58
CA SER HA 282 -25.22 84.40 1.89
C SER HA 282 -24.93 84.35 0.40
N VAL HA 283 -25.87 83.80 -0.38
CA VAL HA 283 -25.67 83.65 -1.81
C VAL HA 283 -25.89 84.98 -2.52
N ASN HA 284 -26.78 85.81 -1.98
CA ASN HA 284 -27.11 87.08 -2.62
C ASN HA 284 -25.90 87.99 -2.72
N ASP HA 285 -24.98 87.92 -1.75
CA ASP HA 285 -23.82 88.79 -1.77
C ASP HA 285 -22.88 88.42 -2.92
N PHE HA 286 -22.61 87.12 -3.07
CA PHE HA 286 -21.85 86.65 -4.22
C PHE HA 286 -22.50 87.07 -5.52
N LEU HA 287 -23.82 86.93 -5.59
CA LEU HA 287 -24.54 87.32 -6.80
C LEU HA 287 -24.36 88.81 -7.09
N ILE HA 288 -24.37 89.62 -6.04
CA ILE HA 288 -24.26 91.07 -6.22
C ILE HA 288 -22.87 91.43 -6.72
N LYS HA 289 -21.85 90.80 -6.14
CA LYS HA 289 -20.48 91.03 -6.60
C LYS HA 289 -20.33 90.64 -8.06
N ALA HA 290 -20.91 89.49 -8.44
CA ALA HA 290 -20.80 89.05 -9.83
C ALA HA 290 -21.56 89.99 -10.75
N MET HA 291 -22.69 90.53 -10.29
CA MET HA 291 -23.41 91.52 -11.07
C MET HA 291 -22.56 92.74 -11.33
N GLY HA 292 -21.85 93.21 -10.29
CA GLY HA 292 -20.96 94.34 -10.47
C GLY HA 292 -19.86 94.04 -11.48
N ILE HA 293 -19.27 92.86 -11.40
CA ILE HA 293 -18.20 92.51 -12.34
C ILE HA 293 -18.72 92.46 -13.77
N ALA HA 294 -19.89 91.86 -13.95
CA ALA HA 294 -20.45 91.74 -15.30
C ALA HA 294 -20.82 93.11 -15.85
N SER HA 295 -21.37 93.97 -15.00
CA SER HA 295 -21.73 95.31 -15.45
C SER HA 295 -20.49 96.11 -15.82
N LYS HA 296 -19.38 95.87 -15.13
CA LYS HA 296 -18.14 96.56 -15.49
C LYS HA 296 -17.56 96.02 -16.78
N ARG HA 297 -17.71 94.72 -17.03
CA ARG HA 297 -17.18 94.15 -18.27
C ARG HA 297 -18.05 94.51 -19.47
N VAL HA 298 -19.34 94.76 -19.26
CA VAL HA 298 -20.26 95.12 -20.33
C VAL HA 298 -21.03 96.36 -19.88
N PRO HA 299 -20.48 97.56 -20.06
CA PRO HA 299 -21.10 98.74 -19.44
C PRO HA 299 -22.41 99.17 -20.08
N THR HA 300 -22.78 98.60 -21.22
CA THR HA 300 -24.02 99.02 -21.88
C THR HA 300 -25.24 98.69 -21.05
N VAL HA 301 -25.16 97.63 -20.25
CA VAL HA 301 -26.30 97.26 -19.41
C VAL HA 301 -26.52 98.31 -18.33
N ASN HA 302 -25.43 98.73 -17.69
CA ASN HA 302 -25.50 99.74 -16.64
C ASN HA 302 -25.75 101.10 -17.30
N SER HA 303 -27.00 101.31 -17.67
CA SER HA 303 -27.41 102.49 -18.43
C SER HA 303 -28.84 102.82 -18.07
N SER HA 304 -29.40 103.82 -18.75
CA SER HA 304 -30.78 104.22 -18.54
C SER HA 304 -31.30 104.83 -19.84
N TRP HA 305 -32.47 105.47 -19.75
CA TRP HA 305 -33.10 106.13 -20.88
C TRP HA 305 -33.64 107.46 -20.40
N ARG HA 306 -33.16 108.54 -21.01
CA ARG HA 306 -33.49 109.90 -20.57
C ARG HA 306 -33.97 110.72 -21.76
N ASP HA 307 -34.09 112.02 -21.60
CA ASP HA 307 -34.67 112.88 -22.62
C ASP HA 307 -33.74 112.98 -23.83
N GLY HA 308 -33.96 112.14 -24.82
CA GLY HA 308 -33.15 112.15 -26.04
C GLY HA 308 -31.68 111.91 -25.81
N VAL HA 309 -31.33 111.18 -24.75
CA VAL HA 309 -29.94 110.96 -24.39
C VAL HA 309 -29.86 109.70 -23.56
N ILE HA 310 -28.74 108.99 -23.70
CA ILE HA 310 -28.44 107.82 -22.88
C ILE HA 310 -27.45 108.25 -21.80
N ARG HA 311 -27.86 108.06 -20.56
CA ARG HA 311 -26.99 108.29 -19.41
C ARG HA 311 -26.30 106.99 -19.05
N GLN HA 312 -24.98 106.98 -19.13
CA GLN HA 312 -24.15 105.84 -18.79
C GLN HA 312 -23.35 106.16 -17.55
N PHE HA 313 -23.45 105.31 -16.54
CA PHE HA 313 -22.71 105.45 -15.31
C PHE HA 313 -21.35 104.76 -15.45
N GLU HA 314 -20.58 104.77 -14.37
CA GLU HA 314 -19.33 104.03 -14.25
C GLU HA 314 -19.37 103.05 -13.10
N THR HA 315 -19.84 103.48 -11.94
CA THR HA 315 -20.02 102.61 -10.78
C THR HA 315 -21.32 101.83 -10.93
N VAL HA 316 -21.49 100.87 -10.03
CA VAL HA 316 -22.65 99.98 -10.02
C VAL HA 316 -23.41 100.23 -8.73
N ASP HA 317 -24.63 100.74 -8.85
CA ASP HA 317 -25.52 100.93 -7.72
C ASP HA 317 -26.62 99.87 -7.79
N VAL HA 318 -26.69 99.04 -6.76
CA VAL HA 318 -27.52 97.84 -6.79
C VAL HA 318 -28.72 98.04 -5.88
N SER HA 319 -29.92 97.86 -6.44
CA SER HA 319 -31.16 97.97 -5.69
C SER HA 319 -31.61 96.56 -5.29
N VAL HA 320 -31.63 96.31 -3.98
CA VAL HA 320 -32.02 95.01 -3.44
C VAL HA 320 -33.43 95.13 -2.89
N ALA HA 321 -34.25 94.13 -3.17
CA ALA HA 321 -35.65 94.15 -2.76
C ALA HA 321 -35.82 93.53 -1.39
N VAL HA 322 -36.76 94.07 -0.62
CA VAL HA 322 -37.12 93.57 0.69
C VAL HA 322 -38.64 93.57 0.80
N ALA HA 323 -39.18 92.46 1.32
CA ALA HA 323 -40.62 92.24 1.42
C ALA HA 323 -41.05 92.52 2.85
N THR HA 324 -41.59 93.71 3.08
CA THR HA 324 -42.12 94.09 4.37
C THR HA 324 -43.61 93.80 4.43
N PRO HA 325 -44.21 93.77 5.63
CA PRO HA 325 -45.66 93.66 5.71
C PRO HA 325 -46.39 94.82 5.06
N ASN HA 326 -45.74 95.97 4.89
CA ASN HA 326 -46.31 97.09 4.17
C ASN HA 326 -46.26 96.90 2.66
N GLY HA 327 -45.42 95.99 2.17
CA GLY HA 327 -45.31 95.73 0.74
C GLY HA 327 -43.89 95.41 0.32
N LEU HA 328 -43.39 96.16 -0.65
CA LEU HA 328 -42.05 95.96 -1.20
C LEU HA 328 -41.27 97.26 -1.09
N ILE HA 329 -39.96 97.13 -0.90
CA ILE HA 329 -39.09 98.30 -0.85
C ILE HA 329 -37.74 97.91 -1.43
N THR HA 330 -37.01 98.90 -1.95
CA THR HA 330 -35.77 98.67 -2.69
C THR HA 330 -34.67 99.57 -2.15
N PRO HA 331 -34.04 99.18 -1.04
CA PRO HA 331 -32.81 99.87 -0.62
C PRO HA 331 -31.70 99.67 -1.64
N ILE HA 332 -30.64 100.46 -1.48
CA ILE HA 332 -29.57 100.56 -2.46
C ILE HA 332 -28.24 100.32 -1.78
N VAL HA 333 -27.34 99.66 -2.50
CA VAL HA 333 -25.93 99.54 -2.12
C VAL HA 333 -25.11 100.29 -3.16
N LYS HA 334 -24.12 101.03 -2.68
CA LYS HA 334 -23.35 101.97 -3.47
C LYS HA 334 -21.93 101.46 -3.69
N GLY HA 335 -21.43 101.65 -4.91
CA GLY HA 335 -20.04 101.32 -5.24
C GLY HA 335 -19.69 99.88 -4.95
N VAL HA 336 -20.44 98.96 -5.55
CA VAL HA 336 -20.29 97.54 -5.25
C VAL HA 336 -18.91 97.04 -5.68
N GLU HA 337 -18.54 97.35 -6.92
CA GLU HA 337 -17.29 96.87 -7.47
C GLU HA 337 -16.12 97.37 -6.63
N GLY HA 338 -15.35 96.43 -6.09
CA GLY HA 338 -14.28 96.79 -5.19
C GLY HA 338 -14.77 97.35 -3.89
N LYS HA 339 -15.54 96.57 -3.14
CA LYS HA 339 -16.09 96.98 -1.85
C LYS HA 339 -15.90 95.94 -0.77
N GLY HA 340 -15.97 94.65 -1.11
CA GLY HA 340 -15.79 93.59 -0.14
C GLY HA 340 -17.08 92.94 0.31
N LEU HA 341 -17.06 91.61 0.35
CA LEU HA 341 -18.27 90.85 0.66
C LEU HA 341 -18.74 91.10 2.09
N GLU HA 342 -17.80 91.27 3.02
CA GLU HA 342 -18.19 91.50 4.41
C GLU HA 342 -18.91 92.83 4.56
N SER HA 343 -18.35 93.88 3.97
CA SER HA 343 -19.02 95.18 3.97
C SER HA 343 -20.38 95.10 3.31
N ILE HA 344 -20.47 94.33 2.22
CA ILE HA 344 -21.74 94.16 1.51
C ILE HA 344 -22.77 93.53 2.42
N SER HA 345 -22.39 92.44 3.09
CA SER HA 345 -23.31 91.73 3.97
C SER HA 345 -23.76 92.63 5.12
N ALA HA 346 -22.83 93.38 5.70
CA ALA HA 346 -23.18 94.28 6.79
C ALA HA 346 -24.18 95.33 6.33
N ALA HA 347 -23.90 95.96 5.19
CA ALA HA 347 -24.80 96.99 4.68
C ALA HA 347 -26.18 96.41 4.37
N VAL HA 348 -26.22 95.21 3.80
CA VAL HA 348 -27.49 94.59 3.45
C VAL HA 348 -28.30 94.31 4.69
N LYS HA 349 -27.67 93.71 5.71
CA LYS HA 349 -28.38 93.43 6.96
C LYS HA 349 -28.90 94.72 7.59
N GLU HA 350 -28.07 95.76 7.60
CA GLU HA 350 -28.49 97.03 8.18
C GLU HA 350 -29.71 97.59 7.48
N LEU HA 351 -29.66 97.65 6.15
CA LEU HA 351 -30.76 98.23 5.40
C LEU HA 351 -32.02 97.38 5.54
N ALA HA 352 -31.86 96.05 5.62
CA ALA HA 352 -33.03 95.19 5.74
C ALA HA 352 -33.72 95.40 7.08
N LYS HA 353 -32.96 95.45 8.16
CA LYS HA 353 -33.57 95.67 9.46
C LYS HA 353 -34.16 97.08 9.56
N LYS HA 354 -33.49 98.06 8.97
CA LYS HA 354 -34.04 99.41 8.95
C LYS HA 354 -35.33 99.49 8.15
N ALA HA 355 -35.47 98.64 7.13
CA ALA HA 355 -36.71 98.62 6.36
C ALA HA 355 -37.81 97.93 7.13
N ARG HA 356 -37.48 96.86 7.85
CA ARG HA 356 -38.47 96.21 8.70
C ARG HA 356 -38.95 97.16 9.80
N ASP HA 357 -38.08 98.06 10.26
CA ASP HA 357 -38.47 99.03 11.28
C ASP HA 357 -39.07 100.30 10.68
N GLY HA 358 -38.89 100.55 9.38
CA GLY HA 358 -39.38 101.77 8.77
C GLY HA 358 -38.59 102.99 9.20
N LYS HA 359 -37.31 103.03 8.84
CA LYS HA 359 -36.39 104.08 9.29
C LYS HA 359 -35.48 104.54 8.17
N LEU HA 360 -35.98 104.58 6.94
CA LEU HA 360 -35.16 104.91 5.78
C LEU HA 360 -35.36 106.35 5.34
N LYS HA 361 -34.40 106.82 4.55
CA LYS HA 361 -34.44 108.09 3.85
C LYS HA 361 -34.81 107.87 2.39
N PRO HA 362 -35.35 108.89 1.71
CA PRO HA 362 -35.72 108.67 0.31
C PRO HA 362 -34.53 108.41 -0.60
N GLU HA 363 -33.40 109.06 -0.34
CA GLU HA 363 -32.22 108.86 -1.17
C GLU HA 363 -31.73 107.42 -1.15
N GLU HA 364 -31.96 106.72 -0.04
CA GLU HA 364 -31.47 105.36 0.10
C GLU HA 364 -32.17 104.37 -0.82
N TYR HA 365 -33.40 104.68 -1.27
CA TYR HA 365 -34.16 103.79 -2.15
C TYR HA 365 -34.72 104.53 -3.36
N GLN HA 366 -34.18 105.71 -3.69
CA GLN HA 366 -34.53 106.43 -4.91
C GLN HA 366 -33.26 106.61 -5.73
N GLY HA 367 -33.14 105.83 -6.80
CA GLY HA 367 -31.96 105.84 -7.63
C GLY HA 367 -31.60 104.44 -8.08
N GLY HA 368 -30.31 104.14 -8.13
CA GLY HA 368 -29.86 102.82 -8.53
C GLY HA 368 -29.91 102.63 -10.02
N SER HA 369 -28.90 101.96 -10.57
CA SER HA 369 -28.85 101.66 -11.99
C SER HA 369 -29.42 100.30 -12.32
N ILE HA 370 -29.21 99.32 -11.44
CA ILE HA 370 -29.63 97.95 -11.67
C ILE HA 370 -30.29 97.45 -10.38
N SER HA 371 -31.14 96.43 -10.52
CA SER HA 371 -31.95 95.93 -9.43
C SER HA 371 -31.86 94.41 -9.37
N ILE HA 372 -32.49 93.85 -8.34
CA ILE HA 372 -32.49 92.41 -8.12
C ILE HA 372 -33.60 92.09 -7.12
N SER HA 373 -34.18 90.90 -7.26
CA SER HA 373 -35.12 90.35 -6.31
C SER HA 373 -34.75 88.90 -6.05
N ASN HA 374 -34.96 88.46 -4.81
CA ASN HA 374 -34.55 87.14 -4.37
C ASN HA 374 -35.72 86.43 -3.71
N MET HA 375 -35.81 85.12 -3.95
CA MET HA 375 -36.84 84.29 -3.35
C MET HA 375 -36.27 82.93 -2.93
N GLY HA 376 -34.97 82.86 -2.64
CA GLY HA 376 -34.33 81.59 -2.37
C GLY HA 376 -34.84 80.88 -1.14
N MET HA 377 -35.43 81.60 -0.19
CA MET HA 377 -35.94 80.96 1.01
C MET HA 377 -37.12 80.06 0.69
N ASN HA 378 -37.88 80.37 -0.35
CA ASN HA 378 -39.05 79.60 -0.72
C ASN HA 378 -38.64 78.52 -1.72
N PRO HA 379 -38.51 77.25 -1.33
CA PRO HA 379 -37.92 76.26 -2.24
C PRO HA 379 -38.79 75.88 -3.42
N ALA HA 380 -40.06 76.25 -3.42
CA ALA HA 380 -40.95 75.80 -4.48
C ALA HA 380 -40.73 76.57 -5.78
N VAL HA 381 -40.28 77.82 -5.69
CA VAL HA 381 -40.17 78.68 -6.86
C VAL HA 381 -38.93 78.25 -7.65
N GLN HA 382 -39.15 77.56 -8.76
CA GLN HA 382 -38.05 77.21 -9.65
C GLN HA 382 -37.59 78.44 -10.42
N SER HA 383 -38.53 79.29 -10.83
CA SER HA 383 -38.18 80.48 -11.59
C SER HA 383 -39.31 81.48 -11.50
N PHE HA 384 -38.99 82.72 -11.82
CA PHE HA 384 -40.00 83.77 -11.87
C PHE HA 384 -39.41 84.98 -12.55
N THR HA 385 -40.31 85.83 -13.02
CA THR HA 385 -39.97 87.07 -13.66
C THR HA 385 -40.25 88.22 -12.70
N ALA HA 386 -39.77 89.40 -13.04
CA ALA HA 386 -40.08 90.62 -12.31
C ALA HA 386 -40.22 91.75 -13.30
N ILE HA 387 -40.38 92.96 -12.77
CA ILE HA 387 -40.69 94.14 -13.55
C ILE HA 387 -39.61 95.18 -13.30
N ILE HA 388 -39.26 95.91 -14.36
CA ILE HA 388 -38.12 96.81 -14.31
C ILE HA 388 -38.53 98.08 -13.57
N ASN HA 389 -37.95 98.29 -12.40
CA ASN HA 389 -38.16 99.51 -11.65
C ASN HA 389 -37.52 100.68 -12.40
N PRO HA 390 -38.30 101.61 -12.94
CA PRO HA 390 -37.70 102.65 -13.77
C PRO HA 390 -36.87 103.60 -12.93
N PRO HA 391 -36.01 104.42 -13.55
CA PRO HA 391 -35.73 104.53 -14.98
C PRO HA 391 -34.66 103.54 -15.45
N GLN HA 392 -34.42 102.49 -14.66
CA GLN HA 392 -33.37 101.54 -14.95
C GLN HA 392 -33.64 100.77 -16.23
N ALA HA 393 -32.69 99.91 -16.61
CA ALA HA 393 -32.72 99.21 -17.88
C ALA HA 393 -32.86 97.70 -17.75
N ALA HA 394 -32.51 97.13 -16.61
CA ALA HA 394 -32.48 95.68 -16.45
C ALA HA 394 -32.84 95.33 -15.03
N ILE HA 395 -33.20 94.06 -14.84
CA ILE HA 395 -33.46 93.53 -13.51
C ILE HA 395 -33.25 92.03 -13.53
N LEU HA 396 -32.85 91.50 -12.39
CA LEU HA 396 -32.49 90.11 -12.22
C LEU HA 396 -33.49 89.43 -11.29
N ALA HA 397 -33.46 88.09 -11.32
CA ALA HA 397 -34.29 87.28 -10.45
C ALA HA 397 -33.63 85.92 -10.31
N VAL HA 398 -33.60 85.43 -9.07
CA VAL HA 398 -32.90 84.20 -8.72
C VAL HA 398 -33.90 83.27 -8.07
N GLY HA 399 -34.14 82.12 -8.67
CA GLY HA 399 -35.03 81.13 -8.08
C GLY HA 399 -34.36 80.39 -6.94
N ALA HA 400 -34.94 79.26 -6.60
CA ALA HA 400 -34.42 78.42 -5.55
C ALA HA 400 -33.41 77.42 -6.11
N PRO HA 401 -32.60 76.80 -5.25
CA PRO HA 401 -31.74 75.71 -5.71
C PRO HA 401 -32.53 74.41 -5.82
N GLN HA 402 -32.00 73.53 -6.68
CA GLN HA 402 -32.63 72.24 -6.93
C GLN HA 402 -31.56 71.23 -7.27
N LYS HA 403 -31.95 69.97 -7.25
CA LYS HA 403 -31.08 68.85 -7.57
C LYS HA 403 -31.33 68.46 -9.02
N VAL HA 404 -30.27 68.28 -9.79
CA VAL HA 404 -30.36 67.95 -11.20
C VAL HA 404 -29.32 66.88 -11.52
N ALA HA 405 -29.66 66.05 -12.49
CA ALA HA 405 -28.73 65.05 -12.99
C ALA HA 405 -27.75 65.70 -13.95
N VAL HA 406 -26.49 65.29 -13.86
CA VAL HA 406 -25.44 65.79 -14.74
C VAL HA 406 -24.51 64.63 -15.08
N PRO HA 407 -24.08 64.46 -16.33
CA PRO HA 407 -23.13 63.39 -16.62
C PRO HA 407 -21.77 63.66 -16.02
N VAL HA 408 -20.99 62.59 -15.89
CA VAL HA 408 -19.62 62.68 -15.41
C VAL HA 408 -18.85 61.48 -15.93
N GLU HA 409 -17.59 61.70 -16.26
CA GLU HA 409 -16.71 60.64 -16.72
C GLU HA 409 -15.91 60.10 -15.55
N ASN HA 410 -16.15 58.83 -15.21
CA ASN HA 410 -15.32 58.14 -14.24
C ASN HA 410 -13.92 57.95 -14.82
N GLU HA 411 -13.04 57.37 -13.99
CA GLU HA 411 -11.67 57.13 -14.43
C GLU HA 411 -11.59 56.21 -15.65
N ASP HA 412 -12.60 55.38 -15.88
CA ASP HA 412 -12.69 54.57 -17.10
C ASP HA 412 -13.42 55.38 -18.17
N GLY HA 413 -13.76 54.70 -19.27
CA GLY HA 413 -14.41 55.37 -20.38
C GLY HA 413 -15.90 55.54 -20.22
N THR HA 414 -16.54 54.82 -19.30
CA THR HA 414 -17.97 54.92 -19.10
C THR HA 414 -18.33 56.21 -18.39
N THR HA 415 -19.51 56.73 -18.72
CA THR HA 415 -20.05 57.89 -18.04
C THR HA 415 -20.78 57.47 -16.77
N GLY HA 416 -21.07 58.45 -15.92
CA GLY HA 416 -21.77 58.22 -14.68
C GLY HA 416 -22.70 59.38 -14.37
N VAL HA 417 -23.43 59.22 -13.27
CA VAL HA 417 -24.42 60.19 -12.83
C VAL HA 417 -23.87 60.93 -11.63
N SER HA 418 -23.87 62.26 -11.71
CA SER HA 418 -23.49 63.13 -10.61
C SER HA 418 -24.61 64.12 -10.34
N TRP HA 419 -24.86 64.37 -9.06
CA TRP HA 419 -25.94 65.24 -8.62
C TRP HA 419 -25.37 66.61 -8.27
N ASP HA 420 -25.62 67.58 -9.14
CA ASP HA 420 -25.19 68.95 -8.96
C ASP HA 420 -26.37 69.81 -8.52
N GLU HA 421 -26.06 70.87 -7.78
CA GLU HA 421 -27.07 71.80 -7.28
C GLU HA 421 -27.16 72.96 -8.26
N GLN HA 422 -28.31 73.07 -8.93
CA GLN HA 422 -28.54 74.10 -9.94
C GLN HA 422 -29.52 75.16 -9.43
N ILE HA 423 -29.36 76.36 -9.98
CA ILE HA 423 -30.27 77.46 -9.76
C ILE HA 423 -30.66 78.02 -11.12
N ILE HA 424 -31.92 78.37 -11.27
CA ILE HA 424 -32.39 79.09 -12.45
C ILE HA 424 -32.32 80.57 -12.16
N VAL HA 425 -31.90 81.33 -13.17
CA VAL HA 425 -31.78 82.77 -13.12
C VAL HA 425 -32.54 83.34 -14.30
N THR HA 426 -33.32 84.38 -14.04
CA THR HA 426 -34.12 85.04 -15.06
C THR HA 426 -33.77 86.52 -15.06
N ALA HA 427 -33.45 87.03 -16.24
CA ALA HA 427 -33.11 88.43 -16.43
C ALA HA 427 -34.09 89.07 -17.39
N SER HA 428 -34.71 90.16 -16.94
CA SER HA 428 -35.60 90.95 -17.78
C SER HA 428 -34.87 92.20 -18.23
N PHE HA 429 -34.88 92.46 -19.54
CA PHE HA 429 -34.18 93.60 -20.11
C PHE HA 429 -35.16 94.52 -20.83
N ASP HA 430 -34.81 95.80 -20.89
CA ASP HA 430 -35.48 96.72 -21.80
C ASP HA 430 -34.84 96.64 -23.17
N HIS HA 431 -35.67 96.63 -24.20
CA HIS HA 431 -35.19 96.41 -25.55
C HIS HA 431 -34.76 97.69 -26.25
N LYS HA 432 -35.11 98.86 -25.72
CA LYS HA 432 -34.65 100.11 -26.33
C LYS HA 432 -33.15 100.24 -26.24
N VAL HA 433 -32.60 99.95 -25.07
CA VAL HA 433 -31.17 100.09 -24.81
C VAL HA 433 -30.41 98.84 -25.18
N VAL HA 434 -30.83 97.70 -24.66
CA VAL HA 434 -30.09 96.46 -24.74
C VAL HA 434 -30.69 95.59 -25.84
N ASP HA 435 -29.83 94.80 -26.47
CA ASP HA 435 -30.23 93.80 -27.45
C ASP HA 435 -29.92 92.40 -26.93
N GLY HA 436 -30.41 91.42 -27.68
CA GLY HA 436 -30.28 90.03 -27.25
C GLY HA 436 -28.84 89.59 -27.11
N ALA HA 437 -27.99 90.01 -28.06
CA ALA HA 437 -26.58 89.64 -27.99
C ALA HA 437 -25.92 90.21 -26.75
N VAL HA 438 -26.25 91.46 -26.42
CA VAL HA 438 -25.65 92.11 -25.26
C VAL HA 438 -26.10 91.41 -23.98
N GLY HA 439 -27.39 91.12 -23.88
CA GLY HA 439 -27.89 90.39 -22.73
C GLY HA 439 -27.24 89.02 -22.60
N ALA HA 440 -27.06 88.34 -23.72
CA ALA HA 440 -26.44 87.02 -23.69
C ALA HA 440 -24.99 87.12 -23.23
N GLU HA 441 -24.27 88.14 -23.68
CA GLU HA 441 -22.89 88.32 -23.25
C GLU HA 441 -22.82 88.57 -21.75
N TRP HA 442 -23.71 89.42 -21.25
CA TRP HA 442 -23.77 89.70 -19.82
C TRP HA 442 -24.01 88.41 -19.03
N ILE HA 443 -24.98 87.62 -19.48
CA ILE HA 443 -25.31 86.38 -18.78
C ILE HA 443 -24.14 85.40 -18.85
N ARG HA 444 -23.44 85.37 -19.99
CA ARG HA 444 -22.29 84.48 -20.12
C ARG HA 444 -21.22 84.84 -19.12
N GLU HA 445 -20.91 86.13 -19.00
CA GLU HA 445 -19.90 86.55 -18.04
C GLU HA 445 -20.33 86.22 -16.62
N LEU HA 446 -21.61 86.40 -16.31
CA LEU HA 446 -22.10 86.08 -14.98
C LEU HA 446 -21.94 84.59 -14.69
N LYS HA 447 -22.33 83.75 -15.64
CA LYS HA 447 -22.22 82.31 -15.47
C LYS HA 447 -20.77 81.90 -15.28
N LYS HA 448 -19.87 82.49 -16.07
CA LYS HA 448 -18.45 82.16 -15.97
C LYS HA 448 -17.92 82.52 -14.60
N VAL HA 449 -18.24 83.72 -14.12
CA VAL HA 449 -17.75 84.18 -12.83
C VAL HA 449 -18.28 83.29 -11.71
N ILE HA 450 -19.53 82.89 -11.80
CA ILE HA 450 -20.10 82.05 -10.75
C ILE HA 450 -19.46 80.67 -10.77
N GLU HA 451 -19.36 80.07 -11.96
CA GLU HA 451 -18.87 78.71 -12.05
C GLU HA 451 -17.40 78.63 -11.68
N ASN HA 452 -16.65 79.72 -11.88
CA ASN HA 452 -15.28 79.82 -11.40
C ASN HA 452 -15.24 80.90 -10.33
N PRO HA 453 -15.60 80.61 -9.08
CA PRO HA 453 -15.70 81.67 -8.08
C PRO HA 453 -14.39 82.39 -7.81
N LEU HA 454 -13.26 81.76 -8.12
CA LEU HA 454 -11.97 82.39 -7.88
C LEU HA 454 -11.77 83.64 -8.73
N GLU HA 455 -12.56 83.80 -9.80
CA GLU HA 455 -12.47 85.00 -10.61
C GLU HA 455 -13.15 86.21 -9.96
N LEU HA 456 -13.84 86.02 -8.84
CA LEU HA 456 -14.40 87.15 -8.11
C LEU HA 456 -13.31 88.12 -7.67
N LEU HA 457 -12.10 87.61 -7.44
CA LEU HA 457 -10.97 88.48 -7.09
C LEU HA 457 -10.67 89.46 -8.21
N LEU HA 458 -10.93 89.07 -9.44
CA LEU HA 458 -10.61 89.88 -10.60
C LEU HA 458 -11.74 90.84 -10.93
N TYR IA 227 -83.80 56.26 51.66
CA TYR IA 227 -83.28 56.96 52.84
C TYR IA 227 -83.12 58.44 52.55
N THR IA 228 -82.01 58.81 51.90
CA THR IA 228 -81.83 60.20 51.53
C THR IA 228 -82.85 60.59 50.48
N ASP IA 229 -83.34 61.82 50.56
CA ASP IA 229 -84.43 62.31 49.71
C ASP IA 229 -84.05 63.69 49.19
N VAL IA 230 -83.53 63.74 47.96
CA VAL IA 230 -83.06 64.98 47.36
C VAL IA 230 -84.13 65.47 46.38
N PRO IA 231 -84.60 66.71 46.49
CA PRO IA 231 -85.53 67.21 45.47
C PRO IA 231 -84.88 67.30 44.11
N ILE IA 232 -85.72 67.28 43.09
CA ILE IA 232 -85.26 67.28 41.70
C ILE IA 232 -84.86 68.69 41.31
N SER IA 233 -83.84 68.80 40.45
CA SER IA 233 -83.31 70.10 40.05
C SER IA 233 -84.31 70.93 39.27
N GLY IA 234 -85.30 70.30 38.64
CA GLY IA 234 -86.24 70.98 37.76
C GLY IA 234 -85.81 70.94 36.30
N MET IA 235 -84.51 71.02 36.05
CA MET IA 235 -84.00 70.91 34.70
C MET IA 235 -84.22 69.50 34.15
N ARG IA 236 -84.03 68.49 35.00
CA ARG IA 236 -84.22 67.11 34.56
C ARG IA 236 -85.67 66.83 34.19
N LYS IA 237 -86.61 67.58 34.75
CA LYS IA 237 -88.03 67.38 34.43
C LYS IA 237 -88.29 67.58 32.94
N THR IA 238 -87.70 68.63 32.37
CA THR IA 238 -87.91 68.93 30.96
C THR IA 238 -87.32 67.81 30.09
N ILE IA 239 -86.12 67.34 30.43
CA ILE IA 239 -85.49 66.29 29.65
C ILE IA 239 -86.30 65.00 29.76
N ALA IA 240 -86.84 64.72 30.95
CA ALA IA 240 -87.66 63.53 31.13
C ALA IA 240 -88.92 63.60 30.28
N ALA IA 241 -89.59 64.75 30.30
CA ALA IA 241 -90.78 64.93 29.47
C ALA IA 241 -90.44 64.79 28.00
N ARG IA 242 -89.29 65.33 27.59
CA ARG IA 242 -88.89 65.26 26.19
C ARG IA 242 -88.65 63.81 25.76
N LEU IA 243 -87.90 63.06 26.57
CA LEU IA 243 -87.64 61.65 26.25
C LEU IA 243 -88.92 60.83 26.26
N LYS IA 244 -89.84 61.14 27.17
CA LYS IA 244 -91.12 60.44 27.21
C LYS IA 244 -91.92 60.71 25.95
N GLU IA 245 -91.95 61.98 25.51
CA GLU IA 245 -92.60 62.31 24.25
C GLU IA 245 -91.96 61.56 23.10
N SER IA 246 -90.64 61.42 23.12
CA SER IA 246 -89.95 60.72 22.06
C SER IA 246 -90.39 59.27 21.99
N VAL IA 247 -90.31 58.56 23.12
CA VAL IA 247 -90.60 57.13 23.10
C VAL IA 247 -92.09 56.86 22.90
N THR IA 248 -92.97 57.78 23.26
CA THR IA 248 -94.40 57.54 23.11
C THR IA 248 -94.92 57.98 21.74
N GLU IA 249 -94.25 58.93 21.09
CA GLU IA 249 -94.69 59.38 19.77
C GLU IA 249 -94.03 58.58 18.66
N ASN IA 250 -92.76 58.23 18.84
CA ASN IA 250 -91.97 57.58 17.81
C ASN IA 250 -91.59 56.18 18.27
N PRO IA 251 -92.00 55.12 17.57
CA PRO IA 251 -91.42 53.81 17.88
C PRO IA 251 -89.96 53.79 17.47
N HIS IA 252 -89.24 52.78 17.96
CA HIS IA 252 -87.81 52.68 17.77
C HIS IA 252 -87.44 51.27 17.32
N PHE IA 253 -86.61 51.20 16.29
CA PHE IA 253 -85.94 49.96 15.94
C PHE IA 253 -84.47 50.24 15.65
N PHE IA 254 -83.64 49.26 15.98
CA PHE IA 254 -82.20 49.42 16.06
C PHE IA 254 -81.53 48.55 15.01
N VAL IA 255 -80.37 49.01 14.53
CA VAL IA 255 -79.56 48.30 13.57
C VAL IA 255 -78.12 48.33 14.05
N SER IA 256 -77.48 47.17 14.08
CA SER IA 256 -76.18 46.99 14.70
C SER IA 256 -75.23 46.36 13.70
N THR IA 257 -74.13 47.05 13.41
CA THR IA 257 -73.16 46.60 12.44
C THR IA 257 -71.76 46.73 13.02
N ASN IA 258 -70.80 46.20 12.27
CA ASN IA 258 -69.39 46.19 12.66
C ASN IA 258 -68.56 46.74 11.52
N LEU IA 259 -67.79 47.78 11.81
CA LEU IA 259 -66.93 48.43 10.85
C LEU IA 259 -65.49 48.01 11.03
N SER IA 260 -64.65 48.40 10.08
CA SER IA 260 -63.22 48.17 10.13
C SER IA 260 -62.51 49.51 9.96
N VAL IA 261 -61.60 49.82 10.88
CA VAL IA 261 -60.94 51.11 10.96
C VAL IA 261 -59.43 51.01 10.92
N SER IA 262 -58.89 49.85 10.53
CA SER IA 262 -57.44 49.67 10.51
C SER IA 262 -56.79 50.63 9.53
N LYS IA 263 -57.48 50.97 8.45
CA LYS IA 263 -56.95 51.95 7.50
C LYS IA 263 -57.22 53.37 7.97
N LEU IA 264 -58.38 53.58 8.60
CA LEU IA 264 -58.75 54.90 9.08
C LEU IA 264 -57.74 55.40 10.10
N LEU IA 265 -57.30 54.51 11.00
CA LEU IA 265 -56.36 54.93 12.03
C LEU IA 265 -55.01 55.28 11.42
N LYS IA 266 -54.57 54.52 10.41
CA LYS IA 266 -53.34 54.87 9.71
C LYS IA 266 -53.45 56.23 9.06
N LEU IA 267 -54.60 56.50 8.43
CA LEU IA 267 -54.81 57.81 7.81
C LEU IA 267 -54.76 58.92 8.85
N ARG IA 268 -55.40 58.71 9.99
CA ARG IA 268 -55.40 59.72 11.05
C ARG IA 268 -53.99 59.97 11.56
N GLN IA 269 -53.23 58.90 11.76
CA GLN IA 269 -51.86 59.05 12.25
C GLN IA 269 -51.01 59.79 11.24
N ALA IA 270 -51.18 59.49 9.95
CA ALA IA 270 -50.39 60.16 8.93
C ALA IA 270 -50.72 61.65 8.86
N LEU IA 271 -52.00 61.98 8.90
CA LEU IA 271 -52.39 63.39 8.85
C LEU IA 271 -51.95 64.13 10.11
N ASN IA 272 -51.91 63.44 11.26
CA ASN IA 272 -51.42 64.10 12.46
C ASN IA 272 -49.91 64.29 12.41
N SER IA 273 -49.19 63.36 11.78
CA SER IA 273 -47.75 63.49 11.67
C SER IA 273 -47.36 64.57 10.67
N SER IA 274 -48.11 64.70 9.57
CA SER IA 274 -47.80 65.70 8.54
C SER IA 274 -48.46 67.03 8.91
N ALA IA 275 -48.11 67.53 10.08
CA ALA IA 275 -48.67 68.78 10.59
C ALA IA 275 -47.68 69.38 11.57
N ASP IA 276 -47.85 70.67 11.82
CA ASP IA 276 -46.99 71.45 12.70
C ASP IA 276 -47.79 71.96 13.89
N GLY IA 277 -48.64 71.10 14.46
CA GLY IA 277 -49.47 71.51 15.57
C GLY IA 277 -50.60 72.43 15.18
N ARG IA 278 -50.91 72.55 13.89
CA ARG IA 278 -52.00 73.41 13.45
C ARG IA 278 -53.37 72.77 13.70
N TYR IA 279 -53.42 71.46 13.88
CA TYR IA 279 -54.67 70.76 14.12
C TYR IA 279 -54.39 69.42 14.78
N LYS IA 280 -55.46 68.78 15.24
CA LYS IA 280 -55.37 67.44 15.81
C LYS IA 280 -56.70 66.74 15.57
N LEU IA 281 -56.63 65.55 14.97
CA LEU IA 281 -57.82 64.85 14.50
C LEU IA 281 -58.21 63.70 15.43
N SER IA 282 -59.46 63.27 15.28
CA SER IA 282 -60.01 62.15 16.03
C SER IA 282 -60.90 61.31 15.11
N VAL IA 283 -61.56 60.30 15.69
CA VAL IA 283 -62.39 59.40 14.90
C VAL IA 283 -63.77 59.99 14.69
N ASN IA 284 -64.28 60.73 15.68
CA ASN IA 284 -65.60 61.32 15.58
C ASN IA 284 -65.72 62.23 14.37
N ASP IA 285 -64.64 62.91 13.99
CA ASP IA 285 -64.70 63.82 12.86
C ASP IA 285 -64.91 63.08 11.55
N PHE IA 286 -64.12 62.03 11.33
CA PHE IA 286 -64.32 61.17 10.18
C PHE IA 286 -65.75 60.63 10.16
N LEU IA 287 -66.25 60.22 11.33
CA LEU IA 287 -67.59 59.69 11.40
C LEU IA 287 -68.62 60.74 11.01
N ILE IA 288 -68.40 61.99 11.40
CA ILE IA 288 -69.35 63.04 11.09
C ILE IA 288 -69.36 63.31 9.59
N LYS IA 289 -68.18 63.37 8.98
CA LYS IA 289 -68.11 63.57 7.54
C LYS IA 289 -68.80 62.43 6.79
N ALA IA 290 -68.58 61.20 7.23
CA ALA IA 290 -69.22 60.07 6.58
C ALA IA 290 -70.73 60.11 6.77
N MET IA 291 -71.19 60.57 7.93
CA MET IA 291 -72.62 60.73 8.16
C MET IA 291 -73.21 61.71 7.17
N GLY IA 292 -72.52 62.83 6.95
CA GLY IA 292 -73.00 63.80 5.98
C GLY IA 292 -73.07 63.20 4.58
N ILE IA 293 -72.05 62.44 4.20
CA ILE IA 293 -72.03 61.83 2.87
C ILE IA 293 -73.20 60.88 2.70
N ALA IA 294 -73.43 60.02 3.69
CA ALA IA 294 -74.52 59.07 3.61
C ALA IA 294 -75.86 59.78 3.59
N SER IA 295 -75.99 60.83 4.39
CA SER IA 295 -77.25 61.58 4.43
C SER IA 295 -77.54 62.21 3.08
N LYS IA 296 -76.49 62.64 2.37
CA LYS IA 296 -76.72 63.20 1.04
C LYS IA 296 -77.05 62.12 0.02
N ARG IA 297 -76.41 60.96 0.12
CA ARG IA 297 -76.71 59.90 -0.84
C ARG IA 297 -78.08 59.31 -0.62
N VAL IA 298 -78.60 59.37 0.61
CA VAL IA 298 -79.93 58.85 0.93
C VAL IA 298 -80.67 59.93 1.72
N PRO IA 299 -81.35 60.86 1.07
CA PRO IA 299 -81.90 62.02 1.79
C PRO IA 299 -83.08 61.69 2.69
N THR IA 300 -83.70 60.52 2.52
CA THR IA 300 -84.90 60.21 3.30
C THR IA 300 -84.61 60.16 4.79
N VAL IA 301 -83.36 59.84 5.16
CA VAL IA 301 -82.99 59.84 6.57
C VAL IA 301 -82.96 61.26 7.12
N ASN IA 302 -82.39 62.18 6.35
CA ASN IA 302 -82.30 63.59 6.75
C ASN IA 302 -83.69 64.19 6.55
N SER IA 303 -84.56 63.92 7.51
CA SER IA 303 -85.97 64.31 7.42
C SER IA 303 -86.50 64.51 8.84
N SER IA 304 -87.80 64.69 8.95
CA SER IA 304 -88.45 64.87 10.24
C SER IA 304 -89.91 64.49 10.10
N TRP IA 305 -90.70 64.84 11.13
CA TRP IA 305 -92.14 64.59 11.13
C TRP IA 305 -92.83 65.82 11.68
N ARG IA 306 -93.74 66.39 10.90
CA ARG IA 306 -94.42 67.62 11.27
C ARG IA 306 -95.92 67.43 11.10
N ASP IA 307 -96.69 68.51 11.23
CA ASP IA 307 -98.14 68.42 11.20
C ASP IA 307 -98.63 68.03 9.82
N GLY IA 308 -98.87 66.73 9.62
CA GLY IA 308 -99.38 66.25 8.36
C GLY IA 308 -98.49 66.51 7.17
N VAL IA 309 -97.18 66.65 7.40
CA VAL IA 309 -96.25 66.99 6.33
C VAL IA 309 -94.86 66.54 6.73
N ILE IA 310 -94.07 66.14 5.74
CA ILE IA 310 -92.69 65.74 5.91
C ILE IA 310 -91.81 66.90 5.50
N ARG IA 311 -90.98 67.36 6.44
CA ARG IA 311 -89.98 68.39 6.17
C ARG IA 311 -88.65 67.71 5.87
N GLN IA 312 -88.13 67.94 4.67
CA GLN IA 312 -86.87 67.38 4.23
C GLN IA 312 -85.88 68.51 3.99
N PHE IA 313 -84.70 68.39 4.58
CA PHE IA 313 -83.64 69.37 4.41
C PHE IA 313 -82.79 69.00 3.20
N GLU IA 314 -81.76 69.81 2.95
CA GLU IA 314 -80.75 69.55 1.94
C GLU IA 314 -79.37 69.42 2.57
N THR IA 315 -79.00 70.36 3.43
CA THR IA 315 -77.77 70.28 4.19
C THR IA 315 -77.91 69.28 5.32
N VAL IA 316 -76.81 69.06 6.02
CA VAL IA 316 -76.74 68.11 7.13
C VAL IA 316 -76.31 68.87 8.36
N ASP IA 317 -77.23 69.01 9.32
CA ASP IA 317 -76.96 69.65 10.60
C ASP IA 317 -76.79 68.56 11.66
N VAL IA 318 -75.60 68.48 12.24
CA VAL IA 318 -75.21 67.36 13.09
C VAL IA 318 -75.20 67.81 14.54
N SER IA 319 -75.92 67.09 15.39
CA SER IA 319 -75.96 67.37 16.81
C SER IA 319 -75.02 66.42 17.53
N VAL IA 320 -73.97 66.97 18.14
CA VAL IA 320 -72.96 66.20 18.85
C VAL IA 320 -73.22 66.28 20.33
N ALA IA 321 -73.23 65.13 21.00
CA ALA IA 321 -73.48 65.09 22.44
C ALA IA 321 -72.21 65.40 23.21
N VAL IA 322 -72.37 66.09 24.33
CA VAL IA 322 -71.31 66.37 25.27
C VAL IA 322 -71.83 66.13 26.68
N ALA IA 323 -71.00 65.50 27.49
CA ALA IA 323 -71.36 65.09 28.84
C ALA IA 323 -70.71 66.07 29.82
N THR IA 324 -71.52 66.97 30.35
CA THR IA 324 -71.08 67.91 31.37
C THR IA 324 -71.45 67.38 32.74
N PRO IA 325 -70.83 67.91 33.81
CA PRO IA 325 -71.28 67.54 35.16
C PRO IA 325 -72.72 67.94 35.43
N ASN IA 326 -73.24 68.94 34.73
CA ASN IA 326 -74.64 69.31 34.82
C ASN IA 326 -75.56 68.32 34.10
N GLY IA 327 -75.02 67.51 33.19
CA GLY IA 327 -75.82 66.51 32.50
C GLY IA 327 -75.35 66.26 31.08
N LEU IA 328 -76.28 66.34 30.13
CA LEU IA 328 -76.01 66.13 28.73
C LEU IA 328 -76.42 67.37 27.94
N ILE IA 329 -75.71 67.63 26.85
CA ILE IA 329 -76.03 68.76 25.99
C ILE IA 329 -75.67 68.39 24.56
N THR IA 330 -76.30 69.06 23.60
CA THR IA 330 -76.15 68.73 22.18
C THR IA 330 -75.92 69.97 21.34
N PRO IA 331 -74.69 70.48 21.32
CA PRO IA 331 -74.34 71.52 20.34
C PRO IA 331 -74.48 70.98 18.92
N ILE IA 332 -74.43 71.91 17.96
CA ILE IA 332 -74.72 71.61 16.57
C ILE IA 332 -73.59 72.11 15.70
N VAL IA 333 -73.25 71.32 14.68
CA VAL IA 333 -72.37 71.73 13.60
C VAL IA 333 -73.22 71.89 12.35
N LYS IA 334 -72.94 72.95 11.60
CA LYS IA 334 -73.74 73.36 10.45
C LYS IA 334 -72.97 73.11 9.16
N GLY IA 335 -73.70 72.70 8.13
CA GLY IA 335 -73.15 72.53 6.80
C GLY IA 335 -71.96 71.59 6.77
N VAL IA 336 -72.17 70.37 7.25
CA VAL IA 336 -71.07 69.42 7.38
C VAL IA 336 -70.51 69.06 6.01
N GLU IA 337 -71.39 68.62 5.11
CA GLU IA 337 -70.95 68.20 3.78
C GLU IA 337 -70.24 69.34 3.07
N GLY IA 338 -68.98 69.13 2.74
CA GLY IA 338 -68.18 70.17 2.13
C GLY IA 338 -67.81 71.26 3.11
N LYS IA 339 -67.13 70.90 4.19
CA LYS IA 339 -66.68 71.86 5.20
C LYS IA 339 -65.22 71.70 5.55
N GLY IA 340 -64.70 70.48 5.60
CA GLY IA 340 -63.31 70.24 5.95
C GLY IA 340 -63.11 69.73 7.36
N LEU IA 341 -62.29 68.70 7.49
CA LEU IA 341 -62.10 68.04 8.78
C LEU IA 341 -61.44 68.99 9.79
N GLU IA 342 -60.56 69.87 9.34
CA GLU IA 342 -59.92 70.81 10.24
C GLU IA 342 -60.95 71.75 10.86
N SER IA 343 -61.78 72.35 10.02
CA SER IA 343 -62.82 73.24 10.52
C SER IA 343 -63.78 72.48 11.42
N ILE IA 344 -64.07 71.22 11.09
CA ILE IA 344 -64.95 70.42 11.92
C ILE IA 344 -64.36 70.24 13.31
N SER IA 345 -63.10 69.81 13.37
CA SER IA 345 -62.45 69.59 14.66
C SER IA 345 -62.37 70.88 15.45
N ALA IA 346 -62.11 72.00 14.78
CA ALA IA 346 -62.00 73.28 15.47
C ALA IA 346 -63.35 73.66 16.08
N ALA IA 347 -64.42 73.55 15.28
CA ALA IA 347 -65.75 73.88 15.79
C ALA IA 347 -66.13 72.97 16.94
N VAL IA 348 -65.80 71.69 16.84
CA VAL IA 348 -66.15 70.76 17.91
C VAL IA 348 -65.41 71.11 19.18
N LYS IA 349 -64.12 71.44 19.08
CA LYS IA 349 -63.36 71.81 20.26
C LYS IA 349 -63.92 73.07 20.90
N GLU IA 350 -64.23 74.07 20.07
CA GLU IA 350 -64.80 75.31 20.59
C GLU IA 350 -66.11 75.05 21.30
N LEU IA 351 -67.00 74.30 20.67
CA LEU IA 351 -68.32 74.05 21.26
C LEU IA 351 -68.21 73.20 22.52
N ALA IA 352 -67.29 72.24 22.54
CA ALA IA 352 -67.14 71.38 23.71
C ALA IA 352 -66.62 72.18 24.90
N LYS IA 353 -65.62 73.02 24.68
CA LYS IA 353 -65.12 73.83 25.77
C LYS IA 353 -66.15 74.87 26.21
N LYS IA 354 -66.91 75.43 25.26
CA LYS IA 354 -67.95 76.38 25.64
C LYS IA 354 -69.07 75.71 26.41
N ALA IA 355 -69.34 74.44 26.13
CA ALA IA 355 -70.36 73.71 26.89
C ALA IA 355 -69.86 73.35 28.28
N ARG IA 356 -68.58 72.97 28.38
CA ARG IA 356 -67.98 72.78 29.69
C ARG IA 356 -68.01 74.06 30.50
N ASP IA 357 -67.92 75.21 29.83
CA ASP IA 357 -67.98 76.50 30.52
C ASP IA 357 -69.40 76.96 30.79
N GLY IA 358 -70.39 76.49 30.03
CA GLY IA 358 -71.74 76.99 30.15
C GLY IA 358 -71.87 78.39 29.59
N LYS IA 359 -71.63 78.54 28.28
CA LYS IA 359 -71.56 79.85 27.63
C LYS IA 359 -72.28 79.82 26.28
N LEU IA 360 -73.26 78.94 26.14
CA LEU IA 360 -73.89 78.70 24.85
C LEU IA 360 -75.15 79.56 24.68
N LYS IA 361 -75.59 79.64 23.42
CA LYS IA 361 -76.87 80.20 23.03
C LYS IA 361 -77.87 79.08 22.75
N PRO IA 362 -79.17 79.35 22.84
CA PRO IA 362 -80.13 78.27 22.57
C PRO IA 362 -80.13 77.82 21.12
N GLU IA 363 -79.87 78.72 20.18
CA GLU IA 363 -79.88 78.35 18.77
C GLU IA 363 -78.79 77.35 18.45
N GLU IA 364 -77.69 77.35 19.21
CA GLU IA 364 -76.59 76.44 18.93
C GLU IA 364 -76.93 74.99 19.23
N TYR IA 365 -77.96 74.73 20.07
CA TYR IA 365 -78.35 73.38 20.43
C TYR IA 365 -79.85 73.16 20.31
N GLN IA 366 -80.55 74.02 19.58
CA GLN IA 366 -81.98 73.83 19.29
C GLN IA 366 -82.16 73.76 17.78
N GLY IA 367 -82.29 72.54 17.27
CA GLY IA 367 -82.41 72.30 15.84
C GLY IA 367 -81.77 70.99 15.46
N GLY IA 368 -81.09 70.96 14.31
CA GLY IA 368 -80.39 69.76 13.90
C GLY IA 368 -81.31 68.72 13.32
N SER IA 369 -80.86 68.05 12.26
CA SER IA 369 -81.63 66.97 11.65
C SER IA 369 -81.22 65.61 12.16
N ILE IA 370 -79.93 65.41 12.46
CA ILE IA 370 -79.40 64.14 12.89
C ILE IA 370 -78.48 64.35 14.08
N SER IA 371 -78.34 63.31 14.89
CA SER IA 371 -77.60 63.38 16.14
C SER IA 371 -76.61 62.23 16.24
N ILE IA 372 -75.76 62.30 17.24
CA ILE IA 372 -74.73 61.31 17.48
C ILE IA 372 -74.31 61.39 18.94
N SER IA 373 -73.90 60.25 19.48
CA SER IA 373 -73.29 60.17 20.80
C SER IA 373 -72.08 59.25 20.71
N ASN IA 374 -71.04 59.59 21.45
CA ASN IA 374 -69.77 58.89 21.40
C ASN IA 374 -69.35 58.48 22.81
N MET IA 375 -68.79 57.27 22.91
CA MET IA 375 -68.29 56.74 24.17
C MET IA 375 -66.95 56.04 23.98
N GLY IA 376 -66.18 56.43 22.97
CA GLY IA 376 -64.97 55.70 22.63
C GLY IA 376 -63.90 55.76 23.69
N MET IA 377 -63.91 56.80 24.53
CA MET IA 377 -62.89 56.90 25.57
C MET IA 377 -63.01 55.76 26.58
N ASN IA 378 -64.21 55.25 26.78
CA ASN IA 378 -64.44 54.16 27.74
C ASN IA 378 -64.31 52.83 27.01
N PRO IA 379 -63.23 52.07 27.21
CA PRO IA 379 -63.03 50.87 26.37
C PRO IA 379 -63.93 49.71 26.70
N ALA IA 380 -64.63 49.72 27.83
CA ALA IA 380 -65.43 48.57 28.22
C ALA IA 380 -66.68 48.44 27.36
N VAL IA 381 -67.20 49.55 26.84
CA VAL IA 381 -68.47 49.54 26.13
C VAL IA 381 -68.24 48.96 24.75
N GLN IA 382 -68.85 47.80 24.48
CA GLN IA 382 -68.82 47.25 23.13
C GLN IA 382 -69.90 47.87 22.27
N SER IA 383 -71.09 48.08 22.83
CA SER IA 383 -72.19 48.67 22.08
C SER IA 383 -73.17 49.28 23.05
N PHE IA 384 -74.01 50.16 22.52
CA PHE IA 384 -75.06 50.77 23.31
C PHE IA 384 -76.01 51.49 22.38
N THR IA 385 -77.23 51.64 22.84
CA THR IA 385 -78.28 52.34 22.14
C THR IA 385 -78.45 53.73 22.75
N ALA IA 386 -79.21 54.57 22.07
CA ALA IA 386 -79.57 55.88 22.58
C ALA IA 386 -81.03 56.14 22.26
N ILE IA 387 -81.45 57.39 22.47
CA ILE IA 387 -82.83 57.82 22.29
C ILE IA 387 -82.84 59.00 21.34
N ILE IA 388 -83.85 59.05 20.49
CA ILE IA 388 -83.90 60.01 19.39
C ILE IA 388 -84.30 61.37 19.96
N ASN IA 389 -83.40 62.34 19.88
CA ASN IA 389 -83.71 63.69 20.27
C ASN IA 389 -84.70 64.30 19.28
N PRO IA 390 -85.96 64.52 19.66
CA PRO IA 390 -86.93 64.98 18.68
C PRO IA 390 -86.63 66.39 18.23
N PRO IA 391 -87.23 66.85 17.13
CA PRO IA 391 -88.16 66.15 16.24
C PRO IA 391 -87.44 65.35 15.15
N GLN IA 392 -86.18 65.00 15.39
CA GLN IA 392 -85.38 64.29 14.40
C GLN IA 392 -85.90 62.89 14.15
N ALA IA 393 -85.23 62.15 13.26
CA ALA IA 393 -85.68 60.85 12.80
C ALA IA 393 -84.71 59.72 13.07
N ALA IA 394 -83.44 60.03 13.31
CA ALA IA 394 -82.42 58.99 13.46
C ALA IA 394 -81.35 59.46 14.43
N ILE IA 395 -80.62 58.50 14.99
CA ILE IA 395 -79.49 58.82 15.85
C ILE IA 395 -78.50 57.66 15.78
N LEU IA 396 -77.24 58.00 15.96
CA LEU IA 396 -76.12 57.09 15.86
C LEU IA 396 -75.50 56.87 17.22
N ALA IA 397 -74.70 55.80 17.31
CA ALA IA 397 -73.96 55.48 18.52
C ALA IA 397 -72.75 54.64 18.14
N VAL IA 398 -71.59 55.03 18.64
CA VAL IA 398 -70.32 54.42 18.27
C VAL IA 398 -69.69 53.85 19.52
N GLY IA 399 -69.53 52.52 19.56
CA GLY IA 399 -68.85 51.88 20.65
C GLY IA 399 -67.35 52.07 20.60
N ALA IA 400 -66.65 51.25 21.36
CA ALA IA 400 -65.21 51.33 21.44
C ALA IA 400 -64.57 50.43 20.40
N PRO IA 401 -63.28 50.61 20.14
CA PRO IA 401 -62.57 49.67 19.27
C PRO IA 401 -62.16 48.42 20.03
N GLN IA 402 -62.02 47.33 19.28
CA GLN IA 402 -61.67 46.04 19.84
C GLN IA 402 -60.87 45.26 18.81
N LYS IA 403 -60.30 44.15 19.26
CA LYS IA 403 -59.51 43.26 18.43
C LYS IA 403 -60.36 42.04 18.10
N VAL IA 404 -60.44 41.71 16.81
CA VAL IA 404 -61.24 40.59 16.33
C VAL IA 404 -60.40 39.79 15.36
N ALA IA 405 -60.66 38.49 15.32
CA ALA IA 405 -60.02 37.61 14.36
C ALA IA 405 -60.70 37.73 13.00
N VAL IA 406 -59.89 37.71 11.95
CA VAL IA 406 -60.37 37.82 10.58
C VAL IA 406 -59.54 36.88 9.71
N PRO IA 407 -60.12 36.14 8.78
CA PRO IA 407 -59.31 35.31 7.89
C PRO IA 407 -58.50 36.14 6.92
N VAL IA 408 -57.45 35.51 6.39
CA VAL IA 408 -56.60 36.14 5.39
C VAL IA 408 -55.93 35.03 4.59
N GLU IA 409 -55.74 35.29 3.30
CA GLU IA 409 -55.09 34.34 2.40
C GLU IA 409 -53.64 34.77 2.20
N ASN IA 410 -52.72 33.94 2.68
CA ASN IA 410 -51.32 34.15 2.38
C ASN IA 410 -51.06 33.87 0.90
N GLU IA 411 -49.81 34.09 0.49
CA GLU IA 411 -49.43 33.90 -0.91
C GLU IA 411 -49.70 32.48 -1.41
N ASP IA 412 -49.72 31.49 -0.52
CA ASP IA 412 -50.03 30.12 -0.87
C ASP IA 412 -51.54 29.91 -0.81
N GLY IA 413 -51.96 28.64 -0.91
CA GLY IA 413 -53.36 28.31 -0.91
C GLY IA 413 -53.99 28.24 0.47
N THR IA 414 -53.21 28.40 1.53
CA THR IA 414 -53.73 28.31 2.88
C THR IA 414 -54.24 29.66 3.36
N THR IA 415 -55.20 29.61 4.28
CA THR IA 415 -55.68 30.80 4.97
C THR IA 415 -54.84 31.05 6.22
N GLY IA 416 -55.02 32.23 6.80
CA GLY IA 416 -54.31 32.61 8.01
C GLY IA 416 -55.16 33.50 8.87
N VAL IA 417 -54.61 33.87 10.02
CA VAL IA 417 -55.28 34.69 11.02
C VAL IA 417 -54.64 36.07 10.98
N SER IA 418 -55.46 37.08 10.71
CA SER IA 418 -55.06 38.47 10.76
C SER IA 418 -55.92 39.22 11.76
N TRP IA 419 -55.29 40.05 12.57
CA TRP IA 419 -55.97 40.78 13.63
C TRP IA 419 -56.36 42.16 13.09
N ASP IA 420 -57.65 42.40 13.00
CA ASP IA 420 -58.21 43.66 12.55
C ASP IA 420 -58.83 44.40 13.72
N GLU IA 421 -58.87 45.73 13.62
CA GLU IA 421 -59.47 46.58 14.63
C GLU IA 421 -60.88 46.94 14.19
N GLN IA 422 -61.87 46.46 14.93
CA GLN IA 422 -63.27 46.65 14.61
C GLN IA 422 -63.95 47.57 15.61
N ILE IA 423 -65.04 48.16 15.16
CA ILE IA 423 -65.91 48.98 16.00
C ILE IA 423 -67.35 48.58 15.72
N ILE IA 424 -68.14 48.50 16.77
CA ILE IA 424 -69.57 48.27 16.65
C ILE IA 424 -70.26 49.62 16.58
N VAL IA 425 -71.28 49.69 15.72
CA VAL IA 425 -72.06 50.89 15.49
C VAL IA 425 -73.53 50.51 15.59
N THR IA 426 -74.29 51.34 16.31
CA THR IA 426 -75.70 51.10 16.54
C THR IA 426 -76.48 52.34 16.12
N ALA IA 427 -77.45 52.16 15.24
CA ALA IA 427 -78.29 53.24 14.74
C ALA IA 427 -79.73 52.96 15.11
N SER IA 428 -80.37 53.94 15.73
CA SER IA 428 -81.79 53.87 16.05
C SER IA 428 -82.56 54.77 15.11
N PHE IA 429 -83.63 54.23 14.53
CA PHE IA 429 -84.44 54.95 13.55
C PHE IA 429 -85.89 55.03 14.02
N ASP IA 430 -86.56 56.09 13.58
CA ASP IA 430 -88.01 56.19 13.71
C ASP IA 430 -88.66 55.50 12.54
N HIS IA 431 -89.66 54.68 12.83
CA HIS IA 431 -90.25 53.81 11.82
C HIS IA 431 -91.34 54.49 11.01
N LYS IA 432 -91.86 55.63 11.45
CA LYS IA 432 -92.84 56.36 10.66
C LYS IA 432 -92.23 56.81 9.34
N VAL IA 433 -91.04 57.39 9.40
CA VAL IA 433 -90.38 57.94 8.23
C VAL IA 433 -89.59 56.87 7.50
N VAL IA 434 -88.73 56.17 8.21
CA VAL IA 434 -87.73 55.30 7.62
C VAL IA 434 -88.17 53.85 7.77
N ASP IA 435 -87.75 53.03 6.82
CA ASP IA 435 -87.96 51.60 6.83
C ASP IA 435 -86.63 50.88 6.92
N GLY IA 436 -86.73 49.56 7.14
CA GLY IA 436 -85.53 48.77 7.34
C GLY IA 436 -84.60 48.78 6.15
N ALA IA 437 -85.18 48.70 4.94
CA ALA IA 437 -84.36 48.71 3.73
C ALA IA 437 -83.59 50.02 3.61
N VAL IA 438 -84.25 51.14 3.91
CA VAL IA 438 -83.62 52.44 3.80
C VAL IA 438 -82.50 52.57 4.82
N GLY IA 439 -82.77 52.15 6.06
CA GLY IA 439 -81.73 52.19 7.07
C GLY IA 439 -80.56 51.33 6.71
N ALA IA 440 -80.82 50.15 6.15
CA ALA IA 440 -79.75 49.25 5.74
C ALA IA 440 -78.92 49.87 4.63
N GLU IA 441 -79.58 50.57 3.70
CA GLU IA 441 -78.86 51.22 2.62
C GLU IA 441 -77.94 52.31 3.17
N TRP IA 442 -78.46 53.11 4.09
CA TRP IA 442 -77.66 54.15 4.72
C TRP IA 442 -76.45 53.55 5.43
N ILE IA 443 -76.66 52.46 6.16
CA ILE IA 443 -75.57 51.82 6.89
C ILE IA 443 -74.55 51.24 5.92
N ARG IA 444 -75.02 50.69 4.80
CA ARG IA 444 -74.10 50.13 3.82
C ARG IA 444 -73.22 51.22 3.24
N GLU IA 445 -73.81 52.37 2.92
CA GLU IA 445 -73.01 53.47 2.40
C GLU IA 445 -71.99 53.95 3.43
N LEU IA 446 -72.40 54.03 4.69
CA LEU IA 446 -71.47 54.43 5.74
C LEU IA 446 -70.30 53.45 5.84
N LYS IA 447 -70.62 52.15 5.83
CA LYS IA 447 -69.58 51.13 5.93
C LYS IA 447 -68.63 51.23 4.75
N LYS IA 448 -69.17 51.41 3.55
CA LYS IA 448 -68.33 51.51 2.36
C LYS IA 448 -67.40 52.70 2.47
N VAL IA 449 -67.94 53.85 2.89
CA VAL IA 449 -67.13 55.06 2.97
C VAL IA 449 -66.03 54.92 4.01
N ILE IA 450 -66.33 54.28 5.14
CA ILE IA 450 -65.31 54.11 6.17
C ILE IA 450 -64.25 53.14 5.70
N GLU IA 451 -64.69 52.01 5.15
CA GLU IA 451 -63.75 50.96 4.76
C GLU IA 451 -62.85 51.42 3.62
N ASN IA 452 -63.36 52.33 2.77
CA ASN IA 452 -62.57 53.00 1.75
C ASN IA 452 -62.46 54.47 2.13
N PRO IA 453 -61.52 54.86 3.00
CA PRO IA 453 -61.50 56.27 3.45
C PRO IA 453 -61.26 57.26 2.34
N LEU IA 454 -60.67 56.83 1.23
CA LEU IA 454 -60.36 57.73 0.14
C LEU IA 454 -61.61 58.33 -0.49
N GLU IA 455 -62.76 57.66 -0.37
CA GLU IA 455 -63.99 58.20 -0.94
C GLU IA 455 -64.58 59.31 -0.09
N LEU IA 456 -63.96 59.67 1.04
CA LEU IA 456 -64.35 60.88 1.75
C LEU IA 456 -64.21 62.11 0.87
N LEU IA 457 -63.28 62.07 -0.08
CA LEU IA 457 -63.10 63.17 -1.01
C LEU IA 457 -64.34 63.35 -1.88
N LEU IA 458 -65.03 62.26 -2.18
CA LEU IA 458 -66.21 62.30 -3.04
C LEU IA 458 -67.45 62.64 -2.21
N TYR JA 227 -31.89 56.99 92.71
CA TYR JA 227 -31.36 58.34 92.62
C TYR JA 227 -32.45 59.31 92.20
N THR JA 228 -32.68 59.46 90.90
CA THR JA 228 -33.72 60.36 90.42
C THR JA 228 -35.09 59.85 90.85
N ASP JA 229 -35.97 60.77 91.23
CA ASP JA 229 -37.29 60.45 91.77
C ASP JA 229 -38.32 61.32 91.08
N VAL JA 230 -38.95 60.78 90.04
CA VAL JA 230 -39.94 61.50 89.25
C VAL JA 230 -41.33 61.13 89.76
N PRO JA 231 -42.19 62.10 90.11
CA PRO JA 231 -43.57 61.73 90.46
C PRO JA 231 -44.30 61.13 89.27
N ILE JA 232 -45.33 60.36 89.60
CA ILE JA 232 -46.09 59.63 88.59
C ILE JA 232 -47.10 60.56 87.94
N SER JA 233 -47.35 60.34 86.65
CA SER JA 233 -48.23 61.23 85.88
C SER JA 233 -49.67 61.20 86.38
N GLY JA 234 -50.09 60.14 87.06
CA GLY JA 234 -51.47 59.96 87.48
C GLY JA 234 -52.27 59.16 86.48
N MET JA 235 -52.00 59.36 85.18
CA MET JA 235 -52.66 58.57 84.17
C MET JA 235 -52.24 57.11 84.26
N ARG JA 236 -50.97 56.86 84.56
CA ARG JA 236 -50.49 55.49 84.66
C ARG JA 236 -51.13 54.75 85.82
N LYS JA 237 -51.61 55.48 86.83
CA LYS JA 237 -52.25 54.84 87.97
C LYS JA 237 -53.49 54.08 87.53
N THR JA 238 -54.32 54.69 86.68
CA THR JA 238 -55.54 54.05 86.21
C THR JA 238 -55.21 52.81 85.40
N ILE JA 239 -54.23 52.90 84.50
CA ILE JA 239 -53.87 51.77 83.66
C ILE JA 239 -53.31 50.63 84.52
N ALA JA 240 -52.54 50.98 85.55
CA ALA JA 240 -52.00 49.96 86.43
C ALA JA 240 -53.12 49.25 87.19
N ALA JA 241 -54.06 50.03 87.72
CA ALA JA 241 -55.19 49.42 88.43
C ALA JA 241 -56.01 48.54 87.50
N ARG JA 242 -56.16 48.97 86.25
CA ARG JA 242 -56.92 48.19 85.27
C ARG JA 242 -56.25 46.86 85.00
N LEU JA 243 -54.94 46.89 84.72
CA LEU JA 243 -54.21 45.65 84.47
C LEU JA 243 -54.21 44.74 85.69
N LYS JA 244 -54.14 45.33 86.88
CA LYS JA 244 -54.17 44.53 88.10
C LYS JA 244 -55.51 43.83 88.25
N GLU JA 245 -56.61 44.57 88.03
CA GLU JA 245 -57.93 43.95 88.03
C GLU JA 245 -58.00 42.84 87.00
N SER JA 246 -57.38 43.05 85.85
CA SER JA 246 -57.42 42.03 84.80
C SER JA 246 -56.76 40.75 85.25
N VAL JA 247 -55.51 40.84 85.71
CA VAL JA 247 -54.79 39.64 86.07
C VAL JA 247 -55.33 38.97 87.32
N THR JA 248 -55.92 39.75 88.23
CA THR JA 248 -56.43 39.15 89.47
C THR JA 248 -57.84 38.58 89.31
N GLU JA 249 -58.62 39.10 88.36
CA GLU JA 249 -59.98 38.61 88.16
C GLU JA 249 -60.01 37.48 87.14
N ASN JA 250 -59.26 37.63 86.04
CA ASN JA 250 -59.31 36.71 84.93
C ASN JA 250 -58.01 35.92 84.85
N PRO JA 251 -58.02 34.59 84.96
CA PRO JA 251 -56.78 33.85 84.72
C PRO JA 251 -56.44 33.85 83.25
N HIS JA 252 -55.15 33.70 82.96
CA HIS JA 252 -54.62 33.80 81.62
C HIS JA 252 -53.91 32.50 81.25
N PHE JA 253 -54.29 31.93 80.11
CA PHE JA 253 -53.52 30.88 79.48
C PHE JA 253 -53.27 31.24 78.03
N PHE JA 254 -52.11 30.82 77.55
CA PHE JA 254 -51.55 31.29 76.29
C PHE JA 254 -51.50 30.14 75.30
N VAL JA 255 -51.73 30.47 74.03
CA VAL JA 255 -51.64 29.54 72.92
C VAL JA 255 -50.71 30.18 71.90
N SER JA 256 -49.89 29.35 71.26
CA SER JA 256 -48.82 29.82 70.40
C SER JA 256 -48.75 28.94 69.17
N THR JA 257 -48.86 29.56 68.00
CA THR JA 257 -48.88 28.84 66.74
C THR JA 257 -48.00 29.56 65.72
N ASN JA 258 -47.82 28.91 64.58
CA ASN JA 258 -46.99 29.41 63.49
C ASN JA 258 -47.78 29.39 62.20
N LEU JA 259 -47.86 30.53 61.55
CA LEU JA 259 -48.58 30.69 60.29
C LEU JA 259 -47.59 30.74 59.13
N SER JA 260 -48.15 30.71 57.92
CA SER JA 260 -47.39 30.84 56.70
C SER JA 260 -48.02 31.94 55.85
N VAL JA 261 -47.20 32.89 55.42
CA VAL JA 261 -47.68 34.11 54.78
C VAL JA 261 -47.04 34.35 53.42
N SER JA 262 -46.38 33.35 52.86
CA SER JA 262 -45.74 33.52 51.56
C SER JA 262 -46.75 33.85 50.48
N LYS JA 263 -47.95 33.29 50.58
CA LYS JA 263 -49.00 33.59 49.63
C LYS JA 263 -49.68 34.92 49.95
N LEU JA 264 -49.83 35.22 51.24
CA LEU JA 264 -50.46 36.47 51.65
C LEU JA 264 -49.65 37.67 51.16
N LEU JA 265 -48.32 37.59 51.26
CA LEU JA 265 -47.51 38.72 50.82
C LEU JA 265 -47.62 38.92 49.32
N LYS JA 266 -47.68 37.82 48.56
CA LYS JA 266 -47.89 37.93 47.12
C LYS JA 266 -49.21 38.61 46.83
N LEU JA 267 -50.26 38.21 47.55
CA LEU JA 267 -51.57 38.82 47.34
C LEU JA 267 -51.54 40.31 47.63
N ARG JA 268 -50.87 40.69 48.73
CA ARG JA 268 -50.79 42.09 49.11
C ARG JA 268 -50.02 42.89 48.06
N GLN JA 269 -48.91 42.33 47.57
CA GLN JA 269 -48.12 43.02 46.56
C GLN JA 269 -48.91 43.19 45.27
N ALA JA 270 -49.66 42.17 44.89
CA ALA JA 270 -50.45 42.26 43.66
C ALA JA 270 -51.54 43.31 43.79
N LEU JA 271 -52.25 43.33 44.92
CA LEU JA 271 -53.28 44.33 45.12
C LEU JA 271 -52.70 45.73 45.20
N ASN JA 272 -51.50 45.88 45.76
CA ASN JA 272 -50.87 47.19 45.82
C ASN JA 272 -50.43 47.65 44.43
N SER JA 273 -50.01 46.70 43.59
CA SER JA 273 -49.57 47.07 42.24
C SER JA 273 -50.76 47.39 41.33
N SER JA 274 -51.88 46.71 41.52
CA SER JA 274 -53.07 46.96 40.70
C SER JA 274 -53.92 48.08 41.32
N ALA JA 275 -53.27 49.23 41.48
CA ALA JA 275 -53.92 50.38 42.07
C ALA JA 275 -53.25 51.65 41.56
N ASP JA 276 -53.89 52.78 41.83
CA ASP JA 276 -53.43 54.08 41.39
C ASP JA 276 -53.25 55.01 42.59
N GLY JA 277 -52.64 54.49 43.65
CA GLY JA 277 -52.48 55.26 44.87
C GLY JA 277 -53.77 55.48 45.64
N ARG JA 278 -54.85 54.81 45.26
CA ARG JA 278 -56.12 54.99 45.95
C ARG JA 278 -56.12 54.34 47.32
N TYR JA 279 -55.18 53.44 47.59
CA TYR JA 279 -55.12 52.75 48.88
C TYR JA 279 -53.75 52.13 49.04
N LYS JA 280 -53.50 51.62 50.25
CA LYS JA 280 -52.26 50.91 50.55
C LYS JA 280 -52.53 49.97 51.72
N LEU JA 281 -52.18 48.71 51.55
CA LEU JA 281 -52.55 47.65 52.48
C LEU JA 281 -51.36 47.23 53.35
N SER JA 282 -51.69 46.53 54.43
CA SER JA 282 -50.71 45.97 55.34
C SER JA 282 -51.13 44.57 55.77
N VAL JA 283 -50.33 43.95 56.63
CA VAL JA 283 -50.65 42.62 57.13
C VAL JA 283 -51.73 42.70 58.21
N ASN JA 284 -51.75 43.80 58.95
CA ASN JA 284 -52.68 43.96 60.05
C ASN JA 284 -54.12 43.91 59.57
N ASP JA 285 -54.40 44.43 58.38
CA ASP JA 285 -55.77 44.44 57.88
C ASP JA 285 -56.25 43.04 57.54
N PHE JA 286 -55.40 42.28 56.83
CA PHE JA 286 -55.72 40.87 56.57
C PHE JA 286 -55.97 40.13 57.88
N LEU JA 287 -55.13 40.37 58.88
CA LEU JA 287 -55.29 39.69 60.16
C LEU JA 287 -56.59 40.08 60.83
N ILE JA 288 -57.00 41.34 60.69
CA ILE JA 288 -58.24 41.79 61.32
C ILE JA 288 -59.44 41.14 60.66
N LYS JA 289 -59.44 41.09 59.32
CA LYS JA 289 -60.50 40.40 58.61
C LYS JA 289 -60.58 38.93 59.03
N ALA JA 290 -59.42 38.28 59.16
CA ALA JA 290 -59.39 36.89 59.57
C ALA JA 290 -59.92 36.73 60.98
N MET JA 291 -59.60 37.68 61.86
CA MET JA 291 -60.14 37.64 63.22
C MET JA 291 -61.65 37.71 63.21
N GLY JA 292 -62.20 38.59 62.38
CA GLY JA 292 -63.65 38.68 62.30
C GLY JA 292 -64.27 37.39 61.81
N ILE JA 293 -63.66 36.78 60.79
CA ILE JA 293 -64.19 35.54 60.24
C ILE JA 293 -64.17 34.44 61.30
N ALA JA 294 -63.06 34.33 62.02
CA ALA JA 294 -62.96 33.30 63.05
C ALA JA 294 -63.95 33.55 64.18
N SER JA 295 -64.13 34.81 64.57
CA SER JA 295 -65.06 35.14 65.63
C SER JA 295 -66.49 34.81 65.23
N LYS JA 296 -66.81 34.96 63.94
CA LYS JA 296 -68.16 34.61 63.49
C LYS JA 296 -68.34 33.10 63.39
N ARG JA 297 -67.29 32.37 63.02
CA ARG JA 297 -67.42 30.92 62.96
C ARG JA 297 -67.45 30.30 64.34
N VAL JA 298 -66.87 30.95 65.34
CA VAL JA 298 -66.86 30.45 66.71
C VAL JA 298 -67.29 31.59 67.63
N PRO JA 299 -68.58 31.81 67.85
CA PRO JA 299 -69.01 33.03 68.54
C PRO JA 299 -68.67 33.08 70.02
N THR JA 300 -68.33 31.95 70.63
CA THR JA 300 -68.09 31.93 72.06
C THR JA 300 -66.90 32.80 72.44
N VAL JA 301 -65.93 32.96 71.52
CA VAL JA 301 -64.79 33.82 71.79
C VAL JA 301 -65.25 35.27 71.89
N ASN JA 302 -66.12 35.69 70.97
CA ASN JA 302 -66.66 37.04 70.97
C ASN JA 302 -67.69 37.11 72.11
N SER JA 303 -67.18 37.25 73.32
CA SER JA 303 -68.00 37.18 74.53
C SER JA 303 -67.37 38.08 75.58
N SER JA 304 -67.89 38.00 76.80
CA SER JA 304 -67.40 38.79 77.91
C SER JA 304 -67.82 38.13 79.20
N TRP JA 305 -67.70 38.85 80.31
CA TRP JA 305 -68.10 38.38 81.62
C TRP JA 305 -68.74 39.54 82.36
N ARG JA 306 -69.97 39.34 82.83
CA ARG JA 306 -70.76 40.40 83.45
C ARG JA 306 -71.35 39.88 84.75
N ASP JA 307 -72.30 40.62 85.34
CA ASP JA 307 -72.85 40.26 86.64
C ASP JA 307 -73.71 39.02 86.53
N GLY JA 308 -73.11 37.86 86.79
CA GLY JA 308 -73.85 36.60 86.75
C GLY JA 308 -74.45 36.28 85.41
N VAL JA 309 -73.86 36.79 84.33
CA VAL JA 309 -74.43 36.64 82.99
C VAL JA 309 -73.33 36.83 81.97
N ILE JA 310 -73.41 36.05 80.90
CA ILE JA 310 -72.49 36.14 79.77
C ILE JA 310 -73.15 36.99 78.70
N ARG JA 311 -72.48 38.07 78.31
CA ARG JA 311 -72.95 38.94 77.24
C ARG JA 311 -72.26 38.52 75.94
N GLN JA 312 -73.05 38.03 74.99
CA GLN JA 312 -72.56 37.60 73.70
C GLN JA 312 -73.01 38.58 72.63
N PHE JA 313 -72.06 38.99 71.78
CA PHE JA 313 -72.32 39.90 70.68
C PHE JA 313 -72.57 39.12 69.39
N GLU JA 314 -72.83 39.84 68.32
CA GLU JA 314 -73.01 39.29 66.98
C GLU JA 314 -71.98 39.86 66.00
N THR JA 315 -71.76 41.17 66.05
CA THR JA 315 -70.72 41.81 65.28
C THR JA 315 -69.38 41.70 66.01
N VAL JA 316 -68.32 42.11 65.32
CA VAL JA 316 -66.97 42.02 65.83
C VAL JA 316 -66.41 43.42 65.91
N ASP JA 317 -66.25 43.92 67.14
CA ASP JA 317 -65.63 45.22 67.39
C ASP JA 317 -64.18 44.98 67.77
N VAL JA 318 -63.26 45.52 66.97
CA VAL JA 318 -61.83 45.20 67.07
C VAL JA 318 -61.10 46.38 67.67
N SER JA 319 -60.36 46.14 68.74
CA SER JA 319 -59.56 47.16 69.41
C SER JA 319 -58.12 47.02 68.94
N VAL JA 320 -57.61 48.06 68.26
CA VAL JA 320 -56.26 48.05 67.72
C VAL JA 320 -55.39 48.93 68.59
N ALA JA 321 -54.21 48.43 68.95
CA ALA JA 321 -53.30 49.14 69.81
C ALA JA 321 -52.45 50.12 69.01
N VAL JA 322 -52.21 51.29 69.60
CA VAL JA 322 -51.32 52.29 69.04
C VAL JA 322 -50.42 52.80 70.17
N ALA JA 323 -49.13 52.95 69.84
CA ALA JA 323 -48.10 53.32 70.81
C ALA JA 323 -47.74 54.78 70.56
N THR JA 324 -48.29 55.66 71.37
CA THR JA 324 -47.98 57.07 71.32
C THR JA 324 -46.85 57.39 72.30
N PRO JA 325 -46.20 58.53 72.15
CA PRO JA 325 -45.24 58.96 73.18
C PRO JA 325 -45.89 59.14 74.55
N ASN JA 326 -47.20 59.38 74.61
CA ASN JA 326 -47.92 59.43 75.87
C ASN JA 326 -48.10 58.05 76.48
N GLY JA 327 -48.06 56.98 75.67
CA GLY JA 327 -48.24 55.64 76.18
C GLY JA 327 -48.89 54.70 75.19
N LEU JA 328 -49.94 54.01 75.62
CA LEU JA 328 -50.66 53.06 74.80
C LEU JA 328 -52.12 53.48 74.72
N ILE JA 329 -52.76 53.19 73.59
CA ILE JA 329 -54.17 53.52 73.40
C ILE JA 329 -54.77 52.49 72.47
N THR JA 330 -56.09 52.30 72.57
CA THR JA 330 -56.81 51.26 71.85
C THR JA 330 -58.04 51.82 71.16
N PRO JA 331 -57.87 52.45 70.00
CA PRO JA 331 -59.03 52.78 69.16
C PRO JA 331 -59.75 51.53 68.71
N ILE JA 332 -60.96 51.73 68.18
CA ILE JA 332 -61.87 50.64 67.84
C ILE JA 332 -62.27 50.77 66.38
N VAL JA 333 -62.42 49.63 65.73
CA VAL JA 333 -63.06 49.51 64.43
C VAL JA 333 -64.36 48.75 64.62
N LYS JA 334 -65.41 49.21 63.96
CA LYS JA 334 -66.77 48.70 64.15
C LYS JA 334 -67.21 47.91 62.92
N GLY JA 335 -67.99 46.85 63.16
CA GLY JA 335 -68.58 46.07 62.10
C GLY JA 335 -67.58 45.55 61.09
N VAL JA 336 -66.57 44.81 61.57
CA VAL JA 336 -65.48 44.39 60.71
C VAL JA 336 -65.97 43.42 59.65
N GLU JA 337 -66.63 42.35 60.09
CA GLU JA 337 -67.09 41.31 59.17
C GLU JA 337 -68.00 41.92 58.12
N GLY JA 338 -67.58 41.81 56.86
CA GLY JA 338 -68.30 42.45 55.79
C GLY JA 338 -68.17 43.94 55.82
N LYS JA 339 -66.95 44.45 55.72
CA LYS JA 339 -66.70 45.88 55.66
C LYS JA 339 -65.76 46.27 54.54
N GLY JA 340 -64.75 45.46 54.24
CA GLY JA 340 -63.81 45.74 53.17
C GLY JA 340 -62.46 46.19 53.65
N LEU JA 341 -61.42 45.65 53.01
CA LEU JA 341 -60.05 45.91 53.44
C LEU JA 341 -59.68 47.37 53.23
N GLU JA 342 -60.17 48.00 52.17
CA GLU JA 342 -59.84 49.39 51.91
C GLU JA 342 -60.41 50.29 53.00
N SER JA 343 -61.70 50.11 53.30
CA SER JA 343 -62.32 50.87 54.38
C SER JA 343 -61.61 50.62 55.70
N ILE JA 344 -61.19 49.38 55.93
CA ILE JA 344 -60.46 49.05 57.15
C ILE JA 344 -59.17 49.83 57.24
N SER JA 345 -58.40 49.82 56.15
CA SER JA 345 -57.12 50.53 56.14
C SER JA 345 -57.31 52.02 56.35
N ALA JA 346 -58.32 52.60 55.69
CA ALA JA 346 -58.58 54.03 55.84
C ALA JA 346 -58.94 54.37 57.28
N ALA JA 347 -59.82 53.57 57.89
CA ALA JA 347 -60.24 53.82 59.26
C ALA JA 347 -59.06 53.69 60.21
N VAL JA 348 -58.22 52.67 60.01
CA VAL JA 348 -57.07 52.48 60.88
C VAL JA 348 -56.10 53.64 60.76
N LYS JA 349 -55.84 54.10 59.53
CA LYS JA 349 -54.93 55.23 59.35
C LYS JA 349 -55.48 56.48 60.02
N GLU JA 350 -56.77 56.75 59.83
CA GLU JA 350 -57.38 57.92 60.44
C GLU JA 350 -57.28 57.86 61.96
N LEU JA 351 -57.64 56.72 62.54
CA LEU JA 351 -57.59 56.59 63.99
C LEU JA 351 -56.17 56.69 64.51
N ALA JA 352 -55.21 56.14 63.77
CA ALA JA 352 -53.82 56.19 64.22
C ALA JA 352 -53.30 57.61 64.23
N LYS JA 353 -53.59 58.37 63.16
CA LYS JA 353 -53.13 59.76 63.11
C LYS JA 353 -53.85 60.60 64.15
N LYS JA 354 -55.15 60.35 64.36
CA LYS JA 354 -55.88 61.07 65.37
C LYS JA 354 -55.36 60.76 66.77
N ALA JA 355 -54.85 59.54 66.98
CA ALA JA 355 -54.28 59.21 68.27
C ALA JA 355 -52.91 59.84 68.45
N ARG JA 356 -52.11 59.89 67.38
CA ARG JA 356 -50.85 60.61 67.45
C ARG JA 356 -51.07 62.08 67.74
N ASP JA 357 -52.18 62.64 67.25
CA ASP JA 357 -52.51 64.04 67.54
C ASP JA 357 -53.22 64.23 68.87
N GLY JA 358 -53.83 63.18 69.42
CA GLY JA 358 -54.62 63.32 70.62
C GLY JA 358 -55.92 64.03 70.35
N LYS JA 359 -56.75 63.44 69.48
CA LYS JA 359 -57.99 64.05 69.03
C LYS JA 359 -59.12 63.02 69.01
N LEU JA 360 -59.21 62.20 70.04
CA LEU JA 360 -60.17 61.11 70.11
C LEU JA 360 -61.29 61.42 71.08
N LYS JA 361 -62.40 60.71 70.90
CA LYS JA 361 -63.53 60.67 71.82
C LYS JA 361 -63.42 59.43 72.70
N PRO JA 362 -64.04 59.43 73.88
CA PRO JA 362 -63.95 58.23 74.73
C PRO JA 362 -64.61 57.01 74.13
N GLU JA 363 -65.71 57.21 73.39
CA GLU JA 363 -66.42 56.07 72.80
C GLU JA 363 -65.56 55.35 71.78
N GLU JA 364 -64.62 56.05 71.15
CA GLU JA 364 -63.81 55.47 70.11
C GLU JA 364 -62.78 54.49 70.64
N TYR JA 365 -62.50 54.51 71.95
CA TYR JA 365 -61.56 53.56 72.57
C TYR JA 365 -62.10 53.00 73.88
N GLN JA 366 -63.41 53.09 74.12
CA GLN JA 366 -64.05 52.45 75.26
C GLN JA 366 -65.09 51.47 74.73
N GLY JA 367 -64.77 50.19 74.81
CA GLY JA 367 -65.65 49.14 74.34
C GLY JA 367 -64.88 48.01 73.71
N GLY JA 368 -65.39 47.48 72.61
CA GLY JA 368 -64.70 46.43 71.88
C GLY JA 368 -64.88 45.07 72.52
N SER JA 369 -65.06 44.04 71.70
CA SER JA 369 -65.16 42.68 72.18
C SER JA 369 -63.81 41.97 72.17
N ILE JA 370 -62.97 42.25 71.19
CA ILE JA 370 -61.69 41.59 71.04
C ILE JA 370 -60.65 42.66 70.70
N SER JA 371 -59.39 42.34 70.96
CA SER JA 371 -58.29 43.28 70.84
C SER JA 371 -57.14 42.66 70.08
N ILE JA 372 -56.13 43.49 69.80
CA ILE JA 372 -54.95 43.06 69.07
C ILE JA 372 -53.85 44.07 69.31
N SER JA 373 -52.61 43.58 69.35
CA SER JA 373 -51.43 44.41 69.41
C SER JA 373 -50.43 43.88 68.39
N ASN JA 374 -49.74 44.79 67.72
CA ASN JA 374 -48.85 44.45 66.61
C ASN JA 374 -47.46 44.98 66.88
N MET JA 375 -46.45 44.19 66.51
CA MET JA 375 -45.05 44.58 66.66
C MET JA 375 -44.23 44.16 65.44
N GLY JA 376 -44.85 44.09 64.26
CA GLY JA 376 -44.16 43.59 63.09
C GLY JA 376 -43.03 44.47 62.60
N MET JA 377 -43.07 45.76 62.90
CA MET JA 377 -42.02 46.65 62.44
C MET JA 377 -40.68 46.29 63.08
N ASN JA 378 -40.69 45.79 64.31
CA ASN JA 378 -39.47 45.42 64.99
C ASN JA 378 -39.12 43.98 64.64
N PRO JA 379 -38.03 43.71 63.92
CA PRO JA 379 -37.80 42.34 63.43
C PRO JA 379 -37.30 41.38 64.49
N ALA JA 380 -36.79 41.86 65.62
CA ALA JA 380 -36.18 40.98 66.60
C ALA JA 380 -37.22 40.13 67.33
N VAL JA 381 -38.40 40.68 67.57
CA VAL JA 381 -39.39 40.03 68.42
C VAL JA 381 -39.93 38.82 67.65
N GLN JA 382 -39.56 37.62 68.11
CA GLN JA 382 -40.13 36.40 67.54
C GLN JA 382 -41.53 36.17 68.08
N SER JA 383 -41.74 36.43 69.37
CA SER JA 383 -43.04 36.22 69.98
C SER JA 383 -43.15 37.09 71.21
N PHE JA 384 -44.39 37.34 71.62
CA PHE JA 384 -44.63 38.06 72.86
C PHE JA 384 -46.09 37.89 73.25
N THR JA 385 -46.32 37.97 74.53
CA THR JA 385 -47.65 37.89 75.12
C THR JA 385 -48.14 39.31 75.39
N ALA JA 386 -49.42 39.42 75.73
CA ALA JA 386 -50.00 40.68 76.15
C ALA JA 386 -50.97 40.40 77.28
N ILE JA 387 -51.77 41.41 77.63
CA ILE JA 387 -52.69 41.36 78.76
C ILE JA 387 -54.06 41.76 78.26
N ILE JA 388 -55.09 41.10 78.80
CA ILE JA 388 -56.45 41.22 78.30
C ILE JA 388 -57.05 42.52 78.81
N ASN JA 389 -57.31 43.44 77.90
CA ASN JA 389 -57.99 44.69 78.26
C ASN JA 389 -59.43 44.37 78.63
N PRO JA 390 -59.84 44.53 79.89
CA PRO JA 390 -61.19 44.11 80.26
C PRO JA 390 -62.24 44.99 79.64
N PRO JA 391 -63.51 44.56 79.63
CA PRO JA 391 -64.03 43.29 80.13
C PRO JA 391 -63.99 42.17 79.09
N GLN JA 392 -63.14 42.33 78.09
CA GLN JA 392 -63.06 41.37 76.99
C GLN JA 392 -62.54 40.03 77.49
N ALA JA 393 -62.49 39.04 76.58
CA ALA JA 393 -62.15 37.67 76.92
C ALA JA 393 -60.90 37.16 76.25
N ALA JA 394 -60.41 37.83 75.20
CA ALA JA 394 -59.30 37.34 74.44
C ALA JA 394 -58.46 38.50 73.93
N ILE JA 395 -57.25 38.19 73.51
CA ILE JA 395 -56.40 39.18 72.85
C ILE JA 395 -55.34 38.44 72.06
N LEU JA 396 -54.91 39.06 70.96
CA LEU JA 396 -53.98 38.50 70.01
C LEU JA 396 -52.66 39.24 70.09
N ALA JA 397 -51.63 38.64 69.49
CA ALA JA 397 -50.33 39.26 69.38
C ALA JA 397 -49.59 38.63 68.21
N VAL JA 398 -49.07 39.48 67.33
CA VAL JA 398 -48.46 39.06 66.08
C VAL JA 398 -46.98 39.42 66.15
N GLY JA 399 -46.13 38.40 66.11
CA GLY JA 399 -44.70 38.63 66.06
C GLY JA 399 -44.26 39.09 64.69
N ALA JA 400 -42.95 39.19 64.53
CA ALA JA 400 -42.37 39.57 63.26
C ALA JA 400 -42.23 38.35 62.37
N PRO JA 401 -42.08 38.55 61.06
CA PRO JA 401 -41.82 37.41 60.17
C PRO JA 401 -40.37 36.97 60.23
N GLN JA 402 -40.16 35.70 59.87
CA GLN JA 402 -38.84 35.09 59.91
C GLN JA 402 -38.75 34.06 58.80
N LYS JA 403 -37.52 33.60 58.55
CA LYS JA 403 -37.23 32.59 57.55
C LYS JA 403 -37.07 31.25 58.23
N VAL JA 404 -37.74 30.23 57.69
CA VAL JA 404 -37.74 28.90 58.28
C VAL JA 404 -37.56 27.87 57.18
N ALA JA 405 -36.94 26.76 57.53
CA ALA JA 405 -36.78 25.64 56.63
C ALA JA 405 -38.06 24.81 56.61
N VAL JA 406 -38.43 24.36 55.42
CA VAL JA 406 -39.64 23.55 55.23
C VAL JA 406 -39.34 22.48 54.19
N PRO JA 407 -39.80 21.24 54.36
CA PRO JA 407 -39.59 20.24 53.31
C PRO JA 407 -40.45 20.53 52.09
N VAL JA 408 -40.04 19.95 50.97
CA VAL JA 408 -40.77 20.08 49.73
C VAL JA 408 -40.41 18.90 48.84
N GLU JA 409 -41.40 18.37 48.14
CA GLU JA 409 -41.21 17.25 47.23
C GLU JA 409 -41.02 17.75 45.81
N ASN JA 410 -39.83 17.55 45.28
CA ASN JA 410 -39.57 17.86 43.88
C ASN JA 410 -40.35 16.89 42.99
N GLU JA 411 -40.24 17.11 41.68
CA GLU JA 411 -40.92 16.25 40.72
C GLU JA 411 -40.49 14.80 40.83
N ASP JA 412 -39.27 14.53 41.30
CA ASP JA 412 -38.83 13.17 41.61
C ASP JA 412 -39.17 12.84 43.05
N GLY JA 413 -38.80 11.64 43.48
CA GLY JA 413 -39.18 11.15 44.79
C GLY JA 413 -38.45 11.83 45.95
N THR JA 414 -37.29 12.42 45.70
CA THR JA 414 -36.50 12.98 46.77
C THR JA 414 -37.14 14.25 47.31
N THR JA 415 -36.90 14.51 48.59
CA THR JA 415 -37.33 15.74 49.23
C THR JA 415 -36.29 16.83 49.01
N GLY JA 416 -36.69 18.08 49.26
CA GLY JA 416 -35.83 19.21 49.10
C GLY JA 416 -36.11 20.25 50.17
N VAL JA 417 -35.37 21.34 50.10
CA VAL JA 417 -35.45 22.43 51.06
C VAL JA 417 -36.11 23.62 50.39
N SER JA 418 -37.11 24.18 51.04
CA SER JA 418 -37.79 25.38 50.59
C SER JA 418 -37.88 26.36 51.74
N TRP JA 419 -37.70 27.64 51.44
CA TRP JA 419 -37.69 28.70 52.44
C TRP JA 419 -39.03 29.40 52.46
N ASP JA 420 -39.76 29.23 53.56
CA ASP JA 420 -41.06 29.85 53.76
C ASP JA 420 -40.92 30.96 54.81
N GLU JA 421 -41.79 31.96 54.69
CA GLU JA 421 -41.83 33.08 55.61
C GLU JA 421 -42.89 32.79 56.66
N GLN JA 422 -42.45 32.56 57.90
CA GLN JA 422 -43.33 32.21 58.99
C GLN JA 422 -43.49 33.37 59.96
N ILE JA 423 -44.64 33.40 60.62
CA ILE JA 423 -44.93 34.32 61.70
C ILE JA 423 -45.46 33.52 62.86
N ILE JA 424 -45.03 33.87 64.06
CA ILE JA 424 -45.57 33.29 65.28
C ILE JA 424 -46.70 34.19 65.76
N VAL JA 425 -47.75 33.54 66.26
CA VAL JA 425 -48.95 34.21 66.75
C VAL JA 425 -49.22 33.70 68.15
N THR JA 426 -49.46 34.62 69.07
CA THR JA 426 -49.71 34.30 70.47
C THR JA 426 -51.06 34.87 70.85
N ALA JA 427 -51.94 34.02 71.36
CA ALA JA 427 -53.27 34.39 71.80
C ALA JA 427 -53.42 34.09 73.28
N SER JA 428 -53.80 35.10 74.05
CA SER JA 428 -54.11 34.93 75.45
C SER JA 428 -55.62 34.90 75.62
N PHE JA 429 -56.10 33.93 76.40
CA PHE JA 429 -57.53 33.74 76.61
C PHE JA 429 -57.87 33.79 78.09
N ASP JA 430 -59.11 34.20 78.37
CA ASP JA 430 -59.67 34.09 79.70
C ASP JA 430 -60.31 32.71 79.84
N HIS JA 431 -59.98 32.02 80.92
CA HIS JA 431 -60.38 30.64 81.09
C HIS JA 431 -61.78 30.47 81.66
N LYS JA 432 -62.35 31.52 82.27
CA LYS JA 432 -63.71 31.43 82.77
C LYS JA 432 -64.68 31.16 81.62
N VAL JA 433 -64.50 31.84 80.51
CA VAL JA 433 -65.40 31.76 79.38
C VAL JA 433 -64.98 30.67 78.40
N VAL JA 434 -63.71 30.66 78.06
CA VAL JA 434 -63.19 29.84 76.98
C VAL JA 434 -62.38 28.69 77.55
N ASP JA 435 -62.36 27.58 76.82
CA ASP JA 435 -61.56 26.42 77.15
C ASP JA 435 -60.55 26.15 76.04
N GLY JA 436 -59.65 25.22 76.32
CA GLY JA 436 -58.56 24.94 75.40
C GLY JA 436 -59.03 24.47 74.04
N ALA JA 437 -60.06 23.62 74.04
CA ALA JA 437 -60.60 23.12 72.77
C ALA JA 437 -61.15 24.25 71.92
N VAL JA 438 -61.88 25.16 72.55
CA VAL JA 438 -62.50 26.26 71.81
C VAL JA 438 -61.43 27.18 71.26
N GLY JA 439 -60.41 27.49 72.08
CA GLY JA 439 -59.33 28.32 71.61
C GLY JA 439 -58.57 27.68 70.47
N ALA JA 440 -58.33 26.37 70.57
CA ALA JA 440 -57.63 25.66 69.51
C ALA JA 440 -58.43 25.68 68.22
N GLU JA 441 -59.76 25.57 68.33
CA GLU JA 441 -60.62 25.61 67.15
C GLU JA 441 -60.54 26.98 66.49
N TRP JA 442 -60.60 28.03 67.30
CA TRP JA 442 -60.47 29.39 66.78
C TRP JA 442 -59.15 29.57 66.04
N ILE JA 443 -58.06 29.10 66.65
CA ILE JA 443 -56.75 29.25 66.03
C ILE JA 443 -56.68 28.43 64.74
N ARG JA 444 -57.31 27.25 64.73
CA ARG JA 444 -57.30 26.44 63.51
C ARG JA 444 -58.00 27.16 62.38
N GLU JA 445 -59.16 27.76 62.66
CA GLU JA 445 -59.87 28.49 61.62
C GLU JA 445 -59.05 29.66 61.13
N LEU JA 446 -58.36 30.36 62.03
CA LEU JA 446 -57.54 31.48 61.64
C LEU JA 446 -56.41 31.03 60.72
N LYS JA 447 -55.71 29.96 61.12
CA LYS JA 447 -54.62 29.44 60.31
C LYS JA 447 -55.13 29.02 58.93
N LYS JA 448 -56.30 28.39 58.88
CA LYS JA 448 -56.85 27.94 57.61
C LYS JA 448 -57.14 29.13 56.70
N VAL JA 449 -57.80 30.15 57.24
CA VAL JA 449 -58.17 31.31 56.44
C VAL JA 449 -56.92 32.02 55.92
N ILE JA 450 -55.88 32.09 56.75
CA ILE JA 450 -54.67 32.79 56.33
C ILE JA 450 -53.95 31.98 55.27
N GLU JA 451 -53.78 30.68 55.51
CA GLU JA 451 -53.01 29.85 54.61
C GLU JA 451 -53.71 29.73 53.25
N ASN JA 452 -55.04 29.82 53.24
CA ASN JA 452 -55.82 29.89 52.01
C ASN JA 452 -56.47 31.26 51.95
N PRO JA 453 -55.77 32.30 51.47
CA PRO JA 453 -56.34 33.66 51.56
C PRO JA 453 -57.62 33.83 50.79
N LEU JA 454 -57.88 32.97 49.80
CA LEU JA 454 -59.07 33.12 48.97
C LEU JA 454 -60.35 32.92 49.78
N GLU JA 455 -60.28 32.25 50.93
CA GLU JA 455 -61.45 32.09 51.78
C GLU JA 455 -61.82 33.38 52.50
N LEU JA 456 -61.01 34.43 52.39
CA LEU JA 456 -61.40 35.74 52.93
C LEU JA 456 -62.70 36.22 52.31
N LEU JA 457 -62.97 35.83 51.06
CA LEU JA 457 -64.23 36.18 50.42
C LEU JA 457 -65.40 35.53 51.15
N LEU JA 458 -65.17 34.39 51.78
CA LEU JA 458 -66.22 33.68 52.51
C LEU JA 458 -66.37 34.20 53.93
N TYR KA 227 16.14 92.10 64.24
CA TYR KA 227 15.53 93.28 63.63
C TYR KA 227 14.21 93.60 64.30
N THR KA 228 13.15 92.93 63.88
CA THR KA 228 11.84 93.18 64.47
C THR KA 228 11.83 92.73 65.92
N ASP KA 229 11.29 93.57 66.79
CA ASP KA 229 11.35 93.38 68.24
C ASP KA 229 9.92 93.39 68.78
N VAL KA 230 9.35 92.20 68.98
CA VAL KA 230 7.97 92.06 69.43
C VAL KA 230 8.01 91.74 70.93
N PRO KA 231 7.32 92.51 71.78
CA PRO KA 231 7.25 92.12 73.20
C PRO KA 231 6.54 90.79 73.38
N ILE KA 232 6.79 90.19 74.54
CA ILE KA 232 6.19 88.89 74.86
C ILE KA 232 4.78 89.14 75.38
N SER KA 233 3.88 88.23 75.05
CA SER KA 233 2.48 88.37 75.44
C SER KA 233 2.29 88.29 76.95
N GLY KA 234 3.23 87.69 77.68
CA GLY KA 234 3.12 87.47 79.11
C GLY KA 234 2.60 86.10 79.44
N MET KA 235 1.67 85.59 78.62
CA MET KA 235 1.16 84.25 78.85
C MET KA 235 2.23 83.20 78.61
N ARG KA 236 3.09 83.43 77.62
CA ARG KA 236 4.19 82.50 77.35
C ARG KA 236 5.16 82.43 78.51
N LYS KA 237 5.25 83.49 79.31
CA LYS KA 237 6.18 83.51 80.45
C LYS KA 237 5.84 82.39 81.42
N THR KA 238 4.55 82.23 81.72
CA THR KA 238 4.13 81.20 82.66
C THR KA 238 4.45 79.82 82.14
N ILE KA 239 4.20 79.58 80.86
CA ILE KA 239 4.47 78.27 80.28
C ILE KA 239 5.97 77.99 80.28
N ALA KA 240 6.77 79.00 79.97
CA ALA KA 240 8.22 78.82 79.97
C ALA KA 240 8.72 78.49 81.36
N ALA KA 241 8.22 79.22 82.36
CA ALA KA 241 8.61 78.93 83.74
C ALA KA 241 8.20 77.54 84.16
N ARG KA 242 6.99 77.12 83.77
CA ARG KA 242 6.50 75.79 84.11
C ARG KA 242 7.38 74.70 83.50
N LEU KA 243 7.72 74.86 82.23
CA LEU KA 243 8.57 73.88 81.56
C LEU KA 243 9.98 73.86 82.15
N LYS KA 244 10.50 75.04 82.50
CA LYS KA 244 11.80 75.11 83.16
C LYS KA 244 11.77 74.38 84.48
N GLU KA 245 10.69 74.56 85.26
CA GLU KA 245 10.53 73.81 86.50
C GLU KA 245 10.52 72.31 86.21
N SER KA 246 9.82 71.90 85.17
CA SER KA 246 9.73 70.48 84.84
C SER KA 246 11.11 69.90 84.58
N VAL KA 247 11.86 70.53 83.68
CA VAL KA 247 13.15 69.96 83.29
C VAL KA 247 14.19 70.08 84.39
N THR KA 248 14.13 71.13 85.21
CA THR KA 248 15.15 71.31 86.24
C THR KA 248 14.85 70.49 87.50
N GLU KA 249 13.58 70.16 87.75
CA GLU KA 249 13.22 69.38 88.92
C GLU KA 249 13.22 67.89 88.63
N ASN KA 250 12.70 67.50 87.47
CA ASN KA 250 12.51 66.11 87.11
C ASN KA 250 13.45 65.74 85.97
N PRO KA 251 14.33 64.75 86.12
CA PRO KA 251 15.08 64.29 84.96
C PRO KA 251 14.15 63.57 83.99
N HIS KA 252 14.65 63.35 82.78
CA HIS KA 252 13.85 62.76 81.72
C HIS KA 252 14.66 61.68 81.02
N PHE KA 253 14.03 60.51 80.85
CA PHE KA 253 14.56 59.48 79.97
C PHE KA 253 13.43 58.97 79.09
N PHE KA 254 13.81 58.55 77.89
CA PHE KA 254 12.89 58.31 76.80
C PHE KA 254 12.93 56.84 76.39
N VAL KA 255 11.78 56.32 76.01
CA VAL KA 255 11.62 54.97 75.49
C VAL KA 255 10.90 55.08 74.16
N SER KA 256 11.32 54.29 73.19
CA SER KA 256 10.84 54.38 71.83
C SER KA 256 10.55 52.99 71.31
N THR KA 257 9.31 52.76 70.88
CA THR KA 257 8.87 51.47 70.40
C THR KA 257 8.08 51.63 69.11
N ASN KA 258 7.73 50.49 68.52
CA ASN KA 258 7.00 50.43 67.27
C ASN KA 258 5.80 49.52 67.45
N LEU KA 259 4.64 50.01 67.02
CA LEU KA 259 3.39 49.27 67.11
C LEU KA 259 2.93 48.86 65.72
N SER KA 260 1.99 47.92 65.69
CA SER KA 260 1.37 47.45 64.47
C SER KA 260 -0.14 47.66 64.58
N VAL KA 261 -0.70 48.37 63.60
CA VAL KA 261 -2.08 48.84 63.65
C VAL KA 261 -2.90 48.35 62.47
N SER KA 262 -2.42 47.35 61.74
CA SER KA 262 -3.17 46.85 60.58
C SER KA 262 -4.51 46.28 61.01
N LYS KA 263 -4.58 45.69 62.20
CA LYS KA 263 -5.83 45.17 62.72
C LYS KA 263 -6.67 46.29 63.32
N LEU KA 264 -6.03 47.25 63.98
CA LEU KA 264 -6.74 48.36 64.58
C LEU KA 264 -7.48 49.17 63.54
N LEU KA 265 -6.85 49.39 62.38
CA LEU KA 265 -7.51 50.19 61.35
C LEU KA 265 -8.70 49.44 60.76
N LYS KA 266 -8.57 48.13 60.59
CA LYS KA 266 -9.73 47.34 60.15
C LYS KA 266 -10.87 47.44 61.15
N LEU KA 267 -10.54 47.35 62.43
CA LEU KA 267 -11.56 47.46 63.47
C LEU KA 267 -12.25 48.82 63.41
N ARG KA 268 -11.46 49.88 63.27
CA ARG KA 268 -12.02 51.23 63.20
C ARG KA 268 -12.93 51.36 61.98
N GLN KA 269 -12.50 50.83 60.85
CA GLN KA 269 -13.29 50.89 59.63
C GLN KA 269 -14.60 50.14 59.80
N ALA KA 270 -14.55 48.97 60.43
CA ALA KA 270 -15.76 48.18 60.60
C ALA KA 270 -16.75 48.89 61.52
N LEU KA 271 -16.26 49.42 62.65
CA LEU KA 271 -17.16 50.12 63.55
C LEU KA 271 -17.71 51.40 62.93
N ASN KA 272 -16.93 52.08 62.09
CA ASN KA 272 -17.45 53.27 61.43
C ASN KA 272 -18.51 52.91 60.41
N SER KA 273 -18.31 51.82 59.65
CA SER KA 273 -19.29 51.42 58.66
C SER KA 273 -20.57 50.91 59.31
N SER KA 274 -20.46 50.17 60.41
CA SER KA 274 -21.64 49.67 61.13
C SER KA 274 -22.17 50.74 62.08
N ALA KA 275 -22.58 51.86 61.48
CA ALA KA 275 -23.04 53.01 62.23
C ALA KA 275 -23.93 53.85 61.33
N ASP KA 276 -24.70 54.74 61.95
CA ASP KA 276 -25.66 55.60 61.28
C ASP KA 276 -25.32 57.06 61.50
N GLY KA 277 -24.03 57.39 61.43
CA GLY KA 277 -23.58 58.73 61.74
C GLY KA 277 -23.71 59.12 63.19
N ARG KA 278 -24.03 58.18 64.07
CA ARG KA 278 -24.19 58.49 65.48
C ARG KA 278 -22.85 58.79 66.15
N TYR KA 279 -21.75 58.30 65.57
CA TYR KA 279 -20.43 58.51 66.14
C TYR KA 279 -19.39 58.43 65.03
N LYS KA 280 -18.17 58.83 65.35
CA LYS KA 280 -17.04 58.73 64.45
C LYS KA 280 -15.78 58.57 65.28
N LEU KA 281 -14.97 57.58 64.94
CA LEU KA 281 -13.82 57.17 65.74
C LEU KA 281 -12.51 57.58 65.10
N SER KA 282 -11.46 57.57 65.91
CA SER KA 282 -10.10 57.85 65.46
C SER KA 282 -9.12 56.95 66.20
N VAL KA 283 -7.83 57.18 65.98
CA VAL KA 283 -6.80 56.36 66.61
C VAL KA 283 -6.53 56.81 68.03
N ASN KA 284 -6.68 58.11 68.28
CA ASN KA 284 -6.39 58.67 69.59
C ASN KA 284 -7.26 58.05 70.68
N ASP KA 285 -8.51 57.72 70.36
CA ASP KA 285 -9.41 57.17 71.37
C ASP KA 285 -8.98 55.77 71.79
N PHE KA 286 -8.67 54.91 70.80
CA PHE KA 286 -8.12 53.60 71.11
C PHE KA 286 -6.86 53.72 71.93
N LEU KA 287 -5.99 54.66 71.57
CA LEU KA 287 -4.77 54.85 72.33
C LEU KA 287 -5.06 55.25 73.76
N ILE KA 288 -6.09 56.06 73.97
CA ILE KA 288 -6.41 56.52 75.32
C ILE KA 288 -6.93 55.35 76.15
N LYS KA 289 -7.78 54.52 75.55
CA LYS KA 289 -8.27 53.33 76.27
C LYS KA 289 -7.12 52.41 76.64
N ALA KA 290 -6.19 52.21 75.71
CA ALA KA 290 -5.05 51.35 75.99
C ALA KA 290 -4.17 51.95 77.09
N MET KA 291 -4.02 53.27 77.09
CA MET KA 291 -3.29 53.94 78.15
C MET KA 291 -3.93 53.68 79.50
N GLY KA 292 -5.25 53.77 79.56
CA GLY KA 292 -5.94 53.52 80.81
C GLY KA 292 -5.75 52.09 81.30
N ILE KA 293 -5.84 51.14 80.37
CA ILE KA 293 -5.67 49.73 80.74
C ILE KA 293 -4.27 49.48 81.26
N ALA KA 294 -3.28 50.06 80.59
CA ALA KA 294 -1.90 49.87 81.02
C ALA KA 294 -1.66 50.49 82.38
N SER KA 295 -2.22 51.68 82.60
CA SER KA 295 -2.06 52.33 83.90
C SER KA 295 -2.69 51.50 85.00
N LYS KA 296 -3.82 50.85 84.72
CA LYS KA 296 -4.45 50.03 85.75
C LYS KA 296 -3.68 48.76 86.00
N ARG KA 297 -3.06 48.18 84.97
CA ARG KA 297 -2.25 46.98 85.18
C ARG KA 297 -0.93 47.31 85.87
N VAL KA 298 -0.45 48.54 85.73
CA VAL KA 298 0.80 48.97 86.34
C VAL KA 298 0.56 50.31 87.03
N PRO KA 299 0.07 50.34 88.28
CA PRO KA 299 -0.35 51.61 88.87
C PRO KA 299 0.79 52.54 89.22
N THR KA 300 2.03 52.06 89.22
CA THR KA 300 3.15 52.91 89.64
C THR KA 300 3.34 54.08 88.71
N VAL KA 301 2.98 53.92 87.43
CA VAL KA 301 3.09 55.03 86.49
C VAL KA 301 2.08 56.10 86.82
N ASN KA 302 0.84 55.70 87.10
CA ASN KA 302 -0.22 56.62 87.47
C ASN KA 302 0.06 57.08 88.90
N SER KA 303 0.99 58.01 89.02
CA SER KA 303 1.46 58.50 90.31
C SER KA 303 1.92 59.94 90.12
N SER KA 304 2.60 60.47 91.13
CA SER KA 304 3.15 61.83 91.06
C SER KA 304 4.23 61.96 92.12
N TRP KA 305 4.67 63.20 92.34
CA TRP KA 305 5.70 63.52 93.33
C TRP KA 305 5.24 64.74 94.10
N ARG KA 306 5.12 64.59 95.41
CA ARG KA 306 4.64 65.65 96.29
C ARG KA 306 5.63 65.87 97.42
N ASP KA 307 5.23 66.62 98.44
CA ASP KA 307 6.15 67.00 99.51
C ASP KA 307 6.46 65.78 100.39
N GLY KA 308 7.57 65.11 100.08
CA GLY KA 308 7.99 63.97 100.87
C GLY KA 308 7.01 62.83 100.86
N VAL KA 309 6.20 62.68 99.81
CA VAL KA 309 5.16 61.68 99.78
C VAL KA 309 4.76 61.44 98.33
N ILE KA 310 4.47 60.18 98.02
CA ILE KA 310 4.00 59.77 96.70
C ILE KA 310 2.49 59.68 96.75
N ARG KA 311 1.84 60.43 95.86
CA ARG KA 311 0.39 60.41 95.73
C ARG KA 311 0.01 59.44 94.62
N GLN KA 312 -0.72 58.40 94.96
CA GLN KA 312 -1.16 57.37 94.03
C GLN KA 312 -2.68 57.46 93.87
N PHE KA 313 -3.12 57.60 92.63
CA PHE KA 313 -4.53 57.61 92.29
C PHE KA 313 -5.02 56.19 92.06
N GLU KA 314 -6.30 56.08 91.69
CA GLU KA 314 -6.91 54.82 91.28
C GLU KA 314 -7.43 54.86 89.86
N THR KA 315 -8.17 55.91 89.52
CA THR KA 315 -8.65 56.11 88.16
C THR KA 315 -7.53 56.66 87.29
N VAL KA 316 -7.88 56.92 86.03
CA VAL KA 316 -6.95 57.45 85.04
C VAL KA 316 -7.55 58.73 84.48
N ASP KA 317 -6.89 59.85 84.75
CA ASP KA 317 -7.26 61.15 84.21
C ASP KA 317 -6.29 61.52 83.11
N VAL KA 318 -6.80 61.69 81.89
CA VAL KA 318 -5.96 61.81 80.70
C VAL KA 318 -6.01 63.23 80.20
N SER KA 319 -4.84 63.85 80.06
CA SER KA 319 -4.71 65.20 79.53
C SER KA 319 -4.37 65.12 78.05
N VAL KA 320 -5.27 65.59 77.21
CA VAL KA 320 -5.09 65.57 75.76
C VAL KA 320 -4.69 66.96 75.31
N ALA KA 321 -3.67 67.05 74.47
CA ALA KA 321 -3.17 68.32 74.00
C ALA KA 321 -3.96 68.78 72.78
N VAL KA 322 -4.20 70.09 72.73
CA VAL KA 322 -4.84 70.74 71.59
C VAL KA 322 -4.03 71.97 71.23
N ALA KA 323 -3.79 72.14 69.93
CA ALA KA 323 -2.93 73.19 69.40
C ALA KA 323 -3.81 74.29 68.82
N THR KA 324 -4.01 75.33 69.61
CA THR KA 324 -4.77 76.49 69.17
C THR KA 324 -3.84 77.53 68.58
N PRO KA 325 -4.37 78.49 67.81
CA PRO KA 325 -3.52 79.61 67.37
C PRO KA 325 -2.97 80.41 68.53
N ASN KA 326 -3.63 80.39 69.69
CA ASN KA 326 -3.11 81.02 70.90
C ASN KA 326 -1.92 80.26 71.46
N GLY KA 327 -1.82 78.96 71.21
CA GLY KA 327 -0.73 78.16 71.72
C GLY KA 327 -1.11 76.71 71.94
N LEU KA 328 -0.87 76.21 73.16
CA LEU KA 328 -1.16 74.83 73.51
C LEU KA 328 -2.04 74.81 74.74
N ILE KA 329 -2.93 73.82 74.81
CA ILE KA 329 -3.82 73.66 75.95
C ILE KA 329 -4.05 72.19 76.17
N THR KA 330 -4.39 71.82 77.41
CA THR KA 330 -4.52 70.42 77.82
C THR KA 330 -5.84 70.19 78.54
N PRO KA 331 -6.93 70.04 77.80
CA PRO KA 331 -8.17 69.54 78.43
C PRO KA 331 -7.99 68.14 78.96
N ILE KA 332 -8.95 67.72 79.79
CA ILE KA 332 -8.84 66.50 80.56
C ILE KA 332 -10.08 65.64 80.30
N VAL KA 333 -9.86 64.33 80.24
CA VAL KA 333 -10.92 63.34 80.26
C VAL KA 333 -10.82 62.58 81.58
N LYS KA 334 -11.97 62.38 82.21
CA LYS KA 334 -12.07 61.81 83.55
C LYS KA 334 -12.61 60.39 83.46
N GLY KA 335 -12.07 59.52 84.31
CA GLY KA 335 -12.57 58.16 84.45
C GLY KA 335 -12.55 57.39 83.14
N VAL KA 336 -11.37 57.30 82.52
CA VAL KA 336 -11.26 56.68 81.20
C VAL KA 336 -11.60 55.20 81.29
N GLU KA 337 -10.94 54.49 82.19
CA GLU KA 337 -11.13 53.05 82.30
C GLU KA 337 -12.58 52.75 82.61
N GLY KA 338 -13.21 51.98 81.72
CA GLY KA 338 -14.62 51.73 81.84
C GLY KA 338 -15.46 52.96 81.60
N LYS KA 339 -15.37 53.53 80.40
CA LYS KA 339 -16.17 54.69 80.01
C LYS KA 339 -16.84 54.53 78.66
N GLY KA 340 -16.18 53.87 77.70
CA GLY KA 340 -16.73 53.69 76.38
C GLY KA 340 -16.13 54.61 75.33
N LEU KA 341 -15.79 54.03 74.18
CA LEU KA 341 -15.10 54.78 73.13
C LEU KA 341 -15.98 55.88 72.57
N GLU KA 342 -17.29 55.65 72.49
CA GLU KA 342 -18.19 56.65 71.94
C GLU KA 342 -18.24 57.88 72.85
N SER KA 343 -18.41 57.64 74.15
CA SER KA 343 -18.37 58.74 75.11
C SER KA 343 -17.04 59.46 75.06
N ILE KA 344 -15.95 58.71 74.91
CA ILE KA 344 -14.62 59.30 74.83
C ILE KA 344 -14.53 60.25 73.65
N SER KA 345 -14.90 59.76 72.47
CA SER KA 345 -14.81 60.58 71.26
C SER KA 345 -15.69 61.82 71.38
N ALA KA 346 -16.89 61.66 71.93
CA ALA KA 346 -17.79 62.80 72.08
C ALA KA 346 -17.19 63.85 73.00
N ALA KA 347 -16.67 63.42 74.14
CA ALA KA 347 -16.09 64.37 75.09
C ALA KA 347 -14.87 65.06 74.49
N VAL KA 348 -14.06 64.32 73.74
CA VAL KA 348 -12.85 64.92 73.15
C VAL KA 348 -13.24 65.94 72.10
N LYS KA 349 -14.23 65.63 71.26
CA LYS KA 349 -14.70 66.61 70.27
C LYS KA 349 -15.24 67.85 70.95
N GLU KA 350 -16.02 67.67 72.02
CA GLU KA 350 -16.57 68.81 72.74
C GLU KA 350 -15.46 69.70 73.30
N LEU KA 351 -14.49 69.09 73.99
CA LEU KA 351 -13.43 69.87 74.60
C LEU KA 351 -12.55 70.53 73.55
N ALA KA 352 -12.31 69.86 72.43
CA ALA KA 352 -11.48 70.44 71.37
C ALA KA 352 -12.15 71.66 70.76
N LYS KA 353 -13.45 71.55 70.46
CA LYS KA 353 -14.15 72.71 69.91
C LYS KA 353 -14.24 73.83 70.94
N LYS KA 354 -14.45 73.48 72.22
CA LYS KA 354 -14.51 74.50 73.25
C LYS KA 354 -13.17 75.19 73.45
N ALA KA 355 -12.06 74.49 73.21
CA ALA KA 355 -10.76 75.12 73.31
C ALA KA 355 -10.47 75.99 72.10
N ARG KA 356 -10.90 75.55 70.91
CA ARG KA 356 -10.80 76.42 69.74
C ARG KA 356 -11.63 77.68 69.91
N ASP KA 357 -12.73 77.59 70.66
CA ASP KA 357 -13.55 78.76 70.95
C ASP KA 357 -13.04 79.57 72.14
N GLY KA 358 -12.27 78.95 73.04
CA GLY KA 358 -11.82 79.63 74.23
C GLY KA 358 -12.93 79.81 75.25
N LYS KA 359 -13.48 78.70 75.73
CA LYS KA 359 -14.66 78.72 76.61
C LYS KA 359 -14.50 77.70 77.74
N LEU KA 360 -13.28 77.51 78.22
CA LEU KA 360 -12.99 76.47 79.20
C LEU KA 360 -12.93 77.03 80.62
N LYS KA 361 -13.05 76.13 81.57
CA LYS KA 361 -12.86 76.38 82.99
C LYS KA 361 -11.47 75.92 83.41
N PRO KA 362 -10.92 76.47 84.50
CA PRO KA 362 -9.57 76.03 84.90
C PRO KA 362 -9.51 74.58 85.34
N GLU KA 363 -10.54 74.09 86.01
CA GLU KA 363 -10.54 72.71 86.48
C GLU KA 363 -10.48 71.72 85.33
N GLU KA 364 -10.99 72.09 84.16
CA GLU KA 364 -11.00 71.19 83.03
C GLU KA 364 -9.62 70.97 82.41
N TYR KA 365 -8.64 71.82 82.73
CA TYR KA 365 -7.28 71.65 82.24
C TYR KA 365 -6.25 71.86 83.34
N GLN KA 366 -6.63 71.73 84.60
CA GLN KA 366 -5.71 71.79 85.73
C GLN KA 366 -5.90 70.53 86.57
N GLY KA 367 -4.94 69.63 86.48
CA GLY KA 367 -5.00 68.35 87.16
C GLY KA 367 -4.45 67.24 86.28
N GLY KA 368 -5.10 66.08 86.30
CA GLY KA 368 -4.70 65.01 85.42
C GLY KA 368 -3.48 64.27 85.93
N SER KA 369 -3.48 62.94 85.78
CA SER KA 369 -2.36 62.12 86.19
C SER KA 369 -1.40 61.81 85.06
N ILE KA 370 -1.90 61.67 83.83
CA ILE KA 370 -1.09 61.31 82.68
C ILE KA 370 -1.55 62.14 81.49
N SER KA 371 -0.67 62.29 80.51
CA SER KA 371 -0.88 63.18 79.38
C SER KA 371 -0.57 62.48 78.08
N ILE KA 372 -0.83 63.19 76.97
CA ILE KA 372 -0.60 62.67 75.64
C ILE KA 372 -0.56 63.86 74.68
N SER KA 373 0.24 63.71 73.63
CA SER KA 373 0.27 64.65 72.52
C SER KA 373 0.25 63.86 71.22
N ASN KA 374 -0.49 64.36 70.24
CA ASN KA 374 -0.70 63.67 68.98
C ASN KA 374 -0.26 64.56 67.83
N MET KA 375 0.34 63.93 66.82
CA MET KA 375 0.75 64.61 65.60
C MET KA 375 0.46 63.75 64.37
N GLY KA 376 -0.53 62.85 64.45
CA GLY KA 376 -0.76 61.90 63.39
C GLY KA 376 -1.20 62.52 62.08
N MET KA 377 -1.76 63.73 62.12
CA MET KA 377 -2.20 64.37 60.89
C MET KA 377 -1.03 64.71 59.98
N ASN KA 378 0.12 65.05 60.56
CA ASN KA 378 1.29 65.44 59.79
C ASN KA 378 2.08 64.19 59.41
N PRO KA 379 2.06 63.75 58.15
CA PRO KA 379 2.69 62.47 57.82
C PRO KA 379 4.20 62.49 57.85
N ALA KA 380 4.83 63.65 58.00
CA ALA KA 380 6.28 63.73 57.95
C ALA KA 380 6.93 63.28 59.23
N VAL KA 381 6.26 63.47 60.37
CA VAL KA 381 6.84 63.22 61.67
C VAL KA 381 6.87 61.71 61.90
N GLN KA 382 8.06 61.13 61.87
CA GLN KA 382 8.21 59.73 62.24
C GLN KA 382 8.16 59.57 63.75
N SER KA 383 8.76 60.50 64.48
CA SER KA 383 8.74 60.42 65.93
C SER KA 383 9.10 61.78 66.53
N PHE KA 384 8.82 61.92 67.81
CA PHE KA 384 9.19 63.13 68.52
C PHE KA 384 9.02 62.89 70.01
N THR KA 385 9.68 63.73 70.78
CA THR KA 385 9.59 63.73 72.23
C THR KA 385 8.75 64.92 72.67
N ALA KA 386 8.36 64.91 73.94
CA ALA KA 386 7.64 66.01 74.54
C ALA KA 386 8.20 66.24 75.93
N ILE KA 387 7.53 67.10 76.70
CA ILE KA 387 7.96 67.52 78.02
C ILE KA 387 6.83 67.24 78.99
N ILE KA 388 7.20 66.81 80.19
CA ILE KA 388 6.25 66.30 81.16
C ILE KA 388 5.53 67.47 81.83
N ASN KA 389 4.24 67.58 81.58
CA ASN KA 389 3.43 68.62 82.22
C ASN KA 389 3.31 68.31 83.70
N PRO KA 390 3.93 69.07 84.60
CA PRO KA 390 3.92 68.69 86.00
C PRO KA 390 2.54 68.85 86.61
N PRO KA 391 2.28 68.27 87.78
CA PRO KA 391 3.18 67.45 88.60
C PRO KA 391 3.17 65.98 88.19
N GLN KA 392 2.79 65.70 86.95
CA GLN KA 392 2.65 64.32 86.49
C GLN KA 392 4.00 63.64 86.39
N ALA KA 393 4.00 62.37 85.98
CA ALA KA 393 5.19 61.53 85.98
C ALA KA 393 5.57 60.99 84.61
N ALA KA 394 4.67 61.06 83.63
CA ALA KA 394 4.93 60.47 82.33
C ALA KA 394 4.21 61.27 81.27
N ILE KA 395 4.57 61.01 80.01
CA ILE KA 395 3.85 61.57 78.88
C ILE KA 395 4.18 60.75 77.64
N LEU KA 396 3.20 60.69 76.74
CA LEU KA 396 3.24 59.86 75.56
C LEU KA 396 3.34 60.73 74.32
N ALA KA 397 3.70 60.10 73.20
CA ALA KA 397 3.75 60.78 71.92
C ALA KA 397 3.60 59.74 70.82
N VAL KA 398 2.74 60.02 69.85
CA VAL KA 398 2.37 59.09 68.80
C VAL KA 398 2.74 59.73 67.48
N GLY KA 399 3.66 59.12 66.74
CA GLY KA 399 4.04 59.62 65.44
C GLY KA 399 2.99 59.30 64.39
N ALA KA 400 3.38 59.50 63.14
CA ALA KA 400 2.51 59.20 62.03
C ALA KA 400 2.62 57.73 61.65
N PRO KA 401 1.66 57.21 60.89
CA PRO KA 401 1.79 55.84 60.38
C PRO KA 401 2.70 55.80 59.17
N GLN KA 402 3.30 54.63 58.96
CA GLN KA 402 4.27 54.43 57.90
C GLN KA 402 4.19 53.00 57.41
N LYS KA 403 4.79 52.77 56.24
CA LYS KA 403 4.83 51.46 55.61
C LYS KA 403 6.20 50.85 55.88
N VAL KA 404 6.20 49.60 56.36
CA VAL KA 404 7.43 48.91 56.74
C VAL KA 404 7.38 47.50 56.18
N ALA KA 405 8.55 46.97 55.85
CA ALA KA 405 8.67 45.60 55.41
C ALA KA 405 8.66 44.67 56.61
N VAL KA 406 7.97 43.54 56.47
CA VAL KA 406 7.85 42.55 57.53
C VAL KA 406 7.93 41.16 56.90
N PRO KA 407 8.66 40.21 57.47
CA PRO KA 407 8.63 38.86 56.93
C PRO KA 407 7.29 38.18 57.16
N VAL KA 408 7.03 37.16 56.36
CA VAL KA 408 5.82 36.37 56.49
C VAL KA 408 6.06 35.01 55.86
N GLU KA 409 5.53 33.97 56.51
CA GLU KA 409 5.67 32.62 56.03
C GLU KA 409 4.48 32.23 55.18
N ASN KA 410 4.71 32.04 53.88
CA ASN KA 410 3.68 31.51 53.01
C ASN KA 410 3.38 30.06 53.39
N GLU KA 411 2.39 29.48 52.72
CA GLU KA 411 2.02 28.09 52.97
C GLU KA 411 3.19 27.14 52.75
N ASP KA 412 4.12 27.46 51.86
CA ASP KA 412 5.34 26.69 51.67
C ASP KA 412 6.40 27.18 52.65
N GLY KA 413 7.56 26.52 52.60
CA GLY KA 413 8.61 26.82 53.57
C GLY KA 413 9.31 28.14 53.36
N THR KA 414 9.14 28.77 52.20
CA THR KA 414 9.83 30.01 51.92
C THR KA 414 9.14 31.19 52.61
N THR KA 415 9.95 32.17 52.98
CA THR KA 415 9.45 33.41 53.54
C THR KA 415 9.05 34.36 52.42
N GLY KA 416 8.23 35.34 52.77
CA GLY KA 416 7.76 36.32 51.82
C GLY KA 416 7.75 37.71 52.45
N VAL KA 417 7.40 38.69 51.63
CA VAL KA 417 7.35 40.08 52.04
C VAL KA 417 5.90 40.49 52.18
N SER KA 418 5.59 41.15 53.29
CA SER KA 418 4.27 41.72 53.52
C SER KA 418 4.45 43.13 54.08
N TRP KA 419 3.53 44.01 53.73
CA TRP KA 419 3.62 45.42 54.09
C TRP KA 419 2.67 45.70 55.25
N ASP KA 420 3.26 45.97 56.41
CA ASP KA 420 2.52 46.25 57.63
C ASP KA 420 2.62 47.74 57.95
N GLU KA 421 1.52 48.27 58.47
CA GLU KA 421 1.44 49.69 58.82
C GLU KA 421 1.92 49.85 60.26
N GLN KA 422 3.06 50.53 60.42
CA GLN KA 422 3.66 50.76 61.73
C GLN KA 422 3.49 52.19 62.17
N ILE KA 423 3.52 52.37 63.50
CA ILE KA 423 3.59 53.67 64.13
C ILE KA 423 4.69 53.60 65.19
N ILE KA 424 5.44 54.68 65.30
CA ILE KA 424 6.42 54.83 66.36
C ILE KA 424 5.76 55.56 67.53
N VAL KA 425 6.12 55.15 68.73
CA VAL KA 425 5.59 55.71 69.96
C VAL KA 425 6.77 56.04 70.86
N THR KA 426 6.73 57.23 71.46
CA THR KA 426 7.79 57.71 72.33
C THR KA 426 7.19 58.11 73.66
N ALA KA 427 7.72 57.56 74.74
CA ALA KA 427 7.28 57.84 76.10
C ALA KA 427 8.42 58.44 76.89
N SER KA 428 8.18 59.60 77.48
CA SER KA 428 9.12 60.23 78.39
C SER KA 428 8.64 60.03 79.81
N PHE KA 429 9.55 59.61 80.70
CA PHE KA 429 9.22 59.31 82.08
C PHE KA 429 10.07 60.14 83.02
N ASP KA 430 9.58 60.28 84.25
CA ASP KA 430 10.36 60.85 85.34
C ASP KA 430 11.05 59.71 86.08
N HIS KA 431 12.34 59.87 86.33
CA HIS KA 431 13.13 58.80 86.89
C HIS KA 431 13.03 58.72 88.41
N LYS KA 432 12.54 59.76 89.07
CA LYS KA 432 12.37 59.71 90.52
C LYS KA 432 11.38 58.63 90.92
N VAL KA 433 10.30 58.50 90.16
CA VAL KA 433 9.22 57.57 90.45
C VAL KA 433 9.44 56.24 89.76
N VAL KA 434 9.69 56.28 88.47
CA VAL KA 434 9.64 55.11 87.61
C VAL KA 434 11.06 54.70 87.25
N ASP KA 435 11.23 53.39 87.06
CA ASP KA 435 12.48 52.80 86.59
C ASP KA 435 12.30 52.28 85.17
N GLY KA 436 13.44 51.98 84.55
CA GLY KA 436 13.42 51.50 83.18
C GLY KA 436 12.62 50.23 83.02
N ALA KA 437 12.74 49.32 83.98
CA ALA KA 437 11.98 48.07 83.92
C ALA KA 437 10.49 48.34 83.97
N VAL KA 438 10.07 49.24 84.84
CA VAL KA 438 8.65 49.52 84.99
C VAL KA 438 8.10 50.17 83.72
N GLY KA 439 8.86 51.11 83.16
CA GLY KA 439 8.44 51.72 81.92
C GLY KA 439 8.36 50.72 80.78
N ALA KA 440 9.33 49.80 80.74
CA ALA KA 440 9.32 48.78 79.70
C ALA KA 440 8.10 47.87 79.85
N GLU KA 441 7.74 47.55 81.09
CA GLU KA 441 6.58 46.72 81.33
C GLU KA 441 5.30 47.43 80.87
N TRP KA 442 5.20 48.72 81.18
CA TRP KA 442 4.07 49.51 80.72
C TRP KA 442 3.96 49.50 79.21
N ILE KA 443 5.09 49.70 78.53
CA ILE KA 443 5.10 49.72 77.08
C ILE KA 443 4.74 48.36 76.52
N ARG KA 444 5.20 47.29 77.16
CA ARG KA 444 4.86 45.95 76.71
C ARG KA 444 3.36 45.72 76.79
N GLU KA 445 2.74 46.12 77.91
CA GLU KA 445 1.30 45.94 78.03
C GLU KA 445 0.55 46.75 76.98
N LEU KA 446 1.03 47.96 76.70
CA LEU KA 446 0.38 48.78 75.69
C LEU KA 446 0.47 48.12 74.31
N LYS KA 447 1.67 47.69 73.95
CA LYS KA 447 1.87 47.02 72.65
C LYS KA 447 1.00 45.79 72.55
N LYS KA 448 0.89 45.01 73.62
CA LYS KA 448 0.10 43.80 73.60
C LYS KA 448 -1.37 44.12 73.38
N VAL KA 449 -1.89 45.09 74.13
CA VAL KA 449 -3.29 45.46 74.01
C VAL KA 449 -3.61 45.97 72.62
N ILE KA 450 -2.68 46.71 72.01
CA ILE KA 450 -2.94 47.26 70.69
C ILE KA 450 -2.89 46.16 69.65
N GLU KA 451 -1.82 45.37 69.68
CA GLU KA 451 -1.63 44.35 68.66
C GLU KA 451 -2.73 43.30 68.73
N ASN KA 452 -3.32 43.11 69.91
CA ASN KA 452 -4.52 42.30 70.06
C ASN KA 452 -5.65 43.22 70.51
N PRO KA 453 -6.32 43.92 69.59
CA PRO KA 453 -7.33 44.91 70.02
C PRO KA 453 -8.47 44.31 70.81
N LEU KA 454 -8.72 43.00 70.65
CA LEU KA 454 -9.83 42.37 71.33
C LEU KA 454 -9.70 42.41 72.84
N GLU KA 455 -8.48 42.57 73.36
CA GLU KA 455 -8.29 42.66 74.80
C GLU KA 455 -8.68 44.02 75.35
N LEU KA 456 -9.06 44.97 74.51
CA LEU KA 456 -9.64 46.22 75.00
C LEU KA 456 -10.89 45.96 75.83
N LEU KA 457 -11.61 44.88 75.52
CA LEU KA 457 -12.76 44.49 76.32
C LEU KA 457 -12.37 44.19 77.75
N LEU KA 458 -11.15 43.70 77.95
CA LEU KA 458 -10.66 43.35 79.27
C LEU KA 458 -10.03 44.55 79.96
N TYR LA 227 70.70 -50.88 -72.76
CA TYR LA 227 71.26 -52.07 -72.14
C TYR LA 227 70.54 -53.33 -72.63
N THR LA 228 69.42 -53.67 -72.00
CA THR LA 228 68.68 -54.87 -72.39
C THR LA 228 68.15 -54.71 -73.79
N ASP LA 229 68.26 -55.77 -74.58
CA ASP LA 229 67.96 -55.75 -76.01
C ASP LA 229 67.01 -56.90 -76.33
N VAL LA 230 65.72 -56.62 -76.33
CA VAL LA 230 64.68 -57.62 -76.58
C VAL LA 230 64.25 -57.49 -78.03
N PRO LA 231 64.35 -58.55 -78.85
CA PRO LA 231 63.78 -58.47 -80.19
C PRO LA 231 62.27 -58.29 -80.15
N ILE LA 232 61.73 -57.82 -81.28
CA ILE LA 232 60.32 -57.46 -81.37
C ILE LA 232 59.51 -58.71 -81.68
N SER LA 233 58.30 -58.76 -81.12
CA SER LA 233 57.44 -59.92 -81.29
C SER LA 233 56.98 -60.15 -82.72
N GLY LA 234 57.05 -59.12 -83.56
CA GLY LA 234 56.55 -59.18 -84.93
C GLY LA 234 55.11 -58.75 -85.05
N MET LA 235 54.28 -59.08 -84.07
CA MET LA 235 52.90 -58.62 -84.08
C MET LA 235 52.83 -57.11 -83.98
N ARG LA 236 53.71 -56.52 -83.16
CA ARG LA 236 53.73 -55.07 -83.02
C ARG LA 236 54.12 -54.38 -84.32
N LYS LA 237 54.85 -55.08 -85.20
CA LYS LA 237 55.25 -54.48 -86.48
C LYS LA 237 54.02 -54.10 -87.29
N THR LA 238 53.05 -55.00 -87.35
CA THR LA 238 51.85 -54.76 -88.14
C THR LA 238 51.07 -53.58 -87.59
N ILE LA 239 50.93 -53.50 -86.27
CA ILE LA 239 50.19 -52.40 -85.66
C ILE LA 239 50.93 -51.09 -85.87
N ALA LA 240 52.26 -51.12 -85.81
CA ALA LA 240 53.05 -49.91 -86.06
C ALA LA 240 52.83 -49.42 -87.49
N ALA LA 241 52.90 -50.34 -88.46
CA ALA LA 241 52.68 -49.96 -89.84
C ALA LA 241 51.27 -49.43 -90.05
N ARG LA 242 50.30 -50.05 -89.39
CA ARG LA 242 48.91 -49.60 -89.52
C ARG LA 242 48.74 -48.18 -89.00
N LEU LA 243 49.26 -47.92 -87.80
CA LEU LA 243 49.14 -46.58 -87.22
C LEU LA 243 49.91 -45.56 -88.04
N LYS LA 244 51.05 -45.95 -88.59
CA LYS LA 244 51.83 -45.05 -89.44
C LYS LA 244 51.03 -44.69 -90.69
N GLU LA 245 50.42 -45.69 -91.32
CA GLU LA 245 49.55 -45.43 -92.46
C GLU LA 245 48.43 -44.48 -92.08
N SER LA 246 47.85 -44.68 -90.89
CA SER LA 246 46.75 -43.85 -90.45
C SER LA 246 47.17 -42.39 -90.34
N VAL LA 247 48.26 -42.14 -89.61
CA VAL LA 247 48.67 -40.76 -89.37
C VAL LA 247 49.22 -40.09 -90.63
N THR LA 248 49.83 -40.85 -91.54
CA THR LA 248 50.40 -40.24 -92.73
C THR LA 248 49.37 -40.05 -93.84
N GLU LA 249 48.31 -40.87 -93.85
CA GLU LA 249 47.27 -40.73 -94.87
C GLU LA 249 46.19 -39.77 -94.44
N ASN LA 250 45.86 -39.77 -93.15
CA ASN LA 250 44.71 -39.07 -92.63
C ASN LA 250 45.17 -37.97 -91.67
N PRO LA 251 44.87 -36.69 -91.94
CA PRO LA 251 45.16 -35.67 -90.92
C PRO LA 251 44.14 -35.74 -89.79
N HIS LA 252 44.60 -35.38 -88.60
CA HIS LA 252 43.82 -35.52 -87.39
C HIS LA 252 43.54 -34.14 -86.80
N PHE LA 253 42.29 -33.90 -86.41
CA PHE LA 253 41.94 -32.78 -85.57
C PHE LA 253 40.97 -33.26 -84.51
N PHE LA 254 41.05 -32.63 -83.34
CA PHE LA 254 40.43 -33.12 -82.13
C PHE LA 254 39.38 -32.13 -81.66
N VAL LA 255 38.34 -32.66 -81.00
CA VAL LA 255 37.27 -31.86 -80.42
C VAL LA 255 37.05 -32.37 -79.00
N SER LA 256 37.04 -31.45 -78.04
CA SER LA 256 37.04 -31.78 -76.62
C SER LA 256 35.87 -31.06 -75.96
N THR LA 257 35.02 -31.83 -75.30
CA THR LA 257 33.84 -31.30 -74.65
C THR LA 257 33.67 -31.89 -73.26
N ASN LA 258 32.70 -31.35 -72.53
CA ASN LA 258 32.40 -31.75 -71.17
C ASN LA 258 30.92 -32.09 -71.08
N LEU LA 259 30.63 -33.26 -70.54
CA LEU LA 259 29.26 -33.75 -70.37
C LEU LA 259 28.85 -33.67 -68.91
N SER LA 260 27.58 -33.95 -68.66
CA SER LA 260 27.01 -34.00 -67.33
C SER LA 260 26.23 -35.30 -67.20
N VAL LA 261 26.59 -36.11 -66.21
CA VAL LA 261 26.10 -37.48 -66.08
C VAL LA 261 25.40 -37.71 -64.74
N SER LA 262 25.06 -36.65 -64.02
CA SER LA 262 24.42 -36.82 -62.71
C SER LA 262 23.08 -37.52 -62.84
N LYS LA 263 22.38 -37.32 -63.96
CA LYS LA 263 21.12 -38.01 -64.21
C LYS LA 263 21.37 -39.40 -64.76
N LEU LA 264 22.40 -39.55 -65.59
CA LEU LA 264 22.73 -40.85 -66.16
C LEU LA 264 23.05 -41.87 -65.08
N LEU LA 265 23.81 -41.45 -64.07
CA LEU LA 265 24.20 -42.39 -63.02
C LEU LA 265 23.00 -42.79 -62.18
N LYS LA 266 22.09 -41.85 -61.92
CA LYS LA 266 20.85 -42.20 -61.23
C LYS LA 266 20.05 -43.21 -62.03
N LEU LA 267 19.96 -43.00 -63.35
CA LEU LA 267 19.22 -43.92 -64.20
C LEU LA 267 19.85 -45.31 -64.15
N ARG LA 268 21.17 -45.38 -64.22
CA ARG LA 268 21.85 -46.67 -64.17
C ARG LA 268 21.61 -47.37 -62.85
N GLN LA 269 21.71 -46.61 -61.76
CA GLN LA 269 21.49 -47.18 -60.43
C GLN LA 269 20.07 -47.72 -60.30
N ALA LA 270 19.09 -46.98 -60.82
CA ALA LA 270 17.70 -47.42 -60.68
C ALA LA 270 17.44 -48.66 -61.53
N LEU LA 271 17.95 -48.69 -62.76
CA LEU LA 271 17.77 -49.88 -63.58
C LEU LA 271 18.48 -51.09 -62.99
N ASN LA 272 19.62 -50.88 -62.33
CA ASN LA 272 20.30 -51.99 -61.67
C ASN LA 272 19.51 -52.48 -60.47
N SER LA 273 18.90 -51.56 -59.71
CA SER LA 273 18.13 -51.95 -58.56
C SER LA 273 16.85 -52.67 -58.96
N SER LA 274 16.23 -52.27 -60.06
CA SER LA 274 15.00 -52.90 -60.53
C SER LA 274 15.33 -54.08 -61.44
N ALA LA 275 16.05 -55.04 -60.87
CA ALA LA 275 16.48 -56.22 -61.62
C ALA LA 275 16.67 -57.37 -60.64
N ASP LA 276 16.77 -58.57 -61.19
CA ASP LA 276 16.93 -59.80 -60.44
C ASP LA 276 18.27 -60.46 -60.76
N GLY LA 277 19.31 -59.64 -60.90
CA GLY LA 277 20.58 -60.15 -61.36
C GLY LA 277 20.59 -60.61 -62.79
N ARG LA 278 19.54 -60.32 -63.56
CA ARG LA 278 19.47 -60.74 -64.94
C ARG LA 278 20.43 -59.96 -65.83
N TYR LA 279 20.86 -58.79 -65.39
CA TYR LA 279 21.76 -57.95 -66.18
C TYR LA 279 22.49 -57.00 -65.25
N LYS LA 280 23.50 -56.33 -65.81
CA LYS LA 280 24.26 -55.33 -65.08
C LYS LA 280 24.84 -54.35 -66.08
N LEU LA 281 24.60 -53.06 -65.85
CA LEU LA 281 24.91 -52.02 -66.82
C LEU LA 281 26.15 -51.22 -66.41
N SER LA 282 26.69 -50.50 -67.40
CA SER LA 282 27.81 -49.60 -67.19
C SER LA 282 27.56 -48.30 -67.94
N VAL LA 283 28.59 -47.46 -68.02
CA VAL LA 283 28.48 -46.18 -68.73
C VAL LA 283 28.74 -46.35 -70.22
N ASN LA 284 29.65 -47.27 -70.56
CA ASN LA 284 30.05 -47.46 -71.94
C ASN LA 284 28.87 -47.86 -72.82
N ASP LA 285 27.91 -48.59 -72.26
CA ASP LA 285 26.78 -49.05 -73.06
C ASP LA 285 25.87 -47.88 -73.44
N PHE LA 286 25.53 -47.03 -72.47
CA PHE LA 286 24.81 -45.81 -72.76
C PHE LA 286 25.55 -44.98 -73.79
N LEU LA 287 26.87 -44.89 -73.64
CA LEU LA 287 27.66 -44.11 -74.60
C LEU LA 287 27.55 -44.70 -76.00
N ILE LA 288 27.55 -46.02 -76.10
CA ILE LA 288 27.50 -46.66 -77.42
C ILE LA 288 26.15 -46.42 -78.07
N LYS LA 289 25.08 -46.54 -77.30
CA LYS LA 289 23.74 -46.23 -77.83
C LYS LA 289 23.68 -44.78 -78.31
N ALA LA 290 24.25 -43.86 -77.54
CA ALA LA 290 24.22 -42.46 -77.95
C ALA LA 290 25.05 -42.25 -79.20
N MET LA 291 26.16 -42.97 -79.32
CA MET LA 291 26.96 -42.90 -80.54
C MET LA 291 26.16 -43.32 -81.74
N GLY LA 292 25.40 -44.41 -81.60
CA GLY LA 292 24.57 -44.85 -82.70
C GLY LA 292 23.52 -43.82 -83.08
N ILE LA 293 22.89 -43.20 -82.07
CA ILE LA 293 21.87 -42.20 -82.34
C ILE LA 293 22.47 -41.01 -83.07
N ALA LA 294 23.63 -40.55 -82.60
CA ALA LA 294 24.27 -39.40 -83.22
C ALA LA 294 24.69 -39.73 -84.65
N SER LA 295 25.21 -40.93 -84.86
CA SER LA 295 25.62 -41.34 -86.20
C SER LA 295 24.43 -41.39 -87.15
N LYS LA 296 23.28 -41.81 -86.65
CA LYS LA 296 22.10 -41.85 -87.51
C LYS LA 296 21.56 -40.45 -87.79
N ARG LA 297 21.64 -39.56 -86.81
CA ARG LA 297 21.18 -38.19 -87.05
C ARG LA 297 22.12 -37.44 -87.98
N VAL LA 298 23.40 -37.83 -88.01
CA VAL LA 298 24.39 -37.19 -88.87
C VAL LA 298 25.16 -38.29 -89.59
N PRO LA 299 24.68 -38.79 -90.73
CA PRO LA 299 25.30 -39.97 -91.34
C PRO LA 299 26.65 -39.70 -91.96
N THR LA 300 27.05 -38.44 -92.13
CA THR LA 300 28.33 -38.15 -92.76
C THR LA 300 29.49 -38.68 -91.93
N VAL LA 301 29.33 -38.74 -90.61
CA VAL LA 301 30.37 -39.28 -89.76
C VAL LA 301 30.56 -40.76 -90.03
N ASN LA 302 29.46 -41.51 -90.08
CA ASN LA 302 29.49 -42.94 -90.35
C ASN LA 302 29.81 -43.11 -91.83
N SER LA 303 31.10 -42.98 -92.15
CA SER LA 303 31.56 -42.95 -93.53
C SER LA 303 32.95 -43.58 -93.57
N SER LA 304 33.63 -43.40 -94.70
CA SER LA 304 34.99 -43.91 -94.86
C SER LA 304 35.62 -43.19 -96.05
N TRP LA 305 36.77 -43.68 -96.49
CA TRP LA 305 37.48 -43.15 -97.64
C TRP LA 305 38.04 -44.33 -98.42
N ARG LA 306 37.63 -44.45 -99.69
CA ARG LA 306 38.01 -45.57 -100.53
C ARG LA 306 38.57 -45.04 -101.84
N ASP LA 307 38.76 -45.93 -102.82
CA ASP LA 307 39.42 -45.55 -104.06
C ASP LA 307 38.53 -44.62 -104.87
N GLY LA 308 38.74 -43.32 -104.70
CA GLY LA 308 37.97 -42.33 -105.44
C GLY LA 308 36.49 -42.37 -105.17
N VAL LA 309 36.08 -42.85 -104.00
CA VAL LA 309 34.66 -43.00 -103.69
C VAL LA 309 34.49 -42.98 -102.18
N ILE LA 310 33.39 -42.38 -101.73
CA ILE LA 310 33.00 -42.38 -100.33
C ILE LA 310 31.99 -43.51 -100.14
N ARG LA 311 32.32 -44.43 -99.24
CA ARG LA 311 31.42 -45.50 -98.85
C ARG LA 311 30.69 -45.07 -97.59
N GLN LA 312 29.36 -44.96 -97.71
CA GLN LA 312 28.51 -44.55 -96.61
C GLN LA 312 27.63 -45.75 -96.21
N PHE LA 313 27.63 -46.05 -94.92
CA PHE LA 313 26.82 -47.13 -94.38
C PHE LA 313 25.46 -46.59 -93.95
N GLU LA 314 24.61 -47.49 -93.46
CA GLU LA 314 23.32 -47.15 -92.87
C GLU LA 314 23.24 -47.56 -91.42
N THR LA 315 23.74 -48.75 -91.09
CA THR LA 315 23.82 -49.21 -89.72
C THR LA 315 25.13 -48.73 -89.08
N VAL LA 316 25.22 -48.93 -87.78
CA VAL LA 316 26.36 -48.49 -86.98
C VAL LA 316 27.03 -49.72 -86.40
N ASP LA 317 28.25 -49.97 -86.85
CA ASP LA 317 29.09 -51.04 -86.31
C ASP LA 317 30.14 -50.39 -85.41
N VAL LA 318 30.17 -50.79 -84.14
CA VAL LA 318 30.93 -50.10 -83.11
C VAL LA 318 32.10 -50.97 -82.70
N SER LA 319 33.31 -50.43 -82.80
CA SER LA 319 34.53 -51.14 -82.42
C SER LA 319 34.94 -50.71 -81.02
N VAL LA 320 34.88 -51.64 -80.07
CA VAL LA 320 35.19 -51.37 -78.67
C VAL LA 320 36.58 -51.91 -78.37
N ALA LA 321 37.40 -51.09 -77.72
CA ALA LA 321 38.75 -51.47 -77.40
C ALA LA 321 38.82 -52.30 -76.13
N VAL LA 322 39.71 -53.27 -76.13
CA VAL LA 322 40.00 -54.09 -74.95
C VAL LA 322 41.51 -54.23 -74.84
N ALA LA 323 42.01 -54.09 -73.62
CA ALA LA 323 43.43 -54.05 -73.31
C ALA LA 323 43.84 -55.39 -72.73
N THR LA 324 44.34 -56.27 -73.57
CA THR LA 324 44.84 -57.56 -73.14
C THR LA 324 46.30 -57.46 -72.75
N PRO LA 325 46.83 -58.42 -71.99
CA PRO LA 325 48.28 -58.45 -71.75
C PRO LA 325 49.09 -58.60 -73.03
N ASN LA 326 48.50 -59.16 -74.07
CA ASN LA 326 49.13 -59.23 -75.39
C ASN LA 326 49.18 -57.88 -76.09
N GLY LA 327 48.27 -56.97 -75.74
CA GLY LA 327 48.25 -55.65 -76.36
C GLY LA 327 46.86 -55.04 -76.40
N LEU LA 328 46.44 -54.59 -77.58
CA LEU LA 328 45.15 -53.96 -77.77
C LEU LA 328 44.38 -54.71 -78.85
N ILE LA 329 43.06 -54.78 -78.68
CA ILE LA 329 42.20 -55.45 -79.65
C ILE LA 329 40.88 -54.72 -79.71
N THR LA 330 40.18 -54.85 -80.84
CA THR LA 330 38.95 -54.11 -81.11
C THR LA 330 37.85 -55.04 -81.61
N PRO LA 331 37.17 -55.74 -80.71
CA PRO LA 331 35.94 -56.45 -81.12
C PRO LA 331 34.89 -55.45 -81.59
N ILE LA 332 33.86 -56.00 -82.23
CA ILE LA 332 32.83 -55.21 -82.89
C ILE LA 332 31.47 -55.62 -82.36
N VAL LA 333 30.59 -54.64 -82.21
CA VAL LA 333 29.17 -54.86 -81.99
C VAL LA 333 28.43 -54.43 -83.24
N LYS LA 334 27.45 -55.22 -83.63
CA LYS LA 334 26.74 -55.07 -84.90
C LYS LA 334 25.32 -54.57 -84.65
N GLY LA 335 24.87 -53.65 -85.50
CA GLY LA 335 23.50 -53.18 -85.47
C GLY LA 335 23.12 -52.58 -84.13
N VAL LA 336 23.89 -51.59 -83.69
CA VAL LA 336 23.66 -51.00 -82.37
C VAL LA 336 22.30 -50.32 -82.31
N GLU LA 337 22.05 -49.42 -83.25
CA GLU LA 337 20.81 -48.66 -83.25
C GLU LA 337 19.63 -49.61 -83.33
N GLY LA 338 18.80 -49.58 -82.29
CA GLY LA 338 17.68 -50.48 -82.19
C GLY LA 338 18.11 -51.89 -81.83
N LYS LA 339 18.84 -52.04 -80.72
CA LYS LA 339 19.29 -53.34 -80.25
C LYS LA 339 18.97 -53.61 -78.79
N GLY LA 340 19.08 -52.59 -77.93
CA GLY LA 340 18.81 -52.76 -76.51
C GLY LA 340 20.05 -52.86 -75.64
N LEU LA 341 20.00 -52.17 -74.49
CA LEU LA 341 21.18 -52.07 -73.64
C LEU LA 341 21.56 -53.40 -73.03
N GLU LA 342 20.57 -54.23 -72.69
CA GLU LA 342 20.88 -55.53 -72.10
C GLU LA 342 21.64 -56.40 -73.08
N SER LA 343 21.15 -56.47 -74.33
CA SER LA 343 21.85 -57.23 -75.36
C SER LA 343 23.24 -56.65 -75.60
N ILE LA 344 23.36 -55.32 -75.56
CA ILE LA 344 24.65 -54.68 -75.75
C ILE LA 344 25.63 -55.12 -74.67
N SER LA 345 25.19 -55.06 -73.41
CA SER LA 345 26.06 -55.44 -72.30
C SER LA 345 26.45 -56.89 -72.39
N ALA LA 346 25.50 -57.76 -72.75
CA ALA LA 346 25.79 -59.18 -72.85
C ALA LA 346 26.83 -59.45 -73.92
N ALA LA 347 26.65 -58.85 -75.10
CA ALA LA 347 27.59 -59.05 -76.19
C ALA LA 347 28.97 -58.50 -75.82
N VAL LA 348 29.01 -57.36 -75.15
CA VAL LA 348 30.30 -56.77 -74.78
C VAL LA 348 31.02 -57.64 -73.78
N LYS LA 349 30.29 -58.18 -72.79
CA LYS LA 349 30.91 -59.06 -71.82
C LYS LA 349 31.46 -60.32 -72.48
N GLU LA 350 30.66 -60.91 -73.38
CA GLU LA 350 31.11 -62.11 -74.08
C GLU LA 350 32.36 -61.83 -74.90
N LEU LA 351 32.35 -60.74 -75.65
CA LEU LA 351 33.50 -60.42 -76.50
C LEU LA 351 34.72 -60.10 -75.66
N ALA LA 352 34.54 -59.42 -74.54
CA ALA LA 352 35.68 -59.09 -73.68
C ALA LA 352 36.31 -60.34 -73.09
N LYS LA 353 35.48 -61.26 -72.60
CA LYS LA 353 36.03 -62.49 -72.05
C LYS LA 353 36.67 -63.35 -73.13
N LYS LA 354 36.07 -63.37 -74.32
CA LYS LA 354 36.66 -64.12 -75.42
C LYS LA 354 37.98 -63.52 -75.87
N ALA LA 355 38.14 -62.20 -75.72
CA ALA LA 355 39.41 -61.58 -76.06
C ALA LA 355 40.45 -61.84 -74.99
N ARG LA 356 40.06 -61.83 -73.73
CA ARG LA 356 40.99 -62.20 -72.67
C ARG LA 356 41.43 -63.64 -72.82
N ASP LA 357 40.57 -64.52 -73.34
CA ASP LA 357 40.92 -65.90 -73.57
C ASP LA 357 41.66 -66.12 -74.88
N GLY LA 358 41.49 -65.22 -75.86
CA GLY LA 358 42.07 -65.41 -77.17
C GLY LA 358 41.33 -66.47 -77.97
N LYS LA 359 40.06 -66.19 -78.29
CA LYS LA 359 39.18 -67.14 -78.95
C LYS LA 359 38.35 -66.47 -80.03
N LEU LA 360 38.87 -65.43 -80.66
CA LEU LA 360 38.12 -64.63 -81.60
C LEU LA 360 38.39 -65.04 -83.05
N LYS LA 361 37.46 -64.68 -83.90
CA LYS LA 361 37.59 -64.78 -85.35
C LYS LA 361 38.07 -63.45 -85.92
N PRO LA 362 38.68 -63.44 -87.10
CA PRO LA 362 39.13 -62.16 -87.66
C PRO LA 362 37.99 -61.23 -88.02
N GLU LA 363 36.87 -61.77 -88.50
CA GLU LA 363 35.75 -60.94 -88.90
C GLU LA 363 35.18 -60.16 -87.72
N GLU LA 364 35.30 -60.69 -86.50
CA GLU LA 364 34.74 -60.03 -85.33
C GLU LA 364 35.50 -58.78 -84.93
N TYR LA 365 36.74 -58.60 -85.41
CA TYR LA 365 37.51 -57.40 -85.14
C TYR LA 365 38.15 -56.83 -86.40
N GLN LA 366 37.63 -57.17 -87.57
CA GLN LA 366 38.03 -56.56 -88.84
C GLN LA 366 36.80 -55.94 -89.48
N GLY LA 367 36.72 -54.62 -89.44
CA GLY LA 367 35.58 -53.89 -89.95
C GLY LA 367 35.19 -52.73 -89.06
N GLY LA 368 33.90 -52.48 -88.95
CA GLY LA 368 33.42 -51.41 -88.10
C GLY LA 368 33.56 -50.06 -88.75
N SER LA 369 32.55 -49.21 -88.58
CA SER LA 369 32.59 -47.85 -89.13
C SER LA 369 33.11 -46.83 -88.13
N ILE LA 370 32.89 -47.07 -86.83
CA ILE LA 370 33.29 -46.15 -85.79
C ILE LA 370 33.89 -46.95 -84.64
N SER LA 371 34.73 -46.30 -83.85
CA SER LA 371 35.50 -46.94 -82.80
C SER LA 371 35.41 -46.13 -81.52
N ILE LA 372 35.93 -46.72 -80.44
CA ILE LA 372 35.89 -46.09 -79.13
C ILE LA 372 36.96 -46.74 -78.26
N SER LA 373 37.50 -45.97 -77.33
CA SER LA 373 38.38 -46.46 -76.28
C SER LA 373 37.95 -45.85 -74.96
N ASN LA 374 38.00 -46.65 -73.90
CA ASN LA 374 37.54 -46.26 -72.59
C ASN LA 374 38.65 -46.45 -71.58
N MET LA 375 38.73 -45.52 -70.63
CA MET LA 375 39.68 -45.59 -69.53
C MET LA 375 39.03 -45.18 -68.21
N GLY LA 376 37.72 -45.36 -68.07
CA GLY LA 376 37.01 -44.87 -66.91
C GLY LA 376 37.45 -45.51 -65.60
N MET LA 377 38.03 -46.71 -65.64
CA MET LA 377 38.46 -47.34 -64.42
C MET LA 377 39.62 -46.58 -63.77
N ASN LA 378 40.41 -45.88 -64.56
CA ASN LA 378 41.57 -45.16 -64.05
C ASN LA 378 41.16 -43.74 -63.68
N PRO LA 379 41.04 -43.37 -62.40
CA PRO LA 379 40.51 -42.04 -62.07
C PRO LA 379 41.46 -40.89 -62.32
N ALA LA 380 42.71 -41.16 -62.69
CA ALA LA 380 43.68 -40.09 -62.85
C ALA LA 380 43.54 -39.38 -64.18
N VAL LA 381 43.10 -40.09 -65.22
CA VAL LA 381 43.07 -39.55 -66.58
C VAL LA 381 41.86 -38.63 -66.69
N GLN LA 382 42.11 -37.33 -66.87
CA GLN LA 382 41.03 -36.40 -67.17
C GLN LA 382 40.64 -36.50 -68.64
N SER LA 383 41.63 -36.40 -69.54
CA SER LA 383 41.36 -36.50 -70.97
C SER LA 383 42.53 -37.20 -71.64
N PHE LA 384 42.28 -37.67 -72.85
CA PHE LA 384 43.33 -38.28 -73.64
C PHE LA 384 42.82 -38.42 -75.06
N THR LA 385 43.76 -38.44 -75.99
CA THR LA 385 43.49 -38.63 -77.39
C THR LA 385 43.76 -40.09 -77.77
N ALA LA 386 43.33 -40.46 -78.97
CA ALA LA 386 43.64 -41.76 -79.53
C ALA LA 386 43.90 -41.59 -81.02
N ILE LA 387 43.98 -42.72 -81.72
CA ILE LA 387 44.35 -42.76 -83.13
C ILE LA 387 43.27 -43.50 -83.90
N ILE LA 388 43.02 -43.05 -85.12
CA ILE LA 388 41.91 -43.53 -85.92
C ILE LA 388 42.29 -44.87 -86.53
N ASN LA 389 41.63 -45.92 -86.09
CA ASN LA 389 41.83 -47.24 -86.68
C ASN LA 389 41.31 -47.24 -88.11
N PRO LA 390 42.15 -47.35 -89.13
CA PRO LA 390 41.65 -47.24 -90.50
C PRO LA 390 40.77 -48.44 -90.86
N PRO LA 391 39.96 -48.34 -91.92
CA PRO LA 391 39.77 -47.19 -92.81
C PRO LA 391 38.70 -46.22 -92.31
N GLN LA 392 38.36 -46.30 -91.02
CA GLN LA 392 37.30 -45.46 -90.46
C GLN LA 392 37.68 -43.99 -90.50
N ALA LA 393 36.76 -43.13 -90.07
CA ALA LA 393 36.91 -41.69 -90.18
C ALA LA 393 36.88 -40.97 -88.84
N ALA LA 394 36.49 -41.64 -87.77
CA ALA LA 394 36.36 -40.97 -86.48
C ALA LA 394 36.54 -41.98 -85.37
N ILE LA 395 36.89 -41.46 -84.20
CA ILE LA 395 37.06 -42.29 -83.02
C ILE LA 395 36.84 -41.43 -81.78
N LEU LA 396 36.40 -42.08 -80.71
CA LEU LA 396 36.00 -41.41 -79.48
C LEU LA 396 36.97 -41.77 -78.36
N ALA LA 397 36.88 -41.01 -77.28
CA ALA LA 397 37.67 -41.27 -76.08
C ALA LA 397 36.96 -40.65 -74.90
N VAL LA 398 36.81 -41.43 -73.83
CA VAL LA 398 36.03 -41.04 -72.66
C VAL LA 398 36.96 -41.09 -71.45
N GLY LA 399 37.20 -39.93 -70.83
CA GLY LA 399 38.01 -39.88 -69.64
C GLY LA 399 37.26 -40.39 -68.43
N ALA LA 400 37.76 -40.00 -67.26
CA ALA LA 400 37.16 -40.40 -66.01
C ALA LA 400 36.12 -39.36 -65.56
N PRO LA 401 35.28 -39.71 -64.60
CA PRO LA 401 34.41 -38.70 -64.00
C PRO LA 401 35.14 -37.88 -62.96
N GLN LA 402 34.63 -36.66 -62.76
CA GLN LA 402 35.24 -35.73 -61.83
C GLN LA 402 34.16 -34.85 -61.22
N LYS LA 403 34.52 -34.16 -60.15
CA LYS LA 403 33.65 -33.25 -59.45
C LYS LA 403 33.97 -31.83 -59.90
N VAL LA 404 32.95 -31.08 -60.29
CA VAL LA 404 33.11 -29.72 -60.79
C VAL LA 404 32.08 -28.83 -60.12
N ALA LA 405 32.45 -27.56 -59.96
CA ALA LA 405 31.53 -26.57 -59.44
C ALA LA 405 30.61 -26.07 -60.54
N VAL LA 406 29.35 -25.88 -60.20
CA VAL LA 406 28.33 -25.43 -61.15
C VAL LA 406 27.42 -24.44 -60.44
N PRO LA 407 27.03 -23.33 -61.05
CA PRO LA 407 26.06 -22.45 -60.41
C PRO LA 407 24.67 -23.07 -60.39
N VAL LA 408 23.88 -22.63 -59.41
CA VAL LA 408 22.49 -23.05 -59.29
C VAL LA 408 21.71 -21.94 -58.62
N GLU LA 409 20.49 -21.71 -59.09
CA GLU LA 409 19.61 -20.71 -58.52
C GLU LA 409 18.70 -21.34 -57.49
N ASN LA 410 18.87 -20.96 -56.23
CA ASN LA 410 17.96 -21.37 -55.18
C ASN LA 410 16.59 -20.71 -55.40
N GLU LA 411 15.65 -21.03 -54.51
CA GLU LA 411 14.31 -20.45 -54.59
C GLU LA 411 14.33 -18.93 -54.56
N ASP LA 412 15.29 -18.33 -53.85
CA ASP LA 412 15.45 -16.89 -53.84
C ASP LA 412 16.28 -16.45 -55.06
N GLY LA 413 16.52 -15.15 -55.15
CA GLY LA 413 17.25 -14.60 -56.28
C GLY LA 413 18.74 -14.85 -56.25
N THR LA 414 19.28 -15.34 -55.13
CA THR LA 414 20.71 -15.57 -55.03
C THR LA 414 21.11 -16.88 -55.69
N THR LA 415 22.32 -16.89 -56.24
CA THR LA 415 22.89 -18.10 -56.82
C THR LA 415 23.54 -18.94 -55.74
N GLY LA 416 23.78 -20.20 -56.06
CA GLY LA 416 24.40 -21.14 -55.15
C GLY LA 416 25.35 -22.06 -55.89
N VAL LA 417 26.05 -22.88 -55.11
CA VAL LA 417 27.07 -23.79 -55.61
C VAL LA 417 26.51 -25.20 -55.55
N SER LA 418 26.54 -25.89 -56.69
CA SER LA 418 26.15 -27.28 -56.80
C SER LA 418 27.27 -28.08 -57.42
N TRP LA 419 27.45 -29.31 -56.93
CA TRP LA 419 28.53 -30.18 -57.36
C TRP LA 419 27.98 -31.20 -58.35
N ASP LA 420 28.37 -31.06 -59.61
CA ASP LA 420 27.94 -31.91 -60.69
C ASP LA 420 29.07 -32.85 -61.10
N GLU LA 421 28.70 -34.05 -61.52
CA GLU LA 421 29.67 -35.06 -61.94
C GLU LA 421 29.86 -34.95 -63.45
N GLN LA 422 31.03 -34.47 -63.86
CA GLN LA 422 31.35 -34.24 -65.26
C GLN LA 422 32.31 -35.29 -65.78
N ILE LA 423 32.28 -35.47 -67.10
CA ILE LA 423 33.26 -36.27 -67.82
C ILE LA 423 33.74 -35.45 -69.00
N ILE LA 424 35.03 -35.56 -69.30
CA ILE LA 424 35.59 -34.98 -70.51
C ILE LA 424 35.59 -36.05 -71.60
N VAL LA 425 35.25 -35.61 -72.81
CA VAL LA 425 35.16 -36.48 -73.97
C VAL LA 425 35.98 -35.85 -75.07
N THR LA 426 36.75 -36.68 -75.78
CA THR LA 426 37.62 -36.23 -76.86
C THR LA 426 37.35 -37.08 -78.08
N ALA LA 427 37.00 -36.42 -79.18
CA ALA LA 427 36.70 -37.06 -80.45
C ALA LA 427 37.73 -36.64 -81.47
N SER LA 428 38.40 -37.61 -82.08
CA SER LA 428 39.33 -37.38 -83.17
C SER LA 428 38.63 -37.66 -84.49
N PHE LA 429 38.80 -36.76 -85.46
CA PHE LA 429 38.16 -36.89 -86.75
C PHE LA 429 39.21 -36.81 -87.86
N ASP LA 430 38.88 -37.43 -88.99
CA ASP LA 430 39.65 -37.26 -90.22
C ASP LA 430 39.06 -36.11 -91.01
N HIS LA 431 39.94 -35.25 -91.52
CA HIS LA 431 39.52 -34.00 -92.13
C HIS LA 431 39.14 -34.13 -93.59
N LYS LA 432 39.51 -35.22 -94.25
CA LYS LA 432 39.11 -35.40 -95.65
C LYS LA 432 37.61 -35.49 -95.78
N VAL LA 433 36.97 -36.21 -94.87
CA VAL LA 433 35.54 -36.46 -94.92
C VAL LA 433 34.75 -35.42 -94.14
N VAL LA 434 35.13 -35.21 -92.89
CA VAL LA 434 34.36 -34.41 -91.95
C VAL LA 434 35.00 -33.05 -91.79
N ASP LA 435 34.16 -32.07 -91.49
CA ASP LA 435 34.58 -30.70 -91.19
C ASP LA 435 34.24 -30.37 -89.74
N GLY LA 436 34.79 -29.23 -89.31
CA GLY LA 436 34.61 -28.82 -87.93
C GLY LA 436 33.15 -28.62 -87.56
N ALA LA 437 32.37 -28.02 -88.46
CA ALA LA 437 30.95 -27.82 -88.20
C ALA LA 437 30.23 -29.15 -88.03
N VAL LA 438 30.57 -30.13 -88.87
CA VAL LA 438 29.90 -31.42 -88.82
C VAL LA 438 30.24 -32.14 -87.52
N GLY LA 439 31.51 -32.12 -87.14
CA GLY LA 439 31.90 -32.71 -85.87
C GLY LA 439 31.23 -32.05 -84.69
N ALA LA 440 31.12 -30.72 -84.75
CA ALA LA 440 30.47 -29.99 -83.67
C ALA LA 440 29.00 -30.37 -83.57
N GLU LA 441 28.34 -30.54 -84.71
CA GLU LA 441 26.94 -30.94 -84.71
C GLU LA 441 26.78 -32.32 -84.09
N TRP LA 442 27.66 -33.25 -84.47
CA TRP LA 442 27.63 -34.59 -83.91
C TRP LA 442 27.79 -34.55 -82.39
N ILE LA 443 28.75 -33.75 -81.92
CA ILE LA 443 29.00 -33.67 -80.48
C ILE LA 443 27.83 -33.02 -79.77
N ARG LA 444 27.21 -32.02 -80.40
CA ARG LA 444 26.04 -31.39 -79.79
C ARG LA 444 24.92 -32.39 -79.60
N GLU LA 445 24.67 -33.21 -80.62
CA GLU LA 445 23.60 -34.21 -80.50
C GLU LA 445 23.94 -35.23 -79.41
N LEU LA 446 25.20 -35.64 -79.32
CA LEU LA 446 25.61 -36.56 -78.28
C LEU LA 446 25.36 -35.97 -76.90
N LYS LA 447 25.81 -34.73 -76.69
CA LYS LA 447 25.62 -34.06 -75.41
C LYS LA 447 24.14 -33.95 -75.07
N LYS LA 448 23.32 -33.65 -76.07
CA LYS LA 448 21.89 -33.49 -75.83
C LYS LA 448 21.28 -34.80 -75.38
N VAL LA 449 21.57 -35.88 -76.10
CA VAL LA 449 20.99 -37.17 -75.78
C VAL LA 449 21.45 -37.64 -74.40
N ILE LA 450 22.70 -37.35 -74.04
CA ILE LA 450 23.18 -37.77 -72.73
C ILE LA 450 22.50 -36.95 -71.64
N GLU LA 451 22.56 -35.62 -71.75
CA GLU LA 451 22.05 -34.76 -70.70
C GLU LA 451 20.56 -34.95 -70.51
N ASN LA 452 19.85 -35.36 -71.57
CA ASN LA 452 18.46 -35.79 -71.48
C ASN LA 452 18.42 -37.27 -71.77
N PRO LA 453 18.69 -38.15 -70.81
CA PRO LA 453 18.81 -39.59 -71.12
C PRO LA 453 17.53 -40.18 -71.67
N LEU LA 454 16.38 -39.56 -71.41
CA LEU LA 454 15.11 -40.10 -71.86
C LEU LA 454 15.01 -40.18 -73.37
N GLU LA 455 15.76 -39.35 -74.09
CA GLU LA 455 15.73 -39.39 -75.54
C GLU LA 455 16.47 -40.60 -76.11
N LEU LA 456 17.08 -41.43 -75.26
CA LEU LA 456 17.62 -42.70 -75.74
C LEU LA 456 16.54 -43.57 -76.35
N LEU LA 457 15.30 -43.42 -75.89
CA LEU LA 457 14.19 -44.14 -76.49
C LEU LA 457 14.01 -43.73 -77.94
N LEU LA 458 14.26 -42.46 -78.25
CA LEU LA 458 14.04 -41.93 -79.59
C LEU LA 458 15.22 -42.26 -80.50
N TYR MA 227 82.44 -76.76 -13.05
CA TYR MA 227 81.79 -78.06 -13.05
C TYR MA 227 81.66 -78.60 -14.47
N THR MA 228 80.61 -78.18 -15.18
CA THR MA 228 80.40 -78.68 -16.53
C THR MA 228 81.45 -78.12 -17.47
N ASP MA 229 82.09 -79.01 -18.22
CA ASP MA 229 83.23 -78.67 -19.09
C ASP MA 229 82.85 -78.97 -20.53
N VAL MA 230 82.52 -77.92 -21.29
CA VAL MA 230 82.12 -78.05 -22.69
C VAL MA 230 83.26 -77.55 -23.56
N PRO MA 231 83.80 -78.36 -24.48
CA PRO MA 231 84.82 -77.83 -25.38
C PRO MA 231 84.27 -76.74 -26.28
N ILE MA 232 85.17 -75.94 -26.83
CA ILE MA 232 84.79 -74.80 -27.64
C ILE MA 232 84.48 -75.26 -29.05
N SER MA 233 83.52 -74.60 -29.69
CA SER MA 233 83.08 -74.98 -31.03
C SER MA 233 84.15 -74.78 -32.08
N GLY MA 234 85.17 -73.98 -31.81
CA GLY MA 234 86.18 -73.62 -32.79
C GLY MA 234 85.85 -72.38 -33.58
N MET MA 235 84.57 -72.20 -33.91
CA MET MA 235 84.14 -70.99 -34.60
C MET MA 235 84.31 -69.77 -33.71
N ARG MA 236 84.03 -69.91 -32.42
CA ARG MA 236 84.18 -68.79 -31.49
C ARG MA 236 85.62 -68.34 -31.37
N LYS MA 237 86.57 -69.26 -31.63
CA LYS MA 237 87.99 -68.90 -31.55
C LYS MA 237 88.32 -67.78 -32.52
N THR MA 238 87.82 -67.87 -33.74
CA THR MA 238 88.12 -66.86 -34.75
C THR MA 238 87.55 -65.51 -34.36
N ILE MA 239 86.31 -65.50 -33.86
CA ILE MA 239 85.70 -64.24 -33.46
C ILE MA 239 86.45 -63.64 -32.27
N ALA MA 240 86.92 -64.49 -31.35
CA ALA MA 240 87.68 -64.01 -30.22
C ALA MA 240 88.97 -63.37 -30.67
N ALA MA 241 89.70 -64.04 -31.58
CA ALA MA 241 90.94 -63.48 -32.10
C ALA MA 241 90.69 -62.17 -32.84
N ARG MA 242 89.58 -62.11 -33.58
CA ARG MA 242 89.26 -60.89 -34.33
C ARG MA 242 89.00 -59.72 -33.39
N LEU MA 243 88.16 -59.94 -32.37
CA LEU MA 243 87.87 -58.89 -31.41
C LEU MA 243 89.12 -58.48 -30.64
N LYS MA 244 89.99 -59.44 -30.32
CA LYS MA 244 91.23 -59.13 -29.64
C LYS MA 244 92.11 -58.25 -30.52
N GLU MA 245 92.23 -58.59 -31.81
CA GLU MA 245 92.96 -57.75 -32.74
C GLU MA 245 92.37 -56.36 -32.79
N SER MA 246 91.04 -56.27 -32.73
CA SER MA 246 90.39 -54.96 -32.81
C SER MA 246 90.78 -54.09 -31.63
N VAL MA 247 90.59 -54.62 -30.41
CA VAL MA 247 90.84 -53.79 -29.23
C VAL MA 247 92.32 -53.53 -29.02
N THR MA 248 93.21 -54.40 -29.51
CA THR MA 248 94.64 -54.18 -29.30
C THR MA 248 95.26 -53.33 -30.40
N GLU MA 249 94.65 -53.28 -31.60
CA GLU MA 249 95.20 -52.49 -32.69
C GLU MA 249 94.59 -51.09 -32.71
N ASN MA 250 93.30 -50.98 -32.40
CA ASN MA 250 92.57 -49.74 -32.50
C ASN MA 250 92.11 -49.30 -31.12
N PRO MA 251 92.52 -48.14 -30.61
CA PRO MA 251 91.91 -47.65 -29.38
C PRO MA 251 90.50 -47.17 -29.64
N HIS MA 252 89.68 -47.21 -28.60
CA HIS MA 252 88.26 -46.92 -28.70
C HIS MA 252 87.92 -45.73 -27.83
N PHE MA 253 87.11 -44.82 -28.36
CA PHE MA 253 86.45 -43.81 -27.55
C PHE MA 253 85.01 -43.67 -28.02
N PHE MA 254 84.14 -43.38 -27.06
CA PHE MA 254 82.70 -43.48 -27.23
C PHE MA 254 82.08 -42.09 -27.15
N VAL MA 255 80.99 -41.91 -27.89
CA VAL MA 255 80.17 -40.71 -27.85
C VAL MA 255 78.74 -41.14 -27.64
N SER MA 256 78.00 -40.37 -26.86
CA SER MA 256 76.65 -40.74 -26.44
C SER MA 256 75.74 -39.52 -26.57
N THR MA 257 74.66 -39.68 -27.33
CA THR MA 257 73.73 -38.60 -27.60
C THR MA 257 72.30 -39.11 -27.45
N ASN MA 258 71.38 -38.15 -27.52
CA ASN MA 258 69.95 -38.41 -27.35
C ASN MA 258 69.20 -37.78 -28.50
N LEU MA 259 68.43 -38.59 -29.21
CA LEU MA 259 67.64 -38.14 -30.35
C LEU MA 259 66.17 -38.02 -29.95
N SER MA 260 65.44 -37.25 -30.75
CA SER MA 260 64.00 -37.08 -30.61
C SER MA 260 63.33 -37.66 -31.85
N VAL MA 261 62.43 -38.63 -31.65
CA VAL MA 261 61.88 -39.44 -32.72
C VAL MA 261 60.37 -39.33 -32.81
N SER MA 262 59.77 -38.36 -32.13
CA SER MA 262 58.32 -38.25 -32.11
C SER MA 262 57.77 -37.97 -33.50
N LYS MA 263 58.53 -37.26 -34.33
CA LYS MA 263 58.11 -37.00 -35.71
C LYS MA 263 58.42 -38.19 -36.60
N LEU MA 264 59.54 -38.86 -36.35
CA LEU MA 264 59.91 -40.03 -37.13
C LEU MA 264 58.85 -41.12 -37.01
N LEU MA 265 58.34 -41.35 -35.80
CA LEU MA 265 57.33 -42.38 -35.64
C LEU MA 265 56.04 -42.02 -36.35
N LYS MA 266 55.67 -40.74 -36.34
CA LYS MA 266 54.50 -40.32 -37.09
C LYS MA 266 54.68 -40.56 -38.57
N LEU MA 267 55.87 -40.24 -39.08
CA LEU MA 267 56.16 -40.48 -40.49
C LEU MA 267 56.05 -41.96 -40.83
N ARG MA 268 56.60 -42.81 -39.98
CA ARG MA 268 56.54 -44.24 -40.21
C ARG MA 268 55.09 -44.73 -40.19
N GLN MA 269 54.30 -44.23 -39.26
CA GLN MA 269 52.90 -44.60 -39.18
C GLN MA 269 52.15 -44.20 -40.44
N ALA MA 270 52.38 -42.98 -40.91
CA ALA MA 270 51.67 -42.50 -42.08
C ALA MA 270 52.06 -43.28 -43.32
N LEU MA 271 53.36 -43.56 -43.49
CA LEU MA 271 53.78 -44.34 -44.65
C LEU MA 271 53.27 -45.77 -44.59
N ASN MA 272 53.23 -46.37 -43.41
CA ASN MA 272 52.67 -47.71 -43.30
C ASN MA 272 51.18 -47.71 -43.60
N SER MA 273 50.47 -46.64 -43.21
CA SER MA 273 49.04 -46.57 -43.50
C SER MA 273 48.77 -46.36 -44.97
N SER MA 274 49.53 -45.49 -45.63
CA SER MA 274 49.33 -45.22 -47.05
C SER MA 274 50.03 -46.28 -47.91
N ALA MA 275 49.54 -47.51 -47.76
CA ALA MA 275 50.11 -48.64 -48.47
C ALA MA 275 49.05 -49.73 -48.55
N ASP MA 276 49.32 -50.72 -49.39
CA ASP MA 276 48.42 -51.86 -49.62
C ASP MA 276 49.14 -53.16 -49.32
N GLY MA 277 49.84 -53.21 -48.18
CA GLY MA 277 50.62 -54.39 -47.85
C GLY MA 277 51.81 -54.62 -48.75
N ARG MA 278 52.24 -53.61 -49.50
CA ARG MA 278 53.36 -53.78 -50.42
C ARG MA 278 54.70 -53.72 -49.69
N TYR MA 279 54.73 -53.12 -48.50
CA TYR MA 279 55.97 -52.98 -47.75
C TYR MA 279 55.63 -52.77 -46.28
N LYS MA 280 56.68 -52.76 -45.46
CA LYS MA 280 56.54 -52.49 -44.03
C LYS MA 280 57.88 -51.96 -43.54
N LEU MA 281 57.85 -50.82 -42.87
CA LEU MA 281 59.05 -50.10 -42.48
C LEU MA 281 59.37 -50.28 -41.01
N SER MA 282 60.60 -49.93 -40.66
CA SER MA 282 61.06 -49.93 -39.28
C SER MA 282 61.96 -48.74 -39.03
N VAL MA 283 62.45 -48.61 -37.80
CA VAL MA 283 63.29 -47.47 -37.44
C VAL MA 283 64.70 -47.65 -37.97
N ASN MA 284 65.16 -48.90 -38.06
CA ASN MA 284 66.52 -49.18 -38.49
C ASN MA 284 66.77 -48.69 -39.91
N ASP MA 285 65.75 -48.73 -40.76
CA ASP MA 285 65.93 -48.30 -42.15
C ASP MA 285 66.17 -46.80 -42.23
N PHE MA 286 65.35 -46.02 -41.52
CA PHE MA 286 65.58 -44.58 -41.41
C PHE MA 286 66.98 -44.31 -40.87
N LEU MA 287 67.38 -45.04 -39.83
CA LEU MA 287 68.70 -44.85 -39.27
C LEU MA 287 69.79 -45.11 -40.29
N ILE MA 288 69.59 -46.13 -41.13
CA ILE MA 288 70.61 -46.50 -42.11
C ILE MA 288 70.71 -45.42 -43.19
N LYS MA 289 69.57 -44.90 -43.63
CA LYS MA 289 69.58 -43.81 -44.60
C LYS MA 289 70.29 -42.59 -44.03
N ALA MA 290 70.02 -42.27 -42.77
CA ALA MA 290 70.66 -41.12 -42.16
C ALA MA 290 72.16 -41.34 -42.01
N MET MA 291 72.55 -42.58 -41.72
CA MET MA 291 73.98 -42.90 -41.66
C MET MA 291 74.64 -42.65 -42.99
N GLY MA 292 73.99 -43.07 -44.07
CA GLY MA 292 74.53 -42.82 -45.39
C GLY MA 292 74.68 -41.34 -45.68
N ILE MA 293 73.67 -40.55 -45.32
CA ILE MA 293 73.72 -39.11 -45.57
C ILE MA 293 74.87 -38.48 -44.78
N ALA MA 294 75.00 -38.87 -43.52
CA ALA MA 294 76.05 -38.28 -42.68
C ALA MA 294 77.43 -38.67 -43.17
N SER MA 295 77.58 -39.93 -43.60
CA SER MA 295 78.86 -40.37 -44.12
C SER MA 295 79.22 -39.65 -45.41
N LYS MA 296 78.21 -39.30 -46.21
CA LYS MA 296 78.49 -38.54 -47.43
C LYS MA 296 78.84 -37.10 -47.11
N ARG MA 297 78.23 -36.52 -46.07
CA ARG MA 297 78.55 -35.15 -45.71
C ARG MA 297 79.89 -35.03 -45.01
N VAL MA 298 80.34 -36.10 -44.36
CA VAL MA 298 81.62 -36.12 -43.65
C VAL MA 298 82.35 -37.39 -44.07
N PRO MA 299 83.07 -37.38 -45.20
CA PRO MA 299 83.61 -38.64 -45.73
C PRO MA 299 84.75 -39.23 -44.92
N THR MA 300 85.31 -38.48 -43.97
CA THR MA 300 86.45 -38.99 -43.22
C THR MA 300 86.07 -40.20 -42.38
N VAL MA 301 84.81 -40.27 -41.94
CA VAL MA 301 84.37 -41.42 -41.15
C VAL MA 301 84.37 -42.68 -42.00
N ASN MA 302 83.84 -42.57 -43.22
CA ASN MA 302 83.77 -43.71 -44.14
C ASN MA 302 85.18 -43.95 -44.68
N SER MA 303 86.00 -44.59 -43.85
CA SER MA 303 87.40 -44.78 -44.14
C SER MA 303 87.86 -46.08 -43.47
N SER MA 304 89.15 -46.36 -43.55
CA SER MA 304 89.73 -47.55 -42.94
C SER MA 304 91.19 -47.25 -42.61
N TRP MA 305 91.92 -48.30 -42.25
CA TRP MA 305 93.35 -48.20 -41.94
C TRP MA 305 94.04 -49.38 -42.59
N ARG MA 306 95.00 -49.09 -43.47
CA ARG MA 306 95.67 -50.11 -44.26
C ARG MA 306 97.18 -49.94 -44.14
N ASP MA 307 97.94 -50.64 -44.98
CA ASP MA 307 99.39 -50.65 -44.86
C ASP MA 307 99.97 -49.29 -45.24
N GLY MA 308 100.19 -48.45 -44.24
CA GLY MA 308 100.78 -47.14 -44.48
C GLY MA 308 99.97 -46.25 -45.39
N VAL MA 309 98.66 -46.44 -45.44
CA VAL MA 309 97.80 -45.71 -46.36
C VAL MA 309 96.39 -45.73 -45.81
N ILE MA 310 95.66 -44.65 -46.07
CA ILE MA 310 94.25 -44.54 -45.74
C ILE MA 310 93.45 -44.80 -47.01
N ARG MA 311 92.59 -45.81 -46.94
CA ARG MA 311 91.66 -46.11 -48.03
C ARG MA 311 90.34 -45.41 -47.73
N GLN MA 312 89.95 -44.50 -48.63
CA GLN MA 312 88.70 -43.76 -48.53
C GLN MA 312 87.78 -44.20 -49.65
N PHE MA 313 86.58 -44.62 -49.28
CA PHE MA 313 85.56 -45.01 -50.23
C PHE MA 313 84.77 -43.77 -50.67
N GLU MA 314 83.76 -44.02 -51.51
CA GLU MA 314 82.79 -43.01 -51.92
C GLU MA 314 81.37 -43.42 -51.56
N THR MA 315 81.01 -44.66 -51.85
CA THR MA 315 79.72 -45.21 -51.46
C THR MA 315 79.75 -45.63 -50.00
N VAL MA 316 78.57 -45.97 -49.49
CA VAL MA 316 78.39 -46.38 -48.11
C VAL MA 316 77.91 -47.81 -48.10
N ASP MA 317 78.73 -48.72 -47.57
CA ASP MA 317 78.38 -50.11 -47.39
C ASP MA 317 78.11 -50.35 -45.91
N VAL MA 318 76.89 -50.76 -45.58
CA VAL MA 318 76.41 -50.82 -44.21
C VAL MA 318 76.33 -52.26 -43.77
N SER MA 319 76.99 -52.59 -42.67
CA SER MA 319 76.96 -53.92 -42.08
C SER MA 319 75.94 -53.94 -40.95
N VAL MA 320 74.87 -54.72 -41.14
CA VAL MA 320 73.80 -54.83 -40.15
C VAL MA 320 73.97 -56.15 -39.40
N ALA MA 321 73.81 -56.10 -38.09
CA ALA MA 321 74.01 -57.27 -37.26
C ALA MA 321 72.71 -58.05 -37.10
N VAL MA 322 72.84 -59.37 -37.03
CA VAL MA 322 71.73 -60.28 -36.80
C VAL MA 322 72.17 -61.32 -35.78
N ALA MA 323 71.29 -61.59 -34.82
CA ALA MA 323 71.55 -62.50 -33.70
C ALA MA 323 70.88 -63.83 -34.00
N THR MA 324 71.67 -64.78 -34.48
CA THR MA 324 71.19 -66.13 -34.73
C THR MA 324 71.46 -67.00 -33.51
N PRO MA 325 70.82 -68.17 -33.42
CA PRO MA 325 71.18 -69.12 -32.36
C PRO MA 325 72.61 -69.59 -32.44
N ASN MA 326 73.24 -69.50 -33.62
CA ASN MA 326 74.65 -69.83 -33.77
C ASN MA 326 75.56 -68.72 -33.25
N GLY MA 327 75.04 -67.50 -33.09
CA GLY MA 327 75.82 -66.38 -32.59
C GLY MA 327 75.44 -65.08 -33.25
N LEU MA 328 76.43 -64.39 -33.83
CA LEU MA 328 76.23 -63.10 -34.46
C LEU MA 328 76.72 -63.18 -35.89
N ILE MA 329 76.06 -62.41 -36.77
CA ILE MA 329 76.48 -62.34 -38.16
C ILE MA 329 76.18 -60.94 -38.68
N THR MA 330 76.94 -60.51 -39.69
CA THR MA 330 76.88 -59.14 -40.20
C THR MA 330 76.71 -59.13 -41.71
N PRO MA 331 75.48 -59.33 -42.20
CA PRO MA 331 75.22 -59.09 -43.63
C PRO MA 331 75.42 -57.62 -43.98
N ILE MA 332 75.46 -57.36 -45.28
CA ILE MA 332 75.85 -56.06 -45.81
C ILE MA 332 74.77 -55.57 -46.76
N VAL MA 333 74.55 -54.26 -46.76
CA VAL MA 333 73.74 -53.57 -47.74
C VAL MA 333 74.66 -52.64 -48.52
N LYS MA 334 74.47 -52.61 -49.84
CA LYS MA 334 75.36 -51.94 -50.78
C LYS MA 334 74.71 -50.70 -51.35
N GLY MA 335 75.50 -49.64 -51.49
CA GLY MA 335 75.06 -48.42 -52.14
C GLY MA 335 73.82 -47.83 -51.50
N VAL MA 336 73.90 -47.54 -50.20
CA VAL MA 336 72.73 -47.10 -49.46
C VAL MA 336 72.26 -45.75 -49.95
N GLU MA 337 73.18 -44.80 -50.07
CA GLU MA 337 72.84 -43.44 -50.45
C GLU MA 337 72.19 -43.45 -51.83
N GLY MA 338 70.95 -42.96 -51.90
CA GLY MA 338 70.20 -43.00 -53.12
C GLY MA 338 69.82 -44.41 -53.52
N LYS MA 339 69.06 -45.10 -52.67
CA LYS MA 339 68.62 -46.46 -52.92
C LYS MA 339 67.14 -46.66 -52.66
N GLY MA 340 66.58 -45.98 -51.67
CA GLY MA 340 65.17 -46.10 -51.35
C GLY MA 340 64.87 -46.97 -50.16
N LEU MA 341 63.99 -46.47 -49.29
CA LEU MA 341 63.69 -47.17 -48.04
C LEU MA 341 63.02 -48.50 -48.29
N GLU MA 342 62.17 -48.60 -49.31
CA GLU MA 342 61.48 -49.85 -49.58
C GLU MA 342 62.47 -50.94 -49.99
N SER MA 343 63.37 -50.59 -50.92
CA SER MA 343 64.41 -51.52 -51.33
C SER MA 343 65.28 -51.91 -50.14
N ILE MA 344 65.57 -50.94 -49.27
CA ILE MA 344 66.38 -51.22 -48.08
C ILE MA 344 65.69 -52.25 -47.19
N SER MA 345 64.40 -52.03 -46.93
CA SER MA 345 63.65 -52.93 -46.06
C SER MA 345 63.58 -54.33 -46.66
N ALA MA 346 63.36 -54.40 -47.97
CA ALA MA 346 63.28 -55.70 -48.63
C ALA MA 346 64.60 -56.44 -48.51
N ALA MA 347 65.72 -55.75 -48.79
CA ALA MA 347 67.02 -56.38 -48.72
C ALA MA 347 67.32 -56.83 -47.30
N VAL MA 348 66.98 -56.01 -46.32
CA VAL MA 348 67.25 -56.36 -44.92
C VAL MA 348 66.47 -57.60 -44.52
N LYS MA 349 65.18 -57.64 -44.84
CA LYS MA 349 64.37 -58.81 -44.51
C LYS MA 349 64.93 -60.06 -45.18
N GLU MA 350 65.31 -59.94 -46.46
CA GLU MA 350 65.85 -61.09 -47.17
C GLU MA 350 67.11 -61.61 -46.51
N LEU MA 351 68.05 -60.72 -46.22
CA LEU MA 351 69.31 -61.15 -45.62
C LEU MA 351 69.10 -61.71 -44.23
N ALA MA 352 68.14 -61.16 -43.48
CA ALA MA 352 67.90 -61.65 -42.13
C ALA MA 352 67.34 -63.06 -42.16
N LYS MA 353 66.35 -63.31 -43.03
CA LYS MA 353 65.80 -64.67 -43.11
C LYS MA 353 66.83 -65.64 -43.67
N LYS MA 354 67.66 -65.20 -44.62
CA LYS MA 354 68.71 -66.07 -45.13
C LYS MA 354 69.74 -66.38 -44.07
N ALA MA 355 69.96 -65.46 -43.13
CA ALA MA 355 70.89 -65.73 -42.04
C ALA MA 355 70.29 -66.69 -41.04
N ARG MA 356 68.99 -66.54 -40.75
CA ARG MA 356 68.33 -67.49 -39.87
C ARG MA 356 68.33 -68.90 -40.47
N ASP MA 357 68.30 -69.00 -41.80
CA ASP MA 357 68.34 -70.29 -42.46
C ASP MA 357 69.77 -70.77 -42.73
N GLY MA 358 70.76 -69.89 -42.65
CA GLY MA 358 72.12 -70.27 -42.96
C GLY MA 358 72.35 -70.52 -44.44
N LYS MA 359 72.20 -69.47 -45.26
CA LYS MA 359 72.24 -69.60 -46.71
C LYS MA 359 73.01 -68.44 -47.34
N LEU MA 360 74.05 -67.96 -46.67
CA LEU MA 360 74.79 -66.79 -47.13
C LEU MA 360 76.09 -67.18 -47.82
N LYS MA 361 76.61 -66.23 -48.59
CA LYS MA 361 77.91 -66.28 -49.22
C LYS MA 361 78.91 -65.45 -48.41
N PRO MA 362 80.22 -65.73 -48.52
CA PRO MA 362 81.17 -64.95 -47.73
C PRO MA 362 81.24 -63.49 -48.12
N GLU MA 363 81.08 -63.19 -49.41
CA GLU MA 363 81.15 -61.80 -49.87
C GLU MA 363 80.04 -60.95 -49.25
N GLU MA 364 78.91 -61.57 -48.93
CA GLU MA 364 77.77 -60.83 -48.40
C GLU MA 364 78.02 -60.28 -47.00
N TYR MA 365 78.93 -60.89 -46.24
CA TYR MA 365 79.23 -60.44 -44.88
C TYR MA 365 80.73 -60.28 -44.64
N GLN MA 366 81.53 -60.18 -45.70
CA GLN MA 366 82.95 -59.86 -45.60
C GLN MA 366 83.21 -58.58 -46.37
N GLY MA 367 83.42 -57.49 -45.64
CA GLY MA 367 83.60 -56.18 -46.23
C GLY MA 367 82.89 -55.12 -45.43
N GLY MA 368 82.31 -54.14 -46.11
CA GLY MA 368 81.59 -53.08 -45.43
C GLY MA 368 82.52 -52.04 -44.84
N SER MA 369 82.12 -50.77 -44.95
CA SER MA 369 82.90 -49.68 -44.40
C SER MA 369 82.45 -49.31 -43.00
N ILE MA 370 81.15 -49.37 -42.73
CA ILE MA 370 80.57 -48.97 -41.46
C ILE MA 370 79.59 -50.04 -41.04
N SER MA 371 79.32 -50.10 -39.73
CA SER MA 371 78.50 -51.15 -39.15
C SER MA 371 77.47 -50.55 -38.21
N ILE MA 372 76.61 -51.42 -37.68
CA ILE MA 372 75.53 -51.02 -36.78
C ILE MA 372 75.02 -52.26 -36.08
N SER MA 373 74.55 -52.07 -34.86
CA SER MA 373 73.86 -53.10 -34.09
C SER MA 373 72.63 -52.48 -33.47
N ASN MA 374 71.56 -53.27 -33.37
CA ASN MA 374 70.27 -52.79 -32.90
C ASN MA 374 69.76 -53.71 -31.79
N MET MA 375 69.11 -53.09 -30.80
CA MET MA 375 68.50 -53.83 -29.69
C MET MA 375 67.16 -53.23 -29.31
N GLY MA 376 66.47 -52.56 -30.24
CA GLY MA 376 65.27 -51.84 -29.91
C GLY MA 376 64.13 -52.71 -29.43
N MET MA 377 64.13 -54.00 -29.78
CA MET MA 377 63.06 -54.88 -29.32
C MET MA 377 63.10 -55.07 -27.81
N ASN MA 378 64.28 -54.98 -27.21
CA ASN MA 378 64.43 -55.18 -25.77
C ASN MA 378 64.31 -53.83 -25.07
N PRO MA 379 63.17 -53.53 -24.42
CA PRO MA 379 62.97 -52.17 -23.92
C PRO MA 379 63.84 -51.79 -22.73
N ALA MA 380 64.51 -52.75 -22.09
CA ALA MA 380 65.25 -52.43 -20.89
C ALA MA 380 66.57 -51.72 -21.19
N VAL MA 381 67.15 -51.98 -22.35
CA VAL MA 381 68.48 -51.46 -22.68
C VAL MA 381 68.32 -49.99 -23.03
N GLN MA 382 68.73 -49.12 -22.10
CA GLN MA 382 68.76 -47.69 -22.39
C GLN MA 382 69.92 -47.35 -23.32
N SER MA 383 71.06 -48.00 -23.11
CA SER MA 383 72.24 -47.73 -23.93
C SER MA 383 73.19 -48.90 -23.85
N PHE MA 384 74.09 -48.97 -24.82
CA PHE MA 384 75.13 -49.98 -24.79
C PHE MA 384 76.18 -49.63 -25.81
N THR MA 385 77.34 -50.21 -25.63
CA THR MA 385 78.48 -50.04 -26.52
C THR MA 385 78.64 -51.31 -27.34
N ALA MA 386 79.46 -51.23 -28.37
CA ALA MA 386 79.83 -52.38 -29.18
C ALA MA 386 81.30 -52.25 -29.55
N ILE MA 387 81.75 -53.17 -30.39
CA ILE MA 387 83.15 -53.31 -30.75
C ILE MA 387 83.28 -53.18 -32.26
N ILE MA 388 84.36 -52.54 -32.70
CA ILE MA 388 84.54 -52.19 -34.10
C ILE MA 388 84.95 -53.44 -34.86
N ASN MA 389 84.08 -53.91 -35.73
CA ASN MA 389 84.41 -55.02 -36.61
C ASN MA 389 85.48 -54.57 -37.62
N PRO MA 390 86.71 -55.06 -37.55
CA PRO MA 390 87.74 -54.54 -38.42
C PRO MA 390 87.48 -54.94 -39.87
N PRO MA 391 88.16 -54.28 -40.83
CA PRO MA 391 89.12 -53.19 -40.68
C PRO MA 391 88.45 -51.82 -40.64
N GLN MA 392 87.15 -51.79 -40.33
CA GLN MA 392 86.38 -50.55 -40.36
C GLN MA 392 86.88 -49.57 -39.29
N ALA MA 393 86.28 -48.38 -39.27
CA ALA MA 393 86.72 -47.29 -38.42
C ALA MA 393 85.72 -46.88 -37.36
N ALA MA 394 84.44 -47.20 -37.55
CA ALA MA 394 83.41 -46.72 -36.65
C ALA MA 394 82.30 -47.77 -36.55
N ILE MA 395 81.49 -47.63 -35.52
CA ILE MA 395 80.32 -48.48 -35.37
C ILE MA 395 79.30 -47.75 -34.50
N LEU MA 396 78.04 -48.05 -34.74
CA LEU MA 396 76.90 -47.40 -34.11
C LEU MA 396 76.16 -48.38 -33.22
N ALA MA 397 75.33 -47.83 -32.34
CA ALA MA 397 74.49 -48.64 -31.48
C ALA MA 397 73.29 -47.79 -31.07
N VAL MA 398 72.11 -48.39 -31.11
CA VAL MA 398 70.85 -47.71 -30.87
C VAL MA 398 70.13 -48.43 -29.74
N GLY MA 399 69.90 -47.73 -28.63
CA GLY MA 399 69.16 -48.30 -27.53
C GLY MA 399 67.67 -48.35 -27.82
N ALA MA 400 66.91 -48.51 -26.75
CA ALA MA 400 65.47 -48.55 -26.85
C ALA MA 400 64.88 -47.15 -26.72
N PRO MA 401 63.63 -46.96 -27.12
CA PRO MA 401 62.96 -45.70 -26.86
C PRO MA 401 62.46 -45.62 -25.43
N GLN MA 402 62.33 -44.38 -24.95
CA GLN MA 402 61.89 -44.11 -23.59
C GLN MA 402 61.11 -42.81 -23.57
N LYS MA 403 60.42 -42.59 -22.46
CA LYS MA 403 59.65 -41.37 -22.24
C LYS MA 403 60.48 -40.43 -21.39
N VAL MA 404 60.53 -39.17 -21.80
CA VAL MA 404 61.34 -38.16 -21.12
C VAL MA 404 60.53 -36.88 -21.04
N ALA MA 405 60.78 -36.12 -19.98
CA ALA MA 405 60.18 -34.81 -19.82
C ALA MA 405 60.93 -33.80 -20.66
N VAL MA 406 60.18 -32.89 -21.29
CA VAL MA 406 60.76 -31.83 -22.11
C VAL MA 406 59.94 -30.56 -21.87
N PRO MA 407 60.55 -29.39 -21.71
CA PRO MA 407 59.76 -28.17 -21.57
C PRO MA 407 59.05 -27.81 -22.87
N VAL MA 408 58.02 -26.98 -22.73
CA VAL MA 408 57.28 -26.47 -23.87
C VAL MA 408 56.62 -25.16 -23.45
N GLU MA 409 56.56 -24.22 -24.38
CA GLU MA 409 55.90 -22.95 -24.16
C GLU MA 409 54.48 -23.00 -24.68
N ASN MA 410 53.53 -22.89 -23.76
CA ASN MA 410 52.14 -22.75 -24.16
C ASN MA 410 51.93 -21.39 -24.82
N GLU MA 411 50.70 -21.15 -25.29
CA GLU MA 411 50.39 -19.89 -25.95
C GLU MA 411 50.62 -18.68 -25.06
N ASP MA 412 50.59 -18.84 -23.73
CA ASP MA 412 50.94 -17.79 -22.80
C ASP MA 412 52.45 -17.84 -22.54
N GLY MA 413 52.89 -17.08 -21.54
CA GLY MA 413 54.30 -17.01 -21.22
C GLY MA 413 54.81 -18.13 -20.34
N THR MA 414 53.91 -18.87 -19.69
CA THR MA 414 54.33 -19.96 -18.81
C THR MA 414 54.78 -21.17 -19.63
N THR MA 415 55.73 -21.90 -19.07
CA THR MA 415 56.19 -23.15 -19.65
C THR MA 415 55.28 -24.29 -19.22
N GLY MA 416 55.43 -25.42 -19.91
CA GLY MA 416 54.66 -26.61 -19.62
C GLY MA 416 55.48 -27.85 -19.83
N VAL MA 417 54.86 -28.99 -19.54
CA VAL MA 417 55.53 -30.29 -19.61
C VAL MA 417 54.98 -31.03 -20.81
N SER MA 418 55.88 -31.49 -21.67
CA SER MA 418 55.54 -32.30 -22.83
C SER MA 418 56.36 -33.59 -22.79
N TRP MA 419 55.72 -34.69 -23.14
CA TRP MA 419 56.34 -36.01 -23.09
C TRP MA 419 56.78 -36.40 -24.49
N ASP MA 420 58.09 -36.37 -24.73
CA ASP MA 420 58.69 -36.73 -25.99
C ASP MA 420 59.33 -38.11 -25.86
N GLU MA 421 59.39 -38.82 -26.99
CA GLU MA 421 59.97 -40.15 -27.05
C GLU MA 421 61.42 -40.01 -27.49
N GLN MA 422 62.34 -40.34 -26.59
CA GLN MA 422 63.77 -40.21 -26.82
C GLN MA 422 64.43 -41.57 -26.99
N ILE MA 423 65.52 -41.57 -27.74
CA ILE MA 423 66.38 -42.74 -27.91
C ILE MA 423 67.82 -42.30 -27.64
N ILE MA 424 68.57 -43.13 -26.96
CA ILE MA 424 69.99 -42.93 -26.78
C ILE MA 424 70.72 -43.64 -27.91
N VAL MA 425 71.76 -42.99 -28.40
CA VAL MA 425 72.60 -43.52 -29.46
C VAL MA 425 74.04 -43.43 -28.99
N THR MA 426 74.79 -44.50 -29.21
CA THR MA 426 76.18 -44.59 -28.82
C THR MA 426 77.02 -44.93 -30.04
N ALA MA 427 78.05 -44.15 -30.28
CA ALA MA 427 78.96 -44.34 -31.40
C ALA MA 427 80.36 -44.58 -30.88
N SER MA 428 80.95 -45.69 -31.29
CA SER MA 428 82.34 -46.00 -30.97
C SER MA 428 83.20 -45.72 -32.19
N PHE MA 429 84.28 -44.96 -31.99
CA PHE MA 429 85.18 -44.58 -33.06
C PHE MA 429 86.58 -45.08 -32.80
N ASP MA 430 87.33 -45.31 -33.87
CA ASP MA 430 88.77 -45.49 -33.77
C ASP MA 430 89.45 -44.13 -33.78
N HIS MA 431 90.43 -43.98 -32.92
CA HIS MA 431 91.08 -42.69 -32.73
C HIS MA 431 92.23 -42.43 -33.68
N LYS MA 432 92.73 -43.46 -34.37
CA LYS MA 432 93.79 -43.25 -35.33
C LYS MA 432 93.30 -42.40 -36.49
N VAL MA 433 92.13 -42.71 -37.01
CA VAL MA 433 91.56 -42.03 -38.16
C VAL MA 433 90.77 -40.80 -37.74
N VAL MA 434 89.81 -41.00 -36.85
CA VAL MA 434 88.83 -39.98 -36.51
C VAL MA 434 89.23 -39.30 -35.21
N ASP MA 435 88.87 -38.03 -35.10
CA ASP MA 435 89.06 -37.25 -33.89
C ASP MA 435 87.70 -36.85 -33.31
N GLY MA 436 87.75 -36.28 -32.11
CA GLY MA 436 86.53 -35.96 -31.40
C GLY MA 436 85.68 -34.95 -32.15
N ALA MA 437 86.30 -33.94 -32.75
CA ALA MA 437 85.55 -32.95 -33.49
C ALA MA 437 84.83 -33.58 -34.68
N VAL MA 438 85.51 -34.49 -35.36
CA VAL MA 438 84.92 -35.12 -36.54
C VAL MA 438 83.73 -35.99 -36.13
N GLY MA 439 83.91 -36.76 -35.06
CA GLY MA 439 82.81 -37.57 -34.56
C GLY MA 439 81.64 -36.72 -34.12
N ALA MA 440 81.92 -35.59 -33.48
CA ALA MA 440 80.85 -34.70 -33.05
C ALA MA 440 80.11 -34.12 -34.24
N GLU MA 441 80.82 -33.77 -35.29
CA GLU MA 441 80.18 -33.23 -36.49
C GLU MA 441 79.28 -34.28 -37.12
N TRP MA 442 79.77 -35.51 -37.22
CA TRP MA 442 78.98 -36.61 -37.75
C TRP MA 442 77.70 -36.80 -36.95
N ILE MA 443 77.83 -36.81 -35.62
CA ILE MA 443 76.66 -37.00 -34.76
C ILE MA 443 75.69 -35.83 -34.91
N ARG MA 444 76.22 -34.62 -35.06
CA ARG MA 444 75.36 -33.46 -35.21
C ARG MA 444 74.54 -33.57 -36.48
N GLU MA 445 75.18 -33.96 -37.58
CA GLU MA 445 74.44 -34.10 -38.83
C GLU MA 445 73.39 -35.19 -38.71
N LEU MA 446 73.73 -36.29 -38.03
CA LEU MA 446 72.76 -37.37 -37.85
C LEU MA 446 71.55 -36.88 -37.05
N LYS MA 447 71.80 -36.18 -35.95
CA LYS MA 447 70.73 -35.66 -35.12
C LYS MA 447 69.86 -34.69 -35.90
N LYS MA 448 70.48 -33.83 -36.70
CA LYS MA 448 69.72 -32.86 -37.49
C LYS MA 448 68.82 -33.57 -38.48
N VAL MA 449 69.37 -34.57 -39.19
CA VAL MA 449 68.60 -35.29 -40.20
C VAL MA 449 67.43 -36.02 -39.55
N ILE MA 450 67.66 -36.62 -38.39
CA ILE MA 450 66.58 -37.35 -37.73
C ILE MA 450 65.51 -36.39 -37.25
N GLU MA 451 65.92 -35.31 -36.60
CA GLU MA 451 64.95 -34.41 -36.00
C GLU MA 451 64.14 -33.69 -37.06
N ASN MA 452 64.72 -33.49 -38.25
CA ASN MA 452 64.00 -32.97 -39.41
C ASN MA 452 63.94 -34.07 -40.45
N PRO MA 453 63.00 -35.02 -40.35
CA PRO MA 453 63.02 -36.17 -41.27
C PRO MA 453 62.84 -35.78 -42.72
N LEU MA 454 62.29 -34.61 -43.01
CA LEU MA 454 62.09 -34.19 -44.38
C LEU MA 454 63.41 -33.98 -45.11
N GLU MA 455 64.52 -33.84 -44.39
CA GLU MA 455 65.82 -33.70 -45.01
C GLU MA 455 66.36 -35.03 -45.53
N LEU MA 456 65.70 -36.15 -45.23
CA LEU MA 456 66.10 -37.42 -45.82
C LEU MA 456 66.05 -37.39 -47.33
N LEU MA 457 65.16 -36.58 -47.90
CA LEU MA 457 65.09 -36.43 -49.34
C LEU MA 457 66.39 -35.87 -49.91
N LEU MA 458 67.09 -35.06 -49.12
CA LEU MA 458 68.30 -34.39 -49.56
C LEU MA 458 69.53 -35.28 -49.32
N TYR NA 227 28.24 -109.62 6.12
CA TYR NA 227 27.71 -110.34 4.98
C TYR NA 227 28.80 -110.62 3.96
N THR NA 228 29.11 -109.64 3.13
CA THR NA 228 30.20 -109.80 2.17
C THR NA 228 31.51 -109.90 2.92
N ASP NA 229 32.41 -110.75 2.42
CA ASP NA 229 33.68 -111.06 3.08
C ASP NA 229 34.79 -111.00 2.04
N VAL NA 230 35.50 -109.88 2.00
CA VAL NA 230 36.55 -109.65 1.00
C VAL NA 230 37.90 -109.87 1.68
N PRO NA 231 38.77 -110.73 1.16
CA PRO NA 231 40.11 -110.84 1.75
C PRO NA 231 40.88 -109.54 1.63
N ILE NA 232 41.87 -109.39 2.51
CA ILE NA 232 42.67 -108.17 2.57
C ILE NA 232 43.71 -108.21 1.47
N SER NA 233 44.04 -107.03 0.94
CA SER NA 233 44.96 -106.93 -0.19
C SER NA 233 46.38 -107.36 0.17
N GLY NA 234 46.74 -107.34 1.45
CA GLY NA 234 48.10 -107.61 1.89
C GLY NA 234 48.93 -106.36 2.04
N MET NA 235 48.71 -105.38 1.14
CA MET NA 235 49.42 -104.11 1.25
C MET NA 235 48.96 -103.35 2.49
N ARG NA 236 47.67 -103.40 2.79
CA ARG NA 236 47.16 -102.69 3.97
C ARG NA 236 47.72 -103.27 5.26
N LYS NA 237 48.13 -104.54 5.25
CA LYS NA 237 48.70 -105.15 6.45
C LYS NA 237 49.94 -104.40 6.92
N THR NA 238 50.82 -104.06 5.97
CA THR NA 238 52.05 -103.35 6.31
C THR NA 238 51.74 -101.98 6.89
N ILE NA 239 50.81 -101.26 6.28
CA ILE NA 239 50.47 -99.92 6.76
C ILE NA 239 49.83 -100.02 8.15
N ALA NA 240 49.02 -101.05 8.37
CA ALA NA 240 48.40 -101.23 9.69
C ALA NA 240 49.46 -101.49 10.74
N ALA NA 241 50.41 -102.38 10.44
CA ALA NA 241 51.49 -102.66 11.37
C ALA NA 241 52.30 -101.41 11.64
N ARG NA 242 52.55 -100.61 10.61
CA ARG NA 242 53.33 -99.40 10.76
C ARG NA 242 52.64 -98.40 11.68
N LEU NA 243 51.34 -98.17 11.45
CA LEU NA 243 50.59 -97.26 12.28
C LEU NA 243 50.49 -97.76 13.71
N LYS NA 244 50.35 -99.07 13.89
CA LYS NA 244 50.30 -99.65 15.22
C LYS NA 244 51.62 -99.42 15.95
N GLU NA 245 52.74 -99.64 15.26
CA GLU NA 245 54.04 -99.34 15.83
C GLU NA 245 54.15 -97.88 16.21
N SER NA 246 53.60 -96.99 15.38
CA SER NA 246 53.66 -95.57 15.67
C SER NA 246 52.93 -95.25 16.96
N VAL NA 247 51.67 -95.68 17.07
CA VAL NA 247 50.87 -95.30 18.22
C VAL NA 247 51.32 -96.01 19.49
N THR NA 248 51.96 -97.18 19.38
CA THR NA 248 52.38 -97.89 20.58
C THR NA 248 53.79 -97.48 21.03
N GLU NA 249 54.63 -96.99 20.11
CA GLU NA 249 55.97 -96.57 20.48
C GLU NA 249 56.01 -95.10 20.87
N ASN NA 250 55.23 -94.27 20.18
CA ASN NA 250 55.27 -92.84 20.34
C ASN NA 250 53.93 -92.35 20.89
N PRO NA 251 53.87 -91.74 22.07
CA PRO NA 251 52.63 -91.06 22.45
C PRO NA 251 52.41 -89.85 21.57
N HIS NA 252 51.18 -89.33 21.61
CA HIS NA 252 50.77 -88.25 20.74
C HIS NA 252 50.07 -87.18 21.54
N PHE NA 253 50.44 -85.92 21.30
CA PHE NA 253 49.68 -84.78 21.77
C PHE NA 253 49.56 -83.77 20.64
N PHE NA 254 48.43 -83.08 20.62
CA PHE NA 254 47.99 -82.27 19.50
C PHE NA 254 47.93 -80.81 19.91
N VAL NA 255 48.18 -79.93 18.93
CA VAL NA 255 48.12 -78.49 19.12
C VAL NA 255 47.31 -77.91 17.96
N SER NA 256 46.34 -77.08 18.29
CA SER NA 256 45.35 -76.59 17.33
C SER NA 256 45.33 -75.06 17.38
N THR NA 257 45.61 -74.45 16.23
CA THR NA 257 45.67 -73.00 16.12
C THR NA 257 44.87 -72.54 14.91
N ASN NA 258 44.74 -71.22 14.81
CA ASN NA 258 43.99 -70.57 13.74
C ASN NA 258 44.86 -69.49 13.11
N LEU NA 259 45.06 -69.60 11.80
CA LEU NA 259 45.85 -68.66 11.03
C LEU NA 259 44.97 -67.71 10.27
N SER NA 260 45.60 -66.69 9.69
CA SER NA 260 44.94 -65.71 8.84
C SER NA 260 45.67 -65.67 7.51
N VAL NA 261 44.92 -65.81 6.42
CA VAL NA 261 45.48 -65.96 5.08
C VAL NA 261 44.93 -64.91 4.11
N SER NA 262 44.28 -63.87 4.62
CA SER NA 262 43.70 -62.86 3.74
C SER NA 262 44.76 -62.15 2.92
N LYS NA 263 45.96 -62.00 3.48
CA LYS NA 263 47.07 -61.41 2.73
C LYS NA 263 47.74 -62.45 1.84
N LEU NA 264 47.83 -63.69 2.33
CA LEU NA 264 48.47 -64.75 1.56
C LEU NA 264 47.73 -64.99 0.25
N LEU NA 265 46.40 -64.95 0.29
CA LEU NA 265 45.64 -65.20 -0.93
C LEU NA 265 45.83 -64.06 -1.93
N LYS NA 266 45.90 -62.83 -1.45
CA LYS NA 266 46.19 -61.71 -2.33
C LYS NA 266 47.55 -61.88 -2.98
N LEU NA 267 48.55 -62.29 -2.19
CA LEU NA 267 49.88 -62.52 -2.74
C LEU NA 267 49.86 -63.60 -3.80
N ARG NA 268 49.15 -64.69 -3.54
CA ARG NA 268 49.06 -65.79 -4.51
C ARG NA 268 48.40 -65.32 -5.79
N GLN NA 269 47.31 -64.56 -5.66
CA GLN NA 269 46.61 -64.06 -6.84
C GLN NA 269 47.50 -63.13 -7.66
N ALA NA 270 48.25 -62.27 -6.97
CA ALA NA 270 49.12 -61.33 -7.68
C ALA NA 270 50.23 -62.08 -8.41
N LEU NA 271 50.85 -63.06 -7.76
CA LEU NA 271 51.90 -63.81 -8.43
C LEU NA 271 51.36 -64.66 -9.57
N ASN NA 272 50.13 -65.12 -9.46
CA ASN NA 272 49.53 -65.87 -10.57
C ASN NA 272 49.20 -64.94 -11.74
N SER NA 273 48.79 -63.71 -11.43
CA SER NA 273 48.46 -62.77 -12.50
C SER NA 273 49.72 -62.26 -13.20
N SER NA 274 50.81 -62.06 -12.46
CA SER NA 274 52.06 -61.57 -13.05
C SER NA 274 52.88 -62.73 -13.58
N ALA NA 275 52.27 -63.49 -14.48
CA ALA NA 275 52.90 -64.67 -15.07
C ALA NA 275 52.27 -64.93 -16.42
N ASP NA 276 53.00 -65.69 -17.24
CA ASP NA 276 52.58 -66.03 -18.60
C ASP NA 276 52.36 -67.54 -18.72
N GLY NA 277 51.70 -68.12 -17.72
CA GLY NA 277 51.48 -69.56 -17.71
C GLY NA 277 52.71 -70.37 -17.44
N ARG NA 278 53.78 -69.76 -16.94
CA ARG NA 278 54.99 -70.50 -16.65
C ARG NA 278 54.88 -71.28 -15.35
N TYR NA 279 53.93 -70.92 -14.48
CA TYR NA 279 53.74 -71.62 -13.22
C TYR NA 279 52.33 -71.37 -12.71
N LYS NA 280 51.96 -72.10 -11.66
CA LYS NA 280 50.68 -71.90 -11.00
C LYS NA 280 50.84 -72.33 -9.54
N LEU NA 281 50.48 -71.43 -8.62
CA LEU NA 281 50.75 -71.61 -7.21
C LEU NA 281 49.50 -72.04 -6.44
N SER NA 282 49.76 -72.56 -5.24
CA SER NA 282 48.71 -72.98 -4.32
C SER NA 282 49.09 -72.61 -2.90
N VAL NA 283 48.28 -73.03 -1.93
CA VAL NA 283 48.52 -72.70 -0.53
C VAL NA 283 49.51 -73.66 0.10
N ASN NA 284 49.48 -74.93 -0.33
CA ASN NA 284 50.36 -75.94 0.22
C ASN NA 284 51.82 -75.57 0.04
N ASP NA 285 52.15 -74.88 -1.05
CA ASP NA 285 53.53 -74.52 -1.31
C ASP NA 285 54.04 -73.49 -0.31
N PHE NA 286 53.26 -72.43 -0.09
CA PHE NA 286 53.57 -71.47 0.94
C PHE NA 286 53.71 -72.16 2.30
N LEU NA 287 52.81 -73.10 2.58
CA LEU NA 287 52.88 -73.80 3.85
C LEU NA 287 54.18 -74.60 3.97
N ILE NA 288 54.61 -75.20 2.88
CA ILE NA 288 55.83 -76.01 2.92
C ILE NA 288 57.05 -75.12 3.17
N LYS NA 289 57.11 -73.98 2.49
CA LYS NA 289 58.21 -73.05 2.71
C LYS NA 289 58.23 -72.56 4.15
N ALA NA 290 57.06 -72.25 4.69
CA ALA NA 290 57.00 -71.78 6.07
C ALA NA 290 57.41 -72.89 7.03
N MET NA 291 57.05 -74.13 6.72
CA MET NA 291 57.48 -75.26 7.54
C MET NA 291 58.99 -75.35 7.58
N GLY NA 292 59.61 -75.20 6.41
CA GLY NA 292 61.08 -75.23 6.38
C GLY NA 292 61.68 -74.12 7.21
N ILE NA 293 61.11 -72.92 7.12
CA ILE NA 293 61.64 -71.78 7.87
C ILE NA 293 61.55 -72.05 9.37
N ALA NA 294 60.38 -72.53 9.81
CA ALA NA 294 60.20 -72.80 11.23
C ALA NA 294 61.11 -73.92 11.70
N SER NA 295 61.28 -74.94 10.86
CA SER NA 295 62.15 -76.05 11.22
C SER NA 295 63.59 -75.59 11.38
N LYS NA 296 64.01 -74.61 10.57
CA LYS NA 296 65.36 -74.09 10.72
C LYS NA 296 65.49 -73.20 11.95
N ARG NA 297 64.45 -72.41 12.26
CA ARG NA 297 64.54 -71.56 13.43
C ARG NA 297 64.47 -72.36 14.73
N VAL NA 298 63.84 -73.52 14.69
CA VAL NA 298 63.74 -74.39 15.87
C VAL NA 298 64.12 -75.80 15.44
N PRO NA 299 65.41 -76.16 15.47
CA PRO NA 299 65.82 -77.44 14.88
C PRO NA 299 65.38 -78.66 15.67
N THR NA 300 64.96 -78.51 16.92
CA THR NA 300 64.62 -79.67 17.75
C THR NA 300 63.46 -80.45 17.16
N VAL NA 301 62.59 -79.78 16.41
CA VAL NA 301 61.48 -80.49 15.76
C VAL NA 301 62.00 -81.37 14.65
N ASN NA 302 62.93 -80.86 13.84
CA ASN NA 302 63.52 -81.60 12.74
C ASN NA 302 64.52 -82.60 13.34
N SER NA 303 63.97 -83.69 13.87
CA SER NA 303 64.74 -84.68 14.61
C SER NA 303 64.07 -86.03 14.44
N SER NA 304 64.54 -87.02 15.19
CA SER NA 304 63.98 -88.35 15.16
C SER NA 304 64.34 -89.06 16.47
N TRP NA 305 64.11 -90.37 16.50
CA TRP NA 305 64.43 -91.20 17.66
C TRP NA 305 65.07 -92.48 17.16
N ARG NA 306 66.28 -92.76 17.62
CA ARG NA 306 67.03 -93.93 17.18
C ARG NA 306 67.54 -94.69 18.40
N ASP NA 307 68.39 -95.68 18.17
CA ASP NA 307 68.84 -96.56 19.24
C ASP NA 307 69.71 -95.80 20.23
N GLY NA 308 69.10 -95.32 21.31
CA GLY NA 308 69.83 -94.61 22.34
C GLY NA 308 70.52 -93.35 21.87
N VAL NA 309 70.02 -92.73 20.81
CA VAL NA 309 70.66 -91.56 20.24
C VAL NA 309 69.62 -90.76 19.47
N ILE NA 310 69.81 -89.44 19.47
CA ILE NA 310 68.96 -88.50 18.73
C ILE NA 310 69.70 -88.13 17.46
N ARG NA 311 69.07 -88.39 16.32
CA ARG NA 311 69.57 -87.97 15.03
C ARG NA 311 68.89 -86.67 14.64
N GLN NA 312 69.69 -85.63 14.45
CA GLN NA 312 69.23 -84.30 14.07
C GLN NA 312 69.78 -83.95 12.71
N PHE NA 313 68.90 -83.54 11.81
CA PHE NA 313 69.29 -83.13 10.46
C PHE NA 313 69.61 -81.64 10.46
N GLU NA 314 69.95 -81.14 9.28
CA GLU NA 314 70.13 -79.71 9.03
C GLU NA 314 69.16 -79.20 7.99
N THR NA 315 69.04 -79.90 6.87
CA THR NA 315 68.06 -79.58 5.85
C THR NA 315 66.68 -80.05 6.31
N VAL NA 316 65.68 -79.72 5.49
CA VAL NA 316 64.28 -80.05 5.77
C VAL NA 316 63.78 -80.89 4.61
N ASP NA 317 63.50 -82.17 4.90
CA ASP NA 317 62.94 -83.09 3.93
C ASP NA 317 61.46 -83.27 4.24
N VAL NA 318 60.61 -82.86 3.31
CA VAL NA 318 59.17 -82.75 3.55
C VAL NA 318 58.45 -83.88 2.84
N SER NA 319 57.64 -84.63 3.58
CA SER NA 319 56.85 -85.71 3.02
C SER NA 319 55.42 -85.22 2.80
N VAL NA 320 55.00 -85.17 1.54
CA VAL NA 320 53.68 -84.70 1.17
C VAL NA 320 52.79 -85.88 0.87
N ALA NA 321 51.60 -85.89 1.45
CA ALA NA 321 50.67 -86.99 1.25
C ALA NA 321 49.90 -86.81 -0.04
N VAL NA 322 49.62 -87.92 -0.70
CA VAL NA 322 48.80 -87.97 -1.89
C VAL NA 322 47.84 -89.15 -1.76
N ALA NA 323 46.59 -88.92 -2.14
CA ALA NA 323 45.51 -89.89 -2.01
C ALA NA 323 45.25 -90.51 -3.37
N THR NA 324 45.73 -91.72 -3.56
CA THR NA 324 45.48 -92.49 -4.77
C THR NA 324 44.31 -93.43 -4.56
N PRO NA 325 43.70 -93.95 -5.62
CA PRO NA 325 42.68 -94.99 -5.44
C PRO NA 325 43.23 -96.25 -4.80
N ASN NA 326 44.53 -96.49 -4.90
CA ASN NA 326 45.17 -97.60 -4.21
C ASN NA 326 45.34 -97.32 -2.72
N GLY NA 327 45.27 -96.07 -2.29
CA GLY NA 327 45.38 -95.72 -0.89
C GLY NA 327 46.06 -94.38 -0.64
N LEU NA 328 47.08 -94.38 0.22
CA LEU NA 328 47.82 -93.19 0.57
C LEU NA 328 49.29 -93.41 0.25
N ILE NA 329 49.97 -92.33 -0.13
CA ILE NA 329 51.40 -92.40 -0.41
C ILE NA 329 52.03 -91.07 -0.02
N THR NA 330 53.35 -91.09 0.24
CA THR NA 330 54.06 -89.93 0.76
C THR NA 330 55.35 -89.70 -0.01
N PRO NA 331 55.29 -89.10 -1.19
CA PRO NA 331 56.52 -88.62 -1.83
C PRO NA 331 57.19 -87.55 -1.00
N ILE NA 332 58.43 -87.25 -1.37
CA ILE NA 332 59.31 -86.39 -0.59
C ILE NA 332 59.84 -85.28 -1.47
N VAL NA 333 59.94 -84.09 -0.89
CA VAL NA 333 60.65 -82.96 -1.47
C VAL NA 333 61.90 -82.73 -0.64
N LYS NA 334 63.01 -82.46 -1.33
CA LYS NA 334 64.33 -82.37 -0.73
C LYS NA 334 64.81 -80.93 -0.73
N GLY NA 335 65.50 -80.55 0.33
CA GLY NA 335 66.14 -79.25 0.43
C GLY NA 335 65.16 -78.10 0.24
N VAL NA 336 64.11 -78.08 1.06
CA VAL NA 336 63.04 -77.10 0.91
C VAL NA 336 63.58 -75.69 1.14
N GLU NA 337 64.21 -75.48 2.29
CA GLU NA 337 64.71 -74.16 2.64
C GLU NA 337 65.71 -73.68 1.58
N GLY NA 338 65.37 -72.56 0.94
CA GLY NA 338 66.19 -72.05 -0.13
C GLY NA 338 66.09 -72.88 -1.39
N LYS NA 339 64.88 -73.02 -1.92
CA LYS NA 339 64.64 -73.78 -3.15
C LYS NA 339 63.82 -73.02 -4.16
N GLY NA 340 62.83 -72.25 -3.71
CA GLY NA 340 61.96 -71.50 -4.62
C GLY NA 340 60.60 -72.12 -4.80
N LEU NA 341 59.57 -71.28 -4.72
CA LEU NA 341 58.19 -71.77 -4.79
C LEU NA 341 57.88 -72.38 -6.13
N GLU NA 342 58.46 -71.85 -7.21
CA GLU NA 342 58.21 -72.42 -8.54
C GLU NA 342 58.73 -73.84 -8.62
N SER NA 343 59.98 -74.04 -8.22
CA SER NA 343 60.55 -75.38 -8.21
C SER NA 343 59.76 -76.31 -7.31
N ILE NA 344 59.28 -75.78 -6.18
CA ILE NA 344 58.49 -76.61 -5.26
C ILE NA 344 57.21 -77.07 -5.94
N SER NA 345 56.48 -76.14 -6.54
CA SER NA 345 55.23 -76.49 -7.21
C SER NA 345 55.47 -77.48 -8.34
N ALA NA 346 56.57 -77.29 -9.08
CA ALA NA 346 56.87 -78.18 -10.19
C ALA NA 346 57.15 -79.58 -9.69
N ALA NA 347 57.97 -79.70 -8.66
CA ALA NA 347 58.29 -81.01 -8.10
C ALA NA 347 57.05 -81.67 -7.54
N VAL NA 348 56.18 -80.90 -6.90
CA VAL NA 348 54.96 -81.47 -6.33
C VAL NA 348 54.05 -81.99 -7.43
N LYS NA 349 53.90 -81.22 -8.51
CA LYS NA 349 53.06 -81.67 -9.62
C LYS NA 349 53.62 -82.93 -10.25
N GLU NA 350 54.94 -82.97 -10.47
CA GLU NA 350 55.57 -84.15 -11.04
C GLU NA 350 55.34 -85.37 -10.16
N LEU NA 351 55.60 -85.23 -8.85
CA LEU NA 351 55.47 -86.37 -7.96
C LEU NA 351 54.02 -86.80 -7.82
N ALA NA 352 53.08 -85.86 -7.81
CA ALA NA 352 51.67 -86.21 -7.67
C ALA NA 352 51.19 -86.97 -8.89
N LYS NA 353 51.54 -86.51 -10.09
CA LYS NA 353 51.14 -87.24 -11.28
C LYS NA 353 51.84 -88.59 -11.38
N LYS NA 354 53.11 -88.66 -10.96
CA LYS NA 354 53.81 -89.94 -10.98
C LYS NA 354 53.22 -90.91 -9.97
N ALA NA 355 52.69 -90.41 -8.86
CA ALA NA 355 52.05 -91.28 -7.88
C ALA NA 355 50.68 -91.74 -8.38
N ARG NA 356 49.94 -90.85 -9.03
CA ARG NA 356 48.70 -91.27 -9.69
C ARG NA 356 48.97 -92.32 -10.76
N ASP NA 357 50.15 -92.27 -11.40
CA ASP NA 357 50.51 -93.25 -12.40
C ASP NA 357 51.10 -94.52 -11.81
N GLY NA 358 51.65 -94.46 -10.60
CA GLY NA 358 52.34 -95.60 -10.02
C GLY NA 358 53.67 -95.85 -10.71
N LYS NA 359 54.59 -94.89 -10.61
CA LYS NA 359 55.85 -94.90 -11.34
C LYS NA 359 57.00 -94.46 -10.45
N LEU NA 360 56.88 -94.66 -9.15
CA LEU NA 360 57.83 -94.12 -8.19
C LEU NA 360 58.92 -95.12 -7.85
N LYS NA 361 59.98 -94.61 -7.23
CA LYS NA 361 61.04 -95.38 -6.63
C LYS NA 361 60.86 -95.39 -5.11
N PRO NA 362 61.40 -96.39 -4.41
CA PRO NA 362 61.22 -96.41 -2.95
C PRO NA 362 61.93 -95.27 -2.25
N GLU NA 363 63.08 -94.83 -2.77
CA GLU NA 363 63.82 -93.76 -2.12
C GLU NA 363 63.04 -92.45 -2.11
N GLU NA 364 62.15 -92.26 -3.09
CA GLU NA 364 61.38 -91.03 -3.17
C GLU NA 364 60.36 -90.88 -2.05
N TYR NA 365 59.97 -91.99 -1.41
CA TYR NA 365 58.98 -91.96 -0.33
C TYR NA 365 59.42 -92.76 0.89
N GLN NA 366 60.72 -93.05 1.01
CA GLN NA 366 61.28 -93.70 2.20
C GLN NA 366 62.33 -92.78 2.79
N GLY NA 367 61.96 -92.05 3.83
CA GLY NA 367 62.83 -91.09 4.47
C GLY NA 367 62.04 -89.92 5.02
N GLY NA 368 62.59 -88.71 4.88
CA GLY NA 368 61.87 -87.53 5.30
C GLY NA 368 61.92 -87.32 6.81
N SER NA 369 62.08 -86.07 7.24
CA SER NA 369 62.07 -85.74 8.65
C SER NA 369 60.70 -85.29 9.14
N ILE NA 370 59.94 -84.61 8.29
CA ILE NA 370 58.65 -84.04 8.65
C ILE NA 370 57.66 -84.35 7.54
N SER NA 371 56.38 -84.38 7.91
CA SER NA 371 55.31 -84.78 7.00
C SER NA 371 54.18 -83.76 7.05
N ILE NA 372 53.24 -83.92 6.13
CA ILE NA 372 52.09 -83.03 6.01
C ILE NA 372 51.00 -83.76 5.26
N SER NA 373 49.76 -83.42 5.58
CA SER NA 373 48.59 -83.88 4.86
C SER NA 373 47.66 -82.70 4.65
N ASN NA 374 47.01 -82.66 3.49
CA ASN NA 374 46.17 -81.54 3.10
C ASN NA 374 44.80 -82.05 2.70
N MET NA 375 43.77 -81.29 3.07
CA MET NA 375 42.39 -81.60 2.73
C MET NA 375 41.62 -80.35 2.33
N GLY NA 376 42.31 -79.33 1.83
CA GLY NA 376 41.68 -78.06 1.57
C GLY NA 376 40.62 -78.10 0.48
N MET NA 377 40.71 -79.07 -0.43
CA MET NA 377 39.71 -79.14 -1.50
C MET NA 377 38.33 -79.44 -0.94
N ASN NA 378 38.26 -80.16 0.18
CA ASN NA 378 36.98 -80.52 0.78
C ASN NA 378 36.59 -79.44 1.79
N PRO NA 379 35.60 -78.59 1.50
CA PRO NA 379 35.36 -77.45 2.39
C PRO NA 379 34.69 -77.79 3.70
N ALA NA 380 34.15 -78.99 3.86
CA ALA NA 380 33.41 -79.33 5.06
C ALA NA 380 34.34 -79.49 6.26
N VAL NA 381 35.58 -79.91 6.03
CA VAL NA 381 36.49 -80.25 7.11
C VAL NA 381 37.01 -78.95 7.72
N GLN NA 382 36.66 -78.72 8.98
CA GLN NA 382 37.23 -77.59 9.71
C GLN NA 382 38.58 -77.95 10.29
N SER NA 383 38.72 -79.16 10.81
CA SER NA 383 39.98 -79.59 11.39
C SER NA 383 40.04 -81.10 11.39
N PHE NA 384 41.25 -81.63 11.53
CA PHE NA 384 41.43 -83.06 11.64
C PHE NA 384 42.86 -83.32 12.07
N THR NA 385 43.04 -84.47 12.69
CA THR NA 385 44.34 -84.94 13.14
C THR NA 385 44.85 -85.99 12.17
N ALA NA 386 46.12 -86.36 12.33
CA ALA NA 386 46.72 -87.43 11.57
C ALA NA 386 47.61 -88.25 12.49
N ILE NA 387 48.40 -89.14 11.89
CA ILE NA 387 49.25 -90.06 12.61
C ILE NA 387 50.67 -89.89 12.09
N ILE NA 388 51.64 -89.98 13.00
CA ILE NA 388 53.02 -89.67 12.69
C ILE NA 388 53.63 -90.82 11.91
N ASN NA 389 54.00 -90.55 10.67
CA ASN NA 389 54.70 -91.54 9.87
C ASN NA 389 56.10 -91.76 10.43
N PRO NA 390 56.41 -92.89 11.05
CA PRO NA 390 57.71 -93.04 11.69
C PRO NA 390 58.82 -93.10 10.66
N PRO NA 391 60.08 -92.92 11.08
CA PRO NA 391 60.56 -92.65 12.43
C PRO NA 391 60.56 -91.16 12.78
N GLN NA 392 59.73 -90.37 12.08
CA GLN NA 392 59.71 -88.93 12.26
C GLN NA 392 59.15 -88.55 13.62
N ALA NA 393 59.08 -87.25 13.90
CA ALA NA 393 58.72 -86.73 15.22
C ALA NA 393 57.48 -85.86 15.21
N ALA NA 394 57.08 -85.32 14.07
CA ALA NA 394 55.98 -84.39 14.01
C ALA NA 394 55.26 -84.52 12.68
N ILE NA 395 54.01 -84.06 12.66
CA ILE NA 395 53.24 -84.03 11.43
C ILE NA 395 52.21 -82.91 11.53
N LEU NA 396 51.88 -82.34 10.38
CA LEU NA 396 50.99 -81.21 10.25
C LEU NA 396 49.69 -81.63 9.58
N ALA NA 397 48.68 -80.78 9.72
CA ALA NA 397 47.40 -80.98 9.07
C ALA NA 397 46.72 -79.63 8.91
N VAL NA 398 46.23 -79.37 7.70
CA VAL NA 398 45.68 -78.08 7.33
C VAL NA 398 44.23 -78.29 6.93
N GLY NA 399 43.31 -77.70 7.69
CA GLY NA 399 41.90 -77.76 7.35
C GLY NA 399 41.57 -76.83 6.19
N ALA NA 400 40.28 -76.58 6.04
CA ALA NA 400 39.79 -75.74 4.96
C ALA NA 400 39.73 -74.28 5.42
N PRO NA 401 39.59 -73.35 4.47
CA PRO NA 401 39.35 -71.96 4.85
C PRO NA 401 37.88 -71.72 5.18
N GLN NA 402 37.66 -70.71 6.03
CA GLN NA 402 36.33 -70.37 6.49
C GLN NA 402 36.27 -68.87 6.75
N LYS NA 403 35.06 -68.38 6.95
CA LYS NA 403 34.81 -66.97 7.24
C LYS NA 403 34.55 -66.83 8.73
N VAL NA 404 35.25 -65.89 9.36
CA VAL NA 404 35.13 -65.65 10.79
C VAL NA 404 35.02 -64.16 11.01
N ALA NA 405 34.31 -63.80 12.07
CA ALA NA 405 34.19 -62.41 12.47
C ALA NA 405 35.42 -61.98 13.25
N VAL NA 406 35.87 -60.76 12.99
CA VAL NA 406 37.05 -60.20 13.64
C VAL NA 406 36.77 -58.73 13.93
N PRO NA 407 37.15 -58.19 15.09
CA PRO NA 407 36.96 -56.76 15.33
C PRO NA 407 37.89 -55.92 14.49
N VAL NA 408 37.50 -54.65 14.31
CA VAL NA 408 38.31 -53.69 13.60
C VAL NA 408 37.93 -52.30 14.09
N GLU NA 409 38.93 -51.41 14.15
CA GLU NA 409 38.73 -50.04 14.58
C GLU NA 409 38.65 -49.15 13.36
N ASN NA 410 37.48 -48.55 13.14
CA ASN NA 410 37.35 -47.54 12.10
C ASN NA 410 38.10 -46.28 12.53
N GLU NA 411 38.13 -45.29 11.62
CA GLU NA 411 38.83 -44.04 11.87
C GLU NA 411 38.37 -43.34 13.15
N ASP NA 412 37.13 -43.57 13.57
CA ASP NA 412 36.60 -43.01 14.80
C ASP NA 412 36.93 -43.93 15.98
N GLY NA 413 36.34 -43.63 17.12
CA GLY NA 413 36.58 -44.42 18.33
C GLY NA 413 35.79 -45.70 18.43
N THR NA 414 34.90 -45.97 17.48
CA THR NA 414 34.09 -47.17 17.52
C THR NA 414 34.79 -48.33 16.84
N THR NA 415 34.44 -49.54 17.27
CA THR NA 415 34.88 -50.76 16.63
C THR NA 415 33.90 -51.15 15.54
N GLY NA 416 34.31 -52.12 14.71
CA GLY NA 416 33.48 -52.61 13.63
C GLY NA 416 33.74 -54.08 13.38
N VAL NA 417 32.97 -54.62 12.44
CA VAL NA 417 33.04 -56.03 12.08
C VAL NA 417 33.74 -56.14 10.73
N SER NA 418 34.85 -56.87 10.70
CA SER NA 418 35.56 -57.18 9.47
C SER NA 418 35.64 -58.68 9.31
N TRP NA 419 35.40 -59.13 8.09
CA TRP NA 419 35.36 -60.56 7.77
C TRP NA 419 36.74 -60.97 7.28
N ASP NA 420 37.39 -61.85 8.04
CA ASP NA 420 38.70 -62.39 7.71
C ASP NA 420 38.57 -63.85 7.32
N GLU NA 421 39.50 -64.31 6.49
CA GLU NA 421 39.54 -65.69 6.05
C GLU NA 421 40.55 -66.44 6.91
N GLN NA 422 40.06 -67.39 7.71
CA GLN NA 422 40.88 -68.14 8.65
C GLN NA 422 41.00 -69.59 8.22
N ILE NA 423 42.05 -70.23 8.70
CA ILE NA 423 42.30 -71.65 8.53
C ILE NA 423 42.71 -72.23 9.87
N ILE NA 424 42.20 -73.40 10.18
CA ILE NA 424 42.61 -74.15 11.35
C ILE NA 424 43.76 -75.07 10.96
N VAL NA 425 44.73 -75.17 11.85
CA VAL NA 425 45.92 -75.98 11.66
C VAL NA 425 46.10 -76.84 12.90
N THR NA 426 46.40 -78.13 12.68
CA THR NA 426 46.56 -79.10 13.76
C THR NA 426 47.90 -79.79 13.58
N ALA NA 427 48.72 -79.75 14.62
CA ALA NA 427 50.03 -80.36 14.62
C ALA NA 427 50.09 -81.42 15.70
N SER NA 428 50.49 -82.63 15.32
CA SER NA 428 50.69 -83.72 16.26
C SER NA 428 52.19 -83.93 16.46
N PHE NA 429 52.60 -84.03 17.72
CA PHE NA 429 54.01 -84.17 18.07
C PHE NA 429 54.23 -85.44 18.88
N ASP NA 430 55.43 -85.98 18.78
CA ASP NA 430 55.89 -87.04 19.66
C ASP NA 430 56.48 -86.41 20.92
N HIS NA 431 56.09 -86.92 22.07
CA HIS NA 431 56.43 -86.28 23.33
C HIS NA 431 57.79 -86.70 23.87
N LYS NA 432 58.38 -87.77 23.34
CA LYS NA 432 59.73 -88.15 23.75
C LYS NA 432 60.73 -87.06 23.41
N VAL NA 433 60.66 -86.56 22.18
CA VAL NA 433 61.60 -85.58 21.68
C VAL NA 433 61.16 -84.17 22.04
N VAL NA 434 59.93 -83.83 21.71
CA VAL NA 434 59.45 -82.45 21.77
C VAL NA 434 58.57 -82.28 22.99
N ASP NA 435 58.57 -81.06 23.51
CA ASP NA 435 57.71 -80.66 24.61
C ASP NA 435 56.73 -79.58 24.15
N GLY NA 436 55.78 -79.29 25.03
CA GLY NA 436 54.73 -78.35 24.67
C GLY NA 436 55.25 -76.97 24.36
N ALA NA 437 56.23 -76.50 25.13
CA ALA NA 437 56.80 -75.17 24.89
C ALA NA 437 57.46 -75.11 23.53
N VAL NA 438 58.19 -76.17 23.16
CA VAL NA 438 58.89 -76.18 21.89
C VAL NA 438 57.89 -76.20 20.74
N GLY NA 439 56.85 -77.03 20.86
CA GLY NA 439 55.84 -77.07 19.84
C GLY NA 439 55.13 -75.74 19.70
N ALA NA 440 54.86 -75.08 20.83
CA ALA NA 440 54.21 -73.78 20.79
C ALA NA 440 55.10 -72.74 20.12
N GLU NA 441 56.40 -72.82 20.37
CA GLU NA 441 57.33 -71.89 19.74
C GLU NA 441 57.34 -72.09 18.22
N TRP NA 442 57.39 -73.35 17.79
CA TRP NA 442 57.34 -73.65 16.37
C TRP NA 442 56.06 -73.11 15.74
N ILE NA 443 54.93 -73.32 16.40
CA ILE NA 443 53.66 -72.86 15.87
C ILE NA 443 53.61 -71.34 15.82
N ARG NA 444 54.18 -70.68 16.82
CA ARG NA 444 54.21 -69.22 16.83
C ARG NA 444 55.00 -68.70 15.66
N GLU NA 445 56.16 -69.31 15.39
CA GLU NA 445 56.96 -68.88 14.25
C GLU NA 445 56.21 -69.09 12.95
N LEU NA 446 55.52 -70.22 12.82
CA LEU NA 446 54.74 -70.47 11.62
C LEU NA 446 53.65 -69.42 11.44
N LYS NA 447 52.93 -69.12 12.52
CA LYS NA 447 51.87 -68.12 12.45
C LYS NA 447 52.43 -66.77 12.06
N LYS NA 448 53.56 -66.39 12.64
CA LYS NA 448 54.16 -65.10 12.33
C LYS NA 448 54.54 -65.04 10.86
N VAL NA 449 55.16 -66.11 10.35
CA VAL NA 449 55.61 -66.11 8.96
C VAL NA 449 54.42 -66.04 8.01
N ILE NA 450 53.34 -66.75 8.32
CA ILE NA 450 52.18 -66.72 7.44
C ILE NA 450 51.52 -65.35 7.50
N GLU NA 451 51.33 -64.81 8.71
CA GLU NA 451 50.61 -63.55 8.85
C GLU NA 451 51.40 -62.41 8.25
N ASN NA 452 52.73 -62.51 8.23
CA ASN NA 452 53.60 -61.58 7.52
C ASN NA 452 54.25 -62.33 6.36
N PRO NA 453 53.58 -62.47 5.21
CA PRO NA 453 54.16 -63.29 4.13
C PRO NA 453 55.47 -62.78 3.61
N LEU NA 454 55.77 -61.50 3.81
CA LEU NA 454 57.00 -60.93 3.29
C LEU NA 454 58.24 -61.53 3.93
N GLU NA 455 58.12 -62.09 5.14
CA GLU NA 455 59.26 -62.72 5.79
C GLU NA 455 59.59 -64.09 5.22
N LEU NA 456 58.83 -64.58 4.24
CA LEU NA 456 59.24 -65.77 3.52
C LEU NA 456 60.58 -65.56 2.84
N LEU NA 457 60.90 -64.32 2.48
CA LEU NA 457 62.20 -64.02 1.90
C LEU NA 457 63.33 -64.29 2.87
N LEU NA 458 63.07 -64.10 4.16
CA LEU NA 458 64.08 -64.31 5.19
C LEU NA 458 64.15 -65.78 5.58
N TYR OA 227 -17.09 -104.05 -41.71
CA TYR OA 227 -16.34 -104.17 -42.95
C TYR OA 227 -15.07 -104.98 -42.74
N THR OA 228 -14.00 -104.31 -42.30
CA THR OA 228 -12.74 -105.00 -42.05
C THR OA 228 -12.91 -105.96 -40.89
N ASP OA 229 -12.27 -107.14 -41.00
CA ASP OA 229 -12.43 -108.22 -40.02
C ASP OA 229 -11.03 -108.75 -39.69
N VAL OA 230 -10.45 -108.26 -38.60
CA VAL OA 230 -9.11 -108.63 -38.19
C VAL OA 230 -9.23 -109.71 -37.11
N PRO OA 231 -8.58 -110.87 -37.26
CA PRO OA 231 -8.59 -111.85 -36.16
C PRO OA 231 -7.91 -111.29 -34.92
N ILE OA 232 -8.27 -111.87 -33.78
CA ILE OA 232 -7.79 -111.40 -32.49
C ILE OA 232 -6.40 -111.98 -32.23
N SER OA 233 -5.57 -111.20 -31.55
CA SER OA 233 -4.18 -111.58 -31.32
C SER OA 233 -4.05 -112.83 -30.45
N GLY OA 234 -5.06 -113.14 -29.64
CA GLY OA 234 -5.00 -114.23 -28.67
C GLY OA 234 -4.55 -113.76 -27.31
N MET OA 235 -3.62 -112.81 -27.27
CA MET OA 235 -3.20 -112.25 -26.00
C MET OA 235 -4.33 -111.48 -25.35
N ARG OA 236 -5.13 -110.77 -26.15
CA ARG OA 236 -6.23 -110.00 -25.60
C ARG OA 236 -7.29 -110.91 -24.98
N LYS OA 237 -7.37 -112.16 -25.42
CA LYS OA 237 -8.35 -113.08 -24.87
C LYS OA 237 -8.12 -113.29 -23.37
N THR OA 238 -6.86 -113.48 -22.98
CA THR OA 238 -6.53 -113.70 -21.57
C THR OA 238 -6.88 -112.47 -20.74
N ILE OA 239 -6.52 -111.29 -21.24
CA ILE OA 239 -6.79 -110.07 -20.50
C ILE OA 239 -8.29 -109.84 -20.36
N ALA OA 240 -9.04 -110.16 -21.41
CA ALA OA 240 -10.49 -110.01 -21.36
C ALA OA 240 -11.09 -110.96 -20.33
N ALA OA 241 -10.65 -112.21 -20.34
CA ALA OA 241 -11.15 -113.17 -19.36
C ALA OA 241 -10.80 -112.74 -17.94
N ARG OA 242 -9.60 -112.17 -17.77
CA ARG OA 242 -9.16 -111.71 -16.45
C ARG OA 242 -10.05 -110.58 -15.96
N LEU OA 243 -10.28 -109.57 -16.81
CA LEU OA 243 -11.14 -108.45 -16.42
C LEU OA 243 -12.57 -108.91 -16.15
N LYS OA 244 -13.04 -109.90 -16.92
CA LYS OA 244 -14.38 -110.42 -16.71
C LYS OA 244 -14.49 -111.11 -15.36
N GLU OA 245 -13.49 -111.94 -15.03
CA GLU OA 245 -13.44 -112.54 -13.70
C GLU OA 245 -13.42 -111.48 -12.63
N SER OA 246 -12.70 -110.39 -12.87
CA SER OA 246 -12.60 -109.34 -11.88
C SER OA 246 -13.96 -108.71 -11.60
N VAL OA 247 -14.64 -108.26 -12.66
CA VAL OA 247 -15.90 -107.56 -12.46
C VAL OA 247 -17.00 -108.50 -11.99
N THR OA 248 -16.95 -109.78 -12.34
CA THR OA 248 -18.01 -110.70 -11.95
C THR OA 248 -17.80 -111.27 -10.55
N GLU OA 249 -16.54 -111.34 -10.08
CA GLU OA 249 -16.26 -111.88 -8.76
C GLU OA 249 -16.26 -110.79 -7.71
N ASN OA 250 -15.66 -109.64 -8.01
CA ASN OA 250 -15.46 -108.57 -7.06
C ASN OA 250 -16.35 -107.39 -7.43
N PRO OA 251 -17.27 -106.95 -6.56
CA PRO OA 251 -18.00 -105.71 -6.86
C PRO OA 251 -17.08 -104.52 -6.68
N HIS OA 252 -17.43 -103.44 -7.38
CA HIS OA 252 -16.60 -102.25 -7.45
C HIS OA 252 -17.41 -101.05 -6.98
N PHE OA 253 -16.86 -100.32 -6.01
CA PHE OA 253 -17.37 -99.00 -5.66
C PHE OA 253 -16.21 -98.02 -5.68
N PHE OA 254 -16.53 -96.79 -6.08
CA PHE OA 254 -15.55 -95.77 -6.42
C PHE OA 254 -15.61 -94.64 -5.41
N VAL OA 255 -14.44 -94.07 -5.11
CA VAL OA 255 -14.30 -92.91 -4.26
C VAL OA 255 -13.50 -91.89 -5.03
N SER OA 256 -13.86 -90.62 -4.87
CA SER OA 256 -13.32 -89.54 -5.69
C SER OA 256 -13.06 -88.33 -4.81
N THR OA 257 -11.81 -87.87 -4.82
CA THR OA 257 -11.40 -86.76 -3.98
C THR OA 257 -10.53 -85.81 -4.78
N ASN OA 258 -10.20 -84.68 -4.15
CA ASN OA 258 -9.42 -83.62 -4.76
C ASN OA 258 -8.27 -83.26 -3.83
N LEU OA 259 -7.06 -83.32 -4.36
CA LEU OA 259 -5.85 -82.99 -3.61
C LEU OA 259 -5.34 -81.62 -4.01
N SER OA 260 -4.35 -81.15 -3.27
CA SER OA 260 -3.67 -79.90 -3.54
C SER OA 260 -2.17 -80.17 -3.59
N VAL OA 261 -1.53 -79.72 -4.67
CA VAL OA 261 -0.15 -80.08 -4.98
C VAL OA 261 0.73 -78.85 -5.20
N SER OA 262 0.26 -77.67 -4.83
CA SER OA 262 1.04 -76.46 -5.03
C SER OA 262 2.34 -76.51 -4.25
N LYS OA 263 2.32 -77.14 -3.07
CA LYS OA 263 3.53 -77.29 -2.28
C LYS OA 263 4.38 -78.44 -2.79
N LEU OA 264 3.73 -79.52 -3.24
CA LEU OA 264 4.44 -80.67 -3.76
C LEU OA 264 5.29 -80.30 -4.97
N LEU OA 265 4.73 -79.49 -5.87
CA LEU OA 265 5.48 -79.11 -7.06
C LEU OA 265 6.68 -78.25 -6.69
N LYS OA 266 6.52 -77.36 -5.71
CA LYS OA 266 7.66 -76.59 -5.24
C LYS OA 266 8.74 -77.49 -4.68
N LEU OA 267 8.35 -78.49 -3.91
CA LEU OA 267 9.32 -79.43 -3.35
C LEU OA 267 10.05 -80.17 -4.45
N ARG OA 268 9.31 -80.61 -5.47
CA ARG OA 268 9.93 -81.36 -6.56
C ARG OA 268 10.90 -80.48 -7.33
N GLN OA 269 10.51 -79.24 -7.59
CA GLN OA 269 11.38 -78.32 -8.32
C GLN OA 269 12.64 -78.04 -7.52
N ALA OA 270 12.51 -77.86 -6.21
CA ALA OA 270 13.68 -77.58 -5.38
C ALA OA 270 14.63 -78.77 -5.35
N LEU OA 271 14.09 -79.98 -5.20
CA LEU OA 271 14.95 -81.17 -5.20
C LEU OA 271 15.59 -81.39 -6.57
N ASN OA 272 14.89 -81.05 -7.65
CA ASN OA 272 15.48 -81.19 -8.97
C ASN OA 272 16.58 -80.16 -9.20
N SER OA 273 16.43 -78.97 -8.64
CA SER OA 273 17.44 -77.94 -8.80
C SER OA 273 18.67 -78.21 -7.94
N SER OA 274 18.49 -78.78 -6.75
CA SER OA 274 19.61 -79.11 -5.87
C SER OA 274 20.19 -80.48 -6.20
N ALA OA 275 20.59 -80.63 -7.46
CA ALA OA 275 21.13 -81.89 -7.95
C ALA OA 275 22.07 -81.59 -9.10
N ASP OA 276 22.82 -82.62 -9.49
CA ASP OA 276 23.81 -82.54 -10.57
C ASP OA 276 23.51 -83.58 -11.64
N GLY OA 277 22.24 -83.70 -12.01
CA GLY OA 277 21.83 -84.70 -12.97
C GLY OA 277 21.88 -86.13 -12.45
N ARG OA 278 22.06 -86.30 -11.13
CA ARG OA 278 22.13 -87.64 -10.56
C ARG OA 278 20.77 -88.31 -10.52
N TYR OA 279 19.69 -87.54 -10.64
CA TYR OA 279 18.35 -88.09 -10.58
C TYR OA 279 17.37 -87.08 -11.16
N LYS OA 280 16.12 -87.53 -11.33
CA LYS OA 280 15.05 -86.67 -11.81
C LYS OA 280 13.73 -87.25 -11.33
N LEU OA 281 12.92 -86.42 -10.67
CA LEU OA 281 11.73 -86.88 -9.99
C LEU OA 281 10.45 -86.54 -10.76
N SER OA 282 9.38 -87.20 -10.37
CA SER OA 282 8.05 -86.96 -10.92
C SER OA 282 7.00 -86.97 -9.83
N VAL OA 283 5.74 -86.79 -10.21
CA VAL OA 283 4.65 -86.82 -9.24
C VAL OA 283 4.31 -88.25 -8.85
N ASN OA 284 4.52 -89.19 -9.77
CA ASN OA 284 4.16 -90.58 -9.54
C ASN OA 284 4.95 -91.16 -8.38
N ASP OA 285 6.20 -90.74 -8.20
CA ASP OA 285 7.03 -91.28 -7.12
C ASP OA 285 6.52 -90.82 -5.76
N PHE OA 286 6.24 -89.53 -5.63
CA PHE OA 286 5.62 -89.01 -4.42
C PHE OA 286 4.33 -89.76 -4.11
N LEU OA 287 3.51 -89.98 -5.14
CA LEU OA 287 2.24 -90.67 -4.94
C LEU OA 287 2.47 -92.10 -4.47
N ILE OA 288 3.50 -92.75 -4.99
CA ILE OA 288 3.77 -94.14 -4.61
C ILE OA 288 4.22 -94.21 -3.15
N LYS OA 289 5.11 -93.30 -2.75
CA LYS OA 289 5.51 -93.24 -1.35
C LYS OA 289 4.31 -93.00 -0.44
N ALA OA 290 3.42 -92.10 -0.85
CA ALA OA 290 2.24 -91.82 -0.05
C ALA OA 290 1.33 -93.04 0.03
N MET OA 291 1.23 -93.78 -1.07
CA MET OA 291 0.44 -95.02 -1.06
C MET OA 291 1.00 -96.00 -0.06
N GLY OA 292 2.32 -96.14 -0.02
CA GLY OA 292 2.93 -97.04 0.94
C GLY OA 292 2.65 -96.62 2.36
N ILE OA 293 2.74 -95.31 2.63
CA ILE OA 293 2.52 -94.81 3.98
C ILE OA 293 1.07 -95.08 4.40
N ALA OA 294 0.13 -94.80 3.51
CA ALA OA 294 -1.28 -95.03 3.84
C ALA OA 294 -1.55 -96.51 4.04
N SER OA 295 -0.96 -97.36 3.21
CA SER OA 295 -1.18 -98.80 3.35
C SER OA 295 -0.63 -99.31 4.66
N LYS OA 296 0.47 -98.73 5.15
CA LYS OA 296 1.00 -99.15 6.43
C LYS OA 296 0.17 -98.62 7.59
N ARG OA 297 -0.39 -97.42 7.46
CA ARG OA 297 -1.23 -96.89 8.53
C ARG OA 297 -2.58 -97.59 8.58
N VAL OA 298 -3.05 -98.14 7.47
CA VAL OA 298 -4.31 -98.86 7.41
C VAL OA 298 -4.08 -100.18 6.68
N PRO OA 299 -3.67 -101.24 7.38
CA PRO OA 299 -3.21 -102.45 6.67
C PRO OA 299 -4.32 -103.23 5.99
N THR OA 300 -5.59 -102.98 6.34
CA THR OA 300 -6.66 -103.78 5.78
C THR OA 300 -6.77 -103.59 4.27
N VAL OA 301 -6.35 -102.44 3.76
CA VAL OA 301 -6.37 -102.22 2.32
C VAL OA 301 -5.36 -103.13 1.64
N ASN OA 302 -4.17 -103.23 2.22
CA ASN OA 302 -3.12 -104.12 1.70
C ASN OA 302 -3.52 -105.55 2.05
N SER OA 303 -4.45 -106.08 1.26
CA SER OA 303 -5.04 -107.37 1.53
C SER OA 303 -5.41 -108.02 0.21
N SER OA 304 -6.13 -109.14 0.29
CA SER OA 304 -6.55 -109.87 -0.90
C SER OA 304 -7.74 -110.75 -0.52
N TRP OA 305 -8.08 -111.68 -1.40
CA TRP OA 305 -9.16 -112.63 -1.16
C TRP OA 305 -8.72 -113.98 -1.70
N ARG OA 306 -8.75 -115.00 -0.84
CA ARG OA 306 -8.25 -116.33 -1.18
C ARG OA 306 -9.29 -117.38 -0.79
N ASP OA 307 -8.90 -118.65 -0.79
CA ASP OA 307 -9.83 -119.73 -0.54
C ASP OA 307 -10.27 -119.73 0.92
N GLY OA 308 -11.39 -119.08 1.21
CA GLY OA 308 -11.92 -119.04 2.57
C GLY OA 308 -10.99 -118.40 3.56
N VAL OA 309 -10.11 -117.50 3.13
CA VAL OA 309 -9.10 -116.92 3.99
C VAL OA 309 -8.64 -115.60 3.39
N ILE OA 310 -8.36 -114.64 4.26
CA ILE OA 310 -7.83 -113.34 3.88
C ILE OA 310 -6.33 -113.38 4.07
N ARG OA 311 -5.59 -113.11 3.00
CA ARG OA 311 -4.14 -113.03 3.03
C ARG OA 311 -3.73 -111.56 3.21
N GLN OA 312 -3.13 -111.25 4.34
CA GLN OA 312 -2.67 -109.91 4.66
C GLN OA 312 -1.16 -109.86 4.60
N PHE OA 313 -0.63 -108.85 3.91
CA PHE OA 313 0.80 -108.63 3.79
C PHE OA 313 1.27 -107.62 4.84
N GLU OA 314 2.58 -107.37 4.84
CA GLU OA 314 3.21 -106.37 5.70
C GLU OA 314 3.90 -105.29 4.89
N THR OA 315 4.63 -105.69 3.85
CA THR OA 315 5.22 -104.74 2.92
C THR OA 315 4.20 -104.34 1.87
N VAL OA 316 4.58 -103.37 1.05
CA VAL OA 316 3.72 -102.80 0.03
C VAL OA 316 4.38 -103.04 -1.32
N ASP OA 317 3.80 -103.95 -2.10
CA ASP OA 317 4.23 -104.22 -3.46
C ASP OA 317 3.33 -103.45 -4.42
N VAL OA 318 3.92 -102.54 -5.18
CA VAL OA 318 3.17 -101.57 -5.98
C VAL OA 318 3.27 -101.96 -7.45
N SER OA 319 2.12 -102.11 -8.09
CA SER OA 319 2.04 -102.43 -9.51
C SER OA 319 1.79 -101.15 -10.29
N VAL OA 320 2.75 -100.77 -11.14
CA VAL OA 320 2.68 -99.55 -11.93
C VAL OA 320 2.34 -99.91 -13.36
N ALA OA 321 1.38 -99.20 -13.93
CA ALA OA 321 0.94 -99.46 -15.29
C ALA OA 321 1.82 -98.76 -16.30
N VAL OA 322 2.08 -99.46 -17.41
CA VAL OA 322 2.81 -98.91 -18.54
C VAL OA 322 2.06 -99.27 -19.81
N ALA OA 323 1.94 -98.30 -20.70
CA ALA OA 323 1.17 -98.41 -21.93
C ALA OA 323 2.15 -98.58 -23.10
N THR OA 324 2.33 -99.82 -23.51
CA THR OA 324 3.16 -100.12 -24.67
C THR OA 324 2.31 -100.17 -25.93
N PRO OA 325 2.93 -100.11 -27.10
CA PRO OA 325 2.17 -100.35 -28.33
C PRO OA 325 1.55 -101.75 -28.39
N ASN OA 326 2.10 -102.71 -27.66
CA ASN OA 326 1.51 -104.02 -27.54
C ASN OA 326 0.26 -104.02 -26.66
N GLY OA 327 0.12 -103.05 -25.77
CA GLY OA 327 -1.03 -102.98 -24.89
C GLY OA 327 -0.72 -102.37 -23.53
N LEU OA 328 -1.11 -103.07 -22.47
CA LEU OA 328 -0.90 -102.61 -21.11
C LEU OA 328 -0.09 -103.66 -20.36
N ILE OA 329 0.72 -103.20 -19.41
CA ILE OA 329 1.53 -104.10 -18.60
C ILE OA 329 1.72 -103.46 -17.23
N THR OA 330 1.98 -104.31 -16.23
CA THR OA 330 2.05 -103.88 -14.83
C THR OA 330 3.30 -104.43 -14.16
N PRO OA 331 4.45 -103.78 -14.38
CA PRO OA 331 5.63 -104.10 -13.56
C PRO OA 331 5.38 -103.77 -12.09
N ILE OA 332 6.28 -104.27 -11.25
CA ILE OA 332 6.13 -104.20 -9.80
C ILE OA 332 7.36 -103.54 -9.20
N VAL OA 333 7.13 -102.76 -8.15
CA VAL OA 333 8.17 -102.27 -7.27
C VAL OA 333 7.98 -102.92 -5.91
N LYS OA 334 9.09 -103.34 -5.31
CA LYS OA 334 9.09 -104.13 -4.09
C LYS OA 334 9.59 -103.29 -2.91
N GLY OA 335 9.00 -103.53 -1.74
CA GLY OA 335 9.44 -102.91 -0.51
C GLY OA 335 9.46 -101.40 -0.58
N VAL OA 336 8.32 -100.80 -0.91
CA VAL OA 336 8.28 -99.36 -1.15
C VAL OA 336 8.55 -98.60 0.12
N GLU OA 337 7.80 -98.90 1.18
CA GLU OA 337 7.92 -98.17 2.44
C GLU OA 337 9.34 -98.29 2.96
N GLY OA 338 9.99 -97.14 3.09
CA GLY OA 338 11.39 -97.13 3.47
C GLY OA 338 12.29 -97.66 2.37
N LYS OA 339 12.26 -97.00 1.23
CA LYS OA 339 13.14 -97.36 0.11
C LYS OA 339 13.85 -96.16 -0.49
N GLY OA 340 13.20 -95.00 -0.55
CA GLY OA 340 13.81 -93.80 -1.09
C GLY OA 340 13.31 -93.42 -2.48
N LEU OA 341 13.05 -92.13 -2.65
CA LEU OA 341 12.47 -91.63 -3.89
C LEU OA 341 13.42 -91.83 -5.07
N GLU OA 342 14.72 -91.68 -4.84
CA GLU OA 342 15.67 -91.83 -5.93
C GLU OA 342 15.69 -93.26 -6.43
N SER OA 343 15.79 -94.22 -5.51
CA SER OA 343 15.74 -95.62 -5.89
C SER OA 343 14.44 -95.95 -6.59
N ILE OA 344 13.34 -95.36 -6.11
CA ILE OA 344 12.03 -95.58 -6.73
C ILE OA 344 12.05 -95.11 -8.17
N SER OA 345 12.54 -93.90 -8.40
CA SER OA 345 12.57 -93.34 -9.74
C SER OA 345 13.44 -94.18 -10.67
N ALA OA 346 14.60 -94.61 -10.17
CA ALA OA 346 15.49 -95.42 -10.98
C ALA OA 346 14.84 -96.74 -11.36
N ALA OA 347 14.20 -97.40 -10.39
CA ALA OA 347 13.56 -98.67 -10.66
C ALA OA 347 12.41 -98.51 -11.65
N VAL OA 348 11.63 -97.45 -11.50
CA VAL OA 348 10.51 -97.22 -12.40
C VAL OA 348 11.01 -96.96 -13.81
N LYS OA 349 12.06 -96.16 -13.96
CA LYS OA 349 12.60 -95.89 -15.28
C LYS OA 349 13.13 -97.17 -15.93
N GLU OA 350 13.87 -97.97 -15.16
CA GLU OA 350 14.40 -99.22 -15.69
C GLU OA 350 13.28 -100.15 -16.14
N LEU OA 351 12.25 -100.32 -15.30
CA LEU OA 351 11.16 -101.21 -15.65
C LEU OA 351 10.39 -100.69 -16.85
N ALA OA 352 10.22 -99.37 -16.94
CA ALA OA 352 9.48 -98.79 -18.05
C ALA OA 352 10.21 -99.01 -19.37
N LYS OA 353 11.53 -98.78 -19.37
CA LYS OA 353 12.28 -99.00 -20.60
C LYS OA 353 12.36 -100.48 -20.94
N LYS OA 354 12.49 -101.34 -19.94
CA LYS OA 354 12.49 -102.77 -20.20
C LYS OA 354 11.15 -103.24 -20.74
N ALA OA 355 10.06 -102.59 -20.35
CA ALA OA 355 8.76 -102.95 -20.87
C ALA OA 355 8.58 -102.43 -22.29
N ARG OA 356 9.08 -101.24 -22.58
CA ARG OA 356 9.07 -100.75 -23.95
C ARG OA 356 9.88 -101.66 -24.86
N ASP OA 357 10.95 -102.26 -24.34
CA ASP OA 357 11.76 -103.20 -25.11
C ASP OA 357 11.20 -104.61 -25.12
N GLY OA 358 10.35 -104.95 -24.16
CA GLY OA 358 9.86 -106.32 -24.02
C GLY OA 358 10.95 -107.24 -23.52
N LYS OA 359 11.45 -106.97 -22.31
CA LYS OA 359 12.57 -107.70 -21.74
C LYS OA 359 12.31 -108.01 -20.27
N LEU OA 360 11.09 -108.44 -19.95
CA LEU OA 360 10.68 -108.68 -18.58
C LEU OA 360 10.58 -110.16 -18.27
N LYS OA 361 10.62 -110.47 -16.99
CA LYS OA 361 10.33 -111.79 -16.44
C LYS OA 361 8.90 -111.82 -15.93
N PRO OA 362 8.29 -113.00 -15.83
CA PRO OA 362 6.90 -113.05 -15.33
C PRO OA 362 6.77 -112.60 -13.89
N GLU OA 363 7.77 -112.90 -13.05
CA GLU OA 363 7.69 -112.51 -11.65
C GLU OA 363 7.65 -111.00 -11.48
N GLU OA 364 8.21 -110.25 -12.42
CA GLU OA 364 8.29 -108.81 -12.30
C GLU OA 364 6.94 -108.13 -12.51
N TYR OA 365 5.96 -108.84 -13.08
CA TYR OA 365 4.62 -108.29 -13.27
C TYR OA 365 3.52 -109.28 -12.90
N GLN OA 366 3.85 -110.32 -12.12
CA GLN OA 366 2.87 -111.24 -11.56
C GLN OA 366 2.96 -111.18 -10.05
N GLY OA 367 1.98 -110.54 -9.43
CA GLY OA 367 1.94 -110.37 -7.99
C GLY OA 367 1.39 -109.02 -7.60
N GLY OA 368 1.99 -108.41 -6.59
CA GLY OA 368 1.58 -107.09 -6.16
C GLY OA 368 0.34 -107.10 -5.31
N SER OA 369 0.32 -106.27 -4.28
CA SER OA 369 -0.85 -106.12 -3.43
C SER OA 369 -1.76 -105.00 -3.89
N ILE OA 370 -1.19 -103.90 -4.38
CA ILE OA 370 -1.93 -102.73 -4.80
C ILE OA 370 -1.36 -102.25 -6.13
N SER OA 371 -2.18 -101.50 -6.86
CA SER OA 371 -1.85 -101.08 -8.22
C SER OA 371 -2.12 -99.59 -8.39
N ILE OA 372 -1.72 -99.08 -9.55
CA ILE OA 372 -1.89 -97.68 -9.88
C ILE OA 372 -1.78 -97.53 -11.39
N SER OA 373 -2.53 -96.58 -11.93
CA SER OA 373 -2.44 -96.17 -13.32
C SER OA 373 -2.42 -94.65 -13.37
N ASN OA 374 -1.59 -94.12 -14.27
CA ASN OA 374 -1.35 -92.69 -14.35
C ASN OA 374 -1.66 -92.18 -15.75
N MET OA 375 -2.25 -90.99 -15.81
CA MET OA 375 -2.57 -90.34 -17.07
C MET OA 375 -2.27 -88.85 -17.03
N GLY OA 376 -1.29 -88.42 -16.22
CA GLY OA 376 -1.03 -87.01 -16.04
C GLY OA 376 -0.50 -86.30 -17.26
N MET OA 377 0.13 -87.04 -18.19
CA MET OA 377 0.66 -86.39 -19.38
C MET OA 377 -0.45 -85.82 -20.25
N ASN OA 378 -1.63 -86.46 -20.25
CA ASN OA 378 -2.75 -85.99 -21.03
C ASN OA 378 -3.55 -84.98 -20.23
N PRO OA 379 -3.58 -83.69 -20.60
CA PRO OA 379 -4.20 -82.69 -19.71
C PRO OA 379 -5.71 -82.71 -19.71
N ALA OA 380 -6.35 -83.33 -20.70
CA ALA OA 380 -7.79 -83.25 -20.80
C ALA OA 380 -8.50 -84.06 -19.73
N VAL OA 381 -7.92 -85.19 -19.34
CA VAL OA 381 -8.59 -86.14 -18.46
C VAL OA 381 -8.66 -85.50 -17.07
N GLN OA 382 -9.86 -85.11 -16.65
CA GLN OA 382 -10.04 -84.62 -15.29
C GLN OA 382 -10.10 -85.79 -14.31
N SER OA 383 -10.76 -86.87 -14.70
CA SER OA 383 -10.87 -88.04 -13.83
C SER OA 383 -11.14 -89.27 -14.68
N PHE OA 384 -10.85 -90.42 -14.10
CA PHE OA 384 -11.17 -91.68 -14.76
C PHE OA 384 -11.05 -92.80 -13.75
N THR OA 385 -11.82 -93.85 -13.99
CA THR OA 385 -11.83 -95.05 -13.19
C THR OA 385 -10.94 -96.09 -13.87
N ALA OA 386 -10.68 -97.17 -13.15
CA ALA OA 386 -9.97 -98.32 -13.70
C ALA OA 386 -10.61 -99.58 -13.16
N ILE OA 387 -9.93 -100.71 -13.38
CA ILE OA 387 -10.44 -102.02 -13.03
C ILE OA 387 -9.38 -102.73 -12.19
N ILE OA 388 -9.83 -103.49 -11.20
CA ILE OA 388 -8.95 -104.07 -10.20
C ILE OA 388 -8.28 -105.30 -10.79
N ASN OA 389 -6.96 -105.22 -10.97
CA ASN OA 389 -6.19 -106.36 -11.43
C ASN OA 389 -6.17 -107.41 -10.33
N PRO OA 390 -6.79 -108.58 -10.49
CA PRO OA 390 -6.89 -109.51 -9.39
C PRO OA 390 -5.53 -110.12 -9.07
N PRO OA 391 -5.37 -110.76 -7.91
CA PRO OA 391 -6.35 -110.94 -6.83
C PRO OA 391 -6.36 -109.79 -5.83
N GLN OA 392 -5.84 -108.63 -6.25
CA GLN OA 392 -5.73 -107.48 -5.36
C GLN OA 392 -7.11 -106.96 -4.96
N ALA OA 393 -7.12 -105.94 -4.09
CA ALA OA 393 -8.34 -105.43 -3.50
C ALA OA 393 -8.63 -103.98 -3.84
N ALA OA 394 -7.65 -103.24 -4.34
CA ALA OA 394 -7.81 -101.82 -4.57
C ALA OA 394 -6.99 -101.41 -5.77
N ILE OA 395 -7.30 -100.22 -6.29
CA ILE OA 395 -6.50 -99.63 -7.35
C ILE OA 395 -6.79 -98.13 -7.38
N LEU OA 396 -5.77 -97.38 -7.78
CA LEU OA 396 -5.78 -95.93 -7.79
C LEU OA 396 -5.81 -95.42 -9.22
N ALA OA 397 -6.11 -94.14 -9.36
CA ALA OA 397 -6.08 -93.47 -10.64
C ALA OA 397 -5.92 -91.97 -10.41
N VAL OA 398 -4.94 -91.39 -11.09
CA VAL OA 398 -4.54 -90.00 -10.88
C VAL OA 398 -4.87 -89.24 -12.16
N GLY OA 399 -5.77 -88.28 -12.06
CA GLY OA 399 -6.07 -87.42 -13.19
C GLY OA 399 -4.98 -86.40 -13.42
N ALA OA 400 -5.24 -85.50 -14.35
CA ALA OA 400 -4.32 -84.44 -14.65
C ALA OA 400 -4.53 -83.28 -13.68
N PRO OA 401 -3.55 -82.38 -13.56
CA PRO OA 401 -3.74 -81.20 -12.73
C PRO OA 401 -4.56 -80.13 -13.47
N GLN OA 402 -5.17 -79.27 -12.67
CA GLN OA 402 -6.03 -78.22 -13.17
C GLN OA 402 -5.96 -77.01 -12.25
N LYS OA 403 -6.50 -75.90 -12.72
CA LYS OA 403 -6.53 -74.65 -11.97
C LYS OA 403 -7.92 -74.49 -11.38
N VAL OA 404 -7.99 -74.16 -10.09
CA VAL OA 404 -9.24 -74.05 -9.36
C VAL OA 404 -9.19 -72.80 -8.50
N ALA OA 405 -10.35 -72.21 -8.29
CA ALA OA 405 -10.50 -71.07 -7.40
C ALA OA 405 -10.59 -71.55 -5.96
N VAL OA 406 -9.93 -70.83 -5.07
CA VAL OA 406 -9.90 -71.17 -3.65
C VAL OA 406 -9.97 -69.86 -2.85
N PRO OA 407 -10.73 -69.79 -1.76
CA PRO OA 407 -10.70 -68.58 -0.94
C PRO OA 407 -9.39 -68.42 -0.19
N VAL OA 408 -9.12 -67.19 0.21
CA VAL OA 408 -7.93 -66.88 0.99
C VAL OA 408 -8.20 -65.61 1.77
N GLU OA 409 -7.72 -65.57 3.01
CA GLU OA 409 -7.88 -64.41 3.87
C GLU OA 409 -6.63 -63.54 3.80
N ASN OA 410 -6.78 -62.34 3.26
CA ASN OA 410 -5.71 -61.36 3.26
C ASN OA 410 -5.45 -60.90 4.69
N GLU OA 411 -4.43 -60.04 4.84
CA GLU OA 411 -4.09 -59.50 6.15
C GLU OA 411 -5.24 -58.75 6.79
N ASP OA 412 -6.16 -58.18 6.00
CA ASP OA 412 -7.38 -57.57 6.51
C ASP OA 412 -8.47 -58.62 6.56
N GLY OA 413 -9.67 -58.20 6.98
CA GLY OA 413 -10.75 -59.14 7.19
C GLY OA 413 -11.37 -59.69 5.93
N THR OA 414 -11.20 -59.02 4.80
CA THR OA 414 -11.86 -59.45 3.57
C THR OA 414 -11.20 -60.71 3.02
N THR OA 415 -12.01 -61.51 2.33
CA THR OA 415 -11.50 -62.68 1.63
C THR OA 415 -11.02 -62.29 0.25
N GLY OA 416 -10.26 -63.20 -0.36
CA GLY OA 416 -9.71 -62.97 -1.69
C GLY OA 416 -9.69 -64.27 -2.47
N VAL OA 417 -9.20 -64.16 -3.70
CA VAL OA 417 -9.14 -65.28 -4.64
C VAL OA 417 -7.70 -65.70 -4.78
N SER OA 418 -7.45 -67.01 -4.64
CA SER OA 418 -6.14 -67.60 -4.85
C SER OA 418 -6.29 -68.80 -5.77
N TRP OA 419 -5.32 -68.98 -6.65
CA TRP OA 419 -5.35 -70.05 -7.65
C TRP OA 419 -4.45 -71.18 -7.18
N ASP OA 420 -5.08 -72.31 -6.87
CA ASP OA 420 -4.39 -73.53 -6.45
C ASP OA 420 -4.45 -74.55 -7.56
N GLU OA 421 -3.44 -75.41 -7.60
CA GLU OA 421 -3.35 -76.48 -8.58
C GLU OA 421 -3.90 -77.75 -7.95
N GLN OA 422 -5.05 -78.21 -8.44
CA GLN OA 422 -5.74 -79.37 -7.90
C GLN OA 422 -5.62 -80.55 -8.83
N ILE OA 423 -5.66 -81.74 -8.24
CA ILE OA 423 -5.73 -83.00 -8.95
C ILE OA 423 -6.87 -83.80 -8.37
N ILE OA 424 -7.62 -84.45 -9.24
CA ILE OA 424 -8.65 -85.40 -8.82
C ILE OA 424 -8.03 -86.78 -8.77
N VAL OA 425 -8.44 -87.54 -7.76
CA VAL OA 425 -7.95 -88.88 -7.51
C VAL OA 425 -9.15 -89.80 -7.35
N THR OA 426 -9.12 -90.91 -8.07
CA THR OA 426 -10.21 -91.89 -8.08
C THR OA 426 -9.66 -93.23 -7.62
N ALA OA 427 -10.27 -93.79 -6.59
CA ALA OA 427 -9.88 -95.08 -6.03
C ALA OA 427 -11.05 -96.04 -6.15
N SER OA 428 -10.80 -97.19 -6.77
CA SER OA 428 -11.77 -98.26 -6.84
C SER OA 428 -11.42 -99.32 -5.81
N PHE OA 429 -12.41 -99.78 -5.06
CA PHE OA 429 -12.19 -100.75 -4.00
C PHE OA 429 -13.08 -101.97 -4.21
N ASP OA 430 -12.59 -103.11 -3.71
CA ASP OA 430 -13.40 -104.32 -3.60
C ASP OA 430 -14.16 -104.29 -2.29
N HIS OA 431 -15.46 -104.53 -2.36
CA HIS OA 431 -16.33 -104.36 -1.21
C HIS OA 431 -16.36 -105.57 -0.29
N LYS OA 432 -15.92 -106.74 -0.77
CA LYS OA 432 -15.86 -107.90 0.10
C LYS OA 432 -14.92 -107.67 1.28
N VAL OA 433 -13.77 -107.07 1.01
CA VAL OA 433 -12.74 -106.86 2.00
C VAL OA 433 -12.90 -105.52 2.70
N VAL OA 434 -13.10 -104.48 1.92
CA VAL OA 434 -13.05 -103.10 2.42
C VAL OA 434 -14.45 -102.53 2.45
N ASP OA 435 -14.66 -101.60 3.38
CA ASP OA 435 -15.89 -100.85 3.51
C ASP OA 435 -15.63 -99.37 3.31
N GLY OA 436 -16.73 -98.63 3.23
CA GLY OA 436 -16.63 -97.21 2.91
C GLY OA 436 -15.85 -96.43 3.94
N ALA OA 437 -16.03 -96.75 5.22
CA ALA OA 437 -15.30 -96.05 6.26
C ALA OA 437 -13.80 -96.28 6.13
N VAL OA 438 -13.40 -97.52 5.85
CA VAL OA 438 -11.99 -97.84 5.75
C VAL OA 438 -11.38 -97.16 4.55
N GLY OA 439 -12.09 -97.17 3.42
CA GLY OA 439 -11.59 -96.48 2.25
C GLY OA 439 -11.47 -94.99 2.47
N ALA OA 440 -12.46 -94.39 3.14
CA ALA OA 440 -12.41 -92.97 3.43
C ALA OA 440 -11.23 -92.65 4.33
N GLU OA 441 -10.95 -93.52 5.29
CA GLU OA 441 -9.81 -93.30 6.18
C GLU OA 441 -8.51 -93.33 5.41
N TRP OA 442 -8.38 -94.31 4.52
CA TRP OA 442 -7.18 -94.40 3.68
C TRP OA 442 -7.00 -93.14 2.85
N ILE OA 443 -8.08 -92.67 2.23
CA ILE OA 443 -8.00 -91.48 1.41
C ILE OA 443 -7.67 -90.27 2.25
N ARG OA 444 -8.19 -90.20 3.47
CA ARG OA 444 -7.87 -89.07 4.34
C ARG OA 444 -6.39 -89.04 4.67
N GLU OA 445 -5.82 -90.20 5.00
CA GLU OA 445 -4.39 -90.24 5.30
C GLU OA 445 -3.57 -89.85 4.08
N LEU OA 446 -3.99 -90.28 2.90
CA LEU OA 446 -3.26 -89.92 1.68
C LEU OA 446 -3.30 -88.41 1.47
N LYS OA 447 -4.50 -87.82 1.58
CA LYS OA 447 -4.63 -86.38 1.40
C LYS OA 447 -3.78 -85.64 2.41
N LYS OA 448 -3.75 -86.11 3.65
CA LYS OA 448 -2.97 -85.44 4.68
C LYS OA 448 -1.49 -85.46 4.35
N VAL OA 449 -0.99 -86.65 3.98
CA VAL OA 449 0.43 -86.79 3.68
C VAL OA 449 0.82 -85.93 2.50
N ILE OA 450 -0.05 -85.85 1.49
CA ILE OA 450 0.27 -85.07 0.31
C ILE OA 450 0.25 -83.58 0.64
N GLU OA 451 -0.80 -83.14 1.33
CA GLU OA 451 -0.96 -81.72 1.60
C GLU OA 451 0.13 -81.21 2.54
N ASN OA 452 0.64 -82.10 3.40
CA ASN OA 452 1.80 -81.79 4.23
C ASN OA 452 2.93 -82.70 3.79
N PRO OA 453 3.70 -82.34 2.75
CA PRO OA 453 4.70 -83.28 2.21
C PRO OA 453 5.77 -83.66 3.21
N LEU OA 454 5.99 -82.85 4.23
CA LEU OA 454 7.06 -83.11 5.19
C LEU OA 454 6.80 -84.38 5.98
N GLU OA 455 5.56 -84.84 6.06
CA GLU OA 455 5.26 -86.10 6.73
C GLU OA 455 5.71 -87.31 5.94
N LEU OA 456 6.18 -87.13 4.70
CA LEU OA 456 6.77 -88.24 3.96
C LEU OA 456 7.95 -88.84 4.71
N LEU OA 457 8.66 -88.03 5.50
CA LEU OA 457 9.74 -88.54 6.32
C LEU OA 457 9.22 -89.53 7.36
N LEU OA 458 7.97 -89.37 7.77
CA LEU OA 458 7.37 -90.25 8.77
C LEU OA 458 6.77 -91.48 8.13
N TYR PA 227 8.97 -67.98 -90.38
CA TYR PA 227 10.34 -68.42 -90.58
C TYR PA 227 10.54 -69.82 -90.06
N THR PA 228 10.75 -69.96 -88.75
CA THR PA 228 10.95 -71.29 -88.17
C THR PA 228 9.65 -72.09 -88.29
N ASP PA 229 9.77 -73.34 -88.72
CA ASP PA 229 8.62 -74.19 -89.02
C ASP PA 229 8.73 -75.46 -88.19
N VAL PA 230 8.04 -75.50 -87.07
CA VAL PA 230 8.09 -76.64 -86.15
C VAL PA 230 6.84 -77.48 -86.38
N PRO PA 231 6.97 -78.79 -86.64
CA PRO PA 231 5.76 -79.61 -86.74
C PRO PA 231 5.03 -79.69 -85.41
N ILE PA 232 3.76 -80.05 -85.50
CA ILE PA 232 2.91 -80.16 -84.32
C ILE PA 232 3.17 -81.50 -83.65
N SER PA 233 3.14 -81.50 -82.32
CA SER PA 233 3.41 -82.72 -81.56
C SER PA 233 2.38 -83.82 -81.80
N GLY PA 234 1.19 -83.46 -82.26
CA GLY PA 234 0.08 -84.39 -82.44
C GLY PA 234 -0.84 -84.43 -81.25
N MET PA 235 -0.30 -84.27 -80.04
CA MET PA 235 -1.14 -84.24 -78.85
C MET PA 235 -2.00 -82.99 -78.84
N ARG PA 236 -1.45 -81.86 -79.30
CA ARG PA 236 -2.23 -80.63 -79.36
C ARG PA 236 -3.40 -80.74 -80.32
N LYS PA 237 -3.31 -81.64 -81.32
CA LYS PA 237 -4.39 -81.80 -82.28
C LYS PA 237 -5.67 -82.23 -81.58
N THR PA 238 -5.55 -83.19 -80.66
CA THR PA 238 -6.72 -83.71 -79.96
C THR PA 238 -7.35 -82.62 -79.10
N ILE PA 239 -6.53 -81.83 -78.42
CA ILE PA 239 -7.06 -80.77 -77.57
C ILE PA 239 -7.74 -79.70 -78.41
N ALA PA 240 -7.15 -79.37 -79.56
CA ALA PA 240 -7.74 -78.37 -80.44
C ALA PA 240 -9.09 -78.86 -80.96
N ALA PA 241 -9.15 -80.12 -81.38
CA ALA PA 241 -10.41 -80.68 -81.84
C ALA PA 241 -11.46 -80.68 -80.74
N ARG PA 242 -11.05 -81.04 -79.51
CA ARG PA 242 -11.97 -81.06 -78.39
C ARG PA 242 -12.54 -79.68 -78.11
N LEU PA 243 -11.67 -78.67 -78.09
CA LEU PA 243 -12.12 -77.30 -77.85
C LEU PA 243 -13.01 -76.80 -78.97
N LYS PA 244 -12.68 -77.15 -80.21
CA LYS PA 244 -13.52 -76.79 -81.34
C LYS PA 244 -14.91 -77.40 -81.20
N GLU PA 245 -14.96 -78.66 -80.79
CA GLU PA 245 -16.24 -79.30 -80.53
C GLU PA 245 -17.00 -78.56 -79.45
N SER PA 246 -16.30 -78.15 -78.39
CA SER PA 246 -16.96 -77.44 -77.30
C SER PA 246 -17.61 -76.15 -77.79
N VAL PA 247 -16.83 -75.32 -78.49
CA VAL PA 247 -17.35 -74.02 -78.89
C VAL PA 247 -18.39 -74.14 -80.00
N THR PA 248 -18.27 -75.13 -80.88
CA THR PA 248 -19.22 -75.24 -81.99
C THR PA 248 -20.51 -75.93 -81.58
N GLU PA 249 -20.47 -76.78 -80.56
CA GLU PA 249 -21.65 -77.50 -80.12
C GLU PA 249 -22.41 -76.73 -79.05
N ASN PA 250 -21.67 -76.14 -78.11
CA ASN PA 250 -22.25 -75.49 -76.95
C ASN PA 250 -22.01 -73.98 -77.03
N PRO PA 251 -23.04 -73.14 -77.02
CA PRO PA 251 -22.78 -71.71 -76.91
C PRO PA 251 -22.26 -71.39 -75.52
N HIS PA 252 -21.73 -70.17 -75.38
CA HIS PA 252 -21.11 -69.74 -74.14
C HIS PA 252 -21.58 -68.35 -73.78
N PHE PA 253 -22.00 -68.18 -72.53
CA PHE PA 253 -22.23 -66.87 -71.96
C PHE PA 253 -21.57 -66.81 -70.59
N PHE PA 254 -21.13 -65.60 -70.24
CA PHE PA 254 -20.22 -65.37 -69.13
C PHE PA 254 -20.90 -64.51 -68.08
N VAL PA 255 -20.57 -64.80 -66.82
CA VAL PA 255 -21.02 -64.03 -65.68
C VAL PA 255 -19.79 -63.64 -64.89
N SER PA 256 -19.77 -62.42 -64.37
CA SER PA 256 -18.61 -61.86 -63.71
C SER PA 256 -19.04 -61.16 -62.45
N THR PA 257 -18.46 -61.58 -61.33
CA THR PA 257 -18.81 -61.04 -60.02
C THR PA 257 -17.56 -60.76 -59.22
N ASN PA 258 -17.76 -60.14 -58.06
CA ASN PA 258 -16.69 -59.74 -57.16
C ASN PA 258 -16.98 -60.29 -55.78
N LEU PA 259 -15.99 -60.93 -55.18
CA LEU PA 259 -16.10 -61.50 -53.85
C LEU PA 259 -15.25 -60.71 -52.87
N SER PA 260 -15.51 -60.94 -51.58
CA SER PA 260 -14.76 -60.33 -50.49
C SER PA 260 -14.20 -61.45 -49.63
N VAL PA 261 -12.88 -61.43 -49.43
CA VAL PA 261 -12.15 -62.53 -48.81
C VAL PA 261 -11.37 -62.08 -47.58
N SER PA 262 -11.67 -60.90 -47.05
CA SER PA 262 -10.94 -60.42 -45.88
C SER PA 262 -11.14 -61.33 -44.69
N LYS PA 263 -12.33 -61.94 -44.58
CA LYS PA 263 -12.59 -62.89 -43.52
C LYS PA 263 -12.01 -64.26 -43.84
N LEU PA 264 -12.08 -64.65 -45.12
CA LEU PA 264 -11.54 -65.94 -45.53
C LEU PA 264 -10.05 -66.03 -45.26
N LEU PA 265 -9.32 -64.95 -45.52
CA LEU PA 265 -7.88 -64.99 -45.30
C LEU PA 265 -7.54 -65.07 -43.83
N LYS PA 266 -8.31 -64.37 -42.98
CA LYS PA 266 -8.12 -64.50 -41.54
C LYS PA 266 -8.38 -65.93 -41.09
N LEU PA 267 -9.43 -66.55 -41.62
CA LEU PA 267 -9.73 -67.93 -41.27
C LEU PA 267 -8.59 -68.86 -41.68
N ARG PA 268 -8.07 -68.68 -42.91
CA ARG PA 268 -6.97 -69.49 -43.38
C ARG PA 268 -5.74 -69.32 -42.51
N GLN PA 269 -5.44 -68.08 -42.15
CA GLN PA 269 -4.30 -67.81 -41.29
C GLN PA 269 -4.45 -68.47 -39.93
N ALA PA 270 -5.65 -68.40 -39.36
CA ALA PA 270 -5.88 -68.99 -38.04
C ALA PA 270 -5.73 -70.51 -38.09
N LEU PA 271 -6.33 -71.14 -39.10
CA LEU PA 271 -6.21 -72.60 -39.19
C LEU PA 271 -4.77 -73.03 -39.48
N ASN PA 272 -4.02 -72.23 -40.25
CA ASN PA 272 -2.63 -72.57 -40.49
C ASN PA 272 -1.80 -72.44 -39.24
N SER PA 273 -2.04 -71.39 -38.45
CA SER PA 273 -1.27 -71.21 -37.22
C SER PA 273 -1.62 -72.26 -36.18
N SER PA 274 -2.89 -72.64 -36.07
CA SER PA 274 -3.31 -73.67 -35.12
C SER PA 274 -3.10 -75.06 -35.73
N ALA PA 275 -1.84 -75.35 -36.02
CA ALA PA 275 -1.47 -76.58 -36.67
C ALA PA 275 -0.01 -76.88 -36.37
N ASP PA 276 0.37 -78.14 -36.60
CA ASP PA 276 1.72 -78.62 -36.32
C ASP PA 276 2.38 -79.12 -37.59
N GLY PA 277 2.21 -78.37 -38.68
CA GLY PA 277 2.71 -78.81 -39.97
C GLY PA 277 2.00 -80.01 -40.55
N ARG PA 278 0.90 -80.44 -39.95
CA ARG PA 278 0.17 -81.60 -40.44
C ARG PA 278 -0.55 -81.29 -41.75
N TYR PA 279 -0.84 -80.02 -42.03
CA TYR PA 279 -1.54 -79.64 -43.24
C TYR PA 279 -1.17 -78.20 -43.58
N LYS PA 280 -1.55 -77.80 -44.80
CA LYS PA 280 -1.36 -76.42 -45.25
C LYS PA 280 -2.46 -76.12 -46.26
N LEU PA 281 -3.14 -74.99 -46.06
CA LEU PA 281 -4.33 -74.64 -46.80
C LEU PA 281 -4.07 -73.52 -47.80
N SER PA 282 -4.99 -73.40 -48.76
CA SER PA 282 -4.95 -72.34 -49.75
C SER PA 282 -6.37 -71.85 -50.05
N VAL PA 283 -6.50 -70.97 -51.03
CA VAL PA 283 -7.81 -70.41 -51.37
C VAL PA 283 -8.59 -71.37 -52.25
N ASN PA 284 -7.89 -72.13 -53.08
CA ASN PA 284 -8.54 -73.02 -54.02
C ASN PA 284 -9.40 -74.07 -53.31
N ASP PA 285 -8.96 -74.53 -52.14
CA ASP PA 285 -9.71 -75.56 -51.43
C ASP PA 285 -11.04 -75.02 -50.91
N PHE PA 286 -11.01 -73.84 -50.29
CA PHE PA 286 -12.24 -73.19 -49.87
C PHE PA 286 -13.17 -72.98 -51.05
N LEU PA 287 -12.60 -72.55 -52.18
CA LEU PA 287 -13.42 -72.33 -53.37
C LEU PA 287 -14.06 -73.63 -53.83
N ILE PA 288 -13.33 -74.74 -53.72
CA ILE PA 288 -13.87 -76.02 -54.17
C ILE PA 288 -15.01 -76.47 -53.27
N LYS PA 289 -14.85 -76.28 -51.96
CA LYS PA 289 -15.93 -76.61 -51.03
C LYS PA 289 -17.17 -75.77 -51.32
N ALA PA 290 -16.96 -74.48 -51.57
CA ALA PA 290 -18.10 -73.61 -51.87
C ALA PA 290 -18.77 -74.02 -53.17
N MET PA 291 -17.97 -74.43 -54.17
CA MET PA 291 -18.53 -74.92 -55.41
C MET PA 291 -19.42 -76.13 -55.17
N GLY PA 292 -18.95 -77.05 -54.33
CA GLY PA 292 -19.75 -78.22 -54.03
C GLY PA 292 -21.05 -77.87 -53.36
N ILE PA 293 -21.00 -76.94 -52.40
CA ILE PA 293 -22.21 -76.55 -51.68
C ILE PA 293 -23.20 -75.90 -52.63
N ALA PA 294 -22.70 -75.03 -53.52
CA ALA PA 294 -23.58 -74.36 -54.47
C ALA PA 294 -24.21 -75.36 -55.42
N SER PA 295 -23.41 -76.33 -55.89
CA SER PA 295 -23.94 -77.34 -56.80
C SER PA 295 -25.02 -78.16 -56.12
N LYS PA 296 -24.86 -78.44 -54.82
CA LYS PA 296 -25.89 -79.21 -54.12
C LYS PA 296 -27.14 -78.38 -53.88
N ARG PA 297 -27.00 -77.09 -53.64
CA ARG PA 297 -28.19 -76.26 -53.45
C ARG PA 297 -28.89 -75.99 -54.78
N VAL PA 298 -28.18 -76.07 -55.90
CA VAL PA 298 -28.74 -75.85 -57.22
C VAL PA 298 -28.27 -76.97 -58.12
N PRO PA 299 -28.96 -78.12 -58.16
CA PRO PA 299 -28.41 -79.28 -58.89
C PRO PA 299 -28.44 -79.14 -60.39
N THR PA 300 -29.18 -78.17 -60.93
CA THR PA 300 -29.30 -78.06 -62.38
C THR PA 300 -27.96 -77.77 -63.04
N VAL PA 301 -27.06 -77.08 -62.33
CA VAL PA 301 -25.74 -76.80 -62.88
C VAL PA 301 -24.94 -78.09 -62.98
N ASN PA 302 -24.99 -78.91 -61.93
CA ASN PA 302 -24.29 -80.20 -61.92
C ASN PA 302 -25.08 -81.15 -62.81
N SER PA 303 -24.89 -80.99 -64.11
CA SER PA 303 -25.62 -81.74 -65.13
C SER PA 303 -24.73 -81.88 -66.35
N SER PA 304 -25.31 -82.31 -67.45
CA SER PA 304 -24.58 -82.44 -68.71
C SER PA 304 -25.60 -82.51 -69.85
N TRP PA 305 -25.10 -82.85 -71.04
CA TRP PA 305 -25.93 -82.97 -72.23
C TRP PA 305 -25.53 -84.25 -72.94
N ARG PA 306 -26.49 -85.14 -73.13
CA ARG PA 306 -26.26 -86.44 -73.75
C ARG PA 306 -27.24 -86.65 -74.90
N ASP PA 307 -27.33 -87.88 -75.41
CA ASP PA 307 -28.14 -88.14 -76.59
C ASP PA 307 -29.62 -88.06 -76.25
N GLY PA 308 -30.21 -86.88 -76.48
CA GLY PA 308 -31.62 -86.70 -76.22
C GLY PA 308 -32.03 -86.88 -74.79
N VAL PA 309 -31.11 -86.65 -73.85
CA VAL PA 309 -31.38 -86.90 -72.43
C VAL PA 309 -30.40 -86.09 -71.60
N ILE PA 310 -30.89 -85.58 -70.47
CA ILE PA 310 -30.08 -84.86 -69.51
C ILE PA 310 -29.67 -85.82 -68.42
N ARG PA 311 -28.36 -85.94 -68.21
CA ARG PA 311 -27.80 -86.76 -67.16
C ARG PA 311 -27.51 -85.89 -65.95
N GLN PA 312 -28.18 -86.19 -64.84
CA GLN PA 312 -28.04 -85.45 -63.59
C GLN PA 312 -27.37 -86.34 -62.55
N PHE PA 313 -26.26 -85.86 -62.00
CA PHE PA 313 -25.55 -86.55 -60.94
C PHE PA 313 -26.14 -86.16 -59.59
N GLU PA 314 -25.53 -86.67 -58.52
CA GLU PA 314 -25.85 -86.31 -57.14
C GLU PA 314 -24.65 -85.71 -56.42
N THR PA 315 -23.50 -86.36 -56.52
CA THR PA 315 -22.27 -85.84 -55.93
C THR PA 315 -21.68 -84.76 -56.82
N VAL PA 316 -20.53 -84.25 -56.41
CA VAL PA 316 -19.82 -83.20 -57.13
C VAL PA 316 -18.42 -83.70 -57.40
N ASP PA 317 -18.10 -83.89 -58.68
CA ASP PA 317 -16.78 -84.28 -59.14
C ASP PA 317 -16.12 -83.06 -59.76
N VAL PA 318 -14.99 -82.64 -59.18
CA VAL PA 318 -14.37 -81.36 -59.50
C VAL PA 318 -13.09 -81.61 -60.28
N SER PA 319 -12.99 -81.01 -61.46
CA SER PA 319 -11.81 -81.09 -62.30
C SER PA 319 -10.95 -79.86 -62.08
N VAL PA 320 -9.76 -80.05 -61.52
CA VAL PA 320 -8.83 -78.96 -61.23
C VAL PA 320 -7.77 -78.95 -62.31
N ALA PA 321 -7.47 -77.77 -62.84
CA ALA PA 321 -6.50 -77.63 -63.91
C ALA PA 321 -5.10 -77.51 -63.33
N VAL PA 322 -4.14 -78.12 -64.02
CA VAL PA 322 -2.73 -78.03 -63.69
C VAL PA 322 -1.96 -77.75 -64.97
N ALA PA 323 -1.04 -76.80 -64.88
CA ALA PA 323 -0.29 -76.29 -66.03
C ALA PA 323 1.11 -76.90 -65.99
N THR PA 324 1.30 -77.95 -66.76
CA THR PA 324 2.60 -78.59 -66.88
C THR PA 324 3.36 -78.01 -68.06
N PRO PA 325 4.68 -78.20 -68.12
CA PRO PA 325 5.41 -77.80 -69.32
C PRO PA 325 4.95 -78.53 -70.57
N ASN PA 326 4.35 -79.72 -70.42
CA ASN PA 326 3.74 -80.42 -71.53
C ASN PA 326 2.46 -79.75 -72.01
N GLY PA 327 1.78 -79.01 -71.14
CA GLY PA 327 0.54 -78.35 -71.51
C GLY PA 327 -0.40 -78.18 -70.34
N LEU PA 328 -1.65 -78.65 -70.51
CA LEU PA 328 -2.67 -78.52 -69.49
C LEU PA 328 -3.25 -79.91 -69.21
N ILE PA 329 -3.63 -80.14 -67.96
CA ILE PA 329 -4.22 -81.41 -67.55
C ILE PA 329 -5.24 -81.13 -66.47
N THR PA 330 -6.22 -82.04 -66.34
CA THR PA 330 -7.36 -81.85 -65.44
C THR PA 330 -7.56 -83.09 -64.57
N PRO PA 331 -6.77 -83.23 -63.50
CA PRO PA 331 -7.11 -84.24 -62.48
C PRO PA 331 -8.44 -83.94 -61.83
N ILE PA 332 -8.95 -84.94 -61.12
CA ILE PA 332 -10.31 -84.91 -60.59
C ILE PA 332 -10.26 -85.21 -59.09
N VAL PA 333 -11.13 -84.52 -58.35
CA VAL PA 333 -11.42 -84.82 -56.97
C VAL PA 333 -12.85 -85.34 -56.90
N LYS PA 334 -13.03 -86.42 -56.14
CA LYS PA 334 -14.29 -87.15 -56.07
C LYS PA 334 -14.96 -86.90 -54.73
N GLY PA 335 -16.28 -86.78 -54.75
CA GLY PA 335 -17.08 -86.66 -53.56
C GLY PA 335 -16.68 -85.49 -52.69
N VAL PA 336 -16.70 -84.30 -53.27
CA VAL PA 336 -16.22 -83.11 -52.56
C VAL PA 336 -17.10 -82.80 -51.37
N GLU PA 337 -18.41 -82.70 -51.61
CA GLU PA 337 -19.34 -82.35 -50.55
C GLU PA 337 -19.25 -83.36 -49.42
N GLY PA 338 -18.91 -82.88 -48.23
CA GLY PA 338 -18.69 -83.76 -47.12
C GLY PA 338 -17.45 -84.62 -47.28
N LYS PA 339 -16.29 -83.97 -47.40
CA LYS PA 339 -15.02 -84.68 -47.51
C LYS PA 339 -13.96 -84.14 -46.56
N GLY PA 340 -13.94 -82.84 -46.31
CA GLY PA 340 -12.94 -82.23 -45.45
C GLY PA 340 -11.84 -81.51 -46.18
N LEU PA 341 -11.53 -80.30 -45.71
CA LEU PA 341 -10.55 -79.45 -46.39
C LEU PA 341 -9.16 -80.06 -46.35
N GLU PA 342 -8.82 -80.76 -45.27
CA GLU PA 342 -7.50 -81.35 -45.17
C GLU PA 342 -7.32 -82.46 -46.20
N SER PA 343 -8.32 -83.35 -46.29
CA SER PA 343 -8.30 -84.38 -47.31
C SER PA 343 -8.24 -83.78 -48.70
N ILE PA 344 -9.00 -82.70 -48.91
CA ILE PA 344 -9.01 -82.02 -50.21
C ILE PA 344 -7.60 -81.55 -50.57
N SER PA 345 -6.97 -80.81 -49.66
CA SER PA 345 -5.65 -80.26 -49.93
C SER PA 345 -4.64 -81.38 -50.17
N ALA PA 346 -4.73 -82.45 -49.40
CA ALA PA 346 -3.79 -83.56 -49.57
C ALA PA 346 -3.96 -84.19 -50.94
N ALA PA 347 -5.20 -84.45 -51.34
CA ALA PA 347 -5.45 -85.08 -52.63
C ALA PA 347 -5.00 -84.17 -53.77
N VAL PA 348 -5.24 -82.86 -53.63
CA VAL PA 348 -4.84 -81.94 -54.70
C VAL PA 348 -3.33 -81.88 -54.82
N LYS PA 349 -2.62 -81.84 -53.69
CA LYS PA 349 -1.16 -81.86 -53.74
C LYS PA 349 -0.65 -83.13 -54.39
N GLU PA 350 -1.23 -84.28 -54.02
CA GLU PA 350 -0.83 -85.54 -54.60
C GLU PA 350 -1.02 -85.55 -56.12
N LEU PA 351 -2.21 -85.15 -56.57
CA LEU PA 351 -2.49 -85.18 -58.00
C LEU PA 351 -1.63 -84.18 -58.76
N ALA PA 352 -1.37 -83.02 -58.15
CA ALA PA 352 -0.54 -82.01 -58.83
C ALA PA 352 0.87 -82.50 -59.01
N LYS PA 353 1.46 -83.09 -57.96
CA LYS PA 353 2.81 -83.62 -58.09
C LYS PA 353 2.85 -84.80 -59.05
N LYS PA 354 1.81 -85.63 -59.04
CA LYS PA 354 1.77 -86.76 -59.96
C LYS PA 354 1.62 -86.31 -61.40
N ALA PA 355 0.97 -85.16 -61.62
CA ALA PA 355 0.86 -84.64 -62.98
C ALA PA 355 2.17 -83.99 -63.42
N ARG PA 356 2.84 -83.30 -62.50
CA ARG PA 356 4.17 -82.79 -62.82
C ARG PA 356 5.14 -83.92 -63.13
N ASP PA 357 4.94 -85.09 -62.53
CA ASP PA 357 5.76 -86.25 -62.82
C ASP PA 357 5.29 -87.03 -64.04
N GLY PA 358 4.01 -86.91 -64.41
CA GLY PA 358 3.45 -87.68 -65.51
C GLY PA 358 3.25 -89.13 -65.15
N LYS PA 359 2.39 -89.38 -64.15
CA LYS PA 359 2.18 -90.72 -63.60
C LYS PA 359 0.71 -90.98 -63.35
N LEU PA 360 -0.17 -90.44 -64.20
CA LEU PA 360 -1.60 -90.51 -63.98
C LEU PA 360 -2.25 -91.63 -64.79
N LYS PA 361 -3.45 -92.00 -64.37
CA LYS PA 361 -4.33 -92.92 -65.07
C LYS PA 361 -5.38 -92.13 -65.84
N PRO PA 362 -5.98 -92.71 -66.89
CA PRO PA 362 -6.98 -91.95 -67.64
C PRO PA 362 -8.22 -91.64 -66.84
N GLU PA 363 -8.66 -92.56 -65.99
CA GLU PA 363 -9.87 -92.34 -65.20
C GLU PA 363 -9.73 -91.15 -64.26
N GLU PA 364 -8.50 -90.85 -63.83
CA GLU PA 364 -8.29 -89.74 -62.91
C GLU PA 364 -8.47 -88.38 -63.55
N TYR PA 365 -8.47 -88.29 -64.88
CA TYR PA 365 -8.70 -87.03 -65.58
C TYR PA 365 -9.68 -87.17 -66.74
N GLN PA 366 -10.50 -88.22 -66.74
CA GLN PA 366 -11.56 -88.39 -67.72
C GLN PA 366 -12.88 -88.59 -66.99
N GLY PA 367 -13.73 -87.57 -67.04
CA GLY PA 367 -14.98 -87.57 -66.33
C GLY PA 367 -15.26 -86.21 -65.73
N GLY PA 368 -15.80 -86.18 -64.51
CA GLY PA 368 -16.02 -84.92 -63.83
C GLY PA 368 -17.24 -84.20 -64.32
N SER PA 369 -17.98 -83.59 -63.40
CA SER PA 369 -19.18 -82.83 -63.74
C SER PA 369 -18.91 -81.34 -63.88
N ILE PA 370 -17.99 -80.79 -63.09
CA ILE PA 370 -17.69 -79.37 -63.09
C ILE PA 370 -16.18 -79.20 -63.00
N SER PA 371 -15.70 -78.04 -63.43
CA SER PA 371 -14.28 -77.78 -63.58
C SER PA 371 -13.92 -76.43 -62.96
N ILE PA 372 -12.62 -76.14 -62.94
CA ILE PA 372 -12.10 -74.90 -62.39
C ILE PA 372 -10.70 -74.69 -62.94
N SER PA 373 -10.33 -73.42 -63.09
CA SER PA 373 -8.98 -73.03 -63.44
C SER PA 373 -8.58 -71.87 -62.53
N ASN PA 374 -7.32 -71.89 -62.08
CA ASN PA 374 -6.82 -70.92 -61.13
C ASN PA 374 -5.61 -70.21 -61.69
N MET PA 375 -5.51 -68.91 -61.41
CA MET PA 375 -4.37 -68.10 -61.80
C MET PA 375 -3.97 -67.14 -60.68
N GLY PA 376 -4.28 -67.47 -59.44
CA GLY PA 376 -4.07 -66.55 -58.34
C GLY PA 376 -2.62 -66.20 -58.09
N MET PA 377 -1.68 -67.05 -58.51
CA MET PA 377 -0.27 -66.76 -58.29
C MET PA 377 0.17 -65.54 -59.08
N ASN PA 378 -0.40 -65.32 -60.26
CA ASN PA 378 0.00 -64.22 -61.11
C ASN PA 378 -0.80 -62.97 -60.73
N PRO PA 379 -0.20 -61.98 -60.06
CA PRO PA 379 -1.01 -60.86 -59.55
C PRO PA 379 -1.52 -59.91 -60.62
N ALA PA 380 -1.09 -60.07 -61.87
CA ALA PA 380 -1.49 -59.13 -62.91
C ALA PA 380 -2.89 -59.41 -63.43
N VAL PA 381 -3.32 -60.66 -63.40
CA VAL PA 381 -4.59 -61.07 -64.01
C VAL PA 381 -5.72 -60.61 -63.08
N GLN PA 382 -6.47 -59.61 -63.51
CA GLN PA 382 -7.67 -59.22 -62.79
C GLN PA 382 -8.80 -60.20 -63.07
N SER PA 383 -8.92 -60.66 -64.31
CA SER PA 383 -9.96 -61.60 -64.65
C SER PA 383 -9.63 -62.29 -65.96
N PHE PA 384 -10.33 -63.38 -66.22
CA PHE PA 384 -10.17 -64.08 -67.48
C PHE PA 384 -11.30 -65.09 -67.62
N THR PA 385 -11.51 -65.51 -68.84
CA THR PA 385 -12.48 -66.52 -69.19
C THR PA 385 -11.75 -67.81 -69.52
N ALA PA 386 -12.51 -68.90 -69.60
CA ALA PA 386 -11.98 -70.20 -70.01
C ALA PA 386 -12.98 -70.85 -70.93
N ILE PA 387 -12.73 -72.12 -71.25
CA ILE PA 387 -13.52 -72.88 -72.20
C ILE PA 387 -14.00 -74.15 -71.50
N ILE PA 388 -15.23 -74.54 -71.81
CA ILE PA 388 -15.91 -75.60 -71.07
C ILE PA 388 -15.38 -76.94 -71.55
N ASN PA 389 -14.71 -77.66 -70.66
CA ASN PA 389 -14.22 -79.00 -70.97
C ASN PA 389 -15.40 -79.94 -71.09
N PRO PA 390 -15.74 -80.43 -72.27
CA PRO PA 390 -16.96 -81.23 -72.41
C PRO PA 390 -16.81 -82.58 -71.73
N PRO PA 391 -17.90 -83.30 -71.48
CA PRO PA 391 -19.30 -82.95 -71.79
C PRO PA 391 -19.96 -82.13 -70.69
N GLN PA 392 -19.15 -81.43 -69.90
CA GLN PA 392 -19.65 -80.67 -68.76
C GLN PA 392 -20.48 -79.49 -69.21
N ALA PA 393 -21.01 -78.73 -68.25
CA ALA PA 393 -21.95 -77.63 -68.51
C ALA PA 393 -21.46 -76.28 -68.03
N ALA PA 394 -20.44 -76.23 -67.18
CA ALA PA 394 -19.99 -74.97 -66.61
C ALA PA 394 -18.51 -75.03 -66.34
N ILE PA 395 -17.93 -73.87 -66.07
CA ILE PA 395 -16.55 -73.79 -65.63
C ILE PA 395 -16.33 -72.44 -64.97
N LEU PA 396 -15.42 -72.44 -64.00
CA LEU PA 396 -15.13 -71.30 -63.15
C LEU PA 396 -13.76 -70.75 -63.45
N ALA PA 397 -13.51 -69.55 -62.97
CA ALA PA 397 -12.20 -68.92 -63.09
C ALA PA 397 -12.06 -67.87 -61.99
N VAL PA 398 -10.91 -67.89 -61.32
CA VAL PA 398 -10.66 -67.07 -60.15
C VAL PA 398 -9.45 -66.20 -60.45
N GLY PA 399 -9.65 -64.88 -60.49
CA GLY PA 399 -8.55 -63.97 -60.72
C GLY PA 399 -7.68 -63.82 -59.49
N ALA PA 400 -6.82 -62.81 -59.54
CA ALA PA 400 -5.95 -62.51 -58.42
C ALA PA 400 -6.66 -61.62 -57.42
N PRO PA 401 -6.15 -61.53 -56.20
CA PRO PA 401 -6.70 -60.58 -55.24
C PRO PA 401 -6.21 -59.17 -55.51
N GLN PA 402 -7.02 -58.20 -55.08
CA GLN PA 402 -6.72 -56.80 -55.33
C GLN PA 402 -7.27 -55.97 -54.17
N LYS PA 403 -6.81 -54.72 -54.11
CA LYS PA 403 -7.23 -53.77 -53.10
C LYS PA 403 -8.26 -52.84 -53.70
N VAL PA 404 -9.40 -52.68 -53.02
CA VAL PA 404 -10.51 -51.88 -53.50
C VAL PA 404 -11.01 -51.00 -52.38
N ALA PA 405 -11.50 -49.83 -52.75
CA ALA PA 405 -12.12 -48.93 -51.79
C ALA PA 405 -13.54 -49.36 -51.51
N VAL PA 406 -13.93 -49.29 -50.24
CA VAL PA 406 -15.26 -49.69 -49.79
C VAL PA 406 -15.74 -48.68 -48.75
N PRO PA 407 -16.99 -48.23 -48.78
CA PRO PA 407 -17.47 -47.36 -47.70
C PRO PA 407 -17.61 -48.12 -46.39
N VAL PA 408 -17.61 -47.35 -45.31
CA VAL PA 408 -17.81 -47.91 -43.98
C VAL PA 408 -18.32 -46.81 -43.07
N GLU PA 409 -19.25 -47.17 -42.20
CA GLU PA 409 -19.84 -46.24 -41.26
C GLU PA 409 -19.09 -46.30 -39.94
N ASN PA 410 -18.40 -45.21 -39.61
CA ASN PA 410 -17.79 -45.09 -38.30
C ASN PA 410 -18.88 -44.96 -37.23
N GLU PA 411 -18.44 -44.93 -35.97
CA GLU PA 411 -19.39 -44.79 -34.86
C GLU PA 411 -20.24 -43.53 -34.98
N ASP PA 412 -19.72 -42.47 -35.58
CA ASP PA 412 -20.49 -41.27 -35.87
C ASP PA 412 -21.22 -41.43 -37.19
N GLY PA 413 -22.00 -40.41 -37.56
CA GLY PA 413 -22.82 -40.49 -38.74
C GLY PA 413 -22.07 -40.41 -40.05
N THR PA 414 -20.80 -40.01 -40.02
CA THR PA 414 -20.04 -39.85 -41.25
C THR PA 414 -19.55 -41.19 -41.76
N THR PA 415 -19.45 -41.30 -43.07
CA THR PA 415 -18.88 -42.48 -43.72
C THR PA 415 -17.36 -42.35 -43.75
N GLY PA 416 -16.69 -43.50 -43.93
CA GLY PA 416 -15.26 -43.55 -44.00
C GLY PA 416 -14.80 -44.50 -45.08
N VAL PA 417 -13.49 -44.56 -45.27
CA VAL PA 417 -12.87 -45.40 -46.28
C VAL PA 417 -12.21 -46.57 -45.58
N SER PA 418 -12.46 -47.77 -46.10
CA SER PA 418 -11.82 -48.99 -45.65
C SER PA 418 -11.37 -49.78 -46.86
N TRP PA 419 -10.24 -50.48 -46.71
CA TRP PA 419 -9.63 -51.21 -47.81
C TRP PA 419 -9.94 -52.69 -47.67
N ASP PA 420 -10.76 -53.20 -48.58
CA ASP PA 420 -11.18 -54.59 -48.59
C ASP PA 420 -10.48 -55.31 -49.73
N GLU PA 421 -10.13 -56.56 -49.48
CA GLU PA 421 -9.45 -57.40 -50.46
C GLU PA 421 -10.49 -58.10 -51.31
N GLN PA 422 -10.55 -57.76 -52.59
CA GLN PA 422 -11.52 -58.32 -53.52
C GLN PA 422 -10.85 -59.29 -54.48
N ILE PA 423 -11.66 -60.21 -54.99
CA ILE PA 423 -11.30 -61.09 -56.09
C ILE PA 423 -12.43 -61.07 -57.10
N ILE PA 424 -12.09 -61.07 -58.37
CA ILE PA 424 -13.05 -61.22 -59.44
C ILE PA 424 -13.17 -62.68 -59.79
N VAL PA 425 -14.39 -63.10 -60.10
CA VAL PA 425 -14.71 -64.47 -60.45
C VAL PA 425 -15.50 -64.45 -61.74
N THR PA 426 -15.16 -65.33 -62.67
CA THR PA 426 -15.80 -65.42 -63.96
C THR PA 426 -16.26 -66.85 -64.19
N ALA PA 427 -17.55 -67.01 -64.49
CA ALA PA 427 -18.15 -68.30 -64.75
C ALA PA 427 -18.70 -68.34 -66.16
N SER PA 428 -18.29 -69.33 -66.92
CA SER PA 428 -18.83 -69.58 -68.25
C SER PA 428 -19.78 -70.76 -68.19
N PHE PA 429 -20.96 -70.59 -68.79
CA PHE PA 429 -22.01 -71.61 -68.74
C PHE PA 429 -22.41 -72.02 -70.15
N ASP PA 430 -23.01 -73.21 -70.25
CA ASP PA 430 -23.67 -73.65 -71.46
C ASP PA 430 -25.14 -73.28 -71.39
N HIS PA 431 -25.64 -72.66 -72.45
CA HIS PA 431 -26.98 -72.12 -72.46
C HIS PA 431 -28.05 -73.17 -72.74
N LYS PA 432 -27.67 -74.33 -73.29
CA LYS PA 432 -28.66 -75.37 -73.54
C LYS PA 432 -29.28 -75.86 -72.24
N VAL PA 433 -28.48 -75.99 -71.20
CA VAL PA 433 -28.92 -76.52 -69.92
C VAL PA 433 -29.36 -75.40 -68.99
N VAL PA 434 -28.52 -74.40 -68.82
CA VAL PA 434 -28.66 -73.41 -67.77
C VAL PA 434 -29.16 -72.10 -68.38
N ASP PA 435 -29.91 -71.36 -67.58
CA ASP PA 435 -30.38 -70.03 -67.92
C ASP PA 435 -29.68 -69.00 -67.05
N GLY PA 436 -29.82 -67.74 -67.47
CA GLY PA 436 -29.16 -66.65 -66.76
C GLY PA 436 -29.60 -66.56 -65.31
N ALA PA 437 -30.89 -66.78 -65.05
CA ALA PA 437 -31.39 -66.74 -63.68
C ALA PA 437 -30.76 -67.83 -62.84
N VAL PA 438 -30.63 -69.02 -63.40
CA VAL PA 438 -30.09 -70.14 -62.64
C VAL PA 438 -28.61 -69.89 -62.33
N GLY PA 439 -27.88 -69.40 -63.33
CA GLY PA 439 -26.47 -69.08 -63.10
C GLY PA 439 -26.31 -67.98 -62.06
N ALA PA 440 -27.19 -66.98 -62.11
CA ALA PA 440 -27.12 -65.90 -61.13
C ALA PA 440 -27.39 -66.44 -59.73
N GLU PA 441 -28.33 -67.37 -59.62
CA GLU PA 441 -28.64 -67.95 -58.31
C GLU PA 441 -27.45 -68.72 -57.79
N TRP PA 442 -26.80 -69.49 -58.65
CA TRP PA 442 -25.60 -70.22 -58.27
C TRP PA 442 -24.52 -69.28 -57.78
N ILE PA 443 -24.31 -68.18 -58.50
CA ILE PA 443 -23.28 -67.22 -58.12
C ILE PA 443 -23.65 -66.55 -56.80
N ARG PA 444 -24.94 -66.28 -56.59
CA ARG PA 444 -25.36 -65.67 -55.33
C ARG PA 444 -25.06 -66.59 -54.16
N GLU PA 445 -25.37 -67.88 -54.31
CA GLU PA 445 -25.09 -68.82 -53.24
C GLU PA 445 -23.60 -68.91 -52.96
N LEU PA 446 -22.78 -68.90 -54.01
CA LEU PA 446 -21.35 -68.95 -53.83
C LEU PA 446 -20.85 -67.72 -53.07
N LYS PA 447 -21.27 -66.54 -53.51
CA LYS PA 447 -20.87 -65.30 -52.84
C LYS PA 447 -21.28 -65.30 -51.39
N LYS PA 448 -22.50 -65.79 -51.11
CA LYS PA 448 -22.99 -65.81 -49.74
C LYS PA 448 -22.14 -66.73 -48.87
N VAL PA 449 -21.86 -67.94 -49.38
CA VAL PA 449 -21.08 -68.90 -48.61
C VAL PA 449 -19.68 -68.37 -48.34
N ILE PA 450 -19.10 -67.66 -49.31
CA ILE PA 450 -17.74 -67.16 -49.12
C ILE PA 450 -17.74 -66.00 -48.15
N GLU PA 451 -18.63 -65.04 -48.36
CA GLU PA 451 -18.64 -63.85 -47.53
C GLU PA 451 -18.99 -64.19 -46.09
N ASN PA 452 -19.74 -65.27 -45.88
CA ASN PA 452 -19.95 -65.83 -44.56
C ASN PA 452 -19.30 -67.20 -44.51
N PRO PA 453 -17.98 -67.30 -44.26
CA PRO PA 453 -17.32 -68.60 -44.33
C PRO PA 453 -17.86 -69.62 -43.37
N LEU PA 454 -18.50 -69.19 -42.29
CA LEU PA 454 -19.00 -70.10 -41.28
C LEU PA 454 -20.06 -71.03 -41.82
N GLU PA 455 -20.74 -70.66 -42.91
CA GLU PA 455 -21.74 -71.53 -43.50
C GLU PA 455 -21.12 -72.68 -44.29
N LEU PA 456 -19.78 -72.72 -44.43
CA LEU PA 456 -19.14 -73.91 -44.99
C LEU PA 456 -19.47 -75.15 -44.19
N LEU PA 457 -19.70 -74.99 -42.89
CA LEU PA 457 -20.11 -76.12 -42.05
C LEU PA 457 -21.44 -76.69 -42.53
N LEU PA 458 -22.29 -75.85 -43.10
CA LEU PA 458 -23.60 -76.29 -43.57
C LEU PA 458 -23.51 -76.82 -45.00
N TYR QA 227 -107.28 -36.31 6.99
CA TYR QA 227 -107.51 -36.90 8.30
C TYR QA 227 -108.23 -35.93 9.22
N THR QA 228 -107.48 -35.05 9.88
CA THR QA 228 -108.10 -34.09 10.79
C THR QA 228 -109.00 -33.14 10.02
N ASP QA 229 -110.17 -32.86 10.60
CA ASP QA 229 -111.23 -32.11 9.92
C ASP QA 229 -111.69 -30.99 10.84
N VAL QA 230 -111.10 -29.81 10.66
CA VAL QA 230 -111.41 -28.65 11.48
C VAL QA 230 -112.39 -27.77 10.71
N PRO QA 231 -113.58 -27.47 11.25
CA PRO QA 231 -114.45 -26.50 10.58
C PRO QA 231 -113.82 -25.12 10.53
N ILE QA 232 -114.34 -24.30 9.61
CA ILE QA 232 -113.76 -23.00 9.33
C ILE QA 232 -114.30 -21.99 10.34
N SER QA 233 -113.46 -21.02 10.70
CA SER QA 233 -113.83 -20.03 11.71
C SER QA 233 -114.94 -19.10 11.25
N GLY QA 234 -115.20 -19.02 9.95
CA GLY QA 234 -116.18 -18.10 9.40
C GLY QA 234 -115.58 -16.76 9.02
N MET QA 235 -114.64 -16.26 9.83
CA MET QA 235 -113.96 -15.01 9.49
C MET QA 235 -113.16 -15.17 8.21
N ARG QA 236 -112.52 -16.33 8.03
CA ARG QA 236 -111.76 -16.56 6.81
C ARG QA 236 -112.64 -16.58 5.58
N LYS QA 237 -113.94 -16.89 5.73
CA LYS QA 237 -114.84 -16.91 4.59
C LYS QA 237 -114.93 -15.54 3.94
N THR QA 238 -115.05 -14.50 4.77
CA THR QA 238 -115.17 -13.14 4.24
C THR QA 238 -113.92 -12.74 3.50
N ILE QA 239 -112.75 -13.05 4.06
CA ILE QA 239 -111.49 -12.67 3.41
C ILE QA 239 -111.31 -13.45 2.12
N ALA QA 240 -111.73 -14.72 2.10
CA ALA QA 240 -111.66 -15.51 0.88
C ALA QA 240 -112.54 -14.90 -0.21
N ALA QA 241 -113.76 -14.54 0.15
CA ALA QA 241 -114.66 -13.92 -0.83
C ALA QA 241 -114.10 -12.60 -1.32
N ARG QA 242 -113.51 -11.82 -0.42
CA ARG QA 242 -112.93 -10.53 -0.79
C ARG QA 242 -111.80 -10.71 -1.79
N LEU QA 243 -110.87 -11.63 -1.50
CA LEU QA 243 -109.75 -11.85 -2.39
C LEU QA 243 -110.21 -12.43 -3.72
N LYS QA 244 -111.25 -13.28 -3.69
CA LYS QA 244 -111.80 -13.82 -4.92
C LYS QA 244 -112.38 -12.71 -5.79
N GLU QA 245 -113.14 -11.82 -5.16
CA GLU QA 245 -113.66 -10.65 -5.89
C GLU QA 245 -112.52 -9.84 -6.47
N SER QA 246 -111.44 -9.67 -5.71
CA SER QA 246 -110.32 -8.87 -6.18
C SER QA 246 -109.71 -9.48 -7.44
N VAL QA 247 -109.37 -10.77 -7.39
CA VAL QA 247 -108.69 -11.39 -8.51
C VAL QA 247 -109.61 -11.57 -9.71
N THR QA 248 -110.91 -11.75 -9.49
CA THR QA 248 -111.81 -11.97 -10.63
C THR QA 248 -112.27 -10.65 -11.26
N GLU QA 249 -112.29 -9.57 -10.49
CA GLU QA 249 -112.72 -8.28 -11.03
C GLU QA 249 -111.54 -7.52 -11.61
N ASN QA 250 -110.36 -7.62 -11.00
CA ASN QA 250 -109.22 -6.81 -11.30
C ASN QA 250 -108.10 -7.68 -11.85
N PRO QA 251 -107.63 -7.47 -13.09
CA PRO QA 251 -106.43 -8.18 -13.53
C PRO QA 251 -105.19 -7.59 -12.88
N HIS QA 252 -104.20 -8.46 -12.67
CA HIS QA 252 -102.99 -8.10 -11.94
C HIS QA 252 -101.79 -8.21 -12.87
N PHE QA 253 -100.94 -7.19 -12.82
CA PHE QA 253 -99.61 -7.27 -13.40
C PHE QA 253 -98.62 -6.64 -12.43
N PHE QA 254 -97.41 -7.19 -12.44
CA PHE QA 254 -96.42 -6.95 -11.41
C PHE QA 254 -95.22 -6.23 -12.00
N VAL QA 255 -94.57 -5.42 -11.17
CA VAL QA 255 -93.36 -4.70 -11.54
C VAL QA 255 -92.35 -4.89 -10.43
N SER QA 256 -91.14 -5.32 -10.79
CA SER QA 256 -90.12 -5.72 -9.84
C SER QA 256 -88.86 -4.94 -10.10
N THR QA 257 -88.36 -4.27 -9.05
CA THR QA 257 -87.18 -3.43 -9.16
C THR QA 257 -86.26 -3.68 -7.98
N ASN QA 258 -85.08 -3.06 -8.06
CA ASN QA 258 -84.03 -3.18 -7.05
C ASN QA 258 -83.61 -1.79 -6.63
N LEU QA 259 -83.60 -1.55 -5.32
CA LEU QA 259 -83.20 -0.28 -4.76
C LEU QA 259 -81.83 -0.38 -4.12
N SER QA 260 -81.32 0.76 -3.68
CA SER QA 260 -80.05 0.86 -2.98
C SER QA 260 -80.27 1.71 -1.73
N VAL QA 261 -79.95 1.14 -0.57
CA VAL QA 261 -80.30 1.70 0.72
C VAL QA 261 -79.08 1.95 1.59
N SER QA 262 -77.87 1.91 1.02
CA SER QA 262 -76.66 2.10 1.81
C SER QA 262 -76.63 3.49 2.44
N LYS QA 263 -77.21 4.48 1.77
CA LYS QA 263 -77.29 5.81 2.34
C LYS QA 263 -78.47 5.94 3.30
N LEU QA 264 -79.57 5.25 2.99
CA LEU QA 264 -80.75 5.30 3.85
C LEU QA 264 -80.42 4.75 5.23
N LEU QA 265 -79.68 3.66 5.29
CA LEU QA 265 -79.39 3.05 6.59
C LEU QA 265 -78.46 3.95 7.40
N LYS QA 266 -77.50 4.61 6.74
CA LYS QA 266 -76.68 5.58 7.43
C LYS QA 266 -77.52 6.71 8.00
N LEU QA 267 -78.46 7.20 7.20
CA LEU QA 267 -79.33 8.28 7.66
C LEU QA 267 -80.14 7.85 8.88
N ARG QA 268 -80.69 6.63 8.84
CA ARG QA 268 -81.47 6.13 9.96
C ARG QA 268 -80.62 6.00 11.20
N GLN QA 269 -79.41 5.46 11.05
CA GLN QA 269 -78.51 5.30 12.18
C GLN QA 269 -78.16 6.64 12.80
N ALA QA 270 -77.90 7.65 11.95
CA ALA QA 270 -77.52 8.96 12.48
C ALA QA 270 -78.69 9.64 13.18
N LEU QA 271 -79.88 9.55 12.61
CA LEU QA 271 -81.04 10.13 13.28
C LEU QA 271 -81.35 9.42 14.59
N ASN QA 272 -81.11 8.11 14.66
CA ASN QA 272 -81.31 7.39 15.91
C ASN QA 272 -80.27 7.79 16.94
N SER QA 273 -79.03 7.99 16.51
CA SER QA 273 -77.98 8.40 17.44
C SER QA 273 -78.20 9.81 17.97
N SER QA 274 -78.71 10.70 17.12
CA SER QA 274 -78.96 12.09 17.53
C SER QA 274 -80.36 12.22 18.12
N ALA QA 275 -80.58 11.47 19.20
CA ALA QA 275 -81.87 11.45 19.87
C ALA QA 275 -81.66 11.08 21.32
N ASP QA 276 -82.71 11.30 22.13
CA ASP QA 276 -82.70 11.05 23.55
C ASP QA 276 -83.72 9.97 23.91
N GLY QA 277 -83.83 8.96 23.06
CA GLY QA 277 -84.87 7.96 23.23
C GLY QA 277 -86.26 8.48 22.96
N ARG QA 278 -86.39 9.68 22.41
CA ARG QA 278 -87.71 10.26 22.14
C ARG QA 278 -88.40 9.56 20.98
N TYR QA 279 -87.66 8.87 20.13
CA TYR QA 279 -88.23 8.19 18.97
C TYR QA 279 -87.29 7.10 18.52
N LYS QA 280 -87.78 6.25 17.62
CA LYS QA 280 -86.99 5.18 17.04
C LYS QA 280 -87.57 4.86 15.67
N LEU QA 281 -86.71 4.86 14.65
CA LEU QA 281 -87.13 4.76 13.27
C LEU QA 281 -86.86 3.38 12.68
N SER QA 282 -87.52 3.11 11.56
CA SER QA 282 -87.34 1.89 10.80
C SER QA 282 -87.27 2.21 9.32
N VAL QA 283 -87.31 1.18 8.48
CA VAL QA 283 -87.27 1.37 7.03
C VAL QA 283 -88.66 1.62 6.47
N ASN QA 284 -89.67 1.00 7.07
CA ASN QA 284 -91.04 1.10 6.57
C ASN QA 284 -91.53 2.54 6.58
N ASP QA 285 -91.07 3.34 7.53
CA ASP QA 285 -91.54 4.73 7.63
C ASP QA 285 -91.01 5.56 6.48
N PHE QA 286 -89.71 5.45 6.21
CA PHE QA 286 -89.13 6.08 5.01
C PHE QA 286 -89.87 5.64 3.77
N LEU QA 287 -90.17 4.34 3.68
CA LEU QA 287 -90.86 3.82 2.51
C LEU QA 287 -92.24 4.44 2.37
N ILE QA 288 -92.93 4.65 3.49
CA ILE QA 288 -94.28 5.19 3.44
C ILE QA 288 -94.24 6.66 3.00
N LYS QA 289 -93.28 7.42 3.52
CA LYS QA 289 -93.12 8.80 3.08
C LYS QA 289 -92.84 8.85 1.58
N ALA QA 290 -91.97 7.96 1.09
CA ALA QA 290 -91.66 7.95 -0.32
C ALA QA 290 -92.88 7.57 -1.15
N MET QA 291 -93.69 6.66 -0.63
CA MET QA 291 -94.93 6.28 -1.30
C MET QA 291 -95.84 7.49 -1.45
N GLY QA 292 -95.96 8.28 -0.39
CA GLY QA 292 -96.77 9.47 -0.46
C GLY QA 292 -96.25 10.46 -1.49
N ILE QA 293 -94.94 10.65 -1.53
CA ILE QA 293 -94.34 11.58 -2.48
C ILE QA 293 -94.60 11.12 -3.91
N ALA QA 294 -94.41 9.82 -4.16
CA ALA QA 294 -94.61 9.29 -5.50
C ALA QA 294 -96.08 9.40 -5.90
N SER QA 295 -96.99 9.13 -4.97
CA SER QA 295 -98.40 9.23 -5.25
C SER QA 295 -98.79 10.65 -5.59
N LYS QA 296 -98.18 11.64 -4.93
CA LYS QA 296 -98.50 13.03 -5.22
C LYS QA 296 -97.90 13.45 -6.56
N ARG QA 297 -96.71 12.96 -6.90
CA ARG QA 297 -96.13 13.30 -8.19
C ARG QA 297 -96.87 12.64 -9.34
N VAL QA 298 -97.52 11.49 -9.08
CA VAL QA 298 -98.28 10.77 -10.10
C VAL QA 298 -99.64 10.42 -9.51
N PRO QA 299 -100.63 11.31 -9.57
CA PRO QA 299 -101.88 11.06 -8.85
C PRO QA 299 -102.74 9.97 -9.45
N THR QA 300 -102.44 9.51 -10.67
CA THR QA 300 -103.27 8.48 -11.28
C THR QA 300 -103.22 7.18 -10.50
N VAL QA 301 -102.12 6.91 -9.81
CA VAL QA 301 -102.02 5.71 -8.99
C VAL QA 301 -102.98 5.79 -7.82
N ASN QA 302 -102.98 6.94 -7.13
CA ASN QA 302 -103.88 7.15 -5.99
C ASN QA 302 -105.28 7.37 -6.56
N SER QA 303 -105.92 6.26 -6.89
CA SER QA 303 -107.20 6.26 -7.58
C SER QA 303 -107.99 5.05 -7.13
N SER QA 304 -109.07 4.76 -7.84
CA SER QA 304 -109.91 3.61 -7.55
C SER QA 304 -110.77 3.32 -8.78
N TRP QA 305 -111.76 2.44 -8.61
CA TRP QA 305 -112.71 2.10 -9.66
C TRP QA 305 -114.08 1.97 -9.01
N ARG QA 306 -115.02 2.77 -9.47
CA ARG QA 306 -116.36 2.84 -8.90
C ARG QA 306 -117.39 2.68 -10.00
N ASP QA 307 -118.66 2.93 -9.70
CA ASP QA 307 -119.73 2.67 -10.64
C ASP QA 307 -119.68 3.66 -11.80
N GLY QA 308 -119.00 3.26 -12.89
CA GLY QA 308 -118.90 4.10 -14.06
C GLY QA 308 -118.19 5.41 -13.81
N VAL QA 309 -117.30 5.47 -12.82
CA VAL QA 309 -116.63 6.71 -12.46
C VAL QA 309 -115.32 6.36 -11.77
N ILE QA 310 -114.31 7.18 -12.03
CA ILE QA 310 -113.02 7.10 -11.35
C ILE QA 310 -113.03 8.10 -10.20
N ARG QA 311 -112.82 7.59 -8.99
CA ARG QA 311 -112.68 8.44 -7.81
C ARG QA 311 -111.20 8.67 -7.56
N GLN QA 312 -110.78 9.93 -7.65
CA GLN QA 312 -109.40 10.33 -7.44
C GLN QA 312 -109.32 11.15 -6.16
N PHE QA 313 -108.40 10.77 -5.28
CA PHE QA 313 -108.16 11.47 -4.04
C PHE QA 313 -107.10 12.55 -4.24
N GLU QA 314 -106.82 13.28 -3.17
CA GLU QA 314 -105.75 14.26 -3.12
C GLU QA 314 -104.71 13.90 -2.08
N THR QA 315 -105.15 13.46 -0.91
CA THR QA 315 -104.27 12.98 0.14
C THR QA 315 -103.97 11.50 -0.06
N VAL QA 316 -103.02 11.01 0.72
CA VAL QA 316 -102.55 9.64 0.64
C VAL QA 316 -102.88 8.96 1.97
N ASP QA 317 -103.79 7.99 1.92
CA ASP QA 317 -104.11 7.14 3.06
C ASP QA 317 -103.45 5.79 2.86
N VAL QA 318 -102.59 5.39 3.80
CA VAL QA 318 -101.70 4.25 3.63
C VAL QA 318 -102.16 3.13 4.53
N SER QA 319 -102.42 1.96 3.94
CA SER QA 319 -102.85 0.78 4.67
C SER QA 319 -101.64 -0.11 4.92
N VAL QA 320 -101.27 -0.25 6.20
CA VAL QA 320 -100.12 -1.05 6.60
C VAL QA 320 -100.59 -2.38 7.13
N ALA QA 321 -99.96 -3.45 6.67
CA ALA QA 321 -100.34 -4.80 7.08
C ALA QA 321 -99.70 -5.17 8.40
N VAL QA 322 -100.45 -5.90 9.22
CA VAL QA 322 -99.96 -6.46 10.46
C VAL QA 322 -100.45 -7.89 10.57
N ALA QA 323 -99.55 -8.78 10.98
CA ALA QA 323 -99.78 -10.22 11.01
C ALA QA 323 -100.05 -10.64 12.45
N THR QA 324 -101.32 -10.73 12.80
CA THR QA 324 -101.72 -11.19 14.12
C THR QA 324 -101.87 -12.70 14.12
N PRO QA 325 -101.86 -13.33 15.30
CA PRO QA 325 -102.17 -14.77 15.35
C PRO QA 325 -103.57 -15.08 14.85
N ASN QA 326 -104.49 -14.12 14.88
CA ASN QA 326 -105.80 -14.27 14.31
C ASN QA 326 -105.78 -14.24 12.79
N GLY QA 327 -104.77 -13.62 12.18
CA GLY QA 327 -104.67 -13.55 10.73
C GLY QA 327 -103.95 -12.31 10.26
N LEU QA 328 -104.57 -11.57 9.34
CA LEU QA 328 -103.98 -10.37 8.76
C LEU QA 328 -104.94 -9.21 8.96
N ILE QA 329 -104.38 -8.02 9.17
CA ILE QA 329 -105.19 -6.82 9.36
C ILE QA 329 -104.45 -5.65 8.74
N THR QA 330 -105.20 -4.60 8.38
CA THR QA 330 -104.66 -3.45 7.66
C THR QA 330 -105.12 -2.14 8.31
N PRO QA 331 -104.47 -1.72 9.39
CA PRO QA 331 -104.69 -0.36 9.88
C PRO QA 331 -104.26 0.67 8.86
N ILE QA 332 -104.68 1.91 9.09
CA ILE QA 332 -104.51 3.01 8.14
C ILE QA 332 -103.79 4.15 8.82
N VAL QA 333 -102.91 4.81 8.08
CA VAL QA 333 -102.34 6.09 8.45
C VAL QA 333 -102.92 7.14 7.52
N LYS QA 334 -103.26 8.29 8.09
CA LYS QA 334 -103.98 9.35 7.40
C LYS QA 334 -103.06 10.55 7.16
N GLY QA 335 -103.20 11.13 5.97
CA GLY QA 335 -102.48 12.35 5.64
C GLY QA 335 -100.98 12.20 5.76
N VAL QA 336 -100.42 11.22 5.05
CA VAL QA 336 -99.00 10.92 5.17
C VAL QA 336 -98.17 12.11 4.67
N GLU QA 337 -98.44 12.54 3.45
CA GLU QA 337 -97.67 13.63 2.85
C GLU QA 337 -97.75 14.86 3.71
N GLY QA 338 -96.61 15.30 4.20
CA GLY QA 338 -96.56 16.41 5.12
C GLY QA 338 -97.04 16.06 6.51
N LYS QA 339 -96.45 15.03 7.12
CA LYS QA 339 -96.82 14.60 8.46
C LYS QA 339 -95.63 14.44 9.40
N GLY QA 340 -94.50 13.95 8.90
CA GLY QA 340 -93.32 13.75 9.73
C GLY QA 340 -93.08 12.32 10.15
N LEU QA 341 -91.81 11.91 10.08
CA LEU QA 341 -91.46 10.51 10.32
C LEU QA 341 -91.69 10.11 11.77
N GLU QA 342 -91.47 11.02 12.71
CA GLU QA 342 -91.68 10.69 14.12
C GLU QA 342 -93.15 10.40 14.38
N SER QA 343 -94.03 11.27 13.90
CA SER QA 343 -95.47 11.05 14.03
C SER QA 343 -95.87 9.75 13.34
N ILE QA 344 -95.28 9.48 12.18
CA ILE QA 344 -95.59 8.25 11.45
C ILE QA 344 -95.24 7.04 12.30
N SER QA 345 -94.03 7.02 12.86
CA SER QA 345 -93.59 5.89 13.66
C SER QA 345 -94.46 5.72 14.89
N ALA QA 346 -94.82 6.83 15.53
CA ALA QA 346 -95.65 6.76 16.72
C ALA QA 346 -97.01 6.16 16.40
N ALA QA 347 -97.65 6.66 15.33
CA ALA QA 347 -98.96 6.16 14.95
C ALA QA 347 -98.87 4.68 14.56
N VAL QA 348 -97.82 4.28 13.86
CA VAL QA 348 -97.69 2.90 13.44
C VAL QA 348 -97.52 1.99 14.64
N LYS QA 349 -96.70 2.40 15.61
CA LYS QA 349 -96.51 1.59 16.82
C LYS QA 349 -97.83 1.46 17.58
N GLU QA 350 -98.56 2.57 17.73
CA GLU QA 350 -99.83 2.52 18.44
C GLU QA 350 -100.81 1.59 17.74
N LEU QA 351 -100.93 1.72 16.42
CA LEU QA 351 -101.87 0.89 15.68
C LEU QA 351 -101.47 -0.58 15.73
N ALA QA 352 -100.16 -0.87 15.67
CA ALA QA 352 -99.70 -2.24 15.70
C ALA QA 352 -100.01 -2.89 17.05
N LYS QA 353 -99.74 -2.17 18.14
CA LYS QA 353 -100.03 -2.72 19.46
C LYS QA 353 -101.54 -2.86 19.66
N LYS QA 354 -102.32 -1.90 19.16
CA LYS QA 354 -103.77 -2.01 19.29
C LYS QA 354 -104.31 -3.16 18.47
N ALA QA 355 -103.64 -3.52 17.37
CA ALA QA 355 -104.08 -4.67 16.58
C ALA QA 355 -103.69 -5.97 17.26
N ARG QA 356 -102.50 -6.01 17.86
CA ARG QA 356 -102.12 -7.19 18.64
C ARG QA 356 -103.05 -7.39 19.83
N ASP QA 357 -103.58 -6.30 20.38
CA ASP QA 357 -104.53 -6.41 21.49
C ASP QA 357 -105.96 -6.63 21.02
N GLY QA 358 -106.29 -6.26 19.79
CA GLY QA 358 -107.66 -6.35 19.31
C GLY QA 358 -108.53 -5.26 19.90
N LYS QA 359 -108.24 -4.00 19.57
CA LYS QA 359 -108.90 -2.86 20.16
C LYS QA 359 -109.20 -1.79 19.11
N LEU QA 360 -109.41 -2.20 17.86
CA LEU QA 360 -109.57 -1.28 16.75
C LEU QA 360 -111.03 -1.01 16.44
N LYS QA 361 -111.26 0.10 15.76
CA LYS QA 361 -112.53 0.47 15.17
C LYS QA 361 -112.55 0.05 13.71
N PRO QA 362 -113.74 -0.13 13.11
CA PRO QA 362 -113.76 -0.52 11.69
C PRO QA 362 -113.24 0.56 10.77
N GLU QA 363 -113.50 1.83 11.09
CA GLU QA 363 -113.05 2.92 10.23
C GLU QA 363 -111.53 2.97 10.12
N GLU QA 364 -110.82 2.51 11.15
CA GLU QA 364 -109.37 2.58 11.15
C GLU QA 364 -108.73 1.59 10.18
N TYR QA 365 -109.47 0.56 9.74
CA TYR QA 365 -108.95 -0.40 8.76
C TYR QA 365 -109.95 -0.64 7.63
N GLN QA 366 -110.89 0.28 7.41
CA GLN QA 366 -111.79 0.25 6.26
C GLN QA 366 -111.61 1.54 5.48
N GLY QA 367 -110.94 1.44 4.34
CA GLY QA 367 -110.64 2.59 3.51
C GLY QA 367 -109.25 2.53 2.93
N GLY QA 368 -108.60 3.68 2.84
CA GLY QA 368 -107.24 3.72 2.32
C GLY QA 368 -107.22 3.64 0.80
N SER QA 369 -106.34 4.44 0.20
CA SER QA 369 -106.18 4.42 -1.26
C SER QA 369 -105.08 3.49 -1.71
N ILE QA 370 -104.05 3.29 -0.90
CA ILE QA 370 -102.90 2.47 -1.24
C ILE QA 370 -102.53 1.63 -0.03
N SER QA 371 -101.88 0.50 -0.28
CA SER QA 371 -101.58 -0.49 0.74
C SER QA 371 -100.12 -0.93 0.63
N ILE QA 372 -99.69 -1.69 1.62
CA ILE QA 372 -98.31 -2.18 1.69
C ILE QA 372 -98.27 -3.38 2.61
N SER QA 373 -97.34 -4.28 2.33
CA SER QA 373 -97.01 -5.39 3.21
C SER QA 373 -95.50 -5.49 3.31
N ASN QA 374 -95.02 -5.80 4.51
CA ASN QA 374 -93.59 -5.84 4.81
C ASN QA 374 -93.24 -7.20 5.39
N MET QA 375 -92.06 -7.69 5.00
CA MET QA 375 -91.52 -8.94 5.52
C MET QA 375 -90.03 -8.81 5.82
N GLY QA 376 -89.54 -7.61 6.11
CA GLY QA 376 -88.12 -7.38 6.27
C GLY QA 376 -87.49 -8.15 7.40
N MET QA 377 -88.27 -8.54 8.42
CA MET QA 377 -87.70 -9.28 9.54
C MET QA 377 -87.22 -10.66 9.10
N ASN QA 378 -87.83 -11.22 8.07
CA ASN QA 378 -87.47 -12.56 7.60
C ASN QA 378 -86.39 -12.46 6.54
N PRO QA 379 -85.13 -12.81 6.83
CA PRO QA 379 -84.07 -12.58 5.84
C PRO QA 379 -84.08 -13.52 4.66
N ALA QA 380 -84.94 -14.54 4.65
CA ALA QA 380 -84.91 -15.52 3.58
C ALA QA 380 -85.64 -15.03 2.33
N VAL QA 381 -86.66 -14.20 2.50
CA VAL QA 381 -87.51 -13.79 1.39
C VAL QA 381 -86.77 -12.72 0.59
N GLN QA 382 -86.41 -13.05 -0.65
CA GLN QA 382 -85.86 -12.05 -1.55
C GLN QA 382 -86.97 -11.19 -2.14
N SER QA 383 -88.01 -11.82 -2.68
CA SER QA 383 -89.13 -11.10 -3.26
C SER QA 383 -90.40 -11.88 -3.01
N PHE QA 384 -91.53 -11.20 -3.16
CA PHE QA 384 -92.82 -11.85 -3.05
C PHE QA 384 -93.88 -10.90 -3.56
N THR QA 385 -94.97 -11.47 -4.03
CA THR QA 385 -96.11 -10.72 -4.50
C THR QA 385 -97.17 -10.68 -3.40
N ALA QA 386 -98.18 -9.85 -3.61
CA ALA QA 386 -99.34 -9.80 -2.74
C ALA QA 386 -100.58 -9.57 -3.60
N ILE QA 387 -101.69 -9.28 -2.94
CA ILE QA 387 -102.99 -9.17 -3.59
C ILE QA 387 -103.59 -7.82 -3.24
N ILE QA 388 -104.31 -7.23 -4.20
CA ILE QA 388 -104.80 -5.87 -4.08
C ILE QA 388 -106.04 -5.87 -3.21
N ASN QA 389 -105.93 -5.28 -2.03
CA ASN QA 389 -107.09 -5.12 -1.15
C ASN QA 389 -108.07 -4.15 -1.80
N PRO QA 390 -109.25 -4.59 -2.23
CA PRO QA 390 -110.15 -3.68 -2.94
C PRO QA 390 -110.69 -2.61 -2.00
N PRO QA 391 -111.24 -1.51 -2.54
CA PRO QA 391 -111.38 -1.16 -3.96
C PRO QA 391 -110.16 -0.44 -4.52
N GLN QA 392 -109.01 -0.54 -3.83
CA GLN QA 392 -107.82 0.17 -4.25
C GLN QA 392 -107.31 -0.34 -5.59
N ALA QA 393 -106.25 0.28 -6.10
CA ALA QA 393 -105.73 0.01 -7.42
C ALA QA 393 -104.29 -0.50 -7.43
N ALA QA 394 -103.58 -0.40 -6.32
CA ALA QA 394 -102.18 -0.78 -6.29
C ALA QA 394 -101.79 -1.20 -4.89
N ILE QA 395 -100.70 -1.97 -4.82
CA ILE QA 395 -100.17 -2.43 -3.55
C ILE QA 395 -98.70 -2.73 -3.72
N LEU QA 396 -97.96 -2.58 -2.63
CA LEU QA 396 -96.51 -2.69 -2.62
C LEU QA 396 -96.09 -3.93 -1.83
N ALA QA 397 -94.82 -4.30 -1.99
CA ALA QA 397 -94.23 -5.39 -1.25
C ALA QA 397 -92.72 -5.20 -1.20
N VAL QA 398 -92.16 -5.32 -0.01
CA VAL QA 398 -90.75 -5.02 0.25
C VAL QA 398 -90.10 -6.27 0.80
N GLY QA 399 -89.15 -6.83 0.06
CA GLY QA 399 -88.42 -8.00 0.53
C GLY QA 399 -87.41 -7.64 1.58
N ALA QA 400 -86.46 -8.54 1.76
CA ALA QA 400 -85.39 -8.34 2.73
C ALA QA 400 -84.20 -7.64 2.08
N PRO QA 401 -83.28 -7.12 2.88
CA PRO QA 401 -82.03 -6.61 2.32
C PRO QA 401 -81.05 -7.74 2.04
N GLN QA 402 -80.15 -7.48 1.09
CA GLN QA 402 -79.17 -8.46 0.67
C GLN QA 402 -77.90 -7.75 0.25
N LYS QA 403 -76.83 -8.53 0.11
CA LYS QA 403 -75.53 -8.04 -0.32
C LYS QA 403 -75.38 -8.36 -1.80
N VAL QA 404 -75.00 -7.36 -2.59
CA VAL QA 404 -74.84 -7.51 -4.03
C VAL QA 404 -73.53 -6.87 -4.45
N ALA QA 405 -72.95 -7.41 -5.52
CA ALA QA 405 -71.75 -6.85 -6.10
C ALA QA 405 -72.12 -5.67 -7.00
N VAL QA 406 -71.32 -4.62 -6.93
CA VAL QA 406 -71.54 -3.41 -7.72
C VAL QA 406 -70.18 -2.91 -8.21
N PRO QA 407 -70.04 -2.47 -9.46
CA PRO QA 407 -68.78 -1.87 -9.88
C PRO QA 407 -68.57 -0.50 -9.25
N VAL QA 408 -67.30 -0.14 -9.13
CA VAL QA 408 -66.91 1.18 -8.63
C VAL QA 408 -65.58 1.55 -9.26
N GLU QA 409 -65.44 2.82 -9.61
CA GLU QA 409 -64.21 3.34 -10.18
C GLU QA 409 -63.35 3.94 -9.09
N ASN QA 410 -62.19 3.32 -8.86
CA ASN QA 410 -61.20 3.88 -7.96
C ASN QA 410 -60.61 5.15 -8.55
N GLU QA 411 -59.71 5.78 -7.81
CA GLU QA 411 -59.05 6.99 -8.28
C GLU QA 411 -58.33 6.78 -9.61
N ASP QA 412 -57.81 5.58 -9.87
CA ASP QA 412 -57.20 5.25 -11.14
C ASP QA 412 -58.28 4.83 -12.13
N GLY QA 413 -57.85 4.48 -13.34
CA GLY QA 413 -58.78 4.10 -14.39
C GLY QA 413 -59.38 2.72 -14.24
N THR QA 414 -58.88 1.91 -13.32
CA THR QA 414 -59.39 0.56 -13.15
C THR QA 414 -60.66 0.56 -12.32
N THR QA 415 -61.54 -0.39 -12.62
CA THR QA 415 -62.76 -0.58 -11.86
C THR QA 415 -62.48 -1.47 -10.66
N GLY QA 416 -63.41 -1.43 -9.70
CA GLY QA 416 -63.30 -2.20 -8.49
C GLY QA 416 -64.66 -2.74 -8.07
N VAL QA 417 -64.63 -3.56 -7.02
CA VAL QA 417 -65.81 -4.24 -6.51
C VAL QA 417 -66.21 -3.58 -5.21
N SER QA 418 -67.47 -3.16 -5.13
CA SER QA 418 -68.05 -2.58 -3.94
C SER QA 418 -69.32 -3.34 -3.57
N TRP QA 419 -69.54 -3.52 -2.28
CA TRP QA 419 -70.67 -4.29 -1.76
C TRP QA 419 -71.74 -3.32 -1.31
N ASP QA 420 -72.85 -3.30 -2.04
CA ASP QA 420 -73.98 -2.44 -1.76
C ASP QA 420 -75.13 -3.26 -1.19
N GLU QA 421 -75.90 -2.63 -0.31
CA GLU QA 421 -77.04 -3.27 0.33
C GLU QA 421 -78.29 -2.98 -0.49
N GLN QA 422 -78.81 -4.00 -1.16
CA GLN QA 422 -79.97 -3.85 -2.04
C GLN QA 422 -81.20 -4.46 -1.40
N ILE QA 423 -82.35 -3.99 -1.87
CA ILE QA 423 -83.65 -4.56 -1.55
C ILE QA 423 -84.42 -4.73 -2.85
N ILE QA 424 -85.15 -5.81 -2.96
CA ILE QA 424 -86.07 -6.02 -4.07
C ILE QA 424 -87.45 -5.53 -3.64
N VAL QA 425 -88.13 -4.88 -4.57
CA VAL QA 425 -89.45 -4.31 -4.34
C VAL QA 425 -90.36 -4.78 -5.46
N THR QA 426 -91.57 -5.18 -5.10
CA THR QA 426 -92.55 -5.69 -6.05
C THR QA 426 -93.85 -4.92 -5.86
N ALA QA 427 -94.33 -4.32 -6.93
CA ALA QA 427 -95.56 -3.55 -6.95
C ALA QA 427 -96.56 -4.23 -7.85
N SER QA 428 -97.73 -4.53 -7.31
CA SER QA 428 -98.84 -5.08 -8.08
C SER QA 428 -99.81 -3.96 -8.41
N PHE QA 429 -100.25 -3.90 -9.67
CA PHE QA 429 -101.15 -2.86 -10.13
C PHE QA 429 -102.39 -3.48 -10.77
N ASP QA 430 -103.49 -2.74 -10.74
CA ASP QA 430 -104.68 -3.07 -11.49
C ASP QA 430 -104.60 -2.39 -12.85
N HIS QA 431 -104.93 -3.15 -13.90
CA HIS QA 431 -104.71 -2.69 -15.25
C HIS QA 431 -105.84 -1.85 -15.81
N LYS QA 432 -107.01 -1.84 -15.17
CA LYS QA 432 -108.10 -1.00 -15.64
C LYS QA 432 -107.73 0.47 -15.55
N VAL QA 433 -107.08 0.85 -14.46
CA VAL QA 433 -106.76 2.23 -14.17
C VAL QA 433 -105.38 2.59 -14.69
N VAL QA 434 -104.39 1.80 -14.31
CA VAL QA 434 -102.98 2.12 -14.53
C VAL QA 434 -102.45 1.31 -15.70
N ASP QA 435 -101.46 1.89 -16.37
CA ASP QA 435 -100.74 1.24 -17.46
C ASP QA 435 -99.28 1.03 -17.06
N GLY QA 436 -98.59 0.25 -17.89
CA GLY QA 436 -97.20 -0.08 -17.60
C GLY QA 436 -96.31 1.14 -17.52
N ALA QA 437 -96.52 2.10 -18.43
CA ALA QA 437 -95.72 3.32 -18.41
C ALA QA 437 -95.94 4.09 -17.12
N VAL QA 438 -97.19 4.17 -16.66
CA VAL QA 438 -97.51 4.92 -15.46
C VAL QA 438 -96.88 4.27 -14.24
N GLY QA 439 -97.01 2.94 -14.15
CA GLY QA 439 -96.38 2.22 -13.05
C GLY QA 439 -94.87 2.40 -13.06
N ALA QA 440 -94.27 2.36 -14.25
CA ALA QA 440 -92.83 2.53 -14.34
C ALA QA 440 -92.41 3.92 -13.88
N GLU QA 441 -93.20 4.93 -14.24
CA GLU QA 441 -92.90 6.30 -13.80
C GLU QA 441 -92.96 6.40 -12.29
N TRP QA 442 -94.00 5.81 -11.70
CA TRP QA 442 -94.14 5.81 -10.24
C TRP QA 442 -92.93 5.15 -9.58
N ILE QA 443 -92.51 4.01 -10.12
CA ILE QA 443 -91.38 3.29 -9.53
C ILE QA 443 -90.10 4.07 -9.71
N ARG QA 444 -89.94 4.75 -10.85
CA ARG QA 444 -88.75 5.56 -11.06
C ARG QA 444 -88.67 6.68 -10.02
N GLU QA 445 -89.79 7.35 -9.75
CA GLU QA 445 -89.77 8.41 -8.76
C GLU QA 445 -89.47 7.86 -7.39
N LEU QA 446 -90.01 6.69 -7.06
CA LEU QA 446 -89.73 6.08 -5.76
C LEU QA 446 -88.24 5.78 -5.63
N LYS QA 447 -87.65 5.16 -6.65
CA LYS QA 447 -86.24 4.83 -6.62
C LYS QA 447 -85.40 6.08 -6.49
N LYS QA 448 -85.80 7.15 -7.18
CA LYS QA 448 -85.03 8.39 -7.13
C LYS QA 448 -85.05 8.98 -5.72
N VAL QA 449 -86.24 9.06 -5.13
CA VAL QA 449 -86.35 9.66 -3.80
C VAL QA 449 -85.60 8.83 -2.78
N ILE QA 450 -85.61 7.50 -2.92
CA ILE QA 450 -84.89 6.67 -1.97
C ILE QA 450 -83.39 6.85 -2.15
N GLU QA 451 -82.89 6.68 -3.37
CA GLU QA 451 -81.46 6.71 -3.62
C GLU QA 451 -80.88 8.07 -3.29
N ASN QA 452 -81.69 9.13 -3.38
CA ASN QA 452 -81.32 10.45 -2.88
C ASN QA 452 -82.23 10.76 -1.71
N PRO QA 453 -81.93 10.28 -0.50
CA PRO QA 453 -82.88 10.45 0.62
C PRO QA 453 -83.17 11.90 0.96
N LEU QA 454 -82.28 12.82 0.59
CA LEU QA 454 -82.45 14.21 0.94
C LEU QA 454 -83.70 14.81 0.30
N GLU QA 455 -84.16 14.25 -0.81
CA GLU QA 455 -85.37 14.75 -1.44
C GLU QA 455 -86.63 14.40 -0.68
N LEU QA 456 -86.53 13.64 0.41
CA LEU QA 456 -87.68 13.43 1.28
C LEU QA 456 -88.21 14.75 1.82
N LEU QA 457 -87.33 15.74 1.98
CA LEU QA 457 -87.77 17.07 2.38
C LEU QA 457 -88.72 17.68 1.34
N LEU QA 458 -88.48 17.39 0.07
CA LEU QA 458 -89.26 17.97 -1.01
C LEU QA 458 -90.56 17.21 -1.21
N TYR RA 227 -74.16 -63.97 57.12
CA TYR RA 227 -74.53 -63.22 58.31
C TYR RA 227 -75.90 -62.57 58.13
N THR RA 228 -75.93 -61.39 57.49
CA THR RA 228 -77.19 -60.69 57.30
C THR RA 228 -78.07 -61.43 56.31
N ASP RA 229 -79.32 -61.68 56.71
CA ASP RA 229 -80.26 -62.50 55.94
C ASP RA 229 -81.44 -61.63 55.55
N VAL RA 230 -81.47 -61.21 54.29
CA VAL RA 230 -82.54 -60.36 53.78
C VAL RA 230 -83.43 -61.19 52.86
N PRO RA 231 -84.73 -61.31 53.11
CA PRO RA 231 -85.58 -62.03 52.17
C PRO RA 231 -85.62 -61.33 50.81
N ILE RA 232 -86.03 -62.10 49.80
CA ILE RA 232 -86.04 -61.61 48.43
C ILE RA 232 -87.31 -60.79 48.20
N SER RA 233 -87.19 -59.77 47.37
CA SER RA 233 -88.31 -58.87 47.12
C SER RA 233 -89.46 -59.54 46.38
N GLY RA 234 -89.22 -60.69 45.74
CA GLY RA 234 -90.20 -61.35 44.92
C GLY RA 234 -90.17 -60.92 43.47
N MET RA 235 -89.92 -59.64 43.23
CA MET RA 235 -89.79 -59.16 41.85
C MET RA 235 -88.56 -59.75 41.18
N ARG RA 236 -87.47 -59.89 41.93
CA ARG RA 236 -86.25 -60.47 41.37
C ARG RA 236 -86.45 -61.91 40.95
N LYS RA 237 -87.40 -62.61 41.59
CA LYS RA 237 -87.67 -64.00 41.24
C LYS RA 237 -88.05 -64.14 39.78
N THR RA 238 -88.93 -63.25 39.31
CA THR RA 238 -89.40 -63.32 37.94
C THR RA 238 -88.26 -63.07 36.95
N ILE RA 239 -87.43 -62.08 37.24
CA ILE RA 239 -86.30 -61.78 36.36
C ILE RA 239 -85.32 -62.94 36.35
N ALA RA 240 -85.12 -63.58 37.49
CA ALA RA 240 -84.22 -64.73 37.56
C ALA RA 240 -84.75 -65.87 36.71
N ALA RA 241 -86.05 -66.16 36.84
CA ALA RA 241 -86.66 -67.22 36.04
C ALA RA 241 -86.58 -66.89 34.55
N ARG RA 242 -86.78 -65.62 34.20
CA ARG RA 242 -86.73 -65.22 32.80
C ARG RA 242 -85.33 -65.42 32.23
N LEU RA 243 -84.30 -64.95 32.94
CA LEU RA 243 -82.93 -65.12 32.48
C LEU RA 243 -82.54 -66.59 32.40
N LYS RA 244 -83.03 -67.38 33.35
CA LYS RA 244 -82.76 -68.81 33.33
C LYS RA 244 -83.37 -69.46 32.10
N GLU RA 245 -84.62 -69.11 31.79
CA GLU RA 245 -85.26 -69.58 30.57
C GLU RA 245 -84.45 -69.17 29.36
N SER RA 246 -83.92 -67.95 29.37
CA SER RA 246 -83.16 -67.47 28.22
C SER RA 246 -81.93 -68.33 27.99
N VAL RA 247 -81.11 -68.49 29.02
CA VAL RA 247 -79.85 -69.21 28.85
C VAL RA 247 -80.06 -70.70 28.64
N THR RA 248 -81.17 -71.26 29.12
CA THR RA 248 -81.39 -72.70 28.94
C THR RA 248 -82.12 -73.02 27.65
N GLU RA 249 -82.86 -72.06 27.08
CA GLU RA 249 -83.59 -72.31 25.83
C GLU RA 249 -82.77 -71.90 24.62
N ASN RA 250 -82.01 -70.80 24.74
CA ASN RA 250 -81.26 -70.23 23.63
C ASN RA 250 -79.77 -70.30 23.93
N PRO RA 251 -78.97 -70.99 23.11
CA PRO RA 251 -77.52 -70.88 23.31
C PRO RA 251 -77.04 -69.53 22.83
N HIS RA 252 -75.92 -69.10 23.40
CA HIS RA 252 -75.38 -67.77 23.17
C HIS RA 252 -74.00 -67.87 22.54
N PHE RA 253 -73.74 -67.05 21.53
CA PHE RA 253 -72.39 -66.81 21.06
C PHE RA 253 -72.22 -65.33 20.80
N PHE RA 254 -71.00 -64.86 21.04
CA PHE RA 254 -70.68 -63.44 21.12
C PHE RA 254 -69.77 -63.05 19.97
N VAL RA 255 -69.91 -61.80 19.52
CA VAL RA 255 -69.05 -61.20 18.52
C VAL RA 255 -68.59 -59.87 19.09
N SER RA 256 -67.34 -59.52 18.81
CA SER RA 256 -66.70 -58.35 19.40
C SER RA 256 -65.94 -57.60 18.31
N THR RA 257 -66.26 -56.32 18.16
CA THR RA 257 -65.67 -55.49 17.14
C THR RA 257 -65.28 -54.14 17.72
N ASN RA 258 -64.58 -53.36 16.90
CA ASN RA 258 -64.06 -52.05 17.29
C ASN RA 258 -64.47 -51.05 16.23
N LEU RA 259 -65.15 -49.99 16.66
CA LEU RA 259 -65.60 -48.93 15.78
C LEU RA 259 -64.72 -47.71 15.92
N SER RA 260 -64.77 -46.84 14.92
CA SER RA 260 -64.09 -45.55 14.92
C SER RA 260 -65.14 -44.45 14.88
N VAL RA 261 -65.10 -43.58 15.88
CA VAL RA 261 -66.17 -42.61 16.12
C VAL RA 261 -65.67 -41.17 16.07
N SER RA 262 -64.45 -40.94 15.55
CA SER RA 262 -63.89 -39.60 15.55
C SER RA 262 -64.71 -38.67 14.68
N LYS RA 263 -65.34 -39.19 13.62
CA LYS RA 263 -66.20 -38.37 12.78
C LYS RA 263 -67.58 -38.23 13.39
N LEU RA 264 -68.07 -39.29 14.04
CA LEU RA 264 -69.37 -39.23 14.68
C LEU RA 264 -69.40 -38.16 15.75
N LEU RA 265 -68.34 -38.05 16.54
CA LEU RA 265 -68.33 -37.04 17.60
C LEU RA 265 -68.30 -35.64 17.02
N LYS RA 266 -67.58 -35.44 15.91
CA LYS RA 266 -67.59 -34.14 15.25
C LYS RA 266 -68.99 -33.81 14.75
N LEU RA 267 -69.68 -34.79 14.17
CA LEU RA 267 -71.04 -34.56 13.70
C LEU RA 267 -71.95 -34.17 14.86
N ARG RA 268 -71.83 -34.87 15.98
CA ARG RA 268 -72.66 -34.57 17.14
C ARG RA 268 -72.37 -33.17 17.65
N GLN RA 269 -71.09 -32.79 17.69
CA GLN RA 269 -70.72 -31.46 18.14
C GLN RA 269 -71.30 -30.39 17.23
N ALA RA 270 -71.21 -30.60 15.92
CA ALA RA 270 -71.71 -29.60 14.98
C ALA RA 270 -73.22 -29.47 15.07
N LEU RA 271 -73.94 -30.59 15.18
CA LEU RA 271 -75.39 -30.52 15.29
C LEU RA 271 -75.82 -29.90 16.61
N ASN RA 272 -75.10 -30.17 17.70
CA ASN RA 272 -75.43 -29.52 18.97
C ASN RA 272 -75.17 -28.02 18.90
N SER RA 273 -74.12 -27.61 18.17
CA SER RA 273 -73.82 -26.19 18.06
C SER RA 273 -74.85 -25.48 17.20
N SER RA 274 -75.25 -26.07 16.09
CA SER RA 274 -76.22 -25.44 15.18
C SER RA 274 -77.65 -25.70 15.68
N ALA RA 275 -77.92 -25.15 16.87
CA ALA RA 275 -79.22 -25.31 17.49
C ALA RA 275 -79.42 -24.17 18.48
N ASP RA 276 -80.65 -24.03 18.95
CA ASP RA 276 -81.05 -22.99 19.89
C ASP RA 276 -81.64 -23.59 21.15
N GLY RA 277 -80.98 -24.62 21.68
CA GLY RA 277 -81.50 -25.33 22.83
C GLY RA 277 -82.77 -26.11 22.55
N ARG RA 278 -83.07 -26.38 21.28
CA ARG RA 278 -84.28 -27.11 20.95
C ARG RA 278 -84.11 -28.62 21.15
N TYR RA 279 -82.88 -29.11 21.18
CA TYR RA 279 -82.62 -30.54 21.34
C TYR RA 279 -81.21 -30.72 21.88
N LYS RA 280 -80.89 -31.98 22.18
CA LYS RA 280 -79.55 -32.35 22.63
C LYS RA 280 -79.37 -33.83 22.31
N LEU RA 281 -78.29 -34.15 21.63
CA LEU RA 281 -78.07 -35.49 21.10
C LEU RA 281 -77.04 -36.25 21.94
N SER RA 282 -77.02 -37.57 21.72
CA SER RA 282 -76.05 -38.45 22.35
C SER RA 282 -75.60 -39.52 21.36
N VAL RA 283 -74.71 -40.39 21.80
CA VAL RA 283 -74.18 -41.43 20.92
C VAL RA 283 -75.19 -42.56 20.75
N ASN RA 284 -75.99 -42.81 21.78
CA ASN RA 284 -76.94 -43.91 21.75
C ASN RA 284 -77.97 -43.73 20.64
N ASP RA 285 -78.34 -42.49 20.34
CA ASP RA 285 -79.34 -42.26 19.29
C ASP RA 285 -78.79 -42.63 17.92
N PHE RA 286 -77.57 -42.19 17.62
CA PHE RA 286 -76.91 -42.61 16.39
C PHE RA 286 -76.82 -44.13 16.32
N LEU RA 287 -76.46 -44.76 17.43
CA LEU RA 287 -76.36 -46.21 17.44
C LEU RA 287 -77.70 -46.86 17.15
N ILE RA 288 -78.78 -46.29 17.67
CA ILE RA 288 -80.10 -46.87 17.47
C ILE RA 288 -80.52 -46.74 16.01
N LYS RA 289 -80.25 -45.58 15.41
CA LYS RA 289 -80.56 -45.39 14.00
C LYS RA 289 -79.78 -46.39 13.15
N ALA RA 290 -78.51 -46.58 13.47
CA ALA RA 290 -77.70 -47.52 12.70
C ALA RA 290 -78.19 -48.95 12.89
N MET RA 291 -78.65 -49.28 14.10
CA MET RA 291 -79.24 -50.59 14.34
C MET RA 291 -80.45 -50.81 13.45
N GLY RA 292 -81.30 -49.79 13.36
CA GLY RA 292 -82.46 -49.89 12.48
C GLY RA 292 -82.07 -50.11 11.04
N ILE RA 293 -81.06 -49.37 10.57
CA ILE RA 293 -80.63 -49.51 9.17
C ILE RA 293 -80.10 -50.92 8.92
N ALA RA 294 -79.28 -51.41 9.84
CA ALA RA 294 -78.69 -52.74 9.66
C ALA RA 294 -79.76 -53.81 9.71
N SER RA 295 -80.73 -53.67 10.61
CA SER RA 295 -81.80 -54.65 10.68
C SER RA 295 -82.64 -54.65 9.42
N LYS RA 296 -82.80 -53.48 8.79
CA LYS RA 296 -83.54 -53.43 7.54
C LYS RA 296 -82.74 -54.03 6.40
N ARG RA 297 -81.42 -53.87 6.41
CA ARG RA 297 -80.61 -54.45 5.34
C ARG RA 297 -80.45 -55.96 5.50
N VAL RA 298 -80.54 -56.46 6.72
CA VAL RA 298 -80.42 -57.89 7.00
C VAL RA 298 -81.60 -58.30 7.88
N PRO RA 299 -82.76 -58.59 7.31
CA PRO RA 299 -83.96 -58.78 8.15
C PRO RA 299 -83.96 -60.04 8.98
N THR RA 300 -83.03 -60.97 8.73
CA THR RA 300 -83.04 -62.22 9.47
C THR RA 300 -82.78 -62.00 10.95
N VAL RA 301 -82.03 -60.96 11.30
CA VAL RA 301 -81.74 -60.68 12.70
C VAL RA 301 -83.01 -60.25 13.41
N ASN RA 302 -83.78 -59.36 12.77
CA ASN RA 302 -85.03 -58.86 13.35
C ASN RA 302 -86.06 -59.98 13.22
N SER RA 303 -85.96 -60.94 14.14
CA SER RA 303 -86.77 -62.14 14.10
C SER RA 303 -86.97 -62.63 15.53
N SER RA 304 -87.62 -63.78 15.66
CA SER RA 304 -87.84 -64.38 16.97
C SER RA 304 -87.95 -65.89 16.79
N TRP RA 305 -88.38 -66.58 17.84
CA TRP RA 305 -88.58 -68.03 17.82
C TRP RA 305 -89.89 -68.33 18.52
N ARG RA 306 -90.80 -68.97 17.80
CA ARG RA 306 -92.15 -69.22 18.30
C ARG RA 306 -92.50 -70.69 18.12
N ASP RA 307 -93.76 -71.04 18.30
CA ASP RA 307 -94.18 -72.44 18.29
C ASP RA 307 -94.07 -73.03 16.88
N GLY RA 308 -92.94 -73.67 16.59
CA GLY RA 308 -92.74 -74.29 15.29
C GLY RA 308 -92.80 -73.33 14.12
N VAL RA 309 -92.48 -72.06 14.35
CA VAL RA 309 -92.61 -71.03 13.31
C VAL RA 309 -91.67 -69.89 13.67
N ILE RA 310 -91.14 -69.25 12.62
CA ILE RA 310 -90.33 -68.05 12.77
C ILE RA 310 -91.21 -66.85 12.45
N ARG RA 311 -91.33 -65.95 13.41
CA ARG RA 311 -92.03 -64.69 13.22
C ARG RA 311 -91.02 -63.64 12.82
N GLN RA 312 -91.20 -63.08 11.62
CA GLN RA 312 -90.35 -62.03 11.08
C GLN RA 312 -91.15 -60.75 10.99
N PHE RA 313 -90.62 -59.69 11.59
CA PHE RA 313 -91.23 -58.38 11.54
C PHE RA 313 -90.76 -57.63 10.29
N GLU RA 314 -91.21 -56.39 10.17
CA GLU RA 314 -90.75 -55.46 9.14
C GLU RA 314 -90.15 -54.21 9.76
N THR RA 315 -90.83 -53.62 10.73
CA THR RA 315 -90.32 -52.48 11.46
C THR RA 315 -89.33 -52.94 12.52
N VAL RA 316 -88.66 -51.96 13.13
CA VAL RA 316 -87.65 -52.21 14.14
C VAL RA 316 -88.13 -51.58 15.43
N ASP RA 317 -88.39 -52.42 16.43
CA ASP RA 317 -88.76 -51.98 17.77
C ASP RA 317 -87.56 -52.20 18.69
N VAL RA 318 -87.07 -51.11 19.27
CA VAL RA 318 -85.80 -51.11 19.99
C VAL RA 318 -86.06 -51.00 21.48
N SER RA 319 -85.53 -51.96 22.24
CA SER RA 319 -85.65 -51.96 23.69
C SER RA 319 -84.38 -51.37 24.29
N VAL RA 320 -84.52 -50.22 24.95
CA VAL RA 320 -83.39 -49.53 25.57
C VAL RA 320 -83.44 -49.78 27.06
N ALA RA 321 -82.29 -50.07 27.65
CA ALA RA 321 -82.20 -50.39 29.07
C ALA RA 321 -81.99 -49.13 29.90
N VAL RA 322 -82.58 -49.12 31.08
CA VAL RA 322 -82.41 -48.05 32.05
C VAL RA 322 -82.22 -48.68 33.42
N ALA RA 323 -81.25 -48.13 34.16
CA ALA RA 323 -80.83 -48.65 35.46
C ALA RA 323 -81.45 -47.76 36.54
N THR RA 324 -82.55 -48.23 37.11
CA THR RA 324 -83.21 -47.55 38.21
C THR RA 324 -82.71 -48.10 39.54
N PRO RA 325 -82.93 -47.38 40.65
CA PRO RA 325 -82.62 -47.97 41.96
C PRO RA 325 -83.40 -49.23 42.26
N ASN RA 326 -84.54 -49.44 41.60
CA ASN RA 326 -85.30 -50.67 41.73
C ASN RA 326 -84.68 -51.82 40.95
N GLY RA 327 -83.82 -51.52 39.97
CA GLY RA 327 -83.18 -52.55 39.19
C GLY RA 327 -82.97 -52.14 37.75
N LEU RA 328 -83.48 -52.95 36.82
CA LEU RA 328 -83.34 -52.71 35.39
C LEU RA 328 -84.72 -52.69 34.75
N ILE RA 329 -84.87 -51.87 33.72
CA ILE RA 329 -86.12 -51.81 32.97
C ILE RA 329 -85.80 -51.53 31.51
N THR RA 330 -86.70 -51.95 30.62
CA THR RA 330 -86.46 -51.89 29.18
C THR RA 330 -87.64 -51.24 28.47
N PRO RA 331 -87.71 -49.90 28.49
CA PRO RA 331 -88.67 -49.21 27.62
C PRO RA 331 -88.36 -49.47 26.15
N ILE RA 332 -89.32 -49.10 25.31
CA ILE RA 332 -89.30 -49.44 23.89
C ILE RA 332 -89.50 -48.17 23.06
N VAL RA 333 -88.81 -48.12 21.93
CA VAL RA 333 -89.02 -47.12 20.90
C VAL RA 333 -89.56 -47.83 19.67
N LYS RA 334 -90.55 -47.22 19.03
CA LYS RA 334 -91.32 -47.83 17.96
C LYS RA 334 -91.01 -47.18 16.63
N GLY RA 335 -90.92 -48.00 15.59
CA GLY RA 335 -90.73 -47.52 14.24
C GLY RA 335 -89.50 -46.63 14.07
N VAL RA 336 -88.34 -47.17 14.42
CA VAL RA 336 -87.13 -46.36 14.45
C VAL RA 336 -86.75 -45.92 13.05
N GLU RA 337 -86.74 -46.86 12.11
CA GLU RA 337 -86.31 -46.56 10.75
C GLU RA 337 -87.22 -45.51 10.15
N GLY RA 338 -86.62 -44.39 9.75
CA GLY RA 338 -87.39 -43.27 9.26
C GLY RA 338 -88.23 -42.62 10.34
N LYS RA 339 -87.58 -42.11 11.37
CA LYS RA 339 -88.26 -41.45 12.49
C LYS RA 339 -87.64 -40.12 12.86
N GLY RA 340 -86.31 -40.01 12.76
CA GLY RA 340 -85.62 -38.77 13.09
C GLY RA 340 -84.93 -38.79 14.45
N LEU RA 341 -83.69 -38.30 14.46
CA LEU RA 341 -82.88 -38.36 15.66
C LEU RA 341 -83.45 -37.49 16.77
N GLU RA 342 -84.04 -36.34 16.42
CA GLU RA 342 -84.60 -35.46 17.44
C GLU RA 342 -85.78 -36.13 18.13
N SER RA 343 -86.68 -36.71 17.35
CA SER RA 343 -87.80 -37.44 17.93
C SER RA 343 -87.31 -38.60 18.77
N ILE RA 344 -86.26 -39.27 18.32
CA ILE RA 344 -85.70 -40.38 19.07
C ILE RA 344 -85.19 -39.91 20.43
N SER RA 345 -84.43 -38.81 20.43
CA SER RA 345 -83.88 -38.30 21.68
C SER RA 345 -84.98 -37.86 22.63
N ALA RA 346 -86.01 -37.22 22.09
CA ALA RA 346 -87.12 -36.78 22.93
C ALA RA 346 -87.82 -37.97 23.57
N ALA RA 347 -88.12 -38.99 22.77
CA ALA RA 347 -88.79 -40.17 23.29
C ALA RA 347 -87.94 -40.87 24.34
N VAL RA 348 -86.63 -40.96 24.09
CA VAL RA 348 -85.75 -41.64 25.04
C VAL RA 348 -85.71 -40.90 26.36
N LYS RA 349 -85.55 -39.57 26.31
CA LYS RA 349 -85.54 -38.79 27.55
C LYS RA 349 -86.85 -38.94 28.31
N GLU RA 350 -87.97 -38.90 27.59
CA GLU RA 350 -89.27 -39.03 28.23
C GLU RA 350 -89.40 -40.37 28.93
N LEU RA 351 -89.07 -41.46 28.23
CA LEU RA 351 -89.22 -42.78 28.81
C LEU RA 351 -88.26 -42.97 29.99
N ALA RA 352 -87.06 -42.39 29.90
CA ALA RA 352 -86.10 -42.55 30.98
C ALA RA 352 -86.57 -41.84 32.24
N LYS RA 353 -87.06 -40.61 32.11
CA LYS RA 353 -87.55 -39.91 33.29
C LYS RA 353 -88.81 -40.57 33.83
N LYS RA 354 -89.68 -41.09 32.96
CA LYS RA 354 -90.85 -41.80 33.42
C LYS RA 354 -90.48 -43.08 34.15
N ALA RA 355 -89.37 -43.70 33.75
CA ALA RA 355 -88.92 -44.91 34.46
C ALA RA 355 -88.32 -44.56 35.80
N ARG RA 356 -87.57 -43.46 35.88
CA ARG RA 356 -87.06 -43.02 37.17
C ARG RA 356 -88.19 -42.65 38.12
N ASP RA 357 -89.31 -42.17 37.59
CA ASP RA 357 -90.46 -41.85 38.42
C ASP RA 357 -91.40 -43.03 38.64
N GLY RA 358 -91.28 -44.10 37.84
CA GLY RA 358 -92.17 -45.23 37.96
C GLY RA 358 -93.57 -44.93 37.47
N LYS RA 359 -93.71 -44.63 36.18
CA LYS RA 359 -94.97 -44.18 35.60
C LYS RA 359 -95.23 -44.83 34.25
N LEU RA 360 -94.82 -46.08 34.08
CA LEU RA 360 -94.92 -46.76 32.79
C LEU RA 360 -96.12 -47.69 32.74
N LYS RA 361 -96.49 -48.05 31.52
CA LYS RA 361 -97.47 -49.06 31.20
C LYS RA 361 -96.78 -50.35 30.79
N PRO RA 362 -97.44 -51.51 30.92
CA PRO RA 362 -96.77 -52.77 30.55
C PRO RA 362 -96.44 -52.86 29.07
N GLU RA 363 -97.31 -52.34 28.21
CA GLU RA 363 -97.08 -52.39 26.77
C GLU RA 363 -95.81 -51.66 26.37
N GLU RA 364 -95.42 -50.64 27.12
CA GLU RA 364 -94.27 -49.84 26.77
C GLU RA 364 -92.95 -50.59 26.93
N TYR RA 365 -92.91 -51.63 27.78
CA TYR RA 365 -91.71 -52.40 28.01
C TYR RA 365 -91.95 -53.90 27.90
N GLN RA 366 -93.05 -54.32 27.25
CA GLN RA 366 -93.32 -55.72 26.96
C GLN RA 366 -93.45 -55.86 25.45
N GLY RA 367 -92.42 -56.42 24.82
CA GLY RA 367 -92.38 -56.54 23.38
C GLY RA 367 -90.98 -56.28 22.85
N GLY RA 368 -90.89 -55.62 21.71
CA GLY RA 368 -89.61 -55.29 21.13
C GLY RA 368 -88.98 -56.47 20.44
N SER RA 369 -88.36 -56.23 19.29
CA SER RA 369 -87.66 -57.26 18.54
C SER RA 369 -86.19 -57.35 18.89
N ILE RA 370 -85.56 -56.20 19.14
CA ILE RA 370 -84.13 -56.13 19.41
C ILE RA 370 -83.93 -55.22 20.61
N SER RA 371 -82.79 -55.38 21.29
CA SER RA 371 -82.51 -54.70 22.54
C SER RA 371 -81.11 -54.10 22.51
N ILE RA 372 -80.78 -53.37 23.56
CA ILE RA 372 -79.50 -52.71 23.69
C ILE RA 372 -79.31 -52.31 25.13
N SER RA 373 -78.05 -52.29 25.57
CA SER RA 373 -77.65 -51.78 26.87
C SER RA 373 -76.43 -50.90 26.69
N ASN RA 374 -76.35 -49.83 27.49
CA ASN RA 374 -75.30 -48.84 27.36
C ASN RA 374 -74.64 -48.62 28.71
N MET RA 375 -73.32 -48.42 28.68
CA MET RA 375 -72.54 -48.12 29.86
C MET RA 375 -71.48 -47.05 29.59
N GLY RA 376 -71.71 -46.19 28.61
CA GLY RA 376 -70.68 -45.24 28.18
C GLY RA 376 -70.30 -44.24 29.25
N MET RA 377 -71.17 -43.98 30.21
CA MET RA 377 -70.83 -43.02 31.25
C MET RA 377 -69.69 -43.53 32.13
N ASN RA 378 -69.57 -44.85 32.27
CA ASN RA 378 -68.53 -45.44 33.12
C ASN RA 378 -67.30 -45.71 32.27
N PRO RA 379 -66.23 -44.90 32.36
CA PRO RA 379 -65.13 -45.03 31.40
C PRO RA 379 -64.28 -46.27 31.58
N ALA RA 380 -64.43 -47.01 32.68
CA ALA RA 380 -63.55 -48.14 32.93
C ALA RA 380 -63.93 -49.36 32.10
N VAL RA 381 -65.20 -49.49 31.75
CA VAL RA 381 -65.68 -50.69 31.06
C VAL RA 381 -65.25 -50.60 29.60
N GLN RA 382 -64.23 -51.38 29.25
CA GLN RA 382 -63.83 -51.48 27.85
C GLN RA 382 -64.83 -52.30 27.06
N SER RA 383 -65.36 -53.36 27.67
CA SER RA 383 -66.31 -54.22 26.98
C SER RA 383 -67.11 -55.01 28.00
N PHE RA 384 -68.25 -55.54 27.56
CA PHE RA 384 -69.04 -56.40 28.40
C PHE RA 384 -70.08 -57.08 27.55
N THR RA 385 -70.60 -58.17 28.09
CA THR RA 385 -71.64 -58.96 27.48
C THR RA 385 -72.95 -58.68 28.20
N ALA RA 386 -74.05 -59.13 27.59
CA ALA RA 386 -75.35 -59.08 28.22
C ALA RA 386 -76.11 -60.35 27.85
N ILE RA 387 -77.38 -60.39 28.24
CA ILE RA 387 -78.22 -61.57 28.12
C ILE RA 387 -79.44 -61.20 27.30
N ILE RA 388 -79.88 -62.15 26.46
CA ILE RA 388 -80.92 -61.89 25.49
C ILE RA 388 -82.27 -61.89 26.21
N ASN RA 389 -82.89 -60.73 26.27
CA ASN RA 389 -84.24 -60.62 26.82
C ASN RA 389 -85.22 -61.33 25.89
N PRO RA 390 -85.82 -62.45 26.29
CA PRO RA 390 -86.66 -63.20 25.35
C PRO RA 390 -87.93 -62.43 25.05
N PRO RA 391 -88.66 -62.82 23.99
CA PRO RA 391 -88.38 -63.90 23.04
C PRO RA 391 -87.48 -63.45 21.88
N GLN RA 392 -86.77 -62.34 22.08
CA GLN RA 392 -85.95 -61.75 21.02
C GLN RA 392 -84.80 -62.67 20.62
N ALA RA 393 -84.03 -62.26 19.61
CA ALA RA 393 -82.99 -63.08 19.02
C ALA RA 393 -81.59 -62.54 19.21
N ALA RA 394 -81.44 -61.25 19.47
CA ALA RA 394 -80.13 -60.63 19.54
C ALA RA 394 -80.15 -59.50 20.55
N ILE RA 395 -78.96 -59.09 20.97
CA ILE RA 395 -78.82 -57.94 21.85
C ILE RA 395 -77.43 -57.37 21.68
N LEU RA 396 -77.32 -56.07 21.89
CA LEU RA 396 -76.12 -55.30 21.68
C LEU RA 396 -75.58 -54.77 23.00
N ALA RA 397 -74.33 -54.35 22.97
CA ALA RA 397 -73.69 -53.75 24.13
C ALA RA 397 -72.55 -52.87 23.64
N VAL RA 398 -72.45 -51.67 24.22
CA VAL RA 398 -71.51 -50.65 23.79
C VAL RA 398 -70.67 -50.27 25.00
N GLY RA 399 -69.36 -50.49 24.91
CA GLY RA 399 -68.47 -50.09 25.97
C GLY RA 399 -68.21 -48.60 25.97
N ALA RA 400 -67.15 -48.22 26.64
CA ALA RA 400 -66.75 -46.83 26.71
C ALA RA 400 -65.81 -46.49 25.56
N PRO RA 401 -65.61 -45.20 25.28
CA PRO RA 401 -64.58 -44.81 24.32
C PRO RA 401 -63.19 -44.83 24.95
N GLN RA 402 -62.20 -45.00 24.09
CA GLN RA 402 -60.82 -45.06 24.52
C GLN RA 402 -59.93 -44.50 23.42
N LYS RA 403 -58.68 -44.23 23.78
CA LYS RA 403 -57.67 -43.73 22.86
C LYS RA 403 -56.84 -44.90 22.37
N VAL RA 404 -56.61 -44.97 21.07
CA VAL RA 404 -55.87 -46.06 20.45
C VAL RA 404 -54.94 -45.48 19.40
N ALA RA 405 -53.81 -46.15 19.22
CA ALA RA 405 -52.88 -45.79 18.16
C ALA RA 405 -53.36 -46.34 16.83
N VAL RA 406 -53.21 -45.55 15.79
CA VAL RA 406 -53.59 -45.94 14.44
C VAL RA 406 -52.54 -45.39 13.47
N PRO RA 407 -52.09 -46.15 12.48
CA PRO RA 407 -51.14 -45.60 11.52
C PRO RA 407 -51.80 -44.55 10.63
N VAL RA 408 -50.95 -43.73 10.02
CA VAL RA 408 -51.40 -42.72 9.07
C VAL RA 408 -50.23 -42.39 8.16
N GLU RA 409 -50.55 -42.13 6.89
CA GLU RA 409 -49.56 -41.76 5.91
C GLU RA 409 -49.51 -40.24 5.79
N ASN RA 410 -48.38 -39.66 6.17
CA ASN RA 410 -48.15 -38.24 5.93
C ASN RA 410 -48.02 -37.99 4.43
N GLU RA 411 -47.86 -36.72 4.07
CA GLU RA 411 -47.73 -36.36 2.67
C GLU RA 411 -46.52 -37.00 2.01
N ASP RA 412 -45.49 -37.39 2.77
CA ASP RA 412 -44.38 -38.15 2.26
C ASP RA 412 -44.70 -39.65 2.36
N GLY RA 413 -43.69 -40.47 2.12
CA GLY RA 413 -43.89 -41.91 2.13
C GLY RA 413 -43.85 -42.54 3.50
N THR RA 414 -43.34 -41.84 4.52
CA THR RA 414 -43.26 -42.38 5.86
C THR RA 414 -44.63 -42.40 6.51
N THR RA 415 -44.83 -43.39 7.38
CA THR RA 415 -46.04 -43.48 8.17
C THR RA 415 -45.89 -42.63 9.43
N GLY RA 416 -47.03 -42.41 10.10
CA GLY RA 416 -47.06 -41.64 11.32
C GLY RA 416 -48.10 -42.20 12.27
N VAL RA 417 -48.16 -41.59 13.45
CA VAL RA 417 -49.04 -42.03 14.53
C VAL RA 417 -50.18 -41.03 14.64
N SER RA 418 -51.40 -41.55 14.60
CA SER RA 418 -52.61 -40.76 14.80
C SER RA 418 -53.44 -41.39 15.91
N TRP RA 419 -54.01 -40.54 16.75
CA TRP RA 419 -54.79 -40.98 17.90
C TRP RA 419 -56.27 -40.88 17.57
N ASP RA 420 -56.89 -42.04 17.35
CA ASP RA 420 -58.30 -42.14 17.06
C ASP RA 420 -59.05 -42.62 18.30
N GLU RA 421 -60.32 -42.22 18.39
CA GLU RA 421 -61.18 -42.60 19.50
C GLU RA 421 -61.97 -43.83 19.10
N GLN RA 422 -61.70 -44.95 19.77
CA GLN RA 422 -62.33 -46.23 19.46
C GLN RA 422 -63.32 -46.62 20.54
N ILE RA 423 -64.32 -47.40 20.13
CA ILE RA 423 -65.28 -48.02 21.04
C ILE RA 423 -65.35 -49.49 20.69
N ILE RA 424 -65.43 -50.33 21.71
CA ILE RA 424 -65.68 -51.75 21.54
C ILE RA 424 -67.18 -51.98 21.61
N VAL RA 425 -67.65 -52.86 20.73
CA VAL RA 425 -69.05 -53.25 20.65
C VAL RA 425 -69.12 -54.75 20.72
N THR RA 426 -70.05 -55.26 21.53
CA THR RA 426 -70.25 -56.69 21.71
C THR RA 426 -71.69 -57.02 21.40
N ALA RA 427 -71.89 -58.02 20.53
CA ALA RA 427 -73.20 -58.47 20.13
C ALA RA 427 -73.37 -59.93 20.51
N SER RA 428 -74.42 -60.21 21.27
CA SER RA 428 -74.78 -61.58 21.62
C SER RA 428 -75.94 -62.03 20.75
N PHE RA 429 -75.80 -63.20 20.11
CA PHE RA 429 -76.83 -63.72 19.22
C PHE RA 429 -77.32 -65.07 19.72
N ASP RA 430 -78.57 -65.38 19.37
CA ASP RA 430 -79.07 -66.74 19.50
C ASP RA 430 -78.68 -67.53 18.27
N HIS RA 431 -78.24 -68.76 18.47
CA HIS RA 431 -77.72 -69.58 17.39
C HIS RA 431 -78.79 -70.37 16.66
N LYS RA 432 -79.99 -70.50 17.22
CA LYS RA 432 -81.05 -71.20 16.52
C LYS RA 432 -81.44 -70.46 15.26
N VAL RA 433 -81.60 -69.15 15.35
CA VAL RA 433 -82.04 -68.32 14.24
C VAL RA 433 -80.86 -67.86 13.41
N VAL RA 434 -79.89 -67.24 14.04
CA VAL RA 434 -78.81 -66.55 13.36
C VAL RA 434 -77.57 -67.43 13.34
N ASP RA 435 -76.78 -67.28 12.29
CA ASP RA 435 -75.49 -67.94 12.16
C ASP RA 435 -74.38 -66.90 12.15
N GLY RA 436 -73.15 -67.42 12.21
CA GLY RA 436 -71.99 -66.55 12.33
C GLY RA 436 -71.86 -65.61 11.15
N ALA RA 437 -72.10 -66.12 9.94
CA ALA RA 437 -71.99 -65.28 8.74
C ALA RA 437 -73.00 -64.15 8.79
N VAL RA 438 -74.23 -64.45 9.23
CA VAL RA 438 -75.27 -63.43 9.27
C VAL RA 438 -74.92 -62.37 10.30
N GLY RA 439 -74.46 -62.79 11.47
CA GLY RA 439 -74.04 -61.83 12.48
C GLY RA 439 -72.89 -60.97 11.98
N ALA RA 440 -71.94 -61.58 11.27
CA ALA RA 440 -70.81 -60.83 10.75
C ALA RA 440 -71.27 -59.80 9.74
N GLU RA 441 -72.22 -60.17 8.88
CA GLU RA 441 -72.73 -59.25 7.89
C GLU RA 441 -73.42 -58.06 8.55
N TRP RA 442 -74.22 -58.35 9.58
CA TRP RA 442 -74.90 -57.30 10.33
C TRP RA 442 -73.88 -56.35 10.94
N ILE RA 443 -72.84 -56.90 11.57
CA ILE RA 443 -71.82 -56.07 12.20
C ILE RA 443 -71.07 -55.25 11.17
N ARG RA 444 -70.83 -55.84 10.00
CA ARG RA 444 -70.13 -55.11 8.94
C ARG RA 444 -70.94 -53.91 8.49
N GLU RA 445 -72.24 -54.10 8.28
CA GLU RA 445 -73.08 -52.99 7.87
C GLU RA 445 -73.11 -51.91 8.94
N LEU RA 446 -73.17 -52.32 10.21
CA LEU RA 446 -73.17 -51.35 11.30
C LEU RA 446 -71.88 -50.54 11.30
N LYS RA 447 -70.74 -51.23 11.19
CA LYS RA 447 -69.45 -50.55 11.17
C LYS RA 447 -69.36 -49.58 10.01
N LYS RA 448 -69.83 -50.00 8.84
CA LYS RA 448 -69.77 -49.16 7.66
C LYS RA 448 -70.60 -47.90 7.87
N VAL RA 449 -71.82 -48.06 8.38
CA VAL RA 449 -72.71 -46.92 8.59
C VAL RA 449 -72.11 -45.95 9.60
N ILE RA 450 -71.51 -46.48 10.66
CA ILE RA 450 -70.94 -45.61 11.68
C ILE RA 450 -69.73 -44.87 11.11
N GLU RA 451 -68.84 -45.59 10.44
CA GLU RA 451 -67.61 -44.99 9.98
C GLU RA 451 -67.88 -43.96 8.88
N ASN RA 452 -68.96 -44.15 8.13
CA ASN RA 452 -69.42 -43.14 7.17
C ASN RA 452 -70.76 -42.61 7.66
N PRO RA 453 -70.80 -41.66 8.59
CA PRO RA 453 -72.07 -41.24 9.17
C PRO RA 453 -73.03 -40.65 8.16
N LEU RA 454 -72.53 -40.17 7.03
CA LEU RA 454 -73.40 -39.57 6.02
C LEU RA 454 -74.36 -40.59 5.42
N GLU RA 455 -74.08 -41.89 5.57
CA GLU RA 455 -74.99 -42.92 5.10
C GLU RA 455 -76.20 -43.10 5.99
N LEU RA 456 -76.24 -42.45 7.16
CA LEU RA 456 -77.44 -42.48 7.99
C LEU RA 456 -78.65 -41.94 7.25
N LEU RA 457 -78.44 -41.01 6.31
CA LEU RA 457 -79.53 -40.49 5.50
C LEU RA 457 -80.18 -41.60 4.69
N LEU RA 458 -79.40 -42.60 4.30
CA LEU RA 458 -79.88 -43.67 3.44
C LEU RA 458 -80.52 -44.79 4.25
N TYR SA 227 -54.69 -15.67 98.07
CA TYR SA 227 -55.77 -14.71 98.20
C TYR SA 227 -57.11 -15.36 97.91
N THR SA 228 -57.45 -15.49 96.63
CA THR SA 228 -58.69 -16.18 96.27
C THR SA 228 -58.58 -17.65 96.65
N ASP SA 229 -59.68 -18.23 97.10
CA ASP SA 229 -59.72 -19.59 97.63
C ASP SA 229 -60.92 -20.30 97.02
N VAL SA 230 -60.70 -21.08 95.97
CA VAL SA 230 -61.77 -21.77 95.25
C VAL SA 230 -61.78 -23.23 95.69
N PRO SA 231 -62.90 -23.77 96.16
CA PRO SA 231 -62.92 -25.22 96.46
C PRO SA 231 -62.69 -26.05 95.21
N ILE SA 232 -62.26 -27.28 95.44
CA ILE SA 232 -61.92 -28.18 94.35
C ILE SA 232 -63.20 -28.80 93.81
N SER SA 233 -63.21 -29.07 92.50
CA SER SA 233 -64.40 -29.58 91.84
C SER SA 233 -64.79 -30.97 92.31
N GLY SA 234 -63.87 -31.73 92.86
CA GLY SA 234 -64.09 -33.12 93.24
C GLY SA 234 -63.69 -34.09 92.15
N MET SA 235 -63.90 -33.71 90.89
CA MET SA 235 -63.48 -34.55 89.78
C MET SA 235 -61.96 -34.63 89.72
N ARG SA 236 -61.28 -33.50 89.97
CA ARG SA 236 -59.83 -33.50 89.92
C ARG SA 236 -59.21 -34.38 91.01
N LYS SA 237 -59.95 -34.62 92.09
CA LYS SA 237 -59.44 -35.47 93.17
C LYS SA 237 -59.15 -36.88 92.66
N THR SA 238 -60.07 -37.42 91.87
CA THR SA 238 -59.89 -38.77 91.34
C THR SA 238 -58.69 -38.83 90.42
N ILE SA 239 -58.54 -37.84 89.54
CA ILE SA 239 -57.41 -37.83 88.61
C ILE SA 239 -56.10 -37.69 89.37
N ALA SA 240 -56.10 -36.88 90.44
CA ALA SA 240 -54.90 -36.72 91.24
C ALA SA 240 -54.51 -38.02 91.90
N ALA SA 241 -55.49 -38.71 92.49
CA ALA SA 241 -55.23 -39.99 93.12
C ALA SA 241 -54.72 -40.99 92.10
N ARG SA 242 -55.29 -40.98 90.90
CA ARG SA 242 -54.87 -41.90 89.85
C ARG SA 242 -53.43 -41.66 89.45
N LEU SA 243 -53.07 -40.40 89.20
CA LEU SA 243 -51.70 -40.07 88.83
C LEU SA 243 -50.72 -40.40 89.95
N LYS SA 244 -51.14 -40.18 91.19
CA LYS SA 244 -50.28 -40.51 92.33
C LYS SA 244 -50.03 -42.00 92.40
N GLU SA 245 -51.09 -42.80 92.20
CA GLU SA 245 -50.94 -44.24 92.14
C GLU SA 245 -50.00 -44.64 91.02
N SER SA 246 -50.09 -43.95 89.88
CA SER SA 246 -49.22 -44.28 88.76
C SER SA 246 -47.75 -44.04 89.12
N VAL SA 247 -47.43 -42.85 89.61
CA VAL SA 247 -46.04 -42.53 89.87
C VAL SA 247 -45.47 -43.28 91.05
N THR SA 248 -46.32 -43.71 92.00
CA THR SA 248 -45.81 -44.42 93.16
C THR SA 248 -45.73 -45.93 92.94
N GLU SA 249 -46.56 -46.47 92.03
CA GLU SA 249 -46.52 -47.90 91.76
C GLU SA 249 -45.55 -48.23 90.64
N ASN SA 250 -45.47 -47.39 89.63
CA ASN SA 250 -44.69 -47.63 88.44
C ASN SA 250 -43.57 -46.61 88.35
N PRO SA 251 -42.29 -47.02 88.36
CA PRO SA 251 -41.25 -46.07 88.00
C PRO SA 251 -41.34 -45.71 86.54
N HIS SA 252 -40.64 -44.64 86.16
CA HIS SA 252 -40.73 -44.08 84.82
C HIS SA 252 -39.33 -43.82 84.30
N PHE SA 253 -39.09 -44.24 83.05
CA PHE SA 253 -37.92 -43.80 82.31
C PHE SA 253 -38.35 -43.44 80.89
N PHE SA 254 -37.66 -42.46 80.34
CA PHE SA 254 -38.05 -41.77 79.12
C PHE SA 254 -37.04 -42.02 78.03
N VAL SA 255 -37.52 -42.03 76.79
CA VAL SA 255 -36.69 -42.20 75.60
C VAL SA 255 -37.09 -41.15 74.60
N SER SA 256 -36.11 -40.44 74.06
CA SER SA 256 -36.34 -39.26 73.24
C SER SA 256 -35.60 -39.42 71.92
N THR SA 257 -36.35 -39.38 70.82
CA THR SA 257 -35.79 -39.56 69.49
C THR SA 257 -36.30 -38.48 68.56
N ASN SA 258 -35.74 -38.47 67.36
CA ASN SA 258 -36.07 -37.49 66.33
C ASN SA 258 -36.39 -38.22 65.04
N LEU SA 259 -37.59 -37.96 64.51
CA LEU SA 259 -38.06 -38.58 63.27
C LEU SA 259 -37.94 -37.60 62.12
N SER SA 260 -38.17 -38.12 60.92
CA SER SA 260 -38.20 -37.33 59.68
C SER SA 260 -39.52 -37.59 59.00
N VAL SA 261 -40.23 -36.51 58.65
CA VAL SA 261 -41.58 -36.57 58.12
C VAL SA 261 -41.71 -35.86 56.78
N SER SA 262 -40.59 -35.54 56.13
CA SER SA 262 -40.65 -34.83 54.87
C SER SA 262 -41.36 -35.64 53.79
N LYS SA 263 -41.26 -36.97 53.85
CA LYS SA 263 -41.99 -37.82 52.93
C LYS SA 263 -43.42 -38.04 53.39
N LEU SA 264 -43.62 -38.14 54.71
CA LEU SA 264 -44.95 -38.36 55.25
C LEU SA 264 -45.88 -37.21 54.89
N LEU SA 265 -45.37 -35.98 54.95
CA LEU SA 265 -46.23 -34.84 54.63
C LEU SA 265 -46.59 -34.82 53.15
N LYS SA 266 -45.65 -35.19 52.28
CA LYS SA 266 -45.97 -35.30 50.87
C LYS SA 266 -47.05 -36.34 50.64
N LEU SA 267 -46.94 -37.48 51.32
CA LEU SA 267 -47.94 -38.52 51.20
C LEU SA 267 -49.31 -38.03 51.65
N ARG SA 268 -49.34 -37.32 52.79
CA ARG SA 268 -50.60 -36.79 53.30
C ARG SA 268 -51.21 -35.81 52.32
N GLN SA 269 -50.39 -34.92 51.76
CA GLN SA 269 -50.89 -33.93 50.81
C GLN SA 269 -51.43 -34.61 49.57
N ALA SA 270 -50.74 -35.64 49.08
CA ALA SA 270 -51.20 -36.33 47.88
C ALA SA 270 -52.52 -37.04 48.12
N LEU SA 271 -52.65 -37.72 49.27
CA LEU SA 271 -53.90 -38.40 49.57
C LEU SA 271 -55.03 -37.42 49.80
N ASN SA 272 -54.74 -36.24 50.34
CA ASN SA 272 -55.78 -35.23 50.51
C ASN SA 272 -56.20 -34.63 49.17
N SER SA 273 -55.24 -34.51 48.24
CA SER SA 273 -55.58 -33.96 46.92
C SER SA 273 -56.35 -34.96 46.09
N SER SA 274 -56.03 -36.25 46.19
CA SER SA 274 -56.72 -37.28 45.42
C SER SA 274 -57.98 -37.75 46.16
N ALA SA 275 -58.85 -36.79 46.43
CA ALA SA 275 -60.08 -37.05 47.15
C ALA SA 275 -61.09 -35.98 46.80
N ASP SA 276 -62.36 -36.30 47.04
CA ASP SA 276 -63.49 -35.43 46.74
C ASP SA 276 -64.20 -35.00 48.02
N GLY SA 277 -63.42 -34.64 49.03
CA GLY SA 277 -63.99 -34.27 50.32
C GLY SA 277 -64.57 -35.42 51.10
N ARG SA 278 -64.24 -36.66 50.73
CA ARG SA 278 -64.76 -37.81 51.45
C ARG SA 278 -64.01 -38.04 52.76
N TYR SA 279 -62.81 -37.48 52.91
CA TYR SA 279 -62.02 -37.63 54.12
C TYR SA 279 -61.01 -36.51 54.20
N LYS SA 280 -60.36 -36.42 55.36
CA LYS SA 280 -59.27 -35.46 55.57
C LYS SA 280 -58.33 -36.05 56.61
N LEU SA 281 -57.05 -36.10 56.27
CA LEU SA 281 -56.07 -36.81 57.07
C LEU SA 281 -55.20 -35.84 57.88
N SER SA 282 -54.53 -36.42 58.89
CA SER SA 282 -53.61 -35.69 59.74
C SER SA 282 -52.41 -36.56 60.07
N VAL SA 283 -51.53 -36.07 60.93
CA VAL SA 283 -50.31 -36.80 61.27
C VAL SA 283 -50.57 -37.82 62.37
N ASN SA 284 -51.49 -37.50 63.29
CA ASN SA 284 -51.81 -38.39 64.40
C ASN SA 284 -52.29 -39.74 63.90
N ASP SA 285 -52.98 -39.76 62.76
CA ASP SA 285 -53.51 -41.02 62.25
C ASP SA 285 -52.39 -41.95 61.79
N PHE SA 286 -51.46 -41.40 61.00
CA PHE SA 286 -50.28 -42.16 60.61
C PHE SA 286 -49.53 -42.66 61.84
N LEU SA 287 -49.42 -41.80 62.86
CA LEU SA 287 -48.72 -42.19 64.07
C LEU SA 287 -49.43 -43.35 64.76
N ILE SA 288 -50.76 -43.34 64.76
CA ILE SA 288 -51.50 -44.39 65.43
C ILE SA 288 -51.32 -45.72 64.69
N LYS SA 289 -51.38 -45.68 63.36
CA LYS SA 289 -51.17 -46.90 62.59
C LYS SA 289 -49.76 -47.45 62.83
N ALA SA 290 -48.76 -46.57 62.86
CA ALA SA 290 -47.40 -47.02 63.10
C ALA SA 290 -47.25 -47.59 64.51
N MET SA 291 -47.95 -47.00 65.47
CA MET SA 291 -47.94 -47.54 66.83
C MET SA 291 -48.48 -48.96 66.85
N GLY SA 292 -49.58 -49.19 66.13
CA GLY SA 292 -50.13 -50.53 66.06
C GLY SA 292 -49.15 -51.51 65.44
N ILE SA 293 -48.48 -51.09 64.37
CA ILE SA 293 -47.53 -51.96 63.69
C ILE SA 293 -46.39 -52.34 64.63
N ALA SA 294 -45.84 -51.33 65.33
CA ALA SA 294 -44.73 -51.60 66.23
C ALA SA 294 -45.17 -52.47 67.39
N SER SA 295 -46.39 -52.24 67.89
CA SER SA 295 -46.90 -53.04 68.99
C SER SA 295 -47.06 -54.49 68.58
N LYS SA 296 -47.41 -54.73 67.32
CA LYS SA 296 -47.52 -56.11 66.86
C LYS SA 296 -46.16 -56.74 66.64
N ARG SA 297 -45.18 -55.97 66.14
CA ARG SA 297 -43.85 -56.54 65.94
C ARG SA 297 -43.14 -56.80 67.25
N VAL SA 298 -43.48 -56.07 68.29
CA VAL SA 298 -42.88 -56.25 69.62
C VAL SA 298 -44.00 -56.31 70.64
N PRO SA 299 -44.58 -57.47 70.91
CA PRO SA 299 -45.79 -57.52 71.74
C PRO SA 299 -45.56 -57.23 73.20
N THR SA 300 -44.31 -57.26 73.67
CA THR SA 300 -44.05 -57.08 75.10
C THR SA 300 -44.49 -55.71 75.58
N VAL SA 301 -44.50 -54.72 74.68
CA VAL SA 301 -44.96 -53.40 75.07
C VAL SA 301 -46.47 -53.41 75.30
N ASN SA 302 -47.20 -54.07 74.41
CA ASN SA 302 -48.65 -54.18 74.53
C ASN SA 302 -48.96 -55.19 75.64
N SER SA 303 -48.84 -54.72 76.87
CA SER SA 303 -48.94 -55.58 78.04
C SER SA 303 -49.47 -54.74 79.20
N SER SA 304 -49.46 -55.31 80.40
CA SER SA 304 -49.91 -54.61 81.60
C SER SA 304 -49.27 -55.29 82.80
N TRP SA 305 -49.77 -54.94 83.99
CA TRP SA 305 -49.31 -55.52 85.25
C TRP SA 305 -50.52 -55.81 86.10
N ARG SA 306 -50.69 -57.07 86.51
CA ARG SA 306 -51.83 -57.49 87.28
C ARG SA 306 -51.36 -58.27 88.51
N ASP SA 307 -52.31 -58.88 89.23
CA ASP SA 307 -51.97 -59.56 90.47
C ASP SA 307 -51.12 -60.79 90.22
N GLY SA 308 -49.80 -60.63 90.33
CA GLY SA 308 -48.89 -61.73 90.16
C GLY SA 308 -48.93 -62.38 88.79
N VAL SA 309 -49.35 -61.62 87.77
CA VAL SA 309 -49.51 -62.17 86.43
C VAL SA 309 -49.41 -61.04 85.42
N ILE SA 310 -48.87 -61.36 84.25
CA ILE SA 310 -48.77 -60.44 83.13
C ILE SA 310 -49.88 -60.75 82.15
N ARG SA 311 -50.72 -59.75 81.90
CA ARG SA 311 -51.78 -59.85 80.89
C ARG SA 311 -51.26 -59.25 79.59
N GLN SA 312 -51.21 -60.06 78.54
CA GLN SA 312 -50.76 -59.65 77.23
C GLN SA 312 -51.92 -59.76 76.24
N PHE SA 313 -52.17 -58.67 75.52
CA PHE SA 313 -53.20 -58.65 74.50
C PHE SA 313 -52.65 -59.13 73.17
N GLU SA 314 -53.50 -59.12 72.15
CA GLU SA 314 -53.12 -59.37 70.77
C GLU SA 314 -53.40 -58.18 69.88
N THR SA 315 -54.59 -57.61 69.98
CA THR SA 315 -54.95 -56.39 69.28
C THR SA 315 -54.32 -55.19 69.97
N VAL SA 316 -54.49 -54.04 69.36
CA VAL SA 316 -53.92 -52.78 69.86
C VAL SA 316 -55.09 -51.83 70.09
N ASP SA 317 -55.34 -51.51 71.36
CA ASP SA 317 -56.36 -50.55 71.76
C ASP SA 317 -55.67 -49.26 72.14
N VAL SA 318 -55.96 -48.19 71.39
CA VAL SA 318 -55.22 -46.94 71.49
C VAL SA 318 -56.07 -45.90 72.18
N SER SA 319 -55.52 -45.30 73.23
CA SER SA 319 -56.19 -44.24 73.97
C SER SA 319 -55.67 -42.90 73.51
N VAL SA 320 -56.53 -42.09 72.90
CA VAL SA 320 -56.17 -40.79 72.38
C VAL SA 320 -56.64 -39.72 73.34
N ALA SA 321 -55.76 -38.80 73.68
CA ALA SA 321 -56.10 -37.72 74.61
C ALA SA 321 -56.82 -36.60 73.88
N VAL SA 322 -57.77 -35.99 74.58
CA VAL SA 322 -58.48 -34.81 74.11
C VAL SA 322 -58.58 -33.83 75.26
N ALA SA 323 -58.37 -32.56 74.95
CA ALA SA 323 -58.32 -31.48 75.93
C ALA SA 323 -59.62 -30.70 75.84
N THR SA 324 -60.51 -30.95 76.80
CA THR SA 324 -61.76 -30.24 76.92
C THR SA 324 -61.61 -29.10 77.92
N PRO SA 325 -62.52 -28.11 77.91
CA PRO SA 325 -62.49 -27.10 78.98
C PRO SA 325 -62.72 -27.69 80.36
N ASN SA 326 -63.37 -28.84 80.45
CA ASN SA 326 -63.52 -29.54 81.72
C ASN SA 326 -62.23 -30.22 82.17
N GLY SA 327 -61.29 -30.44 81.26
CA GLY SA 327 -60.01 -31.05 81.61
C GLY SA 327 -59.44 -31.92 80.50
N LEU SA 328 -59.08 -33.15 80.85
CA LEU SA 328 -58.51 -34.11 79.91
C LEU SA 328 -59.38 -35.35 79.88
N ILE SA 329 -59.43 -35.99 78.72
CA ILE SA 329 -60.20 -37.23 78.56
C ILE SA 329 -59.48 -38.11 77.55
N THR SA 330 -59.73 -39.42 77.61
CA THR SA 330 -59.03 -40.40 76.79
C THR SA 330 -59.99 -41.38 76.16
N PRO SA 331 -60.66 -41.00 75.08
CA PRO SA 331 -61.39 -41.99 74.29
C PRO SA 331 -60.45 -43.03 73.70
N ILE SA 332 -61.05 -44.10 73.19
CA ILE SA 332 -60.32 -45.28 72.76
C ILE SA 332 -60.72 -45.63 71.33
N VAL SA 333 -59.73 -46.05 70.55
CA VAL SA 333 -59.94 -46.65 69.24
C VAL SA 333 -59.59 -48.12 69.35
N LYS SA 334 -60.42 -48.97 68.74
CA LYS SA 334 -60.33 -50.41 68.86
C LYS SA 334 -59.84 -51.03 67.56
N GLY SA 335 -59.03 -52.08 67.69
CA GLY SA 335 -58.58 -52.84 66.55
C GLY SA 335 -57.88 -52.00 65.51
N VAL SA 336 -56.83 -51.30 65.93
CA VAL SA 336 -56.15 -50.36 65.04
C VAL SA 336 -55.50 -51.11 63.89
N GLU SA 337 -54.68 -52.10 64.19
CA GLU SA 337 -53.96 -52.83 63.16
C GLU SA 337 -54.95 -53.48 62.20
N GLY SA 338 -54.85 -53.08 60.94
CA GLY SA 338 -55.79 -53.56 59.94
C GLY SA 338 -57.16 -52.95 60.10
N LYS SA 339 -57.24 -51.63 60.04
CA LYS SA 339 -58.51 -50.91 60.14
C LYS SA 339 -58.71 -49.89 59.04
N GLY SA 340 -57.65 -49.20 58.62
CA GLY SA 340 -57.75 -48.18 57.58
C GLY SA 340 -57.72 -46.76 58.12
N LEU SA 341 -56.91 -45.92 57.47
CA LEU SA 341 -56.71 -44.56 57.95
C LEU SA 341 -57.99 -43.75 57.88
N GLU SA 342 -58.83 -44.00 56.87
CA GLU SA 342 -60.09 -43.26 56.76
C GLU SA 342 -60.99 -43.56 57.95
N SER SA 343 -61.18 -44.84 58.25
CA SER SA 343 -61.99 -45.22 59.40
C SER SA 343 -61.40 -44.67 60.69
N ILE SA 344 -60.06 -44.65 60.79
CA ILE SA 344 -59.41 -44.12 61.98
C ILE SA 344 -59.73 -42.64 62.14
N SER SA 345 -59.55 -41.87 61.08
CA SER SA 345 -59.83 -40.43 61.15
C SER SA 345 -61.29 -40.18 61.47
N ALA SA 346 -62.19 -40.98 60.90
CA ALA SA 346 -63.61 -40.80 61.15
C ALA SA 346 -63.94 -41.06 62.61
N ALA SA 347 -63.43 -42.16 63.15
CA ALA SA 347 -63.68 -42.49 64.55
C ALA SA 347 -63.09 -41.42 65.46
N VAL SA 348 -61.91 -40.91 65.13
CA VAL SA 348 -61.29 -39.89 65.97
C VAL SA 348 -62.11 -38.62 65.95
N LYS SA 349 -62.60 -38.21 64.77
CA LYS SA 349 -63.41 -37.01 64.70
C LYS SA 349 -64.71 -37.18 65.50
N GLU SA 350 -65.35 -38.33 65.35
CA GLU SA 350 -66.58 -38.60 66.09
C GLU SA 350 -66.34 -38.53 67.59
N LEU SA 351 -65.29 -39.21 68.06
CA LEU SA 351 -65.02 -39.26 69.49
C LEU SA 351 -64.61 -37.90 70.02
N ALA SA 352 -63.86 -37.13 69.24
CA ALA SA 352 -63.42 -35.82 69.69
C ALA SA 352 -64.60 -34.87 69.83
N LYS SA 353 -65.49 -34.87 68.84
CA LYS SA 353 -66.66 -34.00 68.94
C LYS SA 353 -67.59 -34.48 70.05
N LYS SA 354 -67.73 -35.79 70.24
CA LYS SA 354 -68.56 -36.29 71.32
C LYS SA 354 -67.97 -35.96 72.68
N ALA SA 355 -66.65 -35.89 72.79
CA ALA SA 355 -66.03 -35.51 74.05
C ALA SA 355 -66.18 -34.01 74.30
N ARG SA 356 -66.05 -33.20 73.24
CA ARG SA 356 -66.35 -31.79 73.37
C ARG SA 356 -67.80 -31.56 73.79
N ASP SA 357 -68.70 -32.45 73.38
CA ASP SA 357 -70.10 -32.35 73.75
C ASP SA 357 -70.40 -32.95 75.12
N GLY SA 358 -69.57 -33.87 75.60
CA GLY SA 358 -69.86 -34.57 76.84
C GLY SA 358 -70.99 -35.57 76.67
N LYS SA 359 -70.79 -36.57 75.81
CA LYS SA 359 -71.83 -37.50 75.42
C LYS SA 359 -71.30 -38.93 75.38
N LEU SA 360 -70.28 -39.22 76.17
CA LEU SA 360 -69.57 -40.49 76.09
C LEU SA 360 -70.12 -41.50 77.08
N LYS SA 361 -69.75 -42.77 76.85
CA LYS SA 361 -69.97 -43.87 77.77
C LYS SA 361 -68.67 -44.19 78.49
N PRO SA 362 -68.74 -44.82 79.67
CA PRO SA 362 -67.49 -45.13 80.39
C PRO SA 362 -66.64 -46.16 79.67
N GLU SA 363 -67.26 -47.11 78.98
CA GLU SA 363 -66.49 -48.15 78.29
C GLU SA 363 -65.63 -47.57 77.18
N GLU SA 364 -66.02 -46.44 76.61
CA GLU SA 364 -65.26 -45.84 75.52
C GLU SA 364 -63.93 -45.27 75.98
N TYR SA 365 -63.78 -44.98 77.27
CA TYR SA 365 -62.54 -44.41 77.80
C TYR SA 365 -62.06 -45.13 79.05
N GLN SA 366 -62.54 -46.35 79.30
CA GLN SA 366 -62.04 -47.19 80.40
C GLN SA 366 -61.51 -48.49 79.81
N GLY SA 367 -60.19 -48.56 79.67
CA GLY SA 367 -59.52 -49.70 79.07
C GLY SA 367 -58.28 -49.28 78.33
N GLY SA 368 -58.02 -49.89 77.19
CA GLY SA 368 -56.88 -49.49 76.37
C GLY SA 368 -55.58 -50.05 76.89
N SER SA 369 -54.71 -50.48 75.98
CA SER SA 369 -53.40 -50.99 76.34
C SER SA 369 -52.32 -49.92 76.25
N ILE SA 370 -52.44 -49.01 75.29
CA ILE SA 370 -51.44 -47.99 75.03
C ILE SA 370 -52.15 -46.65 74.83
N SER SA 371 -51.42 -45.57 75.11
CA SER SA 371 -51.98 -44.22 75.08
C SER SA 371 -51.08 -43.30 74.28
N ILE SA 372 -51.59 -42.10 74.03
CA ILE SA 372 -50.88 -41.09 73.26
C ILE SA 372 -51.46 -39.73 73.62
N SER SA 373 -50.60 -38.71 73.54
CA SER SA 373 -51.01 -37.32 73.66
C SER SA 373 -50.32 -36.53 72.57
N ASN SA 374 -51.02 -35.54 72.03
CA ASN SA 374 -50.55 -34.76 70.90
C ASN SA 374 -50.64 -33.28 71.24
N MET SA 375 -49.63 -32.52 70.80
CA MET SA 375 -49.58 -31.08 71.00
C MET SA 375 -49.06 -30.38 69.75
N GLY SA 376 -49.26 -30.97 68.57
CA GLY SA 376 -48.67 -30.44 67.36
C GLY SA 376 -49.21 -29.09 66.95
N MET SA 377 -50.43 -28.75 67.37
CA MET SA 377 -51.00 -27.46 66.99
C MET SA 377 -50.21 -26.31 67.60
N ASN SA 378 -49.58 -26.54 68.75
CA ASN SA 378 -48.81 -25.50 69.42
C ASN SA 378 -47.36 -25.59 68.97
N PRO SA 379 -46.87 -24.67 68.13
CA PRO SA 379 -45.54 -24.87 67.54
C PRO SA 379 -44.38 -24.63 68.51
N ALA SA 380 -44.63 -24.03 69.67
CA ALA SA 380 -43.53 -23.70 70.57
C ALA SA 380 -42.94 -24.94 71.22
N VAL SA 381 -43.75 -25.98 71.40
CA VAL SA 381 -43.34 -27.16 72.17
C VAL SA 381 -42.41 -27.99 71.28
N GLN SA 382 -41.15 -28.10 71.68
CA GLN SA 382 -40.24 -29.01 71.00
C GLN SA 382 -40.40 -30.43 71.51
N SER SA 383 -40.56 -30.58 72.82
CA SER SA 383 -40.73 -31.91 73.40
C SER SA 383 -41.43 -31.78 74.73
N PHE SA 384 -41.97 -32.91 75.20
CA PHE SA 384 -42.60 -32.95 76.49
C PHE SA 384 -42.86 -34.40 76.85
N THR SA 385 -42.94 -34.64 78.14
CA THR SA 385 -43.23 -35.94 78.70
C THR SA 385 -44.68 -35.99 79.15
N ALA SA 386 -45.15 -37.18 79.48
CA ALA SA 386 -46.49 -37.37 80.03
C ALA SA 386 -46.40 -38.41 81.14
N ILE SA 387 -47.57 -38.84 81.61
CA ILE SA 387 -47.70 -39.77 82.71
C ILE SA 387 -48.53 -40.96 82.23
N ILE SA 388 -48.17 -42.14 82.69
CA ILE SA 388 -48.74 -43.38 82.18
C ILE SA 388 -50.12 -43.56 82.81
N ASN SA 389 -51.15 -43.53 81.98
CA ASN SA 389 -52.50 -43.81 82.43
C ASN SA 389 -52.62 -45.28 82.81
N PRO SA 390 -52.74 -45.64 84.09
CA PRO SA 390 -52.72 -47.05 84.44
C PRO SA 390 -53.98 -47.75 83.95
N PRO SA 391 -53.99 -49.09 83.92
CA PRO SA 391 -52.92 -50.01 84.29
C PRO SA 391 -51.96 -50.30 83.13
N GLN SA 392 -51.90 -49.39 82.16
CA GLN SA 392 -51.08 -49.59 80.98
C GLN SA 392 -49.59 -49.57 81.32
N ALA SA 393 -48.74 -49.74 80.30
CA ALA SA 393 -47.31 -49.89 80.48
C ALA SA 393 -46.49 -48.83 79.76
N ALA SA 394 -47.04 -48.14 78.78
CA ALA SA 394 -46.28 -47.20 77.99
C ALA SA 394 -47.19 -46.07 77.52
N ILE SA 395 -46.55 -44.95 77.18
CA ILE SA 395 -47.28 -43.82 76.62
C ILE SA 395 -46.34 -43.02 75.73
N LEU SA 396 -46.91 -42.41 74.71
CA LEU SA 396 -46.20 -41.67 73.69
C LEU SA 396 -46.49 -40.17 73.82
N ALA SA 397 -45.64 -39.38 73.19
CA ALA SA 397 -45.82 -37.94 73.14
C ALA SA 397 -45.11 -37.41 71.91
N VAL SA 398 -45.81 -36.58 71.15
CA VAL SA 398 -45.33 -36.08 69.86
C VAL SA 398 -45.26 -34.58 69.92
N GLY SA 399 -44.04 -34.03 69.83
CA GLY SA 399 -43.87 -32.59 69.78
C GLY SA 399 -44.28 -32.01 68.44
N ALA SA 400 -43.84 -30.78 68.22
CA ALA SA 400 -44.17 -30.07 67.00
C ALA SA 400 -43.11 -30.32 65.93
N PRO SA 401 -43.42 -30.00 64.69
CA PRO SA 401 -42.39 -30.05 63.65
C PRO SA 401 -41.51 -28.82 63.66
N GLN SA 402 -40.28 -29.01 63.18
CA GLN SA 402 -39.27 -27.96 63.17
C GLN SA 402 -38.37 -28.16 61.96
N LYS SA 403 -37.55 -27.15 61.70
CA LYS SA 403 -36.59 -27.16 60.60
C LYS SA 403 -35.22 -27.43 61.19
N VAL SA 404 -34.51 -28.40 60.62
CA VAL SA 404 -33.19 -28.80 61.08
C VAL SA 404 -32.28 -28.94 59.88
N ALA SA 405 -31.00 -28.66 60.09
CA ALA SA 405 -30.00 -28.85 59.07
C ALA SA 405 -29.59 -30.30 58.98
N VAL SA 406 -29.41 -30.78 57.76
CA VAL SA 406 -29.02 -32.18 57.51
C VAL SA 406 -28.02 -32.18 56.35
N PRO SA 407 -26.95 -32.98 56.41
CA PRO SA 407 -26.04 -33.03 55.26
C PRO SA 407 -26.68 -33.73 54.07
N VAL SA 408 -26.10 -33.46 52.90
CA VAL SA 408 -26.52 -34.10 51.66
C VAL SA 408 -25.36 -34.07 50.70
N GLU SA 409 -25.25 -35.12 49.89
CA GLU SA 409 -24.20 -35.23 48.89
C GLU SA 409 -24.77 -34.87 47.53
N ASN SA 410 -24.27 -33.77 46.97
CA ASN SA 410 -24.61 -33.43 45.60
C ASN SA 410 -23.96 -34.42 44.64
N GLU SA 411 -24.25 -34.25 43.35
CA GLU SA 411 -23.72 -35.15 42.33
C GLU SA 411 -22.20 -35.21 42.33
N ASP SA 412 -21.53 -34.17 42.79
CA ASP SA 412 -20.08 -34.13 42.90
C ASP SA 412 -19.65 -34.72 44.24
N GLY SA 413 -18.37 -34.57 44.56
CA GLY SA 413 -17.82 -35.12 45.79
C GLY SA 413 -18.05 -34.26 47.02
N THR SA 414 -18.65 -33.08 46.85
CA THR SA 414 -18.87 -32.19 47.99
C THR SA 414 -20.21 -32.49 48.65
N THR SA 415 -20.28 -32.17 49.94
CA THR SA 415 -21.52 -32.23 50.69
C THR SA 415 -22.25 -30.90 50.58
N GLY SA 416 -23.51 -30.90 51.01
CA GLY SA 416 -24.33 -29.71 51.00
C GLY SA 416 -25.30 -29.69 52.16
N VAL SA 417 -26.06 -28.61 52.24
CA VAL SA 417 -27.02 -28.39 53.31
C VAL SA 417 -28.42 -28.58 52.73
N SER SA 418 -29.16 -29.53 53.30
CA SER SA 418 -30.55 -29.76 52.97
C SER SA 418 -31.40 -29.60 54.21
N TRP SA 419 -32.53 -28.91 54.06
CA TRP SA 419 -33.42 -28.62 55.17
C TRP SA 419 -34.49 -29.70 55.23
N ASP SA 420 -34.49 -30.45 56.32
CA ASP SA 420 -35.45 -31.51 56.57
C ASP SA 420 -36.40 -31.08 57.69
N GLU SA 421 -37.61 -31.63 57.66
CA GLU SA 421 -38.62 -31.37 58.67
C GLU SA 421 -38.60 -32.51 59.68
N GLN SA 422 -38.21 -32.20 60.91
CA GLN SA 422 -38.07 -33.18 61.97
C GLN SA 422 -39.13 -32.99 63.04
N ILE SA 423 -39.37 -34.07 63.78
CA ILE SA 423 -40.25 -34.06 64.93
C ILE SA 423 -39.56 -34.83 66.05
N ILE SA 424 -39.67 -34.31 67.26
CA ILE SA 424 -39.18 -35.00 68.44
C ILE SA 424 -40.32 -35.83 69.00
N VAL SA 425 -39.96 -37.03 69.47
CA VAL SA 425 -40.91 -37.98 70.02
C VAL SA 425 -40.35 -38.47 71.35
N THR SA 426 -41.21 -38.51 72.36
CA THR SA 426 -40.82 -38.91 73.71
C THR SA 426 -41.75 -40.02 74.16
N ALA SA 427 -41.16 -41.14 74.57
CA ALA SA 427 -41.90 -42.30 75.05
C ALA SA 427 -41.51 -42.59 76.49
N SER SA 428 -42.51 -42.70 77.35
CA SER SA 428 -42.31 -43.07 78.73
C SER SA 428 -42.76 -44.50 78.93
N PHE SA 429 -41.91 -45.30 79.59
CA PHE SA 429 -42.17 -46.72 79.81
C PHE SA 429 -42.16 -47.05 81.29
N ASP SA 430 -42.91 -48.07 81.65
CA ASP SA 430 -42.82 -48.67 82.98
C ASP SA 430 -41.71 -49.71 82.97
N HIS SA 431 -40.86 -49.66 83.98
CA HIS SA 431 -39.65 -50.47 83.99
C HIS SA 431 -39.87 -51.88 84.54
N LYS SA 432 -41.00 -52.13 85.20
CA LYS SA 432 -41.30 -53.48 85.66
C LYS SA 432 -41.44 -54.43 84.48
N VAL SA 433 -42.19 -54.02 83.47
CA VAL SA 433 -42.48 -54.85 82.31
C VAL SA 433 -41.38 -54.72 81.27
N VAL SA 434 -41.07 -53.51 80.88
CA VAL SA 434 -40.23 -53.24 79.73
C VAL SA 434 -38.84 -52.83 80.19
N ASP SA 435 -37.86 -53.13 79.35
CA ASP SA 435 -36.48 -52.75 79.55
C ASP SA 435 -36.03 -51.81 78.44
N GLY SA 436 -34.85 -51.24 78.65
CA GLY SA 436 -34.35 -50.24 77.71
C GLY SA 436 -34.16 -50.80 76.32
N ALA SA 437 -33.64 -52.02 76.22
CA ALA SA 437 -33.43 -52.63 74.91
C ALA SA 437 -34.76 -52.81 74.18
N VAL SA 438 -35.78 -53.24 74.90
CA VAL SA 438 -37.08 -53.48 74.28
C VAL SA 438 -37.69 -52.17 73.81
N GLY SA 439 -37.61 -51.14 74.65
CA GLY SA 439 -38.11 -49.83 74.26
C GLY SA 439 -37.37 -49.29 73.05
N ALA SA 440 -36.05 -49.49 73.02
CA ALA SA 440 -35.27 -49.01 71.89
C ALA SA 440 -35.66 -49.75 70.63
N GLU SA 441 -35.94 -51.05 70.72
CA GLU SA 441 -36.35 -51.81 69.56
C GLU SA 441 -37.69 -51.30 69.03
N TRP SA 442 -38.63 -51.06 69.94
CA TRP SA 442 -39.92 -50.51 69.55
C TRP SA 442 -39.76 -49.16 68.85
N ILE SA 443 -38.91 -48.30 69.41
CA ILE SA 443 -38.70 -46.98 68.81
C ILE SA 443 -38.03 -47.11 67.45
N ARG SA 444 -37.10 -48.05 67.31
CA ARG SA 444 -36.44 -48.24 66.02
C ARG SA 444 -37.45 -48.67 64.97
N GLU SA 445 -38.34 -49.59 65.32
CA GLU SA 445 -39.35 -50.01 64.36
C GLU SA 445 -40.27 -48.86 63.98
N LEU SA 446 -40.64 -48.03 64.96
CA LEU SA 446 -41.48 -46.88 64.66
C LEU SA 446 -40.77 -45.93 63.71
N LYS SA 447 -39.49 -45.64 63.98
CA LYS SA 447 -38.73 -44.74 63.13
C LYS SA 447 -38.62 -45.29 61.72
N LYS SA 448 -38.35 -46.59 61.60
CA LYS SA 448 -38.24 -47.20 60.28
C LYS SA 448 -39.55 -47.07 59.52
N VAL SA 449 -40.66 -47.36 60.19
CA VAL SA 449 -41.96 -47.33 59.53
C VAL SA 449 -42.30 -45.91 59.08
N ILE SA 450 -41.99 -44.92 59.90
CA ILE SA 450 -42.30 -43.54 59.53
C ILE SA 450 -41.40 -43.10 58.38
N GLU SA 451 -40.11 -43.38 58.50
CA GLU SA 451 -39.17 -42.92 57.49
C GLU SA 451 -39.41 -43.58 56.15
N ASN SA 452 -39.94 -44.81 56.16
CA ASN SA 452 -40.39 -45.50 54.96
C ASN SA 452 -41.90 -45.64 55.04
N PRO SA 453 -42.68 -44.62 54.66
CA PRO SA 453 -44.13 -44.70 54.86
C PRO SA 453 -44.79 -45.83 54.10
N LEU SA 454 -44.15 -46.32 53.04
CA LEU SA 454 -44.73 -47.37 52.22
C LEU SA 454 -44.90 -48.67 52.99
N GLU SA 455 -44.13 -48.89 54.05
CA GLU SA 455 -44.27 -50.10 54.84
C GLU SA 455 -45.48 -50.07 55.77
N LEU SA 456 -46.25 -48.97 55.78
CA LEU SA 456 -47.53 -48.97 56.47
C LEU SA 456 -48.45 -50.04 55.91
N LEU SA 457 -48.29 -50.37 54.63
CA LEU SA 457 -49.08 -51.42 54.00
C LEU SA 457 -48.79 -52.77 54.66
N LEU SA 458 -47.56 -52.97 55.11
CA LEU SA 458 -47.16 -54.24 55.71
C LEU SA 458 -47.52 -54.26 57.19
N TYR TA 227 -75.76 41.94 73.27
CA TYR TA 227 -77.10 41.66 72.75
C TYR TA 227 -77.72 40.48 73.51
N THR TA 228 -77.43 39.27 73.06
CA THR TA 228 -77.97 38.09 73.72
C THR TA 228 -77.40 37.98 75.12
N ASP TA 229 -78.24 37.55 76.07
CA ASP TA 229 -77.88 37.50 77.49
C ASP TA 229 -78.34 36.15 78.04
N VAL TA 230 -77.42 35.19 78.08
CA VAL TA 230 -77.71 33.83 78.53
C VAL TA 230 -77.29 33.73 80.00
N PRO TA 231 -78.16 33.30 80.92
CA PRO TA 231 -77.70 33.05 82.29
C PRO TA 231 -76.66 31.94 82.34
N ILE TA 232 -75.87 31.97 83.40
CA ILE TA 232 -74.75 31.05 83.56
C ILE TA 232 -75.28 29.73 84.12
N SER TA 233 -74.66 28.63 83.71
CA SER TA 233 -75.12 27.30 84.08
C SER TA 233 -75.02 27.04 85.58
N GLY TA 234 -74.15 27.75 86.28
CA GLY TA 234 -73.88 27.51 87.70
C GLY TA 234 -72.71 26.59 87.89
N MET TA 235 -72.57 25.58 87.03
CA MET TA 235 -71.41 24.70 87.10
C MET TA 235 -70.13 25.47 86.78
N ARG TA 236 -70.19 26.40 85.83
CA ARG TA 236 -69.01 27.17 85.46
C ARG TA 236 -68.55 28.05 86.61
N LYS TA 237 -69.45 28.41 87.52
CA LYS TA 237 -69.08 29.26 88.65
C LYS TA 237 -68.03 28.57 89.51
N THR TA 238 -68.22 27.29 89.79
CA THR TA 238 -67.29 26.55 90.63
C THR TA 238 -65.92 26.45 89.97
N ILE TA 239 -65.91 26.14 88.66
CA ILE TA 239 -64.66 26.01 87.95
C ILE TA 239 -63.93 27.34 87.89
N ALA TA 240 -64.68 28.43 87.72
CA ALA TA 240 -64.07 29.75 87.70
C ALA TA 240 -63.44 30.09 89.03
N ALA TA 241 -64.17 29.82 90.13
CA ALA TA 241 -63.63 30.08 91.46
C ALA TA 241 -62.40 29.22 91.72
N ARG TA 242 -62.41 27.99 91.22
CA ARG TA 242 -61.27 27.09 91.41
C ARG TA 242 -60.04 27.63 90.70
N LEU TA 243 -60.20 28.00 89.42
CA LEU TA 243 -59.08 28.55 88.66
C LEU TA 243 -58.58 29.85 89.27
N LYS TA 244 -59.49 30.67 89.80
CA LYS TA 244 -59.09 31.91 90.44
C LYS TA 244 -58.26 31.64 91.69
N GLU TA 245 -58.71 30.71 92.52
CA GLU TA 245 -57.92 30.30 93.67
C GLU TA 245 -56.56 29.80 93.23
N SER TA 246 -56.51 29.06 92.12
CA SER TA 246 -55.25 28.52 91.65
C SER TA 246 -54.28 29.64 91.30
N VAL TA 247 -54.69 30.57 90.44
CA VAL TA 247 -53.78 31.61 89.98
C VAL TA 247 -53.44 32.59 91.09
N THR TA 248 -54.33 32.81 92.06
CA THR TA 248 -54.06 33.78 93.11
C THR TA 248 -53.25 33.18 94.25
N GLU TA 249 -53.34 31.86 94.47
CA GLU TA 249 -52.59 31.23 95.54
C GLU TA 249 -51.22 30.75 95.08
N ASN TA 250 -51.16 30.17 93.88
CA ASN TA 250 -49.96 29.53 93.37
C ASN TA 250 -49.41 30.35 92.21
N PRO TA 251 -48.19 30.87 92.28
CA PRO TA 251 -47.61 31.51 91.09
C PRO TA 251 -47.24 30.46 90.07
N HIS TA 252 -47.21 30.88 88.81
CA HIS TA 252 -47.00 29.99 87.68
C HIS TA 252 -45.79 30.46 86.89
N PHE TA 253 -44.85 29.54 86.66
CA PHE TA 253 -43.80 29.74 85.69
C PHE TA 253 -43.75 28.55 84.75
N PHE TA 254 -43.41 28.83 83.50
CA PHE TA 254 -43.57 27.91 82.39
C PHE TA 254 -42.20 27.50 81.86
N VAL TA 255 -42.11 26.24 81.45
CA VAL TA 255 -40.92 25.69 80.81
C VAL TA 255 -41.36 25.08 79.50
N SER TA 256 -40.54 25.21 78.47
CA SER TA 256 -40.90 24.86 77.11
C SER TA 256 -39.71 24.18 76.45
N THR TA 257 -39.95 22.96 75.96
CA THR TA 257 -38.89 22.16 75.35
C THR TA 257 -39.41 21.51 74.09
N ASN TA 258 -38.49 20.86 73.37
CA ASN TA 258 -38.78 20.20 72.11
C ASN TA 258 -38.25 18.78 72.17
N LEU TA 259 -39.13 17.82 71.91
CA LEU TA 259 -38.78 16.41 71.91
C LEU TA 259 -38.65 15.90 70.48
N SER TA 260 -38.19 14.66 70.35
CA SER TA 260 -38.06 13.98 69.08
C SER TA 260 -38.75 12.62 69.21
N VAL TA 261 -39.65 12.32 68.28
CA VAL TA 261 -40.55 11.18 68.37
C VAL TA 261 -40.48 10.28 67.14
N SER TA 262 -39.46 10.46 66.30
CA SER TA 262 -39.35 9.64 65.09
C SER TA 262 -39.18 8.18 65.44
N LYS TA 263 -38.50 7.88 66.55
CA LYS TA 263 -38.32 6.51 66.98
C LYS TA 263 -39.57 6.02 67.72
N LEU TA 264 -40.20 6.90 68.49
CA LEU TA 264 -41.40 6.53 69.22
C LEU TA 264 -42.51 6.10 68.28
N LEU TA 265 -42.69 6.83 67.18
CA LEU TA 265 -43.74 6.47 66.24
C LEU TA 265 -43.47 5.12 65.59
N LYS TA 266 -42.21 4.85 65.28
CA LYS TA 266 -41.86 3.54 64.75
C LYS TA 266 -42.19 2.44 65.76
N LEU TA 267 -41.87 2.68 67.02
CA LEU TA 267 -42.17 1.70 68.05
C LEU TA 267 -43.67 1.46 68.16
N ARG TA 268 -44.45 2.53 68.11
CA ARG TA 268 -45.90 2.40 68.22
C ARG TA 268 -46.47 1.64 67.04
N GLN TA 269 -45.98 1.95 65.83
CA GLN TA 269 -46.46 1.27 64.64
C GLN TA 269 -46.11 -0.22 64.69
N ALA TA 270 -44.91 -0.54 65.16
CA ALA TA 270 -44.51 -1.94 65.24
C ALA TA 270 -45.37 -2.70 66.25
N LEU TA 271 -45.60 -2.11 67.42
CA LEU TA 271 -46.44 -2.77 68.41
C LEU TA 271 -47.88 -2.90 67.94
N ASN TA 272 -48.37 -1.93 67.17
CA ASN TA 272 -49.73 -2.03 66.65
C ASN TA 272 -49.81 -3.10 65.58
N SER TA 273 -48.76 -3.29 64.79
CA SER TA 273 -48.78 -4.30 63.75
C SER TA 273 -48.62 -5.70 64.32
N SER TA 274 -47.84 -5.85 65.40
CA SER TA 274 -47.65 -7.17 66.03
C SER TA 274 -48.75 -7.42 67.06
N ALA TA 275 -49.99 -7.38 66.58
CA ALA TA 275 -51.15 -7.58 67.43
C ALA TA 275 -52.29 -8.12 66.58
N ASP TA 276 -53.33 -8.57 67.27
CA ASP TA 276 -54.51 -9.14 66.65
C ASP TA 276 -55.76 -8.39 67.08
N GLY TA 277 -55.69 -7.06 67.07
CA GLY TA 277 -56.79 -6.25 67.53
C GLY TA 277 -57.03 -6.30 69.03
N ARG TA 278 -56.10 -6.89 69.78
CA ARG TA 278 -56.26 -6.99 71.23
C ARG TA 278 -56.06 -5.64 71.92
N TYR TA 279 -55.44 -4.67 71.23
CA TYR TA 279 -55.18 -3.37 71.82
C TYR TA 279 -54.85 -2.38 70.71
N LYS TA 280 -54.77 -1.11 71.10
CA LYS TA 280 -54.40 -0.05 70.18
C LYS TA 280 -53.82 1.10 70.99
N LEU TA 281 -52.63 1.54 70.61
CA LEU TA 281 -51.85 2.49 71.40
C LEU TA 281 -51.90 3.90 70.80
N SER TA 282 -51.50 4.86 71.62
CA SER TA 282 -51.39 6.25 71.22
C SER TA 282 -50.13 6.88 71.80
N VAL TA 283 -49.92 8.16 71.54
CA VAL TA 283 -48.77 8.87 72.08
C VAL TA 283 -48.99 9.21 73.54
N ASN TA 284 -50.24 9.45 73.92
CA ASN TA 284 -50.56 9.86 75.28
C ASN TA 284 -50.14 8.81 76.29
N ASP TA 285 -50.24 7.53 75.94
CA ASP TA 285 -49.89 6.47 76.88
C ASP TA 285 -48.39 6.44 77.14
N PHE TA 286 -47.59 6.51 76.06
CA PHE TA 286 -46.15 6.63 76.21
C PHE TA 286 -45.79 7.82 77.08
N LEU TA 287 -46.46 8.95 76.84
CA LEU TA 287 -46.16 10.15 77.61
C LEU TA 287 -46.51 9.95 79.09
N ILE TA 288 -47.60 9.24 79.36
CA ILE TA 288 -48.00 9.02 80.74
C ILE TA 288 -47.00 8.13 81.46
N LYS TA 289 -46.55 7.06 80.81
CA LYS TA 289 -45.53 6.21 81.38
C LYS TA 289 -44.26 7.01 81.67
N ALA TA 290 -43.87 7.87 80.72
CA ALA TA 290 -42.68 8.69 80.92
C ALA TA 290 -42.86 9.65 82.07
N MET TA 291 -44.07 10.20 82.23
CA MET TA 291 -44.34 11.08 83.35
C MET TA 291 -44.16 10.34 84.67
N GLY TA 292 -44.66 9.11 84.74
CA GLY TA 292 -44.48 8.32 85.95
C GLY TA 292 -43.03 8.06 86.25
N ILE TA 293 -42.25 7.73 85.22
CA ILE TA 293 -40.83 7.45 85.42
C ILE TA 293 -40.12 8.69 85.94
N ALA TA 294 -40.39 9.84 85.33
CA ALA TA 294 -39.74 11.07 85.75
C ALA TA 294 -40.15 11.44 87.18
N SER TA 295 -41.42 11.25 87.50
CA SER TA 295 -41.89 11.58 88.84
C SER TA 295 -41.23 10.69 89.88
N LYS TA 296 -40.95 9.44 89.54
CA LYS TA 296 -40.28 8.56 90.48
C LYS TA 296 -38.80 8.90 90.60
N ARG TA 297 -38.17 9.33 89.51
CA ARG TA 297 -36.76 9.70 89.59
C ARG TA 297 -36.57 11.02 90.32
N VAL TA 298 -37.57 11.90 90.29
CA VAL TA 298 -37.50 13.19 90.97
C VAL TA 298 -38.79 13.36 91.79
N PRO TA 299 -38.85 12.87 93.02
CA PRO TA 299 -40.14 12.82 93.73
C PRO TA 299 -40.65 14.18 94.16
N THR TA 300 -39.82 15.21 94.18
CA THR TA 300 -40.28 16.51 94.67
C THR TA 300 -41.40 17.07 93.82
N VAL TA 301 -41.43 16.73 92.53
CA VAL TA 301 -42.51 17.18 91.67
C VAL TA 301 -43.83 16.57 92.09
N ASN TA 302 -43.82 15.27 92.39
CA ASN TA 302 -45.00 14.56 92.87
C ASN TA 302 -45.23 14.99 94.32
N SER TA 303 -45.80 16.18 94.47
CA SER TA 303 -45.96 16.81 95.77
C SER TA 303 -47.22 17.66 95.75
N SER TA 304 -47.41 18.44 96.81
CA SER TA 304 -48.57 19.31 96.93
C SER TA 304 -48.24 20.39 97.93
N TRP TA 305 -49.28 21.11 98.37
CA TRP TA 305 -49.15 22.16 99.38
C TRP TA 305 -50.36 22.08 100.29
N ARG TA 306 -50.11 21.95 101.60
CA ARG TA 306 -51.16 21.75 102.59
C ARG TA 306 -50.96 22.71 103.75
N ASP TA 307 -51.68 22.49 104.85
CA ASP TA 307 -51.64 23.42 105.97
C ASP TA 307 -50.29 23.34 106.68
N GLY TA 308 -49.37 24.22 106.29
CA GLY TA 308 -48.07 24.26 106.92
C GLY TA 308 -47.28 22.99 106.78
N VAL TA 309 -47.53 22.21 105.73
CA VAL TA 309 -46.90 20.91 105.56
C VAL TA 309 -46.94 20.53 104.09
N ILE TA 310 -45.89 19.86 103.64
CA ILE TA 310 -45.79 19.34 102.28
C ILE TA 310 -46.18 17.87 102.33
N ARG TA 311 -47.19 17.51 101.54
CA ARG TA 311 -47.62 16.13 101.41
C ARG TA 311 -46.96 15.51 100.18
N GLN TA 312 -46.09 14.54 100.40
CA GLN TA 312 -45.37 13.85 99.34
C GLN TA 312 -45.92 12.44 99.20
N PHE TA 313 -46.20 12.05 97.94
CA PHE TA 313 -46.70 10.73 97.63
C PHE TA 313 -45.54 9.82 97.21
N GLU TA 314 -45.87 8.56 96.91
CA GLU TA 314 -44.94 7.58 96.39
C GLU TA 314 -45.35 7.07 95.02
N THR TA 315 -46.63 6.78 94.84
CA THR TA 315 -47.17 6.42 93.55
C THR TA 315 -47.50 7.68 92.75
N VAL TA 316 -47.84 7.47 91.48
CA VAL TA 316 -48.13 8.56 90.56
C VAL TA 316 -49.58 8.41 90.10
N ASP TA 317 -50.42 9.32 90.57
CA ASP TA 317 -51.82 9.39 90.15
C ASP TA 317 -51.94 10.46 89.07
N VAL TA 318 -52.36 10.05 87.88
CA VAL TA 318 -52.31 10.90 86.70
C VAL TA 318 -53.73 11.34 86.35
N SER TA 319 -53.92 12.65 86.23
CA SER TA 319 -55.21 13.22 85.86
C SER TA 319 -55.19 13.57 84.37
N VAL TA 320 -56.03 12.90 83.60
CA VAL TA 320 -56.10 13.09 82.15
C VAL TA 320 -57.32 13.92 81.82
N ALA TA 321 -57.13 14.93 80.98
CA ALA TA 321 -58.22 15.82 80.61
C ALA TA 321 -59.04 15.23 79.47
N VAL TA 322 -60.35 15.44 79.55
CA VAL TA 322 -61.28 15.06 78.49
C VAL TA 322 -62.23 16.22 78.26
N ALA TA 323 -62.48 16.51 76.99
CA ALA TA 323 -63.27 17.66 76.56
C ALA TA 323 -64.63 17.15 76.11
N THR TA 324 -65.61 17.26 76.99
CA THR TA 324 -66.98 16.89 76.68
C THR TA 324 -67.74 18.11 76.19
N PRO TA 325 -68.89 17.91 75.53
CA PRO TA 325 -69.75 19.06 75.22
C PRO TA 325 -70.22 19.82 76.46
N ASN TA 326 -70.25 19.18 77.62
CA ASN TA 326 -70.54 19.85 78.87
C ASN TA 326 -69.39 20.73 79.35
N GLY TA 327 -68.16 20.44 78.91
CA GLY TA 327 -67.01 21.23 79.32
C GLY TA 327 -65.73 20.42 79.41
N LEU TA 328 -65.05 20.52 80.53
CA LEU TA 328 -63.79 19.82 80.76
C LEU TA 328 -63.94 18.94 82.00
N ILE TA 329 -63.22 17.81 81.99
CA ILE TA 329 -63.25 16.89 83.11
C ILE TA 329 -61.90 16.19 83.18
N THR TA 330 -61.55 15.71 84.38
CA THR TA 330 -60.24 15.14 84.66
C THR TA 330 -60.37 13.80 85.38
N PRO TA 331 -60.65 12.72 84.66
CA PRO TA 331 -60.53 11.40 85.24
C PRO TA 331 -59.09 11.10 85.65
N ILE TA 332 -58.94 10.04 86.44
CA ILE TA 332 -57.67 9.69 87.08
C ILE TA 332 -57.30 8.27 86.70
N VAL TA 333 -56.00 8.05 86.52
CA VAL TA 333 -55.41 6.73 86.43
C VAL TA 333 -54.53 6.53 87.66
N LYS TA 334 -54.61 5.35 88.25
CA LYS TA 334 -53.96 5.03 89.52
C LYS TA 334 -52.79 4.08 89.30
N GLY TA 335 -51.74 4.27 90.09
CA GLY TA 335 -50.59 3.39 90.10
C GLY TA 335 -49.98 3.21 88.73
N VAL TA 336 -49.58 4.32 88.10
CA VAL TA 336 -49.11 4.27 86.72
C VAL TA 336 -47.80 3.50 86.63
N GLU TA 337 -46.81 3.90 87.44
CA GLU TA 337 -45.50 3.28 87.38
C GLU TA 337 -45.61 1.79 87.64
N GLY TA 338 -45.21 1.00 86.67
CA GLY TA 338 -45.37 -0.43 86.75
C GLY TA 338 -46.82 -0.85 86.65
N LYS TA 339 -47.46 -0.52 85.54
CA LYS TA 339 -48.83 -0.93 85.29
C LYS TA 339 -49.03 -1.55 83.91
N GLY TA 340 -48.33 -1.05 82.89
CA GLY TA 340 -48.43 -1.58 81.55
C GLY TA 340 -49.22 -0.71 80.60
N LEU TA 341 -48.68 -0.56 79.38
CA LEU TA 341 -49.28 0.34 78.40
C LEU TA 341 -50.66 -0.14 77.97
N GLU TA 342 -50.86 -1.45 77.86
CA GLU TA 342 -52.15 -1.97 77.44
C GLU TA 342 -53.22 -1.65 78.47
N SER TA 343 -52.94 -1.94 79.74
CA SER TA 343 -53.86 -1.60 80.81
C SER TA 343 -54.13 -0.10 80.84
N ILE TA 344 -53.10 0.69 80.60
CA ILE TA 344 -53.26 2.14 80.59
C ILE TA 344 -54.23 2.55 79.49
N SER TA 345 -54.03 2.02 78.28
CA SER TA 345 -54.89 2.37 77.16
C SER TA 345 -56.32 1.97 77.43
N ALA TA 346 -56.51 0.76 77.98
CA ALA TA 346 -57.87 0.28 78.25
C ALA TA 346 -58.55 1.17 79.28
N ALA TA 347 -57.84 1.53 80.35
CA ALA TA 347 -58.41 2.37 81.39
C ALA TA 347 -58.76 3.75 80.85
N VAL TA 348 -57.88 4.31 80.02
CA VAL TA 348 -58.13 5.63 79.46
C VAL TA 348 -59.34 5.60 78.54
N LYS TA 349 -59.46 4.56 77.70
CA LYS TA 349 -60.61 4.46 76.82
C LYS TA 349 -61.91 4.33 77.61
N GLU TA 350 -61.90 3.49 78.65
CA GLU TA 350 -63.08 3.31 79.47
C GLU TA 350 -63.49 4.61 80.14
N LEU TA 351 -62.52 5.30 80.74
CA LEU TA 351 -62.84 6.55 81.42
C LEU TA 351 -63.32 7.62 80.44
N ALA TA 352 -62.73 7.64 79.24
CA ALA TA 352 -63.13 8.64 78.26
C ALA TA 352 -64.56 8.41 77.79
N LYS TA 353 -64.91 7.16 77.51
CA LYS TA 353 -66.27 6.87 77.09
C LYS TA 353 -67.26 7.09 78.23
N LYS TA 354 -66.87 6.74 79.45
CA LYS TA 354 -67.74 6.99 80.60
C LYS TA 354 -67.94 8.48 80.84
N ALA TA 355 -66.93 9.29 80.50
CA ALA TA 355 -67.09 10.74 80.64
C ALA TA 355 -67.96 11.31 79.54
N ARG TA 356 -67.82 10.79 78.32
CA ARG TA 356 -68.71 11.20 77.24
C ARG TA 356 -70.16 10.84 77.58
N ASP TA 357 -70.37 9.73 78.29
CA ASP TA 357 -71.71 9.34 78.72
C ASP TA 357 -72.17 10.04 79.99
N GLY TA 358 -71.24 10.56 80.79
CA GLY TA 358 -71.59 11.13 82.08
C GLY TA 358 -71.97 10.05 83.07
N LYS TA 359 -71.03 9.15 83.37
CA LYS TA 359 -71.28 7.99 84.22
C LYS TA 359 -70.12 7.79 85.19
N LEU TA 360 -69.63 8.88 85.79
CA LEU TA 360 -68.48 8.84 86.66
C LEU TA 360 -68.88 9.02 88.12
N LYS TA 361 -67.97 8.58 89.00
CA LYS TA 361 -68.02 8.83 90.42
C LYS TA 361 -67.12 10.01 90.78
N PRO TA 362 -67.37 10.69 91.91
CA PRO TA 362 -66.51 11.83 92.24
C PRO TA 362 -65.07 11.42 92.53
N GLU TA 363 -64.87 10.25 93.13
CA GLU TA 363 -63.51 9.81 93.46
C GLU TA 363 -62.67 9.62 92.20
N GLU TA 364 -63.30 9.31 91.07
CA GLU TA 364 -62.57 9.03 89.85
C GLU TA 364 -61.96 10.28 89.23
N TYR TA 365 -62.42 11.48 89.64
CA TYR TA 365 -61.86 12.73 89.14
C TYR TA 365 -61.63 13.75 90.25
N GLN TA 366 -61.57 13.30 91.50
CA GLN TA 366 -61.21 14.14 92.63
C GLN TA 366 -59.96 13.56 93.29
N GLY TA 367 -58.82 14.20 93.05
CA GLY TA 367 -57.55 13.75 93.59
C GLY TA 367 -56.42 13.97 92.61
N GLY TA 368 -55.52 13.00 92.51
CA GLY TA 368 -54.43 13.09 91.56
C GLY TA 368 -53.31 13.98 92.04
N SER TA 369 -52.08 13.56 91.79
CA SER TA 369 -50.90 14.37 92.12
C SER TA 369 -50.45 15.23 90.96
N ILE TA 370 -50.57 14.73 89.74
CA ILE TA 370 -50.10 15.43 88.54
C ILE TA 370 -51.17 15.27 87.47
N SER TA 371 -51.16 16.19 86.51
CA SER TA 371 -52.19 16.29 85.49
C SER TA 371 -51.57 16.42 84.11
N ILE TA 372 -52.42 16.37 83.10
CA ILE TA 372 -52.00 16.47 81.71
C ILE TA 372 -53.21 16.85 80.87
N SER TA 373 -52.95 17.62 79.81
CA SER TA 373 -53.94 17.94 78.80
C SER TA 373 -53.30 17.76 77.44
N ASN TA 374 -54.07 17.22 76.50
CA ASN TA 374 -53.56 16.85 75.19
C ASN TA 374 -54.38 17.55 74.11
N MET TA 375 -53.69 17.98 73.05
CA MET TA 375 -54.32 18.62 71.91
C MET TA 375 -53.69 18.16 70.60
N GLY TA 376 -53.18 16.92 70.55
CA GLY TA 376 -52.47 16.45 69.37
C GLY TA 376 -53.34 16.28 68.15
N MET TA 377 -54.65 16.08 68.32
CA MET TA 377 -55.52 15.90 67.17
C MET TA 377 -55.58 17.16 66.33
N ASN TA 378 -55.47 18.33 66.95
CA ASN TA 378 -55.52 19.59 66.23
C ASN TA 378 -54.11 19.95 65.75
N PRO TA 379 -53.82 19.95 64.45
CA PRO TA 379 -52.42 20.12 64.02
C PRO TA 379 -51.91 21.54 64.12
N ALA TA 380 -52.78 22.54 64.23
CA ALA TA 380 -52.33 23.92 64.19
C ALA TA 380 -51.57 24.32 65.45
N VAL TA 381 -51.97 23.78 66.60
CA VAL TA 381 -51.44 24.23 67.88
C VAL TA 381 -50.00 23.76 67.98
N GLN TA 382 -49.06 24.70 67.90
CA GLN TA 382 -47.66 24.37 68.12
C GLN TA 382 -47.37 24.24 69.60
N SER TA 383 -47.95 25.11 70.41
CA SER TA 383 -47.73 25.07 71.85
C SER TA 383 -48.90 25.74 72.55
N PHE TA 384 -49.05 25.42 73.83
CA PHE TA 384 -50.06 26.08 74.64
C PHE TA 384 -49.78 25.76 76.10
N THR TA 385 -50.19 26.68 76.95
CA THR TA 385 -50.07 26.56 78.38
C THR TA 385 -51.41 26.08 78.94
N ALA TA 386 -51.41 25.73 80.21
CA ALA TA 386 -52.63 25.37 80.93
C ALA TA 386 -52.54 25.95 82.34
N ILE TA 387 -53.47 25.52 83.19
CA ILE TA 387 -53.60 26.03 84.54
C ILE TA 387 -53.61 24.84 85.49
N ILE TA 388 -52.98 25.03 86.66
CA ILE TA 388 -52.73 23.94 87.58
C ILE TA 388 -54.01 23.65 88.35
N ASN TA 389 -54.57 22.47 88.13
CA ASN TA 389 -55.73 22.02 88.88
C ASN TA 389 -55.32 21.76 90.33
N PRO TA 390 -55.77 22.55 91.31
CA PRO TA 390 -55.26 22.37 92.66
C PRO TA 390 -55.75 21.07 93.26
N PRO TA 391 -55.13 20.62 94.37
CA PRO TA 391 -54.00 21.20 95.08
C PRO TA 391 -52.65 20.74 94.53
N GLN TA 392 -52.64 20.26 93.29
CA GLN TA 392 -51.42 19.73 92.69
C GLN TA 392 -50.38 20.83 92.49
N ALA TA 393 -49.21 20.44 92.00
CA ALA TA 393 -48.06 21.33 91.89
C ALA TA 393 -47.58 21.54 90.46
N ALA TA 394 -47.99 20.69 89.53
CA ALA TA 394 -47.48 20.75 88.17
C ALA TA 394 -48.56 20.33 87.20
N ILE TA 395 -48.34 20.66 85.93
CA ILE TA 395 -49.20 20.19 84.86
C ILE TA 395 -48.46 20.29 83.55
N LEU TA 396 -48.80 19.38 82.64
CA LEU TA 396 -48.14 19.23 81.37
C LEU TA 396 -49.07 19.66 80.24
N ALA TA 397 -48.48 19.84 79.06
CA ALA TA 397 -49.25 20.17 77.86
C ALA TA 397 -48.43 19.76 76.66
N VAL TA 398 -49.06 18.99 75.77
CA VAL TA 398 -48.39 18.40 74.62
C VAL TA 398 -48.98 19.02 73.36
N GLY TA 399 -48.15 19.73 72.61
CA GLY TA 399 -48.58 20.28 71.34
C GLY TA 399 -48.68 19.22 70.28
N ALA TA 400 -48.95 19.67 69.06
CA ALA TA 400 -49.02 18.77 67.93
C ALA TA 400 -47.64 18.51 67.37
N PRO TA 401 -47.46 17.45 66.59
CA PRO TA 401 -46.17 17.22 65.94
C PRO TA 401 -46.00 18.10 64.70
N GLN TA 402 -44.75 18.31 64.35
CA GLN TA 402 -44.38 19.17 63.22
C GLN TA 402 -43.11 18.66 62.60
N LYS TA 403 -42.79 19.19 61.42
CA LYS TA 403 -41.60 18.82 60.67
C LYS TA 403 -40.56 19.91 60.87
N VAL TA 404 -39.34 19.50 61.20
CA VAL TA 404 -38.25 20.43 61.50
C VAL TA 404 -36.99 19.95 60.80
N ALA TA 405 -36.15 20.91 60.44
CA ALA TA 405 -34.86 20.61 59.87
C ALA TA 405 -33.86 20.28 60.97
N VAL TA 406 -33.02 19.28 60.71
CA VAL TA 406 -32.02 18.84 61.67
C VAL TA 406 -30.75 18.49 60.90
N PRO TA 407 -29.56 18.82 61.38
CA PRO TA 407 -28.34 18.39 60.70
C PRO TA 407 -28.12 16.90 60.84
N VAL TA 408 -27.31 16.36 59.92
CA VAL TA 408 -26.94 14.96 59.95
C VAL TA 408 -25.63 14.81 59.20
N GLU TA 409 -24.76 13.94 59.73
CA GLU TA 409 -23.47 13.66 59.12
C GLU TA 409 -23.56 12.42 58.25
N ASN TA 410 -23.41 12.60 56.94
CA ASN TA 410 -23.34 11.48 56.03
C ASN TA 410 -22.04 10.72 56.27
N GLU TA 411 -21.88 9.61 55.53
CA GLU TA 411 -20.67 8.80 55.65
C GLU TA 411 -19.40 9.59 55.34
N ASP TA 412 -19.48 10.63 54.52
CA ASP TA 412 -18.37 11.53 54.29
C ASP TA 412 -18.42 12.68 55.30
N GLY TA 413 -17.47 13.59 55.19
CA GLY TA 413 -17.35 14.66 56.17
C GLY TA 413 -18.42 15.71 56.11
N THR TA 414 -19.10 15.86 54.97
CA THR TA 414 -20.08 16.91 54.82
C THR TA 414 -21.33 16.63 55.64
N THR TA 415 -21.99 17.71 56.06
CA THR TA 415 -23.26 17.61 56.74
C THR TA 415 -24.39 17.56 55.71
N GLY TA 416 -25.57 17.16 56.19
CA GLY TA 416 -26.74 17.06 55.35
C GLY TA 416 -27.98 17.44 56.12
N VAL TA 417 -29.12 17.37 55.43
CA VAL TA 417 -30.41 17.76 55.97
C VAL TA 417 -31.23 16.50 56.21
N SER TA 418 -31.79 16.37 57.40
CA SER TA 418 -32.68 15.28 57.76
C SER TA 418 -33.92 15.87 58.41
N TRP TA 419 -35.07 15.27 58.09
CA TRP TA 419 -36.36 15.75 58.56
C TRP TA 419 -36.81 14.89 59.74
N ASP TA 420 -36.85 15.51 60.91
CA ASP TA 420 -37.29 14.87 62.15
C ASP TA 420 -38.66 15.40 62.53
N GLU TA 421 -39.42 14.56 63.22
CA GLU TA 421 -40.76 14.93 63.70
C GLU TA 421 -40.62 15.39 65.15
N GLN TA 422 -40.84 16.69 65.38
CA GLN TA 422 -40.68 17.29 66.69
C GLN TA 422 -42.04 17.62 67.30
N ILE TA 423 -42.08 17.61 68.62
CA ILE TA 423 -43.22 18.05 69.41
C ILE TA 423 -42.71 19.02 70.45
N ILE TA 424 -43.45 20.09 70.66
CA ILE TA 424 -43.18 21.02 71.74
C ILE TA 424 -43.98 20.59 72.96
N VAL TA 425 -43.36 20.73 74.12
CA VAL TA 425 -43.94 20.34 75.39
C VAL TA 425 -43.82 21.52 76.33
N THR TA 426 -44.93 21.86 76.98
CA THR TA 426 -45.00 22.99 77.89
C THR TA 426 -45.43 22.49 79.26
N ALA TA 427 -44.63 22.79 80.27
CA ALA TA 427 -44.90 22.39 81.65
C ALA TA 427 -45.02 23.63 82.51
N SER TA 428 -46.14 23.74 83.22
CA SER TA 428 -46.35 24.80 84.18
C SER TA 428 -46.12 24.24 85.58
N PHE TA 429 -45.36 24.98 86.39
CA PHE TA 429 -45.02 24.55 87.74
C PHE TA 429 -45.44 25.58 88.76
N ASP TA 430 -45.72 25.11 89.97
CA ASP TA 430 -45.90 25.96 91.12
C ASP TA 430 -44.55 26.23 91.76
N HIS TA 431 -44.26 27.51 92.01
CA HIS TA 431 -42.95 27.93 92.44
C HIS TA 431 -42.73 27.79 93.95
N LYS TA 432 -43.80 27.68 94.73
CA LYS TA 432 -43.64 27.47 96.17
C LYS TA 432 -42.90 26.18 96.45
N VAL TA 433 -43.25 25.12 95.73
CA VAL TA 433 -42.68 23.79 95.96
C VAL TA 433 -41.45 23.56 95.12
N VAL TA 434 -41.54 23.88 93.84
CA VAL TA 434 -40.52 23.51 92.86
C VAL TA 434 -39.75 24.75 92.45
N ASP TA 435 -38.50 24.52 92.08
CA ASP TA 435 -37.61 25.55 91.54
C ASP TA 435 -37.21 25.21 90.12
N GLY TA 436 -36.55 26.17 89.48
CA GLY TA 436 -36.20 26.03 88.08
C GLY TA 436 -35.28 24.85 87.82
N ALA TA 437 -34.30 24.65 88.72
CA ALA TA 437 -33.38 23.53 88.55
C ALA TA 437 -34.11 22.20 88.62
N VAL TA 438 -35.03 22.07 89.55
CA VAL TA 438 -35.75 20.81 89.72
C VAL TA 438 -36.64 20.54 88.51
N GLY TA 439 -37.32 21.59 88.04
CA GLY TA 439 -38.15 21.43 86.85
C GLY TA 439 -37.33 21.07 85.63
N ALA TA 440 -36.17 21.70 85.49
CA ALA TA 440 -35.30 21.40 84.36
C ALA TA 440 -34.82 19.96 84.42
N GLU TA 441 -34.52 19.48 85.63
CA GLU TA 441 -34.08 18.10 85.79
C GLU TA 441 -35.18 17.13 85.38
N TRP TA 442 -36.41 17.41 85.83
CA TRP TA 442 -37.55 16.59 85.46
C TRP TA 442 -37.72 16.54 83.94
N ILE TA 443 -37.63 17.71 83.30
CA ILE TA 443 -37.79 17.77 81.85
C ILE TA 443 -36.66 17.02 81.16
N ARG TA 444 -35.45 17.10 81.69
CA ARG TA 444 -34.33 16.39 81.09
C ARG TA 444 -34.57 14.89 81.14
N GLU TA 445 -35.02 14.38 82.29
CA GLU TA 445 -35.28 12.95 82.38
C GLU TA 445 -36.39 12.53 81.42
N LEU TA 446 -37.41 13.37 81.27
CA LEU TA 446 -38.49 13.05 80.35
C LEU TA 446 -37.97 12.98 78.91
N LYS TA 447 -37.20 13.99 78.51
CA LYS TA 447 -36.64 14.01 77.17
C LYS TA 447 -35.76 12.79 76.93
N LYS TA 448 -34.97 12.41 77.93
CA LYS TA 448 -34.08 11.27 77.78
C LYS TA 448 -34.89 9.99 77.57
N VAL TA 449 -35.90 9.78 78.41
CA VAL TA 449 -36.70 8.56 78.33
C VAL TA 449 -37.42 8.49 76.99
N ILE TA 450 -37.90 9.63 76.50
CA ILE TA 450 -38.63 9.61 75.23
C ILE TA 450 -37.66 9.35 74.07
N GLU TA 451 -36.54 10.06 74.07
CA GLU TA 451 -35.61 9.95 72.95
C GLU TA 451 -35.00 8.57 72.88
N ASN TA 452 -34.86 7.90 74.04
CA ASN TA 452 -34.44 6.51 74.09
C ASN TA 452 -35.61 5.70 74.63
N PRO TA 453 -36.56 5.29 73.78
CA PRO TA 453 -37.77 4.64 74.30
C PRO TA 453 -37.50 3.35 75.05
N LEU TA 454 -36.37 2.71 74.79
CA LEU TA 454 -36.07 1.43 75.42
C LEU TA 454 -35.91 1.56 76.92
N GLU TA 455 -35.63 2.75 77.43
CA GLU TA 455 -35.55 2.95 78.87
C GLU TA 455 -36.91 2.93 79.55
N LEU TA 456 -38.01 2.88 78.79
CA LEU TA 456 -39.32 2.70 79.38
C LEU TA 456 -39.38 1.42 80.20
N LEU TA 457 -38.61 0.41 79.81
CA LEU TA 457 -38.55 -0.82 80.59
C LEU TA 457 -37.97 -0.57 81.98
N LEU TA 458 -37.12 0.45 82.10
CA LEU TA 458 -36.49 0.78 83.37
C LEU TA 458 -37.38 1.71 84.20
N TYR UA 227 -108.24 29.34 17.23
CA TYR UA 227 -109.08 28.17 17.45
C TYR UA 227 -109.37 27.98 18.93
N THR UA 228 -108.43 27.38 19.66
CA THR UA 228 -108.63 27.16 21.07
C THR UA 228 -108.64 28.50 21.80
N ASP UA 229 -109.59 28.67 22.70
CA ASP UA 229 -109.84 29.95 23.37
C ASP UA 229 -109.79 29.72 24.88
N VAL UA 230 -108.63 30.02 25.47
CA VAL UA 230 -108.41 29.79 26.89
C VAL UA 230 -108.56 31.13 27.61
N PRO UA 231 -109.42 31.26 28.63
CA PRO UA 231 -109.46 32.51 29.38
C PRO UA 231 -108.16 32.78 30.10
N ILE UA 232 -107.95 34.04 30.46
CA ILE UA 232 -106.74 34.46 31.15
C ILE UA 232 -106.90 34.15 32.63
N SER UA 233 -105.80 33.74 33.26
CA SER UA 233 -105.82 33.37 34.66
C SER UA 233 -106.15 34.55 35.58
N GLY UA 234 -105.96 35.77 35.12
CA GLY UA 234 -106.15 36.97 35.91
C GLY UA 234 -104.86 37.46 36.55
N MET UA 235 -104.00 36.52 36.95
CA MET UA 235 -102.71 36.92 37.52
C MET UA 235 -101.83 37.58 36.47
N ARG UA 236 -101.89 37.09 35.23
CA ARG UA 236 -101.12 37.69 34.16
C ARG UA 236 -101.55 39.13 33.88
N LYS UA 237 -102.80 39.46 34.20
CA LYS UA 237 -103.29 40.82 33.95
C LYS UA 237 -102.47 41.83 34.73
N THR UA 238 -102.20 41.53 36.00
CA THR UA 238 -101.45 42.45 36.84
C THR UA 238 -100.04 42.64 36.31
N ILE UA 239 -99.39 41.55 35.90
CA ILE UA 239 -98.03 41.64 35.38
C ILE UA 239 -98.01 42.43 34.08
N ALA UA 240 -99.01 42.21 33.23
CA ALA UA 240 -99.07 42.95 31.96
C ALA UA 240 -99.25 44.44 32.22
N ALA UA 241 -100.14 44.78 33.15
CA ALA UA 241 -100.34 46.18 33.49
C ALA UA 241 -99.08 46.80 34.07
N ARG UA 242 -98.38 46.05 34.93
CA ARG UA 242 -97.15 46.55 35.53
C ARG UA 242 -96.09 46.83 34.46
N LEU UA 243 -95.91 45.89 33.54
CA LEU UA 243 -94.93 46.07 32.47
C LEU UA 243 -95.32 47.21 31.54
N LYS UA 244 -96.61 47.36 31.26
CA LYS UA 244 -97.08 48.47 30.46
C LYS UA 244 -96.77 49.80 31.14
N GLU UA 245 -97.00 49.86 32.45
CA GLU UA 245 -96.62 51.05 33.21
C GLU UA 245 -95.14 51.32 33.10
N SER UA 246 -94.32 50.26 33.20
CA SER UA 246 -92.88 50.43 33.11
C SER UA 246 -92.48 51.06 31.78
N VAL UA 247 -92.92 50.47 30.67
CA VAL UA 247 -92.49 50.94 29.37
C VAL UA 247 -93.09 52.28 29.01
N THR UA 248 -94.31 52.58 29.46
CA THR UA 248 -94.94 53.84 29.09
C THR UA 248 -94.48 55.00 29.97
N GLU UA 249 -94.04 54.72 31.20
CA GLU UA 249 -93.60 55.78 32.10
C GLU UA 249 -92.11 56.03 31.96
N ASN UA 250 -91.32 54.97 31.84
CA ASN UA 250 -89.87 55.05 31.84
C ASN UA 250 -89.35 54.68 30.46
N PRO UA 251 -88.59 55.55 29.78
CA PRO UA 251 -87.94 55.09 28.55
C PRO UA 251 -86.83 54.12 28.89
N HIS UA 252 -86.34 53.44 27.85
CA HIS UA 252 -85.35 52.39 28.02
C HIS UA 252 -84.25 52.55 26.99
N PHE UA 253 -83.01 52.51 27.45
CA PHE UA 253 -81.86 52.39 26.57
C PHE UA 253 -80.94 51.32 27.13
N PHE UA 254 -80.26 50.65 26.20
CA PHE UA 254 -79.55 49.40 26.46
C PHE UA 254 -78.06 49.58 26.23
N VAL UA 255 -77.28 48.90 27.05
CA VAL UA 255 -75.83 48.86 26.94
C VAL UA 255 -75.42 47.40 26.90
N SER UA 256 -74.46 47.06 26.06
CA SER UA 256 -74.07 45.68 25.81
C SER UA 256 -72.55 45.59 25.80
N THR UA 257 -72.02 44.74 26.67
CA THR UA 257 -70.58 44.58 26.83
C THR UA 257 -70.24 43.11 26.88
N ASN UA 258 -68.93 42.84 26.89
CA ASN UA 258 -68.39 41.49 26.90
C ASN UA 258 -67.40 41.38 28.05
N LEU UA 259 -67.54 40.32 28.84
CA LEU UA 259 -66.67 40.06 29.97
C LEU UA 259 -65.80 38.84 29.69
N SER UA 260 -64.76 38.69 30.50
CA SER UA 260 -63.86 37.56 30.44
C SER UA 260 -63.85 36.88 31.80
N VAL UA 261 -64.13 35.57 31.81
CA VAL UA 261 -64.36 34.81 33.03
C VAL UA 261 -63.43 33.62 33.16
N SER UA 262 -62.35 33.59 32.38
CA SER UA 262 -61.43 32.46 32.46
C SER UA 262 -60.80 32.37 33.84
N LYS UA 263 -60.58 33.51 34.50
CA LYS UA 263 -60.04 33.52 35.84
C LYS UA 263 -61.13 33.25 36.87
N LEU UA 264 -62.33 33.77 36.62
CA LEU UA 264 -63.44 33.56 37.54
C LEU UA 264 -63.78 32.08 37.65
N LEU UA 265 -63.75 31.36 36.54
CA LEU UA 265 -64.09 29.95 36.60
C LEU UA 265 -63.03 29.15 37.34
N LYS UA 266 -61.76 29.51 37.16
CA LYS UA 266 -60.70 28.87 37.94
C LYS UA 266 -60.90 29.12 39.43
N LEU UA 267 -61.25 30.36 39.78
CA LEU UA 267 -61.49 30.69 41.19
C LEU UA 267 -62.65 29.86 41.75
N ARG UA 268 -63.74 29.76 40.99
CA ARG UA 268 -64.89 28.99 41.42
C ARG UA 268 -64.51 27.53 41.62
N GLN UA 269 -63.75 26.99 40.67
CA GLN UA 269 -63.32 25.59 40.77
C GLN UA 269 -62.45 25.37 42.00
N ALA UA 270 -61.55 26.30 42.28
CA ALA UA 270 -60.66 26.14 43.42
C ALA UA 270 -61.43 26.21 44.72
N LEU UA 271 -62.35 27.16 44.85
CA LEU UA 271 -63.12 27.25 46.07
C LEU UA 271 -64.05 26.06 46.24
N ASN UA 272 -64.58 25.51 45.14
CA ASN UA 272 -65.42 24.33 45.25
C ASN UA 272 -64.61 23.11 45.67
N SER UA 273 -63.40 22.95 45.14
CA SER UA 273 -62.58 21.81 45.50
C SER UA 273 -62.08 21.92 46.93
N SER UA 274 -61.73 23.13 47.39
CA SER UA 274 -61.28 23.32 48.76
C SER UA 274 -62.48 23.49 49.69
N ALA UA 275 -63.28 22.44 49.75
CA ALA UA 275 -64.51 22.46 50.52
C ALA UA 275 -64.90 21.02 50.84
N ASP UA 276 -65.80 20.88 51.82
CA ASP UA 276 -66.25 19.59 52.31
C ASP UA 276 -67.75 19.44 52.11
N GLY UA 277 -68.24 19.88 50.95
CA GLY UA 277 -69.67 19.88 50.71
C GLY UA 277 -70.46 20.88 51.53
N ARG UA 278 -69.77 21.77 52.26
CA ARG UA 278 -70.45 22.74 53.09
C ARG UA 278 -71.14 23.82 52.25
N TYR UA 279 -70.69 24.02 51.01
CA TYR UA 279 -71.26 25.03 50.14
C TYR UA 279 -71.02 24.64 48.69
N LYS UA 280 -71.70 25.34 47.79
CA LYS UA 280 -71.52 25.16 46.36
C LYS UA 280 -71.82 26.48 45.67
N LEU UA 281 -70.91 26.92 44.80
CA LEU UA 281 -70.95 28.24 44.21
C LEU UA 281 -71.35 28.19 42.75
N SER UA 282 -71.75 29.35 42.24
CA SER UA 282 -72.10 29.53 40.85
C SER UA 282 -71.63 30.89 40.36
N VAL UA 283 -71.98 31.24 39.12
CA VAL UA 283 -71.56 32.50 38.53
C VAL UA 283 -72.45 33.65 39.01
N ASN UA 284 -73.73 33.34 39.26
CA ASN UA 284 -74.68 34.38 39.65
C ASN UA 284 -74.28 35.07 40.94
N ASP UA 285 -73.68 34.33 41.88
CA ASP UA 285 -73.31 34.92 43.16
C ASP UA 285 -72.18 35.93 43.00
N PHE UA 286 -71.13 35.55 42.25
CA PHE UA 286 -70.07 36.49 41.93
C PHE UA 286 -70.63 37.72 41.24
N LEU UA 287 -71.54 37.52 40.30
CA LEU UA 287 -72.15 38.64 39.60
C LEU UA 287 -72.90 39.55 40.58
N ILE UA 288 -73.56 38.96 41.56
CA ILE UA 288 -74.33 39.76 42.51
C ILE UA 288 -73.39 40.59 43.39
N LYS UA 289 -72.29 39.99 43.83
CA LYS UA 289 -71.31 40.73 44.61
C LYS UA 289 -70.74 41.88 43.80
N ALA UA 290 -70.43 41.63 42.53
CA ALA UA 290 -69.88 42.68 41.69
C ALA UA 290 -70.90 43.79 41.47
N MET UA 291 -72.17 43.42 41.33
CA MET UA 291 -73.23 44.41 41.21
C MET UA 291 -73.28 45.30 42.44
N GLY UA 292 -73.18 44.70 43.62
CA GLY UA 292 -73.19 45.49 44.83
C GLY UA 292 -72.02 46.45 44.91
N ILE UA 293 -70.83 45.96 44.55
CA ILE UA 293 -69.64 46.82 44.60
C ILE UA 293 -69.79 47.98 43.63
N ALA UA 294 -70.30 47.71 42.43
CA ALA UA 294 -70.47 48.77 41.44
C ALA UA 294 -71.49 49.78 41.91
N SER UA 295 -72.59 49.31 42.50
CA SER UA 295 -73.60 50.22 42.99
C SER UA 295 -73.05 51.11 44.10
N LYS UA 296 -72.18 50.57 44.94
CA LYS UA 296 -71.59 51.38 46.01
C LYS UA 296 -70.59 52.38 45.46
N ARG UA 297 -69.85 52.02 44.41
CA ARG UA 297 -68.91 52.97 43.84
C ARG UA 297 -69.63 54.04 43.01
N VAL UA 298 -70.82 53.74 42.52
CA VAL UA 298 -71.62 54.69 41.74
C VAL UA 298 -73.04 54.68 42.29
N PRO UA 299 -73.35 55.46 43.32
CA PRO UA 299 -74.66 55.32 43.97
C PRO UA 299 -75.83 55.83 43.14
N THR UA 300 -75.57 56.59 42.07
CA THR UA 300 -76.67 57.16 41.30
C THR UA 300 -77.53 56.09 40.67
N VAL UA 301 -76.95 54.94 40.35
CA VAL UA 301 -77.73 53.85 39.78
C VAL UA 301 -78.68 53.28 40.82
N ASN UA 302 -78.18 53.07 42.04
CA ASN UA 302 -78.99 52.57 43.14
C ASN UA 302 -79.88 53.72 43.61
N SER UA 303 -80.96 53.94 42.84
CA SER UA 303 -81.87 55.05 43.07
C SER UA 303 -83.25 54.62 42.57
N SER UA 304 -84.15 55.60 42.47
CA SER UA 304 -85.49 55.33 41.96
C SER UA 304 -86.10 56.67 41.54
N TRP UA 305 -87.40 56.64 41.25
CA TRP UA 305 -88.16 57.82 40.85
C TRP UA 305 -89.46 57.83 41.63
N ARG UA 306 -89.68 58.91 42.38
CA ARG UA 306 -90.87 59.03 43.22
C ARG UA 306 -91.57 60.36 42.92
N ASP UA 307 -92.51 60.75 43.76
CA ASP UA 307 -93.32 61.92 43.50
C ASP UA 307 -92.49 63.20 43.66
N GLY UA 308 -91.95 63.69 42.55
CA GLY UA 308 -91.16 64.91 42.59
C GLY UA 308 -89.93 64.83 43.44
N VAL UA 309 -89.36 63.64 43.63
CA VAL UA 309 -88.23 63.45 44.52
C VAL UA 309 -87.52 62.17 44.15
N ILE UA 310 -86.19 62.21 44.25
CA ILE UA 310 -85.34 61.04 44.01
C ILE UA 310 -85.03 60.41 45.36
N ARG UA 311 -85.37 59.13 45.48
CA ARG UA 311 -85.08 58.34 46.67
C ARG UA 311 -83.78 57.58 46.45
N GLN UA 312 -82.78 57.87 47.27
CA GLN UA 312 -81.48 57.24 47.19
C GLN UA 312 -81.26 56.38 48.43
N PHE UA 313 -80.96 55.10 48.21
CA PHE UA 313 -80.66 54.17 49.27
C PHE UA 313 -79.16 54.23 49.59
N GLU UA 314 -78.73 53.36 50.51
CA GLU UA 314 -77.33 53.17 50.85
C GLU UA 314 -76.87 51.74 50.60
N THR UA 315 -77.64 50.77 51.06
CA THR UA 315 -77.35 49.36 50.80
C THR UA 315 -77.79 48.98 49.40
N VAL UA 316 -77.62 47.70 49.09
CA VAL UA 316 -77.97 47.15 47.78
C VAL UA 316 -78.91 45.98 48.02
N ASP UA 317 -80.15 46.14 47.57
CA ASP UA 317 -81.16 45.09 47.63
C ASP UA 317 -81.35 44.53 46.22
N VAL UA 318 -81.07 43.24 46.07
CA VAL UA 318 -80.97 42.61 44.75
C VAL UA 318 -82.16 41.70 44.54
N SER UA 319 -82.89 41.93 43.44
CA SER UA 319 -84.02 41.10 43.08
C SER UA 319 -83.57 40.08 42.04
N VAL UA 320 -83.61 38.80 42.41
CA VAL UA 320 -83.20 37.72 41.52
C VAL UA 320 -84.45 37.06 40.96
N ALA UA 321 -84.45 36.84 39.65
CA ALA UA 321 -85.59 36.26 38.98
C ALA UA 321 -85.55 34.73 39.05
N VAL UA 322 -86.72 34.14 39.23
CA VAL UA 322 -86.89 32.69 39.22
C VAL UA 322 -88.08 32.36 38.34
N ALA UA 323 -87.90 31.35 37.49
CA ALA UA 323 -88.86 30.97 36.46
C ALA UA 323 -89.58 29.72 36.94
N THR UA 324 -90.77 29.92 37.49
CA THR UA 324 -91.61 28.82 37.93
C THR UA 324 -92.57 28.43 36.83
N PRO UA 325 -93.17 27.23 36.90
CA PRO UA 325 -94.23 26.89 35.94
C PRO UA 325 -95.42 27.83 36.03
N ASN UA 326 -95.63 28.47 37.18
CA ASN UA 326 -96.65 29.50 37.32
C ASN UA 326 -96.30 30.77 36.57
N GLY UA 327 -95.01 31.04 36.36
CA GLY UA 327 -94.58 32.25 35.68
C GLY UA 327 -93.23 32.73 36.12
N LEU UA 328 -93.14 34.00 36.52
CA LEU UA 328 -91.90 34.62 36.95
C LEU UA 328 -92.10 35.22 38.33
N ILE UA 329 -91.04 35.19 39.14
CA ILE UA 329 -91.09 35.76 40.48
C ILE UA 329 -89.72 36.33 40.80
N THR UA 330 -89.69 37.31 41.70
CA THR UA 330 -88.47 38.05 42.03
C THR UA 330 -88.26 38.09 43.53
N PRO UA 331 -87.71 37.03 44.13
CA PRO UA 331 -87.24 37.13 45.51
C PRO UA 331 -86.10 38.12 45.61
N ILE UA 332 -85.80 38.49 46.86
CA ILE UA 332 -84.88 39.58 47.16
C ILE UA 332 -83.80 39.07 48.10
N VAL UA 333 -82.59 39.57 47.90
CA VAL UA 333 -81.48 39.42 48.84
C VAL UA 333 -81.18 40.79 49.41
N LYS UA 334 -80.98 40.84 50.71
CA LYS UA 334 -80.82 42.08 51.47
C LYS UA 334 -79.38 42.24 51.91
N GLY UA 335 -78.88 43.48 51.86
CA GLY UA 335 -77.57 43.81 52.37
C GLY UA 335 -76.47 43.01 51.71
N VAL UA 336 -76.39 43.08 50.38
CA VAL UA 336 -75.43 42.26 49.64
C VAL UA 336 -74.01 42.66 49.98
N GLU UA 337 -73.71 43.95 49.84
CA GLU UA 337 -72.35 44.43 50.09
C GLU UA 337 -71.92 44.10 51.51
N GLY UA 338 -70.84 43.34 51.61
CA GLY UA 338 -70.41 42.86 52.91
C GLY UA 338 -71.37 41.86 53.50
N LYS UA 339 -71.57 40.73 52.83
CA LYS UA 339 -72.42 39.66 53.32
C LYS UA 339 -71.76 38.29 53.24
N GLY UA 340 -70.96 38.04 52.21
CA GLY UA 340 -70.32 36.75 52.02
C GLY UA 340 -70.98 35.87 50.98
N LEU UA 341 -70.14 35.29 50.11
CA LEU UA 341 -70.65 34.49 49.00
C LEU UA 341 -71.38 33.25 49.48
N GLU UA 342 -70.92 32.65 50.58
CA GLU UA 342 -71.58 31.45 51.08
C GLU UA 342 -72.98 31.76 51.56
N SER UA 343 -73.13 32.82 52.36
CA SER UA 343 -74.43 33.26 52.80
C SER UA 343 -75.32 33.60 51.61
N ILE UA 344 -74.74 34.25 50.60
CA ILE UA 344 -75.49 34.60 49.39
C ILE UA 344 -76.06 33.36 48.73
N SER UA 345 -75.19 32.37 48.47
CA SER UA 345 -75.62 31.16 47.79
C SER UA 345 -76.68 30.43 48.60
N ALA UA 346 -76.50 30.37 49.92
CA ALA UA 346 -77.46 29.69 50.77
C ALA UA 346 -78.83 30.36 50.69
N ALA UA 347 -78.84 31.69 50.80
CA ALA UA 347 -80.10 32.42 50.76
C ALA UA 347 -80.78 32.28 49.40
N VAL UA 348 -79.99 32.30 48.33
CA VAL UA 348 -80.58 32.17 47.00
C VAL UA 348 -81.18 30.78 46.80
N LYS UA 349 -80.47 29.74 47.25
CA LYS UA 349 -81.03 28.39 47.16
C LYS UA 349 -82.32 28.27 47.96
N GLU UA 350 -82.33 28.84 49.17
CA GLU UA 350 -83.53 28.80 50.00
C GLU UA 350 -84.71 29.47 49.30
N LEU UA 351 -84.49 30.70 48.81
CA LEU UA 351 -85.57 31.43 48.19
C LEU UA 351 -86.03 30.76 46.90
N ALA UA 352 -85.10 30.18 46.13
CA ALA UA 352 -85.48 29.52 44.89
C ALA UA 352 -86.35 28.29 45.16
N LYS UA 353 -85.95 27.48 46.13
CA LYS UA 353 -86.77 26.31 46.47
C LYS UA 353 -88.10 26.73 47.06
N LYS UA 354 -88.11 27.80 47.86
CA LYS UA 354 -89.38 28.27 48.42
C LYS UA 354 -90.29 28.83 47.37
N ALA UA 355 -89.74 29.38 46.28
CA ALA UA 355 -90.57 29.87 45.19
C ALA UA 355 -91.09 28.72 44.34
N ARG UA 356 -90.25 27.70 44.13
CA ARG UA 356 -90.74 26.50 43.46
C ARG UA 356 -91.85 25.82 44.25
N ASP UA 357 -91.81 25.95 45.58
CA ASP UA 357 -92.87 25.41 46.42
C ASP UA 357 -94.06 26.35 46.57
N GLY UA 358 -93.87 27.65 46.35
CA GLY UA 358 -94.92 28.62 46.54
C GLY UA 358 -95.21 28.87 48.01
N LYS UA 359 -94.23 29.38 48.74
CA LYS UA 359 -94.31 29.55 50.19
C LYS UA 359 -93.72 30.88 50.63
N LEU UA 360 -93.86 31.91 49.80
CA LEU UA 360 -93.22 33.20 50.03
C LEU UA 360 -94.18 34.20 50.68
N LYS UA 361 -93.58 35.23 51.27
CA LYS UA 361 -94.27 36.39 51.79
C LYS UA 361 -94.18 37.54 50.80
N PRO UA 362 -95.10 38.50 50.86
CA PRO UA 362 -95.03 39.61 49.89
C PRO UA 362 -93.80 40.47 50.05
N GLU UA 363 -93.37 40.71 51.30
CA GLU UA 363 -92.20 41.56 51.53
C GLU UA 363 -90.93 40.97 50.91
N GLU UA 364 -90.87 39.65 50.77
CA GLU UA 364 -89.67 39.02 50.23
C GLU UA 364 -89.52 39.23 48.73
N TYR UA 365 -90.57 39.67 48.03
CA TYR UA 365 -90.49 39.96 46.61
C TYR UA 365 -91.17 41.27 46.24
N GLN UA 366 -91.36 42.17 47.21
CA GLN UA 366 -91.89 43.51 46.96
C GLN UA 366 -90.93 44.53 47.55
N GLY UA 367 -90.19 45.21 46.67
CA GLY UA 367 -89.18 46.16 47.07
C GLY UA 367 -87.97 46.06 46.17
N GLY UA 368 -86.78 46.17 46.74
CA GLY UA 368 -85.57 46.00 45.97
C GLY UA 368 -85.22 47.22 45.15
N SER UA 369 -83.93 47.54 45.10
CA SER UA 369 -83.45 48.68 44.34
C SER UA 369 -82.98 48.31 42.94
N ILE UA 370 -82.41 47.12 42.78
CA ILE UA 370 -81.85 46.67 41.50
C ILE UA 370 -82.23 45.21 41.31
N SER UA 371 -82.21 44.77 40.05
CA SER UA 371 -82.70 43.45 39.67
C SER UA 371 -81.70 42.76 38.77
N ILE UA 372 -82.01 41.50 38.44
CA ILE UA 372 -81.16 40.68 37.59
C ILE UA 372 -82.01 39.53 37.06
N SER UA 373 -81.68 39.08 35.85
CA SER UA 373 -82.26 37.88 35.27
C SER UA 373 -81.12 37.07 34.65
N ASN UA 374 -81.19 35.75 34.81
CA ASN UA 374 -80.14 34.85 34.37
C ASN UA 374 -80.70 33.82 33.42
N MET UA 375 -79.91 33.49 32.40
CA MET UA 375 -80.25 32.45 31.44
C MET UA 375 -79.04 31.59 31.09
N GLY UA 376 -78.06 31.51 31.99
CA GLY UA 376 -76.81 30.84 31.67
C GLY UA 376 -76.95 29.37 31.40
N MET UA 377 -78.01 28.73 31.90
CA MET UA 377 -78.17 27.30 31.67
C MET UA 377 -78.42 27.00 30.20
N ASN UA 378 -79.09 27.89 29.49
CA ASN UA 378 -79.43 27.67 28.09
C ASN UA 378 -78.27 28.15 27.23
N PRO UA 379 -77.47 27.26 26.62
CA PRO UA 379 -76.27 27.72 25.92
C PRO UA 379 -76.54 28.44 24.61
N ALA UA 380 -77.78 28.47 24.14
CA ALA UA 380 -78.07 29.07 22.85
C ALA UA 380 -78.13 30.59 22.93
N VAL UA 381 -78.53 31.12 24.07
CA VAL UA 381 -78.78 32.56 24.21
C VAL UA 381 -77.43 33.25 24.30
N GLN UA 382 -77.06 33.98 23.25
CA GLN UA 382 -75.87 34.82 23.32
C GLN UA 382 -76.15 36.10 24.11
N SER UA 383 -77.35 36.66 23.94
CA SER UA 383 -77.70 37.87 24.67
C SER UA 383 -79.20 38.07 24.65
N PHE UA 384 -79.67 38.93 25.54
CA PHE UA 384 -81.08 39.29 25.55
C PHE UA 384 -81.25 40.50 26.44
N THR UA 385 -82.38 41.17 26.24
CA THR UA 385 -82.80 42.30 27.04
C THR UA 385 -83.91 41.88 27.98
N ALA UA 386 -84.20 42.74 28.95
CA ALA UA 386 -85.31 42.52 29.86
C ALA UA 386 -86.03 43.85 30.06
N ILE UA 387 -86.95 43.87 31.01
CA ILE UA 387 -87.80 45.01 31.30
C ILE UA 387 -87.65 45.37 32.75
N ILE UA 388 -87.66 46.68 33.03
CA ILE UA 388 -87.29 47.19 34.34
C ILE UA 388 -88.48 47.01 35.28
N ASN UA 389 -88.31 46.17 36.29
CA ASN UA 389 -89.34 45.96 37.30
C ASN UA 389 -89.47 47.23 38.14
N PRO UA 390 -90.55 48.00 38.04
CA PRO UA 390 -90.60 49.27 38.74
C PRO UA 390 -90.70 49.06 40.24
N PRO UA 391 -90.46 50.09 41.05
CA PRO UA 391 -90.08 51.46 40.68
C PRO UA 391 -88.56 51.62 40.50
N GLN UA 392 -87.87 50.51 40.22
CA GLN UA 392 -86.42 50.53 40.12
C GLN UA 392 -85.96 51.31 38.89
N ALA UA 393 -84.64 51.40 38.70
CA ALA UA 393 -84.04 52.24 37.67
C ALA UA 393 -83.20 51.48 36.67
N ALA UA 394 -82.82 50.24 36.97
CA ALA UA 394 -81.94 49.48 36.10
C ALA UA 394 -82.26 48.01 36.20
N ILE UA 395 -81.70 47.24 35.26
CA ILE UA 395 -81.79 45.79 35.33
C ILE UA 395 -80.70 45.21 34.43
N LEU UA 396 -80.22 44.04 34.84
CA LEU UA 396 -79.11 43.37 34.21
C LEU UA 396 -79.58 42.10 33.52
N ALA UA 397 -78.72 41.56 32.66
CA ALA UA 397 -78.98 40.31 31.98
C ALA UA 397 -77.66 39.69 31.57
N VAL UA 398 -77.50 38.40 31.84
CA VAL UA 398 -76.25 37.68 31.64
C VAL UA 398 -76.53 36.55 30.67
N GLY UA 399 -75.88 36.59 29.50
CA GLY UA 399 -76.03 35.53 28.53
C GLY UA 399 -75.26 34.30 28.92
N ALA UA 400 -75.14 33.39 27.96
CA ALA UA 400 -74.39 32.17 28.18
C ALA UA 400 -72.92 32.40 27.89
N PRO UA 401 -72.04 31.51 28.36
CA PRO UA 401 -70.64 31.61 27.99
C PRO UA 401 -70.38 31.05 26.60
N GLN UA 402 -69.31 31.56 25.99
CA GLN UA 402 -68.97 31.21 24.63
C GLN UA 402 -67.46 31.24 24.46
N LYS UA 403 -67.00 30.64 23.37
CA LYS UA 403 -65.59 30.59 23.03
C LYS UA 403 -65.30 31.66 21.98
N VAL UA 404 -64.28 32.47 22.21
CA VAL UA 404 -63.93 33.57 21.34
C VAL UA 404 -62.43 33.57 21.12
N ALA UA 405 -62.03 34.02 19.93
CA ALA UA 405 -60.63 34.18 19.62
C ALA UA 405 -60.09 35.47 20.22
N VAL UA 406 -58.88 35.41 20.77
CA VAL UA 406 -58.24 36.55 21.41
C VAL UA 406 -56.76 36.54 21.02
N PRO UA 407 -56.15 37.66 20.68
CA PRO UA 407 -54.71 37.66 20.45
C PRO UA 407 -53.93 37.45 21.73
N VAL UA 408 -52.69 37.01 21.56
CA VAL UA 408 -51.79 36.82 22.69
C VAL UA 408 -50.36 36.87 22.17
N GLU UA 409 -49.49 37.51 22.95
CA GLU UA 409 -48.09 37.63 22.61
C GLU UA 409 -47.29 36.50 23.23
N ASN UA 410 -46.76 35.62 22.39
CA ASN UA 410 -45.84 34.60 22.86
C ASN UA 410 -44.54 35.25 23.30
N GLU UA 411 -43.63 34.43 23.85
CA GLU UA 411 -42.34 34.93 24.29
C GLU UA 411 -41.57 35.62 23.17
N ASP UA 412 -41.76 35.21 21.93
CA ASP UA 412 -41.17 35.88 20.78
C ASP UA 412 -42.09 37.02 20.33
N GLY UA 413 -41.65 37.75 19.31
CA GLY UA 413 -42.37 38.92 18.87
C GLY UA 413 -43.67 38.63 18.15
N THR UA 414 -43.90 37.40 17.73
CA THR UA 414 -45.10 37.07 16.98
C THR UA 414 -46.30 36.94 17.91
N THR UA 415 -47.46 37.28 17.38
CA THR UA 415 -48.72 37.09 18.08
C THR UA 415 -49.22 35.67 17.88
N GLY UA 416 -50.11 35.24 18.77
CA GLY UA 416 -50.69 33.92 18.70
C GLY UA 416 -52.17 33.97 19.01
N VAL UA 417 -52.80 32.80 18.89
CA VAL UA 417 -54.23 32.65 19.13
C VAL UA 417 -54.42 31.94 20.46
N SER UA 418 -55.31 32.49 21.28
CA SER UA 418 -55.72 31.87 22.54
C SER UA 418 -57.22 31.95 22.65
N TRP UA 419 -57.81 30.93 23.28
CA TRP UA 419 -59.26 30.80 23.37
C TRP UA 419 -59.71 31.21 24.76
N ASP UA 420 -60.40 32.34 24.82
CA ASP UA 420 -60.90 32.91 26.06
C ASP UA 420 -62.42 32.72 26.13
N GLU UA 421 -62.90 32.43 27.33
CA GLU UA 421 -64.32 32.22 27.57
C GLU UA 421 -64.97 33.57 27.86
N GLN UA 422 -65.84 34.00 26.96
CA GLN UA 422 -66.53 35.28 27.07
C GLN UA 422 -68.00 35.09 27.43
N ILE UA 423 -68.55 36.12 28.07
CA ILE UA 423 -69.98 36.24 28.30
C ILE UA 423 -70.40 37.63 27.88
N ILE UA 424 -71.57 37.73 27.27
CA ILE UA 424 -72.18 39.01 26.94
C ILE UA 424 -73.10 39.41 28.08
N VAL UA 425 -73.12 40.69 28.37
CA VAL UA 425 -73.93 41.27 29.44
C VAL UA 425 -74.70 42.44 28.85
N THR UA 426 -75.98 42.51 29.18
CA THR UA 426 -76.87 43.56 28.68
C THR UA 426 -77.54 44.24 29.87
N ALA UA 427 -77.42 45.55 29.93
CA ALA UA 427 -78.00 46.36 30.99
C ALA UA 427 -78.99 47.35 30.38
N SER UA 428 -80.22 47.32 30.89
CA SER UA 428 -81.23 48.29 30.51
C SER UA 428 -81.38 49.30 31.63
N PHE UA 429 -81.39 50.60 31.27
CA PHE UA 429 -81.46 51.67 32.25
C PHE UA 429 -82.66 52.57 31.97
N ASP UA 430 -83.08 53.29 33.01
CA ASP UA 430 -84.05 54.36 32.87
C ASP UA 430 -83.31 55.67 32.65
N HIS UA 431 -83.73 56.42 31.63
CA HIS UA 431 -83.02 57.62 31.23
C HIS UA 431 -83.36 58.84 32.08
N LYS UA 432 -84.48 58.80 32.82
CA LYS UA 432 -84.82 59.93 33.69
C LYS UA 432 -83.76 60.14 34.75
N VAL UA 433 -83.24 59.06 35.31
CA VAL UA 433 -82.28 59.11 36.40
C VAL UA 433 -80.85 59.08 35.88
N VAL UA 434 -80.56 58.13 35.02
CA VAL UA 434 -79.19 57.80 34.64
C VAL UA 434 -78.92 58.31 33.25
N ASP UA 435 -77.66 58.66 33.00
CA ASP UA 435 -77.18 59.07 31.70
C ASP UA 435 -76.23 58.00 31.15
N GLY UA 436 -75.95 58.13 29.85
CA GLY UA 436 -75.10 57.15 29.19
C GLY UA 436 -73.72 57.07 29.81
N ALA UA 437 -73.17 58.22 30.19
CA ALA UA 437 -71.85 58.23 30.82
C ALA UA 437 -71.87 57.48 32.14
N VAL UA 438 -72.92 57.69 32.94
CA VAL UA 438 -73.00 57.05 34.25
C VAL UA 438 -73.14 55.55 34.09
N GLY UA 439 -74.00 55.13 33.15
CA GLY UA 439 -74.14 53.71 32.90
C GLY UA 439 -72.84 53.08 32.41
N ALA UA 440 -72.11 53.81 31.55
CA ALA UA 440 -70.85 53.29 31.05
C ALA UA 440 -69.85 53.15 32.19
N GLU UA 441 -69.86 54.10 33.12
CA GLU UA 441 -68.95 54.03 34.26
C GLU UA 441 -69.28 52.82 35.12
N TRP UA 442 -70.57 52.60 35.35
CA TRP UA 442 -71.00 51.43 36.12
C TRP UA 442 -70.53 50.14 35.45
N ILE UA 443 -70.70 50.05 34.14
CA ILE UA 443 -70.30 48.86 33.42
C ILE UA 443 -68.79 48.69 33.46
N ARG UA 444 -68.05 49.79 33.39
CA ARG UA 444 -66.59 49.70 33.46
C ARG UA 444 -66.16 49.15 34.81
N GLU UA 445 -66.76 49.63 35.89
CA GLU UA 445 -66.40 49.13 37.21
C GLU UA 445 -66.73 47.66 37.33
N LEU UA 446 -67.87 47.24 36.78
CA LEU UA 446 -68.24 45.83 36.84
C LEU UA 446 -67.23 44.97 36.09
N LYS UA 447 -66.90 45.37 34.86
CA LYS UA 447 -65.93 44.64 34.06
C LYS UA 447 -64.59 44.55 34.76
N LYS UA 448 -64.18 45.65 35.38
CA LYS UA 448 -62.89 45.66 36.07
C LYS UA 448 -62.90 44.68 37.24
N VAL UA 449 -63.95 44.72 38.06
CA VAL UA 449 -64.03 43.85 39.22
C VAL UA 449 -64.06 42.40 38.80
N ILE UA 450 -64.72 42.09 37.69
CA ILE UA 450 -64.81 40.69 37.26
C ILE UA 450 -63.48 40.24 36.70
N GLU UA 451 -62.90 41.03 35.80
CA GLU UA 451 -61.68 40.63 35.13
C GLU UA 451 -60.54 40.51 36.13
N ASN UA 452 -60.60 41.28 37.23
CA ASN UA 452 -59.70 41.10 38.35
C ASN UA 452 -60.52 40.64 39.55
N PRO UA 453 -60.80 39.34 39.68
CA PRO UA 453 -61.69 38.88 40.76
C PRO UA 453 -61.17 39.20 42.14
N LEU UA 454 -59.86 39.39 42.29
CA LEU UA 454 -59.28 39.63 43.60
C LEU UA 454 -59.79 40.92 44.22
N GLU UA 455 -60.28 41.86 43.42
CA GLU UA 455 -60.81 43.09 43.96
C GLU UA 455 -62.20 42.91 44.58
N LEU UA 456 -62.79 41.72 44.48
CA LEU UA 456 -64.02 41.44 45.22
C LEU UA 456 -63.81 41.62 46.71
N LEU UA 457 -62.59 41.40 47.20
CA LEU UA 457 -62.27 41.63 48.60
C LEU UA 457 -62.47 43.10 48.97
N LEU UA 458 -62.27 43.99 48.00
CA LEU UA 458 -62.40 45.42 48.23
C LEU UA 458 -63.84 45.88 48.03
N TYR VA 227 27.23 102.21 41.14
CA TYR VA 227 28.12 102.05 42.28
C TYR VA 227 29.56 102.30 41.87
N THR VA 228 30.24 101.27 41.36
CA THR VA 228 31.63 101.42 40.98
C THR VA 228 31.74 102.41 39.82
N ASP VA 229 32.75 103.28 39.90
CA ASP VA 229 32.91 104.40 38.99
C ASP VA 229 34.33 104.39 38.44
N VAL VA 230 34.51 103.77 37.28
CA VAL VA 230 35.82 103.63 36.65
C VAL VA 230 35.94 104.70 35.57
N PRO VA 231 36.93 105.60 35.63
CA PRO VA 231 37.13 106.52 34.50
C PRO VA 231 37.48 105.78 33.23
N ILE VA 232 37.29 106.47 32.11
CA ILE VA 232 37.45 105.87 30.79
C ILE VA 232 38.91 105.92 30.39
N SER VA 233 39.35 104.90 29.67
CA SER VA 233 40.75 104.77 29.27
C SER VA 233 41.19 105.86 28.30
N GLY VA 234 40.25 106.53 27.63
CA GLY VA 234 40.56 107.52 26.61
C GLY VA 234 40.65 106.93 25.22
N MET VA 235 41.20 105.71 25.11
CA MET VA 235 41.25 105.04 23.81
C MET VA 235 39.84 104.75 23.30
N ARG VA 236 38.94 104.36 24.22
CA ARG VA 236 37.57 104.07 23.82
C ARG VA 236 36.87 105.33 23.30
N LYS VA 237 37.31 106.51 23.73
CA LYS VA 237 36.69 107.75 23.27
C LYS VA 237 36.80 107.88 21.76
N THR VA 238 37.98 107.59 21.22
CA THR VA 238 38.22 107.72 19.79
C THR VA 238 37.34 106.74 19.01
N ILE VA 239 37.24 105.51 19.49
CA ILE VA 239 36.44 104.50 18.80
C ILE VA 239 34.96 104.86 18.88
N ALA VA 240 34.54 105.42 20.01
CA ALA VA 240 33.15 105.86 20.13
C ALA VA 240 32.84 106.96 19.14
N ALA VA 241 33.73 107.96 19.06
CA ALA VA 241 33.52 109.04 18.10
C ALA VA 241 33.53 108.53 16.67
N ARG VA 242 34.40 107.58 16.37
CA ARG VA 242 34.48 107.01 15.03
C ARG VA 242 33.18 106.31 14.67
N LEU VA 243 32.68 105.46 15.56
CA LEU VA 243 31.44 104.73 15.29
C LEU VA 243 30.26 105.68 15.21
N LYS VA 244 30.26 106.74 16.02
CA LYS VA 244 29.20 107.74 15.96
C LYS VA 244 29.21 108.44 14.61
N GLU VA 245 30.39 108.83 14.14
CA GLU VA 245 30.50 109.42 12.82
C GLU VA 245 29.99 108.45 11.76
N SER VA 246 30.31 107.18 11.91
CA SER VA 246 29.88 106.19 10.91
C SER VA 246 28.36 106.12 10.84
N VAL VA 247 27.71 105.93 11.99
CA VAL VA 247 26.26 105.75 11.97
C VAL VA 247 25.53 107.04 11.62
N THR VA 248 26.08 108.20 11.96
CA THR VA 248 25.37 109.45 11.67
C THR VA 248 25.61 109.94 10.25
N GLU VA 249 26.74 109.56 9.64
CA GLU VA 249 27.03 109.98 8.28
C GLU VA 249 26.47 109.00 7.26
N ASN VA 250 26.52 107.71 7.59
CA ASN VA 250 26.23 106.64 6.66
C ASN VA 250 24.99 105.88 7.11
N PRO VA 251 23.91 105.83 6.32
CA PRO VA 251 22.81 104.95 6.68
C PRO VA 251 23.16 103.50 6.40
N HIS VA 252 22.59 102.61 7.21
CA HIS VA 252 22.92 101.19 7.18
C HIS VA 252 21.70 100.40 6.77
N PHE VA 253 21.89 99.47 5.84
CA PHE VA 253 20.91 98.42 5.58
C PHE VA 253 21.64 97.10 5.42
N PHE VA 254 20.96 96.04 5.84
CA PHE VA 254 21.56 94.73 6.05
C PHE VA 254 20.98 93.73 5.07
N VAL VA 255 21.79 92.75 4.71
CA VAL VA 255 21.39 91.65 3.84
C VAL VA 255 21.85 90.35 4.47
N SER VA 256 20.94 89.40 4.61
CA SER VA 256 21.17 88.18 5.36
C SER VA 256 20.87 86.99 4.48
N THR VA 257 21.85 86.10 4.33
CA THR VA 257 21.72 84.92 3.49
C THR VA 257 22.25 83.69 4.20
N ASN VA 258 22.04 82.55 3.55
CA ASN VA 258 22.45 81.25 4.07
C ASN VA 258 23.27 80.54 3.01
N LEU VA 259 24.44 80.06 3.41
CA LEU VA 259 25.36 79.35 2.52
C LEU VA 259 25.34 77.87 2.84
N SER VA 260 26.04 77.11 2.00
CA SER VA 260 26.21 75.68 2.17
C SER VA 260 27.68 75.35 2.02
N VAL VA 261 28.27 74.73 3.04
CA VAL VA 261 29.70 74.56 3.16
C VAL VA 261 30.11 73.10 3.28
N SER VA 262 29.18 72.17 2.98
CA SER VA 262 29.49 70.76 3.11
C SER VA 262 30.62 70.34 2.18
N LYS VA 263 30.73 70.99 1.02
CA LYS VA 263 31.82 70.72 0.11
C LYS VA 263 33.07 71.47 0.51
N LEU VA 264 32.90 72.69 1.03
CA LEU VA 264 34.04 73.49 1.45
C LEU VA 264 34.82 72.79 2.56
N LEU VA 265 34.11 72.20 3.52
CA LEU VA 265 34.80 71.56 4.64
C LEU VA 265 35.55 70.33 4.17
N LYS VA 266 34.96 69.57 3.23
CA LYS VA 266 35.68 68.44 2.65
C LYS VA 266 36.94 68.91 1.95
N LEU VA 267 36.85 70.00 1.19
CA LEU VA 267 38.02 70.53 0.50
C LEU VA 267 39.10 70.92 1.50
N ARG VA 268 38.72 71.60 2.58
CA ARG VA 268 39.68 72.02 3.58
C ARG VA 268 40.35 70.82 4.23
N GLN VA 269 39.54 69.80 4.57
CA GLN VA 269 40.09 68.60 5.19
C GLN VA 269 41.07 67.89 4.27
N ALA VA 270 40.74 67.82 2.97
CA ALA VA 270 41.62 67.13 2.05
C ALA VA 270 42.92 67.90 1.84
N LEU VA 271 42.85 69.22 1.70
CA LEU VA 271 44.06 70.01 1.56
C LEU VA 271 44.92 69.94 2.82
N ASN VA 272 44.29 69.85 3.99
CA ASN VA 272 45.07 69.71 5.23
C ASN VA 272 45.73 68.34 5.30
N SER VA 273 45.04 67.30 4.85
CA SER VA 273 45.61 65.96 4.87
C SER VA 273 46.75 65.83 3.88
N SER VA 274 46.65 66.47 2.72
CA SER VA 274 47.69 66.40 1.70
C SER VA 274 48.73 67.49 1.94
N ALA VA 275 49.35 67.43 3.11
CA ALA VA 275 50.34 68.41 3.50
C ALA VA 275 51.30 67.77 4.50
N ASP VA 276 52.42 68.44 4.72
CA ASP VA 276 53.48 67.99 5.61
C ASP VA 276 53.64 68.94 6.79
N GLY VA 277 52.53 69.46 7.30
CA GLY VA 277 52.59 70.50 8.31
C GLY VA 277 53.09 71.82 7.80
N ARG VA 278 53.23 71.98 6.48
CA ARG VA 278 53.73 73.23 5.92
C ARG VA 278 52.72 74.37 6.04
N TYR VA 279 51.44 74.03 6.22
CA TYR VA 279 50.39 75.04 6.31
C TYR VA 279 49.19 74.45 7.02
N LYS VA 280 48.24 75.31 7.38
CA LYS VA 280 47.00 74.89 8.01
C LYS VA 280 45.95 75.94 7.69
N LEU VA 281 44.81 75.48 7.19
CA LEU VA 281 43.79 76.35 6.64
C LEU VA 281 42.58 76.46 7.58
N SER VA 282 41.78 77.48 7.33
CA SER VA 282 40.54 77.72 8.05
C SER VA 282 39.44 78.12 7.07
N VAL VA 283 38.30 78.56 7.59
CA VAL VA 283 37.19 78.98 6.75
C VAL VA 283 37.34 80.44 6.35
N ASN VA 284 37.90 81.25 7.23
CA ASN VA 284 38.01 82.68 6.98
C ASN VA 284 38.85 82.97 5.74
N ASP VA 285 39.83 82.13 5.44
CA ASP VA 285 40.70 82.37 4.30
C ASP VA 285 39.94 82.17 2.99
N PHE VA 286 39.21 81.05 2.88
CA PHE VA 286 38.33 80.83 1.76
C PHE VA 286 37.35 81.99 1.60
N LEU VA 287 36.80 82.46 2.73
CA LEU VA 287 35.86 83.56 2.68
C LEU VA 287 36.51 84.82 2.13
N ILE VA 288 37.76 85.07 2.51
CA ILE VA 288 38.45 86.27 2.08
C ILE VA 288 38.73 86.22 0.59
N LYS VA 289 39.17 85.05 0.10
CA LYS VA 289 39.36 84.88 -1.33
C LYS VA 289 38.06 85.12 -2.10
N ALA VA 290 36.96 84.59 -1.57
CA ALA VA 290 35.68 84.77 -2.25
C ALA VA 290 35.25 86.24 -2.22
N MET VA 291 35.56 86.93 -1.13
CA MET VA 291 35.28 88.35 -1.05
C MET VA 291 36.03 89.11 -2.14
N GLY VA 292 37.29 88.77 -2.33
CA GLY VA 292 38.06 89.42 -3.38
C GLY VA 292 37.48 89.15 -4.76
N ILE VA 293 37.07 87.91 -5.01
CA ILE VA 293 36.50 87.57 -6.31
C ILE VA 293 35.21 88.35 -6.55
N ALA VA 294 34.35 88.40 -5.52
CA ALA VA 294 33.09 89.11 -5.67
C ALA VA 294 33.33 90.60 -5.87
N SER VA 295 34.29 91.16 -5.15
CA SER VA 295 34.60 92.57 -5.30
C SER VA 295 35.11 92.89 -6.69
N LYS VA 296 35.88 91.97 -7.28
CA LYS VA 296 36.37 92.21 -8.63
C LYS VA 296 35.26 92.04 -9.67
N ARG VA 297 34.34 91.11 -9.45
CA ARG VA 297 33.23 90.96 -10.38
C ARG VA 297 32.25 92.11 -10.28
N VAL VA 298 32.18 92.76 -9.13
CA VAL VA 298 31.28 93.91 -8.91
C VAL VA 298 32.09 95.02 -8.25
N PRO VA 299 32.79 95.85 -9.03
CA PRO VA 299 33.71 96.82 -8.40
C PRO VA 299 33.03 97.95 -7.66
N THR VA 300 31.72 98.13 -7.84
CA THR VA 300 31.04 99.24 -7.17
C THR VA 300 31.08 99.09 -5.66
N VAL VA 301 31.13 97.85 -5.17
CA VAL VA 301 31.22 97.64 -3.72
C VAL VA 301 32.57 98.13 -3.21
N ASN VA 302 33.65 97.76 -3.89
CA ASN VA 302 34.99 98.19 -3.52
C ASN VA 302 35.12 99.65 -3.88
N SER VA 303 34.58 100.50 -3.02
CA SER VA 303 34.46 101.93 -3.28
C SER VA 303 34.57 102.66 -1.96
N SER VA 304 34.23 103.96 -1.98
CA SER VA 304 34.25 104.77 -0.77
C SER VA 304 33.42 106.02 -1.04
N TRP VA 305 33.51 106.99 -0.13
CA TRP VA 305 32.84 108.27 -0.26
C TRP VA 305 33.78 109.34 0.22
N ARG VA 306 34.11 110.29 -0.66
CA ARG VA 306 35.08 111.34 -0.37
C ARG VA 306 34.46 112.69 -0.69
N ASP VA 307 35.28 113.75 -0.70
CA ASP VA 307 34.77 115.10 -0.86
C ASP VA 307 34.23 115.31 -2.27
N GLY VA 308 32.93 115.11 -2.46
CA GLY VA 308 32.32 115.30 -3.75
C GLY VA 308 32.86 114.39 -4.83
N VAL VA 309 33.38 113.23 -4.47
CA VAL VA 309 34.00 112.32 -5.44
C VAL VA 309 33.95 110.91 -4.88
N ILE VA 310 33.75 109.95 -5.78
CA ILE VA 310 33.81 108.54 -5.45
C ILE VA 310 35.20 108.03 -5.81
N ARG VA 311 35.90 107.50 -4.82
CA ARG VA 311 37.19 106.87 -5.02
C ARG VA 311 36.97 105.37 -5.19
N GLN VA 312 37.33 104.86 -6.36
CA GLN VA 312 37.20 103.46 -6.70
C GLN VA 312 38.58 102.84 -6.83
N PHE VA 313 38.79 101.73 -6.14
CA PHE VA 313 40.06 101.01 -6.19
C PHE VA 313 40.00 99.97 -7.30
N GLU VA 314 41.11 99.24 -7.46
CA GLU VA 314 41.22 98.11 -8.37
C GLU VA 314 41.54 96.83 -7.63
N THR VA 315 42.45 96.90 -6.66
CA THR VA 315 42.79 95.78 -5.81
C THR VA 315 41.85 95.75 -4.60
N VAL VA 316 41.93 94.66 -3.85
CA VAL VA 316 41.09 94.42 -2.69
C VAL VA 316 41.97 94.36 -1.47
N ASP VA 317 41.82 95.34 -0.59
CA ASP VA 317 42.49 95.35 0.71
C ASP VA 317 41.48 94.97 1.78
N VAL VA 318 41.77 93.90 2.51
CA VAL VA 318 40.80 93.26 3.40
C VAL VA 318 41.19 93.52 4.84
N SER VA 319 40.27 94.11 5.60
CA SER VA 319 40.49 94.40 7.02
C SER VA 319 39.87 93.29 7.86
N VAL VA 320 40.72 92.54 8.56
CA VAL VA 320 40.28 91.42 9.38
C VAL VA 320 40.29 91.84 10.83
N ALA VA 321 39.21 91.54 11.53
CA ALA VA 321 39.07 91.92 12.93
C ALA VA 321 39.75 90.91 13.84
N VAL VA 322 40.36 91.43 14.90
CA VAL VA 322 40.95 90.62 15.95
C VAL VA 322 40.56 91.21 17.29
N ALA VA 323 40.19 90.34 18.23
CA ALA VA 323 39.64 90.72 19.52
C ALA VA 323 40.73 90.54 20.57
N THR VA 324 41.42 91.62 20.88
CA THR VA 324 42.43 91.60 21.92
C THR VA 324 41.81 91.91 23.27
N PRO VA 325 42.49 91.59 24.37
CA PRO VA 325 42.00 92.03 25.68
C PRO VA 325 41.93 93.54 25.80
N ASN VA 326 42.72 94.27 25.02
CA ASN VA 326 42.64 95.72 24.96
C ASN VA 326 41.39 96.21 24.22
N GLY VA 327 40.83 95.39 23.34
CA GLY VA 327 39.64 95.77 22.60
C GLY VA 327 39.56 95.11 21.24
N LEU VA 328 39.35 95.91 20.19
CA LEU VA 328 39.21 95.42 18.83
C LEU VA 328 40.24 96.11 17.95
N ILE VA 329 40.75 95.38 16.96
CA ILE VA 329 41.73 95.92 16.03
C ILE VA 329 41.50 95.29 14.67
N THR VA 330 41.94 95.99 13.62
CA THR VA 330 41.68 95.58 12.24
C THR VA 330 42.96 95.64 11.42
N PRO VA 331 43.80 94.61 11.50
CA PRO VA 331 44.90 94.50 10.53
C PRO VA 331 44.37 94.33 9.13
N ILE VA 332 45.27 94.49 8.16
CA ILE VA 332 44.92 94.51 6.75
C ILE VA 332 45.75 93.48 6.01
N VAL VA 333 45.13 92.83 5.03
CA VAL VA 333 45.81 92.01 4.04
C VAL VA 333 45.72 92.74 2.72
N LYS VA 334 46.83 92.74 1.98
CA LYS VA 334 47.00 93.51 0.76
C LYS VA 334 47.01 92.59 -0.46
N GLY VA 335 46.35 93.04 -1.52
CA GLY VA 335 46.38 92.34 -2.79
C GLY VA 335 45.88 90.91 -2.68
N VAL VA 336 44.66 90.75 -2.17
CA VAL VA 336 44.12 89.42 -1.93
C VAL VA 336 43.95 88.67 -3.25
N GLU VA 337 43.24 89.28 -4.19
CA GLU VA 337 42.96 88.64 -5.47
C GLU VA 337 44.26 88.27 -6.16
N GLY VA 338 44.46 86.98 -6.38
CA GLY VA 338 45.69 86.50 -6.95
C GLY VA 338 46.84 86.52 -5.96
N LYS VA 339 46.66 85.89 -4.80
CA LYS VA 339 47.70 85.83 -3.77
C LYS VA 339 47.98 84.43 -3.27
N GLY VA 340 46.95 83.60 -3.11
CA GLY VA 340 47.12 82.24 -2.62
C GLY VA 340 46.73 82.04 -1.18
N LEU VA 341 46.04 80.93 -0.91
CA LEU VA 341 45.49 80.70 0.42
C LEU VA 341 46.57 80.48 1.46
N GLU VA 342 47.68 79.84 1.07
CA GLU VA 342 48.75 79.60 2.03
C GLU VA 342 49.37 80.91 2.49
N SER VA 343 49.67 81.80 1.54
CA SER VA 343 50.19 83.11 1.88
C SER VA 343 49.18 83.89 2.72
N ILE VA 344 47.89 83.75 2.40
CA ILE VA 344 46.86 84.44 3.16
C ILE VA 344 46.87 83.98 4.61
N SER VA 345 46.90 82.65 4.81
CA SER VA 345 46.88 82.11 6.17
C SER VA 345 48.12 82.54 6.94
N ALA VA 346 49.28 82.52 6.27
CA ALA VA 346 50.52 82.90 6.94
C ALA VA 346 50.47 84.36 7.38
N ALA VA 347 50.03 85.25 6.48
CA ALA VA 347 49.95 86.66 6.81
C ALA VA 347 48.96 86.89 7.93
N VAL VA 348 47.83 86.19 7.90
CA VAL VA 348 46.81 86.38 8.94
C VAL VA 348 47.34 85.92 10.28
N LYS VA 349 48.02 84.78 10.33
CA LYS VA 349 48.57 84.30 11.58
C LYS VA 349 49.61 85.28 12.13
N GLU VA 350 50.49 85.78 11.26
CA GLU VA 350 51.49 86.74 11.71
C GLU VA 350 50.84 87.99 12.25
N LEU VA 351 49.86 88.53 11.53
CA LEU VA 351 49.22 89.77 11.98
C LEU VA 351 48.45 89.54 13.28
N ALA VA 352 47.82 88.38 13.43
CA ALA VA 352 47.06 88.11 14.64
C ALA VA 352 47.98 88.01 15.85
N LYS VA 353 49.10 87.31 15.70
CA LYS VA 353 50.04 87.21 16.81
C LYS VA 353 50.67 88.56 17.12
N LYS VA 354 50.98 89.35 16.08
CA LYS VA 354 51.54 90.67 16.30
C LYS VA 354 50.54 91.58 16.98
N ALA VA 355 49.24 91.37 16.75
CA ALA VA 355 48.23 92.19 17.43
C ALA VA 355 48.06 91.75 18.87
N ARG VA 356 48.12 90.44 19.12
CA ARG VA 356 48.08 89.97 20.50
C ARG VA 356 49.29 90.47 21.28
N ASP VA 357 50.44 90.64 20.61
CA ASP VA 357 51.62 91.17 21.26
C ASP VA 357 51.65 92.69 21.32
N GLY VA 358 50.92 93.37 20.44
CA GLY VA 358 50.97 94.82 20.36
C GLY VA 358 52.25 95.31 19.73
N LYS VA 359 52.45 94.98 18.45
CA LYS VA 359 53.69 95.28 17.73
C LYS VA 359 53.40 95.77 16.32
N LEU VA 360 52.28 96.45 16.13
CA LEU VA 360 51.84 96.86 14.80
C LEU VA 360 52.22 98.29 14.50
N LYS VA 361 52.24 98.60 13.21
CA LYS VA 361 52.37 99.94 12.68
C LYS VA 361 51.00 100.51 12.37
N PRO VA 362 50.84 101.83 12.32
CA PRO VA 362 49.51 102.38 12.01
C PRO VA 362 49.06 102.08 10.59
N GLU VA 363 49.99 102.05 9.63
CA GLU VA 363 49.62 101.80 8.24
C GLU VA 363 49.01 100.41 8.07
N GLU VA 364 49.40 99.45 8.91
CA GLU VA 364 48.91 98.09 8.78
C GLU VA 364 47.45 97.93 9.17
N TYR VA 365 46.88 98.90 9.92
CA TYR VA 365 45.47 98.87 10.27
C TYR VA 365 44.79 100.21 10.03
N GLN VA 366 45.36 101.05 9.16
CA GLN VA 366 44.71 102.28 8.71
C GLN VA 366 44.59 102.21 7.19
N GLY VA 367 43.38 101.98 6.70
CA GLY VA 367 43.13 101.85 5.29
C GLY VA 367 42.12 100.76 5.01
N GLY VA 368 42.33 100.04 3.91
CA GLY VA 368 41.45 98.94 3.56
C GLY VA 368 40.17 99.43 2.92
N SER VA 369 39.71 98.73 1.89
CA SER VA 369 38.46 99.07 1.22
C SER VA 369 37.27 98.31 1.79
N ILE VA 370 37.50 97.10 2.28
CA ILE VA 370 36.43 96.24 2.78
C ILE VA 370 36.92 95.59 4.07
N SER VA 371 35.96 95.20 4.92
CA SER VA 371 36.25 94.69 6.25
C SER VA 371 35.45 93.42 6.50
N ILE VA 372 35.76 92.77 7.62
CA ILE VA 372 35.11 91.52 8.00
C ILE VA 372 35.31 91.31 9.49
N SER VA 373 34.34 90.64 10.11
CA SER VA 373 34.44 90.18 11.48
C SER VA 373 33.95 88.74 11.54
N ASN VA 374 34.62 87.93 12.34
CA ASN VA 374 34.34 86.50 12.44
C ASN VA 374 34.08 86.14 13.89
N MET VA 375 33.13 85.23 14.08
CA MET VA 375 32.80 84.69 15.40
C MET VA 375 32.57 83.19 15.34
N GLY VA 376 33.19 82.50 14.39
CA GLY VA 376 32.92 81.09 14.18
C GLY VA 376 33.27 80.20 15.35
N MET VA 377 34.20 80.65 16.21
CA MET VA 377 34.59 79.82 17.35
C MET VA 377 33.45 79.69 18.35
N ASN VA 378 32.55 80.67 18.40
CA ASN VA 378 31.45 80.65 19.35
C ASN VA 378 30.23 79.98 18.71
N PRO VA 379 29.87 78.76 19.09
CA PRO VA 379 28.78 78.07 18.36
C PRO VA 379 27.39 78.59 18.65
N ALA VA 380 27.23 79.52 19.59
CA ALA VA 380 25.90 79.98 19.97
C ALA VA 380 25.36 81.00 18.98
N VAL VA 381 26.23 81.81 18.38
CA VAL VA 381 25.81 82.93 17.55
C VAL VA 381 25.37 82.37 16.21
N GLN VA 382 24.08 82.50 15.90
CA GLN VA 382 23.61 82.17 14.56
C GLN VA 382 23.90 83.30 13.59
N SER VA 383 23.53 84.52 13.96
CA SER VA 383 23.78 85.68 13.11
C SER VA 383 24.08 86.88 13.99
N PHE VA 384 24.68 87.90 13.37
CA PHE VA 384 24.93 89.14 14.06
C PHE VA 384 25.31 90.19 13.04
N THR VA 385 25.05 91.44 13.39
CA THR VA 385 25.40 92.58 12.57
C THR VA 385 26.70 93.19 13.10
N ALA VA 386 27.26 94.10 12.33
CA ALA VA 386 28.40 94.89 12.74
C ALA VA 386 28.24 96.30 12.20
N ILE VA 387 29.30 97.10 12.33
CA ILE VA 387 29.29 98.51 11.99
C ILE VA 387 30.40 98.79 10.99
N ILE VA 388 30.12 99.70 10.06
CA ILE VA 388 31.01 99.96 8.94
C ILE VA 388 32.17 100.83 9.41
N ASN VA 389 33.36 100.27 9.43
CA ASN VA 389 34.55 101.03 9.75
C ASN VA 389 34.82 102.05 8.65
N PRO VA 390 34.68 103.35 8.91
CA PRO VA 390 34.83 104.31 7.82
C PRO VA 390 36.27 104.38 7.34
N PRO VA 391 36.52 104.94 6.14
CA PRO VA 391 35.56 105.50 5.19
C PRO VA 391 35.00 104.46 4.23
N GLN VA 392 35.11 103.18 4.57
CA GLN VA 392 34.67 102.11 3.69
C GLN VA 392 33.16 102.15 3.50
N ALA VA 393 32.65 101.25 2.65
CA ALA VA 393 31.25 101.25 2.25
C ALA VA 393 30.51 99.97 2.61
N ALA VA 394 31.21 98.92 3.01
CA ALA VA 394 30.57 97.66 3.27
C ALA VA 394 31.39 96.86 4.28
N ILE VA 395 30.71 95.92 4.93
CA ILE VA 395 31.37 95.05 5.89
C ILE VA 395 30.56 93.77 6.00
N LEU VA 396 31.26 92.69 6.34
CA LEU VA 396 30.71 91.34 6.37
C LEU VA 396 30.65 90.84 7.80
N ALA VA 397 29.91 89.76 7.98
CA ALA VA 397 29.81 89.09 9.27
C ALA VA 397 29.41 87.64 9.03
N VAL VA 398 30.13 86.72 9.67
CA VAL VA 398 29.98 85.29 9.44
C VAL VA 398 29.63 84.65 10.78
N GLY VA 399 28.43 84.08 10.87
CA GLY VA 399 28.04 83.38 12.08
C GLY VA 399 28.71 82.03 12.20
N ALA VA 400 28.11 81.18 13.02
CA ALA VA 400 28.61 79.84 13.24
C ALA VA 400 27.98 78.87 12.26
N PRO VA 401 28.55 77.67 12.12
CA PRO VA 401 27.87 76.63 11.35
C PRO VA 401 26.79 75.95 12.16
N GLN VA 402 25.82 75.40 11.44
CA GLN VA 402 24.67 74.75 12.06
C GLN VA 402 24.21 73.61 11.16
N LYS VA 403 23.37 72.76 11.73
CA LYS VA 403 22.77 71.62 11.03
C LYS VA 403 21.36 72.02 10.62
N VAL VA 404 21.03 71.81 9.35
CA VAL VA 404 19.73 72.16 8.81
C VAL VA 404 19.21 71.00 7.98
N ALA VA 405 17.89 70.88 7.94
CA ALA VA 405 17.24 69.90 7.09
C ALA VA 405 17.16 70.41 5.67
N VAL VA 406 17.40 69.50 4.71
CA VAL VA 406 17.38 69.82 3.29
C VAL VA 406 16.73 68.67 2.55
N PRO VA 407 15.86 68.91 1.57
CA PRO VA 407 15.33 67.80 0.78
C PRO VA 407 16.38 67.23 -0.15
N VAL VA 408 16.20 65.96 -0.48
CA VAL VA 408 17.07 65.27 -1.43
C VAL VA 408 16.25 64.20 -2.13
N GLU VA 409 16.50 64.02 -3.42
CA GLU VA 409 15.82 63.01 -4.21
C GLU VA 409 16.68 61.77 -4.28
N ASN VA 410 16.18 60.68 -3.69
CA ASN VA 410 16.83 59.39 -3.82
C ASN VA 410 16.70 58.88 -5.25
N GLU VA 411 17.28 57.71 -5.51
CA GLU VA 411 17.20 57.10 -6.83
C GLU VA 411 15.76 56.90 -7.30
N ASP VA 412 14.83 56.65 -6.39
CA ASP VA 412 13.42 56.55 -6.72
C ASP VA 412 12.80 57.95 -6.75
N GLY VA 413 11.50 57.99 -7.02
CA GLY VA 413 10.80 59.26 -7.13
C GLY VA 413 10.51 59.94 -5.81
N THR VA 414 10.73 59.25 -4.69
CA THR VA 414 10.43 59.84 -3.38
C THR VA 414 11.56 60.74 -2.94
N THR VA 415 11.20 61.78 -2.20
CA THR VA 415 12.15 62.69 -1.60
C THR VA 415 12.65 62.13 -0.27
N GLY VA 416 13.79 62.67 0.19
CA GLY VA 416 14.39 62.25 1.42
C GLY VA 416 14.96 63.44 2.17
N VAL VA 417 15.45 63.17 3.38
CA VAL VA 417 15.97 64.17 4.29
C VAL VA 417 17.49 64.03 4.32
N SER VA 418 18.18 65.13 4.04
CA SER VA 418 19.63 65.20 4.13
C SER VA 418 20.02 66.36 5.03
N TRP VA 419 21.08 66.14 5.80
CA TRP VA 419 21.55 67.12 6.78
C TRP VA 419 22.75 67.85 6.20
N ASP VA 420 22.55 69.13 5.90
CA ASP VA 420 23.57 69.99 5.32
C ASP VA 420 24.06 70.96 6.38
N GLU VA 421 25.35 71.32 6.28
CA GLU VA 421 25.98 72.24 7.20
C GLU VA 421 25.89 73.65 6.63
N GLN VA 422 25.07 74.48 7.24
CA GLN VA 422 24.81 75.84 6.78
C GLN VA 422 25.49 76.86 7.68
N ILE VA 423 25.73 78.03 7.10
CA ILE VA 423 26.20 79.21 7.82
C ILE VA 423 25.33 80.37 7.41
N ILE VA 424 25.00 81.23 8.35
CA ILE VA 424 24.33 82.49 8.07
C ILE VA 424 25.39 83.56 7.92
N VAL VA 425 25.17 84.43 6.94
CA VAL VA 425 26.07 85.53 6.62
C VAL VA 425 25.27 86.81 6.57
N THR VA 426 25.82 87.87 7.15
CA THR VA 426 25.15 89.17 7.21
C THR VA 426 26.11 90.22 6.70
N ALA VA 427 25.67 90.97 5.68
CA ALA VA 427 26.45 92.02 5.06
C ALA VA 427 25.75 93.35 5.30
N SER VA 428 26.47 94.29 5.89
CA SER VA 428 25.98 95.65 6.07
C SER VA 428 26.56 96.53 4.98
N PHE VA 429 25.71 97.36 4.36
CA PHE VA 429 26.13 98.24 3.28
C PHE VA 429 25.75 99.68 3.60
N ASP VA 430 26.51 100.60 3.01
CA ASP VA 430 26.16 102.01 3.02
C ASP VA 430 25.33 102.32 1.78
N HIS VA 431 24.25 103.06 1.99
CA HIS VA 431 23.25 103.26 0.94
C HIS VA 431 23.58 104.40 -0.01
N LYS VA 432 24.52 105.28 0.36
CA LYS VA 432 24.90 106.35 -0.55
C LYS VA 432 25.51 105.80 -1.82
N VAL VA 433 26.35 104.78 -1.69
CA VAL VA 433 27.08 104.22 -2.80
C VAL VA 433 26.34 103.06 -3.43
N VAL VA 434 25.94 102.10 -2.61
CA VAL VA 434 25.41 100.82 -3.07
C VAL VA 434 23.90 100.82 -2.93
N ASP VA 435 23.25 100.06 -3.80
CA ASP VA 435 21.83 99.83 -3.77
C ASP VA 435 21.54 98.36 -3.48
N GLY VA 436 20.27 98.09 -3.21
CA GLY VA 436 19.85 96.74 -2.85
C GLY VA 436 20.17 95.73 -3.95
N ALA VA 437 19.92 96.10 -5.21
CA ALA VA 437 20.20 95.21 -6.32
C ALA VA 437 21.70 94.89 -6.39
N VAL VA 438 22.54 95.89 -6.18
CA VAL VA 438 23.98 95.69 -6.27
C VAL VA 438 24.46 94.78 -5.15
N GLY VA 439 23.98 95.02 -3.93
CA GLY VA 439 24.33 94.15 -2.83
C GLY VA 439 23.87 92.72 -3.06
N ALA VA 440 22.67 92.56 -3.62
CA ALA VA 440 22.16 91.23 -3.89
C ALA VA 440 23.01 90.52 -4.93
N GLU VA 441 23.46 91.26 -5.95
CA GLU VA 441 24.32 90.66 -6.97
C GLU VA 441 25.64 90.20 -6.35
N TRP VA 442 26.22 91.04 -5.50
CA TRP VA 442 27.46 90.68 -4.82
C TRP VA 442 27.27 89.41 -4.00
N ILE VA 443 26.18 89.33 -3.25
CA ILE VA 443 25.94 88.17 -2.41
C ILE VA 443 25.69 86.94 -3.25
N ARG VA 444 25.01 87.09 -4.39
CA ARG VA 444 24.78 85.95 -5.27
C ARG VA 444 26.10 85.40 -5.77
N GLU VA 445 27.01 86.27 -6.18
CA GLU VA 445 28.30 85.80 -6.66
C GLU VA 445 29.08 85.11 -5.55
N LEU VA 446 29.02 85.65 -4.34
CA LEU VA 446 29.69 85.02 -3.21
C LEU VA 446 29.15 83.62 -2.98
N LYS VA 447 27.82 83.49 -2.91
CA LYS VA 447 27.19 82.20 -2.70
C LYS VA 447 27.58 81.23 -3.79
N LYS VA 448 27.64 81.70 -5.03
CA LYS VA 448 27.96 80.82 -6.14
C LYS VA 448 29.38 80.30 -6.01
N VAL VA 449 30.33 81.18 -5.76
CA VAL VA 449 31.73 80.78 -5.64
C VAL VA 449 31.93 79.83 -4.48
N ILE VA 450 31.21 80.04 -3.38
CA ILE VA 450 31.36 79.14 -2.24
C ILE VA 450 30.77 77.79 -2.56
N GLU VA 451 29.51 77.76 -2.99
CA GLU VA 451 28.81 76.50 -3.21
C GLU VA 451 29.50 75.68 -4.30
N ASN VA 452 30.18 76.34 -5.23
CA ASN VA 452 31.06 75.69 -6.19
C ASN VA 452 32.48 76.09 -5.88
N PRO VA 453 33.15 75.46 -4.91
CA PRO VA 453 34.48 75.96 -4.49
C PRO VA 453 35.51 75.93 -5.59
N LEU VA 454 35.31 75.12 -6.63
CA LEU VA 454 36.29 74.99 -7.70
C LEU VA 454 36.48 76.30 -8.45
N GLU VA 455 35.47 77.18 -8.44
CA GLU VA 455 35.61 78.45 -9.12
C GLU VA 455 36.52 79.43 -8.39
N LEU VA 456 37.04 79.05 -7.21
CA LEU VA 456 38.06 79.86 -6.57
C LEU VA 456 39.29 80.01 -7.45
N LEU VA 457 39.55 79.02 -8.30
CA LEU VA 457 40.63 79.14 -9.26
C LEU VA 457 40.39 80.29 -10.23
N LEU VA 458 39.14 80.53 -10.57
CA LEU VA 458 38.80 81.56 -11.56
C LEU VA 458 38.74 82.93 -10.90
N TYR WA 227 44.11 57.70 87.08
CA TYR WA 227 45.56 57.56 86.98
C TYR WA 227 46.19 58.82 86.40
N THR WA 228 46.20 58.92 85.07
CA THR WA 228 46.81 60.07 84.43
C THR WA 228 45.97 61.32 84.67
N ASP WA 229 46.63 62.38 85.15
CA ASP WA 229 45.97 63.61 85.56
C ASP WA 229 46.46 64.75 84.68
N VAL WA 230 45.63 65.16 83.72
CA VAL WA 230 45.98 66.22 82.78
C VAL WA 230 45.16 67.46 83.15
N PRO WA 231 45.78 68.60 83.44
CA PRO WA 231 44.98 69.81 83.68
C PRO WA 231 44.20 70.21 82.44
N ILE WA 232 43.16 71.02 82.67
CA ILE WA 232 42.27 71.44 81.60
C ILE WA 232 42.90 72.60 80.84
N SER WA 233 42.64 72.65 79.54
CA SER WA 233 43.23 73.68 78.69
C SER WA 233 42.73 75.08 79.01
N GLY WA 234 41.60 75.20 79.71
CA GLY WA 234 40.98 76.49 79.97
C GLY WA 234 39.97 76.88 78.92
N MET WA 235 40.27 76.58 77.65
CA MET WA 235 39.31 76.87 76.58
C MET WA 235 38.06 76.01 76.73
N ARG WA 236 38.22 74.75 77.14
CA ARG WA 236 37.07 73.87 77.33
C ARG WA 236 36.15 74.38 78.42
N LYS WA 237 36.69 75.14 79.38
CA LYS WA 237 35.86 75.67 80.47
C LYS WA 237 34.75 76.54 79.93
N THR WA 238 35.07 77.40 78.97
CA THR WA 238 34.08 78.32 78.42
C THR WA 238 32.99 77.56 77.68
N ILE WA 239 33.38 76.56 76.89
CA ILE WA 239 32.39 75.77 76.16
C ILE WA 239 31.50 75.00 77.13
N ALA WA 240 32.09 74.50 78.22
CA ALA WA 240 31.31 73.78 79.22
C ALA WA 240 30.28 74.71 79.85
N ALA WA 241 30.72 75.90 80.25
CA ALA WA 241 29.79 76.87 80.84
C ALA WA 241 28.70 77.25 79.86
N ARG WA 242 29.05 77.40 78.59
CA ARG WA 242 28.07 77.78 77.57
C ARG WA 242 27.01 76.69 77.41
N LEU WA 243 27.46 75.44 77.28
CA LEU WA 243 26.52 74.34 77.13
C LEU WA 243 25.65 74.18 78.37
N LYS WA 244 26.24 74.40 79.55
CA LYS WA 244 25.47 74.33 80.79
C LYS WA 244 24.39 75.39 80.81
N GLU WA 245 24.75 76.63 80.43
CA GLU WA 245 23.76 77.68 80.32
C GLU WA 245 22.67 77.29 79.34
N SER WA 246 23.03 76.65 78.25
CA SER WA 246 22.04 76.27 77.25
C SER WA 246 21.03 75.29 77.83
N VAL WA 247 21.51 74.19 78.41
CA VAL WA 247 20.59 73.17 78.89
C VAL WA 247 19.83 73.61 80.13
N THR WA 248 20.36 74.56 80.90
CA THR WA 248 19.65 75.00 82.10
C THR WA 248 18.70 76.15 81.83
N GLU WA 249 18.92 76.93 80.76
CA GLU WA 249 18.05 78.04 80.45
C GLU WA 249 16.96 77.65 79.47
N ASN WA 250 17.29 76.77 78.52
CA ASN WA 250 16.37 76.37 77.46
C ASN WA 250 16.05 74.90 77.58
N PRO WA 251 14.79 74.50 77.77
CA PRO WA 251 14.48 73.07 77.68
C PRO WA 251 14.53 72.61 76.24
N HIS WA 252 14.80 71.33 76.06
CA HIS WA 252 15.02 70.74 74.74
C HIS WA 252 13.97 69.67 74.48
N PHE WA 253 13.43 69.68 73.27
CA PHE WA 253 12.67 68.55 72.76
C PHE WA 253 13.06 68.30 71.32
N PHE WA 254 13.04 67.02 70.95
CA PHE WA 254 13.63 66.53 69.72
C PHE WA 254 12.54 66.02 68.79
N VAL WA 255 12.80 66.15 67.49
CA VAL WA 255 11.94 65.62 66.44
C VAL WA 255 12.83 64.83 65.50
N SER WA 256 12.33 63.71 65.00
CA SER WA 256 13.11 62.78 64.20
C SER WA 256 12.29 62.35 63.01
N THR WA 257 12.86 62.54 61.81
CA THR WA 257 12.18 62.23 60.57
C THR WA 257 13.14 61.51 59.62
N ASN WA 258 12.58 61.04 58.52
CA ASN WA 258 13.30 60.27 57.51
C ASN WA 258 13.03 60.89 56.15
N LEU WA 259 14.09 61.26 55.45
CA LEU WA 259 14.02 61.84 54.13
C LEU WA 259 14.38 60.83 53.06
N SER WA 260 13.96 61.11 51.84
CA SER WA 260 14.30 60.31 50.67
C SER WA 260 15.13 61.17 49.74
N VAL WA 261 16.33 60.70 49.41
CA VAL WA 261 17.34 61.49 48.73
C VAL WA 261 17.78 60.87 47.41
N SER WA 262 17.03 59.89 46.91
CA SER WA 262 17.43 59.20 45.68
C SER WA 262 17.43 60.16 44.50
N LYS WA 263 16.56 61.15 44.51
CA LYS WA 263 16.53 62.14 43.44
C LYS WA 263 17.59 63.22 43.67
N LEU WA 264 17.81 63.57 44.94
CA LEU WA 264 18.83 64.57 45.26
C LEU WA 264 20.20 64.11 44.80
N LEU WA 265 20.53 62.84 45.02
CA LEU WA 265 21.84 62.35 44.61
C LEU WA 265 21.98 62.36 43.10
N LYS WA 266 20.91 62.03 42.37
CA LYS WA 266 20.97 62.10 40.92
C LYS WA 266 21.20 63.54 40.47
N LEU WA 267 20.53 64.49 41.10
CA LEU WA 267 20.73 65.89 40.77
C LEU WA 267 22.17 66.31 41.00
N ARG WA 268 22.73 65.89 42.14
CA ARG WA 268 24.11 66.24 42.45
C ARG WA 268 25.07 65.63 41.44
N GLN WA 269 24.81 64.38 41.05
CA GLN WA 269 25.64 63.72 40.06
C GLN WA 269 25.59 64.45 38.73
N ALA WA 270 24.40 64.84 38.29
CA ALA WA 270 24.26 65.50 37.00
C ALA WA 270 24.92 66.86 37.01
N LEU WA 271 24.75 67.63 38.08
CA LEU WA 271 25.39 68.94 38.15
C LEU WA 271 26.91 68.82 38.25
N ASN WA 272 27.42 67.81 38.95
CA ASN WA 272 28.86 67.62 38.98
C ASN WA 272 29.40 67.21 37.61
N SER WA 273 28.62 66.44 36.87
CA SER WA 273 29.06 66.02 35.54
C SER WA 273 29.04 67.18 34.55
N SER WA 274 28.00 68.01 34.59
CA SER WA 274 27.89 69.15 33.67
C SER WA 274 28.68 70.33 34.20
N ALA WA 275 30.00 70.14 34.28
CA ALA WA 275 30.90 71.15 34.79
C ALA WA 275 32.29 70.86 34.24
N ASP WA 276 33.18 71.84 34.40
CA ASP WA 276 34.56 71.77 33.93
C ASP WA 276 35.53 71.96 35.10
N GLY WA 277 35.27 71.29 36.21
CA GLY WA 277 36.07 71.49 37.40
C GLY WA 277 35.94 72.85 38.04
N ARG WA 278 34.89 73.59 37.70
CA ARG WA 278 34.70 74.92 38.25
C ARG WA 278 34.14 74.88 39.66
N TYR WA 279 33.50 73.78 40.05
CA TYR WA 279 32.90 73.66 41.37
C TYR WA 279 32.75 72.18 41.71
N LYS WA 280 32.32 71.93 42.94
CA LYS WA 280 32.04 70.57 43.41
C LYS WA 280 31.06 70.68 44.56
N LEU WA 281 29.96 69.95 44.47
CA LEU WA 281 28.85 70.07 45.39
C LEU WA 281 28.83 68.92 46.40
N SER WA 282 28.05 69.14 47.46
CA SER WA 282 27.82 68.13 48.48
C SER WA 282 26.38 68.16 48.94
N VAL WA 283 26.02 67.29 49.87
CA VAL WA 283 24.64 67.22 50.35
C VAL WA 283 24.35 68.36 51.33
N ASN WA 284 25.36 68.78 52.07
CA ASN WA 284 25.18 69.81 53.08
C ASN WA 284 24.72 71.13 52.46
N ASP WA 285 25.15 71.43 51.24
CA ASP WA 285 24.77 72.68 50.61
C ASP WA 285 23.28 72.68 50.28
N PHE WA 286 22.80 71.59 49.67
CA PHE WA 286 21.37 71.44 49.44
C PHE WA 286 20.59 71.56 50.74
N LEU WA 287 21.09 70.92 51.80
CA LEU WA 287 20.41 70.99 53.08
C LEU WA 287 20.35 72.43 53.59
N ILE WA 288 21.41 73.20 53.38
CA ILE WA 288 21.46 74.56 53.88
C ILE WA 288 20.48 75.43 53.11
N LYS WA 289 20.41 75.24 51.79
CA LYS WA 289 19.44 75.98 50.98
C LYS WA 289 18.02 75.66 51.43
N ALA WA 290 17.74 74.39 51.68
CA ALA WA 290 16.41 74.00 52.12
C ALA WA 290 16.09 74.57 53.49
N MET WA 291 17.10 74.64 54.36
CA MET WA 291 16.90 75.26 55.67
C MET WA 291 16.52 76.72 55.51
N GLY WA 292 17.19 77.42 54.61
CA GLY WA 292 16.85 78.81 54.37
C GLY WA 292 15.42 78.96 53.87
N ILE WA 293 15.01 78.10 52.94
CA ILE WA 293 13.66 78.18 52.40
C ILE WA 293 12.63 77.93 53.48
N ALA WA 294 12.87 76.91 54.32
CA ALA WA 294 11.92 76.57 55.36
C ALA WA 294 11.84 77.69 56.40
N SER WA 295 12.98 78.27 56.75
CA SER WA 295 12.99 79.37 57.70
C SER WA 295 12.24 80.58 57.15
N LYS WA 296 12.33 80.80 55.84
CA LYS WA 296 11.58 81.91 55.26
C LYS WA 296 10.09 81.63 55.22
N ARG WA 297 9.71 80.36 55.01
CA ARG WA 297 8.28 80.03 54.98
C ARG WA 297 7.67 80.01 56.38
N VAL WA 298 8.48 79.75 57.40
CA VAL WA 298 8.02 79.71 58.79
C VAL WA 298 8.97 80.56 59.61
N PRO WA 299 8.79 81.88 59.68
CA PRO WA 299 9.81 82.73 60.29
C PRO WA 299 9.92 82.61 61.79
N THR WA 300 8.97 81.93 62.45
CA THR WA 300 9.01 81.85 63.91
C THR WA 300 10.24 81.08 64.38
N VAL WA 301 10.71 80.13 63.57
CA VAL WA 301 11.89 79.36 63.96
C VAL WA 301 13.12 80.26 63.97
N ASN WA 302 13.28 81.07 62.94
CA ASN WA 302 14.41 81.99 62.84
C ASN WA 302 14.18 83.14 63.82
N SER WA 303 14.45 82.85 65.09
CA SER WA 303 14.17 83.76 66.18
C SER WA 303 15.18 83.53 67.28
N SER WA 304 15.00 84.22 68.40
CA SER WA 304 15.88 84.06 69.55
C SER WA 304 15.08 84.40 70.81
N TRP WA 305 15.79 84.54 71.92
CA TRP WA 305 15.19 84.90 73.21
C TRP WA 305 16.09 85.92 73.87
N ARG WA 306 15.53 87.10 74.15
CA ARG WA 306 16.31 88.22 74.67
C ARG WA 306 15.62 88.78 75.91
N ASP WA 307 16.05 89.95 76.38
CA ASP WA 307 15.56 90.50 77.62
C ASP WA 307 14.11 90.95 77.48
N GLY WA 308 13.17 90.07 77.85
CA GLY WA 308 11.77 90.38 77.79
C GLY WA 308 11.26 90.73 76.41
N VAL WA 309 11.90 90.20 75.37
CA VAL WA 309 11.56 90.55 73.99
C VAL WA 309 12.03 89.41 73.09
N ILE WA 310 11.29 89.19 72.01
CA ILE WA 310 11.67 88.24 70.98
C ILE WA 310 12.25 89.03 69.82
N ARG WA 311 13.49 88.71 69.47
CA ARG WA 311 14.16 89.27 68.31
C ARG WA 311 13.94 88.34 67.13
N GLN WA 312 13.27 88.84 66.10
CA GLN WA 312 13.00 88.10 64.87
C GLN WA 312 13.79 88.73 63.74
N PHE WA 313 14.57 87.90 63.05
CA PHE WA 313 15.34 88.34 61.90
C PHE WA 313 14.49 88.22 60.64
N GLU WA 314 15.11 88.54 59.50
CA GLU WA 314 14.52 88.35 58.19
C GLU WA 314 15.37 87.43 57.33
N THR WA 315 16.68 87.67 57.30
CA THR WA 315 17.62 86.80 56.60
C THR WA 315 17.93 85.57 57.44
N VAL WA 316 18.63 84.63 56.83
CA VAL WA 316 18.99 83.37 57.46
C VAL WA 316 20.51 83.32 57.53
N ASP WA 317 21.03 83.31 58.75
CA ASP WA 317 22.46 83.16 59.01
C ASP WA 317 22.69 81.76 59.56
N VAL WA 318 23.48 80.97 58.83
CA VAL WA 318 23.61 79.54 59.11
C VAL WA 318 24.98 79.27 59.72
N SER WA 319 24.99 78.64 60.88
CA SER WA 319 26.22 78.26 61.57
C SER WA 319 26.52 76.80 61.26
N VAL WA 320 27.63 76.56 60.55
CA VAL WA 320 28.06 75.23 60.17
C VAL WA 320 29.19 74.80 61.08
N ALA WA 321 29.12 73.56 61.55
CA ALA WA 321 30.12 73.04 62.48
C ALA WA 321 31.28 72.40 61.75
N VAL WA 322 32.46 72.56 62.33
CA VAL WA 322 33.69 71.95 61.82
C VAL WA 322 34.46 71.37 62.99
N ALA WA 323 34.96 70.15 62.80
CA ALA WA 323 35.65 69.40 63.84
C ALA WA 323 37.15 69.50 63.60
N THR WA 324 37.80 70.39 64.33
CA THR WA 324 39.24 70.55 64.27
C THR WA 324 39.90 69.70 65.35
N PRO WA 325 41.21 69.46 65.25
CA PRO WA 325 41.92 68.79 66.35
C PRO WA 325 41.87 69.57 67.65
N ASN WA 326 41.64 70.88 67.59
CA ASN WA 326 41.45 71.69 68.78
C ASN WA 326 40.08 71.52 69.40
N GLY WA 327 39.11 71.00 68.64
CA GLY WA 327 37.77 70.80 69.15
C GLY WA 327 36.70 71.04 68.10
N LEU WA 328 35.76 71.92 68.42
CA LEU WA 328 34.65 72.25 67.54
C LEU WA 328 34.62 73.74 67.30
N ILE WA 329 34.19 74.13 66.10
CA ILE WA 329 34.06 75.55 65.77
C ILE WA 329 32.88 75.71 64.82
N THR WA 330 32.27 76.90 64.83
CA THR WA 330 31.03 77.16 64.10
C THR WA 330 31.17 78.42 63.25
N PRO WA 331 31.80 78.32 62.09
CA PRO WA 331 31.74 79.42 61.12
C PRO WA 331 30.32 79.66 60.65
N ILE WA 332 30.13 80.80 59.99
CA ILE WA 332 28.81 81.30 59.63
C ILE WA 332 28.78 81.60 58.13
N VAL WA 333 27.62 81.34 57.53
CA VAL WA 333 27.31 81.77 56.17
C VAL WA 333 26.17 82.77 56.26
N LYS WA 334 26.28 83.84 55.48
CA LYS WA 334 25.40 84.99 55.57
C LYS WA 334 24.50 85.07 54.35
N GLY WA 335 23.23 85.43 54.59
CA GLY WA 335 22.27 85.65 53.52
C GLY WA 335 22.11 84.46 52.60
N VAL WA 336 21.75 83.32 53.18
CA VAL WA 336 21.70 82.08 52.41
C VAL WA 336 20.62 82.15 51.35
N GLU WA 337 19.42 82.56 51.75
CA GLU WA 337 18.29 82.59 50.83
C GLU WA 337 18.60 83.51 49.66
N GLY WA 338 18.56 82.96 48.46
CA GLY WA 338 18.94 83.71 47.28
C GLY WA 338 20.42 84.05 47.24
N LYS WA 339 21.27 83.03 47.25
CA LYS WA 339 22.71 83.22 47.21
C LYS WA 339 23.40 82.34 46.18
N GLY WA 340 22.90 81.12 45.96
CA GLY WA 340 23.48 80.22 44.98
C GLY WA 340 24.34 79.12 45.59
N LEU WA 341 24.13 77.91 45.10
CA LEU WA 341 24.81 76.74 45.66
C LEU WA 341 26.31 76.81 45.44
N GLU WA 342 26.74 77.33 44.30
CA GLU WA 342 28.17 77.41 44.02
C GLU WA 342 28.86 78.35 45.00
N SER WA 343 28.28 79.54 45.20
CA SER WA 343 28.82 80.47 46.17
C SER WA 343 28.82 79.87 47.57
N ILE WA 344 27.76 79.11 47.89
CA ILE WA 344 27.68 78.46 49.20
C ILE WA 344 28.83 77.48 49.37
N SER WA 345 29.05 76.64 48.36
CA SER WA 345 30.11 75.64 48.46
C SER WA 345 31.47 76.30 48.58
N ALA WA 346 31.69 77.36 47.81
CA ALA WA 346 32.97 78.06 47.87
C ALA WA 346 33.21 78.65 49.26
N ALA WA 347 32.19 79.32 49.81
CA ALA WA 347 32.32 79.92 51.14
C ALA WA 347 32.57 78.85 52.19
N VAL WA 348 31.86 77.72 52.09
CA VAL WA 348 32.01 76.66 53.07
C VAL WA 348 33.42 76.09 53.03
N LYS WA 349 33.93 75.80 51.83
CA LYS WA 349 35.29 75.27 51.72
C LYS WA 349 36.30 76.26 52.27
N GLU WA 350 36.13 77.54 51.96
CA GLU WA 350 37.05 78.56 52.45
C GLU WA 350 37.07 78.60 53.96
N LEU WA 351 35.89 78.67 54.58
CA LEU WA 351 35.82 78.76 56.03
C LEU WA 351 36.36 77.50 56.68
N ALA WA 352 36.12 76.34 56.07
CA ALA WA 352 36.60 75.09 56.65
C ALA WA 352 38.11 75.03 56.65
N LYS WA 353 38.73 75.38 55.51
CA LYS WA 353 40.19 75.36 55.47
C LYS WA 353 40.79 76.42 56.38
N LYS WA 354 40.14 77.59 56.47
CA LYS WA 354 40.62 78.62 57.38
C LYS WA 354 40.49 78.18 58.83
N ALA WA 355 39.51 77.35 59.14
CA ALA WA 355 39.38 76.83 60.50
C ALA WA 355 40.43 75.78 60.79
N ARG WA 356 40.72 74.92 59.81
CA ARG WA 356 41.80 73.96 59.99
C ARG WA 356 43.14 74.65 60.17
N ASP WA 357 43.32 75.82 59.56
CA ASP WA 357 44.55 76.58 59.72
C ASP WA 357 44.53 77.51 60.92
N GLY WA 358 43.35 77.79 61.49
CA GLY WA 358 43.25 78.72 62.60
C GLY WA 358 43.49 80.17 62.18
N LYS WA 359 42.61 80.69 61.32
CA LYS WA 359 42.78 82.01 60.72
C LYS WA 359 41.47 82.79 60.68
N LEU WA 360 40.63 82.61 61.68
CA LEU WA 360 39.30 83.22 61.69
C LEU WA 360 39.26 84.47 62.57
N LYS WA 361 38.23 85.27 62.32
CA LYS WA 361 37.86 86.42 63.13
C LYS WA 361 36.70 86.07 64.05
N PRO WA 362 36.52 86.78 65.17
CA PRO WA 362 35.40 86.42 66.06
C PRO WA 362 34.04 86.63 65.44
N GLU WA 363 33.88 87.68 64.62
CA GLU WA 363 32.59 87.95 64.00
C GLU WA 363 32.13 86.80 63.10
N GLU WA 364 33.08 86.07 62.52
CA GLU WA 364 32.75 85.01 61.58
C GLU WA 364 32.08 83.82 62.25
N TYR WA 365 32.29 83.62 63.57
CA TYR WA 365 31.70 82.51 64.29
C TYR WA 365 31.02 82.97 65.59
N GLN WA 366 30.69 84.25 65.70
CA GLN WA 366 29.90 84.77 66.82
C GLN WA 366 28.66 85.42 66.24
N GLY WA 367 27.52 84.74 66.40
CA GLY WA 367 26.26 85.19 65.84
C GLY WA 367 25.47 84.04 65.29
N GLY WA 368 24.79 84.27 64.16
CA GLY WA 368 24.02 83.22 63.53
C GLY WA 368 22.69 83.00 64.22
N SER WA 369 21.64 82.77 63.44
CA SER WA 369 20.32 82.51 63.98
C SER WA 369 20.04 81.02 64.13
N ILE WA 370 20.54 80.21 63.21
CA ILE WA 370 20.29 78.78 63.18
C ILE WA 370 21.63 78.08 62.92
N SER WA 371 21.69 76.81 63.32
CA SER WA 371 22.93 76.04 63.29
C SER WA 371 22.67 74.68 62.66
N ILE WA 372 23.76 73.92 62.50
CA ILE WA 372 23.70 72.60 61.90
C ILE WA 372 25.00 71.88 62.20
N SER WA 373 24.92 70.57 62.32
CA SER WA 373 26.08 69.70 62.45
C SER WA 373 25.89 68.51 61.52
N ASN WA 374 26.99 68.04 60.95
CA ASN WA 374 26.97 66.98 59.96
C ASN WA 374 27.94 65.88 60.35
N MET WA 375 27.54 64.64 60.08
CA MET WA 375 28.37 63.47 60.33
C MET WA 375 28.25 62.45 59.21
N GLY WA 376 27.92 62.88 58.00
CA GLY WA 376 27.64 61.96 56.91
C GLY WA 376 28.82 61.13 56.49
N MET WA 377 30.04 61.59 56.75
CA MET WA 377 31.22 60.80 56.38
C MET WA 377 31.30 59.50 57.18
N ASN WA 378 30.78 59.49 58.40
CA ASN WA 378 30.83 58.32 59.25
C ASN WA 378 29.57 57.47 59.03
N PRO WA 379 29.65 56.35 58.29
CA PRO WA 379 28.40 55.66 57.92
C PRO WA 379 27.69 54.97 59.05
N ALA WA 380 28.31 54.82 60.21
CA ALA WA 380 27.70 54.05 61.29
C ALA WA 380 26.60 54.83 61.99
N VAL WA 381 26.70 56.15 62.02
CA VAL WA 381 25.77 56.98 62.78
C VAL WA 381 24.46 57.05 62.01
N GLN WA 382 23.46 56.31 62.48
CA GLN WA 382 22.13 56.42 61.90
C GLN WA 382 21.46 57.73 62.32
N SER WA 383 21.67 58.14 63.56
CA SER WA 383 21.05 59.36 64.06
C SER WA 383 21.81 59.85 65.26
N PHE WA 384 21.62 61.13 65.58
CA PHE WA 384 22.20 61.69 66.78
C PHE WA 384 21.56 63.03 67.05
N THR WA 385 21.69 63.47 68.29
CA THR WA 385 21.20 64.74 68.75
C THR WA 385 22.38 65.69 68.92
N ALA WA 386 22.07 66.97 69.09
CA ALA WA 386 23.07 67.97 69.41
C ALA WA 386 22.47 68.96 70.39
N ILE WA 387 23.22 70.01 70.69
CA ILE WA 387 22.88 70.98 71.72
C ILE WA 387 22.80 72.36 71.08
N ILE WA 388 21.85 73.15 71.54
CA ILE WA 388 21.54 74.43 70.92
C ILE WA 388 22.60 75.44 71.33
N ASN WA 389 23.40 75.87 70.36
CA ASN WA 389 24.38 76.93 70.60
C ASN WA 389 23.64 78.24 70.85
N PRO WA 390 23.67 78.80 72.05
CA PRO WA 390 22.87 79.99 72.33
C PRO WA 390 23.41 81.19 71.58
N PRO WA 391 22.62 82.27 71.46
CA PRO WA 391 21.26 82.45 71.97
C PRO WA 391 20.20 81.95 70.98
N GLN WA 392 20.60 81.09 70.05
CA GLN WA 392 19.71 80.62 69.01
C GLN WA 392 18.56 79.79 69.58
N ALA WA 393 17.65 79.36 68.70
CA ALA WA 393 16.43 78.68 69.09
C ALA WA 393 16.34 77.24 68.63
N ALA WA 394 17.08 76.87 67.59
CA ALA WA 394 16.95 75.55 67.00
C ALA WA 394 18.30 75.09 66.49
N ILE WA 395 18.39 73.78 66.25
CA ILE WA 395 19.60 73.21 65.64
C ILE WA 395 19.21 71.91 64.97
N LEU WA 396 19.95 71.59 63.91
CA LEU WA 396 19.69 70.44 63.06
C LEU WA 396 20.82 69.43 63.19
N ALA WA 397 20.55 68.21 62.73
CA ALA WA 397 21.54 67.15 62.71
C ALA WA 397 21.13 66.16 61.63
N VAL WA 398 22.11 65.72 60.85
CA VAL WA 398 21.88 64.86 59.69
C VAL WA 398 22.75 63.63 59.86
N GLY WA 399 22.11 62.47 59.95
CA GLY WA 399 22.85 61.23 60.05
C GLY WA 399 23.43 60.80 58.71
N ALA WA 400 23.78 59.53 58.63
CA ALA WA 400 24.33 58.98 57.41
C ALA WA 400 23.21 58.43 56.53
N PRO WA 401 23.48 58.20 55.25
CA PRO WA 401 22.51 57.51 54.41
C PRO WA 401 22.53 56.01 54.63
N GLN WA 402 21.39 55.39 54.34
CA GLN WA 402 21.22 53.96 54.51
C GLN WA 402 20.27 53.44 53.45
N LYS WA 403 20.24 52.12 53.33
CA LYS WA 403 19.36 51.42 52.40
C LYS WA 403 18.13 50.95 53.16
N VAL WA 404 16.95 51.19 52.60
CA VAL WA 404 15.70 50.84 53.24
C VAL WA 404 14.76 50.26 52.19
N ALA WA 405 13.91 49.34 52.63
CA ALA WA 405 12.89 48.78 51.79
C ALA WA 405 11.72 49.75 51.68
N VAL WA 406 11.17 49.86 50.47
CA VAL WA 406 10.02 50.72 50.21
C VAL WA 406 9.11 50.00 49.23
N PRO WA 407 7.79 50.00 49.42
CA PRO WA 407 6.91 49.38 48.43
C PRO WA 407 6.89 50.15 47.13
N VAL WA 408 6.46 49.47 46.08
CA VAL WA 408 6.30 50.09 44.77
C VAL WA 408 5.28 49.27 43.99
N GLU WA 409 4.47 49.97 43.19
CA GLU WA 409 3.49 49.32 42.33
C GLU WA 409 4.07 49.14 40.94
N ASN WA 410 4.24 47.88 40.55
CA ASN WA 410 4.61 47.58 39.18
C ASN WA 410 3.44 47.93 38.25
N GLU WA 411 3.66 47.76 36.94
CA GLU WA 411 2.63 48.05 35.96
C GLU WA 411 1.36 47.23 36.17
N ASP WA 412 1.46 46.07 36.80
CA ASP WA 412 0.30 45.28 37.18
C ASP WA 412 -0.19 45.73 38.56
N GLY WA 413 -1.11 44.97 39.14
CA GLY WA 413 -1.68 45.31 40.42
C GLY WA 413 -0.85 44.90 41.62
N THR WA 414 0.12 44.00 41.43
CA THR WA 414 0.94 43.54 42.54
C THR WA 414 1.96 44.60 42.93
N THR WA 415 2.28 44.62 44.21
CA THR WA 415 3.33 45.48 44.73
C THR WA 415 4.68 44.83 44.56
N GLY WA 416 5.73 45.63 44.73
CA GLY WA 416 7.10 45.16 44.62
C GLY WA 416 7.99 45.87 45.61
N VAL WA 417 9.25 45.46 45.63
CA VAL WA 417 10.25 45.96 46.56
C VAL WA 417 11.20 46.88 45.80
N SER WA 418 11.36 48.09 46.29
CA SER WA 418 12.31 49.05 45.75
C SER WA 418 13.22 49.53 46.87
N TRP WA 419 14.50 49.69 46.54
CA TRP WA 419 15.52 50.08 47.50
C TRP WA 419 15.81 51.55 47.35
N ASP WA 420 15.34 52.35 48.30
CA ASP WA 420 15.54 53.78 48.34
C ASP WA 420 16.61 54.12 49.37
N GLU WA 421 17.31 55.22 49.13
CA GLU WA 421 18.36 55.70 50.03
C GLU WA 421 17.75 56.73 50.97
N GLN WA 422 17.69 56.38 52.26
CA GLN WA 422 17.09 57.22 53.28
C GLN WA 422 18.15 57.82 54.18
N ILE WA 423 17.82 58.99 54.74
CA ILE WA 423 18.62 59.65 55.75
C ILE WA 423 17.69 60.02 56.90
N ILE WA 424 18.18 59.85 58.11
CA ILE WA 424 17.49 60.31 59.31
C ILE WA 424 17.97 61.72 59.62
N VAL WA 425 17.02 62.56 60.03
CA VAL WA 425 17.28 63.93 60.40
C VAL WA 425 16.68 64.16 61.77
N THR WA 426 17.44 64.82 62.64
CA THR WA 426 17.01 65.12 64.00
C THR WA 426 17.12 66.60 64.22
N ALA WA 427 16.04 67.20 64.72
CA ALA WA 427 15.96 68.62 65.00
C ALA WA 427 15.67 68.81 66.47
N SER WA 428 16.53 69.58 67.14
CA SER WA 428 16.32 69.96 68.52
C SER WA 428 15.84 71.39 68.58
N PHE WA 429 14.74 71.61 69.30
CA PHE WA 429 14.13 72.93 69.41
C PHE WA 429 14.10 73.39 70.86
N ASP WA 430 14.11 74.71 71.06
CA ASP WA 430 13.79 75.29 72.34
C ASP WA 430 12.28 75.45 72.44
N HIS WA 431 11.74 75.12 73.60
CA HIS WA 431 10.30 75.08 73.79
C HIS WA 431 9.72 76.43 74.21
N LYS WA 432 10.54 77.37 74.65
CA LYS WA 432 10.03 78.70 75.00
C LYS WA 432 9.47 79.40 73.78
N VAL WA 433 10.19 79.35 72.68
CA VAL WA 433 9.82 80.04 71.45
C VAL WA 433 8.93 79.17 70.59
N VAL WA 434 9.38 77.97 70.29
CA VAL WA 434 8.75 77.10 69.30
C VAL WA 434 7.91 76.06 70.01
N ASP WA 435 6.83 75.66 69.34
CA ASP WA 435 5.96 74.57 69.79
C ASP WA 435 6.04 73.42 68.82
N GLY WA 436 5.42 72.30 69.24
CA GLY WA 436 5.49 71.09 68.45
C GLY WA 436 4.90 71.24 67.06
N ALA WA 437 3.76 71.94 66.97
CA ALA WA 437 3.13 72.14 65.68
C ALA WA 437 4.02 72.94 64.75
N VAL WA 438 4.69 73.96 65.28
CA VAL WA 438 5.56 74.80 64.46
C VAL WA 438 6.75 74.01 63.97
N GLY WA 439 7.36 73.23 64.87
CA GLY WA 439 8.47 72.38 64.47
C GLY WA 439 8.04 71.37 63.41
N ALA WA 440 6.86 70.79 63.57
CA ALA WA 440 6.38 69.82 62.60
C ALA WA 440 6.15 70.47 61.24
N GLU WA 441 5.63 71.70 61.23
CA GLU WA 441 5.41 72.40 59.97
C GLU WA 441 6.74 72.67 59.28
N TRP WA 442 7.73 73.11 60.05
CA TRP WA 442 9.06 73.36 59.51
C TRP WA 442 9.63 72.09 58.89
N ILE WA 443 9.53 70.97 59.61
CA ILE WA 443 10.07 69.71 59.12
C ILE WA 443 9.31 69.26 57.88
N ARG WA 444 8.00 69.50 57.84
CA ARG WA 444 7.22 69.11 56.67
C ARG WA 444 7.68 69.88 55.44
N GLU WA 445 7.88 71.19 55.59
CA GLU WA 445 8.34 71.97 54.45
C GLU WA 445 9.73 71.51 54.00
N LEU WA 446 10.60 71.19 54.96
CA LEU WA 446 11.93 70.71 54.60
C LEU WA 446 11.84 69.41 53.82
N LYS WA 447 11.03 68.47 54.31
CA LYS WA 447 10.88 67.18 53.63
C LYS WA 447 10.33 67.38 52.24
N LYS WA 448 9.34 68.25 52.09
CA LYS WA 448 8.74 68.51 50.79
C LYS WA 448 9.78 69.05 49.83
N VAL WA 449 10.55 70.04 50.27
CA VAL WA 449 11.55 70.66 49.41
C VAL WA 449 12.60 69.65 48.99
N ILE WA 450 13.02 68.79 49.92
CA ILE WA 450 14.05 67.81 49.58
C ILE WA 450 13.48 66.79 48.60
N GLU WA 451 12.29 66.27 48.88
CA GLU WA 451 11.75 65.20 48.06
C GLU WA 451 11.41 65.70 46.67
N ASN WA 452 11.10 66.98 46.53
CA ASN WA 452 10.93 67.61 45.23
C ASN WA 452 12.04 68.64 45.06
N PRO WA 453 13.24 68.23 44.65
CA PRO WA 453 14.37 69.19 44.61
C PRO WA 453 14.14 70.35 43.68
N LEU WA 454 13.25 70.21 42.70
CA LEU WA 454 13.00 71.29 41.76
C LEU WA 454 12.39 72.51 42.43
N GLU WA 455 11.84 72.35 43.63
CA GLU WA 455 11.29 73.48 44.37
C GLU WA 455 12.37 74.34 45.01
N LEU WA 456 13.64 73.91 44.97
CA LEU WA 456 14.73 74.75 45.46
C LEU WA 456 14.79 76.07 44.70
N LEU WA 457 14.37 76.07 43.43
CA LEU WA 457 14.34 77.30 42.66
C LEU WA 457 13.40 78.32 43.30
N LEU WA 458 12.35 77.84 43.95
CA LEU WA 458 11.33 78.70 44.53
C LEU WA 458 11.72 79.16 45.93
N TYR XA 227 92.55 19.98 62.32
CA TYR XA 227 93.48 20.82 61.58
C TYR XA 227 93.42 22.26 62.10
N THR XA 228 92.43 23.02 61.64
CA THR XA 228 92.26 24.38 62.14
C THR XA 228 91.87 24.31 63.61
N ASP XA 229 92.38 25.27 64.40
CA ASP XA 229 92.19 25.29 65.85
C ASP XA 229 91.81 26.71 66.26
N VAL XA 230 90.52 26.94 66.45
CA VAL XA 230 90.00 28.26 66.78
C VAL XA 230 89.70 28.30 68.27
N PRO XA 231 90.23 29.26 69.04
CA PRO XA 231 89.84 29.35 70.45
C PRO XA 231 88.35 29.66 70.60
N ILE XA 232 87.84 29.31 71.76
CA ILE XA 232 86.41 29.47 72.05
C ILE XA 232 86.14 30.93 72.41
N SER XA 233 84.96 31.41 72.03
CA SER XA 233 84.60 32.81 72.24
C SER XA 233 84.50 33.18 73.71
N GLY XA 234 84.28 32.22 74.60
CA GLY XA 234 84.05 32.48 76.01
C GLY XA 234 82.57 32.58 76.34
N MET XA 235 81.79 33.16 75.43
CA MET XA 235 80.35 33.23 75.64
C MET XA 235 79.72 31.85 75.60
N ARG XA 236 80.20 30.99 74.68
CA ARG XA 236 79.65 29.65 74.58
C ARG XA 236 79.92 28.83 75.83
N LYS XA 237 80.97 29.17 76.58
CA LYS XA 237 81.28 28.43 77.81
C LYS XA 237 80.12 28.50 78.80
N THR XA 238 79.55 29.69 78.96
CA THR XA 238 78.45 29.86 79.90
C THR XA 238 77.24 29.06 79.47
N ILE XA 239 76.92 29.09 78.17
CA ILE XA 239 75.77 28.36 77.68
C ILE XA 239 75.99 26.86 77.83
N ALA XA 240 77.22 26.40 77.61
CA ALA XA 240 77.53 24.99 77.76
C ALA XA 240 77.36 24.57 79.21
N ALA XA 241 77.88 25.36 80.14
CA ALA XA 241 77.72 25.07 81.55
C ALA XA 241 76.25 25.05 81.95
N ARG XA 242 75.47 25.99 81.40
CA ARG XA 242 74.05 26.06 81.71
C ARG XA 242 73.31 24.82 81.24
N LEU XA 243 73.56 24.41 79.98
CA LEU XA 243 72.92 23.22 79.44
C LEU XA 243 73.34 21.96 80.20
N LYS XA 244 74.61 21.90 80.60
CA LYS XA 244 75.08 20.77 81.38
C LYS XA 244 74.37 20.70 82.72
N GLU XA 245 74.23 21.84 83.38
CA GLU XA 245 73.48 21.89 84.63
C GLU XA 245 72.04 21.44 84.40
N SER XA 246 71.46 21.82 83.28
CA SER XA 246 70.08 21.43 82.99
C SER XA 246 69.96 19.92 82.88
N VAL XA 247 70.79 19.31 82.04
CA VAL XA 247 70.65 17.88 81.79
C VAL XA 247 71.09 17.04 82.99
N THR XA 248 71.97 17.56 83.84
CA THR XA 248 72.43 16.78 84.99
C THR XA 248 71.54 16.96 86.21
N GLU XA 249 70.83 18.10 86.32
CA GLU XA 249 69.95 18.34 87.46
C GLU XA 249 68.54 17.84 87.18
N ASN XA 250 68.07 18.01 85.95
CA ASN XA 250 66.71 17.71 85.58
C ASN XA 250 66.69 16.57 84.57
N PRO XA 251 66.07 15.43 84.87
CA PRO XA 251 65.84 14.46 83.80
C PRO XA 251 64.83 14.99 82.81
N HIS XA 252 64.76 14.34 81.66
CA HIS XA 252 63.95 14.80 80.55
C HIS XA 252 63.14 13.64 79.99
N PHE XA 253 61.85 13.89 79.77
CA PHE XA 253 61.02 13.00 78.98
C PHE XA 253 60.17 13.82 78.03
N PHE XA 254 59.92 13.24 76.86
CA PHE XA 254 59.37 13.95 75.71
C PHE XA 254 58.00 13.39 75.37
N VAL XA 255 57.15 14.26 74.83
CA VAL XA 255 55.81 13.91 74.39
C VAL XA 255 55.61 14.49 73.00
N SER XA 256 55.14 13.68 72.08
CA SER XA 256 55.08 14.02 70.66
C SER XA 256 53.66 13.80 70.17
N THR XA 257 53.04 14.86 69.66
CA THR XA 257 51.67 14.81 69.17
C THR XA 257 51.58 15.47 67.81
N ASN XA 258 50.40 15.35 67.21
CA ASN XA 258 50.11 15.89 65.89
C ASN XA 258 48.85 16.71 65.94
N LEU XA 259 48.95 17.97 65.54
CA LEU XA 259 47.83 18.90 65.54
C LEU XA 259 47.28 19.06 64.13
N SER XA 260 46.14 19.74 64.04
CA SER XA 260 45.50 20.09 62.79
C SER XA 260 45.29 21.59 62.75
N VAL XA 261 45.73 22.23 61.68
CA VAL XA 261 45.75 23.68 61.56
C VAL XA 261 45.03 24.17 60.31
N SER XA 262 44.23 23.30 59.68
CA SER XA 262 43.54 23.70 58.45
C SER XA 262 42.56 24.83 58.72
N LYS XA 263 41.97 24.86 59.91
CA LYS XA 263 41.08 25.96 60.27
C LYS XA 263 41.87 27.17 60.76
N LEU XA 264 42.97 26.92 61.47
CA LEU XA 264 43.79 28.01 61.98
C LEU XA 264 44.33 28.86 60.85
N LEU XA 265 44.77 28.22 59.77
CA LEU XA 265 45.32 28.99 58.66
C LEU XA 265 44.25 29.82 57.98
N LYS XA 266 43.04 29.28 57.84
CA LYS XA 266 41.94 30.07 57.31
C LYS XA 266 41.66 31.28 58.18
N LEU XA 267 41.66 31.08 59.50
CA LEU XA 267 41.45 32.19 60.41
C LEU XA 267 42.53 33.26 60.27
N ARG XA 268 43.79 32.82 60.16
CA ARG XA 268 44.88 33.76 60.00
C ARG XA 268 44.75 34.54 58.71
N GLN XA 269 44.40 33.85 57.62
CA GLN XA 269 44.25 34.52 56.33
C GLN XA 269 43.11 35.53 56.38
N ALA XA 270 42.00 35.17 57.04
CA ALA XA 270 40.87 36.09 57.11
C ALA XA 270 41.22 37.33 57.93
N LEU XA 271 41.89 37.14 59.06
CA LEU XA 271 42.27 38.29 59.88
C LEU XA 271 43.31 39.16 59.17
N ASN XA 272 44.18 38.56 58.36
CA ASN XA 272 45.14 39.35 57.61
C ASN XA 272 44.46 40.11 56.48
N SER XA 273 43.42 39.52 55.89
CA SER XA 273 42.70 40.21 54.81
C SER XA 273 41.84 41.34 55.35
N SER XA 274 41.24 41.15 56.51
CA SER XA 274 40.38 42.19 57.11
C SER XA 274 41.21 43.16 57.93
N ALA XA 275 42.18 43.77 57.26
CA ALA XA 275 43.09 44.71 57.89
C ALA XA 275 43.63 45.65 56.83
N ASP XA 276 44.14 46.79 57.30
CA ASP XA 276 44.68 47.84 56.44
C ASP XA 276 46.17 48.02 56.70
N GLY XA 277 46.90 46.91 56.81
CA GLY XA 277 48.31 46.97 57.10
C GLY XA 277 48.64 47.38 58.51
N ARG XA 278 47.67 47.35 59.43
CA ARG XA 278 47.92 47.72 60.80
C ARG XA 278 48.63 46.61 61.57
N TYR XA 279 48.57 45.37 61.08
CA TYR XA 279 49.22 44.25 61.74
C TYR XA 279 49.44 43.14 60.73
N LYS XA 280 50.20 42.12 61.15
CA LYS XA 280 50.43 40.93 60.35
C LYS XA 280 50.67 39.78 61.30
N LEU XA 281 49.92 38.70 61.12
CA LEU XA 281 49.91 37.58 62.06
C LEU XA 281 50.70 36.40 61.55
N SER XA 282 51.03 35.50 62.47
CA SER XA 282 51.73 34.26 62.18
C SER XA 282 51.18 33.13 63.04
N VAL XA 283 51.80 31.96 62.95
CA VAL XA 283 51.32 30.80 63.69
C VAL XA 283 51.85 30.80 65.12
N ASN XA 284 53.07 31.31 65.31
CA ASN XA 284 53.69 31.34 66.62
C ASN XA 284 52.85 32.12 67.61
N ASP XA 285 52.15 33.15 67.15
CA ASP XA 285 51.34 33.97 68.05
C ASP XA 285 50.16 33.19 68.59
N PHE XA 286 49.42 32.53 67.70
CA PHE XA 286 48.35 31.64 68.12
C PHE XA 286 48.87 30.59 69.09
N LEU XA 287 50.05 30.03 68.80
CA LEU XA 287 50.62 29.02 69.68
C LEU XA 287 50.90 29.59 71.05
N ILE XA 288 51.39 30.83 71.12
CA ILE XA 288 51.71 31.43 72.40
C ILE XA 288 50.45 31.66 73.21
N LYS XA 289 49.40 32.16 72.57
CA LYS XA 289 48.13 32.36 73.28
C LYS XA 289 47.59 31.05 73.80
N ALA XA 290 47.66 30.00 72.98
CA ALA XA 290 47.17 28.70 73.42
C ALA XA 290 48.01 28.16 74.57
N MET XA 291 49.32 28.40 74.54
CA MET XA 291 50.19 28.01 75.64
C MET XA 291 49.75 28.68 76.92
N GLY XA 292 49.46 29.97 76.86
CA GLY XA 292 48.98 30.66 78.05
C GLY XA 292 47.68 30.08 78.57
N ILE XA 293 46.76 29.76 77.66
CA ILE XA 293 45.47 29.21 78.07
C ILE XA 293 45.67 27.87 78.78
N ALA XA 294 46.50 27.00 78.18
CA ALA XA 294 46.73 25.69 78.78
C ALA XA 294 47.44 25.83 80.12
N SER XA 295 48.39 26.76 80.21
CA SER XA 295 49.11 26.96 81.46
C SER XA 295 48.17 27.43 82.56
N LYS XA 296 47.16 28.21 82.20
CA LYS XA 296 46.19 28.64 83.21
C LYS XA 296 45.25 27.51 83.59
N ARG XA 297 44.84 26.68 82.62
CA ARG XA 297 43.95 25.58 82.96
C ARG XA 297 44.65 24.49 83.77
N VAL XA 298 45.97 24.37 83.62
CA VAL XA 298 46.75 23.38 84.36
C VAL XA 298 47.97 24.09 84.95
N PRO XA 299 47.87 24.69 86.14
CA PRO XA 299 48.94 25.55 86.63
C PRO XA 299 50.20 24.80 87.04
N THR XA 300 50.13 23.48 87.22
CA THR XA 300 51.28 22.74 87.71
C THR XA 300 52.45 22.82 86.74
N VAL XA 301 52.17 23.01 85.45
CA VAL XA 301 53.25 23.16 84.47
C VAL XA 301 53.96 24.48 84.68
N ASN XA 302 53.20 25.55 84.89
CA ASN XA 302 53.76 26.88 85.12
C ASN XA 302 54.31 26.91 86.55
N SER XA 303 55.49 26.32 86.70
CA SER XA 303 56.10 26.13 88.00
C SER XA 303 57.62 26.14 87.83
N SER XA 304 58.34 25.79 88.89
CA SER XA 304 59.79 25.73 88.85
C SER XA 304 60.25 24.81 89.98
N TRP XA 305 61.56 24.83 90.25
CA TRP XA 305 62.16 24.04 91.31
C TRP XA 305 63.16 24.93 92.03
N ARG XA 306 62.98 25.10 93.33
CA ARG XA 306 63.83 25.96 94.14
C ARG XA 306 64.31 25.21 95.37
N ASP XA 307 64.96 25.91 96.30
CA ASP XA 307 65.56 25.26 97.46
C ASP XA 307 64.50 24.70 98.38
N GLY XA 308 64.20 23.41 98.21
CA GLY XA 308 63.23 22.74 99.07
C GLY XA 308 61.84 23.32 99.00
N VAL XA 309 61.48 23.97 97.89
CA VAL XA 309 60.19 24.63 97.75
C VAL XA 309 59.84 24.75 96.28
N ILE XA 310 58.56 24.68 95.99
CA ILE XA 310 58.01 24.84 94.66
C ILE XA 310 57.47 26.25 94.54
N ARG XA 311 58.00 27.01 93.58
CA ARG XA 311 57.51 28.33 93.26
C ARG XA 311 56.54 28.22 92.09
N GLN XA 312 55.29 28.63 92.32
CA GLN XA 312 54.24 28.60 91.32
C GLN XA 312 53.80 30.02 91.02
N PHE XA 313 53.77 30.37 89.74
CA PHE XA 313 53.33 31.68 89.31
C PHE XA 313 51.81 31.65 89.07
N GLU XA 314 51.29 32.80 88.64
CA GLU XA 314 49.90 32.94 88.21
C GLU XA 314 49.81 33.36 86.75
N THR XA 315 50.58 34.37 86.36
CA THR XA 315 50.68 34.79 84.98
C THR XA 315 51.56 33.83 84.21
N VAL XA 316 51.65 34.05 82.91
CA VAL XA 316 52.42 33.21 82.00
C VAL XA 316 53.45 34.10 81.33
N ASP XA 317 54.72 33.87 81.66
CA ASP XA 317 55.83 34.58 81.04
C ASP XA 317 56.49 33.65 80.03
N VAL XA 318 56.46 34.05 78.76
CA VAL XA 318 56.84 33.17 77.66
C VAL XA 318 58.19 33.60 77.11
N SER XA 319 59.12 32.67 77.03
CA SER XA 319 60.45 32.92 76.48
C SER XA 319 60.49 32.41 75.05
N VAL XA 320 60.66 33.34 74.10
CA VAL XA 320 60.69 33.01 72.69
C VAL XA 320 62.13 33.02 72.21
N ALA XA 321 62.51 31.96 71.51
CA ALA XA 321 63.87 31.83 71.01
C ALA XA 321 64.04 32.62 69.71
N VAL XA 322 65.23 33.20 69.56
CA VAL XA 322 65.62 33.88 68.33
C VAL XA 322 67.05 33.47 68.00
N ALA XA 323 67.29 33.22 66.72
CA ALA XA 323 68.56 32.71 66.22
C ALA XA 323 69.30 33.87 65.57
N THR XA 324 70.29 34.40 66.27
CA THR XA 324 71.16 35.44 65.76
C THR XA 324 72.43 34.82 65.22
N PRO XA 325 73.18 35.56 64.39
CA PRO XA 325 74.50 35.06 63.98
C PRO XA 325 75.45 34.88 65.15
N ASN XA 326 75.24 35.58 66.26
CA ASN XA 326 76.01 35.39 67.46
C ASN XA 326 75.62 34.12 68.21
N GLY XA 327 74.43 33.56 67.94
CA GLY XA 327 74.01 32.34 68.56
C GLY XA 327 72.51 32.27 68.78
N LEU XA 328 72.11 31.97 70.02
CA LEU XA 328 70.71 31.86 70.40
C LEU XA 328 70.42 32.84 71.53
N ILE XA 329 69.19 33.35 71.56
CA ILE XA 329 68.78 34.27 72.63
C ILE XA 329 67.30 34.04 72.89
N THR XA 330 66.85 34.42 74.08
CA THR XA 330 65.49 34.14 74.54
C THR XA 330 64.87 35.38 75.18
N PRO XA 331 64.39 36.33 74.36
CA PRO XA 331 63.55 37.40 74.91
C PRO XA 331 62.28 36.84 75.51
N ILE XA 332 61.58 37.70 76.26
CA ILE XA 332 60.44 37.31 77.06
C ILE XA 332 59.26 38.20 76.72
N VAL XA 333 58.08 37.59 76.68
CA VAL XA 333 56.81 38.30 76.62
C VAL XA 333 56.11 38.11 77.95
N LYS XA 334 55.52 39.18 78.46
CA LYS XA 334 54.93 39.25 79.78
C LYS XA 334 53.41 39.29 79.70
N GLY XA 335 52.76 38.63 80.64
CA GLY XA 335 51.32 38.67 80.77
C GLY XA 335 50.60 38.27 79.51
N VAL XA 336 50.89 37.07 79.02
CA VAL XA 336 50.34 36.61 77.75
C VAL XA 336 48.84 36.49 77.83
N GLU XA 337 48.36 35.74 78.81
CA GLU XA 337 46.92 35.50 78.95
C GLU XA 337 46.19 36.82 79.12
N GLY XA 338 45.30 37.11 78.19
CA GLY XA 338 44.59 38.37 78.18
C GLY XA 338 45.48 39.54 77.79
N LYS XA 339 46.06 39.47 76.60
CA LYS XA 339 46.92 40.53 76.09
C LYS XA 339 46.55 40.97 74.67
N GLY XA 340 46.14 40.04 73.82
CA GLY XA 340 45.79 40.36 72.44
C GLY XA 340 46.85 39.98 71.44
N LEU XA 341 46.41 39.34 70.35
CA LEU XA 341 47.35 38.83 69.35
C LEU XA 341 48.12 39.95 68.68
N GLU XA 342 47.48 41.11 68.49
CA GLU XA 342 48.16 42.22 67.84
C GLU XA 342 49.32 42.70 68.70
N SER XA 343 49.05 42.93 69.98
CA SER XA 343 50.11 43.35 70.90
C SER XA 343 51.20 42.30 70.98
N ILE XA 344 50.82 41.02 70.93
CA ILE XA 344 51.80 39.94 70.98
C ILE XA 344 52.72 40.01 69.77
N SER XA 345 52.14 40.11 68.57
CA SER XA 345 52.93 40.17 67.36
C SER XA 345 53.83 41.40 67.36
N ALA XA 346 53.32 42.53 67.85
CA ALA XA 346 54.11 43.75 67.88
C ALA XA 346 55.31 43.60 68.80
N ALA XA 347 55.07 43.07 70.01
CA ALA XA 347 56.16 42.87 70.95
C ALA XA 347 57.18 41.88 70.41
N VAL XA 348 56.72 40.83 69.74
CA VAL XA 348 57.65 39.85 69.20
C VAL XA 348 58.50 40.47 68.10
N LYS XA 349 57.89 41.27 67.23
CA LYS XA 349 58.66 41.92 66.17
C LYS XA 349 59.70 42.87 66.76
N GLU XA 350 59.29 43.66 67.75
CA GLU XA 350 60.20 44.59 68.39
C GLU XA 350 61.37 43.86 69.02
N LEU XA 351 61.08 42.80 69.78
CA LEU XA 351 62.14 42.08 70.47
C LEU XA 351 63.05 41.35 69.49
N ALA XA 352 62.48 40.82 68.41
CA ALA XA 352 63.29 40.09 67.43
C ALA XA 352 64.25 41.04 66.73
N LYS XA 353 63.75 42.20 66.31
CA LYS XA 353 64.64 43.17 65.66
C LYS XA 353 65.67 43.71 66.64
N LYS XA 354 65.27 43.94 67.89
CA LYS XA 354 66.23 44.41 68.89
C LYS XA 354 67.29 43.36 69.20
N ALA XA 355 66.94 42.08 69.11
CA ALA XA 355 67.92 41.03 69.32
C ALA XA 355 68.85 40.90 68.13
N ARG XA 356 68.31 41.04 66.92
CA ARG XA 356 69.16 41.11 65.73
C ARG XA 356 70.12 42.30 65.81
N ASP XA 357 69.69 43.38 66.45
CA ASP XA 357 70.55 44.55 66.61
C ASP XA 357 71.50 44.44 67.79
N GLY XA 358 71.19 43.62 68.79
CA GLY XA 358 71.99 43.56 70.00
C GLY XA 358 71.79 44.79 70.85
N LYS XA 359 70.57 45.00 71.33
CA LYS XA 359 70.20 46.23 72.04
C LYS XA 359 69.33 45.91 73.25
N LEU XA 360 69.48 44.73 73.82
CA LEU XA 360 68.59 44.24 74.87
C LEU XA 360 69.15 44.54 76.26
N LYS XA 361 68.26 44.43 77.24
CA LYS XA 361 68.59 44.47 78.65
C LYS XA 361 68.58 43.04 79.21
N PRO XA 362 69.29 42.78 80.31
CA PRO XA 362 69.28 41.41 80.85
C PRO XA 362 67.93 40.98 81.38
N GLU XA 363 67.15 41.91 81.94
CA GLU XA 363 65.85 41.55 82.49
C GLU XA 363 64.90 41.05 81.42
N GLU XA 364 65.09 41.47 80.17
CA GLU XA 364 64.19 41.06 79.10
C GLU XA 364 64.36 39.59 78.74
N TYR XA 365 65.50 38.98 79.06
CA TYR XA 365 65.75 37.57 78.75
C TYR XA 365 66.27 36.79 79.94
N GLN XA 366 66.10 37.30 81.16
CA GLN XA 366 66.45 36.57 82.38
C GLN XA 366 65.19 36.43 83.23
N GLY XA 367 64.58 35.25 83.16
CA GLY XA 367 63.34 34.97 83.86
C GLY XA 367 62.48 33.99 83.06
N GLY XA 368 61.17 34.22 83.06
CA GLY XA 368 60.29 33.39 82.27
C GLY XA 368 60.00 32.05 82.93
N SER XA 369 58.74 31.61 82.86
CA SER XA 369 58.35 30.32 83.40
C SER XA 369 58.39 29.22 82.35
N ILE XA 370 58.05 29.54 81.11
CA ILE XA 370 57.95 28.57 80.02
C ILE XA 370 58.64 29.14 78.80
N SER XA 371 59.09 28.24 77.93
CA SER XA 371 59.87 28.60 76.76
C SER XA 371 59.32 27.92 75.52
N ILE XA 372 59.84 28.33 74.37
CA ILE XA 372 59.40 27.82 73.07
C ILE XA 372 60.52 28.06 72.08
N SER XA 373 60.60 27.18 71.09
CA SER XA 373 61.48 27.35 69.94
C SER XA 373 60.71 26.97 68.69
N ASN XA 374 60.95 27.70 67.61
CA ASN XA 374 60.22 27.54 66.36
C ASN XA 374 61.19 27.33 65.22
N MET XA 375 60.82 26.44 64.31
CA MET XA 375 61.61 26.16 63.11
C MET XA 375 60.72 26.02 61.88
N GLY XA 376 59.55 26.66 61.87
CA GLY XA 376 58.60 26.46 60.81
C GLY XA 376 59.06 26.94 59.45
N MET XA 377 59.99 27.91 59.41
CA MET XA 377 60.46 28.40 58.12
C MET XA 377 61.19 27.32 57.35
N ASN XA 378 61.82 26.37 58.05
CA ASN XA 378 62.57 25.31 57.40
C ASN XA 378 61.64 24.11 57.19
N PRO XA 379 61.20 23.82 55.96
CA PRO XA 379 60.16 22.80 55.80
C PRO XA 379 60.64 21.38 55.97
N ALA XA 380 61.95 21.13 55.99
CA ALA XA 380 62.45 19.77 56.06
C ALA XA 380 62.22 19.15 57.43
N VAL XA 381 62.19 19.96 58.48
CA VAL XA 381 62.14 19.47 59.85
C VAL XA 381 60.71 19.01 60.12
N GLN XA 382 60.54 17.70 60.34
CA GLN XA 382 59.24 17.19 60.78
C GLN XA 382 59.09 17.33 62.28
N SER XA 383 60.15 17.07 63.04
CA SER XA 383 60.08 17.18 64.49
C SER XA 383 61.48 17.38 65.03
N PHE XA 384 61.54 17.86 66.26
CA PHE XA 384 62.81 18.02 66.94
C PHE XA 384 62.54 18.31 68.40
N THR XA 385 63.52 17.98 69.22
CA THR XA 385 63.49 18.22 70.64
C THR XA 385 64.35 19.43 70.96
N ALA XA 386 64.24 19.91 72.20
CA ALA XA 386 65.09 20.99 72.69
C ALA XA 386 65.49 20.66 74.12
N ILE XA 387 66.09 21.64 74.78
CA ILE XA 387 66.61 21.51 76.13
C ILE XA 387 65.98 22.58 77.00
N ILE XA 388 65.70 22.23 78.24
CA ILE XA 388 64.94 23.09 79.14
C ILE XA 388 65.85 24.19 79.65
N ASN XA 389 65.54 25.42 79.30
CA ASN XA 389 66.28 26.57 79.83
C ASN XA 389 65.95 26.73 81.31
N PRO XA 390 66.88 26.46 82.23
CA PRO XA 390 66.53 26.49 83.64
C PRO XA 390 66.25 27.91 84.09
N PRO XA 391 65.63 28.09 85.27
CA PRO XA 391 65.14 27.07 86.19
C PRO XA 391 63.73 26.60 85.86
N GLN XA 392 63.32 26.76 84.60
CA GLN XA 392 61.96 26.42 84.18
C GLN XA 392 61.72 24.92 84.24
N ALA XA 393 60.51 24.49 83.88
CA ALA XA 393 60.09 23.11 84.02
C ALA XA 393 59.69 22.45 82.71
N ALA XA 394 59.40 23.22 81.67
CA ALA XA 394 58.89 22.66 80.43
C ALA XA 394 59.35 23.53 79.26
N ILE XA 395 59.34 22.92 78.07
CA ILE XA 395 59.65 23.65 76.86
C ILE XA 395 58.96 22.97 75.70
N LEU XA 396 58.60 23.78 74.70
CA LEU XA 396 57.85 23.36 73.53
C LEU XA 396 58.73 23.41 72.30
N ALA XA 397 58.27 22.74 71.26
CA ALA XA 397 58.94 22.74 69.97
C ALA XA 397 57.93 22.43 68.89
N VAL XA 398 57.92 23.25 67.83
CA VAL XA 398 56.91 23.17 66.78
C VAL XA 398 57.63 22.90 65.47
N GLY XA 399 57.36 21.74 64.87
CA GLY XA 399 57.91 21.42 63.58
C GLY XA 399 57.22 22.17 62.47
N ALA XA 400 57.44 21.70 61.25
CA ALA XA 400 56.89 22.33 60.07
C ALA XA 400 55.52 21.74 59.74
N PRO XA 401 54.75 22.40 58.89
CA PRO XA 401 53.51 21.79 58.40
C PRO XA 401 53.77 20.82 57.27
N GLN XA 402 52.86 19.85 57.16
CA GLN XA 402 52.97 18.79 56.16
C GLN XA 402 51.57 18.38 55.73
N LYS XA 403 51.52 17.59 54.67
CA LYS XA 403 50.28 17.06 54.14
C LYS XA 403 50.14 15.61 54.57
N VAL XA 404 48.99 15.26 55.12
CA VAL XA 404 48.73 13.91 55.61
C VAL XA 404 47.36 13.49 55.13
N ALA XA 405 47.20 12.19 54.92
CA ALA XA 405 45.92 11.63 54.55
C ALA XA 405 45.06 11.45 55.78
N VAL XA 406 43.77 11.74 55.62
CA VAL XA 406 42.80 11.64 56.71
C VAL XA 406 41.51 11.08 56.12
N PRO XA 407 40.81 10.17 56.80
CA PRO XA 407 39.52 9.70 56.27
C PRO XA 407 38.45 10.78 56.37
N VAL XA 408 37.42 10.60 55.56
CA VAL XA 408 36.27 11.50 55.57
C VAL XA 408 35.07 10.73 55.03
N GLU XA 409 33.90 11.02 55.59
CA GLU XA 409 32.66 10.40 55.16
C GLU XA 409 31.91 11.34 54.23
N ASN XA 410 31.77 10.94 52.98
CA ASN XA 410 30.93 11.68 52.06
C ASN XA 410 29.46 11.50 52.45
N GLU XA 411 28.58 12.19 51.72
CA GLU XA 411 27.15 12.14 52.02
C GLU XA 411 26.59 10.73 51.99
N ASP XA 412 27.20 9.82 51.24
CA ASP XA 412 26.79 8.43 51.19
C ASP XA 412 27.47 7.66 52.31
N GLY XA 413 27.34 6.32 52.26
CA GLY XA 413 27.92 5.47 53.28
C GLY XA 413 29.39 5.18 53.10
N THR XA 414 30.01 5.63 52.02
CA THR XA 414 31.40 5.36 51.77
C THR XA 414 32.29 6.42 52.41
N THR XA 415 33.51 6.01 52.73
CA THR XA 415 34.54 6.93 53.20
C THR XA 415 35.31 7.49 52.01
N GLY XA 416 36.11 8.52 52.27
CA GLY XA 416 36.92 9.15 51.26
C GLY XA 416 38.23 9.66 51.84
N VAL XA 417 39.05 10.21 50.96
CA VAL XA 417 40.36 10.73 51.31
C VAL XA 417 40.30 12.24 51.29
N SER XA 418 40.61 12.85 52.43
CA SER XA 418 40.71 14.30 52.56
C SER XA 418 42.11 14.65 53.03
N TRP XA 419 42.69 15.67 52.42
CA TRP XA 419 44.05 16.11 52.72
C TRP XA 419 43.98 17.21 53.76
N ASP XA 420 44.54 16.94 54.93
CA ASP XA 420 44.60 17.88 56.03
C ASP XA 420 46.04 18.33 56.23
N GLU XA 421 46.20 19.54 56.76
CA GLU XA 421 47.51 20.11 57.05
C GLU XA 421 47.82 19.89 58.53
N GLN XA 422 48.82 19.07 58.80
CA GLN XA 422 49.19 18.69 60.16
C GLN XA 422 50.54 19.30 60.54
N ILE XA 423 50.74 19.41 61.85
CA ILE XA 423 52.00 19.84 62.44
C ILE XA 423 52.32 18.92 63.59
N ILE XA 424 53.58 18.55 63.69
CA ILE XA 424 54.07 17.78 64.83
C ILE XA 424 54.56 18.75 65.89
N VAL XA 425 54.27 18.41 67.15
CA VAL XA 425 54.64 19.22 68.30
C VAL XA 425 55.30 18.31 69.31
N THR XA 426 56.42 18.78 69.87
CA THR XA 426 57.20 18.01 70.82
C THR XA 426 57.41 18.85 72.06
N ALA XA 427 57.03 18.31 73.21
CA ALA XA 427 57.15 18.97 74.50
C ALA XA 427 58.07 18.16 75.40
N SER XA 428 59.07 18.82 75.95
CA SER XA 428 59.97 18.21 76.91
C SER XA 428 59.64 18.72 78.30
N PHE XA 429 59.52 17.82 79.26
CA PHE XA 429 59.15 18.15 80.62
C PHE XA 429 60.22 17.68 81.60
N ASP XA 430 60.32 18.39 82.73
CA ASP XA 430 61.10 17.92 83.86
C ASP XA 430 60.23 17.02 84.72
N HIS XA 431 60.78 15.87 85.09
CA HIS XA 431 60.01 14.85 85.76
C HIS XA 431 59.90 15.04 87.25
N LYS XA 432 60.73 15.89 87.85
CA LYS XA 432 60.59 16.17 89.27
C LYS XA 432 59.24 16.82 89.57
N VAL XA 433 58.87 17.81 88.79
CA VAL XA 433 57.64 18.56 89.00
C VAL XA 433 56.46 17.88 88.35
N VAL XA 434 56.58 17.58 87.07
CA VAL XA 434 55.46 17.15 86.24
C VAL XA 434 55.53 15.65 86.03
N ASP XA 435 54.36 15.05 85.86
CA ASP XA 435 54.21 13.64 85.54
C ASP XA 435 53.57 13.49 84.17
N GLY XA 436 53.58 12.25 83.68
CA GLY XA 436 53.08 11.97 82.35
C GLY XA 436 51.63 12.33 82.18
N ALA XA 437 50.81 12.03 83.19
CA ALA XA 437 49.38 12.35 83.11
C ALA XA 437 49.17 13.85 83.00
N VAL XA 438 49.93 14.62 83.78
CA VAL XA 438 49.77 16.07 83.76
C VAL XA 438 50.20 16.64 82.42
N GLY XA 439 51.33 16.15 81.90
CA GLY XA 439 51.77 16.60 80.60
C GLY XA 439 50.77 16.25 79.51
N ALA XA 440 50.18 15.05 79.60
CA ALA XA 440 49.20 14.64 78.62
C ALA XA 440 47.96 15.52 78.69
N GLU XA 441 47.56 15.90 79.91
CA GLU XA 441 46.41 16.78 80.07
C GLU XA 441 46.67 18.14 79.44
N TRP XA 442 47.86 18.68 79.69
CA TRP XA 442 48.24 19.96 79.10
C TRP XA 442 48.22 19.88 77.57
N ILE XA 443 48.76 18.80 77.02
CA ILE XA 443 48.79 18.64 75.58
C ILE XA 443 47.39 18.49 75.02
N ARG XA 444 46.52 17.78 75.73
CA ARG XA 444 45.15 17.62 75.27
C ARG XA 444 44.44 18.96 75.21
N GLU XA 445 44.64 19.79 76.24
CA GLU XA 445 44.01 21.11 76.23
C GLU XA 445 44.54 21.96 75.07
N LEU XA 446 45.85 21.88 74.82
CA LEU XA 446 46.43 22.62 73.71
C LEU XA 446 45.83 22.17 72.38
N LYS XA 447 45.72 20.85 72.19
CA LYS XA 447 45.17 20.31 70.96
C LYS XA 447 43.73 20.76 70.78
N LYS XA 448 42.95 20.71 71.86
CA LYS XA 448 41.55 21.12 71.78
C LYS XA 448 41.44 22.58 71.39
N VAL XA 449 42.26 23.42 72.01
CA VAL XA 449 42.19 24.86 71.74
C VAL XA 449 42.58 25.15 70.30
N ILE XA 450 43.59 24.46 69.79
CA ILE XA 450 44.02 24.71 68.42
C ILE XA 450 42.96 24.22 67.44
N GLU XA 451 42.47 23.00 67.68
CA GLU XA 451 41.53 22.39 66.75
C GLU XA 451 40.20 23.15 66.73
N ASN XA 452 39.85 23.79 67.85
CA ASN XA 452 38.72 24.70 67.93
C ASN XA 452 39.26 26.10 68.17
N PRO XA 453 39.68 26.84 67.13
CA PRO XA 453 40.32 28.15 67.37
C PRO XA 453 39.41 29.15 68.06
N LEU XA 454 38.09 28.96 67.96
CA LEU XA 454 37.16 29.91 68.55
C LEU XA 454 37.26 29.97 70.06
N GLU XA 455 37.76 28.91 70.70
CA GLU XA 455 37.92 28.93 72.14
C GLU XA 455 39.12 29.73 72.61
N LEU XA 456 39.89 30.31 71.69
CA LEU XA 456 40.91 31.27 72.08
C LEU XA 456 40.29 32.47 72.82
N LEU XA 457 39.03 32.79 72.50
CA LEU XA 457 38.33 33.86 73.19
C LEU XA 457 38.15 33.53 74.66
N LEU XA 458 38.00 32.25 74.99
CA LEU XA 458 37.78 31.83 76.36
C LEU XA 458 39.11 31.68 77.09
N TYR YA 227 105.62 41.09 0.98
CA TYR YA 227 105.55 42.54 1.06
C TYR YA 227 105.84 43.02 2.48
N THR YA 228 104.83 43.05 3.34
CA THR YA 228 105.03 43.47 4.71
C THR YA 228 105.93 42.48 5.44
N ASP YA 229 106.81 43.00 6.29
CA ASP YA 229 107.82 42.20 6.99
C ASP YA 229 107.83 42.59 8.45
N VAL YA 230 107.10 41.84 9.27
CA VAL YA 230 106.96 42.12 10.69
C VAL YA 230 107.97 41.24 11.44
N PRO YA 231 108.83 41.81 12.30
CA PRO YA 231 109.68 40.93 13.12
C PRO YA 231 108.86 40.08 14.07
N ILE YA 232 109.46 38.98 14.49
CA ILE YA 232 108.78 38.00 15.33
C ILE YA 232 108.83 38.47 16.78
N SER YA 233 107.78 38.15 17.53
CA SER YA 233 107.65 38.62 18.90
C SER YA 233 108.72 38.05 19.83
N GLY YA 234 109.32 36.92 19.48
CA GLY YA 234 110.26 36.23 20.34
C GLY YA 234 109.60 35.16 21.18
N MET YA 235 108.39 35.44 21.65
CA MET YA 235 107.64 34.44 22.40
C MET YA 235 107.27 33.26 21.51
N ARG YA 236 106.94 33.53 20.26
CA ARG YA 236 106.56 32.46 19.35
C ARG YA 236 107.74 31.53 19.06
N LYS YA 237 108.96 32.03 19.21
CA LYS YA 237 110.14 31.20 18.97
C LYS YA 237 110.17 30.01 19.92
N THR YA 238 109.89 30.26 21.20
CA THR YA 238 109.91 29.18 22.19
C THR YA 238 108.83 28.15 21.89
N ILE YA 239 107.63 28.61 21.56
CA ILE YA 239 106.54 27.70 21.29
C ILE YA 239 106.83 26.88 20.04
N ALA YA 240 107.45 27.51 19.03
CA ALA YA 240 107.81 26.78 17.82
C ALA YA 240 108.84 25.70 18.12
N ALA YA 241 109.87 26.05 18.89
CA ALA YA 241 110.88 25.07 19.26
C ALA YA 241 110.28 23.93 20.06
N ARG YA 242 109.32 24.26 20.93
CA ARG YA 242 108.67 23.24 21.75
C ARG YA 242 107.89 22.27 20.87
N LEU YA 243 107.07 22.80 19.96
CA LEU YA 243 106.31 21.94 19.06
C LEU YA 243 107.21 21.11 18.17
N LYS YA 244 108.34 21.69 17.74
CA LYS YA 244 109.28 20.96 16.92
C LYS YA 244 109.88 19.79 17.69
N GLU YA 245 110.31 20.04 18.93
CA GLU YA 245 110.78 18.97 19.78
C GLU YA 245 109.72 17.90 19.95
N SER YA 246 108.46 18.32 20.08
CA SER YA 246 107.38 17.36 20.26
C SER YA 246 107.26 16.43 19.07
N VAL YA 247 107.13 17.01 17.87
CA VAL YA 247 106.89 16.18 16.70
C VAL YA 247 108.12 15.37 16.32
N THR YA 248 109.32 15.85 16.62
CA THR YA 248 110.53 15.12 16.24
C THR YA 248 110.91 14.06 17.25
N GLU YA 249 110.53 14.22 18.52
CA GLU YA 249 110.86 13.25 19.54
C GLU YA 249 109.77 12.18 19.67
N ASN YA 250 108.50 12.59 19.63
CA ASN YA 250 107.39 11.71 19.90
C ASN YA 250 106.61 11.49 18.61
N PRO YA 251 106.46 10.27 18.11
CA PRO YA 251 105.57 10.06 16.96
C PRO YA 251 104.13 10.18 17.40
N HIS YA 252 103.28 10.53 16.44
CA HIS YA 252 101.87 10.82 16.69
C HIS YA 252 101.01 9.90 15.85
N PHE YA 253 100.07 9.21 16.51
CA PHE YA 253 99.00 8.53 15.81
C PHE YA 253 97.68 8.94 16.44
N PHE YA 254 96.66 9.00 15.58
CA PHE YA 254 95.39 9.64 15.89
C PHE YA 254 94.29 8.59 15.93
N VAL YA 255 93.35 8.79 16.85
CA VAL YA 255 92.16 7.97 16.98
C VAL YA 255 90.96 8.90 16.93
N SER YA 256 89.89 8.45 16.30
CA SER YA 256 88.75 9.29 16.00
C SER YA 256 87.48 8.49 16.24
N THR YA 257 86.61 9.01 17.10
CA THR YA 257 85.38 8.33 17.46
C THR YA 257 84.23 9.33 17.49
N ASN YA 258 83.03 8.78 17.68
CA ASN YA 258 81.79 9.55 17.68
C ASN YA 258 81.02 9.21 18.94
N LEU YA 259 80.68 10.23 19.72
CA LEU YA 259 79.92 10.08 20.94
C LEU YA 259 78.47 10.50 20.73
N SER YA 260 77.65 10.25 21.73
CA SER YA 260 76.25 10.65 21.75
C SER YA 260 76.00 11.41 23.05
N VAL YA 261 75.41 12.60 22.93
CA VAL YA 261 75.29 13.55 24.03
C VAL YA 261 73.85 13.99 24.25
N SER YA 262 72.88 13.31 23.64
CA SER YA 262 71.49 13.72 23.80
C SER YA 262 71.04 13.61 25.24
N LYS YA 263 71.57 12.64 25.98
CA LYS YA 263 71.26 12.50 27.40
C LYS YA 263 72.07 13.47 28.23
N LEU YA 264 73.33 13.69 27.84
CA LEU YA 264 74.19 14.61 28.58
C LEU YA 264 73.61 16.02 28.58
N LEU YA 265 73.10 16.46 27.44
CA LEU YA 265 72.55 17.81 27.38
C LEU YA 265 71.31 17.94 28.24
N LYS YA 266 70.49 16.89 28.28
CA LYS YA 266 69.33 16.90 29.17
C LYS YA 266 69.78 17.01 30.62
N LEU YA 267 70.81 16.26 30.98
CA LEU YA 267 71.33 16.31 32.35
C LEU YA 267 71.83 17.70 32.69
N ARG YA 268 72.56 18.31 31.76
CA ARG YA 268 73.10 19.65 32.01
C ARG YA 268 71.98 20.67 32.16
N GLN YA 269 70.96 20.57 31.30
CA GLN YA 269 69.84 21.51 31.39
C GLN YA 269 69.09 21.35 32.69
N ALA YA 270 68.91 20.10 33.14
CA ALA YA 270 68.20 19.87 34.39
C ALA YA 270 68.98 20.42 35.57
N LEU YA 271 70.30 20.17 35.60
CA LEU YA 271 71.10 20.70 36.69
C LEU YA 271 71.17 22.22 36.67
N ASN YA 272 71.15 22.83 35.48
CA ASN YA 272 71.15 24.29 35.39
C ASN YA 272 69.82 24.86 35.86
N SER YA 273 68.73 24.15 35.60
CA SER YA 273 67.42 24.64 36.01
C SER YA 273 67.21 24.46 37.51
N SER YA 274 67.74 23.40 38.10
CA SER YA 274 67.60 23.17 39.54
C SER YA 274 68.71 23.88 40.31
N ALA YA 275 68.78 25.19 40.11
CA ALA YA 275 69.79 26.01 40.75
C ALA YA 275 69.26 27.43 40.89
N ASP YA 276 69.99 28.23 41.66
CA ASP YA 276 69.63 29.61 41.94
C ASP YA 276 70.77 30.54 41.54
N GLY YA 277 71.33 30.31 40.37
CA GLY YA 277 72.48 31.09 39.92
C GLY YA 277 73.76 30.81 40.67
N ARG YA 278 73.78 29.76 41.49
CA ARG YA 278 74.98 29.44 42.26
C ARG YA 278 76.09 28.85 41.37
N TYR YA 279 75.74 28.39 40.17
CA TYR YA 279 76.72 27.79 39.28
C TYR YA 279 76.14 27.74 37.87
N LYS YA 280 76.99 27.39 36.92
CA LYS YA 280 76.59 27.22 35.53
C LYS YA 280 77.57 26.27 34.87
N LEU YA 281 77.04 25.22 34.23
CA LEU YA 281 77.84 24.13 33.72
C LEU YA 281 77.99 24.20 32.20
N SER YA 282 78.97 23.43 31.71
CA SER YA 282 79.22 23.30 30.29
C SER YA 282 79.54 21.85 29.94
N VAL YA 283 79.83 21.60 28.66
CA VAL YA 283 80.19 20.25 28.23
C VAL YA 283 81.62 19.93 28.61
N ASN YA 284 82.48 20.95 28.65
CA ASN YA 284 83.89 20.73 28.93
C ASN YA 284 84.10 20.12 30.31
N ASP YA 285 83.27 20.50 31.29
CA ASP YA 285 83.43 19.97 32.64
C ASP YA 285 83.10 18.48 32.71
N PHE YA 286 81.97 18.10 32.10
CA PHE YA 286 81.63 16.68 31.99
C PHE YA 286 82.76 15.91 31.32
N LEU YA 287 83.31 16.48 30.24
CA LEU YA 287 84.38 15.80 29.52
C LEU YA 287 85.62 15.66 30.39
N ILE YA 288 85.90 16.66 31.22
CA ILE YA 288 87.09 16.60 32.07
C ILE YA 288 86.92 15.53 33.14
N LYS YA 289 85.74 15.47 33.75
CA LYS YA 289 85.46 14.40 34.72
C LYS YA 289 85.61 13.03 34.08
N ALA YA 290 85.09 12.89 32.86
CA ALA YA 290 85.19 11.62 32.16
C ALA YA 290 86.65 11.27 31.86
N MET YA 291 87.44 12.28 31.51
CA MET YA 291 88.86 12.07 31.27
C MET YA 291 89.53 11.53 32.52
N GLY YA 292 89.21 12.12 33.67
CA GLY YA 292 89.80 11.65 34.91
C GLY YA 292 89.41 10.21 35.20
N ILE YA 293 88.14 9.87 34.98
CA ILE YA 293 87.67 8.52 35.25
C ILE YA 293 88.41 7.52 34.36
N ALA YA 294 88.53 7.85 33.07
CA ALA YA 294 89.20 6.95 32.14
C ALA YA 294 90.67 6.81 32.49
N SER YA 295 91.31 7.92 32.88
CA SER YA 295 92.72 7.87 33.23
C SER YA 295 92.94 7.01 34.47
N LYS YA 296 91.99 7.01 35.41
CA LYS YA 296 92.13 6.16 36.58
C LYS YA 296 91.86 4.70 36.26
N ARG YA 297 90.93 4.43 35.33
CA ARG YA 297 90.67 3.04 34.97
C ARG YA 297 91.79 2.45 34.13
N VAL YA 298 92.53 3.30 33.40
CA VAL YA 298 93.64 2.86 32.56
C VAL YA 298 94.84 3.76 32.85
N PRO YA 299 95.65 3.46 33.88
CA PRO YA 299 96.66 4.42 34.31
C PRO YA 299 97.81 4.61 33.35
N THR YA 300 98.00 3.70 32.39
CA THR YA 300 99.15 3.80 31.50
C THR YA 300 99.10 5.07 30.66
N VAL YA 301 97.90 5.58 30.38
CA VAL YA 301 97.78 6.82 29.62
C VAL YA 301 98.32 7.98 30.44
N ASN YA 302 97.98 8.02 31.73
CA ASN YA 302 98.47 9.06 32.63
C ASN YA 302 99.93 8.73 32.94
N SER YA 303 100.79 9.06 31.98
CA SER YA 303 102.20 8.70 32.05
C SER YA 303 103.00 9.78 31.35
N SER YA 304 104.29 9.51 31.17
CA SER YA 304 105.19 10.46 30.51
C SER YA 304 106.40 9.68 30.00
N TRP YA 305 107.44 10.42 29.62
CA TRP YA 305 108.69 9.83 29.16
C TRP YA 305 109.84 10.66 29.71
N ARG YA 306 110.75 10.01 30.42
CA ARG YA 306 111.84 10.67 31.12
C ARG YA 306 113.15 9.98 30.80
N ASP YA 307 114.21 10.32 31.53
CA ASP YA 307 115.54 9.78 31.24
C ASP YA 307 115.60 8.30 31.55
N GLY YA 308 115.36 7.46 30.55
CA GLY YA 308 115.44 6.02 30.74
C GLY YA 308 114.47 5.48 31.75
N VAL YA 309 113.34 6.17 31.97
CA VAL YA 309 112.40 5.79 33.02
C VAL YA 309 111.04 6.38 32.68
N ILE YA 310 109.99 5.62 32.99
CA ILE YA 310 108.61 6.05 32.81
C ILE YA 310 108.12 6.57 34.15
N ARG YA 311 107.67 7.82 34.17
CA ARG YA 311 107.09 8.44 35.35
C ARG YA 311 105.57 8.30 35.28
N GLN YA 312 105.01 7.53 36.21
CA GLN YA 312 103.58 7.31 36.28
C GLN YA 312 103.01 8.03 37.49
N PHE YA 313 101.92 8.77 37.26
CA PHE YA 313 101.23 9.49 38.32
C PHE YA 313 100.07 8.67 38.86
N GLU YA 314 99.38 9.23 39.85
CA GLU YA 314 98.18 8.64 40.44
C GLU YA 314 96.97 9.55 40.27
N THR YA 315 97.14 10.84 40.52
CA THR YA 315 96.11 11.83 40.26
C THR YA 315 96.14 12.25 38.80
N VAL YA 316 95.14 13.03 38.42
CA VAL YA 316 94.97 13.47 37.04
C VAL YA 316 95.03 15.00 37.04
N ASP YA 317 96.13 15.52 36.49
CA ASP YA 317 96.32 16.96 36.31
C ASP YA 317 95.95 17.31 34.88
N VAL YA 318 94.94 18.15 34.71
CA VAL YA 318 94.34 18.40 33.40
C VAL YA 318 94.74 19.79 32.92
N SER YA 319 95.32 19.85 31.73
CA SER YA 319 95.71 21.11 31.12
C SER YA 319 94.65 21.54 30.12
N VAL YA 320 94.01 22.68 30.39
CA VAL YA 320 92.93 23.21 29.57
C VAL YA 320 93.47 24.36 28.74
N ALA YA 321 93.18 24.34 27.45
CA ALA YA 321 93.64 25.37 26.54
C ALA YA 321 92.74 26.59 26.58
N VAL YA 322 93.36 27.76 26.50
CA VAL YA 322 92.66 29.03 26.40
C VAL YA 322 93.32 29.86 25.31
N ALA YA 323 92.51 30.49 24.48
CA ALA YA 323 92.95 31.23 23.30
C ALA YA 323 92.83 32.72 23.62
N THR YA 324 93.95 33.33 24.00
CA THR YA 324 94.01 34.76 24.24
C THR YA 324 94.42 35.48 22.98
N PRO YA 325 94.21 36.80 22.91
CA PRO YA 325 94.77 37.57 21.80
C PRO YA 325 96.29 37.50 21.72
N ASN YA 326 96.96 37.22 22.83
CA ASN YA 326 98.40 36.98 22.83
C ASN YA 326 98.77 35.64 22.22
N GLY YA 327 97.86 34.68 22.20
CA GLY YA 327 98.14 33.37 21.64
C GLY YA 327 97.40 32.26 22.32
N LEU YA 328 98.13 31.21 22.72
CA LEU YA 328 97.55 30.05 23.38
C LEU YA 328 98.21 29.87 24.74
N ILE YA 329 97.44 29.35 25.69
CA ILE YA 329 97.96 29.11 27.03
C ILE YA 329 97.24 27.90 27.61
N THR YA 330 97.87 27.24 28.57
CA THR YA 330 97.37 25.97 29.13
C THR YA 330 97.41 26.02 30.66
N PRO YA 331 96.43 26.65 31.29
CA PRO YA 331 96.27 26.50 32.74
C PRO YA 331 95.96 25.06 33.10
N ILE YA 332 96.08 24.77 34.40
CA ILE YA 332 95.99 23.42 34.93
C ILE YA 332 94.91 23.37 35.99
N VAL YA 333 94.20 22.25 36.04
CA VAL YA 333 93.32 21.88 37.14
C VAL YA 333 93.93 20.67 37.83
N LYS YA 334 93.91 20.69 39.16
CA LYS YA 334 94.58 19.69 39.99
C LYS YA 334 93.56 18.79 40.66
N GLY YA 335 93.93 17.51 40.81
CA GLY YA 335 93.12 16.56 41.53
C GLY YA 335 91.70 16.45 41.02
N VAL YA 336 91.55 16.16 39.73
CA VAL YA 336 90.23 16.19 39.11
C VAL YA 336 89.35 15.09 39.67
N GLU YA 337 89.84 13.86 39.63
CA GLU YA 337 89.05 12.72 40.09
C GLU YA 337 88.64 12.92 41.54
N GLY YA 338 87.33 12.96 41.76
CA GLY YA 338 86.82 13.25 43.07
C GLY YA 338 87.06 14.69 43.47
N LYS YA 339 86.51 15.62 42.71
CA LYS YA 339 86.61 17.04 43.02
C LYS YA 339 85.27 17.76 42.94
N GLY YA 340 84.42 17.39 41.99
CA GLY YA 340 83.11 18.01 41.84
C GLY YA 340 83.01 18.96 40.67
N LEU YA 341 81.89 18.85 39.94
CA LEU YA 341 81.70 19.62 38.73
C LEU YA 341 81.62 21.12 39.02
N GLU YA 342 81.01 21.49 40.15
CA GLU YA 342 80.88 22.90 40.49
C GLU YA 342 82.25 23.52 40.73
N SER YA 343 83.06 22.86 41.56
CA SER YA 343 84.41 23.33 41.81
C SER YA 343 85.21 23.39 40.52
N ILE YA 344 85.01 22.40 39.64
CA ILE YA 344 85.71 22.39 38.36
C ILE YA 344 85.33 23.62 37.53
N SER YA 345 84.04 23.90 37.44
CA SER YA 345 83.58 25.04 36.65
C SER YA 345 84.12 26.34 37.22
N ALA YA 346 84.10 26.48 38.55
CA ALA YA 346 84.59 27.70 39.17
C ALA YA 346 86.08 27.89 38.90
N ALA YA 347 86.86 26.81 39.04
CA ALA YA 347 88.29 26.91 38.81
C ALA YA 347 88.59 27.24 37.35
N VAL YA 348 87.85 26.63 36.43
CA VAL YA 348 88.08 26.90 35.01
C VAL YA 348 87.74 28.35 34.69
N LYS YA 349 86.63 28.86 35.22
CA LYS YA 349 86.27 30.24 34.96
C LYS YA 349 87.32 31.20 35.52
N GLU YA 350 87.78 30.94 36.74
CA GLU YA 350 88.79 31.80 37.34
C GLU YA 350 90.07 31.80 36.52
N LEU YA 351 90.54 30.61 36.13
CA LEU YA 351 91.77 30.52 35.36
C LEU YA 351 91.61 31.17 34.00
N ALA YA 352 90.44 31.03 33.38
CA ALA YA 352 90.22 31.61 32.06
C ALA YA 352 90.24 33.13 32.13
N LYS YA 353 89.57 33.70 33.13
CA LYS YA 353 89.58 35.15 33.26
C LYS YA 353 90.96 35.67 33.64
N LYS YA 354 91.67 34.94 34.50
CA LYS YA 354 93.03 35.33 34.86
C LYS YA 354 93.95 35.25 33.66
N ALA YA 355 93.69 34.34 32.73
CA ALA YA 355 94.52 34.25 31.53
C ALA YA 355 94.18 35.37 30.56
N ARG YA 356 92.89 35.72 30.44
CA ARG YA 356 92.52 36.86 29.64
C ARG YA 356 93.14 38.14 30.19
N ASP YA 357 93.30 38.23 31.50
CA ASP YA 357 93.94 39.39 32.11
C ASP YA 357 95.46 39.30 32.12
N GLY YA 358 96.03 38.11 31.98
CA GLY YA 358 97.46 37.94 32.10
C GLY YA 358 97.92 38.09 33.53
N LYS YA 359 97.43 37.21 34.41
CA LYS YA 359 97.69 37.29 35.84
C LYS YA 359 97.99 35.91 36.41
N LEU YA 360 98.80 35.12 35.69
CA LEU YA 360 99.09 33.75 36.07
C LEU YA 360 100.50 33.62 36.62
N LYS YA 361 100.70 32.53 37.35
CA LYS YA 361 102.00 32.07 37.80
C LYS YA 361 102.51 30.98 36.87
N PRO YA 362 103.83 30.74 36.82
CA PRO YA 362 104.31 29.68 35.91
C PRO YA 362 103.85 28.29 36.33
N GLU YA 363 103.75 28.03 37.63
CA GLU YA 363 103.34 26.71 38.10
C GLU YA 363 101.92 26.37 37.64
N GLU YA 364 101.09 27.38 37.43
CA GLU YA 364 99.70 27.14 37.07
C GLU YA 364 99.54 26.63 35.63
N TYR YA 365 100.57 26.78 34.80
CA TYR YA 365 100.52 26.28 33.42
C TYR YA 365 101.81 25.56 33.03
N GLN YA 366 102.63 25.15 34.01
CA GLN YA 366 103.80 24.32 33.76
C GLN YA 366 103.64 23.01 34.51
N GLY YA 367 103.33 21.94 33.77
CA GLY YA 367 103.11 20.64 34.36
C GLY YA 367 102.02 19.88 33.64
N GLY YA 368 101.18 19.19 34.41
CA GLY YA 368 100.06 18.48 33.83
C GLY YA 368 100.46 17.17 33.21
N SER YA 369 99.63 16.14 33.40
CA SER YA 369 99.85 14.84 32.78
C SER YA 369 99.13 14.70 31.44
N ILE YA 370 97.94 15.28 31.33
CA ILE YA 370 97.11 15.18 30.14
C ILE YA 370 96.54 16.55 29.83
N SER YA 371 96.16 16.75 28.57
CA SER YA 371 95.74 18.04 28.08
C SER YA 371 94.44 17.91 27.29
N ILE YA 372 93.89 19.06 26.89
CA ILE YA 372 92.65 19.11 26.14
C ILE YA 372 92.55 20.48 25.48
N SER YA 373 91.96 20.50 24.30
CA SER YA 373 91.63 21.74 23.60
C SER YA 373 90.20 21.61 23.09
N ASN YA 374 89.46 22.71 23.18
CA ASN YA 374 88.03 22.73 22.87
C ASN YA 374 87.75 23.76 21.79
N MET YA 375 86.83 23.42 20.89
CA MET YA 375 86.41 24.32 19.82
C MET YA 375 84.90 24.24 19.60
N GLY YA 376 84.13 23.92 20.63
CA GLY YA 376 82.70 23.71 20.47
C GLY YA 376 81.92 24.96 20.09
N MET YA 377 82.44 26.14 20.42
CA MET YA 377 81.72 27.36 20.10
C MET YA 377 81.62 27.56 18.59
N ASN YA 378 82.62 27.10 17.84
CA ASN YA 378 82.61 27.23 16.39
C ASN YA 378 81.89 26.04 15.79
N PRO YA 379 80.72 26.21 15.16
CA PRO YA 379 79.95 25.03 14.73
C PRO YA 379 80.48 24.34 13.50
N ALA YA 380 81.34 25.00 12.72
CA ALA YA 380 81.78 24.43 11.45
C ALA YA 380 82.72 23.25 11.65
N VAL YA 381 83.55 23.30 12.67
CA VAL YA 381 84.62 22.33 12.84
C VAL YA 381 83.98 21.00 13.23
N GLN YA 382 84.00 20.04 12.30
CA GLN YA 382 83.54 18.70 12.62
C GLN YA 382 84.59 17.93 13.42
N SER YA 383 85.86 18.10 13.05
CA SER YA 383 86.94 17.42 13.74
C SER YA 383 88.23 18.20 13.54
N PHE YA 384 89.18 17.94 14.42
CA PHE YA 384 90.50 18.53 14.27
C PHE YA 384 91.46 17.82 15.21
N THR YA 385 92.71 17.81 14.81
CA THR YA 385 93.79 17.23 15.58
C THR YA 385 94.51 18.35 16.33
N ALA YA 386 95.40 17.96 17.24
CA ALA YA 386 96.25 18.90 17.94
C ALA YA 386 97.63 18.27 18.09
N ILE YA 387 98.46 18.90 18.90
CA ILE YA 387 99.85 18.51 19.10
C ILE YA 387 100.10 18.34 20.59
N ILE YA 388 100.91 17.35 20.92
CA ILE YA 388 101.09 16.93 22.31
C ILE YA 388 102.04 17.90 22.99
N ASN YA 389 101.53 18.64 23.96
CA ASN YA 389 102.35 19.53 24.76
C ASN YA 389 103.27 18.68 25.65
N PRO YA 390 104.59 18.68 25.43
CA PRO YA 390 105.44 17.77 26.18
C PRO YA 390 105.52 18.18 27.64
N PRO YA 391 106.00 17.29 28.52
CA PRO YA 391 106.45 15.91 28.27
C PRO YA 391 105.31 14.90 28.35
N GLN YA 392 104.08 15.37 28.19
CA GLN YA 392 102.91 14.49 28.32
C GLN YA 392 102.87 13.46 27.21
N ALA YA 393 101.88 12.57 27.26
CA ALA YA 393 101.79 11.43 26.36
C ALA YA 393 100.55 11.44 25.49
N ALA YA 394 99.54 12.24 25.83
CA ALA YA 394 98.28 12.21 25.12
C ALA YA 394 97.68 13.60 25.09
N ILE YA 395 96.71 13.77 24.20
CA ILE YA 395 95.93 15.01 24.18
C ILE YA 395 94.63 14.73 23.44
N LEU YA 396 93.59 15.46 23.84
CA LEU YA 396 92.25 15.29 23.34
C LEU YA 396 91.85 16.49 22.49
N ALA YA 397 90.76 16.33 21.75
CA ALA YA 397 90.19 17.40 20.95
C ALA YA 397 88.73 17.10 20.70
N VAL YA 398 87.88 18.07 21.00
CA VAL YA 398 86.43 17.91 20.96
C VAL YA 398 85.90 18.80 19.86
N GLY YA 399 85.31 18.19 18.83
CA GLY YA 399 84.67 18.96 17.77
C GLY YA 399 83.35 19.54 18.23
N ALA YA 400 82.65 20.15 17.28
CA ALA YA 400 81.35 20.70 17.56
C ALA YA 400 80.28 19.63 17.45
N PRO YA 401 79.10 19.85 18.02
CA PRO YA 401 78.00 18.90 17.85
C PRO YA 401 77.33 19.04 16.50
N GLN YA 402 76.69 17.96 16.07
CA GLN YA 402 76.03 17.90 14.78
C GLN YA 402 74.83 16.98 14.87
N LYS YA 403 74.00 17.03 13.85
CA LYS YA 403 72.79 16.20 13.74
C LYS YA 403 73.09 15.03 12.83
N VAL YA 404 72.74 13.83 13.26
CA VAL YA 404 73.02 12.60 12.53
C VAL YA 404 71.78 11.73 12.57
N ALA YA 405 71.62 10.95 11.51
CA ALA YA 405 70.56 9.95 11.43
C ALA YA 405 70.96 8.70 12.19
N VAL YA 406 70.01 8.12 12.90
CA VAL YA 406 70.24 6.92 13.70
C VAL YA 406 68.99 6.03 13.57
N PRO YA 407 69.13 4.72 13.44
CA PRO YA 407 67.93 3.86 13.43
C PRO YA 407 67.31 3.78 14.81
N VAL YA 408 66.03 3.40 14.81
CA VAL YA 408 65.29 3.22 16.05
C VAL YA 408 64.14 2.26 15.77
N GLU YA 409 63.87 1.38 16.73
CA GLU YA 409 62.80 0.41 16.62
C GLU YA 409 61.55 0.94 17.32
N ASN YA 410 60.51 1.22 16.54
CA ASN YA 410 59.23 1.59 17.11
C ASN YA 410 58.61 0.39 17.83
N GLU YA 411 57.46 0.61 18.45
CA GLU YA 411 56.76 -0.46 19.16
C GLU YA 411 56.42 -1.63 18.26
N ASP YA 412 56.24 -1.41 16.96
CA ASP YA 412 56.06 -2.48 15.99
C ASP YA 412 57.43 -2.90 15.45
N GLY YA 413 57.42 -3.86 14.54
CA GLY YA 413 58.66 -4.44 14.06
C GLY YA 413 59.47 -3.53 13.14
N THR YA 414 58.84 -2.54 12.53
CA THR YA 414 59.53 -1.70 11.57
C THR YA 414 60.52 -0.77 12.27
N THR YA 415 61.58 -0.43 11.55
CA THR YA 415 62.55 0.54 12.02
C THR YA 415 62.09 1.95 11.65
N GLY YA 416 62.71 2.94 12.29
CA GLY YA 416 62.39 4.32 12.05
C GLY YA 416 63.64 5.18 12.13
N VAL YA 417 63.43 6.48 11.93
CA VAL YA 417 64.52 7.46 11.92
C VAL YA 417 64.42 8.30 13.18
N SER YA 418 65.54 8.43 13.87
CA SER YA 418 65.66 9.27 15.05
C SER YA 418 66.90 10.15 14.90
N TRP YA 419 66.77 11.40 15.34
CA TRP YA 419 67.83 12.39 15.22
C TRP YA 419 68.56 12.51 16.53
N ASP YA 420 69.82 12.09 16.55
CA ASP YA 420 70.70 12.16 17.70
C ASP YA 420 71.74 13.24 17.48
N GLU YA 421 72.20 13.82 18.58
CA GLU YA 421 73.23 14.85 18.55
C GLU YA 421 74.57 14.19 18.81
N GLN YA 422 75.42 14.16 17.79
CA GLN YA 422 76.71 13.50 17.84
C GLN YA 422 77.84 14.53 17.91
N ILE YA 423 78.94 14.11 18.55
CA ILE YA 423 80.18 14.86 18.57
C ILE YA 423 81.29 13.93 18.17
N ILE YA 424 82.21 14.42 17.36
CA ILE YA 424 83.42 13.69 17.02
C ILE YA 424 84.50 14.09 18.01
N VAL YA 425 85.30 13.10 18.40
CA VAL YA 425 86.38 13.25 19.36
C VAL YA 425 87.63 12.68 18.74
N THR YA 426 88.72 13.45 18.81
CA THR YA 426 90.00 13.08 18.23
C THR YA 426 91.03 13.09 19.33
N ALA YA 427 91.72 11.95 19.50
CA ALA YA 427 92.76 11.79 20.50
C ALA YA 427 94.08 11.47 19.81
N SER YA 428 95.09 12.27 20.10
CA SER YA 428 96.44 12.01 19.61
C SER YA 428 97.25 11.39 20.74
N PHE YA 429 97.98 10.32 20.43
CA PHE YA 429 98.77 9.60 21.42
C PHE YA 429 100.22 9.52 21.01
N ASP YA 430 101.10 9.43 22.00
CA ASP YA 430 102.50 9.11 21.79
C ASP YA 430 102.66 7.60 21.77
N HIS YA 431 103.34 7.10 20.74
CA HIS YA 431 103.42 5.67 20.50
C HIS YA 431 104.51 4.99 21.31
N LYS YA 432 105.48 5.73 21.84
CA LYS YA 432 106.50 5.13 22.67
C LYS YA 432 105.90 4.49 23.91
N VAL YA 433 104.95 5.19 24.53
CA VAL YA 433 104.34 4.75 25.78
C VAL YA 433 103.11 3.90 25.52
N VAL YA 434 102.23 4.37 24.66
CA VAL YA 434 100.91 3.80 24.47
C VAL YA 434 100.85 3.07 23.14
N ASP YA 435 100.00 2.05 23.10
CA ASP YA 435 99.72 1.29 21.90
C ASP YA 435 98.25 1.42 21.54
N GLY YA 436 97.94 0.91 20.34
CA GLY YA 436 96.60 1.07 19.81
C GLY YA 436 95.54 0.43 20.68
N ALA YA 437 95.84 -0.75 21.22
CA ALA YA 437 94.87 -1.43 22.08
C ALA YA 437 94.58 -0.60 23.32
N VAL YA 438 95.61 -0.04 23.93
CA VAL YA 438 95.44 0.73 25.15
C VAL YA 438 94.64 2.00 24.87
N GLY YA 439 94.96 2.67 23.77
CA GLY YA 439 94.21 3.85 23.41
C GLY YA 439 92.76 3.54 23.11
N ALA YA 440 92.51 2.43 22.43
CA ALA YA 440 91.14 2.04 22.12
C ALA YA 440 90.38 1.74 23.40
N GLU YA 441 91.05 1.12 24.37
CA GLU YA 441 90.40 0.81 25.65
C GLU YA 441 90.02 2.09 26.36
N TRP YA 442 90.94 3.06 26.39
CA TRP YA 442 90.66 4.35 27.01
C TRP YA 442 89.47 5.01 26.36
N ILE YA 443 89.43 5.01 25.02
CA ILE YA 443 88.33 5.64 24.30
C ILE YA 443 87.03 4.92 24.58
N ARG YA 444 87.08 3.59 24.69
CA ARG YA 444 85.87 2.83 24.99
C ARG YA 444 85.31 3.21 26.35
N GLU YA 445 86.18 3.31 27.35
CA GLU YA 445 85.71 3.70 28.67
C GLU YA 445 85.12 5.11 28.65
N LEU YA 446 85.75 6.01 27.90
CA LEU YA 446 85.21 7.37 27.81
C LEU YA 446 83.83 7.37 27.18
N LYS YA 447 83.68 6.67 26.06
CA LYS YA 447 82.39 6.59 25.40
C LYS YA 447 81.34 6.00 26.31
N LYS YA 448 81.71 4.97 27.07
CA LYS YA 448 80.75 4.33 27.96
C LYS YA 448 80.30 5.30 29.04
N VAL YA 449 81.24 5.99 29.67
CA VAL YA 449 80.90 6.91 30.75
C VAL YA 449 80.03 8.05 30.23
N ILE YA 450 80.31 8.52 29.03
CA ILE YA 450 79.52 9.63 28.48
C ILE YA 450 78.12 9.15 28.13
N GLU YA 451 78.04 8.02 27.44
CA GLU YA 451 76.74 7.54 26.97
C GLU YA 451 75.85 7.15 28.13
N ASN YA 452 76.44 6.72 29.24
CA ASN YA 452 75.72 6.47 30.48
C ASN YA 452 76.20 7.48 31.50
N PRO YA 453 75.65 8.71 31.53
CA PRO YA 453 76.22 9.74 32.41
C PRO YA 453 76.15 9.40 33.88
N LEU YA 454 75.24 8.50 34.28
CA LEU YA 454 75.08 8.17 35.68
C LEU YA 454 76.32 7.49 36.26
N GLU YA 455 77.17 6.91 35.42
CA GLU YA 455 78.41 6.32 35.90
C GLU YA 455 79.44 7.37 36.30
N LEU YA 456 79.18 8.66 36.06
CA LEU YA 456 80.05 9.71 36.56
C LEU YA 456 80.17 9.65 38.08
N LEU YA 457 79.12 9.18 38.76
CA LEU YA 457 79.18 9.01 40.20
C LEU YA 457 80.22 7.97 40.59
N LEU YA 458 80.49 7.01 39.70
CA LEU YA 458 81.45 5.95 39.96
C LEU YA 458 82.87 6.39 39.57
N TYR ZA 227 65.51 91.80 -12.14
CA TYR ZA 227 65.46 92.64 -10.95
C TYR ZA 227 66.69 92.43 -10.09
N THR ZA 228 66.67 91.39 -9.26
CA THR ZA 228 67.81 91.12 -8.40
C THR ZA 228 69.02 90.72 -9.25
N ASP ZA 229 70.17 91.30 -8.93
CA ASP ZA 229 71.38 91.16 -9.74
C ASP ZA 229 72.49 90.62 -8.84
N VAL ZA 230 72.71 89.30 -8.89
CA VAL ZA 230 73.70 88.64 -8.05
C VAL ZA 230 74.93 88.39 -8.89
N PRO ZA 231 76.13 88.83 -8.48
CA PRO ZA 231 77.33 88.47 -9.24
C PRO ZA 231 77.58 86.97 -9.20
N ILE ZA 232 78.37 86.51 -10.17
CA ILE ZA 232 78.69 85.09 -10.29
C ILE ZA 232 79.82 84.78 -9.31
N SER ZA 233 79.77 83.58 -8.73
CA SER ZA 233 80.76 83.18 -7.74
C SER ZA 233 82.16 83.05 -8.34
N GLY ZA 234 82.27 82.87 -9.65
CA GLY ZA 234 83.53 82.64 -10.32
C GLY ZA 234 83.82 81.17 -10.53
N MET ZA 235 83.42 80.33 -9.57
CA MET ZA 235 83.61 78.89 -9.72
C MET ZA 235 82.74 78.35 -10.83
N ARG ZA 236 81.52 78.88 -10.97
CA ARG ZA 236 80.63 78.44 -12.05
C ARG ZA 236 81.21 78.77 -13.42
N LYS ZA 237 82.05 79.79 -13.51
CA LYS ZA 237 82.64 80.17 -14.79
C LYS ZA 237 83.45 79.02 -15.38
N THR ZA 238 84.26 78.37 -14.53
CA THR ZA 238 85.10 77.28 -15.00
C THR ZA 238 84.25 76.11 -15.48
N ILE ZA 239 83.19 75.79 -14.75
CA ILE ZA 239 82.34 74.67 -15.14
C ILE ZA 239 81.61 74.99 -16.44
N ALA ZA 240 81.17 76.24 -16.59
CA ALA ZA 240 80.49 76.64 -17.83
C ALA ZA 240 81.43 76.54 -19.01
N ALA ZA 241 82.66 77.02 -18.84
CA ALA ZA 241 83.64 76.93 -19.92
C ALA ZA 241 83.95 75.47 -20.25
N ARG ZA 242 84.07 74.63 -19.24
CA ARG ZA 242 84.36 73.21 -19.46
C ARG ZA 242 83.24 72.55 -20.26
N LEU ZA 243 81.99 72.81 -19.87
CA LEU ZA 243 80.85 72.23 -20.57
C LEU ZA 243 80.74 72.76 -21.99
N LYS ZA 244 81.03 74.05 -22.18
CA LYS ZA 244 81.05 74.63 -23.51
C LYS ZA 244 82.09 73.95 -24.38
N GLU ZA 245 83.27 73.70 -23.82
CA GLU ZA 245 84.29 72.96 -24.54
C GLU ZA 245 83.79 71.58 -24.91
N SER ZA 246 83.12 70.91 -23.98
CA SER ZA 246 82.62 69.57 -24.25
C SER ZA 246 81.67 69.57 -25.43
N VAL ZA 247 80.64 70.43 -25.40
CA VAL ZA 247 79.64 70.40 -26.45
C VAL ZA 247 80.17 70.92 -27.77
N THR ZA 248 81.10 71.87 -27.76
CA THR ZA 248 81.59 72.44 -29.01
C THR ZA 248 82.67 71.58 -29.65
N GLU ZA 249 83.39 70.79 -28.85
CA GLU ZA 249 84.45 69.95 -29.40
C GLU ZA 249 83.92 68.57 -29.78
N ASN ZA 250 83.08 68.00 -28.93
CA ASN ZA 250 82.60 66.64 -29.09
C ASN ZA 250 81.11 66.65 -29.42
N PRO ZA 251 80.68 66.08 -30.54
CA PRO ZA 251 79.24 65.93 -30.75
C PRO ZA 251 78.68 64.90 -29.79
N HIS ZA 252 77.36 64.87 -29.69
CA HIS ZA 252 76.67 64.02 -28.73
C HIS ZA 252 75.51 63.31 -29.42
N PHE ZA 253 75.43 62.00 -29.24
CA PHE ZA 253 74.25 61.24 -29.59
C PHE ZA 253 73.88 60.32 -28.44
N PHE ZA 254 72.59 60.08 -28.31
CA PHE ZA 254 71.99 59.49 -27.13
C PHE ZA 254 71.35 58.15 -27.47
N VAL ZA 255 71.44 57.22 -26.53
CA VAL ZA 255 70.82 55.91 -26.63
C VAL ZA 255 69.99 55.72 -25.38
N SER ZA 256 68.81 55.14 -25.52
CA SER ZA 256 67.84 55.02 -24.44
C SER ZA 256 67.26 53.62 -24.45
N THR ZA 257 67.41 52.94 -23.31
CA THR ZA 257 66.95 51.57 -23.18
C THR ZA 257 66.20 51.40 -21.86
N ASN ZA 258 65.63 50.21 -21.69
CA ASN ZA 258 64.84 49.86 -20.53
C ASN ZA 258 65.37 48.56 -19.95
N LEU ZA 259 65.60 48.56 -18.65
CA LEU ZA 259 66.10 47.39 -17.93
C LEU ZA 259 65.01 46.82 -17.03
N SER ZA 260 65.24 45.60 -16.57
CA SER ZA 260 64.36 44.90 -15.65
C SER ZA 260 65.16 44.52 -14.42
N VAL ZA 261 64.68 44.94 -13.25
CA VAL ZA 261 65.43 44.85 -12.00
C VAL ZA 261 64.67 44.07 -10.94
N SER ZA 262 63.63 43.32 -11.32
CA SER ZA 262 62.87 42.56 -10.34
C SER ZA 262 63.73 41.52 -9.65
N LYS ZA 263 64.70 40.97 -10.37
CA LYS ZA 263 65.62 40.01 -9.78
C LYS ZA 263 66.73 40.72 -9.00
N LEU ZA 264 67.18 41.86 -9.52
CA LEU ZA 264 68.23 42.61 -8.85
C LEU ZA 264 67.78 43.07 -7.47
N LEU ZA 265 66.53 43.50 -7.34
CA LEU ZA 265 66.06 43.97 -6.05
C LEU ZA 265 65.93 42.82 -5.06
N LYS ZA 266 65.50 41.65 -5.53
CA LYS ZA 266 65.48 40.48 -4.66
C LYS ZA 266 66.88 40.13 -4.18
N LEU ZA 267 67.85 40.19 -5.09
CA LEU ZA 267 69.23 39.91 -4.72
C LEU ZA 267 69.73 40.89 -3.68
N ARG ZA 268 69.44 42.18 -3.88
CA ARG ZA 268 69.87 43.20 -2.92
C ARG ZA 268 69.23 42.96 -1.57
N GLN ZA 269 67.95 42.63 -1.56
CA GLN ZA 269 67.24 42.37 -0.30
C GLN ZA 269 67.85 41.18 0.42
N ALA ZA 270 68.16 40.11 -0.33
CA ALA ZA 270 68.72 38.92 0.29
C ALA ZA 270 70.09 39.20 0.89
N LEU ZA 271 70.95 39.89 0.14
CA LEU ZA 271 72.27 40.20 0.67
C LEU ZA 271 72.20 41.16 1.85
N ASN ZA 272 71.23 42.07 1.86
CA ASN ZA 272 71.08 42.97 3.00
C ASN ZA 272 70.60 42.22 4.24
N SER ZA 273 69.65 41.29 4.05
CA SER ZA 273 69.16 40.53 5.18
C SER ZA 273 70.20 39.57 5.74
N SER ZA 274 70.99 38.94 4.87
CA SER ZA 274 72.05 38.03 5.31
C SER ZA 274 73.31 38.82 5.64
N ALA ZA 275 73.16 39.68 6.64
CA ALA ZA 275 74.24 40.57 7.05
C ALA ZA 275 73.99 41.00 8.49
N ASP ZA 276 75.04 41.52 9.11
CA ASP ZA 276 75.02 41.94 10.51
C ASP ZA 276 75.32 43.42 10.63
N GLY ZA 277 74.75 44.22 9.74
CA GLY ZA 277 75.06 45.64 9.69
C GLY ZA 277 76.46 45.96 9.23
N ARG ZA 278 77.21 44.98 8.75
CA ARG ZA 278 78.57 45.22 8.30
C ARG ZA 278 78.61 46.02 7.00
N TYR ZA 279 77.53 45.99 6.23
CA TYR ZA 279 77.48 46.70 4.96
C TYR ZA 279 76.02 47.01 4.63
N LYS ZA 280 75.84 47.86 3.62
CA LYS ZA 280 74.53 48.19 3.10
C LYS ZA 280 74.67 48.54 1.63
N LEU ZA 281 73.83 47.93 0.80
CA LEU ZA 281 73.96 48.01 -0.65
C LEU ZA 281 72.87 48.88 -1.25
N SER ZA 282 73.13 49.30 -2.50
CA SER ZA 282 72.18 50.07 -3.29
C SER ZA 282 72.23 49.63 -4.74
N VAL ZA 283 71.50 50.34 -5.61
CA VAL ZA 283 71.44 49.98 -7.01
C VAL ZA 283 72.66 50.51 -7.76
N ASN ZA 284 73.18 51.65 -7.31
CA ASN ZA 284 74.30 52.30 -7.99
C ASN ZA 284 75.53 51.41 -8.02
N ASP ZA 285 75.74 50.61 -6.97
CA ASP ZA 285 76.93 49.77 -6.91
C ASP ZA 285 76.86 48.65 -7.94
N PHE ZA 286 75.71 47.97 -8.01
CA PHE ZA 286 75.50 46.97 -9.04
C PHE ZA 286 75.68 47.58 -10.43
N LEU ZA 287 75.14 48.78 -10.62
CA LEU ZA 287 75.30 49.44 -11.92
C LEU ZA 287 76.76 49.70 -12.23
N ILE ZA 288 77.54 50.06 -11.22
CA ILE ZA 288 78.95 50.36 -11.44
C ILE ZA 288 79.71 49.09 -11.82
N LYS ZA 289 79.41 47.99 -11.14
CA LYS ZA 289 80.05 46.72 -11.49
C LYS ZA 289 79.70 46.32 -12.91
N ALA ZA 290 78.44 46.48 -13.30
CA ALA ZA 290 78.02 46.13 -14.65
C ALA ZA 290 78.70 47.02 -15.67
N MET ZA 291 78.87 48.31 -15.34
CA MET ZA 291 79.60 49.22 -16.22
C MET ZA 291 81.02 48.75 -16.44
N GLY ZA 292 81.68 48.32 -15.36
CA GLY ZA 292 83.04 47.83 -15.49
C GLY ZA 292 83.12 46.59 -16.36
N ILE ZA 293 82.19 45.67 -16.18
CA ILE ZA 293 82.19 44.44 -16.97
C ILE ZA 293 81.97 44.77 -18.44
N ALA ZA 294 81.04 45.67 -18.72
CA ALA ZA 294 80.77 46.03 -20.11
C ALA ZA 294 81.97 46.71 -20.73
N SER ZA 295 82.63 47.59 -19.99
CA SER ZA 295 83.81 48.26 -20.50
C SER ZA 295 84.92 47.28 -20.81
N LYS ZA 296 85.06 46.24 -19.99
CA LYS ZA 296 86.09 45.24 -20.25
C LYS ZA 296 85.74 44.36 -21.44
N ARG ZA 297 84.45 44.07 -21.64
CA ARG ZA 297 84.08 43.27 -22.80
C ARG ZA 297 84.14 44.08 -24.08
N VAL ZA 298 84.03 45.41 -23.99
CA VAL ZA 298 84.10 46.30 -25.15
C VAL ZA 298 85.04 47.45 -24.80
N PRO ZA 299 86.35 47.30 -25.01
CA PRO ZA 299 87.28 48.32 -24.51
C PRO ZA 299 87.24 49.61 -25.28
N THR ZA 300 86.62 49.65 -26.46
CA THR ZA 300 86.64 50.86 -27.27
C THR ZA 300 85.94 52.02 -26.57
N VAL ZA 301 84.95 51.72 -25.72
CA VAL ZA 301 84.27 52.77 -24.98
C VAL ZA 301 85.20 53.37 -23.95
N ASN ZA 302 85.93 52.52 -23.23
CA ASN ZA 302 86.89 52.98 -22.23
C ASN ZA 302 88.11 53.51 -22.98
N SER ZA 303 87.96 54.74 -23.47
CA SER ZA 303 88.97 55.38 -24.29
C SER ZA 303 88.85 56.89 -24.08
N SER ZA 304 89.53 57.65 -24.94
CA SER ZA 304 89.47 59.10 -24.87
C SER ZA 304 89.94 59.66 -26.21
N TRP ZA 305 90.15 60.97 -26.25
CA TRP ZA 305 90.62 61.67 -27.44
C TRP ZA 305 91.72 62.62 -27.02
N ARG ZA 306 92.90 62.46 -27.61
CA ARG ZA 306 94.08 63.26 -27.27
C ARG ZA 306 94.66 63.85 -28.54
N ASP ZA 307 95.88 64.40 -28.44
CA ASP ZA 307 96.47 65.10 -29.56
C ASP ZA 307 96.88 64.13 -30.66
N GLY ZA 308 96.00 63.93 -31.64
CA GLY ZA 308 96.31 63.05 -32.75
C GLY ZA 308 96.54 61.61 -32.35
N VAL ZA 309 95.95 61.16 -31.24
CA VAL ZA 309 96.20 59.83 -30.71
C VAL ZA 309 95.06 59.44 -29.79
N ILE ZA 310 94.69 58.17 -29.84
CA ILE ZA 310 93.67 57.59 -28.97
C ILE ZA 310 94.38 56.93 -27.80
N ARG ZA 311 94.02 57.35 -26.60
CA ARG ZA 311 94.54 56.78 -25.37
C ARG ZA 311 93.56 55.73 -24.87
N GLN ZA 312 94.00 54.49 -24.80
CA GLN ZA 312 93.20 53.36 -24.34
C GLN ZA 312 93.75 52.85 -23.02
N PHE ZA 313 92.88 52.80 -22.02
CA PHE ZA 313 93.23 52.26 -20.71
C PHE ZA 313 92.98 50.76 -20.69
N GLU ZA 314 93.19 50.16 -19.52
CA GLU ZA 314 92.89 48.75 -19.27
C GLU ZA 314 91.89 48.58 -18.15
N THR ZA 315 92.10 49.26 -17.03
CA THR ZA 315 91.15 49.24 -15.92
C THR ZA 315 89.98 50.17 -16.21
N VAL ZA 316 89.09 50.27 -15.24
CA VAL ZA 316 87.90 51.10 -15.33
C VAL ZA 316 87.90 52.05 -14.14
N ASP ZA 317 88.04 53.33 -14.43
CA ASP ZA 317 87.96 54.39 -13.41
C ASP ZA 317 86.62 55.10 -13.56
N VAL ZA 318 85.81 55.04 -12.50
CA VAL ZA 318 84.42 55.47 -12.57
C VAL ZA 318 84.26 56.77 -11.80
N SER ZA 319 83.71 57.78 -12.46
CA SER ZA 319 83.44 59.07 -11.85
C SER ZA 319 81.97 59.11 -11.45
N VAL ZA 320 81.71 59.18 -10.14
CA VAL ZA 320 80.36 59.23 -9.61
C VAL ZA 320 80.04 60.66 -9.24
N ALA ZA 321 78.86 61.12 -9.64
CA ALA ZA 321 78.45 62.49 -9.38
C ALA ZA 321 77.81 62.60 -7.99
N VAL ZA 322 78.10 63.72 -7.33
CA VAL ZA 322 77.51 64.05 -6.04
C VAL ZA 322 77.04 65.50 -6.10
N ALA ZA 323 75.83 65.73 -5.61
CA ALA ZA 323 75.16 67.02 -5.69
C ALA ZA 323 75.25 67.69 -4.33
N THR ZA 324 76.21 68.58 -4.18
CA THR ZA 324 76.38 69.36 -2.96
C THR ZA 324 75.62 70.67 -3.08
N PRO ZA 325 75.35 71.35 -1.95
CA PRO ZA 325 74.79 72.70 -2.04
C PRO ZA 325 75.70 73.68 -2.76
N ASN ZA 326 77.01 73.40 -2.79
CA ASN ZA 326 77.94 74.19 -3.57
C ASN ZA 326 77.78 73.96 -5.07
N GLY ZA 327 77.28 72.80 -5.47
CA GLY ZA 327 77.11 72.49 -6.88
C GLY ZA 327 77.22 71.01 -7.17
N LEU ZA 328 78.08 70.64 -8.12
CA LEU ZA 328 78.28 69.27 -8.53
C LEU ZA 328 79.75 68.92 -8.41
N ILE ZA 329 80.02 67.66 -8.07
CA ILE ZA 329 81.40 67.19 -7.95
C ILE ZA 329 81.44 65.73 -8.37
N THR ZA 330 82.61 65.27 -8.81
CA THR ZA 330 82.78 63.94 -9.39
C THR ZA 330 83.96 63.22 -8.75
N PRO ZA 331 83.77 62.65 -7.56
CA PRO ZA 331 84.77 61.73 -7.03
C PRO ZA 331 84.92 60.51 -7.93
N ILE ZA 332 85.99 59.76 -7.68
CA ILE ZA 332 86.41 58.68 -8.55
C ILE ZA 332 86.57 57.41 -7.73
N VAL ZA 333 86.20 56.28 -8.33
CA VAL ZA 333 86.50 54.96 -7.83
C VAL ZA 333 87.48 54.31 -8.79
N LYS ZA 334 88.52 53.69 -8.23
CA LYS ZA 334 89.63 53.13 -8.99
C LYS ZA 334 89.55 51.61 -9.01
N GLY ZA 335 89.90 51.03 -10.15
CA GLY ZA 335 90.00 49.59 -10.27
C GLY ZA 335 88.71 48.87 -9.94
N VAL ZA 336 87.63 49.24 -10.62
CA VAL ZA 336 86.32 48.70 -10.28
C VAL ZA 336 86.27 47.20 -10.56
N GLU ZA 337 86.64 46.81 -11.78
CA GLU ZA 337 86.56 45.41 -12.17
C GLU ZA 337 87.43 44.57 -11.24
N GLY ZA 338 86.79 43.62 -10.57
CA GLY ZA 338 87.48 42.83 -9.58
C GLY ZA 338 87.86 43.65 -8.36
N LYS ZA 339 86.87 44.20 -7.67
CA LYS ZA 339 87.09 44.95 -6.44
C LYS ZA 339 86.18 44.53 -5.31
N GLY ZA 340 84.93 44.17 -5.60
CA GLY ZA 340 83.97 43.78 -4.59
C GLY ZA 340 82.95 44.85 -4.26
N LEU ZA 341 81.68 44.43 -4.18
CA LEU ZA 341 80.59 45.38 -3.97
C LEU ZA 341 80.68 46.05 -2.61
N GLU ZA 342 81.15 45.32 -1.59
CA GLU ZA 342 81.25 45.91 -0.27
C GLU ZA 342 82.29 47.02 -0.24
N SER ZA 343 83.46 46.75 -0.80
CA SER ZA 343 84.49 47.79 -0.92
C SER ZA 343 83.98 48.96 -1.72
N ILE ZA 344 83.23 48.69 -2.79
CA ILE ZA 344 82.67 49.74 -3.62
C ILE ZA 344 81.77 50.65 -2.81
N SER ZA 345 80.80 50.05 -2.11
CA SER ZA 345 79.85 50.82 -1.32
C SER ZA 345 80.56 51.63 -0.23
N ALA ZA 346 81.55 51.02 0.41
CA ALA ZA 346 82.28 51.73 1.47
C ALA ZA 346 83.00 52.93 0.90
N ALA ZA 347 83.70 52.75 -0.23
CA ALA ZA 347 84.45 53.86 -0.82
C ALA ZA 347 83.50 54.96 -1.28
N VAL ZA 348 82.35 54.59 -1.84
CA VAL ZA 348 81.41 55.60 -2.31
C VAL ZA 348 80.84 56.38 -1.15
N LYS ZA 349 80.49 55.70 -0.05
CA LYS ZA 349 80.00 56.42 1.13
C LYS ZA 349 81.06 57.36 1.67
N GLU ZA 350 82.30 56.90 1.73
CA GLU ZA 350 83.39 57.75 2.22
C GLU ZA 350 83.54 59.00 1.37
N LEU ZA 351 83.61 58.81 0.04
CA LEU ZA 351 83.81 59.95 -0.84
C LEU ZA 351 82.62 60.90 -0.82
N ALA ZA 352 81.40 60.35 -0.71
CA ALA ZA 352 80.21 61.20 -0.68
C ALA ZA 352 80.20 62.07 0.57
N LYS ZA 353 80.49 61.47 1.73
CA LYS ZA 353 80.52 62.26 2.95
C LYS ZA 353 81.66 63.26 2.93
N LYS ZA 354 82.81 62.88 2.36
CA LYS ZA 354 83.93 63.80 2.27
C LYS ZA 354 83.64 64.95 1.33
N ALA ZA 355 82.81 64.73 0.31
CA ALA ZA 355 82.42 65.82 -0.58
C ALA ZA 355 81.39 66.73 0.07
N ARG ZA 356 80.46 66.14 0.84
CA ARG ZA 356 79.53 66.96 1.60
C ARG ZA 356 80.28 67.81 2.62
N ASP ZA 357 81.41 67.31 3.13
CA ASP ZA 357 82.24 68.08 4.05
C ASP ZA 357 83.20 69.03 3.36
N GLY ZA 358 83.54 68.76 2.10
CA GLY ZA 358 84.51 69.57 1.39
C GLY ZA 358 85.92 69.32 1.86
N LYS ZA 359 86.40 68.09 1.70
CA LYS ZA 359 87.69 67.66 2.22
C LYS ZA 359 88.44 66.80 1.21
N LEU ZA 360 88.28 67.10 -0.08
CA LEU ZA 360 88.83 66.26 -1.13
C LEU ZA 360 90.14 66.82 -1.66
N LYS ZA 361 90.88 65.93 -2.33
CA LYS ZA 361 92.08 66.26 -3.08
C LYS ZA 361 91.75 66.38 -4.57
N PRO ZA 362 92.56 67.11 -5.34
CA PRO ZA 362 92.23 67.23 -6.77
C PRO ZA 362 92.32 65.92 -7.53
N GLU ZA 363 93.30 65.07 -7.18
CA GLU ZA 363 93.47 63.81 -7.89
C GLU ZA 363 92.25 62.90 -7.72
N GLU ZA 364 91.51 63.04 -6.62
CA GLU ZA 364 90.36 62.19 -6.38
C GLU ZA 364 89.17 62.52 -7.27
N TYR ZA 365 89.17 63.69 -7.93
CA TYR ZA 365 88.11 64.05 -8.85
C TYR ZA 365 88.65 64.65 -10.15
N GLN ZA 366 89.91 64.40 -10.48
CA GLN ZA 366 90.49 64.82 -11.75
C GLN ZA 366 91.09 63.59 -12.43
N GLY ZA 367 90.42 63.13 -13.48
CA GLY ZA 367 90.82 61.93 -14.19
C GLY ZA 367 89.61 61.12 -14.58
N GLY ZA 368 89.71 59.80 -14.48
CA GLY ZA 368 88.57 58.95 -14.75
C GLY ZA 368 88.33 58.75 -16.23
N SER ZA 369 87.97 57.52 -16.61
CA SER ZA 369 87.69 57.19 -18.00
C SER ZA 369 86.21 57.27 -18.34
N ILE ZA 370 85.34 56.93 -17.39
CA ILE ZA 370 83.90 56.90 -17.62
C ILE ZA 370 83.21 57.49 -16.39
N SER ZA 371 81.98 57.96 -16.58
CA SER ZA 371 81.25 58.69 -15.56
C SER ZA 371 79.84 58.14 -15.43
N ILE ZA 372 79.12 58.69 -14.46
CA ILE ZA 372 77.74 58.30 -14.17
C ILE ZA 372 77.09 59.39 -13.34
N SER ZA 373 75.79 59.55 -13.53
CA SER ZA 373 74.96 60.42 -12.71
C SER ZA 373 73.69 59.67 -12.35
N ASN ZA 374 73.26 59.84 -11.10
CA ASN ZA 374 72.12 59.11 -10.57
C ASN ZA 374 71.07 60.09 -10.06
N MET ZA 375 69.80 59.73 -10.28
CA MET ZA 375 68.67 60.50 -9.79
C MET ZA 375 67.57 59.59 -9.27
N GLY ZA 376 67.92 58.37 -8.83
CA GLY ZA 376 66.92 57.40 -8.45
C GLY ZA 376 66.09 57.80 -7.26
N MET ZA 377 66.58 58.70 -6.41
CA MET ZA 377 65.81 59.09 -5.24
C MET ZA 377 64.55 59.85 -5.64
N ASN ZA 378 64.61 60.62 -6.73
CA ASN ZA 378 63.48 61.42 -7.16
C ASN ZA 378 62.57 60.58 -8.05
N PRO ZA 379 61.40 60.15 -7.58
CA PRO ZA 379 60.60 59.20 -8.38
C PRO ZA 379 59.96 59.81 -9.60
N ALA ZA 380 60.02 61.12 -9.78
CA ALA ZA 380 59.33 61.75 -10.90
C ALA ZA 380 60.11 61.60 -12.21
N VAL ZA 381 61.43 61.53 -12.13
CA VAL ZA 381 62.27 61.54 -13.32
C VAL ZA 381 62.19 60.16 -13.97
N GLN ZA 382 61.53 60.09 -15.12
CA GLN ZA 382 61.55 58.85 -15.90
C GLN ZA 382 62.87 58.70 -16.63
N SER ZA 383 63.40 59.80 -17.15
CA SER ZA 383 64.67 59.74 -17.86
C SER ZA 383 65.27 61.13 -17.96
N PHE ZA 384 66.55 61.16 -18.30
CA PHE ZA 384 67.22 62.43 -18.53
C PHE ZA 384 68.56 62.15 -19.18
N THR ZA 385 69.10 63.19 -19.80
CA THR ZA 385 70.41 63.17 -20.41
C THR ZA 385 71.38 63.95 -19.54
N ALA ZA 386 72.66 63.80 -19.83
CA ALA ZA 386 73.72 64.54 -19.16
C ALA ZA 386 74.73 64.99 -20.21
N ILE ZA 387 75.85 65.53 -19.72
CA ILE ZA 387 76.89 66.09 -20.56
C ILE ZA 387 78.19 65.41 -20.22
N ILE ZA 388 79.01 65.17 -21.23
CA ILE ZA 388 80.19 64.33 -21.10
C ILE ZA 388 81.30 65.14 -20.45
N ASN ZA 389 81.68 64.74 -19.24
CA ASN ZA 389 82.78 65.39 -18.54
C ASN ZA 389 84.08 65.07 -19.26
N PRO ZA 390 84.73 66.03 -19.93
CA PRO ZA 390 85.91 65.69 -20.73
C PRO ZA 390 87.07 65.31 -19.84
N PRO ZA 391 88.12 64.68 -20.39
CA PRO ZA 391 88.29 64.28 -21.79
C PRO ZA 391 87.68 62.92 -22.10
N GLN ZA 392 86.70 62.50 -21.29
CA GLN ZA 392 86.11 61.17 -21.43
C GLN ZA 392 85.30 61.06 -22.71
N ALA ZA 393 84.73 59.88 -22.95
CA ALA ZA 393 84.05 59.57 -24.20
C ALA ZA 393 82.58 59.20 -24.04
N ALA ZA 394 82.14 58.92 -22.82
CA ALA ZA 394 80.77 58.46 -22.60
C ALA ZA 394 80.30 58.90 -21.23
N ILE ZA 395 78.99 58.79 -21.02
CA ILE ZA 395 78.42 59.03 -19.71
C ILE ZA 395 77.05 58.38 -19.66
N LEU ZA 396 76.67 57.94 -18.47
CA LEU ZA 396 75.46 57.18 -18.22
C LEU ZA 396 74.49 58.02 -17.40
N ALA ZA 397 73.24 57.56 -17.36
CA ALA ZA 397 72.21 58.18 -16.56
C ALA ZA 397 71.12 57.16 -16.28
N VAL ZA 398 70.71 57.08 -15.02
CA VAL ZA 398 69.78 56.07 -14.54
C VAL ZA 398 68.57 56.79 -13.97
N GLY ZA 399 67.40 56.57 -14.58
CA GLY ZA 399 66.18 57.17 -14.09
C GLY ZA 399 65.67 56.46 -12.86
N ALA ZA 400 64.44 56.79 -12.51
CA ALA ZA 400 63.79 56.16 -11.37
C ALA ZA 400 63.14 54.84 -11.78
N PRO ZA 401 62.82 53.98 -10.82
CA PRO ZA 401 62.07 52.78 -11.15
C PRO ZA 401 60.59 53.07 -11.33
N GLN ZA 402 59.94 52.22 -12.12
CA GLN ZA 402 58.54 52.40 -12.46
C GLN ZA 402 57.88 51.04 -12.65
N LYS ZA 403 56.56 51.06 -12.64
CA LYS ZA 403 55.75 49.86 -12.84
C LYS ZA 403 55.28 49.82 -14.28
N VAL ZA 404 55.48 48.68 -14.94
CA VAL ZA 404 55.14 48.52 -16.34
C VAL ZA 404 54.43 47.19 -16.52
N ALA ZA 405 53.52 47.17 -17.49
CA ALA ZA 405 52.84 45.93 -17.85
C ALA ZA 405 53.72 45.09 -18.74
N VAL ZA 406 53.71 43.77 -18.50
CA VAL ZA 406 54.53 42.83 -19.25
C VAL ZA 406 53.68 41.58 -19.49
N PRO ZA 407 53.70 40.98 -20.68
CA PRO ZA 407 52.99 39.71 -20.88
C PRO ZA 407 53.66 38.58 -20.13
N VAL ZA 408 52.90 37.54 -19.87
CA VAL ZA 408 53.42 36.34 -19.23
C VAL ZA 408 52.51 35.17 -19.61
N GLU ZA 409 53.13 34.02 -19.84
CA GLU ZA 409 52.40 32.81 -20.20
C GLU ZA 409 52.12 31.99 -18.95
N ASN ZA 410 50.86 31.89 -18.59
CA ASN ZA 410 50.45 30.99 -17.52
C ASN ZA 410 50.66 29.54 -17.96
N GLU ZA 411 50.41 28.62 -17.03
CA GLU ZA 411 50.53 27.20 -17.33
C GLU ZA 411 49.66 26.76 -18.50
N ASP ZA 412 48.52 27.42 -18.71
CA ASP ZA 412 47.68 27.17 -19.87
C ASP ZA 412 48.16 28.04 -21.03
N GLY ZA 413 47.48 27.88 -22.17
CA GLY ZA 413 47.91 28.58 -23.38
C GLY ZA 413 47.65 30.07 -23.38
N THR ZA 414 46.82 30.56 -22.47
CA THR ZA 414 46.48 31.98 -22.47
C THR ZA 414 47.61 32.81 -21.85
N THR ZA 415 47.74 34.03 -22.35
CA THR ZA 415 48.67 34.99 -21.78
C THR ZA 415 48.04 35.69 -20.60
N GLY ZA 416 48.89 36.28 -19.76
CA GLY ZA 416 48.45 37.00 -18.58
C GLY ZA 416 49.25 38.28 -18.41
N VAL ZA 417 48.86 39.04 -17.40
CA VAL ZA 417 49.48 40.32 -17.07
C VAL ZA 417 50.31 40.13 -15.82
N SER ZA 418 51.55 40.62 -15.87
CA SER ZA 418 52.45 40.64 -14.73
C SER ZA 418 53.10 42.01 -14.66
N TRP ZA 419 53.36 42.47 -13.44
CA TRP ZA 419 53.88 43.80 -13.20
C TRP ZA 419 55.38 43.71 -12.89
N ASP ZA 420 56.18 44.20 -13.83
CA ASP ZA 420 57.64 44.18 -13.72
C ASP ZA 420 58.13 45.59 -13.45
N GLU ZA 421 59.17 45.68 -12.62
CA GLU ZA 421 59.77 46.95 -12.24
C GLU ZA 421 60.84 47.30 -13.26
N GLN ZA 422 60.61 48.36 -14.02
CA GLN ZA 422 61.52 48.82 -15.06
C GLN ZA 422 62.25 50.08 -14.65
N ILE ZA 423 63.43 50.26 -15.23
CA ILE ZA 423 64.18 51.50 -15.15
C ILE ZA 423 64.61 51.88 -16.56
N ILE ZA 424 64.57 53.15 -16.85
CA ILE ZA 424 65.09 53.68 -18.11
C ILE ZA 424 66.53 54.12 -17.88
N VAL ZA 425 67.36 53.88 -18.89
CA VAL ZA 425 68.77 54.21 -18.86
C VAL ZA 425 69.10 54.98 -20.13
N THR ZA 426 69.86 56.06 -19.97
CA THR ZA 426 70.22 56.93 -21.08
C THR ZA 426 71.74 57.08 -21.09
N ALA ZA 427 72.34 56.79 -22.24
CA ALA ZA 427 73.78 56.88 -22.42
C ALA ZA 427 74.08 57.88 -23.52
N SER ZA 428 74.92 58.86 -23.21
CA SER ZA 428 75.40 59.82 -24.19
C SER ZA 428 76.84 59.47 -24.55
N PHE ZA 429 77.12 59.44 -25.85
CA PHE ZA 429 78.44 59.05 -26.35
C PHE ZA 429 79.04 60.15 -27.21
N ASP ZA 430 80.36 60.10 -27.35
CA ASP ZA 430 81.06 60.94 -28.30
C ASP ZA 430 81.21 60.16 -29.60
N HIS ZA 431 80.87 60.81 -30.71
CA HIS ZA 431 80.83 60.13 -32.00
C HIS ZA 431 82.20 60.03 -32.66
N LYS ZA 432 83.18 60.82 -32.22
CA LYS ZA 432 84.52 60.71 -32.80
C LYS ZA 432 85.12 59.34 -32.56
N VAL ZA 433 84.91 58.80 -31.36
CA VAL ZA 433 85.48 57.53 -30.96
C VAL ZA 433 84.54 56.37 -31.26
N VAL ZA 434 83.31 56.49 -30.82
CA VAL ZA 434 82.36 55.39 -30.79
C VAL ZA 434 81.34 55.55 -31.90
N ASP ZA 435 80.86 54.41 -32.39
CA ASP ZA 435 79.80 54.35 -33.38
C ASP ZA 435 78.54 53.78 -32.74
N GLY ZA 436 77.43 53.94 -33.47
CA GLY ZA 436 76.15 53.48 -32.96
C GLY ZA 436 76.14 52.00 -32.67
N ALA ZA 437 76.77 51.21 -33.54
CA ALA ZA 437 76.82 49.77 -33.33
C ALA ZA 437 77.58 49.43 -32.06
N VAL ZA 438 78.70 50.12 -31.82
CA VAL ZA 438 79.51 49.83 -30.64
C VAL ZA 438 78.75 50.20 -29.38
N GLY ZA 439 78.10 51.36 -29.39
CA GLY ZA 439 77.30 51.75 -28.25
C GLY ZA 439 76.15 50.78 -27.99
N ALA ZA 440 75.51 50.31 -29.06
CA ALA ZA 440 74.43 49.34 -28.91
C ALA ZA 440 74.95 48.05 -28.32
N GLU ZA 441 76.14 47.63 -28.72
CA GLU ZA 441 76.72 46.41 -28.18
C GLU ZA 441 77.00 46.57 -26.69
N TRP ZA 442 77.55 47.72 -26.31
CA TRP ZA 442 77.81 48.00 -24.91
C TRP ZA 442 76.51 47.94 -24.10
N ILE ZA 443 75.46 48.55 -24.63
CA ILE ZA 443 74.18 48.56 -23.92
C ILE ZA 443 73.60 47.16 -23.83
N ARG ZA 444 73.78 46.36 -24.88
CA ARG ZA 444 73.29 44.99 -24.84
C ARG ZA 444 73.99 44.20 -23.76
N GLU ZA 445 75.31 44.34 -23.65
CA GLU ZA 445 76.03 43.62 -22.61
C GLU ZA 445 75.59 44.06 -21.23
N LEU ZA 446 75.35 45.37 -21.06
CA LEU ZA 446 74.88 45.85 -19.77
C LEU ZA 446 73.52 45.27 -19.40
N LYS ZA 447 72.58 45.33 -20.35
CA LYS ZA 447 71.25 44.78 -20.13
C LYS ZA 447 71.33 43.31 -19.79
N LYS ZA 448 72.18 42.56 -20.49
CA LYS ZA 448 72.29 41.14 -20.25
C LYS ZA 448 72.81 40.86 -18.85
N VAL ZA 449 73.87 41.57 -18.45
CA VAL ZA 449 74.46 41.36 -17.14
C VAL ZA 449 73.47 41.70 -16.04
N ILE ZA 450 72.66 42.73 -16.25
CA ILE ZA 450 71.71 43.13 -15.21
C ILE ZA 450 70.57 42.13 -15.14
N GLU ZA 451 69.99 41.81 -16.29
CA GLU ZA 451 68.83 40.92 -16.31
C GLU ZA 451 69.19 39.53 -15.80
N ASN ZA 452 70.45 39.13 -15.97
CA ASN ZA 452 70.98 37.93 -15.34
C ASN ZA 452 72.03 38.35 -14.33
N PRO ZA 453 71.65 38.73 -13.10
CA PRO ZA 453 72.65 39.25 -12.16
C PRO ZA 453 73.75 38.27 -11.82
N LEU ZA 454 73.49 36.96 -11.99
CA LEU ZA 454 74.47 35.96 -11.63
C LEU ZA 454 75.74 36.07 -12.45
N GLU ZA 455 75.68 36.68 -13.63
CA GLU ZA 455 76.87 36.86 -14.44
C GLU ZA 455 77.78 37.96 -13.92
N LEU ZA 456 77.37 38.69 -12.88
CA LEU ZA 456 78.29 39.61 -12.22
C LEU ZA 456 79.52 38.91 -11.70
N LEU ZA 457 79.38 37.62 -11.35
CA LEU ZA 457 80.53 36.83 -10.92
C LEU ZA 457 81.55 36.71 -12.03
N LEU ZA 458 81.09 36.75 -13.29
CA LEU ZA 458 81.98 36.62 -14.44
C LEU ZA 458 82.53 37.97 -14.85
N TYR AB 227 7.83 -59.50 96.28
CA TYR AB 227 6.61 -60.28 96.47
C TYR AB 227 6.84 -61.73 96.05
N THR AB 228 6.70 -62.02 94.77
CA THR AB 228 6.88 -63.39 94.29
C THR AB 228 8.32 -63.83 94.50
N ASP AB 229 8.50 -65.06 94.96
CA ASP AB 229 9.81 -65.58 95.39
C ASP AB 229 10.04 -66.91 94.69
N VAL AB 230 10.73 -66.88 93.55
CA VAL AB 230 11.00 -68.06 92.75
C VAL AB 230 12.42 -68.52 93.06
N PRO AB 231 12.63 -69.75 93.53
CA PRO AB 231 14.00 -70.24 93.68
C PRO AB 231 14.72 -70.33 92.33
N ILE AB 232 16.04 -70.37 92.41
CA ILE AB 232 16.87 -70.31 91.21
C ILE AB 232 17.01 -71.72 90.64
N SER AB 233 17.08 -71.79 89.31
CA SER AB 233 17.14 -73.08 88.62
C SER AB 233 18.43 -73.85 88.89
N GLY AB 234 19.47 -73.18 89.38
CA GLY AB 234 20.78 -73.79 89.59
C GLY AB 234 21.69 -73.68 88.39
N MET AB 235 21.13 -73.80 87.19
CA MET AB 235 21.94 -73.62 85.98
C MET AB 235 22.46 -72.20 85.89
N ARG AB 236 21.63 -71.22 86.28
CA ARG AB 236 22.07 -69.83 86.24
C ARG AB 236 23.21 -69.57 87.22
N LYS AB 237 23.33 -70.38 88.28
CA LYS AB 237 24.41 -70.21 89.24
C LYS AB 237 25.76 -70.35 88.57
N THR AB 238 25.90 -71.37 87.72
CA THR AB 238 27.17 -71.63 87.05
C THR AB 238 27.52 -70.48 86.12
N ILE AB 239 26.54 -69.98 85.37
CA ILE AB 239 26.81 -68.89 84.44
C ILE AB 239 27.15 -67.61 85.19
N ALA AB 240 26.50 -67.40 86.33
CA ALA AB 240 26.81 -66.23 87.15
C ALA AB 240 28.25 -66.31 87.66
N ALA AB 241 28.65 -67.46 88.17
CA ALA AB 241 30.02 -67.63 88.65
C ALA AB 241 31.01 -67.46 87.51
N ARG AB 242 30.69 -67.97 86.33
CA ARG AB 242 31.58 -67.85 85.19
C ARG AB 242 31.78 -66.39 84.81
N LEU AB 243 30.68 -65.65 84.69
CA LEU AB 243 30.77 -64.24 84.32
C LEU AB 243 31.48 -63.43 85.39
N LYS AB 244 31.26 -63.78 86.66
CA LYS AB 244 31.96 -63.11 87.76
C LYS AB 244 33.46 -63.34 87.66
N GLU AB 245 33.86 -64.58 87.41
CA GLU AB 245 35.26 -64.88 87.20
C GLU AB 245 35.82 -64.08 86.04
N SER AB 246 35.04 -63.96 84.96
CA SER AB 246 35.50 -63.23 83.79
C SER AB 246 35.78 -61.78 84.13
N VAL AB 247 34.80 -61.09 84.74
CA VAL AB 247 34.95 -59.67 84.99
C VAL AB 247 35.98 -59.40 86.08
N THR AB 248 36.15 -60.30 87.05
CA THR AB 248 37.09 -60.04 88.13
C THR AB 248 38.52 -60.43 87.75
N GLU AB 249 38.69 -61.37 86.82
CA GLU AB 249 40.03 -61.77 86.41
C GLU AB 249 40.54 -60.92 85.26
N ASN AB 250 39.64 -60.54 84.34
CA ASN AB 250 40.00 -59.92 83.10
C ASN AB 250 39.44 -58.50 83.06
N PRO AB 251 40.28 -57.46 82.93
CA PRO AB 251 39.73 -56.13 82.71
C PRO AB 251 39.24 -55.98 81.28
N HIS AB 252 38.21 -55.16 81.12
CA HIS AB 252 37.52 -55.00 79.85
C HIS AB 252 37.71 -53.58 79.34
N PHE AB 253 38.03 -53.45 78.06
CA PHE AB 253 37.94 -52.18 77.37
C PHE AB 253 37.34 -52.44 75.99
N PHE AB 254 36.59 -51.44 75.52
CA PHE AB 254 35.70 -51.58 74.39
C PHE AB 254 36.17 -50.69 73.24
N VAL AB 255 35.90 -51.14 72.02
CA VAL AB 255 36.20 -50.39 70.81
C VAL AB 255 34.96 -50.41 69.93
N SER AB 256 34.55 -49.24 69.47
CA SER AB 256 33.28 -49.06 68.78
C SER AB 256 33.53 -48.37 67.45
N THR AB 257 33.08 -49.01 66.38
CA THR AB 257 33.29 -48.49 65.03
C THR AB 257 32.00 -48.59 64.23
N ASN AB 258 32.07 -48.02 63.03
CA ASN AB 258 30.94 -47.97 62.10
C ASN AB 258 31.40 -48.52 60.76
N LEU AB 259 30.64 -49.46 60.22
CA LEU AB 259 30.92 -50.08 58.94
C LEU AB 259 29.96 -49.58 57.88
N SER AB 260 30.22 -49.99 56.65
CA SER AB 260 29.37 -49.68 55.51
C SER AB 260 29.11 -50.96 54.75
N VAL AB 261 27.84 -51.32 54.58
CA VAL AB 261 27.42 -52.61 54.08
C VAL AB 261 26.57 -52.50 52.81
N SER AB 262 26.54 -51.33 52.18
CA SER AB 262 25.72 -51.16 50.99
C SER AB 262 26.14 -52.08 49.87
N LYS AB 263 27.44 -52.39 49.81
CA LYS AB 263 27.94 -53.33 48.81
C LYS AB 263 27.74 -54.77 49.27
N LEU AB 264 27.89 -55.01 50.57
CA LEU AB 264 27.71 -56.35 51.11
C LEU AB 264 26.29 -56.86 50.86
N LEU AB 265 25.30 -56.00 51.07
CA LEU AB 265 23.92 -56.44 50.89
C LEU AB 265 23.62 -56.74 49.43
N LYS AB 266 24.17 -55.93 48.52
CA LYS AB 266 24.04 -56.24 47.10
C LYS AB 266 24.65 -57.58 46.77
N LEU AB 267 25.84 -57.85 47.32
CA LEU AB 267 26.50 -59.13 47.06
C LEU AB 267 25.65 -60.29 47.57
N ARG AB 268 25.09 -60.14 48.77
CA ARG AB 268 24.26 -61.20 49.34
C ARG AB 268 23.02 -61.43 48.49
N GLN AB 269 22.38 -60.34 48.05
CA GLN AB 269 21.19 -60.46 47.22
C GLN AB 269 21.51 -61.15 45.91
N ALA AB 270 22.64 -60.82 45.29
CA ALA AB 270 22.99 -61.42 44.01
C ALA AB 270 23.32 -62.90 44.17
N LEU AB 271 24.07 -63.26 45.21
CA LEU AB 271 24.36 -64.66 45.43
C LEU AB 271 23.10 -65.45 45.75
N ASN AB 272 22.13 -64.84 46.44
CA ASN AB 272 20.88 -65.53 46.71
C ASN AB 272 20.07 -65.70 45.44
N SER AB 273 20.08 -64.70 44.56
CA SER AB 273 19.34 -64.81 43.31
C SER AB 273 19.96 -65.83 42.37
N SER AB 274 21.29 -65.94 42.37
CA SER AB 274 21.97 -66.90 41.50
C SER AB 274 22.11 -68.25 42.21
N ALA AB 275 20.96 -68.81 42.56
CA ALA AB 275 20.91 -70.07 43.28
C ALA AB 275 19.60 -70.77 42.97
N ASP AB 276 19.54 -72.05 43.31
CA ASP AB 276 18.39 -72.90 43.08
C ASP AB 276 17.79 -73.38 44.39
N GLY AB 277 17.76 -72.50 45.39
CA GLY AB 277 17.36 -72.89 46.72
C GLY AB 277 18.35 -73.81 47.41
N ARG AB 278 19.55 -73.98 46.85
CA ARG AB 278 20.54 -74.86 47.45
C ARG AB 278 21.12 -74.29 48.73
N TYR AB 279 21.03 -72.97 48.91
CA TYR AB 279 21.58 -72.31 50.08
C TYR AB 279 20.88 -70.99 50.30
N LYS AB 280 21.13 -70.38 51.45
CA LYS AB 280 20.58 -69.07 51.79
C LYS AB 280 21.53 -68.42 52.78
N LEU AB 281 21.93 -67.19 52.48
CA LEU AB 281 22.97 -66.51 53.23
C LEU AB 281 22.40 -65.42 54.13
N SER AB 282 23.23 -64.99 55.08
CA SER AB 282 22.92 -63.90 55.97
C SER AB 282 24.13 -62.99 56.13
N VAL AB 283 24.07 -62.06 57.09
CA VAL AB 283 25.17 -61.15 57.33
C VAL AB 283 26.19 -61.77 58.28
N ASN AB 284 25.72 -62.57 59.23
CA ASN AB 284 26.59 -63.15 60.24
C ASN AB 284 27.66 -64.03 59.62
N ASP AB 285 27.37 -64.68 58.50
CA ASP AB 285 28.34 -65.56 57.88
C ASP AB 285 29.50 -64.79 57.28
N PHE AB 286 29.17 -63.72 56.53
CA PHE AB 286 30.20 -62.82 56.05
C PHE AB 286 31.03 -62.28 57.21
N LEU AB 287 30.36 -61.91 58.29
CA LEU AB 287 31.08 -61.38 59.45
C LEU AB 287 32.04 -62.42 60.02
N ILE AB 288 31.62 -63.69 60.05
CA ILE AB 288 32.45 -64.73 60.63
C ILE AB 288 33.67 -64.97 59.75
N LYS AB 289 33.48 -65.00 58.44
CA LYS AB 289 34.61 -65.12 57.53
C LYS AB 289 35.59 -63.98 57.72
N ALA AB 290 35.07 -62.76 57.86
CA ALA AB 290 35.95 -61.61 58.04
C ALA AB 290 36.68 -61.69 59.38
N MET AB 291 36.01 -62.22 60.40
CA MET AB 291 36.65 -62.41 61.69
C MET AB 291 37.82 -63.36 61.55
N GLY AB 292 37.63 -64.45 60.81
CA GLY AB 292 38.73 -65.38 60.60
C GLY AB 292 39.90 -64.74 59.87
N ILE AB 293 39.59 -63.94 58.85
CA ILE AB 293 40.66 -63.29 58.09
C ILE AB 293 41.43 -62.33 58.98
N ALA AB 294 40.71 -61.53 59.77
CA ALA AB 294 41.38 -60.58 60.66
C ALA AB 294 42.22 -61.30 61.70
N SER AB 295 41.69 -62.39 62.24
CA SER AB 295 42.43 -63.15 63.24
C SER AB 295 43.70 -63.72 62.65
N LYS AB 296 43.66 -64.15 61.39
CA LYS AB 296 44.87 -64.69 60.77
C LYS AB 296 45.87 -63.58 60.45
N ARG AB 297 45.38 -62.40 60.05
CA ARG AB 297 46.31 -61.31 59.78
C ARG AB 297 46.93 -60.76 61.06
N VAL AB 298 46.23 -60.91 62.19
CA VAL AB 298 46.73 -60.45 63.48
C VAL AB 298 46.55 -61.57 64.49
N PRO AB 299 47.50 -62.52 64.59
CA PRO AB 299 47.25 -63.70 65.43
C PRO AB 299 47.26 -63.42 66.92
N THR AB 300 47.71 -62.25 67.36
CA THR AB 300 47.76 -61.98 68.79
C THR AB 300 46.37 -61.98 69.40
N VAL AB 301 45.35 -61.61 68.63
CA VAL AB 301 43.99 -61.64 69.14
C VAL AB 301 43.54 -63.07 69.41
N ASN AB 302 43.79 -63.97 68.46
CA ASN AB 302 43.45 -65.38 68.60
C ASN AB 302 44.44 -65.98 69.59
N SER AB 303 44.18 -65.74 70.87
CA SER AB 303 45.09 -66.10 71.94
C SER AB 303 44.27 -66.46 73.17
N SER AB 304 44.94 -66.57 74.32
CA SER AB 304 44.29 -66.85 75.58
C SER AB 304 45.24 -66.48 76.71
N TRP AB 305 44.88 -66.89 77.92
CA TRP AB 305 45.71 -66.67 79.11
C TRP AB 305 45.64 -67.92 79.96
N ARG AB 306 46.80 -68.54 80.19
CA ARG AB 306 46.88 -69.80 80.92
C ARG AB 306 47.90 -69.66 82.05
N ASP AB 307 48.25 -70.78 82.67
CA ASP AB 307 49.12 -70.74 83.84
C ASP AB 307 50.53 -70.31 83.47
N GLY AB 308 50.80 -69.02 83.58
CA GLY AB 308 52.11 -68.49 83.27
C GLY AB 308 52.55 -68.70 81.84
N VAL AB 309 51.60 -68.81 80.91
CA VAL AB 309 51.92 -69.09 79.52
C VAL AB 309 50.77 -68.58 78.65
N ILE AB 310 51.14 -68.07 77.48
CA ILE AB 310 50.18 -67.66 76.46
C ILE AB 310 50.03 -68.81 75.48
N ARG AB 311 48.80 -69.30 75.33
CA ARG AB 311 48.47 -70.31 74.34
C ARG AB 311 47.96 -69.61 73.09
N GLN AB 312 48.68 -69.77 71.99
CA GLN AB 312 48.33 -69.18 70.71
C GLN AB 312 47.94 -70.29 69.74
N PHE AB 313 46.78 -70.13 69.11
CA PHE AB 313 46.29 -71.08 68.14
C PHE AB 313 46.77 -70.68 66.74
N GLU AB 314 46.39 -71.49 65.76
CA GLU AB 314 46.63 -71.21 64.35
C GLU AB 314 45.33 -71.10 63.57
N THR AB 315 44.38 -71.99 63.85
CA THR AB 315 43.06 -71.93 63.26
C THR AB 315 42.15 -71.05 64.10
N VAL AB 316 40.98 -70.76 63.56
CA VAL AB 316 39.99 -69.88 64.17
C VAL AB 316 38.76 -70.71 64.47
N ASP AB 317 38.48 -70.89 65.76
CA ASP AB 317 37.25 -71.53 66.22
C ASP AB 317 36.31 -70.45 66.73
N VAL AB 318 35.11 -70.37 66.14
CA VAL AB 318 34.21 -69.26 66.33
C VAL AB 318 33.01 -69.71 67.15
N SER AB 319 32.77 -69.04 68.27
CA SER AB 319 31.65 -69.34 69.15
C SER AB 319 30.50 -68.40 68.83
N VAL AB 320 29.41 -68.95 68.32
CA VAL AB 320 28.23 -68.18 67.93
C VAL AB 320 27.17 -68.32 69.00
N ALA AB 321 26.59 -67.19 69.41
CA ALA AB 321 25.58 -67.20 70.46
C ALA AB 321 24.21 -67.52 69.89
N VAL AB 322 23.43 -68.26 70.66
CA VAL AB 322 22.04 -68.56 70.34
C VAL AB 322 21.21 -68.39 71.62
N ALA AB 323 20.06 -67.76 71.46
CA ALA AB 323 19.20 -67.37 72.57
C ALA AB 323 18.03 -68.34 72.64
N THR AB 324 18.15 -69.34 73.47
CA THR AB 324 17.08 -70.30 73.68
C THR AB 324 16.15 -69.82 74.79
N PRO AB 325 14.93 -70.35 74.87
CA PRO AB 325 14.09 -70.04 76.03
C PRO AB 325 14.70 -70.48 77.35
N ASN AB 326 15.60 -71.46 77.33
CA ASN AB 326 16.34 -71.87 78.51
C ASN AB 326 17.41 -70.85 78.90
N GLY AB 327 17.89 -70.05 77.96
CA GLY AB 327 18.91 -69.05 78.25
C GLY AB 327 19.78 -68.74 77.05
N LEU AB 328 21.09 -68.81 77.25
CA LEU AB 328 22.07 -68.52 76.21
C LEU AB 328 23.00 -69.70 76.04
N ILE AB 329 23.43 -69.94 74.80
CA ILE AB 329 24.33 -71.05 74.50
C ILE AB 329 25.25 -70.62 73.39
N THR AB 330 26.43 -71.25 73.31
CA THR AB 330 27.48 -70.88 72.36
C THR AB 330 28.02 -72.10 71.64
N PRO AB 331 27.32 -72.56 70.60
CA PRO AB 331 27.92 -73.55 69.71
C PRO AB 331 29.15 -72.99 69.01
N ILE AB 332 29.92 -73.90 68.41
CA ILE AB 332 31.22 -73.57 67.83
C ILE AB 332 31.24 -74.00 66.38
N VAL AB 333 31.88 -73.20 65.55
CA VAL AB 333 32.25 -73.57 64.19
C VAL AB 333 33.75 -73.73 64.15
N LYS AB 334 34.22 -74.77 63.46
CA LYS AB 334 35.62 -75.18 63.44
C LYS AB 334 36.23 -74.89 62.09
N GLY AB 335 37.48 -74.42 62.11
CA GLY AB 335 38.25 -74.19 60.90
C GLY AB 335 37.56 -73.26 59.94
N VAL AB 336 37.24 -72.05 60.40
CA VAL AB 336 36.50 -71.10 59.58
C VAL AB 336 37.31 -70.70 58.36
N GLU AB 337 38.54 -70.22 58.60
CA GLU AB 337 39.38 -69.75 57.52
C GLU AB 337 39.61 -70.86 56.51
N GLY AB 338 39.16 -70.61 55.28
CA GLY AB 338 39.22 -71.61 54.25
C GLY AB 338 38.19 -72.71 54.43
N LYS AB 339 36.92 -72.33 54.54
CA LYS AB 339 35.84 -73.30 54.70
C LYS AB 339 34.69 -73.09 53.72
N GLY AB 340 34.33 -71.85 53.42
CA GLY AB 340 33.24 -71.57 52.50
C GLY AB 340 31.95 -71.14 53.17
N LEU AB 341 31.31 -70.13 52.58
CA LEU AB 341 30.13 -69.53 53.20
C LEU AB 341 28.95 -70.49 53.23
N GLU AB 342 28.82 -71.32 52.20
CA GLU AB 342 27.70 -72.26 52.17
C GLU AB 342 27.81 -73.27 53.30
N SER AB 343 29.01 -73.85 53.46
CA SER AB 343 29.24 -74.77 54.56
C SER AB 343 29.05 -74.08 55.91
N ILE AB 344 29.47 -72.82 56.00
CA ILE AB 344 29.29 -72.06 57.24
C ILE AB 344 27.82 -71.93 57.57
N SER AB 345 27.02 -71.52 56.59
CA SER AB 345 25.58 -71.33 56.82
C SER AB 345 24.92 -72.64 57.19
N ALA AB 346 25.30 -73.73 56.51
CA ALA AB 346 24.70 -75.03 56.80
C ALA AB 346 25.01 -75.46 58.23
N ALA AB 347 26.28 -75.34 58.63
CA ALA AB 347 26.66 -75.73 59.98
C ALA AB 347 25.96 -74.87 61.01
N VAL AB 348 25.84 -73.56 60.75
CA VAL AB 348 25.20 -72.67 61.71
C VAL AB 348 23.72 -73.01 61.85
N LYS AB 349 23.04 -73.29 60.74
CA LYS AB 349 21.63 -73.66 60.82
C LYS AB 349 21.46 -74.96 61.59
N GLU AB 350 22.31 -75.96 61.31
CA GLU AB 350 22.21 -77.22 62.03
C GLU AB 350 22.43 -77.03 63.52
N LEU AB 351 23.46 -76.27 63.89
CA LEU AB 351 23.75 -76.08 65.30
C LEU AB 351 22.65 -75.28 65.99
N ALA AB 352 22.08 -74.29 65.29
CA ALA AB 352 21.02 -73.50 65.89
C ALA AB 352 19.78 -74.34 66.14
N LYS AB 353 19.40 -75.17 65.17
CA LYS AB 353 18.23 -76.02 65.37
C LYS AB 353 18.49 -77.07 66.44
N LYS AB 354 19.72 -77.60 66.49
CA LYS AB 354 20.05 -78.57 67.52
C LYS AB 354 20.06 -77.94 68.90
N ALA AB 355 20.37 -76.64 68.98
CA ALA AB 355 20.32 -75.95 70.27
C ALA AB 355 18.90 -75.65 70.68
N ARG AB 356 18.05 -75.27 69.71
CA ARG AB 356 16.63 -75.10 70.02
C ARG AB 356 16.00 -76.41 70.47
N ASP AB 357 16.47 -77.54 69.95
CA ASP AB 357 15.97 -78.84 70.36
C ASP AB 357 16.62 -79.36 71.63
N GLY AB 358 17.83 -78.89 71.96
CA GLY AB 358 18.56 -79.42 73.09
C GLY AB 358 19.14 -80.79 72.81
N LYS AB 359 20.07 -80.87 71.85
CA LYS AB 359 20.62 -82.13 71.39
C LYS AB 359 22.12 -82.02 71.18
N LEU AB 360 22.79 -81.17 71.95
CA LEU AB 360 24.21 -80.89 71.75
C LEU AB 360 25.09 -81.73 72.68
N LYS AB 361 26.34 -81.85 72.28
CA LYS AB 361 27.42 -82.41 73.08
C LYS AB 361 28.17 -81.30 73.79
N PRO AB 362 28.86 -81.59 74.89
CA PRO AB 362 29.60 -80.51 75.57
C PRO AB 362 30.76 -79.98 74.74
N GLU AB 363 31.44 -80.84 73.99
CA GLU AB 363 32.58 -80.41 73.20
C GLU AB 363 32.18 -79.38 72.15
N GLU AB 364 30.93 -79.43 71.67
CA GLU AB 364 30.49 -78.52 70.63
C GLU AB 364 30.31 -77.09 71.11
N TYR AB 365 30.21 -76.87 72.43
CA TYR AB 365 30.11 -75.54 72.99
C TYR AB 365 31.07 -75.33 74.16
N GLN AB 366 32.12 -76.14 74.26
CA GLN AB 366 33.20 -75.94 75.22
C GLN AB 366 34.50 -75.81 74.45
N GLY AB 367 35.01 -74.58 74.38
CA GLY AB 367 36.22 -74.28 73.64
C GLY AB 367 36.10 -72.98 72.89
N GLY AB 368 36.69 -72.94 71.69
CA GLY AB 368 36.62 -71.73 70.88
C GLY AB 368 37.62 -70.68 71.34
N SER AB 369 38.25 -70.02 70.38
CA SER AB 369 39.20 -68.95 70.68
C SER AB 369 38.54 -67.58 70.67
N ILE AB 370 37.51 -67.39 69.86
CA ILE AB 370 36.84 -66.10 69.72
C ILE AB 370 35.33 -66.35 69.69
N SER AB 371 34.57 -65.33 70.05
CA SER AB 371 33.14 -65.44 70.22
C SER AB 371 32.45 -64.26 69.54
N ILE AB 372 31.12 -64.35 69.47
CA ILE AB 372 30.31 -63.32 68.82
C ILE AB 372 28.88 -63.45 69.33
N SER AB 373 28.19 -62.32 69.38
CA SER AB 373 26.77 -62.27 69.64
C SER AB 373 26.13 -61.32 68.64
N ASN AB 374 24.93 -61.69 68.17
CA ASN AB 374 24.22 -60.96 67.14
C ASN AB 374 22.84 -60.59 67.63
N MET AB 375 22.40 -59.39 67.25
CA MET AB 375 21.06 -58.91 67.57
C MET AB 375 20.43 -58.20 66.37
N GLY AB 376 20.84 -58.55 65.15
CA GLY AB 376 20.40 -57.84 63.97
C GLY AB 376 18.91 -57.88 63.73
N MET AB 377 18.22 -58.91 64.23
CA MET AB 377 16.78 -59.00 64.02
C MET AB 377 16.04 -57.88 64.74
N ASN AB 378 16.60 -57.36 65.83
CA ASN AB 378 15.95 -56.32 66.60
C ASN AB 378 16.38 -54.95 66.08
N PRO AB 379 15.54 -54.20 65.37
CA PRO AB 379 16.02 -52.95 64.76
C PRO AB 379 16.24 -51.81 65.73
N ALA AB 380 15.88 -51.96 67.00
CA ALA AB 380 15.99 -50.85 67.94
C ALA AB 380 17.41 -50.68 68.46
N VAL AB 381 18.17 -51.77 68.57
CA VAL AB 381 19.48 -51.74 69.19
C VAL AB 381 20.46 -51.14 68.19
N GLN AB 382 20.99 -49.95 68.52
CA GLN AB 382 22.08 -49.39 67.72
C GLN AB 382 23.41 -50.04 68.08
N SER AB 383 23.72 -50.10 69.37
CA SER AB 383 24.95 -50.72 69.83
C SER AB 383 24.71 -51.39 71.17
N PHE AB 384 25.63 -52.29 71.51
CA PHE AB 384 25.57 -52.94 72.81
C PHE AB 384 26.89 -53.65 73.05
N THR AB 385 27.22 -53.81 74.31
CA THR AB 385 28.39 -54.52 74.75
C THR AB 385 28.02 -55.95 75.13
N ALA AB 386 29.03 -56.77 75.35
CA ALA AB 386 28.85 -58.11 75.86
C ALA AB 386 30.01 -58.42 76.80
N ILE AB 387 30.10 -59.69 77.20
CA ILE AB 387 31.06 -60.13 78.20
C ILE AB 387 31.88 -61.27 77.61
N ILE AB 388 33.15 -61.32 77.98
CA ILE AB 388 34.11 -62.24 77.38
C ILE AB 388 33.92 -63.61 78.00
N ASN AB 389 33.45 -64.56 77.20
CA ASN AB 389 33.34 -65.94 77.64
C ASN AB 389 34.72 -66.51 77.86
N PRO AB 390 35.14 -66.82 79.08
CA PRO AB 390 36.51 -67.27 79.30
C PRO AB 390 36.72 -68.65 78.69
N PRO AB 391 37.99 -69.06 78.49
CA PRO AB 391 39.23 -68.34 78.75
C PRO AB 391 39.68 -67.46 77.58
N GLN AB 392 38.75 -67.15 76.68
CA GLN AB 392 39.09 -66.38 75.49
C GLN AB 392 39.53 -64.97 75.85
N ALA AB 393 39.92 -64.19 74.85
CA ALA AB 393 40.49 -62.87 75.05
C ALA AB 393 39.69 -61.75 74.39
N ALA AB 394 38.75 -62.07 73.53
CA ALA AB 394 38.02 -61.04 72.81
C ALA AB 394 36.65 -61.55 72.42
N ILE AB 395 35.74 -60.61 72.17
CA ILE AB 395 34.39 -60.95 71.74
C ILE AB 395 33.83 -59.76 70.98
N LEU AB 396 32.91 -60.07 70.07
CA LEU AB 396 32.35 -59.11 69.13
C LEU AB 396 30.88 -58.88 69.45
N ALA AB 397 30.33 -57.83 68.85
CA ALA AB 397 28.92 -57.51 68.97
C ALA AB 397 28.51 -56.66 67.79
N VAL AB 398 27.41 -57.04 67.15
CA VAL AB 398 26.95 -56.43 65.91
C VAL AB 398 25.55 -55.89 66.15
N GLY AB 399 25.39 -54.57 66.07
CA GLY AB 399 24.09 -53.97 66.21
C GLY AB 399 23.23 -54.17 64.97
N ALA AB 400 22.23 -53.32 64.85
CA ALA AB 400 21.33 -53.35 63.72
C ALA AB 400 21.82 -52.44 62.62
N PRO AB 401 21.30 -52.58 61.41
CA PRO AB 401 21.58 -51.59 60.36
C PRO AB 401 20.73 -50.34 60.52
N GLN AB 402 21.26 -49.24 59.99
CA GLN AB 402 20.59 -47.95 60.08
C GLN AB 402 20.92 -47.13 58.85
N LYS AB 403 20.15 -46.06 58.68
CA LYS AB 403 20.33 -45.12 57.58
C LYS AB 403 21.10 -43.92 58.10
N VAL AB 404 22.15 -43.53 57.39
CA VAL AB 404 23.01 -42.42 57.79
C VAL AB 404 23.27 -41.54 56.58
N ALA AB 405 23.46 -40.26 56.83
CA ALA AB 405 23.83 -39.32 55.79
C ALA AB 405 25.33 -39.41 55.52
N VAL AB 406 25.68 -39.33 54.24
CA VAL AB 406 27.07 -39.42 53.81
C VAL AB 406 27.28 -38.42 52.68
N PRO AB 407 28.38 -37.67 52.65
CA PRO AB 407 28.63 -36.81 51.49
C PRO AB 407 29.00 -37.62 50.26
N VAL AB 408 28.72 -37.02 49.10
CA VAL AB 408 29.09 -37.61 47.82
C VAL AB 408 29.32 -36.48 46.83
N GLU AB 409 30.33 -36.65 45.98
CA GLU AB 409 30.64 -35.68 44.96
C GLU AB 409 29.98 -36.07 43.65
N ASN AB 410 29.03 -35.26 43.20
CA ASN AB 410 28.43 -35.44 41.89
C ASN AB 410 29.47 -35.14 40.81
N GLU AB 411 29.05 -35.31 39.55
CA GLU AB 411 29.92 -35.02 38.42
C GLU AB 411 30.47 -33.61 38.44
N ASP AB 412 29.71 -32.65 38.95
CA ASP AB 412 30.18 -31.28 39.10
C ASP AB 412 30.96 -31.16 40.41
N GLY AB 413 31.43 -29.93 40.69
CA GLY AB 413 32.23 -29.70 41.87
C GLY AB 413 31.45 -29.65 43.17
N THR AB 414 30.12 -29.63 43.10
CA THR AB 414 29.30 -29.54 44.30
C THR AB 414 29.16 -30.91 44.95
N THR AB 415 29.06 -30.91 46.28
CA THR AB 415 28.82 -32.12 47.04
C THR AB 415 27.32 -32.41 47.09
N GLY AB 416 27.00 -33.65 47.45
CA GLY AB 416 25.62 -34.09 47.54
C GLY AB 416 25.45 -35.04 48.72
N VAL AB 417 24.19 -35.39 48.95
CA VAL AB 417 23.80 -36.23 50.08
C VAL AB 417 23.45 -37.61 49.54
N SER AB 418 24.09 -38.63 50.10
CA SER AB 418 23.82 -40.02 49.79
C SER AB 418 23.51 -40.77 51.06
N TRP AB 419 22.56 -41.71 50.97
CA TRP AB 419 22.10 -42.48 52.12
C TRP AB 419 22.76 -43.85 52.09
N ASP AB 420 23.65 -44.08 53.05
CA ASP AB 420 24.39 -45.32 53.17
C ASP AB 420 23.85 -46.12 54.35
N GLU AB 421 23.90 -47.44 54.22
CA GLU AB 421 23.43 -48.35 55.25
C GLU AB 421 24.60 -48.72 56.15
N GLN AB 422 24.60 -48.22 57.38
CA GLN AB 422 25.68 -48.43 58.33
C GLN AB 422 25.26 -49.41 59.41
N ILE AB 423 26.27 -50.03 60.02
CA ILE AB 423 26.12 -50.85 61.21
C ILE AB 423 27.18 -50.41 62.20
N ILE AB 424 26.80 -50.39 63.47
CA ILE AB 424 27.75 -50.18 64.56
C ILE AB 424 28.21 -51.52 65.07
N VAL AB 425 29.51 -51.60 65.35
CA VAL AB 425 30.15 -52.81 65.82
C VAL AB 425 30.93 -52.46 67.08
N THR AB 426 30.84 -53.34 68.08
CA THR AB 426 31.49 -53.14 69.36
C THR AB 426 32.29 -54.39 69.70
N ALA AB 427 33.58 -54.22 69.92
CA ALA AB 427 34.49 -55.30 70.27
C ALA AB 427 35.03 -55.08 71.67
N SER AB 428 34.83 -56.07 72.52
CA SER AB 428 35.39 -56.06 73.87
C SER AB 428 36.67 -56.90 73.89
N PHE AB 429 37.72 -56.36 74.50
CA PHE AB 429 39.01 -57.04 74.56
C PHE AB 429 39.46 -57.17 76.01
N ASP AB 430 40.28 -58.18 76.26
CA ASP AB 430 41.00 -58.31 77.52
C ASP AB 430 42.35 -57.62 77.40
N HIS AB 431 42.70 -56.85 78.42
CA HIS AB 431 43.85 -55.97 78.35
C HIS AB 431 45.16 -56.66 78.72
N LYS AB 432 45.10 -57.83 79.36
CA LYS AB 432 46.35 -58.55 79.67
C LYS AB 432 47.09 -58.94 78.41
N VAL AB 433 46.36 -59.39 77.40
CA VAL AB 433 46.94 -59.90 76.17
C VAL AB 433 47.06 -58.81 75.13
N VAL AB 434 45.96 -58.12 74.86
CA VAL AB 434 45.85 -57.20 73.74
C VAL AB 434 45.97 -55.77 74.24
N ASP AB 435 46.47 -54.91 73.37
CA ASP AB 435 46.56 -53.48 73.61
C ASP AB 435 45.68 -52.73 72.63
N GLY AB 436 45.52 -51.43 72.91
CA GLY AB 436 44.64 -50.61 72.10
C GLY AB 436 45.06 -50.56 70.64
N ALA AB 437 46.37 -50.46 70.39
CA ALA AB 437 46.87 -50.43 69.03
C ALA AB 437 46.54 -51.72 68.29
N VAL AB 438 46.70 -52.86 68.99
CA VAL AB 438 46.45 -54.14 68.36
C VAL AB 438 44.97 -54.30 68.02
N GLY AB 439 44.10 -53.93 68.97
CA GLY AB 439 42.68 -53.98 68.70
C GLY AB 439 42.28 -53.07 67.55
N ALA AB 440 42.89 -51.89 67.49
CA ALA AB 440 42.59 -50.97 66.42
C ALA AB 440 43.02 -51.53 65.07
N GLU AB 441 44.17 -52.20 65.03
CA GLU AB 441 44.63 -52.81 63.80
C GLU AB 441 43.68 -53.90 63.34
N TRP AB 442 43.24 -54.73 64.28
CA TRP AB 442 42.28 -55.78 63.98
C TRP AB 442 40.99 -55.20 63.40
N ILE AB 443 40.49 -54.13 64.02
CA ILE AB 443 39.25 -53.53 63.56
C ILE AB 443 39.45 -52.89 62.19
N ARG AB 444 40.61 -52.29 61.95
CA ARG AB 444 40.88 -51.70 60.65
C ARG AB 444 40.84 -52.76 59.56
N GLU AB 445 41.47 -53.91 59.82
CA GLU AB 445 41.45 -54.97 58.81
C GLU AB 445 40.04 -55.47 58.58
N LEU AB 446 39.25 -55.60 59.65
CA LEU AB 446 37.87 -56.03 59.49
C LEU AB 446 37.09 -55.05 58.62
N LYS AB 447 37.20 -53.76 58.92
CA LYS AB 447 36.50 -52.74 58.16
C LYS AB 447 36.93 -52.78 56.70
N LYS AB 448 38.22 -52.99 56.46
CA LYS AB 448 38.72 -53.01 55.09
C LYS AB 448 38.13 -54.17 54.31
N VAL AB 449 38.17 -55.36 54.91
CA VAL AB 449 37.67 -56.55 54.23
C VAL AB 449 36.18 -56.42 53.97
N ILE AB 450 35.43 -55.83 54.90
CA ILE AB 450 34.00 -55.66 54.69
C ILE AB 450 33.73 -54.66 53.58
N GLU AB 451 34.31 -53.47 53.71
CA GLU AB 451 34.02 -52.40 52.76
C GLU AB 451 34.46 -52.77 51.36
N ASN AB 452 35.47 -53.63 51.25
CA ASN AB 452 35.85 -54.24 49.98
C ASN AB 452 35.54 -55.72 50.05
N PRO AB 453 34.29 -56.15 49.83
CA PRO AB 453 33.95 -57.56 50.06
C PRO AB 453 34.73 -58.52 49.19
N LEU AB 454 35.28 -58.07 48.07
CA LEU AB 454 35.99 -58.94 47.16
C LEU AB 454 37.23 -59.55 47.80
N GLU AB 455 37.80 -58.89 48.80
CA GLU AB 455 38.97 -59.44 49.48
C GLU AB 455 38.63 -60.61 50.38
N LEU AB 456 37.36 -60.99 50.51
CA LEU AB 456 37.01 -62.22 51.19
C LEU AB 456 37.65 -63.42 50.53
N LEU AB 457 37.88 -63.35 49.22
CA LEU AB 457 38.60 -64.41 48.53
C LEU AB 457 40.01 -64.56 49.06
N LEU AB 458 40.64 -63.45 49.45
CA LEU AB 458 42.02 -63.46 49.90
C LEU AB 458 42.11 -63.87 51.37
N TYR BB 227 -55.66 -60.90 77.75
CA TYR BB 227 -55.88 -62.22 77.18
C TYR BB 227 -54.88 -63.23 77.73
N THR BB 228 -53.69 -63.26 77.16
CA THR BB 228 -52.69 -64.22 77.61
C THR BB 228 -52.17 -63.84 78.99
N ASP BB 229 -52.20 -64.81 79.90
CA ASP BB 229 -51.87 -64.59 81.31
C ASP BB 229 -50.65 -65.43 81.67
N VAL BB 230 -49.50 -64.78 81.76
CA VAL BB 230 -48.23 -65.44 82.07
C VAL BB 230 -47.84 -65.08 83.50
N PRO BB 231 -47.66 -66.05 84.40
CA PRO BB 231 -47.18 -65.68 85.74
C PRO BB 231 -45.78 -65.09 85.69
N ILE BB 232 -45.44 -64.38 86.76
CA ILE BB 232 -44.17 -63.66 86.82
C ILE BB 232 -43.07 -64.63 87.23
N SER BB 233 -41.87 -64.41 86.69
CA SER BB 233 -40.74 -65.30 86.95
C SER BB 233 -40.28 -65.28 88.40
N GLY BB 234 -40.65 -64.27 89.16
CA GLY BB 234 -40.17 -64.10 90.52
C GLY BB 234 -38.91 -63.29 90.62
N MET BB 235 -37.99 -63.46 89.66
CA MET BB 235 -36.78 -62.65 89.64
C MET BB 235 -37.12 -61.18 89.38
N ARG BB 236 -38.08 -60.93 88.49
CA ARG BB 236 -38.47 -59.55 88.20
C ARG BB 236 -39.04 -58.85 89.42
N LYS BB 237 -39.61 -59.60 90.37
CA LYS BB 237 -40.17 -59.01 91.57
C LYS BB 237 -39.11 -58.24 92.35
N THR BB 238 -37.93 -58.83 92.48
CA THR BB 238 -36.86 -58.20 93.24
C THR BB 238 -36.39 -56.91 92.57
N ILE BB 239 -36.24 -56.94 91.24
CA ILE BB 239 -35.82 -55.75 90.52
C ILE BB 239 -36.88 -54.66 90.62
N ALA BB 240 -38.16 -55.06 90.58
CA ALA BB 240 -39.23 -54.08 90.71
C ALA BB 240 -39.19 -53.42 92.08
N ALA BB 241 -39.04 -54.23 93.14
CA ALA BB 241 -38.95 -53.67 94.48
C ALA BB 241 -37.74 -52.76 94.63
N ARG BB 242 -36.62 -53.15 94.02
CA ARG BB 242 -35.41 -52.34 94.10
C ARG BB 242 -35.60 -50.99 93.44
N LEU BB 243 -36.14 -50.99 92.22
CA LEU BB 243 -36.39 -49.73 91.51
C LEU BB 243 -37.40 -48.87 92.25
N LYS BB 244 -38.41 -49.50 92.84
CA LYS BB 244 -39.40 -48.76 93.62
C LYS BB 244 -38.75 -48.09 94.82
N GLU BB 245 -37.90 -48.83 95.53
CA GLU BB 245 -37.14 -48.25 96.63
C GLU BB 245 -36.31 -47.08 96.14
N SER BB 246 -35.72 -47.22 94.96
CA SER BB 246 -34.86 -46.15 94.44
C SER BB 246 -35.66 -44.88 94.22
N VAL BB 247 -36.77 -44.97 93.47
CA VAL BB 247 -37.51 -43.77 93.13
C VAL BB 247 -38.24 -43.19 94.34
N THR BB 248 -38.57 -44.01 95.34
CA THR BB 248 -39.30 -43.49 96.50
C THR BB 248 -38.36 -42.96 97.58
N GLU BB 249 -37.10 -43.43 97.61
CA GLU BB 249 -36.16 -42.98 98.63
C GLU BB 249 -35.33 -41.82 98.13
N ASN BB 250 -34.96 -41.82 96.85
CA ASN BB 250 -34.08 -40.83 96.26
C ASN BB 250 -34.83 -40.04 95.20
N PRO BB 251 -34.98 -38.73 95.32
CA PRO BB 251 -35.52 -37.95 94.21
C PRO BB 251 -34.49 -37.85 93.10
N HIS BB 252 -34.98 -37.68 91.88
CA HIS BB 252 -34.15 -37.69 90.69
C HIS BB 252 -34.25 -36.34 89.98
N PHE BB 253 -33.11 -35.83 89.54
CA PHE BB 253 -33.07 -34.74 88.59
C PHE BB 253 -32.00 -35.03 87.55
N PHE BB 254 -32.28 -34.58 86.33
CA PHE BB 254 -31.54 -34.97 85.14
C PHE BB 254 -30.80 -33.77 84.57
N VAL BB 255 -29.65 -34.06 83.98
CA VAL BB 255 -28.85 -33.07 83.26
C VAL BB 255 -28.55 -33.65 81.89
N SER BB 256 -28.55 -32.81 80.87
CA SER BB 256 -28.42 -33.23 79.49
C SER BB 256 -27.45 -32.32 78.77
N THR BB 257 -26.41 -32.91 78.18
CA THR BB 257 -25.37 -32.17 77.50
C THR BB 257 -25.05 -32.83 76.16
N ASN BB 258 -24.22 -32.14 75.39
CA ASN BB 258 -23.82 -32.57 74.06
C ASN BB 258 -22.31 -32.51 73.97
N LEU BB 259 -21.71 -33.64 73.61
CA LEU BB 259 -20.26 -33.75 73.47
C LEU BB 259 -19.88 -33.75 72.00
N SER BB 260 -18.61 -33.44 71.74
CA SER BB 260 -18.02 -33.50 70.42
C SER BB 260 -16.94 -34.57 70.42
N VAL BB 261 -17.08 -35.55 69.52
CA VAL BB 261 -16.28 -36.77 69.54
C VAL BB 261 -15.49 -36.96 68.25
N SER BB 262 -15.40 -35.93 67.41
CA SER BB 262 -14.71 -36.07 66.13
C SER BB 262 -13.24 -36.39 66.32
N LYS BB 263 -12.64 -35.90 67.40
CA LYS BB 263 -11.24 -36.20 67.68
C LYS BB 263 -11.11 -37.55 68.37
N LEU BB 264 -12.08 -37.87 69.23
CA LEU BB 264 -12.07 -39.16 69.90
C LEU BB 264 -12.09 -40.31 68.91
N LEU BB 265 -12.94 -40.20 67.88
CA LEU BB 265 -13.03 -41.27 66.90
C LEU BB 265 -11.73 -41.41 66.11
N LYS BB 266 -11.08 -40.29 65.80
CA LYS BB 266 -9.79 -40.36 65.13
C LYS BB 266 -8.76 -41.06 66.00
N LEU BB 267 -8.77 -40.74 67.30
CA LEU BB 267 -7.84 -41.39 68.22
C LEU BB 267 -8.08 -42.88 68.27
N ARG BB 268 -9.35 -43.29 68.33
CA ARG BB 268 -9.68 -44.70 68.38
C ARG BB 268 -9.24 -45.40 67.10
N GLN BB 269 -9.46 -44.75 65.95
CA GLN BB 269 -9.04 -45.31 64.68
C GLN BB 269 -7.53 -45.50 64.63
N ALA BB 270 -6.78 -44.49 65.07
CA ALA BB 270 -5.33 -44.57 65.02
C ALA BB 270 -4.79 -45.65 65.95
N LEU BB 271 -5.35 -45.74 67.16
CA LEU BB 271 -4.89 -46.78 68.07
C LEU BB 271 -5.27 -48.18 67.59
N ASN BB 272 -6.44 -48.33 66.97
CA ASN BB 272 -6.80 -49.63 66.40
C ASN BB 272 -5.88 -49.99 65.25
N SER BB 273 -5.47 -49.00 64.46
CA SER BB 273 -4.59 -49.28 63.34
C SER BB 273 -3.18 -49.63 63.80
N SER BB 274 -2.65 -48.92 64.81
CA SER BB 274 -1.31 -49.20 65.31
C SER BB 274 -1.34 -50.35 66.32
N ALA BB 275 -1.71 -51.52 65.80
CA ALA BB 275 -1.82 -52.70 66.63
C ALA BB 275 -1.71 -53.93 65.73
N ASP BB 276 -1.52 -55.08 66.36
CA ASP BB 276 -1.38 -56.36 65.68
C ASP BB 276 -2.45 -57.34 66.13
N GLY BB 277 -3.69 -56.88 66.21
CA GLY BB 277 -4.77 -57.70 66.72
C GLY BB 277 -4.66 -58.03 68.18
N ARG BB 278 -3.85 -57.28 68.94
CA ARG BB 278 -3.68 -57.55 70.36
C ARG BB 278 -4.83 -57.01 71.19
N TYR BB 279 -5.58 -56.04 70.65
CA TYR BB 279 -6.68 -55.43 71.39
C TYR BB 279 -7.65 -54.81 70.39
N LYS BB 280 -8.77 -54.33 70.91
CA LYS BB 280 -9.76 -53.62 70.11
C LYS BB 280 -10.55 -52.72 71.06
N LEU BB 281 -10.64 -51.45 70.72
CA LEU BB 281 -11.21 -50.45 71.60
C LEU BB 281 -12.62 -50.05 71.17
N SER BB 282 -13.31 -49.38 72.10
CA SER BB 282 -14.63 -48.84 71.83
C SER BB 282 -14.78 -47.49 72.52
N VAL BB 283 -15.95 -46.86 72.36
CA VAL BB 283 -16.17 -45.55 72.93
C VAL BB 283 -16.44 -45.65 74.43
N ASN BB 284 -17.06 -46.75 74.86
CA ASN BB 284 -17.41 -46.92 76.26
C ASN BB 284 -16.19 -46.91 77.16
N ASP BB 285 -15.05 -47.42 76.67
CA ASP BB 285 -13.86 -47.46 77.50
C ASP BB 285 -13.32 -46.05 77.76
N PHE BB 286 -13.23 -45.25 76.71
CA PHE BB 286 -12.88 -43.84 76.89
C PHE BB 286 -13.82 -43.15 77.85
N LEU BB 287 -15.12 -43.41 77.71
CA LEU BB 287 -16.09 -42.80 78.61
C LEU BB 287 -15.85 -43.22 80.04
N ILE BB 288 -15.48 -44.47 80.26
CA ILE BB 288 -15.28 -44.96 81.62
C ILE BB 288 -14.04 -44.33 82.23
N LYS BB 289 -12.98 -44.20 81.45
CA LYS BB 289 -11.77 -43.52 81.93
C LYS BB 289 -12.08 -42.08 82.29
N ALA BB 290 -12.86 -41.39 81.45
CA ALA BB 290 -13.19 -40.01 81.75
C ALA BB 290 -14.07 -39.90 82.98
N MET BB 291 -14.97 -40.88 83.18
CA MET BB 291 -15.77 -40.90 84.40
C MET BB 291 -14.89 -41.02 85.62
N GLY BB 292 -13.88 -41.89 85.55
CA GLY BB 292 -12.96 -42.01 86.67
C GLY BB 292 -12.23 -40.72 86.96
N ILE BB 293 -11.77 -40.05 85.90
CA ILE BB 293 -11.04 -38.79 86.08
C ILE BB 293 -11.94 -37.74 86.71
N ALA BB 294 -13.17 -37.63 86.22
CA ALA BB 294 -14.09 -36.63 86.75
C ALA BB 294 -14.45 -36.93 88.20
N SER BB 295 -14.66 -38.19 88.52
CA SER BB 295 -14.98 -38.56 89.89
C SER BB 295 -13.82 -38.26 90.82
N LYS BB 296 -12.59 -38.40 90.33
CA LYS BB 296 -11.43 -38.06 91.16
C LYS BB 296 -11.29 -36.57 91.34
N ARG BB 297 -11.64 -35.78 90.31
CA ARG BB 297 -11.54 -34.34 90.44
C ARG BB 297 -12.67 -33.76 91.28
N VAL BB 298 -13.81 -34.44 91.35
CA VAL BB 298 -14.96 -33.99 92.14
C VAL BB 298 -15.43 -35.17 92.96
N PRO BB 299 -14.84 -35.43 94.14
CA PRO BB 299 -15.13 -36.68 94.84
C PRO BB 299 -16.51 -36.74 95.46
N THR BB 300 -17.24 -35.63 95.50
CA THR BB 300 -18.56 -35.64 96.14
C THR BB 300 -19.53 -36.55 95.39
N VAL BB 301 -19.35 -36.69 94.08
CA VAL BB 301 -20.24 -37.54 93.30
C VAL BB 301 -20.03 -39.00 93.68
N ASN BB 302 -18.77 -39.42 93.80
CA ASN BB 302 -18.44 -40.78 94.17
C ASN BB 302 -18.72 -40.94 95.66
N SER BB 303 -20.00 -41.11 95.98
CA SER BB 303 -20.47 -41.15 97.35
C SER BB 303 -21.70 -42.03 97.41
N SER BB 304 -22.32 -42.10 98.59
CA SER BB 304 -23.54 -42.87 98.78
C SER BB 304 -24.33 -42.24 99.91
N TRP BB 305 -25.36 -42.95 100.38
CA TRP BB 305 -26.20 -42.51 101.48
C TRP BB 305 -26.44 -43.70 102.39
N ARG BB 306 -26.04 -43.57 103.65
CA ARG BB 306 -26.09 -44.67 104.60
C ARG BB 306 -26.79 -44.20 105.88
N ASP BB 307 -26.73 -45.01 106.94
CA ASP BB 307 -27.47 -44.72 108.16
C ASP BB 307 -26.90 -43.49 108.86
N GLY BB 308 -27.48 -42.33 108.59
CA GLY BB 308 -27.05 -41.10 109.23
C GLY BB 308 -25.61 -40.73 108.97
N VAL BB 309 -25.06 -41.16 107.84
CA VAL BB 309 -23.65 -40.95 107.53
C VAL BB 309 -23.48 -41.02 106.03
N ILE BB 310 -22.53 -40.24 105.52
CA ILE BB 310 -22.13 -40.27 104.12
C ILE BB 310 -20.84 -41.08 104.02
N ARG BB 311 -20.90 -42.15 103.24
CA ARG BB 311 -19.73 -42.97 102.93
C ARG BB 311 -19.11 -42.44 101.64
N GLN BB 312 -17.87 -41.98 101.74
CA GLN BB 312 -17.11 -41.48 100.60
C GLN BB 312 -15.95 -42.43 100.32
N PHE BB 313 -15.87 -42.90 99.08
CA PHE BB 313 -14.80 -43.75 98.64
C PHE BB 313 -13.61 -42.91 98.17
N GLU BB 314 -12.58 -43.59 97.69
CA GLU BB 314 -11.43 -42.98 97.04
C GLU BB 314 -11.25 -43.48 95.62
N THR BB 315 -11.34 -44.78 95.42
CA THR BB 315 -11.28 -45.38 94.10
C THR BB 315 -12.64 -45.28 93.43
N VAL BB 316 -12.66 -45.62 92.15
CA VAL BB 316 -13.85 -45.55 91.32
C VAL BB 316 -14.19 -46.96 90.88
N ASP BB 317 -15.34 -47.46 91.33
CA ASP BB 317 -15.86 -48.76 90.92
C ASP BB 317 -17.03 -48.52 89.97
N VAL BB 318 -16.90 -49.00 88.74
CA VAL BB 318 -17.82 -48.66 87.67
C VAL BB 318 -18.70 -49.86 87.36
N SER BB 319 -20.01 -49.66 87.41
CA SER BB 319 -20.98 -50.70 87.09
C SER BB 319 -21.45 -50.52 85.65
N VAL BB 320 -21.13 -51.48 84.80
CA VAL BB 320 -21.49 -51.43 83.39
C VAL BB 320 -22.66 -52.37 83.16
N ALA BB 321 -23.64 -51.89 82.39
CA ALA BB 321 -24.86 -52.66 82.14
C ALA BB 321 -24.70 -53.56 80.93
N VAL BB 322 -25.33 -54.72 80.99
CA VAL BB 322 -25.36 -55.68 79.90
C VAL BB 322 -26.78 -56.22 79.79
N ALA BB 323 -27.27 -56.29 78.55
CA ALA BB 323 -28.64 -56.70 78.24
C ALA BB 323 -28.62 -58.14 77.78
N THR BB 324 -28.95 -59.06 78.69
CA THR BB 324 -29.05 -60.46 78.37
C THR BB 324 -30.49 -60.82 78.02
N PRO BB 325 -30.73 -61.97 77.39
CA PRO BB 325 -32.11 -62.42 77.19
C PRO BB 325 -32.86 -62.63 78.49
N ASN BB 326 -32.16 -62.84 79.60
CA ASN BB 326 -32.79 -62.94 80.91
C ASN BB 326 -33.18 -61.59 81.47
N GLY BB 327 -32.61 -60.49 80.95
CA GLY BB 327 -32.94 -59.16 81.42
C GLY BB 327 -31.74 -58.24 81.41
N LEU BB 328 -31.45 -57.64 82.55
CA LEU BB 328 -30.35 -56.70 82.70
C LEU BB 328 -29.43 -57.17 83.81
N ILE BB 329 -28.14 -56.89 83.66
CA ILE BB 329 -27.17 -57.22 84.70
C ILE BB 329 -26.08 -56.16 84.70
N THR BB 330 -25.43 -55.97 85.85
CA THR BB 330 -24.48 -54.89 86.07
C THR BB 330 -23.18 -55.43 86.63
N PRO BB 331 -22.30 -56.00 85.80
CA PRO BB 331 -20.94 -56.30 86.24
C PRO BB 331 -20.19 -55.03 86.61
N ILE BB 332 -19.05 -55.23 87.27
CA ILE BB 332 -18.29 -54.14 87.88
C ILE BB 332 -16.86 -54.21 87.40
N VAL BB 333 -16.27 -53.03 87.20
CA VAL BB 333 -14.83 -52.87 86.98
C VAL BB 333 -14.25 -52.13 88.17
N LYS BB 334 -13.10 -52.58 88.63
CA LYS BB 334 -12.48 -52.14 89.88
C LYS BB 334 -11.25 -51.30 89.59
N GLY BB 335 -11.08 -50.23 90.36
CA GLY BB 335 -9.89 -49.40 90.29
C GLY BB 335 -9.63 -48.85 88.91
N VAL BB 336 -10.60 -48.13 88.36
CA VAL BB 336 -10.52 -47.67 86.98
C VAL BB 336 -9.38 -46.67 86.82
N GLU BB 337 -9.34 -45.68 87.70
CA GLU BB 337 -8.35 -44.62 87.59
C GLU BB 337 -6.95 -45.20 87.69
N GLY BB 338 -6.16 -44.99 86.63
CA GLY BB 338 -4.85 -45.58 86.57
C GLY BB 338 -4.90 -47.09 86.40
N LYS BB 339 -5.51 -47.56 85.32
CA LYS BB 339 -5.63 -48.99 85.04
C LYS BB 339 -5.26 -49.34 83.61
N GLY BB 340 -5.56 -48.47 82.66
CA GLY BB 340 -5.23 -48.71 81.26
C GLY BB 340 -6.40 -49.16 80.42
N LEU BB 341 -6.51 -48.56 79.23
CA LEU BB 341 -7.66 -48.83 78.37
C LEU BB 341 -7.68 -50.27 77.88
N GLU BB 342 -6.51 -50.84 77.63
CA GLU BB 342 -6.47 -52.21 77.13
C GLU BB 342 -6.98 -53.19 78.19
N SER BB 343 -6.50 -53.03 79.43
CA SER BB 343 -7.00 -53.84 80.53
C SER BB 343 -8.49 -53.64 80.72
N ILE BB 344 -8.96 -52.40 80.57
CA ILE BB 344 -10.38 -52.11 80.71
C ILE BB 344 -11.18 -52.88 79.66
N SER BB 345 -10.74 -52.81 78.41
CA SER BB 345 -11.46 -53.47 77.33
C SER BB 345 -11.48 -54.98 77.53
N ALA BB 346 -10.35 -55.54 77.95
CA ALA BB 346 -10.28 -56.97 78.19
C ALA BB 346 -11.25 -57.39 79.30
N ALA BB 347 -11.24 -56.66 80.41
CA ALA BB 347 -12.13 -56.98 81.52
C ALA BB 347 -13.59 -56.87 81.10
N VAL BB 348 -13.91 -55.83 80.33
CA VAL BB 348 -15.30 -55.62 79.90
C VAL BB 348 -15.75 -56.76 79.01
N LYS BB 349 -14.93 -57.14 78.03
CA LYS BB 349 -15.29 -58.25 77.15
C LYS BB 349 -15.47 -59.53 77.95
N GLU BB 350 -14.57 -59.79 78.89
CA GLU BB 350 -14.66 -61.01 79.70
C GLU BB 350 -15.97 -61.04 80.48
N LEU BB 351 -16.28 -59.95 81.18
CA LEU BB 351 -17.49 -59.92 81.99
C LEU BB 351 -18.74 -60.00 81.13
N ALA BB 352 -18.71 -59.40 79.94
CA ALA BB 352 -19.88 -59.44 79.08
C ALA BB 352 -20.15 -60.85 78.58
N LYS BB 353 -19.11 -61.55 78.13
CA LYS BB 353 -19.31 -62.92 77.67
C LYS BB 353 -19.69 -63.84 78.83
N LYS BB 354 -19.11 -63.61 80.01
CA LYS BB 354 -19.50 -64.40 81.17
C LYS BB 354 -20.95 -64.15 81.57
N ALA BB 355 -21.45 -62.94 81.32
CA ALA BB 355 -22.85 -62.66 81.61
C ALA BB 355 -23.77 -63.31 80.59
N ARG BB 356 -23.37 -63.29 79.32
CA ARG BB 356 -24.14 -63.98 78.31
C ARG BB 356 -24.19 -65.48 78.58
N ASP BB 357 -23.13 -66.04 79.18
CA ASP BB 357 -23.12 -67.45 79.53
C ASP BB 357 -23.73 -67.74 80.90
N GLY BB 358 -23.89 -66.73 81.75
CA GLY BB 358 -24.40 -66.94 83.08
C GLY BB 358 -23.40 -67.63 83.99
N LYS BB 359 -22.27 -66.97 84.25
CA LYS BB 359 -21.16 -67.58 84.98
C LYS BB 359 -20.55 -66.59 85.97
N LEU BB 360 -21.37 -65.74 86.58
CA LEU BB 360 -20.88 -64.69 87.46
C LEU BB 360 -21.04 -65.06 88.93
N LYS BB 361 -20.28 -64.35 89.76
CA LYS BB 361 -20.39 -64.39 91.21
C LYS BB 361 -21.17 -63.18 91.70
N PRO BB 362 -21.77 -63.25 92.90
CA PRO BB 362 -22.54 -62.08 93.37
C PRO BB 362 -21.68 -60.85 93.62
N GLU BB 363 -20.46 -61.04 94.13
CA GLU BB 363 -19.58 -59.91 94.41
C GLU BB 363 -19.26 -59.11 93.15
N GLU BB 364 -19.25 -59.77 91.99
CA GLU BB 364 -18.88 -59.09 90.76
C GLU BB 364 -19.92 -58.08 90.30
N TYR BB 365 -21.18 -58.21 90.73
CA TYR BB 365 -22.25 -57.29 90.35
C TYR BB 365 -23.04 -56.79 91.56
N GLN BB 366 -22.49 -56.92 92.77
CA GLN BB 366 -23.09 -56.34 93.97
C GLN BB 366 -22.08 -55.38 94.58
N GLY BB 367 -22.35 -54.08 94.42
CA GLY BB 367 -21.45 -53.05 94.88
C GLY BB 367 -21.39 -51.91 93.88
N GLY BB 368 -20.20 -51.34 93.71
CA GLY BB 368 -20.02 -50.27 92.76
C GLY BB 368 -20.50 -48.94 93.31
N SER BB 369 -19.76 -47.88 93.04
CA SER BB 369 -20.14 -46.54 93.47
C SER BB 369 -20.92 -45.79 92.40
N ILE BB 370 -20.58 -45.99 91.14
CA ILE BB 370 -21.19 -45.29 90.03
C ILE BB 370 -21.51 -46.30 88.94
N SER BB 371 -22.47 -45.96 88.08
CA SER BB 371 -22.99 -46.88 87.08
C SER BB 371 -23.05 -46.17 85.72
N ILE BB 372 -23.43 -46.96 84.70
CA ILE BB 372 -23.52 -46.46 83.34
C ILE BB 372 -24.33 -47.46 82.53
N SER BB 373 -25.05 -46.95 81.54
CA SER BB 373 -25.74 -47.75 80.56
C SER BB 373 -25.47 -47.18 79.18
N ASN BB 374 -25.37 -48.07 78.19
CA ASN BB 374 -24.99 -47.69 76.84
C ASN BB 374 -26.01 -48.24 75.86
N MET BB 375 -26.29 -47.46 74.81
CA MET BB 375 -27.20 -47.86 73.74
C MET BB 375 -26.68 -47.40 72.38
N GLY BB 376 -25.37 -47.23 72.24
CA GLY BB 376 -24.82 -46.66 71.03
C GLY BB 376 -25.03 -47.50 69.78
N MET BB 377 -25.25 -48.81 69.94
CA MET BB 377 -25.48 -49.65 68.78
C MET BB 377 -26.79 -49.30 68.08
N ASN BB 378 -27.77 -48.80 68.84
CA ASN BB 378 -29.08 -48.48 68.27
C ASN BB 378 -29.08 -47.02 67.84
N PRO BB 379 -28.97 -46.71 66.54
CA PRO BB 379 -28.77 -45.31 66.14
C PRO BB 379 -29.97 -44.40 66.33
N ALA BB 380 -31.14 -44.96 66.61
CA ALA BB 380 -32.33 -44.11 66.69
C ALA BB 380 -32.40 -43.34 68.00
N VAL BB 381 -31.82 -43.87 69.07
CA VAL BB 381 -31.95 -43.27 70.39
C VAL BB 381 -31.03 -42.05 70.44
N GLN BB 382 -31.62 -40.86 70.36
CA GLN BB 382 -30.86 -39.64 70.54
C GLN BB 382 -30.50 -39.44 72.01
N SER BB 383 -31.42 -39.78 72.91
CA SER BB 383 -31.18 -39.60 74.33
C SER BB 383 -32.12 -40.49 75.12
N PHE BB 384 -31.77 -40.73 76.37
CA PHE BB 384 -32.64 -41.46 77.26
C PHE BB 384 -32.14 -41.31 78.68
N THR BB 385 -33.04 -41.57 79.60
CA THR BB 385 -32.76 -41.53 81.03
C THR BB 385 -32.65 -42.95 81.54
N ALA BB 386 -32.15 -43.08 82.76
CA ALA BB 386 -32.12 -44.36 83.46
C ALA BB 386 -32.40 -44.11 84.93
N ILE BB 387 -32.28 -45.18 85.72
CA ILE BB 387 -32.67 -45.17 87.12
C ILE BB 387 -31.46 -45.56 87.96
N ILE BB 388 -31.34 -44.93 89.11
CA ILE BB 388 -30.15 -45.05 89.94
C ILE BB 388 -30.20 -46.38 90.67
N ASN BB 389 -29.29 -47.28 90.31
CA ASN BB 389 -29.16 -48.54 91.01
C ASN BB 389 -28.64 -48.28 92.42
N PRO BB 390 -29.44 -48.51 93.47
CA PRO BB 390 -28.98 -48.13 94.80
C PRO BB 390 -27.85 -49.05 95.26
N PRO BB 391 -27.12 -48.66 96.32
CA PRO BB 391 -27.25 -47.43 97.12
C PRO BB 391 -26.46 -46.26 96.52
N GLN BB 392 -26.12 -46.36 95.24
CA GLN BB 392 -25.29 -45.36 94.58
C GLN BB 392 -25.99 -44.00 94.52
N ALA BB 393 -25.28 -43.00 93.99
CA ALA BB 393 -25.74 -41.62 93.99
C ALA BB 393 -26.00 -41.06 92.60
N ALA BB 394 -25.40 -41.63 91.56
CA ALA BB 394 -25.48 -41.07 90.23
C ALA BB 394 -25.47 -42.19 89.21
N ILE BB 395 -25.90 -41.86 88.00
CA ILE BB 395 -25.83 -42.79 86.88
C ILE BB 395 -25.79 -42.01 85.59
N LEU BB 396 -25.14 -42.59 84.59
CA LEU BB 396 -24.90 -41.97 83.30
C LEU BB 396 -25.67 -42.69 82.21
N ALA BB 397 -25.79 -42.04 81.07
CA ALA BB 397 -26.43 -42.63 79.90
C ALA BB 397 -25.90 -41.92 78.67
N VAL BB 398 -25.58 -42.69 77.65
CA VAL BB 398 -24.94 -42.19 76.44
C VAL BB 398 -25.81 -42.61 75.26
N GLY BB 399 -26.33 -41.62 74.52
CA GLY BB 399 -27.12 -41.90 73.35
C GLY BB 399 -26.24 -42.31 72.18
N ALA BB 400 -26.83 -42.22 71.00
CA ALA BB 400 -26.12 -42.54 69.78
C ALA BB 400 -25.42 -41.31 69.22
N PRO BB 401 -24.47 -41.50 68.31
CA PRO BB 401 -23.89 -40.35 67.61
C PRO BB 401 -24.81 -39.87 66.49
N GLN BB 402 -24.65 -38.59 66.16
CA GLN BB 402 -25.45 -37.95 65.13
C GLN BB 402 -24.63 -36.88 64.44
N LYS BB 403 -25.13 -36.41 63.30
CA LYS BB 403 -24.51 -35.36 62.53
C LYS BB 403 -25.19 -34.05 62.87
N VAL BB 404 -24.41 -33.01 63.13
CA VAL BB 404 -24.93 -31.71 63.52
C VAL BB 404 -24.14 -30.63 62.79
N ALA BB 405 -24.82 -29.53 62.51
CA ALA BB 405 -24.17 -28.37 61.92
C ALA BB 405 -23.43 -27.59 63.00
N VAL BB 406 -22.25 -27.10 62.65
CA VAL BB 406 -21.44 -26.30 63.56
C VAL BB 406 -20.77 -25.19 62.74
N PRO BB 407 -20.73 -23.95 63.22
CA PRO BB 407 -20.02 -22.91 62.46
C PRO BB 407 -18.52 -23.15 62.46
N VAL BB 408 -17.85 -22.52 61.50
CA VAL BB 408 -16.40 -22.56 61.41
C VAL BB 408 -15.94 -21.33 60.64
N GLU BB 409 -14.80 -20.80 61.05
CA GLU BB 409 -14.20 -19.65 60.38
C GLU BB 409 -13.17 -20.13 59.37
N ASN BB 410 -13.44 -19.88 58.10
CA ASN BB 410 -12.45 -20.13 57.06
C ASN BB 410 -11.29 -19.14 57.23
N GLU BB 411 -10.29 -19.29 56.37
CA GLU BB 411 -9.12 -18.41 56.42
C GLU BB 411 -9.48 -16.94 56.21
N ASP BB 412 -10.60 -16.65 55.55
CA ASP BB 412 -11.11 -15.29 55.43
C ASP BB 412 -12.02 -14.99 56.62
N GLY BB 413 -12.73 -13.87 56.54
CA GLY BB 413 -13.58 -13.44 57.63
C GLY BB 413 -14.95 -14.09 57.64
N THR BB 414 -15.37 -14.71 56.54
CA THR BB 414 -16.68 -15.34 56.48
C THR BB 414 -16.69 -16.65 57.25
N THR BB 415 -17.85 -16.97 57.80
CA THR BB 415 -18.05 -18.24 58.47
C THR BB 415 -18.43 -19.31 57.45
N GLY BB 416 -18.37 -20.56 57.89
CA GLY BB 416 -18.72 -21.69 57.06
C GLY BB 416 -19.40 -22.77 57.88
N VAL BB 417 -19.80 -23.83 57.19
CA VAL BB 417 -20.53 -24.94 57.78
C VAL BB 417 -19.59 -26.13 57.87
N SER BB 418 -19.48 -26.69 59.07
CA SER BB 418 -18.71 -27.90 59.33
C SER BB 418 -19.60 -28.92 60.00
N TRP BB 419 -19.45 -30.17 59.60
CA TRP BB 419 -20.27 -31.27 60.10
C TRP BB 419 -19.49 -32.04 61.16
N ASP BB 420 -19.87 -31.85 62.41
CA ASP BB 420 -19.26 -32.53 63.54
C ASP BB 420 -20.18 -33.64 64.03
N GLU BB 421 -19.56 -34.67 64.61
CA GLU BB 421 -20.29 -35.82 65.14
C GLU BB 421 -20.52 -35.58 66.63
N GLN BB 422 -21.79 -35.42 67.00
CA GLN BB 422 -22.19 -35.13 68.37
C GLN BB 422 -22.87 -36.33 69.00
N ILE BB 423 -22.74 -36.40 70.33
CA ILE BB 423 -23.44 -37.37 71.15
C ILE BB 423 -24.12 -36.62 72.29
N ILE BB 424 -25.33 -37.03 72.60
CA ILE BB 424 -26.04 -36.54 73.78
C ILE BB 424 -25.72 -37.46 74.94
N VAL BB 425 -25.53 -36.84 76.11
CA VAL BB 425 -25.25 -37.54 77.34
C VAL BB 425 -26.24 -37.05 78.38
N THR BB 426 -26.81 -37.98 79.14
CA THR BB 426 -27.79 -37.68 80.18
C THR BB 426 -27.29 -38.28 81.48
N ALA BB 427 -27.27 -37.45 82.51
CA ALA BB 427 -26.84 -37.85 83.85
C ALA BB 427 -27.98 -37.65 84.82
N SER BB 428 -28.33 -38.71 85.53
CA SER BB 428 -29.33 -38.65 86.59
C SER BB 428 -28.62 -38.65 87.93
N PHE BB 429 -28.97 -37.70 88.79
CA PHE BB 429 -28.35 -37.55 90.10
C PHE BB 429 -29.38 -37.67 91.20
N ASP BB 430 -28.93 -38.13 92.37
CA ASP BB 430 -29.72 -38.01 93.58
C ASP BB 430 -29.50 -36.65 94.19
N HIS BB 431 -30.58 -36.03 94.65
CA HIS BB 431 -30.53 -34.66 95.13
C HIS BB 431 -30.17 -34.56 96.60
N LYS BB 432 -30.23 -35.65 97.37
CA LYS BB 432 -29.84 -35.60 98.77
C LYS BB 432 -28.36 -35.29 98.90
N VAL BB 433 -27.54 -35.96 98.10
CA VAL BB 433 -26.09 -35.84 98.17
C VAL BB 433 -25.60 -34.70 97.29
N VAL BB 434 -25.98 -34.73 96.02
CA VAL BB 434 -25.43 -33.85 95.00
C VAL BB 434 -26.40 -32.71 94.75
N ASP BB 435 -25.84 -31.57 94.40
CA ASP BB 435 -26.59 -30.39 93.98
C ASP BB 435 -26.30 -30.07 92.52
N GLY BB 436 -27.08 -29.12 92.00
CA GLY BB 436 -26.99 -28.79 90.59
C GLY BB 436 -25.62 -28.28 90.20
N ALA BB 437 -25.03 -27.43 91.05
CA ALA BB 437 -23.70 -26.90 90.76
C ALA BB 437 -22.67 -28.01 90.69
N VAL BB 438 -22.76 -28.98 91.60
CA VAL BB 438 -21.79 -30.06 91.64
C VAL BB 438 -21.94 -30.93 90.39
N GLY BB 439 -23.17 -31.25 90.03
CA GLY BB 439 -23.40 -32.01 88.82
C GLY BB 439 -22.90 -31.28 87.59
N ALA BB 440 -23.10 -29.96 87.54
CA ALA BB 440 -22.65 -29.18 86.40
C ALA BB 440 -21.13 -29.19 86.32
N GLU BB 441 -20.45 -29.10 87.47
CA GLU BB 441 -19.00 -29.12 87.48
C GLU BB 441 -18.48 -30.47 86.98
N TRP BB 442 -19.11 -31.55 87.44
CA TRP BB 442 -18.73 -32.88 86.99
C TRP BB 442 -18.88 -33.00 85.48
N ILE BB 443 -20.02 -32.54 84.95
CA ILE BB 443 -20.27 -32.63 83.52
C ILE BB 443 -19.28 -31.76 82.75
N ARG BB 444 -18.92 -30.60 83.30
CA ARG BB 444 -17.96 -29.74 82.63
C ARG BB 444 -16.61 -30.42 82.51
N GLU BB 445 -16.15 -31.03 83.61
CA GLU BB 445 -14.88 -31.73 83.55
C GLU BB 445 -14.93 -32.89 82.56
N LEU BB 446 -16.04 -33.61 82.51
CA LEU BB 446 -16.17 -34.71 81.56
C LEU BB 446 -16.10 -34.19 80.13
N LYS BB 447 -16.83 -33.12 79.83
CA LYS BB 447 -16.82 -32.55 78.49
C LYS BB 447 -15.43 -32.08 78.12
N LYS BB 448 -14.73 -31.44 79.05
CA LYS BB 448 -13.39 -30.95 78.78
C LYS BB 448 -12.46 -32.11 78.45
N VAL BB 449 -12.50 -33.17 79.26
CA VAL BB 449 -11.62 -34.31 79.06
C VAL BB 449 -11.91 -34.97 77.72
N ILE BB 450 -13.18 -35.08 77.35
CA ILE BB 450 -13.52 -35.73 76.08
C ILE BB 450 -13.06 -34.87 74.92
N GLU BB 451 -13.36 -33.57 74.98
CA GLU BB 451 -13.06 -32.70 73.86
C GLU BB 451 -11.56 -32.54 73.67
N ASN BB 452 -10.78 -32.67 74.75
CA ASN BB 452 -9.33 -32.71 74.67
C ASN BB 452 -8.88 -34.09 75.10
N PRO BB 453 -8.91 -35.10 74.21
CA PRO BB 453 -8.61 -36.47 74.66
C PRO BB 453 -7.21 -36.65 75.21
N LEU BB 454 -6.28 -35.76 74.86
CA LEU BB 454 -4.92 -35.86 75.36
C LEU BB 454 -4.83 -35.70 76.87
N GLU BB 455 -5.87 -35.12 77.49
CA GLU BB 455 -5.88 -34.99 78.94
C GLU BB 455 -6.22 -36.29 79.65
N LEU BB 456 -6.59 -37.34 78.92
CA LEU BB 456 -6.80 -38.65 79.54
C LEU BB 456 -5.53 -39.15 80.21
N LEU BB 457 -4.36 -38.75 79.71
CA LEU BB 457 -3.11 -39.11 80.35
C LEU BB 457 -3.02 -38.56 81.76
N LEU BB 458 -3.65 -37.41 82.00
CA LEU BB 458 -3.58 -36.75 83.28
C LEU BB 458 -4.65 -37.26 84.24
N TYR CB 227 -59.67 -94.15 20.64
CA TYR CB 227 -58.77 -95.31 20.71
C TYR CB 227 -58.54 -95.72 22.15
N THR CB 228 -57.63 -95.03 22.85
CA THR CB 228 -57.41 -95.33 24.25
C THR CB 228 -58.65 -94.93 25.04
N ASP CB 229 -58.95 -95.73 26.07
CA ASP CB 229 -60.18 -95.57 26.86
C ASP CB 229 -59.81 -95.68 28.33
N VAL CB 230 -59.66 -94.53 28.99
CA VAL CB 230 -59.24 -94.49 30.38
C VAL CB 230 -60.48 -94.21 31.23
N PRO CB 231 -60.77 -95.02 32.25
CA PRO CB 231 -61.89 -94.69 33.14
C PRO CB 231 -61.63 -93.40 33.90
N ILE CB 232 -62.72 -92.79 34.34
CA ILE CB 232 -62.67 -91.51 35.02
C ILE CB 232 -62.25 -91.73 36.47
N SER CB 233 -61.51 -90.77 37.01
CA SER CB 233 -60.98 -90.90 38.37
C SER CB 233 -62.06 -90.93 39.44
N GLY CB 234 -63.25 -90.41 39.15
CA GLY CB 234 -64.32 -90.27 40.12
C GLY CB 234 -64.32 -88.92 40.80
N MET CB 235 -63.13 -88.36 41.05
CA MET CB 235 -63.04 -87.03 41.63
C MET CB 235 -63.56 -85.98 40.65
N ARG CB 236 -63.25 -86.16 39.37
CA ARG CB 236 -63.69 -85.19 38.37
C ARG CB 236 -65.21 -85.17 38.23
N LYS CB 237 -65.88 -86.28 38.59
CA LYS CB 237 -67.33 -86.34 38.50
C LYS CB 237 -67.97 -85.27 39.38
N THR CB 238 -67.46 -85.13 40.60
CA THR CB 238 -68.02 -84.15 41.52
C THR CB 238 -67.82 -82.73 41.00
N ILE CB 239 -66.63 -82.43 40.48
CA ILE CB 239 -66.37 -81.10 39.96
C ILE CB 239 -67.23 -80.82 38.74
N ALA CB 240 -67.45 -81.83 37.90
CA ALA CB 240 -68.31 -81.66 36.74
C ALA CB 240 -69.74 -81.36 37.16
N ALA CB 241 -70.25 -82.12 38.12
CA ALA CB 241 -71.59 -81.87 38.62
C ALA CB 241 -71.70 -80.48 39.23
N ARG CB 242 -70.66 -80.05 39.95
CA ARG CB 242 -70.67 -78.74 40.57
C ARG CB 242 -70.71 -77.63 39.53
N LEU CB 243 -69.87 -77.73 38.51
CA LEU CB 243 -69.85 -76.72 37.45
C LEU CB 243 -71.16 -76.72 36.67
N LYS CB 244 -71.74 -77.89 36.46
CA LYS CB 244 -73.02 -77.97 35.78
C LYS CB 244 -74.11 -77.28 36.58
N GLU CB 245 -74.13 -77.53 37.90
CA GLU CB 245 -75.07 -76.84 38.77
C GLU CB 245 -74.86 -75.33 38.69
N SER CB 246 -73.60 -74.90 38.62
CA SER CB 246 -73.31 -73.47 38.56
C SER CB 246 -73.91 -72.85 37.29
N VAL CB 247 -73.60 -73.44 36.13
CA VAL CB 247 -74.03 -72.83 34.88
C VAL CB 247 -75.53 -72.98 34.67
N THR CB 248 -76.17 -73.98 35.27
CA THR CB 248 -77.60 -74.15 35.06
C THR CB 248 -78.44 -73.38 36.08
N GLU CB 249 -77.88 -73.09 37.26
CA GLU CB 249 -78.61 -72.34 38.27
C GLU CB 249 -78.38 -70.84 38.14
N ASN CB 250 -77.16 -70.45 37.80
CA ASN CB 250 -76.75 -69.07 37.77
C ASN CB 250 -76.42 -68.67 36.33
N PRO CB 251 -77.11 -67.70 35.72
CA PRO CB 251 -76.61 -67.17 34.46
C PRO CB 251 -75.33 -66.39 34.70
N HIS CB 252 -74.62 -66.11 33.62
CA HIS CB 252 -73.31 -65.49 33.68
C HIS CB 252 -73.24 -64.33 32.69
N PHE CB 253 -72.73 -63.20 33.15
CA PHE CB 253 -72.33 -62.12 32.26
C PHE CB 253 -70.98 -61.59 32.71
N PHE CB 254 -70.20 -61.16 31.73
CA PHE CB 254 -68.78 -60.87 31.89
C PHE CB 254 -68.52 -59.39 31.66
N VAL CB 255 -67.50 -58.88 32.35
CA VAL CB 255 -67.07 -57.49 32.22
C VAL CB 255 -65.56 -57.49 32.09
N SER CB 256 -65.06 -56.78 31.08
CA SER CB 256 -63.67 -56.82 30.68
C SER CB 256 -63.11 -55.42 30.65
N THR CB 257 -62.06 -55.18 31.46
CA THR CB 257 -61.45 -53.86 31.56
C THR CB 257 -59.94 -54.00 31.46
N ASN CB 258 -59.29 -52.84 31.41
CA ASN CB 258 -57.84 -52.74 31.26
C ASN CB 258 -57.30 -51.82 32.34
N LEU CB 259 -56.38 -52.32 33.13
CA LEU CB 259 -55.76 -51.57 34.22
C LEU CB 259 -54.38 -51.11 33.81
N SER CB 260 -53.79 -50.25 34.65
CA SER CB 260 -52.43 -49.75 34.49
C SER CB 260 -51.67 -50.05 35.78
N VAL CB 261 -50.51 -50.68 35.64
CA VAL CB 261 -49.73 -51.18 36.76
C VAL CB 261 -48.31 -50.65 36.75
N SER CB 262 -48.03 -49.61 35.96
CA SER CB 262 -46.67 -49.09 35.88
C SER CB 262 -46.21 -48.54 37.21
N LYS CB 263 -47.13 -47.99 38.01
CA LYS CB 263 -46.79 -47.52 39.34
C LYS CB 263 -46.77 -48.66 40.35
N LEU CB 264 -47.68 -49.62 40.18
CA LEU CB 264 -47.76 -50.75 41.08
C LEU CB 264 -46.46 -51.55 41.07
N LEU CB 265 -45.88 -51.74 39.88
CA LEU CB 265 -44.65 -52.51 39.80
C LEU CB 265 -43.49 -51.77 40.45
N LYS CB 266 -43.44 -50.45 40.30
CA LYS CB 266 -42.42 -49.67 40.98
C LYS CB 266 -42.57 -49.81 42.49
N LEU CB 267 -43.81 -49.76 42.98
CA LEU CB 267 -44.05 -49.91 44.41
C LEU CB 267 -43.59 -51.28 44.89
N ARG CB 268 -43.91 -52.32 44.12
CA ARG CB 268 -43.51 -53.68 44.49
C ARG CB 268 -41.99 -53.80 44.53
N GLN CB 269 -41.32 -53.24 43.53
CA GLN CB 269 -39.86 -53.32 43.49
C GLN CB 269 -39.25 -52.58 44.67
N ALA CB 270 -39.80 -51.41 45.01
CA ALA CB 270 -39.26 -50.65 46.12
C ALA CB 270 -39.45 -51.39 47.44
N LEU CB 271 -40.62 -51.97 47.66
CA LEU CB 271 -40.85 -52.70 48.89
C LEU CB 271 -40.00 -53.96 48.96
N ASN CB 272 -39.72 -54.59 47.81
CA ASN CB 272 -38.85 -55.75 47.81
C ASN CB 272 -37.40 -55.36 48.08
N SER CB 273 -36.99 -54.19 47.60
CA SER CB 273 -35.62 -53.73 47.83
C SER CB 273 -35.42 -53.28 49.27
N SER CB 274 -36.42 -52.66 49.88
CA SER CB 274 -36.32 -52.19 51.26
C SER CB 274 -36.71 -53.30 52.23
N ALA CB 275 -35.98 -54.42 52.12
CA ALA CB 275 -36.25 -55.59 52.94
C ALA CB 275 -34.97 -56.40 53.03
N ASP CB 276 -34.92 -57.26 54.04
CA ASP CB 276 -33.78 -58.11 54.32
C ASP CB 276 -34.15 -59.59 54.17
N GLY CB 277 -34.89 -59.90 53.11
CA GLY CB 277 -35.34 -61.26 52.90
C GLY CB 277 -36.43 -61.71 53.84
N ARG CB 278 -37.07 -60.77 54.54
CA ARG CB 278 -38.14 -61.15 55.46
C ARG CB 278 -39.45 -61.44 54.73
N TYR CB 279 -39.59 -60.99 53.49
CA TYR CB 279 -40.79 -61.23 52.71
C TYR CB 279 -40.47 -61.07 51.23
N LYS CB 280 -41.44 -61.45 50.39
CA LYS CB 280 -41.33 -61.27 48.95
C LYS CB 280 -42.74 -61.13 48.39
N LEU CB 281 -42.97 -60.06 47.65
CA LEU CB 281 -44.31 -59.69 47.21
C LEU CB 281 -44.55 -60.04 45.75
N SER CB 282 -45.82 -60.06 45.38
CA SER CB 282 -46.26 -60.32 44.02
C SER CB 282 -47.45 -59.42 43.68
N VAL CB 283 -48.03 -59.62 42.50
CA VAL CB 283 -49.13 -58.79 42.06
C VAL CB 283 -50.45 -59.30 42.60
N ASN CB 284 -50.59 -60.61 42.76
CA ASN CB 284 -51.81 -61.21 43.26
C ASN CB 284 -52.17 -60.67 44.65
N ASP CB 285 -51.17 -60.36 45.45
CA ASP CB 285 -51.44 -59.87 46.80
C ASP CB 285 -52.08 -58.49 46.77
N PHE CB 286 -51.50 -57.57 46.00
CA PHE CB 286 -52.11 -56.27 45.79
C PHE CB 286 -53.53 -56.42 45.26
N LEU CB 287 -53.73 -57.35 44.32
CA LEU CB 287 -55.05 -57.55 43.77
C LEU CB 287 -56.04 -58.02 44.83
N ILE CB 288 -55.58 -58.88 45.74
CA ILE CB 288 -56.46 -59.39 46.77
C ILE CB 288 -56.86 -58.28 47.73
N LYS CB 289 -55.89 -57.44 48.13
CA LYS CB 289 -56.20 -56.32 49.00
C LYS CB 289 -57.20 -55.37 48.34
N ALA CB 290 -56.99 -55.09 47.06
CA ALA CB 290 -57.91 -54.21 46.34
C ALA CB 290 -59.29 -54.83 46.23
N MET CB 291 -59.35 -56.15 46.05
CA MET CB 291 -60.64 -56.83 46.02
C MET CB 291 -61.38 -56.65 47.33
N GLY CB 292 -60.66 -56.79 48.44
CA GLY CB 292 -61.29 -56.57 49.74
C GLY CB 292 -61.80 -55.16 49.89
N ILE CB 293 -61.02 -54.18 49.44
CA ILE CB 293 -61.43 -52.78 49.56
C ILE CB 293 -62.70 -52.54 48.76
N ALA CB 294 -62.73 -53.03 47.52
CA ALA CB 294 -63.89 -52.82 46.67
C ALA CB 294 -65.10 -53.54 47.24
N SER CB 295 -64.90 -54.74 47.78
CA SER CB 295 -66.01 -55.49 48.36
C SER CB 295 -66.59 -54.76 49.55
N LYS CB 296 -65.75 -54.06 50.31
CA LYS CB 296 -66.27 -53.29 51.44
C LYS CB 296 -66.98 -52.03 50.97
N ARG CB 297 -66.47 -51.38 49.93
CA ARG CB 297 -67.12 -50.16 49.45
C ARG CB 297 -68.45 -50.47 48.76
N VAL CB 298 -68.60 -51.67 48.21
CA VAL CB 298 -69.83 -52.09 47.54
C VAL CB 298 -70.20 -53.47 48.07
N PRO CB 299 -70.94 -53.57 49.18
CA PRO CB 299 -71.13 -54.89 49.81
C PRO CB 299 -72.05 -55.81 49.04
N THR CB 300 -72.81 -55.32 48.07
CA THR CB 300 -73.76 -56.17 47.37
C THR CB 300 -73.08 -57.30 46.62
N VAL CB 301 -71.82 -57.08 46.22
CA VAL CB 301 -71.08 -58.14 45.55
C VAL CB 301 -70.75 -59.26 46.53
N ASN CB 302 -70.31 -58.89 47.74
CA ASN CB 302 -69.97 -59.86 48.78
C ASN CB 302 -71.29 -60.40 49.34
N SER CB 303 -71.88 -61.32 48.60
CA SER CB 303 -73.21 -61.84 48.91
C SER CB 303 -73.30 -63.27 48.39
N SER CB 304 -74.49 -63.83 48.44
CA SER CB 304 -74.73 -65.18 47.95
C SER CB 304 -76.21 -65.32 47.62
N TRP CB 305 -76.64 -66.56 47.40
CA TRP CB 305 -78.04 -66.87 47.11
C TRP CB 305 -78.41 -68.12 47.89
N ARG CB 306 -79.44 -68.00 48.73
CA ARG CB 306 -79.86 -69.10 49.60
C ARG CB 306 -81.36 -69.30 49.45
N ASP CB 307 -81.94 -70.15 50.29
CA ASP CB 307 -83.34 -70.51 50.16
C ASP CB 307 -84.25 -69.32 50.46
N GLY CB 308 -84.66 -68.61 49.42
CA GLY CB 308 -85.55 -67.48 49.57
C GLY CB 308 -85.00 -66.36 50.41
N VAL CB 309 -83.67 -66.23 50.49
CA VAL CB 309 -83.04 -65.23 51.35
C VAL CB 309 -81.65 -64.94 50.81
N ILE CB 310 -81.22 -63.69 50.98
CA ILE CB 310 -79.89 -63.24 50.60
C ILE CB 310 -79.04 -63.19 51.87
N ARG CB 311 -77.94 -63.93 51.84
CA ARG CB 311 -76.96 -63.91 52.92
C ARG CB 311 -75.84 -62.94 52.52
N GLN CB 312 -75.66 -61.91 53.33
CA GLN CB 312 -74.63 -60.90 53.11
C GLN CB 312 -73.64 -60.95 54.26
N PHE CB 313 -72.36 -61.04 53.92
CA PHE CB 313 -71.29 -61.04 54.90
C PHE CB 313 -70.86 -59.61 55.20
N GLU CB 314 -69.85 -59.48 56.07
CA GLU CB 314 -69.20 -58.23 56.37
C GLU CB 314 -67.72 -58.28 56.02
N THR CB 315 -67.03 -59.33 56.44
CA THR CB 315 -65.65 -59.55 56.06
C THR CB 315 -65.57 -60.07 54.63
N VAL CB 316 -64.35 -60.22 54.15
CA VAL CB 316 -64.08 -60.67 52.79
C VAL CB 316 -63.24 -61.94 52.89
N ASP CB 317 -63.84 -63.06 52.50
CA ASP CB 317 -63.16 -64.34 52.45
C ASP CB 317 -62.82 -64.66 51.01
N VAL CB 318 -61.53 -64.75 50.71
CA VAL CB 318 -61.04 -64.82 49.33
C VAL CB 318 -60.58 -66.24 49.03
N SER CB 319 -61.10 -66.81 47.95
CA SER CB 319 -60.72 -68.14 47.51
C SER CB 319 -59.72 -68.01 46.38
N VAL CB 320 -58.49 -68.48 46.61
CA VAL CB 320 -57.41 -68.39 45.63
C VAL CB 320 -57.24 -69.75 44.98
N ALA CB 321 -57.19 -69.76 43.66
CA ALA CB 321 -57.02 -71.00 42.91
C ALA CB 321 -55.57 -71.42 42.87
N VAL CB 322 -55.34 -72.73 42.92
CA VAL CB 322 -54.03 -73.32 42.76
C VAL CB 322 -54.16 -74.53 41.86
N ALA CB 323 -53.20 -74.66 40.94
CA ALA CB 323 -53.21 -75.70 39.91
C ALA CB 323 -52.23 -76.78 40.33
N THR CB 324 -52.75 -77.89 40.83
CA THR CB 324 -51.96 -79.05 41.17
C THR CB 324 -51.98 -80.06 40.04
N PRO CB 325 -51.03 -81.00 40.01
CA PRO CB 325 -51.13 -82.08 39.01
C PRO CB 325 -52.38 -82.92 39.18
N ASN CB 326 -52.97 -82.95 40.37
CA ASN CB 326 -54.24 -83.63 40.58
C ASN CB 326 -55.42 -82.84 40.03
N GLY CB 327 -55.25 -81.54 39.78
CA GLY CB 327 -56.30 -80.72 39.21
C GLY CB 327 -56.28 -79.29 39.69
N LEU CB 328 -57.42 -78.81 40.18
CA LEU CB 328 -57.58 -77.46 40.68
C LEU CB 328 -58.06 -77.51 42.11
N ILE CB 329 -57.66 -76.52 42.91
CA ILE CB 329 -58.08 -76.44 44.30
C ILE CB 329 -58.18 -74.97 44.68
N THR CB 330 -58.97 -74.68 45.70
CA THR CB 330 -59.26 -73.30 46.10
C THR CB 330 -59.14 -73.12 47.61
N PRO CB 331 -57.92 -72.98 48.12
CA PRO CB 331 -57.76 -72.54 49.51
C PRO CB 331 -58.33 -71.15 49.71
N ILE CB 332 -58.47 -70.78 50.99
CA ILE CB 332 -59.16 -69.57 51.39
C ILE CB 332 -58.26 -68.75 52.30
N VAL CB 333 -58.31 -67.44 52.12
CA VAL CB 333 -57.72 -66.48 53.03
C VAL CB 333 -58.86 -65.76 53.74
N LYS CB 334 -58.70 -65.56 55.04
CA LYS CB 334 -59.73 -65.03 55.91
C LYS CB 334 -59.39 -63.62 56.36
N GLY CB 335 -60.42 -62.77 56.46
CA GLY CB 335 -60.27 -61.43 56.98
C GLY CB 335 -59.25 -60.62 56.22
N VAL CB 336 -59.44 -60.50 54.92
CA VAL CB 336 -58.46 -59.83 54.07
C VAL CB 336 -58.34 -58.35 54.44
N GLU CB 337 -59.48 -57.66 54.44
CA GLU CB 337 -59.47 -56.23 54.73
C GLU CB 337 -58.88 -55.98 56.11
N GLY CB 338 -57.78 -55.23 56.14
CA GLY CB 338 -57.08 -54.98 57.37
C GLY CB 338 -56.34 -56.19 57.88
N LYS CB 339 -55.43 -56.72 57.07
CA LYS CB 339 -54.62 -57.88 57.44
C LYS CB 339 -53.14 -57.67 57.21
N GLY CB 340 -52.76 -56.97 56.13
CA GLY CB 340 -51.37 -56.74 55.82
C GLY CB 340 -50.84 -57.61 54.69
N LEU CB 341 -50.12 -56.99 53.76
CA LEU CB 341 -49.65 -57.70 52.58
C LEU CB 341 -48.64 -58.79 52.94
N GLU CB 342 -47.84 -58.57 53.98
CA GLU CB 342 -46.87 -59.59 54.38
C GLU CB 342 -47.58 -60.84 54.87
N SER CB 343 -48.55 -60.67 55.77
CA SER CB 343 -49.31 -61.80 56.26
C SER CB 343 -50.05 -62.49 55.11
N ILE CB 344 -50.55 -61.70 54.16
CA ILE CB 344 -51.25 -62.28 53.02
C ILE CB 344 -50.32 -63.16 52.21
N SER CB 345 -49.14 -62.64 51.86
CA SER CB 345 -48.19 -63.42 51.08
C SER CB 345 -47.75 -64.67 51.83
N ALA CB 346 -47.57 -64.55 53.15
CA ALA CB 346 -47.15 -65.71 53.94
C ALA CB 346 -48.22 -66.79 53.92
N ALA CB 347 -49.47 -66.39 54.16
CA ALA CB 347 -50.56 -67.36 54.15
C ALA CB 347 -50.71 -67.99 52.78
N VAL CB 348 -50.55 -67.21 51.72
CA VAL CB 348 -50.69 -67.76 50.37
C VAL CB 348 -49.59 -68.77 50.10
N LYS CB 349 -48.35 -68.45 50.49
CA LYS CB 349 -47.26 -69.39 50.28
C LYS CB 349 -47.48 -70.68 51.06
N GLU CB 350 -47.90 -70.55 52.31
CA GLU CB 350 -48.17 -71.73 53.13
C GLU CB 350 -49.25 -72.60 52.49
N LEU CB 351 -50.37 -71.98 52.10
CA LEU CB 351 -51.47 -72.74 51.55
C LEU CB 351 -51.11 -73.35 50.20
N ALA CB 352 -50.33 -72.64 49.38
CA ALA CB 352 -49.96 -73.17 48.08
C ALA CB 352 -49.04 -74.38 48.22
N LYS CB 353 -48.06 -74.29 49.12
CA LYS CB 353 -47.19 -75.44 49.33
C LYS CB 353 -47.95 -76.60 49.97
N LYS CB 354 -48.87 -76.30 50.88
CA LYS CB 354 -49.66 -77.37 51.49
C LYS CB 354 -50.59 -78.02 50.49
N ALA CB 355 -51.06 -77.26 49.48
CA ALA CB 355 -51.90 -77.85 48.45
C ALA CB 355 -51.07 -78.69 47.48
N ARG CB 356 -49.86 -78.21 47.15
CA ARG CB 356 -48.94 -79.04 46.39
C ARG CB 356 -48.61 -80.33 47.11
N ASP CB 357 -48.59 -80.30 48.45
CA ASP CB 357 -48.32 -81.49 49.24
C ASP CB 357 -49.54 -82.36 49.46
N GLY CB 358 -50.75 -81.79 49.37
CA GLY CB 358 -51.95 -82.52 49.69
C GLY CB 358 -52.09 -82.76 51.17
N LYS CB 359 -52.21 -81.67 51.94
CA LYS CB 359 -52.18 -81.72 53.41
C LYS CB 359 -53.25 -80.80 54.00
N LEU CB 360 -54.33 -80.56 53.26
CA LEU CB 360 -55.32 -79.56 53.65
C LEU CB 360 -56.47 -80.18 54.42
N LYS CB 361 -57.23 -79.32 55.07
CA LYS CB 361 -58.50 -79.63 55.70
C LYS CB 361 -59.65 -79.16 54.82
N PRO CB 362 -60.84 -79.75 54.94
CA PRO CB 362 -61.94 -79.30 54.09
C PRO CB 362 -62.40 -77.88 54.39
N GLU CB 363 -62.31 -77.45 55.65
CA GLU CB 363 -62.76 -76.11 56.00
C GLU CB 363 -61.91 -75.04 55.33
N GLU CB 364 -60.65 -75.35 55.01
CA GLU CB 364 -59.77 -74.37 54.39
C GLU CB 364 -60.18 -74.04 52.97
N TYR CB 365 -60.94 -74.91 52.31
CA TYR CB 365 -61.35 -74.69 50.93
C TYR CB 365 -62.84 -74.93 50.72
N GLN CB 366 -63.63 -74.93 51.79
CA GLN CB 366 -65.09 -75.02 51.70
C GLN CB 366 -65.70 -73.79 52.36
N GLY CB 367 -66.09 -72.82 51.54
CA GLY CB 367 -66.63 -71.56 52.01
C GLY CB 367 -66.26 -70.44 51.07
N GLY CB 368 -65.93 -69.28 51.62
CA GLY CB 368 -65.50 -68.16 50.81
C GLY CB 368 -66.66 -67.45 50.13
N SER CB 369 -66.59 -66.12 50.09
CA SER CB 369 -67.61 -65.33 49.41
C SER CB 369 -67.22 -64.99 47.97
N ILE CB 370 -65.93 -64.78 47.73
CA ILE CB 370 -65.43 -64.36 46.42
C ILE CB 370 -64.21 -65.19 46.08
N SER CB 371 -63.95 -65.32 44.78
CA SER CB 371 -62.89 -66.18 44.27
C SER CB 371 -62.04 -65.43 43.26
N ILE CB 372 -60.94 -66.05 42.88
CA ILE CB 372 -59.99 -65.47 41.94
C ILE CB 372 -59.18 -66.59 41.32
N SER CB 373 -58.76 -66.39 40.08
CA SER CB 373 -57.82 -67.26 39.40
C SER CB 373 -56.79 -66.39 38.71
N ASN CB 374 -55.55 -66.87 38.68
CA ASN CB 374 -54.43 -66.12 38.14
C ASN CB 374 -53.69 -66.97 37.13
N MET CB 375 -53.24 -66.32 36.06
CA MET CB 375 -52.47 -66.97 35.00
C MET CB 375 -51.32 -66.09 34.54
N GLY CB 376 -50.82 -65.20 35.40
CA GLY CB 376 -49.84 -64.22 34.97
C GLY CB 376 -48.51 -64.81 34.56
N MET CB 377 -48.18 -66.01 35.06
CA MET CB 377 -46.91 -66.62 34.69
C MET CB 377 -46.86 -66.94 33.21
N ASN CB 378 -48.00 -67.24 32.61
CA ASN CB 378 -48.07 -67.59 31.20
C ASN CB 378 -48.29 -66.31 30.38
N PRO CB 379 -47.28 -65.80 29.66
CA PRO CB 379 -47.46 -64.48 29.04
C PRO CB 379 -48.36 -64.46 27.82
N ALA CB 380 -48.70 -65.62 27.25
CA ALA CB 380 -49.48 -65.63 26.02
C ALA CB 380 -50.92 -65.22 26.26
N VAL CB 381 -51.44 -65.47 27.46
CA VAL CB 381 -52.85 -65.26 27.75
C VAL CB 381 -53.09 -63.76 27.92
N GLN CB 382 -53.86 -63.16 27.01
CA GLN CB 382 -54.26 -61.78 27.17
C GLN CB 382 -55.48 -61.68 28.09
N SER CB 383 -56.43 -62.59 27.94
CA SER CB 383 -57.62 -62.57 28.77
C SER CB 383 -58.23 -63.95 28.81
N PHE CB 384 -59.09 -64.18 29.79
CA PHE CB 384 -59.81 -65.43 29.89
C PHE CB 384 -60.89 -65.28 30.93
N THR CB 385 -61.91 -66.09 30.78
CA THR CB 385 -63.04 -66.15 31.70
C THR CB 385 -62.88 -67.36 32.60
N ALA CB 386 -63.71 -67.42 33.63
CA ALA CB 386 -63.77 -68.58 34.52
C ALA CB 386 -65.23 -68.85 34.85
N ILE CB 387 -65.44 -69.74 35.81
CA ILE CB 387 -66.76 -70.21 36.21
C ILE CB 387 -66.91 -69.97 37.71
N ILE CB 388 -68.11 -69.59 38.12
CA ILE CB 388 -68.35 -69.14 39.49
C ILE CB 388 -68.45 -70.37 40.38
N ASN CB 389 -67.50 -70.49 41.30
CA ASN CB 389 -67.54 -71.56 42.29
C ASN CB 389 -68.69 -71.32 43.24
N PRO CB 390 -69.77 -72.11 43.21
CA PRO CB 390 -70.93 -71.78 44.04
C PRO CB 390 -70.61 -71.99 45.51
N PRO CB 391 -71.44 -71.47 46.42
CA PRO CB 391 -72.65 -70.67 46.18
C PRO CB 391 -72.36 -69.17 46.04
N GLN CB 392 -71.12 -68.85 45.66
CA GLN CB 392 -70.70 -67.46 45.57
C GLN CB 392 -71.42 -66.74 44.44
N ALA CB 393 -71.11 -65.45 44.26
CA ALA CB 393 -71.80 -64.59 43.31
C ALA CB 393 -70.92 -64.00 42.24
N ALA CB 394 -69.61 -63.97 42.44
CA ALA CB 394 -68.70 -63.31 41.51
C ALA CB 394 -67.36 -64.01 41.51
N ILE CB 395 -66.61 -63.80 40.43
CA ILE CB 395 -65.26 -64.33 40.33
C ILE CB 395 -64.46 -63.45 39.40
N LEU CB 396 -63.17 -63.39 39.67
CA LEU CB 396 -62.22 -62.53 38.97
C LEU CB 396 -61.27 -63.37 38.14
N ALA CB 397 -60.60 -62.72 37.19
CA ALA CB 397 -59.59 -63.35 36.38
C ALA CB 397 -58.63 -62.28 35.87
N VAL CB 398 -57.34 -62.54 36.02
CA VAL CB 398 -56.30 -61.56 35.73
C VAL CB 398 -55.41 -62.15 34.64
N GLY CB 399 -55.39 -61.51 33.48
CA GLY CB 399 -54.50 -61.92 32.41
C GLY CB 399 -53.06 -61.52 32.68
N ALA CB 400 -52.27 -61.57 31.62
CA ALA CB 400 -50.86 -61.24 31.72
C ALA CB 400 -50.64 -59.76 31.46
N PRO CB 401 -49.46 -59.24 31.80
CA PRO CB 401 -49.12 -57.87 31.42
C PRO CB 401 -48.64 -57.79 29.99
N GLN CB 402 -48.84 -56.61 29.39
CA GLN CB 402 -48.49 -56.37 28.01
C GLN CB 402 -48.10 -54.91 27.86
N LYS CB 403 -47.53 -54.60 26.69
CA LYS CB 403 -47.11 -53.25 26.35
C LYS CB 403 -48.15 -52.64 25.42
N VAL CB 404 -48.61 -51.44 25.74
CA VAL CB 404 -49.63 -50.75 24.96
C VAL CB 404 -49.18 -49.32 24.76
N ALA CB 405 -49.58 -48.74 23.63
CA ALA CB 405 -49.33 -47.35 23.36
C ALA CB 405 -50.34 -46.47 24.07
N VAL CB 406 -49.86 -45.35 24.61
CA VAL CB 406 -50.69 -44.40 25.34
C VAL CB 406 -50.24 -42.99 24.96
N PRO CB 407 -51.14 -42.04 24.75
CA PRO CB 407 -50.70 -40.67 24.48
C PRO CB 407 -50.10 -40.02 25.72
N VAL CB 408 -49.31 -38.99 25.47
CA VAL CB 408 -48.72 -38.18 26.54
C VAL CB 408 -48.41 -36.81 25.99
N GLU CB 409 -48.57 -35.79 26.84
CA GLU CB 409 -48.29 -34.42 26.47
C GLU CB 409 -46.92 -34.02 27.00
N ASN CB 410 -46.00 -33.75 26.09
CA ASN CB 410 -44.73 -33.19 26.48
C ASN CB 410 -44.91 -31.76 26.95
N GLU CB 411 -43.81 -31.15 27.40
CA GLU CB 411 -43.85 -29.79 27.93
C GLU CB 411 -44.41 -28.78 26.92
N ASP CB 412 -44.29 -29.06 25.63
CA ASP CB 412 -44.82 -28.21 24.58
C ASP CB 412 -46.27 -28.61 24.29
N GLY CB 413 -46.83 -28.05 23.22
CA GLY CB 413 -48.21 -28.31 22.87
C GLY CB 413 -48.43 -29.61 22.11
N THR CB 414 -47.37 -30.33 21.77
CA THR CB 414 -47.50 -31.57 21.02
C THR CB 414 -47.72 -32.75 21.95
N THR CB 415 -48.38 -33.78 21.42
CA THR CB 415 -48.52 -35.05 22.11
C THR CB 415 -47.35 -35.96 21.76
N GLY CB 416 -47.23 -37.06 22.51
CA GLY CB 416 -46.18 -38.03 22.29
C GLY CB 416 -46.65 -39.42 22.62
N VAL CB 417 -45.76 -40.38 22.40
CA VAL CB 417 -46.04 -41.79 22.62
C VAL CB 417 -45.29 -42.23 23.86
N SER CB 418 -46.05 -42.72 24.84
CA SER CB 418 -45.50 -43.30 26.05
C SER CB 418 -45.97 -44.74 26.19
N TRP CB 419 -45.05 -45.62 26.55
CA TRP CB 419 -45.33 -47.04 26.66
C TRP CB 419 -45.71 -47.36 28.10
N ASP CB 420 -46.94 -47.79 28.30
CA ASP CB 420 -47.47 -48.17 29.60
C ASP CB 420 -47.65 -49.68 29.65
N GLU CB 421 -47.58 -50.23 30.86
CA GLU CB 421 -47.78 -51.65 31.09
C GLU CB 421 -49.21 -51.87 31.56
N GLN CB 422 -50.00 -52.55 30.73
CA GLN CB 422 -51.41 -52.78 31.00
C GLN CB 422 -51.67 -54.25 31.29
N ILE CB 423 -52.78 -54.49 31.98
CA ILE CB 423 -53.29 -55.82 32.25
C ILE CB 423 -54.78 -55.82 31.98
N ILE CB 424 -55.26 -56.89 31.36
CA ILE CB 424 -56.68 -57.10 31.16
C ILE CB 424 -57.22 -57.88 32.34
N VAL CB 425 -58.42 -57.50 32.76
CA VAL CB 425 -59.11 -58.12 33.90
C VAL CB 425 -60.52 -58.45 33.46
N THR CB 426 -60.96 -59.66 33.80
CA THR CB 426 -62.27 -60.15 33.42
C THR CB 426 -62.99 -60.62 34.67
N ALA CB 427 -64.19 -60.08 34.89
CA ALA CB 427 -65.01 -60.42 36.04
C ALA CB 427 -66.31 -61.03 35.56
N SER CB 428 -66.65 -62.20 36.08
CA SER CB 428 -67.92 -62.85 35.80
C SER CB 428 -68.82 -62.71 37.01
N PHE CB 429 -70.06 -62.29 36.77
CA PHE CB 429 -71.03 -62.07 37.83
C PHE CB 429 -72.27 -62.92 37.63
N ASP CB 430 -72.93 -63.25 38.74
CA ASP CB 430 -74.27 -63.84 38.70
C ASP CB 430 -75.30 -62.72 38.63
N HIS CB 431 -76.24 -62.87 37.72
CA HIS CB 431 -77.18 -61.79 37.42
C HIS CB 431 -78.37 -61.76 38.36
N LYS CB 432 -78.63 -62.83 39.11
CA LYS CB 432 -79.70 -62.79 40.10
C LYS CB 432 -79.45 -61.74 41.15
N VAL CB 433 -78.23 -61.71 41.69
CA VAL CB 433 -77.87 -60.81 42.77
C VAL CB 433 -77.43 -59.45 42.22
N VAL CB 434 -76.49 -59.46 41.30
CA VAL CB 434 -75.79 -58.27 40.86
C VAL CB 434 -76.32 -57.83 39.51
N ASP CB 435 -76.27 -56.54 39.27
CA ASP CB 435 -76.62 -55.93 38.00
C ASP CB 435 -75.40 -55.27 37.38
N GLY CB 436 -75.57 -54.86 36.12
CA GLY CB 436 -74.46 -54.31 35.38
C GLY CB 436 -73.90 -53.04 36.00
N ALA CB 437 -74.78 -52.17 36.49
CA ALA CB 437 -74.34 -50.94 37.13
C ALA CB 437 -73.51 -51.22 38.37
N VAL CB 438 -73.94 -52.20 39.17
CA VAL CB 438 -73.23 -52.53 40.39
C VAL CB 438 -71.86 -53.11 40.06
N GLY CB 439 -71.82 -54.02 39.09
CA GLY CB 439 -70.54 -54.58 38.67
C GLY CB 439 -69.61 -53.52 38.14
N ALA CB 440 -70.15 -52.57 37.37
CA ALA CB 440 -69.33 -51.50 36.83
C ALA CB 440 -68.78 -50.63 37.94
N GLU CB 441 -69.60 -50.38 38.97
CA GLU CB 441 -69.14 -49.57 40.10
C GLU CB 441 -68.00 -50.27 40.83
N TRP CB 442 -68.15 -51.57 41.06
CA TRP CB 442 -67.10 -52.36 41.70
C TRP CB 442 -65.81 -52.30 40.89
N ILE CB 443 -65.93 -52.46 39.57
CA ILE CB 443 -64.75 -52.44 38.71
C ILE CB 443 -64.11 -51.05 38.72
N ARG CB 444 -64.92 -50.00 38.74
CA ARG CB 444 -64.38 -48.65 38.77
C ARG CB 444 -63.58 -48.43 40.05
N GLU CB 445 -64.12 -48.89 41.18
CA GLU CB 445 -63.38 -48.73 42.43
C GLU CB 445 -62.08 -49.51 42.40
N LEU CB 446 -62.10 -50.72 41.84
CA LEU CB 446 -60.88 -51.50 41.73
C LEU CB 446 -59.84 -50.78 40.86
N LYS CB 447 -60.29 -50.26 39.73
CA LYS CB 447 -59.37 -49.54 38.83
C LYS CB 447 -58.78 -48.33 39.52
N LYS CB 448 -59.61 -47.58 40.24
CA LYS CB 448 -59.13 -46.40 40.93
C LYS CB 448 -58.09 -46.78 41.97
N VAL CB 449 -58.36 -47.82 42.74
CA VAL CB 449 -57.44 -48.23 43.80
C VAL CB 449 -56.12 -48.69 43.22
N ILE CB 450 -56.16 -49.43 42.11
CA ILE CB 450 -54.92 -49.90 41.51
C ILE CB 450 -54.14 -48.74 40.92
N GLU CB 451 -54.83 -47.87 40.18
CA GLU CB 451 -54.15 -46.78 39.50
C GLU CB 451 -53.56 -45.78 40.49
N ASN CB 452 -54.19 -45.66 41.68
CA ASN CB 452 -53.63 -44.90 42.78
C ASN CB 452 -53.28 -45.87 43.89
N PRO CB 453 -52.10 -46.50 43.86
CA PRO CB 453 -51.81 -47.54 44.87
C PRO CB 453 -51.78 -47.01 46.28
N LEU CB 454 -51.58 -45.70 46.47
CA LEU CB 454 -51.49 -45.14 47.80
C LEU CB 454 -52.79 -45.26 48.57
N GLU CB 455 -53.93 -45.39 47.88
CA GLU CB 455 -55.20 -45.54 48.56
C GLU CB 455 -55.42 -46.94 49.11
N LEU CB 456 -54.46 -47.86 48.90
CA LEU CB 456 -54.52 -49.14 49.60
C LEU CB 456 -54.50 -48.94 51.11
N LEU CB 457 -53.87 -47.87 51.58
CA LEU CB 457 -53.85 -47.56 52.99
C LEU CB 457 -55.26 -47.29 53.51
N LEU CB 458 -56.11 -46.72 52.67
CA LEU CB 458 -57.47 -46.38 53.07
C LEU CB 458 -58.39 -47.58 52.92
N TYR DB 227 1.39 -113.29 3.77
CA TYR DB 227 2.02 -113.70 5.02
C TYR DB 227 0.96 -114.14 6.02
N THR DB 228 0.39 -113.20 6.75
CA THR DB 228 -0.63 -113.53 7.73
C THR DB 228 -1.87 -114.05 7.02
N ASP DB 229 -2.51 -115.06 7.61
CA ASP DB 229 -3.66 -115.75 7.00
C ASP DB 229 -4.74 -115.88 8.07
N VAL DB 230 -5.69 -114.96 8.05
CA VAL DB 230 -6.78 -114.93 9.03
C VAL DB 230 -8.00 -115.58 8.40
N PRO DB 231 -8.62 -116.59 9.03
CA PRO DB 231 -9.88 -117.11 8.49
C PRO DB 231 -10.97 -116.05 8.50
N ILE DB 232 -11.96 -116.26 7.63
CA ILE DB 232 -13.03 -115.30 7.44
C ILE DB 232 -14.08 -115.51 8.52
N SER DB 233 -14.70 -114.41 8.94
CA SER DB 233 -15.66 -114.44 10.04
C SER DB 233 -16.91 -115.26 9.73
N GLY DB 234 -17.22 -115.46 8.46
CA GLY DB 234 -18.45 -116.13 8.04
C GLY DB 234 -19.57 -115.15 7.78
N MET DB 235 -19.65 -114.09 8.59
CA MET DB 235 -20.65 -113.06 8.36
C MET DB 235 -20.38 -112.33 7.06
N ARG DB 236 -19.10 -112.09 6.75
CA ARG DB 236 -18.76 -111.39 5.53
C ARG DB 236 -19.13 -112.19 4.28
N LYS DB 237 -19.23 -113.52 4.42
CA LYS DB 237 -19.60 -114.35 3.27
C LYS DB 237 -20.98 -113.98 2.77
N THR DB 238 -21.94 -113.81 3.68
CA THR DB 238 -23.30 -113.48 3.29
C THR DB 238 -23.35 -112.12 2.60
N ILE DB 239 -22.66 -111.13 3.17
CA ILE DB 239 -22.67 -109.79 2.59
C ILE DB 239 -22.02 -109.80 1.22
N ALA DB 240 -20.95 -110.59 1.06
CA ALA DB 240 -20.30 -110.69 -0.24
C ALA DB 240 -21.23 -111.31 -1.27
N ALA DB 241 -21.90 -112.39 -0.90
CA ALA DB 241 -22.84 -113.03 -1.82
C ALA DB 241 -23.98 -112.08 -2.17
N ARG DB 242 -24.43 -111.29 -1.20
CA ARG DB 242 -25.50 -110.34 -1.45
C ARG DB 242 -25.08 -109.28 -2.44
N LEU DB 243 -23.91 -108.69 -2.23
CA LEU DB 243 -23.41 -107.68 -3.15
C LEU DB 243 -23.16 -108.25 -4.54
N LYS DB 244 -22.70 -109.50 -4.60
CA LYS DB 244 -22.48 -110.15 -5.88
C LYS DB 244 -23.79 -110.34 -6.63
N GLU DB 245 -24.82 -110.83 -5.93
CA GLU DB 245 -26.15 -110.93 -6.53
C GLU DB 245 -26.62 -109.56 -7.01
N SER DB 246 -26.33 -108.51 -6.24
CA SER DB 246 -26.77 -107.18 -6.62
C SER DB 246 -26.14 -106.76 -7.94
N VAL DB 247 -24.81 -106.82 -8.03
CA VAL DB 247 -24.15 -106.32 -9.22
C VAL DB 247 -24.39 -107.22 -10.42
N THR DB 248 -24.62 -108.52 -10.22
CA THR DB 248 -24.82 -109.41 -11.35
C THR DB 248 -26.28 -109.42 -11.84
N GLU DB 249 -27.23 -109.11 -10.96
CA GLU DB 249 -28.64 -109.11 -11.35
C GLU DB 249 -29.07 -107.73 -11.85
N ASN DB 250 -28.64 -106.68 -11.17
CA ASN DB 250 -29.10 -105.33 -11.43
C ASN DB 250 -27.96 -104.51 -12.02
N PRO DB 251 -28.08 -103.98 -13.24
CA PRO DB 251 -27.03 -103.06 -13.72
C PRO DB 251 -27.12 -101.74 -12.99
N HIS DB 252 -25.99 -101.05 -12.94
CA HIS DB 252 -25.84 -99.82 -12.17
C HIS DB 252 -25.41 -98.70 -13.09
N PHE DB 253 -26.15 -97.59 -13.07
CA PHE DB 253 -25.70 -96.34 -13.66
C PHE DB 253 -25.83 -95.24 -12.63
N PHE DB 254 -24.90 -94.30 -12.71
CA PHE DB 254 -24.66 -93.31 -11.67
C PHE DB 254 -25.02 -91.93 -12.19
N VAL DB 255 -25.56 -91.11 -11.30
CA VAL DB 255 -25.87 -89.71 -11.57
C VAL DB 255 -25.20 -88.89 -10.49
N SER DB 256 -24.69 -87.72 -10.86
CA SER DB 256 -23.85 -86.92 -9.99
C SER DB 256 -24.22 -85.46 -10.16
N THR DB 257 -24.59 -84.82 -9.06
CA THR DB 257 -25.03 -83.43 -9.09
C THR DB 257 -24.40 -82.67 -7.94
N ASN DB 258 -24.62 -81.36 -7.94
CA ASN DB 258 -24.07 -80.45 -6.94
C ASN DB 258 -25.19 -79.60 -6.37
N LEU DB 259 -25.33 -79.63 -5.06
CA LEU DB 259 -26.35 -78.86 -4.36
C LEU DB 259 -25.72 -77.64 -3.70
N SER DB 260 -26.59 -76.78 -3.17
CA SER DB 260 -26.20 -75.59 -2.43
C SER DB 260 -26.92 -75.60 -1.10
N VAL DB 261 -26.16 -75.44 -0.01
CA VAL DB 261 -26.66 -75.64 1.35
C VAL DB 261 -26.41 -74.43 2.24
N SER DB 262 -26.04 -73.28 1.66
CA SER DB 262 -25.76 -72.11 2.46
C SER DB 262 -27.00 -71.65 3.22
N LYS DB 263 -28.18 -71.84 2.64
CA LYS DB 263 -29.42 -71.50 3.31
C LYS DB 263 -29.83 -72.59 4.29
N LEU DB 264 -29.59 -73.85 3.92
CA LEU DB 264 -29.93 -74.97 4.78
C LEU DB 264 -29.18 -74.89 6.11
N LEU DB 265 -27.89 -74.54 6.06
CA LEU DB 265 -27.11 -74.47 7.29
C LEU DB 265 -27.62 -73.34 8.18
N LYS DB 266 -28.00 -72.22 7.58
CA LYS DB 266 -28.59 -71.14 8.37
C LYS DB 266 -29.86 -71.59 9.04
N LEU DB 267 -30.71 -72.33 8.30
CA LEU DB 267 -31.95 -72.83 8.88
C LEU DB 267 -31.68 -73.77 10.05
N ARG DB 268 -30.69 -74.65 9.88
CA ARG DB 268 -30.36 -75.61 10.93
C ARG DB 268 -29.84 -74.89 12.15
N GLN DB 269 -28.98 -73.89 11.96
CA GLN DB 269 -28.43 -73.14 13.08
C GLN DB 269 -29.52 -72.39 13.81
N ALA DB 270 -30.46 -71.80 13.08
CA ALA DB 270 -31.54 -71.06 13.71
C ALA DB 270 -32.44 -71.99 14.52
N LEU DB 271 -32.79 -73.15 13.95
CA LEU DB 271 -33.62 -74.09 14.69
C LEU DB 271 -32.90 -74.65 15.91
N ASN DB 272 -31.57 -74.82 15.82
CA ASN DB 272 -30.82 -75.30 16.97
C ASN DB 272 -30.74 -74.24 18.06
N SER DB 273 -30.67 -72.97 17.66
CA SER DB 273 -30.59 -71.90 18.64
C SER DB 273 -31.94 -71.64 19.31
N SER DB 274 -33.03 -71.80 18.57
CA SER DB 274 -34.37 -71.59 19.14
C SER DB 274 -34.89 -72.88 19.78
N ALA DB 275 -34.10 -73.38 20.73
CA ALA DB 275 -34.44 -74.61 21.43
C ALA DB 275 -33.81 -74.57 22.82
N ASP DB 276 -34.22 -75.52 23.65
CA ASP DB 276 -33.77 -75.64 25.02
C ASP DB 276 -33.17 -77.03 25.27
N GLY DB 277 -32.34 -77.48 24.33
CA GLY DB 277 -31.77 -78.81 24.41
C GLY DB 277 -32.76 -79.93 24.19
N ARG DB 278 -33.97 -79.62 23.72
CA ARG DB 278 -34.97 -80.65 23.50
C ARG DB 278 -34.66 -81.49 22.27
N TYR DB 279 -33.78 -81.01 21.39
CA TYR DB 279 -33.44 -81.73 20.18
C TYR DB 279 -32.15 -81.16 19.60
N LYS DB 280 -31.63 -81.85 18.59
CA LYS DB 280 -30.44 -81.41 17.88
C LYS DB 280 -30.46 -82.02 16.48
N LEU DB 281 -30.32 -81.17 15.47
CA LEU DB 281 -30.51 -81.56 14.09
C LEU DB 281 -29.19 -81.73 13.35
N SER DB 282 -29.28 -82.39 12.20
CA SER DB 282 -28.15 -82.59 11.31
C SER DB 282 -28.58 -82.42 9.86
N VAL DB 283 -27.64 -82.59 8.93
CA VAL DB 283 -27.94 -82.49 7.52
C VAL DB 283 -28.66 -83.73 7.03
N ASN DB 284 -28.36 -84.87 7.63
CA ASN DB 284 -28.93 -86.13 7.19
C ASN DB 284 -30.44 -86.14 7.32
N ASP DB 285 -30.98 -85.48 8.34
CA ASP DB 285 -32.43 -85.47 8.54
C ASP DB 285 -33.13 -84.67 7.45
N PHE DB 286 -32.60 -83.47 7.15
CA PHE DB 286 -33.12 -82.69 6.03
C PHE DB 286 -33.07 -83.50 4.75
N LEU DB 287 -31.97 -84.20 4.52
CA LEU DB 287 -31.84 -84.98 3.31
C LEU DB 287 -32.85 -86.10 3.26
N ILE DB 288 -33.15 -86.71 4.41
CA ILE DB 288 -34.11 -87.81 4.45
C ILE DB 288 -35.51 -87.30 4.14
N LYS DB 289 -35.88 -86.17 4.74
CA LYS DB 289 -37.17 -85.56 4.43
C LYS DB 289 -37.28 -85.24 2.95
N ALA DB 290 -36.21 -84.71 2.37
CA ALA DB 290 -36.22 -84.38 0.95
C ALA DB 290 -36.35 -85.63 0.10
N MET DB 291 -35.70 -86.72 0.53
CA MET DB 291 -35.83 -87.98 -0.18
C MET DB 291 -37.27 -88.46 -0.19
N GLY DB 292 -37.94 -88.35 0.96
CA GLY DB 292 -39.33 -88.74 1.02
C GLY DB 292 -40.20 -87.90 0.10
N ILE DB 293 -39.96 -86.59 0.08
CA ILE DB 293 -40.75 -85.71 -0.77
C ILE DB 293 -40.56 -86.07 -2.23
N ALA DB 294 -39.30 -86.28 -2.64
CA ALA DB 294 -39.03 -86.63 -4.02
C ALA DB 294 -39.64 -87.96 -4.40
N SER DB 295 -39.57 -88.94 -3.48
CA SER DB 295 -40.13 -90.25 -3.76
C SER DB 295 -41.63 -90.18 -3.90
N LYS DB 296 -42.29 -89.28 -3.16
CA LYS DB 296 -43.73 -89.14 -3.32
C LYS DB 296 -44.10 -88.40 -4.60
N ARG DB 297 -43.27 -87.44 -5.01
CA ARG DB 297 -43.56 -86.73 -6.26
C ARG DB 297 -43.28 -87.60 -7.48
N VAL DB 298 -42.38 -88.56 -7.36
CA VAL DB 298 -42.04 -89.47 -8.45
C VAL DB 298 -42.07 -90.89 -7.92
N PRO DB 299 -43.22 -91.56 -7.89
CA PRO DB 299 -43.30 -92.84 -7.17
C PRO DB 299 -42.56 -93.98 -7.83
N THR DB 300 -42.19 -93.86 -9.10
CA THR DB 300 -41.56 -94.98 -9.79
C THR DB 300 -40.23 -95.35 -9.16
N VAL DB 301 -39.55 -94.38 -8.54
CA VAL DB 301 -38.29 -94.67 -7.87
C VAL DB 301 -38.54 -95.57 -6.66
N ASN DB 302 -39.59 -95.26 -5.89
CA ASN DB 302 -39.96 -96.07 -4.73
C ASN DB 302 -40.62 -97.34 -5.27
N SER DB 303 -39.78 -98.26 -5.71
CA SER DB 303 -40.23 -99.47 -6.38
C SER DB 303 -39.25 -100.58 -6.08
N SER DB 304 -39.42 -101.71 -6.76
CA SER DB 304 -38.56 -102.87 -6.57
C SER DB 304 -38.66 -103.75 -7.80
N TRP DB 305 -38.16 -104.97 -7.69
CA TRP DB 305 -38.23 -105.96 -8.76
C TRP DB 305 -38.51 -107.32 -8.13
N ARG DB 306 -39.58 -107.97 -8.58
CA ARG DB 306 -40.04 -109.22 -8.00
C ARG DB 306 -40.30 -110.23 -9.10
N ASP DB 307 -40.96 -111.35 -8.78
CA ASP DB 307 -41.17 -112.42 -9.74
C ASP DB 307 -42.15 -112.00 -10.81
N GLY DB 308 -41.63 -111.49 -11.93
CA GLY DB 308 -42.48 -111.08 -13.04
C GLY DB 308 -43.46 -109.99 -12.69
N VAL DB 309 -43.15 -109.16 -11.70
CA VAL DB 309 -44.08 -108.15 -11.21
C VAL DB 309 -43.29 -107.06 -10.52
N ILE DB 310 -43.75 -105.82 -10.68
CA ILE DB 310 -43.17 -104.66 -10.02
C ILE DB 310 -44.02 -104.37 -8.79
N ARG DB 311 -43.36 -104.36 -7.62
CA ARG DB 311 -44.02 -104.01 -6.36
C ARG DB 311 -43.76 -102.54 -6.07
N GLN DB 312 -44.84 -101.75 -6.08
CA GLN DB 312 -44.78 -100.33 -5.83
C GLN DB 312 -45.40 -100.03 -4.46
N PHE DB 313 -44.69 -99.24 -3.66
CA PHE DB 313 -45.14 -98.84 -2.34
C PHE DB 313 -45.82 -97.47 -2.42
N GLU DB 314 -46.30 -97.00 -1.27
CA GLU DB 314 -46.89 -95.68 -1.11
C GLU DB 314 -46.13 -94.84 -0.10
N THR DB 315 -45.76 -95.43 1.02
CA THR DB 315 -44.92 -94.77 2.00
C THR DB 315 -43.45 -94.95 1.62
N VAL DB 316 -42.59 -94.25 2.35
CA VAL DB 316 -41.16 -94.23 2.09
C VAL DB 316 -40.46 -94.80 3.31
N ASP DB 317 -39.91 -96.00 3.16
CA ASP DB 317 -39.11 -96.65 4.19
C ASP DB 317 -37.64 -96.42 3.86
N VAL DB 318 -36.93 -95.74 4.76
CA VAL DB 318 -35.58 -95.24 4.50
C VAL DB 318 -34.59 -96.09 5.28
N SER DB 319 -33.61 -96.65 4.58
CA SER DB 319 -32.55 -97.44 5.18
C SER DB 319 -31.32 -96.57 5.35
N VAL DB 320 -30.91 -96.35 6.61
CA VAL DB 320 -29.77 -95.49 6.93
C VAL DB 320 -28.61 -96.38 7.31
N ALA DB 321 -27.44 -96.08 6.75
CA ALA DB 321 -26.25 -96.88 7.00
C ALA DB 321 -25.56 -96.42 8.28
N VAL DB 322 -25.04 -97.39 9.03
CA VAL DB 322 -24.24 -97.15 10.21
C VAL DB 322 -23.02 -98.05 10.16
N ALA DB 323 -21.87 -97.47 10.50
CA ALA DB 323 -20.57 -98.15 10.40
C ALA DB 323 -20.14 -98.53 11.81
N THR DB 324 -20.35 -99.78 12.17
CA THR DB 324 -19.91 -100.31 13.44
C THR DB 324 -18.53 -100.93 13.29
N PRO DB 325 -17.83 -101.16 14.41
CA PRO DB 325 -16.59 -101.95 14.32
C PRO DB 325 -16.80 -103.35 13.79
N ASN DB 326 -18.01 -103.90 13.92
CA ASN DB 326 -18.34 -105.18 13.32
C ASN DB 326 -18.49 -105.09 11.81
N GLY DB 327 -18.79 -103.91 11.27
CA GLY DB 327 -18.96 -103.74 9.83
C GLY DB 327 -19.96 -102.67 9.47
N LEU DB 328 -20.91 -103.02 8.61
CA LEU DB 328 -21.93 -102.10 8.14
C LEU DB 328 -23.30 -102.67 8.48
N ILE DB 329 -24.26 -101.77 8.74
CA ILE DB 329 -25.62 -102.18 9.06
C ILE DB 329 -26.57 -101.10 8.57
N THR DB 330 -27.81 -101.49 8.32
CA THR DB 330 -28.81 -100.60 7.71
C THR DB 330 -30.12 -100.65 8.49
N PRO DB 331 -30.21 -99.93 9.61
CA PRO DB 331 -31.52 -99.74 10.25
C PRO DB 331 -32.46 -98.98 9.33
N ILE DB 332 -33.74 -98.99 9.71
CA ILE DB 332 -34.82 -98.47 8.90
C ILE DB 332 -35.60 -97.44 9.69
N VAL DB 333 -36.04 -96.40 9.00
CA VAL DB 333 -37.03 -95.45 9.50
C VAL DB 333 -38.30 -95.63 8.67
N LYS DB 334 -39.44 -95.62 9.35
CA LYS DB 334 -40.73 -95.93 8.76
C LYS DB 334 -41.58 -94.66 8.64
N GLY DB 335 -42.37 -94.59 7.56
CA GLY DB 335 -43.31 -93.52 7.36
C GLY DB 335 -42.69 -92.14 7.44
N VAL DB 336 -41.68 -91.90 6.60
CA VAL DB 336 -40.91 -90.66 6.70
C VAL DB 336 -41.78 -89.47 6.33
N GLU DB 337 -42.40 -89.52 5.16
CA GLU DB 337 -43.21 -88.40 4.68
C GLU DB 337 -44.30 -88.08 5.68
N GLY DB 338 -44.26 -86.87 6.20
CA GLY DB 338 -45.18 -86.48 7.24
C GLY DB 338 -44.90 -87.19 8.55
N LYS DB 339 -43.71 -86.97 9.09
CA LYS DB 339 -43.33 -87.53 10.38
C LYS DB 339 -42.71 -86.51 11.31
N GLY DB 340 -41.91 -85.57 10.78
CA GLY DB 340 -41.28 -84.55 11.59
C GLY DB 340 -39.80 -84.75 11.81
N LEU DB 341 -39.05 -83.66 11.68
CA LEU DB 341 -37.60 -83.73 11.78
C LEU DB 341 -37.14 -84.15 13.17
N GLU DB 342 -37.85 -83.70 14.21
CA GLU DB 342 -37.45 -84.05 15.56
C GLU DB 342 -37.60 -85.55 15.81
N SER DB 343 -38.76 -86.10 15.44
CA SER DB 343 -38.97 -87.53 15.56
C SER DB 343 -37.96 -88.30 14.74
N ILE DB 344 -37.62 -87.78 13.56
CA ILE DB 344 -36.63 -88.43 12.70
C ILE DB 344 -35.28 -88.49 13.40
N SER DB 345 -34.85 -87.36 13.96
CA SER DB 345 -33.56 -87.30 14.64
C SER DB 345 -33.53 -88.24 15.83
N ALA DB 346 -34.61 -88.26 16.61
CA ALA DB 346 -34.66 -89.13 17.78
C ALA DB 346 -34.57 -90.59 17.37
N ALA DB 347 -35.33 -90.97 16.34
CA ALA DB 347 -35.32 -92.36 15.89
C ALA DB 347 -33.95 -92.75 15.35
N VAL DB 348 -33.31 -91.85 14.60
CA VAL DB 348 -31.99 -92.15 14.06
C VAL DB 348 -30.97 -92.31 15.18
N LYS DB 349 -31.01 -91.43 16.18
CA LYS DB 349 -30.08 -91.54 17.30
C LYS DB 349 -30.28 -92.84 18.05
N GLU DB 350 -31.54 -93.20 18.31
CA GLU DB 350 -31.83 -94.44 19.03
C GLU DB 350 -31.32 -95.64 18.25
N LEU DB 351 -31.62 -95.70 16.94
CA LEU DB 351 -31.18 -96.83 16.14
C LEU DB 351 -29.67 -96.89 16.03
N ALA DB 352 -29.02 -95.73 15.96
CA ALA DB 352 -27.56 -95.71 15.84
C ALA DB 352 -26.91 -96.24 17.12
N LYS DB 353 -27.40 -95.80 18.27
CA LYS DB 353 -26.84 -96.28 19.52
C LYS DB 353 -27.15 -97.75 19.74
N LYS DB 354 -28.35 -98.19 19.36
CA LYS DB 354 -28.69 -99.59 19.47
C LYS DB 354 -27.84 -100.44 18.54
N ALA DB 355 -27.43 -99.89 17.41
CA ALA DB 355 -26.55 -100.63 16.50
C ALA DB 355 -25.13 -100.69 17.03
N ARG DB 356 -24.66 -99.58 17.62
CA ARG DB 356 -23.36 -99.61 18.28
C ARG DB 356 -23.33 -100.62 19.42
N ASP DB 357 -24.47 -100.80 20.10
CA ASP DB 357 -24.55 -101.79 21.17
C ASP DB 357 -24.84 -103.20 20.66
N GLY DB 358 -25.38 -103.34 19.45
CA GLY DB 358 -25.79 -104.63 18.95
C GLY DB 358 -27.04 -105.13 19.66
N LYS DB 359 -28.13 -104.37 19.52
CA LYS DB 359 -29.38 -104.65 20.22
C LYS DB 359 -30.57 -104.48 19.29
N LEU DB 360 -30.45 -104.98 18.05
CA LEU DB 360 -31.46 -104.80 17.03
C LEU DB 360 -32.23 -106.10 16.78
N LYS DB 361 -33.42 -105.92 16.20
CA LYS DB 361 -34.24 -107.00 15.68
C LYS DB 361 -34.02 -107.12 14.17
N PRO DB 362 -34.28 -108.29 13.57
CA PRO DB 362 -34.09 -108.39 12.12
C PRO DB 362 -35.01 -107.51 11.31
N GLU DB 363 -36.25 -107.32 11.78
CA GLU DB 363 -37.22 -106.50 11.05
C GLU DB 363 -36.75 -105.05 10.94
N GLU DB 364 -35.96 -104.59 11.91
CA GLU DB 364 -35.53 -103.21 11.93
C GLU DB 364 -34.50 -102.88 10.85
N TYR DB 365 -33.87 -103.90 10.25
CA TYR DB 365 -32.91 -103.69 9.18
C TYR DB 365 -33.11 -104.67 8.03
N GLN DB 366 -34.28 -105.30 7.93
CA GLN DB 366 -34.64 -106.14 6.80
C GLN DB 366 -35.89 -105.55 6.15
N GLY DB 367 -35.70 -104.91 5.00
CA GLY DB 367 -36.78 -104.27 4.27
C GLY DB 367 -36.34 -102.99 3.62
N GLY DB 368 -37.19 -101.97 3.67
CA GLY DB 368 -36.85 -100.68 3.13
C GLY DB 368 -36.98 -100.62 1.63
N SER DB 369 -37.50 -99.50 1.12
CA SER DB 369 -37.60 -99.28 -0.32
C SER DB 369 -36.39 -98.56 -0.88
N ILE DB 370 -35.83 -97.62 -0.12
CA ILE DB 370 -34.72 -96.79 -0.56
C ILE DB 370 -33.70 -96.72 0.57
N SER DB 371 -32.46 -96.41 0.22
CA SER DB 371 -31.35 -96.45 1.16
C SER DB 371 -30.53 -95.16 1.03
N ILE DB 372 -29.56 -95.03 1.93
CA ILE DB 372 -28.68 -93.87 1.96
C ILE DB 372 -27.45 -94.23 2.78
N SER DB 373 -26.31 -93.67 2.38
CA SER DB 373 -25.08 -93.75 3.14
C SER DB 373 -24.46 -92.37 3.20
N ASN DB 374 -23.89 -92.03 4.37
CA ASN DB 374 -23.39 -90.69 4.63
C ASN DB 374 -21.93 -90.77 5.03
N MET DB 375 -21.16 -89.78 4.56
CA MET DB 375 -19.74 -89.67 4.89
C MET DB 375 -19.34 -88.22 5.15
N GLY DB 376 -20.26 -87.39 5.62
CA GLY DB 376 -19.99 -85.97 5.78
C GLY DB 376 -18.95 -85.65 6.84
N MET DB 377 -18.77 -86.53 7.83
CA MET DB 377 -17.79 -86.26 8.87
C MET DB 377 -16.38 -86.22 8.31
N ASN DB 378 -16.10 -87.01 7.27
CA ASN DB 378 -14.78 -87.04 6.67
C ASN DB 378 -14.70 -85.97 5.60
N PRO DB 379 -13.89 -84.92 5.76
CA PRO DB 379 -13.95 -83.80 4.81
C PRO DB 379 -13.28 -84.08 3.47
N ALA DB 380 -12.43 -85.09 3.38
CA ALA DB 380 -11.67 -85.32 2.16
C ALA DB 380 -12.55 -85.81 1.02
N VAL DB 381 -13.55 -86.62 1.33
CA VAL DB 381 -14.32 -87.31 0.30
C VAL DB 381 -15.18 -86.27 -0.41
N GLN DB 382 -14.83 -85.97 -1.66
CA GLN DB 382 -15.66 -85.10 -2.47
C GLN DB 382 -16.87 -85.84 -3.00
N SER DB 383 -16.69 -87.09 -3.41
CA SER DB 383 -17.78 -87.88 -3.93
C SER DB 383 -17.45 -89.36 -3.77
N PHE DB 384 -18.49 -90.18 -3.81
CA PHE DB 384 -18.30 -91.62 -3.79
C PHE DB 384 -19.60 -92.29 -4.18
N THR DB 385 -19.46 -93.47 -4.74
CA THR DB 385 -20.57 -94.30 -5.15
C THR DB 385 -20.81 -95.34 -4.06
N ALA DB 386 -21.93 -96.05 -4.19
CA ALA DB 386 -22.23 -97.17 -3.31
C ALA DB 386 -22.88 -98.27 -4.15
N ILE DB 387 -23.43 -99.27 -3.47
CA ILE DB 387 -24.00 -100.45 -4.09
C ILE DB 387 -25.41 -100.64 -3.56
N ILE DB 388 -26.30 -101.07 -4.45
CA ILE DB 388 -27.73 -101.11 -4.16
C ILE DB 388 -28.03 -102.33 -3.29
N ASN DB 389 -28.43 -102.08 -2.06
CA ASN DB 389 -28.85 -103.17 -1.17
C ASN DB 389 -30.15 -103.75 -1.69
N PRO DB 390 -30.18 -104.99 -2.18
CA PRO DB 390 -31.40 -105.50 -2.79
C PRO DB 390 -32.49 -105.71 -1.76
N PRO DB 391 -33.75 -105.88 -2.19
CA PRO DB 391 -34.24 -105.85 -3.57
C PRO DB 391 -34.61 -104.45 -4.04
N GLN DB 392 -34.06 -103.43 -3.38
CA GLN DB 392 -34.39 -102.04 -3.68
C GLN DB 392 -33.90 -101.67 -5.08
N ALA DB 393 -34.21 -100.44 -5.50
CA ALA DB 393 -33.94 -99.97 -6.85
C ALA DB 393 -32.98 -98.80 -6.92
N ALA DB 394 -32.74 -98.11 -5.81
CA ALA DB 394 -31.93 -96.91 -5.82
C ALA DB 394 -31.16 -96.79 -4.52
N ILE DB 395 -30.15 -95.94 -4.54
CA ILE DB 395 -29.42 -95.61 -3.32
C ILE DB 395 -28.70 -94.29 -3.54
N LEU DB 396 -28.54 -93.55 -2.44
CA LEU DB 396 -27.97 -92.22 -2.44
C LEU DB 396 -26.61 -92.25 -1.77
N ALA DB 397 -25.86 -91.16 -1.95
CA ALA DB 397 -24.58 -90.98 -1.31
C ALA DB 397 -24.27 -89.48 -1.26
N VAL DB 398 -23.93 -89.00 -0.07
CA VAL DB 398 -23.74 -87.59 0.19
C VAL DB 398 -22.27 -87.37 0.53
N GLY DB 399 -21.57 -86.61 -0.30
CA GLY DB 399 -20.20 -86.26 -0.01
C GLY DB 399 -20.11 -85.20 1.07
N ALA DB 400 -18.89 -84.74 1.29
CA ALA DB 400 -18.65 -83.70 2.26
C ALA DB 400 -18.89 -82.33 1.63
N PRO DB 401 -19.10 -81.29 2.44
CA PRO DB 401 -19.22 -79.95 1.88
C PRO DB 401 -17.86 -79.35 1.53
N GLN DB 402 -17.90 -78.40 0.62
CA GLN DB 402 -16.70 -77.75 0.11
C GLN DB 402 -17.03 -76.32 -0.25
N LYS DB 403 -15.97 -75.54 -0.48
CA LYS DB 403 -16.08 -74.14 -0.86
C LYS DB 403 -15.88 -74.02 -2.36
N VAL DB 404 -16.77 -73.29 -3.03
CA VAL DB 404 -16.75 -73.15 -4.47
C VAL DB 404 -16.99 -71.70 -4.83
N ALA DB 405 -16.42 -71.29 -5.94
CA ALA DB 405 -16.64 -69.95 -6.48
C ALA DB 405 -17.95 -69.92 -7.26
N VAL DB 406 -18.69 -68.83 -7.10
CA VAL DB 406 -19.98 -68.65 -7.76
C VAL DB 406 -20.09 -67.19 -8.19
N PRO DB 407 -20.61 -66.88 -9.37
CA PRO DB 407 -20.82 -65.48 -9.73
C PRO DB 407 -21.95 -64.86 -8.93
N VAL DB 408 -21.92 -63.53 -8.87
CA VAL DB 408 -22.95 -62.77 -8.19
C VAL DB 408 -22.98 -61.37 -8.80
N GLU DB 409 -24.18 -60.83 -8.96
CA GLU DB 409 -24.37 -59.49 -9.50
C GLU DB 409 -24.53 -58.49 -8.36
N ASN DB 410 -23.56 -57.60 -8.22
CA ASN DB 410 -23.67 -56.52 -7.27
C ASN DB 410 -24.76 -55.54 -7.71
N GLU DB 411 -25.01 -54.53 -6.88
CA GLU DB 411 -26.01 -53.53 -7.21
C GLU DB 411 -25.72 -52.81 -8.53
N ASP DB 412 -24.46 -52.70 -8.93
CA ASP DB 412 -24.09 -52.18 -10.24
C ASP DB 412 -24.05 -53.33 -11.24
N GLY DB 413 -23.71 -53.01 -12.49
CA GLY DB 413 -23.75 -53.99 -13.55
C GLY DB 413 -22.67 -55.04 -13.50
N THR DB 414 -21.56 -54.77 -12.80
CA THR DB 414 -20.45 -55.71 -12.79
C THR DB 414 -20.78 -56.95 -11.97
N THR DB 415 -20.17 -58.06 -12.35
CA THR DB 415 -20.27 -59.29 -11.60
C THR DB 415 -19.22 -59.32 -10.50
N GLY DB 416 -19.41 -60.23 -9.55
CA GLY DB 416 -18.50 -60.39 -8.44
C GLY DB 416 -18.36 -61.85 -8.06
N VAL DB 417 -17.56 -62.09 -7.04
CA VAL DB 417 -17.26 -63.43 -6.55
C VAL DB 417 -17.95 -63.61 -5.22
N SER DB 418 -18.66 -64.73 -5.08
CA SER DB 418 -19.31 -65.12 -3.84
C SER DB 418 -18.97 -66.57 -3.55
N TRP DB 419 -18.75 -66.86 -2.27
CA TRP DB 419 -18.34 -68.19 -1.83
C TRP DB 419 -19.55 -68.93 -1.29
N ASP DB 420 -19.96 -69.98 -1.99
CA ASP DB 420 -21.07 -70.83 -1.61
C ASP DB 420 -20.54 -72.17 -1.13
N GLU DB 421 -21.30 -72.80 -0.24
CA GLU DB 421 -20.95 -74.11 0.29
C GLU DB 421 -21.70 -75.17 -0.51
N GLN DB 422 -20.96 -75.95 -1.29
CA GLN DB 422 -21.54 -76.96 -2.17
C GLN DB 422 -21.29 -78.35 -1.62
N ILE DB 423 -22.21 -79.25 -1.96
CA ILE DB 423 -22.09 -80.68 -1.68
C ILE DB 423 -22.36 -81.42 -2.98
N ILE DB 424 -21.57 -82.44 -3.23
CA ILE DB 424 -21.81 -83.35 -4.34
C ILE DB 424 -22.66 -84.50 -3.85
N VAL DB 425 -23.59 -84.93 -4.70
CA VAL DB 425 -24.53 -85.99 -4.40
C VAL DB 425 -24.45 -87.00 -5.54
N THR DB 426 -24.33 -88.27 -5.18
CA THR DB 426 -24.22 -89.35 -6.14
C THR DB 426 -25.34 -90.34 -5.89
N ALA DB 427 -26.12 -90.62 -6.93
CA ALA DB 427 -27.23 -91.55 -6.86
C ALA DB 427 -26.99 -92.68 -7.85
N SER DB 428 -27.03 -93.90 -7.35
CA SER DB 428 -26.96 -95.09 -8.18
C SER DB 428 -28.35 -95.66 -8.37
N PHE DB 429 -28.70 -95.99 -9.61
CA PHE DB 429 -30.02 -96.49 -9.93
C PHE DB 429 -29.93 -97.85 -10.62
N ASP DB 430 -30.99 -98.64 -10.45
CA ASP DB 430 -31.17 -99.86 -11.23
C ASP DB 430 -31.89 -99.51 -12.52
N HIS DB 431 -31.35 -99.99 -13.63
CA HIS DB 431 -31.82 -99.60 -14.94
C HIS DB 431 -33.02 -100.40 -15.42
N LYS DB 432 -33.28 -101.56 -14.82
CA LYS DB 432 -34.46 -102.34 -15.20
C LYS DB 432 -35.73 -101.55 -14.93
N VAL DB 433 -35.80 -100.89 -13.78
CA VAL DB 433 -36.98 -100.17 -13.34
C VAL DB 433 -36.96 -98.73 -13.81
N VAL DB 434 -35.85 -98.06 -13.61
CA VAL DB 434 -35.73 -96.62 -13.78
C VAL DB 434 -34.93 -96.32 -15.02
N ASP DB 435 -35.23 -95.18 -15.64
CA ASP DB 435 -34.49 -94.67 -16.78
C ASP DB 435 -33.87 -93.32 -16.43
N GLY DB 436 -33.03 -92.85 -17.35
CA GLY DB 436 -32.27 -91.64 -17.10
C GLY DB 436 -33.15 -90.43 -16.88
N ALA DB 437 -34.23 -90.31 -17.67
CA ALA DB 437 -35.14 -89.18 -17.52
C ALA DB 437 -35.78 -89.18 -16.14
N VAL DB 438 -36.21 -90.35 -15.67
CA VAL DB 438 -36.89 -90.44 -14.38
C VAL DB 438 -35.93 -90.10 -13.27
N GLY DB 439 -34.70 -90.62 -13.35
CA GLY DB 439 -33.70 -90.31 -12.35
C GLY DB 439 -33.37 -88.83 -12.33
N ALA DB 440 -33.25 -88.23 -13.51
CA ALA DB 440 -32.95 -86.80 -13.59
C ALA DB 440 -34.08 -85.99 -12.99
N GLU DB 441 -35.32 -86.42 -13.20
CA GLU DB 441 -36.47 -85.71 -12.63
C GLU DB 441 -36.43 -85.78 -11.11
N TRP DB 442 -36.15 -86.96 -10.58
CA TRP DB 442 -36.03 -87.13 -9.13
C TRP DB 442 -34.96 -86.22 -8.57
N ILE DB 443 -33.80 -86.18 -9.22
CA ILE DB 443 -32.70 -85.35 -8.74
C ILE DB 443 -33.08 -83.88 -8.83
N ARG DB 444 -33.81 -83.48 -9.88
CA ARG DB 444 -34.22 -82.09 -9.99
C ARG DB 444 -35.13 -81.70 -8.85
N GLU DB 445 -36.10 -82.56 -8.52
CA GLU DB 445 -36.99 -82.24 -7.41
C GLU DB 445 -36.22 -82.16 -6.11
N LEU DB 446 -35.23 -83.03 -5.91
CA LEU DB 446 -34.44 -82.99 -4.69
C LEU DB 446 -33.67 -81.68 -4.60
N LYS DB 447 -33.00 -81.30 -5.69
CA LYS DB 447 -32.24 -80.05 -5.72
C LYS DB 447 -33.16 -78.87 -5.44
N LYS DB 448 -34.35 -78.88 -6.02
CA LYS DB 448 -35.28 -77.77 -5.82
C LYS DB 448 -35.68 -77.66 -4.36
N VAL DB 449 -36.06 -78.79 -3.76
CA VAL DB 449 -36.51 -78.77 -2.36
C VAL DB 449 -35.38 -78.32 -1.45
N ILE DB 450 -34.16 -78.74 -1.73
CA ILE DB 450 -33.04 -78.36 -0.88
C ILE DB 450 -32.73 -76.88 -1.03
N GLU DB 451 -32.65 -76.42 -2.28
CA GLU DB 451 -32.25 -75.05 -2.53
C GLU DB 451 -33.30 -74.07 -2.02
N ASN DB 452 -34.57 -74.49 -2.00
CA ASN DB 452 -35.65 -73.74 -1.37
C ASN DB 452 -36.14 -74.53 -0.17
N PRO DB 453 -35.50 -74.41 0.99
CA PRO DB 453 -35.87 -75.29 2.12
C PRO DB 453 -37.30 -75.11 2.58
N LEU DB 454 -37.91 -73.97 2.30
CA LEU DB 454 -39.26 -73.71 2.78
C LEU DB 454 -40.28 -74.65 2.15
N GLU DB 455 -39.96 -75.26 1.02
CA GLU DB 455 -40.85 -76.24 0.43
C GLU DB 455 -40.88 -77.56 1.18
N LEU DB 456 -40.02 -77.73 2.19
CA LEU DB 456 -40.11 -78.90 3.05
C LEU DB 456 -41.47 -79.00 3.72
N LEU DB 457 -42.11 -77.86 3.97
CA LEU DB 457 -43.46 -77.87 4.53
C LEU DB 457 -44.44 -78.50 3.57
N LEU DB 458 -44.17 -78.44 2.27
CA LEU DB 458 -45.04 -79.01 1.26
C LEU DB 458 -44.73 -80.47 1.02
N TYR EB 227 43.02 -92.09 50.32
CA TYR EB 227 42.40 -92.32 51.61
C TYR EB 227 41.35 -93.42 51.52
N THR EB 228 40.16 -93.06 51.08
CA THR EB 228 39.10 -94.04 50.96
C THR EB 228 39.45 -95.05 49.87
N ASP EB 229 39.26 -96.33 50.16
CA ASP EB 229 39.70 -97.43 49.29
C ASP EB 229 38.49 -98.30 48.98
N VAL EB 230 37.87 -98.07 47.82
CA VAL EB 230 36.67 -98.79 47.42
C VAL EB 230 37.09 -99.87 46.42
N PRO EB 231 36.74 -101.14 46.65
CA PRO EB 231 37.04 -102.16 45.62
C PRO EB 231 36.27 -101.90 44.34
N ILE EB 232 36.76 -102.49 43.27
CA ILE EB 232 36.15 -102.33 41.95
C ILE EB 232 34.97 -103.29 41.86
N SER EB 233 33.92 -102.85 41.19
CA SER EB 233 32.71 -103.66 41.06
C SER EB 233 32.94 -104.93 40.25
N GLY EB 234 33.98 -104.97 39.41
CA GLY EB 234 34.25 -106.09 38.53
C GLY EB 234 33.69 -105.87 37.15
N MET EB 235 32.53 -105.22 37.05
CA MET EB 235 31.96 -104.93 35.75
C MET EB 235 32.81 -103.91 34.99
N ARG EB 236 33.38 -102.95 35.71
CA ARG EB 236 34.25 -101.96 35.07
C ARG EB 236 35.50 -102.61 34.50
N LYS EB 237 35.92 -103.74 35.04
CA LYS EB 237 37.12 -104.42 34.54
C LYS EB 237 36.95 -104.80 33.09
N THR EB 238 35.79 -105.36 32.74
CA THR EB 238 35.54 -105.79 31.38
C THR EB 238 35.55 -104.60 30.42
N ILE EB 239 34.93 -103.49 30.82
CA ILE EB 239 34.89 -102.31 29.96
C ILE EB 239 36.29 -101.74 29.78
N ALA EB 240 37.08 -101.73 30.86
CA ALA EB 240 38.44 -101.21 30.77
C ALA EB 240 39.27 -102.07 29.83
N ALA EB 241 39.14 -103.39 29.96
CA ALA EB 241 39.87 -104.28 29.06
C ALA EB 241 39.45 -104.09 27.62
N ARG EB 242 38.14 -103.93 27.39
CA ARG EB 242 37.63 -103.73 26.04
C ARG EB 242 38.19 -102.45 25.43
N LEU EB 243 38.18 -101.36 26.19
CA LEU EB 243 38.69 -100.09 25.70
C LEU EB 243 40.20 -100.17 25.46
N LYS EB 244 40.92 -100.86 26.33
CA LYS EB 244 42.35 -101.06 26.15
C LYS EB 244 42.62 -101.82 24.85
N GLU EB 245 41.82 -102.86 24.59
CA GLU EB 245 41.93 -103.58 23.34
C GLU EB 245 41.68 -102.65 22.16
N SER EB 246 40.68 -101.80 22.27
CA SER EB 246 40.36 -100.87 21.19
C SER EB 246 41.54 -99.98 20.86
N VAL EB 247 42.08 -99.30 21.88
CA VAL EB 247 43.14 -98.33 21.63
C VAL EB 247 44.45 -99.00 21.25
N THR EB 248 44.73 -100.20 21.76
CA THR EB 248 46.01 -100.83 21.47
C THR EB 248 45.98 -101.57 20.13
N GLU EB 249 44.80 -101.99 19.67
CA GLU EB 249 44.71 -102.72 18.41
C GLU EB 249 44.47 -101.77 17.24
N ASN EB 250 43.61 -100.77 17.44
CA ASN EB 250 43.18 -99.88 16.39
C ASN EB 250 43.72 -98.48 16.66
N PRO EB 251 44.50 -97.88 15.76
CA PRO EB 251 44.84 -96.47 15.95
C PRO EB 251 43.61 -95.61 15.74
N HIS EB 252 43.73 -94.35 16.15
CA HIS EB 252 42.61 -93.42 16.11
C HIS EB 252 43.07 -92.09 15.54
N PHE EB 253 42.30 -91.58 14.58
CA PHE EB 253 42.45 -90.21 14.12
C PHE EB 253 41.07 -89.58 14.05
N PHE EB 254 41.06 -88.27 14.27
CA PHE EB 254 39.84 -87.51 14.54
C PHE EB 254 39.62 -86.47 13.46
N VAL EB 255 38.35 -86.25 13.15
CA VAL EB 255 37.92 -85.22 12.20
C VAL EB 255 36.87 -84.39 12.91
N SER EB 256 36.92 -83.07 12.70
CA SER EB 256 36.09 -82.14 13.43
C SER EB 256 35.52 -81.12 12.44
N THR EB 257 34.19 -81.03 12.40
CA THR EB 257 33.51 -80.15 11.47
C THR EB 257 32.41 -79.39 12.20
N ASN EB 258 31.79 -78.47 11.47
CA ASN EB 258 30.74 -77.61 11.99
C ASN EB 258 29.54 -77.68 11.07
N LEU EB 259 28.37 -77.89 11.64
CA LEU EB 259 27.13 -77.99 10.90
C LEU EB 259 26.26 -76.78 11.19
N SER EB 260 25.25 -76.59 10.34
CA SER EB 260 24.27 -75.53 10.49
C SER EB 260 22.88 -76.17 10.56
N VAL EB 261 22.15 -75.86 11.62
CA VAL EB 261 20.89 -76.53 11.94
C VAL EB 261 19.73 -75.56 12.05
N SER EB 262 19.88 -74.33 11.55
CA SER EB 262 18.79 -73.36 11.64
C SER EB 262 17.57 -73.84 10.88
N LYS EB 263 17.77 -74.57 9.78
CA LYS EB 263 16.66 -75.12 9.03
C LYS EB 263 16.15 -76.40 9.67
N LEU EB 264 17.05 -77.20 10.23
CA LEU EB 264 16.65 -78.45 10.88
C LEU EB 264 15.74 -78.17 12.05
N LEU EB 265 16.04 -77.14 12.84
CA LEU EB 265 15.21 -76.85 14.00
C LEU EB 265 13.83 -76.36 13.58
N LYS EB 266 13.77 -75.56 12.52
CA LYS EB 266 12.46 -75.16 11.99
C LYS EB 266 11.66 -76.36 11.54
N LEU EB 267 12.32 -77.31 10.86
CA LEU EB 267 11.65 -78.52 10.42
C LEU EB 267 11.12 -79.31 11.61
N ARG EB 268 11.95 -79.47 12.64
CA ARG EB 268 11.53 -80.21 13.82
C ARG EB 268 10.34 -79.53 14.49
N GLN EB 269 10.38 -78.20 14.59
CA GLN EB 269 9.29 -77.47 15.19
C GLN EB 269 8.01 -77.63 14.39
N ALA EB 270 8.11 -77.59 13.07
CA ALA EB 270 6.92 -77.72 12.24
C ALA EB 270 6.30 -79.10 12.37
N LEU EB 271 7.14 -80.14 12.33
CA LEU EB 271 6.61 -81.50 12.46
C LEU EB 271 6.04 -81.74 13.85
N ASN EB 272 6.63 -81.13 14.88
CA ASN EB 272 6.07 -81.29 16.22
C ASN EB 272 4.73 -80.59 16.35
N SER EB 273 4.60 -79.40 15.78
CA SER EB 273 3.35 -78.67 15.86
C SER EB 273 2.25 -79.36 15.04
N SER EB 274 2.59 -79.88 13.87
CA SER EB 274 1.61 -80.59 13.04
C SER EB 274 1.48 -82.04 13.50
N ALA EB 275 1.04 -82.19 14.75
CA ALA EB 275 0.93 -83.50 15.36
C ALA EB 275 -0.08 -83.41 16.50
N ASP EB 276 -0.55 -84.57 16.93
CA ASP EB 276 -1.56 -84.69 17.97
C ASP EB 276 -1.02 -85.47 19.16
N GLY EB 277 0.23 -85.19 19.53
CA GLY EB 277 0.88 -85.94 20.59
C GLY EB 277 1.21 -87.37 20.22
N ARG EB 278 1.05 -87.76 18.96
CA ARG EB 278 1.32 -89.12 18.54
C ARG EB 278 2.81 -89.42 18.55
N TYR EB 279 3.66 -88.38 18.44
CA TYR EB 279 5.10 -88.56 18.41
C TYR EB 279 5.77 -87.29 18.91
N LYS EB 280 7.07 -87.41 19.17
CA LYS EB 280 7.88 -86.27 19.56
C LYS EB 280 9.30 -86.51 19.07
N LEU EB 281 9.88 -85.52 18.41
CA LEU EB 281 11.15 -85.67 17.72
C LEU EB 281 12.27 -84.93 18.45
N SER EB 282 13.50 -85.29 18.09
CA SER EB 282 14.69 -84.66 18.61
C SER EB 282 15.74 -84.55 17.52
N VAL EB 283 16.94 -84.09 17.87
CA VAL EB 283 18.01 -83.92 16.89
C VAL EB 283 18.71 -85.24 16.62
N ASN EB 284 18.77 -86.11 17.62
CA ASN EB 284 19.47 -87.38 17.50
C ASN EB 284 18.88 -88.24 16.39
N ASP EB 285 17.57 -88.19 16.21
CA ASP EB 285 16.93 -89.04 15.20
C ASP EB 285 17.31 -88.59 13.79
N PHE EB 286 17.24 -87.28 13.53
CA PHE EB 286 17.70 -86.74 12.26
C PHE EB 286 19.15 -87.12 12.02
N LEU EB 287 19.99 -87.01 13.05
CA LEU EB 287 21.38 -87.37 12.90
C LEU EB 287 21.54 -88.83 12.55
N ILE EB 288 20.70 -89.69 13.12
CA ILE EB 288 20.82 -91.12 12.85
C ILE EB 288 20.43 -91.42 11.41
N LYS EB 289 19.37 -90.77 10.93
CA LYS EB 289 18.97 -90.96 9.53
C LYS EB 289 20.08 -90.49 8.60
N ALA EB 290 20.69 -89.35 8.91
CA ALA EB 290 21.77 -88.84 8.06
C ALA EB 290 22.97 -89.78 8.09
N MET EB 291 23.25 -90.36 9.26
CA MET EB 291 24.32 -91.34 9.36
C MET EB 291 24.06 -92.52 8.46
N GLY EB 292 22.82 -93.01 8.45
CA GLY EB 292 22.49 -94.14 7.59
C GLY EB 292 22.65 -93.80 6.13
N ILE EB 293 22.21 -92.61 5.73
CA ILE EB 293 22.32 -92.21 4.33
C ILE EB 293 23.78 -92.11 3.92
N ALA EB 294 24.60 -91.53 4.80
CA ALA EB 294 26.02 -91.38 4.49
C ALA EB 294 26.69 -92.74 4.39
N SER EB 295 26.34 -93.66 5.29
CA SER EB 295 26.93 -94.99 5.24
C SER EB 295 26.54 -95.71 3.96
N LYS EB 296 25.31 -95.49 3.48
CA LYS EB 296 24.91 -96.15 2.24
C LYS EB 296 25.59 -95.52 1.03
N ARG EB 297 25.83 -94.21 1.06
CA ARG EB 297 26.53 -93.59 -0.07
C ARG EB 297 28.01 -93.92 -0.05
N VAL EB 298 28.57 -94.25 1.11
CA VAL EB 298 29.98 -94.60 1.24
C VAL EB 298 30.08 -95.87 2.08
N PRO EB 299 29.96 -97.06 1.49
CA PRO EB 299 29.86 -98.28 2.30
C PRO EB 299 31.14 -98.67 3.00
N THR EB 300 32.28 -98.08 2.61
CA THR EB 300 33.55 -98.50 3.21
C THR EB 300 33.60 -98.22 4.70
N VAL EB 301 32.88 -97.19 5.16
CA VAL EB 301 32.85 -96.90 6.58
C VAL EB 301 32.08 -97.97 7.32
N ASN EB 302 30.94 -98.38 6.78
CA ASN EB 302 30.13 -99.44 7.36
C ASN EB 302 30.84 -100.77 7.08
N SER EB 303 31.86 -101.03 7.88
CA SER EB 303 32.72 -102.20 7.71
C SER EB 303 33.26 -102.59 9.08
N SER EB 304 34.25 -103.47 9.08
CA SER EB 304 34.89 -103.89 10.32
C SER EB 304 36.23 -104.52 9.98
N TRP EB 305 36.85 -105.15 10.98
CA TRP EB 305 38.13 -105.81 10.82
C TRP EB 305 38.04 -107.18 11.50
N ARG EB 306 38.27 -108.23 10.73
CA ARG EB 306 38.17 -109.60 11.21
C ARG EB 306 39.46 -110.35 10.90
N ASP EB 307 39.44 -111.67 11.06
CA ASP EB 307 40.65 -112.46 10.91
C ASP EB 307 41.07 -112.53 9.44
N GLY EB 308 41.98 -111.64 9.05
CA GLY EB 308 42.47 -111.62 7.68
C GLY EB 308 41.41 -111.37 6.64
N VAL EB 309 40.33 -110.67 6.99
CA VAL EB 309 39.22 -110.47 6.08
C VAL EB 309 38.41 -109.27 6.55
N ILE EB 310 37.91 -108.49 5.59
CA ILE EB 310 37.06 -107.35 5.85
C ILE EB 310 35.62 -107.79 5.67
N ARG EB 311 34.83 -107.61 6.73
CA ARG EB 311 33.40 -107.91 6.71
C ARG EB 311 32.64 -106.64 6.39
N GLN EB 312 31.92 -106.66 5.27
CA GLN EB 312 31.13 -105.52 4.82
C GLN EB 312 29.65 -105.87 4.90
N PHE EB 313 28.90 -105.04 5.60
CA PHE EB 313 27.46 -105.20 5.71
C PHE EB 313 26.77 -104.47 4.55
N GLU EB 314 25.44 -104.48 4.58
CA GLU EB 314 24.61 -103.73 3.64
C GLU EB 314 23.72 -102.72 4.35
N THR EB 315 23.03 -103.14 5.40
CA THR EB 315 22.21 -102.26 6.20
C THR EB 315 23.09 -101.46 7.16
N VAL EB 316 22.44 -100.64 7.98
CA VAL EB 316 23.11 -99.79 8.95
C VAL EB 316 22.52 -100.12 10.32
N ASP EB 317 23.34 -100.66 11.20
CA ASP EB 317 22.97 -100.95 12.58
C ASP EB 317 23.63 -99.92 13.48
N VAL EB 318 22.83 -99.15 14.19
CA VAL EB 318 23.31 -97.96 14.90
C VAL EB 318 23.27 -98.24 16.40
N SER EB 319 24.42 -98.07 17.05
CA SER EB 319 24.53 -98.22 18.49
C SER EB 319 24.44 -96.86 19.15
N VAL EB 320 23.39 -96.64 19.93
CA VAL EB 320 23.16 -95.37 20.62
C VAL EB 320 23.56 -95.55 22.07
N ALA EB 321 24.32 -94.58 22.59
CA ALA EB 321 24.79 -94.65 23.97
C ALA EB 321 23.75 -94.10 24.91
N VAL EB 322 23.65 -94.73 26.08
CA VAL EB 322 22.79 -94.28 27.16
C VAL EB 322 23.59 -94.32 28.45
N ALA EB 323 23.47 -93.25 29.24
CA ALA EB 323 24.25 -93.05 30.45
C ALA EB 323 23.37 -93.36 31.64
N THR EB 324 23.51 -94.56 32.17
CA THR EB 324 22.78 -94.97 33.36
C THR EB 324 23.62 -94.70 34.61
N PRO EB 325 23.00 -94.67 35.79
CA PRO EB 325 23.81 -94.59 37.02
C PRO EB 325 24.74 -95.76 37.19
N ASN EB 326 24.43 -96.90 36.58
CA ASN EB 326 25.33 -98.05 36.57
C ASN EB 326 26.54 -97.82 35.69
N GLY EB 327 26.43 -96.95 34.68
CA GLY EB 327 27.53 -96.68 33.77
C GLY EB 327 27.07 -96.30 32.38
N LEU EB 328 27.59 -96.99 31.37
CA LEU EB 328 27.27 -96.72 29.97
C LEU EB 328 26.76 -98.00 29.33
N ILE EB 329 25.83 -97.84 28.38
CA ILE EB 329 25.29 -98.98 27.66
C ILE EB 329 24.97 -98.54 26.25
N THR EB 330 24.95 -99.50 25.32
CA THR EB 330 24.79 -99.22 23.90
C THR EB 330 23.71 -100.09 23.28
N PRO EB 331 22.44 -99.73 23.45
CA PRO EB 331 21.38 -100.37 22.68
C PRO EB 331 21.56 -100.11 21.19
N ILE EB 332 20.83 -100.87 20.39
CA ILE EB 332 21.01 -100.91 18.95
C ILE EB 332 19.67 -100.65 18.27
N VAL EB 333 19.72 -99.92 17.16
CA VAL EB 333 18.62 -99.77 16.24
C VAL EB 333 18.99 -100.48 14.95
N LYS EB 334 18.05 -101.25 14.41
CA LYS EB 334 18.26 -102.12 13.27
C LYS EB 334 17.58 -101.55 12.03
N GLY EB 335 18.24 -101.67 10.89
CA GLY EB 335 17.66 -101.30 9.62
C GLY EB 335 17.23 -99.84 9.58
N VAL EB 336 18.18 -98.94 9.84
CA VAL EB 336 17.85 -97.52 9.95
C VAL EB 336 17.39 -96.98 8.60
N GLU EB 337 18.20 -97.20 7.56
CA GLU EB 337 17.90 -96.67 6.25
C GLU EB 337 16.56 -97.21 5.77
N GLY EB 338 15.63 -96.31 5.50
CA GLY EB 338 14.29 -96.70 5.16
C GLY EB 338 13.55 -97.33 6.32
N LYS EB 339 13.37 -96.57 7.40
CA LYS EB 339 12.62 -97.03 8.56
C LYS EB 339 11.59 -96.03 9.04
N GLY EB 340 11.88 -94.73 8.95
CA GLY EB 340 10.96 -93.70 9.42
C GLY EB 340 11.35 -93.10 10.75
N LEU EB 341 11.29 -91.76 10.81
CA LEU EB 341 11.73 -91.04 12.00
C LEU EB 341 10.85 -91.36 13.20
N GLU EB 342 9.55 -91.57 12.98
CA GLU EB 342 8.65 -91.85 14.08
C GLU EB 342 8.99 -93.19 14.71
N SER EB 343 9.16 -94.21 13.88
CA SER EB 343 9.58 -95.53 14.37
C SER EB 343 10.92 -95.44 15.08
N ILE EB 344 11.83 -94.63 14.54
CA ILE EB 344 13.14 -94.45 15.16
C ILE EB 344 13.00 -93.89 16.57
N SER EB 345 12.26 -92.79 16.69
CA SER EB 345 12.10 -92.15 18.00
C SER EB 345 11.42 -93.09 18.99
N ALA EB 346 10.42 -93.83 18.53
CA ALA EB 346 9.72 -94.75 19.41
C ALA EB 346 10.66 -95.84 19.92
N ALA EB 347 11.43 -96.42 19.02
CA ALA EB 347 12.35 -97.49 19.41
C ALA EB 347 13.42 -96.96 20.35
N VAL EB 348 13.91 -95.75 20.10
CA VAL EB 348 14.95 -95.19 20.96
C VAL EB 348 14.40 -94.92 22.35
N LYS EB 349 13.19 -94.36 22.43
CA LYS EB 349 12.57 -94.14 23.74
C LYS EB 349 12.38 -95.45 24.49
N GLU EB 350 11.91 -96.48 23.78
CA GLU EB 350 11.70 -97.79 24.40
C GLU EB 350 13.02 -98.33 24.96
N LEU EB 351 14.06 -98.34 24.14
CA LEU EB 351 15.33 -98.90 24.57
C LEU EB 351 15.95 -98.08 25.70
N ALA EB 352 15.80 -96.76 25.65
CA ALA EB 352 16.36 -95.92 26.71
C ALA EB 352 15.68 -96.18 28.05
N LYS EB 353 14.34 -96.27 28.04
CA LYS EB 353 13.64 -96.57 29.29
C LYS EB 353 13.96 -97.98 29.76
N LYS EB 354 14.08 -98.93 28.84
CA LYS EB 354 14.42 -100.29 29.23
C LYS EB 354 15.82 -100.38 29.80
N ALA EB 355 16.74 -99.53 29.35
CA ALA EB 355 18.07 -99.52 29.90
C ALA EB 355 18.10 -98.84 31.26
N ARG EB 356 17.32 -97.77 31.43
CA ARG EB 356 17.18 -97.19 32.75
C ARG EB 356 16.57 -98.17 33.74
N ASP EB 357 15.72 -99.07 33.26
CA ASP EB 357 15.14 -100.10 34.11
C ASP EB 357 16.04 -101.32 34.27
N GLY EB 358 16.96 -101.55 33.33
CA GLY EB 358 17.80 -102.73 33.36
C GLY EB 358 17.04 -104.00 32.98
N LYS EB 359 16.53 -104.03 31.75
CA LYS EB 359 15.65 -105.11 31.29
C LYS EB 359 16.01 -105.54 29.87
N LEU EB 360 17.29 -105.48 29.52
CA LEU EB 360 17.73 -105.72 28.15
C LEU EB 360 18.24 -107.14 27.96
N LYS EB 361 18.29 -107.54 26.70
CA LYS EB 361 18.90 -108.78 26.26
C LYS EB 361 20.29 -108.50 25.70
N PRO EB 362 21.19 -109.51 25.68
CA PRO EB 362 22.53 -109.23 25.16
C PRO EB 362 22.56 -108.89 23.70
N GLU EB 363 21.71 -109.52 22.89
CA GLU EB 363 21.70 -109.27 21.45
C GLU EB 363 21.33 -107.82 21.15
N GLU EB 364 20.56 -107.17 22.02
CA GLU EB 364 20.13 -105.80 21.77
C GLU EB 364 21.25 -104.79 21.94
N TYR EB 365 22.38 -105.17 22.57
CA TYR EB 365 23.52 -104.28 22.72
C TYR EB 365 24.83 -104.98 22.42
N GLN EB 366 24.80 -106.09 21.68
CA GLN EB 366 26.01 -106.78 21.22
C GLN EB 366 25.92 -106.94 19.71
N GLY EB 367 26.72 -106.16 19.00
CA GLY EB 367 26.72 -106.13 17.55
C GLY EB 367 26.88 -104.72 17.04
N GLY EB 368 26.14 -104.37 15.98
CA GLY EB 368 26.17 -103.02 15.48
C GLY EB 368 27.39 -102.73 14.65
N SER EB 369 27.21 -101.98 13.57
CA SER EB 369 28.31 -101.61 12.69
C SER EB 369 28.88 -100.23 13.00
N ILE EB 370 28.04 -99.30 13.45
CA ILE EB 370 28.45 -97.93 13.73
C ILE EB 370 27.77 -97.48 15.01
N SER EB 371 28.35 -96.46 15.65
CA SER EB 371 27.94 -96.03 16.97
C SER EB 371 27.79 -94.51 17.00
N ILE EB 372 27.31 -94.01 18.13
CA ILE EB 372 27.10 -92.58 18.34
C ILE EB 372 27.00 -92.34 19.85
N SER EB 373 27.46 -91.15 20.26
CA SER EB 373 27.28 -90.67 21.61
C SER EB 373 26.81 -89.22 21.54
N ASN EB 374 25.89 -88.87 22.42
CA ASN EB 374 25.26 -87.55 22.42
C ASN EB 374 25.45 -86.89 23.77
N MET EB 375 25.68 -85.57 23.73
CA MET EB 375 25.80 -84.76 24.94
C MET EB 375 25.09 -83.42 24.77
N GLY EB 376 24.08 -83.36 23.89
CA GLY EB 376 23.47 -82.09 23.56
C GLY EB 376 22.74 -81.43 24.72
N MET EB 377 22.35 -82.20 25.74
CA MET EB 377 21.65 -81.60 26.86
C MET EB 377 22.55 -80.67 27.64
N ASN EB 378 23.85 -80.97 27.72
CA ASN EB 378 24.79 -80.17 28.49
C ASN EB 378 25.31 -79.03 27.62
N PRO EB 379 24.89 -77.78 27.83
CA PRO EB 379 25.26 -76.72 26.89
C PRO EB 379 26.72 -76.30 26.97
N ALA EB 380 27.48 -76.80 27.94
CA ALA EB 380 28.86 -76.36 28.09
C ALA EB 380 29.79 -77.03 27.10
N VAL EB 381 29.49 -78.26 26.70
CA VAL EB 381 30.38 -79.05 25.87
C VAL EB 381 30.31 -78.52 24.45
N GLN EB 382 31.38 -77.86 24.00
CA GLN EB 382 31.48 -77.47 22.61
C GLN EB 382 31.83 -78.66 21.74
N SER EB 383 32.71 -79.53 22.23
CA SER EB 383 33.09 -80.71 21.45
C SER EB 383 33.73 -81.73 22.37
N PHE EB 384 33.84 -82.95 21.87
CA PHE EB 384 34.52 -84.00 22.59
C PHE EB 384 34.74 -85.17 21.66
N THR EB 385 35.68 -86.02 22.05
CA THR EB 385 36.00 -87.25 21.35
C THR EB 385 35.44 -88.43 22.14
N ALA EB 386 35.42 -89.59 21.50
CA ALA EB 386 35.02 -90.83 22.15
C ALA EB 386 35.97 -91.92 21.70
N ILE EB 387 35.62 -93.16 22.06
CA ILE EB 387 36.45 -94.33 21.81
C ILE EB 387 35.62 -95.34 21.04
N ILE EB 388 36.26 -96.03 20.10
CA ILE EB 388 35.56 -96.87 19.15
C ILE EB 388 35.19 -98.18 19.82
N ASN EB 389 33.90 -98.42 19.98
CA ASN EB 389 33.42 -99.67 20.55
C ASN EB 389 33.68 -100.79 19.55
N PRO EB 390 34.61 -101.72 19.81
CA PRO EB 390 34.94 -102.71 18.80
C PRO EB 390 33.81 -103.69 18.60
N PRO EB 391 33.83 -104.47 17.51
CA PRO EB 391 34.83 -104.50 16.43
C PRO EB 391 34.55 -103.47 15.34
N GLN EB 392 33.82 -102.41 15.68
CA GLN EB 392 33.40 -101.42 14.69
C GLN EB 392 34.60 -100.62 14.20
N ALA EB 393 34.35 -99.68 13.28
CA ALA EB 393 35.40 -98.93 12.60
C ALA EB 393 35.32 -97.43 12.80
N ALA EB 394 34.20 -96.91 13.30
CA ALA EB 394 34.02 -95.47 13.43
C ALA EB 394 33.11 -95.18 14.61
N ILE EB 395 33.09 -93.91 14.99
CA ILE EB 395 32.14 -93.45 16.00
C ILE EB 395 32.03 -91.93 15.90
N LEU EB 396 30.84 -91.44 16.23
CA LEU EB 396 30.46 -90.05 16.09
C LEU EB 396 30.30 -89.41 17.45
N ALA EB 397 30.26 -88.09 17.45
CA ALA EB 397 30.02 -87.32 18.66
C ALA EB 397 29.47 -85.95 18.27
N VAL EB 398 28.40 -85.54 18.95
CA VAL EB 398 27.66 -84.33 18.63
C VAL EB 398 27.71 -83.42 19.85
N GLY EB 399 28.32 -82.25 19.70
CA GLY EB 399 28.38 -81.30 20.78
C GLY EB 399 27.05 -80.59 20.96
N ALA EB 400 27.09 -79.53 21.76
CA ALA EB 400 25.92 -78.72 21.99
C ALA EB 400 25.76 -77.68 20.90
N PRO EB 401 24.58 -77.09 20.76
CA PRO EB 401 24.42 -75.98 19.82
C PRO EB 401 24.95 -74.68 20.41
N GLN EB 402 25.34 -73.79 19.51
CA GLN EB 402 25.95 -72.51 19.89
C GLN EB 402 25.58 -71.46 18.87
N LYS EB 403 25.80 -70.20 19.27
CA LYS EB 403 25.53 -69.05 18.41
C LYS EB 403 26.84 -68.58 17.81
N VAL EB 404 26.85 -68.39 16.50
CA VAL EB 404 28.05 -68.02 15.75
C VAL EB 404 27.70 -66.90 14.79
N ALA EB 405 28.68 -66.04 14.54
CA ALA EB 405 28.52 -64.99 13.55
C ALA EB 405 28.75 -65.53 12.16
N VAL EB 406 27.93 -65.10 11.21
CA VAL EB 406 28.00 -65.55 9.83
C VAL EB 406 27.76 -64.34 8.92
N PRO EB 407 28.52 -64.16 7.84
CA PRO EB 407 28.20 -63.06 6.92
C PRO EB 407 26.91 -63.34 6.16
N VAL EB 408 26.33 -62.27 5.65
CA VAL EB 408 25.12 -62.36 4.84
C VAL EB 408 25.04 -61.13 3.96
N GLU EB 409 24.60 -61.33 2.73
CA GLU EB 409 24.46 -60.25 1.77
C GLU EB 409 23.04 -59.71 1.80
N ASN EB 410 22.88 -58.48 2.26
CA ASN EB 410 21.60 -57.81 2.16
C ASN EB 410 21.27 -57.52 0.71
N GLU EB 411 20.07 -56.99 0.48
CA GLU EB 411 19.65 -56.64 -0.87
C GLU EB 411 20.60 -55.66 -1.55
N ASP EB 412 21.27 -54.80 -0.79
CA ASP EB 412 22.30 -53.92 -1.33
C ASP EB 412 23.64 -54.66 -1.34
N GLY EB 413 24.67 -53.97 -1.83
CA GLY EB 413 25.97 -54.59 -1.99
C GLY EB 413 26.71 -54.84 -0.70
N THR EB 414 26.29 -54.23 0.40
CA THR EB 414 27.01 -54.38 1.66
C THR EB 414 26.67 -55.71 2.32
N THR EB 415 27.65 -56.24 3.03
CA THR EB 415 27.46 -57.44 3.83
C THR EB 415 26.86 -57.07 5.18
N GLY EB 416 26.28 -58.07 5.84
CA GLY EB 416 25.67 -57.89 7.13
C GLY EB 416 25.98 -59.07 8.04
N VAL EB 417 25.52 -58.96 9.28
CA VAL EB 417 25.74 -59.96 10.30
C VAL EB 417 24.44 -60.70 10.53
N SER EB 418 24.51 -62.02 10.55
CA SER EB 418 23.39 -62.88 10.88
C SER EB 418 23.86 -63.95 11.85
N TRP EB 419 22.98 -64.36 12.75
CA TRP EB 419 23.31 -65.29 13.82
C TRP EB 419 22.76 -66.66 13.46
N ASP EB 420 23.67 -67.58 13.17
CA ASP EB 420 23.34 -68.95 12.79
C ASP EB 420 23.68 -69.89 13.93
N GLU EB 421 22.83 -70.89 14.12
CA GLU EB 421 23.00 -71.88 15.17
C GLU EB 421 23.88 -73.01 14.64
N GLN EB 422 25.08 -73.14 15.21
CA GLN EB 422 26.05 -74.14 14.80
C GLN EB 422 26.15 -75.25 15.84
N ILE EB 423 26.57 -76.42 15.36
CA ILE EB 423 26.96 -77.54 16.20
C ILE EB 423 28.28 -78.06 15.68
N ILE EB 424 29.15 -78.45 16.59
CA ILE EB 424 30.40 -79.10 16.25
C ILE EB 424 30.17 -80.60 16.30
N VAL EB 425 30.81 -81.31 15.37
CA VAL EB 425 30.70 -82.75 15.26
C VAL EB 425 32.11 -83.31 15.16
N THR EB 426 32.37 -84.38 15.91
CA THR EB 426 33.67 -85.02 15.96
C THR EB 426 33.51 -86.50 15.65
N ALA EB 427 34.26 -86.97 14.67
CA ALA EB 427 34.25 -88.36 14.24
C ALA EB 427 35.62 -88.96 14.43
N SER EB 428 35.67 -90.08 15.14
CA SER EB 428 36.89 -90.85 15.30
C SER EB 428 36.81 -92.09 14.42
N PHE EB 429 37.89 -92.35 13.67
CA PHE EB 429 37.92 -93.45 12.73
C PHE EB 429 39.08 -94.39 13.03
N ASP EB 430 38.97 -95.62 12.54
CA ASP EB 430 40.08 -96.56 12.55
C ASP EB 430 40.82 -96.44 11.23
N HIS EB 431 42.14 -96.32 11.30
CA HIS EB 431 42.94 -96.07 10.13
C HIS EB 431 43.26 -97.32 9.32
N LYS EB 432 43.08 -98.50 9.89
CA LYS EB 432 43.32 -99.73 9.14
C LYS EB 432 42.37 -99.84 7.96
N VAL EB 433 41.12 -99.46 8.17
CA VAL EB 433 40.07 -99.59 7.16
C VAL EB 433 39.94 -98.31 6.35
N VAL EB 434 39.83 -97.19 7.01
CA VAL EB 434 39.42 -95.94 6.40
C VAL EB 434 40.63 -95.03 6.26
N ASP EB 435 40.60 -94.20 5.23
CA ASP EB 435 41.60 -93.18 5.00
C ASP EB 435 40.98 -91.79 5.21
N GLY EB 436 41.86 -90.80 5.30
CA GLY EB 436 41.41 -89.45 5.55
C GLY EB 436 40.47 -88.94 4.47
N ALA EB 437 40.75 -89.28 3.21
CA ALA EB 437 39.88 -88.85 2.12
C ALA EB 437 38.50 -89.46 2.25
N VAL EB 438 38.43 -90.75 2.62
CA VAL EB 438 37.15 -91.42 2.74
C VAL EB 438 36.34 -90.82 3.88
N GLY EB 439 37.01 -90.59 5.01
CA GLY EB 439 36.33 -89.96 6.13
C GLY EB 439 35.83 -88.57 5.79
N ALA EB 440 36.64 -87.81 5.05
CA ALA EB 440 36.24 -86.47 4.66
C ALA EB 440 35.03 -86.53 3.74
N GLU EB 441 34.99 -87.51 2.85
CA GLU EB 441 33.86 -87.66 1.95
C GLU EB 441 32.59 -87.99 2.73
N TRP EB 442 32.71 -88.88 3.71
CA TRP EB 442 31.59 -89.22 4.58
C TRP EB 442 31.06 -87.98 5.29
N ILE EB 443 31.98 -87.18 5.84
CA ILE EB 443 31.58 -85.99 6.56
C ILE EB 443 30.94 -84.98 5.63
N ARG EB 444 31.45 -84.88 4.40
CA ARG EB 444 30.85 -83.96 3.43
C ARG EB 444 29.41 -84.36 3.12
N GLU EB 445 29.18 -85.65 2.90
CA GLU EB 445 27.82 -86.11 2.62
C GLU EB 445 26.90 -85.84 3.81
N LEU EB 446 27.40 -86.04 5.03
CA LEU EB 446 26.59 -85.77 6.21
C LEU EB 446 26.22 -84.30 6.29
N LYS EB 447 27.22 -83.43 6.14
CA LYS EB 447 26.98 -81.99 6.19
C LYS EB 447 25.99 -81.57 5.12
N LYS EB 448 26.10 -82.13 3.93
CA LYS EB 448 25.21 -81.77 2.84
C LYS EB 448 23.79 -82.17 3.17
N VAL EB 449 23.60 -83.41 3.63
CA VAL EB 449 22.26 -83.90 3.94
C VAL EB 449 21.63 -83.08 5.05
N ILE EB 450 22.43 -82.65 6.03
CA ILE EB 450 21.87 -81.88 7.13
C ILE EB 450 21.51 -80.48 6.68
N GLU EB 451 22.46 -79.82 6.02
CA GLU EB 451 22.25 -78.43 5.62
C GLU EB 451 21.10 -78.32 4.63
N ASN EB 452 20.85 -79.39 3.86
CA ASN EB 452 19.66 -79.49 3.02
C ASN EB 452 18.81 -80.62 3.57
N PRO EB 453 17.98 -80.39 4.60
CA PRO EB 453 17.25 -81.51 5.20
C PRO EB 453 16.31 -82.22 4.25
N LEU EB 454 15.89 -81.55 3.18
CA LEU EB 454 14.95 -82.13 2.25
C LEU EB 454 15.50 -83.38 1.57
N GLU EB 455 16.83 -83.51 1.50
CA GLU EB 455 17.42 -84.70 0.89
C GLU EB 455 17.35 -85.92 1.80
N LEU EB 456 16.84 -85.77 3.03
CA LEU EB 456 16.56 -86.94 3.86
C LEU EB 456 15.57 -87.88 3.18
N LEU EB 457 14.69 -87.33 2.34
CA LEU EB 457 13.77 -88.14 1.57
C LEU EB 457 14.51 -89.07 0.62
N LEU EB 458 15.68 -88.65 0.17
CA LEU EB 458 16.48 -89.44 -0.77
C LEU EB 458 17.39 -90.40 -0.02
N TYR FB 227 41.80 105.25 -6.33
CA TYR FB 227 42.39 105.47 -7.64
C TYR FB 227 41.43 106.25 -8.54
N THR FB 228 40.51 105.55 -9.19
CA THR FB 228 39.57 106.23 -10.08
C THR FB 228 38.68 107.16 -9.29
N ASP FB 229 38.46 108.36 -9.83
CA ASP FB 229 37.77 109.45 -9.14
C ASP FB 229 36.66 109.98 -10.04
N VAL FB 230 35.45 109.46 -9.85
CA VAL FB 230 34.29 109.82 -10.65
C VAL FB 230 33.47 110.85 -9.86
N PRO FB 231 33.23 112.05 -10.38
CA PRO FB 231 32.33 112.97 -9.68
C PRO FB 231 30.92 112.41 -9.62
N ILE FB 232 30.14 112.96 -8.68
CA ILE FB 232 28.81 112.44 -8.39
C ILE FB 232 27.82 113.05 -9.37
N SER FB 233 26.81 112.27 -9.73
CA SER FB 233 25.82 112.69 -10.72
C SER FB 233 24.96 113.85 -10.24
N GLY FB 234 24.90 114.10 -8.93
CA GLY FB 234 24.04 115.11 -8.35
C GLY FB 234 22.68 114.58 -7.97
N MET FB 235 22.12 113.68 -8.78
CA MET FB 235 20.85 113.06 -8.42
C MET FB 235 20.97 112.24 -7.16
N ARG FB 236 22.09 111.54 -6.99
CA ARG FB 236 22.31 110.75 -5.79
C ARG FB 236 22.39 111.62 -4.55
N LYS FB 237 22.77 112.90 -4.70
CA LYS FB 237 22.86 113.79 -3.55
C LYS FB 237 21.50 113.93 -2.87
N THR FB 238 20.46 114.12 -3.68
CA THR FB 238 19.11 114.30 -3.14
C THR FB 238 18.66 113.06 -2.40
N ILE FB 239 18.90 111.88 -2.98
CA ILE FB 239 18.47 110.64 -2.34
C ILE FB 239 19.26 110.41 -1.06
N ALA FB 240 20.54 110.77 -1.06
CA ALA FB 240 21.35 110.64 0.15
C ALA FB 240 20.80 111.52 1.26
N ALA FB 241 20.50 112.79 0.93
CA ALA FB 241 19.95 113.70 1.92
C ALA FB 241 18.60 113.20 2.43
N ARG FB 242 17.78 112.65 1.52
CA ARG FB 242 16.47 112.15 1.91
C ARG FB 242 16.61 110.99 2.90
N LEU FB 243 17.46 110.02 2.58
CA LEU FB 243 17.65 108.88 3.45
C LEU FB 243 18.27 109.30 4.78
N LYS FB 244 19.16 110.28 4.76
CA LYS FB 244 19.76 110.79 5.98
C LYS FB 244 18.69 111.43 6.86
N GLU FB 245 17.82 112.23 6.27
CA GLU FB 245 16.70 112.80 7.01
C GLU FB 245 15.83 111.71 7.60
N SER FB 246 15.60 110.65 6.83
CA SER FB 246 14.75 109.57 7.31
C SER FB 246 15.34 108.91 8.54
N VAL FB 247 16.61 108.50 8.45
CA VAL FB 247 17.21 107.77 9.57
C VAL FB 247 17.46 108.66 10.78
N THR FB 248 17.71 109.96 10.57
CA THR FB 248 17.98 110.83 11.71
C THR FB 248 16.71 111.36 12.36
N GLU FB 249 15.61 111.44 11.61
CA GLU FB 249 14.35 111.92 12.18
C GLU FB 249 13.54 110.78 12.77
N ASN FB 250 13.58 109.61 12.13
CA ASN FB 250 12.70 108.51 12.44
C ASN FB 250 13.52 107.33 12.96
N PRO FB 251 13.30 106.86 14.19
CA PRO FB 251 13.96 105.62 14.60
C PRO FB 251 13.30 104.43 13.96
N HIS FB 252 14.11 103.40 13.72
CA HIS FB 252 13.69 102.22 12.98
C HIS FB 252 13.74 101.01 13.89
N PHE FB 253 12.67 100.20 13.85
CA PHE FB 253 12.69 98.87 14.41
C PHE FB 253 12.01 97.92 13.45
N PHE FB 254 12.48 96.68 13.43
CA PHE FB 254 12.17 95.72 12.39
C PHE FB 254 11.40 94.55 12.98
N VAL FB 255 10.54 93.95 12.16
CA VAL FB 255 9.77 92.78 12.53
C VAL FB 255 9.90 91.77 11.40
N SER FB 256 10.26 90.54 11.74
CA SER FB 256 10.61 89.51 10.77
C SER FB 256 9.75 88.29 11.03
N THR FB 257 9.04 87.84 9.99
CA THR FB 257 8.15 86.69 10.10
C THR FB 257 8.33 85.79 8.90
N ASN FB 258 7.66 84.63 8.98
CA ASN FB 258 7.70 83.60 7.96
C ASN FB 258 6.28 83.26 7.56
N LEU FB 259 6.03 83.27 6.25
CA LEU FB 259 4.72 82.96 5.70
C LEU FB 259 4.75 81.58 5.04
N SER FB 260 3.56 81.14 4.62
CA SER FB 260 3.40 79.88 3.90
C SER FB 260 2.54 80.16 2.67
N VAL FB 261 3.08 79.82 1.49
CA VAL FB 261 2.51 80.22 0.21
C VAL FB 261 2.19 79.03 -0.67
N SER FB 262 2.18 77.82 -0.10
CA SER FB 262 1.91 76.62 -0.90
C SER FB 262 0.52 76.66 -1.51
N LYS FB 263 -0.43 77.29 -0.82
CA LYS FB 263 -1.78 77.46 -1.37
C LYS FB 263 -1.84 78.64 -2.31
N LEU FB 264 -1.10 79.71 -2.00
CA LEU FB 264 -1.09 80.89 -2.85
C LEU FB 264 -0.59 80.56 -4.24
N LEU FB 265 0.47 79.76 -4.33
CA LEU FB 265 1.03 79.44 -5.64
C LEU FB 265 0.07 78.58 -6.45
N LYS FB 266 -0.62 77.66 -5.79
CA LYS FB 266 -1.65 76.88 -6.48
C LYS FB 266 -2.74 77.79 -7.01
N LEU FB 267 -3.17 78.75 -6.21
CA LEU FB 267 -4.21 79.68 -6.63
C LEU FB 267 -3.76 80.48 -7.85
N ARG FB 268 -2.51 80.97 -7.82
CA ARG FB 268 -1.98 81.74 -8.94
C ARG FB 268 -1.91 80.89 -10.19
N GLN FB 269 -1.44 79.65 -10.05
CA GLN FB 269 -1.34 78.76 -11.20
C GLN FB 269 -2.71 78.48 -11.81
N ALA FB 270 -3.72 78.27 -10.96
CA ALA FB 270 -5.04 77.96 -11.46
C ALA FB 270 -5.67 79.17 -12.14
N LEU FB 271 -5.52 80.36 -11.55
CA LEU FB 271 -6.05 81.56 -12.21
C LEU FB 271 -5.34 81.83 -13.52
N ASN FB 272 -4.04 81.52 -13.60
CA ASN FB 272 -3.33 81.71 -14.87
C ASN FB 272 -3.80 80.71 -15.91
N SER FB 273 -4.06 79.47 -15.49
CA SER FB 273 -4.53 78.46 -16.43
C SER FB 273 -5.94 78.76 -16.93
N SER FB 274 -6.80 79.30 -16.06
CA SER FB 274 -8.17 79.62 -16.45
C SER FB 274 -8.23 81.04 -17.03
N ALA FB 275 -7.49 81.23 -18.11
CA ALA FB 275 -7.41 82.52 -18.76
C ALA FB 275 -7.08 82.32 -20.22
N ASP FB 276 -7.26 83.38 -21.01
CA ASP FB 276 -7.02 83.38 -22.45
C ASP FB 276 -5.90 84.35 -22.81
N GLY FB 277 -4.86 84.38 -21.97
CA GLY FB 277 -3.82 85.38 -22.14
C GLY FB 277 -4.26 86.79 -21.85
N ARG FB 278 -5.45 86.98 -21.27
CA ARG FB 278 -5.96 88.31 -20.99
C ARG FB 278 -5.20 88.97 -19.84
N TYR FB 279 -4.54 88.18 -19.00
CA TYR FB 279 -3.82 88.70 -17.85
C TYR FB 279 -2.75 87.69 -17.42
N LYS FB 280 -1.88 88.13 -16.52
CA LYS FB 280 -0.84 87.28 -15.97
C LYS FB 280 -0.48 87.83 -14.60
N LEU FB 281 -0.50 86.96 -13.59
CA LEU FB 281 -0.35 87.36 -12.20
C LEU FB 281 1.02 87.00 -11.65
N SER FB 282 1.33 87.64 -10.52
CA SER FB 282 2.56 87.38 -9.78
C SER FB 282 2.25 87.32 -8.29
N VAL FB 283 3.30 87.29 -7.47
CA VAL FB 283 3.12 87.24 -6.01
C VAL FB 283 2.95 88.63 -5.44
N ASN FB 284 3.62 89.62 -6.04
CA ASN FB 284 3.60 90.97 -5.51
C ASN FB 284 2.19 91.55 -5.50
N ASP FB 285 1.34 91.14 -6.45
CA ASP FB 285 -0.01 91.69 -6.51
C ASP FB 285 -0.86 91.19 -5.35
N PHE FB 286 -0.82 89.88 -5.10
CA PHE FB 286 -1.46 89.32 -3.91
C PHE FB 286 -0.95 90.02 -2.66
N LEU FB 287 0.36 90.24 -2.59
CA LEU FB 287 0.92 90.89 -1.41
C LEU FB 287 0.37 92.30 -1.26
N ILE FB 288 0.20 93.02 -2.36
CA ILE FB 288 -0.29 94.39 -2.29
C ILE FB 288 -1.73 94.43 -1.83
N LYS FB 289 -2.55 93.51 -2.35
CA LYS FB 289 -3.93 93.42 -1.89
C LYS FB 289 -3.98 93.12 -0.40
N ALA FB 290 -3.13 92.21 0.06
CA ALA FB 290 -3.12 91.88 1.48
C ALA FB 290 -2.65 93.06 2.32
N MET FB 291 -1.71 93.84 1.79
CA MET FB 291 -1.26 95.05 2.47
C MET FB 291 -2.42 96.02 2.65
N GLY FB 292 -3.21 96.19 1.60
CA GLY FB 292 -4.37 97.06 1.71
C GLY FB 292 -5.36 96.58 2.75
N ILE FB 293 -5.62 95.27 2.76
CA ILE FB 293 -6.56 94.72 3.73
C ILE FB 293 -6.06 94.93 5.15
N ALA FB 294 -4.78 94.67 5.38
CA ALA FB 294 -4.22 94.84 6.71
C ALA FB 294 -4.25 96.30 7.14
N SER FB 295 -3.94 97.20 6.20
CA SER FB 295 -3.97 98.62 6.51
C SER FB 295 -5.37 99.08 6.87
N LYS FB 296 -6.38 98.53 6.21
CA LYS FB 296 -7.75 98.91 6.54
C LYS FB 296 -8.19 98.32 7.87
N ARG FB 297 -7.75 97.11 8.19
CA ARG FB 297 -8.11 96.53 9.48
C ARG FB 297 -7.39 97.22 10.63
N VAL FB 298 -6.22 97.80 10.36
CA VAL FB 298 -5.44 98.52 11.37
C VAL FB 298 -5.03 99.86 10.79
N PRO FB 299 -5.86 100.89 10.88
CA PRO FB 299 -5.55 102.14 10.16
C PRO FB 299 -4.41 102.94 10.76
N THR FB 300 -3.95 102.60 11.97
CA THR FB 300 -2.87 103.36 12.58
C THR FB 300 -1.59 103.26 11.78
N VAL FB 301 -1.39 102.15 11.07
CA VAL FB 301 -0.20 102.00 10.24
C VAL FB 301 -0.26 102.98 9.08
N ASN FB 302 -1.40 103.05 8.40
CA ASN FB 302 -1.60 103.97 7.27
C ASN FB 302 -1.72 105.38 7.86
N SER FB 303 -0.57 105.95 8.18
CA SER FB 303 -0.51 107.22 8.89
C SER FB 303 0.74 107.96 8.43
N SER FB 304 1.10 109.01 9.16
CA SER FB 304 2.29 109.79 8.85
C SER FB 304 2.64 110.62 10.08
N TRP FB 305 3.57 111.55 9.91
CA TRP FB 305 3.97 112.48 10.96
C TRP FB 305 4.16 113.84 10.33
N ARG FB 306 3.41 114.82 10.82
CA ARG FB 306 3.41 116.18 10.26
C ARG FB 306 3.64 117.18 11.38
N ASP FB 307 3.46 118.46 11.08
CA ASP FB 307 3.78 119.51 12.04
C ASP FB 307 2.81 119.48 13.21
N GLY FB 308 3.18 118.79 14.28
CA GLY FB 308 2.35 118.71 15.46
C GLY FB 308 1.00 118.07 15.23
N VAL FB 309 0.89 117.21 14.23
CA VAL FB 309 -0.39 116.59 13.88
C VAL FB 309 -0.12 115.29 13.17
N ILE FB 310 -0.98 114.30 13.43
CA ILE FB 310 -0.98 113.03 12.74
C ILE FB 310 -1.99 113.10 11.61
N ARG FB 311 -1.52 112.89 10.38
CA ARG FB 311 -2.39 112.81 9.21
C ARG FB 311 -2.70 111.34 8.96
N GLN FB 312 -3.98 110.99 9.05
CA GLN FB 312 -4.46 109.63 8.83
C GLN FB 312 -5.30 109.60 7.57
N PHE FB 313 -4.97 108.68 6.68
CA PHE FB 313 -5.71 108.50 5.44
C PHE FB 313 -6.84 107.49 5.65
N GLU FB 314 -7.60 107.25 4.58
CA GLU FB 314 -8.63 106.24 4.53
C GLU FB 314 -8.35 105.19 3.47
N THR FB 315 -7.91 105.63 2.31
CA THR FB 315 -7.48 104.74 1.24
C THR FB 315 -6.02 104.36 1.41
N VAL FB 316 -5.58 103.40 0.61
CA VAL FB 316 -4.24 102.86 0.67
C VAL FB 316 -3.56 103.15 -0.66
N ASP FB 317 -2.55 104.01 -0.62
CA ASP FB 317 -1.71 104.30 -1.77
C ASP FB 317 -0.38 103.58 -1.59
N VAL FB 318 -0.05 102.71 -2.55
CA VAL FB 318 1.05 101.75 -2.41
C VAL FB 318 2.19 102.17 -3.32
N SER FB 319 3.37 102.36 -2.74
CA SER FB 319 4.57 102.74 -3.49
C SER FB 319 5.39 101.48 -3.77
N VAL FB 320 5.49 101.13 -5.04
CA VAL FB 320 6.21 99.93 -5.47
C VAL FB 320 7.56 100.35 -6.03
N ALA FB 321 8.61 99.65 -5.59
CA ALA FB 321 9.96 99.97 -6.01
C ALA FB 321 10.28 99.32 -7.35
N VAL FB 322 11.04 100.04 -8.17
CA VAL FB 322 11.55 99.54 -9.43
C VAL FB 322 13.01 99.95 -9.55
N ALA FB 323 13.84 99.02 -9.99
CA ALA FB 323 15.29 99.18 -10.03
C ALA FB 323 15.71 99.44 -11.47
N THR FB 324 15.85 100.70 -11.81
CA THR FB 324 16.31 101.09 -13.13
C THR FB 324 17.83 101.16 -13.16
N PRO FB 325 18.44 101.13 -14.34
CA PRO FB 325 19.89 101.37 -14.42
C PRO FB 325 20.29 102.75 -13.90
N ASN FB 326 19.38 103.71 -13.91
CA ASN FB 326 19.61 105.02 -13.31
C ASN FB 326 19.60 104.97 -11.79
N GLY FB 327 18.93 103.99 -11.20
CA GLY FB 327 18.87 103.88 -9.76
C GLY FB 327 17.60 103.21 -9.26
N LEU FB 328 16.91 103.86 -8.32
CA LEU FB 328 15.69 103.34 -7.74
C LEU FB 328 14.58 104.36 -7.91
N ILE FB 329 13.36 103.86 -8.10
CA ILE FB 329 12.21 104.73 -8.27
C ILE FB 329 11.00 104.05 -7.65
N THR FB 330 10.01 104.85 -7.26
CA THR FB 330 8.84 104.36 -6.53
C THR FB 330 7.55 104.89 -7.15
N PRO FB 331 7.08 104.27 -8.23
CA PRO FB 331 5.72 104.57 -8.70
C PRO FB 331 4.69 104.19 -7.65
N ILE FB 332 3.47 104.68 -7.87
CA ILE FB 332 2.38 104.55 -6.91
C ILE FB 332 1.19 103.90 -7.59
N VAL FB 333 0.50 103.05 -6.83
CA VAL FB 333 -0.82 102.54 -7.20
C VAL FB 333 -1.83 103.17 -6.25
N LYS FB 334 -2.97 103.58 -6.80
CA LYS FB 334 -3.98 104.35 -6.08
C LYS FB 334 -5.21 103.50 -5.82
N GLY FB 335 -5.78 103.64 -4.64
CA GLY FB 335 -7.03 102.99 -4.28
C GLY FB 335 -6.96 101.49 -4.43
N VAL FB 336 -6.00 100.86 -3.74
CA VAL FB 336 -5.78 99.43 -3.88
C VAL FB 336 -6.99 98.65 -3.37
N GLU FB 337 -7.40 98.93 -2.14
CA GLU FB 337 -8.50 98.21 -1.53
C GLU FB 337 -9.76 98.38 -2.38
N GLY FB 338 -10.26 97.25 -2.88
CA GLY FB 338 -11.39 97.27 -3.77
C GLY FB 338 -11.03 97.75 -5.16
N LYS FB 339 -10.04 97.12 -5.79
CA LYS FB 339 -9.61 97.49 -7.14
C LYS FB 339 -9.53 96.30 -8.09
N GLY FB 340 -9.08 95.14 -7.61
CA GLY FB 340 -8.97 93.96 -8.46
C GLY FB 340 -7.55 93.65 -8.91
N LEU FB 341 -7.21 92.35 -8.86
CA LEU FB 341 -5.83 91.94 -9.13
C LEU FB 341 -5.44 92.17 -10.58
N GLU FB 342 -6.38 92.01 -11.50
CA GLU FB 342 -6.05 92.22 -12.91
C GLU FB 342 -5.70 93.67 -13.16
N SER FB 343 -6.52 94.59 -12.66
CA SER FB 343 -6.21 96.01 -12.78
C SER FB 343 -4.89 96.34 -12.10
N ILE FB 344 -4.63 95.72 -10.95
CA ILE FB 344 -3.38 95.96 -10.24
C ILE FB 344 -2.20 95.55 -11.11
N SER FB 345 -2.26 94.35 -11.68
CA SER FB 345 -1.15 93.87 -12.50
C SER FB 345 -0.96 94.74 -13.72
N ALA FB 346 -2.05 95.16 -14.35
CA ALA FB 346 -1.96 96.01 -15.53
C ALA FB 346 -1.29 97.33 -15.20
N ALA FB 347 -1.73 97.97 -14.11
CA ALA FB 347 -1.16 99.25 -13.72
C ALA FB 347 0.31 99.10 -13.36
N VAL FB 348 0.66 98.01 -12.68
CA VAL FB 348 2.06 97.80 -12.28
C VAL FB 348 2.93 97.60 -13.51
N LYS FB 349 2.46 96.81 -14.48
CA LYS FB 349 3.24 96.61 -15.69
C LYS FB 349 3.43 97.91 -16.44
N GLU FB 350 2.36 98.70 -16.57
CA GLU FB 350 2.46 99.97 -17.27
C GLU FB 350 3.46 100.90 -16.58
N LEU FB 351 3.36 101.01 -15.25
CA LEU FB 351 4.25 101.89 -14.52
C LEU FB 351 5.68 101.41 -14.58
N ALA FB 352 5.90 100.10 -14.55
CA ALA FB 352 7.26 99.57 -14.60
C ALA FB 352 7.89 99.85 -15.96
N LYS FB 353 7.15 99.63 -17.04
CA LYS FB 353 7.69 99.92 -18.35
C LYS FB 353 7.90 101.41 -18.56
N LYS FB 354 7.00 102.24 -18.03
CA LYS FB 354 7.18 103.68 -18.14
C LYS FB 354 8.37 104.15 -17.34
N ALA FB 355 8.71 103.45 -16.25
CA ALA FB 355 9.89 103.82 -15.48
C ALA FB 355 11.17 103.37 -16.17
N ARG FB 356 11.13 102.19 -16.79
CA ARG FB 356 12.28 101.76 -17.59
C ARG FB 356 12.51 102.69 -18.76
N ASP FB 357 11.44 103.28 -19.30
CA ASP FB 357 11.59 104.24 -20.40
C ASP FB 357 11.90 105.65 -19.92
N GLY FB 358 11.55 105.98 -18.67
CA GLY FB 358 11.72 107.34 -18.18
C GLY FB 358 10.67 108.29 -18.74
N LYS FB 359 9.41 108.04 -18.40
CA LYS FB 359 8.28 108.79 -18.96
C LYS FB 359 7.26 109.11 -17.89
N LEU FB 360 7.69 109.30 -16.65
CA LEU FB 360 6.80 109.49 -15.53
C LEU FB 360 6.61 110.96 -15.20
N LYS FB 361 5.52 111.23 -14.50
CA LYS FB 361 5.23 112.52 -13.88
C LYS FB 361 5.67 112.50 -12.43
N PRO FB 362 5.93 113.66 -11.82
CA PRO FB 362 6.33 113.65 -10.40
C PRO FB 362 5.24 113.18 -9.47
N GLU FB 363 3.98 113.50 -9.77
CA GLU FB 363 2.88 113.10 -8.90
C GLU FB 363 2.75 111.58 -8.81
N GLU FB 364 3.16 110.87 -9.85
CA GLU FB 364 3.02 109.42 -9.87
C GLU FB 364 3.98 108.71 -8.92
N TYR FB 365 5.05 109.39 -8.48
CA TYR FB 365 6.00 108.83 -7.53
C TYR FB 365 6.32 109.80 -6.40
N GLN FB 366 5.44 110.77 -6.15
CA GLN FB 366 5.55 111.66 -4.98
C GLN FB 366 4.25 111.53 -4.19
N GLY FB 367 4.33 110.84 -3.06
CA GLY FB 367 3.17 110.61 -2.22
C GLY FB 367 3.17 109.20 -1.66
N GLY FB 368 1.99 108.60 -1.56
CA GLY FB 368 1.89 107.25 -1.04
C GLY FB 368 1.98 107.20 0.46
N SER FB 369 1.16 106.35 1.07
CA SER FB 369 1.18 106.18 2.52
C SER FB 369 2.07 105.02 2.96
N ILE FB 370 2.19 103.99 2.13
CA ILE FB 370 2.97 102.81 2.45
C ILE FB 370 3.77 102.41 1.21
N SER FB 371 4.87 101.70 1.44
CA SER FB 371 5.82 101.36 0.41
C SER FB 371 6.18 99.88 0.50
N ILE FB 372 6.91 99.41 -0.51
CA ILE FB 372 7.31 98.02 -0.60
C ILE FB 372 8.50 97.91 -1.55
N SER FB 373 9.37 96.94 -1.28
CA SER FB 373 10.44 96.56 -2.19
C SER FB 373 10.45 95.05 -2.31
N ASN FB 374 10.72 94.56 -3.52
CA ASN FB 374 10.69 93.15 -3.83
C ASN FB 374 12.01 92.73 -4.44
N MET FB 375 12.45 91.52 -4.07
CA MET FB 375 13.66 90.93 -4.62
C MET FB 375 13.45 89.44 -4.93
N GLY FB 376 12.22 89.03 -5.21
CA GLY FB 376 11.91 87.62 -5.38
C GLY FB 376 12.63 86.96 -6.53
N MET FB 377 13.04 87.74 -7.54
CA MET FB 377 13.74 87.14 -8.68
C MET FB 377 15.10 86.59 -8.27
N ASN FB 378 15.71 87.15 -7.24
CA ASN FB 378 17.03 86.72 -6.80
C ASN FB 378 16.89 85.63 -5.75
N PRO FB 379 17.17 84.36 -6.06
CA PRO FB 379 16.90 83.30 -5.08
C PRO FB 379 17.86 83.25 -3.91
N ALA FB 380 18.92 84.05 -3.90
CA ALA FB 380 19.92 83.97 -2.85
C ALA FB 380 19.48 84.69 -1.59
N VAL FB 381 18.70 85.75 -1.73
CA VAL FB 381 18.35 86.62 -0.60
C VAL FB 381 17.26 85.92 0.20
N GLN FB 382 17.59 85.53 1.44
CA GLN FB 382 16.57 85.03 2.34
C GLN FB 382 15.78 86.17 2.96
N SER FB 383 16.48 87.17 3.51
CA SER FB 383 15.83 88.32 4.10
C SER FB 383 16.67 89.55 3.86
N PHE FB 384 16.04 90.71 4.02
CA PHE FB 384 16.76 91.96 3.92
C PHE FB 384 15.86 93.06 4.46
N THR FB 385 16.51 94.12 4.93
CA THR FB 385 15.82 95.30 5.43
C THR FB 385 15.83 96.36 4.35
N ALA FB 386 15.06 97.42 4.58
CA ALA FB 386 15.05 98.59 3.72
C ALA FB 386 14.90 99.83 4.60
N ILE FB 387 14.66 100.97 3.95
CA ILE FB 387 14.62 102.26 4.62
C ILE FB 387 13.30 102.93 4.29
N ILE FB 388 12.77 103.66 5.27
CA ILE FB 388 11.43 104.22 5.18
C ILE FB 388 11.48 105.48 4.32
N ASN FB 389 10.87 105.42 3.15
CA ASN FB 389 10.76 106.59 2.30
C ASN FB 389 9.85 107.62 2.96
N PRO FB 390 10.36 108.77 3.40
CA PRO FB 390 9.51 109.70 4.13
C PRO FB 390 8.45 110.31 3.21
N PRO FB 391 7.39 110.91 3.78
CA PRO FB 391 7.08 111.04 5.20
C PRO FB 391 6.30 109.86 5.76
N GLN FB 392 6.33 108.72 5.05
CA GLN FB 392 5.56 107.55 5.46
C GLN FB 392 6.07 107.01 6.80
N ALA FB 393 5.40 105.97 7.30
CA ALA FB 393 5.66 105.42 8.62
C ALA FB 393 6.09 103.96 8.60
N ALA FB 394 5.94 103.27 7.48
CA ALA FB 394 6.24 101.85 7.44
C ALA FB 394 6.62 101.46 6.03
N ILE FB 395 7.34 100.33 5.93
CA ILE FB 395 7.75 99.80 4.64
C ILE FB 395 7.97 98.31 4.80
N LEU FB 396 7.77 97.59 3.70
CA LEU FB 396 7.81 96.14 3.66
C LEU FB 396 9.01 95.67 2.86
N ALA FB 397 9.30 94.38 3.00
CA ALA FB 397 10.36 93.73 2.24
C ALA FB 397 10.09 92.24 2.18
N VAL FB 398 10.16 91.69 0.97
CA VAL FB 398 9.79 90.30 0.70
C VAL FB 398 10.99 89.59 0.12
N GLY FB 399 11.52 88.61 0.85
CA GLY FB 399 12.63 87.82 0.36
C GLY FB 399 12.21 86.84 -0.72
N ALA FB 400 13.05 85.84 -0.91
CA ALA FB 400 12.78 84.80 -1.88
C ALA FB 400 12.02 83.65 -1.24
N PRO FB 401 11.45 82.76 -2.04
CA PRO FB 401 10.88 81.53 -1.49
C PRO FB 401 11.97 80.49 -1.23
N GLN FB 402 11.66 79.60 -0.29
CA GLN FB 402 12.60 78.57 0.10
C GLN FB 402 11.82 77.33 0.52
N LYS FB 403 12.55 76.21 0.64
CA LYS FB 403 12.01 74.94 1.05
C LYS FB 403 12.34 74.75 2.53
N VAL FB 404 11.34 74.41 3.33
CA VAL FB 404 11.50 74.23 4.77
C VAL FB 404 10.79 72.95 5.18
N ALA FB 405 11.32 72.32 6.23
CA ALA FB 405 10.70 71.15 6.81
C ALA FB 405 9.56 71.57 7.73
N VAL FB 406 8.46 70.82 7.67
CA VAL FB 406 7.28 71.09 8.48
C VAL FB 406 6.72 69.77 8.96
N PRO FB 407 6.28 69.64 10.22
CA PRO FB 407 5.63 68.40 10.63
C PRO FB 407 4.25 68.27 10.03
N VAL FB 408 3.82 67.02 9.89
CA VAL FB 408 2.47 66.71 9.41
C VAL FB 408 2.04 65.40 10.04
N GLU FB 409 0.77 65.32 10.39
CA GLU FB 409 0.20 64.11 10.96
C GLU FB 409 -0.46 63.29 9.87
N ASN FB 410 0.08 62.11 9.62
CA ASN FB 410 -0.54 61.17 8.70
C ASN FB 410 -1.82 60.63 9.32
N GLU FB 411 -2.51 59.77 8.57
CA GLU FB 411 -3.74 59.16 9.05
C GLU FB 411 -3.55 58.42 10.37
N ASP FB 412 -2.38 57.84 10.61
CA ASP FB 412 -2.07 57.20 11.86
C ASP FB 412 -1.58 58.24 12.87
N GLY FB 413 -1.23 57.77 14.06
CA GLY FB 413 -0.80 58.67 15.11
C GLY FB 413 0.61 59.20 14.95
N THR FB 414 1.38 58.67 14.01
CA THR FB 414 2.76 59.10 13.83
C THR FB 414 2.82 60.40 13.01
N THR FB 415 3.81 61.21 13.32
CA THR FB 415 4.06 62.43 12.57
C THR FB 415 4.91 62.13 11.34
N GLY FB 416 4.90 63.06 10.41
CA GLY FB 416 5.66 62.93 9.17
C GLY FB 416 6.25 64.26 8.76
N VAL FB 417 7.06 64.20 7.70
CA VAL FB 417 7.80 65.35 7.20
C VAL FB 417 7.14 65.81 5.91
N SER FB 418 6.77 67.09 5.85
CA SER FB 418 6.21 67.71 4.67
C SER FB 418 7.03 68.94 4.31
N TRP FB 419 7.21 69.16 3.02
CA TRP FB 419 8.02 70.25 2.51
C TRP FB 419 7.11 71.39 2.07
N ASP FB 420 7.16 72.49 2.82
CA ASP FB 420 6.34 73.67 2.57
C ASP FB 420 7.22 74.77 2.00
N GLU FB 421 6.62 75.59 1.14
CA GLU FB 421 7.32 76.69 0.50
C GLU FB 421 7.10 77.95 1.33
N GLN FB 422 8.15 78.41 2.00
CA GLN FB 422 8.09 79.56 2.88
C GLN FB 422 8.75 80.77 2.26
N ILE FB 423 8.34 81.95 2.75
CA ILE FB 423 8.97 83.22 2.43
C ILE FB 423 9.21 83.95 3.74
N ILE FB 424 10.33 84.63 3.85
CA ILE FB 424 10.59 85.52 4.96
C ILE FB 424 10.18 86.93 4.54
N VAL FB 425 9.57 87.63 5.49
CA VAL FB 425 9.07 88.98 5.29
C VAL FB 425 9.61 89.85 6.41
N THR FB 426 10.05 91.05 6.06
CA THR FB 426 10.63 91.98 7.01
C THR FB 426 9.94 93.33 6.85
N ALA FB 427 9.37 93.82 7.94
CA ALA FB 427 8.67 95.09 7.97
C ALA FB 427 9.41 96.04 8.89
N SER FB 428 9.78 97.20 8.35
CA SER FB 428 10.39 98.27 9.13
C SER FB 428 9.32 99.30 9.48
N PHE FB 429 9.31 99.72 10.74
CA PHE FB 429 8.32 100.67 11.23
C PHE FB 429 9.02 101.86 11.87
N ASP FB 430 8.32 103.00 11.86
CA ASP FB 430 8.73 104.17 12.63
C ASP FB 430 8.08 104.11 14.00
N HIS FB 431 8.86 104.38 15.03
CA HIS FB 431 8.42 104.17 16.40
C HIS FB 431 7.64 105.34 16.99
N LYS FB 432 7.69 106.51 16.36
CA LYS FB 432 6.91 107.64 16.86
C LYS FB 432 5.43 107.35 16.77
N VAL FB 433 4.99 106.74 15.68
CA VAL FB 433 3.59 106.49 15.41
C VAL FB 433 3.17 105.12 15.92
N VAL FB 434 3.90 104.09 15.52
CA VAL FB 434 3.50 102.71 15.72
C VAL FB 434 4.30 102.12 16.88
N ASP FB 435 3.68 101.16 17.55
CA ASP FB 435 4.31 100.39 18.62
C ASP FB 435 4.44 98.93 18.20
N GLY FB 436 5.19 98.18 19.01
CA GLY FB 436 5.45 96.78 18.70
C GLY FB 436 4.18 95.96 18.62
N ALA FB 437 3.25 96.20 19.55
CA ALA FB 437 1.98 95.47 19.54
C ALA FB 437 1.21 95.75 18.26
N VAL FB 438 1.19 97.01 17.83
CA VAL FB 438 0.44 97.38 16.64
C VAL FB 438 1.05 96.73 15.40
N GLY FB 439 2.37 96.78 15.29
CA GLY FB 439 3.03 96.13 14.17
C GLY FB 439 2.79 94.63 14.17
N ALA FB 440 2.81 94.02 15.35
CA ALA FB 440 2.57 92.59 15.44
C ALA FB 440 1.15 92.26 15.00
N GLU FB 441 0.18 93.09 15.37
CA GLU FB 441 -1.20 92.87 14.95
C GLU FB 441 -1.32 92.95 13.44
N TRP FB 442 -0.69 93.97 12.85
CA TRP FB 442 -0.70 94.12 11.40
C TRP FB 442 -0.12 92.89 10.72
N ILE FB 443 1.02 92.41 11.23
CA ILE FB 443 1.66 91.25 10.61
C ILE FB 443 0.81 90.00 10.79
N ARG FB 444 0.14 89.87 11.94
CA ARG FB 444 -0.73 88.72 12.15
C ARG FB 444 -1.85 88.70 11.13
N GLU FB 445 -2.46 89.86 10.89
CA GLU FB 445 -3.55 89.92 9.91
C GLU FB 445 -3.04 89.60 8.51
N LEU FB 446 -1.85 90.09 8.17
CA LEU FB 446 -1.27 89.78 6.87
C LEU FB 446 -1.05 88.28 6.72
N LYS FB 447 -0.44 87.65 7.72
CA LYS FB 447 -0.18 86.22 7.67
C LYS FB 447 -1.50 85.45 7.55
N LYS FB 448 -2.53 85.89 8.26
CA LYS FB 448 -3.80 85.20 8.22
C LYS FB 448 -4.41 85.26 6.83
N VAL FB 449 -4.45 86.47 6.25
CA VAL FB 449 -5.04 86.63 4.92
C VAL FB 449 -4.27 85.84 3.89
N ILE FB 450 -2.95 85.78 4.01
CA ILE FB 450 -2.17 85.02 3.04
C ILE FB 450 -2.43 83.53 3.19
N GLU FB 451 -2.26 83.02 4.42
CA GLU FB 451 -2.36 81.59 4.64
C GLU FB 451 -3.76 81.08 4.32
N ASN FB 452 -4.76 81.95 4.45
CA ASN FB 452 -6.11 81.66 3.96
C ASN FB 452 -6.40 82.60 2.80
N PRO FB 453 -5.94 82.29 1.58
CA PRO FB 453 -6.09 83.25 0.48
C PRO FB 453 -7.51 83.62 0.16
N LEU FB 454 -8.47 82.77 0.54
CA LEU FB 454 -9.87 83.03 0.21
C LEU FB 454 -10.40 84.29 0.87
N GLU FB 455 -9.78 84.71 1.98
CA GLU FB 455 -10.22 85.93 2.64
C GLU FB 455 -9.81 87.19 1.89
N LEU FB 456 -9.07 87.06 0.78
CA LEU FB 456 -8.82 88.22 -0.08
C LEU FB 456 -10.11 88.81 -0.60
N LEU FB 457 -11.15 87.99 -0.74
CA LEU FB 457 -12.46 88.51 -1.13
C LEU FB 457 -13.00 89.46 -0.07
N LEU FB 458 -12.71 89.20 1.20
CA LEU FB 458 -13.24 90.00 2.29
C LEU FB 458 -12.41 91.26 2.50
N TYR GB 227 66.96 71.34 -57.24
CA TYR GB 227 66.20 71.77 -58.42
C TYR GB 227 65.63 73.16 -58.21
N THR GB 228 64.47 73.24 -57.55
CA THR GB 228 63.84 74.54 -57.34
C THR GB 228 64.64 75.37 -56.35
N ASP GB 229 64.95 76.60 -56.74
CA ASP GB 229 65.83 77.49 -55.98
C ASP GB 229 65.02 78.72 -55.56
N VAL GB 230 64.62 78.76 -54.29
CA VAL GB 230 63.83 79.87 -53.76
C VAL GB 230 64.74 80.69 -52.85
N PRO GB 231 64.91 81.99 -53.08
CA PRO GB 231 65.69 82.79 -52.14
C PRO GB 231 65.01 82.85 -50.78
N ILE GB 232 65.81 83.20 -49.78
CA ILE GB 232 65.35 83.22 -48.40
C ILE GB 232 64.60 84.53 -48.14
N SER GB 233 63.58 84.46 -47.29
CA SER GB 233 62.75 85.62 -47.01
C SER GB 233 63.49 86.72 -46.28
N GLY GB 234 64.63 86.42 -45.65
CA GLY GB 234 65.37 87.36 -44.82
C GLY GB 234 64.95 87.33 -43.37
N MET GB 235 63.65 87.15 -43.11
CA MET GB 235 63.18 87.02 -41.74
C MET GB 235 63.73 85.75 -41.09
N ARG GB 236 63.79 84.67 -41.85
CA ARG GB 236 64.31 83.41 -41.31
C ARG GB 236 65.78 83.53 -40.92
N LYS GB 237 66.52 84.45 -41.55
CA LYS GB 237 67.92 84.64 -41.22
C LYS GB 237 68.10 85.01 -39.75
N THR GB 238 67.26 85.92 -39.26
CA THR GB 238 67.37 86.37 -37.89
C THR GB 238 67.08 85.24 -36.92
N ILE GB 239 66.04 84.46 -37.19
CA ILE GB 239 65.70 83.34 -36.32
C ILE GB 239 66.81 82.30 -36.33
N ALA GB 240 67.43 82.07 -37.50
CA ALA GB 240 68.52 81.13 -37.59
C ALA GB 240 69.70 81.59 -36.75
N ALA GB 241 70.06 82.86 -36.87
CA ALA GB 241 71.16 83.40 -36.07
C ALA GB 241 70.85 83.33 -34.58
N ARG GB 242 69.60 83.58 -34.21
CA ARG GB 242 69.21 83.54 -32.81
C ARG GB 242 69.34 82.13 -32.25
N LEU GB 243 68.81 81.14 -32.97
CA LEU GB 243 68.91 79.76 -32.53
C LEU GB 243 70.36 79.29 -32.48
N LYS GB 244 71.18 79.74 -33.44
CA LYS GB 244 72.58 79.40 -33.44
C LYS GB 244 73.27 79.96 -32.20
N GLU GB 245 72.99 81.22 -31.88
CA GLU GB 245 73.52 81.82 -30.67
C GLU GB 245 73.09 81.02 -29.45
N SER GB 246 71.84 80.56 -29.45
CA SER GB 246 71.34 79.81 -28.30
C SER GB 246 72.13 78.53 -28.10
N VAL GB 247 72.24 77.71 -29.14
CA VAL GB 247 72.89 76.42 -28.99
C VAL GB 247 74.39 76.55 -28.80
N THR GB 248 75.00 77.64 -29.27
CA THR GB 248 76.45 77.78 -29.13
C THR GB 248 76.83 78.47 -27.82
N GLU GB 249 75.92 79.26 -27.23
CA GLU GB 249 76.22 79.95 -25.99
C GLU GB 249 75.78 79.15 -24.77
N ASN GB 250 74.65 78.45 -24.88
CA ASN GB 250 74.06 77.72 -23.78
C ASN GB 250 74.05 76.23 -24.09
N PRO GB 251 74.70 75.38 -23.29
CA PRO GB 251 74.52 73.95 -23.49
C PRO GB 251 73.14 73.52 -23.01
N HIS GB 252 72.64 72.44 -23.58
CA HIS GB 252 71.29 71.97 -23.34
C HIS GB 252 71.33 70.58 -22.72
N PHE GB 253 70.51 70.35 -21.72
CA PHE GB 253 70.21 69.02 -21.25
C PHE GB 253 68.73 68.91 -20.97
N PHE GB 254 68.19 67.72 -21.21
CA PHE GB 254 66.76 67.48 -21.28
C PHE GB 254 66.33 66.58 -20.13
N VAL GB 255 65.11 66.79 -19.66
CA VAL GB 255 64.47 65.94 -18.66
C VAL GB 255 63.11 65.55 -19.22
N SER GB 256 62.70 64.32 -18.94
CA SER GB 256 61.49 63.75 -19.52
C SER GB 256 60.72 63.02 -18.44
N THR GB 257 59.45 63.41 -18.26
CA THR GB 257 58.61 62.84 -17.23
C THR GB 257 57.23 62.53 -17.80
N ASN GB 258 56.43 61.87 -16.98
CA ASN GB 258 55.09 61.43 -17.36
C ASN GB 258 54.11 61.87 -16.27
N LEU GB 259 53.09 62.62 -16.67
CA LEU GB 259 52.07 63.11 -15.77
C LEU GB 259 50.80 62.29 -15.91
N SER GB 260 49.95 62.38 -14.89
CA SER GB 260 48.63 61.76 -14.88
C SER GB 260 47.60 62.86 -14.81
N VAL GB 261 46.69 62.89 -15.80
CA VAL GB 261 45.78 64.01 -16.02
C VAL GB 261 44.32 63.58 -15.95
N SER GB 262 44.04 62.38 -15.45
CA SER GB 262 42.67 61.89 -15.42
C SER GB 262 41.79 62.74 -14.54
N LYS GB 263 42.36 63.33 -13.49
CA LYS GB 263 41.61 64.22 -12.62
C LYS GB 263 41.53 65.63 -13.20
N LEU GB 264 42.60 66.06 -13.86
CA LEU GB 264 42.61 67.37 -14.50
C LEU GB 264 41.52 67.46 -15.55
N LEU GB 265 41.34 66.42 -16.35
CA LEU GB 265 40.32 66.47 -17.39
C LEU GB 265 38.92 66.51 -16.79
N LYS GB 266 38.70 65.79 -15.69
CA LYS GB 266 37.42 65.86 -15.01
C LYS GB 266 37.16 67.27 -14.49
N LEU GB 267 38.19 67.90 -13.92
CA LEU GB 267 38.04 69.26 -13.44
C LEU GB 267 37.69 70.21 -14.57
N ARG GB 268 38.36 70.07 -15.71
CA ARG GB 268 38.09 70.92 -16.85
C ARG GB 268 36.67 70.71 -17.36
N GLN GB 269 36.22 69.46 -17.40
CA GLN GB 269 34.86 69.16 -17.83
C GLN GB 269 33.84 69.79 -16.90
N ALA GB 270 34.06 69.67 -15.59
CA ALA GB 270 33.10 70.22 -14.63
C ALA GB 270 33.05 71.73 -14.71
N LEU GB 271 34.21 72.39 -14.82
CA LEU GB 271 34.20 73.83 -14.91
C LEU GB 271 33.59 74.32 -16.22
N ASN GB 272 33.81 73.60 -17.33
CA ASN GB 272 33.17 73.98 -18.57
C ASN GB 272 31.66 73.80 -18.48
N SER GB 273 31.20 72.76 -17.77
CA SER GB 273 29.77 72.54 -17.64
C SER GB 273 29.12 73.58 -16.75
N SER GB 274 29.76 73.95 -15.64
CA SER GB 274 29.19 74.95 -14.72
C SER GB 274 29.51 76.36 -15.21
N ALA GB 275 28.96 76.67 -16.38
CA ALA GB 275 29.17 77.96 -17.00
C ALA GB 275 28.04 78.23 -17.97
N ASP GB 276 27.95 79.49 -18.42
CA ASP GB 276 26.93 79.95 -19.34
C ASP GB 276 27.55 80.51 -20.60
N GLY GB 277 28.53 79.80 -21.16
CA GLY GB 277 29.25 80.31 -22.31
C GLY GB 277 30.09 81.51 -22.03
N ARG GB 278 30.40 81.80 -20.77
CA ARG GB 278 31.20 82.96 -20.42
C ARG GB 278 32.69 82.72 -20.65
N TYR GB 279 33.11 81.46 -20.71
CA TYR GB 279 34.52 81.13 -20.88
C TYR GB 279 34.63 79.72 -21.44
N LYS GB 280 35.86 79.34 -21.76
CA LYS GB 280 36.16 77.98 -22.23
C LYS GB 280 37.63 77.72 -21.95
N LEU GB 281 37.90 76.62 -21.27
CA LEU GB 281 39.24 76.31 -20.77
C LEU GB 281 39.93 75.27 -21.62
N SER GB 282 41.24 75.17 -21.43
CA SER GB 282 42.07 74.16 -22.08
C SER GB 282 43.12 73.65 -21.11
N VAL GB 283 43.95 72.71 -21.57
CA VAL GB 283 44.96 72.13 -20.71
C VAL GB 283 46.14 73.07 -20.55
N ASN GB 284 46.43 73.87 -21.58
CA ASN GB 284 47.57 74.77 -21.56
C ASN GB 284 47.46 75.78 -20.43
N ASP GB 285 46.25 76.21 -20.10
CA ASP GB 285 46.09 77.21 -19.05
C ASP GB 285 46.45 76.64 -17.69
N PHE GB 286 45.94 75.43 -17.39
CA PHE GB 286 46.35 74.74 -16.17
C PHE GB 286 47.86 74.57 -16.12
N LEU GB 287 48.46 74.18 -17.25
CA LEU GB 287 49.91 74.01 -17.29
C LEU GB 287 50.63 75.30 -16.98
N ILE GB 288 50.09 76.42 -17.48
CA ILE GB 288 50.75 77.70 -17.28
C ILE GB 288 50.66 78.13 -15.82
N LYS GB 289 49.51 77.91 -15.21
CA LYS GB 289 49.36 78.20 -13.79
C LYS GB 289 50.33 77.37 -12.95
N ALA GB 290 50.45 76.09 -13.29
CA ALA GB 290 51.35 75.23 -12.55
C ALA GB 290 52.80 75.64 -12.76
N MET GB 291 53.14 76.11 -13.96
CA MET GB 291 54.48 76.62 -14.21
C MET GB 291 54.76 77.81 -13.32
N GLY GB 292 53.79 78.71 -13.20
CA GLY GB 292 53.96 79.86 -12.31
C GLY GB 292 54.19 79.43 -10.87
N ILE GB 293 53.41 78.46 -10.40
CA ILE GB 293 53.54 78.01 -9.02
C ILE GB 293 54.92 77.39 -8.79
N ALA GB 294 55.36 76.57 -9.74
CA ALA GB 294 56.64 75.90 -9.58
C ALA GB 294 57.78 76.91 -9.63
N SER GB 295 57.68 77.90 -10.51
CA SER GB 295 58.72 78.92 -10.59
C SER GB 295 58.77 79.74 -9.31
N LYS GB 296 57.62 79.96 -8.67
CA LYS GB 296 57.63 80.69 -7.41
C LYS GB 296 58.20 79.85 -6.29
N ARG GB 297 57.97 78.54 -6.32
CA ARG GB 297 58.52 77.68 -5.26
C ARG GB 297 60.01 77.44 -5.45
N VAL GB 298 60.50 77.52 -6.67
CA VAL GB 298 61.92 77.33 -6.97
C VAL GB 298 62.38 78.49 -7.85
N PRO GB 299 62.75 79.64 -7.28
CA PRO GB 299 62.98 80.83 -8.10
C PRO GB 299 64.24 80.78 -8.94
N THR GB 300 65.11 79.79 -8.72
CA THR GB 300 66.36 79.75 -9.48
C THR GB 300 66.10 79.51 -10.96
N VAL GB 301 65.01 78.82 -11.30
CA VAL GB 301 64.69 78.56 -12.70
C VAL GB 301 64.32 79.86 -13.38
N ASN GB 302 63.48 80.67 -12.73
CA ASN GB 302 63.05 81.96 -13.28
C ASN GB 302 64.22 82.93 -13.17
N SER GB 303 65.16 82.78 -14.10
CA SER GB 303 66.41 83.54 -14.07
C SER GB 303 66.88 83.72 -15.50
N SER GB 304 68.06 84.30 -15.65
CA SER GB 304 68.66 84.51 -16.96
C SER GB 304 70.18 84.54 -16.80
N TRP GB 305 70.87 84.95 -17.85
CA TRP GB 305 72.32 85.08 -17.85
C TRP GB 305 72.69 86.37 -18.55
N ARG GB 306 73.38 87.25 -17.82
CA ARG GB 306 73.70 88.59 -18.31
C ARG GB 306 75.18 88.85 -18.14
N ASP GB 307 75.60 90.10 -18.33
CA ASP GB 307 77.02 90.44 -18.33
C ASP GB 307 77.62 90.28 -16.93
N GLY GB 308 78.19 89.11 -16.66
CA GLY GB 308 78.83 88.86 -15.37
C GLY GB 308 77.89 88.97 -14.20
N VAL GB 309 76.61 88.71 -14.40
CA VAL GB 309 75.60 88.88 -13.35
C VAL GB 309 74.41 88.02 -13.69
N ILE GB 310 73.76 87.50 -12.65
CA ILE GB 310 72.51 86.76 -12.78
C ILE GB 310 71.37 87.70 -12.43
N ARG GB 311 70.46 87.87 -13.38
CA ARG GB 311 69.24 88.65 -13.17
C ARG GB 311 68.14 87.68 -12.75
N GLN GB 312 67.61 87.87 -11.55
CA GLN GB 312 66.52 87.07 -11.00
C GLN GB 312 65.29 87.94 -10.89
N PHE GB 313 64.20 87.47 -11.48
CA PHE GB 313 62.92 88.16 -11.40
C PHE GB 313 62.17 87.71 -10.15
N GLU GB 314 60.95 88.22 -10.01
CA GLU GB 314 60.01 87.80 -8.97
C GLU GB 314 58.72 87.27 -9.56
N THR GB 315 58.16 88.00 -10.53
CA THR GB 315 56.98 87.55 -11.25
C THR GB 315 57.37 86.55 -12.32
N VAL GB 316 56.35 85.94 -12.92
CA VAL GB 316 56.53 84.92 -13.95
C VAL GB 316 55.91 85.47 -15.23
N ASP GB 317 56.74 85.68 -16.23
CA ASP GB 317 56.32 86.09 -17.56
C ASP GB 317 56.44 84.90 -18.50
N VAL GB 318 55.33 84.46 -19.07
CA VAL GB 318 55.26 83.20 -19.80
C VAL GB 318 55.14 83.49 -21.29
N SER GB 319 56.05 82.93 -22.07
CA SER GB 319 56.04 83.06 -23.52
C SER GB 319 55.38 81.83 -24.12
N VAL GB 320 54.23 82.03 -24.76
CA VAL GB 320 53.47 80.95 -25.38
C VAL GB 320 53.69 81.01 -26.88
N ALA GB 321 53.92 79.84 -27.48
CA ALA GB 321 54.21 79.76 -28.90
C ALA GB 321 52.94 79.63 -29.72
N VAL GB 322 52.95 80.22 -30.91
CA VAL GB 322 51.85 80.14 -31.86
C VAL GB 322 52.44 79.92 -33.24
N ALA GB 323 51.84 78.98 -33.97
CA ALA GB 323 52.31 78.55 -35.29
C ALA GB 323 51.45 79.23 -36.35
N THR GB 324 51.96 80.31 -36.91
CA THR GB 324 51.30 81.02 -38.00
C THR GB 324 51.80 80.50 -39.34
N PRO GB 325 51.09 80.78 -40.43
CA PRO GB 325 51.63 80.45 -41.76
C PRO GB 325 52.94 81.17 -42.07
N ASN GB 326 53.21 82.29 -41.40
CA ASN GB 326 54.48 82.99 -41.54
C ASN GB 326 55.60 82.29 -40.79
N GLY GB 327 55.28 81.44 -39.82
CA GLY GB 327 56.29 80.73 -39.05
C GLY GB 327 55.88 80.54 -37.60
N LEU GB 328 56.73 80.99 -36.68
CA LEU GB 328 56.50 80.84 -35.26
C LEU GB 328 56.57 82.21 -34.60
N ILE GB 329 55.77 82.39 -33.55
CA ILE GB 329 55.79 83.64 -32.80
C ILE GB 329 55.50 83.32 -31.33
N THR GB 330 55.99 84.18 -30.44
CA THR GB 330 55.94 83.94 -28.99
C THR GB 330 55.35 85.14 -28.27
N PRO GB 331 54.03 85.28 -28.26
CA PRO GB 331 53.40 86.26 -27.36
C PRO GB 331 53.66 85.92 -25.91
N ILE GB 332 53.36 86.89 -25.05
CA ILE GB 332 53.72 86.84 -23.64
C ILE GB 332 52.48 87.08 -22.80
N VAL GB 333 52.40 86.39 -21.67
CA VAL GB 333 51.43 86.65 -20.61
C VAL GB 333 52.18 87.13 -19.40
N LYS GB 334 51.64 88.15 -18.74
CA LYS GB 334 52.30 88.88 -17.67
C LYS GB 334 51.64 88.58 -16.33
N GLY GB 335 52.48 88.43 -15.30
CA GLY GB 335 52.00 88.25 -13.94
C GLY GB 335 51.06 87.08 -13.78
N VAL GB 336 51.53 85.89 -14.16
CA VAL GB 336 50.66 84.72 -14.18
C VAL GB 336 50.22 84.35 -12.78
N GLU GB 337 51.17 84.27 -11.86
CA GLU GB 337 50.88 83.86 -10.50
C GLU GB 337 49.86 84.81 -9.87
N GLY GB 338 48.73 84.26 -9.46
CA GLY GB 338 47.66 85.08 -8.94
C GLY GB 338 47.04 85.97 -10.00
N LYS GB 339 46.47 85.36 -11.04
CA LYS GB 339 45.85 86.09 -12.13
C LYS GB 339 44.48 85.54 -12.50
N GLY GB 340 44.29 84.22 -12.40
CA GLY GB 340 43.02 83.60 -12.72
C GLY GB 340 42.98 82.92 -14.08
N LEU GB 341 42.43 81.71 -14.10
CA LEU GB 341 42.42 80.91 -15.32
C LEU GB 341 41.57 81.55 -16.40
N GLU GB 342 40.47 82.19 -16.03
CA GLU GB 342 39.61 82.80 -17.04
C GLU GB 342 40.32 83.95 -17.72
N SER GB 343 40.96 84.82 -16.94
CA SER GB 343 41.74 85.91 -17.51
C SER GB 343 42.86 85.36 -18.39
N ILE GB 344 43.48 84.26 -17.95
CA ILE GB 344 44.56 83.65 -18.73
C ILE GB 344 44.03 83.19 -20.08
N SER GB 345 42.90 82.48 -20.08
CA SER GB 345 42.33 81.98 -21.32
C SER GB 345 41.95 83.11 -22.25
N ALA GB 346 41.36 84.17 -21.70
CA ALA GB 346 40.97 85.31 -22.53
C ALA GB 346 42.19 85.95 -23.17
N ALA GB 347 43.24 86.19 -22.38
CA ALA GB 347 44.44 86.81 -22.90
C ALA GB 347 45.09 85.94 -23.98
N VAL GB 348 45.11 84.62 -23.75
CA VAL GB 348 45.73 83.71 -24.71
C VAL GB 348 44.97 83.73 -26.02
N LYS GB 349 43.63 83.64 -25.96
CA LYS GB 349 42.84 83.68 -27.18
C LYS GB 349 43.05 84.98 -27.93
N GLU GB 350 43.07 86.11 -27.19
CA GLU GB 350 43.26 87.40 -27.82
C GLU GB 350 44.60 87.47 -28.55
N LEU GB 351 45.67 87.08 -27.86
CA LEU GB 351 47.00 87.16 -28.47
C LEU GB 351 47.12 86.21 -29.65
N ALA GB 352 46.48 85.04 -29.56
CA ALA GB 352 46.57 84.08 -30.67
C ALA GB 352 45.87 84.61 -31.91
N LYS GB 353 44.66 85.16 -31.75
CA LYS GB 353 43.98 85.70 -32.92
C LYS GB 353 44.70 86.93 -33.45
N LYS GB 354 45.26 87.76 -32.57
CA LYS GB 354 46.04 88.90 -33.04
C LYS GB 354 47.29 88.47 -33.78
N ALA GB 355 47.85 87.32 -33.42
CA ALA GB 355 49.02 86.82 -34.14
C ALA GB 355 48.61 86.26 -35.49
N ARG GB 356 47.48 85.57 -35.55
CA ARG GB 356 46.99 85.08 -36.84
C ARG GB 356 46.67 86.25 -37.78
N ASP GB 357 46.26 87.39 -37.23
CA ASP GB 357 45.99 88.57 -38.04
C ASP GB 357 47.22 89.44 -38.27
N GLY GB 358 48.28 89.25 -37.49
CA GLY GB 358 49.46 90.09 -37.61
C GLY GB 358 49.24 91.49 -37.11
N LYS GB 359 48.97 91.64 -35.81
CA LYS GB 359 48.60 92.92 -35.21
C LYS GB 359 49.28 93.12 -33.86
N LEU GB 360 50.51 92.65 -33.72
CA LEU GB 360 51.21 92.69 -32.45
C LEU GB 360 52.21 93.84 -32.39
N LYS GB 361 52.60 94.17 -31.16
CA LYS GB 361 53.66 95.11 -30.86
C LYS GB 361 54.93 94.34 -30.47
N PRO GB 362 56.11 94.94 -30.61
CA PRO GB 362 57.33 94.20 -30.27
C PRO GB 362 57.43 93.86 -28.79
N GLU GB 363 56.96 94.74 -27.91
CA GLU GB 363 57.03 94.48 -26.48
C GLU GB 363 56.25 93.25 -26.09
N GLU GB 364 55.18 92.93 -26.82
CA GLU GB 364 54.33 91.80 -26.48
C GLU GB 364 55.01 90.46 -26.66
N TYR GB 365 56.03 90.38 -27.52
CA TYR GB 365 56.75 89.13 -27.78
C TYR GB 365 58.26 89.30 -27.69
N GLN GB 366 58.73 90.37 -27.04
CA GLN GB 366 60.15 90.55 -26.76
C GLN GB 366 60.32 90.67 -25.24
N GLY GB 367 60.83 89.60 -24.64
CA GLY GB 367 60.98 89.53 -23.20
C GLY GB 367 60.64 88.15 -22.69
N GLY GB 368 60.00 88.08 -21.53
CA GLY GB 368 59.61 86.80 -20.96
C GLY GB 368 60.77 86.10 -20.30
N SER GB 369 60.51 85.48 -19.15
CA SER GB 369 61.52 84.73 -18.43
C SER GB 369 61.51 83.26 -18.79
N ILE GB 370 60.34 82.68 -19.02
CA ILE GB 370 60.18 81.26 -19.32
C ILE GB 370 59.24 81.13 -20.51
N SER GB 371 59.35 80.00 -21.20
CA SER GB 371 58.63 79.77 -22.44
C SER GB 371 57.96 78.40 -22.41
N ILE GB 372 57.20 78.12 -23.47
CA ILE GB 372 56.47 76.87 -23.59
C ILE GB 372 56.03 76.72 -25.04
N SER GB 373 55.95 75.47 -25.48
CA SER GB 373 55.40 75.12 -26.79
C SER GB 373 54.46 73.94 -26.60
N ASN GB 374 53.38 73.92 -27.38
CA ASN GB 374 52.34 72.93 -27.25
C ASN GB 374 52.06 72.29 -28.60
N MET GB 375 51.78 70.99 -28.58
CA MET GB 375 51.43 70.23 -29.78
C MET GB 375 50.32 69.23 -29.49
N GLY GB 376 49.47 69.49 -28.50
CA GLY GB 376 48.49 68.52 -28.08
C GLY GB 376 47.44 68.19 -29.12
N MET GB 377 47.22 69.09 -30.08
CA MET GB 377 46.23 68.82 -31.11
C MET GB 377 46.66 67.66 -32.00
N ASN GB 378 47.98 67.46 -32.17
CA ASN GB 378 48.49 66.41 -33.03
C ASN GB 378 48.71 65.15 -32.20
N PRO GB 379 47.84 64.14 -32.29
CA PRO GB 379 47.94 63.02 -31.35
C PRO GB 379 49.13 62.11 -31.55
N ALA GB 380 49.85 62.23 -32.66
CA ALA GB 380 50.93 61.30 -32.94
C ALA GB 380 52.18 61.60 -32.11
N VAL GB 381 52.38 62.86 -31.75
CA VAL GB 381 53.61 63.27 -31.08
C VAL GB 381 53.52 62.82 -29.63
N GLN GB 382 54.26 61.77 -29.30
CA GLN GB 382 54.36 61.35 -27.91
C GLN GB 382 55.25 62.29 -27.12
N SER GB 383 56.33 62.77 -27.73
CA SER GB 383 57.25 63.67 -27.05
C SER GB 383 58.06 64.43 -28.08
N PHE GB 384 58.64 65.54 -27.63
CA PHE GB 384 59.53 66.30 -28.47
C PHE GB 384 60.28 67.28 -27.62
N THR GB 385 61.39 67.75 -28.17
CA THR GB 385 62.24 68.74 -27.56
C THR GB 385 62.03 70.08 -28.26
N ALA GB 386 62.54 71.14 -27.65
CA ALA GB 386 62.55 72.46 -28.26
C ALA GB 386 63.85 73.14 -27.90
N ILE GB 387 63.96 74.41 -28.28
CA ILE GB 387 65.18 75.18 -28.17
C ILE GB 387 64.89 76.41 -27.33
N ILE GB 388 65.87 76.78 -26.50
CA ILE GB 388 65.67 77.84 -25.51
C ILE GB 388 65.74 79.19 -26.22
N ASN GB 389 64.61 79.88 -26.25
CA ASN GB 389 64.57 81.23 -26.79
C ASN GB 389 65.34 82.16 -25.86
N PRO GB 390 66.49 82.70 -26.27
CA PRO GB 390 67.28 83.50 -25.34
C PRO GB 390 66.60 84.80 -25.01
N PRO GB 391 67.04 85.49 -23.94
CA PRO GB 391 68.11 85.14 -23.02
C PRO GB 391 67.64 84.26 -21.86
N GLN GB 392 66.49 83.60 -22.04
CA GLN GB 392 65.88 82.82 -20.98
C GLN GB 392 66.75 81.61 -20.61
N ALA GB 393 66.30 80.86 -19.61
CA ALA GB 393 67.08 79.76 -19.04
C ALA GB 393 66.46 78.40 -19.24
N ALA GB 394 65.15 78.32 -19.49
CA ALA GB 394 64.46 77.05 -19.55
C ALA GB 394 63.33 77.13 -20.56
N ILE GB 395 62.85 75.96 -20.97
CA ILE GB 395 61.69 75.90 -21.85
C ILE GB 395 61.04 74.53 -21.67
N LEU GB 396 59.73 74.51 -21.87
CA LEU GB 396 58.90 73.34 -21.65
C LEU GB 396 58.33 72.85 -22.98
N ALA GB 397 57.84 71.62 -22.95
CA ALA GB 397 57.19 71.02 -24.11
C ALA GB 397 56.26 69.93 -23.62
N VAL GB 398 55.05 69.90 -24.18
CA VAL GB 398 53.99 69.00 -23.75
C VAL GB 398 53.55 68.20 -24.96
N GLY GB 399 53.70 66.88 -24.89
CA GLY GB 399 53.24 66.03 -25.96
C GLY GB 399 51.74 65.85 -25.93
N ALA GB 400 51.29 64.81 -26.62
CA ALA GB 400 49.88 64.49 -26.66
C ALA GB 400 49.51 63.55 -25.53
N PRO GB 401 48.21 63.42 -25.23
CA PRO GB 401 47.79 62.40 -24.27
C PRO GB 401 47.72 61.03 -24.92
N GLN GB 402 47.85 60.01 -24.06
CA GLN GB 402 47.84 58.63 -24.51
C GLN GB 402 47.24 57.76 -23.41
N LYS GB 403 46.91 56.53 -23.78
CA LYS GB 403 46.36 55.54 -22.87
C LYS GB 403 47.49 54.64 -22.41
N VAL GB 404 47.57 54.40 -21.11
CA VAL GB 404 48.63 53.59 -20.51
C VAL GB 404 48.02 52.69 -19.47
N ALA GB 405 48.63 51.51 -19.31
CA ALA GB 405 48.24 50.60 -18.25
C ALA GB 405 48.83 51.04 -16.93
N VAL GB 406 48.03 50.91 -15.88
CA VAL GB 406 48.47 51.25 -14.52
C VAL GB 406 47.88 50.22 -13.56
N PRO GB 407 48.64 49.72 -12.59
CA PRO GB 407 48.05 48.79 -11.62
C PRO GB 407 47.05 49.49 -10.72
N VAL GB 408 46.20 48.68 -10.11
CA VAL GB 408 45.22 49.16 -9.14
C VAL GB 408 44.84 48.01 -8.23
N GLU GB 409 44.63 48.33 -6.95
CA GLU GB 409 44.20 47.34 -5.97
C GLU GB 409 42.69 47.38 -5.84
N ASN GB 410 42.05 46.28 -6.22
CA ASN GB 410 40.63 46.13 -5.96
C ASN GB 410 40.39 45.99 -4.46
N GLU GB 411 39.11 45.90 -4.09
CA GLU GB 411 38.76 45.76 -2.68
C GLU GB 411 39.36 44.51 -2.03
N ASP GB 412 39.67 43.48 -2.82
CA ASP GB 412 40.38 42.31 -2.33
C ASP GB 412 41.88 42.56 -2.44
N GLY GB 413 42.67 41.50 -2.23
CA GLY GB 413 44.12 41.63 -2.26
C GLY GB 413 44.73 41.57 -3.66
N THR GB 414 43.97 41.12 -4.65
CA THR GB 414 44.50 41.03 -6.01
C THR GB 414 44.59 42.41 -6.65
N THR GB 415 45.57 42.56 -7.52
CA THR GB 415 45.71 43.77 -8.31
C THR GB 415 44.83 43.68 -9.55
N GLY GB 416 44.67 44.83 -10.21
CA GLY GB 416 43.89 44.92 -11.42
C GLY GB 416 44.48 45.94 -12.37
N VAL GB 417 43.86 46.05 -13.54
CA VAL GB 417 44.33 46.91 -14.60
C VAL GB 417 43.39 48.10 -14.70
N SER GB 418 43.97 49.30 -14.65
CA SER GB 418 43.24 50.55 -14.82
C SER GB 418 43.90 51.36 -15.92
N TRP GB 419 43.07 51.99 -16.75
CA TRP GB 419 43.54 52.75 -17.90
C TRP GB 419 43.53 54.23 -17.54
N ASP GB 420 44.71 54.78 -17.35
CA ASP GB 420 44.90 56.19 -17.04
C ASP GB 420 45.39 56.93 -18.27
N GLU GB 421 45.06 58.21 -18.35
CA GLU GB 421 45.47 59.07 -19.46
C GLU GB 421 46.75 59.79 -19.06
N GLN GB 422 47.84 59.46 -19.75
CA GLN GB 422 49.16 60.03 -19.45
C GLN GB 422 49.58 61.00 -20.54
N ILE GB 423 50.42 61.95 -20.12
CA ILE GB 423 51.07 62.88 -21.02
C ILE GB 423 52.56 62.88 -20.70
N ILE GB 424 53.38 62.93 -21.74
CA ILE GB 424 54.81 63.11 -21.58
C ILE GB 424 55.12 64.59 -21.63
N VAL GB 425 56.04 65.00 -20.77
CA VAL GB 425 56.49 66.38 -20.69
C VAL GB 425 58.01 66.37 -20.77
N THR GB 426 58.55 67.28 -21.57
CA THR GB 426 59.98 67.41 -21.78
C THR GB 426 60.39 68.83 -21.45
N ALA GB 427 61.41 68.96 -20.60
CA ALA GB 427 61.94 70.25 -20.19
C ALA GB 427 63.40 70.34 -20.59
N SER GB 428 63.73 71.39 -21.34
CA SER GB 428 65.11 71.67 -21.70
C SER GB 428 65.62 72.81 -20.82
N PHE GB 429 66.78 72.60 -20.22
CA PHE GB 429 67.38 73.58 -19.32
C PHE GB 429 68.75 74.00 -19.83
N ASP GB 430 69.13 75.22 -19.47
CA ASP GB 430 70.51 75.66 -19.62
C ASP GB 430 71.30 75.22 -18.40
N HIS GB 431 72.50 74.72 -18.63
CA HIS GB 431 73.31 74.14 -17.57
C HIS GB 431 74.16 75.15 -16.84
N LYS GB 432 74.34 76.36 -17.39
CA LYS GB 432 75.12 77.37 -16.68
C LYS GB 432 74.41 77.79 -15.40
N VAL GB 433 73.11 78.02 -15.48
CA VAL GB 433 72.32 78.49 -14.36
C VAL GB 433 71.81 77.33 -13.52
N VAL GB 434 71.13 76.40 -14.16
CA VAL GB 434 70.39 75.35 -13.48
C VAL GB 434 71.21 74.07 -13.49
N ASP GB 435 71.03 73.26 -12.45
CA ASP GB 435 71.63 71.94 -12.33
C ASP GB 435 70.53 70.89 -12.32
N GLY GB 436 70.98 69.63 -12.41
CA GLY GB 436 70.05 68.53 -12.52
C GLY GB 436 69.13 68.41 -11.33
N ALA GB 437 69.67 68.62 -10.12
CA ALA GB 437 68.84 68.55 -8.91
C ALA GB 437 67.76 69.62 -8.93
N VAL GB 438 68.11 70.83 -9.37
CA VAL GB 438 67.16 71.92 -9.39
C VAL GB 438 66.06 71.64 -10.39
N GLY GB 439 66.44 71.18 -11.57
CA GLY GB 439 65.45 70.81 -12.58
C GLY GB 439 64.54 69.70 -12.09
N ALA GB 440 65.10 68.72 -11.40
CA ALA GB 440 64.29 67.62 -10.87
C ALA GB 440 63.32 68.12 -9.83
N GLU GB 441 63.74 69.04 -8.98
CA GLU GB 441 62.86 69.60 -7.97
C GLU GB 441 61.71 70.35 -8.61
N TRP GB 442 62.02 71.15 -9.63
CA TRP GB 442 61.00 71.89 -10.36
C TRP GB 442 59.98 70.93 -10.97
N ILE GB 443 60.47 69.86 -11.61
CA ILE GB 443 59.58 68.90 -12.24
C ILE GB 443 58.75 68.18 -11.20
N ARG GB 444 59.33 67.89 -10.04
CA ARG GB 444 58.58 67.22 -8.98
C ARG GB 444 57.44 68.08 -8.51
N GLU GB 445 57.69 69.37 -8.28
CA GLU GB 445 56.63 70.26 -7.85
C GLU GB 445 55.54 70.37 -8.91
N LEU GB 446 55.94 70.42 -10.18
CA LEU GB 446 54.95 70.48 -11.25
C LEU GB 446 54.07 69.24 -11.26
N LYS GB 447 54.70 68.06 -11.16
CA LYS GB 447 53.95 66.82 -11.16
C LYS GB 447 53.00 66.76 -9.98
N LYS GB 448 53.47 67.19 -8.81
CA LYS GB 448 52.63 67.17 -7.62
C LYS GB 448 51.41 68.06 -7.80
N VAL GB 449 51.63 69.28 -8.31
CA VAL GB 449 50.55 70.23 -8.49
C VAL GB 449 49.53 69.70 -9.49
N ILE GB 450 50.01 69.07 -10.56
CA ILE GB 450 49.09 68.56 -11.57
C ILE GB 450 48.30 67.39 -11.00
N GLU GB 451 48.99 66.46 -10.36
CA GLU GB 451 48.32 65.25 -9.89
C GLU GB 451 47.33 65.56 -8.78
N ASN GB 452 47.58 66.62 -8.02
CA ASN GB 452 46.62 67.12 -7.05
C ASN GB 452 46.16 68.50 -7.51
N PRO GB 453 45.18 68.59 -8.43
CA PRO GB 453 44.83 69.90 -8.98
C PRO GB 453 44.30 70.87 -7.96
N LEU GB 454 43.81 70.38 -6.82
CA LEU GB 454 43.28 71.28 -5.79
C LEU GB 454 44.36 72.17 -5.21
N GLU GB 455 45.63 71.83 -5.39
CA GLU GB 455 46.72 72.67 -4.91
C GLU GB 455 46.95 73.88 -5.79
N LEU GB 456 46.29 73.98 -6.94
CA LEU GB 456 46.38 75.17 -7.76
C LEU GB 456 45.91 76.40 -7.01
N LEU GB 457 44.99 76.23 -6.06
CA LEU GB 457 44.53 77.34 -5.23
C LEU GB 457 45.68 77.92 -4.42
N LEU GB 458 46.65 77.08 -4.05
CA LEU GB 458 47.76 77.49 -3.21
C LEU GB 458 48.89 78.08 -4.04
N TYR HB 227 17.14 54.99 -97.64
CA TYR HB 227 16.23 56.11 -97.74
C TYR HB 227 16.97 57.42 -97.44
N THR HB 228 17.14 57.73 -96.16
CA THR HB 228 17.89 58.93 -95.80
C THR HB 228 19.34 58.74 -96.20
N ASP HB 229 19.97 59.82 -96.66
CA ASP HB 229 21.33 59.79 -97.20
C ASP HB 229 22.11 60.95 -96.58
N VAL HB 230 22.89 60.67 -95.55
CA VAL HB 230 23.64 61.70 -94.83
C VAL HB 230 25.09 61.63 -95.30
N PRO HB 231 25.69 62.73 -95.75
CA PRO HB 231 27.13 62.68 -96.07
C PRO HB 231 27.97 62.40 -94.84
N ILE HB 232 29.17 61.89 -95.09
CA ILE HB 232 30.07 61.50 -94.02
C ILE HB 232 30.76 62.74 -93.47
N SER HB 233 31.04 62.72 -92.17
CA SER HB 233 31.63 63.87 -91.50
C SER HB 233 33.03 64.20 -91.99
N GLY HB 234 33.74 63.24 -92.57
CA GLY HB 234 35.12 63.40 -92.96
C GLY HB 234 36.09 62.93 -91.89
N MET HB 235 35.74 63.15 -90.63
CA MET HB 235 36.58 62.67 -89.54
C MET HB 235 36.57 61.15 -89.49
N ARG HB 236 35.41 60.53 -89.73
CA ARG HB 236 35.33 59.08 -89.70
C ARG HB 236 36.17 58.44 -90.80
N LYS HB 237 36.43 59.17 -91.89
CA LYS HB 237 37.23 58.62 -92.98
C LYS HB 237 38.62 58.26 -92.49
N THR HB 238 39.24 59.14 -91.69
CA THR HB 238 40.58 58.88 -91.20
C THR HB 238 40.59 57.66 -90.29
N ILE HB 239 39.60 57.56 -89.39
CA ILE HB 239 39.55 56.42 -88.48
C ILE HB 239 39.32 55.13 -89.25
N ALA HB 240 38.51 55.19 -90.30
CA ALA HB 240 38.26 54.01 -91.12
C ALA HB 240 39.54 53.56 -91.81
N ALA HB 241 40.26 54.51 -92.40
CA ALA HB 241 41.53 54.19 -93.05
C ALA HB 241 42.52 53.61 -92.04
N ARG HB 242 42.55 54.17 -90.84
CA ARG HB 242 43.46 53.69 -89.81
C ARG HB 242 43.16 52.26 -89.42
N LEU HB 243 41.88 51.97 -89.16
CA LEU HB 243 41.49 50.61 -88.80
C LEU HB 243 41.74 49.63 -89.93
N LYS HB 244 41.52 50.07 -91.17
CA LYS HB 244 41.80 49.21 -92.32
C LYS HB 244 43.27 48.89 -92.41
N GLU HB 245 44.13 49.90 -92.21
CA GLU HB 245 45.56 49.67 -92.18
C GLU HB 245 45.92 48.69 -91.08
N SER HB 246 45.26 48.81 -89.93
CA SER HB 246 45.55 47.91 -88.81
C SER HB 246 45.24 46.47 -89.19
N VAL HB 247 44.02 46.21 -89.67
CA VAL HB 247 43.62 44.83 -89.93
C VAL HB 247 44.34 44.25 -91.14
N THR HB 248 44.79 45.08 -92.08
CA THR HB 248 45.46 44.56 -93.27
C THR HB 248 46.96 44.40 -93.06
N GLU HB 249 47.55 45.17 -92.15
CA GLU HB 249 48.99 45.07 -91.90
C GLU HB 249 49.28 44.05 -90.80
N ASN HB 250 48.44 44.02 -89.77
CA ASN HB 250 48.67 43.20 -88.61
C ASN HB 250 47.60 42.13 -88.50
N PRO HB 251 47.94 40.85 -88.53
CA PRO HB 251 46.93 39.84 -88.18
C PRO HB 251 46.59 39.94 -86.71
N HIS HB 252 45.50 39.30 -86.32
CA HIS HB 252 44.97 39.39 -84.98
C HIS HB 252 44.64 38.01 -84.45
N PHE HB 253 45.06 37.73 -83.23
CA PHE HB 253 44.58 36.58 -82.49
C PHE HB 253 44.26 37.00 -81.06
N PHE HB 254 43.25 36.35 -80.50
CA PHE HB 254 42.60 36.77 -79.27
C PHE HB 254 42.82 35.73 -78.19
N VAL HB 255 42.87 36.19 -76.94
CA VAL HB 255 43.01 35.35 -75.78
C VAL HB 255 41.99 35.79 -74.75
N SER HB 256 41.23 34.84 -74.22
CA SER HB 256 40.08 35.11 -73.37
C SER HB 256 40.24 34.35 -72.06
N THR HB 257 40.25 35.09 -70.95
CA THR HB 257 40.42 34.51 -69.63
C THR HB 257 39.38 35.07 -68.68
N ASN HB 258 39.35 34.49 -67.48
CA ASN HB 258 38.41 34.85 -66.43
C ASN HB 258 39.17 35.12 -65.15
N LEU HB 259 38.99 36.33 -64.61
CA LEU HB 259 39.64 36.75 -63.38
C LEU HB 259 38.67 36.67 -62.21
N SER HB 260 39.23 36.85 -61.01
CA SER HB 260 38.46 36.90 -59.78
C SER HB 260 38.79 38.22 -59.07
N VAL HB 261 37.76 38.96 -58.70
CA VAL HB 261 37.90 40.30 -58.16
C VAL HB 261 37.21 40.45 -56.80
N SER HB 262 36.85 39.35 -56.16
CA SER HB 262 36.15 39.43 -54.88
C SER HB 262 37.01 40.09 -53.82
N LYS HB 263 38.33 39.92 -53.90
CA LYS HB 263 39.24 40.58 -52.98
C LYS HB 263 39.53 42.01 -53.43
N LEU HB 264 39.61 42.21 -54.75
CA LEU HB 264 39.90 43.54 -55.28
C LEU HB 264 38.80 44.53 -54.89
N LEU HB 265 37.55 44.10 -54.93
CA LEU HB 265 36.46 44.99 -54.59
C LEU HB 265 36.48 45.35 -53.11
N LYS HB 266 36.81 44.37 -52.26
CA LYS HB 266 36.95 44.67 -50.84
C LYS HB 266 38.07 45.69 -50.61
N LEU HB 267 39.18 45.52 -51.31
CA LEU HB 267 40.28 46.47 -51.18
C LEU HB 267 39.85 47.87 -51.62
N ARG HB 268 39.13 47.96 -52.74
CA ARG HB 268 38.66 49.24 -53.23
C ARG HB 268 37.72 49.89 -52.23
N GLN HB 269 36.80 49.12 -51.67
CA GLN HB 269 35.86 49.65 -50.71
C GLN HB 269 36.58 50.14 -49.46
N ALA HB 270 37.57 49.39 -48.99
CA ALA HB 270 38.31 49.81 -47.80
C ALA HB 270 39.08 51.09 -48.05
N LEU HB 271 39.75 51.20 -49.20
CA LEU HB 271 40.49 52.41 -49.49
C LEU HB 271 39.57 53.60 -49.70
N ASN HB 272 38.36 53.37 -50.21
CA ASN HB 272 37.41 54.47 -50.36
C ASN HB 272 36.86 54.89 -49.01
N SER HB 273 36.69 53.94 -48.09
CA SER HB 273 36.19 54.28 -46.77
C SER HB 273 37.23 55.00 -45.93
N SER HB 274 38.50 54.61 -46.06
CA SER HB 274 39.58 55.24 -45.29
C SER HB 274 40.10 56.48 -46.02
N ALA HB 275 39.19 57.40 -46.27
CA ALA HB 275 39.50 58.62 -46.99
C ALA HB 275 38.50 59.69 -46.60
N ASP HB 276 38.87 60.94 -46.84
CA ASP HB 276 38.08 62.11 -46.51
C ASP HB 276 37.67 62.86 -47.77
N GLY HB 277 37.24 62.10 -48.79
CA GLY HB 277 36.88 62.72 -50.05
C GLY HB 277 38.06 63.24 -50.86
N ARG HB 278 39.28 62.84 -50.51
CA ARG HB 278 40.45 63.30 -51.25
C ARG HB 278 40.61 62.56 -52.56
N TYR HB 279 39.99 61.40 -52.71
CA TYR HB 279 40.09 60.62 -53.94
C TYR HB 279 38.91 59.66 -54.02
N LYS HB 280 38.77 59.03 -55.18
CA LYS HB 280 37.76 58.00 -55.39
C LYS HB 280 38.27 57.04 -56.45
N LEU HB 281 38.27 55.75 -56.12
CA LEU HB 281 38.90 54.74 -56.95
C LEU HB 281 37.90 53.94 -57.75
N SER HB 282 38.41 53.26 -58.78
CA SER HB 282 37.62 52.38 -59.63
C SER HB 282 38.43 51.15 -59.98
N VAL HB 283 37.88 50.30 -60.85
CA VAL HB 283 38.54 49.05 -61.21
C VAL HB 283 39.55 49.27 -62.32
N ASN HB 284 39.26 50.22 -63.23
CA ASN HB 284 40.16 50.49 -64.34
C ASN HB 284 41.54 50.91 -63.87
N ASP HB 285 41.61 51.58 -62.72
CA ASP HB 285 42.91 52.04 -62.21
C ASP HB 285 43.77 50.87 -61.79
N PHE HB 286 43.20 49.96 -60.99
CA PHE HB 286 43.90 48.73 -60.63
C PHE HB 286 44.33 47.98 -61.88
N LEU HB 287 43.46 47.92 -62.88
CA LEU HB 287 43.80 47.21 -64.10
C LEU HB 287 44.98 47.87 -64.81
N ILE HB 288 45.04 49.19 -64.79
CA ILE HB 288 46.12 49.89 -65.46
C ILE HB 288 47.44 49.63 -64.75
N LYS HB 289 47.43 49.67 -63.42
CA LYS HB 289 48.64 49.39 -62.66
C LYS HB 289 49.12 47.96 -62.92
N ALA HB 290 48.19 47.01 -62.96
CA ALA HB 290 48.56 45.63 -63.23
C ALA HB 290 49.10 45.48 -64.63
N MET HB 291 48.54 46.21 -65.59
CA MET HB 291 49.06 46.19 -66.96
C MET HB 291 50.50 46.66 -66.98
N GLY HB 292 50.79 47.73 -66.26
CA GLY HB 292 52.17 48.21 -66.21
C GLY HB 292 53.10 47.17 -65.61
N ILE HB 293 52.66 46.51 -64.54
CA ILE HB 293 53.50 45.51 -63.89
C ILE HB 293 53.79 44.36 -64.85
N ALA HB 294 52.76 43.88 -65.53
CA ALA HB 294 52.95 42.77 -66.46
C ALA HB 294 53.82 43.18 -67.63
N SER HB 295 53.66 44.41 -68.11
CA SER HB 295 54.46 44.89 -69.21
C SER HB 295 55.92 44.97 -68.82
N LYS HB 296 56.21 45.29 -67.57
CA LYS HB 296 57.60 45.32 -67.12
C LYS HB 296 58.15 43.93 -66.92
N ARG HB 297 57.34 42.99 -66.43
CA ARG HB 297 57.83 41.64 -66.24
C ARG HB 297 58.05 40.91 -67.56
N VAL HB 298 57.32 41.31 -68.60
CA VAL HB 298 57.45 40.71 -69.93
C VAL HB 298 57.54 41.84 -70.95
N PRO HB 299 58.74 42.37 -71.23
CA PRO HB 299 58.84 43.58 -72.03
C PRO HB 299 58.52 43.39 -73.51
N THR HB 300 58.48 42.15 -73.98
CA THR HB 300 58.26 41.91 -75.41
C THR HB 300 56.90 42.42 -75.86
N VAL HB 301 55.93 42.48 -74.96
CA VAL HB 301 54.63 43.02 -75.31
C VAL HB 301 54.72 44.51 -75.53
N ASN HB 302 55.43 45.21 -74.65
CA ASN HB 302 55.62 46.65 -74.74
C ASN HB 302 56.62 46.92 -75.86
N SER HB 303 56.14 46.84 -77.10
CA SER HB 303 56.98 46.92 -78.28
C SER HB 303 56.15 47.50 -79.41
N SER HB 304 56.70 47.47 -80.62
CA SER HB 304 56.01 47.97 -81.80
C SER HB 304 56.64 47.32 -83.03
N TRP HB 305 56.30 47.85 -84.20
CA TRP HB 305 56.84 47.36 -85.47
C TRP HB 305 57.17 48.58 -86.32
N ARG HB 306 58.43 48.68 -86.73
CA ARG HB 306 58.91 49.81 -87.51
C ARG HB 306 59.64 49.32 -88.74
N ASP HB 307 60.30 50.23 -89.47
CA ASP HB 307 60.93 49.88 -90.73
C ASP HB 307 62.12 48.96 -90.51
N GLY HB 308 61.89 47.66 -90.63
CA GLY HB 308 62.95 46.68 -90.48
C GLY HB 308 63.60 46.68 -89.12
N VAL HB 309 62.90 47.12 -88.08
CA VAL HB 309 63.47 47.23 -86.76
C VAL HB 309 62.36 47.19 -85.73
N ILE HB 310 62.66 46.61 -84.57
CA ILE HB 310 61.74 46.54 -83.44
C ILE HB 310 62.13 47.63 -82.46
N ARG HB 311 61.19 48.52 -82.16
CA ARG HB 311 61.35 49.55 -81.16
C ARG HB 311 60.74 49.06 -79.85
N GLN HB 312 61.56 48.95 -78.82
CA GLN HB 312 61.14 48.51 -77.50
C GLN HB 312 61.33 49.64 -76.50
N PHE HB 313 60.27 49.93 -75.76
CA PHE HB 313 60.32 50.96 -74.73
C PHE HB 313 60.78 50.36 -73.41
N GLU HB 314 60.83 51.20 -72.39
CA GLU HB 314 61.09 50.80 -71.01
C GLU HB 314 59.92 51.13 -70.10
N THR HB 315 59.42 52.35 -70.19
CA THR HB 315 58.23 52.76 -69.46
C THR HB 315 57.00 52.19 -70.13
N VAL HB 316 55.85 52.42 -69.51
CA VAL HB 316 54.57 51.93 -69.99
C VAL HB 316 53.66 53.15 -70.20
N ASP HB 317 53.36 53.43 -71.45
CA ASP HB 317 52.44 54.51 -71.83
C ASP HB 317 51.10 53.88 -72.20
N VAL HB 318 50.07 54.22 -71.43
CA VAL HB 318 48.78 53.55 -71.51
C VAL HB 318 47.77 54.46 -72.19
N SER HB 319 47.12 53.96 -73.23
CA SER HB 319 46.10 54.70 -73.96
C SER HB 319 44.73 54.23 -73.47
N VAL HB 320 43.98 55.14 -72.85
CA VAL HB 320 42.67 54.83 -72.30
C VAL HB 320 41.61 55.38 -73.25
N ALA HB 321 40.63 54.55 -73.59
CA ALA HB 321 39.57 54.95 -74.49
C ALA HB 321 38.50 55.72 -73.74
N VAL HB 322 37.93 56.71 -74.42
CA VAL HB 322 36.80 57.47 -73.92
C VAL HB 322 35.80 57.64 -75.06
N ALA HB 323 34.53 57.48 -74.73
CA ALA HB 323 33.43 57.50 -75.69
C ALA HB 323 32.74 58.85 -75.58
N THR HB 324 33.02 59.73 -76.53
CA THR HB 324 32.36 61.02 -76.63
C THR HB 324 31.20 60.94 -77.62
N PRO HB 325 30.26 61.90 -77.58
CA PRO HB 325 29.24 61.94 -78.63
C PRO HB 325 29.81 62.15 -80.01
N ASN HB 326 31.00 62.73 -80.12
CA ASN HB 326 31.69 62.87 -81.40
C ASN HB 326 32.30 61.55 -81.86
N GLY HB 327 32.49 60.59 -80.97
CA GLY HB 327 33.01 59.30 -81.34
C GLY HB 327 33.86 58.65 -80.26
N LEU HB 328 35.07 58.25 -80.62
CA LEU HB 328 36.02 57.61 -79.71
C LEU HB 328 37.30 58.41 -79.68
N ILE HB 329 37.97 58.41 -78.53
CA ILE HB 329 39.24 59.10 -78.39
C ILE HB 329 40.09 58.34 -77.39
N THR HB 330 41.41 58.52 -77.48
CA THR HB 330 42.36 57.75 -76.68
C THR HB 330 43.42 58.66 -76.05
N PRO HB 331 43.08 59.34 -74.96
CA PRO HB 331 44.12 60.01 -74.17
C PRO HB 331 45.11 59.01 -73.62
N ILE HB 332 46.22 59.54 -73.11
CA ILE HB 332 47.37 58.75 -72.70
C ILE HB 332 47.75 59.11 -71.28
N VAL HB 333 48.13 58.09 -70.51
CA VAL HB 333 48.77 58.25 -69.21
C VAL HB 333 50.21 57.83 -69.35
N LYS HB 334 51.11 58.59 -68.74
CA LYS HB 334 52.54 58.44 -68.88
C LYS HB 334 53.16 57.91 -67.60
N GLY HB 335 54.15 57.04 -67.75
CA GLY HB 335 54.91 56.54 -66.63
C GLY HB 335 54.06 55.87 -65.59
N VAL HB 336 53.29 54.86 -66.01
CA VAL HB 336 52.33 54.22 -65.12
C VAL HB 336 53.05 53.52 -63.98
N GLU HB 337 54.00 52.65 -64.31
CA GLU HB 337 54.72 51.88 -63.31
C GLU HB 337 55.43 52.82 -62.34
N GLY HB 338 55.04 52.74 -61.07
CA GLY HB 338 55.57 53.62 -60.07
C GLY HB 338 55.05 55.03 -60.19
N LYS HB 339 53.73 55.18 -60.11
CA LYS HB 339 53.08 56.49 -60.20
C LYS HB 339 52.08 56.73 -59.07
N GLY HB 340 51.34 55.70 -58.66
CA GLY HB 340 50.34 55.84 -57.61
C GLY HB 340 48.92 55.89 -58.12
N LEU HB 341 48.05 55.12 -57.47
CA LEU HB 341 46.67 55.00 -57.93
C LEU HB 341 45.93 56.32 -57.83
N GLU HB 342 46.24 57.14 -56.83
CA GLU HB 342 45.57 58.43 -56.69
C GLU HB 342 45.89 59.32 -57.87
N SER HB 343 47.18 59.45 -58.19
CA SER HB 343 47.58 60.25 -59.34
C SER HB 343 46.99 59.70 -60.62
N ILE HB 344 46.90 58.37 -60.72
CA ILE HB 344 46.32 57.77 -61.91
C ILE HB 344 44.86 58.16 -62.06
N SER HB 345 44.08 58.01 -60.99
CA SER HB 345 42.67 58.36 -61.03
C SER HB 345 42.49 59.85 -61.33
N ALA HB 346 43.34 60.69 -60.76
CA ALA HB 346 43.23 62.13 -60.99
C ALA HB 346 43.48 62.45 -62.46
N ALA HB 347 44.56 61.89 -63.02
CA ALA HB 347 44.87 62.15 -64.42
C ALA HB 347 43.76 61.63 -65.33
N VAL HB 348 43.19 60.47 -65.00
CA VAL HB 348 42.13 59.91 -65.83
C VAL HB 348 40.90 60.80 -65.78
N LYS HB 349 40.55 61.29 -64.59
CA LYS HB 349 39.39 62.18 -64.49
C LYS HB 349 39.61 63.46 -65.27
N GLU HB 350 40.80 64.05 -65.13
CA GLU HB 350 41.12 65.27 -65.87
C GLU HB 350 41.02 65.04 -67.37
N LEU HB 351 41.64 63.96 -67.86
CA LEU HB 351 41.65 63.72 -69.30
C LEU HB 351 40.26 63.38 -69.81
N ALA HB 352 39.47 62.66 -69.02
CA ALA HB 352 38.13 62.29 -69.47
C ALA HB 352 37.24 63.52 -69.57
N LYS HB 353 37.29 64.40 -68.57
CA LYS HB 353 36.50 65.62 -68.65
C LYS HB 353 37.01 66.54 -69.76
N LYS HB 354 38.32 66.61 -69.96
CA LYS HB 354 38.84 67.43 -71.03
C LYS HB 354 38.46 66.88 -72.40
N ALA HB 355 38.32 65.56 -72.53
CA ALA HB 355 37.88 64.97 -73.79
C ALA HB 355 36.40 65.20 -74.01
N ARG HB 356 35.61 65.10 -72.95
CA ARG HB 356 34.20 65.48 -73.05
C ARG HB 356 34.05 66.94 -73.45
N ASP HB 357 34.99 67.79 -73.03
CA ASP HB 357 34.95 69.20 -73.40
C ASP HB 357 35.55 69.48 -74.77
N GLY HB 358 36.42 68.61 -75.27
CA GLY HB 358 37.12 68.88 -76.52
C GLY HB 358 38.17 69.95 -76.35
N LYS HB 359 39.17 69.69 -75.51
CA LYS HB 359 40.17 70.68 -75.12
C LYS HB 359 41.57 70.07 -75.11
N LEU HB 360 41.79 69.04 -75.91
CA LEU HB 360 43.03 68.27 -75.86
C LEU HB 360 44.05 68.78 -76.87
N LYS HB 361 45.29 68.34 -76.65
CA LYS HB 361 46.39 68.51 -77.58
C LYS HB 361 46.64 67.22 -78.33
N PRO HB 362 47.25 67.26 -79.52
CA PRO HB 362 47.48 66.00 -80.24
C PRO HB 362 48.48 65.09 -79.56
N GLU HB 363 49.47 65.65 -78.87
CA GLU HB 363 50.47 64.83 -78.21
C GLU HB 363 49.87 63.98 -77.10
N GLU HB 364 48.77 64.43 -76.51
CA GLU HB 364 48.14 63.69 -75.42
C GLU HB 364 47.51 62.39 -75.89
N TYR HB 365 47.18 62.27 -77.17
CA TYR HB 365 46.54 61.06 -77.71
C TYR HB 365 47.23 60.56 -78.98
N GLN HB 366 48.46 60.98 -79.24
CA GLN HB 366 49.25 60.46 -80.35
C GLN HB 366 50.53 59.85 -79.79
N GLY HB 367 50.54 58.53 -79.66
CA GLY HB 367 51.65 57.80 -79.10
C GLY HB 367 51.17 56.56 -78.36
N GLY HB 368 51.78 56.26 -77.23
CA GLY HB 368 51.35 55.14 -76.43
C GLY HB 368 51.82 53.81 -76.97
N SER HB 369 52.23 52.91 -76.07
CA SER HB 369 52.65 51.57 -76.46
C SER HB 369 51.53 50.56 -76.36
N ILE HB 370 50.64 50.72 -75.39
CA ILE HB 370 49.57 49.76 -75.13
C ILE HB 370 48.28 50.54 -74.90
N SER HB 371 47.16 49.88 -75.15
CA SER HB 371 45.84 50.50 -75.11
C SER HB 371 44.88 49.64 -74.31
N ILE HB 372 43.71 50.21 -74.04
CA ILE HB 372 42.68 49.55 -73.26
C ILE HB 372 41.35 50.19 -73.59
N SER HB 373 40.29 49.39 -73.49
CA SER HB 373 38.92 49.88 -73.59
C SER HB 373 38.10 49.21 -72.50
N ASN HB 374 37.17 49.97 -71.94
CA ASN HB 374 36.38 49.51 -70.81
C ASN HB 374 34.90 49.69 -71.12
N MET HB 375 34.10 48.71 -70.69
CA MET HB 375 32.65 48.74 -70.86
C MET HB 375 31.94 48.25 -69.60
N GLY HB 376 32.56 48.39 -68.43
CA GLY HB 376 32.02 47.83 -67.22
C GLY HB 376 30.70 48.43 -66.79
N MET HB 377 30.43 49.67 -67.18
CA MET HB 377 29.17 50.30 -66.79
C MET HB 377 27.97 49.57 -67.38
N ASN HB 378 28.14 48.96 -68.54
CA ASN HB 378 27.06 48.25 -69.21
C ASN HB 378 27.08 46.79 -68.76
N PRO HB 379 26.15 46.33 -67.92
CA PRO HB 379 26.28 44.98 -67.36
C PRO HB 379 25.97 43.86 -68.32
N ALA HB 380 25.37 44.14 -69.47
CA ALA HB 380 24.97 43.08 -70.38
C ALA HB 380 26.17 42.43 -71.07
N VAL HB 381 27.24 43.19 -71.26
CA VAL HB 381 28.39 42.73 -72.04
C VAL HB 381 29.18 41.75 -71.18
N GLN HB 382 29.23 40.49 -71.60
CA GLN HB 382 30.09 39.52 -70.93
C GLN HB 382 31.51 39.61 -71.46
N SER HB 383 31.66 39.79 -72.77
CA SER HB 383 32.98 39.89 -73.37
C SER HB 383 32.87 40.62 -74.70
N PHE HB 384 34.02 41.10 -75.17
CA PHE HB 384 34.07 41.74 -76.47
C PHE HB 384 35.53 41.93 -76.84
N THR HB 385 35.75 42.01 -78.13
CA THR HB 385 37.07 42.24 -78.71
C THR HB 385 37.18 43.69 -79.14
N ALA HB 386 38.39 44.11 -79.48
CA ALA HB 386 38.64 45.43 -80.02
C ALA HB 386 39.65 45.31 -81.15
N ILE HB 387 40.15 46.46 -81.60
CA ILE HB 387 41.07 46.56 -82.72
C ILE HB 387 42.29 47.31 -82.25
N ILE HB 388 43.46 46.89 -82.73
CA ILE HB 388 44.73 47.41 -82.24
C ILE HB 388 44.97 48.78 -82.85
N ASN HB 389 45.00 49.79 -82.01
CA ASN HB 389 45.35 51.13 -82.46
C ASN HB 389 46.81 51.18 -82.85
N PRO HB 390 47.16 51.30 -84.13
CA PRO HB 390 48.57 51.22 -84.50
C PRO HB 390 49.34 52.42 -84.01
N PRO HB 391 50.68 52.37 -84.00
CA PRO HB 391 51.54 51.24 -84.40
C PRO HB 391 51.79 50.26 -83.25
N GLN HB 392 50.89 50.23 -82.27
CA GLN HB 392 51.07 49.39 -81.09
C GLN HB 392 50.96 47.91 -81.45
N ALA HB 393 51.11 47.05 -80.45
CA ALA HB 393 51.18 45.61 -80.64
C ALA HB 393 50.08 44.83 -79.92
N ALA HB 394 49.44 45.41 -78.92
CA ALA HB 394 48.47 44.69 -78.12
C ALA HB 394 47.40 45.65 -77.63
N ILE HB 395 46.26 45.07 -77.28
CA ILE HB 395 45.17 45.85 -76.69
C ILE HB 395 44.34 44.93 -75.81
N LEU HB 396 43.76 45.53 -74.77
CA LEU HB 396 43.00 44.84 -73.75
C LEU HB 396 41.53 45.21 -73.86
N ALA HB 397 40.70 44.40 -73.21
CA ALA HB 397 39.26 44.65 -73.14
C ALA HB 397 38.72 43.95 -71.92
N VAL HB 398 37.93 44.68 -71.13
CA VAL HB 398 37.44 44.22 -69.84
C VAL HB 398 35.93 44.22 -69.89
N GLY HB 399 35.32 43.04 -69.79
CA GLY HB 399 33.88 42.94 -69.73
C GLY HB 399 33.34 43.37 -68.38
N ALA HB 400 32.08 42.99 -68.14
CA ALA HB 400 31.41 43.35 -66.92
C ALA HB 400 31.63 42.27 -65.86
N PRO HB 401 31.33 42.56 -64.60
CA PRO HB 401 31.34 41.53 -63.58
C PRO HB 401 30.07 40.71 -63.59
N GLN HB 402 30.20 39.47 -63.12
CA GLN HB 402 29.09 38.52 -63.10
C GLN HB 402 29.27 37.59 -61.91
N LYS HB 403 28.22 36.82 -61.64
CA LYS HB 403 28.21 35.84 -60.56
C LYS HB 403 28.39 34.47 -61.17
N VAL HB 404 29.33 33.71 -60.62
CA VAL HB 404 29.66 32.37 -61.10
C VAL HB 404 29.77 31.45 -59.91
N ALA HB 405 29.42 30.19 -60.14
CA ALA HB 405 29.57 29.16 -59.12
C ALA HB 405 31.00 28.68 -59.06
N VAL HB 406 31.48 28.45 -57.85
CA VAL HB 406 32.85 27.99 -57.61
C VAL HB 406 32.82 26.98 -56.48
N PRO HB 407 33.55 25.86 -56.56
CA PRO HB 407 33.59 24.94 -55.42
C PRO HB 407 34.33 25.52 -54.24
N VAL HB 408 34.05 24.95 -53.07
CA VAL HB 408 34.73 25.32 -51.84
C VAL HB 408 34.65 24.15 -50.88
N GLU HB 409 35.71 23.98 -50.10
CA GLU HB 409 35.77 22.91 -49.10
C GLU HB 409 35.45 23.49 -47.74
N ASN HB 410 34.34 23.04 -47.17
CA ASN HB 410 34.04 23.38 -45.78
C ASN HB 410 35.01 22.66 -44.85
N GLU HB 411 34.88 22.95 -43.56
CA GLU HB 411 35.76 22.36 -42.56
C GLU HB 411 35.74 20.83 -42.57
N ASP HB 412 34.66 20.22 -43.02
CA ASP HB 412 34.55 18.78 -43.14
C ASP HB 412 35.09 18.34 -44.50
N GLY HB 413 34.88 17.07 -44.83
CA GLY HB 413 35.38 16.51 -46.08
C GLY HB 413 34.52 16.80 -47.29
N THR HB 414 33.37 17.45 -47.10
CA THR HB 414 32.47 17.74 -48.22
C THR HB 414 32.84 19.06 -48.87
N THR HB 415 32.50 19.17 -50.16
CA THR HB 415 32.61 20.41 -50.89
C THR HB 415 31.32 21.21 -50.75
N GLY HB 416 31.38 22.48 -51.18
CA GLY HB 416 30.24 23.36 -51.12
C GLY HB 416 30.26 24.34 -52.28
N VAL HB 417 29.21 25.16 -52.33
CA VAL HB 417 29.03 26.14 -53.39
C VAL HB 417 29.30 27.52 -52.80
N SER HB 418 30.28 28.21 -53.38
CA SER HB 418 30.59 29.59 -53.03
C SER HB 418 30.45 30.46 -54.26
N TRP HB 419 29.83 31.62 -54.09
CA TRP HB 419 29.57 32.55 -55.17
C TRP HB 419 30.70 33.55 -55.24
N ASP HB 420 31.44 33.53 -56.35
CA ASP HB 420 32.54 34.45 -56.60
C ASP HB 420 32.15 35.41 -57.70
N GLU HB 421 32.76 36.60 -57.66
CA GLU HB 421 32.53 37.63 -58.66
C GLU HB 421 33.66 37.56 -59.68
N GLN HB 422 33.31 37.20 -60.92
CA GLN HB 422 34.28 37.02 -62.00
C GLN HB 422 34.12 38.10 -63.05
N ILE HB 423 35.19 38.30 -63.80
CA ILE HB 423 35.23 39.19 -64.95
C ILE HB 423 35.93 38.48 -66.08
N ILE HB 424 35.40 38.62 -67.28
CA ILE HB 424 36.05 38.11 -68.48
C ILE HB 424 36.94 39.22 -69.04
N VAL HB 425 38.11 38.81 -69.52
CA VAL HB 425 39.11 39.71 -70.09
C VAL HB 425 39.54 39.14 -71.43
N THR HB 426 39.61 40.01 -72.43
CA THR HB 426 39.97 39.63 -73.78
C THR HB 426 41.12 40.50 -74.25
N ALA HB 427 42.20 39.86 -74.68
CA ALA HB 427 43.40 40.53 -75.16
C ALA HB 427 43.64 40.15 -76.60
N SER HB 428 43.79 41.16 -77.46
CA SER HB 428 44.12 40.95 -78.86
C SER HB 428 45.59 41.33 -79.07
N PHE HB 429 46.32 40.44 -79.75
CA PHE HB 429 47.75 40.63 -79.97
C PHE HB 429 48.05 40.62 -81.47
N ASP HB 430 49.11 41.32 -81.84
CA ASP HB 430 49.68 41.21 -83.17
C ASP HB 430 50.67 40.06 -83.20
N HIS HB 431 50.56 39.22 -84.22
CA HIS HB 431 51.30 37.98 -84.26
C HIS HB 431 52.71 38.12 -84.82
N LYS HB 432 53.01 39.25 -85.48
CA LYS HB 432 54.37 39.48 -85.95
C LYS HB 432 55.34 39.55 -84.78
N VAL HB 433 54.99 40.31 -83.76
CA VAL HB 433 55.85 40.54 -82.61
C VAL HB 433 55.68 39.44 -81.57
N VAL HB 434 54.46 39.19 -81.17
CA VAL HB 434 54.16 38.36 -80.02
C VAL HB 434 53.67 37.00 -80.49
N ASP HB 435 53.94 35.99 -79.67
CA ASP HB 435 53.47 34.63 -79.89
C ASP HB 435 52.52 34.22 -78.77
N GLY HB 436 51.89 33.07 -78.97
CA GLY HB 436 50.89 32.61 -78.04
C GLY HB 436 51.45 32.37 -76.65
N ALA HB 437 52.65 31.79 -76.57
CA ALA HB 437 53.27 31.54 -75.28
C ALA HB 437 53.52 32.84 -74.53
N VAL HB 438 54.00 33.86 -75.24
CA VAL HB 438 54.31 35.13 -74.61
C VAL HB 438 53.04 35.80 -74.12
N GLY HB 439 52.00 35.79 -74.95
CA GLY HB 439 50.73 36.35 -74.54
C GLY HB 439 50.17 35.62 -73.33
N ALA HB 440 50.29 34.30 -73.31
CA ALA HB 440 49.79 33.52 -72.19
C ALA HB 440 50.56 33.86 -70.92
N GLU HB 441 51.87 34.07 -71.04
CA GLU HB 441 52.68 34.44 -69.88
C GLU HB 441 52.24 35.78 -69.33
N TRP HB 442 52.03 36.75 -70.23
CA TRP HB 442 51.56 38.06 -69.81
C TRP HB 442 50.23 37.96 -69.09
N ILE HB 443 49.31 37.17 -69.64
CA ILE HB 443 47.99 37.02 -69.03
C ILE HB 443 48.10 36.33 -67.68
N ARG HB 444 49.00 35.35 -67.57
CA ARG HB 444 49.16 34.66 -66.29
C ARG HB 444 49.66 35.63 -65.23
N GLU HB 445 50.62 36.48 -65.59
CA GLU HB 445 51.11 37.45 -64.62
C GLU HB 445 50.02 38.42 -64.21
N LEU HB 446 49.19 38.85 -65.18
CA LEU HB 446 48.09 39.74 -64.85
C LEU HB 446 47.11 39.08 -63.90
N LYS HB 447 46.76 37.82 -64.18
CA LYS HB 447 45.83 37.10 -63.32
C LYS HB 447 46.39 36.94 -61.92
N LYS HB 448 47.68 36.61 -61.82
CA LYS HB 448 48.30 36.44 -60.52
C LYS HB 448 48.25 37.75 -59.74
N VAL HB 449 48.59 38.85 -60.39
CA VAL HB 449 48.63 40.14 -59.72
C VAL HB 449 47.25 40.55 -59.24
N ILE HB 450 46.22 40.31 -60.06
CA ILE HB 450 44.87 40.68 -59.66
C ILE HB 450 44.41 39.80 -58.52
N GLU HB 451 44.61 38.49 -58.64
CA GLU HB 451 44.11 37.55 -57.65
C GLU HB 451 44.81 37.74 -56.31
N ASN HB 452 46.07 38.21 -56.34
CA ASN HB 452 46.79 38.62 -55.15
C ASN HB 452 47.01 40.12 -55.22
N PRO HB 453 46.04 40.95 -54.81
CA PRO HB 453 46.20 42.40 -54.99
C PRO HB 453 47.37 42.98 -54.24
N LEU HB 454 47.85 42.29 -53.19
CA LEU HB 454 48.93 42.83 -52.38
C LEU HB 454 50.23 42.94 -53.17
N GLU HB 455 50.39 42.16 -54.24
CA GLU HB 455 51.59 42.25 -55.05
C GLU HB 455 51.61 43.47 -55.97
N LEU HB 456 50.55 44.29 -55.95
CA LEU HB 456 50.62 45.58 -56.63
C LEU HB 456 51.74 46.44 -56.07
N LEU HB 457 52.07 46.25 -54.79
CA LEU HB 457 53.17 46.97 -54.18
C LEU HB 457 54.49 46.62 -54.85
N LEU HB 458 54.64 45.39 -55.32
CA LEU HB 458 55.86 44.93 -55.95
C LEU HB 458 55.88 45.31 -57.42
N TYR IB 227 -38.89 78.72 -71.68
CA TYR IB 227 -38.54 80.03 -71.15
C TYR IB 227 -37.35 80.60 -71.91
N THR IB 228 -36.13 80.24 -71.49
CA THR IB 228 -34.94 80.73 -72.16
C THR IB 228 -34.87 80.17 -73.57
N ASP IB 229 -34.42 81.01 -74.51
CA ASP IB 229 -34.40 80.66 -75.94
C ASP IB 229 -33.04 81.05 -76.50
N VAL IB 230 -32.14 80.08 -76.57
CA VAL IB 230 -30.78 80.30 -77.05
C VAL IB 230 -30.71 79.90 -78.52
N PRO IB 231 -30.24 80.75 -79.42
CA PRO IB 231 -30.05 80.30 -80.80
C PRO IB 231 -28.99 79.21 -80.89
N ILE IB 232 -29.09 78.43 -81.96
CA ILE IB 232 -28.22 77.27 -82.15
C ILE IB 232 -26.89 77.75 -82.72
N SER IB 233 -25.82 77.06 -82.33
CA SER IB 233 -24.47 77.45 -82.71
C SER IB 233 -24.23 77.35 -84.21
N GLY IB 234 -25.00 76.53 -84.92
CA GLY IB 234 -24.79 76.27 -86.34
C GLY IB 234 -23.93 75.04 -86.57
N MET IB 235 -22.93 74.84 -85.72
CA MET IB 235 -22.12 73.64 -85.82
C MET IB 235 -22.94 72.40 -85.50
N ARG IB 236 -23.85 72.50 -84.53
CA ARG IB 236 -24.66 71.36 -84.17
C ARG IB 236 -25.60 70.95 -85.31
N LYS IB 237 -25.92 71.88 -86.20
CA LYS IB 237 -26.80 71.57 -87.33
C LYS IB 237 -26.19 70.50 -88.21
N THR IB 238 -24.90 70.63 -88.50
CA THR IB 238 -24.22 69.66 -89.36
C THR IB 238 -24.19 68.29 -88.71
N ILE IB 239 -23.86 68.25 -87.42
CA ILE IB 239 -23.78 66.98 -86.71
C ILE IB 239 -25.15 66.32 -86.64
N ALA IB 240 -26.20 67.13 -86.46
CA ALA IB 240 -27.55 66.58 -86.42
C ALA IB 240 -27.93 65.99 -87.76
N ALA IB 241 -27.64 66.72 -88.84
CA ALA IB 241 -27.95 66.21 -90.18
C ALA IB 241 -27.17 64.94 -90.47
N ARG IB 242 -25.92 64.87 -90.00
CA ARG IB 242 -25.10 63.70 -90.21
C ARG IB 242 -25.68 62.49 -89.49
N LEU IB 243 -26.03 62.65 -88.22
CA LEU IB 243 -26.63 61.55 -87.46
C LEU IB 243 -27.96 61.13 -88.06
N LYS IB 244 -28.73 62.08 -88.56
CA LYS IB 244 -30.00 61.76 -89.19
C LYS IB 244 -29.80 60.93 -90.44
N GLU IB 245 -28.86 61.35 -91.29
CA GLU IB 245 -28.50 60.55 -92.45
C GLU IB 245 -28.07 59.15 -92.04
N SER IB 246 -27.32 59.06 -90.93
CA SER IB 246 -26.84 57.76 -90.49
C SER IB 246 -28.00 56.83 -90.13
N VAL IB 247 -28.89 57.30 -89.26
CA VAL IB 247 -29.97 56.43 -88.80
C VAL IB 247 -30.99 56.16 -89.89
N THR IB 248 -31.17 57.07 -90.85
CA THR IB 248 -32.17 56.87 -91.89
C THR IB 248 -31.64 56.05 -93.05
N GLU IB 249 -30.32 56.06 -93.28
CA GLU IB 249 -29.74 55.29 -94.37
C GLU IB 249 -29.33 53.90 -93.93
N ASN IB 250 -28.72 53.79 -92.75
CA ASN IB 250 -28.15 52.55 -92.27
C ASN IB 250 -28.98 52.03 -91.09
N PRO IB 251 -29.57 50.83 -91.17
CA PRO IB 251 -30.21 50.29 -89.98
C PRO IB 251 -29.17 49.85 -88.97
N HIS IB 252 -29.58 49.82 -87.70
CA HIS IB 252 -28.68 49.55 -86.60
C HIS IB 252 -29.19 48.36 -85.81
N PHE IB 253 -28.32 47.37 -85.61
CA PHE IB 253 -28.57 46.31 -84.65
C PHE IB 253 -27.37 46.20 -83.72
N PHE IB 254 -27.65 45.85 -82.47
CA PHE IB 254 -26.71 45.95 -81.38
C PHE IB 254 -26.36 44.56 -80.87
N VAL IB 255 -25.10 44.40 -80.47
CA VAL IB 255 -24.61 43.18 -79.86
C VAL IB 255 -23.95 43.57 -78.55
N SER IB 256 -24.11 42.73 -77.53
CA SER IB 256 -23.73 43.06 -76.18
C SER IB 256 -23.09 41.84 -75.54
N THR IB 257 -21.86 42.00 -75.07
CA THR IB 257 -21.11 40.90 -74.48
C THR IB 257 -20.41 41.36 -73.22
N ASN IB 258 -19.81 40.40 -72.53
CA ASN IB 258 -19.12 40.64 -71.27
C ASN IB 258 -17.72 40.04 -71.36
N LEU IB 259 -16.72 40.86 -71.10
CA LEU IB 259 -15.33 40.44 -71.12
C LEU IB 259 -14.80 40.28 -69.71
N SER IB 260 -13.59 39.74 -69.61
CA SER IB 260 -12.88 39.56 -68.34
C SER IB 260 -11.50 40.18 -68.49
N VAL IB 261 -11.14 41.06 -67.55
CA VAL IB 261 -9.95 41.89 -67.64
C VAL IB 261 -9.04 41.75 -66.44
N SER IB 262 -9.27 40.74 -65.60
CA SER IB 262 -8.44 40.58 -64.41
C SER IB 262 -6.99 40.33 -64.78
N LYS IB 263 -6.75 39.64 -65.89
CA LYS IB 263 -5.39 39.41 -66.36
C LYS IB 263 -4.84 40.63 -67.08
N LEU IB 264 -5.71 41.32 -67.83
CA LEU IB 264 -5.28 42.50 -68.56
C LEU IB 264 -4.79 43.58 -67.61
N LEU IB 265 -5.48 43.78 -66.50
CA LEU IB 265 -5.06 44.81 -65.55
C LEU IB 265 -3.72 44.46 -64.92
N LYS IB 266 -3.50 43.18 -64.63
CA LYS IB 266 -2.20 42.75 -64.13
C LYS IB 266 -1.10 43.04 -65.15
N LEU IB 267 -1.38 42.75 -66.42
CA LEU IB 267 -0.40 43.01 -67.46
C LEU IB 267 -0.07 44.50 -67.55
N ARG IB 268 -1.11 45.33 -67.48
CA ARG IB 268 -0.91 46.77 -67.57
C ARG IB 268 -0.11 47.28 -66.39
N GLN IB 269 -0.42 46.79 -65.19
CA GLN IB 269 0.32 47.22 -64.00
C GLN IB 269 1.77 46.81 -64.08
N ALA IB 270 2.02 45.59 -64.56
CA ALA IB 270 3.40 45.12 -64.67
C ALA IB 270 4.19 45.94 -65.68
N LEU IB 271 3.59 46.23 -66.84
CA LEU IB 271 4.28 47.04 -67.83
C LEU IB 271 4.50 48.46 -67.35
N ASN IB 272 3.56 49.00 -66.55
CA ASN IB 272 3.74 50.34 -66.02
C ASN IB 272 4.83 50.36 -64.96
N SER IB 273 4.97 49.28 -64.19
CA SER IB 273 6.00 49.24 -63.17
C SER IB 273 7.38 49.02 -63.77
N SER IB 274 7.48 48.25 -64.85
CA SER IB 274 8.76 47.99 -65.50
C SER IB 274 9.07 49.09 -66.52
N ALA IB 275 9.09 50.32 -66.03
CA ALA IB 275 9.35 51.48 -66.86
C ALA IB 275 9.96 52.58 -66.01
N ASP IB 276 10.45 53.61 -66.69
CA ASP IB 276 11.09 54.75 -66.07
C ASP IB 276 10.40 56.05 -66.47
N GLY IB 277 9.07 56.04 -66.45
CA GLY IB 277 8.31 57.19 -66.88
C GLY IB 277 8.35 57.44 -68.38
N ARG IB 278 8.88 56.49 -69.16
CA ARG IB 278 8.97 56.67 -70.60
C ARG IB 278 7.60 56.54 -71.26
N TYR IB 279 6.61 55.96 -70.58
CA TYR IB 279 5.29 55.78 -71.15
C TYR IB 279 4.30 55.49 -70.04
N LYS IB 280 3.03 55.48 -70.39
CA LYS IB 280 1.95 55.15 -69.46
C LYS IB 280 0.77 54.64 -70.26
N LEU IB 281 0.27 53.47 -69.89
CA LEU IB 281 -0.73 52.75 -70.67
C LEU IB 281 -2.12 52.87 -70.05
N SER IB 282 -3.12 52.52 -70.87
CA SER IB 282 -4.51 52.49 -70.44
C SER IB 282 -5.21 51.28 -71.04
N VAL IB 283 -6.50 51.13 -70.75
CA VAL IB 283 -7.27 50.02 -71.29
C VAL IB 283 -7.63 50.28 -72.74
N ASN IB 284 -7.80 51.55 -73.11
CA ASN IB 284 -8.21 51.91 -74.46
C ASN IB 284 -7.20 51.44 -75.49
N ASP IB 285 -5.91 51.47 -75.16
CA ASP IB 285 -4.88 51.07 -76.11
C ASP IB 285 -4.94 49.57 -76.39
N PHE IB 286 -5.04 48.77 -75.33
CA PHE IB 286 -5.23 47.34 -75.49
C PHE IB 286 -6.45 47.05 -76.35
N LEU IB 287 -7.54 47.77 -76.08
CA LEU IB 287 -8.77 47.56 -76.84
C LEU IB 287 -8.57 47.91 -78.31
N ILE IB 288 -7.80 48.96 -78.59
CA ILE IB 288 -7.58 49.37 -79.97
C ILE IB 288 -6.76 48.33 -80.71
N LYS IB 289 -5.71 47.83 -80.07
CA LYS IB 289 -4.92 46.75 -80.68
C LYS IB 289 -5.79 45.54 -80.96
N ALA IB 290 -6.66 45.18 -80.01
CA ALA IB 290 -7.54 44.04 -80.21
C ALA IB 290 -8.51 44.28 -81.34
N MET IB 291 -8.99 45.51 -81.47
CA MET IB 291 -9.87 45.86 -82.58
C MET IB 291 -9.16 45.65 -83.91
N GLY IB 292 -7.91 46.09 -83.99
CA GLY IB 292 -7.15 45.88 -85.22
C GLY IB 292 -6.98 44.42 -85.55
N ILE IB 293 -6.66 43.62 -84.52
CA ILE IB 293 -6.46 42.19 -84.74
C ILE IB 293 -7.74 41.54 -85.26
N ALA IB 294 -8.87 41.87 -84.62
CA ALA IB 294 -10.14 41.29 -85.04
C ALA IB 294 -10.51 41.73 -86.44
N SER IB 295 -10.26 43.01 -86.77
CA SER IB 295 -10.58 43.51 -88.09
C SER IB 295 -9.75 42.82 -89.15
N LYS IB 296 -8.50 42.46 -88.83
CA LYS IB 296 -7.67 41.75 -89.80
C LYS IB 296 -8.10 40.30 -89.93
N ARG IB 297 -8.54 39.68 -88.84
CA ARG IB 297 -8.99 38.29 -88.93
C ARG IB 297 -10.34 38.17 -89.63
N VAL IB 298 -11.14 39.22 -89.59
CA VAL IB 298 -12.45 39.24 -90.25
C VAL IB 298 -12.57 40.53 -91.04
N PRO IB 299 -12.09 40.58 -92.28
CA PRO IB 299 -11.99 41.87 -92.98
C PRO IB 299 -13.31 42.47 -93.38
N THR IB 300 -14.39 41.70 -93.40
CA THR IB 300 -15.67 42.22 -93.87
C THR IB 300 -16.17 43.36 -92.99
N VAL IB 301 -15.79 43.35 -91.71
CA VAL IB 301 -16.19 44.44 -90.82
C VAL IB 301 -15.51 45.74 -91.25
N ASN IB 302 -14.22 45.66 -91.57
CA ASN IB 302 -13.46 46.81 -92.04
C ASN IB 302 -13.89 47.08 -93.48
N SER IB 303 -15.05 47.71 -93.61
CA SER IB 303 -15.68 47.93 -94.90
C SER IB 303 -16.47 49.23 -94.85
N SER IB 304 -17.25 49.47 -95.89
CA SER IB 304 -18.06 50.68 -95.98
C SER IB 304 -19.18 50.42 -96.98
N TRP IB 305 -19.85 51.50 -97.39
CA TRP IB 305 -20.92 51.43 -98.39
C TRP IB 305 -20.78 52.65 -99.29
N ARG IB 306 -20.69 52.41 -100.59
CA ARG IB 306 -20.44 53.46 -101.57
C ARG IB 306 -21.43 53.33 -102.72
N ASP IB 307 -21.19 54.05 -103.81
CA ASP IB 307 -22.13 54.06 -104.92
C ASP IB 307 -22.14 52.72 -105.64
N GLY IB 308 -23.07 51.85 -105.27
CA GLY IB 308 -23.18 50.55 -105.90
C GLY IB 308 -21.95 49.69 -105.79
N VAL IB 309 -21.14 49.89 -104.75
CA VAL IB 309 -19.87 49.20 -104.61
C VAL IB 309 -19.47 49.21 -103.15
N ILE IB 310 -18.85 48.10 -102.72
CA ILE IB 310 -18.32 47.97 -101.37
C ILE IB 310 -16.84 48.27 -101.43
N ARG IB 311 -16.41 49.26 -100.64
CA ARG IB 311 -15.00 49.61 -100.53
C ARG IB 311 -14.42 48.90 -99.31
N GLN IB 312 -13.48 47.99 -99.56
CA GLN IB 312 -12.82 47.22 -98.52
C GLN IB 312 -11.38 47.69 -98.38
N PHE IB 313 -10.96 47.95 -97.14
CA PHE IB 313 -9.61 48.36 -96.84
C PHE IB 313 -8.76 47.15 -96.44
N GLU IB 314 -7.48 47.42 -96.16
CA GLU IB 314 -6.54 46.42 -95.67
C GLU IB 314 -5.99 46.79 -94.30
N THR IB 315 -5.62 48.05 -94.11
CA THR IB 315 -5.22 48.56 -92.81
C THR IB 315 -6.45 48.94 -92.00
N VAL IB 316 -6.21 49.27 -90.73
CA VAL IB 316 -7.26 49.59 -89.78
C VAL IB 316 -7.03 51.03 -89.32
N ASP IB 317 -7.90 51.92 -89.76
CA ASP IB 317 -7.89 53.32 -89.32
C ASP IB 317 -8.93 53.48 -88.23
N VAL IB 318 -8.49 53.86 -87.04
CA VAL IB 318 -9.33 53.85 -85.83
C VAL IB 318 -9.69 55.28 -85.47
N SER IB 319 -10.98 55.54 -85.33
CA SER IB 319 -11.48 56.85 -84.94
C SER IB 319 -11.80 56.83 -83.44
N VAL IB 320 -11.08 57.63 -82.67
CA VAL IB 320 -11.24 57.68 -81.22
C VAL IB 320 -12.00 58.95 -80.86
N ALA IB 321 -13.01 58.80 -80.01
CA ALA IB 321 -13.84 59.92 -79.60
C ALA IB 321 -13.20 60.69 -78.47
N VAL IB 322 -13.32 62.02 -78.52
CA VAL IB 322 -12.89 62.91 -77.47
C VAL IB 322 -14.00 63.92 -77.21
N ALA IB 323 -14.26 64.17 -75.93
CA ALA IB 323 -15.35 65.02 -75.48
C ALA IB 323 -14.77 66.35 -75.02
N THR IB 324 -14.83 67.34 -75.89
CA THR IB 324 -14.39 68.68 -75.57
C THR IB 324 -15.56 69.50 -75.05
N PRO IB 325 -15.29 70.64 -74.39
CA PRO IB 325 -16.40 71.55 -74.04
C PRO IB 325 -17.14 72.07 -75.25
N ASN IB 326 -16.51 72.07 -76.42
CA ASN IB 326 -17.19 72.42 -77.66
C ASN IB 326 -18.13 71.32 -78.14
N GLY IB 327 -17.91 70.08 -77.73
CA GLY IB 327 -18.76 68.98 -78.14
C GLY IB 327 -18.02 67.66 -78.25
N LEU IB 328 -18.17 66.99 -79.38
CA LEU IB 328 -17.54 65.70 -79.64
C LEU IB 328 -16.67 65.81 -80.88
N ILE IB 329 -15.59 65.04 -80.90
CA ILE IB 329 -14.68 65.04 -82.03
C ILE IB 329 -14.05 63.65 -82.14
N THR IB 330 -13.62 63.30 -83.35
CA THR IB 330 -13.11 61.95 -83.64
C THR IB 330 -11.78 62.02 -84.39
N PRO IB 331 -10.68 62.24 -83.67
CA PRO IB 331 -9.36 62.06 -84.29
C PRO IB 331 -9.15 60.61 -84.72
N ILE IB 332 -8.11 60.42 -85.52
CA ILE IB 332 -7.84 59.13 -86.17
C ILE IB 332 -6.43 58.69 -85.82
N VAL IB 333 -6.28 57.38 -85.65
CA VAL IB 333 -4.99 56.71 -85.60
C VAL IB 333 -4.86 55.85 -86.84
N LYS IB 334 -3.68 55.87 -87.45
CA LYS IB 334 -3.42 55.22 -88.73
C LYS IB 334 -2.53 54.01 -88.54
N GLY IB 335 -2.79 52.97 -89.34
CA GLY IB 335 -1.96 51.78 -89.38
C GLY IB 335 -1.80 51.13 -88.01
N VAL IB 336 -2.92 50.79 -87.38
CA VAL IB 336 -2.87 50.30 -86.00
C VAL IB 336 -2.17 48.95 -85.94
N GLU IB 337 -2.63 48.00 -86.74
CA GLU IB 337 -2.09 46.65 -86.71
C GLU IB 337 -0.60 46.69 -87.01
N GLY IB 338 0.19 46.23 -86.04
CA GLY IB 338 1.62 46.32 -86.15
C GLY IB 338 2.12 47.74 -86.04
N LYS IB 339 1.84 48.38 -84.90
CA LYS IB 339 2.33 49.74 -84.64
C LYS IB 339 2.97 49.88 -83.27
N GLY IB 340 2.45 49.19 -82.26
CA GLY IB 340 3.01 49.25 -80.92
C GLY IB 340 2.19 50.08 -79.94
N LEU IB 341 2.03 49.53 -78.73
CA LEU IB 341 1.18 50.16 -77.74
C LEU IB 341 1.74 51.51 -77.30
N GLU IB 342 3.06 51.63 -77.21
CA GLU IB 342 3.65 52.89 -76.78
C GLU IB 342 3.38 53.99 -77.79
N SER IB 343 3.63 53.71 -79.07
CA SER IB 343 3.33 54.67 -80.13
C SER IB 343 1.85 55.02 -80.13
N ILE IB 344 1.00 54.02 -79.88
CA ILE IB 344 -0.44 54.26 -79.84
C ILE IB 344 -0.79 55.23 -78.73
N SER IB 345 -0.25 54.99 -77.54
CA SER IB 345 -0.54 55.86 -76.40
C SER IB 345 -0.05 57.27 -76.66
N ALA IB 346 1.15 57.41 -77.22
CA ALA IB 346 1.69 58.73 -77.50
C ALA IB 346 0.81 59.48 -78.50
N ALA IB 347 0.41 58.79 -79.58
CA ALA IB 347 -0.41 59.43 -80.59
C ALA IB 347 -1.76 59.84 -80.03
N VAL IB 348 -2.36 58.97 -79.20
CA VAL IB 348 -3.66 59.29 -78.61
C VAL IB 348 -3.54 60.49 -77.68
N LYS IB 349 -2.49 60.54 -76.86
CA LYS IB 349 -2.32 61.67 -75.97
C LYS IB 349 -2.13 62.97 -76.75
N GLU IB 350 -1.30 62.93 -77.80
CA GLU IB 350 -1.07 64.12 -78.61
C GLU IB 350 -2.37 64.60 -79.25
N LEU IB 351 -3.12 63.68 -79.85
CA LEU IB 351 -4.36 64.06 -80.51
C LEU IB 351 -5.37 64.58 -79.51
N ALA IB 352 -5.42 63.99 -78.31
CA ALA IB 352 -6.39 64.42 -77.31
C ALA IB 352 -6.06 65.84 -76.84
N LYS IB 353 -4.79 66.12 -76.57
CA LYS IB 353 -4.44 67.46 -76.13
C LYS IB 353 -4.61 68.47 -77.26
N LYS IB 354 -4.30 68.08 -78.50
CA LYS IB 354 -4.52 68.97 -79.62
C LYS IB 354 -6.00 69.25 -79.83
N ALA IB 355 -6.87 68.29 -79.50
CA ALA IB 355 -8.30 68.52 -79.62
C ALA IB 355 -8.81 69.40 -78.49
N ARG IB 356 -8.28 69.22 -77.29
CA ARG IB 356 -8.62 70.12 -76.20
C ARG IB 356 -8.20 71.55 -76.52
N ASP IB 357 -7.09 71.71 -77.25
CA ASP IB 357 -6.64 73.04 -77.66
C ASP IB 357 -7.32 73.54 -78.92
N GLY IB 358 -7.90 72.65 -79.72
CA GLY IB 358 -8.47 73.05 -80.99
C GLY IB 358 -7.39 73.39 -82.00
N LYS IB 359 -6.55 72.41 -82.32
CA LYS IB 359 -5.39 72.60 -83.19
C LYS IB 359 -5.26 71.45 -84.18
N LEU IB 360 -6.39 71.03 -84.76
CA LEU IB 360 -6.43 69.87 -85.65
C LEU IB 360 -6.60 70.30 -87.10
N LYS IB 361 -6.22 69.39 -87.99
CA LYS IB 361 -6.48 69.47 -89.41
C LYS IB 361 -7.72 68.65 -89.76
N PRO IB 362 -8.40 68.94 -90.87
CA PRO IB 362 -9.58 68.14 -91.20
C PRO IB 362 -9.26 66.69 -91.51
N GLU IB 363 -8.11 66.42 -92.13
CA GLU IB 363 -7.75 65.06 -92.48
C GLU IB 363 -7.58 64.19 -91.24
N GLU IB 364 -7.22 64.78 -90.11
CA GLU IB 364 -6.97 64.02 -88.90
C GLU IB 364 -8.24 63.48 -88.27
N TYR IB 365 -9.42 64.00 -88.65
CA TYR IB 365 -10.69 63.50 -88.14
C TYR IB 365 -11.73 63.34 -89.23
N GLN IB 366 -11.31 63.27 -90.50
CA GLN IB 366 -12.19 62.96 -91.62
C GLN IB 366 -11.67 61.70 -92.29
N GLY IB 367 -12.37 60.59 -92.07
CA GLY IB 367 -11.99 59.32 -92.62
C GLY IB 367 -12.26 58.18 -91.66
N GLY IB 368 -11.34 57.24 -91.58
CA GLY IB 368 -11.47 56.14 -90.65
C GLY IB 368 -12.42 55.07 -91.13
N SER IB 369 -12.07 53.81 -90.89
CA SER IB 369 -12.94 52.68 -91.22
C SER IB 369 -13.81 52.27 -90.06
N ILE IB 370 -13.29 52.34 -88.84
CA ILE IB 370 -13.98 51.91 -87.64
C ILE IB 370 -13.76 52.95 -86.56
N SER IB 371 -14.67 52.97 -85.58
CA SER IB 371 -14.70 54.00 -84.56
C SER IB 371 -14.83 53.35 -83.18
N ILE IB 372 -14.74 54.20 -82.16
CA ILE IB 372 -14.83 53.76 -80.78
C ILE IB 372 -15.14 54.98 -79.91
N SER IB 373 -15.90 54.76 -78.86
CA SER IB 373 -16.16 55.74 -77.83
C SER IB 373 -15.99 55.07 -76.47
N ASN IB 374 -15.40 55.80 -75.53
CA ASN IB 374 -15.03 55.27 -74.23
C ASN IB 374 -15.68 56.10 -73.12
N MET IB 375 -16.12 55.41 -72.08
CA MET IB 375 -16.71 56.07 -70.91
C MET IB 375 -16.26 55.41 -69.62
N GLY IB 376 -15.06 54.83 -69.59
CA GLY IB 376 -14.61 54.08 -68.44
C GLY IB 376 -14.37 54.93 -67.20
N MET IB 377 -14.11 56.22 -67.36
CA MET IB 377 -13.86 57.06 -66.21
C MET IB 377 -15.11 57.19 -65.34
N ASN IB 378 -16.29 57.15 -65.95
CA ASN IB 378 -17.53 57.24 -65.20
C ASN IB 378 -17.96 55.86 -64.74
N PRO IB 379 -17.96 55.56 -63.44
CA PRO IB 379 -18.20 54.16 -63.03
C PRO IB 379 -19.65 53.72 -63.10
N ALA IB 380 -20.60 54.65 -63.20
CA ALA IB 380 -22.00 54.27 -63.14
C ALA IB 380 -22.46 53.55 -64.40
N VAL IB 381 -21.91 53.94 -65.55
CA VAL IB 381 -22.40 53.45 -66.84
C VAL IB 381 -22.02 51.98 -66.96
N GLN IB 382 -23.00 51.10 -66.86
CA GLN IB 382 -22.75 49.67 -67.11
C GLN IB 382 -22.66 49.40 -68.60
N SER IB 383 -23.51 50.03 -69.40
CA SER IB 383 -23.50 49.83 -70.83
C SER IB 383 -24.12 51.04 -71.51
N PHE IB 384 -23.80 51.19 -72.79
CA PHE IB 384 -24.42 52.23 -73.59
C PHE IB 384 -24.14 51.96 -75.04
N THR IB 385 -25.05 52.43 -75.87
CA THR IB 385 -24.96 52.33 -77.32
C THR IB 385 -24.42 53.64 -77.86
N ALA IB 386 -24.09 53.64 -79.14
CA ALA IB 386 -23.67 54.85 -79.85
C ALA IB 386 -24.28 54.80 -81.25
N ILE IB 387 -23.81 55.72 -82.09
CA ILE IB 387 -24.33 55.90 -83.44
C ILE IB 387 -23.17 55.86 -84.42
N ILE IB 388 -23.39 55.26 -85.57
CA ILE IB 388 -22.33 54.96 -86.52
C ILE IB 388 -21.99 56.23 -87.28
N ASN IB 389 -20.78 56.73 -87.08
CA ASN IB 389 -20.28 57.87 -87.82
C ASN IB 389 -20.07 57.46 -89.27
N PRO IB 390 -20.83 57.96 -90.23
CA PRO IB 390 -20.71 57.46 -91.60
C PRO IB 390 -19.39 57.88 -92.21
N PRO IB 391 -18.98 57.26 -93.33
CA PRO IB 391 -19.64 56.17 -94.05
C PRO IB 391 -19.25 54.79 -93.52
N GLN IB 392 -18.75 54.74 -92.28
CA GLN IB 392 -18.28 53.49 -91.70
C GLN IB 392 -19.42 52.51 -91.50
N ALA IB 393 -19.08 51.30 -91.03
CA ALA IB 393 -20.03 50.21 -90.92
C ALA IB 393 -20.25 49.73 -89.49
N ALA IB 394 -19.36 50.08 -88.56
CA ALA IB 394 -19.44 49.55 -87.22
C ALA IB 394 -18.95 50.60 -86.24
N ILE IB 395 -19.26 50.38 -84.97
CA ILE IB 395 -18.73 51.21 -83.90
C ILE IB 395 -18.86 50.45 -82.60
N LEU IB 396 -17.92 50.72 -81.70
CA LEU IB 396 -17.78 50.04 -80.42
C LEU IB 396 -18.15 50.98 -79.29
N ALA IB 397 -18.34 50.40 -78.12
CA ALA IB 397 -18.61 51.16 -76.91
C ALA IB 397 -18.23 50.32 -75.71
N VAL IB 398 -17.41 50.89 -74.82
CA VAL IB 398 -16.84 50.18 -73.69
C VAL IB 398 -17.42 50.79 -72.42
N GLY IB 399 -18.16 49.99 -71.67
CA GLY IB 399 -18.67 50.42 -70.39
C GLY IB 399 -17.58 50.46 -69.34
N ALA IB 400 -18.00 50.73 -68.11
CA ALA IB 400 -17.08 50.74 -66.99
C ALA IB 400 -16.90 49.33 -66.45
N PRO IB 401 -15.83 49.09 -65.69
CA PRO IB 401 -15.66 47.79 -65.05
C PRO IB 401 -16.52 47.65 -63.81
N GLN IB 402 -16.80 46.40 -63.47
CA GLN IB 402 -17.66 46.08 -62.34
C GLN IB 402 -17.20 44.76 -61.73
N LYS IB 403 -17.73 44.47 -60.55
CA LYS IB 403 -17.42 43.24 -59.81
C LYS IB 403 -18.57 42.27 -60.02
N VAL IB 404 -18.22 41.02 -60.36
CA VAL IB 404 -19.21 39.99 -60.66
C VAL IB 404 -18.79 38.70 -59.98
N ALA IB 405 -19.79 37.91 -59.62
CA ALA IB 405 -19.55 36.59 -59.07
C ALA IB 405 -19.28 35.59 -60.19
N VAL IB 406 -18.33 34.70 -59.96
CA VAL IB 406 -17.94 33.69 -60.93
C VAL IB 406 -17.66 32.39 -60.18
N PRO IB 407 -18.06 31.23 -60.67
CA PRO IB 407 -17.69 29.99 -60.00
C PRO IB 407 -16.21 29.68 -60.17
N VAL IB 408 -15.70 28.84 -59.28
CA VAL IB 408 -14.33 28.39 -59.33
C VAL IB 408 -14.22 27.07 -58.60
N GLU IB 409 -13.41 26.17 -59.15
CA GLU IB 409 -13.20 24.85 -58.55
C GLU IB 409 -11.94 24.87 -57.70
N ASN IB 410 -12.11 24.71 -56.40
CA ASN IB 410 -10.98 24.57 -55.50
C ASN IB 410 -10.28 23.23 -55.76
N GLU IB 411 -9.19 23.00 -55.04
CA GLU IB 411 -8.44 21.76 -55.20
C GLU IB 411 -9.29 20.53 -54.89
N ASP IB 412 -10.31 20.65 -54.05
CA ASP IB 412 -11.27 19.58 -53.82
C ASP IB 412 -12.42 19.71 -54.81
N GLY IB 413 -13.39 18.81 -54.70
CA GLY IB 413 -14.46 18.75 -55.67
C GLY IB 413 -15.46 19.89 -55.57
N THR IB 414 -15.56 20.55 -54.43
CA THR IB 414 -16.56 21.59 -54.25
C THR IB 414 -16.22 22.83 -55.05
N THR IB 415 -17.27 23.54 -55.45
CA THR IB 415 -17.12 24.82 -56.12
C THR IB 415 -16.99 25.93 -55.08
N GLY IB 416 -16.54 27.10 -55.55
CA GLY IB 416 -16.36 28.26 -54.70
C GLY IB 416 -16.70 29.52 -55.45
N VAL IB 417 -16.55 30.64 -54.74
CA VAL IB 417 -16.88 31.96 -55.27
C VAL IB 417 -15.58 32.71 -55.51
N SER IB 418 -15.44 33.27 -56.70
CA SER IB 418 -14.32 34.11 -57.07
C SER IB 418 -14.84 35.40 -57.68
N TRP IB 419 -14.18 36.51 -57.37
CA TRP IB 419 -14.59 37.83 -57.82
C TRP IB 419 -13.74 38.24 -59.00
N ASP IB 420 -14.36 38.33 -60.17
CA ASP IB 420 -13.72 38.75 -61.40
C ASP IB 420 -14.19 40.15 -61.76
N GLU IB 421 -13.32 40.89 -62.46
CA GLU IB 421 -13.63 42.23 -62.92
C GLU IB 421 -14.12 42.14 -64.36
N GLN IB 422 -15.39 42.43 -64.57
CA GLN IB 422 -16.03 42.32 -65.87
C GLN IB 422 -16.30 43.70 -66.46
N ILE IB 423 -16.29 43.75 -67.79
CA ILE IB 423 -16.69 44.93 -68.55
C ILE IB 423 -17.71 44.48 -69.58
N ILE IB 424 -18.73 45.28 -69.77
CA ILE IB 424 -19.69 45.08 -70.84
C ILE IB 424 -19.24 45.87 -72.05
N VAL IB 425 -19.42 45.26 -73.22
CA VAL IB 425 -19.03 45.85 -74.49
C VAL IB 425 -20.23 45.79 -75.41
N THR IB 426 -20.52 46.92 -76.05
CA THR IB 426 -21.66 47.07 -76.94
C THR IB 426 -21.15 47.49 -78.31
N ALA IB 427 -21.51 46.71 -79.33
CA ALA IB 427 -21.12 46.98 -80.71
C ALA IB 427 -22.36 47.18 -81.54
N SER IB 428 -22.42 48.31 -82.24
CA SER IB 428 -23.49 48.59 -83.19
C SER IB 428 -22.97 48.34 -84.59
N PHE IB 429 -23.75 47.64 -85.40
CA PHE IB 429 -23.35 47.29 -86.76
C PHE IB 429 -24.37 47.77 -87.76
N ASP IB 430 -23.90 48.04 -88.97
CA ASP IB 430 -24.77 48.29 -90.11
C ASP IB 430 -25.12 46.95 -90.76
N HIS IB 431 -26.41 46.74 -90.99
CA HIS IB 431 -26.91 45.45 -91.44
C HIS IB 431 -26.79 45.25 -92.94
N LYS IB 432 -26.63 46.32 -93.71
CA LYS IB 432 -26.46 46.17 -95.15
C LYS IB 432 -25.21 45.36 -95.46
N VAL IB 433 -24.13 45.64 -94.76
CA VAL IB 433 -22.84 45.02 -95.01
C VAL IB 433 -22.66 43.76 -94.19
N VAL IB 434 -22.96 43.85 -92.91
CA VAL IB 434 -22.63 42.81 -91.94
C VAL IB 434 -23.90 42.10 -91.52
N ASP IB 435 -23.73 40.82 -91.17
CA ASP IB 435 -24.79 40.00 -90.63
C ASP IB 435 -24.45 39.54 -89.22
N GLY IB 436 -25.45 38.94 -88.57
CA GLY IB 436 -25.29 38.56 -87.18
C GLY IB 436 -24.17 37.58 -86.95
N ALA IB 437 -24.03 36.61 -87.86
CA ALA IB 437 -22.96 35.62 -87.72
C ALA IB 437 -21.59 36.28 -87.79
N VAL IB 438 -21.42 37.22 -88.73
CA VAL IB 438 -20.13 37.87 -88.90
C VAL IB 438 -19.81 38.72 -87.69
N GLY IB 439 -20.81 39.46 -87.19
CA GLY IB 439 -20.58 40.26 -85.99
C GLY IB 439 -20.25 39.40 -84.79
N ALA IB 440 -20.93 38.27 -84.64
CA ALA IB 440 -20.66 37.38 -83.53
C ALA IB 440 -19.25 36.81 -83.63
N GLU IB 441 -18.80 36.52 -84.84
CA GLU IB 441 -17.45 36.00 -85.03
C GLU IB 441 -16.42 37.05 -84.63
N TRP IB 442 -16.65 38.29 -85.05
CA TRP IB 442 -15.76 39.39 -84.68
C TRP IB 442 -15.69 39.53 -83.16
N ILE IB 443 -16.84 39.50 -82.51
CA ILE IB 443 -16.87 39.65 -81.05
C ILE IB 443 -16.17 38.47 -80.38
N ARG IB 444 -16.33 37.27 -80.94
CA ARG IB 444 -15.67 36.11 -80.36
C ARG IB 444 -14.16 36.27 -80.42
N GLU IB 445 -13.65 36.70 -81.57
CA GLU IB 445 -12.21 36.90 -81.69
C GLU IB 445 -11.72 37.97 -80.73
N LEU IB 446 -12.50 39.03 -80.55
CA LEU IB 446 -12.10 40.08 -79.61
C LEU IB 446 -12.04 39.54 -78.20
N LYS IB 447 -13.09 38.81 -77.78
CA LYS IB 447 -13.11 38.24 -76.45
C LYS IB 447 -11.93 37.30 -76.24
N LYS IB 448 -11.62 36.50 -77.24
CA LYS IB 448 -10.52 35.56 -77.13
C LYS IB 448 -9.20 36.28 -76.92
N VAL IB 449 -8.95 37.29 -77.76
CA VAL IB 449 -7.69 38.03 -77.68
C VAL IB 449 -7.56 38.73 -76.34
N ILE IB 450 -8.66 39.27 -75.82
CA ILE IB 450 -8.60 39.97 -74.55
C ILE IB 450 -8.36 38.99 -73.42
N GLU IB 451 -9.13 37.90 -73.40
CA GLU IB 451 -9.06 36.96 -72.30
C GLU IB 451 -7.71 36.26 -72.27
N ASN IB 452 -7.06 36.11 -73.42
CA ASN IB 452 -5.70 35.62 -73.52
C ASN IB 452 -4.84 36.75 -74.04
N PRO IB 453 -4.36 37.66 -73.19
CA PRO IB 453 -3.65 38.85 -73.71
C PRO IB 453 -2.40 38.53 -74.48
N LEU IB 454 -1.80 37.35 -74.24
CA LEU IB 454 -0.55 37.00 -74.90
C LEU IB 454 -0.70 36.86 -76.40
N GLU IB 455 -1.93 36.64 -76.89
CA GLU IB 455 -2.16 36.59 -78.33
C GLU IB 455 -2.08 37.96 -78.99
N LEU IB 456 -1.95 39.04 -78.22
CA LEU IB 456 -1.71 40.35 -78.80
C LEU IB 456 -0.44 40.36 -79.64
N LEU IB 457 0.54 39.53 -79.27
CA LEU IB 457 1.75 39.41 -80.08
C LEU IB 457 1.44 38.86 -81.46
N LEU IB 458 0.38 38.08 -81.58
CA LEU IB 458 0.00 37.48 -82.85
C LEU IB 458 -0.90 38.42 -83.65
N TYR JB 227 -23.82 109.77 -15.49
CA TYR JB 227 -22.61 110.55 -15.72
C TYR JB 227 -22.43 110.85 -17.20
N THR JB 228 -21.88 109.89 -17.94
CA THR JB 228 -21.67 110.10 -19.36
C THR JB 228 -23.02 110.18 -20.07
N ASP JB 229 -23.15 111.17 -20.96
CA ASP JB 229 -24.43 111.48 -21.60
C ASP JB 229 -24.22 111.43 -23.11
N VAL JB 230 -24.59 110.30 -23.71
CA VAL JB 230 -24.40 110.10 -25.15
C VAL JB 230 -25.74 110.32 -25.83
N PRO JB 231 -25.83 111.19 -26.84
CA PRO JB 231 -27.10 111.31 -27.58
C PRO JB 231 -27.44 110.03 -28.32
N ILE JB 232 -28.71 109.89 -28.65
CA ILE JB 232 -29.21 108.72 -29.35
C ILE JB 232 -28.90 108.88 -30.83
N SER JB 233 -28.57 107.76 -31.48
CA SER JB 233 -28.22 107.79 -32.90
C SER JB 233 -29.39 108.19 -33.78
N GLY JB 234 -30.62 108.05 -33.30
CA GLY JB 234 -31.82 108.32 -34.08
C GLY JB 234 -32.37 107.07 -34.73
N MET JB 235 -31.50 106.16 -35.15
CA MET JB 235 -31.97 104.90 -35.73
C MET JB 235 -32.65 104.05 -34.68
N ARG JB 236 -32.14 104.07 -33.44
CA ARG JB 236 -32.77 103.30 -32.37
C ARG JB 236 -34.17 103.81 -32.06
N LYS JB 237 -34.46 105.08 -32.36
CA LYS JB 237 -35.78 105.63 -32.09
C LYS JB 237 -36.85 104.88 -32.86
N THR JB 238 -36.58 104.61 -34.14
CA THR JB 238 -37.55 103.92 -34.98
C THR JB 238 -37.80 102.52 -34.47
N ILE JB 239 -36.74 101.81 -34.07
CA ILE JB 239 -36.89 100.45 -33.57
C ILE JB 239 -37.67 100.45 -32.26
N ALA JB 240 -37.39 101.42 -31.39
CA ALA JB 240 -38.10 101.50 -30.13
C ALA JB 240 -39.57 101.77 -30.35
N ALA JB 241 -39.89 102.68 -31.27
CA ALA JB 241 -41.29 102.97 -31.58
C ALA JB 241 -41.97 101.75 -32.17
N ARG JB 242 -41.27 101.02 -33.04
CA ARG JB 242 -41.84 99.82 -33.66
C ARG JB 242 -42.16 98.77 -32.60
N LEU JB 243 -41.22 98.53 -31.68
CA LEU JB 243 -41.44 97.55 -30.63
C LEU JB 243 -42.55 97.99 -29.69
N LYS JB 244 -42.62 99.28 -29.38
CA LYS JB 244 -43.70 99.80 -28.55
C LYS JB 244 -45.04 99.56 -29.22
N GLU JB 245 -45.11 99.80 -30.53
CA GLU JB 245 -46.33 99.51 -31.27
C GLU JB 245 -46.68 98.04 -31.17
N SER JB 246 -45.67 97.17 -31.29
CA SER JB 246 -45.92 95.73 -31.23
C SER JB 246 -46.54 95.34 -29.89
N VAL JB 247 -45.91 95.75 -28.79
CA VAL JB 247 -46.39 95.32 -27.48
C VAL JB 247 -47.69 95.99 -27.10
N THR JB 248 -47.93 97.23 -27.54
CA THR JB 248 -49.15 97.92 -27.13
C THR JB 248 -50.34 97.53 -28.00
N GLU JB 249 -50.10 97.09 -29.23
CA GLU JB 249 -51.19 96.72 -30.13
C GLU JB 249 -51.53 95.25 -30.00
N ASN JB 250 -50.51 94.40 -29.90
CA ASN JB 250 -50.67 92.96 -29.92
C ASN JB 250 -50.30 92.39 -28.56
N PRO JB 251 -51.19 91.68 -27.87
CA PRO JB 251 -50.76 90.99 -26.65
C PRO JB 251 -49.85 89.84 -27.02
N HIS JB 252 -49.18 89.30 -26.00
CA HIS JB 252 -48.19 88.26 -26.20
C HIS JB 252 -48.39 87.16 -25.17
N PHE JB 253 -48.42 85.92 -25.65
CA PHE JB 253 -48.35 84.75 -24.79
C PHE JB 253 -47.33 83.78 -25.37
N PHE JB 254 -46.69 83.05 -24.46
CA PHE JB 254 -45.49 82.29 -24.75
C PHE JB 254 -45.74 80.81 -24.53
N VAL JB 255 -45.11 80.00 -25.37
CA VAL JB 255 -45.15 78.55 -25.27
C VAL JB 255 -43.71 78.07 -25.27
N SER JB 256 -43.41 77.08 -24.44
CA SER JB 256 -42.05 76.61 -24.21
C SER JB 256 -42.05 75.10 -24.23
N THR JB 257 -41.23 74.53 -25.11
CA THR JB 257 -41.14 73.09 -25.29
C THR JB 257 -39.69 72.67 -25.36
N ASN JB 258 -39.49 71.35 -25.40
CA ASN JB 258 -38.17 70.74 -25.43
C ASN JB 258 -38.13 69.75 -26.58
N LEU JB 259 -37.08 69.85 -27.39
CA LEU JB 259 -36.88 68.98 -28.54
C LEU JB 259 -35.71 68.04 -28.29
N SER JB 260 -35.62 67.01 -29.12
CA SER JB 260 -34.53 66.05 -29.08
C SER JB 260 -33.88 66.01 -30.45
N VAL JB 261 -32.56 66.23 -30.47
CA VAL JB 261 -31.81 66.44 -31.70
C VAL JB 261 -30.67 65.45 -31.87
N SER JB 262 -30.68 64.35 -31.09
CA SER JB 262 -29.61 63.37 -31.21
C SER JB 262 -29.57 62.76 -32.60
N LYS JB 263 -30.73 62.61 -33.23
CA LYS JB 263 -30.78 62.09 -34.59
C LYS JB 263 -30.47 63.18 -35.60
N LEU JB 264 -30.93 64.40 -35.34
CA LEU JB 264 -30.67 65.51 -36.25
C LEU JB 264 -29.18 65.77 -36.38
N LEU JB 265 -28.44 65.69 -35.27
CA LEU JB 265 -27.01 65.95 -35.35
C LEU JB 265 -26.29 64.86 -36.12
N LYS JB 266 -26.71 63.61 -35.94
CA LYS JB 266 -26.14 62.53 -36.75
C LYS JB 266 -26.41 62.77 -38.23
N LEU JB 267 -27.63 63.17 -38.56
CA LEU JB 267 -27.96 63.46 -39.96
C LEU JB 267 -27.08 64.57 -40.51
N ARG JB 268 -26.92 65.65 -39.75
CA ARG JB 268 -26.09 66.77 -40.18
C ARG JB 268 -24.66 66.32 -40.40
N GLN JB 269 -24.13 65.51 -39.47
CA GLN JB 269 -22.77 65.02 -39.60
C GLN JB 269 -22.62 64.15 -40.84
N ALA JB 270 -23.59 63.29 -41.11
CA ALA JB 270 -23.50 62.41 -42.27
C ALA JB 270 -23.53 63.20 -43.56
N LEU JB 271 -24.45 64.17 -43.66
CA LEU JB 271 -24.51 64.97 -44.88
C LEU JB 271 -23.27 65.84 -45.05
N ASN JB 272 -22.69 66.31 -43.96
CA ASN JB 272 -21.46 67.10 -44.07
C ASN JB 272 -20.30 66.22 -44.53
N SER JB 273 -20.20 65.01 -44.00
CA SER JB 273 -19.11 64.12 -44.39
C SER JB 273 -19.26 63.66 -45.84
N SER JB 274 -20.48 63.37 -46.27
CA SER JB 274 -20.73 62.95 -47.65
C SER JB 274 -20.85 64.17 -48.55
N ALA JB 275 -19.76 64.92 -48.62
CA ALA JB 275 -19.72 66.16 -49.38
C ALA JB 275 -18.26 66.47 -49.72
N ASP JB 276 -18.10 67.37 -50.69
CA ASP JB 276 -16.78 67.76 -51.20
C ASP JB 276 -16.56 69.26 -50.98
N GLY JB 277 -16.95 69.76 -49.81
CA GLY JB 277 -16.88 71.18 -49.55
C GLY JB 277 -17.85 72.02 -50.34
N ARG JB 278 -18.78 71.39 -51.07
CA ARG JB 278 -19.73 72.14 -51.88
C ARG JB 278 -20.75 72.86 -51.02
N TYR JB 279 -20.96 72.41 -49.78
CA TYR JB 279 -21.93 73.03 -48.88
C TYR JB 279 -21.52 72.75 -47.45
N LYS JB 280 -22.19 73.46 -46.53
CA LYS JB 280 -21.99 73.24 -45.10
C LYS JB 280 -23.29 73.60 -44.40
N LEU JB 281 -23.75 72.71 -43.52
CA LEU JB 281 -25.07 72.81 -42.92
C LEU JB 281 -24.98 73.19 -41.45
N SER JB 282 -26.11 73.64 -40.91
CA SER JB 282 -26.24 73.99 -39.51
C SER JB 282 -27.62 73.59 -39.01
N VAL JB 283 -27.93 73.94 -37.77
CA VAL JB 283 -29.21 73.57 -37.17
C VAL JB 283 -30.31 74.53 -37.62
N ASN JB 284 -29.95 75.79 -37.85
CA ASN JB 284 -30.92 76.80 -38.21
C ASN JB 284 -31.65 76.45 -39.50
N ASP JB 285 -30.97 75.83 -40.45
CA ASP JB 285 -31.59 75.51 -41.73
C ASP JB 285 -32.66 74.43 -41.56
N PHE JB 286 -32.33 73.36 -40.84
CA PHE JB 286 -33.31 72.34 -40.51
C PHE JB 286 -34.51 72.95 -39.81
N LEU JB 287 -34.24 73.85 -38.86
CA LEU JB 287 -35.32 74.49 -38.14
C LEU JB 287 -36.20 75.30 -39.08
N ILE JB 288 -35.59 75.95 -40.07
CA ILE JB 288 -36.37 76.76 -41.00
C ILE JB 288 -37.26 75.89 -41.87
N LYS JB 289 -36.71 74.76 -42.33
CA LYS JB 289 -37.52 73.83 -43.12
C LYS JB 289 -38.69 73.31 -42.30
N ALA JB 290 -38.44 72.97 -41.04
CA ALA JB 290 -39.51 72.47 -40.19
C ALA JB 290 -40.55 73.54 -39.94
N MET JB 291 -40.12 74.80 -39.79
CA MET JB 291 -41.05 75.91 -39.64
C MET JB 291 -41.95 76.01 -40.86
N GLY JB 292 -41.37 75.90 -42.04
CA GLY JB 292 -42.18 75.96 -43.25
C GLY JB 292 -43.20 74.84 -43.32
N ILE JB 293 -42.78 73.62 -42.98
CA ILE JB 293 -43.69 72.49 -43.02
C ILE JB 293 -44.83 72.68 -42.04
N ALA JB 294 -44.51 73.15 -40.84
CA ALA JB 294 -45.54 73.36 -39.83
C ALA JB 294 -46.51 74.45 -40.28
N SER JB 295 -45.99 75.52 -40.86
CA SER JB 295 -46.86 76.59 -41.34
C SER JB 295 -47.78 76.10 -42.43
N LYS JB 296 -47.30 75.21 -43.29
CA LYS JB 296 -48.17 74.69 -44.34
C LYS JB 296 -49.21 73.73 -43.79
N ARG JB 297 -48.87 72.96 -42.76
CA ARG JB 297 -49.87 72.07 -42.19
C ARG JB 297 -50.88 72.82 -41.34
N VAL JB 298 -50.51 74.00 -40.84
CA VAL JB 298 -51.40 74.83 -40.03
C VAL JB 298 -51.32 76.26 -40.56
N PRO JB 299 -52.10 76.62 -41.57
CA PRO JB 299 -51.91 77.93 -42.22
C PRO JB 299 -52.35 79.11 -41.37
N THR JB 300 -53.10 78.89 -40.29
CA THR JB 300 -53.60 80.00 -39.50
C THR JB 300 -52.48 80.80 -38.88
N VAL JB 301 -51.35 80.15 -38.58
CA VAL JB 301 -50.21 80.87 -38.01
C VAL JB 301 -49.61 81.79 -39.05
N ASN JB 302 -49.45 81.30 -40.28
CA ASN JB 302 -48.92 82.10 -41.38
C ASN JB 302 -50.03 83.06 -41.81
N SER JB 303 -50.18 84.13 -41.04
CA SER JB 303 -51.25 85.10 -41.24
C SER JB 303 -50.75 86.45 -40.73
N SER JB 304 -51.66 87.40 -40.60
CA SER JB 304 -51.32 88.72 -40.09
C SER JB 304 -52.61 89.39 -39.64
N TRP JB 305 -52.52 90.69 -39.34
CA TRP JB 305 -53.64 91.50 -38.91
C TRP JB 305 -53.60 92.81 -39.66
N ARG JB 306 -54.67 93.11 -40.40
CA ARG JB 306 -54.76 94.30 -41.23
C ARG JB 306 -56.02 95.05 -40.90
N ASP JB 307 -56.38 96.03 -41.73
CA ASP JB 307 -57.52 96.90 -41.43
C ASP JB 307 -58.83 96.14 -41.59
N GLY JB 308 -59.34 95.61 -40.47
CA GLY JB 308 -60.60 94.89 -40.50
C GLY JB 308 -60.59 93.66 -41.38
N VAL JB 309 -59.44 93.04 -41.57
CA VAL JB 309 -59.32 91.91 -42.49
C VAL JB 309 -58.08 91.12 -42.15
N ILE JB 310 -58.18 89.81 -42.26
CA ILE JB 310 -57.06 88.90 -42.05
C ILE JB 310 -56.46 88.57 -43.41
N ARG JB 311 -55.16 88.85 -43.54
CA ARG JB 311 -54.42 88.53 -44.75
C ARG JB 311 -53.72 87.18 -44.56
N GLN JB 312 -54.08 86.21 -45.39
CA GLN JB 312 -53.51 84.87 -45.33
C GLN JB 312 -52.68 84.63 -46.58
N PHE JB 313 -51.42 84.26 -46.38
CA PHE JB 313 -50.51 83.91 -47.47
C PHE JB 313 -50.66 82.43 -47.80
N GLU JB 314 -49.83 81.97 -48.74
CA GLU JB 314 -49.72 80.57 -49.10
C GLU JB 314 -48.31 80.03 -48.87
N THR JB 315 -47.30 80.75 -49.34
CA THR JB 315 -45.92 80.39 -49.12
C THR JB 315 -45.49 80.79 -47.71
N VAL JB 316 -44.22 80.56 -47.41
CA VAL JB 316 -43.63 80.86 -46.12
C VAL JB 316 -42.42 81.74 -46.36
N ASP JB 317 -42.51 82.98 -45.89
CA ASP JB 317 -41.40 83.93 -45.95
C ASP JB 317 -40.81 84.07 -44.56
N VAL JB 318 -39.53 83.72 -44.42
CA VAL JB 318 -38.89 83.57 -43.12
C VAL JB 318 -37.92 84.72 -42.91
N SER JB 319 -38.10 85.43 -41.81
CA SER JB 319 -37.20 86.52 -41.43
C SER JB 319 -36.20 86.00 -40.42
N VAL JB 320 -34.93 85.99 -40.80
CA VAL JB 320 -33.85 85.51 -39.95
C VAL JB 320 -33.12 86.72 -39.37
N ALA JB 321 -32.88 86.68 -38.06
CA ALA JB 321 -32.22 87.78 -37.39
C ALA JB 321 -30.71 87.66 -37.49
N VAL JB 322 -30.06 88.81 -37.66
CA VAL JB 322 -28.61 88.91 -37.67
C VAL JB 322 -28.19 90.07 -36.77
N ALA JB 323 -27.19 89.82 -35.94
CA ALA JB 323 -26.74 90.74 -34.91
C ALA JB 323 -25.46 91.41 -35.41
N THR JB 324 -25.60 92.61 -35.95
CA THR JB 324 -24.47 93.39 -36.39
C THR JB 324 -24.01 94.32 -35.28
N PRO JB 325 -22.78 94.85 -35.36
CA PRO JB 325 -22.37 95.89 -34.40
C PRO JB 325 -23.25 97.12 -34.46
N ASN JB 326 -23.90 97.38 -35.59
CA ASN JB 326 -24.87 98.46 -35.70
C ASN JB 326 -26.15 98.16 -34.94
N GLY JB 327 -26.48 96.89 -34.74
CA GLY JB 327 -27.70 96.52 -34.04
C GLY JB 327 -28.26 95.19 -34.51
N LEU JB 328 -29.53 95.18 -34.87
CA LEU JB 328 -30.22 93.98 -35.32
C LEU JB 328 -30.84 94.23 -36.68
N ILE JB 329 -30.88 93.18 -37.50
CA ILE JB 329 -31.46 93.27 -38.83
C ILE JB 329 -32.11 91.94 -39.16
N THR JB 330 -33.10 91.97 -40.06
CA THR JB 330 -33.91 90.79 -40.38
C THR JB 330 -33.99 90.60 -41.89
N PRO JB 331 -32.96 90.01 -42.50
CA PRO JB 331 -33.10 89.55 -43.88
C PRO JB 331 -34.16 88.47 -43.99
N ILE JB 332 -34.55 88.20 -45.24
CA ILE JB 332 -35.69 87.35 -45.53
C ILE JB 332 -35.27 86.26 -46.50
N VAL JB 333 -35.81 85.06 -46.30
CA VAL JB 333 -35.74 83.96 -47.24
C VAL JB 333 -37.14 83.74 -47.80
N LYS JB 334 -37.22 83.57 -49.11
CA LYS JB 334 -38.47 83.47 -49.84
C LYS JB 334 -38.71 82.05 -50.30
N GLY JB 335 -39.97 81.63 -50.24
CA GLY JB 335 -40.38 80.33 -50.75
C GLY JB 335 -39.63 79.18 -50.12
N VAL JB 336 -39.69 79.09 -48.80
CA VAL JB 336 -38.90 78.09 -48.08
C VAL JB 336 -39.39 76.69 -48.43
N GLU JB 337 -40.69 76.46 -48.28
CA GLU JB 337 -41.25 75.13 -48.52
C GLU JB 337 -40.96 74.70 -49.95
N GLY JB 338 -40.25 73.59 -50.08
CA GLY JB 338 -39.82 73.14 -51.39
C GLY JB 338 -38.78 74.06 -52.00
N LYS JB 339 -37.63 74.18 -51.33
CA LYS JB 339 -36.52 74.98 -51.83
C LYS JB 339 -35.18 74.26 -51.77
N GLY JB 340 -34.96 73.44 -50.76
CA GLY JB 340 -33.71 72.73 -50.59
C GLY JB 340 -32.78 73.32 -49.56
N LEU JB 341 -32.23 72.45 -48.71
CA LEU JB 341 -31.40 72.90 -47.60
C LEU JB 341 -30.12 73.57 -48.10
N GLU JB 342 -29.56 73.10 -49.20
CA GLU JB 342 -28.34 73.69 -49.72
C GLU JB 342 -28.58 75.12 -50.18
N SER JB 343 -29.64 75.32 -50.97
CA SER JB 343 -30.02 76.66 -51.38
C SER JB 343 -30.30 77.55 -50.18
N ILE JB 344 -30.95 76.99 -49.16
CA ILE JB 344 -31.25 77.74 -47.95
C ILE JB 344 -29.97 78.23 -47.29
N SER JB 345 -29.04 77.31 -47.05
CA SER JB 345 -27.79 77.67 -46.39
C SER JB 345 -27.02 78.70 -47.20
N ALA JB 346 -26.98 78.53 -48.52
CA ALA JB 346 -26.27 79.48 -49.37
C ALA JB 346 -26.86 80.86 -49.26
N ALA JB 347 -28.20 80.96 -49.35
CA ALA JB 347 -28.86 82.26 -49.29
C ALA JB 347 -28.65 82.90 -47.93
N VAL JB 348 -28.70 82.11 -46.86
CA VAL JB 348 -28.52 82.66 -45.53
C VAL JB 348 -27.11 83.18 -45.36
N LYS JB 349 -26.10 82.44 -45.82
CA LYS JB 349 -24.73 82.92 -45.74
C LYS JB 349 -24.56 84.21 -46.53
N GLU JB 350 -25.14 84.27 -47.73
CA GLU JB 350 -25.05 85.47 -48.55
C GLU JB 350 -25.65 86.67 -47.83
N LEU JB 351 -26.87 86.51 -47.32
CA LEU JB 351 -27.55 87.63 -46.66
C LEU JB 351 -26.83 88.03 -45.38
N ALA JB 352 -26.29 87.07 -44.64
CA ALA JB 352 -25.59 87.40 -43.41
C ALA JB 352 -24.33 88.20 -43.69
N LYS JB 353 -23.54 87.78 -44.68
CA LYS JB 353 -22.35 88.53 -45.02
C LYS JB 353 -22.71 89.90 -45.58
N LYS JB 354 -23.78 89.98 -46.38
CA LYS JB 354 -24.19 91.26 -46.92
C LYS JB 354 -24.68 92.20 -45.83
N ALA JB 355 -25.24 91.66 -44.75
CA ALA JB 355 -25.68 92.50 -43.64
C ALA JB 355 -24.49 92.94 -42.81
N ARG JB 356 -23.51 92.06 -42.61
CA ARG JB 356 -22.27 92.47 -41.96
C ARG JB 356 -21.56 93.55 -42.75
N ASP JB 357 -21.71 93.53 -44.08
CA ASP JB 357 -21.12 94.58 -44.92
C ASP JB 357 -22.00 95.81 -45.03
N GLY JB 358 -23.31 95.69 -44.80
CA GLY JB 358 -24.22 96.80 -44.97
C GLY JB 358 -24.48 97.12 -46.42
N LYS JB 359 -25.05 96.16 -47.16
CA LYS JB 359 -25.23 96.28 -48.61
C LYS JB 359 -26.60 95.76 -49.03
N LEU JB 360 -27.61 95.95 -48.18
CA LEU JB 360 -28.93 95.38 -48.40
C LEU JB 360 -29.88 96.39 -49.02
N LYS JB 361 -30.95 95.86 -49.60
CA LYS JB 361 -32.09 96.61 -50.11
C LYS JB 361 -33.22 96.58 -49.09
N PRO JB 362 -34.14 97.54 -49.13
CA PRO JB 362 -35.23 97.52 -48.13
C PRO JB 362 -36.16 96.33 -48.31
N GLU JB 363 -36.43 95.93 -49.55
CA GLU JB 363 -37.35 94.82 -49.78
C GLU JB 363 -36.83 93.51 -49.20
N GLU JB 364 -35.50 93.37 -49.07
CA GLU JB 364 -34.92 92.15 -48.55
C GLU JB 364 -35.13 91.99 -47.05
N TYR JB 365 -35.51 93.05 -46.34
CA TYR JB 365 -35.78 92.96 -44.90
C TYR JB 365 -37.05 93.71 -44.52
N GLN JB 366 -37.95 93.96 -45.47
CA GLN JB 366 -39.25 94.55 -45.19
C GLN JB 366 -40.32 93.65 -45.77
N GLY JB 367 -41.03 92.94 -44.89
CA GLY JB 367 -42.05 91.99 -45.29
C GLY JB 367 -42.00 90.77 -44.40
N GLY JB 368 -42.17 89.59 -44.98
CA GLY JB 368 -42.05 88.36 -44.23
C GLY JB 368 -43.29 88.06 -43.40
N SER JB 369 -43.67 86.79 -43.35
CA SER JB 369 -44.82 86.36 -42.58
C SER JB 369 -44.45 85.85 -41.19
N ILE JB 370 -43.29 85.23 -41.06
CA ILE JB 370 -42.85 84.63 -39.80
C ILE JB 370 -41.37 84.92 -39.62
N SER JB 371 -40.91 84.88 -38.38
CA SER JB 371 -39.56 85.28 -38.02
C SER JB 371 -38.92 84.23 -37.13
N ILE JB 372 -37.65 84.47 -36.82
CA ILE JB 372 -36.85 83.58 -35.98
C ILE JB 372 -35.65 84.35 -35.47
N SER JB 373 -35.20 84.00 -34.27
CA SER JB 373 -33.96 84.49 -33.69
C SER JB 373 -33.22 83.32 -33.11
N ASN JB 374 -31.90 83.31 -33.29
CA ASN JB 374 -31.05 82.20 -32.88
C ASN JB 374 -29.97 82.71 -31.92
N MET JB 375 -29.67 81.88 -30.92
CA MET JB 375 -28.59 82.17 -29.97
C MET JB 375 -27.80 80.91 -29.65
N GLY JB 376 -27.78 79.94 -30.56
CA GLY JB 376 -27.17 78.65 -30.26
C GLY JB 376 -25.68 78.71 -30.02
N MET JB 377 -25.01 79.73 -30.52
CA MET JB 377 -23.56 79.83 -30.31
C MET JB 377 -23.22 80.04 -28.84
N ASN JB 378 -24.08 80.75 -28.11
CA ASN JB 378 -23.82 81.05 -26.71
C ASN JB 378 -24.34 79.91 -25.85
N PRO JB 379 -23.49 79.06 -25.27
CA PRO JB 379 -24.00 77.88 -24.57
C PRO JB 379 -24.68 78.16 -23.25
N ALA JB 380 -24.64 79.40 -22.76
CA ALA JB 380 -25.22 79.70 -21.46
C ALA JB 380 -26.72 79.84 -21.51
N VAL JB 381 -27.26 80.29 -22.64
CA VAL JB 381 -28.68 80.61 -22.77
C VAL JB 381 -29.44 79.30 -22.86
N GLN JB 382 -30.18 78.96 -21.80
CA GLN JB 382 -31.07 77.82 -21.87
C GLN JB 382 -32.34 78.17 -22.64
N SER JB 383 -32.84 79.39 -22.45
CA SER JB 383 -34.04 79.82 -23.15
C SER JB 383 -34.16 81.33 -23.11
N PHE JB 384 -35.01 81.85 -23.97
CA PHE JB 384 -35.30 83.28 -23.97
C PHE JB 384 -36.51 83.52 -24.84
N THR JB 385 -37.11 84.68 -24.62
CA THR JB 385 -38.24 85.17 -25.39
C THR JB 385 -37.76 86.26 -26.32
N ALA JB 386 -38.62 86.62 -27.28
CA ALA JB 386 -38.37 87.73 -28.19
C ALA JB 386 -39.66 88.52 -28.35
N ILE JB 387 -39.64 89.45 -29.30
CA ILE JB 387 -40.73 90.36 -29.55
C ILE JB 387 -41.13 90.24 -31.01
N ILE JB 388 -42.44 90.32 -31.26
CA ILE JB 388 -42.99 90.00 -32.57
C ILE JB 388 -42.76 91.19 -33.50
N ASN JB 389 -41.94 90.99 -34.52
CA ASN JB 389 -41.70 92.02 -35.52
C ASN JB 389 -42.97 92.22 -36.35
N PRO JB 390 -43.67 93.33 -36.22
CA PRO JB 390 -44.96 93.47 -36.90
C PRO JB 390 -44.75 93.58 -38.41
N PRO JB 391 -45.82 93.40 -39.20
CA PRO JB 391 -47.20 93.08 -38.81
C PRO JB 391 -47.43 91.58 -38.64
N GLN JB 392 -46.36 90.83 -38.39
CA GLN JB 392 -46.45 89.38 -38.30
C GLN JB 392 -47.24 88.95 -37.07
N ALA JB 393 -47.39 87.63 -36.90
CA ALA JB 393 -48.24 87.06 -35.86
C ALA JB 393 -47.52 86.17 -34.88
N ALA JB 394 -46.29 85.74 -35.20
CA ALA JB 394 -45.58 84.80 -34.35
C ALA JB 394 -44.09 85.04 -34.47
N ILE JB 395 -43.34 84.44 -33.55
CA ILE JB 395 -41.89 84.44 -33.64
C ILE JB 395 -41.35 83.32 -32.77
N LEU JB 396 -40.21 82.79 -33.19
CA LEU JB 396 -39.59 81.62 -32.60
C LEU JB 396 -38.29 82.02 -31.91
N ALA JB 397 -37.79 81.11 -31.07
CA ALA JB 397 -36.51 81.31 -30.41
C ALA JB 397 -35.96 79.95 -30.02
N VAL JB 398 -34.69 79.74 -30.32
CA VAL JB 398 -34.02 78.45 -30.14
C VAL JB 398 -32.87 78.65 -29.18
N GLY JB 399 -32.92 77.99 -28.02
CA GLY JB 399 -31.85 78.07 -27.06
C GLY JB 399 -30.66 77.25 -27.48
N ALA JB 400 -29.75 77.06 -26.54
CA ALA JB 400 -28.57 76.26 -26.77
C ALA JB 400 -28.87 74.80 -26.51
N PRO JB 401 -28.05 73.89 -27.00
CA PRO JB 401 -28.20 72.47 -26.65
C PRO JB 401 -27.65 72.17 -25.27
N GLN JB 402 -28.20 71.13 -24.66
CA GLN JB 402 -27.84 70.75 -23.31
C GLN JB 402 -27.96 69.24 -23.15
N LYS JB 403 -27.36 68.74 -22.08
CA LYS JB 403 -27.39 67.32 -21.76
C LYS JB 403 -28.45 67.09 -20.69
N VAL JB 404 -29.31 66.11 -20.93
CA VAL JB 404 -30.43 65.80 -20.05
C VAL JB 404 -30.50 64.30 -19.84
N ALA JB 405 -30.95 63.91 -18.65
CA ALA JB 405 -31.18 62.51 -18.36
C ALA JB 405 -32.50 62.06 -18.94
N VAL JB 406 -32.51 60.86 -19.50
CA VAL JB 406 -33.70 60.27 -20.13
C VAL JB 406 -33.76 58.80 -19.77
N PRO JB 407 -34.91 58.24 -19.41
CA PRO JB 407 -34.98 56.80 -19.19
C PRO JB 407 -34.83 56.03 -20.49
N VAL JB 408 -34.45 54.76 -20.34
CA VAL JB 408 -34.32 53.86 -21.48
C VAL JB 408 -34.44 52.44 -20.98
N GLU JB 409 -35.13 51.61 -21.76
CA GLU JB 409 -35.33 50.21 -21.42
C GLU JB 409 -34.24 49.37 -22.08
N ASN JB 410 -33.38 48.78 -21.26
CA ASN JB 410 -32.42 47.81 -21.75
C ASN JB 410 -33.14 46.55 -22.21
N GLU JB 411 -32.38 45.62 -22.77
CA GLU JB 411 -32.95 44.36 -23.22
C GLU JB 411 -33.66 43.60 -22.10
N ASP JB 412 -33.22 43.75 -20.85
CA ASP JB 412 -33.91 43.19 -19.71
C ASP JB 412 -35.00 44.15 -19.23
N GLY JB 413 -35.74 43.75 -18.21
CA GLY JB 413 -36.86 44.52 -17.74
C GLY JB 413 -36.50 45.80 -17.01
N THR JB 414 -35.24 45.96 -16.60
CA THR JB 414 -34.84 47.13 -15.84
C THR JB 414 -34.66 48.33 -16.76
N THR JB 415 -34.93 49.51 -16.22
CA THR JB 415 -34.69 50.76 -16.91
C THR JB 415 -33.24 51.18 -16.72
N GLY JB 416 -32.78 52.06 -17.60
CA GLY JB 416 -31.43 52.57 -17.55
C GLY JB 416 -31.40 54.05 -17.84
N VAL JB 417 -30.21 54.62 -17.75
CA VAL JB 417 -29.98 56.04 -17.96
C VAL JB 417 -29.28 56.21 -19.30
N SER JB 418 -29.80 57.13 -20.10
CA SER JB 418 -29.18 57.52 -21.36
C SER JB 418 -29.17 59.04 -21.45
N TRP JB 419 -28.13 59.58 -22.08
CA TRP JB 419 -27.93 61.02 -22.16
C TRP JB 419 -28.33 61.50 -23.54
N ASP JB 420 -29.43 62.25 -23.58
CA ASP JB 420 -29.98 62.80 -24.81
C ASP JB 420 -29.72 64.30 -24.87
N GLU JB 421 -29.44 64.79 -26.06
CA GLU JB 421 -29.15 66.19 -26.29
C GLU JB 421 -30.46 66.92 -26.55
N GLN JB 422 -30.83 67.81 -25.63
CA GLN JB 422 -32.08 68.56 -25.71
C GLN JB 422 -31.82 70.02 -26.07
N ILE JB 423 -32.82 70.63 -26.68
CA ILE JB 423 -32.87 72.07 -26.89
C ILE JB 423 -34.23 72.56 -26.44
N ILE JB 424 -34.26 73.71 -25.82
CA ILE JB 424 -35.50 74.38 -25.47
C ILE JB 424 -35.86 75.34 -26.59
N VAL JB 425 -37.16 75.43 -26.86
CA VAL JB 425 -37.70 76.29 -27.90
C VAL JB 425 -38.82 77.10 -27.30
N THR JB 426 -38.84 78.40 -27.60
CA THR JB 426 -39.82 79.33 -27.09
C THR JB 426 -40.48 80.05 -28.25
N ALA JB 427 -41.80 80.00 -28.30
CA ALA JB 427 -42.60 80.64 -29.33
C ALA JB 427 -43.52 81.66 -28.71
N SER JB 428 -43.44 82.90 -29.20
CA SER JB 428 -44.35 83.95 -28.79
C SER JB 428 -45.37 84.18 -29.89
N PHE JB 429 -46.65 84.25 -29.51
CA PHE JB 429 -47.74 84.39 -30.47
C PHE JB 429 -48.56 85.63 -30.18
N ASP JB 430 -49.28 86.10 -31.20
CA ASP JB 430 -50.29 87.12 -31.03
C ASP JB 430 -51.63 86.44 -30.79
N HIS JB 431 -52.35 86.89 -29.76
CA HIS JB 431 -53.57 86.25 -29.35
C HIS JB 431 -54.79 86.66 -30.17
N LYS JB 432 -54.70 87.78 -30.90
CA LYS JB 432 -55.82 88.19 -31.75
C LYS JB 432 -56.11 87.16 -32.82
N VAL JB 433 -55.06 86.58 -33.41
CA VAL JB 433 -55.18 85.64 -34.50
C VAL JB 433 -55.23 84.22 -34.00
N VAL JB 434 -54.27 83.85 -33.16
CA VAL JB 434 -54.01 82.47 -32.81
C VAL JB 434 -54.51 82.21 -31.40
N ASP JB 435 -54.93 80.97 -31.16
CA ASP JB 435 -55.34 80.49 -29.85
C ASP JB 435 -54.31 79.49 -29.33
N GLY JB 436 -54.43 79.19 -28.04
CA GLY JB 436 -53.49 78.29 -27.41
C GLY JB 436 -53.50 76.91 -28.04
N ALA JB 437 -54.68 76.43 -28.42
CA ALA JB 437 -54.76 75.11 -29.06
C ALA JB 437 -54.04 75.12 -30.39
N VAL JB 438 -54.21 76.18 -31.17
CA VAL JB 438 -53.59 76.24 -32.48
C VAL JB 438 -52.08 76.31 -32.35
N GLY JB 439 -51.59 77.13 -31.41
CA GLY JB 439 -50.16 77.18 -31.17
C GLY JB 439 -49.61 75.85 -30.71
N ALA JB 440 -50.35 75.16 -29.84
CA ALA JB 440 -49.90 73.86 -29.37
C ALA JB 440 -49.82 72.87 -30.52
N GLU JB 441 -50.78 72.94 -31.44
CA GLU JB 441 -50.77 72.04 -32.59
C GLU JB 441 -49.56 72.32 -33.47
N TRP JB 442 -49.28 73.60 -33.69
CA TRP JB 442 -48.10 73.97 -34.47
C TRP JB 442 -46.84 73.43 -33.83
N ILE JB 443 -46.72 73.57 -32.51
CA ILE JB 443 -45.53 73.11 -31.81
C ILE JB 443 -45.44 71.59 -31.88
N ARG JB 444 -46.58 70.91 -31.80
CA ARG JB 444 -46.56 69.45 -31.89
C ARG JB 444 -46.06 69.01 -33.24
N GLU JB 445 -46.53 69.65 -34.31
CA GLU JB 445 -46.06 69.28 -35.64
C GLU JB 445 -44.57 69.53 -35.78
N LEU JB 446 -44.08 70.64 -35.23
CA LEU JB 446 -42.66 70.94 -35.30
C LEU JB 446 -41.85 69.87 -34.57
N LYS JB 447 -42.24 69.55 -33.34
CA LYS JB 447 -41.55 68.54 -32.57
C LYS JB 447 -41.54 67.20 -33.29
N LYS JB 448 -42.67 66.85 -33.90
CA LYS JB 448 -42.75 65.57 -34.60
C LYS JB 448 -41.80 65.55 -35.79
N VAL JB 449 -41.80 66.60 -36.58
CA VAL JB 449 -40.95 66.66 -37.77
C VAL JB 449 -39.48 66.60 -37.36
N ILE JB 450 -39.12 67.24 -36.26
CA ILE JB 450 -37.72 67.25 -35.85
C ILE JB 450 -37.33 65.89 -35.30
N GLU JB 451 -38.14 65.35 -34.39
CA GLU JB 451 -37.78 64.09 -33.76
C GLU JB 451 -37.75 62.95 -34.76
N ASN JB 452 -38.52 63.07 -35.85
CA ASN JB 452 -38.42 62.18 -36.99
C ASN JB 452 -37.92 62.98 -38.18
N PRO JB 453 -36.60 63.21 -38.32
CA PRO JB 453 -36.13 64.08 -39.40
C PRO JB 453 -36.49 63.59 -40.79
N LEU JB 454 -36.76 62.30 -40.95
CA LEU JB 454 -37.04 61.75 -42.26
C LEU JB 454 -38.31 62.33 -42.86
N GLU JB 455 -39.21 62.86 -42.03
CA GLU JB 455 -40.43 63.47 -42.55
C GLU JB 455 -40.18 64.85 -43.15
N LEU JB 456 -38.96 65.37 -43.07
CA LEU JB 456 -38.62 66.59 -43.79
C LEU JB 456 -38.83 66.42 -45.29
N LEU JB 457 -38.68 65.19 -45.79
CA LEU JB 457 -38.95 64.90 -47.19
C LEU JB 457 -40.41 65.17 -47.53
N LEU JB 458 -41.30 65.01 -46.56
CA LEU JB 458 -42.73 65.22 -46.77
C LEU JB 458 -43.11 66.68 -46.55
N TYR KB 227 -104.26 -20.40 -39.88
CA TYR KB 227 -104.17 -21.27 -41.05
C TYR KB 227 -104.50 -22.71 -40.67
N THR KB 228 -103.51 -23.46 -40.18
CA THR KB 228 -103.73 -24.84 -39.82
C THR KB 228 -104.71 -24.92 -38.65
N ASP KB 229 -105.63 -25.86 -38.73
CA ASP KB 229 -106.76 -25.97 -37.80
C ASP KB 229 -106.81 -27.41 -37.27
N VAL KB 230 -106.19 -27.63 -36.12
CA VAL KB 230 -106.12 -28.97 -35.52
C VAL KB 230 -107.19 -29.03 -34.42
N PRO KB 231 -108.13 -29.97 -34.47
CA PRO KB 231 -109.06 -30.13 -33.35
C PRO KB 231 -108.32 -30.55 -32.08
N ILE KB 232 -108.98 -30.33 -30.95
CA ILE KB 232 -108.37 -30.54 -29.65
C ILE KB 232 -108.51 -32.01 -29.27
N SER KB 233 -107.49 -32.53 -28.57
CA SER KB 233 -107.45 -33.94 -28.20
C SER KB 233 -108.55 -34.32 -27.21
N GLY KB 234 -109.14 -33.36 -26.52
CA GLY KB 234 -110.14 -33.63 -25.49
C GLY KB 234 -109.53 -33.77 -24.11
N MET KB 235 -108.35 -34.40 -24.03
CA MET KB 235 -107.67 -34.51 -22.75
C MET KB 235 -107.28 -33.13 -22.22
N ARG KB 236 -106.85 -32.24 -23.12
CA ARG KB 236 -106.48 -30.90 -22.70
C ARG KB 236 -107.68 -30.12 -22.16
N LYS KB 237 -108.89 -30.48 -22.57
CA LYS KB 237 -110.08 -29.80 -22.09
C LYS KB 237 -110.20 -29.93 -20.57
N THR KB 238 -109.97 -31.14 -20.06
CA THR KB 238 -110.09 -31.39 -18.64
C THR KB 238 -109.05 -30.58 -17.86
N ILE KB 239 -107.82 -30.55 -18.35
CA ILE KB 239 -106.76 -29.83 -17.66
C ILE KB 239 -107.03 -28.33 -17.71
N ALA KB 240 -107.59 -27.84 -18.83
CA ALA KB 240 -107.94 -26.43 -18.93
C ALA KB 240 -109.01 -26.08 -17.91
N ALA KB 241 -110.05 -26.90 -17.82
CA ALA KB 241 -111.11 -26.65 -16.85
C ALA KB 241 -110.58 -26.71 -15.43
N ARG KB 242 -109.67 -27.64 -15.16
CA ARG KB 242 -109.09 -27.77 -13.83
C ARG KB 242 -108.31 -26.52 -13.45
N LEU KB 243 -107.43 -26.06 -14.35
CA LEU KB 243 -106.64 -24.88 -14.07
C LEU KB 243 -107.52 -23.64 -13.95
N LYS KB 244 -108.59 -23.56 -14.76
CA LYS KB 244 -109.51 -22.45 -14.67
C LYS KB 244 -110.19 -22.43 -13.30
N GLU KB 245 -110.65 -23.60 -12.85
CA GLU KB 245 -111.22 -23.70 -11.51
C GLU KB 245 -110.22 -23.26 -10.47
N SER KB 246 -108.96 -23.65 -10.63
CA SER KB 246 -107.94 -23.30 -9.65
C SER KB 246 -107.77 -21.79 -9.56
N VAL KB 247 -107.56 -21.13 -10.70
CA VAL KB 247 -107.30 -19.70 -10.67
C VAL KB 247 -108.53 -18.89 -10.28
N THR KB 248 -109.72 -19.36 -10.61
CA THR KB 248 -110.92 -18.59 -10.29
C THR KB 248 -111.40 -18.82 -8.87
N GLU KB 249 -111.09 -19.99 -8.28
CA GLU KB 249 -111.51 -20.27 -6.91
C GLU KB 249 -110.47 -19.79 -5.91
N ASN KB 250 -109.19 -19.91 -6.25
CA ASN KB 250 -108.10 -19.70 -5.33
C ASN KB 250 -107.27 -18.50 -5.78
N PRO KB 251 -107.15 -17.45 -4.98
CA PRO KB 251 -106.21 -16.38 -5.34
C PRO KB 251 -104.78 -16.83 -5.09
N HIS KB 252 -103.87 -16.31 -5.90
CA HIS KB 252 -102.48 -16.71 -5.90
C HIS KB 252 -101.60 -15.54 -5.48
N PHE KB 253 -100.67 -15.81 -4.57
CA PHE KB 253 -99.56 -14.89 -4.31
C PHE KB 253 -98.29 -15.70 -4.18
N PHE KB 254 -97.19 -15.08 -4.60
CA PHE KB 254 -95.93 -15.76 -4.84
C PHE KB 254 -94.88 -15.25 -3.88
N VAL KB 255 -93.93 -16.12 -3.54
CA VAL KB 255 -92.80 -15.80 -2.68
C VAL KB 255 -91.55 -16.34 -3.34
N SER KB 256 -90.55 -15.47 -3.49
CA SER KB 256 -89.35 -15.78 -4.26
C SER KB 256 -88.13 -15.55 -3.38
N THR KB 257 -87.30 -16.59 -3.28
CA THR KB 257 -86.11 -16.54 -2.44
C THR KB 257 -84.93 -17.14 -3.19
N ASN KB 258 -83.76 -17.00 -2.56
CA ASN KB 258 -82.49 -17.48 -3.11
C ASN KB 258 -81.83 -18.37 -2.06
N LEU KB 259 -81.42 -19.56 -2.48
CA LEU KB 259 -80.75 -20.51 -1.63
C LEU KB 259 -79.27 -20.59 -1.96
N SER KB 260 -78.54 -21.34 -1.15
CA SER KB 260 -77.12 -21.59 -1.36
C SER KB 260 -76.89 -23.09 -1.22
N VAL KB 261 -76.32 -23.70 -2.27
CA VAL KB 261 -76.23 -25.14 -2.40
C VAL KB 261 -74.79 -25.62 -2.55
N SER KB 262 -73.82 -24.76 -2.26
CA SER KB 262 -72.42 -25.14 -2.42
C SER KB 262 -72.06 -26.31 -1.51
N LYS KB 263 -72.70 -26.40 -0.35
CA LYS KB 263 -72.48 -27.52 0.55
C LYS KB 263 -73.31 -28.72 0.14
N LEU KB 264 -74.53 -28.47 -0.36
CA LEU KB 264 -75.40 -29.55 -0.79
C LEU KB 264 -74.77 -30.35 -1.92
N LEU KB 265 -74.16 -29.66 -2.88
CA LEU KB 265 -73.57 -30.37 -4.01
C LEU KB 265 -72.37 -31.19 -3.57
N LYS KB 266 -71.58 -30.67 -2.64
CA LYS KB 266 -70.49 -31.47 -2.09
C LYS KB 266 -71.01 -32.71 -1.40
N LEU KB 267 -72.08 -32.57 -0.63
CA LEU KB 267 -72.67 -33.71 0.05
C LEU KB 267 -73.15 -34.76 -0.94
N ARG KB 268 -73.81 -34.31 -2.01
CA ARG KB 268 -74.30 -35.24 -3.03
C ARG KB 268 -73.15 -35.96 -3.71
N GLN KB 269 -72.09 -35.22 -4.04
CA GLN KB 269 -70.94 -35.82 -4.69
C GLN KB 269 -70.29 -36.85 -3.80
N ALA KB 270 -70.17 -36.56 -2.51
CA ALA KB 270 -69.52 -37.49 -1.59
C ALA KB 270 -70.36 -38.75 -1.40
N LEU KB 271 -71.67 -38.59 -1.24
CA LEU KB 271 -72.53 -39.77 -1.11
C LEU KB 271 -72.53 -40.60 -2.38
N ASN KB 272 -72.42 -39.96 -3.55
CA ASN KB 272 -72.35 -40.72 -4.79
C ASN KB 272 -71.02 -41.46 -4.89
N SER KB 273 -69.93 -40.84 -4.45
CA SER KB 273 -68.63 -41.50 -4.51
C SER KB 273 -68.54 -42.66 -3.53
N SER KB 274 -69.17 -42.54 -2.36
CA SER KB 274 -69.14 -43.60 -1.35
C SER KB 274 -70.30 -44.57 -1.59
N ALA KB 275 -70.29 -45.17 -2.77
CA ALA KB 275 -71.34 -46.09 -3.17
C ALA KB 275 -70.77 -47.07 -4.18
N ASP KB 276 -71.52 -48.14 -4.42
CA ASP KB 276 -71.14 -49.21 -5.33
C ASP KB 276 -72.12 -49.30 -6.49
N GLY KB 277 -72.57 -48.16 -6.99
CA GLY KB 277 -73.62 -48.13 -7.97
C GLY KB 277 -74.97 -48.57 -7.45
N ARG KB 278 -75.12 -48.71 -6.13
CA ARG KB 278 -76.38 -49.15 -5.56
C ARG KB 278 -77.46 -48.07 -5.65
N TYR KB 279 -77.05 -46.80 -5.80
CA TYR KB 279 -78.00 -45.70 -5.86
C TYR KB 279 -77.34 -44.53 -6.58
N LYS KB 280 -78.16 -43.53 -6.89
CA LYS KB 280 -77.69 -42.31 -7.51
C LYS KB 280 -78.65 -41.19 -7.16
N LEU KB 281 -78.12 -40.09 -6.64
CA LEU KB 281 -78.92 -39.02 -6.08
C LEU KB 281 -78.97 -37.80 -7.00
N SER KB 282 -79.94 -36.94 -6.72
CA SER KB 282 -80.11 -35.68 -7.41
C SER KB 282 -80.42 -34.58 -6.41
N VAL KB 283 -80.81 -33.40 -6.91
CA VAL KB 283 -81.15 -32.28 -6.04
C VAL KB 283 -82.61 -32.35 -5.61
N ASN KB 284 -83.47 -32.85 -6.49
CA ASN KB 284 -84.90 -32.88 -6.22
C ASN KB 284 -85.22 -33.71 -4.99
N ASP KB 285 -84.43 -34.76 -4.73
CA ASP KB 285 -84.71 -35.62 -3.58
C ASP KB 285 -84.43 -34.90 -2.27
N PHE KB 286 -83.28 -34.24 -2.18
CA PHE KB 286 -82.99 -33.39 -1.03
C PHE KB 286 -84.09 -32.35 -0.85
N LEU KB 287 -84.54 -31.76 -1.95
CA LEU KB 287 -85.58 -30.74 -1.88
C LEU KB 287 -86.87 -31.34 -1.32
N ILE KB 288 -87.19 -32.56 -1.72
CA ILE KB 288 -88.44 -33.18 -1.28
C ILE KB 288 -88.37 -33.49 0.22
N LYS KB 289 -87.23 -34.00 0.68
CA LYS KB 289 -87.05 -34.24 2.11
C LYS KB 289 -87.19 -32.94 2.89
N ALA KB 290 -86.61 -31.86 2.38
CA ALA KB 290 -86.71 -30.58 3.07
C ALA KB 290 -88.14 -30.07 3.07
N MET KB 291 -88.87 -30.32 1.98
CA MET KB 291 -90.27 -29.95 1.94
C MET KB 291 -91.06 -30.66 3.02
N GLY KB 292 -90.79 -31.96 3.19
CA GLY KB 292 -91.46 -32.70 4.24
C GLY KB 292 -91.15 -32.15 5.62
N ILE KB 293 -89.87 -31.82 5.86
CA ILE KB 293 -89.48 -31.30 7.16
C ILE KB 293 -90.18 -29.97 7.43
N ALA KB 294 -90.20 -29.09 6.43
CA ALA KB 294 -90.83 -27.79 6.61
C ALA KB 294 -92.33 -27.94 6.83
N SER KB 295 -92.95 -28.86 6.10
CA SER KB 295 -94.38 -29.08 6.26
C SER KB 295 -94.69 -29.59 7.66
N LYS KB 296 -93.83 -30.43 8.21
CA LYS KB 296 -94.06 -30.92 9.56
C LYS KB 296 -93.82 -29.85 10.61
N ARG KB 297 -92.83 -28.98 10.39
CA ARG KB 297 -92.60 -27.90 11.35
C ARG KB 297 -93.70 -26.85 11.28
N VAL KB 298 -94.37 -26.72 10.13
CA VAL KB 298 -95.45 -25.76 9.95
C VAL KB 298 -96.62 -26.49 9.30
N PRO KB 299 -97.49 -27.14 10.07
CA PRO KB 299 -98.51 -28.00 9.44
C PRO KB 299 -99.62 -27.23 8.74
N THR KB 300 -99.72 -25.92 8.94
CA THR KB 300 -100.80 -25.16 8.30
C THR KB 300 -100.66 -25.19 6.79
N VAL KB 301 -99.44 -25.31 6.26
CA VAL KB 301 -99.26 -25.39 4.82
C VAL KB 301 -99.84 -26.70 4.29
N ASN KB 302 -99.52 -27.81 4.95
CA ASN KB 302 -100.03 -29.11 4.56
C ASN KB 302 -101.50 -29.16 4.95
N SER KB 303 -102.33 -28.55 4.11
CA SER KB 303 -103.74 -28.36 4.40
C SER KB 303 -104.50 -28.40 3.09
N SER KB 304 -105.76 -27.99 3.13
CA SER KB 304 -106.60 -27.94 1.94
C SER KB 304 -107.80 -27.03 2.25
N TRP KB 305 -108.78 -27.06 1.34
CA TRP KB 305 -110.02 -26.30 1.52
C TRP KB 305 -111.16 -27.19 1.03
N ARG KB 306 -112.11 -27.46 1.92
CA ARG KB 306 -113.22 -28.36 1.64
C ARG KB 306 -114.53 -27.68 1.99
N ASP KB 307 -115.62 -28.43 1.99
CA ASP KB 307 -116.93 -27.83 2.18
C ASP KB 307 -117.10 -27.33 3.60
N GLY KB 308 -116.81 -26.04 3.81
CA GLY KB 308 -116.94 -25.43 5.11
C GLY KB 308 -116.06 -26.05 6.17
N VAL KB 309 -114.93 -26.63 5.79
CA VAL KB 309 -114.05 -27.31 6.73
C VAL KB 309 -112.65 -27.34 6.15
N ILE KB 310 -111.66 -27.21 7.03
CA ILE KB 310 -110.26 -27.35 6.68
C ILE KB 310 -109.84 -28.78 7.01
N ARG KB 311 -109.36 -29.49 6.00
CA ARG KB 311 -108.80 -30.82 6.17
C ARG KB 311 -107.30 -30.69 6.32
N GLN KB 312 -106.79 -31.10 7.48
CA GLN KB 312 -105.37 -31.05 7.79
C GLN KB 312 -104.84 -32.48 7.91
N PHE KB 313 -103.76 -32.75 7.18
CA PHE KB 313 -103.12 -34.05 7.22
C PHE KB 313 -102.05 -34.07 8.30
N GLU KB 314 -101.40 -35.22 8.43
CA GLU KB 314 -100.25 -35.41 9.32
C GLU KB 314 -99.01 -35.79 8.55
N THR KB 315 -99.15 -36.69 7.58
CA THR KB 315 -98.07 -37.07 6.70
C THR KB 315 -97.99 -36.13 5.51
N VAL KB 316 -96.92 -36.26 4.74
CA VAL KB 316 -96.65 -35.40 3.60
C VAL KB 316 -96.66 -36.28 2.35
N ASP KB 317 -97.64 -36.05 1.48
CA ASP KB 317 -97.71 -36.69 0.18
C ASP KB 317 -97.28 -35.69 -0.88
N VAL KB 318 -96.25 -36.04 -1.64
CA VAL KB 318 -95.57 -35.09 -2.51
C VAL KB 318 -95.87 -35.44 -3.96
N SER KB 319 -96.41 -34.48 -4.70
CA SER KB 319 -96.74 -34.65 -6.11
C SER KB 319 -95.61 -34.08 -6.95
N VAL KB 320 -94.93 -34.96 -7.68
CA VAL KB 320 -93.79 -34.59 -8.51
C VAL KB 320 -94.23 -34.54 -9.96
N ALA KB 321 -93.87 -33.47 -10.65
CA ALA KB 321 -94.27 -33.29 -12.03
C ALA KB 321 -93.32 -34.02 -12.97
N VAL KB 322 -93.89 -34.57 -14.04
CA VAL KB 322 -93.13 -35.20 -15.11
C VAL KB 322 -93.72 -34.74 -16.44
N ALA KB 323 -92.84 -34.41 -17.37
CA ALA KB 323 -93.21 -33.82 -18.66
C ALA KB 323 -93.10 -34.90 -19.73
N THR KB 324 -94.22 -35.52 -20.02
CA THR KB 324 -94.28 -36.52 -21.08
C THR KB 324 -94.58 -35.85 -22.42
N PRO KB 325 -94.31 -36.53 -23.53
CA PRO KB 325 -94.75 -35.99 -24.83
C PRO KB 325 -96.25 -35.84 -24.93
N ASN KB 326 -97.02 -36.59 -24.14
CA ASN KB 326 -98.46 -36.43 -24.05
C ASN KB 326 -98.86 -35.17 -23.30
N GLY KB 327 -97.99 -34.67 -22.42
CA GLY KB 327 -98.30 -33.48 -21.65
C GLY KB 327 -97.61 -33.45 -20.30
N LEU KB 328 -98.38 -33.21 -19.24
CA LEU KB 328 -97.86 -33.13 -17.89
C LEU KB 328 -98.60 -34.13 -17.00
N ILE KB 329 -97.88 -34.69 -16.03
CA ILE KB 329 -98.47 -35.66 -15.12
C ILE KB 329 -97.80 -35.49 -13.76
N THR KB 330 -98.52 -35.89 -12.71
CA THR KB 330 -98.08 -35.68 -11.33
C THR KB 330 -98.19 -36.97 -10.52
N PRO KB 331 -97.22 -37.88 -10.64
CA PRO KB 331 -97.15 -38.99 -9.69
C PRO KB 331 -96.93 -38.50 -8.28
N ILE KB 332 -97.14 -39.40 -7.33
CA ILE KB 332 -97.12 -39.07 -5.91
C ILE KB 332 -96.11 -39.98 -5.20
N VAL KB 333 -95.42 -39.41 -4.23
CA VAL KB 333 -94.63 -40.15 -3.26
C VAL KB 333 -95.33 -40.05 -1.91
N LYS KB 334 -95.38 -41.16 -1.20
CA LYS KB 334 -96.14 -41.31 0.03
C LYS KB 334 -95.22 -41.39 1.23
N GLY KB 335 -95.60 -40.73 2.31
CA GLY KB 335 -94.89 -40.81 3.57
C GLY KB 335 -93.44 -40.40 3.45
N VAL KB 336 -93.21 -39.18 2.96
CA VAL KB 336 -91.85 -38.72 2.71
C VAL KB 336 -91.08 -38.62 4.00
N GLU KB 337 -91.63 -37.89 4.97
CA GLU KB 337 -90.95 -37.67 6.24
C GLU KB 337 -90.66 -39.00 6.91
N GLY KB 338 -89.37 -39.27 7.10
CA GLY KB 338 -88.95 -40.55 7.64
C GLY KB 338 -89.06 -41.67 6.64
N LYS KB 339 -88.43 -41.51 5.47
CA LYS KB 339 -88.46 -42.54 4.43
C LYS KB 339 -87.07 -42.89 3.90
N GLY KB 340 -86.20 -41.91 3.74
CA GLY KB 340 -84.86 -42.15 3.23
C GLY KB 340 -84.66 -41.76 1.78
N LEU KB 341 -83.51 -41.13 1.51
CA LEU KB 341 -83.26 -40.57 0.19
C LEU KB 341 -83.12 -41.65 -0.88
N GLU KB 342 -82.55 -42.79 -0.52
CA GLU KB 342 -82.39 -43.87 -1.50
C GLU KB 342 -83.74 -44.39 -1.94
N SER KB 343 -84.63 -44.66 -0.98
CA SER KB 343 -85.98 -45.09 -1.31
C SER KB 343 -86.71 -44.02 -2.12
N ILE KB 344 -86.49 -42.75 -1.77
CA ILE KB 344 -87.12 -41.66 -2.51
C ILE KB 344 -86.67 -41.68 -3.97
N SER KB 345 -85.36 -41.79 -4.20
CA SER KB 345 -84.85 -41.79 -5.55
C SER KB 345 -85.35 -42.99 -6.33
N ALA KB 346 -85.39 -44.15 -5.69
CA ALA KB 346 -85.86 -45.35 -6.37
C ALA KB 346 -87.32 -45.21 -6.79
N ALA KB 347 -88.17 -44.74 -5.87
CA ALA KB 347 -89.58 -44.57 -6.18
C ALA KB 347 -89.77 -43.53 -7.28
N VAL KB 348 -89.00 -42.45 -7.24
CA VAL KB 348 -89.14 -41.41 -8.25
C VAL KB 348 -88.73 -41.94 -9.62
N LYS KB 349 -87.64 -42.68 -9.68
CA LYS KB 349 -87.22 -43.25 -10.97
C LYS KB 349 -88.26 -44.21 -11.51
N GLU KB 350 -88.80 -45.08 -10.64
CA GLU KB 350 -89.82 -46.01 -11.08
C GLU KB 350 -91.05 -45.28 -11.61
N LEU KB 351 -91.52 -44.29 -10.86
CA LEU KB 351 -92.71 -43.56 -11.28
C LEU KB 351 -92.46 -42.79 -12.56
N ALA KB 352 -91.27 -42.22 -12.73
CA ALA KB 352 -90.97 -41.46 -13.94
C ALA KB 352 -90.95 -42.37 -15.16
N LYS KB 353 -90.31 -43.53 -15.04
CA LYS KB 353 -90.28 -44.45 -16.17
C LYS KB 353 -91.67 -45.00 -16.46
N LYS KB 354 -92.46 -45.28 -15.41
CA LYS KB 354 -93.82 -45.75 -15.62
C LYS KB 354 -94.69 -44.69 -16.27
N ALA KB 355 -94.39 -43.42 -16.02
CA ALA KB 355 -95.15 -42.35 -16.66
C ALA KB 355 -94.73 -42.18 -18.12
N ARG KB 356 -93.43 -42.30 -18.39
CA ARG KB 356 -92.97 -42.28 -19.78
C ARG KB 356 -93.56 -43.44 -20.57
N ASP KB 357 -93.79 -44.58 -19.91
CA ASP KB 357 -94.39 -45.73 -20.58
C ASP KB 357 -95.92 -45.66 -20.61
N GLY KB 358 -96.54 -44.91 -19.71
CA GLY KB 358 -97.99 -44.88 -19.61
C GLY KB 358 -98.54 -46.13 -18.99
N LYS KB 359 -98.20 -46.37 -17.72
CA LYS KB 359 -98.57 -47.61 -17.01
C LYS KB 359 -99.02 -47.32 -15.59
N LEU KB 360 -99.62 -46.15 -15.37
CA LEU KB 360 -99.98 -45.71 -14.03
C LEU KB 360 -101.44 -46.01 -13.71
N LYS KB 361 -101.73 -46.04 -12.41
CA LYS KB 361 -103.07 -46.09 -11.86
C LYS KB 361 -103.55 -44.69 -11.53
N PRO KB 362 -104.86 -44.46 -11.45
CA PRO KB 362 -105.33 -43.11 -11.11
C PRO KB 362 -104.97 -42.70 -9.70
N GLU KB 363 -104.99 -43.64 -8.75
CA GLU KB 363 -104.69 -43.30 -7.36
C GLU KB 363 -103.27 -42.78 -7.20
N GLU KB 364 -102.35 -43.22 -8.06
CA GLU KB 364 -100.96 -42.81 -7.94
C GLU KB 364 -100.72 -41.36 -8.32
N TYR KB 365 -101.66 -40.72 -9.04
CA TYR KB 365 -101.55 -39.31 -9.37
C TYR KB 365 -102.85 -38.55 -9.09
N GLN KB 366 -103.70 -39.08 -8.22
CA GLN KB 366 -104.89 -38.38 -7.74
C GLN KB 366 -104.79 -38.29 -6.22
N GLY KB 367 -104.49 -37.09 -5.72
CA GLY KB 367 -104.31 -36.87 -4.31
C GLY KB 367 -103.15 -35.94 -4.03
N GLY KB 368 -102.43 -36.21 -2.95
CA GLY KB 368 -101.28 -35.39 -2.60
C GLY KB 368 -101.68 -34.10 -1.93
N SER KB 369 -100.94 -33.70 -0.91
CA SER KB 369 -101.19 -32.45 -0.22
C SER KB 369 -100.37 -31.29 -0.76
N ILE KB 370 -99.18 -31.58 -1.27
CA ILE KB 370 -98.26 -30.56 -1.79
C ILE KB 370 -97.67 -31.07 -3.08
N SER KB 371 -97.24 -30.13 -3.92
CA SER KB 371 -96.76 -30.42 -5.27
C SER KB 371 -95.45 -29.68 -5.53
N ILE KB 372 -94.84 -30.02 -6.66
CA ILE KB 372 -93.56 -29.45 -7.05
C ILE KB 372 -93.39 -29.63 -8.55
N SER KB 373 -92.68 -28.69 -9.17
CA SER KB 373 -92.24 -28.80 -10.54
C SER KB 373 -90.77 -28.39 -10.61
N ASN KB 374 -90.01 -29.10 -11.44
CA ASN KB 374 -88.58 -28.91 -11.56
C ASN KB 374 -88.22 -28.64 -13.01
N MET KB 375 -87.24 -27.74 -13.20
CA MET KB 375 -86.73 -27.42 -14.53
C MET KB 375 -85.20 -27.29 -14.50
N GLY KB 376 -84.54 -27.95 -13.55
CA GLY KB 376 -83.11 -27.77 -13.37
C GLY KB 376 -82.27 -28.17 -14.57
N MET KB 377 -82.78 -29.06 -15.42
CA MET KB 377 -81.99 -29.46 -16.58
C MET KB 377 -81.81 -28.31 -17.56
N ASN KB 378 -82.73 -27.36 -17.59
CA ASN KB 378 -82.67 -26.25 -18.53
C ASN KB 378 -81.92 -25.09 -17.87
N PRO KB 379 -80.67 -24.78 -18.26
CA PRO KB 379 -79.92 -23.76 -17.53
C PRO KB 379 -80.36 -22.34 -17.79
N ALA KB 380 -81.28 -22.11 -18.72
CA ALA KB 380 -81.67 -20.74 -19.06
C ALA KB 380 -82.65 -20.15 -18.06
N VAL KB 381 -83.49 -20.99 -17.46
CA VAL KB 381 -84.57 -20.52 -16.60
C VAL KB 381 -83.97 -20.13 -15.26
N GLN KB 382 -84.02 -18.84 -14.93
CA GLN KB 382 -83.64 -18.41 -13.59
C GLN KB 382 -84.77 -18.65 -12.61
N SER KB 383 -85.98 -18.20 -12.94
CA SER KB 383 -87.13 -18.40 -12.08
C SER KB 383 -88.37 -18.61 -12.94
N PHE KB 384 -89.40 -19.15 -12.32
CA PHE KB 384 -90.67 -19.32 -13.01
C PHE KB 384 -91.72 -19.65 -11.96
N THR KB 385 -92.95 -19.32 -12.29
CA THR KB 385 -94.10 -19.61 -11.46
C THR KB 385 -94.80 -20.86 -12.00
N ALA KB 386 -95.73 -21.38 -11.22
CA ALA KB 386 -96.59 -22.47 -11.64
C ALA KB 386 -97.99 -22.23 -11.08
N ILE KB 387 -98.84 -23.24 -11.20
CA ILE KB 387 -100.24 -23.14 -10.85
C ILE KB 387 -100.58 -24.25 -9.85
N ILE KB 388 -101.46 -23.95 -8.92
CA ILE KB 388 -101.76 -24.84 -7.80
C ILE KB 388 -102.70 -25.93 -8.28
N ASN KB 389 -102.21 -27.15 -8.32
CA ASN KB 389 -103.04 -28.30 -8.65
C ASN KB 389 -104.06 -28.51 -7.54
N PRO KB 390 -105.36 -28.29 -7.76
CA PRO KB 390 -106.32 -28.40 -6.67
C PRO KB 390 -106.45 -29.84 -6.20
N PRO KB 391 -107.01 -30.07 -5.01
CA PRO KB 391 -107.50 -29.09 -4.03
C PRO KB 391 -106.41 -28.62 -3.07
N GLN KB 392 -105.15 -28.80 -3.44
CA GLN KB 392 -104.04 -28.43 -2.57
C GLN KB 392 -103.98 -26.93 -2.35
N ALA KB 393 -103.04 -26.48 -1.51
CA ALA KB 393 -102.95 -25.11 -1.08
C ALA KB 393 -101.64 -24.44 -1.46
N ALA KB 394 -100.64 -25.19 -1.89
CA ALA KB 394 -99.34 -24.62 -2.16
C ALA KB 394 -98.62 -25.46 -3.19
N ILE KB 395 -97.64 -24.84 -3.86
CA ILE KB 395 -96.83 -25.54 -4.84
C ILE KB 395 -95.50 -24.80 -4.96
N LEU KB 396 -94.47 -25.56 -5.32
CA LEU KB 396 -93.10 -25.09 -5.37
C LEU KB 396 -92.61 -25.03 -6.81
N ALA KB 397 -91.48 -24.36 -6.99
CA ALA KB 397 -90.84 -24.27 -8.28
C ALA KB 397 -89.36 -23.96 -8.07
N VAL KB 398 -88.50 -24.73 -8.72
CA VAL KB 398 -87.06 -24.67 -8.52
C VAL KB 398 -86.42 -24.34 -9.86
N GLY KB 399 -85.77 -23.18 -9.95
CA GLY KB 399 -85.07 -22.80 -11.16
C GLY KB 399 -83.77 -23.55 -11.32
N ALA KB 400 -82.90 -22.99 -12.14
CA ALA KB 400 -81.59 -23.57 -12.38
C ALA KB 400 -80.57 -23.01 -11.41
N PRO KB 401 -79.41 -23.65 -11.30
CA PRO KB 401 -78.32 -23.05 -10.53
C PRO KB 401 -77.59 -21.99 -11.33
N GLN KB 402 -76.96 -21.07 -10.61
CA GLN KB 402 -76.25 -19.96 -11.22
C GLN KB 402 -75.08 -19.56 -10.34
N LYS KB 403 -74.18 -18.77 -10.92
CA LYS KB 403 -73.01 -18.25 -10.22
C LYS KB 403 -73.31 -16.83 -9.78
N VAL KB 404 -73.07 -16.53 -8.51
CA VAL KB 404 -73.33 -15.22 -7.94
C VAL KB 404 -72.13 -14.79 -7.12
N ALA KB 405 -71.93 -13.48 -7.06
CA ALA KB 405 -70.90 -12.90 -6.22
C ALA KB 405 -71.37 -12.82 -4.78
N VAL KB 406 -70.48 -13.13 -3.85
CA VAL KB 406 -70.78 -13.12 -2.43
C VAL KB 406 -69.57 -12.54 -1.69
N PRO KB 407 -69.75 -11.67 -0.70
CA PRO KB 407 -68.60 -11.23 0.09
C PRO KB 407 -68.08 -12.33 0.99
N VAL KB 408 -66.79 -12.23 1.31
CA VAL KB 408 -66.13 -13.15 2.23
C VAL KB 408 -65.01 -12.41 2.91
N GLU KB 409 -64.83 -12.68 4.20
CA GLU KB 409 -63.77 -12.08 4.98
C GLU KB 409 -62.57 -13.01 5.02
N ASN KB 410 -61.47 -12.57 4.42
CA ASN KB 410 -60.22 -13.30 4.51
C ASN KB 410 -59.68 -13.22 5.94
N GLU KB 411 -58.55 -13.88 6.18
CA GLU KB 411 -57.92 -13.85 7.49
C GLU KB 411 -57.63 -12.44 7.98
N ASP KB 412 -57.33 -11.52 7.08
CA ASP KB 412 -57.14 -10.12 7.43
C ASP KB 412 -58.50 -9.41 7.49
N GLY KB 413 -58.45 -8.12 7.78
CA GLY KB 413 -59.68 -7.34 7.92
C GLY KB 413 -60.36 -7.00 6.62
N THR KB 414 -59.70 -7.23 5.49
CA THR KB 414 -60.29 -6.89 4.19
C THR KB 414 -61.27 -7.94 3.74
N THR KB 415 -62.29 -7.50 3.02
CA THR KB 415 -63.26 -8.40 2.43
C THR KB 415 -62.76 -8.92 1.08
N GLY KB 416 -63.37 -10.00 0.62
CA GLY KB 416 -63.01 -10.61 -0.63
C GLY KB 416 -64.24 -11.10 -1.37
N VAL KB 417 -64.01 -11.58 -2.59
CA VAL KB 417 -65.06 -12.02 -3.49
C VAL KB 417 -65.01 -13.54 -3.55
N SER KB 418 -66.15 -14.17 -3.27
CA SER KB 418 -66.31 -15.62 -3.37
C SER KB 418 -67.50 -15.94 -4.26
N TRP KB 419 -67.36 -16.99 -5.06
CA TRP KB 419 -68.37 -17.39 -6.02
C TRP KB 419 -69.17 -18.54 -5.45
N ASP KB 420 -70.43 -18.27 -5.12
CA ASP KB 420 -71.35 -19.25 -4.55
C ASP KB 420 -72.36 -19.67 -5.59
N GLU KB 421 -72.79 -20.93 -5.51
CA GLU KB 421 -73.75 -21.49 -6.43
C GLU KB 421 -75.15 -21.33 -5.83
N GLN KB 422 -75.94 -20.44 -6.41
CA GLN KB 422 -77.28 -20.12 -5.92
C GLN KB 422 -78.35 -20.73 -6.82
N ILE KB 423 -79.52 -20.90 -6.23
CA ILE KB 423 -80.73 -21.28 -6.94
C ILE KB 423 -81.85 -20.35 -6.49
N ILE KB 424 -82.69 -19.96 -7.43
CA ILE KB 424 -83.90 -19.23 -7.11
C ILE KB 424 -85.04 -20.22 -6.95
N VAL KB 425 -85.88 -19.96 -5.96
CA VAL KB 425 -87.02 -20.81 -5.63
C VAL KB 425 -88.24 -19.92 -5.54
N THR KB 426 -89.34 -20.40 -6.11
CA THR KB 426 -90.60 -19.65 -6.16
C THR KB 426 -91.71 -20.56 -5.63
N ALA KB 427 -92.41 -20.09 -4.61
CA ALA KB 427 -93.49 -20.82 -3.98
C ALA KB 427 -94.79 -20.04 -4.18
N SER KB 428 -95.78 -20.69 -4.76
CA SER KB 428 -97.11 -20.12 -4.92
C SER KB 428 -98.01 -20.67 -3.82
N PHE KB 429 -98.76 -19.77 -3.19
CA PHE KB 429 -99.65 -20.16 -2.09
C PHE KB 429 -101.08 -19.69 -2.38
N ASP KB 430 -102.04 -20.39 -1.79
CA ASP KB 430 -103.42 -19.96 -1.76
C ASP KB 430 -103.65 -19.13 -0.52
N HIS KB 431 -104.35 -18.01 -0.69
CA HIS KB 431 -104.47 -17.02 0.36
C HIS KB 431 -105.60 -17.30 1.33
N LYS KB 432 -106.55 -18.18 0.97
CA LYS KB 432 -107.63 -18.50 1.88
C LYS KB 432 -107.09 -19.17 3.14
N VAL KB 433 -106.13 -20.06 2.97
CA VAL KB 433 -105.59 -20.86 4.06
C VAL KB 433 -104.38 -20.19 4.69
N VAL KB 434 -103.41 -19.83 3.86
CA VAL KB 434 -102.10 -19.39 4.31
C VAL KB 434 -102.00 -17.88 4.19
N ASP KB 435 -101.19 -17.29 5.06
CA ASP KB 435 -100.88 -15.88 5.04
C ASP KB 435 -99.40 -15.67 4.74
N GLY KB 436 -99.05 -14.42 4.49
CA GLY KB 436 -97.68 -14.09 4.12
C GLY KB 436 -96.68 -14.47 5.18
N ALA KB 437 -97.03 -14.23 6.45
CA ALA KB 437 -96.14 -14.58 7.55
C ALA KB 437 -95.89 -16.08 7.59
N VAL KB 438 -96.95 -16.86 7.38
CA VAL KB 438 -96.84 -18.31 7.45
C VAL KB 438 -95.97 -18.83 6.31
N GLY KB 439 -96.20 -18.32 5.10
CA GLY KB 439 -95.38 -18.71 3.98
C GLY KB 439 -93.92 -18.33 4.19
N ALA KB 440 -93.69 -17.15 4.76
CA ALA KB 440 -92.32 -16.72 5.02
C ALA KB 440 -91.65 -17.64 6.04
N GLU KB 441 -92.39 -18.05 7.07
CA GLU KB 441 -91.83 -18.97 8.05
C GLU KB 441 -91.46 -20.29 7.41
N TRP KB 442 -92.35 -20.82 6.57
CA TRP KB 442 -92.07 -22.07 5.86
C TRP KB 442 -90.81 -21.95 5.02
N ILE KB 443 -90.68 -20.84 4.29
CA ILE KB 443 -89.51 -20.66 3.43
C ILE KB 443 -88.26 -20.50 4.26
N ARG KB 444 -88.35 -19.82 5.41
CA ARG KB 444 -87.19 -19.68 6.27
C ARG KB 444 -86.70 -21.04 6.75
N GLU KB 445 -87.62 -21.91 7.17
CA GLU KB 445 -87.22 -23.23 7.62
C GLU KB 445 -86.59 -24.03 6.48
N LEU KB 446 -87.15 -23.91 5.28
CA LEU KB 446 -86.58 -24.60 4.13
C LEU KB 446 -85.15 -24.14 3.87
N LYS KB 447 -84.95 -22.82 3.84
CA LYS KB 447 -83.62 -22.27 3.61
C LYS KB 447 -82.65 -22.73 4.68
N LYS KB 448 -83.11 -22.77 5.93
CA LYS KB 448 -82.23 -23.18 7.02
C LYS KB 448 -81.79 -24.62 6.85
N VAL KB 449 -82.75 -25.51 6.60
CA VAL KB 449 -82.44 -26.93 6.47
C VAL KB 449 -81.51 -27.16 5.28
N ILE KB 450 -81.70 -26.41 4.20
CA ILE KB 450 -80.83 -26.59 3.04
C ILE KB 450 -79.43 -26.09 3.35
N GLU KB 451 -79.33 -24.85 3.80
CA GLU KB 451 -78.03 -24.24 4.01
C GLU KB 451 -77.23 -24.98 5.07
N ASN KB 452 -77.92 -25.64 6.01
CA ASN KB 452 -77.30 -26.57 6.94
C ASN KB 452 -77.79 -27.96 6.61
N PRO KB 453 -77.22 -28.66 5.61
CA PRO KB 453 -77.80 -29.95 5.19
C PRO KB 453 -77.81 -30.99 6.28
N LEU KB 454 -76.98 -30.86 7.29
CA LEU KB 454 -76.90 -31.86 8.35
C LEU KB 454 -78.20 -31.98 9.12
N GLU KB 455 -79.01 -30.92 9.14
CA GLU KB 455 -80.28 -30.99 9.84
C GLU KB 455 -81.32 -31.83 9.10
N LEU KB 456 -81.00 -32.34 7.92
CA LEU KB 456 -81.88 -33.32 7.27
C LEU KB 456 -82.09 -34.55 8.14
N LEU KB 457 -81.10 -34.88 8.97
CA LEU KB 457 -81.27 -35.98 9.92
C LEU KB 457 -82.39 -35.68 10.91
N LEU KB 458 -82.56 -34.42 11.28
CA LEU KB 458 -83.53 -34.03 12.28
C LEU KB 458 -84.92 -33.88 11.64
N TYR LB 227 -61.55 -39.16 -86.80
CA TYR LB 227 -61.49 -40.62 -86.73
C TYR LB 227 -62.78 -41.18 -86.13
N THR LB 228 -62.86 -41.20 -84.81
CA THR LB 228 -64.03 -41.76 -84.15
C THR LB 228 -65.23 -40.84 -84.36
N ASP LB 229 -66.34 -41.43 -84.83
CA ASP LB 229 -67.53 -40.69 -85.22
C ASP LB 229 -68.69 -41.12 -84.32
N VAL LB 230 -69.03 -40.29 -83.34
CA VAL LB 230 -70.10 -40.58 -82.40
C VAL LB 230 -71.28 -39.68 -82.73
N PRO LB 231 -72.47 -40.23 -83.01
CA PRO LB 231 -73.63 -39.35 -83.22
C PRO LB 231 -73.97 -38.57 -81.97
N ILE LB 232 -74.72 -37.49 -82.16
CA ILE LB 232 -75.07 -36.59 -81.08
C ILE LB 232 -76.25 -37.16 -80.31
N SER LB 233 -76.27 -36.92 -79.00
CA SER LB 233 -77.31 -37.46 -78.14
C SER LB 233 -78.68 -36.86 -78.43
N GLY LB 234 -78.75 -35.73 -79.11
CA GLY LB 234 -80.00 -35.03 -79.35
C GLY LB 234 -80.32 -34.02 -78.26
N MET LB 235 -80.02 -34.35 -77.00
CA MET LB 235 -80.23 -33.40 -75.92
C MET LB 235 -79.30 -32.19 -76.07
N ARG LB 236 -78.07 -32.42 -76.50
CA ARG LB 236 -77.12 -31.33 -76.68
C ARG LB 236 -77.58 -30.36 -77.75
N LYS LB 237 -78.39 -30.83 -78.71
CA LYS LB 237 -78.88 -29.96 -79.77
C LYS LB 237 -79.69 -28.80 -79.20
N THR LB 238 -80.55 -29.10 -78.24
CA THR LB 238 -81.39 -28.06 -77.65
C THR LB 238 -80.56 -27.03 -76.92
N ILE LB 239 -79.58 -27.48 -76.14
CA ILE LB 239 -78.72 -26.56 -75.42
C ILE LB 239 -77.91 -25.71 -76.38
N ALA LB 240 -77.46 -26.31 -77.49
CA ALA LB 240 -76.71 -25.55 -78.48
C ALA LB 240 -77.58 -24.46 -79.10
N ALA LB 241 -78.81 -24.81 -79.47
CA ALA LB 241 -79.72 -23.83 -80.04
C ALA LB 241 -80.03 -22.73 -79.04
N ARG LB 242 -80.19 -23.09 -77.76
CA ARG LB 242 -80.49 -22.10 -76.73
C ARG LB 242 -79.33 -21.11 -76.57
N LEU LB 243 -78.11 -21.64 -76.45
CA LEU LB 243 -76.95 -20.76 -76.32
C LEU LB 243 -76.75 -19.89 -77.55
N LYS LB 244 -77.03 -20.44 -78.73
CA LYS LB 244 -76.93 -19.67 -79.96
C LYS LB 244 -77.93 -18.53 -79.95
N GLU LB 245 -79.17 -18.82 -79.55
CA GLU LB 245 -80.18 -17.76 -79.41
C GLU LB 245 -79.71 -16.71 -78.42
N SER LB 246 -79.06 -17.14 -77.34
CA SER LB 246 -78.61 -16.19 -76.34
C SER LB 246 -77.59 -15.22 -76.92
N VAL LB 247 -76.53 -15.76 -77.53
CA VAL LB 247 -75.46 -14.90 -78.01
C VAL LB 247 -75.88 -14.09 -79.22
N THR LB 248 -76.86 -14.55 -80.00
CA THR LB 248 -77.28 -13.80 -81.18
C THR LB 248 -78.36 -12.78 -80.86
N GLU LB 249 -79.13 -12.98 -79.79
CA GLU LB 249 -80.20 -12.05 -79.44
C GLU LB 249 -79.71 -11.00 -78.45
N ASN LB 250 -78.85 -11.38 -77.52
CA ASN LB 250 -78.38 -10.52 -76.45
C ASN LB 250 -76.89 -10.29 -76.59
N PRO LB 251 -76.42 -9.04 -76.77
CA PRO LB 251 -74.97 -8.82 -76.70
C PRO LB 251 -74.50 -8.92 -75.26
N HIS LB 252 -73.23 -9.27 -75.11
CA HIS LB 252 -72.64 -9.54 -73.81
C HIS LB 252 -71.50 -8.56 -73.54
N PHE LB 253 -71.45 -8.04 -72.32
CA PHE LB 253 -70.28 -7.36 -71.82
C PHE LB 253 -70.03 -7.79 -70.39
N PHE LB 254 -68.75 -7.85 -70.04
CA PHE LB 254 -68.28 -8.49 -68.83
C PHE LB 254 -67.68 -7.45 -67.90
N VAL LB 255 -67.82 -7.71 -66.60
CA VAL LB 255 -67.21 -6.92 -65.54
C VAL LB 255 -66.46 -7.87 -64.64
N SER LB 256 -65.31 -7.43 -64.14
CA SER LB 256 -64.41 -8.28 -63.38
C SER LB 256 -63.92 -7.52 -62.17
N THR LB 257 -64.13 -8.09 -60.98
CA THR LB 257 -63.76 -7.46 -59.73
C THR LB 257 -63.08 -8.46 -58.82
N ASN LB 258 -62.55 -7.95 -57.71
CA ASN LB 258 -61.82 -8.74 -56.72
C ASN LB 258 -62.40 -8.45 -55.35
N LEU LB 259 -62.82 -9.51 -54.67
CA LEU LB 259 -63.39 -9.41 -53.33
C LEU LB 259 -62.37 -9.84 -52.28
N SER LB 260 -62.61 -9.43 -51.05
CA SER LB 260 -61.82 -9.84 -49.90
C SER LB 260 -62.72 -10.63 -48.97
N VAL LB 261 -62.31 -11.87 -48.66
CA VAL LB 261 -63.15 -12.84 -47.99
C VAL LB 261 -62.54 -13.32 -46.68
N SER LB 262 -61.50 -12.65 -46.18
CA SER LB 262 -60.83 -13.11 -44.99
C SER LB 262 -61.76 -13.08 -43.78
N LYS LB 263 -62.70 -12.14 -43.76
CA LYS LB 263 -63.67 -12.08 -42.68
C LYS LB 263 -64.81 -13.06 -42.91
N LEU LB 264 -65.19 -13.25 -44.17
CA LEU LB 264 -66.26 -14.20 -44.49
C LEU LB 264 -65.87 -15.60 -44.06
N LEU LB 265 -64.62 -15.99 -44.30
CA LEU LB 265 -64.21 -17.34 -43.93
C LEU LB 265 -64.20 -17.51 -42.41
N LYS LB 266 -63.80 -16.48 -41.68
CA LYS LB 266 -63.86 -16.55 -40.23
C LYS LB 266 -65.29 -16.70 -39.75
N LEU LB 267 -66.21 -15.97 -40.37
CA LEU LB 267 -67.62 -16.09 -40.00
C LEU LB 267 -68.13 -17.49 -40.26
N ARG LB 268 -67.77 -18.06 -41.41
CA ARG LB 268 -68.20 -19.42 -41.74
C ARG LB 268 -67.63 -20.42 -40.75
N GLN LB 269 -66.37 -20.24 -40.38
CA GLN LB 269 -65.74 -21.13 -39.41
C GLN LB 269 -66.45 -21.06 -38.06
N ALA LB 270 -66.75 -19.84 -37.60
CA ALA LB 270 -67.38 -19.69 -36.30
C ALA LB 270 -68.79 -20.27 -36.30
N LEU LB 271 -69.55 -20.05 -37.37
CA LEU LB 271 -70.90 -20.61 -37.41
C LEU LB 271 -70.87 -22.11 -37.53
N ASN LB 272 -69.91 -22.69 -38.26
CA ASN LB 272 -69.81 -24.14 -38.32
C ASN LB 272 -69.41 -24.71 -36.97
N SER LB 273 -68.58 -24.00 -36.22
CA SER LB 273 -68.17 -24.48 -34.91
C SER LB 273 -69.31 -24.40 -33.90
N SER LB 274 -70.07 -23.31 -33.90
CA SER LB 274 -71.19 -23.16 -32.98
C SER LB 274 -72.43 -23.87 -33.49
N ALA LB 275 -72.31 -25.19 -33.59
CA ALA LB 275 -73.39 -26.03 -34.10
C ALA LB 275 -73.18 -27.45 -33.58
N ASP LB 276 -74.20 -28.26 -33.74
CA ASP LB 276 -74.21 -29.65 -33.30
C ASP LB 276 -74.48 -30.59 -34.46
N GLY LB 277 -73.81 -30.35 -35.59
CA GLY LB 277 -74.07 -31.12 -36.78
C GLY LB 277 -75.43 -30.90 -37.39
N ARG LB 278 -76.11 -29.80 -37.03
CA ARG LB 278 -77.43 -29.54 -37.56
C ARG LB 278 -77.38 -28.95 -38.97
N TYR LB 279 -76.25 -28.38 -39.37
CA TYR LB 279 -76.11 -27.76 -40.67
C TYR LB 279 -74.63 -27.70 -41.04
N LYS LB 280 -74.37 -27.26 -42.27
CA LYS LB 280 -73.01 -27.06 -42.75
C LYS LB 280 -73.08 -26.05 -43.89
N LEU LB 281 -72.27 -25.00 -43.78
CA LEU LB 281 -72.35 -23.87 -44.70
C LEU LB 281 -71.22 -23.90 -45.71
N SER LB 282 -71.39 -23.09 -46.76
CA SER LB 282 -70.39 -22.91 -47.79
C SER LB 282 -70.36 -21.45 -48.23
N VAL LB 283 -69.46 -21.13 -49.17
CA VAL LB 283 -69.33 -19.76 -49.63
C VAL LB 283 -70.45 -19.38 -50.58
N ASN LB 284 -70.96 -20.36 -51.34
CA ASN LB 284 -71.99 -20.10 -52.33
C ASN LB 284 -73.26 -19.57 -51.67
N ASP LB 285 -73.57 -20.01 -50.46
CA ASP LB 285 -74.79 -19.55 -49.80
C ASP LB 285 -74.70 -18.08 -49.44
N PHE LB 286 -73.57 -17.67 -48.85
CA PHE LB 286 -73.33 -16.25 -48.60
C PHE LB 286 -73.43 -15.45 -49.89
N LEU LB 287 -72.83 -15.97 -50.96
CA LEU LB 287 -72.88 -15.27 -52.24
C LEU LB 287 -74.32 -15.11 -52.72
N ILE LB 288 -75.14 -16.13 -52.51
CA ILE LB 288 -76.52 -16.08 -52.98
C ILE LB 288 -77.32 -15.06 -52.18
N LYS LB 289 -77.10 -15.03 -50.87
CA LYS LB 289 -77.77 -14.04 -50.04
C LYS LB 289 -77.37 -12.63 -50.48
N ALA LB 290 -76.09 -12.42 -50.74
CA ALA LB 290 -75.63 -11.10 -51.16
C ALA LB 290 -76.20 -10.74 -52.52
N MET LB 291 -76.34 -11.72 -53.41
CA MET LB 291 -76.97 -11.47 -54.70
C MET LB 291 -78.40 -11.00 -54.51
N GLY LB 292 -79.13 -11.65 -53.61
CA GLY LB 292 -80.49 -11.22 -53.33
C GLY LB 292 -80.54 -9.79 -52.81
N ILE LB 293 -79.64 -9.46 -51.89
CA ILE LB 293 -79.64 -8.11 -51.33
C ILE LB 293 -79.34 -7.08 -52.41
N ALA LB 294 -78.35 -7.36 -53.26
CA ALA LB 294 -77.98 -6.41 -54.29
C ALA LB 294 -79.10 -6.26 -55.31
N SER LB 295 -79.76 -7.36 -55.66
CA SER LB 295 -80.87 -7.28 -56.60
C SER LB 295 -82.03 -6.48 -56.02
N LYS LB 296 -82.23 -6.56 -54.72
CA LYS LB 296 -83.28 -5.76 -54.10
C LYS LB 296 -82.91 -4.29 -54.04
N ARG LB 297 -81.62 -3.99 -53.84
CA ARG LB 297 -81.21 -2.59 -53.79
C ARG LB 297 -81.17 -1.96 -55.19
N VAL LB 298 -80.98 -2.77 -56.22
CA VAL LB 298 -80.93 -2.28 -57.60
C VAL LB 298 -81.85 -3.17 -58.43
N PRO LB 299 -83.16 -2.91 -58.47
CA PRO LB 299 -84.08 -3.87 -59.08
C PRO LB 299 -83.98 -3.95 -60.59
N THR LB 300 -83.26 -3.04 -61.24
CA THR LB 300 -83.20 -3.06 -62.70
C THR LB 300 -82.51 -4.33 -63.20
N VAL LB 301 -81.58 -4.87 -62.42
CA VAL LB 301 -80.89 -6.08 -62.84
C VAL LB 301 -81.85 -7.25 -62.86
N ASN LB 302 -82.67 -7.38 -61.82
CA ASN LB 302 -83.65 -8.47 -61.72
C ASN LB 302 -84.79 -8.14 -62.68
N SER LB 303 -84.54 -8.41 -63.95
CA SER LB 303 -85.45 -8.05 -65.02
C SER LB 303 -85.29 -9.07 -66.14
N SER LB 304 -85.99 -8.83 -67.26
CA SER LB 304 -85.90 -9.70 -68.42
C SER LB 304 -86.22 -8.86 -69.66
N TRP LB 305 -86.42 -9.54 -70.78
CA TRP LB 305 -86.75 -8.89 -72.05
C TRP LB 305 -87.84 -9.72 -72.70
N ARG LB 306 -88.99 -9.10 -72.96
CA ARG LB 306 -90.16 -9.79 -73.48
C ARG LB 306 -90.69 -9.05 -74.69
N ASP LB 307 -91.89 -9.42 -75.15
CA ASP LB 307 -92.44 -8.86 -76.38
C ASP LB 307 -92.78 -7.39 -76.21
N GLY LB 308 -91.86 -6.50 -76.58
CA GLY LB 308 -92.09 -5.08 -76.49
C GLY LB 308 -92.39 -4.58 -75.09
N VAL LB 309 -91.88 -5.27 -74.07
CA VAL LB 309 -92.18 -4.94 -72.69
C VAL LB 309 -91.07 -5.48 -71.82
N ILE LB 310 -90.79 -4.77 -70.73
CA ILE LB 310 -89.84 -5.22 -69.71
C ILE LB 310 -90.65 -5.77 -68.54
N ARG LB 311 -90.40 -7.03 -68.23
CA ARG LB 311 -90.98 -7.69 -67.07
C ARG LB 311 -90.01 -7.54 -65.90
N GLN LB 312 -90.47 -6.86 -64.85
CA GLN LB 312 -89.70 -6.66 -63.64
C GLN LB 312 -90.36 -7.43 -62.50
N PHE LB 313 -89.56 -8.27 -61.84
CA PHE LB 313 -90.03 -9.03 -60.70
C PHE LB 313 -89.84 -8.21 -59.42
N GLU LB 314 -90.17 -8.82 -58.29
CA GLU LB 314 -89.93 -8.28 -56.96
C GLU LB 314 -89.05 -9.20 -56.14
N THR LB 315 -89.36 -10.48 -56.13
CA THR LB 315 -88.55 -11.48 -55.45
C THR LB 315 -87.35 -11.85 -56.32
N VAL LB 316 -86.44 -12.61 -55.73
CA VAL LB 316 -85.22 -13.03 -56.39
C VAL LB 316 -85.25 -14.55 -56.49
N ASP LB 317 -85.31 -15.06 -57.71
CA ASP LB 317 -85.24 -16.48 -58.00
C ASP LB 317 -83.86 -16.80 -58.56
N VAL LB 318 -83.11 -17.64 -57.87
CA VAL LB 318 -81.69 -17.86 -58.16
C VAL LB 318 -81.52 -19.23 -58.80
N SER LB 319 -80.91 -19.25 -59.97
CA SER LB 319 -80.61 -20.50 -60.68
C SER LB 319 -79.17 -20.89 -60.40
N VAL LB 320 -78.99 -22.02 -59.72
CA VAL LB 320 -77.67 -22.53 -59.36
C VAL LB 320 -77.33 -23.67 -60.31
N ALA LB 321 -76.08 -23.68 -60.79
CA ALA LB 321 -75.65 -24.67 -61.75
C ALA LB 321 -75.07 -25.89 -61.03
N VAL LB 322 -75.30 -27.05 -61.63
CA VAL LB 322 -74.77 -28.32 -61.15
C VAL LB 322 -74.25 -29.11 -62.35
N ALA LB 323 -73.06 -29.68 -62.19
CA ALA LB 323 -72.36 -30.40 -63.25
C ALA LB 323 -72.55 -31.89 -63.02
N THR LB 324 -73.49 -32.47 -63.76
CA THR LB 324 -73.73 -33.90 -63.71
C THR LB 324 -72.95 -34.60 -64.81
N PRO LB 325 -72.77 -35.92 -64.73
CA PRO LB 325 -72.16 -36.64 -65.86
C PRO LB 325 -72.96 -36.53 -67.15
N ASN LB 326 -74.25 -36.22 -67.06
CA ASN LB 326 -75.07 -35.97 -68.23
C ASN LB 326 -74.83 -34.60 -68.84
N GLY LB 327 -74.25 -33.67 -68.08
CA GLY LB 327 -73.96 -32.34 -68.57
C GLY LB 327 -74.13 -31.28 -67.49
N LEU LB 328 -74.96 -30.28 -67.78
CA LEU LB 328 -75.20 -29.17 -66.89
C LEU LB 328 -76.69 -29.06 -66.62
N ILE LB 329 -77.03 -28.62 -65.41
CA ILE LB 329 -78.43 -28.40 -65.06
C ILE LB 329 -78.51 -27.23 -64.09
N THR LB 330 -79.66 -26.56 -64.07
CA THR LB 330 -79.83 -25.32 -63.31
C THR LB 330 -81.09 -25.39 -62.45
N PRO LB 331 -81.01 -26.05 -61.29
CA PRO LB 331 -82.10 -25.94 -60.31
C PRO LB 331 -82.24 -24.51 -59.81
N ILE LB 332 -83.36 -24.27 -59.12
CA ILE LB 332 -83.77 -22.93 -58.74
C ILE LB 332 -84.05 -22.90 -57.25
N VAL LB 333 -83.70 -21.78 -56.62
CA VAL LB 333 -84.09 -21.46 -55.26
C VAL LB 333 -85.03 -20.26 -55.31
N LYS LB 334 -86.09 -20.32 -54.51
CA LYS LB 334 -87.20 -19.37 -54.57
C LYS LB 334 -87.19 -18.48 -53.33
N GLY LB 335 -87.48 -17.19 -53.55
CA GLY LB 335 -87.63 -16.25 -52.46
C GLY LB 335 -86.42 -16.17 -51.56
N VAL LB 336 -85.26 -15.87 -52.15
CA VAL LB 336 -84.01 -15.90 -51.40
C VAL LB 336 -84.00 -14.84 -50.33
N GLU LB 337 -84.35 -13.61 -50.70
CA GLU LB 337 -84.30 -12.50 -49.76
C GLU LB 337 -85.22 -12.77 -48.58
N GLY LB 338 -84.64 -12.79 -47.38
CA GLY LB 338 -85.39 -13.13 -46.21
C GLY LB 338 -85.83 -14.59 -46.19
N LYS LB 339 -84.86 -15.50 -46.22
CA LYS LB 339 -85.13 -16.93 -46.20
C LYS LB 339 -84.28 -17.69 -45.20
N GLY LB 340 -83.03 -17.26 -44.99
CA GLY LB 340 -82.15 -17.92 -44.04
C GLY LB 340 -81.12 -18.82 -44.67
N LEU LB 341 -79.88 -18.69 -44.20
CA LEU LB 341 -78.77 -19.43 -44.79
C LEU LB 341 -78.93 -20.93 -44.60
N GLU LB 342 -79.46 -21.35 -43.45
CA GLU LB 342 -79.61 -22.77 -43.19
C GLU LB 342 -80.61 -23.39 -44.16
N SER LB 343 -81.75 -22.74 -44.33
CA SER LB 343 -82.74 -23.21 -45.30
C SER LB 343 -82.16 -23.21 -46.70
N ILE LB 344 -81.35 -22.20 -47.02
CA ILE LB 344 -80.71 -22.14 -48.34
C ILE LB 344 -79.81 -23.34 -48.55
N SER LB 345 -78.96 -23.63 -47.56
CA SER LB 345 -78.03 -24.74 -47.68
C SER LB 345 -78.77 -26.06 -47.81
N ALA LB 346 -79.83 -26.24 -47.03
CA ALA LB 346 -80.60 -27.46 -47.11
C ALA LB 346 -81.23 -27.64 -48.49
N ALA LB 347 -81.84 -26.58 -49.01
CA ALA LB 347 -82.47 -26.65 -50.32
C ALA LB 347 -81.44 -26.94 -51.40
N VAL LB 348 -80.27 -26.31 -51.30
CA VAL LB 348 -79.22 -26.51 -52.31
C VAL LB 348 -78.74 -27.94 -52.30
N LYS LB 349 -78.46 -28.49 -51.11
CA LYS LB 349 -78.02 -29.88 -51.02
C LYS LB 349 -79.08 -30.83 -51.58
N GLU LB 350 -80.34 -30.58 -51.25
CA GLU LB 350 -81.42 -31.44 -51.73
C GLU LB 350 -81.48 -31.43 -53.25
N LEU LB 351 -81.49 -30.24 -53.84
CA LEU LB 351 -81.60 -30.14 -55.29
C LEU LB 351 -80.38 -30.73 -55.98
N ALA LB 352 -79.20 -30.58 -55.37
CA ALA LB 352 -77.99 -31.12 -55.99
C ALA LB 352 -78.02 -32.64 -56.00
N LYS LB 353 -78.39 -33.26 -54.88
CA LYS LB 353 -78.45 -34.71 -54.86
C LYS LB 353 -79.57 -35.23 -55.76
N LYS LB 354 -80.70 -34.51 -55.82
CA LYS LB 354 -81.76 -34.90 -56.72
C LYS LB 354 -81.34 -34.79 -58.18
N ALA LB 355 -80.45 -33.85 -58.49
CA ALA LB 355 -79.95 -33.72 -59.85
C ALA LB 355 -78.97 -34.84 -60.17
N ARG LB 356 -78.12 -35.19 -59.21
CA ARG LB 356 -77.22 -36.32 -59.42
C ARG LB 356 -77.99 -37.62 -59.61
N ASP LB 357 -79.16 -37.73 -58.97
CA ASP LB 357 -80.00 -38.92 -59.15
C ASP LB 357 -80.95 -38.82 -60.34
N GLY LB 358 -81.17 -37.62 -60.87
CA GLY LB 358 -82.11 -37.45 -61.97
C GLY LB 358 -83.55 -37.60 -61.52
N LYS LB 359 -84.02 -36.70 -60.65
CA LYS LB 359 -85.34 -36.81 -60.04
C LYS LB 359 -86.03 -35.46 -59.96
N LEU LB 360 -85.82 -34.61 -60.96
CA LEU LB 360 -86.35 -33.26 -60.94
C LEU LB 360 -87.60 -33.12 -61.78
N LYS LB 361 -88.34 -32.05 -61.52
CA LYS LB 361 -89.48 -31.60 -62.30
C LYS LB 361 -89.06 -30.45 -63.20
N PRO LB 362 -89.79 -30.20 -64.30
CA PRO LB 362 -89.37 -29.10 -65.18
C PRO LB 362 -89.49 -27.74 -64.55
N GLU LB 363 -90.51 -27.53 -63.71
CA GLU LB 363 -90.69 -26.23 -63.07
C GLU LB 363 -89.51 -25.87 -62.18
N GLU LB 364 -88.83 -26.86 -61.62
CA GLU LB 364 -87.73 -26.61 -60.69
C GLU LB 364 -86.53 -26.00 -61.37
N TYR LB 365 -86.36 -26.20 -62.69
CA TYR LB 365 -85.23 -25.66 -63.43
C TYR LB 365 -85.65 -24.93 -64.70
N GLN LB 366 -86.92 -24.53 -64.80
CA GLN LB 366 -87.41 -23.70 -65.89
C GLN LB 366 -87.97 -22.42 -65.29
N GLY LB 367 -87.23 -21.33 -65.43
CA GLY LB 367 -87.60 -20.06 -64.85
C GLY LB 367 -86.39 -19.34 -64.30
N GLY LB 368 -86.56 -18.67 -63.16
CA GLY LB 368 -85.46 -17.97 -62.55
C GLY LB 368 -85.17 -16.64 -63.22
N SER LB 369 -84.87 -15.62 -62.41
CA SER LB 369 -84.54 -14.31 -62.94
C SER LB 369 -83.04 -14.12 -63.11
N ILE LB 370 -82.24 -14.68 -62.20
CA ILE LB 370 -80.80 -14.52 -62.21
C ILE LB 370 -80.17 -15.89 -61.98
N SER LB 371 -78.92 -16.03 -62.40
CA SER LB 371 -78.23 -17.31 -62.39
C SER LB 371 -76.84 -17.15 -61.79
N ILE LB 372 -76.15 -18.28 -61.65
CA ILE LB 372 -74.81 -18.31 -61.06
C ILE LB 372 -74.18 -19.64 -61.40
N SER LB 373 -72.86 -19.64 -61.55
CA SER LB 373 -72.08 -20.85 -61.71
C SER LB 373 -70.86 -20.74 -60.79
N ASN LB 374 -70.45 -21.88 -60.25
CA ASN LB 374 -69.37 -21.94 -59.27
C ASN LB 374 -68.34 -22.97 -59.69
N MET LB 375 -67.06 -22.64 -59.43
CA MET LB 375 -65.95 -23.53 -59.73
C MET LB 375 -64.91 -23.50 -58.61
N GLY LB 376 -65.31 -23.16 -57.39
CA GLY LB 376 -64.35 -22.95 -56.32
C GLY LB 376 -63.58 -24.19 -55.92
N MET LB 377 -64.12 -25.38 -56.21
CA MET LB 377 -63.39 -26.60 -55.85
C MET LB 377 -62.12 -26.74 -56.68
N ASN LB 378 -62.10 -26.21 -57.89
CA ASN LB 378 -60.95 -26.31 -58.76
C ASN LB 378 -60.03 -25.12 -58.54
N PRO LB 379 -58.90 -25.26 -57.83
CA PRO LB 379 -58.13 -24.07 -57.43
C PRO LB 379 -57.41 -23.38 -58.57
N ALA LB 380 -57.32 -24.00 -59.74
CA ALA LB 380 -56.53 -23.41 -60.82
C ALA LB 380 -57.25 -22.26 -61.49
N VAL LB 381 -58.58 -22.27 -61.50
CA VAL LB 381 -59.37 -21.29 -62.24
C VAL LB 381 -59.34 -19.98 -61.44
N GLN LB 382 -58.55 -19.02 -61.91
CA GLN LB 382 -58.57 -17.70 -61.31
C GLN LB 382 -59.84 -16.95 -61.69
N SER LB 383 -60.29 -17.10 -62.93
CA SER LB 383 -61.48 -16.42 -63.40
C SER LB 383 -62.03 -17.13 -64.61
N PHE LB 384 -63.29 -16.85 -64.90
CA PHE LB 384 -63.91 -17.38 -66.11
C PHE LB 384 -65.21 -16.66 -66.34
N THR LB 385 -65.67 -16.74 -67.58
CA THR LB 385 -66.92 -16.17 -68.02
C THR LB 385 -67.95 -17.29 -68.19
N ALA LB 386 -69.20 -16.90 -68.33
CA ALA LB 386 -70.27 -17.83 -68.64
C ALA LB 386 -71.23 -17.16 -69.60
N ILE LB 387 -72.33 -17.84 -69.89
CA ILE LB 387 -73.30 -17.42 -70.90
C ILE LB 387 -74.66 -17.28 -70.24
N ILE LB 388 -75.40 -16.27 -70.67
CA ILE LB 388 -76.65 -15.90 -70.03
C ILE LB 388 -77.73 -16.88 -70.44
N ASN LB 389 -78.19 -17.68 -69.48
CA ASN LB 389 -79.30 -18.58 -69.71
C ASN LB 389 -80.58 -17.77 -69.93
N PRO LB 390 -81.16 -17.74 -71.13
CA PRO LB 390 -82.30 -16.86 -71.37
C PRO LB 390 -83.51 -17.35 -70.61
N PRO LB 391 -84.55 -16.51 -70.47
CA PRO LB 391 -84.66 -15.12 -70.94
C PRO LB 391 -84.07 -14.11 -69.95
N GLN LB 392 -83.23 -14.58 -69.04
CA GLN LB 392 -82.69 -13.73 -67.98
C GLN LB 392 -81.80 -12.63 -68.55
N ALA LB 393 -81.30 -11.76 -67.66
CA ALA LB 393 -80.57 -10.57 -68.05
C ALA LB 393 -79.11 -10.58 -67.61
N ALA LB 394 -78.76 -11.36 -66.60
CA ALA LB 394 -77.43 -11.32 -66.02
C ALA LB 394 -77.04 -12.69 -65.53
N ILE LB 395 -75.75 -12.88 -65.32
CA ILE LB 395 -75.24 -14.11 -64.74
C ILE LB 395 -73.91 -13.82 -64.09
N LEU LB 396 -73.61 -14.59 -63.05
CA LEU LB 396 -72.44 -14.42 -62.21
C LEU LB 396 -71.50 -15.60 -62.37
N ALA LB 397 -70.26 -15.40 -61.93
CA ALA LB 397 -69.26 -16.46 -61.93
C ALA LB 397 -68.23 -16.13 -60.87
N VAL LB 398 -67.84 -17.15 -60.11
CA VAL LB 398 -66.95 -16.99 -58.97
C VAL LB 398 -65.77 -17.92 -59.17
N GLY LB 399 -64.57 -17.36 -59.27
CA GLY LB 399 -63.38 -18.17 -59.39
C GLY LB 399 -62.98 -18.79 -58.07
N ALA LB 400 -61.73 -19.22 -58.01
CA ALA LB 400 -61.18 -19.81 -56.81
C ALA LB 400 -60.57 -18.74 -55.92
N PRO LB 401 -60.33 -19.07 -54.66
CA PRO LB 401 -59.57 -18.14 -53.80
C PRO LB 401 -58.08 -18.24 -54.06
N GLN LB 402 -57.39 -17.15 -53.75
CA GLN LB 402 -55.95 -17.06 -53.96
C GLN LB 402 -55.36 -16.16 -52.88
N LYS LB 403 -54.03 -16.21 -52.78
CA LYS LB 403 -53.28 -15.39 -51.85
C LYS LB 403 -52.74 -14.19 -52.60
N VAL LB 404 -52.90 -13.00 -52.02
CA VAL LB 404 -52.48 -11.76 -52.64
C VAL LB 404 -51.83 -10.88 -51.59
N ALA LB 405 -50.87 -10.07 -52.04
CA ALA LB 405 -50.24 -9.10 -51.18
C ALA LB 405 -51.14 -7.88 -51.04
N VAL LB 406 -51.19 -7.34 -49.82
CA VAL LB 406 -51.98 -6.14 -49.53
C VAL LB 406 -51.19 -5.30 -48.55
N PRO LB 407 -51.12 -3.97 -48.71
CA PRO LB 407 -50.43 -3.16 -47.72
C PRO LB 407 -51.19 -3.11 -46.41
N VAL LB 408 -50.46 -2.74 -45.37
CA VAL LB 408 -51.05 -2.56 -44.04
C VAL LB 408 -50.16 -1.61 -43.26
N GLU LB 409 -50.79 -0.77 -42.44
CA GLU LB 409 -50.08 0.16 -41.58
C GLU LB 409 -49.91 -0.45 -40.20
N ASN LB 410 -48.65 -0.71 -39.82
CA ASN LB 410 -48.36 -1.10 -38.46
C ASN LB 410 -48.63 0.06 -37.51
N GLU LB 411 -48.44 -0.19 -36.21
CA GLU LB 411 -48.67 0.84 -35.22
C GLU LB 411 -47.77 2.06 -35.42
N ASP LB 412 -46.63 1.90 -36.07
CA ASP LB 412 -45.77 3.02 -36.45
C ASP LB 412 -46.21 3.55 -37.81
N GLY LB 413 -45.40 4.44 -38.38
CA GLY LB 413 -45.74 5.05 -39.65
C GLY LB 413 -45.40 4.21 -40.87
N THR LB 414 -44.56 3.20 -40.70
CA THR LB 414 -44.15 2.37 -41.83
C THR LB 414 -45.28 1.42 -42.22
N THR LB 415 -45.34 1.12 -43.52
CA THR LB 415 -46.27 0.13 -44.03
C THR LB 415 -45.70 -1.27 -43.89
N GLY LB 416 -46.56 -2.26 -44.07
CA GLY LB 416 -46.16 -3.65 -43.99
C GLY LB 416 -46.95 -4.49 -44.98
N VAL LB 417 -46.61 -5.77 -45.02
CA VAL LB 417 -47.20 -6.72 -45.96
C VAL LB 417 -48.14 -7.62 -45.19
N SER LB 418 -49.38 -7.71 -45.68
CA SER LB 418 -50.39 -8.60 -45.13
C SER LB 418 -50.94 -9.47 -46.26
N TRP LB 419 -51.17 -10.74 -45.95
CA TRP LB 419 -51.62 -11.71 -46.92
C TRP LB 419 -53.12 -11.92 -46.74
N ASP LB 420 -53.89 -11.39 -47.68
CA ASP LB 420 -55.34 -11.51 -47.69
C ASP LB 420 -55.76 -12.54 -48.73
N GLU LB 421 -56.90 -13.18 -48.48
CA GLU LB 421 -57.44 -14.18 -49.39
C GLU LB 421 -58.45 -13.49 -50.31
N GLN LB 422 -58.12 -13.43 -51.60
CA GLN LB 422 -58.94 -12.77 -52.60
C GLN LB 422 -59.62 -13.78 -53.51
N ILE LB 423 -60.76 -13.36 -54.04
CA ILE LB 423 -61.49 -14.11 -55.06
C ILE LB 423 -61.83 -13.14 -56.19
N ILE LB 424 -61.70 -13.62 -57.41
CA ILE LB 424 -62.14 -12.89 -58.59
C ILE LB 424 -63.58 -13.27 -58.88
N VAL LB 425 -64.37 -12.27 -59.26
CA VAL LB 425 -65.77 -12.44 -59.61
C VAL LB 425 -65.97 -11.81 -60.97
N THR LB 426 -66.69 -12.51 -61.84
CA THR LB 426 -66.98 -12.05 -63.19
C THR LB 426 -68.48 -12.06 -63.39
N ALA LB 427 -69.01 -10.93 -63.86
CA ALA LB 427 -70.42 -10.77 -64.12
C ALA LB 427 -70.63 -10.45 -65.59
N SER LB 428 -71.45 -11.24 -66.25
CA SER LB 428 -71.84 -11.00 -67.63
C SER LB 428 -73.24 -10.42 -67.64
N PHE LB 429 -73.41 -9.30 -68.36
CA PHE LB 429 -74.69 -8.61 -68.43
C PHE LB 429 -75.16 -8.53 -69.87
N ASP LB 430 -76.48 -8.46 -70.04
CA ASP LB 430 -77.07 -8.08 -71.31
C ASP LB 430 -77.14 -6.57 -71.39
N HIS LB 431 -76.79 -6.02 -72.55
CA HIS LB 431 -76.68 -4.59 -72.72
C HIS LB 431 -77.99 -3.93 -73.10
N LYS LB 432 -78.99 -4.69 -73.54
CA LYS LB 432 -80.28 -4.08 -73.86
C LYS LB 432 -80.93 -3.50 -72.62
N VAL LB 433 -80.91 -4.25 -71.53
CA VAL LB 433 -81.56 -3.85 -70.29
C VAL LB 433 -80.62 -3.03 -69.43
N VAL LB 434 -79.45 -3.56 -69.15
CA VAL LB 434 -78.53 -3.00 -68.17
C VAL LB 434 -77.45 -2.20 -68.89
N ASP LB 435 -76.97 -1.16 -68.20
CA ASP LB 435 -75.85 -0.36 -68.66
C ASP LB 435 -74.68 -0.51 -67.70
N GLY LB 436 -73.54 0.04 -68.13
CA GLY LB 436 -72.32 -0.12 -67.36
C GLY LB 436 -72.41 0.47 -65.98
N ALA LB 437 -73.05 1.64 -65.85
CA ALA LB 437 -73.18 2.26 -64.54
C ALA LB 437 -74.02 1.39 -63.61
N VAL LB 438 -75.09 0.80 -64.14
CA VAL LB 438 -75.97 -0.02 -63.32
C VAL LB 438 -75.23 -1.27 -62.86
N GLY LB 439 -74.51 -1.91 -63.79
CA GLY LB 439 -73.72 -3.07 -63.41
C GLY LB 439 -72.68 -2.74 -62.36
N ALA LB 440 -72.04 -1.57 -62.51
CA ALA LB 440 -71.02 -1.17 -61.55
C ALA LB 440 -71.63 -0.94 -60.18
N GLU LB 441 -72.82 -0.33 -60.14
CA GLU LB 441 -73.49 -0.10 -58.87
C GLU LB 441 -73.84 -1.42 -58.19
N TRP LB 442 -74.35 -2.37 -58.97
CA TRP LB 442 -74.66 -3.68 -58.44
C TRP LB 442 -73.42 -4.35 -57.86
N ILE LB 443 -72.31 -4.30 -58.60
CA ILE LB 443 -71.08 -4.92 -58.13
C ILE LB 443 -70.56 -4.21 -56.89
N ARG LB 444 -70.72 -2.89 -56.83
CA ARG LB 444 -70.27 -2.15 -55.65
C ARG LB 444 -71.04 -2.58 -54.42
N GLU LB 445 -72.36 -2.70 -54.54
CA GLU LB 445 -73.16 -3.14 -53.40
C GLU LB 445 -72.78 -4.56 -52.98
N LEU LB 446 -72.52 -5.43 -53.95
CA LEU LB 446 -72.11 -6.79 -53.63
C LEU LB 446 -70.79 -6.80 -52.86
N LYS LB 447 -69.82 -6.03 -53.36
CA LYS LB 447 -68.52 -5.97 -52.70
C LYS LB 447 -68.66 -5.42 -51.29
N LYS LB 448 -69.47 -4.39 -51.12
CA LYS LB 448 -69.67 -3.80 -49.80
C LYS LB 448 -70.25 -4.82 -48.84
N VAL LB 449 -71.30 -5.52 -49.29
CA VAL LB 449 -71.97 -6.50 -48.43
C VAL LB 449 -71.01 -7.61 -48.04
N ILE LB 450 -70.20 -8.07 -48.99
CA ILE LB 450 -69.27 -9.15 -48.68
C ILE LB 450 -68.20 -8.68 -47.71
N GLU LB 451 -67.62 -7.51 -47.99
CA GLU LB 451 -66.51 -7.04 -47.17
C GLU LB 451 -66.95 -6.70 -45.77
N ASN LB 452 -68.22 -6.32 -45.60
CA ASN LB 452 -68.82 -6.13 -44.29
C ASN LB 452 -69.91 -7.18 -44.12
N PRO LB 453 -69.57 -8.41 -43.73
CA PRO LB 453 -70.60 -9.47 -43.70
C PRO LB 453 -71.73 -9.20 -42.74
N LEU LB 454 -71.52 -8.33 -41.75
CA LEU LB 454 -72.56 -8.04 -40.79
C LEU LB 454 -73.75 -7.34 -41.44
N GLU LB 455 -73.59 -6.78 -42.63
CA GLU LB 455 -74.69 -6.16 -43.34
C GLU LB 455 -75.62 -7.17 -43.98
N LEU LB 456 -75.27 -8.46 -43.97
CA LEU LB 456 -76.18 -9.49 -44.46
C LEU LB 456 -77.48 -9.49 -43.69
N LEU LB 457 -77.43 -9.10 -42.41
CA LEU LB 457 -78.65 -8.99 -41.62
C LEU LB 457 -79.62 -7.98 -42.22
N LEU LB 458 -79.09 -6.96 -42.88
CA LEU LB 458 -79.91 -5.89 -43.42
C LEU LB 458 -80.40 -6.22 -44.82
N TYR MB 227 -26.39 -90.17 -63.40
CA TYR MB 227 -27.29 -91.06 -62.66
C TYR MB 227 -28.72 -90.90 -63.16
N THR MB 228 -29.42 -89.88 -62.67
CA THR MB 228 -30.76 -89.62 -63.15
C THR MB 228 -30.71 -89.20 -64.61
N ASP MB 229 -31.70 -89.64 -65.39
CA ASP MB 229 -31.73 -89.43 -66.84
C ASP MB 229 -33.13 -88.97 -67.21
N VAL MB 230 -33.28 -87.66 -67.38
CA VAL MB 230 -34.58 -87.05 -67.69
C VAL MB 230 -34.62 -86.72 -69.17
N PRO MB 231 -35.61 -87.19 -69.93
CA PRO MB 231 -35.71 -86.77 -71.33
C PRO MB 231 -35.93 -85.27 -71.46
N ILE MB 232 -35.58 -84.74 -72.62
CA ILE MB 232 -35.66 -83.32 -72.88
C ILE MB 232 -37.09 -82.95 -73.21
N SER MB 233 -37.50 -81.75 -72.81
CA SER MB 233 -38.88 -81.31 -72.99
C SER MB 233 -39.27 -81.16 -74.45
N GLY MB 234 -38.31 -80.98 -75.35
CA GLY MB 234 -38.57 -80.72 -76.75
C GLY MB 234 -38.59 -79.23 -77.06
N MET MB 235 -39.11 -78.43 -76.13
CA MET MB 235 -39.10 -76.98 -76.32
C MET MB 235 -37.68 -76.44 -76.28
N ARG MB 236 -36.85 -76.98 -75.39
CA ARG MB 236 -35.46 -76.51 -75.29
C ARG MB 236 -34.68 -76.81 -76.56
N LYS MB 237 -35.10 -77.82 -77.34
CA LYS MB 237 -34.40 -78.17 -78.57
C LYS MB 237 -34.41 -76.99 -79.55
N THR MB 238 -35.57 -76.34 -79.68
CA THR MB 238 -35.69 -75.22 -80.59
C THR MB 238 -34.81 -74.06 -80.15
N ILE MB 239 -34.81 -73.77 -78.86
CA ILE MB 239 -33.99 -72.66 -78.36
C ILE MB 239 -32.52 -72.97 -78.53
N ALA MB 240 -32.13 -74.24 -78.34
CA ALA MB 240 -30.73 -74.63 -78.53
C ALA MB 240 -30.32 -74.45 -79.98
N ALA MB 241 -31.16 -74.91 -80.90
CA ALA MB 241 -30.88 -74.74 -82.32
C ALA MB 241 -30.79 -73.27 -82.69
N ARG MB 242 -31.65 -72.44 -82.11
CA ARG MB 242 -31.66 -71.02 -82.41
C ARG MB 242 -30.36 -70.37 -81.93
N LEU MB 243 -29.95 -70.66 -80.70
CA LEU MB 243 -28.72 -70.09 -80.17
C LEU MB 243 -27.51 -70.58 -80.95
N LYS MB 244 -27.52 -71.84 -81.37
CA LYS MB 244 -26.44 -72.38 -82.17
C LYS MB 244 -26.34 -71.64 -83.51
N GLU MB 245 -27.49 -71.43 -84.15
CA GLU MB 245 -27.51 -70.65 -85.38
C GLU MB 245 -26.96 -69.25 -85.14
N SER MB 246 -27.29 -68.66 -84.00
CA SER MB 246 -26.82 -67.32 -83.70
C SER MB 246 -25.30 -67.29 -83.61
N VAL MB 247 -24.72 -68.17 -82.79
CA VAL MB 247 -23.28 -68.12 -82.57
C VAL MB 247 -22.50 -68.58 -83.78
N THR MB 248 -23.09 -69.41 -84.64
CA THR MB 248 -22.35 -69.90 -85.81
C THR MB 248 -22.50 -68.98 -87.02
N GLU MB 249 -23.59 -68.21 -87.08
CA GLU MB 249 -23.80 -67.29 -88.21
C GLU MB 249 -23.20 -65.92 -87.92
N ASN MB 250 -23.33 -65.47 -86.67
CA ASN MB 250 -22.94 -64.12 -86.29
C ASN MB 250 -21.78 -64.20 -85.30
N PRO MB 251 -20.62 -63.63 -85.60
CA PRO MB 251 -19.62 -63.49 -84.56
C PRO MB 251 -20.07 -62.46 -83.54
N HIS MB 252 -19.41 -62.46 -82.39
CA HIS MB 252 -19.80 -61.62 -81.26
C HIS MB 252 -18.59 -60.90 -80.71
N PHE MB 253 -18.75 -59.59 -80.48
CA PHE MB 253 -17.80 -58.83 -79.69
C PHE MB 253 -18.56 -57.95 -78.71
N PHE MB 254 -17.95 -57.75 -77.54
CA PHE MB 254 -18.60 -57.18 -76.38
C PHE MB 254 -17.97 -55.85 -76.03
N VAL MB 255 -18.77 -54.97 -75.46
CA VAL MB 255 -18.33 -53.66 -75.00
C VAL MB 255 -18.88 -53.44 -73.61
N SER MB 256 -18.01 -53.04 -72.67
CA SER MB 256 -18.33 -52.98 -71.26
C SER MB 256 -18.02 -51.59 -70.74
N THR MB 257 -19.05 -50.92 -70.20
CA THR MB 257 -18.90 -49.56 -69.70
C THR MB 257 -19.54 -49.45 -68.33
N ASN MB 258 -19.34 -48.29 -67.71
CA ASN MB 258 -19.83 -47.99 -66.37
C ASN MB 258 -20.58 -46.68 -66.41
N LEU MB 259 -21.84 -46.71 -65.98
CA LEU MB 259 -22.70 -45.54 -65.95
C LEU MB 259 -22.81 -45.01 -64.53
N SER MB 260 -23.42 -43.83 -64.41
CA SER MB 260 -23.71 -43.19 -63.14
C SER MB 260 -25.20 -42.88 -63.09
N VAL MB 261 -25.85 -43.31 -62.00
CA VAL MB 261 -27.29 -43.25 -61.86
C VAL MB 261 -27.72 -42.51 -60.60
N SER MB 262 -26.79 -41.78 -59.96
CA SER MB 262 -27.13 -41.09 -58.73
C SER MB 262 -28.20 -40.03 -58.95
N LYS MB 263 -28.22 -39.43 -60.13
CA LYS MB 263 -29.27 -38.47 -60.48
C LYS MB 263 -30.52 -39.18 -60.94
N LEU MB 264 -30.35 -40.28 -61.68
CA LEU MB 264 -31.50 -41.03 -62.19
C LEU MB 264 -32.37 -41.54 -61.06
N LEU MB 265 -31.74 -42.02 -59.98
CA LEU MB 265 -32.51 -42.55 -58.87
C LEU MB 265 -33.27 -41.44 -58.15
N LYS MB 266 -32.66 -40.27 -58.01
CA LYS MB 266 -33.37 -39.13 -57.44
C LYS MB 266 -34.58 -38.76 -58.30
N LEU MB 267 -34.40 -38.76 -59.62
CA LEU MB 267 -35.51 -38.46 -60.52
C LEU MB 267 -36.63 -39.47 -60.36
N ARG MB 268 -36.27 -40.76 -60.29
CA ARG MB 268 -37.27 -41.81 -60.12
C ARG MB 268 -38.02 -41.65 -58.82
N GLN MB 269 -37.30 -41.36 -57.74
CA GLN MB 269 -37.93 -41.18 -56.44
C GLN MB 269 -38.88 -39.99 -56.46
N ALA MB 270 -38.46 -38.90 -57.09
CA ALA MB 270 -39.31 -37.71 -57.14
C ALA MB 270 -40.58 -37.98 -57.93
N LEU MB 271 -40.45 -38.64 -59.08
CA LEU MB 271 -41.63 -38.93 -59.88
C LEU MB 271 -42.55 -39.93 -59.19
N ASN MB 272 -41.99 -40.84 -58.39
CA ASN MB 272 -42.83 -41.77 -57.64
C ASN MB 272 -43.53 -41.06 -56.50
N SER MB 273 -42.88 -40.07 -55.89
CA SER MB 273 -43.50 -39.33 -54.80
C SER MB 273 -44.59 -38.39 -55.30
N SER MB 274 -44.39 -37.78 -56.47
CA SER MB 274 -45.37 -36.85 -57.03
C SER MB 274 -46.40 -37.62 -57.85
N ALA MB 275 -47.07 -38.56 -57.18
CA ALA MB 275 -48.06 -39.40 -57.82
C ALA MB 275 -49.02 -39.90 -56.75
N ASP MB 276 -50.19 -40.34 -57.20
CA ASP MB 276 -51.26 -40.83 -56.34
C ASP MB 276 -51.53 -42.29 -56.62
N GLY MB 277 -50.47 -43.09 -56.75
CA GLY MB 277 -50.61 -44.49 -57.07
C GLY MB 277 -51.07 -44.77 -58.48
N ARG MB 278 -50.99 -43.79 -59.37
CA ARG MB 278 -51.40 -44.00 -60.75
C ARG MB 278 -50.34 -44.75 -61.55
N TYR MB 279 -49.10 -44.77 -61.07
CA TYR MB 279 -48.04 -45.49 -61.76
C TYR MB 279 -46.92 -45.79 -60.78
N LYS MB 280 -45.96 -46.59 -61.22
CA LYS MB 280 -44.77 -46.90 -60.44
C LYS MB 280 -43.64 -47.20 -61.41
N LEU MB 281 -42.52 -46.52 -61.25
CA LEU MB 281 -41.42 -46.56 -62.20
C LEU MB 281 -40.27 -47.43 -61.71
N SER MB 282 -39.41 -47.79 -62.67
CA SER MB 282 -38.22 -48.58 -62.40
C SER MB 282 -37.07 -48.08 -63.26
N VAL MB 283 -35.94 -48.77 -63.22
CA VAL MB 283 -34.75 -48.35 -63.97
C VAL MB 283 -34.81 -48.85 -65.40
N ASN MB 284 -35.40 -50.04 -65.59
CA ASN MB 284 -35.47 -50.63 -66.93
C ASN MB 284 -36.22 -49.73 -67.89
N ASP MB 285 -37.20 -48.97 -67.39
CA ASP MB 285 -38.00 -48.12 -68.28
C ASP MB 285 -37.15 -46.97 -68.81
N PHE MB 286 -36.43 -46.28 -67.91
CA PHE MB 286 -35.49 -45.26 -68.34
C PHE MB 286 -34.48 -45.82 -69.33
N LEU MB 287 -34.00 -47.04 -69.06
CA LEU MB 287 -33.03 -47.65 -69.96
C LEU MB 287 -33.64 -47.89 -71.34
N ILE MB 288 -34.91 -48.29 -71.38
CA ILE MB 288 -35.54 -48.56 -72.66
C ILE MB 288 -35.71 -47.27 -73.46
N LYS MB 289 -36.14 -46.20 -72.78
CA LYS MB 289 -36.28 -44.92 -73.47
C LYS MB 289 -34.93 -44.44 -74.01
N ALA MB 290 -33.87 -44.59 -73.21
CA ALA MB 290 -32.56 -44.18 -73.66
C ALA MB 290 -32.09 -45.03 -74.83
N MET MB 291 -32.42 -46.32 -74.81
CA MET MB 291 -32.09 -47.19 -75.93
C MET MB 291 -32.74 -46.69 -77.21
N GLY MB 292 -34.01 -46.32 -77.12
CA GLY MB 292 -34.70 -45.79 -78.28
C GLY MB 292 -34.04 -44.52 -78.80
N ILE MB 293 -33.66 -43.63 -77.88
CA ILE MB 293 -33.04 -42.38 -78.27
C ILE MB 293 -31.72 -42.64 -79.00
N ALA MB 294 -30.90 -43.53 -78.44
CA ALA MB 294 -29.62 -43.83 -79.06
C ALA MB 294 -29.82 -44.51 -80.40
N SER MB 295 -30.80 -45.39 -80.50
CA SER MB 295 -31.07 -46.08 -81.75
C SER MB 295 -31.49 -45.10 -82.83
N LYS MB 296 -32.21 -44.04 -82.45
CA LYS MB 296 -32.59 -43.04 -83.43
C LYS MB 296 -31.41 -42.15 -83.82
N ARG MB 297 -30.54 -41.82 -82.86
CA ARG MB 297 -29.39 -40.99 -83.20
C ARG MB 297 -28.37 -41.74 -84.03
N VAL MB 298 -28.33 -43.06 -83.91
CA VAL MB 298 -27.40 -43.89 -84.68
C VAL MB 298 -28.19 -45.05 -85.27
N PRO MB 299 -28.79 -44.90 -86.46
CA PRO MB 299 -29.72 -45.91 -86.94
C PRO MB 299 -29.06 -47.21 -87.38
N THR MB 300 -27.74 -47.20 -87.59
CA THR MB 300 -27.07 -48.40 -88.10
C THR MB 300 -27.20 -49.57 -87.15
N VAL MB 301 -27.36 -49.31 -85.86
CA VAL MB 301 -27.56 -50.38 -84.90
C VAL MB 301 -28.93 -51.01 -85.10
N ASN MB 302 -29.96 -50.18 -85.28
CA ASN MB 302 -31.32 -50.66 -85.49
C ASN MB 302 -31.41 -51.19 -86.92
N SER MB 303 -30.89 -52.41 -87.10
CA SER MB 303 -30.76 -53.00 -88.42
C SER MB 303 -30.85 -54.52 -88.26
N SER MB 304 -30.56 -55.24 -89.35
CA SER MB 304 -30.58 -56.69 -89.33
C SER MB 304 -29.71 -57.19 -90.48
N TRP MB 305 -29.81 -58.49 -90.77
CA TRP MB 305 -29.08 -59.11 -91.86
C TRP MB 305 -30.03 -60.06 -92.57
N ARG MB 306 -30.21 -59.84 -93.87
CA ARG MB 306 -31.14 -60.63 -94.67
C ARG MB 306 -30.43 -61.13 -95.93
N ASP MB 307 -31.18 -61.72 -96.85
CA ASP MB 307 -30.59 -62.34 -98.02
C ASP MB 307 -29.97 -61.30 -98.94
N GLY MB 308 -28.67 -61.07 -98.79
CA GLY MB 308 -27.96 -60.14 -99.64
C GLY MB 308 -28.46 -58.71 -99.54
N VAL MB 309 -29.06 -58.34 -98.41
CA VAL MB 309 -29.64 -57.01 -98.26
C VAL MB 309 -29.72 -56.68 -96.77
N ILE MB 310 -29.56 -55.40 -96.47
CA ILE MB 310 -29.67 -54.88 -95.11
C ILE MB 310 -31.06 -54.26 -94.97
N ARG MB 311 -31.83 -54.75 -94.00
CA ARG MB 311 -33.11 -54.19 -93.65
C ARG MB 311 -32.92 -53.25 -92.47
N GLN MB 312 -33.26 -51.98 -92.69
CA GLN MB 312 -33.15 -50.94 -91.67
C GLN MB 312 -34.55 -50.41 -91.34
N PHE MB 313 -34.86 -50.39 -90.06
CA PHE MB 313 -36.14 -49.88 -89.59
C PHE MB 313 -36.02 -48.37 -89.34
N GLU MB 314 -37.13 -47.78 -88.88
CA GLU MB 314 -37.18 -46.40 -88.42
C GLU MB 314 -37.57 -46.32 -86.96
N THR MB 315 -38.62 -47.03 -86.57
CA THR MB 315 -39.02 -47.12 -85.18
C THR MB 315 -38.10 -48.07 -84.43
N VAL MB 316 -38.31 -48.16 -83.13
CA VAL MB 316 -37.50 -49.00 -82.25
C VAL MB 316 -38.45 -49.99 -81.57
N ASP MB 317 -38.30 -51.26 -81.92
CA ASP MB 317 -39.06 -52.34 -81.32
C ASP MB 317 -38.16 -53.07 -80.33
N VAL MB 318 -38.53 -53.04 -79.05
CA VAL MB 318 -37.66 -53.49 -77.98
C VAL MB 318 -38.17 -54.81 -77.44
N SER MB 319 -37.29 -55.80 -77.39
CA SER MB 319 -37.61 -57.12 -76.86
C SER MB 319 -37.09 -57.21 -75.44
N VAL MB 320 -38.01 -57.35 -74.48
CA VAL MB 320 -37.66 -57.42 -73.06
C VAL MB 320 -37.74 -58.87 -72.61
N ALA MB 321 -36.70 -59.32 -71.93
CA ALA MB 321 -36.64 -60.70 -71.45
C ALA MB 321 -37.42 -60.84 -70.15
N VAL MB 322 -38.07 -61.99 -69.99
CA VAL MB 322 -38.75 -62.36 -68.77
C VAL MB 322 -38.42 -63.81 -68.46
N ALA MB 323 -38.16 -64.08 -67.20
CA ALA MB 323 -37.73 -65.39 -66.73
C ALA MB 323 -38.93 -66.08 -66.07
N THR MB 324 -39.52 -67.01 -66.78
CA THR MB 324 -40.60 -67.83 -66.26
C THR MB 324 -40.06 -69.16 -65.75
N PRO MB 325 -40.83 -69.87 -64.92
CA PRO MB 325 -40.40 -71.23 -64.54
C PRO MB 325 -40.29 -72.17 -65.73
N ASN MB 326 -41.00 -71.90 -66.81
CA ASN MB 326 -40.87 -72.66 -68.04
C ASN MB 326 -39.59 -72.33 -68.80
N GLY MB 327 -38.97 -71.19 -68.52
CA GLY MB 327 -37.72 -70.81 -69.16
C GLY MB 327 -37.57 -69.32 -69.36
N LEU MB 328 -37.26 -68.92 -70.59
CA LEU MB 328 -37.08 -67.52 -70.95
C LEU MB 328 -38.05 -67.16 -72.06
N ILE MB 329 -38.49 -65.91 -72.07
CA ILE MB 329 -39.40 -65.42 -73.10
C ILE MB 329 -39.09 -63.95 -73.35
N THR MB 330 -39.45 -63.47 -74.54
CA THR MB 330 -39.11 -62.11 -74.98
C THR MB 330 -40.31 -61.41 -75.57
N PRO MB 331 -41.22 -60.89 -74.75
CA PRO MB 331 -42.25 -59.98 -75.27
C PRO MB 331 -41.62 -58.73 -75.85
N ILE MB 332 -42.45 -57.97 -76.57
CA ILE MB 332 -41.99 -56.84 -77.36
C ILE MB 332 -42.81 -55.61 -76.99
N VAL MB 333 -42.13 -54.47 -76.93
CA VAL MB 333 -42.76 -53.16 -76.84
C VAL MB 333 -42.56 -52.46 -78.18
N LYS MB 334 -43.60 -51.79 -78.65
CA LYS MB 334 -43.65 -51.19 -79.97
C LYS MB 334 -43.61 -49.67 -79.87
N GLY MB 335 -42.91 -49.04 -80.81
CA GLY MB 335 -42.87 -47.61 -80.91
C GLY MB 335 -42.41 -46.92 -79.65
N VAL MB 336 -41.22 -47.30 -79.19
CA VAL MB 336 -40.71 -46.80 -77.90
C VAL MB 336 -40.50 -45.29 -77.97
N GLU MB 337 -39.73 -44.85 -78.96
CA GLU MB 337 -39.41 -43.43 -79.07
C GLU MB 337 -40.70 -42.62 -79.22
N GLY MB 338 -40.92 -41.73 -78.26
CA GLY MB 338 -42.13 -40.94 -78.23
C GLY MB 338 -43.33 -41.77 -77.84
N LYS MB 339 -43.29 -42.37 -76.65
CA LYS MB 339 -44.40 -43.18 -76.13
C LYS MB 339 -44.79 -42.79 -74.71
N GLY MB 340 -43.83 -42.46 -73.87
CA GLY MB 340 -44.10 -42.12 -72.48
C GLY MB 340 -43.77 -43.22 -71.50
N LEU MB 341 -43.10 -42.84 -70.41
CA LEU MB 341 -42.62 -43.81 -69.44
C LEU MB 341 -43.78 -44.52 -68.74
N GLU MB 342 -44.89 -43.82 -68.53
CA GLU MB 342 -46.04 -44.45 -67.88
C GLU MB 342 -46.60 -45.56 -68.75
N SER MB 343 -46.84 -45.26 -70.03
CA SER MB 343 -47.33 -46.28 -70.95
C SER MB 343 -46.33 -47.43 -71.07
N ILE MB 344 -45.04 -47.12 -71.03
CA ILE MB 344 -44.02 -48.17 -71.11
C ILE MB 344 -44.13 -49.10 -69.91
N SER MB 345 -44.17 -48.53 -68.71
CA SER MB 345 -44.27 -49.35 -67.50
C SER MB 345 -45.55 -50.17 -67.50
N ALA MB 346 -46.64 -49.57 -67.97
CA ALA MB 346 -47.91 -50.30 -67.99
C ALA MB 346 -47.85 -51.48 -68.93
N ALA MB 347 -47.32 -51.26 -70.14
CA ALA MB 347 -47.20 -52.34 -71.10
C ALA MB 347 -46.28 -53.43 -70.60
N VAL MB 348 -45.19 -53.05 -69.93
CA VAL MB 348 -44.25 -54.04 -69.41
C VAL MB 348 -44.90 -54.87 -68.33
N LYS MB 349 -45.66 -54.23 -67.43
CA LYS MB 349 -46.33 -54.97 -66.38
C LYS MB 349 -47.35 -55.93 -66.96
N GLU MB 350 -48.13 -55.46 -67.93
CA GLU MB 350 -49.13 -56.31 -68.58
C GLU MB 350 -48.47 -57.51 -69.23
N LEU MB 351 -47.41 -57.27 -70.01
CA LEU MB 351 -46.76 -58.36 -70.73
C LEU MB 351 -46.08 -59.32 -69.78
N ALA MB 352 -45.49 -58.82 -68.69
CA ALA MB 352 -44.80 -59.69 -67.74
C ALA MB 352 -45.79 -60.59 -67.02
N LYS MB 353 -46.92 -60.03 -66.59
CA LYS MB 353 -47.92 -60.87 -65.94
C LYS MB 353 -48.55 -61.85 -66.93
N LYS MB 354 -48.77 -61.43 -68.17
CA LYS MB 354 -49.31 -62.33 -69.16
C LYS MB 354 -48.33 -63.45 -69.51
N ALA MB 355 -47.03 -63.18 -69.44
CA ALA MB 355 -46.04 -64.22 -69.67
C ALA MB 355 -45.95 -65.18 -68.49
N ARG MB 356 -46.05 -64.64 -67.28
CA ARG MB 356 -46.15 -65.51 -66.11
C ARG MB 356 -47.39 -66.39 -66.19
N ASP MB 357 -48.46 -65.89 -66.80
CA ASP MB 357 -49.67 -66.67 -66.95
C ASP MB 357 -49.64 -67.62 -68.16
N GLY MB 358 -48.81 -67.33 -69.16
CA GLY MB 358 -48.81 -68.11 -70.38
C GLY MB 358 -50.06 -67.84 -71.21
N LYS MB 359 -50.20 -66.60 -71.67
CA LYS MB 359 -51.41 -66.14 -72.35
C LYS MB 359 -51.07 -65.27 -73.55
N LEU MB 360 -49.89 -65.48 -74.14
CA LEU MB 360 -49.38 -64.60 -75.18
C LEU MB 360 -49.74 -65.12 -76.57
N LYS MB 361 -49.58 -64.22 -77.54
CA LYS MB 361 -49.65 -64.53 -78.96
C LYS MB 361 -48.24 -64.59 -79.54
N PRO MB 362 -48.05 -65.29 -80.66
CA PRO MB 362 -46.69 -65.37 -81.21
C PRO MB 362 -46.17 -64.04 -81.74
N GLU MB 363 -47.07 -63.20 -82.26
CA GLU MB 363 -46.64 -61.91 -82.81
C GLU MB 363 -46.06 -61.01 -81.73
N GLU MB 364 -46.48 -61.18 -80.48
CA GLU MB 364 -46.00 -60.34 -79.40
C GLU MB 364 -44.54 -60.59 -79.07
N TYR MB 365 -43.99 -61.75 -79.42
CA TYR MB 365 -42.61 -62.09 -79.13
C TYR MB 365 -41.88 -62.66 -80.34
N GLN MB 366 -42.39 -62.42 -81.55
CA GLN MB 366 -41.71 -62.79 -82.78
C GLN MB 366 -41.50 -61.54 -83.62
N GLY MB 367 -40.28 -61.00 -83.56
CA GLY MB 367 -39.94 -59.76 -84.23
C GLY MB 367 -38.91 -58.98 -83.46
N GLY MB 368 -39.06 -57.66 -83.42
CA GLY MB 368 -38.16 -56.84 -82.64
C GLY MB 368 -36.82 -56.62 -83.32
N SER MB 369 -36.30 -55.40 -83.23
CA SER MB 369 -35.00 -55.08 -83.78
C SER MB 369 -33.89 -55.18 -82.75
N ILE MB 370 -34.17 -54.85 -81.50
CA ILE MB 370 -33.18 -54.83 -80.43
C ILE MB 370 -33.77 -55.50 -79.21
N SER MB 371 -32.89 -56.02 -78.35
CA SER MB 371 -33.27 -56.80 -77.20
C SER MB 371 -32.54 -56.31 -75.95
N ILE MB 372 -32.97 -56.82 -74.81
CA ILE MB 372 -32.41 -56.44 -73.52
C ILE MB 372 -32.70 -57.55 -72.52
N SER MB 373 -31.81 -57.71 -71.56
CA SER MB 373 -32.02 -58.59 -70.43
C SER MB 373 -31.57 -57.85 -69.17
N ASN MB 374 -32.30 -58.08 -68.09
CA ASN MB 374 -32.07 -57.38 -66.83
C ASN MB 374 -31.91 -58.39 -65.70
N MET MB 375 -30.99 -58.08 -64.79
CA MET MB 375 -30.73 -58.90 -63.62
C MET MB 375 -30.52 -58.05 -62.38
N GLY MB 376 -31.10 -56.85 -62.33
CA GLY MB 376 -30.81 -55.92 -61.26
C GLY MB 376 -31.31 -56.38 -59.91
N MET MB 377 -32.32 -57.24 -59.87
CA MET MB 377 -32.83 -57.70 -58.58
C MET MB 377 -31.77 -58.52 -57.83
N ASN MB 378 -30.89 -59.19 -58.55
CA ASN MB 378 -29.85 -60.00 -57.94
C ASN MB 378 -28.61 -59.15 -57.73
N PRO MB 379 -28.27 -58.74 -56.51
CA PRO MB 379 -27.19 -57.77 -56.33
C PRO MB 379 -25.78 -58.34 -56.54
N ALA MB 380 -25.63 -59.65 -56.58
CA ALA MB 380 -24.30 -60.23 -56.68
C ALA MB 380 -23.69 -60.02 -58.06
N VAL MB 381 -24.51 -59.93 -59.09
CA VAL MB 381 -24.03 -59.88 -60.47
C VAL MB 381 -23.49 -58.48 -60.73
N GLN MB 382 -22.18 -58.39 -60.97
CA GLN MB 382 -21.60 -57.11 -61.39
C GLN MB 382 -21.76 -56.92 -62.89
N SER MB 383 -21.57 -57.98 -63.67
CA SER MB 383 -21.70 -57.88 -65.11
C SER MB 383 -21.99 -59.26 -65.67
N PHE MB 384 -22.49 -59.27 -66.89
CA PHE MB 384 -22.74 -60.52 -67.60
C PHE MB 384 -23.04 -60.21 -69.05
N THR MB 385 -22.78 -61.19 -69.88
CA THR MB 385 -23.02 -61.13 -71.30
C THR MB 385 -24.30 -61.91 -71.61
N ALA MB 386 -24.79 -61.75 -72.84
CA ALA MB 386 -25.92 -62.52 -73.33
C ALA MB 386 -25.64 -62.92 -74.78
N ILE MB 387 -26.68 -63.45 -75.43
CA ILE MB 387 -26.59 -63.96 -76.79
C ILE MB 387 -27.64 -63.26 -77.62
N ILE MB 388 -27.28 -62.97 -78.87
CA ILE MB 388 -28.12 -62.14 -79.73
C ILE MB 388 -29.27 -62.98 -80.25
N ASN MB 389 -30.48 -62.61 -79.87
CA ASN MB 389 -31.67 -63.27 -80.39
C ASN MB 389 -31.83 -62.91 -81.87
N PRO MB 390 -31.63 -63.84 -82.80
CA PRO MB 390 -31.67 -63.46 -84.20
C PRO MB 390 -33.08 -63.09 -84.63
N PRO MB 391 -33.23 -62.44 -85.79
CA PRO MB 391 -32.20 -61.99 -86.74
C PRO MB 391 -31.64 -60.62 -86.38
N GLN MB 392 -31.76 -60.22 -85.12
CA GLN MB 392 -31.33 -58.89 -84.69
C GLN MB 392 -29.82 -58.74 -84.76
N ALA MB 393 -29.31 -57.57 -84.39
CA ALA MB 393 -27.91 -57.22 -84.54
C ALA MB 393 -27.21 -56.88 -83.24
N ALA MB 394 -27.95 -56.56 -82.19
CA ALA MB 394 -27.34 -56.12 -80.95
C ALA MB 394 -28.21 -56.54 -79.77
N ILE MB 395 -27.59 -56.58 -78.60
CA ILE MB 395 -28.32 -56.88 -77.37
C ILE MB 395 -27.58 -56.23 -76.21
N LEU MB 396 -28.36 -55.85 -75.20
CA LEU MB 396 -27.88 -55.15 -74.03
C LEU MB 396 -27.96 -56.04 -72.80
N ALA MB 397 -27.24 -55.64 -71.76
CA ALA MB 397 -27.27 -56.34 -70.48
C ALA MB 397 -26.88 -55.36 -69.39
N VAL MB 398 -27.67 -55.31 -68.33
CA VAL MB 398 -27.52 -54.34 -67.26
C VAL MB 398 -27.28 -55.09 -65.96
N GLY MB 399 -26.09 -54.89 -65.38
CA GLY MB 399 -25.79 -55.48 -64.10
C GLY MB 399 -26.49 -54.77 -62.96
N ALA MB 400 -26.00 -55.04 -61.76
CA ALA MB 400 -26.58 -54.46 -60.57
C ALA MB 400 -25.91 -53.15 -60.23
N PRO MB 401 -26.50 -52.34 -59.34
CA PRO MB 401 -25.83 -51.15 -58.85
C PRO MB 401 -24.84 -51.49 -57.74
N GLN MB 402 -23.83 -50.64 -57.62
CA GLN MB 402 -22.76 -50.83 -56.65
C GLN MB 402 -22.26 -49.47 -56.21
N LYS MB 403 -21.44 -49.48 -55.16
CA LYS MB 403 -20.83 -48.27 -54.61
C LYS MB 403 -19.39 -48.22 -55.06
N VAL MB 404 -18.98 -47.09 -55.61
CA VAL MB 404 -17.63 -46.89 -56.12
C VAL MB 404 -17.11 -45.56 -55.62
N ALA MB 405 -15.80 -45.49 -55.43
CA ALA MB 405 -15.15 -44.25 -55.04
C ALA MB 405 -14.95 -43.38 -56.27
N VAL MB 406 -15.16 -42.07 -56.10
CA VAL MB 406 -15.02 -41.09 -57.16
C VAL MB 406 -14.37 -39.84 -56.57
N PRO MB 407 -13.43 -39.20 -57.24
CA PRO MB 407 -12.88 -37.95 -56.70
C PRO MB 407 -13.89 -36.81 -56.77
N VAL MB 408 -13.65 -35.80 -55.94
CA VAL MB 408 -14.47 -34.60 -55.93
C VAL MB 408 -13.63 -33.46 -55.38
N GLU MB 409 -13.85 -32.26 -55.91
CA GLU MB 409 -13.15 -31.06 -55.47
C GLU MB 409 -14.04 -30.29 -54.53
N ASN MB 410 -13.60 -30.19 -53.27
CA ASN MB 410 -14.28 -29.32 -52.33
C ASN MB 410 -14.02 -27.86 -52.70
N GLU MB 411 -14.65 -26.95 -51.95
CA GLU MB 411 -14.52 -25.53 -52.22
C GLU MB 411 -13.07 -25.04 -52.21
N ASP MB 412 -12.19 -25.72 -51.48
CA ASP MB 412 -10.78 -25.39 -51.45
C ASP MB 412 -10.05 -26.10 -52.59
N GLY MB 413 -8.72 -26.05 -52.56
CA GLY MB 413 -7.92 -26.66 -53.61
C GLY MB 413 -7.71 -28.15 -53.46
N THR MB 414 -8.19 -28.76 -52.37
CA THR MB 414 -8.00 -30.18 -52.15
C THR MB 414 -9.11 -30.99 -52.79
N THR MB 415 -8.79 -32.23 -53.13
CA THR MB 415 -9.77 -33.19 -53.60
C THR MB 415 -10.36 -33.95 -52.41
N GLY MB 416 -11.44 -34.68 -52.68
CA GLY MB 416 -12.10 -35.46 -51.66
C GLY MB 416 -12.70 -36.72 -52.25
N VAL MB 417 -13.29 -37.53 -51.37
CA VAL MB 417 -13.88 -38.81 -51.74
C VAL MB 417 -15.39 -38.65 -51.69
N SER MB 418 -16.04 -38.90 -52.82
CA SER MB 418 -17.48 -38.92 -52.93
C SER MB 418 -17.93 -40.28 -53.42
N TRP MB 419 -18.97 -40.82 -52.80
CA TRP MB 419 -19.49 -42.13 -53.11
C TRP MB 419 -20.61 -41.99 -54.14
N ASP MB 420 -20.39 -42.54 -55.32
CA ASP MB 420 -21.35 -42.54 -56.41
C ASP MB 420 -21.89 -43.94 -56.63
N GLU MB 421 -23.11 -44.02 -57.14
CA GLU MB 421 -23.75 -45.29 -57.44
C GLU MB 421 -23.58 -45.58 -58.92
N GLN MB 422 -22.82 -46.63 -59.23
CA GLN MB 422 -22.50 -47.01 -60.60
C GLN MB 422 -23.19 -48.30 -60.99
N ILE MB 423 -23.34 -48.48 -62.30
CA ILE MB 423 -23.84 -49.70 -62.89
C ILE MB 423 -22.95 -50.06 -64.06
N ILE MB 424 -22.66 -51.33 -64.20
CA ILE MB 424 -21.94 -51.85 -65.36
C ILE MB 424 -22.96 -52.26 -66.41
N VAL MB 425 -22.63 -51.97 -67.66
CA VAL MB 425 -23.46 -52.26 -68.80
C VAL MB 425 -22.61 -52.98 -69.84
N THR MB 426 -23.15 -54.05 -70.41
CA THR MB 426 -22.46 -54.86 -71.38
C THR MB 426 -23.33 -54.99 -72.62
N ALA MB 427 -22.77 -54.63 -73.76
CA ALA MB 427 -23.46 -54.69 -75.05
C ALA MB 427 -22.72 -55.64 -75.98
N SER MB 428 -23.44 -56.60 -76.52
CA SER MB 428 -22.90 -57.52 -77.52
C SER MB 428 -23.42 -57.13 -78.89
N PHE MB 429 -22.52 -57.05 -79.87
CA PHE MB 429 -22.86 -56.64 -81.22
C PHE MB 429 -22.47 -57.72 -82.21
N ASP MB 430 -23.19 -57.75 -83.33
CA ASP MB 430 -22.79 -58.54 -84.48
C ASP MB 430 -21.86 -57.72 -85.35
N HIS MB 431 -20.75 -58.33 -85.75
CA HIS MB 431 -19.68 -57.60 -86.41
C HIS MB 431 -19.89 -57.46 -87.91
N LYS MB 432 -20.81 -58.23 -88.50
CA LYS MB 432 -21.10 -58.05 -89.92
C LYS MB 432 -21.67 -56.67 -90.19
N VAL MB 433 -22.63 -56.24 -89.38
CA VAL MB 433 -23.31 -54.98 -89.55
C VAL MB 433 -22.54 -53.84 -88.90
N VAL MB 434 -22.23 -54.00 -87.63
CA VAL MB 434 -21.73 -52.93 -86.80
C VAL MB 434 -20.23 -53.09 -86.60
N ASP MB 435 -19.55 -51.96 -86.43
CA ASP MB 435 -18.13 -51.90 -86.12
C ASP MB 435 -17.92 -51.29 -84.74
N GLY MB 436 -16.67 -51.37 -84.29
CA GLY MB 436 -16.35 -50.92 -82.95
C GLY MB 436 -16.62 -49.45 -82.76
N ALA MB 437 -16.29 -48.63 -83.75
CA ALA MB 437 -16.53 -47.20 -83.65
C ALA MB 437 -18.01 -46.89 -83.51
N VAL MB 438 -18.84 -47.59 -84.29
CA VAL MB 438 -20.27 -47.35 -84.25
C VAL MB 438 -20.84 -47.76 -82.90
N GLY MB 439 -20.42 -48.92 -82.40
CA GLY MB 439 -20.87 -49.36 -81.10
C GLY MB 439 -20.44 -48.41 -80.00
N ALA MB 440 -19.22 -47.89 -80.10
CA ALA MB 440 -18.74 -46.95 -79.11
C ALA MB 440 -19.54 -45.66 -79.15
N GLU MB 441 -19.91 -45.22 -80.35
CA GLU MB 441 -20.72 -44.01 -80.48
C GLU MB 441 -22.08 -44.20 -79.84
N TRP MB 442 -22.71 -45.35 -80.10
CA TRP MB 442 -23.99 -45.67 -79.49
C TRP MB 442 -23.88 -45.67 -77.97
N ILE MB 443 -22.83 -46.29 -77.44
CA ILE MB 443 -22.66 -46.36 -76.00
C ILE MB 443 -22.41 -44.98 -75.43
N ARG MB 444 -21.66 -44.13 -76.14
CA ARG MB 444 -21.41 -42.78 -75.66
C ARG MB 444 -22.71 -42.00 -75.56
N GLU MB 445 -23.56 -42.13 -76.58
CA GLU MB 445 -24.84 -41.43 -76.54
C GLU MB 445 -25.69 -41.92 -75.39
N LEU MB 446 -25.69 -43.24 -75.14
CA LEU MB 446 -26.46 -43.78 -74.03
C LEU MB 446 -25.94 -43.24 -72.70
N LYS MB 447 -24.62 -43.22 -72.53
CA LYS MB 447 -24.04 -42.71 -71.30
C LYS MB 447 -24.38 -41.25 -71.10
N LYS MB 448 -24.30 -40.46 -72.16
CA LYS MB 448 -24.63 -39.04 -72.06
C LYS MB 448 -26.07 -38.85 -71.64
N VAL MB 449 -26.99 -39.61 -72.27
CA VAL MB 449 -28.40 -39.46 -71.97
C VAL MB 449 -28.70 -39.85 -70.53
N ILE MB 450 -28.07 -40.91 -70.04
CA ILE MB 450 -28.32 -41.34 -68.67
C ILE MB 450 -27.74 -40.33 -67.70
N GLU MB 451 -26.50 -39.91 -67.94
CA GLU MB 451 -25.83 -39.02 -67.00
C GLU MB 451 -26.51 -37.66 -66.95
N ASN MB 452 -27.15 -37.25 -68.06
CA ASN MB 452 -27.99 -36.06 -68.10
C ASN MB 452 -29.42 -36.51 -68.32
N PRO MB 453 -30.16 -36.91 -67.29
CA PRO MB 453 -31.50 -37.46 -67.52
C PRO MB 453 -32.46 -36.49 -68.17
N LEU MB 454 -32.19 -35.19 -68.07
CA LEU MB 454 -33.10 -34.19 -68.61
C LEU MB 454 -33.19 -34.26 -70.13
N GLU MB 455 -32.16 -34.81 -70.79
CA GLU MB 455 -32.21 -34.94 -72.24
C GLU MB 455 -33.10 -36.08 -72.71
N LEU MB 456 -33.70 -36.84 -71.79
CA LEU MB 456 -34.74 -37.79 -72.18
C LEU MB 456 -35.89 -37.09 -72.89
N LEU MB 457 -36.14 -35.83 -72.54
CA LEU MB 457 -37.18 -35.05 -73.21
C LEU MB 457 -36.86 -34.87 -74.68
N LEU MB 458 -35.58 -34.78 -75.03
CA LEU MB 458 -35.17 -34.56 -76.41
C LEU MB 458 -35.10 -35.89 -77.16
N TYR NB 227 -47.31 -102.95 -1.94
CA TYR NB 227 -48.76 -102.79 -1.99
C TYR NB 227 -49.27 -103.04 -3.40
N THR NB 228 -49.25 -102.01 -4.25
CA THR NB 228 -49.72 -102.17 -5.62
C THR NB 228 -48.78 -103.11 -6.37
N ASP NB 229 -49.36 -103.94 -7.24
CA ASP NB 229 -48.63 -104.99 -7.95
C ASP NB 229 -49.06 -104.94 -9.41
N VAL NB 230 -48.27 -104.25 -10.23
CA VAL NB 230 -48.56 -104.08 -11.65
C VAL NB 230 -47.75 -105.11 -12.43
N PRO NB 231 -48.38 -105.93 -13.29
CA PRO NB 231 -47.58 -106.82 -14.15
C PRO NB 231 -46.69 -106.03 -15.10
N ILE NB 232 -45.64 -106.70 -15.54
CA ILE NB 232 -44.64 -106.07 -16.38
C ILE NB 232 -45.13 -106.07 -17.83
N SER NB 233 -44.75 -105.01 -18.56
CA SER NB 233 -45.24 -104.84 -19.92
C SER NB 233 -44.75 -105.92 -20.88
N GLY NB 234 -43.64 -106.59 -20.55
CA GLY NB 234 -43.02 -107.57 -21.43
C GLY NB 234 -41.93 -106.95 -22.28
N MET NB 235 -42.15 -105.72 -22.74
CA MET NB 235 -41.12 -105.02 -23.50
C MET NB 235 -39.90 -104.73 -22.62
N ARG NB 236 -40.14 -104.40 -21.35
CA ARG NB 236 -39.02 -104.10 -20.45
C ARG NB 236 -38.17 -105.34 -20.20
N LYS NB 237 -38.74 -106.54 -20.36
CA LYS NB 237 -37.97 -107.76 -20.15
C LYS NB 237 -36.80 -107.83 -21.12
N THR NB 238 -37.06 -107.53 -22.39
CA THR NB 238 -36.00 -107.60 -23.40
C THR NB 238 -34.90 -106.59 -23.10
N ILE NB 239 -35.28 -105.37 -22.75
CA ILE NB 239 -34.30 -104.33 -22.46
C ILE NB 239 -33.48 -104.69 -21.23
N ALA NB 240 -34.13 -105.30 -20.24
CA ALA NB 240 -33.41 -105.72 -19.04
C ALA NB 240 -32.40 -106.81 -19.36
N ALA NB 241 -32.82 -107.79 -20.15
CA ALA NB 241 -31.91 -108.86 -20.54
C ALA NB 241 -30.75 -108.32 -21.36
N ARG NB 242 -31.03 -107.33 -22.22
CA ARG NB 242 -29.99 -106.72 -23.03
C ARG NB 242 -28.95 -106.01 -22.17
N LEU NB 243 -29.43 -105.18 -21.23
CA LEU NB 243 -28.51 -104.48 -20.34
C LEU NB 243 -27.73 -105.45 -19.47
N LYS NB 244 -28.36 -106.54 -19.06
CA LYS NB 244 -27.67 -107.54 -18.25
C LYS NB 244 -26.55 -108.19 -19.05
N GLU NB 245 -26.86 -108.59 -20.29
CA GLU NB 245 -25.81 -109.12 -21.17
C GLU NB 245 -24.70 -108.11 -21.34
N SER NB 246 -25.04 -106.83 -21.44
CA SER NB 246 -24.01 -105.81 -21.63
C SER NB 246 -23.07 -105.76 -20.44
N VAL NB 247 -23.62 -105.61 -19.23
CA VAL NB 247 -22.76 -105.45 -18.07
C VAL NB 247 -22.01 -106.73 -17.72
N THR NB 248 -22.58 -107.89 -18.04
CA THR NB 248 -21.92 -109.15 -17.68
C THR NB 248 -20.89 -109.58 -18.72
N GLU NB 249 -21.05 -109.15 -19.98
CA GLU NB 249 -20.11 -109.53 -21.02
C GLU NB 249 -18.98 -108.51 -21.15
N ASN NB 250 -19.32 -107.22 -21.09
CA ASN NB 250 -18.38 -106.15 -21.35
C ASN NB 250 -18.10 -105.40 -20.05
N PRO NB 251 -16.85 -105.34 -19.57
CA PRO NB 251 -16.58 -104.50 -18.41
C PRO NB 251 -16.62 -103.03 -18.83
N HIS NB 252 -16.90 -102.18 -17.85
CA HIS NB 252 -17.11 -100.76 -18.07
C HIS NB 252 -16.13 -99.96 -17.23
N PHE NB 253 -15.39 -99.07 -17.89
CA PHE NB 253 -14.63 -98.04 -17.19
C PHE NB 253 -14.98 -96.68 -17.79
N PHE NB 254 -14.97 -95.69 -16.91
CA PHE NB 254 -15.53 -94.37 -17.19
C PHE NB 254 -14.43 -93.34 -17.24
N VAL NB 255 -14.58 -92.37 -18.13
CA VAL NB 255 -13.69 -91.23 -18.26
C VAL NB 255 -14.54 -89.98 -18.18
N SER NB 256 -14.02 -88.94 -17.53
CA SER NB 256 -14.79 -87.76 -17.21
C SER NB 256 -13.92 -86.53 -17.43
N THR NB 257 -14.40 -85.62 -18.28
CA THR NB 257 -13.65 -84.43 -18.62
C THR NB 257 -14.58 -83.22 -18.62
N ASN NB 258 -13.97 -82.06 -18.80
CA ASN NB 258 -14.66 -80.77 -18.78
C ASN NB 258 -14.29 -79.99 -20.02
N LEU NB 259 -15.31 -79.59 -20.78
CA LEU NB 259 -15.12 -78.82 -22.00
C LEU NB 259 -15.47 -77.35 -21.76
N SER NB 260 -15.17 -76.54 -22.75
CA SER NB 260 -15.49 -75.11 -22.74
C SER NB 260 -16.25 -74.79 -24.02
N VAL NB 261 -17.40 -74.13 -23.87
CA VAL NB 261 -18.35 -73.94 -24.96
C VAL NB 261 -18.73 -72.48 -25.15
N SER NB 262 -17.98 -71.56 -24.54
CA SER NB 262 -18.30 -70.14 -24.66
C SER NB 262 -18.18 -69.68 -26.10
N LYS NB 263 -17.26 -70.26 -26.86
CA LYS NB 263 -17.12 -69.92 -28.27
C LYS NB 263 -18.15 -70.67 -29.12
N LEU NB 264 -18.44 -71.91 -28.74
CA LEU NB 264 -19.41 -72.71 -29.47
C LEU NB 264 -20.79 -72.05 -29.45
N LEU NB 265 -21.19 -71.53 -28.29
CA LEU NB 265 -22.51 -70.90 -28.19
C LEU NB 265 -22.56 -69.64 -29.04
N LYS NB 266 -21.48 -68.88 -29.08
CA LYS NB 266 -21.43 -67.72 -29.96
C LYS NB 266 -21.58 -68.13 -31.41
N LEU NB 267 -20.90 -69.20 -31.80
CA LEU NB 267 -20.99 -69.68 -33.17
C LEU NB 267 -22.42 -70.10 -33.50
N ARG NB 268 -23.07 -70.80 -32.57
CA ARG NB 268 -24.43 -71.26 -32.79
C ARG NB 268 -25.38 -70.09 -32.92
N GLN NB 269 -25.22 -69.09 -32.05
CA GLN NB 269 -26.09 -67.91 -32.10
C GLN NB 269 -25.91 -67.16 -33.40
N ALA NB 270 -24.66 -67.03 -33.86
CA ALA NB 270 -24.41 -66.32 -35.11
C ALA NB 270 -25.01 -67.05 -36.29
N LEU NB 271 -24.85 -68.38 -36.35
CA LEU NB 271 -25.44 -69.13 -37.44
C LEU NB 271 -26.96 -69.11 -37.38
N ASN NB 272 -27.55 -69.07 -36.19
CA ASN NB 272 -29.00 -68.99 -36.08
C ASN NB 272 -29.50 -67.63 -36.51
N SER NB 273 -28.73 -66.57 -36.25
CA SER NB 273 -29.14 -65.24 -36.64
C SER NB 273 -28.98 -65.01 -38.13
N SER NB 274 -27.96 -65.59 -38.75
CA SER NB 274 -27.73 -65.45 -40.19
C SER NB 274 -28.52 -66.50 -40.97
N ALA NB 275 -29.83 -66.49 -40.75
CA ALA NB 275 -30.73 -67.44 -41.38
C ALA NB 275 -32.10 -66.82 -41.50
N ASP NB 276 -32.96 -67.49 -42.27
CA ASP NB 276 -34.32 -67.05 -42.52
C ASP NB 276 -35.31 -68.13 -42.13
N GLY NB 277 -35.10 -68.74 -40.96
CA GLY NB 277 -35.94 -69.84 -40.52
C GLY NB 277 -35.75 -71.12 -41.29
N ARG NB 278 -34.72 -71.19 -42.13
CA ARG NB 278 -34.48 -72.39 -42.92
C ARG NB 278 -33.95 -73.54 -42.06
N TYR NB 279 -33.45 -73.25 -40.86
CA TYR NB 279 -32.89 -74.27 -40.00
C TYR NB 279 -32.79 -73.72 -38.57
N LYS NB 280 -32.46 -74.61 -37.65
CA LYS NB 280 -32.25 -74.24 -36.25
C LYS NB 280 -31.35 -75.28 -35.62
N LEU NB 281 -30.27 -74.82 -34.99
CA LEU NB 281 -29.22 -75.70 -34.51
C LEU NB 281 -29.28 -75.88 -33.00
N SER NB 282 -28.56 -76.90 -32.53
CA SER NB 282 -28.42 -77.19 -31.12
C SER NB 282 -26.99 -77.61 -30.79
N VAL NB 283 -26.73 -77.92 -29.53
CA VAL NB 283 -25.41 -78.36 -29.12
C VAL NB 283 -25.17 -79.81 -29.54
N ASN NB 284 -26.24 -80.60 -29.57
CA ASN NB 284 -26.12 -82.02 -29.87
C ASN NB 284 -25.54 -82.24 -31.26
N ASP NB 285 -25.87 -81.37 -32.22
CA ASP NB 285 -25.39 -81.55 -33.59
C ASP NB 285 -23.88 -81.30 -33.66
N PHE NB 286 -23.42 -80.21 -33.06
CA PHE NB 286 -21.98 -79.96 -32.96
C PHE NB 286 -21.28 -81.14 -32.32
N LEU NB 287 -21.85 -81.67 -31.24
CA LEU NB 287 -21.23 -82.79 -30.55
C LEU NB 287 -21.17 -84.02 -31.45
N ILE NB 288 -22.20 -84.23 -32.26
CA ILE NB 288 -22.23 -85.41 -33.13
C ILE NB 288 -21.17 -85.28 -34.21
N LYS NB 289 -21.04 -84.10 -34.81
CA LYS NB 289 -19.98 -83.87 -35.79
C LYS NB 289 -18.61 -84.11 -35.17
N ALA NB 290 -18.42 -83.62 -33.95
CA ALA NB 290 -17.14 -83.81 -33.27
C ALA NB 290 -16.89 -85.28 -33.00
N MET NB 291 -17.93 -86.02 -32.64
CA MET NB 291 -17.80 -87.46 -32.43
C MET NB 291 -17.33 -88.14 -33.70
N GLY NB 292 -17.91 -87.77 -34.83
CA GLY NB 292 -17.49 -88.35 -36.09
C GLY NB 292 -16.05 -88.05 -36.40
N ILE NB 293 -15.62 -86.81 -36.16
CA ILE NB 293 -14.25 -86.42 -36.44
C ILE NB 293 -13.29 -87.22 -35.57
N ALA NB 294 -13.60 -87.34 -34.29
CA ALA NB 294 -12.73 -88.08 -33.39
C ALA NB 294 -12.68 -89.55 -33.76
N SER NB 295 -13.83 -90.12 -34.14
CA SER NB 295 -13.87 -91.52 -34.52
C SER NB 295 -13.05 -91.78 -35.77
N LYS NB 296 -13.00 -90.81 -36.69
CA LYS NB 296 -12.19 -90.99 -37.89
C LYS NB 296 -10.70 -90.81 -37.58
N ARG NB 297 -10.36 -89.92 -36.65
CA ARG NB 297 -8.96 -89.74 -36.30
C ARG NB 297 -8.42 -90.91 -35.48
N VAL NB 298 -9.30 -91.60 -34.75
CA VAL NB 298 -8.91 -92.75 -33.94
C VAL NB 298 -9.89 -93.89 -34.24
N PRO NB 299 -9.65 -94.70 -35.27
CA PRO NB 299 -10.68 -95.64 -35.71
C PRO NB 299 -10.92 -96.80 -34.76
N THR NB 300 -10.02 -97.06 -33.82
CA THR NB 300 -10.17 -98.22 -32.95
C THR NB 300 -11.41 -98.10 -32.09
N VAL NB 301 -11.84 -96.88 -31.78
CA VAL NB 301 -13.07 -96.70 -31.00
C VAL NB 301 -14.27 -97.16 -31.81
N ASN NB 302 -14.31 -96.79 -33.09
CA ASN NB 302 -15.39 -97.21 -33.98
C ASN NB 302 -15.15 -98.68 -34.32
N SER NB 303 -15.52 -99.53 -33.37
CA SER NB 303 -15.25 -100.96 -33.47
C SER NB 303 -16.37 -101.71 -32.77
N SER NB 304 -16.18 -103.01 -32.60
CA SER NB 304 -17.15 -103.86 -31.95
C SER NB 304 -16.45 -105.13 -31.47
N TRP NB 305 -17.24 -106.13 -31.09
CA TRP NB 305 -16.71 -107.42 -30.66
C TRP NB 305 -17.63 -108.50 -31.21
N ARG NB 306 -17.04 -109.44 -31.94
CA ARG NB 306 -17.78 -110.47 -32.65
C ARG NB 306 -17.16 -111.84 -32.36
N ASP NB 307 -17.57 -112.87 -33.10
CA ASP NB 307 -17.12 -114.22 -32.84
C ASP NB 307 -15.64 -114.37 -33.19
N GLY NB 308 -14.77 -114.20 -32.19
CA GLY NB 308 -13.35 -114.35 -32.40
C GLY NB 308 -12.76 -113.40 -33.41
N VAL NB 309 -13.39 -112.23 -33.60
CA VAL NB 309 -12.97 -111.30 -34.64
C VAL NB 309 -13.47 -109.91 -34.27
N ILE NB 310 -12.65 -108.91 -34.58
CA ILE NB 310 -13.00 -107.51 -34.38
C ILE NB 310 -13.50 -106.96 -35.69
N ARG NB 311 -14.73 -106.44 -35.69
CA ARG NB 311 -15.32 -105.81 -36.85
C ARG NB 311 -15.10 -104.30 -36.76
N GLN NB 312 -14.31 -103.76 -37.69
CA GLN NB 312 -14.00 -102.34 -37.75
C GLN NB 312 -14.72 -101.72 -38.93
N PHE NB 313 -15.38 -100.59 -38.69
CA PHE NB 313 -16.08 -99.84 -39.70
C PHE NB 313 -15.19 -98.73 -40.25
N GLU NB 314 -15.72 -97.98 -41.22
CA GLU NB 314 -15.08 -96.81 -41.79
C GLU NB 314 -15.90 -95.55 -41.60
N THR NB 315 -17.21 -95.64 -41.82
CA THR NB 315 -18.13 -94.56 -41.53
C THR NB 315 -18.54 -94.59 -40.07
N VAL NB 316 -19.24 -93.55 -39.65
CA VAL NB 316 -19.66 -93.38 -38.27
C VAL NB 316 -21.18 -93.35 -38.24
N ASP NB 317 -21.77 -94.42 -37.71
CA ASP NB 317 -23.20 -94.52 -37.50
C ASP NB 317 -23.51 -94.17 -36.06
N VAL NB 318 -24.29 -93.10 -35.86
CA VAL NB 318 -24.48 -92.51 -34.54
C VAL NB 318 -25.88 -92.85 -34.05
N SER NB 319 -25.96 -93.43 -32.86
CA SER NB 319 -27.23 -93.77 -32.23
C SER NB 319 -27.58 -92.69 -31.21
N VAL NB 320 -28.69 -91.99 -31.46
CA VAL NB 320 -29.13 -90.89 -30.61
C VAL NB 320 -30.30 -91.37 -29.77
N ALA NB 321 -30.25 -91.09 -28.47
CA ALA NB 321 -31.29 -91.52 -27.56
C ALA NB 321 -32.45 -90.54 -27.57
N VAL NB 322 -33.67 -91.09 -27.48
CA VAL NB 322 -34.89 -90.31 -27.34
C VAL NB 322 -35.73 -90.96 -26.25
N ALA NB 323 -36.30 -90.11 -25.39
CA ALA NB 323 -37.06 -90.54 -24.22
C ALA NB 323 -38.53 -90.32 -24.51
N THR NB 324 -39.21 -91.39 -24.89
CA THR NB 324 -40.64 -91.36 -25.12
C THR NB 324 -41.38 -91.76 -23.85
N PRO NB 325 -42.68 -91.46 -23.76
CA PRO NB 325 -43.46 -92.00 -22.64
C PRO NB 325 -43.48 -93.51 -22.59
N ASN NB 326 -43.25 -94.19 -23.72
CA ASN NB 326 -43.11 -95.63 -23.74
C ASN NB 326 -41.80 -96.09 -23.15
N GLY NB 327 -40.77 -95.24 -23.14
CA GLY NB 327 -39.48 -95.61 -22.60
C GLY NB 327 -38.32 -94.92 -23.28
N LEU NB 328 -37.33 -95.71 -23.71
CA LEU NB 328 -36.15 -95.20 -24.38
C LEU NB 328 -36.03 -95.84 -25.75
N ILE NB 329 -35.47 -95.09 -26.70
CA ILE NB 329 -35.29 -95.60 -28.05
C ILE NB 329 -34.05 -94.93 -28.64
N THR NB 330 -33.43 -95.59 -29.62
CA THR NB 330 -32.16 -95.16 -30.20
C THR NB 330 -32.22 -95.17 -31.72
N PRO NB 331 -32.81 -94.14 -32.32
CA PRO NB 331 -32.67 -93.98 -33.78
C PRO NB 331 -31.22 -93.75 -34.16
N ILE NB 332 -30.96 -93.85 -35.46
CA ILE NB 332 -29.61 -93.84 -36.02
C ILE NB 332 -29.51 -92.75 -37.06
N VAL NB 333 -28.36 -92.11 -37.12
CA VAL NB 333 -27.95 -91.24 -38.21
C VAL NB 333 -26.79 -91.90 -38.92
N LYS NB 334 -26.83 -91.86 -40.26
CA LYS NB 334 -25.89 -92.57 -41.11
C LYS NB 334 -24.93 -91.60 -41.78
N GLY NB 335 -23.69 -92.03 -41.95
CA GLY NB 335 -22.69 -91.28 -42.67
C GLY NB 335 -22.49 -89.88 -42.15
N VAL NB 336 -22.17 -89.76 -40.86
CA VAL NB 336 -22.12 -88.46 -40.22
C VAL NB 336 -20.97 -87.62 -40.79
N GLU NB 337 -19.77 -88.19 -40.78
CA GLU NB 337 -18.60 -87.46 -41.23
C GLU NB 337 -18.78 -87.02 -42.68
N GLY NB 338 -18.76 -85.71 -42.88
CA GLY NB 338 -19.04 -85.16 -44.18
C GLY NB 338 -20.50 -85.30 -44.56
N LYS NB 339 -21.39 -84.71 -43.76
CA LYS NB 339 -22.82 -84.72 -44.06
C LYS NB 339 -23.44 -83.35 -43.95
N GLY NB 340 -23.01 -82.53 -42.99
CA GLY NB 340 -23.54 -81.19 -42.81
C GLY NB 340 -24.46 -81.05 -41.62
N LEU NB 341 -24.28 -79.95 -40.88
CA LEU NB 341 -25.03 -79.74 -39.65
C LEU NB 341 -26.51 -79.56 -39.92
N GLU NB 342 -26.87 -78.91 -41.03
CA GLU NB 342 -28.27 -78.71 -41.35
C GLU NB 342 -28.98 -80.03 -41.60
N SER NB 343 -28.38 -80.85 -42.45
CA SER NB 343 -28.94 -82.18 -42.72
C SER NB 343 -29.02 -82.99 -41.44
N ILE NB 344 -28.02 -82.86 -40.57
CA ILE NB 344 -28.02 -83.59 -39.30
C ILE NB 344 -29.21 -83.16 -38.45
N SER NB 345 -29.41 -81.84 -38.33
CA SER NB 345 -30.51 -81.34 -37.53
C SER NB 345 -31.86 -81.78 -38.08
N ALA NB 346 -32.01 -81.73 -39.40
CA ALA NB 346 -33.27 -82.13 -40.01
C ALA NB 346 -33.54 -83.61 -39.75
N ALA NB 347 -32.51 -84.46 -39.93
CA ALA NB 347 -32.69 -85.88 -39.72
C ALA NB 347 -33.03 -86.19 -38.26
N VAL NB 348 -32.35 -85.50 -37.34
CA VAL NB 348 -32.62 -85.73 -35.92
C VAL NB 348 -34.03 -85.32 -35.57
N LYS NB 349 -34.49 -84.17 -36.07
CA LYS NB 349 -35.84 -83.73 -35.79
C LYS NB 349 -36.87 -84.71 -36.34
N GLU NB 350 -36.66 -85.16 -37.57
CA GLU NB 350 -37.58 -86.12 -38.18
C GLU NB 350 -37.65 -87.41 -37.38
N LEU NB 351 -36.48 -87.95 -37.01
CA LEU NB 351 -36.46 -89.20 -36.26
C LEU NB 351 -37.07 -89.02 -34.89
N ALA NB 352 -36.85 -87.87 -34.25
CA ALA NB 352 -37.40 -87.64 -32.93
C ALA NB 352 -38.91 -87.57 -32.97
N LYS NB 353 -39.46 -86.85 -33.95
CA LYS NB 353 -40.92 -86.77 -34.05
C LYS NB 353 -41.52 -88.11 -34.45
N LYS NB 354 -40.84 -88.85 -35.34
CA LYS NB 354 -41.32 -90.17 -35.70
C LYS NB 354 -41.28 -91.13 -34.52
N ALA NB 355 -40.34 -90.93 -33.61
CA ALA NB 355 -40.29 -91.78 -32.42
C ALA NB 355 -41.36 -91.39 -31.42
N ARG NB 356 -41.63 -90.10 -31.28
CA ARG NB 356 -42.75 -89.66 -30.45
C ARG NB 356 -44.06 -90.19 -30.99
N ASP NB 357 -44.18 -90.33 -32.31
CA ASP NB 357 -45.39 -90.89 -32.91
C ASP NB 357 -45.39 -92.42 -32.94
N GLY NB 358 -44.23 -93.05 -32.82
CA GLY NB 358 -44.14 -94.48 -32.97
C GLY NB 358 -44.35 -94.92 -34.41
N LYS NB 359 -43.46 -94.47 -35.29
CA LYS NB 359 -43.57 -94.70 -36.72
C LYS NB 359 -42.22 -95.07 -37.32
N LEU NB 360 -41.47 -95.93 -36.63
CA LEU NB 360 -40.13 -96.30 -37.04
C LEU NB 360 -40.08 -97.71 -37.60
N LYS NB 361 -39.02 -97.96 -38.37
CA LYS NB 361 -38.64 -99.28 -38.84
C LYS NB 361 -37.57 -99.87 -37.93
N PRO NB 362 -37.42 -101.19 -37.90
CA PRO NB 362 -36.37 -101.75 -37.03
C PRO NB 362 -34.97 -101.38 -37.45
N GLU NB 363 -34.72 -101.26 -38.76
CA GLU NB 363 -33.39 -100.92 -39.24
C GLU NB 363 -32.95 -99.55 -38.77
N GLU NB 364 -33.90 -98.64 -38.52
CA GLU NB 364 -33.57 -97.28 -38.15
C GLU NB 364 -33.04 -97.18 -36.72
N TYR NB 365 -33.23 -98.22 -35.90
CA TYR NB 365 -32.71 -98.22 -34.54
C TYR NB 365 -32.07 -99.55 -34.17
N GLN NB 366 -31.71 -100.37 -35.16
CA GLN NB 366 -30.96 -101.60 -34.95
C GLN NB 366 -29.65 -101.50 -35.73
N GLY NB 367 -28.56 -101.27 -35.00
CA GLY NB 367 -27.24 -101.13 -35.60
C GLY NB 367 -26.42 -100.09 -34.89
N GLY NB 368 -25.69 -99.28 -35.64
CA GLY NB 368 -24.91 -98.21 -35.06
C GLY NB 368 -23.61 -98.69 -34.47
N SER NB 369 -22.54 -97.93 -34.66
CA SER NB 369 -21.25 -98.24 -34.06
C SER NB 369 -21.05 -97.55 -32.72
N ILE NB 370 -21.55 -96.33 -32.57
CA ILE NB 370 -21.37 -95.53 -31.37
C ILE NB 370 -22.71 -94.89 -31.04
N SER NB 371 -22.87 -94.51 -29.77
CA SER NB 371 -24.13 -94.01 -29.23
C SER NB 371 -23.90 -92.74 -28.44
N ILE NB 372 -25.00 -92.14 -28.02
CA ILE NB 372 -24.99 -90.90 -27.25
C ILE NB 372 -26.33 -90.75 -26.56
N SER NB 373 -26.30 -90.16 -25.37
CA SER NB 373 -27.49 -89.76 -24.64
C SER NB 373 -27.28 -88.35 -24.12
N ASN NB 374 -28.34 -87.55 -24.18
CA ASN NB 374 -28.26 -86.13 -23.85
C ASN NB 374 -29.27 -85.81 -22.75
N MET NB 375 -28.85 -84.92 -21.84
CA MET NB 375 -29.71 -84.47 -20.75
C MET NB 375 -29.53 -82.97 -20.50
N GLY NB 376 -29.18 -82.20 -21.53
CA GLY NB 376 -28.89 -80.79 -21.34
C GLY NB 376 -30.08 -79.95 -20.94
N MET NB 377 -31.30 -80.40 -21.26
CA MET NB 377 -32.47 -79.61 -20.90
C MET NB 377 -32.63 -79.51 -19.39
N ASN NB 378 -32.23 -80.56 -18.67
CA ASN NB 378 -32.34 -80.56 -17.21
C ASN NB 378 -31.10 -79.92 -16.62
N PRO NB 379 -31.19 -78.75 -15.97
CA PRO NB 379 -29.96 -78.06 -15.55
C PRO NB 379 -29.28 -78.66 -14.33
N ALA NB 380 -29.98 -79.49 -13.56
CA ALA NB 380 -29.41 -79.97 -12.30
C ALA NB 380 -28.30 -80.97 -12.54
N VAL NB 381 -28.41 -81.80 -13.57
CA VAL NB 381 -27.51 -82.92 -13.78
C VAL NB 381 -26.15 -82.35 -14.17
N GLN NB 382 -25.18 -82.44 -13.26
CA GLN NB 382 -23.82 -82.05 -13.59
C GLN NB 382 -23.13 -83.15 -14.41
N SER NB 383 -23.37 -84.40 -14.06
CA SER NB 383 -22.76 -85.51 -14.79
C SER NB 383 -23.61 -86.75 -14.59
N PHE NB 384 -23.43 -87.71 -15.50
CA PHE NB 384 -24.09 -88.99 -15.35
C PHE NB 384 -23.45 -89.97 -16.32
N THR NB 385 -23.51 -91.23 -15.94
CA THR NB 385 -23.01 -92.33 -16.72
C THR NB 385 -24.18 -92.97 -17.48
N ALA NB 386 -23.86 -93.86 -18.40
CA ALA NB 386 -24.85 -94.64 -19.11
C ALA NB 386 -24.32 -96.06 -19.29
N ILE NB 387 -25.01 -96.84 -20.11
CA ILE NB 387 -24.70 -98.24 -20.32
C ILE NB 387 -24.58 -98.47 -21.82
N ILE NB 388 -23.63 -99.34 -22.18
CA ILE NB 388 -23.25 -99.52 -23.58
C ILE NB 388 -24.28 -100.40 -24.26
N ASN NB 389 -25.01 -99.83 -25.21
CA ASN NB 389 -25.95 -100.59 -26.00
C ASN NB 389 -25.18 -101.54 -26.92
N PRO NB 390 -25.25 -102.85 -26.72
CA PRO NB 390 -24.40 -103.75 -27.50
C PRO NB 390 -24.83 -103.77 -28.96
N PRO NB 391 -23.99 -104.30 -29.86
CA PRO NB 391 -22.64 -104.83 -29.64
C PRO NB 391 -21.56 -103.76 -29.72
N GLN NB 392 -21.95 -102.50 -29.54
CA GLN NB 392 -21.02 -101.39 -29.66
C GLN NB 392 -19.96 -101.43 -28.56
N ALA NB 393 -19.02 -100.49 -28.61
CA ALA NB 393 -17.86 -100.48 -27.73
C ALA NB 393 -17.78 -99.25 -26.83
N ALA NB 394 -18.53 -98.20 -27.15
CA ALA NB 394 -18.41 -96.95 -26.42
C ALA NB 394 -19.76 -96.27 -26.36
N ILE NB 395 -19.87 -95.30 -25.45
CA ILE NB 395 -21.05 -94.45 -25.40
C ILE NB 395 -20.69 -93.18 -24.64
N LEU NB 396 -21.35 -92.10 -25.02
CA LEU NB 396 -21.10 -90.77 -24.50
C LEU NB 396 -22.26 -90.32 -23.62
N ALA NB 397 -22.02 -89.26 -22.87
CA ALA NB 397 -23.04 -88.64 -22.04
C ALA NB 397 -22.65 -87.20 -21.78
N VAL NB 398 -23.58 -86.29 -22.05
CA VAL NB 398 -23.32 -84.85 -21.99
C VAL NB 398 -24.18 -84.29 -20.86
N GLY NB 399 -23.51 -83.75 -19.83
CA GLY NB 399 -24.22 -83.08 -18.76
C GLY NB 399 -24.73 -81.73 -19.19
N ALA NB 400 -25.27 -81.01 -18.22
CA ALA NB 400 -25.76 -79.67 -18.47
C ALA NB 400 -24.62 -78.66 -18.36
N PRO NB 401 -24.78 -77.47 -18.91
CA PRO NB 401 -23.76 -76.44 -18.74
C PRO NB 401 -23.85 -75.77 -17.38
N GLN NB 402 -22.72 -75.21 -16.95
CA GLN NB 402 -22.61 -74.57 -15.65
C GLN NB 402 -21.62 -73.43 -15.74
N LYS NB 403 -21.60 -72.61 -14.69
CA LYS NB 403 -20.70 -71.46 -14.60
C LYS NB 403 -19.54 -71.84 -13.70
N VAL NB 404 -18.32 -71.55 -14.15
CA VAL NB 404 -17.10 -71.92 -13.45
C VAL NB 404 -16.15 -70.74 -13.48
N ALA NB 405 -15.35 -70.64 -12.42
CA ALA NB 405 -14.30 -69.64 -12.35
C ALA NB 405 -13.08 -70.11 -13.12
N VAL NB 406 -12.46 -69.18 -13.84
CA VAL NB 406 -11.28 -69.46 -14.65
C VAL NB 406 -10.32 -68.28 -14.53
N PRO NB 407 -9.01 -68.49 -14.42
CA PRO NB 407 -8.09 -67.35 -14.41
C PRO NB 407 -7.99 -66.70 -15.78
N VAL NB 408 -7.54 -65.45 -15.76
CA VAL NB 408 -7.33 -64.70 -16.99
C VAL NB 408 -6.30 -63.62 -16.71
N GLU NB 409 -5.42 -63.39 -17.68
CA GLU NB 409 -4.39 -62.38 -17.57
C GLU NB 409 -4.85 -61.09 -18.25
N ASN NB 410 -5.05 -60.05 -17.45
CA ASN NB 410 -5.36 -58.73 -17.98
C ASN NB 410 -4.13 -58.18 -18.72
N GLU NB 411 -4.30 -57.00 -19.32
CA GLU NB 411 -3.20 -56.36 -20.03
C GLU NB 411 -1.99 -56.10 -19.14
N ASP NB 412 -2.19 -55.94 -17.84
CA ASP NB 412 -1.09 -55.84 -16.88
C ASP NB 412 -0.75 -57.24 -16.37
N GLY NB 413 0.23 -57.30 -15.48
CA GLY NB 413 0.73 -58.58 -15.02
C GLY NB 413 -0.20 -59.34 -14.11
N THR NB 414 -1.14 -58.67 -13.46
CA THR NB 414 -2.01 -59.33 -12.50
C THR NB 414 -3.01 -60.25 -13.20
N THR NB 415 -3.40 -61.29 -12.49
CA THR NB 415 -4.44 -62.20 -12.97
C THR NB 415 -5.81 -61.65 -12.57
N GLY NB 416 -6.84 -62.20 -13.20
CA GLY NB 416 -8.20 -61.81 -12.93
C GLY NB 416 -9.14 -63.01 -13.01
N VAL NB 417 -10.42 -62.73 -12.79
CA VAL NB 417 -11.46 -63.75 -12.78
C VAL NB 417 -12.31 -63.59 -14.02
N SER NB 418 -12.51 -64.69 -14.74
CA SER NB 418 -13.38 -64.73 -15.90
C SER NB 418 -14.32 -65.91 -15.76
N TRP NB 419 -15.57 -65.71 -16.18
CA TRP NB 419 -16.62 -66.71 -16.04
C TRP NB 419 -16.81 -67.41 -17.38
N ASP NB 420 -16.46 -68.70 -17.41
CA ASP NB 420 -16.60 -69.55 -18.58
C ASP NB 420 -17.75 -70.52 -18.35
N GLU NB 421 -18.37 -70.93 -19.46
CA GLU NB 421 -19.46 -71.89 -19.42
C GLU NB 421 -18.88 -73.27 -19.71
N GLN NB 422 -18.89 -74.14 -18.70
CA GLN NB 422 -18.31 -75.47 -18.80
C GLN NB 422 -19.39 -76.53 -18.86
N ILE NB 423 -19.06 -77.63 -19.52
CA ILE NB 423 -19.88 -78.83 -19.56
C ILE NB 423 -19.00 -80.01 -19.19
N ILE NB 424 -19.54 -80.90 -18.38
CA ILE NB 424 -18.89 -82.16 -18.08
C ILE NB 424 -19.35 -83.21 -19.07
N VAL NB 425 -18.42 -84.05 -19.49
CA VAL NB 425 -18.66 -85.10 -20.46
C VAL NB 425 -18.15 -86.40 -19.87
N THR NB 426 -18.98 -87.43 -19.95
CA THR NB 426 -18.68 -88.74 -19.39
C THR NB 426 -18.76 -89.77 -20.51
N ALA NB 427 -17.68 -90.51 -20.71
CA ALA NB 427 -17.60 -91.54 -21.73
C ALA NB 427 -17.35 -92.88 -21.06
N SER NB 428 -18.20 -93.85 -21.35
CA SER NB 428 -18.02 -95.21 -20.89
C SER NB 428 -17.46 -96.04 -22.05
N PHE NB 429 -16.44 -96.84 -21.76
CA PHE NB 429 -15.78 -97.65 -22.77
C PHE NB 429 -15.78 -99.12 -22.38
N ASP NB 430 -15.76 -99.98 -23.39
CA ASP NB 430 -15.52 -101.39 -23.21
C ASP NB 430 -14.02 -101.65 -23.21
N HIS NB 431 -13.55 -102.38 -22.21
CA HIS NB 431 -12.13 -102.55 -21.99
C HIS NB 431 -11.51 -103.66 -22.83
N LYS NB 432 -12.32 -104.57 -23.36
CA LYS NB 432 -11.80 -105.62 -24.22
C LYS NB 432 -11.15 -105.03 -25.45
N VAL NB 433 -11.79 -104.03 -26.05
CA VAL NB 433 -11.33 -103.43 -27.29
C VAL NB 433 -10.41 -102.26 -27.04
N VAL NB 434 -10.82 -101.37 -26.15
CA VAL NB 434 -10.17 -100.09 -25.95
C VAL NB 434 -9.41 -100.10 -24.63
N ASP NB 435 -8.34 -99.31 -24.60
CA ASP NB 435 -7.55 -99.10 -23.40
C ASP NB 435 -7.58 -97.63 -23.01
N GLY NB 436 -7.04 -97.36 -21.82
CA GLY NB 436 -7.11 -96.03 -21.26
C GLY NB 436 -6.43 -94.99 -22.13
N ALA NB 437 -5.27 -95.34 -22.69
CA ALA NB 437 -4.55 -94.40 -23.55
C ALA NB 437 -5.37 -94.05 -24.78
N VAL NB 438 -6.01 -95.04 -25.39
CA VAL NB 438 -6.78 -94.80 -26.60
C VAL NB 438 -7.99 -93.93 -26.28
N GLY NB 439 -8.66 -94.22 -25.17
CA GLY NB 439 -9.80 -93.41 -24.78
C GLY NB 439 -9.39 -91.99 -24.47
N ALA NB 440 -8.26 -91.81 -23.80
CA ALA NB 440 -7.78 -90.48 -23.48
C ALA NB 440 -7.45 -89.72 -24.75
N GLU NB 441 -6.89 -90.40 -25.74
CA GLU NB 441 -6.57 -89.76 -27.00
C GLU NB 441 -7.84 -89.29 -27.70
N TRP NB 442 -8.86 -90.15 -27.73
CA TRP NB 442 -10.13 -89.79 -28.32
C TRP NB 442 -10.72 -88.56 -27.64
N ILE NB 443 -10.70 -88.55 -26.30
CA ILE NB 443 -11.25 -87.42 -25.56
C ILE NB 443 -10.45 -86.16 -25.82
N ARG NB 444 -9.13 -86.29 -25.96
CA ARG NB 444 -8.31 -85.12 -26.25
C ARG NB 444 -8.67 -84.52 -27.59
N GLU NB 445 -8.84 -85.37 -28.61
CA GLU NB 445 -9.22 -84.86 -29.92
C GLU NB 445 -10.58 -84.18 -29.87
N LEU NB 446 -11.52 -84.76 -29.11
CA LEU NB 446 -12.84 -84.16 -28.99
C LEU NB 446 -12.75 -82.78 -28.34
N LYS NB 447 -12.02 -82.69 -27.23
CA LYS NB 447 -11.86 -81.42 -26.54
C LYS NB 447 -11.23 -80.39 -27.46
N LYS NB 448 -10.22 -80.80 -28.23
CA LYS NB 448 -9.55 -79.88 -29.12
C LYS NB 448 -10.50 -79.35 -30.18
N VAL NB 449 -11.25 -80.24 -30.81
CA VAL NB 449 -12.18 -79.82 -31.87
C VAL NB 449 -13.24 -78.90 -31.32
N ILE NB 450 -13.72 -79.17 -30.11
CA ILE NB 450 -14.76 -78.33 -29.54
C ILE NB 450 -14.20 -76.96 -29.17
N GLU NB 451 -13.06 -76.96 -28.49
CA GLU NB 451 -12.50 -75.70 -28.01
C GLU NB 451 -12.07 -74.81 -29.16
N ASN NB 452 -11.69 -75.41 -30.30
CA ASN NB 452 -11.42 -74.68 -31.53
C ASN NB 452 -12.47 -75.09 -32.54
N PRO NB 453 -13.66 -74.47 -32.54
CA PRO NB 453 -14.74 -74.96 -33.41
C PRO NB 453 -14.41 -74.88 -34.89
N LEU NB 454 -13.47 -74.04 -35.28
CA LEU NB 454 -13.14 -73.86 -36.69
C LEU NB 454 -12.57 -75.13 -37.29
N GLU NB 455 -12.03 -76.03 -36.48
CA GLU NB 455 -11.52 -77.29 -36.99
C GLU NB 455 -12.63 -78.25 -37.39
N LEU NB 456 -13.89 -77.92 -37.12
CA LEU NB 456 -15.00 -78.72 -37.63
C LEU NB 456 -14.97 -78.81 -39.15
N LEU NB 457 -14.45 -77.79 -39.81
CA LEU NB 457 -14.29 -77.84 -41.26
C LEU NB 457 -13.33 -78.93 -41.68
N LEU NB 458 -12.38 -79.27 -40.81
CA LEU NB 458 -11.38 -80.29 -41.10
C LEU NB 458 -11.91 -81.67 -40.73
N TYR OB 227 -95.33 -60.10 12.61
CA TYR OB 227 -96.19 -59.98 11.44
C TYR OB 227 -96.07 -61.20 10.56
N THR OB 228 -95.03 -61.24 9.71
CA THR OB 228 -94.85 -62.38 8.83
C THR OB 228 -94.52 -63.61 9.65
N ASP OB 229 -95.16 -64.73 9.33
CA ASP OB 229 -95.07 -65.96 10.12
C ASP OB 229 -94.62 -67.08 9.18
N VAL OB 230 -93.32 -67.38 9.21
CA VAL OB 230 -92.74 -68.39 8.34
C VAL OB 230 -92.54 -69.66 9.16
N PRO OB 231 -93.06 -70.82 8.75
CA PRO OB 231 -92.75 -72.05 9.47
C PRO OB 231 -91.27 -72.39 9.42
N ILE OB 232 -90.85 -73.21 10.36
CA ILE OB 232 -89.45 -73.62 10.44
C ILE OB 232 -89.23 -74.76 9.46
N SER OB 233 -88.04 -74.76 8.85
CA SER OB 233 -87.71 -75.77 7.85
C SER OB 233 -87.64 -77.18 8.42
N GLY OB 234 -87.45 -77.31 9.73
CA GLY OB 234 -87.29 -78.60 10.38
C GLY OB 234 -85.84 -78.98 10.55
N MET OB 235 -84.99 -78.61 9.59
CA MET OB 235 -83.57 -78.90 9.71
C MET OB 235 -82.95 -78.07 10.83
N ARG OB 236 -83.41 -76.83 11.00
CA ARG OB 236 -82.90 -75.99 12.08
C ARG OB 236 -83.25 -76.56 13.45
N LYS OB 237 -84.32 -77.35 13.54
CA LYS OB 237 -84.70 -77.93 14.82
C LYS OB 237 -83.60 -78.82 15.36
N THR OB 238 -83.02 -79.65 14.50
CA THR OB 238 -81.97 -80.56 14.93
C THR OB 238 -80.74 -79.80 15.42
N ILE OB 239 -80.36 -78.74 14.70
CA ILE OB 239 -79.20 -77.96 15.08
C ILE OB 239 -79.46 -77.25 16.40
N ALA OB 240 -80.67 -76.72 16.58
CA ALA OB 240 -81.00 -76.04 17.82
C ALA OB 240 -80.95 -77.01 18.99
N ALA OB 241 -81.50 -78.21 18.81
CA ALA OB 241 -81.45 -79.21 19.86
C ALA OB 241 -80.02 -79.61 20.18
N ARG OB 242 -79.19 -79.76 19.15
CA ARG OB 242 -77.79 -80.14 19.35
C ARG OB 242 -77.05 -79.07 20.15
N LEU OB 243 -77.25 -77.80 19.78
CA LEU OB 243 -76.59 -76.71 20.50
C LEU OB 243 -77.09 -76.60 21.92
N LYS OB 244 -78.39 -76.82 22.13
CA LYS OB 244 -78.95 -76.81 23.47
C LYS OB 244 -78.32 -77.91 24.31
N GLU OB 245 -78.16 -79.10 23.73
CA GLU OB 245 -77.46 -80.18 24.42
C GLU OB 245 -76.05 -79.77 24.78
N SER OB 246 -75.36 -79.11 23.84
CA SER OB 246 -73.99 -78.70 24.10
C SER OB 246 -73.90 -77.76 25.30
N VAL OB 247 -74.71 -76.70 25.29
CA VAL OB 247 -74.60 -75.71 26.36
C VAL OB 247 -75.14 -76.23 27.68
N THR OB 248 -76.15 -77.10 27.67
CA THR OB 248 -76.72 -77.58 28.92
C THR OB 248 -75.91 -78.71 29.53
N GLU OB 249 -75.17 -79.47 28.71
CA GLU OB 249 -74.40 -80.59 29.23
C GLU OB 249 -72.98 -80.15 29.58
N ASN OB 250 -72.38 -79.32 28.75
CA ASN OB 250 -70.98 -78.93 28.88
C ASN OB 250 -70.90 -77.46 29.24
N PRO OB 251 -70.28 -77.07 30.37
CA PRO OB 251 -70.05 -75.65 30.59
C PRO OB 251 -69.01 -75.13 29.63
N HIS OB 252 -68.89 -73.82 29.54
CA HIS OB 252 -68.02 -73.15 28.59
C HIS OB 252 -67.24 -72.06 29.28
N PHE OB 253 -65.93 -72.05 29.08
CA PHE OB 253 -65.10 -70.92 29.44
C PHE OB 253 -64.18 -70.60 28.28
N PHE OB 254 -63.85 -69.31 28.16
CA PHE OB 254 -63.24 -68.74 26.98
C PHE OB 254 -61.87 -68.19 27.32
N VAL OB 255 -60.95 -68.31 26.35
CA VAL OB 255 -59.61 -67.77 26.44
C VAL OB 255 -59.39 -66.93 25.20
N SER OB 256 -58.74 -65.79 25.35
CA SER OB 256 -58.58 -64.82 24.29
C SER OB 256 -57.15 -64.32 24.27
N THR OB 257 -56.49 -64.49 23.13
CA THR OB 257 -55.09 -64.11 22.98
C THR OB 257 -54.90 -63.36 21.67
N ASN OB 258 -53.68 -62.85 21.49
CA ASN OB 258 -53.30 -62.06 20.34
C ASN OB 258 -52.05 -62.67 19.73
N LEU OB 259 -52.08 -62.87 18.42
CA LEU OB 259 -50.96 -63.42 17.68
C LEU OB 259 -50.34 -62.37 16.78
N SER OB 260 -49.13 -62.66 16.31
CA SER OB 260 -48.41 -61.80 15.39
C SER OB 260 -48.09 -62.60 14.14
N VAL OB 261 -48.50 -62.08 12.98
CA VAL OB 261 -48.46 -62.80 11.72
C VAL OB 261 -47.66 -62.08 10.66
N SER OB 262 -46.84 -61.10 11.04
CA SER OB 262 -46.06 -60.37 10.06
C SER OB 262 -45.09 -61.27 9.34
N LYS OB 263 -44.58 -62.29 10.04
CA LYS OB 263 -43.69 -63.26 9.42
C LYS OB 263 -44.47 -64.31 8.65
N LEU OB 264 -45.62 -64.70 9.17
CA LEU OB 264 -46.45 -65.69 8.49
C LEU OB 264 -46.89 -65.19 7.13
N LEU OB 265 -47.26 -63.92 7.02
CA LEU OB 265 -47.72 -63.39 5.75
C LEU OB 265 -46.58 -63.33 4.74
N LYS OB 266 -45.38 -62.97 5.19
CA LYS OB 266 -44.22 -63.00 4.31
C LYS OB 266 -43.96 -64.42 3.81
N LEU OB 267 -44.07 -65.40 4.70
CA LEU OB 267 -43.87 -66.78 4.31
C LEU OB 267 -44.91 -67.21 3.27
N ARG OB 268 -46.17 -66.86 3.49
CA ARG OB 268 -47.23 -67.19 2.55
C ARG OB 268 -46.97 -66.55 1.20
N GLN OB 269 -46.56 -65.28 1.21
CA GLN OB 269 -46.28 -64.58 -0.03
C GLN OB 269 -45.13 -65.24 -0.79
N ALA OB 270 -44.09 -65.63 -0.06
CA ALA OB 270 -42.93 -66.25 -0.72
C ALA OB 270 -43.30 -67.59 -1.33
N LEU OB 271 -44.04 -68.42 -0.59
CA LEU OB 271 -44.43 -69.72 -1.13
C LEU OB 271 -45.40 -69.56 -2.29
N ASN OB 272 -46.25 -68.54 -2.27
CA ASN OB 272 -47.15 -68.33 -3.39
C ASN OB 272 -46.39 -67.87 -4.62
N SER OB 273 -45.42 -66.98 -4.45
CA SER OB 273 -44.63 -66.51 -5.58
C SER OB 273 -43.76 -67.60 -6.16
N SER OB 274 -43.16 -68.44 -5.31
CA SER OB 274 -42.32 -69.55 -5.79
C SER OB 274 -43.20 -70.75 -6.14
N ALA OB 275 -44.06 -70.53 -7.12
CA ALA OB 275 -45.01 -71.55 -7.53
C ALA OB 275 -45.45 -71.25 -8.95
N ASP OB 276 -46.04 -72.26 -9.59
CA ASP OB 276 -46.48 -72.20 -10.98
C ASP OB 276 -47.99 -72.41 -11.08
N GLY OB 277 -48.73 -71.80 -10.17
CA GLY OB 277 -50.16 -72.02 -10.10
C GLY OB 277 -50.57 -73.40 -9.65
N ARG OB 278 -49.62 -74.23 -9.20
CA ARG OB 278 -49.94 -75.58 -8.77
C ARG OB 278 -50.71 -75.60 -7.46
N TYR OB 279 -50.61 -74.53 -6.67
CA TYR OB 279 -51.29 -74.45 -5.39
C TYR OB 279 -51.51 -72.98 -5.03
N LYS OB 280 -52.33 -72.77 -4.01
CA LYS OB 280 -52.58 -71.45 -3.47
C LYS OB 280 -52.91 -71.59 -1.99
N LEU OB 281 -52.24 -70.81 -1.15
CA LEU OB 281 -52.31 -70.95 0.29
C LEU OB 281 -53.10 -69.83 0.94
N SER OB 282 -53.51 -70.07 2.17
CA SER OB 282 -54.21 -69.09 2.99
C SER OB 282 -53.76 -69.20 4.44
N VAL OB 283 -54.40 -68.44 5.32
CA VAL OB 283 -54.03 -68.42 6.72
C VAL OB 283 -54.63 -69.63 7.46
N ASN OB 284 -55.79 -70.07 7.02
CA ASN OB 284 -56.50 -71.15 7.69
C ASN OB 284 -55.68 -72.44 7.69
N ASP OB 285 -54.91 -72.69 6.62
CA ASP OB 285 -54.15 -73.93 6.53
C ASP OB 285 -53.01 -73.93 7.54
N PHE OB 286 -52.26 -72.82 7.62
CA PHE OB 286 -51.23 -72.68 8.64
C PHE OB 286 -51.83 -72.86 10.03
N LEU OB 287 -52.99 -72.25 10.27
CA LEU OB 287 -53.63 -72.39 11.56
C LEU OB 287 -53.98 -73.84 11.85
N ILE OB 288 -54.40 -74.58 10.83
CA ILE OB 288 -54.79 -75.98 11.04
C ILE OB 288 -53.56 -76.81 11.39
N LYS OB 289 -52.45 -76.57 10.69
CA LYS OB 289 -51.22 -77.28 11.02
C LYS OB 289 -50.77 -76.98 12.43
N ALA OB 290 -50.86 -75.71 12.84
CA ALA OB 290 -50.46 -75.35 14.19
C ALA OB 290 -51.38 -76.00 15.22
N MET OB 291 -52.67 -76.08 14.91
CA MET OB 291 -53.61 -76.77 15.79
C MET OB 291 -53.22 -78.22 15.98
N GLY OB 292 -52.85 -78.88 14.88
CA GLY OB 292 -52.44 -80.27 14.99
C GLY OB 292 -51.20 -80.43 15.84
N ILE OB 293 -50.23 -79.55 15.65
CA ILE OB 293 -48.99 -79.64 16.43
C ILE OB 293 -49.27 -79.44 17.91
N ALA OB 294 -50.13 -78.45 18.22
CA ALA OB 294 -50.45 -78.19 19.61
C ALA OB 294 -51.19 -79.35 20.24
N SER OB 295 -52.12 -79.95 19.48
CA SER OB 295 -52.85 -81.10 20.00
C SER OB 295 -51.92 -82.27 20.27
N LYS OB 296 -50.91 -82.44 19.43
CA LYS OB 296 -49.97 -83.55 19.66
C LYS OB 296 -49.05 -83.26 20.83
N ARG OB 297 -48.68 -82.01 21.05
CA ARG OB 297 -47.85 -81.70 22.21
C ARG OB 297 -48.64 -81.73 23.50
N VAL OB 298 -49.95 -81.54 23.43
CA VAL OB 298 -50.83 -81.57 24.60
C VAL OB 298 -52.03 -82.44 24.26
N PRO OB 299 -51.96 -83.76 24.44
CA PRO OB 299 -53.05 -84.63 23.94
C PRO OB 299 -54.33 -84.52 24.74
N THR OB 300 -54.31 -83.91 25.93
CA THR OB 300 -55.51 -83.88 26.75
C THR OB 300 -56.63 -83.10 26.08
N VAL OB 301 -56.28 -82.11 25.25
CA VAL OB 301 -57.31 -81.35 24.55
C VAL OB 301 -57.98 -82.23 23.50
N ASN OB 302 -57.18 -83.00 22.75
CA ASN OB 302 -57.70 -83.91 21.74
C ASN OB 302 -58.30 -85.11 22.49
N SER OB 303 -59.51 -84.90 23.00
CA SER OB 303 -60.20 -85.88 23.82
C SER OB 303 -61.70 -85.67 23.64
N SER OB 304 -62.49 -86.32 24.49
CA SER OB 304 -63.94 -86.17 24.45
C SER OB 304 -64.50 -86.63 25.79
N TRP OB 305 -65.82 -86.77 25.84
CA TRP OB 305 -66.53 -87.21 27.04
C TRP OB 305 -67.55 -88.24 26.62
N ARG OB 306 -67.45 -89.45 27.19
CA ARG OB 306 -68.32 -90.56 26.84
C ARG OB 306 -68.93 -91.13 28.11
N ASP OB 307 -69.55 -92.30 28.01
CA ASP OB 307 -70.28 -92.87 29.13
C ASP OB 307 -69.31 -93.36 30.20
N GLY OB 308 -69.04 -92.52 31.20
CA GLY OB 308 -68.16 -92.88 32.28
C GLY OB 308 -66.75 -93.19 31.85
N VAL OB 309 -66.28 -92.62 30.75
CA VAL OB 309 -64.98 -92.94 30.20
C VAL OB 309 -64.53 -91.81 29.29
N ILE OB 310 -63.24 -91.52 29.32
CA ILE OB 310 -62.62 -90.51 28.46
C ILE OB 310 -62.01 -91.24 27.27
N ARG OB 311 -62.43 -90.84 26.08
CA ARG OB 311 -61.91 -91.38 24.83
C ARG OB 311 -60.82 -90.45 24.33
N GLN OB 312 -59.60 -90.97 24.24
CA GLN OB 312 -58.44 -90.23 23.77
C GLN OB 312 -57.98 -90.78 22.43
N PHE OB 313 -57.89 -89.90 21.43
CA PHE OB 313 -57.40 -90.26 20.12
C PHE OB 313 -55.88 -90.11 20.08
N GLU OB 314 -55.31 -90.33 18.90
CA GLU OB 314 -53.90 -90.11 18.63
C GLU OB 314 -53.68 -89.09 17.52
N THR OB 315 -54.39 -89.25 16.41
CA THR OB 315 -54.33 -88.29 15.32
C THR OB 315 -55.18 -87.07 15.64
N VAL OB 316 -55.24 -86.15 14.68
CA VAL OB 316 -56.01 -84.92 14.82
C VAL OB 316 -56.96 -84.84 13.63
N ASP OB 317 -58.26 -84.90 13.94
CA ASP OB 317 -59.32 -84.76 12.94
C ASP OB 317 -59.94 -83.38 13.12
N VAL OB 318 -59.86 -82.56 12.07
CA VAL OB 318 -60.19 -81.14 12.17
C VAL OB 318 -61.49 -80.89 11.41
N SER OB 319 -62.46 -80.30 12.11
CA SER OB 319 -63.74 -79.94 11.52
C SER OB 319 -63.70 -78.46 11.15
N VAL OB 320 -63.78 -78.18 9.84
CA VAL OB 320 -63.74 -76.82 9.34
C VAL OB 320 -65.16 -76.41 8.99
N ALA OB 321 -65.55 -75.21 9.41
CA ALA OB 321 -66.89 -74.71 9.17
C ALA OB 321 -66.99 -74.05 7.81
N VAL OB 322 -68.13 -74.26 7.15
CA VAL OB 322 -68.45 -73.63 5.89
C VAL OB 322 -69.87 -73.08 5.98
N ALA OB 323 -70.03 -71.85 5.51
CA ALA OB 323 -71.28 -71.10 5.62
C ALA OB 323 -71.97 -71.12 4.27
N THR OB 324 -72.92 -72.03 4.12
CA THR OB 324 -73.72 -72.13 2.91
C THR OB 324 -74.99 -71.31 3.06
N PRO OB 325 -75.66 -70.98 1.95
CA PRO OB 325 -76.98 -70.34 2.07
C PRO OB 325 -77.99 -71.20 2.79
N ASN OB 326 -77.81 -72.52 2.79
CA ASN OB 326 -78.63 -73.43 3.58
C ASN OB 326 -78.37 -73.30 5.07
N GLY OB 327 -77.17 -72.87 5.46
CA GLY OB 327 -76.83 -72.74 6.87
C GLY OB 327 -75.36 -72.94 7.13
N LEU OB 328 -75.03 -73.84 8.06
CA LEU OB 328 -73.65 -74.13 8.44
C LEU OB 328 -73.40 -75.62 8.30
N ILE OB 329 -72.17 -75.95 7.93
CA ILE OB 329 -71.78 -77.36 7.79
C ILE OB 329 -70.32 -77.49 8.19
N THR OB 330 -69.93 -78.69 8.60
CA THR OB 330 -68.60 -78.95 9.16
C THR OB 330 -67.96 -80.15 8.48
N PRO OB 331 -67.40 -79.98 7.29
CA PRO OB 331 -66.54 -81.03 6.73
C PRO OB 331 -65.32 -81.27 7.60
N ILE OB 332 -64.65 -82.38 7.33
CA ILE OB 332 -63.57 -82.88 8.17
C ILE OB 332 -62.33 -83.10 7.33
N VAL OB 333 -61.18 -82.81 7.92
CA VAL OB 333 -59.88 -83.17 7.39
C VAL OB 333 -59.29 -84.21 8.33
N LYS OB 334 -58.72 -85.27 7.74
CA LYS OB 334 -58.22 -86.43 8.47
C LYS OB 334 -56.71 -86.44 8.47
N GLY OB 335 -56.13 -86.84 9.59
CA GLY OB 335 -54.69 -87.02 9.69
C GLY OB 335 -53.90 -85.78 9.36
N VAL OB 336 -54.19 -84.68 10.07
CA VAL OB 336 -53.58 -83.40 9.75
C VAL OB 336 -52.08 -83.45 10.00
N GLU OB 337 -51.69 -83.86 11.20
CA GLU OB 337 -50.29 -83.88 11.57
C GLU OB 337 -49.52 -84.77 10.62
N GLY OB 338 -48.54 -84.19 9.94
CA GLY OB 338 -47.81 -84.91 8.93
C GLY OB 338 -48.66 -85.22 7.70
N LYS OB 339 -49.17 -84.18 7.04
CA LYS OB 339 -49.95 -84.34 5.83
C LYS OB 339 -49.50 -83.42 4.70
N GLY OB 340 -49.05 -82.21 5.02
CA GLY OB 340 -48.62 -81.26 4.01
C GLY OB 340 -49.63 -80.18 3.71
N LEU OB 341 -49.15 -78.93 3.65
CA LEU OB 341 -50.02 -77.78 3.47
C LEU OB 341 -50.71 -77.81 2.12
N GLU OB 342 -50.03 -78.31 1.08
CA GLU OB 342 -50.64 -78.35 -0.23
C GLU OB 342 -51.82 -79.31 -0.26
N SER OB 343 -51.62 -80.52 0.27
CA SER OB 343 -52.70 -81.48 0.39
C SER OB 343 -53.84 -80.92 1.23
N ILE OB 344 -53.50 -80.20 2.30
CA ILE OB 344 -54.51 -79.60 3.16
C ILE OB 344 -55.37 -78.62 2.36
N SER OB 345 -54.72 -77.69 1.68
CA SER OB 345 -55.46 -76.68 0.91
C SER OB 345 -56.32 -77.32 -0.16
N ALA OB 346 -55.78 -78.33 -0.84
CA ALA OB 346 -56.54 -79.01 -1.89
C ALA OB 346 -57.79 -79.66 -1.31
N ALA OB 347 -57.63 -80.39 -0.20
CA ALA OB 347 -58.77 -81.07 0.39
C ALA OB 347 -59.80 -80.07 0.88
N VAL OB 348 -59.36 -78.96 1.46
CA VAL OB 348 -60.29 -77.97 1.96
C VAL OB 348 -61.07 -77.33 0.81
N LYS OB 349 -60.38 -77.00 -0.28
CA LYS OB 349 -61.08 -76.45 -1.44
C LYS OB 349 -62.10 -77.45 -1.99
N GLU OB 350 -61.72 -78.72 -2.08
CA GLU OB 350 -62.63 -79.74 -2.57
C GLU OB 350 -63.88 -79.83 -1.69
N LEU OB 351 -63.68 -79.94 -0.37
CA LEU OB 351 -64.81 -80.08 0.52
C LEU OB 351 -65.68 -78.83 0.54
N ALA OB 352 -65.07 -77.65 0.44
CA ALA OB 352 -65.85 -76.42 0.44
C ALA OB 352 -66.72 -76.32 -0.80
N LYS OB 353 -66.16 -76.63 -1.97
CA LYS OB 353 -66.97 -76.59 -3.18
C LYS OB 353 -68.04 -77.68 -3.16
N LYS OB 354 -67.72 -78.86 -2.62
CA LYS OB 354 -68.71 -79.91 -2.53
C LYS OB 354 -69.83 -79.57 -1.56
N ALA OB 355 -69.53 -78.77 -0.54
CA ALA OB 355 -70.59 -78.34 0.38
C ALA OB 355 -71.43 -77.24 -0.24
N ARG OB 356 -70.81 -76.34 -1.00
CA ARG OB 356 -71.58 -75.36 -1.74
C ARG OB 356 -72.50 -76.03 -2.77
N ASP OB 357 -72.07 -77.19 -3.29
CA ASP OB 357 -72.90 -77.94 -4.22
C ASP OB 357 -73.89 -78.85 -3.51
N GLY OB 358 -73.63 -79.24 -2.27
CA GLY OB 358 -74.49 -80.17 -1.56
C GLY OB 358 -74.34 -81.59 -2.06
N LYS OB 359 -73.13 -82.14 -1.92
CA LYS OB 359 -72.79 -83.45 -2.48
C LYS OB 359 -71.96 -84.26 -1.49
N LEU OB 360 -72.22 -84.11 -0.19
CA LEU OB 360 -71.41 -84.71 0.84
C LEU OB 360 -72.03 -86.00 1.36
N LYS OB 361 -71.19 -86.81 2.01
CA LYS OB 361 -71.57 -88.00 2.74
C LYS OB 361 -71.64 -87.69 4.22
N PRO OB 362 -72.40 -88.46 5.01
CA PRO OB 362 -72.49 -88.15 6.45
C PRO OB 362 -71.17 -88.33 7.17
N GLU OB 363 -70.39 -89.34 6.80
CA GLU OB 363 -69.12 -89.60 7.48
C GLU OB 363 -68.15 -88.44 7.33
N GLU OB 364 -68.26 -87.68 6.24
CA GLU OB 364 -67.35 -86.58 6.00
C GLU OB 364 -67.60 -85.39 6.92
N TYR OB 365 -68.75 -85.32 7.59
CA TYR OB 365 -69.04 -84.26 8.53
C TYR OB 365 -69.65 -84.77 9.83
N GLN OB 366 -69.47 -86.05 10.14
CA GLN OB 366 -69.90 -86.64 11.41
C GLN OB 366 -68.71 -87.31 12.05
N GLY OB 367 -68.19 -86.70 13.11
CA GLY OB 367 -67.00 -87.18 13.79
C GLY OB 367 -66.11 -86.02 14.19
N GLY OB 368 -64.81 -86.20 14.06
CA GLY OB 368 -63.89 -85.11 14.34
C GLY OB 368 -63.64 -84.92 15.82
N SER OB 369 -62.40 -84.63 16.18
CA SER OB 369 -62.03 -84.40 17.58
C SER OB 369 -62.01 -82.92 17.94
N ILE OB 370 -61.64 -82.05 16.99
CA ILE OB 370 -61.52 -80.63 17.25
C ILE OB 370 -62.08 -79.89 16.04
N SER OB 371 -62.47 -78.62 16.26
CA SER OB 371 -63.17 -77.84 15.26
C SER OB 371 -62.55 -76.45 15.15
N ILE OB 372 -63.07 -75.69 14.19
CA ILE OB 372 -62.59 -74.34 13.92
C ILE OB 372 -63.66 -73.61 13.12
N SER OB 373 -63.74 -72.30 13.33
CA SER OB 373 -64.58 -71.42 12.53
C SER OB 373 -63.75 -70.19 12.18
N ASN OB 374 -63.91 -69.72 10.94
CA ASN OB 374 -63.12 -68.61 10.42
C ASN OB 374 -64.05 -67.51 9.94
N MET OB 375 -63.60 -66.27 10.17
CA MET OB 375 -64.32 -65.08 9.72
C MET OB 375 -63.35 -64.03 9.19
N GLY OB 376 -62.17 -64.44 8.73
CA GLY OB 376 -61.13 -63.49 8.35
C GLY OB 376 -61.50 -62.62 7.18
N MET OB 377 -62.44 -63.04 6.33
CA MET OB 377 -62.81 -62.23 5.18
C MET OB 377 -63.49 -60.94 5.62
N ASN OB 378 -64.23 -60.97 6.71
CA ASN OB 378 -64.96 -59.81 7.18
C ASN OB 378 -64.06 -58.97 8.06
N PRO OB 379 -63.56 -57.80 7.61
CA PRO OB 379 -62.56 -57.08 8.41
C PRO OB 379 -63.11 -56.41 9.65
N ALA OB 380 -64.43 -56.41 9.85
CA ALA OB 380 -65.00 -55.71 11.00
C ALA OB 380 -64.86 -56.51 12.28
N VAL OB 381 -64.88 -57.83 12.19
CA VAL OB 381 -64.92 -58.69 13.35
C VAL OB 381 -63.53 -58.70 13.98
N GLN OB 382 -63.39 -58.06 15.14
CA GLN OB 382 -62.15 -58.16 15.90
C GLN OB 382 -62.07 -59.51 16.61
N SER OB 383 -63.19 -59.98 17.14
CA SER OB 383 -63.19 -61.27 17.83
C SER OB 383 -64.61 -61.78 17.95
N PHE OB 384 -64.72 -63.06 18.26
CA PHE OB 384 -66.02 -63.66 18.50
C PHE OB 384 -65.81 -65.03 19.13
N THR OB 385 -66.88 -65.51 19.76
CA THR OB 385 -66.93 -66.83 20.35
C THR OB 385 -67.77 -67.74 19.48
N ALA OB 386 -67.70 -69.03 19.74
CA ALA OB 386 -68.52 -70.02 19.07
C ALA OB 386 -69.01 -71.02 20.11
N ILE OB 387 -69.61 -72.10 19.61
CA ILE OB 387 -70.23 -73.12 20.45
C ILE OB 387 -69.64 -74.46 20.07
N ILE OB 388 -69.43 -75.30 21.07
CA ILE OB 388 -68.66 -76.53 20.90
C ILE OB 388 -69.54 -77.58 20.24
N ASN OB 389 -69.19 -77.96 19.03
CA ASN OB 389 -69.91 -79.02 18.33
C ASN OB 389 -69.66 -80.35 19.02
N PRO OB 390 -70.64 -80.95 19.69
CA PRO OB 390 -70.36 -82.16 20.47
C PRO OB 390 -70.06 -83.33 19.55
N PRO OB 391 -69.49 -84.42 20.08
CA PRO OB 391 -69.08 -84.64 21.47
C PRO OB 391 -67.67 -84.11 21.76
N GLN OB 392 -67.22 -83.15 20.97
CA GLN OB 392 -65.85 -82.64 21.09
C GLN OB 392 -65.67 -81.86 22.38
N ALA OB 393 -64.46 -81.36 22.62
CA ALA OB 393 -64.09 -80.72 23.87
C ALA OB 393 -63.64 -79.27 23.72
N ALA OB 394 -63.33 -78.83 22.51
CA ALA OB 394 -62.82 -77.48 22.30
C ALA OB 394 -63.25 -76.97 20.94
N ILE OB 395 -63.06 -75.66 20.76
CA ILE OB 395 -63.28 -75.06 19.46
C ILE OB 395 -62.56 -73.72 19.41
N LEU OB 396 -62.11 -73.36 18.22
CA LEU OB 396 -61.29 -72.19 17.98
C LEU OB 396 -62.07 -71.16 17.19
N ALA OB 397 -61.54 -69.94 17.17
CA ALA OB 397 -62.12 -68.86 16.39
C ALA OB 397 -61.03 -67.83 16.10
N VAL OB 398 -60.95 -67.41 14.85
CA VAL OB 398 -59.89 -66.53 14.37
C VAL OB 398 -60.54 -65.27 13.84
N GLY OB 399 -60.25 -64.13 14.47
CA GLY OB 399 -60.78 -62.86 14.01
C GLY OB 399 -60.06 -62.38 12.76
N ALA OB 400 -60.31 -61.13 12.44
CA ALA OB 400 -59.67 -60.50 11.30
C ALA OB 400 -58.31 -59.94 11.70
N PRO OB 401 -57.45 -59.65 10.74
CA PRO OB 401 -56.20 -58.97 11.05
C PRO OB 401 -56.40 -57.49 11.25
N GLN OB 402 -55.49 -56.90 12.04
CA GLN OB 402 -55.59 -55.49 12.41
C GLN OB 402 -54.19 -54.93 12.58
N LYS OB 403 -54.12 -53.60 12.60
CA LYS OB 403 -52.88 -52.87 12.78
C LYS OB 403 -52.79 -52.42 14.24
N VAL OB 404 -51.66 -52.69 14.87
CA VAL OB 404 -51.45 -52.40 16.29
C VAL OB 404 -50.08 -51.76 16.45
N ALA OB 405 -49.98 -50.87 17.43
CA ALA OB 405 -48.71 -50.27 17.78
C ALA OB 405 -47.90 -51.22 18.65
N VAL OB 406 -46.60 -51.28 18.38
CA VAL OB 406 -45.69 -52.17 19.11
C VAL OB 406 -44.38 -51.41 19.34
N PRO OB 407 -43.77 -51.48 20.53
CA PRO OB 407 -42.47 -50.84 20.70
C PRO OB 407 -41.39 -51.58 19.93
N VAL OB 408 -40.30 -50.87 19.67
CA VAL OB 408 -39.14 -51.44 19.00
C VAL OB 408 -37.93 -50.62 19.37
N GLU OB 409 -36.81 -51.31 19.58
CA GLU OB 409 -35.55 -50.66 19.92
C GLU OB 409 -34.74 -50.42 18.66
N ASN OB 410 -34.56 -49.14 18.32
CA ASN OB 410 -33.66 -48.78 17.24
C ASN OB 410 -32.22 -49.07 17.66
N GLU OB 411 -31.29 -48.87 16.72
CA GLU OB 411 -29.88 -49.09 16.99
C GLU OB 411 -29.39 -48.25 18.17
N ASP OB 412 -29.96 -47.08 18.40
CA ASP OB 412 -29.65 -46.28 19.57
C ASP OB 412 -30.52 -46.72 20.74
N GLY OB 413 -30.32 -46.08 21.89
CA GLY OB 413 -31.01 -46.48 23.10
C GLY OB 413 -32.48 -46.13 23.14
N THR OB 414 -32.94 -45.26 22.25
CA THR OB 414 -34.33 -44.84 22.27
C THR OB 414 -35.23 -45.90 21.66
N THR OB 415 -36.46 -45.98 22.16
CA THR OB 415 -37.47 -46.84 21.60
C THR OB 415 -38.16 -46.14 20.43
N GLY OB 416 -38.81 -46.94 19.59
CA GLY OB 416 -39.52 -46.43 18.44
C GLY OB 416 -40.84 -47.15 18.27
N VAL OB 417 -41.59 -46.71 17.27
CA VAL OB 417 -42.92 -47.25 16.97
C VAL OB 417 -42.79 -48.07 15.70
N SER OB 418 -43.35 -49.28 15.74
CA SER OB 418 -43.45 -50.14 14.58
C SER OB 418 -44.86 -50.72 14.52
N TRP OB 419 -45.34 -50.94 13.31
CA TRP OB 419 -46.72 -51.37 13.08
C TRP OB 419 -46.71 -52.86 12.75
N ASP OB 420 -47.24 -53.66 13.68
CA ASP OB 420 -47.32 -55.10 13.56
C ASP OB 420 -48.75 -55.51 13.29
N GLU OB 421 -48.91 -56.53 12.45
CA GLU OB 421 -50.22 -57.05 12.08
C GLU OB 421 -50.62 -58.11 13.09
N GLN OB 422 -51.66 -57.83 13.87
CA GLN OB 422 -52.15 -58.73 14.90
C GLN OB 422 -53.46 -59.37 14.50
N ILE OB 423 -53.70 -60.54 15.08
CA ILE OB 423 -54.99 -61.23 15.00
C ILE OB 423 -55.36 -61.64 16.41
N ILE OB 424 -56.63 -61.54 16.73
CA ILE OB 424 -57.17 -62.04 17.98
C ILE OB 424 -57.69 -63.45 17.73
N VAL OB 425 -57.49 -64.31 18.73
CA VAL OB 425 -57.91 -65.70 18.68
C VAL OB 425 -58.67 -66.00 19.95
N THR OB 426 -59.80 -66.69 19.80
CA THR OB 426 -60.68 -67.03 20.92
C THR OB 426 -60.92 -68.53 20.91
N ALA OB 427 -60.64 -69.17 22.04
CA ALA OB 427 -60.82 -70.60 22.21
C ALA OB 427 -61.82 -70.86 23.31
N SER OB 428 -62.86 -71.63 23.00
CA SER OB 428 -63.83 -72.07 23.99
C SER OB 428 -63.55 -73.53 24.33
N PHE OB 429 -63.52 -73.84 25.62
CA PHE OB 429 -63.20 -75.18 26.10
C PHE OB 429 -64.32 -75.73 26.96
N ASP OB 430 -64.36 -77.05 27.08
CA ASP OB 430 -65.21 -77.73 28.04
C ASP OB 430 -64.43 -77.95 29.32
N HIS OB 431 -65.03 -77.58 30.45
CA HIS OB 431 -64.35 -77.61 31.72
C HIS OB 431 -64.31 -78.98 32.37
N LYS OB 432 -65.16 -79.91 31.92
CA LYS OB 432 -65.13 -81.26 32.48
C LYS OB 432 -63.80 -81.94 32.20
N VAL OB 433 -63.25 -81.74 31.00
CA VAL OB 433 -62.03 -82.38 30.57
C VAL OB 433 -60.82 -81.52 30.87
N VAL OB 434 -60.88 -80.27 30.45
CA VAL OB 434 -59.71 -79.39 30.41
C VAL OB 434 -59.80 -78.38 31.54
N ASP OB 435 -58.62 -77.98 32.02
CA ASP OB 435 -58.48 -76.93 33.02
C ASP OB 435 -57.85 -75.71 32.40
N GLY OB 436 -57.93 -74.60 33.14
CA GLY OB 436 -57.41 -73.34 32.65
C GLY OB 436 -55.93 -73.41 32.34
N ALA OB 437 -55.17 -74.11 33.19
CA ALA OB 437 -53.74 -74.25 32.95
C ALA OB 437 -53.46 -75.00 31.66
N VAL OB 438 -54.22 -76.07 31.41
CA VAL OB 438 -54.00 -76.88 30.22
C VAL OB 438 -54.35 -76.07 28.98
N GLY OB 439 -55.46 -75.35 29.02
CA GLY OB 439 -55.82 -74.51 27.89
C GLY OB 439 -54.78 -73.43 27.64
N ALA OB 440 -54.25 -72.84 28.71
CA ALA OB 440 -53.24 -71.81 28.55
C ALA OB 440 -51.98 -72.39 27.94
N GLU OB 441 -51.63 -73.61 28.32
CA GLU OB 441 -50.45 -74.25 27.75
C GLU OB 441 -50.64 -74.51 26.26
N TRP OB 442 -51.84 -74.97 25.89
CA TRP OB 442 -52.16 -75.19 24.48
C TRP OB 442 -52.03 -73.89 23.69
N ILE OB 443 -52.58 -72.80 24.25
CA ILE OB 443 -52.52 -71.52 23.56
C ILE OB 443 -51.09 -71.03 23.46
N ARG OB 444 -50.29 -71.27 24.49
CA ARG OB 444 -48.88 -70.86 24.44
C ARG OB 444 -48.15 -71.59 23.33
N GLU OB 445 -48.38 -72.89 23.21
CA GLU OB 445 -47.72 -73.65 22.15
C GLU OB 445 -48.15 -73.15 20.78
N LEU OB 446 -49.44 -72.83 20.63
CA LEU OB 446 -49.92 -72.31 19.36
C LEU OB 446 -49.26 -70.99 19.01
N LYS OB 447 -49.25 -70.06 19.97
CA LYS OB 447 -48.63 -68.76 19.75
C LYS OB 447 -47.16 -68.92 19.39
N LYS OB 448 -46.47 -69.83 20.06
CA LYS OB 448 -45.05 -70.02 19.80
C LYS OB 448 -44.83 -70.53 18.39
N VAL OB 449 -45.61 -71.54 17.99
CA VAL OB 449 -45.45 -72.12 16.66
C VAL OB 449 -45.74 -71.09 15.58
N ILE OB 450 -46.73 -70.22 15.82
CA ILE OB 450 -47.07 -69.23 14.80
C ILE OB 450 -46.01 -68.16 14.74
N GLU OB 451 -45.63 -67.61 15.89
CA GLU OB 451 -44.69 -66.51 15.91
C GLU OB 451 -43.33 -66.95 15.38
N ASN OB 452 -43.01 -68.23 15.51
CA ASN OB 452 -41.85 -68.82 14.86
C ASN OB 452 -42.34 -69.83 13.84
N PRO OB 453 -42.72 -69.41 12.63
CA PRO OB 453 -43.31 -70.36 11.68
C PRO OB 453 -42.39 -71.50 11.31
N LEU OB 454 -41.08 -71.33 11.46
CA LEU OB 454 -40.14 -72.35 11.07
C LEU OB 454 -40.31 -73.64 11.87
N GLU OB 455 -40.90 -73.56 13.06
CA GLU OB 455 -41.13 -74.76 13.86
C GLU OB 455 -42.30 -75.58 13.34
N LEU OB 456 -43.02 -75.12 12.32
CA LEU OB 456 -44.01 -75.95 11.66
C LEU OB 456 -43.38 -77.23 11.11
N LEU OB 457 -42.10 -77.16 10.73
CA LEU OB 457 -41.39 -78.34 10.27
C LEU OB 457 -41.31 -79.39 11.37
N LEU OB 458 -41.29 -78.96 12.63
CA LEU OB 458 -41.20 -79.86 13.77
C LEU OB 458 -42.59 -80.34 14.20
N TYR PB 227 48.14 -74.50 70.71
CA TYR PB 227 49.28 -75.12 70.06
C TYR PB 227 50.58 -74.47 70.54
N THR PB 228 50.98 -73.36 69.92
CA THR PB 228 52.22 -72.71 70.30
C THR PB 228 52.11 -72.18 71.72
N ASP PB 229 53.18 -72.36 72.49
CA ASP PB 229 53.20 -72.09 73.93
C ASP PB 229 54.41 -71.21 74.24
N VAL PB 230 54.18 -69.90 74.26
CA VAL PB 230 55.25 -68.93 74.50
C VAL PB 230 55.17 -68.51 75.97
N PRO PB 231 56.23 -68.68 76.76
CA PRO PB 231 56.20 -68.12 78.12
C PRO PB 231 56.11 -66.61 78.11
N ILE PB 232 55.68 -66.07 79.25
CA ILE PB 232 55.40 -64.64 79.36
C ILE PB 232 56.70 -63.91 79.67
N SER PB 233 56.80 -62.69 79.14
CA SER PB 233 58.02 -61.89 79.29
C SER PB 233 58.29 -61.47 80.73
N GLY PB 234 57.27 -61.50 81.59
CA GLY PB 234 57.39 -61.03 82.96
C GLY PB 234 57.02 -59.58 83.12
N MET PB 235 57.39 -58.75 82.14
CA MET PB 235 57.01 -57.34 82.18
C MET PB 235 55.50 -57.19 82.10
N ARG PB 236 54.85 -58.03 81.28
CA ARG PB 236 53.40 -57.97 81.17
C ARG PB 236 52.71 -58.33 82.48
N LYS PB 237 53.38 -59.12 83.33
CA LYS PB 237 52.79 -59.51 84.61
C LYS PB 237 52.49 -58.28 85.45
N THR PB 238 53.44 -57.35 85.51
CA THR PB 238 53.28 -56.15 86.32
C THR PB 238 52.12 -55.30 85.81
N ILE PB 239 52.04 -55.14 84.49
CA ILE PB 239 50.97 -54.32 83.91
C ILE PB 239 49.62 -54.99 84.12
N ALA PB 240 49.59 -56.33 84.05
CA ALA PB 240 48.34 -57.04 84.31
C ALA PB 240 47.89 -56.84 85.74
N ALA PB 241 48.81 -56.97 86.69
CA ALA PB 241 48.47 -56.75 88.10
C ALA PB 241 48.02 -55.32 88.33
N ARG PB 242 48.67 -54.36 87.68
CA ARG PB 242 48.31 -52.97 87.84
C ARG PB 242 46.90 -52.70 87.35
N LEU PB 243 46.58 -53.19 86.14
CA LEU PB 243 45.25 -52.99 85.59
C LEU PB 243 44.19 -53.72 86.40
N LYS PB 244 44.53 -54.89 86.94
CA LYS PB 244 43.61 -55.63 87.79
C LYS PB 244 43.30 -54.84 89.06
N GLU PB 245 44.35 -54.29 89.68
CA GLU PB 245 44.15 -53.43 90.83
C GLU PB 245 43.27 -52.25 90.49
N SER PB 246 43.48 -51.66 89.31
CA SER PB 246 42.69 -50.50 88.90
C SER PB 246 41.22 -50.85 88.80
N VAL PB 247 40.89 -51.91 88.06
CA VAL PB 247 39.49 -52.24 87.84
C VAL PB 247 38.82 -52.77 89.11
N THR PB 248 39.56 -53.44 89.99
CA THR PB 248 38.93 -54.00 91.18
C THR PB 248 38.82 -52.98 92.31
N GLU PB 249 39.69 -51.97 92.33
CA GLU PB 249 39.63 -50.95 93.37
C GLU PB 249 38.71 -49.80 92.96
N ASN PB 250 38.72 -49.45 91.68
CA ASN PB 250 38.07 -48.25 91.19
C ASN PB 250 36.94 -48.64 90.25
N PRO PB 251 35.68 -48.28 90.53
CA PRO PB 251 34.64 -48.48 89.54
C PRO PB 251 34.74 -47.46 88.43
N HIS PB 252 34.33 -47.88 87.23
CA HIS PB 252 34.49 -47.08 86.03
C HIS PB 252 33.12 -46.72 85.47
N PHE PB 253 32.94 -45.46 85.11
CA PHE PB 253 31.83 -45.04 84.28
C PHE PB 253 32.34 -44.06 83.23
N PHE PB 254 31.69 -44.10 82.08
CA PHE PB 254 32.19 -43.48 80.86
C PHE PB 254 31.26 -42.37 80.43
N VAL PB 255 31.82 -41.36 79.77
CA VAL PB 255 31.09 -40.24 79.23
C VAL PB 255 31.57 -40.01 77.80
N SER PB 256 30.64 -39.95 76.86
CA SER PB 256 30.95 -39.92 75.44
C SER PB 256 30.28 -38.71 74.81
N THR PB 257 31.09 -37.89 74.14
CA THR PB 257 30.60 -36.67 73.52
C THR PB 257 31.18 -36.53 72.12
N ASN PB 258 30.70 -35.51 71.42
CA ASN PB 258 31.08 -35.21 70.06
C ASN PB 258 31.50 -33.75 69.99
N LEU PB 259 32.68 -33.50 69.43
CA LEU PB 259 33.23 -32.17 69.27
C LEU PB 259 33.14 -31.73 67.83
N SER PB 260 33.50 -30.47 67.59
CA SER PB 260 33.56 -29.88 66.27
C SER PB 260 34.90 -29.17 66.13
N VAL PB 261 35.67 -29.56 65.11
CA VAL PB 261 37.05 -29.15 64.96
C VAL PB 261 37.32 -28.43 63.65
N SER PB 262 36.26 -28.02 62.94
CA SER PB 262 36.45 -27.37 61.65
C SER PB 262 37.22 -26.07 61.79
N LYS PB 263 37.07 -25.39 62.93
CA LYS PB 263 37.83 -24.17 63.18
C LYS PB 263 39.22 -24.50 63.70
N LEU PB 264 39.32 -25.55 64.51
CA LEU PB 264 40.61 -25.95 65.06
C LEU PB 264 41.59 -26.31 63.94
N LEU PB 265 41.12 -27.04 62.93
CA LEU PB 265 42.02 -27.46 61.87
C LEU PB 265 42.48 -26.27 61.04
N LYS PB 266 41.58 -25.31 60.80
CA LYS PB 266 41.98 -24.08 60.13
C LYS PB 266 43.04 -23.35 60.93
N LEU PB 267 42.85 -23.26 62.24
CA LEU PB 267 43.83 -22.59 63.10
C LEU PB 267 45.19 -23.28 63.01
N ARG PB 268 45.19 -24.61 63.05
CA ARG PB 268 46.44 -25.37 62.98
C ARG PB 268 47.12 -25.14 61.65
N GLN PB 269 46.35 -25.18 60.56
CA GLN PB 269 46.91 -24.96 59.23
C GLN PB 269 47.52 -23.57 59.11
N ALA PB 270 46.84 -22.57 59.66
CA ALA PB 270 47.36 -21.21 59.54
C ALA PB 270 48.62 -21.02 60.37
N LEU PB 271 48.64 -21.55 61.59
CA LEU PB 271 49.85 -21.46 62.39
C LEU PB 271 51.01 -22.21 61.77
N ASN PB 272 50.73 -23.33 61.09
CA ASN PB 272 51.80 -24.05 60.41
C ASN PB 272 52.30 -23.28 59.21
N SER PB 273 51.41 -22.62 58.49
CA SER PB 273 51.82 -21.84 57.33
C SER PB 273 52.62 -20.60 57.74
N SER PB 274 52.26 -19.99 58.86
CA SER PB 274 52.97 -18.79 59.34
C SER PB 274 54.15 -19.20 60.22
N ALA PB 275 55.06 -19.96 59.63
CA ALA PB 275 56.22 -20.47 60.34
C ALA PB 275 57.34 -20.70 59.34
N ASP PB 276 58.55 -20.89 59.88
CA ASP PB 276 59.76 -21.09 59.10
C ASP PB 276 60.34 -22.47 59.37
N GLY PB 277 59.47 -23.47 59.53
CA GLY PB 277 59.92 -24.78 59.95
C GLY PB 277 60.40 -24.84 61.38
N ARG PB 278 60.18 -23.78 62.16
CA ARG PB 278 60.63 -23.76 63.55
C ARG PB 278 59.82 -24.69 64.43
N TYR PB 279 58.60 -25.05 64.00
CA TYR PB 279 57.74 -25.91 64.79
C TYR PB 279 56.73 -26.58 63.86
N LYS PB 280 56.02 -27.55 64.42
CA LYS PB 280 54.96 -28.25 63.70
C LYS PB 280 53.97 -28.79 64.71
N LEU PB 281 52.69 -28.49 64.51
CA LEU PB 281 51.66 -28.76 65.48
C LEU PB 281 50.79 -29.94 65.07
N SER PB 282 50.05 -30.45 66.05
CA SER PB 282 49.08 -31.52 65.85
C SER PB 282 47.81 -31.22 66.63
N VAL PB 283 46.92 -32.20 66.71
CA VAL PB 283 45.67 -32.02 67.44
C VAL PB 283 45.84 -32.33 68.91
N ASN PB 284 46.72 -33.29 69.23
CA ASN PB 284 46.90 -33.72 70.61
C ASN PB 284 47.39 -32.58 71.49
N ASP PB 285 48.15 -31.65 70.94
CA ASP PB 285 48.68 -30.56 71.74
C ASP PB 285 47.58 -29.60 72.16
N PHE PB 286 46.74 -29.20 71.20
CA PHE PB 286 45.55 -28.42 71.52
C PHE PB 286 44.71 -29.13 72.57
N LEU PB 287 44.54 -30.44 72.40
CA LEU PB 287 43.74 -31.20 73.35
C LEU PB 287 44.35 -31.15 74.75
N ILE PB 288 45.67 -31.22 74.84
CA ILE PB 288 46.34 -31.22 76.13
C ILE PB 288 46.18 -29.88 76.80
N LYS PB 289 46.34 -28.79 76.05
CA LYS PB 289 46.12 -27.46 76.60
C LYS PB 289 44.69 -27.33 77.11
N ALA PB 290 43.73 -27.82 76.35
CA ALA PB 290 42.33 -27.73 76.78
C ALA PB 290 42.09 -28.58 78.02
N MET PB 291 42.76 -29.72 78.12
CA MET PB 291 42.65 -30.55 79.31
C MET PB 291 43.15 -29.79 80.53
N GLY PB 292 44.28 -29.09 80.38
CA GLY PB 292 44.77 -28.29 81.49
C GLY PB 292 43.81 -27.20 81.90
N ILE PB 293 43.21 -26.52 80.91
CA ILE PB 293 42.27 -25.44 81.22
C ILE PB 293 41.06 -25.99 81.96
N ALA PB 294 40.53 -27.12 81.47
CA ALA PB 294 39.35 -27.71 82.11
C ALA PB 294 39.69 -28.17 83.52
N SER PB 295 40.87 -28.76 83.70
CA SER PB 295 41.27 -29.22 85.03
C SER PB 295 41.40 -28.05 85.99
N LYS PB 296 41.87 -26.90 85.51
CA LYS PB 296 41.99 -25.74 86.39
C LYS PB 296 40.63 -25.14 86.69
N ARG PB 297 39.71 -25.15 85.73
CA ARG PB 297 38.38 -24.63 86.00
C ARG PB 297 37.59 -25.54 86.92
N VAL PB 298 37.91 -26.83 86.93
CA VAL PB 298 37.24 -27.81 87.78
C VAL PB 298 38.30 -28.64 88.48
N PRO PB 299 38.86 -28.21 89.61
CA PRO PB 299 40.00 -28.90 90.19
C PRO PB 299 39.67 -30.26 90.80
N THR PB 300 38.39 -30.57 90.99
CA THR PB 300 38.04 -31.85 91.60
C THR PB 300 38.49 -33.02 90.74
N VAL PB 301 38.55 -32.84 89.42
CA VAL PB 301 39.02 -33.90 88.55
C VAL PB 301 40.49 -34.17 88.78
N ASN PB 302 41.29 -33.12 88.84
CA ASN PB 302 42.73 -33.23 89.09
C ASN PB 302 42.90 -33.58 90.56
N SER PB 303 42.71 -34.87 90.86
CA SER PB 303 42.68 -35.35 92.23
C SER PB 303 43.23 -36.78 92.25
N SER PB 304 43.04 -37.46 93.36
CA SER PB 304 43.46 -38.84 93.49
C SER PB 304 42.73 -39.46 94.68
N TRP PB 305 43.17 -40.65 95.09
CA TRP PB 305 42.62 -41.34 96.25
C TRP PB 305 43.78 -41.97 97.00
N ARG PB 306 43.93 -41.60 98.27
CA ARG PB 306 45.05 -42.05 99.09
C ARG PB 306 44.53 -42.60 100.40
N ASP PB 307 45.41 -42.85 101.36
CA ASP PB 307 45.02 -43.51 102.59
C ASP PB 307 44.15 -42.59 103.44
N GLY PB 308 42.83 -42.72 103.29
CA GLY PB 308 41.90 -41.91 104.05
C GLY PB 308 42.02 -40.43 103.81
N VAL PB 309 42.50 -40.03 102.64
CA VAL PB 309 42.73 -38.62 102.34
C VAL PB 309 42.69 -38.42 100.83
N ILE PB 310 42.14 -37.29 100.42
CA ILE PB 310 42.14 -36.87 99.02
C ILE PB 310 43.32 -35.93 98.82
N ARG PB 311 44.21 -36.30 97.90
CA ARG PB 311 45.32 -35.45 97.51
C ARG PB 311 44.91 -34.65 96.27
N GLN PB 312 44.86 -33.34 96.40
CA GLN PB 312 44.49 -32.44 95.33
C GLN PB 312 45.71 -31.63 94.93
N PHE PB 313 46.01 -31.61 93.64
CA PHE PB 313 47.11 -30.86 93.08
C PHE PB 313 46.65 -29.46 92.69
N GLU PB 314 47.58 -28.66 92.20
CA GLU PB 314 47.32 -27.34 91.65
C GLU PB 314 47.70 -27.26 90.18
N THR PB 315 48.84 -27.82 89.82
CA THR PB 315 49.28 -27.90 88.44
C THR PB 315 48.72 -29.16 87.79
N VAL PB 316 48.89 -29.25 86.48
CA VAL PB 316 48.37 -30.34 85.67
C VAL PB 316 49.56 -31.07 85.06
N ASP PB 317 49.76 -32.31 85.49
CA ASP PB 317 50.76 -33.19 84.90
C ASP PB 317 50.05 -34.20 84.01
N VAL PB 318 50.43 -34.22 82.73
CA VAL PB 318 49.68 -34.94 81.71
C VAL PB 318 50.48 -36.15 81.25
N SER PB 319 49.87 -37.32 81.35
CA SER PB 319 50.50 -38.57 80.95
C SER PB 319 50.03 -38.93 79.54
N VAL PB 320 50.95 -38.90 78.58
CA VAL PB 320 50.65 -39.18 77.19
C VAL PB 320 51.10 -40.58 76.85
N ALA PB 321 50.23 -41.34 76.20
CA ALA PB 321 50.52 -42.73 75.85
C ALA PB 321 51.33 -42.81 74.57
N VAL PB 322 52.25 -43.75 74.52
CA VAL PB 322 53.04 -44.07 73.34
C VAL PB 322 53.09 -45.58 73.20
N ALA PB 323 52.91 -46.04 71.97
CA ALA PB 323 52.79 -47.46 71.65
C ALA PB 323 54.09 -47.93 71.04
N THR PB 324 54.95 -48.50 71.86
CA THR PB 324 56.21 -49.05 71.38
C THR PB 324 56.02 -50.51 70.98
N PRO PB 325 56.94 -51.07 70.19
CA PRO PB 325 56.88 -52.51 69.93
C PRO PB 325 57.01 -53.35 71.19
N ASN PB 326 57.62 -52.81 72.24
CA ASN PB 326 57.68 -53.47 73.53
C ASN PB 326 56.34 -53.46 74.25
N GLY PB 327 55.47 -52.49 73.95
CA GLY PB 327 54.17 -52.41 74.59
C GLY PB 327 53.64 -50.99 74.66
N LEU PB 328 53.24 -50.57 75.86
CA LEU PB 328 52.67 -49.24 76.07
C LEU PB 328 53.48 -48.53 77.15
N ILE PB 329 53.61 -47.21 77.01
CA ILE PB 329 54.36 -46.42 77.97
C ILE PB 329 53.69 -45.05 78.07
N THR PB 330 53.88 -44.39 79.21
CA THR PB 330 53.22 -43.12 79.51
C THR PB 330 54.21 -42.09 80.02
N PRO PB 331 54.94 -41.43 79.12
CA PRO PB 331 55.71 -40.25 79.52
C PRO PB 331 54.79 -39.15 80.03
N ILE PB 332 55.40 -38.16 80.68
CA ILE PB 332 54.67 -37.10 81.37
C ILE PB 332 55.15 -35.76 80.85
N VAL PB 333 54.22 -34.83 80.73
CA VAL PB 333 54.50 -33.42 80.52
C VAL PB 333 54.14 -32.68 81.80
N LYS PB 334 54.99 -31.74 82.20
CA LYS PB 334 54.89 -31.05 83.47
C LYS PB 334 54.47 -29.60 83.26
N GLY PB 335 53.59 -29.12 84.13
CA GLY PB 335 53.19 -27.73 84.13
C GLY PB 335 52.59 -27.29 82.82
N VAL PB 336 51.55 -27.99 82.37
CA VAL PB 336 50.97 -27.72 81.07
C VAL PB 336 50.36 -26.32 81.04
N GLU PB 337 49.48 -26.04 81.99
CA GLU PB 337 48.80 -24.75 82.03
C GLU PB 337 49.81 -23.62 82.11
N GLY PB 338 49.80 -22.78 81.10
CA GLY PB 338 50.77 -21.71 80.99
C GLY PB 338 52.14 -22.20 80.59
N LYS PB 339 52.23 -22.93 79.48
CA LYS PB 339 53.49 -23.44 78.98
C LYS PB 339 53.75 -23.11 77.51
N GLY PB 340 52.72 -23.15 76.67
CA GLY PB 340 52.88 -22.87 75.25
C GLY PB 340 52.90 -24.10 74.37
N LEU PB 341 52.19 -23.98 73.23
CA LEU PB 341 52.01 -25.14 72.36
C LEU PB 341 53.31 -25.58 71.71
N GLU PB 342 54.19 -24.64 71.39
CA GLU PB 342 55.46 -25.01 70.77
C GLU PB 342 56.31 -25.84 71.73
N SER PB 343 56.43 -25.36 72.98
CA SER PB 343 57.16 -26.12 73.97
C SER PB 343 56.51 -27.49 74.21
N ILE PB 344 55.18 -27.53 74.19
CA ILE PB 344 54.47 -28.79 74.37
C ILE PB 344 54.84 -29.77 73.27
N SER PB 345 54.78 -29.31 72.01
CA SER PB 345 55.09 -30.17 70.89
C SER PB 345 56.53 -30.64 70.94
N ALA PB 346 57.45 -29.75 71.29
CA ALA PB 346 58.86 -30.13 71.37
C ALA PB 346 59.08 -31.19 72.42
N ALA PB 347 58.52 -30.99 73.62
CA ALA PB 347 58.68 -31.97 74.68
C ALA PB 347 58.06 -33.30 74.31
N VAL PB 348 56.90 -33.27 73.66
CA VAL PB 348 56.23 -34.52 73.28
C VAL PB 348 57.05 -35.26 72.25
N LYS PB 349 57.60 -34.55 71.27
CA LYS PB 349 58.43 -35.21 70.27
C LYS PB 349 59.68 -35.83 70.91
N GLU PB 350 60.33 -35.08 71.80
CA GLU PB 350 61.51 -35.61 72.47
C GLU PB 350 61.18 -36.85 73.28
N LEU PB 351 60.10 -36.80 74.05
CA LEU PB 351 59.74 -37.94 74.88
C LEU PB 351 59.34 -39.14 74.03
N ALA PB 352 58.65 -38.90 72.92
CA ALA PB 352 58.24 -40.00 72.05
C ALA PB 352 59.45 -40.69 71.43
N LYS PB 353 60.40 -39.90 70.93
CA LYS PB 353 61.59 -40.50 70.35
C LYS PB 353 62.43 -41.20 71.41
N LYS PB 354 62.51 -40.63 72.61
CA LYS PB 354 63.25 -41.28 73.68
C LYS PB 354 62.57 -42.57 74.13
N ALA PB 355 61.25 -42.66 73.99
CA ALA PB 355 60.56 -43.90 74.33
C ALA PB 355 60.75 -44.94 73.24
N ARG PB 356 60.73 -44.52 71.98
CA ARG PB 356 61.04 -45.44 70.89
C ARG PB 356 62.46 -45.97 71.01
N ASP PB 357 63.38 -45.17 71.54
CA ASP PB 357 64.76 -45.61 71.73
C ASP PB 357 64.95 -46.37 73.03
N GLY PB 358 64.09 -46.17 74.02
CA GLY PB 358 64.27 -46.78 75.33
C GLY PB 358 65.37 -46.11 76.12
N LYS PB 359 65.16 -44.84 76.47
CA LYS PB 359 66.18 -44.02 77.12
C LYS PB 359 65.57 -43.16 78.23
N LEU PB 360 64.50 -43.65 78.86
CA LEU PB 360 63.76 -42.87 79.84
C LEU PB 360 64.19 -43.19 81.26
N LYS PB 361 63.89 -42.26 82.15
CA LYS PB 361 64.01 -42.41 83.59
C LYS PB 361 62.66 -42.83 84.17
N PRO PB 362 62.64 -43.46 85.34
CA PRO PB 362 61.34 -43.85 85.91
C PRO PB 362 60.48 -42.66 86.31
N GLU PB 363 61.10 -41.58 86.80
CA GLU PB 363 60.34 -40.41 87.22
C GLU PB 363 59.57 -39.79 86.07
N GLU PB 364 60.07 -39.93 84.84
CA GLU PB 364 59.43 -39.31 83.70
C GLU PB 364 58.13 -40.00 83.31
N TYR PB 365 57.89 -41.23 83.76
CA TYR PB 365 56.63 -41.93 83.50
C TYR PB 365 56.06 -42.57 84.77
N GLN PB 366 56.44 -42.07 85.95
CA GLN PB 366 55.83 -42.47 87.21
C GLN PB 366 55.30 -41.21 87.88
N GLY PB 367 53.98 -41.06 87.86
CA GLY PB 367 53.32 -39.90 88.41
C GLY PB 367 52.18 -39.43 87.54
N GLY PB 368 51.98 -38.12 87.45
CA GLY PB 368 50.93 -37.57 86.63
C GLY PB 368 49.58 -37.65 87.31
N SER PB 369 48.79 -36.59 87.16
CA SER PB 369 47.45 -36.57 87.73
C SER PB 369 46.39 -37.02 86.75
N ILE PB 370 46.61 -36.79 85.45
CA ILE PB 370 45.64 -37.12 84.41
C ILE PB 370 46.40 -37.74 83.25
N SER PB 371 45.68 -38.53 82.46
CA SER PB 371 46.27 -39.32 81.38
C SER PB 371 45.45 -39.16 80.11
N ILE PB 372 45.99 -39.69 79.02
CA ILE PB 372 45.34 -39.61 77.71
C ILE PB 372 45.92 -40.69 76.82
N SER PB 373 45.10 -41.17 75.90
CA SER PB 373 45.54 -42.05 74.83
C SER PB 373 44.92 -41.57 73.53
N ASN PB 374 45.70 -41.65 72.45
CA ASN PB 374 45.32 -41.14 71.14
C ASN PB 374 45.43 -42.25 70.12
N MET PB 375 44.48 -42.26 69.18
CA MET PB 375 44.47 -43.20 68.07
C MET PB 375 44.09 -42.51 66.77
N GLY PB 376 44.34 -41.21 66.65
CA GLY PB 376 43.87 -40.45 65.50
C GLY PB 376 44.45 -40.90 64.18
N MET PB 377 45.62 -41.53 64.19
CA MET PB 377 46.22 -41.99 62.94
C MET PB 377 45.38 -43.09 62.29
N ASN PB 378 44.65 -43.86 63.08
CA ASN PB 378 43.85 -44.96 62.56
C ASN PB 378 42.45 -44.47 62.23
N PRO PB 379 42.07 -44.31 60.96
CA PRO PB 379 40.77 -43.70 60.66
C PRO PB 379 39.58 -44.60 60.92
N ALA PB 380 39.79 -45.87 61.26
CA ALA PB 380 38.66 -46.78 61.43
C ALA PB 380 37.98 -46.62 62.78
N VAL PB 381 38.73 -46.24 63.81
CA VAL PB 381 38.22 -46.21 65.17
C VAL PB 381 37.36 -44.95 65.32
N GLN PB 382 36.06 -45.14 65.52
CA GLN PB 382 35.19 -44.01 65.85
C GLN PB 382 35.33 -43.66 67.32
N SER PB 383 35.20 -44.65 68.20
CA SER PB 383 35.34 -44.41 69.64
C SER PB 383 35.98 -45.63 70.28
N PHE PB 384 36.49 -45.42 71.48
CA PHE PB 384 37.05 -46.51 72.26
C PHE PB 384 37.24 -46.04 73.68
N THR PB 385 37.22 -47.00 74.58
CA THR PB 385 37.45 -46.76 76.00
C THR PB 385 38.90 -47.10 76.33
N ALA PB 386 39.31 -46.73 77.53
CA ALA PB 386 40.60 -47.11 78.07
C ALA PB 386 40.44 -47.38 79.56
N ILE PB 387 41.58 -47.54 80.24
CA ILE PB 387 41.62 -47.94 81.64
C ILE PB 387 42.43 -46.91 82.41
N ILE PB 388 42.01 -46.66 83.65
CA ILE PB 388 42.57 -45.59 84.45
C ILE PB 388 43.90 -46.05 85.04
N ASN PB 389 44.98 -45.45 84.60
CA ASN PB 389 46.29 -45.72 85.16
C ASN PB 389 46.33 -45.22 86.59
N PRO PB 390 46.42 -46.09 87.60
CA PRO PB 390 46.36 -45.59 88.98
C PRO PB 390 47.60 -44.80 89.32
N PRO PB 391 47.57 -44.00 90.40
CA PRO PB 391 46.44 -43.76 91.31
C PRO PB 391 45.54 -42.63 90.85
N GLN PB 392 45.61 -42.28 89.56
CA GLN PB 392 44.83 -41.17 89.03
C GLN PB 392 43.34 -41.46 89.10
N ALA PB 393 42.52 -40.49 88.69
CA ALA PB 393 41.07 -40.57 88.82
C ALA PB 393 40.33 -40.48 87.50
N ALA PB 394 41.01 -40.10 86.42
CA ALA PB 394 40.33 -39.92 85.15
C ALA PB 394 41.31 -40.14 84.02
N ILE PB 395 40.75 -40.43 82.84
CA ILE PB 395 41.55 -40.63 81.64
C ILE PB 395 40.68 -40.35 80.44
N LEU PB 396 41.33 -39.91 79.37
CA LEU PB 396 40.67 -39.46 78.15
C LEU PB 396 40.95 -40.43 77.01
N ALA PB 397 40.18 -40.28 75.94
CA ALA PB 397 40.37 -41.06 74.73
C ALA PB 397 39.78 -40.30 73.56
N VAL PB 398 40.54 -40.18 72.48
CA VAL PB 398 40.19 -39.37 71.33
C VAL PB 398 40.17 -40.27 70.11
N GLY PB 399 38.99 -40.43 69.51
CA GLY PB 399 38.87 -41.22 68.30
C GLY PB 399 39.40 -40.48 67.09
N ALA PB 400 38.97 -40.94 65.93
CA ALA PB 400 39.37 -40.34 64.68
C ALA PB 400 38.39 -39.25 64.27
N PRO PB 401 38.76 -38.41 63.32
CA PRO PB 401 37.80 -37.46 62.75
C PRO PB 401 36.92 -38.14 61.71
N GLN PB 402 35.73 -37.55 61.53
CA GLN PB 402 34.75 -38.10 60.61
C GLN PB 402 33.92 -36.96 60.04
N LYS PB 403 33.19 -37.28 58.97
CA LYS PB 403 32.32 -36.34 58.29
C LYS PB 403 30.90 -36.59 58.77
N VAL PB 404 30.21 -35.54 59.19
CA VAL PB 404 28.84 -35.63 59.71
C VAL PB 404 28.00 -34.55 59.06
N ALA PB 405 26.71 -34.84 58.93
CA ALA PB 405 25.75 -33.87 58.44
C ALA PB 405 25.34 -32.94 59.56
N VAL PB 406 25.21 -31.66 59.24
CA VAL PB 406 24.83 -30.64 60.21
C VAL PB 406 23.88 -29.66 59.53
N PRO PB 407 22.80 -29.22 60.18
CA PRO PB 407 21.96 -28.19 59.56
C PRO PB 407 22.65 -26.84 59.56
N VAL PB 408 22.25 -26.01 58.61
CA VAL PB 408 22.74 -24.65 58.50
C VAL PB 408 21.66 -23.81 57.85
N GLU PB 409 21.51 -22.57 58.34
CA GLU PB 409 20.54 -21.63 57.80
C GLU PB 409 21.22 -20.74 56.78
N ASN PB 410 20.79 -20.86 55.53
CA ASN PB 410 21.24 -19.96 54.49
C ASN PB 410 20.66 -18.56 54.74
N GLU PB 411 21.02 -17.63 53.86
CA GLU PB 411 20.52 -16.26 53.97
C GLU PB 411 19.00 -16.20 53.96
N ASP PB 412 18.33 -17.12 53.25
CA ASP PB 412 16.88 -17.20 53.27
C ASP PB 412 16.43 -18.02 54.47
N GLY PB 413 15.11 -18.19 54.59
CA GLY PB 413 14.54 -18.91 55.71
C GLY PB 413 14.71 -20.42 55.66
N THR PB 414 15.15 -20.96 54.52
CA THR PB 414 15.29 -22.40 54.39
C THR PB 414 16.60 -22.87 55.02
N THR PB 415 16.55 -24.10 55.55
CA THR PB 415 17.74 -24.73 56.11
C THR PB 415 18.52 -25.42 55.00
N GLY PB 416 19.78 -25.73 55.30
CA GLY PB 416 20.67 -26.38 54.35
C GLY PB 416 21.54 -27.38 55.06
N VAL PB 417 22.31 -28.12 54.26
CA VAL PB 417 23.17 -29.19 54.73
C VAL PB 417 24.61 -28.72 54.66
N SER PB 418 25.31 -28.80 55.78
CA SER PB 418 26.73 -28.48 55.87
C SER PB 418 27.48 -29.66 56.46
N TRP PB 419 28.68 -29.89 55.95
CA TRP PB 419 29.50 -31.02 56.34
C TRP PB 419 30.56 -30.54 57.33
N ASP PB 420 30.42 -30.95 58.58
CA ASP PB 420 31.32 -30.58 59.65
C ASP PB 420 32.20 -31.78 60.02
N GLU PB 421 33.42 -31.48 60.44
CA GLU PB 421 34.38 -32.50 60.82
C GLU PB 421 34.28 -32.71 62.33
N GLN PB 422 33.76 -33.86 62.73
CA GLN PB 422 33.53 -34.19 64.13
C GLN PB 422 34.54 -35.22 64.61
N ILE PB 423 34.73 -35.22 65.92
CA ILE PB 423 35.49 -36.25 66.63
C ILE PB 423 34.66 -36.71 67.81
N ILE PB 424 34.71 -38.00 68.08
CA ILE PB 424 34.12 -38.55 69.29
C ILE PB 424 35.20 -38.63 70.36
N VAL PB 425 34.82 -38.30 71.59
CA VAL PB 425 35.70 -38.27 72.74
C VAL PB 425 35.04 -39.08 73.84
N THR PB 426 35.84 -39.90 74.52
CA THR PB 426 35.36 -40.76 75.58
C THR PB 426 36.25 -40.55 76.80
N ALA PB 427 35.63 -40.19 77.92
CA ALA PB 427 36.31 -39.95 79.18
C ALA PB 427 35.84 -40.98 80.20
N SER PB 428 36.79 -41.70 80.77
CA SER PB 428 36.52 -42.64 81.85
C SER PB 428 36.86 -41.98 83.17
N PHE PB 429 35.97 -42.11 84.15
CA PHE PB 429 36.15 -41.50 85.46
C PHE PB 429 36.04 -42.55 86.55
N ASP PB 430 36.69 -42.29 87.68
CA ASP PB 430 36.50 -43.06 88.89
C ASP PB 430 35.40 -42.43 89.72
N HIS PB 431 34.50 -43.27 90.22
CA HIS PB 431 33.28 -42.79 90.85
C HIS PB 431 33.46 -42.44 92.33
N LYS PB 432 34.54 -42.88 92.97
CA LYS PB 432 34.77 -42.52 94.36
C LYS PB 432 34.94 -41.03 94.51
N VAL PB 433 35.67 -40.41 93.60
CA VAL PB 433 36.01 -39.00 93.67
C VAL PB 433 35.00 -38.15 92.92
N VAL PB 434 34.74 -38.49 91.67
CA VAL PB 434 33.98 -37.66 90.76
C VAL PB 434 32.58 -38.22 90.61
N ASP PB 435 31.63 -37.33 90.34
CA ASP PB 435 30.25 -37.67 90.06
C ASP PB 435 29.91 -37.28 88.63
N GLY PB 436 28.73 -37.76 88.20
CA GLY PB 436 28.30 -37.53 86.83
C GLY PB 436 28.19 -36.06 86.49
N ALA PB 437 27.64 -35.26 87.41
CA ALA PB 437 27.52 -33.83 87.18
C ALA PB 437 28.88 -33.19 87.00
N VAL PB 438 29.85 -33.58 87.81
CA VAL PB 438 31.18 -33.00 87.75
C VAL PB 438 31.85 -33.35 86.43
N GLY PB 439 31.76 -34.62 86.04
CA GLY PB 439 32.32 -35.02 84.76
C GLY PB 439 31.66 -34.29 83.60
N ALA PB 440 30.34 -34.11 83.67
CA ALA PB 440 29.64 -33.39 82.62
C ALA PB 440 30.09 -31.95 82.54
N GLU PB 441 30.31 -31.31 83.69
CA GLU PB 441 30.79 -29.94 83.70
C GLU PB 441 32.16 -29.84 83.06
N TRP PB 442 33.05 -30.78 83.41
CA TRP PB 442 34.38 -30.80 82.82
C TRP PB 442 34.30 -30.95 81.31
N ILE PB 443 33.46 -31.85 80.84
CA ILE PB 443 33.34 -32.07 79.40
C ILE PB 443 32.74 -30.85 78.71
N ARG PB 444 31.78 -30.19 79.37
CA ARG PB 444 31.21 -28.98 78.78
C ARG PB 444 32.27 -27.92 78.59
N GLU PB 445 33.11 -27.72 79.60
CA GLU PB 445 34.17 -26.71 79.48
C GLU PB 445 35.14 -27.09 78.37
N LEU PB 446 35.48 -28.38 78.26
CA LEU PB 446 36.37 -28.80 77.19
C LEU PB 446 35.77 -28.50 75.83
N LYS PB 447 34.51 -28.89 75.63
CA LYS PB 447 33.83 -28.64 74.36
C LYS PB 447 33.79 -27.15 74.05
N LYS PB 448 33.55 -26.33 75.08
CA LYS PB 448 33.46 -24.89 74.86
C LYS PB 448 34.80 -24.34 74.40
N VAL PB 449 35.88 -24.70 75.10
CA VAL PB 449 37.20 -24.19 74.75
C VAL PB 449 37.61 -24.65 73.36
N ILE PB 450 37.25 -25.87 72.98
CA ILE PB 450 37.61 -26.35 71.67
C ILE PB 450 36.82 -25.61 70.60
N GLU PB 451 35.49 -25.60 70.73
CA GLU PB 451 34.64 -25.03 69.70
C GLU PB 451 34.90 -23.54 69.54
N ASN PB 452 35.37 -22.88 70.61
CA ASN PB 452 35.87 -21.52 70.52
C ASN PB 452 37.36 -21.56 70.80
N PRO PB 453 38.21 -21.87 69.80
CA PRO PB 453 39.64 -22.05 70.09
C PRO PB 453 40.32 -20.82 70.65
N LEU PB 454 39.75 -19.64 70.42
CA LEU PB 454 40.37 -18.41 70.88
C LEU PB 454 40.48 -18.34 72.40
N GLU PB 455 39.62 -19.05 73.12
CA GLU PB 455 39.69 -19.05 74.56
C GLU PB 455 40.86 -19.86 75.10
N LEU PB 456 41.64 -20.51 74.23
CA LEU PB 456 42.89 -21.13 74.67
C LEU PB 456 43.83 -20.10 75.29
N LEU PB 457 43.74 -18.84 74.84
CA LEU PB 457 44.53 -17.79 75.46
C LEU PB 457 44.15 -17.60 76.92
N LEU PB 458 42.87 -17.79 77.25
CA LEU PB 458 42.38 -17.57 78.60
C LEU PB 458 42.66 -18.78 79.48
N TYR QB 227 72.37 -86.67 10.39
CA TYR QB 227 73.71 -86.09 10.37
C TYR QB 227 74.29 -86.01 11.78
N THR QB 228 73.93 -84.97 12.51
CA THR QB 228 74.46 -84.79 13.86
C THR QB 228 73.86 -85.83 14.80
N ASP QB 229 74.73 -86.54 15.53
CA ASP QB 229 74.34 -87.66 16.37
C ASP QB 229 74.68 -87.32 17.82
N VAL QB 230 73.66 -86.96 18.60
CA VAL QB 230 73.84 -86.58 19.99
C VAL QB 230 73.29 -87.71 20.86
N PRO QB 231 74.09 -88.31 21.75
CA PRO QB 231 73.52 -89.32 22.65
C PRO QB 231 72.47 -88.71 23.57
N ILE QB 232 71.65 -89.59 24.13
CA ILE QB 232 70.53 -89.16 24.97
C ILE QB 232 71.04 -88.90 26.38
N SER QB 233 70.43 -87.91 27.04
CA SER QB 233 70.87 -87.51 28.38
C SER QB 233 70.62 -88.59 29.42
N GLY QB 234 69.76 -89.56 29.14
CA GLY QB 234 69.36 -90.57 30.11
C GLY QB 234 68.15 -90.18 30.92
N MET QB 235 68.05 -88.90 31.28
CA MET QB 235 66.88 -88.43 32.01
C MET QB 235 65.64 -88.52 31.13
N ARG QB 236 65.77 -88.21 29.83
CA ARG QB 236 64.63 -88.28 28.93
C ARG QB 236 64.11 -89.70 28.80
N LYS QB 237 64.96 -90.70 29.03
CA LYS QB 237 64.53 -92.09 28.93
C LYS QB 237 63.41 -92.39 29.90
N THR QB 238 63.55 -91.90 31.14
CA THR QB 238 62.55 -92.17 32.15
C THR QB 238 61.22 -91.53 31.80
N ILE QB 239 61.26 -90.28 31.32
CA ILE QB 239 60.04 -89.59 30.94
C ILE QB 239 59.38 -90.29 29.76
N ALA QB 240 60.19 -90.79 28.82
CA ALA QB 240 59.64 -91.50 27.68
C ALA QB 240 58.94 -92.78 28.13
N ALA QB 241 59.59 -93.54 29.01
CA ALA QB 241 58.97 -94.76 29.52
C ALA QB 241 57.69 -94.45 30.29
N ARG QB 242 57.69 -93.36 31.05
CA ARG QB 242 56.51 -92.98 31.83
C ARG QB 242 55.34 -92.64 30.90
N LEU QB 243 55.59 -91.81 29.90
CA LEU QB 243 54.54 -91.44 28.95
C LEU QB 243 54.05 -92.65 28.17
N LYS QB 244 54.96 -93.56 27.83
CA LYS QB 244 54.57 -94.78 27.14
C LYS QB 244 53.66 -95.63 28.01
N GLU QB 245 54.01 -95.78 29.28
CA GLU QB 245 53.15 -96.48 30.23
C GLU QB 245 51.79 -95.81 30.31
N SER QB 246 51.77 -94.48 30.28
CA SER QB 246 50.51 -93.76 30.39
C SER QB 246 49.61 -94.09 29.21
N VAL QB 247 50.11 -93.90 27.99
CA VAL QB 247 49.26 -94.09 26.82
C VAL QB 247 48.91 -95.56 26.58
N THR QB 248 49.74 -96.49 27.06
CA THR QB 248 49.44 -97.91 26.83
C THR QB 248 48.58 -98.50 27.93
N GLU QB 249 48.58 -97.91 29.13
CA GLU QB 249 47.77 -98.42 30.23
C GLU QB 249 46.41 -97.75 30.29
N ASN QB 250 46.37 -96.45 30.00
CA ASN QB 250 45.16 -95.65 30.13
C ASN QB 250 44.73 -95.14 28.76
N PRO QB 251 43.54 -95.48 28.27
CA PRO QB 251 43.07 -94.83 27.05
C PRO QB 251 42.67 -93.40 27.34
N HIS QB 252 42.74 -92.57 26.32
CA HIS QB 252 42.53 -91.13 26.45
C HIS QB 252 41.33 -90.71 25.60
N PHE QB 253 40.49 -89.86 26.16
CA PHE QB 253 39.50 -89.13 25.39
C PHE QB 253 39.45 -87.70 25.88
N PHE QB 254 39.18 -86.80 24.94
CA PHE QB 254 39.36 -85.37 25.13
C PHE QB 254 38.01 -84.68 25.08
N VAL QB 255 37.90 -83.59 25.84
CA VAL QB 255 36.75 -82.71 25.83
C VAL QB 255 37.25 -81.30 25.64
N SER QB 256 36.52 -80.49 24.88
CA SER QB 256 36.95 -79.17 24.48
C SER QB 256 35.79 -78.20 24.65
N THR QB 257 36.02 -77.15 25.42
CA THR QB 257 34.99 -76.16 25.72
C THR QB 257 35.57 -74.76 25.58
N ASN QB 258 34.67 -73.78 25.68
CA ASN QB 258 35.00 -72.37 25.54
C ASN QB 258 34.43 -71.61 26.72
N LEU QB 259 35.30 -70.89 27.42
CA LEU QB 259 34.91 -70.10 28.58
C LEU QB 259 34.85 -68.62 28.20
N SER QB 260 34.13 -67.86 29.03
CA SER QB 260 34.05 -66.41 28.92
C SER QB 260 34.68 -65.80 30.15
N VAL QB 261 35.69 -64.95 29.95
CA VAL QB 261 36.55 -64.47 31.02
C VAL QB 261 36.53 -62.95 31.13
N SER QB 262 35.57 -62.29 30.47
CA SER QB 262 35.54 -60.83 30.49
C SER QB 262 35.32 -60.29 31.89
N LYS QB 263 34.59 -61.03 32.72
CA LYS QB 263 34.37 -60.61 34.11
C LYS QB 263 35.56 -61.01 34.98
N LEU QB 264 36.16 -62.16 34.69
CA LEU QB 264 37.32 -62.60 35.44
C LEU QB 264 38.47 -61.59 35.33
N LEU QB 265 38.70 -61.08 34.13
CA LEU QB 265 39.79 -60.13 33.95
C LEU QB 265 39.51 -58.84 34.70
N LYS QB 266 38.25 -58.39 34.70
CA LYS QB 266 37.90 -57.20 35.48
C LYS QB 266 38.15 -57.44 36.96
N LEU QB 267 37.79 -58.61 37.46
CA LEU QB 267 38.03 -58.94 38.86
C LEU QB 267 39.52 -58.91 39.18
N ARG QB 268 40.32 -59.49 38.29
CA ARG QB 268 41.77 -59.51 38.51
C ARG QB 268 42.33 -58.10 38.50
N GLN QB 269 41.85 -57.26 37.59
CA GLN QB 269 42.30 -55.88 37.52
C GLN QB 269 41.96 -55.13 38.80
N ALA QB 270 40.74 -55.31 39.29
CA ALA QB 270 40.31 -54.59 40.49
C ALA QB 270 41.09 -55.04 41.71
N LEU QB 271 41.31 -56.35 41.85
CA LEU QB 271 42.08 -56.84 42.99
C LEU QB 271 43.53 -56.42 42.92
N ASN QB 272 44.12 -56.37 41.72
CA ASN QB 272 45.49 -55.88 41.59
C ASN QB 272 45.57 -54.40 41.92
N SER QB 273 44.54 -53.64 41.57
CA SER QB 273 44.54 -52.21 41.86
C SER QB 273 44.37 -51.95 43.35
N SER QB 274 43.48 -52.68 44.02
CA SER QB 274 43.24 -52.48 45.45
C SER QB 274 44.27 -53.24 46.26
N ALA QB 275 45.53 -52.83 46.11
CA ALA QB 275 46.64 -53.46 46.79
C ALA QB 275 47.78 -52.48 46.87
N ASP QB 276 48.77 -52.81 47.69
CA ASP QB 276 49.96 -51.99 47.91
C ASP QB 276 51.22 -52.75 47.57
N GLY QB 277 51.21 -53.44 46.43
CA GLY QB 277 52.33 -54.28 46.06
C GLY QB 277 52.53 -55.49 46.94
N ARG QB 278 51.50 -55.88 47.70
CA ARG QB 278 51.62 -57.02 48.59
C ARG QB 278 51.47 -58.34 47.85
N TYR QB 279 50.86 -58.33 46.67
CA TYR QB 279 50.63 -59.54 45.90
C TYR QB 279 50.43 -59.17 44.44
N LYS QB 280 50.34 -60.19 43.60
CA LYS QB 280 50.06 -60.02 42.18
C LYS QB 280 49.45 -61.32 41.68
N LEU QB 281 48.30 -61.21 41.03
CA LEU QB 281 47.51 -62.38 40.64
C LEU QB 281 47.64 -62.68 39.16
N SER QB 282 47.22 -63.88 38.80
CA SER QB 282 47.19 -64.32 37.40
C SER QB 282 45.93 -65.15 37.16
N VAL QB 283 45.75 -65.61 35.93
CA VAL QB 283 44.57 -66.38 35.57
C VAL QB 283 44.68 -67.81 36.08
N ASN QB 284 45.90 -68.33 36.14
CA ASN QB 284 46.12 -69.71 36.55
C ASN QB 284 45.64 -69.96 37.97
N ASP QB 285 45.74 -68.96 38.84
CA ASP QB 285 45.33 -69.14 40.23
C ASP QB 285 43.82 -69.30 40.33
N PHE QB 286 43.08 -68.42 39.64
CA PHE QB 286 41.63 -68.58 39.56
C PHE QB 286 41.27 -69.94 39.01
N LEU QB 287 41.96 -70.37 37.95
CA LEU QB 287 41.69 -71.68 37.37
C LEU QB 287 41.91 -72.79 38.37
N ILE QB 288 42.95 -72.66 39.19
CA ILE QB 288 43.28 -73.72 40.14
C ILE QB 288 42.22 -73.77 41.24
N LYS QB 289 41.77 -72.61 41.70
CA LYS QB 289 40.69 -72.58 42.69
C LYS QB 289 39.43 -73.21 42.14
N ALA QB 290 39.10 -72.90 40.89
CA ALA QB 290 37.90 -73.47 40.29
C ALA QB 290 38.05 -74.97 40.10
N MET QB 291 39.26 -75.44 39.79
CA MET QB 291 39.50 -76.87 39.70
C MET QB 291 39.24 -77.54 41.03
N GLY QB 292 39.71 -76.93 42.12
CA GLY QB 292 39.45 -77.49 43.43
C GLY QB 292 37.96 -77.56 43.73
N ILE QB 293 37.23 -76.50 43.40
CA ILE QB 293 35.79 -76.49 43.67
C ILE QB 293 35.08 -77.58 42.89
N ALA QB 294 35.45 -77.71 41.61
CA ALA QB 294 34.79 -78.70 40.77
C ALA QB 294 35.12 -80.11 41.24
N SER QB 295 36.37 -80.34 41.64
CA SER QB 295 36.75 -81.65 42.13
C SER QB 295 36.02 -81.99 43.42
N LYS QB 296 35.76 -80.98 44.25
CA LYS QB 296 35.00 -81.24 45.47
C LYS QB 296 33.53 -81.51 45.17
N ARG QB 297 32.98 -80.85 44.15
CA ARG QB 297 31.58 -81.09 43.81
C ARG QB 297 31.38 -82.41 43.10
N VAL QB 298 32.41 -82.90 42.41
CA VAL QB 298 32.35 -84.17 41.69
C VAL QB 298 33.57 -84.98 42.07
N PRO QB 299 33.55 -85.72 43.19
CA PRO QB 299 34.79 -86.33 43.69
C PRO QB 299 35.29 -87.49 42.86
N THR QB 300 34.50 -88.00 41.91
CA THR QB 300 34.94 -89.14 41.13
C THR QB 300 36.16 -88.81 40.28
N VAL QB 301 36.29 -87.55 39.86
CA VAL QB 301 37.44 -87.17 39.06
C VAL QB 301 38.72 -87.24 39.88
N ASN QB 302 38.66 -86.73 41.11
CA ASN QB 302 39.81 -86.74 42.01
C ASN QB 302 39.98 -88.17 42.52
N SER QB 303 40.57 -89.01 41.67
CA SER QB 303 40.69 -90.42 41.93
C SER QB 303 41.95 -90.93 41.23
N SER QB 304 42.16 -92.24 41.30
CA SER QB 304 43.30 -92.86 40.64
C SER QB 304 42.92 -94.31 40.30
N TRP QB 305 43.93 -95.09 39.91
CA TRP QB 305 43.74 -96.50 39.58
C TRP QB 305 44.90 -97.28 40.20
N ARG QB 306 44.56 -98.23 41.08
CA ARG QB 306 45.57 -98.96 41.83
C ARG QB 306 45.31 -100.46 41.70
N ASP QB 307 45.98 -101.26 42.51
CA ASP QB 307 45.91 -102.71 42.38
C ASP QB 307 44.53 -103.23 42.76
N GLY QB 308 43.65 -103.39 41.77
CA GLY QB 308 42.32 -103.91 42.01
C GLY QB 308 41.50 -103.08 42.96
N VAL QB 309 41.76 -101.77 43.03
CA VAL QB 309 41.10 -100.89 43.97
C VAL QB 309 41.17 -99.47 43.45
N ILE QB 310 40.14 -98.69 43.74
CA ILE QB 310 40.11 -97.26 43.43
C ILE QB 310 40.42 -96.50 44.70
N ARG QB 311 41.48 -95.70 44.64
CA ARG QB 311 41.85 -94.81 45.72
C ARG QB 311 41.22 -93.45 45.47
N GLN QB 312 40.35 -93.03 46.38
CA GLN QB 312 39.68 -91.75 46.31
C GLN QB 312 40.18 -90.86 47.44
N PHE QB 313 40.65 -89.67 47.09
CA PHE QB 313 41.11 -88.70 48.06
C PHE QB 313 39.93 -87.84 48.53
N GLU QB 314 40.24 -86.87 49.38
CA GLU QB 314 39.29 -85.85 49.82
C GLU QB 314 39.78 -84.46 49.47
N THR QB 315 41.04 -84.16 49.74
CA THR QB 315 41.65 -82.90 49.37
C THR QB 315 42.05 -82.92 47.91
N VAL QB 316 42.44 -81.76 47.40
CA VAL QB 316 42.83 -81.58 46.02
C VAL QB 316 44.30 -81.17 46.00
N ASP QB 317 45.14 -82.03 45.43
CA ASP QB 317 46.56 -81.75 45.23
C ASP QB 317 46.79 -81.48 43.76
N VAL QB 318 47.25 -80.27 43.45
CA VAL QB 318 47.31 -79.78 42.08
C VAL QB 318 48.76 -79.76 41.62
N SER QB 319 49.02 -80.42 40.49
CA SER QB 319 50.34 -80.45 39.89
C SER QB 319 50.41 -79.41 38.77
N VAL QB 320 51.24 -78.39 38.96
CA VAL QB 320 51.39 -77.32 37.99
C VAL QB 320 52.69 -77.54 37.22
N ALA QB 321 52.62 -77.36 35.91
CA ALA QB 321 53.77 -77.60 35.05
C ALA QB 321 54.62 -76.35 34.90
N VAL QB 322 55.93 -76.56 34.81
CA VAL QB 322 56.89 -75.49 34.58
C VAL QB 322 57.89 -75.96 33.54
N ALA QB 323 58.19 -75.08 32.58
CA ALA QB 323 59.06 -75.38 31.45
C ALA QB 323 60.43 -74.79 31.73
N THR QB 324 61.35 -75.63 32.18
CA THR QB 324 62.73 -75.23 32.42
C THR QB 324 63.57 -75.53 31.18
N PRO QB 325 64.77 -74.94 31.08
CA PRO QB 325 65.67 -75.34 29.99
C PRO QB 325 66.07 -76.80 30.05
N ASN QB 326 65.97 -77.44 31.21
CA ASN QB 326 66.21 -78.86 31.34
C ASN QB 326 65.06 -79.70 30.82
N GLY QB 327 63.86 -79.12 30.69
CA GLY QB 327 62.69 -79.83 30.21
C GLY QB 327 61.42 -79.38 30.88
N LEU QB 328 60.70 -80.35 31.46
CA LEU QB 328 59.42 -80.10 32.12
C LEU QB 328 59.50 -80.60 33.55
N ILE QB 329 58.79 -79.93 34.44
CA ILE QB 329 58.71 -80.36 35.83
C ILE QB 329 57.34 -79.99 36.38
N THR QB 330 56.89 -80.74 37.38
CA THR QB 330 55.53 -80.62 37.91
C THR QB 330 55.56 -80.48 39.43
N PRO QB 331 55.83 -79.27 39.93
CA PRO QB 331 55.62 -79.02 41.36
C PRO QB 331 54.15 -79.15 41.73
N ILE QB 332 53.90 -79.19 43.05
CA ILE QB 332 52.60 -79.52 43.60
C ILE QB 332 52.19 -78.44 44.58
N VAL QB 333 50.89 -78.15 44.59
CA VAL QB 333 50.25 -77.32 45.60
C VAL QB 333 49.29 -78.20 46.39
N LYS QB 334 49.30 -78.03 47.70
CA LYS QB 334 48.60 -78.90 48.63
C LYS QB 334 47.40 -78.19 49.25
N GLY QB 335 46.31 -78.93 49.39
CA GLY QB 335 45.12 -78.43 50.06
C GLY QB 335 44.59 -77.15 49.45
N VAL QB 336 44.28 -77.20 48.16
CA VAL QB 336 43.89 -75.98 47.44
C VAL QB 336 42.57 -75.45 47.97
N GLU QB 337 41.58 -76.33 48.09
CA GLU QB 337 40.25 -75.92 48.51
C GLU QB 337 40.31 -75.28 49.89
N GLY QB 338 39.88 -74.03 49.98
CA GLY QB 338 39.99 -73.30 51.21
C GLY QB 338 41.43 -73.00 51.60
N LYS QB 339 42.14 -72.27 50.75
CA LYS QB 339 43.53 -71.90 51.00
C LYS QB 339 43.80 -70.43 50.75
N GLY QB 340 43.14 -69.82 49.78
CA GLY QB 340 43.33 -68.41 49.48
C GLY QB 340 44.20 -68.15 48.27
N LEU QB 341 43.74 -67.22 47.42
CA LEU QB 341 44.42 -66.94 46.17
C LEU QB 341 45.80 -66.35 46.40
N GLU QB 342 45.95 -65.53 47.43
CA GLU QB 342 47.25 -64.91 47.69
C GLU QB 342 48.28 -65.96 48.08
N SER QB 343 47.90 -66.85 48.99
CA SER QB 343 48.78 -67.95 49.36
C SER QB 343 49.11 -68.82 48.16
N ILE QB 344 48.11 -69.05 47.30
CA ILE QB 344 48.33 -69.84 46.10
C ILE QB 344 49.37 -69.19 45.21
N SER QB 345 49.22 -67.89 44.97
CA SER QB 345 50.14 -67.18 44.09
C SER QB 345 51.54 -67.20 44.67
N ALA QB 346 51.67 -67.00 45.98
CA ALA QB 346 52.98 -67.00 46.62
C ALA QB 346 53.64 -68.36 46.46
N ALA QB 347 52.89 -69.43 46.74
CA ALA QB 347 53.45 -70.77 46.64
C ALA QB 347 53.87 -71.08 45.21
N VAL QB 348 53.04 -70.67 44.24
CA VAL QB 348 53.35 -70.94 42.84
C VAL QB 348 54.63 -70.22 42.42
N LYS QB 349 54.75 -68.94 42.77
CA LYS QB 349 55.95 -68.20 42.43
C LYS QB 349 57.19 -68.83 43.07
N GLU QB 350 57.06 -69.22 44.34
CA GLU QB 350 58.19 -69.84 45.03
C GLU QB 350 58.63 -71.11 44.34
N LEU QB 351 57.68 -72.00 44.04
CA LEU QB 351 58.03 -73.27 43.43
C LEU QB 351 58.58 -73.06 42.03
N ALA QB 352 58.07 -72.07 41.30
CA ALA QB 352 58.55 -71.83 39.94
C ALA QB 352 60.00 -71.34 39.96
N LYS QB 353 60.32 -70.39 40.84
CA LYS QB 353 61.69 -69.92 40.91
C LYS QB 353 62.62 -71.01 41.43
N LYS QB 354 62.15 -71.81 42.38
CA LYS QB 354 62.97 -72.92 42.86
C LYS QB 354 63.21 -73.96 41.77
N ALA QB 355 62.26 -74.10 40.85
CA ALA QB 355 62.47 -75.03 39.74
C ALA QB 355 63.45 -74.46 38.72
N ARG QB 356 63.36 -73.17 38.47
CA ARG QB 356 64.34 -72.53 37.58
C ARG QB 356 65.74 -72.62 38.16
N ASP QB 357 65.86 -72.60 39.48
CA ASP QB 357 67.16 -72.74 40.12
C ASP QB 357 67.57 -74.20 40.36
N GLY QB 358 66.64 -75.14 40.29
CA GLY QB 358 66.94 -76.53 40.56
C GLY QB 358 67.20 -76.79 42.03
N LYS QB 359 66.18 -76.59 42.87
CA LYS QB 359 66.32 -76.66 44.32
C LYS QB 359 65.14 -77.38 44.96
N LEU QB 360 64.59 -78.39 44.28
CA LEU QB 360 63.39 -79.06 44.74
C LEU QB 360 63.73 -80.40 45.41
N LYS QB 361 62.75 -80.87 46.19
CA LYS QB 361 62.76 -82.20 46.80
C LYS QB 361 61.86 -83.13 45.98
N PRO QB 362 62.07 -84.45 46.07
CA PRO QB 362 61.23 -85.35 45.27
C PRO QB 362 59.77 -85.34 45.69
N GLU QB 363 59.49 -85.21 46.99
CA GLU QB 363 58.12 -85.19 47.47
C GLU QB 363 57.32 -84.03 46.88
N GLU QB 364 57.99 -82.92 46.56
CA GLU QB 364 57.30 -81.74 46.08
C GLU QB 364 56.72 -81.93 44.68
N TYR QB 365 57.26 -82.87 43.89
CA TYR QB 365 56.78 -83.13 42.54
C TYR QB 365 56.53 -84.61 42.27
N GLN QB 366 56.39 -85.41 43.33
CA GLN QB 366 56.01 -86.81 43.20
C GLN QB 366 54.72 -87.02 44.00
N GLY QB 367 53.61 -87.15 43.28
CA GLY QB 367 52.31 -87.27 43.89
C GLY QB 367 51.26 -86.49 43.11
N GLY QB 368 50.34 -85.87 43.82
CA GLY QB 368 49.31 -85.08 43.18
C GLY QB 368 48.21 -85.94 42.60
N SER QB 369 46.97 -85.49 42.73
CA SER QB 369 45.82 -86.21 42.18
C SER QB 369 45.45 -85.71 40.79
N ILE QB 370 45.58 -84.41 40.56
CA ILE QB 370 45.19 -83.78 39.29
C ILE QB 370 46.32 -82.85 38.87
N SER QB 371 46.36 -82.56 37.57
CA SER QB 371 47.45 -81.80 36.97
C SER QB 371 46.89 -80.72 36.06
N ILE QB 372 47.79 -79.90 35.54
CA ILE QB 372 47.43 -78.79 34.66
C ILE QB 372 48.70 -78.32 33.95
N SER QB 373 48.51 -77.83 32.74
CA SER QB 373 49.56 -77.18 31.97
C SER QB 373 49.01 -75.90 31.37
N ASN QB 374 49.85 -74.88 31.28
CA ASN QB 374 49.43 -73.56 30.83
C ASN QB 374 50.35 -73.08 29.72
N MET QB 375 49.77 -72.38 28.75
CA MET QB 375 50.51 -71.80 27.64
C MET QB 375 49.98 -70.41 27.28
N GLY QB 376 49.37 -69.72 28.23
CA GLY QB 376 48.71 -68.46 27.94
C GLY QB 376 49.62 -67.36 27.47
N MET QB 377 50.92 -67.45 27.78
CA MET QB 377 51.84 -66.42 27.33
C MET QB 377 52.00 -66.44 25.82
N ASN QB 378 51.85 -67.60 25.20
CA ASN QB 378 52.02 -67.74 23.76
C ASN QB 378 50.67 -67.53 23.07
N PRO QB 379 50.42 -66.37 22.45
CA PRO QB 379 49.05 -66.08 21.98
C PRO QB 379 48.62 -66.91 20.79
N ALA QB 380 49.52 -67.62 20.12
CA ALA QB 380 49.15 -68.34 18.91
C ALA QB 380 48.38 -69.60 19.20
N VAL QB 381 48.61 -70.22 20.36
CA VAL QB 381 48.03 -71.53 20.67
C VAL QB 381 46.57 -71.30 21.05
N GLN QB 382 45.66 -71.64 20.13
CA GLN QB 382 44.24 -71.60 20.45
C GLN QB 382 43.85 -72.75 21.35
N SER QB 383 44.45 -73.93 21.12
CA SER QB 383 44.12 -75.10 21.92
C SER QB 383 45.24 -76.11 21.80
N PHE QB 384 45.27 -77.04 22.76
CA PHE QB 384 46.22 -78.13 22.69
C PHE QB 384 45.83 -79.17 23.71
N THR QB 385 46.35 -80.37 23.50
CA THR QB 385 46.14 -81.50 24.36
C THR QB 385 47.41 -81.74 25.17
N ALA QB 386 47.30 -82.57 26.20
CA ALA QB 386 48.44 -83.02 26.97
C ALA QB 386 48.24 -84.49 27.32
N ILE QB 387 49.15 -85.00 28.14
CA ILE QB 387 49.22 -86.42 28.47
C ILE QB 387 49.10 -86.56 29.98
N ILE QB 388 48.41 -87.61 30.41
CA ILE QB 388 48.07 -87.79 31.81
C ILE QB 388 49.31 -88.29 32.55
N ASN QB 389 49.85 -87.46 33.42
CA ASN QB 389 50.95 -87.86 34.28
C ASN QB 389 50.46 -88.92 35.27
N PRO QB 390 50.88 -90.18 35.18
CA PRO QB 390 50.32 -91.19 36.05
C PRO QB 390 50.75 -90.98 37.49
N PRO QB 391 50.08 -91.63 38.46
CA PRO QB 391 48.94 -92.54 38.31
C PRO QB 391 47.60 -91.79 38.30
N GLN QB 392 47.64 -90.49 38.02
CA GLN QB 392 46.44 -89.66 38.07
C GLN QB 392 45.42 -90.08 37.02
N ALA QB 393 44.27 -89.41 37.02
CA ALA QB 393 43.13 -89.78 36.19
C ALA QB 393 42.77 -88.73 35.15
N ALA QB 394 43.15 -87.49 35.35
CA ALA QB 394 42.72 -86.40 34.47
C ALA QB 394 43.82 -85.36 34.39
N ILE QB 395 43.72 -84.52 33.36
CA ILE QB 395 44.62 -83.40 33.22
C ILE QB 395 43.94 -82.34 32.37
N LEU QB 396 44.31 -81.09 32.63
CA LEU QB 396 43.71 -79.91 32.03
C LEU QB 396 44.71 -79.21 31.13
N ALA QB 397 44.20 -78.33 30.29
CA ALA QB 397 45.03 -77.52 29.41
C ALA QB 397 44.25 -76.27 29.04
N VAL QB 398 44.91 -75.13 29.08
CA VAL QB 398 44.29 -73.83 28.87
C VAL QB 398 45.03 -73.13 27.76
N GLY QB 399 44.32 -72.84 26.66
CA GLY QB 399 44.92 -72.12 25.56
C GLY QB 399 45.06 -70.64 25.87
N ALA QB 400 45.25 -69.87 24.81
CA ALA QB 400 45.36 -68.43 24.93
C ALA QB 400 43.99 -67.77 24.84
N PRO QB 401 43.88 -66.52 25.26
CA PRO QB 401 42.65 -65.78 25.03
C PRO QB 401 42.57 -65.25 23.61
N GLN QB 402 41.33 -65.04 23.17
CA GLN QB 402 41.07 -64.57 21.81
C GLN QB 402 39.82 -63.72 21.83
N LYS QB 403 39.62 -63.00 20.72
CA LYS QB 403 38.44 -62.15 20.54
C LYS QB 403 37.43 -62.92 19.69
N VAL QB 404 36.18 -62.91 20.12
CA VAL QB 404 35.12 -63.65 19.44
C VAL QB 404 33.87 -62.78 19.40
N ALA QB 405 33.09 -62.96 18.35
CA ALA QB 405 31.81 -62.30 18.23
C ALA QB 405 30.77 -63.01 19.07
N VAL QB 406 29.92 -62.22 19.72
CA VAL QB 406 28.85 -62.75 20.55
C VAL QB 406 27.62 -61.85 20.36
N PRO QB 407 26.41 -62.40 20.20
CA PRO QB 407 25.24 -61.54 20.10
C PRO QB 407 24.94 -60.84 21.41
N VAL QB 408 24.17 -59.77 21.30
CA VAL QB 408 23.72 -59.02 22.46
C VAL QB 408 22.44 -58.28 22.08
N GLU QB 409 21.52 -58.19 23.04
CA GLU QB 409 20.27 -57.46 22.84
C GLU QB 409 20.41 -56.05 23.37
N ASN QB 410 20.34 -55.08 22.47
CA ASN QB 410 20.27 -53.68 22.90
C ASN QB 410 18.94 -53.43 23.60
N GLU QB 411 18.78 -52.19 24.07
CA GLU QB 411 17.54 -51.82 24.77
C GLU QB 411 16.31 -51.97 23.89
N ASP QB 412 16.46 -51.92 22.57
CA ASP QB 412 15.37 -52.21 21.65
C ASP QB 412 15.34 -53.70 21.36
N GLY QB 413 14.54 -54.08 20.36
CA GLY QB 413 14.38 -55.49 20.03
C GLY QB 413 15.47 -56.05 19.13
N THR QB 414 16.25 -55.18 18.47
CA THR QB 414 17.29 -55.63 17.58
C THR QB 414 18.48 -56.17 18.35
N THR QB 415 19.15 -57.14 17.77
CA THR QB 415 20.38 -57.68 18.32
C THR QB 415 21.56 -56.83 17.89
N GLY QB 416 22.70 -57.05 18.55
CA GLY QB 416 23.91 -56.33 18.25
C GLY QB 416 25.12 -57.23 18.43
N VAL QB 417 26.29 -56.67 18.13
CA VAL QB 417 27.55 -57.40 18.16
C VAL QB 417 28.34 -56.91 19.37
N SER QB 418 28.76 -57.86 20.20
CA SER QB 418 29.61 -57.58 21.35
C SER QB 418 30.85 -58.47 21.28
N TRP QB 419 31.99 -57.89 21.62
CA TRP QB 419 33.27 -58.58 21.54
C TRP QB 419 33.66 -59.07 22.93
N ASP QB 420 33.56 -60.37 23.14
CA ASP QB 420 33.92 -61.02 24.38
C ASP QB 420 35.25 -61.72 24.23
N GLU QB 421 35.98 -61.84 25.33
CA GLU QB 421 37.28 -62.50 25.37
C GLU QB 421 37.06 -63.95 25.78
N GLN QB 422 37.32 -64.87 24.86
CA GLN QB 422 37.12 -66.29 25.08
C GLN QB 422 38.45 -67.02 25.21
N ILE QB 423 38.41 -68.12 25.95
CA ILE QB 423 39.52 -69.05 26.07
C ILE QB 423 39.00 -70.45 25.80
N ILE QB 424 39.79 -71.23 25.09
CA ILE QB 424 39.51 -72.64 24.89
C ILE QB 424 40.19 -73.43 25.99
N VAL QB 425 39.50 -74.45 26.49
CA VAL QB 425 39.99 -75.33 27.52
C VAL QB 425 39.82 -76.75 27.02
N THR QB 426 40.86 -77.56 27.22
CA THR QB 426 40.85 -78.95 26.80
C THR QB 426 41.17 -79.82 28.00
N ALA QB 427 40.33 -80.83 28.24
CA ALA QB 427 40.49 -81.76 29.34
C ALA QB 427 40.65 -83.15 28.79
N SER QB 428 41.74 -83.82 29.18
CA SER QB 428 41.97 -85.21 28.83
C SER QB 428 41.66 -86.07 30.03
N PHE QB 429 40.84 -87.11 29.82
CA PHE QB 429 40.43 -88.00 30.90
C PHE QB 429 40.84 -89.43 30.60
N ASP QB 430 41.05 -90.21 31.66
CA ASP QB 430 41.16 -91.64 31.54
C ASP QB 430 39.76 -92.25 31.56
N HIS QB 431 39.53 -93.22 30.69
CA HIS QB 431 38.21 -93.78 30.50
C HIS QB 431 37.91 -94.94 31.45
N LYS QB 432 38.93 -95.51 32.10
CA LYS QB 432 38.66 -96.57 33.06
C LYS QB 432 37.86 -96.05 34.24
N VAL QB 433 38.24 -94.90 34.77
CA VAL QB 433 37.62 -94.33 35.94
C VAL QB 433 36.44 -93.45 35.56
N VAL QB 434 36.66 -92.50 34.67
CA VAL QB 434 35.69 -91.46 34.36
C VAL QB 434 34.97 -91.81 33.07
N ASP QB 435 33.72 -91.37 32.99
CA ASP QB 435 32.91 -91.50 31.80
C ASP QB 435 32.58 -90.10 31.25
N GLY QB 436 32.00 -90.11 30.05
CA GLY QB 436 31.72 -88.86 29.37
C GLY QB 436 30.78 -87.96 30.14
N ALA QB 437 29.74 -88.55 30.74
CA ALA QB 437 28.80 -87.75 31.53
C ALA QB 437 29.49 -87.09 32.71
N VAL QB 438 30.37 -87.82 33.38
CA VAL QB 438 31.06 -87.29 34.54
C VAL QB 438 31.97 -86.15 34.13
N GLY QB 439 32.73 -86.35 33.05
CA GLY QB 439 33.58 -85.29 32.55
C GLY QB 439 32.79 -84.06 32.16
N ALA QB 440 31.63 -84.27 31.53
CA ALA QB 440 30.80 -83.15 31.12
C ALA QB 440 30.28 -82.39 32.34
N GLU QB 441 29.90 -83.11 33.39
CA GLU QB 441 29.42 -82.46 34.60
C GLU QB 441 30.53 -81.63 35.23
N TRP QB 442 31.74 -82.19 35.30
CA TRP QB 442 32.88 -81.46 35.83
C TRP QB 442 33.12 -80.18 35.04
N ILE QB 443 33.10 -80.28 33.71
CA ILE QB 443 33.35 -79.12 32.87
C ILE QB 443 32.24 -78.10 33.04
N ARG QB 444 31.00 -78.56 33.21
CA ARG QB 444 29.89 -77.64 33.40
C ARG QB 444 30.06 -76.84 34.68
N GLU QB 445 30.43 -77.52 35.77
CA GLU QB 445 30.64 -76.82 37.02
C GLU QB 445 31.79 -75.82 36.90
N LEU QB 446 32.85 -76.21 36.20
CA LEU QB 446 33.98 -75.29 36.01
C LEU QB 446 33.54 -74.05 35.24
N LYS QB 447 32.80 -74.25 34.15
CA LYS QB 447 32.33 -73.13 33.34
C LYS QB 447 31.43 -72.22 34.16
N LYS QB 448 30.54 -72.81 34.95
CA LYS QB 448 29.65 -72.02 35.77
C LYS QB 448 30.41 -71.17 36.76
N VAL QB 449 31.39 -71.78 37.45
CA VAL QB 449 32.16 -71.07 38.45
C VAL QB 449 32.95 -69.93 37.81
N ILE QB 450 33.51 -70.17 36.64
CA ILE QB 450 34.29 -69.12 35.99
C ILE QB 450 33.38 -67.99 35.53
N GLU QB 451 32.27 -68.34 34.90
CA GLU QB 451 31.41 -67.30 34.33
C GLU QB 451 30.76 -66.48 35.42
N ASN QB 452 30.55 -67.07 36.60
CA ASN QB 452 30.09 -66.33 37.78
C ASN QB 452 31.21 -66.35 38.80
N PRO QB 453 32.21 -65.47 38.71
CA PRO QB 453 33.37 -65.56 39.61
C PRO QB 453 33.01 -65.40 41.07
N LEU QB 454 31.88 -64.78 41.38
CA LEU QB 454 31.49 -64.58 42.76
C LEU QB 454 31.23 -65.90 43.48
N GLU QB 455 31.01 -66.99 42.74
CA GLU QB 455 30.81 -68.29 43.35
C GLU QB 455 32.11 -68.91 43.83
N LEU QB 456 33.27 -68.31 43.52
CA LEU QB 456 34.52 -68.78 44.08
C LEU QB 456 34.53 -68.76 45.59
N LEU QB 457 33.77 -67.83 46.19
CA LEU QB 457 33.65 -67.78 47.64
C LEU QB 457 33.03 -69.07 48.19
N LEU QB 458 32.16 -69.70 47.40
CA LEU QB 458 31.44 -70.88 47.83
C LEU QB 458 32.26 -72.15 47.56
N TYR RB 227 107.82 -34.04 -8.48
CA TYR RB 227 108.58 -33.55 -7.34
C TYR RB 227 108.82 -34.67 -6.34
N THR RB 228 107.83 -34.95 -5.50
CA THR RB 228 107.96 -36.06 -4.56
C THR RB 228 107.98 -37.37 -5.33
N ASP RB 229 108.78 -38.32 -4.85
CA ASP RB 229 109.01 -39.59 -5.54
C ASP RB 229 108.91 -40.71 -4.52
N VAL RB 230 107.74 -41.36 -4.47
CA VAL RB 230 107.48 -42.41 -3.49
C VAL RB 230 107.61 -43.76 -4.20
N PRO RB 231 108.43 -44.69 -3.70
CA PRO RB 231 108.46 -46.01 -4.32
C PRO RB 231 107.12 -46.72 -4.19
N ILE RB 232 106.90 -47.69 -5.08
CA ILE RB 232 105.65 -48.42 -5.13
C ILE RB 232 105.64 -49.48 -4.04
N SER RB 233 104.45 -49.75 -3.50
CA SER RB 233 104.32 -50.68 -2.39
C SER RB 233 104.67 -52.12 -2.78
N GLY RB 234 104.60 -52.46 -4.05
CA GLY RB 234 104.80 -53.81 -4.52
C GLY RB 234 103.50 -54.57 -4.66
N MET RB 235 102.56 -54.33 -3.74
CA MET RB 235 101.25 -54.96 -3.84
C MET RB 235 100.49 -54.44 -5.06
N ARG RB 236 100.61 -53.15 -5.35
CA ARG RB 236 99.91 -52.58 -6.50
C ARG RB 236 100.43 -53.15 -7.81
N LYS RB 237 101.68 -53.64 -7.83
CA LYS RB 237 102.24 -54.20 -9.05
C LYS RB 237 101.42 -55.40 -9.52
N THR RB 238 101.04 -56.27 -8.58
CA THR RB 238 100.26 -57.46 -8.93
C THR RB 238 98.90 -57.07 -9.48
N ILE RB 239 98.24 -56.10 -8.84
CA ILE RB 239 96.92 -55.69 -9.30
C ILE RB 239 97.03 -55.04 -10.67
N ALA RB 240 98.10 -54.27 -10.91
CA ALA RB 240 98.29 -53.65 -12.21
C ALA RB 240 98.47 -54.70 -13.29
N ALA RB 241 99.32 -55.69 -13.02
CA ALA RB 241 99.52 -56.77 -13.97
C ALA RB 241 98.22 -57.53 -14.24
N ARG RB 242 97.42 -57.73 -13.18
CA ARG RB 242 96.17 -58.45 -13.33
C ARG RB 242 95.19 -57.68 -14.22
N LEU RB 243 95.05 -56.39 -13.97
CA LEU RB 243 94.15 -55.56 -14.77
C LEU RB 243 94.64 -55.47 -16.21
N LYS RB 244 95.96 -55.40 -16.41
CA LYS RB 244 96.51 -55.37 -17.76
C LYS RB 244 96.20 -56.66 -18.50
N GLU RB 245 96.37 -57.80 -17.82
CA GLU RB 245 95.99 -59.08 -18.41
C GLU RB 245 94.52 -59.09 -18.77
N SER RB 246 93.69 -58.51 -17.91
CA SER RB 246 92.25 -58.50 -18.18
C SER RB 246 91.95 -57.72 -19.46
N VAL RB 247 92.44 -56.49 -19.54
CA VAL RB 247 92.09 -55.64 -20.68
C VAL RB 247 92.75 -56.12 -21.97
N THR RB 248 93.88 -56.82 -21.89
CA THR RB 248 94.56 -57.27 -23.11
C THR RB 248 94.07 -58.63 -23.57
N GLU RB 249 93.54 -59.46 -22.66
CA GLU RB 249 93.04 -60.78 -23.04
C GLU RB 249 91.56 -60.73 -23.41
N ASN RB 250 90.79 -59.92 -22.69
CA ASN RB 250 89.35 -59.87 -22.83
C ASN RB 250 88.95 -58.50 -23.34
N PRO RB 251 88.31 -58.39 -24.51
CA PRO RB 251 87.69 -57.11 -24.86
C PRO RB 251 86.51 -56.84 -23.96
N HIS RB 252 86.07 -55.59 -23.97
CA HIS RB 252 85.02 -55.13 -23.07
C HIS RB 252 83.97 -54.36 -23.85
N PHE RB 253 82.71 -54.67 -23.59
CA PHE RB 253 81.59 -53.83 -24.02
C PHE RB 253 80.62 -53.68 -22.88
N PHE RB 254 79.98 -52.51 -22.83
CA PHE RB 254 79.22 -52.05 -21.69
C PHE RB 254 77.75 -51.91 -22.08
N VAL RB 255 76.88 -52.12 -21.09
CA VAL RB 255 75.45 -51.98 -21.24
C VAL RB 255 74.93 -51.17 -20.08
N SER RB 256 74.14 -50.14 -20.37
CA SER RB 256 73.71 -49.15 -19.38
C SER RB 256 72.21 -49.04 -19.40
N THR RB 257 71.59 -49.30 -18.25
CA THR RB 257 70.14 -49.28 -18.13
C THR RB 257 69.74 -48.49 -16.89
N ASN RB 258 68.43 -48.28 -16.76
CA ASN RB 258 67.85 -47.51 -15.66
C ASN RB 258 66.74 -48.33 -15.03
N LEU RB 259 66.85 -48.56 -13.73
CA LEU RB 259 65.89 -49.33 -12.96
C LEU RB 259 64.99 -48.40 -12.16
N SER RB 260 63.95 -48.98 -11.58
CA SER RB 260 63.02 -48.29 -10.70
C SER RB 260 62.96 -49.03 -9.38
N VAL RB 261 63.16 -48.31 -8.28
CA VAL RB 261 63.30 -48.90 -6.95
C VAL RB 261 62.31 -48.31 -5.96
N SER RB 262 61.28 -47.60 -6.44
CA SER RB 262 60.33 -46.97 -5.54
C SER RB 262 59.58 -48.01 -4.72
N LYS RB 263 59.36 -49.20 -5.29
CA LYS RB 263 58.72 -50.28 -4.55
C LYS RB 263 59.73 -51.02 -3.69
N LEU RB 264 60.96 -51.18 -4.20
CA LEU RB 264 62.00 -51.87 -3.46
C LEU RB 264 62.29 -51.18 -2.15
N LEU RB 265 62.34 -49.85 -2.16
CA LEU RB 265 62.64 -49.13 -0.93
C LEU RB 265 61.51 -49.26 0.08
N LYS RB 266 60.26 -49.25 -0.38
CA LYS RB 266 59.14 -49.50 0.52
C LYS RB 266 59.24 -50.88 1.14
N LEU RB 267 59.59 -51.89 0.33
CA LEU RB 267 59.76 -53.24 0.85
C LEU RB 267 60.86 -53.29 1.90
N ARG RB 268 61.99 -52.63 1.63
CA ARG RB 268 63.09 -52.62 2.57
C ARG RB 268 62.68 -51.96 3.88
N GLN RB 269 61.98 -50.83 3.79
CA GLN RB 269 61.54 -50.12 4.98
C GLN RB 269 60.58 -50.98 5.79
N ALA RB 270 59.66 -51.67 5.11
CA ALA RB 270 58.70 -52.50 5.83
C ALA RB 270 59.39 -53.66 6.53
N LEU RB 271 60.33 -54.32 5.85
CA LEU RB 271 61.03 -55.42 6.48
C LEU RB 271 61.92 -54.95 7.63
N ASN RB 272 62.46 -53.73 7.53
CA ASN RB 272 63.25 -53.20 8.64
C ASN RB 272 62.37 -52.83 9.81
N SER RB 273 61.15 -52.36 9.55
CA SER RB 273 60.24 -52.00 10.62
C SER RB 273 59.69 -53.23 11.31
N SER RB 274 59.41 -54.30 10.57
CA SER RB 274 58.86 -55.53 11.14
C SER RB 274 59.99 -56.44 11.64
N ALA RB 275 60.80 -55.87 12.54
CA ALA RB 275 61.94 -56.58 13.09
C ALA RB 275 62.25 -55.98 14.45
N ASP RB 276 62.99 -56.76 15.25
CA ASP RB 276 63.38 -56.39 16.60
C ASP RB 276 64.89 -56.25 16.71
N GLY RB 277 65.50 -55.61 15.71
CA GLY RB 277 66.94 -55.46 15.68
C GLY RB 277 67.69 -56.74 15.38
N ARG RB 278 67.00 -57.75 14.86
CA ARG RB 278 67.67 -59.01 14.54
C ARG RB 278 68.44 -58.92 13.23
N TYR RB 279 68.12 -57.93 12.38
CA TYR RB 279 68.81 -57.76 11.11
C TYR RB 279 68.62 -56.33 10.63
N LYS RB 280 69.35 -55.98 9.58
CA LYS RB 280 69.23 -54.68 8.93
C LYS RB 280 69.60 -54.85 7.47
N LEU RB 281 68.72 -54.42 6.58
CA LEU RB 281 68.86 -54.67 5.15
C LEU RB 281 69.35 -53.44 4.39
N SER RB 282 69.83 -53.70 3.18
CA SER RB 282 70.28 -52.65 2.27
C SER RB 282 69.88 -53.00 0.85
N VAL RB 283 70.32 -52.20 -0.11
CA VAL RB 283 69.96 -52.40 -1.50
C VAL RB 283 70.86 -53.43 -2.17
N ASN RB 284 72.13 -53.46 -1.76
CA ASN RB 284 73.09 -54.39 -2.35
C ASN RB 284 72.64 -55.84 -2.17
N ASP RB 285 71.95 -56.14 -1.08
CA ASP RB 285 71.52 -57.52 -0.83
C ASP RB 285 70.45 -57.95 -1.84
N PHE RB 286 69.43 -57.11 -2.02
CA PHE RB 286 68.43 -57.35 -3.05
C PHE RB 286 69.09 -57.51 -4.41
N LEU RB 287 70.07 -56.65 -4.70
CA LEU RB 287 70.75 -56.73 -5.99
C LEU RB 287 71.47 -58.06 -6.14
N ILE RB 288 72.07 -58.56 -5.06
CA ILE RB 288 72.81 -59.81 -5.13
C ILE RB 288 71.86 -60.98 -5.39
N LYS RB 289 70.73 -60.99 -4.68
CA LYS RB 289 69.74 -62.04 -4.90
C LYS RB 289 69.22 -62.01 -6.34
N ALA RB 290 68.96 -60.81 -6.86
CA ALA RB 290 68.47 -60.71 -8.23
C ALA RB 290 69.54 -61.15 -9.22
N MET RB 291 70.81 -60.86 -8.92
CA MET RB 291 71.90 -61.34 -9.77
C MET RB 291 71.91 -62.85 -9.82
N GLY RB 292 71.74 -63.50 -8.67
CA GLY RB 292 71.69 -64.94 -8.65
C GLY RB 292 70.54 -65.49 -9.48
N ILE RB 293 69.37 -64.86 -9.36
CA ILE RB 293 68.20 -65.31 -10.10
C ILE RB 293 68.45 -65.19 -11.60
N ALA RB 294 68.98 -64.06 -12.03
CA ALA RB 294 69.23 -63.86 -13.45
C ALA RB 294 70.29 -64.83 -13.96
N SER RB 295 71.32 -65.07 -13.14
CA SER RB 295 72.38 -65.99 -13.54
C SER RB 295 71.84 -67.39 -13.70
N LYS RB 296 70.86 -67.78 -12.88
CA LYS RB 296 70.25 -69.10 -13.05
C LYS RB 296 69.34 -69.15 -14.26
N ARG RB 297 68.60 -68.08 -14.54
CA ARG RB 297 67.72 -68.09 -15.70
C ARG RB 297 68.51 -68.05 -17.01
N VAL RB 298 69.71 -67.49 -16.98
CA VAL RB 298 70.56 -67.40 -18.17
C VAL RB 298 71.95 -67.88 -17.78
N PRO RB 299 72.25 -69.18 -17.84
CA PRO RB 299 73.51 -69.66 -17.27
C PRO RB 299 74.74 -69.29 -18.07
N THR RB 300 74.59 -68.84 -19.31
CA THR RB 300 75.75 -68.55 -20.15
C THR RB 300 76.59 -67.43 -19.56
N VAL RB 301 76.00 -66.54 -18.78
CA VAL RB 301 76.77 -65.49 -18.13
C VAL RB 301 77.64 -66.08 -17.04
N ASN RB 302 77.09 -66.98 -16.24
CA ASN RB 302 77.82 -67.63 -15.17
C ASN RB 302 78.74 -68.67 -15.80
N SER RB 303 79.86 -68.17 -16.33
CA SER RB 303 80.79 -68.99 -17.11
C SER RB 303 82.18 -68.39 -16.95
N SER RB 304 83.12 -68.91 -17.73
CA SER RB 304 84.50 -68.41 -17.71
C SER RB 304 85.16 -68.78 -19.03
N TRP RB 305 86.48 -68.63 -19.09
CA TRP RB 305 87.26 -68.97 -20.26
C TRP RB 305 88.52 -69.69 -19.79
N ARG RB 306 88.73 -70.90 -20.28
CA ARG RB 306 89.85 -71.73 -19.88
C ARG RB 306 90.58 -72.26 -21.11
N ASP RB 307 91.53 -73.17 -20.91
CA ASP RB 307 92.35 -73.64 -22.01
C ASP RB 307 91.54 -74.46 -23.00
N GLY RB 308 91.07 -73.80 -24.05
CA GLY RB 308 90.31 -74.48 -25.09
C GLY RB 308 89.02 -75.10 -24.61
N VAL RB 309 88.45 -74.58 -23.53
CA VAL RB 309 87.24 -75.17 -22.95
C VAL RB 309 86.51 -74.10 -22.15
N ILE RB 310 85.19 -74.21 -22.13
CA ILE RB 310 84.32 -73.33 -21.36
C ILE RB 310 83.92 -74.07 -20.09
N ARG RB 311 84.24 -73.47 -18.95
CA ARG RB 311 83.81 -73.98 -17.66
C ARG RB 311 82.56 -73.24 -17.24
N GLN RB 312 81.47 -73.99 -17.04
CA GLN RB 312 80.19 -73.45 -16.64
C GLN RB 312 79.83 -74.01 -15.27
N PHE RB 313 79.48 -73.12 -14.35
CA PHE RB 313 79.07 -73.50 -13.01
C PHE RB 313 77.57 -73.75 -12.98
N GLU RB 314 77.06 -74.08 -11.80
CA GLU RB 314 75.63 -74.20 -11.53
C GLU RB 314 75.19 -73.21 -10.47
N THR RB 315 75.92 -73.15 -9.36
CA THR RB 315 75.67 -72.16 -8.32
C THR RB 315 76.20 -70.81 -8.75
N VAL RB 316 75.94 -69.80 -7.92
CA VAL RB 316 76.34 -68.43 -8.18
C VAL RB 316 77.23 -67.98 -7.04
N ASP RB 317 78.51 -67.77 -7.34
CA ASP RB 317 79.48 -67.27 -6.37
C ASP RB 317 79.73 -65.81 -6.67
N VAL RB 318 79.39 -64.94 -5.71
CA VAL RB 318 79.35 -63.51 -5.93
C VAL RB 318 80.53 -62.86 -5.22
N SER RB 319 81.31 -62.08 -5.96
CA SER RB 319 82.45 -61.35 -5.42
C SER RB 319 82.03 -59.91 -5.17
N VAL RB 320 82.04 -59.51 -3.90
CA VAL RB 320 81.62 -58.16 -3.50
C VAL RB 320 82.87 -57.35 -3.20
N ALA RB 321 82.93 -56.15 -3.76
CA ALA RB 321 84.08 -55.28 -3.57
C ALA RB 321 83.96 -54.53 -2.26
N VAL RB 322 85.11 -54.32 -1.62
CA VAL RB 322 85.22 -53.51 -0.41
C VAL RB 322 86.45 -52.63 -0.56
N ALA RB 323 86.29 -51.37 -0.14
CA ALA RB 323 87.31 -50.34 -0.28
C ALA RB 323 87.96 -50.14 1.08
N THR RB 324 89.16 -50.69 1.24
CA THR RB 324 89.95 -50.50 2.44
C THR RB 324 90.95 -49.37 2.22
N PRO RB 325 91.52 -48.81 3.30
CA PRO RB 325 92.62 -47.85 3.11
C PRO RB 325 93.83 -48.46 2.43
N ASN RB 326 94.01 -49.77 2.51
CA ASN RB 326 95.06 -50.45 1.79
C ASN RB 326 94.76 -50.59 0.30
N GLY RB 327 93.50 -50.45 -0.10
CA GLY RB 327 93.12 -50.51 -1.50
C GLY RB 327 91.75 -51.11 -1.73
N LEU RB 328 91.68 -52.11 -2.60
CA LEU RB 328 90.44 -52.78 -2.95
C LEU RB 328 90.58 -54.27 -2.66
N ILE RB 329 89.47 -54.91 -2.27
CA ILE RB 329 89.47 -56.34 -2.01
C ILE RB 329 88.11 -56.88 -2.39
N THR RB 330 88.05 -58.18 -2.67
CA THR RB 330 86.84 -58.84 -3.19
C THR RB 330 86.56 -60.13 -2.43
N PRO RB 331 85.98 -60.05 -1.24
CA PRO RB 331 85.45 -61.26 -0.61
C PRO RB 331 84.33 -61.86 -1.43
N ILE RB 332 83.96 -63.09 -1.07
CA ILE RB 332 83.05 -63.91 -1.87
C ILE RB 332 81.93 -64.39 -0.96
N VAL RB 333 80.72 -64.42 -1.53
CA VAL RB 333 79.56 -65.08 -0.94
C VAL RB 333 79.25 -66.29 -1.79
N LYS RB 334 78.93 -67.40 -1.11
CA LYS RB 334 78.75 -68.71 -1.73
C LYS RB 334 77.29 -69.11 -1.71
N GLY RB 335 76.85 -69.76 -2.78
CA GLY RB 335 75.53 -70.31 -2.86
C GLY RB 335 74.44 -69.28 -2.64
N VAL RB 336 74.46 -68.22 -3.44
CA VAL RB 336 73.53 -67.11 -3.25
C VAL RB 336 72.10 -67.56 -3.47
N GLU RB 337 71.83 -68.17 -4.62
CA GLU RB 337 70.48 -68.59 -4.95
C GLU RB 337 69.97 -69.57 -3.92
N GLY RB 338 68.88 -69.18 -3.24
CA GLY RB 338 68.35 -69.99 -2.18
C GLY RB 338 69.20 -69.96 -0.93
N LYS RB 339 69.42 -68.77 -0.39
CA LYS RB 339 70.21 -68.59 0.83
C LYS RB 339 69.51 -67.74 1.88
N GLY RB 340 68.78 -66.71 1.46
CA GLY RB 340 68.10 -65.82 2.38
C GLY RB 340 68.80 -64.48 2.58
N LEU RB 341 68.01 -63.41 2.54
CA LEU RB 341 68.58 -62.07 2.60
C LEU RB 341 69.23 -61.81 3.96
N GLU RB 342 68.69 -62.38 5.03
CA GLU RB 342 69.29 -62.18 6.35
C GLU RB 342 70.68 -62.78 6.40
N SER RB 343 70.81 -64.03 5.98
CA SER RB 343 72.11 -64.68 5.94
C SER RB 343 73.06 -63.93 5.03
N ILE RB 344 72.55 -63.39 3.92
CA ILE RB 344 73.40 -62.64 3.00
C ILE RB 344 73.94 -61.40 3.68
N SER RB 345 73.06 -60.62 4.31
CA SER RB 345 73.49 -59.40 5.00
C SER RB 345 74.48 -59.73 6.11
N ALA RB 346 74.24 -60.82 6.83
CA ALA RB 346 75.14 -61.19 7.93
C ALA RB 346 76.51 -61.53 7.39
N ALA RB 347 76.57 -62.35 6.34
CA ALA RB 347 77.85 -62.72 5.76
C ALA RB 347 78.58 -61.50 5.21
N VAL RB 348 77.84 -60.58 4.59
CA VAL RB 348 78.47 -59.39 4.03
C VAL RB 348 79.04 -58.54 5.15
N LYS RB 349 78.31 -58.36 6.24
CA LYS RB 349 78.82 -57.56 7.35
C LYS RB 349 80.06 -58.20 7.95
N GLU RB 350 80.02 -59.52 8.15
CA GLU RB 350 81.18 -60.22 8.69
C GLU RB 350 82.40 -60.05 7.78
N LEU RB 351 82.22 -60.27 6.49
CA LEU RB 351 83.35 -60.19 5.57
C LEU RB 351 83.86 -58.77 5.45
N ALA RB 352 82.96 -57.78 5.47
CA ALA RB 352 83.40 -56.39 5.35
C ALA RB 352 84.21 -55.96 6.56
N LYS RB 353 83.74 -56.32 7.76
CA LYS RB 353 84.51 -55.98 8.95
C LYS RB 353 85.82 -56.75 9.01
N LYS RB 354 85.82 -58.01 8.57
CA LYS RB 354 87.05 -58.77 8.56
C LYS RB 354 88.05 -58.23 7.54
N ALA RB 355 87.55 -57.65 6.44
CA ALA RB 355 88.44 -57.04 5.46
C ALA RB 355 88.98 -55.71 5.98
N ARG RB 356 88.15 -54.93 6.66
CA ARG RB 356 88.64 -53.74 7.33
C ARG RB 356 89.69 -54.08 8.37
N ASP RB 357 89.58 -55.25 8.99
CA ASP RB 357 90.56 -55.68 9.97
C ASP RB 357 91.79 -56.34 9.34
N GLY RB 358 91.68 -56.86 8.14
CA GLY RB 358 92.77 -57.61 7.52
C GLY RB 358 92.96 -58.95 8.19
N LYS RB 359 91.95 -59.82 8.09
CA LYS RB 359 91.91 -61.09 8.80
C LYS RB 359 91.39 -62.20 7.91
N LEU RB 360 91.56 -62.07 6.59
CA LEU RB 360 90.96 -62.97 5.63
C LEU RB 360 91.90 -64.11 5.25
N LYS RB 361 91.32 -65.13 4.64
CA LYS RB 361 92.03 -66.22 4.00
C LYS RB 361 92.02 -66.02 2.48
N PRO RB 362 92.99 -66.60 1.77
CA PRO RB 362 92.99 -66.40 0.30
C PRO RB 362 91.79 -67.04 -0.40
N GLU RB 363 91.30 -68.16 0.11
CA GLU RB 363 90.18 -68.84 -0.53
C GLU RB 363 88.92 -67.99 -0.49
N GLU RB 364 88.79 -67.09 0.49
CA GLU RB 364 87.60 -66.28 0.62
C GLU RB 364 87.49 -65.23 -0.50
N TYR RB 365 88.61 -64.88 -1.14
CA TYR RB 365 88.62 -63.88 -2.20
C TYR RB 365 89.37 -64.34 -3.44
N GLN RB 366 89.59 -65.65 -3.59
CA GLN RB 366 90.19 -66.22 -4.80
C GLN RB 366 89.21 -67.22 -5.39
N GLY RB 367 88.48 -66.78 -6.41
CA GLY RB 367 87.46 -67.59 -7.05
C GLY RB 367 86.33 -66.73 -7.57
N GLY RB 368 85.10 -67.22 -7.42
CA GLY RB 368 83.95 -66.43 -7.81
C GLY RB 368 83.72 -66.44 -9.30
N SER RB 369 82.45 -66.53 -9.72
CA SER RB 369 82.10 -66.47 -11.13
C SER RB 369 81.71 -65.07 -11.58
N ILE RB 370 81.08 -64.29 -10.71
CA ILE RB 370 80.58 -62.98 -11.04
C ILE RB 370 80.96 -62.02 -9.93
N SER RB 371 81.06 -60.73 -10.27
CA SER RB 371 81.53 -59.70 -9.35
C SER RB 371 80.58 -58.51 -9.37
N ILE RB 372 80.79 -57.60 -8.44
CA ILE RB 372 79.96 -56.42 -8.29
C ILE RB 372 80.78 -55.37 -7.53
N SER RB 373 80.50 -54.11 -7.83
CA SER RB 373 81.03 -52.98 -7.08
C SER RB 373 79.90 -51.99 -6.86
N ASN RB 374 79.91 -51.36 -5.69
CA ASN RB 374 78.85 -50.47 -5.26
C ASN RB 374 79.44 -49.14 -4.84
N MET RB 375 78.73 -48.05 -5.19
CA MET RB 375 79.13 -46.71 -4.83
C MET RB 375 77.93 -45.87 -4.40
N GLY RB 376 76.88 -46.52 -3.88
CA GLY RB 376 75.65 -45.81 -3.59
C GLY RB 376 75.77 -44.78 -2.49
N MET RB 377 76.74 -44.93 -1.59
CA MET RB 377 76.88 -43.96 -0.52
C MET RB 377 77.26 -42.58 -1.05
N ASN RB 378 77.96 -42.54 -2.18
CA ASN RB 378 78.38 -41.27 -2.78
C ASN RB 378 77.30 -40.80 -3.76
N PRO RB 379 76.51 -39.78 -3.44
CA PRO RB 379 75.36 -39.46 -4.30
C PRO RB 379 75.72 -38.79 -5.62
N ALA RB 380 76.95 -38.31 -5.77
CA ALA RB 380 77.31 -37.57 -6.98
C ALA RB 380 77.40 -38.48 -8.19
N VAL RB 381 77.75 -39.75 -7.99
CA VAL RB 381 78.03 -40.67 -9.08
C VAL RB 381 76.69 -41.10 -9.69
N GLN RB 382 76.45 -40.72 -10.94
CA GLN RB 382 75.29 -41.21 -11.65
C GLN RB 382 75.56 -42.57 -12.26
N SER RB 383 76.76 -42.76 -12.81
CA SER RB 383 77.11 -44.05 -13.41
C SER RB 383 78.62 -44.18 -13.44
N PHE RB 384 79.07 -45.41 -13.61
CA PHE RB 384 80.49 -45.68 -13.74
C PHE RB 384 80.67 -47.11 -14.21
N THR RB 385 81.79 -47.35 -14.84
CA THR RB 385 82.18 -48.65 -15.33
C THR RB 385 83.22 -49.24 -14.38
N ALA RB 386 83.51 -50.52 -14.57
CA ALA RB 386 84.57 -51.19 -13.82
C ALA RB 386 85.32 -52.11 -14.78
N ILE RB 387 86.17 -52.95 -14.20
CA ILE RB 387 87.04 -53.85 -14.95
C ILE RB 387 86.79 -55.26 -14.46
N ILE RB 388 86.83 -56.21 -15.39
CA ILE RB 388 86.43 -57.59 -15.09
C ILE RB 388 87.57 -58.27 -14.35
N ASN RB 389 87.31 -58.65 -13.10
CA ASN RB 389 88.28 -59.41 -12.32
C ASN RB 389 88.39 -60.81 -12.91
N PRO RB 390 89.51 -61.17 -13.55
CA PRO RB 390 89.57 -62.46 -14.22
C PRO RB 390 89.58 -63.59 -13.21
N PRO RB 391 89.33 -64.83 -13.64
CA PRO RB 391 89.01 -65.28 -15.01
C PRO RB 391 87.51 -65.18 -15.33
N GLN RB 392 86.80 -64.34 -14.59
CA GLN RB 392 85.35 -64.23 -14.75
C GLN RB 392 84.98 -63.63 -16.11
N ALA RB 393 83.68 -63.49 -16.36
CA ALA RB 393 83.17 -63.07 -17.66
C ALA RB 393 82.36 -61.79 -17.62
N ALA RB 394 81.87 -61.38 -16.45
CA ALA RB 394 80.99 -60.23 -16.36
C ALA RB 394 81.18 -59.54 -15.03
N ILE RB 395 80.78 -58.27 -14.98
CA ILE RB 395 80.82 -57.51 -13.74
C ILE RB 395 79.75 -56.43 -13.81
N LEU RB 396 79.23 -56.09 -12.64
CA LEU RB 396 78.14 -55.15 -12.47
C LEU RB 396 78.64 -53.88 -11.79
N ALA RB 397 77.85 -52.83 -11.90
CA ALA RB 397 78.13 -51.57 -11.23
C ALA RB 397 76.83 -50.81 -11.04
N VAL RB 398 76.62 -50.33 -9.82
CA VAL RB 398 75.35 -49.72 -9.42
C VAL RB 398 75.64 -48.29 -9.00
N GLY RB 399 75.10 -47.32 -9.73
CA GLY RB 399 75.24 -45.93 -9.36
C GLY RB 399 74.35 -45.56 -8.19
N ALA RB 400 74.17 -44.27 -8.01
CA ALA RB 400 73.38 -43.75 -6.92
C ALA RB 400 71.92 -43.60 -7.34
N PRO RB 401 71.01 -43.43 -6.38
CA PRO RB 401 69.63 -43.11 -6.73
C PRO RB 401 69.46 -41.62 -7.03
N GLN RB 402 68.46 -41.34 -7.86
CA GLN RB 402 68.18 -39.98 -8.30
C GLN RB 402 66.68 -39.85 -8.52
N LYS RB 403 66.26 -38.59 -8.71
CA LYS RB 403 64.86 -38.27 -8.96
C LYS RB 403 64.71 -37.97 -10.45
N VAL RB 404 63.72 -38.61 -11.07
CA VAL RB 404 63.47 -38.46 -12.49
C VAL RB 404 61.97 -38.26 -12.69
N ALA RB 405 61.64 -37.51 -13.74
CA ALA RB 405 60.25 -37.32 -14.11
C ALA RB 405 59.75 -38.51 -14.90
N VAL RB 406 58.50 -38.90 -14.62
CA VAL RB 406 57.87 -40.03 -15.29
C VAL RB 406 56.41 -39.67 -15.54
N PRO RB 407 55.84 -40.00 -16.70
CA PRO RB 407 54.41 -39.72 -16.91
C PRO RB 407 53.54 -40.62 -16.06
N VAL RB 408 52.31 -40.17 -15.87
CA VAL RB 408 51.30 -40.94 -15.15
C VAL RB 408 49.93 -40.48 -15.61
N GLU RB 409 49.00 -41.43 -15.68
CA GLU RB 409 47.62 -41.15 -16.07
C GLU RB 409 46.76 -41.03 -14.83
N ASN RB 410 46.22 -39.84 -14.59
CA ASN RB 410 45.24 -39.68 -13.53
C ASN RB 410 43.94 -40.35 -13.94
N GLU RB 411 42.97 -40.33 -13.02
CA GLU RB 411 41.67 -40.97 -13.27
C GLU RB 411 40.98 -40.44 -14.52
N ASP RB 412 41.26 -39.22 -14.93
CA ASP RB 412 40.71 -38.63 -16.14
C ASP RB 412 41.60 -39.00 -17.33
N GLY RB 413 41.32 -38.37 -18.47
CA GLY RB 413 42.06 -38.64 -19.68
C GLY RB 413 43.39 -37.92 -19.80
N THR RB 414 43.72 -37.05 -18.84
CA THR RB 414 44.96 -36.31 -18.89
C THR RB 414 46.09 -37.08 -18.25
N THR RB 415 47.31 -36.79 -18.70
CA THR RB 415 48.51 -37.31 -18.07
C THR RB 415 48.98 -36.37 -16.97
N GLY RB 416 49.92 -36.84 -16.17
CA GLY RB 416 50.49 -36.05 -15.09
C GLY RB 416 51.94 -36.40 -14.86
N VAL RB 417 52.54 -35.68 -13.92
CA VAL RB 417 53.95 -35.83 -13.58
C VAL RB 417 54.04 -36.55 -12.24
N SER RB 418 54.72 -37.70 -12.25
CA SER RB 418 55.00 -38.46 -11.04
C SER RB 418 56.50 -38.61 -10.90
N TRP RB 419 57.00 -38.41 -9.68
CA TRP RB 419 58.41 -38.47 -9.39
C TRP RB 419 58.77 -39.87 -8.93
N ASP RB 420 59.59 -40.56 -9.71
CA ASP RB 420 60.06 -41.90 -9.41
C ASP RB 420 61.53 -41.86 -9.05
N GLU RB 421 61.96 -42.82 -8.25
CA GLU RB 421 63.36 -42.95 -7.82
C GLU RB 421 64.02 -43.98 -8.72
N GLN RB 422 64.98 -43.53 -9.53
CA GLN RB 422 65.67 -44.37 -10.49
C GLN RB 422 67.13 -44.58 -10.09
N ILE RB 423 67.69 -45.66 -10.60
CA ILE RB 423 69.11 -45.97 -10.45
C ILE RB 423 69.63 -46.40 -11.81
N ILE RB 424 70.83 -45.94 -12.13
CA ILE RB 424 71.54 -46.38 -13.33
C ILE RB 424 72.40 -47.57 -12.97
N VAL RB 425 72.43 -48.54 -13.88
CA VAL RB 425 73.18 -49.78 -13.71
C VAL RB 425 74.01 -49.99 -14.97
N THR RB 426 75.28 -50.34 -14.77
CA THR RB 426 76.22 -50.54 -15.87
C THR RB 426 76.84 -51.92 -15.72
N ALA RB 427 76.74 -52.72 -16.77
CA ALA RB 427 77.29 -54.07 -16.81
C ALA RB 427 78.32 -54.16 -17.91
N SER RB 428 79.51 -54.63 -17.56
CA SER RB 428 80.57 -54.88 -18.51
C SER RB 428 80.70 -56.38 -18.74
N PHE RB 429 80.74 -56.78 -20.02
CA PHE RB 429 80.81 -58.19 -20.39
C PHE RB 429 82.05 -58.46 -21.22
N ASP RB 430 82.53 -59.70 -21.15
CA ASP RB 430 83.54 -60.19 -22.06
C ASP RB 430 82.86 -60.73 -23.31
N HIS RB 431 83.37 -60.34 -24.47
CA HIS RB 431 82.71 -60.63 -25.72
C HIS RB 431 83.04 -62.00 -26.28
N LYS RB 432 84.08 -62.66 -25.79
CA LYS RB 432 84.38 -64.02 -26.23
C LYS RB 432 83.25 -64.96 -25.88
N VAL RB 433 82.78 -64.89 -24.64
CA VAL RB 433 81.75 -65.78 -24.13
C VAL RB 433 80.35 -65.26 -24.47
N VAL RB 434 80.08 -64.02 -24.12
CA VAL RB 434 78.75 -63.46 -24.14
C VAL RB 434 78.60 -62.56 -25.34
N ASP RB 435 77.37 -62.47 -25.85
CA ASP RB 435 76.99 -61.58 -26.93
C ASP RB 435 75.98 -60.56 -26.42
N GLY RB 436 75.72 -59.57 -27.28
CA GLY RB 436 74.85 -58.47 -26.90
C GLY RB 436 73.45 -58.93 -26.58
N ALA RB 437 72.91 -59.87 -27.35
CA ALA RB 437 71.57 -60.37 -27.10
C ALA RB 437 71.49 -61.05 -25.75
N VAL RB 438 72.51 -61.85 -25.41
CA VAL RB 438 72.51 -62.56 -24.14
C VAL RB 438 72.60 -61.59 -22.98
N GLY RB 439 73.49 -60.59 -23.10
CA GLY RB 439 73.59 -59.59 -22.07
C GLY RB 439 72.30 -58.82 -21.89
N ALA RB 440 71.64 -58.50 -23.01
CA ALA RB 440 70.38 -57.78 -22.93
C ALA RB 440 69.31 -58.62 -22.25
N GLU RB 441 69.31 -59.92 -22.52
CA GLU RB 441 68.35 -60.81 -21.89
C GLU RB 441 68.56 -60.85 -20.38
N TRP RB 442 69.82 -60.98 -19.98
CA TRP RB 442 70.16 -60.97 -18.55
C TRP RB 442 69.70 -59.68 -17.90
N ILE RB 443 69.96 -58.55 -18.55
CA ILE RB 443 69.57 -57.26 -17.98
C ILE RB 443 68.06 -57.14 -17.92
N ARG RB 444 67.35 -57.65 -18.92
CA ARG RB 444 65.90 -57.59 -18.90
C ARG RB 444 65.35 -58.39 -17.72
N GLU RB 445 65.90 -59.57 -17.48
CA GLU RB 445 65.44 -60.37 -16.36
C GLU RB 445 65.72 -59.66 -15.04
N LEU RB 446 66.89 -59.03 -14.92
CA LEU RB 446 67.20 -58.28 -13.71
C LEU RB 446 66.22 -57.15 -13.50
N LYS RB 447 65.93 -56.39 -14.56
CA LYS RB 447 64.99 -55.28 -14.46
C LYS RB 447 63.62 -55.77 -14.06
N LYS RB 448 63.17 -56.86 -14.65
CA LYS RB 448 61.86 -57.40 -14.33
C LYS RB 448 61.79 -57.80 -12.86
N VAL RB 449 62.84 -58.48 -12.38
CA VAL RB 449 62.85 -58.96 -11.00
C VAL RB 449 62.85 -57.78 -10.03
N ILE RB 450 63.61 -56.74 -10.33
CA ILE RB 450 63.66 -55.59 -9.44
C ILE RB 450 62.32 -54.86 -9.46
N GLU RB 451 61.79 -54.62 -10.64
CA GLU RB 451 60.57 -53.84 -10.77
C GLU RB 451 59.38 -54.57 -10.15
N ASN RB 452 59.43 -55.91 -10.15
CA ASN RB 452 58.45 -56.73 -9.44
C ASN RB 452 59.19 -57.43 -8.31
N PRO RB 453 59.38 -56.80 -7.15
CA PRO RB 453 60.19 -57.43 -6.10
C PRO RB 453 59.61 -58.74 -5.59
N LEU RB 454 58.31 -58.96 -5.77
CA LEU RB 454 57.68 -60.17 -5.26
C LEU RB 454 58.21 -61.42 -5.93
N GLU RB 455 58.76 -61.31 -7.15
CA GLU RB 455 59.31 -62.48 -7.83
C GLU RB 455 60.67 -62.88 -7.28
N LEU RB 456 61.21 -62.17 -6.31
CA LEU RB 456 62.39 -62.65 -5.60
C LEU RB 456 62.12 -64.00 -4.95
N LEU RB 457 60.88 -64.26 -4.57
CA LEU RB 457 60.51 -65.54 -3.99
C LEU RB 457 60.71 -66.67 -5.00
N LEU RB 458 60.52 -66.38 -6.28
CA LEU RB 458 60.65 -67.39 -7.33
C LEU RB 458 62.11 -67.52 -7.75
N TYR SB 227 105.46 10.77 40.17
CA TYR SB 227 105.57 9.99 41.40
C TYR SB 227 106.29 8.68 41.15
N THR SB 228 105.57 7.66 40.71
CA THR SB 228 106.19 6.38 40.43
C THR SB 228 107.14 6.50 39.25
N ASP SB 229 108.27 5.81 39.33
CA ASP SB 229 109.35 5.91 38.34
C ASP SB 229 109.80 4.51 37.98
N VAL SB 230 109.26 3.97 36.89
CA VAL SB 230 109.56 2.61 36.45
C VAL SB 230 110.63 2.70 35.36
N PRO SB 231 111.74 1.98 35.47
CA PRO SB 231 112.70 1.95 34.36
C PRO SB 231 112.09 1.32 33.12
N ILE SB 232 112.67 1.67 31.98
CA ILE SB 232 112.15 1.24 30.68
C ILE SB 232 112.65 -0.16 30.40
N SER SB 233 111.82 -0.94 29.71
CA SER SB 233 112.12 -2.35 29.45
C SER SB 233 113.34 -2.53 28.56
N GLY SB 234 113.69 -1.53 27.76
CA GLY SB 234 114.77 -1.63 26.78
C GLY SB 234 114.25 -2.03 25.42
N MET SB 235 113.26 -2.91 25.38
CA MET SB 235 112.65 -3.28 24.11
C MET SB 235 111.92 -2.09 23.49
N ARG SB 236 111.27 -1.28 24.32
CA ARG SB 236 110.56 -0.12 23.80
C ARG SB 236 111.51 0.90 23.18
N LYS SB 237 112.77 0.90 23.61
CA LYS SB 237 113.74 1.84 23.04
C LYS SB 237 113.91 1.62 21.54
N THR SB 238 114.02 0.36 21.13
CA THR SB 238 114.20 0.05 19.71
C THR SB 238 112.98 0.47 18.91
N ILE SB 239 111.79 0.17 19.41
CA ILE SB 239 110.57 0.51 18.70
C ILE SB 239 110.43 2.03 18.60
N ALA SB 240 110.80 2.74 19.65
CA ALA SB 240 110.74 4.20 19.63
C ALA SB 240 111.69 4.77 18.59
N ALA SB 241 112.93 4.26 18.56
CA ALA SB 241 113.89 4.72 17.58
C ALA SB 241 113.42 4.41 16.16
N ARG SB 242 112.78 3.26 15.99
CA ARG SB 242 112.28 2.87 14.67
C ARG SB 242 111.19 3.82 14.21
N LEU SB 243 110.21 4.09 15.08
CA LEU SB 243 109.13 5.02 14.73
C LEU SB 243 109.66 6.42 14.48
N LYS SB 244 110.68 6.82 15.23
CA LYS SB 244 111.27 8.14 15.03
C LYS SB 244 111.94 8.23 13.66
N GLU SB 245 112.72 7.20 13.31
CA GLU SB 245 113.30 7.14 11.97
C GLU SB 245 112.21 7.19 10.91
N SER SB 246 111.09 6.52 11.16
CA SER SB 246 110.01 6.50 10.18
C SER SB 246 109.46 7.89 9.95
N VAL SB 247 109.07 8.57 11.02
CA VAL SB 247 108.44 9.88 10.86
C VAL SB 247 109.42 10.94 10.39
N THR SB 248 110.70 10.81 10.72
CA THR SB 248 111.67 11.83 10.32
C THR SB 248 112.21 11.60 8.92
N GLU SB 249 112.21 10.35 8.43
CA GLU SB 249 112.71 10.07 7.09
C GLU SB 249 111.59 10.15 6.05
N ASN SB 250 110.42 9.61 6.37
CA ASN SB 250 109.33 9.48 5.43
C ASN SB 250 108.20 10.42 5.83
N PRO SB 251 107.81 11.38 4.98
CA PRO SB 251 106.61 12.17 5.32
C PRO SB 251 105.37 11.33 5.15
N HIS SB 252 104.32 11.71 5.87
CA HIS SB 252 103.09 10.95 5.95
C HIS SB 252 101.93 11.83 5.51
N PHE SB 253 101.15 11.34 4.55
CA PHE SB 253 99.85 11.92 4.22
C PHE SB 253 98.81 10.82 4.24
N PHE SB 254 97.61 11.19 4.67
CA PHE SB 254 96.55 10.27 5.01
C PHE SB 254 95.40 10.41 4.02
N VAL SB 255 94.77 9.27 3.72
CA VAL SB 255 93.59 9.21 2.88
C VAL SB 255 92.53 8.45 3.66
N SER SB 256 91.28 8.88 3.53
CA SER SB 256 90.19 8.40 4.36
C SER SB 256 88.96 8.20 3.49
N THR SB 257 88.43 6.99 3.49
CA THR SB 257 87.29 6.64 2.66
C THR SB 257 86.30 5.81 3.47
N ASN SB 258 85.15 5.57 2.85
CA ASN SB 258 84.06 4.83 3.47
C ASN SB 258 83.61 3.71 2.53
N LEU SB 259 83.62 2.49 3.03
CA LEU SB 259 83.22 1.33 2.27
C LEU SB 259 81.82 0.88 2.69
N SER SB 260 81.30 -0.08 1.94
CA SER SB 260 80.00 -0.70 2.22
C SER SB 260 80.19 -2.20 2.24
N VAL SB 261 79.72 -2.84 3.32
CA VAL SB 261 80.02 -4.24 3.61
C VAL SB 261 78.76 -5.06 3.83
N SER SB 262 77.58 -4.51 3.48
CA SER SB 262 76.35 -5.24 3.70
C SER SB 262 76.31 -6.53 2.89
N LYS SB 263 76.92 -6.53 1.70
CA LYS SB 263 76.99 -7.72 0.89
C LYS SB 263 78.11 -8.64 1.37
N LEU SB 264 79.22 -8.05 1.80
CA LEU SB 264 80.34 -8.85 2.29
C LEU SB 264 79.95 -9.68 3.50
N LEU SB 265 79.18 -9.09 4.42
CA LEU SB 265 78.78 -9.85 5.60
C LEU SB 265 77.85 -11.00 5.24
N LYS SB 266 76.96 -10.77 4.28
CA LYS SB 266 76.11 -11.85 3.80
C LYS SB 266 76.95 -12.97 3.21
N LEU SB 267 77.96 -12.62 2.42
CA LEU SB 267 78.84 -13.62 1.82
C LEU SB 267 79.56 -14.42 2.91
N ARG SB 268 80.06 -13.73 3.93
CA ARG SB 268 80.78 -14.40 5.00
C ARG SB 268 79.86 -15.33 5.76
N GLN SB 269 78.64 -14.88 6.05
CA GLN SB 269 77.70 -15.72 6.78
C GLN SB 269 77.33 -16.95 5.97
N ALA SB 270 77.14 -16.78 4.67
CA ALA SB 270 76.79 -17.93 3.83
C ALA SB 270 77.93 -18.94 3.77
N LEU SB 271 79.16 -18.46 3.60
CA LEU SB 271 80.30 -19.37 3.58
C LEU SB 271 80.51 -20.05 4.92
N ASN SB 272 80.22 -19.35 6.01
CA ASN SB 272 80.35 -19.97 7.33
C ASN SB 272 79.27 -21.03 7.55
N SER SB 273 78.08 -20.80 7.01
CA SER SB 273 77.00 -21.75 7.18
C SER SB 273 77.19 -22.98 6.30
N SER SB 274 77.76 -22.81 5.10
CA SER SB 274 77.99 -23.93 4.19
C SER SB 274 79.35 -24.58 4.50
N ALA SB 275 79.49 -25.02 5.75
CA ALA SB 275 80.72 -25.64 6.21
C ALA SB 275 80.39 -26.59 7.35
N ASP SB 276 81.39 -27.39 7.71
CA ASP SB 276 81.28 -28.38 8.77
C ASP SB 276 82.35 -28.16 9.82
N GLY SB 277 82.54 -26.91 10.22
CA GLY SB 277 83.58 -26.57 11.16
C GLY SB 277 84.98 -26.68 10.61
N ARG SB 278 85.13 -26.86 9.30
CA ARG SB 278 86.46 -26.99 8.71
C ARG SB 278 87.20 -25.66 8.67
N TYR SB 279 86.49 -24.54 8.83
CA TYR SB 279 87.12 -23.23 8.77
C TYR SB 279 86.17 -22.21 9.39
N LYS SB 280 86.68 -21.00 9.56
CA LYS SB 280 85.89 -19.88 10.08
C LYS SB 280 86.54 -18.59 9.60
N LEU SB 281 85.75 -17.72 8.98
CA LEU SB 281 86.25 -16.54 8.31
C LEU SB 281 85.99 -15.27 9.10
N SER SB 282 86.70 -14.22 8.71
CA SER SB 282 86.54 -12.90 9.30
C SER SB 282 86.59 -11.83 8.21
N VAL SB 283 86.49 -10.57 8.62
CA VAL SB 283 86.56 -9.46 7.66
C VAL SB 283 88.01 -9.21 7.25
N ASN SB 284 88.94 -9.47 8.16
CA ASN SB 284 90.35 -9.19 7.91
C ASN SB 284 90.86 -9.99 6.72
N ASP SB 285 90.37 -11.21 6.53
CA ASP SB 285 90.86 -12.05 5.44
C ASP SB 285 90.41 -11.49 4.09
N PHE SB 286 89.12 -11.13 3.98
CA PHE SB 286 88.62 -10.47 2.79
C PHE SB 286 89.43 -9.23 2.49
N LEU SB 287 89.70 -8.44 3.53
CA LEU SB 287 90.46 -7.20 3.34
C LEU SB 287 91.87 -7.50 2.84
N ILE SB 288 92.47 -8.57 3.34
CA ILE SB 288 93.84 -8.91 2.93
C ILE SB 288 93.86 -9.33 1.46
N LYS SB 289 92.91 -10.16 1.06
CA LYS SB 289 92.80 -10.54 -0.35
C LYS SB 289 92.62 -9.32 -1.23
N ALA SB 290 91.76 -8.39 -0.80
CA ALA SB 290 91.54 -7.18 -1.57
C ALA SB 290 92.80 -6.34 -1.65
N MET SB 291 93.57 -6.28 -0.56
CA MET SB 291 94.83 -5.57 -0.58
C MET SB 291 95.77 -6.17 -1.61
N GLY SB 292 95.85 -7.49 -1.67
CA GLY SB 292 96.69 -8.13 -2.66
C GLY SB 292 96.26 -7.81 -4.07
N ILE SB 293 94.95 -7.83 -4.32
CA ILE SB 293 94.44 -7.55 -5.65
C ILE SB 293 94.78 -6.12 -6.05
N ALA SB 294 94.57 -5.17 -5.14
CA ALA SB 294 94.87 -3.78 -5.45
C ALA SB 294 96.35 -3.58 -5.68
N SER SB 295 97.19 -4.23 -4.87
CA SER SB 295 98.62 -4.08 -5.03
C SER SB 295 99.09 -4.64 -6.36
N LYS SB 296 98.44 -5.70 -6.86
CA LYS SB 296 98.82 -6.23 -8.16
C LYS SB 296 98.31 -5.35 -9.29
N ARG SB 297 97.14 -4.73 -9.12
CA ARG SB 297 96.65 -3.84 -10.18
C ARG SB 297 97.42 -2.54 -10.23
N VAL SB 298 98.01 -2.11 -9.11
CA VAL SB 298 98.80 -0.89 -9.04
C VAL SB 298 100.11 -1.20 -8.34
N PRO SB 299 101.13 -1.67 -9.06
CA PRO SB 299 102.33 -2.19 -8.38
C PRO SB 299 103.18 -1.14 -7.71
N THR SB 300 102.99 0.14 -8.02
CA THR SB 300 103.86 1.17 -7.46
C THR SB 300 103.71 1.25 -5.95
N VAL SB 301 102.54 0.90 -5.42
CA VAL SB 301 102.35 0.91 -3.97
C VAL SB 301 103.21 -0.17 -3.33
N ASN SB 302 103.24 -1.36 -3.93
CA ASN SB 302 104.07 -2.46 -3.44
C ASN SB 302 105.51 -2.13 -3.81
N SER SB 303 106.11 -1.25 -3.02
CA SER SB 303 107.43 -0.72 -3.30
C SER SB 303 108.13 -0.41 -1.98
N SER SB 304 109.27 0.26 -2.07
CA SER SB 304 110.05 0.62 -0.89
C SER SB 304 110.98 1.75 -1.27
N TRP SB 305 111.94 2.04 -0.40
CA TRP SB 305 112.95 3.06 -0.63
C TRP SB 305 114.28 2.54 -0.12
N ARG SB 306 115.28 2.54 -0.99
CA ARG SB 306 116.58 1.96 -0.70
C ARG SB 306 117.68 2.94 -1.08
N ASP SB 307 118.93 2.49 -1.11
CA ASP SB 307 120.06 3.37 -1.37
C ASP SB 307 120.06 3.82 -2.82
N GLY SB 308 119.47 4.99 -3.08
CA GLY SB 308 119.43 5.53 -4.43
C GLY SB 308 118.73 4.66 -5.43
N VAL SB 309 117.79 3.82 -4.99
CA VAL SB 309 117.15 2.85 -5.86
C VAL SB 309 115.81 2.47 -5.24
N ILE SB 310 114.82 2.26 -6.11
CA ILE SB 310 113.50 1.79 -5.71
C ILE SB 310 113.45 0.28 -5.92
N ARG SB 311 113.16 -0.45 -4.85
CA ARG SB 311 113.00 -1.90 -4.91
C ARG SB 311 111.52 -2.22 -5.06
N GLN SB 312 111.16 -2.78 -6.20
CA GLN SB 312 109.78 -3.16 -6.51
C GLN SB 312 109.65 -4.69 -6.48
N PHE SB 313 108.62 -5.16 -5.78
CA PHE SB 313 108.34 -6.58 -5.68
C PHE SB 313 107.29 -6.98 -6.72
N GLU SB 314 106.96 -8.27 -6.73
CA GLU SB 314 105.93 -8.83 -7.58
C GLU SB 314 104.82 -9.48 -6.77
N THR SB 315 105.18 -10.24 -5.74
CA THR SB 315 104.22 -10.81 -4.80
C THR SB 315 103.90 -9.79 -3.72
N VAL SB 316 102.91 -10.12 -2.91
CA VAL SB 316 102.41 -9.24 -1.86
C VAL SB 316 102.64 -9.93 -0.52
N ASP SB 317 103.58 -9.42 0.25
CA ASP SB 317 103.87 -9.88 1.60
C ASP SB 317 103.15 -8.96 2.58
N VAL SB 318 102.23 -9.52 3.36
CA VAL SB 318 101.32 -8.73 4.18
C VAL SB 318 101.73 -8.88 5.64
N SER SB 319 101.94 -7.75 6.30
CA SER SB 319 102.29 -7.71 7.71
C SER SB 319 101.03 -7.41 8.52
N VAL SB 320 100.62 -8.35 9.35
CA VAL SB 320 99.42 -8.23 10.17
C VAL SB 320 99.82 -7.94 11.59
N ALA SB 321 99.18 -6.94 12.19
CA ALA SB 321 99.48 -6.53 13.55
C ALA SB 321 98.76 -7.41 14.57
N VAL SB 322 99.45 -7.72 15.65
CA VAL SB 322 98.88 -8.44 16.78
C VAL SB 322 99.31 -7.73 18.06
N ALA SB 323 98.35 -7.58 18.98
CA ALA SB 323 98.54 -6.83 20.22
C ALA SB 323 98.67 -7.82 21.36
N THR SB 324 99.89 -8.10 21.76
CA THR SB 324 100.17 -8.96 22.88
C THR SB 324 100.29 -8.14 24.16
N PRO SB 325 100.21 -8.76 25.33
CA PRO SB 325 100.52 -8.03 26.57
C PRO SB 325 101.94 -7.50 26.60
N ASN SB 326 102.86 -8.08 25.85
CA ASN SB 326 104.20 -7.56 25.71
C ASN SB 326 104.26 -6.31 24.86
N GLY SB 327 103.27 -6.10 23.98
CA GLY SB 327 103.26 -4.92 23.12
C GLY SB 327 102.61 -5.18 21.78
N LEU SB 328 103.31 -4.82 20.71
CA LEU SB 328 102.83 -4.98 19.35
C LEU SB 328 103.81 -5.82 18.57
N ILE SB 329 103.29 -6.59 17.61
CA ILE SB 329 104.13 -7.44 16.78
C ILE SB 329 103.47 -7.57 15.42
N THR SB 330 104.28 -7.86 14.40
CA THR SB 330 103.83 -7.88 13.01
C THR SB 330 104.28 -9.15 12.31
N PRO SB 331 103.59 -10.26 12.51
CA PRO SB 331 103.83 -11.44 11.67
C PRO SB 331 103.49 -11.16 10.22
N ILE SB 332 103.93 -12.07 9.35
CA ILE SB 332 103.85 -11.90 7.91
C ILE SB 332 103.11 -13.07 7.30
N VAL SB 333 102.32 -12.78 6.27
CA VAL SB 333 101.76 -13.78 5.37
C VAL SB 333 102.40 -13.60 4.01
N LYS SB 334 102.75 -14.72 3.38
CA LYS SB 334 103.52 -14.75 2.15
C LYS SB 334 102.64 -15.17 0.98
N GLY SB 335 102.89 -14.58 -0.19
CA GLY SB 335 102.23 -14.97 -1.41
C GLY SB 335 100.72 -14.91 -1.32
N VAL SB 336 100.18 -13.75 -0.96
CA VAL SB 336 98.75 -13.63 -0.69
C VAL SB 336 97.95 -13.84 -1.96
N GLU SB 337 98.28 -13.09 -3.01
CA GLU SB 337 97.53 -13.16 -4.25
C GLU SB 337 97.56 -14.56 -4.80
N GLY SB 338 96.38 -15.16 -4.93
CA GLY SB 338 96.29 -16.54 -5.32
C GLY SB 338 96.78 -17.48 -4.24
N LYS SB 339 96.14 -17.45 -3.09
CA LYS SB 339 96.47 -18.35 -1.99
C LYS SB 339 95.25 -19.01 -1.38
N GLY SB 340 94.12 -18.31 -1.29
CA GLY SB 340 92.91 -18.85 -0.73
C GLY SB 340 92.57 -18.36 0.65
N LEU SB 341 91.30 -18.03 0.86
CA LEU SB 341 90.85 -17.45 2.12
C LEU SB 341 91.02 -18.42 3.27
N GLU SB 342 90.79 -19.71 3.02
CA GLU SB 342 90.91 -20.70 4.10
C GLU SB 342 92.35 -20.80 4.58
N SER SB 343 93.29 -20.93 3.64
CA SER SB 343 94.70 -20.97 3.99
C SER SB 343 95.10 -19.69 4.70
N ILE SB 344 94.57 -18.55 4.26
CA ILE SB 344 94.87 -17.27 4.89
C ILE SB 344 94.43 -17.28 6.34
N SER SB 345 93.19 -17.71 6.59
CA SER SB 345 92.65 -17.74 7.94
C SER SB 345 93.46 -18.66 8.83
N ALA SB 346 93.82 -19.83 8.30
CA ALA SB 346 94.58 -20.78 9.09
C ALA SB 346 95.95 -20.21 9.46
N ALA SB 347 96.62 -19.59 8.49
CA ALA SB 347 97.93 -19.03 8.74
C ALA SB 347 97.86 -17.89 9.75
N VAL SB 348 96.83 -17.05 9.63
CA VAL SB 348 96.68 -15.93 10.56
C VAL SB 348 96.42 -16.44 11.96
N LYS SB 349 95.56 -17.45 12.11
CA LYS SB 349 95.29 -18.00 13.43
C LYS SB 349 96.54 -18.60 14.05
N GLU SB 350 97.30 -19.36 13.25
CA GLU SB 350 98.53 -19.98 13.75
C GLU SB 350 99.52 -18.92 14.20
N LEU SB 351 99.72 -17.89 13.37
CA LEU SB 351 100.68 -16.85 13.72
C LEU SB 351 100.22 -16.07 14.94
N ALA SB 352 98.91 -15.84 15.06
CA ALA SB 352 98.39 -15.08 16.20
C ALA SB 352 98.60 -15.84 17.50
N LYS SB 353 98.30 -17.15 17.48
CA LYS SB 353 98.49 -17.94 18.69
C LYS SB 353 99.97 -18.10 19.02
N LYS SB 354 100.80 -18.25 17.99
CA LYS SB 354 102.24 -18.34 18.23
C LYS SB 354 102.79 -17.04 18.78
N ALA SB 355 102.19 -15.91 18.41
CA ALA SB 355 102.63 -14.62 18.96
C ALA SB 355 102.16 -14.45 20.38
N ARG SB 356 100.94 -14.89 20.68
CA ARG SB 356 100.47 -14.88 22.06
C ARG SB 356 101.34 -15.76 22.94
N ASP SB 357 101.88 -16.84 22.40
CA ASP SB 357 102.78 -17.71 23.14
C ASP SB 357 104.23 -17.22 23.13
N GLY SB 358 104.60 -16.38 22.18
CA GLY SB 358 105.98 -15.97 22.03
C GLY SB 358 106.84 -17.10 21.50
N LYS SB 359 106.53 -17.56 20.29
CA LYS SB 359 107.18 -18.71 19.68
C LYS SB 359 107.48 -18.44 18.21
N LEU SB 360 107.97 -17.25 17.90
CA LEU SB 360 108.20 -16.81 16.53
C LEU SB 360 109.70 -16.79 16.20
N LYS SB 361 109.98 -16.83 14.91
CA LYS SB 361 111.30 -16.60 14.35
C LYS SB 361 111.41 -15.16 13.86
N PRO SB 362 112.61 -14.62 13.75
CA PRO SB 362 112.72 -13.23 13.28
C PRO SB 362 112.26 -13.06 11.84
N GLU SB 363 112.49 -14.05 10.98
CA GLU SB 363 112.09 -13.93 9.58
C GLU SB 363 110.58 -13.79 9.44
N GLU SB 364 109.82 -14.35 10.39
CA GLU SB 364 108.37 -14.34 10.29
C GLU SB 364 107.77 -12.96 10.53
N TYR SB 365 108.54 -12.02 11.11
CA TYR SB 365 108.06 -10.66 11.33
C TYR SB 365 109.11 -9.61 10.96
N GLN SB 366 110.11 -9.99 10.16
CA GLN SB 366 111.08 -9.05 9.60
C GLN SB 366 110.98 -9.11 8.08
N GLY SB 367 110.38 -8.08 7.49
CA GLY SB 367 110.20 -8.01 6.06
C GLY SB 367 108.88 -7.38 5.70
N GLY SB 368 108.21 -7.93 4.68
CA GLY SB 368 106.91 -7.45 4.30
C GLY SB 368 106.98 -6.19 3.46
N SER SB 369 106.14 -6.10 2.44
CA SER SB 369 106.03 -4.92 1.61
C SER SB 369 104.96 -3.95 2.11
N ILE SB 370 103.85 -4.48 2.61
CA ILE SB 370 102.73 -3.68 3.05
C ILE SB 370 102.24 -4.25 4.38
N SER SB 371 101.55 -3.41 5.15
CA SER SB 371 101.13 -3.72 6.50
C SER SB 371 99.66 -3.39 6.71
N ILE SB 372 99.16 -3.76 7.87
CA ILE SB 372 97.77 -3.54 8.23
C ILE SB 372 97.64 -3.66 9.74
N SER SB 373 96.74 -2.86 10.30
CA SER SB 373 96.35 -2.96 11.71
C SER SB 373 94.83 -2.91 11.78
N ASN SB 374 94.26 -3.71 12.67
CA ASN SB 374 92.83 -3.88 12.77
C ASN SB 374 92.36 -3.56 14.18
N MET SB 375 91.21 -2.92 14.28
CA MET SB 375 90.59 -2.58 15.56
C MET SB 375 89.08 -2.80 15.53
N GLY SB 376 88.60 -3.73 14.72
CA GLY SB 376 87.17 -3.92 14.55
C GLY SB 376 86.45 -4.43 15.78
N MET SB 377 87.17 -5.11 16.68
CA MET SB 377 86.52 -5.63 17.87
C MET SB 377 86.02 -4.50 18.76
N ASN SB 378 86.72 -3.37 18.78
CA ASN SB 378 86.32 -2.23 19.60
C ASN SB 378 85.34 -1.37 18.81
N PRO SB 379 84.07 -1.27 19.20
CA PRO SB 379 83.09 -0.58 18.35
C PRO SB 379 83.19 0.92 18.37
N ALA SB 380 83.85 1.51 19.35
CA ALA SB 380 83.86 2.96 19.49
C ALA SB 380 84.68 3.64 18.40
N VAL SB 381 85.78 3.00 17.99
CA VAL SB 381 86.74 3.64 17.10
C VAL SB 381 86.10 3.76 15.73
N GLN SB 382 85.76 4.98 15.34
CA GLN SB 382 85.26 5.22 13.98
C GLN SB 382 86.41 5.23 12.98
N SER SB 383 87.54 5.83 13.37
CA SER SB 383 88.69 5.89 12.48
C SER SB 383 89.94 6.07 13.31
N PHE SB 384 91.08 5.73 12.71
CA PHE SB 384 92.36 5.97 13.35
C PHE SB 384 93.46 5.80 12.33
N THR SB 385 94.55 6.51 12.56
CA THR SB 385 95.73 6.47 11.74
C THR SB 385 96.73 5.52 12.38
N ALA SB 386 97.79 5.22 11.64
CA ALA SB 386 98.91 4.43 12.16
C ALA SB 386 100.20 5.02 11.61
N ILE SB 387 101.28 4.28 11.80
CA ILE SB 387 102.62 4.71 11.43
C ILE SB 387 103.26 3.64 10.57
N ILE SB 388 104.02 4.06 9.57
CA ILE SB 388 104.53 3.16 8.55
C ILE SB 388 105.73 2.41 9.11
N ASN SB 389 105.59 1.11 9.27
CA ASN SB 389 106.69 0.27 9.69
C ASN SB 389 107.73 0.20 8.57
N PRO SB 390 108.92 0.77 8.72
CA PRO SB 390 109.85 0.82 7.61
C PRO SB 390 110.37 -0.56 7.26
N PRO SB 391 110.98 -0.73 6.08
CA PRO SB 391 111.20 0.26 5.02
C PRO SB 391 110.04 0.35 4.04
N GLN SB 392 108.85 -0.11 4.46
CA GLN SB 392 107.69 -0.14 3.60
C GLN SB 392 107.24 1.25 3.23
N ALA SB 393 106.22 1.34 2.37
CA ALA SB 393 105.75 2.61 1.82
C ALA SB 393 104.33 2.96 2.18
N ALA SB 394 103.54 2.01 2.68
CA ALA SB 394 102.13 2.24 2.93
C ALA SB 394 101.69 1.42 4.13
N ILE SB 395 100.54 1.80 4.68
CA ILE SB 395 99.92 1.01 5.73
C ILE SB 395 98.44 1.36 5.80
N LEU SB 396 97.65 0.39 6.19
CA LEU SB 396 96.20 0.48 6.22
C LEU SB 396 95.71 0.51 7.66
N ALA SB 397 94.45 0.88 7.83
CA ALA SB 397 93.80 0.87 9.13
C ALA SB 397 92.29 0.79 8.92
N VAL SB 398 91.67 -0.18 9.58
CA VAL SB 398 90.26 -0.48 9.39
C VAL SB 398 89.54 -0.15 10.69
N GLY SB 399 88.63 0.82 10.64
CA GLY SB 399 87.81 1.14 11.77
C GLY SB 399 86.74 0.10 12.01
N ALA SB 400 85.87 0.40 12.95
CA ALA SB 400 84.76 -0.48 13.26
C ALA SB 400 83.58 -0.19 12.32
N PRO SB 401 82.65 -1.12 12.19
CA PRO SB 401 81.45 -0.85 11.39
C PRO SB 401 80.45 0.01 12.15
N GLN SB 402 79.61 0.69 11.37
CA GLN SB 402 78.61 1.60 11.92
C GLN SB 402 77.40 1.60 11.00
N LYS SB 403 76.32 2.19 11.51
CA LYS SB 403 75.06 2.30 10.78
C LYS SB 403 74.96 3.71 10.21
N VAL SB 404 74.62 3.81 8.94
CA VAL SB 404 74.56 5.08 8.23
C VAL SB 404 73.30 5.12 7.38
N ALA SB 405 72.77 6.31 7.21
CA ALA SB 405 71.62 6.53 6.33
C ALA SB 405 72.09 6.62 4.89
N VAL SB 406 71.31 6.02 4.00
CA VAL SB 406 71.63 6.00 2.57
C VAL SB 406 70.32 6.15 1.80
N PRO SB 407 70.26 6.92 0.72
CA PRO SB 407 69.04 6.99 -0.08
C PRO SB 407 68.81 5.69 -0.85
N VAL SB 408 67.56 5.49 -1.23
CA VAL SB 408 67.16 4.34 -2.03
C VAL SB 408 65.90 4.69 -2.78
N GLU SB 409 65.82 4.22 -4.02
CA GLU SB 409 64.65 4.46 -4.86
C GLU SB 409 63.72 3.26 -4.79
N ASN SB 410 62.54 3.47 -4.22
CA ASN SB 410 61.50 2.45 -4.23
C ASN SB 410 61.00 2.24 -5.66
N GLU SB 411 60.08 1.28 -5.81
CA GLU SB 411 59.52 0.99 -7.12
C GLU SB 411 58.81 2.19 -7.72
N ASP SB 412 58.30 3.11 -6.91
CA ASP SB 412 57.75 4.37 -7.38
C ASP SB 412 58.86 5.42 -7.43
N GLY SB 413 58.50 6.63 -7.84
CA GLY SB 413 59.49 7.67 -8.05
C GLY SB 413 60.10 8.24 -6.79
N THR SB 414 59.43 8.09 -5.65
CA THR SB 414 59.91 8.70 -4.41
C THR SB 414 61.14 7.97 -3.90
N THR SB 415 62.00 8.71 -3.20
CA THR SB 415 63.15 8.14 -2.53
C THR SB 415 62.75 7.65 -1.15
N GLY SB 416 63.63 6.83 -0.57
CA GLY SB 416 63.41 6.28 0.75
C GLY SB 416 64.71 6.18 1.52
N VAL SB 417 64.61 5.67 2.74
CA VAL SB 417 65.73 5.54 3.65
C VAL SB 417 66.07 4.07 3.77
N SER SB 418 67.35 3.75 3.60
CA SER SB 418 67.88 2.41 3.78
C SER SB 418 69.10 2.48 4.67
N TRP SB 419 69.25 1.49 5.54
CA TRP SB 419 70.32 1.44 6.52
C TRP SB 419 71.41 0.50 6.02
N ASP SB 420 72.57 1.06 5.69
CA ASP SB 420 73.73 0.32 5.24
C ASP SB 420 74.77 0.30 6.34
N GLU SB 421 75.58 -0.75 6.35
CA GLU SB 421 76.66 -0.92 7.30
C GLU SB 421 77.96 -0.42 6.66
N GLN SB 422 78.47 0.69 7.16
CA GLN SB 422 79.66 1.33 6.62
C GLN SB 422 80.86 1.12 7.53
N ILE SB 423 82.03 1.11 6.91
CA ILE SB 423 83.31 1.10 7.61
C ILE SB 423 84.16 2.21 7.03
N ILE SB 424 84.86 2.91 7.90
CA ILE SB 424 85.85 3.90 7.48
C ILE SB 424 87.21 3.21 7.39
N VAL SB 425 87.97 3.59 6.37
CA VAL SB 425 89.27 3.03 6.09
C VAL SB 425 90.25 4.18 5.95
N THR SB 426 91.38 4.08 6.64
CA THR SB 426 92.41 5.11 6.65
C THR SB 426 93.70 4.50 6.17
N ALA SB 427 94.28 5.09 5.14
CA ALA SB 427 95.54 4.65 4.56
C ALA SB 427 96.56 5.76 4.66
N SER SB 428 97.70 5.45 5.26
CA SER SB 428 98.83 6.36 5.34
C SER SB 428 99.86 5.95 4.28
N PHE SB 429 100.35 6.94 3.53
CA PHE SB 429 101.30 6.68 2.46
C PHE SB 429 102.57 7.49 2.65
N ASP SB 430 103.67 6.96 2.13
CA ASP SB 430 104.91 7.70 2.02
C ASP SB 430 104.90 8.48 0.71
N HIS SB 431 105.22 9.77 0.81
CA HIS SB 431 105.08 10.67 -0.32
C HIS SB 431 106.27 10.64 -1.27
N LYS SB 432 107.42 10.14 -0.82
CA LYS SB 432 108.57 10.02 -1.71
C LYS SB 432 108.27 9.12 -2.89
N VAL SB 433 107.61 8.01 -2.64
CA VAL SB 433 107.32 6.99 -3.64
C VAL SB 433 105.99 7.24 -4.32
N VAL SB 434 104.97 7.49 -3.52
CA VAL SB 434 103.59 7.52 -3.98
C VAL SB 434 103.09 8.95 -3.99
N ASP SB 435 102.16 9.22 -4.90
CA ASP SB 435 101.48 10.50 -5.00
C ASP SB 435 99.98 10.32 -4.77
N GLY SB 436 99.30 11.45 -4.66
CA GLY SB 436 97.89 11.43 -4.32
C GLY SB 436 97.05 10.70 -5.35
N ALA SB 437 97.36 10.89 -6.63
CA ALA SB 437 96.60 10.21 -7.67
C ALA SB 437 96.76 8.70 -7.57
N VAL SB 438 97.97 8.23 -7.32
CA VAL SB 438 98.22 6.80 -7.25
C VAL SB 438 97.51 6.21 -6.04
N GLY SB 439 97.59 6.90 -4.91
CA GLY SB 439 96.89 6.42 -3.72
C GLY SB 439 95.39 6.38 -3.92
N ALA SB 440 94.85 7.41 -4.57
CA ALA SB 440 93.42 7.44 -4.84
C ALA SB 440 93.01 6.30 -5.76
N GLU SB 441 93.85 5.99 -6.74
CA GLU SB 441 93.56 4.88 -7.64
C GLU SB 441 93.53 3.56 -6.89
N TRP SB 442 94.52 3.36 -6.01
CA TRP SB 442 94.56 2.15 -5.20
C TRP SB 442 93.31 2.02 -4.34
N ILE SB 443 92.90 3.12 -3.71
CA ILE SB 443 91.73 3.09 -2.86
C ILE SB 443 90.48 2.83 -3.69
N ARG SB 444 90.41 3.37 -4.90
CA ARG SB 444 89.26 3.14 -5.75
C ARG SB 444 89.15 1.66 -6.10
N GLU SB 445 90.27 1.04 -6.46
CA GLU SB 445 90.23 -0.38 -6.78
C GLU SB 445 89.81 -1.20 -5.58
N LEU SB 446 90.28 -0.83 -4.39
CA LEU SB 446 89.90 -1.55 -3.18
C LEU SB 446 88.41 -1.44 -2.94
N LYS SB 447 87.87 -0.21 -3.02
CA LYS SB 447 86.45 0.00 -2.82
C LYS SB 447 85.64 -0.79 -3.82
N LYS SB 448 86.09 -0.82 -5.07
CA LYS SB 448 85.36 -1.55 -6.11
C LYS SB 448 85.32 -3.03 -5.80
N VAL SB 449 86.48 -3.60 -5.45
CA VAL SB 449 86.54 -5.04 -5.18
C VAL SB 449 85.69 -5.40 -3.99
N ILE SB 450 85.67 -4.54 -2.97
CA ILE SB 450 84.89 -4.85 -1.78
C ILE SB 450 83.41 -4.73 -2.09
N GLU SB 451 83.01 -3.65 -2.75
CA GLU SB 451 81.60 -3.41 -2.99
C GLU SB 451 81.02 -4.46 -3.94
N ASN SB 452 81.85 -5.01 -4.83
CA ASN SB 452 81.48 -6.13 -5.68
C ASN SB 452 82.33 -7.32 -5.27
N PRO SB 453 81.94 -8.08 -4.23
CA PRO SB 453 82.83 -9.13 -3.72
C PRO SB 453 83.14 -10.21 -4.74
N LEU SB 454 82.30 -10.38 -5.75
CA LEU SB 454 82.49 -11.44 -6.74
C LEU SB 454 83.76 -11.23 -7.54
N GLU SB 455 84.29 -10.01 -7.61
CA GLU SB 455 85.54 -9.78 -8.30
C GLU SB 455 86.75 -10.30 -7.53
N LEU SB 456 86.56 -10.78 -6.30
CA LEU SB 456 87.64 -11.45 -5.59
C LEU SB 456 88.18 -12.64 -6.37
N LEU SB 457 87.31 -13.28 -7.15
CA LEU SB 457 87.76 -14.38 -8.00
C LEU SB 457 88.75 -13.90 -9.04
N LEU SB 458 88.65 -12.64 -9.44
CA LEU SB 458 89.54 -12.07 -10.45
C LEU SB 458 90.82 -11.55 -9.82
N TYR TB 227 68.82 -14.07 89.04
CA TYR TB 227 69.19 -15.48 89.21
C TYR TB 227 70.57 -15.74 88.66
N THR TB 228 70.69 -15.94 87.35
CA THR TB 228 71.99 -16.19 86.75
C THR TB 228 72.85 -14.95 86.87
N ASP TB 229 74.11 -15.14 87.27
CA ASP TB 229 75.02 -14.04 87.58
C ASP TB 229 76.27 -14.21 86.73
N VAL TB 230 76.33 -13.49 85.61
CA VAL TB 230 77.44 -13.59 84.68
C VAL TB 230 78.36 -12.40 84.90
N PRO TB 231 79.66 -12.59 85.15
CA PRO TB 231 80.56 -11.45 85.25
C PRO TB 231 80.66 -10.69 83.93
N ILE TB 232 81.09 -9.44 84.03
CA ILE TB 232 81.22 -8.58 82.86
C ILE TB 232 82.53 -8.90 82.18
N SER TB 233 82.52 -8.84 80.84
CA SER TB 233 83.70 -9.18 80.06
C SER TB 233 84.85 -8.20 80.29
N GLY TB 234 84.57 -7.00 80.78
CA GLY TB 234 85.57 -5.96 80.95
C GLY TB 234 85.63 -5.02 79.78
N MET TB 235 85.43 -5.54 78.57
CA MET TB 235 85.42 -4.67 77.40
C MET TB 235 84.21 -3.74 77.41
N ARG TB 236 83.07 -4.24 77.90
CA ARG TB 236 81.89 -3.40 77.98
C ARG TB 236 82.08 -2.24 78.96
N LYS TB 237 82.98 -2.40 79.94
CA LYS TB 237 83.22 -1.35 80.91
C LYS TB 237 83.71 -0.07 80.23
N THR TB 238 84.65 -0.24 79.29
CA THR TB 238 85.21 0.92 78.60
C THR TB 238 84.14 1.61 77.77
N ILE TB 239 83.29 0.85 77.08
CA ILE TB 239 82.26 1.45 76.26
C ILE TB 239 81.24 2.17 77.14
N ALA TB 240 80.90 1.58 78.28
CA ALA TB 240 79.95 2.22 79.19
C ALA TB 240 80.51 3.52 79.72
N ALA TB 241 81.78 3.52 80.11
CA ALA TB 241 82.42 4.74 80.59
C ALA TB 241 82.46 5.79 79.51
N ARG TB 242 82.76 5.38 78.27
CA ARG TB 242 82.83 6.33 77.15
C ARG TB 242 81.47 6.97 76.91
N LEU TB 243 80.41 6.16 76.89
CA LEU TB 243 79.07 6.69 76.68
C LEU TB 243 78.63 7.58 77.83
N LYS TB 244 78.99 7.21 79.06
CA LYS TB 244 78.69 8.06 80.21
C LYS TB 244 79.38 9.41 80.08
N GLU TB 245 80.64 9.40 79.64
CA GLU TB 245 81.34 10.64 79.39
C GLU TB 245 80.62 11.47 78.33
N SER TB 246 80.16 10.81 77.28
CA SER TB 246 79.46 11.51 76.21
C SER TB 246 78.22 12.22 76.73
N VAL TB 247 77.35 11.48 77.42
CA VAL TB 247 76.09 12.07 77.86
C VAL TB 247 76.28 13.08 78.98
N THR TB 248 77.28 12.90 79.84
CA THR TB 248 77.45 13.81 80.96
C THR TB 248 78.22 15.07 80.57
N GLU TB 249 79.05 14.99 79.52
CA GLU TB 249 79.82 16.16 79.10
C GLU TB 249 79.07 16.96 78.05
N ASN TB 250 78.43 16.28 77.11
CA ASN TB 250 77.80 16.91 75.97
C ASN TB 250 76.28 16.75 76.08
N PRO TB 251 75.49 17.83 76.10
CA PRO TB 251 74.04 17.64 76.01
C PRO TB 251 73.67 17.17 74.62
N HIS TB 252 72.43 16.71 74.48
CA HIS TB 252 71.95 16.12 73.24
C HIS TB 252 70.58 16.69 72.92
N PHE TB 253 70.41 17.13 71.68
CA PHE TB 253 69.11 17.44 71.13
C PHE TB 253 68.99 16.81 69.75
N PHE TB 254 67.76 16.44 69.42
CA PHE TB 254 67.46 15.56 68.30
C PHE TB 254 66.62 16.30 67.27
N VAL TB 255 66.86 15.97 66.01
CA VAL TB 255 66.09 16.49 64.88
C VAL TB 255 65.64 15.29 64.07
N SER TB 256 64.40 15.35 63.59
CA SER TB 256 63.77 14.22 62.92
C SER TB 256 63.08 14.72 61.67
N THR TB 257 63.45 14.14 60.53
CA THR TB 257 62.90 14.54 59.25
C THR TB 257 62.54 13.31 58.43
N ASN TB 258 61.92 13.57 57.28
CA ASN TB 258 61.45 12.54 56.38
C ASN TB 258 61.99 12.82 54.99
N LEU TB 259 62.56 11.81 54.36
CA LEU TB 259 63.12 11.91 53.02
C LEU TB 259 62.27 11.12 52.04
N SER TB 260 62.49 11.39 50.76
CA SER TB 260 61.82 10.69 49.66
C SER TB 260 62.90 10.08 48.77
N VAL TB 261 62.81 8.76 48.55
CA VAL TB 261 63.85 7.99 47.91
C VAL TB 261 63.34 7.25 46.68
N SER TB 262 62.17 7.62 46.16
CA SER TB 262 61.64 6.94 44.99
C SER TB 262 62.54 7.12 43.79
N LYS TB 263 63.21 8.26 43.69
CA LYS TB 263 64.16 8.49 42.60
C LYS TB 263 65.49 7.84 42.91
N LEU TB 264 65.91 7.86 44.17
CA LEU TB 264 67.18 7.26 44.55
C LEU TB 264 67.17 5.76 44.26
N LEU TB 265 66.06 5.09 44.53
CA LEU TB 265 66.02 3.65 44.29
C LEU TB 265 66.05 3.34 42.81
N LYS TB 266 65.38 4.14 41.99
CA LYS TB 266 65.48 3.98 40.54
C LYS TB 266 66.92 4.16 40.07
N LEU TB 267 67.61 5.18 40.60
CA LEU TB 267 69.00 5.40 40.24
C LEU TB 267 69.87 4.21 40.62
N ARG TB 268 69.68 3.69 41.83
CA ARG TB 268 70.44 2.54 42.28
C ARG TB 268 70.19 1.34 41.39
N GLN TB 269 68.93 1.11 41.04
CA GLN TB 269 68.58 -0.01 40.18
C GLN TB 269 69.23 0.13 38.81
N ALA TB 270 69.22 1.35 38.25
CA ALA TB 270 69.79 1.55 36.94
C ALA TB 270 71.29 1.33 36.95
N LEU TB 271 71.98 1.87 37.96
CA LEU TB 271 73.42 1.68 38.02
C LEU TB 271 73.79 0.22 38.29
N ASN TB 272 72.96 -0.51 39.04
CA ASN TB 272 73.23 -1.92 39.27
C ASN TB 272 73.03 -2.72 38.00
N SER TB 273 71.98 -2.41 37.23
CA SER TB 273 71.74 -3.15 36.00
C SER TB 273 72.79 -2.83 34.94
N SER TB 274 73.24 -1.58 34.84
CA SER TB 274 74.28 -1.21 33.88
C SER TB 274 75.65 -1.50 34.48
N ALA TB 275 75.88 -2.78 34.74
CA ALA TB 275 77.11 -3.22 35.37
C ALA TB 275 77.32 -4.69 35.03
N ASP TB 276 78.56 -5.15 35.23
CA ASP TB 276 78.97 -6.52 34.92
C ASP TB 276 79.44 -7.23 36.18
N GLY TB 277 78.73 -7.02 37.28
CA GLY TB 277 79.16 -7.57 38.56
C GLY TB 277 80.40 -6.94 39.13
N ARG TB 278 80.89 -5.84 38.52
CA ARG TB 278 82.09 -5.19 39.01
C ARG TB 278 81.85 -4.48 40.34
N TYR TB 279 80.60 -4.13 40.65
CA TYR TB 279 80.27 -3.43 41.87
C TYR TB 279 78.82 -3.73 42.24
N LYS TB 280 78.46 -3.35 43.46
CA LYS TB 280 77.09 -3.46 43.95
C LYS TB 280 76.85 -2.36 44.97
N LEU TB 281 75.76 -1.64 44.80
CA LEU TB 281 75.49 -0.44 45.58
C LEU TB 281 74.38 -0.65 46.58
N SER TB 282 74.32 0.26 47.56
CA SER TB 282 73.27 0.26 48.57
C SER TB 282 72.88 1.69 48.89
N VAL TB 283 72.01 1.86 49.89
CA VAL TB 283 71.52 3.19 50.26
C VAL TB 283 72.54 3.91 51.14
N ASN TB 284 73.28 3.15 51.95
CA ASN TB 284 74.23 3.73 52.88
C ASN TB 284 75.30 4.55 52.17
N ASP TB 285 75.71 4.11 50.98
CA ASP TB 285 76.77 4.81 50.27
C ASP TB 285 76.29 6.18 49.78
N PHE TB 286 75.11 6.22 49.17
CA PHE TB 286 74.52 7.49 48.79
C PHE TB 286 74.37 8.40 49.98
N LEU TB 287 73.93 7.85 51.11
CA LEU TB 287 73.78 8.65 52.31
C LEU TB 287 75.13 9.21 52.77
N ILE TB 288 76.19 8.44 52.63
CA ILE TB 288 77.51 8.89 53.06
C ILE TB 288 77.99 10.03 52.17
N LYS TB 289 77.78 9.89 50.86
CA LYS TB 289 78.15 10.98 49.94
C LYS TB 289 77.39 12.24 50.26
N ALA TB 290 76.09 12.11 50.54
CA ALA TB 290 75.29 13.28 50.87
C ALA TB 290 75.75 13.91 52.17
N MET TB 291 76.13 13.07 53.14
CA MET TB 291 76.67 13.59 54.40
C MET TB 291 77.93 14.41 54.14
N GLY TB 292 78.81 13.91 53.28
CA GLY TB 292 80.02 14.65 52.98
C GLY TB 292 79.72 15.98 52.33
N ILE TB 293 78.79 15.99 51.38
CA ILE TB 293 78.44 17.23 50.69
C ILE TB 293 77.86 18.24 51.67
N ALA TB 294 76.98 17.77 52.57
CA ALA TB 294 76.38 18.67 53.53
C ALA TB 294 77.43 19.22 54.48
N SER TB 295 78.35 18.37 54.93
CA SER TB 295 79.41 18.84 55.81
C SER TB 295 80.27 19.89 55.14
N LYS TB 296 80.53 19.73 53.84
CA LYS TB 296 81.34 20.72 53.15
C LYS TB 296 80.58 22.02 52.94
N ARG TB 297 79.27 21.96 52.72
CA ARG TB 297 78.50 23.19 52.56
C ARG TB 297 78.29 23.89 53.90
N VAL TB 298 78.35 23.15 55.01
CA VAL TB 298 78.18 23.71 56.34
C VAL TB 298 79.30 23.16 57.23
N PRO TB 299 80.48 23.78 57.25
CA PRO TB 299 81.61 23.16 57.95
C PRO TB 299 81.50 23.17 59.45
N THR TB 300 80.58 23.95 60.02
CA THR TB 300 80.51 24.05 61.47
C THR TB 300 80.15 22.72 62.11
N VAL TB 301 79.41 21.87 61.41
CA VAL TB 301 79.07 20.56 61.94
C VAL TB 301 80.31 19.69 62.00
N ASN TB 302 81.12 19.70 60.95
CA ASN TB 302 82.36 18.95 60.90
C ASN TB 302 83.37 19.66 61.79
N SER TB 303 83.22 19.46 63.09
CA SER TB 303 84.02 20.14 64.10
C SER TB 303 84.13 19.21 65.31
N SER TB 304 84.62 19.76 66.41
CA SER TB 304 84.74 19.00 67.65
C SER TB 304 84.88 19.98 68.81
N TRP TB 305 85.21 19.46 69.98
CA TRP TB 305 85.39 20.26 71.19
C TRP TB 305 86.66 19.78 71.87
N ARG TB 306 87.60 20.70 72.05
CA ARG TB 306 88.90 20.38 72.65
C ARG TB 306 89.18 21.33 73.81
N ASP TB 307 90.41 21.33 74.30
CA ASP TB 307 90.74 22.11 75.48
C ASP TB 307 90.73 23.60 75.17
N GLY TB 308 89.60 24.25 75.44
CA GLY TB 308 89.48 25.68 75.20
C GLY TB 308 89.66 26.09 73.76
N VAL TB 309 89.36 25.21 72.81
CA VAL TB 309 89.61 25.49 71.41
C VAL TB 309 88.74 24.57 70.57
N ILE TB 310 88.23 25.11 69.46
CA ILE TB 310 87.45 24.35 68.49
C ILE TB 310 88.37 23.91 67.39
N ARG TB 311 88.42 22.60 67.16
CA ARG TB 311 89.20 22.00 66.08
C ARG TB 311 88.28 21.79 64.88
N GLN TB 312 88.60 22.46 63.78
CA GLN TB 312 87.84 22.37 62.54
C GLN TB 312 88.68 21.67 61.48
N PHE TB 313 88.12 20.61 60.91
CA PHE TB 313 88.76 19.88 59.83
C PHE TB 313 88.38 20.50 58.49
N GLU TB 314 88.84 19.88 57.41
CA GLU TB 314 88.48 20.25 56.05
C GLU TB 314 87.80 19.10 55.32
N THR TB 315 88.39 17.92 55.38
CA THR TB 315 87.79 16.73 54.78
C THR TB 315 86.69 16.19 55.69
N VAL TB 316 86.11 15.06 55.26
CA VAL TB 316 85.04 14.40 55.99
C VAL TB 316 85.47 12.96 56.24
N ASP TB 317 85.66 12.63 57.50
CA ASP TB 317 85.98 11.28 57.93
C ASP TB 317 84.74 10.66 58.56
N VAL TB 318 84.25 9.57 57.97
CA VAL TB 318 82.95 9.02 58.31
C VAL TB 318 83.14 7.71 59.06
N SER TB 319 82.55 7.63 60.25
CA SER TB 319 82.58 6.43 61.07
C SER TB 319 81.30 5.64 60.85
N VAL TB 320 81.42 4.45 60.27
CA VAL TB 320 80.28 3.59 59.99
C VAL TB 320 80.23 2.51 61.05
N ALA TB 321 79.04 2.27 61.60
CA ALA TB 321 78.87 1.29 62.65
C ALA TB 321 78.66 -0.10 62.06
N VAL TB 322 79.23 -1.10 62.72
CA VAL TB 322 79.06 -2.49 62.37
C VAL TB 322 78.76 -3.26 63.64
N ALA TB 323 77.75 -4.14 63.56
CA ALA TB 323 77.22 -4.88 64.69
C ALA TB 323 77.76 -6.30 64.62
N THR TB 324 78.82 -6.57 65.37
CA THR TB 324 79.39 -7.90 65.47
C THR TB 324 78.78 -8.64 66.64
N PRO TB 325 78.90 -9.98 66.67
CA PRO TB 325 78.48 -10.71 67.88
C PRO TB 325 79.25 -10.30 69.12
N ASN TB 326 80.47 -9.77 68.96
CA ASN TB 326 81.22 -9.21 70.06
C ASN TB 326 80.63 -7.91 70.57
N GLY TB 327 79.92 -7.17 69.73
CA GLY TB 327 79.33 -5.91 70.13
C GLY TB 327 79.20 -4.94 68.97
N LEU TB 328 79.72 -3.72 69.15
CA LEU TB 328 79.65 -2.67 68.16
C LEU TB 328 81.05 -2.17 67.86
N ILE TB 329 81.28 -1.78 66.61
CA ILE TB 329 82.57 -1.25 66.20
C ILE TB 329 82.34 -0.19 65.13
N THR TB 330 83.29 0.73 65.00
CA THR TB 330 83.16 1.89 64.12
C THR TB 330 84.38 2.04 63.23
N PRO TB 331 84.46 1.27 62.15
CA PRO TB 331 85.48 1.56 61.13
C PRO TB 331 85.24 2.92 60.50
N ILE TB 332 86.25 3.39 59.78
CA ILE TB 332 86.29 4.76 59.27
C ILE TB 332 86.56 4.72 57.77
N VAL TB 333 85.91 5.63 57.06
CA VAL TB 333 86.21 5.93 55.67
C VAL TB 333 86.80 7.33 55.61
N LYS TB 334 87.87 7.46 54.85
CA LYS TB 334 88.67 8.68 54.77
C LYS TB 334 88.43 9.38 53.45
N GLY TB 335 88.39 10.71 53.50
CA GLY TB 335 88.29 11.54 52.31
C GLY TB 335 87.08 11.21 51.46
N VAL TB 336 85.90 11.29 52.06
CA VAL TB 336 84.68 10.88 51.37
C VAL TB 336 84.40 11.80 50.19
N GLU TB 337 84.37 13.11 50.45
CA GLU TB 337 84.05 14.07 49.41
C GLU TB 337 85.05 13.95 48.27
N GLY TB 338 84.53 13.66 47.09
CA GLY TB 338 85.38 13.40 45.95
C GLY TB 338 86.17 12.12 46.08
N LYS TB 339 85.46 10.99 46.19
CA LYS TB 339 86.10 9.68 46.27
C LYS TB 339 85.49 8.67 45.31
N GLY TB 340 84.18 8.73 45.08
CA GLY TB 340 83.51 7.79 44.22
C GLY TB 340 82.74 6.70 44.95
N LEU TB 341 81.51 6.47 44.49
CA LEU TB 341 80.62 5.53 45.17
C LEU TB 341 81.16 4.10 45.10
N GLU TB 342 81.82 3.75 44.00
CA GLU TB 342 82.33 2.39 43.87
C GLU TB 342 83.44 2.14 44.88
N SER TB 343 84.39 3.09 44.97
CA SER TB 343 85.44 3.00 45.97
C SER TB 343 84.85 2.95 47.37
N ILE TB 344 83.82 3.75 47.61
CA ILE TB 344 83.17 3.78 48.91
C ILE TB 344 82.62 2.40 49.27
N SER TB 345 81.83 1.83 48.37
CA SER TB 345 81.22 0.53 48.61
C SER TB 345 82.29 -0.54 48.84
N ALA TB 346 83.35 -0.51 48.03
CA ALA TB 346 84.41 -1.50 48.17
C ALA TB 346 85.08 -1.39 49.54
N ALA TB 347 85.41 -0.16 49.95
CA ALA TB 347 86.07 0.02 51.24
C ALA TB 347 85.16 -0.39 52.38
N VAL TB 348 83.86 -0.09 52.27
CA VAL TB 348 82.93 -0.44 53.34
C VAL TB 348 82.79 -1.96 53.44
N LYS TB 349 82.70 -2.65 52.30
CA LYS TB 349 82.64 -4.11 52.33
C LYS TB 349 83.89 -4.69 52.95
N GLU TB 350 85.05 -4.17 52.57
CA GLU TB 350 86.32 -4.64 53.12
C GLU TB 350 86.34 -4.49 54.64
N LEU TB 351 86.03 -3.29 55.12
CA LEU TB 351 86.09 -3.02 56.55
C LEU TB 351 85.05 -3.83 57.31
N ALA TB 352 83.87 -4.03 56.73
CA ALA TB 352 82.84 -4.81 57.41
C ALA TB 352 83.26 -6.26 57.56
N LYS TB 353 83.79 -6.86 56.48
CA LYS TB 353 84.24 -8.23 56.58
C LYS TB 353 85.44 -8.36 57.52
N LYS TB 354 86.34 -7.36 57.51
CA LYS TB 354 87.47 -7.40 58.42
C LYS TB 354 87.06 -7.24 59.87
N ALA TB 355 85.96 -6.54 60.12
CA ALA TB 355 85.45 -6.42 61.49
C ALA TB 355 84.74 -7.69 61.92
N ARG TB 356 84.01 -8.33 61.01
CA ARG TB 356 83.43 -9.63 61.31
C ARG TB 356 84.51 -10.66 61.59
N ASP TB 357 85.68 -10.51 60.96
CA ASP TB 357 86.80 -11.41 61.22
C ASP TB 357 87.62 -10.99 62.44
N GLY TB 358 87.57 -9.71 62.83
CA GLY TB 358 88.39 -9.23 63.92
C GLY TB 358 89.85 -9.09 63.54
N LYS TB 359 90.12 -8.23 62.55
CA LYS TB 359 91.46 -8.08 61.98
C LYS TB 359 91.81 -6.61 61.76
N LEU TB 360 91.32 -5.73 62.62
CA LEU TB 360 91.46 -4.29 62.43
C LEU TB 360 92.63 -3.73 63.23
N LYS TB 361 93.06 -2.54 62.82
CA LYS TB 361 94.03 -1.72 63.52
C LYS TB 361 93.31 -0.64 64.31
N PRO TB 362 93.94 -0.10 65.37
CA PRO TB 362 93.26 0.93 66.15
C PRO TB 362 93.00 2.20 65.37
N GLU TB 363 93.93 2.60 64.50
CA GLU TB 363 93.76 3.83 63.75
C GLU TB 363 92.55 3.77 62.83
N GLU TB 364 92.17 2.58 62.38
CA GLU TB 364 91.04 2.44 61.47
C GLU TB 364 89.69 2.68 62.13
N TYR TB 365 89.64 2.67 63.47
CA TYR TB 365 88.40 2.95 64.19
C TYR TB 365 88.62 3.90 65.37
N GLN TB 366 89.70 4.67 65.36
CA GLN TB 366 89.95 5.70 66.37
C GLN TB 366 90.21 7.01 65.65
N GLY TB 367 89.24 7.91 65.72
CA GLY TB 367 89.29 9.19 65.04
C GLY TB 367 87.93 9.55 64.46
N GLY TB 368 87.92 10.10 63.25
CA GLY TB 368 86.67 10.39 62.60
C GLY TB 368 86.01 11.66 63.12
N SER TB 369 85.43 12.44 62.22
CA SER TB 369 84.74 13.67 62.59
C SER TB 369 83.24 13.49 62.75
N ILE TB 370 82.64 12.60 61.97
CA ILE TB 370 81.20 12.37 61.98
C ILE TB 370 80.95 10.88 61.87
N SER TB 371 79.76 10.45 62.31
CA SER TB 371 79.42 9.05 62.44
C SER TB 371 78.05 8.78 61.83
N ILE TB 372 77.69 7.50 61.80
CA ILE TB 372 76.42 7.05 61.26
C ILE TB 372 76.15 5.65 61.79
N SER TB 373 74.86 5.35 61.97
CA SER TB 373 74.40 4.01 62.30
C SER TB 373 73.22 3.69 61.40
N ASN TB 374 73.15 2.45 60.93
CA ASN TB 374 72.14 2.02 59.98
C ASN TB 374 71.38 0.83 60.55
N MET TB 375 70.07 0.81 60.29
CA MET TB 375 69.21 -0.29 60.68
C MET TB 375 68.21 -0.62 59.58
N GLY TB 376 68.53 -0.31 58.32
CA GLY TB 376 67.58 -0.45 57.24
C GLY TB 376 67.15 -1.88 56.97
N MET TB 377 67.96 -2.86 57.37
CA MET TB 377 67.58 -4.25 57.12
C MET TB 377 66.36 -4.64 57.92
N ASN TB 378 66.19 -4.09 59.11
CA ASN TB 378 65.08 -4.43 59.98
C ASN TB 378 63.88 -3.56 59.63
N PRO TB 379 62.84 -4.10 58.97
CA PRO TB 379 61.76 -3.22 58.50
C PRO TB 379 60.86 -2.69 59.59
N ALA TB 380 61.02 -3.13 60.84
CA ALA TB 380 60.12 -2.70 61.90
C ALA TB 380 60.47 -1.33 62.42
N VAL TB 381 61.75 -0.96 62.38
CA VAL TB 381 62.23 0.27 63.00
C VAL TB 381 61.82 1.43 62.11
N GLN TB 382 60.87 2.23 62.56
CA GLN TB 382 60.53 3.46 61.87
C GLN TB 382 61.57 4.54 62.14
N SER TB 383 62.06 4.60 63.38
CA SER TB 383 63.07 5.60 63.72
C SER TB 383 63.75 5.20 65.02
N PHE TB 384 64.89 5.83 65.26
CA PHE TB 384 65.60 5.62 66.51
C PHE TB 384 66.67 6.69 66.65
N THR TB 385 67.12 6.87 67.87
CA THR TB 385 68.19 7.78 68.21
C THR TB 385 69.45 6.96 68.51
N ALA TB 386 70.57 7.66 68.58
CA ALA TB 386 71.84 7.05 68.96
C ALA TB 386 72.56 8.01 69.90
N ILE TB 387 73.83 7.69 70.18
CA ILE TB 387 74.65 8.41 71.13
C ILE TB 387 75.92 8.84 70.42
N ILE TB 388 76.39 10.04 70.74
CA ILE TB 388 77.47 10.67 70.00
C ILE TB 388 78.79 10.06 70.44
N ASN TB 389 79.45 9.37 69.52
CA ASN TB 389 80.76 8.80 69.80
C ASN TB 389 81.78 9.93 69.93
N PRO TB 390 82.31 10.23 71.11
CA PRO TB 390 83.17 11.40 71.25
C PRO TB 390 84.50 11.18 70.54
N PRO TB 391 85.27 12.24 70.31
CA PRO TB 391 85.01 13.64 70.64
C PRO TB 391 84.20 14.36 69.57
N GLN TB 392 83.44 13.60 68.77
CA GLN TB 392 82.70 14.17 67.66
C GLN TB 392 81.56 15.06 68.14
N ALA TB 393 80.82 15.64 67.20
CA ALA TB 393 79.79 16.63 67.50
C ALA TB 393 78.40 16.23 67.04
N ALA TB 394 78.28 15.23 66.17
CA ALA TB 394 76.99 14.86 65.61
C ALA TB 394 76.96 13.38 65.32
N ILE TB 395 75.76 12.87 65.05
CA ILE TB 395 75.61 11.50 64.60
C ILE TB 395 74.23 11.35 63.96
N LEU TB 396 74.17 10.47 62.97
CA LEU TB 396 73.00 10.26 62.14
C LEU TB 396 72.38 8.91 62.43
N ALA TB 397 71.16 8.73 61.95
CA ALA TB 397 70.46 7.46 62.07
C ALA TB 397 69.40 7.39 60.99
N VAL TB 398 69.35 6.26 60.29
CA VAL TB 398 68.49 6.08 59.14
C VAL TB 398 67.56 4.91 59.44
N GLY TB 399 66.26 5.17 59.50
CA GLY TB 399 65.29 4.13 59.73
C GLY TB 399 65.07 3.29 58.49
N ALA TB 400 64.02 2.48 58.54
CA ALA TB 400 63.66 1.64 57.43
C ALA TB 400 62.79 2.42 56.45
N PRO TB 401 62.66 1.93 55.21
CA PRO TB 401 61.72 2.56 54.29
C PRO TB 401 60.29 2.13 54.56
N GLN TB 402 59.36 2.99 54.17
CA GLN TB 402 57.95 2.78 54.43
C GLN TB 402 57.12 3.39 53.31
N LYS TB 403 55.85 2.99 53.25
CA LYS TB 403 54.91 3.48 52.26
C LYS TB 403 54.05 4.56 52.90
N VAL TB 404 53.94 5.70 52.23
CA VAL TB 404 53.21 6.85 52.76
C VAL TB 404 52.34 7.41 51.65
N ALA TB 405 51.20 7.97 52.05
CA ALA TB 405 50.32 8.64 51.12
C ALA TB 405 50.82 10.05 50.85
N VAL TB 406 50.75 10.46 49.58
CA VAL TB 406 51.21 11.77 49.15
C VAL TB 406 50.21 12.32 48.13
N PRO TB 407 49.84 13.59 48.19
CA PRO TB 407 48.98 14.14 47.15
C PRO TB 407 49.71 14.26 45.82
N VAL TB 408 48.93 14.32 44.75
CA VAL TB 408 49.48 14.50 43.41
C VAL TB 408 48.40 15.09 42.53
N GLU TB 409 48.80 16.03 41.67
CA GLU TB 409 47.88 16.67 40.75
C GLU TB 409 47.88 15.94 39.42
N ASN TB 410 46.75 15.32 39.10
CA ASN TB 410 46.57 14.73 37.78
C ASN TB 410 46.49 15.84 36.73
N GLU TB 411 46.41 15.44 35.47
CA GLU TB 411 46.31 16.40 34.38
C GLU TB 411 45.10 17.32 34.52
N ASP TB 412 44.02 16.85 35.15
CA ASP TB 412 42.87 17.68 35.46
C ASP TB 412 43.09 18.38 36.80
N GLY TB 413 42.12 19.19 37.18
CA GLY TB 413 42.27 20.00 38.38
C GLY TB 413 42.17 19.23 39.68
N THR TB 414 41.69 17.99 39.64
CA THR TB 414 41.52 17.22 40.86
C THR TB 414 42.85 16.65 41.34
N THR TB 415 42.96 16.51 42.65
CA THR TB 415 44.11 15.87 43.25
C THR TB 415 43.91 14.36 43.27
N GLY TB 416 45.02 13.64 43.42
CA GLY TB 416 44.99 12.19 43.46
C GLY TB 416 45.94 11.68 44.52
N VAL TB 417 45.93 10.36 44.68
CA VAL TB 417 46.75 9.67 45.68
C VAL TB 417 47.87 8.96 44.95
N SER TB 418 49.09 9.14 45.46
CA SER TB 418 50.27 8.44 44.97
C SER TB 418 51.06 7.93 46.16
N TRP TB 419 51.69 6.78 45.98
CA TRP TB 419 52.40 6.09 47.06
C TRP TB 419 53.89 6.32 46.89
N ASP TB 420 54.46 7.11 47.81
CA ASP TB 420 55.86 7.45 47.81
C ASP TB 420 56.57 6.70 48.93
N GLU TB 421 57.79 6.28 48.65
CA GLU TB 421 58.61 5.54 49.61
C GLU TB 421 59.38 6.53 50.45
N GLN TB 422 59.06 6.59 51.74
CA GLN TB 422 59.69 7.51 52.68
C GLN TB 422 60.63 6.78 53.62
N ILE TB 423 61.61 7.53 54.12
CA ILE TB 423 62.49 7.09 55.19
C ILE TB 423 62.55 8.22 56.22
N ILE TB 424 62.56 7.85 57.48
CA ILE TB 424 62.76 8.79 58.56
C ILE TB 424 64.25 8.82 58.89
N VAL TB 425 64.73 10.01 59.21
CA VAL TB 425 66.12 10.24 59.55
C VAL TB 425 66.16 11.03 60.85
N THR TB 426 67.05 10.61 61.75
CA THR TB 426 67.18 11.23 63.06
C THR TB 426 68.64 11.61 63.26
N ALA TB 427 68.87 12.88 63.59
CA ALA TB 427 70.20 13.41 63.83
C ALA TB 427 70.28 13.93 65.26
N SER TB 428 71.27 13.45 66.00
CA SER TB 428 71.56 13.96 67.32
C SER TB 428 72.80 14.85 67.26
N PHE TB 429 72.71 16.03 67.87
CA PHE TB 429 73.78 17.01 67.83
C PHE TB 429 74.23 17.38 69.23
N ASP TB 430 75.45 17.90 69.32
CA ASP TB 430 75.95 18.52 70.54
C ASP TB 430 75.65 20.01 70.50
N HIS TB 431 75.08 20.52 71.58
CA HIS TB 431 74.62 21.89 71.62
C HIS TB 431 75.73 22.89 71.90
N LYS TB 432 76.87 22.45 72.42
CA LYS TB 432 77.97 23.37 72.67
C LYS TB 432 78.47 24.00 71.37
N VAL TB 433 78.53 23.19 70.31
CA VAL TB 433 79.06 23.63 69.04
C VAL TB 433 77.96 24.15 68.13
N VAL TB 434 76.92 23.37 67.97
CA VAL TB 434 75.91 23.58 66.94
C VAL TB 434 74.65 24.13 67.57
N ASP TB 435 73.94 24.94 66.79
CA ASP TB 435 72.64 25.47 67.17
C ASP TB 435 71.55 24.84 66.31
N GLY TB 436 70.31 25.04 66.75
CA GLY TB 436 69.18 24.46 66.05
C GLY TB 436 69.09 24.93 64.61
N ALA TB 437 69.37 26.21 64.37
CA ALA TB 437 69.33 26.72 63.00
C ALA TB 437 70.37 26.05 62.13
N VAL TB 438 71.58 25.86 62.66
CA VAL TB 438 72.65 25.26 61.88
C VAL TB 438 72.31 23.80 61.57
N GLY TB 439 71.80 23.08 62.55
CA GLY TB 439 71.40 21.70 62.31
C GLY TB 439 70.28 21.62 61.28
N ALA TB 440 69.33 22.55 61.36
CA ALA TB 440 68.23 22.56 60.40
C ALA TB 440 68.75 22.82 59.00
N GLU TB 441 69.73 23.71 58.88
CA GLU TB 441 70.31 24.01 57.58
C GLU TB 441 71.01 22.78 57.01
N TRP TB 442 71.76 22.08 57.86
CA TRP TB 442 72.42 20.85 57.45
C TRP TB 442 71.41 19.83 56.95
N ILE TB 443 70.31 19.67 57.68
CA ILE TB 443 69.29 18.70 57.30
C ILE TB 443 68.62 19.12 56.00
N ARG TB 444 68.41 20.43 55.81
CA ARG TB 444 67.81 20.90 54.57
C ARG TB 444 68.69 20.57 53.39
N GLU TB 445 70.00 20.81 53.52
CA GLU TB 445 70.90 20.51 52.42
C GLU TB 445 70.91 19.01 52.12
N LEU TB 446 70.87 18.18 53.16
CA LEU TB 446 70.84 16.74 52.95
C LEU TB 446 69.58 16.32 52.21
N LYS TB 447 68.42 16.81 52.67
CA LYS TB 447 67.15 16.48 52.03
C LYS TB 447 67.16 16.93 50.57
N LYS TB 448 67.71 18.11 50.31
CA LYS TB 448 67.73 18.62 48.95
C LYS TB 448 68.59 17.73 48.06
N VAL TB 449 69.78 17.38 48.53
CA VAL TB 449 70.69 16.56 47.73
C VAL TB 449 70.08 15.20 47.46
N ILE TB 450 69.36 14.65 48.42
CA ILE TB 450 68.78 13.32 48.23
C ILE TB 450 67.61 13.40 47.26
N GLU TB 451 66.70 14.34 47.52
CA GLU TB 451 65.50 14.43 46.70
C GLU TB 451 65.83 14.77 45.26
N ASN TB 452 66.96 15.46 45.05
CA ASN TB 452 67.50 15.68 43.72
C ASN TB 452 68.83 14.95 43.64
N PRO TB 453 68.85 13.63 43.37
CA PRO TB 453 70.12 12.89 43.41
C PRO TB 453 71.16 13.40 42.43
N LEU TB 454 70.73 14.09 41.37
CA LEU TB 454 71.66 14.55 40.35
C LEU TB 454 72.67 15.55 40.90
N GLU TB 455 72.34 16.22 42.00
CA GLU TB 455 73.27 17.16 42.60
C GLU TB 455 74.40 16.48 43.35
N LEU TB 456 74.38 15.14 43.47
CA LEU TB 456 75.53 14.42 44.00
C LEU TB 456 76.78 14.69 43.18
N LEU TB 457 76.61 14.96 41.89
CA LEU TB 457 77.74 15.32 41.05
C LEU TB 457 78.39 16.60 41.52
N LEU TB 458 77.61 17.50 42.13
CA LEU TB 458 78.13 18.77 42.61
C LEU TB 458 78.68 18.63 44.02
#